data_9EUI
#
_entry.id   9EUI
#
_cell.length_a   1.00
_cell.length_b   1.00
_cell.length_c   1.00
_cell.angle_alpha   90.00
_cell.angle_beta   90.00
_cell.angle_gamma   90.00
#
_symmetry.space_group_name_H-M   'P 1'
#
loop_
_entity.id
_entity.type
_entity.pdbx_description
1 polymer 'Baseplate wedge subunit'
2 polymer 'Baseplate component'
3 polymer TmpF
4 polymer 'Major tail sheath protein'
5 polymer 'Baseplate protein'
6 polymer 'DUF4815 domain-containing protein'
7 polymer 'Receptor binding protein'
#
loop_
_entity_poly.entity_id
_entity_poly.type
_entity_poly.pdbx_seq_one_letter_code
_entity_poly.pdbx_strand_id
1 'polypeptide(L)'
;MRFKKHVVQHEETMQAIAQRYYGDVSYWIDLVEHNNLKYPYLVETDEEKMKDPERLASTGDTLIIPIESDLTDVSAKEIN
SRDKDVLVELALGRDLNITADEKYFNEHGTSDNILAFSTNGNGDLDTVKGIDNMKQQLQARLLTPRGSLMLHPNYGSDLH
NLFGLNIPEQATLIEMEVLRTLTSDNRVKSANLIDWKIQGNVYSGQFSVEIKSVEESINFVLGQDEEGIFALFE
;
A
2 'polypeptide(L)'
;MKTRKLTNILSKLIDKTMAGTSKITDFTPGSASRSLLEAVSLEIEQFYILTKENIDWGIQEGIIEAFDFQKRQSKRAYGD
VTIQFYQPLDMRMYIPAGTTFTSTRQEYPQQFETLVDYYAEPDSTEIVVEVYCKETGVAGNVPEGTINTIASGSSLIRSV
NNEYSFNTGTKEESQEDFKRRFHSFVESRGRATNKSVRYGALQIPDVEGVYVYEETGHITVFAHDRNGNLSDTLKEDIID
ALQDYRPSGIMLDVTGVEKEEVNVSATVTISNKSRIGDTLQKHIESVIRSYLNNLKTSDDLIITDLIQAIMNIDDVLIYD
VSFDNLDENIIVPPQGIIRAGEIKVELK
;
B,C
3 'polypeptide(L)'
;MANFLKNLHPLLRRDRNKKDNQDPNFALIDALNEEMNQVEKDAIESKLQSSLKTSTSEYLDKFGDWFGVYRKTDEKDDVY
RARIIKYLLLKRGTNNAIIDAIKDYLGRDDIDVSVYEPFTNIFYTNKSHLNGEDHLMGYYYRFAVINVSIGDYFPVEIID
VINEFKPAGVTLYVTYDGASTIRGGAIIKWLDGLPKIETYQEFDRFTGYDDTFYGHINMNQSKDTDNSSSDIFKTNHSLI
NSLDVLTGSSSVGRQYINYGYVTSYVYNPGMTSSVNQISASTEGRGQEVPTDYYMYTSTKNNNTVELSMQTTSGVSYLYN
NFNFRDYMSKYRPQVDLQSDEARRIVSDYIKELSIDYYLSAVIPPDESIEIKLQVYDFSINRWLTVSINNLSFYEKNIGS
NIGYIKDYLNSELNMFTRLEINAGKRDSVDIKVNYLDLMFYYYERGIYTIKPYKALIENYLDISRETYVEAFKIASLSNG
DIITKTGFQPIGYLKLVGNYENTIPSTINIVAKDTDNNPIESNELDVYNTVENRNLLQSYKGVNTIAREITSTKEFTVSG
WAKEIYSTNYLSKVLKPGKVYTLSFDMEITGNDPTLKSYSDNHGIYLYSNTKGIVVNGVKSMERTIGNKVSVTQTFTAPT
ITDHRLLIYTGRYTSDGKASTPPVFFNTVKITELKLTEGSSKLEYSPAPEDKPNVIEKGIKFNNILTNIQTLSINSDTIL
KNVTLYYSYYGDSWVELKTLGNISTGETTETNNLIDLYGLQTVDYSNINPMSKVSLRSIWNVKLGELNNQEGSLSNMPND
YFNAVWQDIDKLSDIELGSMRMVKDTEGGVFDGATGEIIKATLFNVGAYTDLDMLAYTLTNYTEPLTLGSSRLISELKEE
LLTSESFNVDNRIKVIDSIYEELPNTSIIKNGFVEREVTGSKYLDYGLYEPIEDGTRYKLIVEGEFKDNIEFISLYNSNP
NFNETFIYPSEIINGVAEKEFIAKPSTEDKPRLNTDVRIYIRPYDSTISKVRRVELRKV
;
D
4 'polypeptide(L)'
;MAVEPFPRRPITRPHASIEVDTSGIGGSAGSSEKVFCLIGQAEGGEPNTVYELRNYSQAKRLFRSGELLDAIELAWGSNP
NYTAGRILAMRIEDAKPASAEIGGLKITSKIYGNVANNIQVGLEKNTLSDSLRLRVIFQDDRFNEVYDNIGNIFTIKYKG
EEANATFSVEHDEETQKASRLVLKVGDQEVKSYDLTGGAYDYTNAIITDINQLPDFEAKLSPFGDKNLESSKLDKIENAN
IKDKAVYVKAVFGDLEKQTAYNGIVSFEQLNAEGEVPSNVEVEAGEESATVTATSPIKTIEPFELTKLKGGTNGEPPATW
ADKLDKFAHEGGYYIVPLSSKQSVHAEVASFVKERSDAGEPMRAIVGGGFNESKEQLFGRQASLSNPRVSLVANSGTFVM
DDGRKNHVPAYMVAVALGGLASGLEIGESITFKPLRVSSLDQIYESIDLDELNENGIISIEFVRNRTNTFFRIVDDVTTF
NDKSDPVKAEMAVGEANDFLVSELKVQLEDQFIGTRTINTSASIIKDFIQSYLGRKKRDNEIQDFPAEDVQVIVEGNEAR
ISMTVYPIRSFKKISVSLVYKQQTLQA
;
E,F,G,H,I,J
5 'polypeptide(L)'
;MAIATYNSHVELAKYLVSKADSVYLTIGKSTPWSNETNPPQPDENATVLQEVIGYKKATKVTLVRPSKSPEDDNKNLISY
GNKSWVEVTPENAKAEGAKWVYLESSIVGDELPLGTYRQVGFVMDLVAKSGISKFNLVPSEVESTGTLLFFDNKQFQNRS
EQTTAKERFIVEVDPNSSSVDKLAAALEHHHHHH
;
K,L,M,N,O,P
6 'polypeptide(L)'
;MAINFKGSPYLDRFDPSKDRTKVLFNPDRPLQQAELNEMQSIDQYYLKNLGDAIFKDGDKQSGLGFTLSEDNVLTVNPGY
VYINGKIRYYDNDDSVKITGVGKETIGIKLTERIVTPDEDASLLDQTSGVPSYFSKGADRLEEKMSLTVNDPTSATIYTF
MDGDLYIQSTNAEMDKINKVLAERTYDESGSYKVNGFELFSEGNAEDDDHVSVVVDAGKAYVKGFKVDKPVSTRISVPKS
YDLGTAENESTIFNKSNNSISLANSPVKEIRRVTGQVLIEKERVTRGAQGDGQDFLSNNTAFEIVKVWTETSPGVTTKEY
KQGEDFRLTDGQTIDWSPQGQEPSGGTSYYVSYKYNKRMEAGKDYEVTTQGEGLSKKWYINFTPSNGAKPIDQTVVLVDY
TYYLARKDSVFINKYGDIAILPGEPNIMRLVTPPLNTDPENLQLGTVTVLPDSDEAVCISFAITRLSMEDLQKVKTRVDN
LEYNQAVNALDDGAMEGQNPLTLRSVFSEGFISLDKADITHPDFGIVFSFEDAEATLAYTEAVNQPKIIPGDTTAHIWGR
LISAPFTEERTIYQGQASETLNVNPYNIPNKQGVLKLTPSEDNWIDTENVTITEQKTKKVTMKRFWRHNESYYGETEHYL
YSNLQLDAGQKWKGETYAYDREHGRTGTLLESGGQRTLEEMIEFIRIRDVSFEVKGLNPNDNNLYLLFDGVRCAITPATG
YRKGSEDGTIMTDAKGTAKGKFTIPAGIRCGNREVTLKNANSTSATTYTAQGRKKTAQDIIIRTRVTVNLVDPLAQSFQY
DENRTISSLGLYFASKGDKQSNVVIQIRGMGDQGYPNKTIYAETVMNADDIKVSNNASAETRVYFDDPMMAEGGKEYAIV
IITENSDYTMWVGTRTKPKIDKPNEVISGNPYLQGVLFSSSNASTWTPHQNSDLKFGIYTSKFNETATIEFEPIKDVSAD
RIVLMSTYLTPERTGCTWEMKLILDDMASSTTFDQLKWEPIGNYQDLDVLGLARQVKLRATFESNRYISPLMSSSDLTFT
TFLTELTGSYVGRAIDMTEAPYNTVRFSYEAFLPKGTKVVPKYSADDGKTWKTFTKSPTTTRANNEFTRYVIDEKVKSSG
TNTKLQVRLDLSTENSFLRPRVRRLMVTTRDE
;
Q,R,S,T,U,V
7 'polypeptide(L)'
;MALNFTTITENNVIRDLTTQVNNIGEELTKERNIFDITDDLVYNFNKSQKIKLTDDKGLTKSYGNITALRDIKEPGYYYI
GARTLATLLDRPDMESLDVVLHVVPLDTSSKVVQHLYTLSTNNNQIKMLYRFVSGNSSSEWQFIQGLPSNKNAVISGTNI
LDIASPGVYFVMGMTGGMPSGVSSGFLDLSVDANDNRLARLTDAETGKEYTSIKKPTGTYTAWKKEFEPKDMEKYLLSSI
RDDGSASFPLLVYTSDSKTFQQAIIDHIDRTGQTTFTFYVQGGVSGSPMSNSCRGLFMSDTPNTSSLHGVYNAIGTDGRN
VTGSVVGSNWTSPKTSPSHKELWTGAQSFLSTGTTKNLSDDISNYSYVEVYTTHKTTEKTKGNDNTGTICHKFYLDGSGT
YVCSGTFVSGDRTDTKPPITEFYRVGVSFKGSTWTLVDSAVQNSKTQYVTRIIGINMP
;
W,X,Y
#
# COMPACT_ATOMS: atom_id res chain seq x y z
N MET A 1 125.01 38.82 -14.71
CA MET A 1 126.29 38.81 -14.01
C MET A 1 127.29 37.90 -14.69
N ARG A 2 128.56 38.32 -14.73
CA ARG A 2 129.60 37.46 -15.24
C ARG A 2 130.90 37.73 -14.47
N PHE A 3 131.70 36.69 -14.26
CA PHE A 3 132.97 36.82 -13.56
C PHE A 3 134.06 36.03 -14.28
N LYS A 4 135.30 36.44 -14.04
CA LYS A 4 136.44 35.76 -14.64
C LYS A 4 136.75 34.50 -13.87
N LYS A 5 137.18 33.47 -14.60
CA LYS A 5 137.56 32.19 -14.00
C LYS A 5 138.97 31.85 -14.45
N HIS A 6 139.84 31.58 -13.48
CA HIS A 6 141.27 31.37 -13.71
C HIS A 6 141.62 29.91 -13.43
N VAL A 7 142.39 29.30 -14.34
CA VAL A 7 142.92 27.96 -14.16
C VAL A 7 144.29 28.08 -13.52
N VAL A 8 144.48 27.36 -12.41
CA VAL A 8 145.77 27.37 -11.72
C VAL A 8 146.85 26.85 -12.66
N GLN A 9 147.91 27.63 -12.81
CA GLN A 9 149.03 27.30 -13.67
C GLN A 9 150.17 26.71 -12.82
N HIS A 10 151.16 26.12 -13.51
CA HIS A 10 152.21 25.39 -12.82
C HIS A 10 153.02 26.31 -11.93
N GLU A 11 153.12 25.95 -10.65
CA GLU A 11 153.88 26.71 -9.68
C GLU A 11 153.45 28.18 -9.64
N GLU A 12 152.15 28.40 -9.81
CA GLU A 12 151.60 29.74 -9.66
C GLU A 12 151.41 30.07 -8.18
N THR A 13 151.36 31.35 -7.87
CA THR A 13 150.99 31.84 -6.56
C THR A 13 149.77 32.75 -6.62
N MET A 14 149.12 32.89 -5.46
CA MET A 14 147.97 33.79 -5.34
C MET A 14 148.38 35.25 -5.52
N GLN A 15 149.58 35.61 -5.05
CA GLN A 15 150.07 36.97 -5.22
C GLN A 15 150.23 37.32 -6.69
N ALA A 16 150.74 36.38 -7.47
CA ALA A 16 150.91 36.61 -8.91
C ALA A 16 149.54 36.79 -9.58
N ILE A 17 148.58 35.93 -9.25
CA ILE A 17 147.22 36.08 -9.78
C ILE A 17 146.64 37.44 -9.41
N ALA A 18 146.80 37.86 -8.14
CA ALA A 18 146.25 39.15 -7.73
C ALA A 18 146.89 40.29 -8.52
N GLN A 19 148.22 40.25 -8.68
CA GLN A 19 148.90 41.27 -9.48
C GLN A 19 148.40 41.25 -10.92
N ARG A 20 148.16 40.04 -11.46
CA ARG A 20 147.82 39.90 -12.85
C ARG A 20 146.44 40.50 -13.13
N TYR A 21 145.47 40.24 -12.26
CA TYR A 21 144.10 40.68 -12.48
C TYR A 21 143.79 42.02 -11.80
N TYR A 22 143.88 42.07 -10.47
CA TYR A 22 143.57 43.29 -9.72
C TYR A 22 144.62 44.38 -9.86
N GLY A 23 145.77 44.08 -10.47
CA GLY A 23 146.84 45.04 -10.58
C GLY A 23 147.52 45.39 -9.27
N ASP A 24 147.43 44.51 -8.26
CA ASP A 24 148.04 44.71 -6.96
C ASP A 24 147.98 43.40 -6.20
N VAL A 25 149.07 43.06 -5.51
CA VAL A 25 149.11 41.78 -4.81
C VAL A 25 148.28 41.78 -3.54
N SER A 26 147.79 42.94 -3.11
CA SER A 26 147.10 43.04 -1.81
C SER A 26 145.79 42.27 -1.79
N TYR A 27 145.20 41.99 -2.95
CA TYR A 27 143.90 41.33 -3.00
C TYR A 27 143.97 39.82 -2.84
N TRP A 28 145.17 39.26 -2.67
CA TRP A 28 145.33 37.81 -2.52
C TRP A 28 144.54 37.28 -1.32
N ILE A 29 144.47 38.03 -0.23
CA ILE A 29 143.68 37.60 0.92
C ILE A 29 142.20 37.62 0.59
N ASP A 30 141.74 38.60 -0.21
CA ASP A 30 140.35 38.58 -0.65
C ASP A 30 140.09 37.38 -1.55
N LEU A 31 141.10 36.99 -2.33
CA LEU A 31 140.93 35.89 -3.27
C LEU A 31 140.80 34.58 -2.51
N VAL A 32 141.59 34.47 -1.44
CA VAL A 32 141.51 33.33 -0.53
C VAL A 32 140.15 33.29 0.15
N GLU A 33 139.69 34.44 0.66
CA GLU A 33 138.43 34.47 1.38
C GLU A 33 137.27 34.09 0.47
N HIS A 34 137.26 34.61 -0.75
CA HIS A 34 136.16 34.32 -1.66
C HIS A 34 136.17 32.86 -2.10
N ASN A 35 137.35 32.29 -2.36
CA ASN A 35 137.43 30.90 -2.79
C ASN A 35 137.46 29.90 -1.64
N ASN A 36 137.61 30.34 -0.39
CA ASN A 36 137.58 29.46 0.78
C ASN A 36 138.72 28.43 0.73
N LEU A 37 139.94 28.95 0.76
CA LEU A 37 141.13 28.11 0.62
C LEU A 37 141.86 28.01 1.95
N LYS A 38 142.42 26.83 2.20
CA LYS A 38 143.32 26.61 3.32
C LYS A 38 144.74 27.01 2.93
N TYR A 39 145.62 27.06 3.93
CA TYR A 39 146.92 27.70 3.79
C TYR A 39 147.74 27.22 2.60
N PRO A 40 147.92 25.92 2.36
CA PRO A 40 148.57 25.53 1.10
C PRO A 40 147.62 25.71 -0.07
N TYR A 41 147.52 26.95 -0.58
CA TYR A 41 146.42 27.28 -1.48
C TYR A 41 146.51 26.50 -2.79
N LEU A 42 147.72 26.42 -3.36
CA LEU A 42 147.95 25.83 -4.69
C LEU A 42 148.94 24.67 -4.52
N VAL A 43 148.41 23.47 -4.27
CA VAL A 43 149.28 22.33 -4.02
C VAL A 43 149.96 21.89 -5.31
N GLU A 44 151.02 21.11 -5.15
CA GLU A 44 151.81 20.66 -6.28
C GLU A 44 151.02 19.71 -7.15
N THR A 45 150.36 18.72 -6.56
CA THR A 45 149.61 17.75 -7.35
C THR A 45 148.41 17.25 -6.56
N ASP A 46 147.64 16.36 -7.19
CA ASP A 46 146.38 15.90 -6.64
C ASP A 46 146.55 15.01 -5.42
N GLU A 47 147.74 14.47 -5.18
CA GLU A 47 147.94 13.64 -4.00
C GLU A 47 147.80 14.48 -2.73
N GLU A 48 148.34 15.70 -2.75
CA GLU A 48 148.14 16.62 -1.63
C GLU A 48 146.69 17.07 -1.54
N LYS A 49 146.01 17.23 -2.68
CA LYS A 49 144.63 17.67 -2.65
C LYS A 49 143.71 16.60 -2.05
N MET A 50 144.10 15.34 -2.12
CA MET A 50 143.31 14.27 -1.50
C MET A 50 143.20 14.46 0.01
N LYS A 51 144.21 15.07 0.64
CA LYS A 51 144.17 15.29 2.08
C LYS A 51 143.02 16.21 2.49
N ASP A 52 142.68 17.20 1.66
CA ASP A 52 141.57 18.09 1.96
C ASP A 52 141.03 18.64 0.63
N PRO A 53 140.21 17.86 -0.08
CA PRO A 53 139.72 18.31 -1.40
C PRO A 53 138.87 19.56 -1.33
N GLU A 54 138.10 19.73 -0.27
CA GLU A 54 137.23 20.91 -0.15
C GLU A 54 138.05 22.19 -0.11
N ARG A 55 139.04 22.26 0.78
CA ARG A 55 139.68 23.53 1.12
C ARG A 55 140.96 23.79 0.34
N LEU A 56 141.45 22.83 -0.46
CA LEU A 56 142.65 22.98 -1.27
C LEU A 56 142.33 22.86 -2.75
N ALA A 57 143.17 23.50 -3.57
CA ALA A 57 143.11 23.45 -5.02
C ALA A 57 144.49 23.07 -5.56
N SER A 58 144.50 22.20 -6.56
CA SER A 58 145.72 21.70 -7.18
C SER A 58 145.90 22.34 -8.56
N THR A 59 146.92 21.89 -9.28
CA THR A 59 147.14 22.40 -10.63
C THR A 59 146.03 21.90 -11.56
N GLY A 60 145.55 22.79 -12.43
CA GLY A 60 144.43 22.50 -13.29
C GLY A 60 143.05 22.73 -12.70
N ASP A 61 142.96 23.08 -11.42
CA ASP A 61 141.70 23.48 -10.81
C ASP A 61 141.35 24.93 -11.17
N THR A 62 140.06 25.21 -11.27
CA THR A 62 139.58 26.53 -11.69
C THR A 62 139.22 27.37 -10.47
N LEU A 63 139.82 28.56 -10.38
CA LEU A 63 139.48 29.57 -9.39
C LEU A 63 138.50 30.59 -9.97
N ILE A 64 137.75 31.24 -9.08
CA ILE A 64 136.82 32.31 -9.43
C ILE A 64 137.38 33.62 -8.91
N ILE A 65 137.40 34.63 -9.78
CA ILE A 65 137.91 35.97 -9.45
C ILE A 65 136.74 36.95 -9.51
N PRO A 66 136.12 37.34 -8.39
CA PRO A 66 134.90 38.16 -8.49
C PRO A 66 135.20 39.59 -8.91
N ILE A 67 135.50 39.76 -10.19
CA ILE A 67 135.61 41.06 -10.86
C ILE A 67 134.53 41.08 -11.93
N GLU A 68 133.73 42.15 -11.94
CA GLU A 68 132.61 42.22 -12.87
C GLU A 68 133.15 42.37 -14.28
N SER A 69 133.16 41.27 -15.03
CA SER A 69 133.64 41.26 -16.40
C SER A 69 132.47 41.51 -17.35
N ASP A 70 132.77 42.04 -18.53
CA ASP A 70 131.76 42.36 -19.51
C ASP A 70 132.36 42.13 -20.89
N LEU A 71 131.61 41.47 -21.76
CA LEU A 71 132.20 41.05 -23.03
C LEU A 71 132.44 42.23 -23.96
N THR A 72 131.73 43.34 -23.77
CA THR A 72 132.10 44.53 -24.51
C THR A 72 133.32 45.17 -23.85
N ASP A 73 133.93 46.12 -24.56
CA ASP A 73 135.16 46.77 -24.12
C ASP A 73 136.31 45.75 -24.05
N VAL A 74 136.25 44.73 -24.91
CA VAL A 74 137.27 43.70 -25.02
C VAL A 74 138.03 43.93 -26.31
N SER A 75 139.36 43.86 -26.26
CA SER A 75 140.15 44.11 -27.46
C SER A 75 139.87 43.02 -28.49
N ALA A 76 139.36 43.42 -29.66
CA ALA A 76 139.15 42.49 -30.76
C ALA A 76 140.39 41.69 -31.14
N LYS A 77 141.60 42.19 -30.83
CA LYS A 77 142.81 41.48 -31.20
C LYS A 77 142.90 40.14 -30.49
N GLU A 78 142.36 40.04 -29.28
CA GLU A 78 142.39 38.77 -28.56
C GLU A 78 141.47 37.75 -29.22
N ILE A 79 140.36 38.20 -29.79
CA ILE A 79 139.31 37.28 -30.27
C ILE A 79 139.87 36.42 -31.39
N ASN A 80 139.55 35.14 -31.33
CA ASN A 80 140.04 34.18 -32.32
C ASN A 80 139.29 34.35 -33.64
N SER A 81 139.97 34.00 -34.75
CA SER A 81 139.40 34.21 -36.08
C SER A 81 138.08 33.47 -36.25
N ARG A 82 138.01 32.23 -35.76
CA ARG A 82 136.74 31.52 -35.75
C ARG A 82 135.68 32.25 -34.93
N ASP A 83 136.10 32.84 -33.81
CA ASP A 83 135.16 33.56 -32.99
C ASP A 83 134.64 34.79 -33.72
N LYS A 84 135.54 35.46 -34.46
CA LYS A 84 135.14 36.61 -35.26
C LYS A 84 134.18 36.20 -36.38
N ASP A 85 134.45 35.07 -37.04
CA ASP A 85 133.56 34.56 -38.06
C ASP A 85 132.16 34.30 -37.49
N VAL A 86 132.10 33.63 -36.34
CA VAL A 86 130.79 33.35 -35.73
C VAL A 86 130.10 34.65 -35.31
N LEU A 87 130.86 35.63 -34.83
CA LEU A 87 130.26 36.90 -34.42
C LEU A 87 129.68 37.65 -35.61
N VAL A 88 130.42 37.74 -36.72
CA VAL A 88 129.86 38.43 -37.88
C VAL A 88 128.70 37.63 -38.47
N GLU A 89 128.76 36.29 -38.39
CA GLU A 89 127.63 35.47 -38.82
C GLU A 89 126.39 35.78 -38.01
N LEU A 90 126.54 35.93 -36.69
CA LEU A 90 125.39 36.30 -35.86
C LEU A 90 124.91 37.70 -36.23
N ALA A 91 125.85 38.62 -36.43
CA ALA A 91 125.50 40.02 -36.71
C ALA A 91 124.68 40.13 -37.98
N LEU A 92 125.06 39.39 -39.03
CA LEU A 92 124.40 39.47 -40.31
C LEU A 92 123.25 38.48 -40.47
N GLY A 93 122.99 37.66 -39.45
CA GLY A 93 121.74 36.95 -39.31
C GLY A 93 121.70 35.67 -40.13
N ARG A 94 120.82 34.76 -39.71
CA ARG A 94 120.58 33.50 -40.41
C ARG A 94 119.13 33.47 -40.86
N ASP A 95 118.91 33.04 -42.10
CA ASP A 95 117.59 33.07 -42.71
C ASP A 95 117.42 31.89 -43.67
N LEU A 96 116.17 31.55 -43.93
CA LEU A 96 115.84 30.42 -44.78
C LEU A 96 116.17 30.75 -46.23
N ASN A 97 116.88 29.85 -46.91
CA ASN A 97 117.33 30.13 -48.26
C ASN A 97 116.16 30.13 -49.21
N ILE A 98 115.92 31.26 -49.87
CA ILE A 98 114.91 31.36 -50.91
C ILE A 98 115.50 31.68 -52.29
N THR A 99 116.66 32.30 -52.35
CA THR A 99 117.30 32.66 -53.61
C THR A 99 118.06 31.50 -54.24
N ALA A 100 117.69 30.26 -53.92
CA ALA A 100 118.25 29.14 -54.65
C ALA A 100 117.71 29.15 -56.07
N ASP A 101 118.39 28.43 -56.96
CA ASP A 101 118.11 28.47 -58.39
C ASP A 101 118.20 29.93 -58.90
N GLU A 102 119.43 30.42 -58.92
CA GLU A 102 119.67 31.81 -59.32
C GLU A 102 119.25 32.04 -60.77
N LYS A 103 119.47 31.05 -61.63
CA LYS A 103 119.19 31.21 -63.05
C LYS A 103 117.72 31.50 -63.30
N TYR A 104 116.82 30.82 -62.58
CA TYR A 104 115.40 30.92 -62.88
C TYR A 104 114.87 32.32 -62.58
N PHE A 105 115.04 32.81 -61.34
CA PHE A 105 114.53 34.15 -61.08
C PHE A 105 115.42 35.25 -61.65
N ASN A 106 116.61 34.91 -62.16
CA ASN A 106 117.39 35.87 -62.95
C ASN A 106 116.84 35.99 -64.36
N GLU A 107 116.20 34.93 -64.85
CA GLU A 107 115.55 34.95 -66.14
C GLU A 107 114.18 35.63 -66.09
N HIS A 108 113.59 35.75 -64.89
CA HIS A 108 112.27 36.35 -64.71
C HIS A 108 112.26 37.27 -63.50
N GLY A 109 113.10 38.32 -63.50
CA GLY A 109 113.28 39.09 -62.29
C GLY A 109 112.05 39.89 -61.89
N THR A 110 111.32 40.43 -62.86
CA THR A 110 110.22 41.33 -62.56
C THR A 110 108.93 40.61 -62.18
N SER A 111 108.83 39.30 -62.44
CA SER A 111 107.57 38.58 -62.27
C SER A 111 107.45 38.06 -60.83
N ASP A 112 106.27 37.55 -60.49
CA ASP A 112 106.06 36.89 -59.20
C ASP A 112 106.17 35.38 -59.38
N ASN A 113 106.11 34.67 -58.25
CA ASN A 113 106.30 33.21 -58.22
C ASN A 113 107.65 32.81 -58.80
N ILE A 114 108.70 33.52 -58.36
CA ILE A 114 110.02 33.36 -58.94
C ILE A 114 110.98 32.57 -58.05
N LEU A 115 110.86 32.69 -56.73
CA LEU A 115 111.75 32.06 -55.79
C LEU A 115 110.95 31.17 -54.86
N ALA A 116 111.65 30.23 -54.23
CA ALA A 116 111.01 29.27 -53.35
C ALA A 116 112.01 28.73 -52.35
N PHE A 117 111.48 28.11 -51.31
CA PHE A 117 112.30 27.50 -50.28
C PHE A 117 113.09 26.33 -50.88
N SER A 118 114.09 25.85 -50.13
CA SER A 118 114.80 24.66 -50.56
C SER A 118 115.33 23.90 -49.35
N THR A 119 115.77 22.67 -49.59
CA THR A 119 116.31 21.80 -48.56
C THR A 119 117.83 21.81 -48.60
N ASN A 120 118.44 21.58 -47.42
CA ASN A 120 119.88 21.58 -47.25
C ASN A 120 120.53 20.25 -47.61
N GLY A 121 119.76 19.25 -48.05
CA GLY A 121 120.26 17.93 -48.36
C GLY A 121 120.29 16.97 -47.19
N ASN A 122 120.03 17.46 -45.97
CA ASN A 122 120.04 16.68 -44.74
C ASN A 122 118.63 16.59 -44.15
N GLY A 123 117.61 16.76 -44.98
CA GLY A 123 116.21 16.74 -44.62
C GLY A 123 115.73 17.90 -43.77
N ASP A 124 116.52 18.96 -43.64
CA ASP A 124 116.13 20.18 -42.94
C ASP A 124 116.05 21.34 -43.93
N LEU A 125 115.34 22.39 -43.53
CA LEU A 125 115.21 23.55 -44.41
C LEU A 125 116.57 24.21 -44.66
N ASP A 126 116.78 24.67 -45.88
CA ASP A 126 118.03 25.33 -46.24
C ASP A 126 118.14 26.70 -45.60
N THR A 127 119.37 27.11 -45.32
CA THR A 127 119.65 28.32 -44.57
C THR A 127 120.87 29.02 -45.17
N VAL A 128 120.78 30.35 -45.27
CA VAL A 128 121.87 31.19 -45.76
C VAL A 128 122.33 32.10 -44.64
N LYS A 129 123.64 32.19 -44.46
CA LYS A 129 124.25 32.85 -43.31
C LYS A 129 125.32 33.81 -43.76
N GLY A 130 125.47 34.90 -43.01
CA GLY A 130 126.54 35.84 -43.26
C GLY A 130 126.43 36.53 -44.59
N ILE A 131 127.44 36.32 -45.45
CA ILE A 131 127.43 36.96 -46.74
C ILE A 131 126.32 36.42 -47.62
N ASP A 132 126.09 35.11 -47.57
CA ASP A 132 124.96 34.53 -48.31
C ASP A 132 123.64 35.15 -47.89
N ASN A 133 123.48 35.39 -46.58
CA ASN A 133 122.28 36.05 -46.09
C ASN A 133 122.13 37.45 -46.67
N MET A 134 123.22 38.22 -46.66
CA MET A 134 123.18 39.58 -47.18
C MET A 134 122.86 39.57 -48.66
N LYS A 135 123.45 38.63 -49.39
CA LYS A 135 123.13 38.45 -50.80
C LYS A 135 121.63 38.20 -50.98
N GLN A 136 121.08 37.26 -50.20
CA GLN A 136 119.67 36.92 -50.31
C GLN A 136 118.80 38.15 -50.05
N GLN A 137 119.14 38.92 -49.01
CA GLN A 137 118.27 40.01 -48.61
C GLN A 137 118.33 41.14 -49.60
N LEU A 138 119.52 41.43 -50.11
CA LEU A 138 119.70 42.48 -51.10
C LEU A 138 119.03 42.11 -52.42
N GLN A 139 119.20 40.86 -52.85
CA GLN A 139 118.50 40.41 -54.05
C GLN A 139 116.99 40.51 -53.88
N ALA A 140 116.47 40.08 -52.73
CA ALA A 140 115.02 40.09 -52.52
C ALA A 140 114.47 41.51 -52.48
N ARG A 141 115.20 42.43 -51.84
CA ARG A 141 114.76 43.82 -51.80
C ARG A 141 114.74 44.43 -53.18
N LEU A 142 115.87 44.36 -53.89
CA LEU A 142 115.93 44.82 -55.29
C LEU A 142 114.82 44.22 -56.15
N LEU A 143 114.53 42.92 -55.98
CA LEU A 143 113.54 42.28 -56.84
C LEU A 143 112.10 42.62 -56.45
N THR A 144 111.88 42.89 -55.17
CA THR A 144 110.54 43.19 -54.69
C THR A 144 110.09 44.56 -55.18
N PRO A 145 108.94 44.69 -55.83
CA PRO A 145 108.41 46.03 -56.10
C PRO A 145 108.01 46.74 -54.81
N ARG A 146 108.21 48.05 -54.82
CA ARG A 146 107.93 48.85 -53.63
C ARG A 146 106.42 48.99 -53.44
N GLY A 147 105.97 48.73 -52.22
CA GLY A 147 104.56 48.81 -51.88
C GLY A 147 103.79 47.54 -52.11
N SER A 148 104.38 46.52 -52.72
CA SER A 148 103.67 45.27 -52.95
C SER A 148 103.65 44.40 -51.69
N LEU A 149 104.69 44.47 -50.86
CA LEU A 149 104.76 43.65 -49.67
C LEU A 149 103.77 44.16 -48.63
N MET A 150 102.99 43.24 -48.04
CA MET A 150 102.08 43.66 -46.99
C MET A 150 102.85 44.09 -45.75
N LEU A 151 102.22 44.96 -44.96
CA LEU A 151 102.76 45.48 -43.71
C LEU A 151 104.07 46.25 -43.88
N HIS A 152 104.49 46.56 -45.11
CA HIS A 152 105.78 47.20 -45.35
C HIS A 152 105.73 48.02 -46.63
N PRO A 153 105.14 49.23 -46.58
CA PRO A 153 104.98 50.00 -47.82
C PRO A 153 106.29 50.31 -48.52
N ASN A 154 107.33 50.67 -47.78
CA ASN A 154 108.56 51.20 -48.34
C ASN A 154 109.53 50.11 -48.78
N TYR A 155 109.37 48.87 -48.34
CA TYR A 155 110.26 47.80 -48.77
C TYR A 155 110.00 47.47 -50.23
N GLY A 156 111.07 47.49 -51.03
CA GLY A 156 111.04 47.12 -52.42
C GLY A 156 111.82 48.13 -53.25
N SER A 157 111.55 48.10 -54.55
CA SER A 157 112.26 48.95 -55.51
C SER A 157 111.31 49.32 -56.63
N ASP A 158 111.65 50.40 -57.34
CA ASP A 158 110.80 50.90 -58.41
C ASP A 158 111.35 50.53 -59.79
N LEU A 159 112.20 49.51 -59.87
CA LEU A 159 112.82 49.14 -61.15
C LEU A 159 111.82 48.61 -62.16
N HIS A 160 110.69 48.06 -61.70
CA HIS A 160 109.69 47.54 -62.61
C HIS A 160 109.08 48.63 -63.47
N ASN A 161 109.13 49.88 -63.03
CA ASN A 161 108.64 51.02 -63.80
C ASN A 161 109.73 51.73 -64.60
N LEU A 162 111.01 51.42 -64.35
CA LEU A 162 112.13 52.09 -65.01
C LEU A 162 112.56 51.42 -66.30
N PHE A 163 111.65 50.71 -66.98
CA PHE A 163 111.94 50.10 -68.28
C PHE A 163 111.64 51.11 -69.40
N GLY A 164 112.36 52.23 -69.35
CA GLY A 164 112.15 53.35 -70.24
C GLY A 164 113.03 53.35 -71.47
N LEU A 165 113.33 54.56 -71.96
CA LEU A 165 114.05 54.74 -73.21
C LEU A 165 115.54 54.52 -73.02
N ASN A 166 116.28 54.45 -74.15
CA ASN A 166 117.73 54.23 -74.11
C ASN A 166 118.44 55.58 -74.27
N ILE A 167 118.52 56.26 -73.13
CA ILE A 167 119.24 57.52 -73.01
C ILE A 167 119.93 57.55 -71.64
N PRO A 168 120.93 58.42 -71.45
CA PRO A 168 121.57 58.52 -70.13
C PRO A 168 120.63 58.90 -69.00
N GLU A 169 119.50 59.55 -69.29
CA GLU A 169 118.61 59.99 -68.23
C GLU A 169 118.02 58.79 -67.49
N GLN A 170 117.49 57.83 -68.23
CA GLN A 170 116.93 56.63 -67.61
C GLN A 170 118.00 55.82 -66.90
N ALA A 171 119.19 55.71 -67.48
CA ALA A 171 120.34 55.17 -66.77
C ALA A 171 120.54 55.84 -65.41
N THR A 172 120.48 57.18 -65.36
CA THR A 172 120.70 57.86 -64.08
C THR A 172 119.55 57.57 -63.13
N LEU A 173 118.33 57.48 -63.64
CA LEU A 173 117.18 57.15 -62.81
C LEU A 173 117.34 55.77 -62.19
N ILE A 174 117.68 54.77 -63.02
CA ILE A 174 117.98 53.43 -62.53
C ILE A 174 119.05 53.46 -61.47
N GLU A 175 120.14 54.19 -61.72
CA GLU A 175 121.25 54.21 -60.77
C GLU A 175 120.81 54.81 -59.44
N MET A 176 120.04 55.91 -59.50
CA MET A 176 119.58 56.56 -58.28
C MET A 176 118.61 55.66 -57.52
N GLU A 177 117.72 54.97 -58.23
CA GLU A 177 116.79 54.05 -57.58
C GLU A 177 117.54 52.90 -56.92
N VAL A 178 118.57 52.38 -57.60
CA VAL A 178 119.34 51.28 -57.04
C VAL A 178 120.08 51.73 -55.79
N LEU A 179 120.66 52.94 -55.83
CA LEU A 179 121.34 53.46 -54.66
C LEU A 179 120.36 53.69 -53.51
N ARG A 180 119.14 54.11 -53.82
CA ARG A 180 118.14 54.29 -52.76
C ARG A 180 117.77 52.95 -52.14
N THR A 181 117.59 51.93 -52.98
CA THR A 181 117.20 50.62 -52.49
C THR A 181 118.30 50.00 -51.64
N LEU A 182 119.56 50.20 -52.03
CA LEU A 182 120.66 49.66 -51.25
C LEU A 182 120.86 50.43 -49.95
N THR A 183 120.71 51.76 -49.99
CA THR A 183 120.84 52.56 -48.79
C THR A 183 119.72 52.25 -47.79
N SER A 184 118.55 51.82 -48.28
CA SER A 184 117.44 51.49 -47.39
C SER A 184 117.81 50.40 -46.39
N ASP A 185 118.72 49.50 -46.75
CA ASP A 185 119.18 48.49 -45.81
C ASP A 185 120.07 49.14 -44.75
N ASN A 186 119.76 48.87 -43.48
CA ASN A 186 120.55 49.44 -42.39
C ASN A 186 121.98 48.92 -42.39
N ARG A 187 122.18 47.65 -42.76
CA ARG A 187 123.52 47.05 -42.71
C ARG A 187 124.44 47.57 -43.81
N VAL A 188 123.92 48.22 -44.84
CA VAL A 188 124.73 48.66 -45.97
C VAL A 188 125.26 50.04 -45.62
N LYS A 189 126.56 50.13 -45.35
CA LYS A 189 127.13 51.39 -44.90
C LYS A 189 127.11 52.43 -46.02
N SER A 190 127.32 51.99 -47.26
CA SER A 190 127.23 52.89 -48.39
C SER A 190 127.25 52.08 -49.67
N ALA A 191 126.78 52.71 -50.76
CA ALA A 191 126.86 52.10 -52.08
C ALA A 191 127.10 53.21 -53.10
N ASN A 192 127.71 52.83 -54.22
CA ASN A 192 128.17 53.81 -55.20
C ASN A 192 128.32 53.14 -56.56
N LEU A 193 128.18 53.95 -57.61
CA LEU A 193 128.29 53.45 -58.96
C LEU A 193 129.74 53.11 -59.30
N ILE A 194 129.93 52.02 -60.04
CA ILE A 194 131.24 51.62 -60.57
C ILE A 194 131.32 51.91 -62.06
N ASP A 195 130.43 51.30 -62.85
CA ASP A 195 130.43 51.51 -64.30
C ASP A 195 129.09 51.07 -64.85
N TRP A 196 128.70 51.67 -65.98
CA TRP A 196 127.47 51.31 -66.65
C TRP A 196 127.66 51.50 -68.15
N LYS A 197 126.79 50.86 -68.92
CA LYS A 197 126.79 51.00 -70.37
C LYS A 197 125.43 50.63 -70.93
N ILE A 198 125.20 51.05 -72.16
CA ILE A 198 123.94 50.81 -72.87
C ILE A 198 124.28 50.14 -74.20
N GLN A 199 123.61 49.03 -74.47
CA GLN A 199 123.78 48.26 -75.70
C GLN A 199 122.45 48.17 -76.45
N GLY A 200 121.79 49.31 -76.62
CA GLY A 200 120.49 49.33 -77.28
C GLY A 200 119.34 48.90 -76.38
N ASN A 201 118.83 47.66 -76.53
CA ASN A 201 117.83 47.18 -75.58
C ASN A 201 118.43 47.10 -74.19
N VAL A 202 119.60 46.50 -74.09
CA VAL A 202 120.09 45.93 -72.85
C VAL A 202 120.84 47.00 -72.10
N TYR A 203 120.55 47.11 -70.82
CA TYR A 203 121.30 47.95 -69.92
C TYR A 203 122.14 47.05 -69.05
N SER A 204 123.31 47.54 -68.67
CA SER A 204 124.20 46.79 -67.80
C SER A 204 124.84 47.77 -66.84
N GLY A 205 124.98 47.36 -65.61
CA GLY A 205 125.59 48.19 -64.59
C GLY A 205 126.12 47.30 -63.50
N GLN A 206 126.98 47.88 -62.67
CA GLN A 206 127.54 47.17 -61.54
C GLN A 206 127.79 48.15 -60.41
N PHE A 207 127.66 47.65 -59.18
CA PHE A 207 127.72 48.47 -57.98
C PHE A 207 128.70 47.84 -56.99
N SER A 208 129.04 48.62 -55.97
CA SER A 208 129.95 48.21 -54.92
C SER A 208 129.26 48.51 -53.61
N VAL A 209 129.17 47.50 -52.76
CA VAL A 209 128.44 47.56 -51.50
C VAL A 209 129.43 47.26 -50.39
N GLU A 210 129.52 48.16 -49.42
CA GLU A 210 130.39 47.99 -48.26
C GLU A 210 129.52 47.71 -47.04
N ILE A 211 129.49 46.45 -46.61
CA ILE A 211 128.74 46.07 -45.42
C ILE A 211 129.53 46.57 -44.20
N LYS A 212 128.88 46.56 -43.03
CA LYS A 212 129.52 47.02 -41.81
C LYS A 212 130.74 46.17 -41.49
N SER A 213 131.78 46.81 -40.96
CA SER A 213 133.03 46.10 -40.77
C SER A 213 132.95 45.10 -39.62
N VAL A 214 133.93 44.19 -39.63
CA VAL A 214 134.09 43.19 -38.56
C VAL A 214 134.08 43.84 -37.17
N GLU A 215 134.78 44.96 -37.01
CA GLU A 215 134.84 45.63 -35.71
C GLU A 215 133.46 46.07 -35.25
N GLU A 216 132.68 46.69 -36.15
CA GLU A 216 131.35 47.17 -35.79
C GLU A 216 130.42 46.01 -35.44
N SER A 217 130.47 44.94 -36.25
CA SER A 217 129.62 43.79 -35.98
C SER A 217 129.99 43.11 -34.66
N ILE A 218 131.29 43.03 -34.37
CA ILE A 218 131.74 42.46 -33.09
C ILE A 218 131.23 43.31 -31.93
N ASN A 219 131.37 44.62 -32.04
CA ASN A 219 130.91 45.52 -30.98
C ASN A 219 129.41 45.38 -30.79
N PHE A 220 128.65 45.29 -31.87
CA PHE A 220 127.21 45.17 -31.79
C PHE A 220 126.81 43.87 -31.09
N VAL A 221 127.41 42.76 -31.50
CA VAL A 221 127.03 41.47 -30.95
C VAL A 221 127.43 41.37 -29.47
N LEU A 222 128.67 41.75 -29.15
CA LEU A 222 129.07 41.75 -27.73
C LEU A 222 128.27 42.72 -26.87
N GLY A 223 127.80 43.85 -27.43
CA GLY A 223 126.87 44.67 -26.67
C GLY A 223 125.55 43.96 -26.44
N GLN A 224 125.10 43.16 -27.40
CA GLN A 224 123.83 42.45 -27.30
C GLN A 224 123.85 41.40 -26.19
N ASP A 225 125.05 41.00 -25.73
CA ASP A 225 125.13 40.07 -24.61
C ASP A 225 124.40 40.58 -23.39
N GLU A 226 124.41 41.90 -23.17
CA GLU A 226 123.74 42.46 -22.00
C GLU A 226 122.25 42.16 -22.01
N GLU A 227 121.63 42.10 -23.19
CA GLU A 227 120.21 41.79 -23.31
C GLU A 227 119.94 40.31 -23.57
N GLY A 228 120.85 39.61 -24.25
CA GLY A 228 120.66 38.20 -24.51
C GLY A 228 119.71 37.88 -25.64
N ILE A 229 119.26 38.87 -26.41
CA ILE A 229 118.35 38.57 -27.51
C ILE A 229 119.09 37.82 -28.62
N PHE A 230 120.23 38.35 -29.05
CA PHE A 230 121.03 37.79 -30.14
C PHE A 230 120.16 37.52 -31.37
N ALA A 231 119.44 38.56 -31.79
CA ALA A 231 118.51 38.47 -32.92
C ALA A 231 118.38 39.86 -33.53
N LEU A 232 117.79 39.91 -34.73
CA LEU A 232 117.80 41.12 -35.55
C LEU A 232 116.38 41.51 -35.91
N PHE A 233 115.96 42.69 -35.43
CA PHE A 233 114.63 43.24 -35.69
C PHE A 233 114.72 44.56 -36.44
N GLU A 234 115.70 44.68 -37.33
CA GLU A 234 115.90 45.91 -38.09
C GLU A 234 114.79 46.17 -39.10
N MET B 1 83.91 25.36 -32.18
CA MET B 1 85.22 24.99 -31.56
C MET B 1 85.21 23.56 -31.04
N LYS B 2 86.12 22.74 -31.59
CA LYS B 2 86.23 21.33 -31.27
C LYS B 2 87.25 21.02 -30.17
N THR B 3 87.95 22.04 -29.66
CA THR B 3 88.90 21.91 -28.56
C THR B 3 90.08 21.03 -28.94
N ARG B 4 90.68 21.34 -30.09
CA ARG B 4 91.88 20.66 -30.50
C ARG B 4 93.02 20.94 -29.51
N LYS B 5 94.08 20.14 -29.59
CA LYS B 5 95.27 20.32 -28.77
C LYS B 5 96.50 20.44 -29.66
N LEU B 6 97.58 20.91 -29.02
CA LEU B 6 98.81 21.24 -29.75
C LEU B 6 99.41 20.03 -30.45
N THR B 7 99.45 18.88 -29.77
CA THR B 7 100.15 17.72 -30.31
C THR B 7 99.48 17.23 -31.59
N ASN B 8 98.15 17.17 -31.62
CA ASN B 8 97.46 16.71 -32.81
C ASN B 8 97.67 17.67 -33.98
N ILE B 9 97.63 18.97 -33.71
CA ILE B 9 97.82 19.95 -34.78
C ILE B 9 99.23 19.83 -35.37
N LEU B 10 100.23 19.73 -34.49
CA LEU B 10 101.60 19.60 -34.97
C LEU B 10 101.79 18.29 -35.74
N SER B 11 101.19 17.20 -35.25
CA SER B 11 101.31 15.92 -35.94
C SER B 11 100.68 15.98 -37.33
N LYS B 12 99.52 16.63 -37.44
CA LYS B 12 98.84 16.76 -38.72
C LYS B 12 99.67 17.59 -39.68
N LEU B 13 100.26 18.69 -39.19
CA LEU B 13 101.09 19.53 -40.05
C LEU B 13 102.30 18.75 -40.54
N ILE B 14 102.96 18.03 -39.64
CA ILE B 14 104.17 17.28 -40.00
C ILE B 14 103.82 16.15 -40.97
N ASP B 15 102.67 15.50 -40.76
CA ASP B 15 102.28 14.41 -41.64
C ASP B 15 102.01 14.92 -43.05
N LYS B 16 101.28 16.03 -43.18
CA LYS B 16 101.04 16.60 -44.49
C LYS B 16 102.34 17.07 -45.14
N THR B 17 103.24 17.66 -44.34
CA THR B 17 104.51 18.12 -44.88
C THR B 17 105.32 16.96 -45.44
N MET B 18 105.33 15.84 -44.72
CA MET B 18 106.03 14.66 -45.21
C MET B 18 105.37 14.12 -46.48
N ALA B 19 104.03 14.14 -46.51
CA ALA B 19 103.28 13.60 -47.64
C ALA B 19 103.47 14.44 -48.89
N GLY B 20 103.67 15.74 -48.76
CA GLY B 20 103.89 16.58 -49.92
C GLY B 20 105.28 16.49 -50.50
N THR B 21 106.25 15.97 -49.75
CA THR B 21 107.62 15.91 -50.24
C THR B 21 108.42 14.91 -49.44
N SER B 22 109.23 14.10 -50.13
CA SER B 22 110.09 13.15 -49.45
C SER B 22 111.44 13.74 -49.09
N LYS B 23 111.73 14.98 -49.50
CA LYS B 23 113.01 15.58 -49.18
C LYS B 23 113.08 15.98 -47.70
N ILE B 24 112.01 16.57 -47.18
CA ILE B 24 111.99 17.02 -45.79
C ILE B 24 111.72 15.79 -44.92
N THR B 25 112.73 15.38 -44.14
CA THR B 25 112.63 14.25 -43.23
C THR B 25 113.42 14.49 -41.94
N ASP B 26 113.57 15.75 -41.53
CA ASP B 26 114.27 16.09 -40.28
C ASP B 26 113.37 17.04 -39.48
N PHE B 27 112.59 16.45 -38.59
CA PHE B 27 111.65 17.12 -37.71
C PHE B 27 112.05 16.90 -36.25
N THR B 28 113.35 16.89 -35.98
CA THR B 28 113.83 16.66 -34.63
C THR B 28 113.76 17.97 -33.84
N PRO B 29 113.81 17.89 -32.51
CA PRO B 29 113.91 19.13 -31.72
C PRO B 29 115.11 19.98 -32.14
N GLY B 30 114.87 21.28 -32.22
CA GLY B 30 115.87 22.23 -32.65
C GLY B 30 115.89 22.51 -34.14
N SER B 31 115.08 21.79 -34.92
CA SER B 31 115.03 22.02 -36.35
C SER B 31 114.16 23.24 -36.65
N ALA B 32 114.44 23.88 -37.79
CA ALA B 32 113.71 25.09 -38.16
C ALA B 32 112.24 24.81 -38.46
N SER B 33 111.98 23.79 -39.30
CA SER B 33 110.62 23.39 -39.64
C SER B 33 109.79 23.06 -38.40
N ARG B 34 110.34 22.27 -37.50
CA ARG B 34 109.60 21.88 -36.31
C ARG B 34 109.27 23.09 -35.45
N SER B 35 110.23 24.01 -35.30
CA SER B 35 109.98 25.22 -34.51
C SER B 35 108.88 26.07 -35.14
N LEU B 36 108.94 26.27 -36.46
CA LEU B 36 107.94 27.09 -37.14
C LEU B 36 106.56 26.48 -36.99
N LEU B 37 106.43 25.18 -37.27
CA LEU B 37 105.14 24.51 -37.18
C LEU B 37 104.63 24.50 -35.75
N GLU B 38 105.53 24.29 -34.78
CA GLU B 38 105.17 24.37 -33.37
C GLU B 38 104.58 25.72 -33.01
N ALA B 39 105.26 26.80 -33.41
CA ALA B 39 104.74 28.15 -33.14
C ALA B 39 103.35 28.36 -33.77
N VAL B 40 103.18 27.94 -35.03
CA VAL B 40 101.89 28.10 -35.71
C VAL B 40 100.81 27.34 -34.97
N SER B 41 101.09 26.08 -34.61
CA SER B 41 100.09 25.27 -33.93
C SER B 41 99.81 25.79 -32.53
N LEU B 42 100.81 26.35 -31.86
CA LEU B 42 100.58 26.93 -30.55
C LEU B 42 99.62 28.12 -30.65
N GLU B 43 99.87 29.00 -31.63
CA GLU B 43 98.97 30.13 -31.85
C GLU B 43 97.56 29.67 -32.20
N ILE B 44 97.45 28.60 -32.98
CA ILE B 44 96.12 28.06 -33.29
C ILE B 44 95.45 27.56 -32.02
N GLU B 45 96.23 26.92 -31.14
CA GLU B 45 95.68 26.40 -29.90
C GLU B 45 95.18 27.54 -29.01
N GLN B 46 95.96 28.62 -28.93
CA GLN B 46 95.57 29.77 -28.13
C GLN B 46 94.33 30.44 -28.72
N PHE B 47 94.25 30.51 -30.05
CA PHE B 47 93.07 31.05 -30.70
C PHE B 47 91.83 30.23 -30.34
N TYR B 48 91.96 28.91 -30.36
CA TYR B 48 90.82 28.04 -30.03
C TYR B 48 90.41 28.20 -28.56
N ILE B 49 91.40 28.27 -27.66
CA ILE B 49 91.09 28.41 -26.24
C ILE B 49 90.35 29.72 -25.99
N LEU B 50 90.92 30.83 -26.49
CA LEU B 50 90.28 32.12 -26.31
C LEU B 50 88.93 32.19 -27.01
N THR B 51 88.74 31.44 -28.10
CA THR B 51 87.44 31.48 -28.74
C THR B 51 86.40 30.79 -27.88
N LYS B 52 86.79 29.66 -27.26
CA LYS B 52 85.89 29.00 -26.33
C LYS B 52 85.52 29.92 -25.15
N GLU B 53 86.52 30.58 -24.58
CA GLU B 53 86.27 31.47 -23.45
C GLU B 53 85.36 32.64 -23.86
N ASN B 54 85.60 33.20 -25.04
CA ASN B 54 84.78 34.31 -25.51
C ASN B 54 83.35 33.86 -25.80
N ILE B 55 83.17 32.63 -26.26
CA ILE B 55 81.81 32.13 -26.48
C ILE B 55 81.08 31.93 -25.16
N ASP B 56 81.78 31.46 -24.12
CA ASP B 56 81.16 31.36 -22.79
C ASP B 56 80.74 32.75 -22.30
N TRP B 57 81.64 33.71 -22.42
CA TRP B 57 81.33 35.09 -22.05
C TRP B 57 80.17 35.65 -22.88
N GLY B 58 80.11 35.31 -24.18
CA GLY B 58 79.01 35.77 -25.01
C GLY B 58 77.68 35.18 -24.60
N ILE B 59 77.68 33.93 -24.14
CA ILE B 59 76.43 33.33 -23.70
C ILE B 59 75.91 34.03 -22.46
N GLN B 60 76.77 34.29 -21.46
CA GLN B 60 76.35 35.08 -20.32
C GLN B 60 75.87 36.47 -20.77
N GLU B 61 76.53 37.09 -21.74
CA GLU B 61 76.15 38.44 -22.10
C GLU B 61 74.81 38.45 -22.82
N GLY B 62 74.51 37.41 -23.60
CA GLY B 62 73.25 37.38 -24.30
C GLY B 62 72.11 37.07 -23.37
N ILE B 63 72.38 36.27 -22.34
CA ILE B 63 71.38 36.05 -21.30
C ILE B 63 71.07 37.37 -20.60
N ILE B 64 72.08 38.13 -20.22
CA ILE B 64 71.88 39.44 -19.61
C ILE B 64 71.13 40.38 -20.54
N GLU B 65 71.45 40.37 -21.84
CA GLU B 65 70.88 41.37 -22.74
C GLU B 65 69.43 41.06 -23.12
N ALA B 66 69.12 39.79 -23.36
CA ALA B 66 67.81 39.43 -23.90
C ALA B 66 66.69 39.80 -22.94
N PHE B 67 66.83 39.47 -21.66
CA PHE B 67 65.83 39.72 -20.64
C PHE B 67 66.02 41.04 -19.92
N ASP B 68 67.07 41.81 -20.25
CA ASP B 68 67.39 43.06 -19.55
C ASP B 68 67.57 42.82 -18.06
N PHE B 69 68.14 41.67 -17.70
CA PHE B 69 68.30 41.29 -16.31
C PHE B 69 69.63 41.85 -15.82
N GLN B 70 69.62 43.16 -15.52
CA GLN B 70 70.87 43.82 -15.16
C GLN B 70 71.35 43.36 -13.79
N LYS B 71 72.67 43.17 -13.63
CA LYS B 71 73.31 42.63 -12.41
C LYS B 71 73.34 43.66 -11.28
N ARG B 72 73.12 43.26 -10.02
CA ARG B 72 72.94 44.24 -8.92
C ARG B 72 74.24 44.93 -8.51
N GLN B 73 74.23 46.25 -8.55
CA GLN B 73 75.30 47.12 -8.07
C GLN B 73 75.41 47.12 -6.53
N SER B 74 76.49 47.67 -6.00
CA SER B 74 76.68 47.83 -4.56
C SER B 74 75.58 48.66 -3.92
N LYS B 75 75.06 48.22 -2.77
CA LYS B 75 74.04 48.93 -1.98
C LYS B 75 74.70 49.71 -0.84
N ARG B 76 74.32 50.97 -0.67
CA ARG B 76 74.78 51.84 0.41
C ARG B 76 74.06 51.47 1.70
N ALA B 77 74.82 51.48 2.79
CA ALA B 77 74.29 51.12 4.09
C ALA B 77 73.30 52.16 4.61
N TYR B 78 72.40 51.73 5.46
CA TYR B 78 71.43 52.57 6.12
C TYR B 78 70.98 51.93 7.43
N GLY B 79 70.46 52.76 8.32
CA GLY B 79 69.88 52.28 9.56
C GLY B 79 69.25 53.41 10.34
N ASP B 80 68.81 53.11 11.55
CA ASP B 80 68.01 53.99 12.38
C ASP B 80 68.83 54.61 13.50
N VAL B 81 68.72 55.93 13.63
CA VAL B 81 69.33 56.71 14.70
C VAL B 81 68.22 57.18 15.61
N THR B 82 68.36 56.93 16.90
CA THR B 82 67.51 57.53 17.93
C THR B 82 68.14 58.83 18.44
N ILE B 83 67.30 59.75 18.91
CA ILE B 83 67.72 61.04 19.46
C ILE B 83 66.94 61.29 20.74
N GLN B 84 67.55 61.89 21.76
CA GLN B 84 66.83 62.41 22.93
C GLN B 84 67.05 63.91 23.09
N PHE B 85 66.05 64.60 23.64
CA PHE B 85 66.11 66.02 23.92
C PHE B 85 66.37 66.29 25.40
N TYR B 86 66.66 67.54 25.77
CA TYR B 86 66.79 67.92 27.17
C TYR B 86 65.46 67.79 27.92
N GLN B 87 64.38 68.38 27.40
CA GLN B 87 63.02 68.29 27.93
C GLN B 87 62.01 68.09 26.80
N PRO B 88 60.79 67.57 27.08
CA PRO B 88 59.78 67.37 26.06
C PRO B 88 59.59 68.62 25.21
N LEU B 89 59.61 68.50 23.90
CA LEU B 89 59.64 69.66 23.02
C LEU B 89 58.36 70.47 23.13
N ASP B 90 58.51 71.78 23.36
CA ASP B 90 57.40 72.72 23.54
C ASP B 90 56.61 73.01 22.26
N MET B 91 57.07 72.49 21.12
CA MET B 91 56.79 73.01 19.79
C MET B 91 57.08 71.94 18.71
N ARG B 92 56.57 72.14 17.49
CA ARG B 92 57.02 71.38 16.32
C ARG B 92 58.43 71.82 15.90
N MET B 93 59.46 71.04 16.25
CA MET B 93 60.79 71.19 15.65
C MET B 93 60.87 70.58 14.24
N TYR B 94 61.93 70.92 13.51
CA TYR B 94 62.20 70.46 12.15
C TYR B 94 63.62 69.92 12.00
N ILE B 95 63.81 68.92 11.15
CA ILE B 95 65.11 68.42 10.73
C ILE B 95 65.04 68.14 9.22
N PRO B 96 65.68 68.95 8.38
CA PRO B 96 65.62 68.80 6.93
C PRO B 96 66.39 67.58 6.42
N ALA B 97 66.02 67.07 5.25
CA ALA B 97 66.84 66.14 4.50
C ALA B 97 68.25 66.69 4.24
N GLY B 98 69.26 65.84 4.33
CA GLY B 98 70.65 66.17 4.21
C GLY B 98 71.32 66.57 5.52
N THR B 99 70.57 66.66 6.60
CA THR B 99 71.16 66.87 7.92
C THR B 99 72.14 65.74 8.17
N THR B 100 73.40 66.09 8.37
CA THR B 100 74.46 65.09 8.47
C THR B 100 74.58 64.54 9.89
N PHE B 101 74.94 63.28 10.00
CA PHE B 101 75.27 62.60 11.24
C PHE B 101 76.66 62.01 11.10
N THR B 102 77.47 62.18 12.13
CA THR B 102 78.84 61.68 12.15
C THR B 102 79.13 61.01 13.48
N SER B 103 80.31 60.41 13.57
CA SER B 103 80.75 59.67 14.75
C SER B 103 82.16 60.10 15.14
N THR B 104 82.37 60.33 16.43
CA THR B 104 83.70 60.65 16.94
C THR B 104 84.60 59.42 17.07
N ARG B 105 84.06 58.21 16.94
CA ARG B 105 84.87 57.00 16.97
C ARG B 105 85.69 56.96 15.68
N GLN B 106 87.01 57.16 15.80
CA GLN B 106 87.82 57.28 14.60
C GLN B 106 87.94 55.95 13.84
N GLU B 107 87.62 54.83 14.48
CA GLU B 107 87.67 53.55 13.79
C GLU B 107 86.61 53.44 12.70
N TYR B 108 85.54 54.23 12.80
CA TYR B 108 84.44 54.23 11.83
C TYR B 108 84.13 55.67 11.45
N PRO B 109 84.98 56.30 10.62
CA PRO B 109 84.79 57.72 10.29
C PRO B 109 83.73 58.01 9.24
N GLN B 110 82.95 57.02 8.83
CA GLN B 110 81.96 57.22 7.78
C GLN B 110 80.86 58.16 8.25
N GLN B 111 80.24 58.82 7.26
CA GLN B 111 79.24 59.85 7.44
C GLN B 111 77.87 59.34 7.01
N PHE B 112 76.82 59.93 7.55
CA PHE B 112 75.46 59.54 7.28
C PHE B 112 74.60 60.78 7.12
N GLU B 113 73.45 60.66 6.48
CA GLU B 113 72.56 61.80 6.31
C GLU B 113 71.13 61.32 6.14
N THR B 114 70.18 62.19 6.46
CA THR B 114 68.75 62.00 6.23
C THR B 114 68.45 62.21 4.75
N LEU B 115 67.66 61.33 4.14
CA LEU B 115 67.12 61.53 2.79
C LEU B 115 65.68 62.03 2.80
N VAL B 116 65.12 62.33 3.97
CA VAL B 116 63.70 62.66 4.21
C VAL B 116 63.61 63.82 5.21
N ASP B 117 62.62 64.69 5.06
CA ASP B 117 62.33 65.72 6.07
C ASP B 117 61.60 65.15 7.30
N TYR B 118 62.00 65.55 8.50
CA TYR B 118 61.37 65.12 9.75
C TYR B 118 60.87 66.30 10.58
N TYR B 119 59.80 66.05 11.33
CA TYR B 119 59.27 66.91 12.38
C TYR B 119 58.93 66.07 13.60
N ALA B 120 58.86 66.69 14.77
CA ALA B 120 58.42 66.05 16.02
C ALA B 120 57.15 66.72 16.55
N GLU B 121 56.31 65.98 17.25
CA GLU B 121 55.11 66.53 17.89
C GLU B 121 55.44 67.22 19.22
N PRO B 122 54.70 68.26 19.62
CA PRO B 122 54.78 68.83 20.96
C PRO B 122 54.63 67.77 22.06
N ASP B 123 55.33 67.96 23.18
CA ASP B 123 55.41 67.02 24.29
C ASP B 123 55.85 65.61 23.85
N SER B 124 56.96 65.55 23.11
CA SER B 124 57.74 64.33 22.86
C SER B 124 59.20 64.51 23.31
N THR B 125 59.83 63.48 23.87
CA THR B 125 61.18 63.55 24.48
C THR B 125 62.29 62.95 23.62
N GLU B 126 61.93 62.20 22.59
CA GLU B 126 62.85 61.48 21.71
C GLU B 126 62.23 61.32 20.32
N ILE B 127 63.05 61.04 19.32
CA ILE B 127 62.61 60.75 17.96
C ILE B 127 63.53 59.71 17.32
N VAL B 128 62.99 58.94 16.36
CA VAL B 128 63.77 58.00 15.55
C VAL B 128 63.77 58.47 14.09
N VAL B 129 64.93 58.48 13.46
CA VAL B 129 65.07 58.81 12.04
C VAL B 129 65.93 57.77 11.33
N GLU B 130 65.69 57.58 10.03
CA GLU B 130 66.49 56.69 9.20
C GLU B 130 67.54 57.49 8.45
N VAL B 131 68.80 57.07 8.52
CA VAL B 131 69.92 57.73 7.83
C VAL B 131 70.63 56.76 6.92
N TYR B 132 71.14 57.28 5.80
CA TYR B 132 71.88 56.53 4.81
C TYR B 132 73.34 56.94 4.86
N CYS B 133 74.23 55.97 4.73
CA CYS B 133 75.64 56.23 4.52
C CYS B 133 75.83 56.94 3.19
N LYS B 134 76.60 58.01 3.19
CA LYS B 134 77.03 58.75 2.01
C LYS B 134 77.84 57.86 1.06
N GLU B 135 78.74 57.05 1.61
CA GLU B 135 79.59 56.17 0.82
C GLU B 135 78.91 54.82 0.65
N THR B 136 79.04 54.24 -0.54
CA THR B 136 78.45 52.94 -0.80
C THR B 136 79.36 51.82 -0.28
N GLY B 137 78.87 50.59 -0.32
CA GLY B 137 79.64 49.39 -0.02
C GLY B 137 79.58 49.01 1.46
N VAL B 138 80.46 48.10 1.87
CA VAL B 138 80.46 47.51 3.22
C VAL B 138 80.90 48.50 4.32
N ALA B 139 81.43 49.67 3.95
CA ALA B 139 82.03 50.58 4.91
C ALA B 139 81.01 51.17 5.87
N GLY B 140 79.77 51.34 5.43
CA GLY B 140 78.72 51.87 6.28
C GLY B 140 78.10 50.91 7.26
N ASN B 141 78.64 49.69 7.42
CA ASN B 141 78.12 48.71 8.38
C ASN B 141 78.82 48.86 9.74
N VAL B 142 78.60 50.02 10.36
CA VAL B 142 79.20 50.36 11.64
C VAL B 142 78.52 49.57 12.76
N PRO B 143 79.16 49.32 13.90
CA PRO B 143 78.49 48.59 14.98
C PRO B 143 77.54 49.49 15.76
N GLU B 144 76.83 48.90 16.72
CA GLU B 144 75.95 49.69 17.57
C GLU B 144 76.75 50.62 18.47
N GLY B 145 76.20 51.82 18.71
CA GLY B 145 76.87 52.81 19.52
C GLY B 145 77.90 53.65 18.81
N THR B 146 78.01 53.54 17.49
CA THR B 146 79.02 54.29 16.75
C THR B 146 78.59 55.74 16.55
N ILE B 147 77.44 55.97 15.92
CA ILE B 147 76.99 57.31 15.56
C ILE B 147 76.57 58.03 16.84
N ASN B 148 77.28 59.09 17.20
CA ASN B 148 77.01 59.86 18.40
C ASN B 148 77.06 61.37 18.18
N THR B 149 77.10 61.85 16.93
CA THR B 149 77.19 63.27 16.65
C THR B 149 76.21 63.63 15.55
N ILE B 150 75.56 64.78 15.72
CA ILE B 150 74.63 65.41 14.77
C ILE B 150 75.18 66.77 14.34
N ALA B 151 75.29 67.02 13.04
CA ALA B 151 75.91 68.24 12.52
C ALA B 151 74.91 69.37 12.32
N SER B 152 73.66 69.24 12.77
CA SER B 152 72.67 70.33 12.72
C SER B 152 72.97 71.38 13.78
N GLY B 153 73.67 71.00 14.85
CA GLY B 153 74.07 71.93 15.87
C GLY B 153 72.97 72.36 16.82
N SER B 154 71.72 71.88 16.64
CA SER B 154 70.61 72.41 17.44
C SER B 154 70.80 72.09 18.92
N SER B 155 70.56 73.08 19.76
CA SER B 155 70.84 73.04 21.19
C SER B 155 69.93 72.08 21.94
N LEU B 156 68.70 71.82 21.48
CA LEU B 156 67.74 71.07 22.29
C LEU B 156 68.11 69.59 22.41
N ILE B 157 69.05 69.12 21.59
CA ILE B 157 69.54 67.75 21.54
C ILE B 157 70.41 67.42 22.75
N ARG B 158 70.00 66.42 23.52
CA ARG B 158 70.75 65.87 24.66
C ARG B 158 71.78 64.84 24.19
N SER B 159 71.35 63.90 23.35
CA SER B 159 72.17 62.76 22.91
C SER B 159 71.60 62.09 21.66
N VAL B 160 72.45 61.33 20.98
CA VAL B 160 72.15 60.64 19.71
C VAL B 160 72.78 59.26 19.74
N ASN B 161 72.08 58.21 19.31
CA ASN B 161 72.63 56.86 19.31
C ASN B 161 71.99 55.94 18.27
N ASN B 162 72.79 55.14 17.55
CA ASN B 162 72.27 54.01 16.78
C ASN B 162 72.23 52.78 17.68
N GLU B 163 71.02 52.32 18.01
CA GLU B 163 70.80 51.24 18.97
C GLU B 163 71.26 49.87 18.47
N TYR B 164 71.40 49.71 17.16
CA TYR B 164 71.76 48.44 16.53
C TYR B 164 72.83 48.63 15.46
N SER B 165 73.58 47.57 15.22
CA SER B 165 74.63 47.52 14.20
C SER B 165 74.03 47.59 12.82
N PHE B 166 74.53 48.47 11.97
CA PHE B 166 74.12 48.52 10.58
C PHE B 166 74.71 47.31 9.85
N ASN B 167 73.92 46.74 8.95
CA ASN B 167 74.24 45.55 8.18
C ASN B 167 73.78 45.63 6.73
N THR B 168 73.22 46.75 6.24
CA THR B 168 72.65 46.80 4.89
C THR B 168 73.63 47.17 3.78
N GLY B 169 74.82 47.67 4.10
CA GLY B 169 75.85 47.93 3.10
C GLY B 169 76.37 46.63 2.48
N THR B 170 76.47 46.56 1.15
CA THR B 170 77.08 45.41 0.43
C THR B 170 77.74 45.81 -0.88
N LYS B 171 78.75 45.03 -1.27
CA LYS B 171 79.46 45.15 -2.54
C LYS B 171 78.65 44.58 -3.71
N GLU B 172 79.22 44.59 -4.90
CA GLU B 172 78.67 44.00 -6.11
C GLU B 172 78.12 42.58 -5.89
N GLU B 173 77.01 42.24 -6.53
CA GLU B 173 76.45 40.89 -6.46
C GLU B 173 77.39 39.81 -7.00
N SER B 174 77.61 38.73 -6.23
CA SER B 174 78.46 37.63 -6.65
C SER B 174 77.91 36.88 -7.86
N GLN B 175 78.75 36.10 -8.53
CA GLN B 175 78.34 35.33 -9.70
C GLN B 175 77.23 34.34 -9.36
N GLU B 176 77.39 33.48 -8.36
CA GLU B 176 76.35 32.52 -8.00
C GLU B 176 75.08 33.20 -7.50
N ASP B 177 75.17 34.29 -6.76
CA ASP B 177 73.95 34.98 -6.29
C ASP B 177 73.13 35.52 -7.46
N PHE B 178 73.78 36.15 -8.44
CA PHE B 178 73.14 36.56 -9.67
C PHE B 178 72.51 35.37 -10.38
N LYS B 179 73.24 34.27 -10.53
CA LYS B 179 72.77 33.07 -11.20
C LYS B 179 71.53 32.49 -10.52
N ARG B 180 71.47 32.47 -9.18
CA ARG B 180 70.28 32.02 -8.45
C ARG B 180 69.09 32.94 -8.65
N ARG B 181 69.24 34.26 -8.63
CA ARG B 181 68.08 35.14 -8.89
C ARG B 181 67.51 34.91 -10.30
N PHE B 182 68.33 34.68 -11.31
CA PHE B 182 67.81 34.41 -12.65
C PHE B 182 66.96 33.13 -12.73
N HIS B 183 67.33 32.08 -12.02
CA HIS B 183 66.50 30.88 -11.88
C HIS B 183 65.15 31.21 -11.27
N SER B 184 65.13 32.12 -10.29
CA SER B 184 63.87 32.53 -9.70
C SER B 184 62.99 33.26 -10.70
N PHE B 185 63.58 34.16 -11.50
CA PHE B 185 62.89 34.77 -12.63
C PHE B 185 62.23 33.73 -13.52
N VAL B 186 63.01 32.73 -13.95
CA VAL B 186 62.50 31.69 -14.85
C VAL B 186 61.33 30.94 -14.20
N GLU B 187 61.48 30.60 -12.91
CA GLU B 187 60.39 29.91 -12.23
C GLU B 187 59.16 30.82 -12.09
N SER B 188 59.38 32.11 -11.86
CA SER B 188 58.31 33.04 -11.57
C SER B 188 57.63 33.60 -12.82
N ARG B 189 58.01 33.14 -14.01
CA ARG B 189 57.26 33.50 -15.22
C ARG B 189 55.80 33.07 -15.10
N GLY B 190 55.54 31.92 -14.50
CA GLY B 190 54.20 31.60 -14.05
C GLY B 190 53.81 32.41 -12.83
N ARG B 191 52.88 33.35 -12.99
CA ARG B 191 52.76 34.44 -12.03
C ARG B 191 52.20 33.99 -10.69
N ALA B 192 51.23 33.08 -10.71
CA ALA B 192 50.37 32.87 -9.56
C ALA B 192 50.89 31.82 -8.59
N THR B 193 52.12 31.33 -8.76
CA THR B 193 52.59 30.27 -7.87
C THR B 193 53.31 30.84 -6.64
N ASN B 194 53.57 29.96 -5.67
CA ASN B 194 54.19 30.36 -4.42
C ASN B 194 55.59 30.90 -4.68
N LYS B 195 56.33 30.22 -5.57
CA LYS B 195 57.66 30.68 -5.92
C LYS B 195 57.60 32.01 -6.66
N SER B 196 56.54 32.23 -7.44
CA SER B 196 56.38 33.52 -8.09
C SER B 196 56.09 34.62 -7.10
N VAL B 197 55.27 34.34 -6.08
CA VAL B 197 55.05 35.32 -5.01
C VAL B 197 56.37 35.64 -4.32
N ARG B 198 57.15 34.60 -4.00
CA ARG B 198 58.43 34.79 -3.34
C ARG B 198 59.38 35.62 -4.21
N TYR B 199 59.34 35.42 -5.52
CA TYR B 199 60.17 36.22 -6.41
C TYR B 199 59.71 37.67 -6.46
N GLY B 200 58.39 37.90 -6.52
CA GLY B 200 57.88 39.25 -6.54
C GLY B 200 58.21 40.00 -5.27
N ALA B 201 58.11 39.32 -4.12
CA ALA B 201 58.54 39.93 -2.87
C ALA B 201 60.05 40.20 -2.89
N LEU B 202 60.83 39.27 -3.45
CA LEU B 202 62.27 39.46 -3.59
C LEU B 202 62.63 40.38 -4.76
N GLN B 203 61.66 40.78 -5.59
CA GLN B 203 61.96 41.69 -6.69
C GLN B 203 62.53 43.02 -6.20
N ILE B 204 62.20 43.42 -4.97
CA ILE B 204 62.76 44.64 -4.40
C ILE B 204 64.19 44.33 -3.99
N PRO B 205 65.21 45.11 -4.41
CA PRO B 205 66.59 44.76 -4.00
C PRO B 205 66.82 44.84 -2.50
N ASP B 206 66.17 45.77 -1.81
CA ASP B 206 66.37 45.91 -0.36
C ASP B 206 65.98 44.66 0.42
N VAL B 207 65.06 43.85 -0.10
CA VAL B 207 64.54 42.74 0.71
C VAL B 207 65.59 41.63 0.76
N GLU B 208 65.79 41.06 1.94
CA GLU B 208 66.83 40.06 2.15
C GLU B 208 66.28 38.64 1.98
N GLY B 209 65.34 38.25 2.85
CA GLY B 209 64.66 36.98 2.71
C GLY B 209 63.15 37.16 2.78
N VAL B 210 62.45 36.15 2.30
CA VAL B 210 60.99 36.11 2.36
C VAL B 210 60.55 34.69 2.71
N TYR B 211 59.57 34.59 3.60
CA TYR B 211 58.88 33.35 3.94
C TYR B 211 57.40 33.53 3.67
N VAL B 212 56.89 32.77 2.70
CA VAL B 212 55.49 32.83 2.31
C VAL B 212 54.76 31.78 3.14
N TYR B 213 53.86 32.23 4.03
CA TYR B 213 53.12 31.36 4.92
C TYR B 213 51.69 31.24 4.39
N GLU B 214 51.28 30.01 4.08
CA GLU B 214 50.10 29.77 3.27
C GLU B 214 48.99 29.14 4.09
N GLU B 215 47.77 29.68 3.92
CA GLU B 215 46.55 29.16 4.51
C GLU B 215 45.49 29.06 3.42
N THR B 216 44.36 28.47 3.79
CA THR B 216 43.23 28.33 2.88
C THR B 216 42.62 29.71 2.64
N GLY B 217 42.76 30.22 1.42
CA GLY B 217 42.20 31.51 1.07
C GLY B 217 42.89 32.71 1.67
N HIS B 218 44.09 32.55 2.22
CA HIS B 218 44.84 33.66 2.80
C HIS B 218 46.32 33.41 2.61
N ILE B 219 47.06 34.48 2.30
CA ILE B 219 48.51 34.41 2.12
C ILE B 219 49.15 35.46 3.02
N THR B 220 50.17 35.04 3.78
CA THR B 220 50.95 35.95 4.63
C THR B 220 52.40 35.88 4.18
N VAL B 221 52.91 37.02 3.74
CA VAL B 221 54.28 37.18 3.23
C VAL B 221 55.10 37.84 4.33
N PHE B 222 55.91 37.04 5.02
CA PHE B 222 56.85 37.56 6.00
C PHE B 222 58.13 37.97 5.27
N ALA B 223 58.50 39.25 5.37
CA ALA B 223 59.64 39.82 4.65
C ALA B 223 60.48 40.69 5.57
N HIS B 224 61.77 40.83 5.24
CA HIS B 224 62.64 41.65 6.07
C HIS B 224 63.79 42.19 5.24
N ASP B 225 64.36 43.32 5.69
CA ASP B 225 65.58 43.81 5.08
C ASP B 225 66.78 43.17 5.78
N ARG B 226 67.98 43.54 5.31
CA ARG B 226 69.21 42.93 5.80
C ARG B 226 69.50 43.25 7.27
N ASN B 227 68.79 44.21 7.89
CA ASN B 227 68.82 44.45 9.33
C ASN B 227 67.76 43.66 10.10
N GLY B 228 66.74 43.10 9.43
CA GLY B 228 65.66 42.39 10.08
C GLY B 228 64.41 43.23 10.26
N ASN B 229 64.44 44.50 9.87
CA ASN B 229 63.30 45.39 9.92
C ASN B 229 62.45 45.29 8.65
N LEU B 230 61.29 45.94 8.67
CA LEU B 230 60.44 46.10 7.49
C LEU B 230 59.72 47.45 7.59
N SER B 231 60.27 48.45 6.92
CA SER B 231 59.71 49.80 6.95
C SER B 231 58.45 49.88 6.09
N ASP B 232 57.59 50.83 6.46
CA ASP B 232 56.29 50.99 5.78
C ASP B 232 56.48 51.28 4.29
N THR B 233 57.44 52.12 3.93
CA THR B 233 57.75 52.33 2.51
C THR B 233 58.14 51.01 1.83
N LEU B 234 58.97 50.20 2.49
CA LEU B 234 59.37 48.93 1.89
C LEU B 234 58.19 47.99 1.79
N LYS B 235 57.31 48.00 2.80
CA LYS B 235 56.10 47.18 2.72
C LYS B 235 55.22 47.60 1.55
N GLU B 236 55.04 48.91 1.36
CA GLU B 236 54.20 49.38 0.26
C GLU B 236 54.82 48.98 -1.08
N ASP B 237 56.14 49.10 -1.21
CA ASP B 237 56.82 48.71 -2.44
C ASP B 237 56.68 47.21 -2.70
N ILE B 238 56.80 46.39 -1.67
CA ILE B 238 56.61 44.95 -1.84
C ILE B 238 55.19 44.66 -2.30
N ILE B 239 54.23 45.36 -1.71
CA ILE B 239 52.83 45.19 -2.08
C ILE B 239 52.62 45.53 -3.55
N ASP B 240 53.18 46.66 -3.98
CA ASP B 240 53.03 47.12 -5.35
C ASP B 240 53.70 46.15 -6.32
N ALA B 241 54.83 45.57 -5.91
CA ALA B 241 55.51 44.60 -6.77
C ALA B 241 54.76 43.28 -6.82
N LEU B 242 53.99 42.97 -5.78
CA LEU B 242 53.23 41.73 -5.70
C LEU B 242 51.90 41.82 -6.42
N GLN B 243 51.43 43.04 -6.74
CA GLN B 243 50.18 43.19 -7.48
C GLN B 243 50.22 42.43 -8.80
N ASP B 244 51.36 42.44 -9.46
CA ASP B 244 51.49 41.75 -10.74
C ASP B 244 51.58 40.24 -10.59
N TYR B 245 52.07 39.76 -9.43
CA TYR B 245 52.37 38.35 -9.24
C TYR B 245 51.37 37.61 -8.37
N ARG B 246 50.73 38.28 -7.41
CA ARG B 246 49.84 37.59 -6.50
C ARG B 246 48.62 37.05 -7.25
N PRO B 247 48.01 35.97 -6.76
CA PRO B 247 46.81 35.45 -7.42
C PRO B 247 45.61 36.32 -7.16
N SER B 248 44.72 36.38 -8.15
CA SER B 248 43.54 37.24 -8.05
C SER B 248 42.48 36.56 -7.20
N GLY B 249 41.88 37.36 -6.31
CA GLY B 249 40.78 36.91 -5.48
C GLY B 249 41.16 36.36 -4.12
N ILE B 250 42.45 36.15 -3.87
CA ILE B 250 42.94 35.61 -2.60
C ILE B 250 43.55 36.73 -1.78
N MET B 251 43.16 36.77 -0.50
CA MET B 251 43.68 37.77 0.42
C MET B 251 45.18 37.61 0.59
N LEU B 252 45.88 38.74 0.71
CA LEU B 252 47.32 38.77 0.88
C LEU B 252 47.67 39.85 1.90
N ASP B 253 48.65 39.55 2.76
CA ASP B 253 49.09 40.47 3.79
C ASP B 253 50.61 40.40 3.91
N VAL B 254 51.22 41.56 4.17
CA VAL B 254 52.67 41.72 4.30
C VAL B 254 52.96 42.20 5.71
N THR B 255 53.86 41.48 6.41
CA THR B 255 54.22 41.79 7.79
C THR B 255 55.70 41.51 7.99
N GLY B 256 56.29 42.16 9.01
CA GLY B 256 57.69 41.95 9.32
C GLY B 256 57.95 40.68 10.13
N VAL B 257 59.12 40.07 9.88
CA VAL B 257 59.53 38.83 10.56
C VAL B 257 59.54 38.99 12.08
N GLU B 258 59.56 37.84 12.76
CA GLU B 258 59.67 37.78 14.23
C GLU B 258 61.15 37.86 14.61
N LYS B 259 61.64 39.11 14.66
CA LYS B 259 63.04 39.37 14.95
C LYS B 259 63.35 39.20 16.44
N GLU B 260 64.43 38.48 16.74
CA GLU B 260 64.95 38.30 18.09
C GLU B 260 66.29 39.02 18.22
N GLU B 261 66.48 39.74 19.32
CA GLU B 261 67.59 40.69 19.46
C GLU B 261 68.60 40.27 20.55
N VAL B 262 69.48 39.35 20.18
CA VAL B 262 70.42 38.69 21.10
C VAL B 262 71.55 39.64 21.51
N ASN B 263 71.48 40.12 22.75
CA ASN B 263 72.61 40.72 23.44
C ASN B 263 73.58 39.62 23.89
N VAL B 264 74.89 39.92 23.83
CA VAL B 264 75.92 38.97 24.28
C VAL B 264 76.94 39.69 25.16
N SER B 265 77.26 39.06 26.29
CA SER B 265 78.38 39.44 27.15
C SER B 265 79.22 38.19 27.39
N ALA B 266 80.48 38.23 26.93
CA ALA B 266 81.39 37.09 26.95
C ALA B 266 82.61 37.42 27.79
N THR B 267 82.89 36.57 28.78
CA THR B 267 84.15 36.61 29.52
C THR B 267 85.10 35.61 28.88
N VAL B 268 86.24 36.10 28.38
CA VAL B 268 87.21 35.29 27.67
C VAL B 268 88.57 35.43 28.36
N THR B 269 89.22 34.30 28.61
CA THR B 269 90.56 34.26 29.18
C THR B 269 91.59 34.10 28.08
N ILE B 270 92.75 34.72 28.27
CA ILE B 270 93.82 34.77 27.26
C ILE B 270 95.07 34.17 27.88
N SER B 271 95.72 33.26 27.13
CA SER B 271 96.95 32.65 27.62
C SER B 271 98.10 33.65 27.67
N ASN B 272 98.33 34.36 26.57
CA ASN B 272 99.36 35.38 26.51
C ASN B 272 98.74 36.70 26.95
N LYS B 273 99.04 37.13 28.17
CA LYS B 273 98.30 38.25 28.75
C LYS B 273 98.79 39.59 28.25
N SER B 274 99.93 39.63 27.55
CA SER B 274 100.39 40.87 26.96
C SER B 274 99.44 41.32 25.85
N ARG B 275 98.88 40.36 25.10
CA ARG B 275 98.00 40.65 23.98
C ARG B 275 96.70 41.35 24.38
N ILE B 276 96.42 41.48 25.68
CA ILE B 276 95.18 42.13 26.13
C ILE B 276 95.20 43.58 25.71
N GLY B 277 94.04 44.07 25.27
CA GLY B 277 93.93 45.46 24.88
C GLY B 277 92.57 45.73 24.24
N ASP B 278 92.51 46.82 23.48
CA ASP B 278 91.26 47.17 22.82
C ASP B 278 91.12 46.47 21.47
N THR B 279 92.24 46.24 20.78
CA THR B 279 92.21 45.56 19.48
C THR B 279 91.60 44.17 19.57
N LEU B 280 92.02 43.35 20.53
CA LEU B 280 91.50 41.99 20.63
C LEU B 280 90.02 41.99 20.98
N GLN B 281 89.62 42.85 21.92
CA GLN B 281 88.21 42.96 22.28
C GLN B 281 87.39 43.32 21.06
N LYS B 282 87.83 44.32 20.30
CA LYS B 282 87.06 44.77 19.15
C LYS B 282 87.02 43.70 18.06
N HIS B 283 88.11 42.94 17.90
CA HIS B 283 88.11 41.86 16.93
C HIS B 283 87.13 40.77 17.34
N ILE B 284 87.10 40.41 18.62
CA ILE B 284 86.18 39.35 19.05
C ILE B 284 84.74 39.81 18.89
N GLU B 285 84.46 41.06 19.30
CA GLU B 285 83.13 41.64 19.14
C GLU B 285 82.69 41.63 17.69
N SER B 286 83.61 41.99 16.78
CA SER B 286 83.31 41.97 15.35
C SER B 286 82.96 40.56 14.88
N VAL B 287 83.70 39.56 15.35
CA VAL B 287 83.45 38.19 14.92
C VAL B 287 82.06 37.76 15.38
N ILE B 288 81.70 38.11 16.62
CA ILE B 288 80.38 37.73 17.13
C ILE B 288 79.28 38.44 16.35
N ARG B 289 79.43 39.74 16.09
CA ARG B 289 78.46 40.47 15.27
C ARG B 289 78.30 39.82 13.90
N SER B 290 79.41 39.46 13.26
CA SER B 290 79.34 38.85 11.93
C SER B 290 78.67 37.49 11.99
N TYR B 291 78.89 36.74 13.07
CA TYR B 291 78.25 35.44 13.19
C TYR B 291 76.73 35.59 13.34
N LEU B 292 76.30 36.45 14.26
CA LEU B 292 74.86 36.59 14.49
C LEU B 292 74.16 37.24 13.31
N ASN B 293 74.73 38.29 12.73
CA ASN B 293 74.09 38.97 11.60
C ASN B 293 74.24 38.22 10.28
N ASN B 294 74.86 37.03 10.27
CA ASN B 294 74.80 36.13 9.11
C ASN B 294 73.74 35.03 9.25
N LEU B 295 73.07 34.93 10.40
CA LEU B 295 71.98 33.98 10.56
C LEU B 295 70.80 34.32 9.65
N LYS B 296 70.23 33.30 9.01
CA LYS B 296 69.12 33.45 8.09
C LYS B 296 67.80 33.19 8.81
N THR B 297 66.68 33.31 8.08
CA THR B 297 65.38 32.99 8.65
C THR B 297 65.38 31.53 9.15
N SER B 298 64.80 31.31 10.33
CA SER B 298 64.70 30.01 10.96
C SER B 298 66.02 29.31 11.30
N ASP B 299 67.15 30.01 11.32
CA ASP B 299 68.36 29.42 11.89
C ASP B 299 68.30 29.47 13.42
N ASP B 300 68.36 28.32 14.08
CA ASP B 300 68.49 28.30 15.52
C ASP B 300 69.88 28.81 15.92
N LEU B 301 69.95 29.43 17.10
CA LEU B 301 71.23 29.83 17.67
C LEU B 301 71.69 28.73 18.63
N ILE B 302 72.87 28.18 18.38
CA ILE B 302 73.43 27.09 19.16
C ILE B 302 74.67 27.60 19.87
N ILE B 303 74.66 27.53 21.21
CA ILE B 303 75.71 28.17 21.99
C ILE B 303 77.08 27.53 21.71
N THR B 304 77.10 26.23 21.42
CA THR B 304 78.38 25.55 21.17
C THR B 304 78.98 25.98 19.83
N ASP B 305 78.14 26.11 18.79
CA ASP B 305 78.58 26.74 17.55
C ASP B 305 79.26 28.09 17.79
N LEU B 306 78.61 28.98 18.56
CA LEU B 306 79.23 30.27 18.85
C LEU B 306 80.54 30.09 19.61
N ILE B 307 80.60 29.08 20.49
CA ILE B 307 81.83 28.83 21.24
C ILE B 307 82.95 28.45 20.29
N GLN B 308 82.67 27.57 19.33
CA GLN B 308 83.75 27.15 18.44
C GLN B 308 84.14 28.30 17.52
N ALA B 309 83.17 29.12 17.12
CA ALA B 309 83.46 30.28 16.28
C ALA B 309 84.37 31.26 17.01
N ILE B 310 84.13 31.48 18.31
CA ILE B 310 84.99 32.39 19.06
C ILE B 310 86.37 31.77 19.26
N MET B 311 86.41 30.47 19.55
CA MET B 311 87.68 29.83 19.90
C MET B 311 88.57 29.60 18.68
N ASN B 312 87.98 29.49 17.49
CA ASN B 312 88.76 29.28 16.28
C ASN B 312 89.50 30.55 15.83
N ILE B 313 89.25 31.69 16.47
CA ILE B 313 89.99 32.92 16.17
C ILE B 313 91.46 32.68 16.43
N ASP B 314 91.78 32.13 17.60
CA ASP B 314 93.12 31.64 17.89
C ASP B 314 92.97 30.63 19.03
N ASP B 315 93.19 29.35 18.73
CA ASP B 315 92.93 28.31 19.72
C ASP B 315 93.99 28.29 20.80
N VAL B 316 95.19 28.80 20.53
CA VAL B 316 96.25 28.86 21.53
C VAL B 316 96.10 30.10 22.40
N LEU B 317 95.98 31.27 21.76
CA LEU B 317 95.91 32.54 22.50
C LEU B 317 94.69 32.59 23.41
N ILE B 318 93.54 32.16 22.90
CA ILE B 318 92.31 32.16 23.70
C ILE B 318 92.29 30.90 24.55
N TYR B 319 92.08 31.07 25.86
CA TYR B 319 92.16 29.96 26.80
C TYR B 319 90.78 29.37 27.06
N ASP B 320 89.84 30.18 27.57
CA ASP B 320 88.52 29.73 27.94
C ASP B 320 87.52 30.87 27.71
N VAL B 321 86.26 30.51 27.44
CA VAL B 321 85.20 31.47 27.15
C VAL B 321 83.98 31.14 28.00
N SER B 322 83.31 32.18 28.50
CA SER B 322 82.13 32.06 29.33
C SER B 322 81.16 33.18 28.99
N PHE B 323 79.85 32.89 28.96
CA PHE B 323 78.84 33.87 28.59
C PHE B 323 78.09 34.30 29.85
N ASP B 324 77.97 35.61 30.05
CA ASP B 324 77.33 36.16 31.23
C ASP B 324 75.84 36.46 31.03
N ASN B 325 75.29 36.20 29.84
CA ASN B 325 73.86 36.40 29.61
C ASN B 325 73.15 35.25 28.91
N LEU B 326 73.87 34.26 28.37
CA LEU B 326 73.28 33.16 27.61
C LEU B 326 73.59 31.85 28.33
N ASP B 327 72.57 30.99 28.42
CA ASP B 327 72.73 29.68 29.05
C ASP B 327 72.12 28.53 28.27
N GLU B 328 71.27 28.78 27.29
CA GLU B 328 70.60 27.73 26.55
C GLU B 328 70.34 28.20 25.11
N ASN B 329 70.40 27.24 24.19
CA ASN B 329 70.12 27.50 22.78
C ASN B 329 68.77 28.17 22.59
N ILE B 330 68.65 28.90 21.48
CA ILE B 330 67.46 29.69 21.15
C ILE B 330 66.81 29.08 19.91
N ILE B 331 65.55 28.68 20.02
CA ILE B 331 64.77 28.17 18.89
C ILE B 331 64.13 29.34 18.16
N VAL B 332 64.28 29.34 16.84
CA VAL B 332 63.75 30.37 15.94
C VAL B 332 62.67 29.73 15.08
N PRO B 333 61.46 30.31 14.98
CA PRO B 333 60.39 29.69 14.19
C PRO B 333 60.57 29.97 12.70
N PRO B 334 59.73 29.42 11.82
CA PRO B 334 60.00 29.57 10.38
C PRO B 334 60.02 31.02 9.94
N GLN B 335 59.10 31.83 10.48
CA GLN B 335 59.01 33.25 10.20
C GLN B 335 59.92 34.12 11.08
N GLY B 336 60.86 33.53 11.82
CA GLY B 336 61.70 34.27 12.74
C GLY B 336 63.13 34.52 12.24
N ILE B 337 63.90 35.34 12.96
CA ILE B 337 65.31 35.58 12.66
C ILE B 337 65.98 36.15 13.91
N ILE B 338 67.30 35.99 13.98
CA ILE B 338 68.12 36.54 15.08
C ILE B 338 69.04 37.62 14.53
N ARG B 339 69.20 38.69 15.32
CA ARG B 339 70.14 39.76 15.03
C ARG B 339 70.81 40.25 16.31
N ALA B 340 72.06 40.71 16.17
CA ALA B 340 72.89 41.10 17.30
C ALA B 340 72.36 42.34 18.01
N GLY B 341 72.22 42.24 19.33
CA GLY B 341 71.97 43.39 20.18
C GLY B 341 73.34 43.91 20.60
N GLU B 342 73.45 44.51 21.79
CA GLU B 342 74.74 44.99 22.23
C GLU B 342 75.67 43.80 22.43
N ILE B 343 76.87 43.86 21.84
CA ILE B 343 77.89 42.82 21.98
C ILE B 343 79.01 43.38 22.84
N LYS B 344 79.33 42.69 23.93
CA LYS B 344 80.33 43.10 24.89
C LYS B 344 81.25 41.93 25.23
N VAL B 345 82.52 42.24 25.45
CA VAL B 345 83.56 41.26 25.74
C VAL B 345 84.45 41.79 26.85
N GLU B 346 84.69 40.95 27.87
CA GLU B 346 85.61 41.25 28.97
C GLU B 346 86.85 40.36 28.85
N LEU B 347 88.02 40.98 28.69
CA LEU B 347 89.28 40.27 28.62
C LEU B 347 89.88 40.08 30.02
N LYS B 348 90.30 38.84 30.30
CA LYS B 348 90.93 38.49 31.59
C LYS B 348 92.31 37.89 31.37
N LYS C 2 91.17 39.79 -23.96
CA LYS C 2 90.05 39.17 -24.64
C LYS C 2 90.51 38.49 -25.93
N THR C 3 91.23 39.26 -26.76
CA THR C 3 91.77 38.76 -28.02
C THR C 3 93.18 39.28 -28.22
N ARG C 4 94.00 38.48 -28.89
CA ARG C 4 95.31 38.92 -29.34
C ARG C 4 95.15 39.82 -30.57
N LYS C 5 96.26 40.46 -30.97
CA LYS C 5 96.30 41.27 -32.18
C LYS C 5 97.53 40.92 -33.00
N LEU C 6 97.61 41.56 -34.17
CA LEU C 6 98.65 41.23 -35.16
C LEU C 6 100.05 41.38 -34.60
N THR C 7 100.36 42.54 -34.00
CA THR C 7 101.70 42.76 -33.48
C THR C 7 102.03 41.76 -32.38
N ASN C 8 101.07 41.48 -31.50
CA ASN C 8 101.30 40.53 -30.42
C ASN C 8 101.49 39.11 -30.95
N ILE C 9 100.67 38.70 -31.91
CA ILE C 9 100.80 37.36 -32.49
C ILE C 9 102.16 37.22 -33.17
N LEU C 10 102.56 38.23 -33.94
CA LEU C 10 103.86 38.18 -34.61
C LEU C 10 105.00 38.11 -33.60
N SER C 11 104.92 38.90 -32.54
CA SER C 11 105.98 38.90 -31.53
C SER C 11 106.07 37.54 -30.84
N LYS C 12 104.93 36.94 -30.50
CA LYS C 12 104.95 35.65 -29.83
C LYS C 12 105.46 34.57 -30.77
N LEU C 13 105.08 34.64 -32.06
CA LEU C 13 105.58 33.69 -33.04
C LEU C 13 107.09 33.78 -33.15
N ILE C 14 107.63 35.00 -33.20
CA ILE C 14 109.08 35.17 -33.30
C ILE C 14 109.77 34.66 -32.04
N ASP C 15 109.20 34.95 -30.87
CA ASP C 15 109.79 34.47 -29.62
C ASP C 15 109.79 32.94 -29.57
N LYS C 16 108.67 32.30 -29.95
CA LYS C 16 108.60 30.85 -29.93
C LYS C 16 109.56 30.24 -30.94
N THR C 17 109.71 30.87 -32.11
CA THR C 17 110.64 30.37 -33.11
C THR C 17 112.08 30.44 -32.61
N MET C 18 112.45 31.59 -32.02
CA MET C 18 113.78 31.73 -31.43
C MET C 18 114.01 30.70 -30.34
N ALA C 19 113.02 30.47 -29.47
CA ALA C 19 113.19 29.49 -28.41
C ALA C 19 113.33 28.09 -28.97
N GLY C 20 112.59 27.76 -30.03
CA GLY C 20 112.66 26.41 -30.57
C GLY C 20 114.03 26.07 -31.14
N THR C 21 114.68 27.05 -31.77
CA THR C 21 115.95 26.82 -32.44
C THR C 21 116.66 28.16 -32.60
N SER C 22 117.99 28.11 -32.52
CA SER C 22 118.84 29.26 -32.80
C SER C 22 119.37 29.29 -34.23
N LYS C 23 118.91 28.38 -35.10
CA LYS C 23 119.38 28.36 -36.48
C LYS C 23 118.90 29.56 -37.29
N ILE C 24 117.84 30.23 -36.83
CA ILE C 24 117.31 31.43 -37.48
C ILE C 24 117.47 32.59 -36.52
N THR C 25 118.00 33.71 -37.01
CA THR C 25 118.15 34.89 -36.16
C THR C 25 117.79 36.17 -36.91
N ASP C 26 117.78 36.16 -38.23
CA ASP C 26 117.29 37.27 -39.04
C ASP C 26 115.77 37.32 -38.97
N PHE C 27 115.22 38.37 -38.35
CA PHE C 27 113.78 38.61 -38.33
C PHE C 27 113.45 40.01 -38.84
N THR C 28 114.27 40.51 -39.76
CA THR C 28 114.07 41.83 -40.33
C THR C 28 112.95 41.84 -41.35
N PRO C 29 112.49 43.04 -41.73
CA PRO C 29 111.51 43.14 -42.82
C PRO C 29 112.06 42.58 -44.12
N GLY C 30 111.18 41.93 -44.87
CA GLY C 30 111.47 41.25 -46.11
C GLY C 30 111.99 39.83 -45.96
N SER C 31 112.16 39.35 -44.74
CA SER C 31 112.61 37.98 -44.55
C SER C 31 111.47 37.01 -44.85
N ALA C 32 111.79 35.94 -45.57
CA ALA C 32 110.82 34.88 -45.83
C ALA C 32 110.15 34.41 -44.55
N SER C 33 110.94 34.14 -43.50
CA SER C 33 110.35 33.56 -42.29
C SER C 33 109.42 34.57 -41.63
N ARG C 34 109.83 35.83 -41.58
CA ARG C 34 108.99 36.85 -40.97
C ARG C 34 107.75 37.10 -41.80
N SER C 35 107.88 37.05 -43.13
CA SER C 35 106.72 37.18 -44.00
C SER C 35 105.71 36.07 -43.74
N LEU C 36 106.19 34.84 -43.63
CA LEU C 36 105.30 33.70 -43.37
C LEU C 36 104.60 33.87 -42.03
N LEU C 37 105.33 34.28 -40.99
CA LEU C 37 104.69 34.48 -39.70
C LEU C 37 103.71 35.64 -39.75
N GLU C 38 104.03 36.70 -40.50
CA GLU C 38 103.13 37.83 -40.64
C GLU C 38 101.84 37.42 -41.33
N ALA C 39 101.94 36.51 -42.31
CA ALA C 39 100.75 36.07 -43.01
C ALA C 39 99.87 35.22 -42.09
N VAL C 40 100.51 34.31 -41.34
CA VAL C 40 99.78 33.52 -40.37
C VAL C 40 99.14 34.42 -39.31
N SER C 41 99.86 35.45 -38.86
CA SER C 41 99.28 36.38 -37.90
C SER C 41 98.07 37.11 -38.47
N LEU C 42 98.14 37.52 -39.74
CA LEU C 42 97.02 38.22 -40.34
C LEU C 42 95.79 37.33 -40.44
N GLU C 43 96.00 36.07 -40.83
CA GLU C 43 94.90 35.12 -40.89
C GLU C 43 94.28 34.90 -39.51
N ILE C 44 95.11 34.76 -38.48
CA ILE C 44 94.57 34.57 -37.13
C ILE C 44 93.82 35.80 -36.66
N GLU C 45 94.33 37.00 -36.96
CA GLU C 45 93.60 38.21 -36.61
C GLU C 45 92.26 38.28 -37.32
N GLN C 46 92.21 37.83 -38.57
CA GLN C 46 90.95 37.85 -39.32
C GLN C 46 89.97 36.84 -38.75
N PHE C 47 90.48 35.72 -38.24
CA PHE C 47 89.60 34.74 -37.60
C PHE C 47 89.10 35.27 -36.26
N TYR C 48 89.93 36.07 -35.59
CA TYR C 48 89.51 36.68 -34.34
C TYR C 48 88.36 37.67 -34.58
N ILE C 49 88.48 38.46 -35.66
CA ILE C 49 87.41 39.39 -36.01
C ILE C 49 86.15 38.62 -36.40
N LEU C 50 86.30 37.50 -37.10
CA LEU C 50 85.15 36.68 -37.45
C LEU C 50 84.43 36.17 -36.19
N THR C 51 85.21 35.69 -35.22
CA THR C 51 84.62 35.23 -33.95
C THR C 51 83.94 36.38 -33.22
N LYS C 52 84.53 37.58 -33.29
CA LYS C 52 83.92 38.73 -32.64
C LYS C 52 82.58 39.07 -33.28
N GLU C 53 82.51 39.04 -34.61
CA GLU C 53 81.25 39.27 -35.30
C GLU C 53 80.21 38.23 -34.92
N ASN C 54 80.60 36.95 -34.92
CA ASN C 54 79.66 35.89 -34.58
C ASN C 54 79.14 36.04 -33.16
N ILE C 55 80.01 36.42 -32.21
CA ILE C 55 79.55 36.54 -30.83
C ILE C 55 78.71 37.78 -30.65
N ASP C 56 79.00 38.86 -31.38
CA ASP C 56 78.17 40.06 -31.31
C ASP C 56 76.79 39.80 -31.90
N TRP C 57 76.69 38.92 -32.89
CA TRP C 57 75.38 38.54 -33.42
C TRP C 57 74.65 37.66 -32.42
N GLY C 58 75.36 36.71 -31.81
CA GLY C 58 74.76 35.78 -30.88
C GLY C 58 74.25 36.45 -29.63
N ILE C 59 74.94 37.49 -29.17
CA ILE C 59 74.54 38.18 -27.94
C ILE C 59 73.14 38.78 -28.10
N GLN C 60 72.82 39.34 -29.26
CA GLN C 60 71.59 40.07 -29.45
C GLN C 60 70.53 39.29 -30.22
N GLU C 61 70.87 38.13 -30.80
CA GLU C 61 69.92 37.33 -31.58
C GLU C 61 69.87 35.85 -31.22
N GLY C 62 70.77 35.33 -30.40
CA GLY C 62 70.81 33.89 -30.21
C GLY C 62 69.61 33.34 -29.46
N ILE C 63 69.26 33.97 -28.34
CA ILE C 63 68.25 33.42 -27.45
C ILE C 63 66.85 33.62 -28.01
N ILE C 64 66.57 34.82 -28.51
CA ILE C 64 65.22 35.16 -28.98
C ILE C 64 64.89 34.37 -30.24
N GLU C 65 65.89 34.06 -31.05
CA GLU C 65 65.68 33.30 -32.28
C GLU C 65 65.10 31.92 -32.00
N ALA C 66 65.39 31.35 -30.82
CA ALA C 66 64.88 30.03 -30.51
C ALA C 66 63.35 30.02 -30.40
N PHE C 67 62.75 31.17 -30.12
CA PHE C 67 61.30 31.29 -29.97
C PHE C 67 60.61 31.79 -31.24
N ASP C 68 61.16 31.46 -32.41
CA ASP C 68 60.47 31.73 -33.68
C ASP C 68 60.26 33.23 -33.91
N PHE C 69 61.21 34.06 -33.48
CA PHE C 69 61.15 35.51 -33.63
C PHE C 69 62.28 35.93 -34.57
N GLN C 70 61.92 36.49 -35.72
CA GLN C 70 62.89 36.90 -36.74
C GLN C 70 63.06 38.41 -36.70
N LYS C 71 64.31 38.85 -36.60
CA LYS C 71 64.62 40.27 -36.72
C LYS C 71 64.62 40.67 -38.18
N ARG C 72 63.91 41.75 -38.51
CA ARG C 72 63.75 42.18 -39.89
C ARG C 72 65.00 42.92 -40.33
N GLN C 73 65.75 42.33 -41.25
CA GLN C 73 66.95 42.92 -41.81
C GLN C 73 66.57 43.84 -42.97
N SER C 74 67.33 44.93 -43.12
CA SER C 74 67.14 45.79 -44.27
C SER C 74 67.54 45.05 -45.54
N LYS C 75 66.69 45.11 -46.57
CA LYS C 75 66.90 44.39 -47.82
C LYS C 75 66.65 45.30 -49.00
N ARG C 76 67.28 44.95 -50.12
CA ARG C 76 67.03 45.61 -51.40
C ARG C 76 65.84 44.95 -52.08
N ALA C 77 64.90 45.77 -52.54
CA ALA C 77 63.73 45.26 -53.25
C ALA C 77 64.14 44.59 -54.56
N TYR C 78 63.69 43.36 -54.75
CA TYR C 78 64.03 42.59 -55.94
C TYR C 78 62.81 41.86 -56.45
N GLY C 79 62.88 41.45 -57.72
CA GLY C 79 61.75 40.82 -58.37
C GLY C 79 62.09 40.45 -59.79
N ASP C 80 61.11 39.87 -60.47
CA ASP C 80 61.27 39.42 -61.84
C ASP C 80 60.67 40.43 -62.81
N VAL C 81 61.32 40.56 -63.97
CA VAL C 81 60.86 41.43 -65.05
C VAL C 81 60.91 40.65 -66.34
N THR C 82 60.02 40.99 -67.26
CA THR C 82 59.86 40.31 -68.54
C THR C 82 60.37 41.20 -69.65
N ILE C 83 61.20 40.64 -70.52
CA ILE C 83 61.73 41.32 -71.69
C ILE C 83 61.23 40.57 -72.91
N GLN C 84 60.53 41.26 -73.80
CA GLN C 84 59.96 40.68 -75.00
C GLN C 84 60.69 41.17 -76.23
N PHE C 85 60.91 40.26 -77.16
CA PHE C 85 61.65 40.50 -78.39
C PHE C 85 60.66 40.59 -79.55
N TYR C 86 61.05 41.32 -80.59
CA TYR C 86 60.20 41.43 -81.76
C TYR C 86 60.08 40.11 -82.51
N GLN C 87 61.14 39.30 -82.47
CA GLN C 87 61.17 38.02 -83.17
C GLN C 87 62.04 37.07 -82.37
N PRO C 88 62.02 35.77 -82.69
CA PRO C 88 63.04 34.87 -82.13
C PRO C 88 64.46 35.34 -82.44
N LEU C 89 65.33 35.19 -81.45
CA LEU C 89 66.66 35.77 -81.52
C LEU C 89 67.48 35.12 -82.63
N ASP C 90 68.12 35.96 -83.44
CA ASP C 90 68.98 35.51 -84.53
C ASP C 90 70.41 35.22 -84.07
N MET C 91 70.70 35.31 -82.78
CA MET C 91 71.99 34.92 -82.21
C MET C 91 71.89 35.03 -80.69
N ARG C 92 72.87 34.44 -80.01
CA ARG C 92 72.92 34.44 -78.56
C ARG C 92 73.14 35.88 -78.04
N MET C 93 72.09 36.45 -77.43
CA MET C 93 72.18 37.77 -76.82
C MET C 93 72.83 37.66 -75.44
N TYR C 94 73.65 38.64 -75.08
CA TYR C 94 74.31 38.69 -73.77
C TYR C 94 73.99 39.98 -73.03
N ILE C 95 73.49 39.84 -71.81
CA ILE C 95 73.15 40.95 -70.91
C ILE C 95 74.11 41.00 -69.72
N PRO C 96 75.13 41.87 -69.70
CA PRO C 96 76.12 41.82 -68.61
C PRO C 96 75.56 42.27 -67.26
N ALA C 97 76.20 41.80 -66.20
CA ALA C 97 75.80 42.17 -64.85
C ALA C 97 75.94 43.68 -64.64
N GLY C 98 74.96 44.27 -63.96
CA GLY C 98 74.88 45.71 -63.83
C GLY C 98 74.00 46.39 -64.84
N THR C 99 73.37 45.66 -65.75
CA THR C 99 72.53 46.26 -66.78
C THR C 99 71.32 46.89 -66.11
N THR C 100 71.13 48.19 -66.33
CA THR C 100 70.23 48.99 -65.53
C THR C 100 68.83 49.02 -66.14
N PHE C 101 67.82 48.97 -65.27
CA PHE C 101 66.43 49.09 -65.65
C PHE C 101 65.81 50.23 -64.86
N THR C 102 64.97 51.02 -65.54
CA THR C 102 64.42 52.24 -64.97
C THR C 102 62.98 52.40 -65.41
N SER C 103 62.30 53.40 -64.84
CA SER C 103 60.90 53.67 -65.13
C SER C 103 60.74 55.11 -65.62
N THR C 104 59.82 55.29 -66.57
CA THR C 104 59.55 56.61 -67.16
C THR C 104 58.42 57.32 -66.40
N ARG C 105 58.72 57.65 -65.15
CA ARG C 105 57.79 58.40 -64.31
C ARG C 105 58.58 59.17 -63.25
N GLN C 106 58.03 60.31 -62.83
CA GLN C 106 58.54 61.05 -61.68
C GLN C 106 58.12 60.43 -60.35
N GLU C 107 57.18 59.49 -60.35
CA GLU C 107 56.75 58.85 -59.12
C GLU C 107 57.76 57.81 -58.65
N TYR C 108 58.53 57.23 -59.57
CA TYR C 108 59.45 56.14 -59.26
C TYR C 108 60.78 56.38 -59.97
N PRO C 109 61.65 57.24 -59.40
CA PRO C 109 63.00 57.38 -59.92
C PRO C 109 63.97 56.28 -59.50
N GLN C 110 63.47 55.21 -58.86
CA GLN C 110 64.33 54.13 -58.40
C GLN C 110 64.92 53.37 -59.58
N GLN C 111 66.20 53.03 -59.46
CA GLN C 111 66.95 52.33 -60.51
C GLN C 111 67.21 50.90 -60.07
N PHE C 112 66.96 49.96 -60.99
CA PHE C 112 67.12 48.54 -60.75
C PHE C 112 68.20 47.99 -61.69
N GLU C 113 68.99 47.05 -61.19
CA GLU C 113 70.06 46.45 -61.98
C GLU C 113 70.14 44.96 -61.69
N THR C 114 70.60 44.21 -62.69
CA THR C 114 70.86 42.80 -62.52
C THR C 114 72.20 42.60 -61.82
N LEU C 115 72.25 41.62 -60.93
CA LEU C 115 73.46 41.28 -60.21
C LEU C 115 74.18 40.06 -60.77
N VAL C 116 73.70 39.49 -61.87
CA VAL C 116 74.33 38.34 -62.51
C VAL C 116 74.18 38.43 -64.02
N ASP C 117 75.08 37.76 -64.71
CA ASP C 117 75.03 37.68 -66.16
C ASP C 117 73.84 36.83 -66.58
N TYR C 118 73.30 37.12 -67.76
CA TYR C 118 72.20 36.34 -68.32
C TYR C 118 72.45 36.11 -69.80
N TYR C 119 71.90 35.01 -70.31
CA TYR C 119 71.99 34.63 -71.71
C TYR C 119 70.61 34.28 -72.20
N ALA C 120 70.27 34.77 -73.40
CA ALA C 120 69.02 34.41 -74.07
C ALA C 120 69.39 33.54 -75.26
N GLU C 121 68.81 32.34 -75.32
CA GLU C 121 69.15 31.42 -76.40
C GLU C 121 68.59 31.93 -77.71
N PRO C 122 69.07 31.43 -78.84
CA PRO C 122 68.50 31.85 -80.13
C PRO C 122 67.01 31.53 -80.25
N ASP C 123 66.61 30.33 -79.84
CA ASP C 123 65.24 29.89 -80.02
C ASP C 123 64.24 30.72 -79.20
N SER C 124 64.69 31.28 -78.08
CA SER C 124 63.81 32.06 -77.22
C SER C 124 63.23 33.27 -77.96
N THR C 125 62.13 33.79 -77.41
CA THR C 125 61.45 34.99 -77.87
C THR C 125 61.18 35.98 -76.75
N GLU C 126 61.12 35.54 -75.50
CA GLU C 126 61.08 36.42 -74.35
C GLU C 126 61.74 35.71 -73.18
N ILE C 127 62.55 36.44 -72.41
CA ILE C 127 63.29 35.88 -71.29
C ILE C 127 63.05 36.75 -70.07
N VAL C 128 62.91 36.10 -68.91
CA VAL C 128 62.70 36.76 -67.62
C VAL C 128 64.02 36.80 -66.87
N VAL C 129 64.31 37.94 -66.26
CA VAL C 129 65.51 38.15 -65.45
C VAL C 129 65.14 38.79 -64.13
N GLU C 130 66.06 38.70 -63.17
CA GLU C 130 65.89 39.23 -61.82
C GLU C 130 66.70 40.50 -61.66
N VAL C 131 66.08 41.54 -61.12
CA VAL C 131 66.69 42.85 -60.94
C VAL C 131 66.60 43.22 -59.47
N TYR C 132 67.59 43.98 -58.99
CA TYR C 132 67.69 44.37 -57.59
C TYR C 132 67.72 45.90 -57.47
N CYS C 133 66.93 46.45 -56.55
CA CYS C 133 66.89 47.89 -56.41
C CYS C 133 68.21 48.40 -55.84
N LYS C 134 68.75 49.47 -56.43
CA LYS C 134 70.03 49.97 -55.96
C LYS C 134 70.00 50.49 -54.53
N GLU C 135 68.83 50.77 -53.97
CA GLU C 135 68.69 51.41 -52.67
C GLU C 135 67.96 50.48 -51.70
N THR C 136 68.49 50.33 -50.49
CA THR C 136 67.77 49.56 -49.47
C THR C 136 66.63 50.41 -48.95
N GLY C 137 65.57 49.73 -48.52
CA GLY C 137 64.39 50.38 -47.98
C GLY C 137 63.13 49.94 -48.68
N VAL C 138 62.02 50.55 -48.25
CA VAL C 138 60.74 50.32 -48.92
C VAL C 138 60.57 51.18 -50.15
N ALA C 139 61.53 52.05 -50.46
CA ALA C 139 61.42 52.87 -51.66
C ALA C 139 61.47 52.04 -52.94
N GLY C 140 62.07 50.85 -52.88
CA GLY C 140 62.16 49.95 -54.01
C GLY C 140 60.94 49.09 -54.26
N ASN C 141 59.92 49.19 -53.40
CA ASN C 141 58.71 48.37 -53.55
C ASN C 141 57.78 49.07 -54.53
N VAL C 142 58.19 49.02 -55.81
CA VAL C 142 57.47 49.72 -56.86
C VAL C 142 56.26 48.85 -57.20
N PRO C 143 55.15 49.40 -57.68
CA PRO C 143 53.98 48.58 -57.99
C PRO C 143 54.15 47.88 -59.33
N GLU C 144 53.15 47.07 -59.68
CA GLU C 144 53.13 46.38 -60.96
C GLU C 144 53.09 47.37 -62.12
N GLY C 145 53.86 47.07 -63.17
CA GLY C 145 53.86 47.92 -64.35
C GLY C 145 54.72 49.15 -64.23
N THR C 146 55.65 49.19 -63.27
CA THR C 146 56.50 50.34 -63.05
C THR C 146 57.78 50.26 -63.88
N ILE C 147 58.53 49.18 -63.73
CA ILE C 147 59.76 49.03 -64.51
C ILE C 147 59.34 48.77 -65.95
N ASN C 148 59.72 49.69 -66.86
CA ASN C 148 59.33 49.57 -68.26
C ASN C 148 60.39 50.17 -69.18
N THR C 149 61.65 50.09 -68.80
CA THR C 149 62.72 50.64 -69.64
C THR C 149 64.04 49.98 -69.28
N ILE C 150 64.87 49.80 -70.29
CA ILE C 150 66.23 49.32 -70.14
C ILE C 150 67.16 50.37 -70.74
N ALA C 151 68.20 50.74 -69.98
CA ALA C 151 69.10 51.82 -70.37
C ALA C 151 70.22 51.37 -71.30
N SER C 152 70.47 50.06 -71.41
CA SER C 152 71.51 49.53 -72.29
C SER C 152 71.03 48.27 -73.01
N GLY C 153 69.75 48.24 -73.39
CA GLY C 153 69.20 47.15 -74.16
C GLY C 153 69.29 47.36 -75.67
N SER C 154 69.28 46.24 -76.38
CA SER C 154 69.29 46.29 -77.83
C SER C 154 67.90 46.58 -78.38
N SER C 155 67.88 47.19 -79.57
CA SER C 155 66.64 47.58 -80.23
C SER C 155 65.68 46.41 -80.46
N LEU C 156 66.16 45.15 -80.43
CA LEU C 156 65.27 44.01 -80.67
C LEU C 156 64.16 43.88 -79.62
N ILE C 157 64.27 44.58 -78.49
CA ILE C 157 63.28 44.45 -77.43
C ILE C 157 61.99 45.15 -77.83
N ARG C 158 60.88 44.43 -77.73
CA ARG C 158 59.56 45.03 -77.97
C ARG C 158 59.08 45.80 -76.74
N SER C 159 59.19 45.22 -75.55
CA SER C 159 58.67 45.87 -74.35
C SER C 159 59.25 45.23 -73.10
N VAL C 160 59.55 46.08 -72.13
CA VAL C 160 59.93 45.67 -70.78
C VAL C 160 58.77 45.94 -69.83
N ASN C 161 58.58 45.04 -68.86
CA ASN C 161 57.46 45.07 -67.93
C ASN C 161 57.73 44.16 -66.73
N ASN C 162 57.43 44.68 -65.53
CA ASN C 162 57.48 43.89 -64.31
C ASN C 162 56.09 43.30 -64.05
N GLU C 163 56.01 41.97 -63.99
CA GLU C 163 54.72 41.29 -63.94
C GLU C 163 54.04 41.35 -62.58
N TYR C 164 54.77 41.69 -61.51
CA TYR C 164 54.19 41.79 -60.19
C TYR C 164 54.84 42.95 -59.44
N SER C 165 54.10 43.48 -58.47
CA SER C 165 54.65 44.53 -57.62
C SER C 165 55.74 43.96 -56.73
N PHE C 166 56.73 44.80 -56.43
CA PHE C 166 57.84 44.42 -55.57
C PHE C 166 57.43 44.68 -54.12
N ASN C 167 57.72 43.72 -53.24
CA ASN C 167 57.36 43.85 -51.83
C ASN C 167 58.47 43.44 -50.87
N THR C 168 59.63 43.01 -51.39
CA THR C 168 60.69 42.51 -50.52
C THR C 168 61.52 43.60 -49.87
N GLY C 169 61.37 44.85 -50.29
CA GLY C 169 62.11 45.93 -49.63
C GLY C 169 61.61 46.09 -48.22
N THR C 170 62.54 46.19 -47.26
CA THR C 170 62.21 46.31 -45.85
C THR C 170 63.20 47.26 -45.18
N LYS C 171 62.77 47.82 -44.06
CA LYS C 171 63.61 48.65 -43.21
C LYS C 171 64.03 47.87 -41.98
N GLU C 172 65.23 48.16 -41.49
CA GLU C 172 65.80 47.39 -40.38
C GLU C 172 64.99 47.59 -39.11
N GLU C 173 64.66 46.49 -38.45
CA GLU C 173 63.96 46.54 -37.17
C GLU C 173 64.95 46.82 -36.06
N SER C 174 64.67 47.82 -35.24
CA SER C 174 65.59 48.19 -34.18
C SER C 174 65.61 47.12 -33.08
N GLN C 175 66.71 47.10 -32.33
CA GLN C 175 66.87 46.11 -31.26
C GLN C 175 65.81 46.30 -30.17
N GLU C 176 65.47 47.56 -29.87
CA GLU C 176 64.53 47.81 -28.79
C GLU C 176 63.12 47.31 -29.15
N ASP C 177 62.74 47.41 -30.43
CA ASP C 177 61.45 46.86 -30.87
C ASP C 177 61.46 45.34 -30.77
N PHE C 178 62.60 44.71 -31.11
CA PHE C 178 62.69 43.26 -31.00
C PHE C 178 62.55 42.80 -29.56
N LYS C 179 63.23 43.51 -28.66
CA LYS C 179 63.10 43.23 -27.23
C LYS C 179 61.68 43.46 -26.75
N ARG C 180 61.03 44.50 -27.26
CA ARG C 180 59.66 44.79 -26.87
C ARG C 180 58.72 43.69 -27.31
N ARG C 181 58.91 43.14 -28.51
CA ARG C 181 58.05 42.06 -28.97
C ARG C 181 58.25 40.81 -28.12
N PHE C 182 59.51 40.42 -27.90
CA PHE C 182 59.83 39.32 -26.98
C PHE C 182 59.18 39.52 -25.61
N HIS C 183 59.35 40.70 -25.02
CA HIS C 183 58.83 40.95 -23.68
C HIS C 183 57.31 40.93 -23.66
N SER C 184 56.70 41.44 -24.72
CA SER C 184 55.25 41.36 -24.88
C SER C 184 54.79 39.92 -24.86
N PHE C 185 55.43 39.08 -25.68
CA PHE C 185 55.11 37.66 -25.74
C PHE C 185 55.26 37.00 -24.37
N VAL C 186 56.36 37.31 -23.67
CA VAL C 186 56.59 36.71 -22.35
C VAL C 186 55.50 37.13 -21.37
N GLU C 187 55.10 38.41 -21.41
CA GLU C 187 54.02 38.86 -20.53
C GLU C 187 52.69 38.17 -20.88
N SER C 188 52.44 37.94 -22.17
CA SER C 188 51.23 37.26 -22.59
C SER C 188 51.21 35.81 -22.12
N ARG C 189 52.36 35.22 -21.81
CA ARG C 189 52.34 33.89 -21.22
C ARG C 189 51.81 33.88 -19.80
N GLY C 190 51.71 35.04 -19.15
CA GLY C 190 51.23 35.08 -17.78
C GLY C 190 49.75 34.75 -17.69
N ARG C 191 49.38 34.18 -16.55
CA ARG C 191 48.01 33.71 -16.32
C ARG C 191 47.65 33.91 -14.85
N ALA C 192 46.33 33.82 -14.59
CA ALA C 192 45.78 33.85 -13.23
C ALA C 192 46.20 35.12 -12.48
N THR C 193 45.97 36.27 -13.12
CA THR C 193 46.17 37.57 -12.50
C THR C 193 45.19 38.54 -13.12
N ASN C 194 44.95 39.65 -12.41
CA ASN C 194 44.06 40.69 -12.92
C ASN C 194 44.57 41.24 -14.24
N LYS C 195 45.87 41.51 -14.33
CA LYS C 195 46.45 42.01 -15.57
C LYS C 195 46.28 41.01 -16.72
N SER C 196 46.56 39.73 -16.46
CA SER C 196 46.44 38.70 -17.49
C SER C 196 44.98 38.48 -17.90
N VAL C 197 44.07 38.38 -16.92
CA VAL C 197 42.64 38.33 -17.24
C VAL C 197 42.23 39.50 -18.14
N ARG C 198 42.62 40.73 -17.77
CA ARG C 198 42.27 41.88 -18.58
C ARG C 198 42.84 41.77 -20.00
N TYR C 199 44.09 41.32 -20.11
CA TYR C 199 44.70 41.11 -21.42
C TYR C 199 43.91 40.08 -22.23
N GLY C 200 43.61 38.93 -21.61
CA GLY C 200 42.92 37.89 -22.36
C GLY C 200 41.52 38.27 -22.77
N ALA C 201 40.85 39.08 -21.96
CA ALA C 201 39.58 39.65 -22.37
C ALA C 201 39.75 40.61 -23.55
N LEU C 202 40.76 41.49 -23.48
CA LEU C 202 40.97 42.45 -24.56
C LEU C 202 41.33 41.80 -25.90
N GLN C 203 42.04 40.67 -25.90
CA GLN C 203 42.34 40.00 -27.16
C GLN C 203 41.09 39.59 -27.94
N ILE C 204 39.94 39.47 -27.28
CA ILE C 204 38.71 39.08 -27.98
C ILE C 204 38.37 40.15 -29.01
N PRO C 205 37.86 39.80 -30.21
CA PRO C 205 37.75 40.83 -31.27
C PRO C 205 36.80 41.98 -30.94
N ASP C 206 35.60 41.68 -30.45
CA ASP C 206 34.57 42.70 -30.27
C ASP C 206 34.63 43.40 -28.91
N VAL C 207 35.64 43.12 -28.08
CA VAL C 207 35.77 43.76 -26.79
C VAL C 207 36.59 45.02 -26.95
N GLU C 208 36.03 46.15 -26.50
CA GLU C 208 36.66 47.45 -26.60
C GLU C 208 37.31 47.92 -25.31
N GLY C 209 36.79 47.50 -24.16
CA GLY C 209 37.19 48.05 -22.89
C GLY C 209 36.81 47.13 -21.75
N VAL C 210 37.75 46.84 -20.84
CA VAL C 210 37.57 45.84 -19.80
C VAL C 210 38.02 46.42 -18.47
N TYR C 211 37.14 46.39 -17.48
CA TYR C 211 37.51 46.66 -16.08
C TYR C 211 37.32 45.42 -15.23
N VAL C 212 38.38 45.05 -14.50
CA VAL C 212 38.39 43.92 -13.59
C VAL C 212 38.31 44.45 -12.17
N TYR C 213 37.29 44.03 -11.43
CA TYR C 213 37.09 44.41 -10.02
C TYR C 213 37.30 43.17 -9.16
N GLU C 214 38.18 43.29 -8.16
CA GLU C 214 38.63 42.17 -7.36
C GLU C 214 37.93 42.16 -6.01
N GLU C 215 37.44 41.00 -5.60
CA GLU C 215 36.95 40.77 -4.24
C GLU C 215 37.48 39.43 -3.76
N THR C 216 37.46 39.25 -2.44
CA THR C 216 38.01 38.03 -1.84
C THR C 216 37.12 36.85 -2.19
N GLY C 217 37.62 35.97 -3.07
CA GLY C 217 36.90 34.79 -3.46
C GLY C 217 35.98 34.95 -4.65
N HIS C 218 36.00 36.10 -5.32
CA HIS C 218 35.13 36.37 -6.45
C HIS C 218 35.82 37.38 -7.36
N ILE C 219 35.61 37.21 -8.66
CA ILE C 219 36.10 38.14 -9.68
C ILE C 219 34.94 38.45 -10.60
N THR C 220 34.73 39.74 -10.87
CA THR C 220 33.71 40.21 -11.79
C THR C 220 34.35 41.06 -12.87
N VAL C 221 33.98 40.80 -14.12
CA VAL C 221 34.56 41.44 -15.30
C VAL C 221 33.48 42.27 -15.96
N PHE C 222 33.75 43.56 -16.11
CA PHE C 222 32.88 44.49 -16.81
C PHE C 222 33.42 44.65 -18.23
N ALA C 223 32.59 44.40 -19.24
CA ALA C 223 33.00 44.59 -20.62
C ALA C 223 31.91 45.31 -21.40
N HIS C 224 32.31 45.88 -22.53
CA HIS C 224 31.38 46.58 -23.39
C HIS C 224 31.93 46.60 -24.81
N ASP C 225 31.03 46.74 -25.78
CA ASP C 225 31.42 46.89 -27.18
C ASP C 225 31.59 48.37 -27.50
N ARG C 226 31.66 48.70 -28.79
CA ARG C 226 31.76 50.11 -29.18
C ARG C 226 30.53 50.89 -28.75
N ASN C 227 29.36 50.24 -28.77
CA ASN C 227 28.09 50.86 -28.43
C ASN C 227 27.84 50.93 -26.93
N GLY C 228 28.71 50.36 -26.10
CA GLY C 228 28.48 50.26 -24.67
C GLY C 228 27.69 49.06 -24.23
N ASN C 229 27.28 48.18 -25.15
CA ASN C 229 26.43 47.04 -24.87
C ASN C 229 27.29 45.78 -24.74
N LEU C 230 26.71 44.75 -24.13
CA LEU C 230 27.33 43.43 -23.99
C LEU C 230 26.29 42.39 -24.42
N SER C 231 26.42 41.89 -25.65
CA SER C 231 25.55 40.83 -26.12
C SER C 231 25.76 39.55 -25.32
N ASP C 232 24.70 38.74 -25.25
CA ASP C 232 24.81 37.43 -24.60
C ASP C 232 25.85 36.56 -25.28
N THR C 233 25.91 36.61 -26.62
CA THR C 233 26.90 35.79 -27.33
C THR C 233 28.31 36.23 -26.99
N LEU C 234 28.55 37.54 -26.94
CA LEU C 234 29.87 38.03 -26.58
C LEU C 234 30.19 37.71 -25.12
N LYS C 235 29.18 37.75 -24.25
CA LYS C 235 29.37 37.34 -22.85
C LYS C 235 29.82 35.88 -22.77
N GLU C 236 29.14 35.00 -23.51
CA GLU C 236 29.52 33.59 -23.52
C GLU C 236 30.94 33.39 -24.04
N ASP C 237 31.30 34.14 -25.10
CA ASP C 237 32.66 34.07 -25.62
C ASP C 237 33.68 34.51 -24.58
N ILE C 238 33.41 35.60 -23.86
CA ILE C 238 34.32 36.07 -22.82
C ILE C 238 34.47 35.03 -21.73
N ILE C 239 33.35 34.45 -21.29
CA ILE C 239 33.41 33.38 -20.28
C ILE C 239 34.27 32.22 -20.76
N ASP C 240 34.01 31.74 -21.99
CA ASP C 240 34.76 30.61 -22.52
C ASP C 240 36.24 30.91 -22.67
N ALA C 241 36.59 32.16 -22.98
CA ALA C 241 37.99 32.53 -23.13
C ALA C 241 38.66 32.70 -21.78
N LEU C 242 37.92 33.12 -20.77
CA LEU C 242 38.44 33.30 -19.42
C LEU C 242 38.30 32.04 -18.55
N GLN C 243 37.88 30.92 -19.14
CA GLN C 243 37.99 29.65 -18.42
C GLN C 243 39.45 29.28 -18.22
N ASP C 244 40.28 29.51 -19.26
CA ASP C 244 41.70 29.20 -19.16
C ASP C 244 42.45 30.18 -18.26
N TYR C 245 41.91 31.38 -18.06
CA TYR C 245 42.65 32.46 -17.40
C TYR C 245 42.41 32.53 -15.90
N ARG C 246 41.22 32.17 -15.42
CA ARG C 246 40.88 32.44 -14.03
C ARG C 246 41.69 31.53 -13.11
N PRO C 247 41.94 31.95 -11.86
CA PRO C 247 42.64 31.06 -10.93
C PRO C 247 41.78 29.89 -10.50
N SER C 248 42.45 28.83 -10.05
CA SER C 248 41.76 27.63 -9.60
C SER C 248 41.14 27.87 -8.22
N GLY C 249 39.89 27.45 -8.05
CA GLY C 249 39.21 27.68 -6.79
C GLY C 249 38.72 29.09 -6.58
N ILE C 250 38.58 29.88 -7.64
CA ILE C 250 38.08 31.25 -7.59
C ILE C 250 36.95 31.36 -8.60
N MET C 251 35.95 32.18 -8.29
CA MET C 251 34.74 32.29 -9.08
C MET C 251 34.85 33.53 -9.94
N LEU C 252 34.51 33.38 -11.21
CA LEU C 252 34.60 34.46 -12.19
C LEU C 252 33.23 34.72 -12.78
N ASP C 253 32.87 35.99 -12.86
CA ASP C 253 31.58 36.42 -13.39
C ASP C 253 31.82 37.50 -14.43
N VAL C 254 30.88 37.62 -15.35
CA VAL C 254 30.96 38.55 -16.47
C VAL C 254 29.67 39.36 -16.48
N THR C 255 29.79 40.67 -16.62
CA THR C 255 28.64 41.57 -16.59
C THR C 255 28.86 42.72 -17.56
N GLY C 256 27.76 43.32 -17.98
CA GLY C 256 27.85 44.50 -18.83
C GLY C 256 28.29 45.71 -18.04
N VAL C 257 28.70 46.75 -18.78
CA VAL C 257 29.16 48.00 -18.18
C VAL C 257 27.94 48.84 -17.86
N GLU C 258 27.95 49.51 -16.71
CA GLU C 258 26.74 50.24 -16.36
C GLU C 258 26.62 51.46 -17.26
N LYS C 259 26.06 51.24 -18.45
CA LYS C 259 25.85 52.31 -19.42
C LYS C 259 24.89 53.35 -18.86
N GLU C 260 25.14 54.61 -19.23
CA GLU C 260 24.32 55.75 -18.83
C GLU C 260 24.10 56.60 -20.08
N GLU C 261 22.89 56.55 -20.62
CA GLU C 261 22.57 57.35 -21.81
C GLU C 261 22.16 58.74 -21.37
N VAL C 262 22.93 59.75 -21.79
CA VAL C 262 22.67 61.14 -21.40
C VAL C 262 21.88 61.81 -22.52
N ASN C 263 20.65 62.24 -22.20
CA ASN C 263 19.83 63.01 -23.13
C ASN C 263 20.18 64.49 -22.99
N VAL C 264 20.41 65.16 -24.12
CA VAL C 264 20.87 66.54 -24.15
C VAL C 264 19.97 67.33 -25.08
N SER C 265 19.13 68.19 -24.51
CA SER C 265 18.39 69.20 -25.25
C SER C 265 19.11 70.53 -25.13
N ALA C 266 19.53 71.09 -26.25
CA ALA C 266 20.35 72.29 -26.29
C ALA C 266 19.61 73.39 -27.07
N THR C 267 19.88 74.64 -26.70
CA THR C 267 19.32 75.81 -27.37
C THR C 267 20.49 76.64 -27.84
N VAL C 268 20.70 76.65 -29.15
CA VAL C 268 21.90 77.24 -29.74
C VAL C 268 21.49 78.58 -30.32
N THR C 269 22.10 79.66 -29.82
CA THR C 269 21.92 80.96 -30.44
C THR C 269 22.89 81.11 -31.61
N ILE C 270 22.39 81.68 -32.70
CA ILE C 270 23.15 81.77 -33.94
C ILE C 270 23.08 83.21 -34.46
N SER C 271 24.12 83.61 -35.21
CA SER C 271 24.20 84.98 -35.70
C SER C 271 23.54 85.10 -37.07
N ASN C 272 23.97 84.28 -38.02
CA ASN C 272 23.47 84.33 -39.40
C ASN C 272 22.10 83.69 -39.41
N LYS C 273 21.04 84.52 -39.45
CA LYS C 273 19.70 83.96 -39.38
C LYS C 273 19.33 83.24 -40.66
N SER C 274 19.97 83.61 -41.77
CA SER C 274 19.64 83.04 -43.08
C SER C 274 20.20 81.62 -43.24
N ARG C 275 21.28 81.31 -42.54
CA ARG C 275 21.87 79.98 -42.53
C ARG C 275 21.15 79.00 -41.60
N ILE C 276 20.08 79.42 -40.94
CA ILE C 276 19.33 78.51 -40.10
C ILE C 276 18.59 77.51 -40.98
N GLY C 277 18.81 76.22 -40.72
CA GLY C 277 18.16 75.20 -41.51
C GLY C 277 18.34 73.85 -40.85
N ASP C 278 17.82 72.83 -41.54
CA ASP C 278 17.90 71.47 -41.01
C ASP C 278 19.33 70.95 -41.00
N THR C 279 20.11 71.25 -42.04
CA THR C 279 21.44 70.66 -42.18
C THR C 279 22.35 71.07 -41.01
N LEU C 280 22.37 72.36 -40.66
CA LEU C 280 23.17 72.82 -39.53
C LEU C 280 22.72 72.15 -38.23
N GLN C 281 21.40 72.02 -38.04
CA GLN C 281 20.89 71.32 -36.87
C GLN C 281 21.46 69.91 -36.78
N LYS C 282 21.33 69.15 -37.87
CA LYS C 282 21.79 67.77 -37.87
C LYS C 282 23.30 67.68 -37.71
N HIS C 283 24.05 68.63 -38.30
CA HIS C 283 25.49 68.67 -38.07
C HIS C 283 25.83 68.84 -36.60
N ILE C 284 25.23 69.85 -35.94
CA ILE C 284 25.48 70.06 -34.52
C ILE C 284 25.11 68.83 -33.69
N GLU C 285 23.94 68.23 -33.99
CA GLU C 285 23.52 67.02 -33.29
C GLU C 285 24.50 65.88 -33.49
N SER C 286 25.01 65.72 -34.72
CA SER C 286 25.99 64.67 -34.98
C SER C 286 27.28 64.93 -34.22
N VAL C 287 27.69 66.19 -34.11
CA VAL C 287 28.88 66.52 -33.34
C VAL C 287 28.68 66.16 -31.87
N ILE C 288 27.53 66.54 -31.32
CA ILE C 288 27.24 66.21 -29.92
C ILE C 288 27.20 64.71 -29.71
N ARG C 289 26.55 63.97 -30.62
CA ARG C 289 26.49 62.52 -30.49
C ARG C 289 27.88 61.91 -30.60
N SER C 290 28.73 62.42 -31.49
CA SER C 290 30.07 61.87 -31.60
C SER C 290 30.87 62.13 -30.31
N TYR C 291 30.74 63.33 -29.77
CA TYR C 291 31.44 63.67 -28.53
C TYR C 291 30.98 62.76 -27.39
N LEU C 292 29.67 62.55 -27.27
CA LEU C 292 29.16 61.72 -26.19
C LEU C 292 29.57 60.26 -26.35
N ASN C 293 29.54 59.75 -27.58
CA ASN C 293 29.88 58.35 -27.81
C ASN C 293 31.38 58.09 -27.75
N ASN C 294 32.21 59.12 -27.94
CA ASN C 294 33.67 58.93 -27.91
C ASN C 294 34.18 58.66 -26.49
N LEU C 295 33.46 59.14 -25.48
CA LEU C 295 33.84 58.92 -24.08
C LEU C 295 34.11 57.46 -23.75
N LYS C 296 35.17 57.22 -22.98
CA LYS C 296 35.53 55.88 -22.54
C LYS C 296 34.85 55.57 -21.21
N THR C 297 35.29 54.48 -20.57
CA THR C 297 34.56 53.90 -19.44
C THR C 297 34.62 54.83 -18.23
N SER C 298 35.80 55.36 -17.93
CA SER C 298 36.01 56.18 -16.74
C SER C 298 35.99 57.68 -17.03
N ASP C 299 35.55 58.09 -18.21
CA ASP C 299 35.59 59.49 -18.62
C ASP C 299 34.33 60.20 -18.16
N ASP C 300 34.50 61.27 -17.37
CA ASP C 300 33.36 62.04 -16.87
C ASP C 300 32.96 63.13 -17.84
N LEU C 301 31.65 63.33 -17.98
CA LEU C 301 31.13 64.33 -18.92
C LEU C 301 31.26 65.71 -18.29
N ILE C 302 32.30 66.43 -18.67
CA ILE C 302 32.49 67.81 -18.22
C ILE C 302 31.72 68.72 -19.18
N ILE C 303 30.75 69.45 -18.64
CA ILE C 303 29.86 70.23 -19.51
C ILE C 303 30.61 71.38 -20.17
N THR C 304 31.64 71.91 -19.51
CA THR C 304 32.37 73.03 -20.09
C THR C 304 33.12 72.61 -21.36
N ASP C 305 33.63 71.38 -21.40
CA ASP C 305 34.30 70.91 -22.60
C ASP C 305 33.32 70.70 -23.74
N LEU C 306 32.14 70.11 -23.46
CA LEU C 306 31.06 70.09 -24.44
C LEU C 306 30.75 71.48 -24.97
N ILE C 307 30.71 72.49 -24.09
CA ILE C 307 30.39 73.84 -24.57
C ILE C 307 31.52 74.35 -25.47
N GLN C 308 32.75 74.05 -25.08
CA GLN C 308 33.92 74.42 -25.90
C GLN C 308 33.81 73.79 -27.28
N ALA C 309 33.49 72.50 -27.35
CA ALA C 309 33.37 71.81 -28.63
C ALA C 309 32.27 72.42 -29.48
N ILE C 310 31.09 72.65 -28.89
CA ILE C 310 29.97 73.17 -29.67
C ILE C 310 30.28 74.58 -30.18
N MET C 311 30.99 75.39 -29.38
CA MET C 311 31.35 76.72 -29.84
C MET C 311 32.48 76.67 -30.86
N ASN C 312 33.32 75.64 -30.81
CA ASN C 312 34.41 75.46 -31.75
C ASN C 312 33.95 74.86 -33.07
N ILE C 313 32.69 74.42 -33.17
CA ILE C 313 32.11 74.09 -34.46
C ILE C 313 32.21 75.30 -35.39
N ASP C 314 31.99 76.51 -34.84
CA ASP C 314 32.17 77.74 -35.59
C ASP C 314 32.30 78.89 -34.60
N ASP C 315 33.38 79.66 -34.74
CA ASP C 315 33.72 80.67 -33.73
C ASP C 315 32.83 81.91 -33.81
N VAL C 316 32.23 82.19 -34.97
CA VAL C 316 31.46 83.41 -35.18
C VAL C 316 29.99 83.10 -35.42
N LEU C 317 29.68 81.99 -36.09
CA LEU C 317 28.29 81.62 -36.33
C LEU C 317 27.60 81.26 -35.02
N ILE C 318 28.08 80.22 -34.35
CA ILE C 318 27.51 79.83 -33.06
C ILE C 318 27.75 80.96 -32.06
N TYR C 319 26.66 81.49 -31.52
CA TYR C 319 26.67 82.67 -30.67
C TYR C 319 26.67 82.33 -29.18
N ASP C 320 25.77 81.45 -28.75
CA ASP C 320 25.64 81.10 -27.35
C ASP C 320 24.89 79.77 -27.28
N VAL C 321 25.13 79.02 -26.21
CA VAL C 321 24.49 77.73 -26.00
C VAL C 321 23.97 77.65 -24.56
N SER C 322 22.97 76.80 -24.37
CA SER C 322 22.41 76.55 -23.05
C SER C 322 21.76 75.18 -23.05
N PHE C 323 21.75 74.53 -21.89
CA PHE C 323 21.11 73.24 -21.70
C PHE C 323 20.18 73.30 -20.50
N ASP C 324 19.04 72.60 -20.61
CA ASP C 324 18.14 72.39 -19.49
C ASP C 324 18.35 71.05 -18.80
N ASN C 325 18.69 70.01 -19.56
CA ASN C 325 18.96 68.71 -18.94
C ASN C 325 20.26 68.73 -18.15
N LEU C 326 21.30 69.34 -18.72
CA LEU C 326 22.65 69.31 -18.14
C LEU C 326 22.81 70.50 -17.20
N ASP C 327 22.65 70.27 -15.90
CA ASP C 327 22.87 71.32 -14.90
C ASP C 327 24.21 71.23 -14.20
N GLU C 328 24.79 70.02 -14.11
CA GLU C 328 26.07 69.86 -13.44
C GLU C 328 26.73 68.59 -13.97
N ASN C 329 28.06 68.56 -13.89
CA ASN C 329 28.87 67.46 -14.44
C ASN C 329 28.40 66.11 -13.90
N ILE C 330 28.32 65.13 -14.80
CA ILE C 330 27.78 63.81 -14.49
C ILE C 330 28.98 62.91 -14.24
N ILE C 331 29.36 62.78 -12.97
CA ILE C 331 30.46 61.90 -12.58
C ILE C 331 29.97 60.46 -12.63
N VAL C 332 30.82 59.58 -13.16
CA VAL C 332 30.50 58.16 -13.28
C VAL C 332 31.66 57.35 -12.70
N PRO C 333 31.41 56.11 -12.28
CA PRO C 333 32.50 55.33 -11.70
C PRO C 333 33.41 54.80 -12.79
N PRO C 334 34.43 54.01 -12.44
CA PRO C 334 35.23 53.34 -13.47
C PRO C 334 34.42 52.39 -14.34
N GLN C 335 33.45 51.67 -13.75
CA GLN C 335 32.69 50.66 -14.47
C GLN C 335 31.38 51.20 -15.04
N GLY C 336 31.30 52.51 -15.28
CA GLY C 336 30.09 53.12 -15.81
C GLY C 336 30.37 54.08 -16.94
N ILE C 337 30.06 53.67 -18.16
CA ILE C 337 30.38 54.41 -19.38
C ILE C 337 29.21 55.32 -19.74
N ILE C 338 29.53 56.48 -20.30
CA ILE C 338 28.53 57.45 -20.75
C ILE C 338 28.37 57.28 -22.26
N ARG C 339 27.12 57.24 -22.71
CA ARG C 339 26.79 57.08 -24.13
C ARG C 339 25.75 58.12 -24.53
N ALA C 340 25.54 58.24 -25.82
CA ALA C 340 24.63 59.25 -26.36
C ALA C 340 23.19 58.75 -26.31
N GLY C 341 22.33 59.55 -25.68
CA GLY C 341 20.90 59.33 -25.65
C GLY C 341 20.20 60.22 -26.65
N GLU C 342 18.91 60.48 -26.40
CA GLU C 342 18.14 61.36 -27.26
C GLU C 342 18.77 62.75 -27.29
N ILE C 343 18.99 63.28 -28.48
CA ILE C 343 19.64 64.58 -28.66
C ILE C 343 18.73 65.48 -29.49
N LYS C 344 18.49 66.69 -28.98
CA LYS C 344 17.72 67.72 -29.65
C LYS C 344 18.48 69.04 -29.58
N VAL C 345 18.41 69.80 -30.68
CA VAL C 345 19.09 71.08 -30.82
C VAL C 345 18.08 72.10 -31.33
N GLU C 346 17.95 73.22 -30.63
CA GLU C 346 17.03 74.29 -31.00
C GLU C 346 17.83 75.51 -31.44
N LEU C 347 17.60 75.94 -32.68
CA LEU C 347 18.26 77.10 -33.24
C LEU C 347 17.47 78.36 -32.94
N LYS C 348 18.17 79.36 -32.40
CA LYS C 348 17.57 80.60 -31.90
C LYS C 348 18.19 81.80 -32.59
N ALA D 2 91.09 32.40 -45.12
CA ALA D 2 91.75 31.60 -46.19
C ALA D 2 92.30 32.55 -47.26
N ASN D 3 92.88 33.65 -46.80
CA ASN D 3 93.64 34.58 -47.63
C ASN D 3 95.15 34.42 -47.42
N PHE D 4 95.58 33.19 -47.13
CA PHE D 4 96.98 32.93 -46.80
C PHE D 4 97.86 33.04 -48.04
N LEU D 5 97.40 32.52 -49.18
CA LEU D 5 98.15 32.67 -50.41
C LEU D 5 98.10 34.11 -50.92
N LYS D 6 97.00 34.82 -50.67
CA LYS D 6 96.86 36.19 -51.18
C LYS D 6 97.79 37.15 -50.46
N ASN D 7 97.86 37.04 -49.14
CA ASN D 7 98.71 37.88 -48.29
C ASN D 7 100.11 37.32 -48.11
N LEU D 8 100.45 36.23 -48.79
CA LEU D 8 101.80 35.71 -48.74
C LEU D 8 102.73 36.61 -49.55
N HIS D 9 104.04 36.49 -49.25
CA HIS D 9 105.04 37.30 -49.93
C HIS D 9 104.94 37.08 -51.44
N PRO D 10 104.85 38.15 -52.26
CA PRO D 10 104.44 37.97 -53.67
C PRO D 10 105.39 37.12 -54.48
N LEU D 11 106.67 37.16 -54.16
CA LEU D 11 107.67 36.44 -54.95
C LEU D 11 107.61 34.93 -54.72
N LEU D 12 107.10 34.47 -53.57
CA LEU D 12 107.02 33.03 -53.38
C LEU D 12 106.05 32.40 -54.38
N ARG D 13 106.38 31.17 -54.80
CA ARG D 13 105.50 30.43 -55.70
C ARG D 13 104.21 30.04 -54.99
N ARG D 14 103.10 30.14 -55.74
CA ARG D 14 101.81 29.61 -55.29
C ARG D 14 101.45 28.25 -55.88
N ASP D 15 102.19 27.76 -56.89
CA ASP D 15 101.82 26.55 -57.62
C ASP D 15 102.98 25.57 -57.61
N ARG D 16 102.66 24.29 -57.43
CA ARG D 16 103.65 23.22 -57.56
C ARG D 16 104.37 23.30 -58.89
N ASN D 17 105.71 23.35 -58.82
CA ASN D 17 106.51 23.60 -60.01
C ASN D 17 106.58 22.36 -60.88
N LYS D 18 106.51 22.59 -62.20
CA LYS D 18 106.54 21.48 -63.16
C LYS D 18 107.83 20.68 -63.03
N LYS D 19 108.96 21.38 -62.84
CA LYS D 19 110.28 20.75 -62.86
C LYS D 19 110.45 19.67 -61.78
N ASP D 20 109.65 19.69 -60.72
CA ASP D 20 109.81 18.74 -59.62
C ASP D 20 108.44 18.45 -59.02
N ASN D 21 108.00 17.20 -59.12
CA ASN D 21 106.75 16.79 -58.48
C ASN D 21 106.85 16.80 -56.97
N GLN D 22 108.05 16.71 -56.41
CA GLN D 22 108.28 16.67 -54.97
C GLN D 22 108.81 18.00 -54.47
N ASP D 23 108.13 19.07 -54.85
CA ASP D 23 108.59 20.42 -54.55
C ASP D 23 108.30 20.72 -53.08
N PRO D 24 109.32 20.92 -52.22
CA PRO D 24 108.99 21.06 -50.80
C PRO D 24 108.29 22.37 -50.48
N ASN D 25 108.55 23.40 -51.28
CA ASN D 25 107.91 24.69 -51.06
C ASN D 25 106.40 24.57 -51.17
N PHE D 26 105.92 23.96 -52.25
CA PHE D 26 104.49 23.74 -52.42
C PHE D 26 103.93 22.87 -51.30
N ALA D 27 104.70 21.88 -50.84
CA ALA D 27 104.24 21.03 -49.76
C ALA D 27 104.00 21.84 -48.49
N LEU D 28 105.00 22.61 -48.06
CA LEU D 28 104.86 23.47 -46.89
C LEU D 28 103.70 24.44 -47.04
N ILE D 29 103.60 25.10 -48.20
CA ILE D 29 102.57 26.10 -48.40
C ILE D 29 101.19 25.48 -48.35
N ASP D 30 101.00 24.32 -49.00
CA ASP D 30 99.69 23.71 -48.96
C ASP D 30 99.36 23.18 -47.58
N ALA D 31 100.37 22.73 -46.81
CA ALA D 31 100.13 22.30 -45.44
C ALA D 31 99.58 23.46 -44.60
N LEU D 32 100.29 24.58 -44.61
CA LEU D 32 99.85 25.75 -43.86
C LEU D 32 98.49 26.23 -44.34
N ASN D 33 98.24 26.16 -45.64
CA ASN D 33 96.96 26.57 -46.20
C ASN D 33 95.84 25.65 -45.72
N GLU D 34 96.13 24.34 -45.62
CA GLU D 34 95.13 23.42 -45.11
C GLU D 34 94.73 23.79 -43.69
N GLU D 35 95.72 24.14 -42.86
CA GLU D 35 95.38 24.47 -41.48
C GLU D 35 94.62 25.79 -41.41
N MET D 36 95.01 26.76 -42.24
CA MET D 36 94.29 28.04 -42.27
C MET D 36 92.83 27.83 -42.68
N ASN D 37 92.59 27.02 -43.72
CA ASN D 37 91.22 26.83 -44.16
C ASN D 37 90.42 26.02 -43.15
N GLN D 38 91.06 25.07 -42.46
CA GLN D 38 90.33 24.32 -41.45
C GLN D 38 89.93 25.22 -40.29
N VAL D 39 90.83 26.12 -39.87
CA VAL D 39 90.50 27.03 -38.78
C VAL D 39 89.39 27.99 -39.22
N GLU D 40 89.42 28.44 -40.48
CA GLU D 40 88.34 29.28 -40.98
C GLU D 40 87.00 28.53 -40.96
N LYS D 41 87.02 27.27 -41.40
CA LYS D 41 85.81 26.45 -41.37
C LYS D 41 85.27 26.32 -39.95
N ASP D 42 86.16 26.05 -38.99
CA ASP D 42 85.72 25.89 -37.61
C ASP D 42 85.18 27.20 -37.06
N ALA D 43 85.79 28.32 -37.42
CA ALA D 43 85.30 29.60 -36.96
C ALA D 43 83.94 29.93 -37.57
N ILE D 44 83.66 29.45 -38.78
CA ILE D 44 82.38 29.73 -39.41
C ILE D 44 81.30 28.87 -38.75
N GLU D 45 81.63 27.61 -38.48
CA GLU D 45 80.73 26.72 -37.78
C GLU D 45 80.54 27.08 -36.31
N SER D 46 81.39 27.95 -35.75
CA SER D 46 81.28 28.26 -34.34
C SER D 46 80.03 29.08 -34.03
N LYS D 47 79.49 29.79 -35.04
CA LYS D 47 78.31 30.62 -34.82
C LYS D 47 77.13 29.80 -34.30
N LEU D 48 77.04 28.54 -34.71
CA LEU D 48 75.94 27.69 -34.28
C LEU D 48 75.95 27.45 -32.77
N GLN D 49 77.11 27.58 -32.12
CA GLN D 49 77.18 27.37 -30.68
C GLN D 49 76.74 28.58 -29.87
N SER D 50 76.69 29.77 -30.48
CA SER D 50 76.30 30.98 -29.77
C SER D 50 74.80 31.25 -29.84
N SER D 51 74.01 30.33 -30.41
CA SER D 51 72.57 30.44 -30.48
C SER D 51 71.90 29.27 -29.79
N LEU D 52 70.88 29.55 -28.99
CA LEU D 52 70.09 28.49 -28.38
C LEU D 52 69.44 27.58 -29.43
N LYS D 53 68.95 28.15 -30.52
CA LYS D 53 68.32 27.36 -31.58
C LYS D 53 69.27 26.29 -32.13
N THR D 54 70.52 26.65 -32.40
CA THR D 54 71.47 25.79 -33.11
C THR D 54 72.60 25.27 -32.22
N SER D 55 72.48 25.38 -30.90
CA SER D 55 73.56 24.95 -30.03
C SER D 55 73.60 23.44 -29.95
N THR D 56 74.76 22.91 -29.55
CA THR D 56 74.93 21.47 -29.35
C THR D 56 75.50 21.17 -27.97
N SER D 57 75.94 19.93 -27.74
CA SER D 57 76.05 19.30 -26.42
C SER D 57 76.56 20.20 -25.29
N GLU D 58 77.85 20.52 -25.29
CA GLU D 58 78.43 21.28 -24.19
C GLU D 58 77.82 22.68 -24.08
N TYR D 59 77.75 23.42 -25.18
CA TYR D 59 77.20 24.78 -25.11
C TYR D 59 75.70 24.75 -24.82
N LEU D 60 75.01 23.71 -25.29
CA LEU D 60 73.60 23.55 -24.93
C LEU D 60 73.45 23.27 -23.44
N ASP D 61 74.38 22.50 -22.87
CA ASP D 61 74.38 22.30 -21.42
C ASP D 61 74.65 23.60 -20.69
N LYS D 62 75.51 24.46 -21.25
CA LYS D 62 75.71 25.77 -20.67
C LYS D 62 74.42 26.58 -20.67
N PHE D 63 73.69 26.54 -21.79
CA PHE D 63 72.40 27.25 -21.82
C PHE D 63 71.42 26.67 -20.82
N GLY D 64 71.37 25.34 -20.68
CA GLY D 64 70.43 24.75 -19.74
C GLY D 64 70.81 25.02 -18.29
N ASP D 65 72.11 25.16 -18.03
CA ASP D 65 72.55 25.54 -16.70
C ASP D 65 72.20 26.99 -16.42
N TRP D 66 72.22 27.87 -17.42
CA TRP D 66 71.77 29.24 -17.21
C TRP D 66 70.27 29.31 -17.01
N PHE D 67 69.49 28.50 -17.71
CA PHE D 67 68.05 28.46 -17.55
C PHE D 67 67.59 27.62 -16.36
N GLY D 68 68.47 26.77 -15.81
CA GLY D 68 68.16 25.96 -14.66
C GLY D 68 67.77 24.53 -14.99
N VAL D 69 67.79 24.15 -16.26
CA VAL D 69 67.32 22.86 -16.72
C VAL D 69 68.54 22.01 -17.07
N TYR D 70 68.62 20.83 -16.45
CA TYR D 70 69.77 19.95 -16.53
C TYR D 70 69.43 18.73 -17.39
N ARG D 71 70.43 18.31 -18.16
CA ARG D 71 70.27 17.21 -19.10
C ARG D 71 70.03 15.90 -18.36
N LYS D 72 69.10 15.11 -18.88
CA LYS D 72 68.78 13.81 -18.33
C LYS D 72 69.68 12.74 -18.95
N THR D 73 69.59 11.53 -18.41
CA THR D 73 70.36 10.42 -18.96
C THR D 73 69.91 10.13 -20.38
N ASP D 74 70.87 10.14 -21.32
CA ASP D 74 70.64 9.80 -22.72
C ASP D 74 69.71 10.81 -23.40
N GLU D 75 69.67 12.05 -22.92
CA GLU D 75 68.81 13.09 -23.47
C GLU D 75 69.55 13.82 -24.58
N LYS D 76 69.05 13.74 -25.81
CA LYS D 76 69.70 14.33 -26.96
C LYS D 76 69.53 15.85 -26.93
N ASP D 77 70.04 16.52 -27.97
CA ASP D 77 70.03 17.98 -28.00
C ASP D 77 68.66 18.54 -28.36
N ASP D 78 67.98 17.93 -29.34
CA ASP D 78 66.71 18.49 -29.80
C ASP D 78 65.64 18.43 -28.72
N VAL D 79 65.47 17.26 -28.09
CA VAL D 79 64.47 17.15 -27.03
C VAL D 79 64.84 18.01 -25.84
N TYR D 80 66.14 18.15 -25.56
CA TYR D 80 66.59 18.99 -24.44
C TYR D 80 66.27 20.46 -24.67
N ARG D 81 66.54 20.96 -25.88
CA ARG D 81 66.23 22.37 -26.12
C ARG D 81 64.72 22.59 -26.14
N ALA D 82 63.96 21.61 -26.63
CA ALA D 82 62.50 21.73 -26.59
C ALA D 82 62.01 21.76 -25.15
N ARG D 83 62.66 20.98 -24.28
CA ARG D 83 62.26 20.94 -22.88
C ARG D 83 62.61 22.25 -22.17
N ILE D 84 63.75 22.86 -22.53
CA ILE D 84 64.10 24.16 -21.98
C ILE D 84 63.07 25.21 -22.40
N ILE D 85 62.75 25.24 -23.69
CA ILE D 85 61.81 26.22 -24.24
C ILE D 85 60.43 26.03 -23.59
N LYS D 86 59.99 24.79 -23.44
CA LYS D 86 58.73 24.53 -22.77
C LYS D 86 58.77 24.97 -21.31
N TYR D 87 59.90 24.71 -20.63
CA TYR D 87 60.02 25.07 -19.23
C TYR D 87 59.93 26.58 -19.04
N LEU D 88 60.42 27.34 -20.01
CA LEU D 88 60.31 28.79 -19.89
C LEU D 88 58.86 29.24 -20.08
N LEU D 89 58.12 28.55 -20.94
CA LEU D 89 56.77 28.95 -21.32
C LEU D 89 55.70 28.14 -20.61
N LEU D 90 55.88 27.86 -19.32
CA LEU D 90 54.92 27.05 -18.57
C LEU D 90 53.82 27.94 -17.98
N LYS D 91 52.59 27.70 -18.44
CA LYS D 91 51.41 28.29 -17.82
C LYS D 91 51.22 27.69 -16.43
N ARG D 92 50.86 28.53 -15.47
CA ARG D 92 50.70 28.11 -14.08
C ARG D 92 49.55 28.89 -13.46
N GLY D 93 48.83 28.24 -12.54
CA GLY D 93 47.76 28.88 -11.81
C GLY D 93 46.36 28.60 -12.32
N THR D 94 46.15 27.51 -13.07
CA THR D 94 44.83 27.19 -13.58
C THR D 94 44.68 25.68 -13.75
N ASN D 95 43.42 25.26 -13.91
CA ASN D 95 43.09 23.84 -14.05
C ASN D 95 43.83 23.19 -15.23
N ASN D 96 43.88 23.90 -16.37
CA ASN D 96 44.53 23.35 -17.57
C ASN D 96 46.01 23.11 -17.34
N ALA D 97 46.67 24.04 -16.66
CA ALA D 97 48.08 23.92 -16.28
C ALA D 97 48.30 22.68 -15.41
N ILE D 98 47.51 22.53 -14.35
CA ILE D 98 47.60 21.35 -13.49
C ILE D 98 47.37 20.06 -14.29
N ILE D 99 46.35 20.05 -15.16
CA ILE D 99 46.08 18.86 -15.97
C ILE D 99 47.28 18.53 -16.85
N ASP D 100 47.91 19.55 -17.45
CA ASP D 100 49.08 19.29 -18.28
C ASP D 100 50.26 18.80 -17.45
N ALA D 101 50.44 19.36 -16.25
CA ALA D 101 51.53 18.94 -15.39
C ALA D 101 51.39 17.48 -14.98
N ILE D 102 50.16 17.06 -14.69
CA ILE D 102 49.90 15.66 -14.36
C ILE D 102 50.21 14.79 -15.57
N LYS D 103 49.62 15.12 -16.71
CA LYS D 103 49.81 14.30 -17.91
C LYS D 103 51.27 14.25 -18.36
N ASP D 104 52.07 15.24 -18.01
CA ASP D 104 53.50 15.29 -18.31
C ASP D 104 54.37 14.77 -17.17
N TYR D 105 53.77 14.30 -16.07
CA TYR D 105 54.51 13.55 -15.06
C TYR D 105 54.15 12.07 -15.07
N LEU D 106 52.89 11.75 -15.34
CA LEU D 106 52.52 10.43 -15.81
C LEU D 106 52.90 10.32 -17.29
N GLY D 107 52.69 9.13 -17.88
CA GLY D 107 53.27 8.87 -19.19
C GLY D 107 52.59 9.49 -20.40
N ARG D 108 51.28 9.76 -20.32
CA ARG D 108 50.49 9.85 -21.54
C ARG D 108 49.28 10.75 -21.38
N ASP D 109 48.61 11.01 -22.51
CA ASP D 109 47.51 11.97 -22.58
C ASP D 109 46.13 11.33 -22.44
N ASP D 110 45.97 10.04 -22.79
CA ASP D 110 44.63 9.46 -22.84
C ASP D 110 43.99 9.22 -21.47
N ILE D 111 44.72 9.44 -20.36
CA ILE D 111 44.14 9.23 -19.04
C ILE D 111 43.12 10.32 -18.72
N ASP D 112 42.07 9.93 -18.00
CA ASP D 112 41.10 10.87 -17.47
C ASP D 112 41.68 11.62 -16.27
N VAL D 113 41.69 12.95 -16.34
CA VAL D 113 42.14 13.82 -15.26
C VAL D 113 41.24 15.05 -15.33
N SER D 114 40.58 15.38 -14.22
CA SER D 114 39.81 16.61 -14.12
C SER D 114 40.01 17.25 -12.75
N VAL D 115 39.65 18.52 -12.65
CA VAL D 115 39.71 19.27 -11.40
C VAL D 115 38.29 19.61 -10.98
N TYR D 116 37.92 19.23 -9.76
CA TYR D 116 36.63 19.56 -9.18
C TYR D 116 36.75 20.83 -8.35
N GLU D 117 35.77 21.71 -8.49
CA GLU D 117 35.68 22.94 -7.69
C GLU D 117 34.42 22.87 -6.84
N PRO D 118 34.53 22.56 -5.53
CA PRO D 118 33.30 22.36 -4.74
C PRO D 118 32.52 23.64 -4.48
N PHE D 119 33.10 24.82 -4.71
CA PHE D 119 32.37 26.04 -4.39
C PHE D 119 31.22 26.28 -5.36
N THR D 120 31.24 25.63 -6.53
CA THR D 120 30.12 25.67 -7.45
C THR D 120 28.86 25.01 -6.87
N ASN D 121 29.01 24.08 -5.92
CA ASN D 121 27.88 23.40 -5.30
C ASN D 121 27.58 23.92 -3.90
N ILE D 122 27.84 25.20 -3.66
CA ILE D 122 27.43 25.83 -2.42
C ILE D 122 25.92 26.05 -2.43
N PHE D 123 25.26 25.73 -1.33
CA PHE D 123 23.79 25.83 -1.27
C PHE D 123 23.40 27.29 -1.09
N TYR D 124 22.91 27.91 -2.17
CA TYR D 124 22.31 29.22 -2.11
C TYR D 124 20.82 29.08 -1.78
N THR D 125 20.25 30.11 -1.17
CA THR D 125 18.84 30.04 -0.75
C THR D 125 17.92 29.81 -1.95
N ASN D 126 18.03 30.66 -2.98
CA ASN D 126 17.05 30.56 -4.06
C ASN D 126 17.39 29.43 -5.03
N LYS D 127 18.48 29.60 -5.79
CA LYS D 127 18.70 28.79 -6.98
C LYS D 127 18.90 27.31 -6.65
N SER D 128 19.64 27.00 -5.59
CA SER D 128 19.99 25.62 -5.28
C SER D 128 18.76 24.78 -4.96
N HIS D 129 18.67 23.58 -5.53
CA HIS D 129 17.54 22.73 -5.21
C HIS D 129 17.70 22.18 -3.80
N LEU D 130 16.58 22.00 -3.10
CA LEU D 130 16.65 21.64 -1.69
C LEU D 130 17.31 20.27 -1.51
N ASN D 131 16.79 19.25 -2.19
CA ASN D 131 17.38 17.91 -2.21
C ASN D 131 18.24 17.70 -3.45
N GLY D 132 18.92 18.74 -3.92
CA GLY D 132 19.75 18.66 -5.10
C GLY D 132 21.17 18.24 -4.80
N GLU D 133 22.06 18.52 -5.73
CA GLU D 133 23.48 18.21 -5.62
C GLU D 133 24.23 19.17 -4.71
N ASP D 134 23.68 20.34 -4.35
CA ASP D 134 24.38 21.35 -3.58
C ASP D 134 24.41 20.98 -2.11
N HIS D 135 25.45 21.45 -1.42
CA HIS D 135 25.66 21.20 -0.01
C HIS D 135 25.81 22.52 0.72
N LEU D 136 25.61 22.48 2.04
CA LEU D 136 25.71 23.68 2.85
C LEU D 136 27.16 24.12 2.95
N MET D 137 27.39 25.42 2.88
CA MET D 137 28.74 25.97 2.94
C MET D 137 29.42 25.60 4.25
N GLY D 138 30.72 25.28 4.16
CA GLY D 138 31.47 24.94 5.36
C GLY D 138 32.97 24.96 5.16
N TYR D 139 33.65 23.91 5.63
CA TYR D 139 35.10 23.83 5.44
C TYR D 139 35.48 23.26 4.08
N TYR D 140 34.83 22.17 3.64
CA TYR D 140 35.21 21.55 2.38
C TYR D 140 34.53 22.26 1.20
N TYR D 141 33.20 22.39 1.25
CA TYR D 141 32.48 23.21 0.29
C TYR D 141 32.81 24.67 0.52
N ARG D 142 33.93 25.12 -0.02
CA ARG D 142 34.51 26.41 0.28
C ARG D 142 35.38 26.87 -0.90
N PHE D 143 35.46 28.19 -1.08
CA PHE D 143 36.33 28.74 -2.11
C PHE D 143 37.79 28.57 -1.71
N ALA D 144 38.65 28.59 -2.73
CA ALA D 144 40.08 28.29 -2.59
C ALA D 144 40.27 26.85 -2.12
N VAL D 145 39.54 25.95 -2.75
CA VAL D 145 39.64 24.51 -2.52
C VAL D 145 39.44 23.81 -3.86
N ILE D 146 40.22 22.75 -4.10
CA ILE D 146 40.09 21.99 -5.34
C ILE D 146 40.38 20.51 -5.04
N ASN D 147 39.69 19.61 -5.71
CA ASN D 147 39.95 18.18 -5.58
C ASN D 147 40.19 17.61 -6.97
N VAL D 148 41.38 17.11 -7.19
CA VAL D 148 41.89 16.62 -8.48
C VAL D 148 41.69 15.12 -8.57
N SER D 149 40.90 14.65 -9.53
CA SER D 149 40.67 13.23 -9.77
C SER D 149 41.60 12.74 -10.87
N ILE D 150 42.35 11.68 -10.60
CA ILE D 150 43.38 11.12 -11.48
C ILE D 150 43.01 9.68 -11.80
N GLY D 151 42.86 9.37 -13.09
CA GLY D 151 42.49 8.01 -13.48
C GLY D 151 43.59 6.97 -13.61
N ASP D 152 44.69 7.01 -12.86
CA ASP D 152 45.77 5.99 -12.93
C ASP D 152 46.69 5.99 -11.70
N TYR D 153 47.57 5.01 -11.55
CA TYR D 153 48.55 4.92 -10.46
C TYR D 153 49.49 6.13 -10.42
N PHE D 154 49.92 6.57 -9.23
CA PHE D 154 50.93 7.62 -9.10
C PHE D 154 51.82 7.47 -7.86
N PRO D 155 53.09 7.89 -7.91
CA PRO D 155 53.88 8.22 -6.73
C PRO D 155 53.26 9.38 -5.97
N VAL D 156 53.40 9.39 -4.65
CA VAL D 156 52.92 10.48 -3.76
C VAL D 156 53.45 11.86 -4.18
N GLU D 157 54.62 11.88 -4.79
CA GLU D 157 55.38 13.07 -5.17
C GLU D 157 54.67 13.91 -6.22
N ILE D 158 53.68 13.35 -6.94
CA ILE D 158 52.86 14.15 -7.86
C ILE D 158 52.16 15.29 -7.13
N ILE D 159 51.86 15.09 -5.83
CA ILE D 159 51.24 16.09 -4.97
C ILE D 159 52.14 17.32 -4.91
N ASP D 160 53.42 17.08 -4.77
CA ASP D 160 54.42 18.14 -4.77
C ASP D 160 54.50 18.85 -6.13
N VAL D 161 54.29 18.10 -7.22
CA VAL D 161 54.27 18.72 -8.55
C VAL D 161 53.09 19.69 -8.63
N ILE D 162 51.93 19.27 -8.12
CA ILE D 162 50.78 20.17 -8.12
C ILE D 162 51.06 21.38 -7.25
N ASN D 163 51.80 21.20 -6.15
CA ASN D 163 52.23 22.30 -5.30
C ASN D 163 53.08 23.27 -6.09
N GLU D 164 53.85 22.80 -7.07
CA GLU D 164 54.61 23.69 -7.93
C GLU D 164 53.69 24.47 -8.86
N PHE D 165 52.56 23.88 -9.29
CA PHE D 165 51.71 24.56 -10.28
C PHE D 165 50.53 25.32 -9.69
N LYS D 166 49.83 24.77 -8.69
CA LYS D 166 48.60 25.38 -8.16
C LYS D 166 48.85 26.81 -7.66
N PRO D 167 47.83 27.65 -7.62
CA PRO D 167 48.02 29.01 -7.09
C PRO D 167 48.11 29.01 -5.57
N ALA D 168 48.83 30.01 -5.06
CA ALA D 168 49.07 30.10 -3.62
C ALA D 168 47.78 30.42 -2.89
N GLY D 169 47.55 29.74 -1.78
CA GLY D 169 46.37 29.96 -0.96
C GLY D 169 45.21 29.04 -1.21
N VAL D 170 45.40 28.00 -2.02
CA VAL D 170 44.33 27.05 -2.37
C VAL D 170 44.67 25.70 -1.78
N THR D 171 43.74 25.15 -1.00
CA THR D 171 43.95 23.82 -0.44
C THR D 171 43.75 22.76 -1.51
N LEU D 172 44.62 21.76 -1.52
CA LEU D 172 44.66 20.69 -2.49
C LEU D 172 44.24 19.36 -1.85
N TYR D 173 43.33 18.63 -2.48
CA TYR D 173 43.13 17.20 -2.22
C TYR D 173 43.30 16.41 -3.51
N VAL D 174 43.81 15.19 -3.43
CA VAL D 174 44.06 14.33 -4.60
C VAL D 174 43.26 13.03 -4.50
N THR D 175 42.46 12.73 -5.51
CA THR D 175 41.58 11.57 -5.52
C THR D 175 42.03 10.57 -6.57
N TYR D 176 42.47 9.39 -6.15
CA TYR D 176 42.71 8.26 -7.02
C TYR D 176 41.39 7.56 -7.34
N ASP D 177 41.09 7.32 -8.62
CA ASP D 177 39.88 6.61 -9.04
C ASP D 177 40.23 5.20 -9.49
N GLY D 178 39.72 4.19 -8.79
CA GLY D 178 40.08 2.81 -9.07
C GLY D 178 39.51 2.30 -10.39
N ALA D 179 38.40 2.86 -10.87
CA ALA D 179 37.61 2.32 -11.98
C ALA D 179 38.33 2.30 -13.34
N SER D 180 39.41 3.06 -13.47
CA SER D 180 40.20 3.10 -14.70
C SER D 180 41.17 1.91 -14.82
N THR D 181 41.76 1.48 -13.71
CA THR D 181 42.93 0.57 -13.72
C THR D 181 42.61 -0.91 -14.01
N ILE D 182 41.35 -1.29 -14.05
CA ILE D 182 40.93 -2.70 -13.96
C ILE D 182 41.26 -3.48 -15.25
N PHE D 213 -18.77 -43.99 -17.38
CA PHE D 213 -20.12 -43.76 -17.88
C PHE D 213 -20.21 -42.94 -19.17
N TYR D 214 -19.08 -42.43 -19.69
CA TYR D 214 -19.03 -41.78 -20.99
C TYR D 214 -19.36 -42.75 -22.12
N GLY D 215 -20.19 -42.33 -23.08
CA GLY D 215 -20.71 -43.22 -24.13
C GLY D 215 -21.30 -42.52 -25.34
N HIS D 216 -21.52 -43.30 -26.40
CA HIS D 216 -22.04 -42.81 -27.66
C HIS D 216 -23.27 -43.57 -28.16
N ILE D 217 -24.22 -42.83 -28.72
CA ILE D 217 -25.41 -43.32 -29.39
C ILE D 217 -25.23 -43.05 -30.87
N ASN D 218 -25.03 -44.14 -31.59
CA ASN D 218 -24.69 -44.16 -33.00
C ASN D 218 -25.83 -44.84 -33.76
N MET D 219 -25.78 -44.82 -35.09
CA MET D 219 -26.82 -45.46 -35.92
C MET D 219 -26.76 -46.99 -35.85
N TYR D 259 -32.99 -45.04 -36.74
CA TYR D 259 -33.54 -44.93 -38.10
C TYR D 259 -33.13 -43.66 -38.82
N GLY D 260 -32.61 -43.84 -40.03
CA GLY D 260 -32.29 -42.76 -40.96
C GLY D 260 -33.25 -42.74 -42.15
N TYR D 261 -33.74 -41.56 -42.55
CA TYR D 261 -34.66 -41.43 -43.68
C TYR D 261 -34.39 -40.15 -44.49
N VAL D 262 -34.26 -40.31 -45.80
CA VAL D 262 -34.01 -39.23 -46.76
C VAL D 262 -35.31 -38.86 -47.47
N THR D 263 -35.65 -37.58 -47.48
CA THR D 263 -36.85 -37.08 -48.17
C THR D 263 -36.76 -35.58 -48.42
N SER D 264 -37.47 -35.08 -49.44
CA SER D 264 -37.67 -33.65 -49.68
C SER D 264 -38.88 -33.06 -48.94
N TYR D 265 -39.62 -33.88 -48.19
CA TYR D 265 -40.82 -33.47 -47.45
C TYR D 265 -40.48 -33.17 -45.98
N VAL D 266 -41.19 -32.18 -45.44
CA VAL D 266 -41.04 -31.79 -44.04
C VAL D 266 -41.84 -32.73 -43.14
N TYR D 267 -41.16 -33.40 -42.21
CA TYR D 267 -41.76 -34.17 -41.14
C TYR D 267 -41.61 -33.44 -39.79
N ASN D 268 -42.67 -33.41 -39.01
CA ASN D 268 -42.68 -32.87 -37.65
C ASN D 268 -43.17 -33.97 -36.68
N PRO D 269 -42.30 -34.57 -35.87
CA PRO D 269 -42.69 -35.62 -34.93
C PRO D 269 -43.60 -35.07 -33.82
N GLY D 270 -44.52 -35.91 -33.35
CA GLY D 270 -45.34 -35.66 -32.17
C GLY D 270 -44.78 -36.33 -30.92
N MET D 271 -45.39 -36.00 -29.78
CA MET D 271 -45.00 -36.54 -28.47
C MET D 271 -44.98 -38.08 -28.41
N THR D 272 -45.84 -38.76 -29.16
CA THR D 272 -45.94 -40.23 -29.21
C THR D 272 -45.40 -40.81 -30.52
N SER D 273 -44.63 -40.03 -31.29
CA SER D 273 -44.13 -40.50 -32.57
C SER D 273 -43.07 -41.58 -32.41
N SER D 274 -43.24 -42.68 -33.14
CA SER D 274 -42.25 -43.74 -33.22
C SER D 274 -41.25 -43.48 -34.34
N VAL D 275 -40.11 -44.16 -34.24
CA VAL D 275 -38.99 -44.20 -35.19
C VAL D 275 -39.43 -44.13 -36.67
N ASN D 276 -40.35 -44.99 -37.10
CA ASN D 276 -40.66 -45.18 -38.54
C ASN D 276 -41.80 -44.29 -39.09
N GLN D 277 -42.38 -43.39 -38.28
CA GLN D 277 -43.51 -42.56 -38.73
C GLN D 277 -43.13 -41.58 -39.84
N ILE D 278 -41.83 -41.31 -40.02
CA ILE D 278 -41.32 -40.43 -41.08
C ILE D 278 -41.75 -40.95 -42.46
N SER D 279 -41.54 -42.23 -42.75
CA SER D 279 -41.94 -42.84 -44.03
C SER D 279 -43.45 -42.79 -44.29
N ALA D 280 -44.25 -43.04 -43.25
CA ALA D 280 -45.71 -42.98 -43.35
C ALA D 280 -46.21 -41.54 -43.60
N SER D 281 -45.62 -40.56 -42.89
CA SER D 281 -45.99 -39.15 -43.01
C SER D 281 -45.63 -38.51 -44.35
N THR D 282 -44.68 -39.13 -45.07
CA THR D 282 -44.20 -38.67 -46.37
C THR D 282 -44.85 -39.43 -47.53
N GLU D 283 -45.85 -40.28 -47.25
CA GLU D 283 -46.53 -41.12 -48.25
C GLU D 283 -45.55 -41.99 -49.07
N GLY D 284 -44.42 -42.38 -48.47
CA GLY D 284 -43.34 -43.09 -49.17
C GLY D 284 -42.53 -42.25 -50.16
N ARG D 285 -42.67 -40.91 -50.15
CA ARG D 285 -41.89 -39.98 -50.99
C ARG D 285 -40.52 -39.70 -50.37
N GLY D 286 -39.76 -40.77 -50.20
CA GLY D 286 -38.44 -40.78 -49.59
C GLY D 286 -37.95 -42.21 -49.46
N GLN D 287 -36.76 -42.36 -48.91
CA GLN D 287 -36.16 -43.67 -48.76
C GLN D 287 -35.44 -43.77 -47.42
N GLU D 288 -35.50 -44.95 -46.81
CA GLU D 288 -34.61 -45.27 -45.70
C GLU D 288 -33.16 -45.26 -46.17
N VAL D 289 -32.25 -44.79 -45.33
CA VAL D 289 -30.81 -44.85 -45.60
C VAL D 289 -30.34 -46.30 -45.82
N PRO D 290 -29.32 -46.54 -46.66
CA PRO D 290 -28.80 -47.89 -46.89
C PRO D 290 -28.25 -48.51 -45.60
N THR D 291 -28.19 -49.85 -45.56
CA THR D 291 -27.61 -50.62 -44.44
C THR D 291 -26.21 -50.11 -44.06
N ASP D 292 -25.41 -49.75 -45.06
CA ASP D 292 -24.07 -49.17 -44.94
C ASP D 292 -24.02 -47.94 -44.03
N TYR D 293 -25.06 -47.10 -44.04
CA TYR D 293 -25.16 -45.95 -43.14
C TYR D 293 -25.17 -46.38 -41.67
N TYR D 294 -25.92 -47.43 -41.34
CA TYR D 294 -25.96 -47.96 -39.98
C TYR D 294 -24.65 -48.67 -39.63
N MET D 295 -23.98 -49.31 -40.58
CA MET D 295 -22.76 -50.08 -40.33
C MET D 295 -21.50 -49.22 -40.20
N TYR D 296 -21.34 -48.20 -41.05
CA TYR D 296 -20.05 -47.56 -41.25
C TYR D 296 -19.94 -46.16 -40.63
N THR D 297 -21.05 -45.49 -40.30
CA THR D 297 -20.98 -44.13 -39.72
C THR D 297 -20.73 -44.10 -38.22
N SER D 298 -20.57 -45.25 -37.58
CA SER D 298 -20.30 -45.37 -36.15
C SER D 298 -18.83 -45.15 -35.73
N THR D 299 -17.93 -44.93 -36.69
CA THR D 299 -16.56 -44.50 -36.42
C THR D 299 -15.97 -43.66 -37.55
N LYS D 300 -15.05 -42.76 -37.21
CA LYS D 300 -14.33 -41.99 -38.22
C LYS D 300 -13.24 -42.84 -38.89
N ASN D 301 -13.41 -43.17 -40.16
CA ASN D 301 -12.37 -43.85 -40.94
C ASN D 301 -12.41 -43.41 -42.42
N ASN D 302 -11.82 -44.17 -43.34
CA ASN D 302 -11.82 -43.84 -44.78
C ASN D 302 -13.10 -44.29 -45.51
N ASN D 303 -14.00 -45.03 -44.85
CA ASN D 303 -15.21 -45.59 -45.45
C ASN D 303 -16.39 -44.62 -45.24
N THR D 304 -16.51 -43.64 -46.13
CA THR D 304 -17.64 -42.72 -46.13
C THR D 304 -18.86 -43.34 -46.82
N VAL D 305 -20.05 -43.14 -46.26
CA VAL D 305 -21.31 -43.56 -46.87
C VAL D 305 -21.87 -42.43 -47.72
N GLU D 306 -22.02 -42.67 -49.01
CA GLU D 306 -22.59 -41.70 -49.95
C GLU D 306 -24.12 -41.81 -49.98
N LEU D 307 -24.80 -40.69 -49.85
CA LEU D 307 -26.26 -40.59 -49.83
C LEU D 307 -26.73 -39.58 -50.88
N SER D 308 -27.60 -40.01 -51.79
CA SER D 308 -28.16 -39.14 -52.83
C SER D 308 -29.36 -38.34 -52.35
N MET D 309 -29.19 -37.03 -52.22
CA MET D 309 -30.23 -36.12 -51.73
C MET D 309 -31.00 -35.51 -52.90
N GLN D 310 -32.04 -36.19 -53.37
CA GLN D 310 -32.92 -35.65 -54.41
C GLN D 310 -33.85 -34.56 -53.86
N THR D 311 -34.07 -33.50 -54.63
CA THR D 311 -35.00 -32.43 -54.26
C THR D 311 -35.70 -31.81 -55.47
N THR D 312 -36.99 -31.50 -55.31
CA THR D 312 -37.77 -30.71 -56.28
C THR D 312 -37.91 -29.25 -55.88
N SER D 313 -37.61 -28.91 -54.62
CA SER D 313 -37.78 -27.58 -54.02
C SER D 313 -36.46 -26.86 -53.79
N GLY D 314 -35.33 -27.51 -54.10
CA GLY D 314 -33.97 -27.06 -53.77
C GLY D 314 -33.53 -27.42 -52.35
N VAL D 315 -34.42 -28.03 -51.53
CA VAL D 315 -34.10 -28.47 -50.16
C VAL D 315 -34.40 -29.96 -50.00
N SER D 316 -33.49 -30.70 -49.36
CA SER D 316 -33.68 -32.09 -48.96
C SER D 316 -33.34 -32.27 -47.49
N TYR D 317 -33.85 -33.34 -46.89
CA TYR D 317 -33.70 -33.65 -45.49
C TYR D 317 -33.17 -35.07 -45.29
N LEU D 318 -32.18 -35.20 -44.42
CA LEU D 318 -31.77 -36.48 -43.83
C LEU D 318 -32.19 -36.48 -42.37
N TYR D 319 -33.25 -37.23 -42.04
CA TYR D 319 -33.73 -37.39 -40.66
C TYR D 319 -33.02 -38.56 -40.00
N ASN D 320 -32.64 -38.39 -38.73
CA ASN D 320 -32.17 -39.45 -37.86
C ASN D 320 -33.05 -39.51 -36.59
N ASN D 321 -33.35 -40.71 -36.16
CA ASN D 321 -34.05 -40.97 -34.91
C ASN D 321 -33.19 -41.84 -33.99
N PHE D 322 -33.03 -41.39 -32.75
CA PHE D 322 -32.28 -42.06 -31.70
C PHE D 322 -33.21 -42.47 -30.56
N ASN D 323 -33.26 -43.76 -30.27
CA ASN D 323 -34.14 -44.33 -29.26
C ASN D 323 -33.36 -44.54 -27.95
N PHE D 324 -33.53 -43.58 -27.03
CA PHE D 324 -32.88 -43.64 -25.73
C PHE D 324 -33.52 -44.67 -24.80
N ARG D 325 -34.75 -45.11 -25.05
CA ARG D 325 -35.39 -46.17 -24.25
C ARG D 325 -34.64 -47.48 -24.39
N ASP D 326 -34.40 -47.91 -25.63
CA ASP D 326 -33.70 -49.16 -25.90
C ASP D 326 -32.23 -49.06 -25.49
N TYR D 327 -31.59 -47.92 -25.74
CA TYR D 327 -30.23 -47.67 -25.25
C TYR D 327 -30.14 -47.79 -23.73
N MET D 328 -31.02 -47.11 -22.99
CA MET D 328 -31.02 -47.17 -21.53
C MET D 328 -31.43 -48.55 -21.02
N SER D 329 -32.35 -49.26 -21.67
CA SER D 329 -32.72 -50.62 -21.30
C SER D 329 -31.55 -51.60 -21.47
N LYS D 330 -30.74 -51.42 -22.53
CA LYS D 330 -29.59 -52.28 -22.82
C LYS D 330 -28.42 -52.00 -21.90
N TYR D 331 -28.04 -50.73 -21.78
CA TYR D 331 -26.82 -50.34 -21.07
C TYR D 331 -27.08 -50.04 -19.59
N ARG D 332 -28.31 -49.71 -19.19
CA ARG D 332 -28.72 -49.34 -17.83
C ARG D 332 -30.13 -49.84 -17.45
N PRO D 333 -30.38 -51.16 -17.49
CA PRO D 333 -31.69 -51.75 -17.22
C PRO D 333 -32.27 -51.44 -15.83
N GLN D 334 -31.45 -50.99 -14.88
CA GLN D 334 -31.86 -50.60 -13.53
C GLN D 334 -32.63 -49.26 -13.47
N VAL D 335 -32.56 -48.44 -14.52
CA VAL D 335 -33.25 -47.15 -14.57
C VAL D 335 -34.73 -47.37 -14.84
N ASP D 336 -35.62 -46.82 -14.03
CA ASP D 336 -37.07 -46.93 -14.25
C ASP D 336 -37.54 -46.01 -15.39
N LEU D 337 -37.67 -46.62 -16.58
CA LEU D 337 -38.13 -45.95 -17.79
C LEU D 337 -39.67 -46.00 -17.97
N GLN D 338 -40.42 -46.62 -17.04
CA GLN D 338 -41.88 -46.73 -17.12
C GLN D 338 -42.59 -45.54 -16.44
N SER D 339 -41.87 -44.70 -15.70
CA SER D 339 -42.42 -43.53 -15.03
C SER D 339 -42.76 -42.39 -15.99
N ASP D 340 -43.73 -41.55 -15.61
CA ASP D 340 -44.03 -40.28 -16.32
C ASP D 340 -42.84 -39.30 -16.31
N GLU D 341 -41.85 -39.53 -15.43
CA GLU D 341 -40.63 -38.75 -15.31
C GLU D 341 -39.45 -39.30 -16.14
N ALA D 342 -39.65 -40.37 -16.93
CA ALA D 342 -38.56 -41.04 -17.65
C ALA D 342 -37.70 -40.08 -18.48
N ARG D 343 -38.30 -39.09 -19.15
CA ARG D 343 -37.53 -38.05 -19.89
C ARG D 343 -36.58 -37.25 -19.00
N ARG D 344 -37.06 -36.88 -17.81
CA ARG D 344 -36.27 -36.16 -16.81
C ARG D 344 -35.16 -37.06 -16.29
N ILE D 345 -35.48 -38.31 -15.95
CA ILE D 345 -34.50 -39.29 -15.48
C ILE D 345 -33.39 -39.50 -16.51
N VAL D 346 -33.75 -39.76 -17.77
CA VAL D 346 -32.78 -39.96 -18.86
C VAL D 346 -31.95 -38.71 -19.12
N SER D 347 -32.57 -37.52 -19.14
CA SER D 347 -31.83 -36.26 -19.31
C SER D 347 -30.94 -35.91 -18.12
N ASP D 348 -31.40 -36.18 -16.89
CA ASP D 348 -30.62 -35.97 -15.67
C ASP D 348 -29.45 -36.94 -15.60
N TYR D 349 -29.61 -38.12 -16.19
CA TYR D 349 -28.59 -39.16 -16.27
C TYR D 349 -27.50 -38.85 -17.32
N ILE D 350 -27.91 -38.39 -18.51
CA ILE D 350 -26.99 -38.03 -19.61
C ILE D 350 -26.31 -36.68 -19.38
N LYS D 351 -27.01 -35.73 -18.73
CA LYS D 351 -26.61 -34.31 -18.66
C LYS D 351 -26.47 -33.68 -20.03
N GLU D 352 -25.26 -33.30 -20.42
CA GLU D 352 -24.97 -32.60 -21.67
C GLU D 352 -24.63 -33.59 -22.77
N LEU D 353 -25.35 -33.48 -23.88
CA LEU D 353 -25.11 -34.24 -25.09
C LEU D 353 -24.43 -33.36 -26.14
N SER D 354 -23.40 -33.91 -26.77
CA SER D 354 -22.78 -33.35 -27.97
C SER D 354 -23.06 -34.25 -29.17
N ILE D 355 -23.27 -33.65 -30.33
CA ILE D 355 -23.40 -34.36 -31.59
C ILE D 355 -22.12 -34.10 -32.37
N ASP D 356 -21.41 -35.15 -32.78
CA ASP D 356 -20.34 -35.07 -33.77
C ASP D 356 -20.88 -35.62 -35.09
N TYR D 357 -20.69 -34.86 -36.18
CA TYR D 357 -21.21 -35.22 -37.51
C TYR D 357 -20.22 -34.78 -38.59
N TYR D 358 -19.40 -35.72 -39.05
CA TYR D 358 -18.38 -35.50 -40.10
C TYR D 358 -18.94 -35.87 -41.47
N LEU D 359 -18.89 -34.90 -42.37
CA LEU D 359 -19.44 -35.06 -43.72
C LEU D 359 -18.74 -34.16 -44.75
N SER D 360 -18.89 -34.52 -46.03
CA SER D 360 -18.49 -33.75 -47.21
C SER D 360 -19.57 -33.83 -48.30
N ALA D 361 -19.52 -32.92 -49.27
CA ALA D 361 -20.43 -32.90 -50.42
C ALA D 361 -19.69 -33.31 -51.70
N VAL D 362 -20.33 -34.10 -52.55
CA VAL D 362 -19.79 -34.47 -53.88
C VAL D 362 -20.08 -33.33 -54.85
N ILE D 363 -19.34 -32.24 -54.69
CA ILE D 363 -19.43 -31.02 -55.51
C ILE D 363 -18.01 -30.54 -55.87
N PRO D 364 -17.86 -29.67 -56.89
CA PRO D 364 -16.57 -29.06 -57.21
C PRO D 364 -15.88 -28.43 -55.97
N PRO D 365 -14.56 -28.56 -55.81
CA PRO D 365 -13.84 -28.08 -54.61
C PRO D 365 -13.96 -26.57 -54.34
N ASP D 366 -14.29 -25.77 -55.35
CA ASP D 366 -14.50 -24.32 -55.29
C ASP D 366 -15.95 -23.92 -54.92
N GLU D 367 -16.85 -24.89 -54.78
CA GLU D 367 -18.26 -24.67 -54.42
C GLU D 367 -18.56 -25.14 -52.98
N SER D 368 -19.64 -24.60 -52.41
CA SER D 368 -20.20 -25.08 -51.15
C SER D 368 -21.71 -24.96 -51.11
N ILE D 369 -22.36 -25.79 -50.29
CA ILE D 369 -23.80 -25.77 -50.03
C ILE D 369 -24.07 -25.52 -48.55
N GLU D 370 -25.14 -24.78 -48.25
CA GLU D 370 -25.54 -24.53 -46.85
C GLU D 370 -26.19 -25.80 -46.28
N ILE D 371 -25.72 -26.20 -45.10
CA ILE D 371 -26.28 -27.30 -44.32
C ILE D 371 -26.60 -26.86 -42.90
N LYS D 372 -27.76 -27.28 -42.39
CA LYS D 372 -28.19 -27.01 -41.01
C LYS D 372 -28.39 -28.32 -40.26
N LEU D 373 -27.73 -28.46 -39.12
CA LEU D 373 -28.05 -29.52 -38.16
C LEU D 373 -29.16 -29.01 -37.25
N GLN D 374 -30.24 -29.78 -37.16
CA GLN D 374 -31.42 -29.43 -36.37
C GLN D 374 -31.82 -30.57 -35.45
N VAL D 375 -32.36 -30.20 -34.29
CA VAL D 375 -32.94 -31.12 -33.30
C VAL D 375 -34.38 -30.70 -33.07
N TYR D 376 -35.32 -31.65 -32.96
CA TYR D 376 -36.71 -31.30 -32.69
C TYR D 376 -36.92 -31.03 -31.20
N ASP D 377 -37.42 -29.85 -30.88
CA ASP D 377 -37.78 -29.46 -29.51
C ASP D 377 -39.29 -29.65 -29.31
N PHE D 378 -39.64 -30.62 -28.47
CA PHE D 378 -41.02 -30.97 -28.15
C PHE D 378 -41.69 -29.98 -27.19
N SER D 379 -40.91 -29.15 -26.48
CA SER D 379 -41.46 -28.11 -25.61
C SER D 379 -42.11 -26.99 -26.41
N ILE D 380 -41.55 -26.67 -27.59
CA ILE D 380 -42.05 -25.65 -28.51
C ILE D 380 -42.62 -26.21 -29.82
N ASN D 381 -42.59 -27.54 -30.02
CA ASN D 381 -43.06 -28.26 -31.21
C ASN D 381 -42.43 -27.78 -32.53
N ARG D 382 -41.12 -27.53 -32.54
CA ARG D 382 -40.40 -26.98 -33.71
C ARG D 382 -38.98 -27.55 -33.82
N TRP D 383 -38.48 -27.60 -35.06
CA TRP D 383 -37.06 -27.84 -35.34
C TRP D 383 -36.22 -26.65 -34.90
N LEU D 384 -35.26 -26.91 -33.99
CA LEU D 384 -34.27 -25.96 -33.53
C LEU D 384 -32.96 -26.18 -34.29
N THR D 385 -32.43 -25.14 -34.92
CA THR D 385 -31.11 -25.21 -35.57
C THR D 385 -30.01 -25.06 -34.53
N VAL D 386 -29.17 -26.10 -34.39
CA VAL D 386 -28.06 -26.12 -33.42
C VAL D 386 -26.71 -25.82 -34.08
N SER D 387 -26.62 -25.92 -35.41
CA SER D 387 -25.42 -25.59 -36.17
C SER D 387 -25.77 -25.25 -37.62
N ILE D 388 -25.09 -24.27 -38.21
CA ILE D 388 -25.19 -23.86 -39.62
C ILE D 388 -23.77 -23.84 -40.19
N ASN D 389 -23.56 -24.54 -41.30
CA ASN D 389 -22.26 -24.63 -41.95
C ASN D 389 -22.38 -24.60 -43.46
N ASN D 390 -21.31 -24.21 -44.14
CA ASN D 390 -21.14 -24.42 -45.57
C ASN D 390 -20.30 -25.69 -45.77
N LEU D 391 -20.86 -26.63 -46.52
CA LEU D 391 -20.27 -27.93 -46.81
C LEU D 391 -19.71 -27.93 -48.23
N SER D 392 -18.46 -28.34 -48.38
CA SER D 392 -17.76 -28.44 -49.67
C SER D 392 -17.24 -29.87 -49.90
N PHE D 393 -16.39 -30.04 -50.91
CA PHE D 393 -15.67 -31.29 -51.17
C PHE D 393 -14.86 -31.80 -49.96
N TYR D 394 -14.38 -30.89 -49.10
CA TYR D 394 -13.57 -31.24 -47.93
C TYR D 394 -14.44 -31.65 -46.74
N GLU D 395 -14.04 -32.71 -46.05
CA GLU D 395 -14.72 -33.17 -44.83
C GLU D 395 -14.71 -32.12 -43.74
N LYS D 396 -15.85 -31.93 -43.07
CA LYS D 396 -16.01 -31.03 -41.93
C LYS D 396 -16.92 -31.66 -40.88
N ASN D 397 -16.58 -31.46 -39.60
CA ASN D 397 -17.52 -31.71 -38.51
C ASN D 397 -18.49 -30.52 -38.38
N ILE D 398 -19.79 -30.78 -38.55
CA ILE D 398 -20.84 -29.76 -38.36
C ILE D 398 -21.57 -29.90 -37.02
N GLY D 399 -21.10 -30.81 -36.17
CA GLY D 399 -21.60 -31.10 -34.84
C GLY D 399 -21.67 -29.90 -33.90
N SER D 400 -22.36 -30.08 -32.77
CA SER D 400 -22.53 -29.05 -31.73
C SER D 400 -22.90 -29.68 -30.38
N ASN D 401 -22.58 -29.01 -29.28
CA ASN D 401 -23.10 -29.36 -27.96
C ASN D 401 -24.53 -28.81 -27.83
N ILE D 402 -25.51 -29.70 -27.60
CA ILE D 402 -26.92 -29.34 -27.50
C ILE D 402 -27.41 -29.24 -26.05
N GLY D 403 -26.55 -29.55 -25.08
CA GLY D 403 -26.84 -29.50 -23.66
C GLY D 403 -27.80 -30.61 -23.21
N TYR D 404 -28.71 -30.25 -22.30
CA TYR D 404 -29.67 -31.18 -21.71
C TYR D 404 -30.75 -31.59 -22.71
N ILE D 405 -31.04 -32.88 -22.77
CA ILE D 405 -31.88 -33.46 -23.83
C ILE D 405 -33.36 -33.62 -23.46
N LYS D 406 -33.77 -33.27 -22.24
CA LYS D 406 -35.14 -33.45 -21.75
C LYS D 406 -36.20 -32.96 -22.74
N ASP D 407 -36.00 -31.76 -23.28
CA ASP D 407 -36.95 -31.11 -24.19
C ASP D 407 -36.85 -31.64 -25.63
N TYR D 408 -35.78 -32.37 -25.95
CA TYR D 408 -35.56 -33.05 -27.24
C TYR D 408 -36.05 -34.50 -27.25
N LEU D 409 -36.52 -35.02 -26.10
CA LEU D 409 -37.10 -36.36 -25.97
C LEU D 409 -38.62 -36.30 -25.96
N ASN D 410 -39.24 -37.22 -26.72
CA ASN D 410 -40.69 -37.44 -26.70
C ASN D 410 -41.12 -38.43 -25.60
N SER D 411 -42.42 -38.79 -25.50
CA SER D 411 -42.91 -39.72 -24.45
C SER D 411 -42.30 -41.12 -24.55
N GLU D 412 -41.89 -41.52 -25.76
CA GLU D 412 -41.26 -42.81 -26.02
C GLU D 412 -39.73 -42.80 -25.80
N LEU D 413 -39.17 -41.67 -25.35
CA LEU D 413 -37.73 -41.40 -25.22
C LEU D 413 -36.98 -41.45 -26.57
N ASN D 414 -37.67 -41.04 -27.64
CA ASN D 414 -37.07 -40.84 -28.95
C ASN D 414 -36.61 -39.39 -29.10
N MET D 415 -35.39 -39.23 -29.61
CA MET D 415 -34.82 -37.95 -30.04
C MET D 415 -34.79 -37.92 -31.57
N PHE D 416 -35.20 -36.80 -32.16
CA PHE D 416 -35.20 -36.62 -33.61
C PHE D 416 -34.22 -35.51 -33.99
N THR D 417 -33.29 -35.84 -34.89
CA THR D 417 -32.38 -34.88 -35.52
C THR D 417 -32.57 -34.90 -37.03
N ARG D 418 -32.18 -33.83 -37.70
CA ARG D 418 -32.11 -33.82 -39.16
C ARG D 418 -31.03 -32.91 -39.68
N LEU D 419 -30.54 -33.22 -40.88
CA LEU D 419 -29.82 -32.28 -41.73
C LEU D 419 -30.80 -31.65 -42.71
N GLU D 420 -30.91 -30.32 -42.73
CA GLU D 420 -31.53 -29.56 -43.81
C GLU D 420 -30.44 -29.16 -44.81
N ILE D 421 -30.55 -29.67 -46.03
CA ILE D 421 -29.53 -29.55 -47.07
C ILE D 421 -30.10 -28.66 -48.17
N ASN D 422 -29.49 -27.49 -48.37
CA ASN D 422 -29.89 -26.55 -49.40
C ASN D 422 -29.07 -26.78 -50.68
N ALA D 423 -29.61 -27.57 -51.60
CA ALA D 423 -29.01 -27.87 -52.90
C ALA D 423 -29.02 -26.66 -53.86
N GLY D 424 -29.80 -25.62 -53.54
CA GLY D 424 -29.95 -24.42 -54.36
C GLY D 424 -30.67 -24.70 -55.67
N LYS D 425 -30.00 -24.49 -56.80
CA LYS D 425 -30.53 -24.73 -58.15
C LYS D 425 -30.31 -26.16 -58.66
N ARG D 426 -29.70 -27.04 -57.86
CA ARG D 426 -29.42 -28.44 -58.25
C ARG D 426 -30.65 -29.29 -57.95
N ASP D 427 -30.94 -30.24 -58.84
CA ASP D 427 -32.02 -31.22 -58.65
C ASP D 427 -31.63 -32.31 -57.63
N SER D 428 -30.33 -32.51 -57.40
CA SER D 428 -29.79 -33.41 -56.38
C SER D 428 -28.39 -32.97 -55.91
N VAL D 429 -28.02 -33.37 -54.70
CA VAL D 429 -26.64 -33.29 -54.19
C VAL D 429 -26.32 -34.59 -53.46
N ASP D 430 -25.18 -35.21 -53.76
CA ASP D 430 -24.72 -36.37 -53.01
C ASP D 430 -23.87 -35.89 -51.81
N ILE D 431 -24.14 -36.47 -50.64
CA ILE D 431 -23.41 -36.19 -49.39
C ILE D 431 -22.69 -37.46 -48.95
N LYS D 432 -21.42 -37.32 -48.58
CA LYS D 432 -20.63 -38.36 -47.96
C LYS D 432 -20.63 -38.17 -46.46
N VAL D 433 -21.12 -39.17 -45.72
CA VAL D 433 -21.12 -39.19 -44.26
C VAL D 433 -20.03 -40.15 -43.80
N ASN D 434 -19.08 -39.62 -43.02
CA ASN D 434 -18.02 -40.43 -42.42
C ASN D 434 -18.41 -40.88 -41.02
N TYR D 435 -18.81 -39.93 -40.16
CA TYR D 435 -19.02 -40.19 -38.74
C TYR D 435 -20.25 -39.47 -38.21
N LEU D 436 -21.07 -40.16 -37.43
CA LEU D 436 -22.19 -39.62 -36.68
C LEU D 436 -22.25 -40.25 -35.29
N ASP D 437 -22.16 -39.43 -34.26
CA ASP D 437 -22.17 -39.88 -32.87
C ASP D 437 -22.83 -38.86 -31.94
N LEU D 438 -23.71 -39.36 -31.07
CA LEU D 438 -24.31 -38.64 -29.95
C LEU D 438 -23.54 -39.01 -28.70
N MET D 439 -22.62 -38.16 -28.26
CA MET D 439 -21.73 -38.46 -27.16
C MET D 439 -22.08 -37.68 -25.88
N PHE D 440 -22.15 -38.38 -24.76
CA PHE D 440 -22.36 -37.74 -23.46
C PHE D 440 -21.24 -38.06 -22.45
N TYR D 441 -20.93 -37.11 -21.57
CA TYR D 441 -19.96 -37.36 -20.51
C TYR D 441 -20.53 -36.85 -19.18
N TYR D 442 -20.74 -37.76 -18.23
CA TYR D 442 -21.17 -37.39 -16.89
C TYR D 442 -20.32 -38.04 -15.79
N TYR D 443 -20.15 -37.36 -14.66
CA TYR D 443 -19.43 -37.89 -13.49
C TYR D 443 -19.92 -39.24 -12.92
N ARG E 13 111.03 36.97 -73.11
CA ARG E 13 110.26 38.15 -72.75
C ARG E 13 111.17 39.22 -72.13
N PRO E 14 110.68 40.45 -72.00
CA PRO E 14 111.47 41.44 -71.25
C PRO E 14 111.43 41.13 -69.76
N HIS E 15 112.55 41.38 -69.09
CA HIS E 15 112.65 41.03 -67.67
C HIS E 15 113.87 41.72 -67.10
N ALA E 16 113.88 41.87 -65.78
CA ALA E 16 115.01 42.42 -65.06
C ALA E 16 115.93 41.29 -64.62
N SER E 17 117.21 41.61 -64.48
CA SER E 17 118.19 40.64 -64.02
C SER E 17 119.10 41.28 -62.97
N ILE E 18 119.64 40.43 -62.10
CA ILE E 18 120.43 40.88 -60.96
C ILE E 18 121.55 39.89 -60.71
N GLU E 19 122.75 40.40 -60.50
CA GLU E 19 123.94 39.60 -60.20
C GLU E 19 124.53 40.06 -58.88
N VAL E 20 125.22 39.15 -58.20
CA VAL E 20 125.94 39.50 -56.97
C VAL E 20 127.32 38.86 -57.01
N ASP E 21 128.34 39.57 -56.51
CA ASP E 21 129.69 39.05 -56.44
C ASP E 21 130.11 38.91 -54.98
N THR E 22 131.00 37.94 -54.71
CA THR E 22 131.48 37.70 -53.36
C THR E 22 132.96 37.31 -53.30
N SER E 23 133.66 37.26 -54.44
CA SER E 23 135.05 36.81 -54.43
C SER E 23 135.96 37.76 -53.67
N GLY E 24 135.58 39.03 -53.51
CA GLY E 24 136.43 39.98 -52.81
C GLY E 24 136.35 39.95 -51.30
N ILE E 25 135.41 39.17 -50.73
CA ILE E 25 135.29 39.15 -49.28
C ILE E 25 136.47 38.43 -48.65
N GLY E 26 137.05 37.44 -49.34
CA GLY E 26 138.10 36.63 -48.78
C GLY E 26 139.47 37.27 -48.91
N SER E 32 145.12 30.84 -49.30
CA SER E 32 144.79 29.48 -48.88
C SER E 32 144.32 29.44 -47.43
N GLU E 33 143.72 28.32 -47.04
CA GLU E 33 143.16 28.12 -45.70
C GLU E 33 144.05 27.26 -44.80
N LYS E 34 144.95 26.46 -45.37
CA LYS E 34 145.90 25.63 -44.63
C LYS E 34 145.15 24.65 -43.71
N VAL E 35 144.49 23.69 -44.37
CA VAL E 35 143.64 22.73 -43.65
C VAL E 35 144.53 21.77 -42.87
N PHE E 36 144.01 21.29 -41.72
CA PHE E 36 144.74 20.42 -40.81
C PHE E 36 144.06 19.05 -40.77
N CYS E 37 144.87 17.99 -40.65
CA CYS E 37 144.40 16.62 -40.73
C CYS E 37 144.80 15.85 -39.48
N LEU E 38 144.04 14.78 -39.20
CA LEU E 38 144.30 13.88 -38.08
C LEU E 38 143.83 12.49 -38.47
N ILE E 39 144.61 11.46 -38.11
CA ILE E 39 144.18 10.08 -38.23
C ILE E 39 144.53 9.36 -36.93
N GLY E 40 143.61 8.54 -36.44
CA GLY E 40 143.78 7.93 -35.14
C GLY E 40 142.62 7.00 -34.78
N GLN E 41 142.66 6.54 -33.54
CA GLN E 41 141.63 5.63 -33.03
C GLN E 41 140.38 6.42 -32.62
N ALA E 42 139.21 5.84 -32.90
CA ALA E 42 137.95 6.47 -32.55
C ALA E 42 136.92 5.40 -32.24
N GLU E 43 135.96 5.74 -31.39
CA GLU E 43 134.92 4.83 -30.93
C GLU E 43 133.65 4.91 -31.77
N GLY E 44 133.63 5.69 -32.84
CA GLY E 44 132.43 5.82 -33.64
C GLY E 44 132.74 6.46 -34.98
N GLY E 45 131.83 6.22 -35.93
CA GLY E 45 131.99 6.67 -37.29
C GLY E 45 132.34 5.52 -38.22
N GLU E 46 132.19 5.76 -39.52
CA GLU E 46 132.47 4.72 -40.48
C GLU E 46 133.98 4.59 -40.72
N PRO E 47 134.44 3.43 -41.19
CA PRO E 47 135.85 3.21 -41.47
C PRO E 47 136.19 3.72 -42.86
N ASN E 48 137.45 4.10 -43.04
CA ASN E 48 138.01 4.40 -44.36
C ASN E 48 137.24 5.56 -45.01
N THR E 49 136.74 6.49 -44.18
CA THR E 49 135.89 7.59 -44.65
C THR E 49 136.37 8.89 -44.02
N VAL E 50 136.79 9.84 -44.87
CA VAL E 50 137.12 11.19 -44.45
C VAL E 50 135.86 12.01 -44.22
N TYR E 51 135.93 12.91 -43.22
CA TYR E 51 134.87 13.85 -42.88
C TYR E 51 135.48 15.24 -42.72
N GLU E 52 134.65 16.26 -42.92
CA GLU E 52 135.02 17.66 -42.65
C GLU E 52 134.29 18.12 -41.39
N LEU E 53 135.06 18.63 -40.42
CA LEU E 53 134.55 19.04 -39.12
C LEU E 53 134.76 20.53 -38.92
N ARG E 54 133.74 21.17 -38.37
CA ARG E 54 133.75 22.60 -38.07
C ARG E 54 133.36 22.87 -36.62
N ASN E 55 132.42 22.08 -36.08
CA ASN E 55 131.93 22.24 -34.71
C ASN E 55 132.26 21.00 -33.88
N TYR E 56 132.28 21.20 -32.56
CA TYR E 56 132.54 20.09 -31.64
C TYR E 56 131.34 19.17 -31.51
N SER E 57 130.13 19.71 -31.66
CA SER E 57 128.95 18.86 -31.61
C SER E 57 128.87 17.95 -32.83
N GLN E 58 129.43 18.38 -33.96
CA GLN E 58 129.43 17.54 -35.16
C GLN E 58 130.39 16.37 -34.99
N ALA E 59 131.52 16.63 -34.32
CA ALA E 59 132.49 15.57 -34.08
C ALA E 59 132.00 14.60 -33.01
N LYS E 60 131.29 15.13 -32.01
CA LYS E 60 130.74 14.27 -30.98
C LYS E 60 129.66 13.36 -31.53
N ARG E 61 128.81 13.89 -32.41
CA ARG E 61 127.83 13.04 -33.08
C ARG E 61 128.51 11.98 -33.93
N LEU E 62 129.50 12.39 -34.73
CA LEU E 62 130.20 11.45 -35.58
C LEU E 62 131.04 10.51 -34.74
N PHE E 63 132.09 11.03 -34.12
CA PHE E 63 133.00 10.24 -33.29
C PHE E 63 132.44 10.22 -31.87
N ARG E 64 131.94 9.06 -31.44
CA ARG E 64 131.27 8.97 -30.15
C ARG E 64 132.25 9.22 -29.00
N SER E 65 133.46 8.69 -29.12
CA SER E 65 134.48 8.86 -28.10
C SER E 65 135.82 8.46 -28.72
N GLY E 66 136.83 8.31 -27.86
CA GLY E 66 138.15 7.88 -28.25
C GLY E 66 139.18 9.00 -28.15
N GLU E 67 140.42 8.65 -28.49
CA GLU E 67 141.49 9.63 -28.48
C GLU E 67 141.30 10.69 -29.56
N LEU E 68 140.74 10.29 -30.71
CA LEU E 68 140.60 11.21 -31.84
C LEU E 68 139.74 12.41 -31.48
N LEU E 69 138.67 12.18 -30.72
CA LEU E 69 137.82 13.28 -30.30
C LEU E 69 138.56 14.19 -29.33
N ASP E 70 139.41 13.61 -28.45
CA ASP E 70 140.22 14.43 -27.55
C ASP E 70 141.24 15.25 -28.33
N ALA E 71 141.74 14.72 -29.44
CA ALA E 71 142.70 15.44 -30.27
C ALA E 71 142.04 16.57 -31.04
N ILE E 72 140.82 16.35 -31.50
CA ILE E 72 140.05 17.41 -32.12
C ILE E 72 139.78 18.53 -31.13
N GLU E 73 139.42 18.17 -29.90
CA GLU E 73 139.16 19.18 -28.88
C GLU E 73 140.43 19.99 -28.60
N LEU E 74 141.52 19.30 -28.27
CA LEU E 74 142.83 19.93 -28.10
C LEU E 74 143.20 20.85 -29.25
N ALA E 75 142.96 20.41 -30.49
CA ALA E 75 143.37 21.23 -31.63
C ALA E 75 142.58 22.52 -31.70
N TRP E 76 141.27 22.44 -31.46
CA TRP E 76 140.44 23.64 -31.38
C TRP E 76 140.59 24.39 -30.05
N GLY E 77 141.43 23.91 -29.13
CA GLY E 77 141.68 24.60 -27.88
C GLY E 77 143.16 24.62 -27.52
N SER E 78 144.02 24.38 -28.51
CA SER E 78 145.45 24.37 -28.25
C SER E 78 145.97 25.75 -27.84
N ASN E 79 145.57 26.78 -28.58
CA ASN E 79 145.98 28.16 -28.37
C ASN E 79 144.75 29.03 -28.14
N PRO E 80 144.86 30.12 -27.37
CA PRO E 80 143.71 31.04 -27.28
C PRO E 80 143.40 31.76 -28.58
N ASN E 81 144.40 32.12 -29.39
CA ASN E 81 144.25 33.06 -30.50
C ASN E 81 144.42 32.45 -31.88
N TYR E 82 144.84 31.20 -31.99
CA TYR E 82 145.18 30.61 -33.30
C TYR E 82 144.73 29.16 -33.37
N THR E 83 143.47 28.92 -33.02
CA THR E 83 142.88 27.60 -33.17
C THR E 83 142.59 27.32 -34.65
N ALA E 84 142.73 26.06 -35.05
CA ALA E 84 142.62 25.74 -36.47
C ALA E 84 141.17 25.49 -36.87
N GLY E 85 140.95 25.20 -38.15
CA GLY E 85 139.60 25.02 -38.68
C GLY E 85 139.55 23.98 -39.78
N ARG E 86 138.35 23.47 -40.02
CA ARG E 86 138.10 22.46 -41.07
C ARG E 86 138.99 21.23 -40.88
N ILE E 87 139.05 20.75 -39.65
CA ILE E 87 139.90 19.61 -39.33
C ILE E 87 139.33 18.35 -39.97
N LEU E 88 140.20 17.58 -40.63
CA LEU E 88 139.83 16.40 -41.38
C LEU E 88 140.20 15.16 -40.56
N ALA E 89 139.20 14.32 -40.24
CA ALA E 89 139.40 13.24 -39.30
C ALA E 89 139.09 11.90 -39.95
N MET E 90 139.67 10.84 -39.39
CA MET E 90 139.46 9.48 -39.90
C MET E 90 139.58 8.47 -38.75
N ARG E 91 138.79 7.41 -38.87
CA ARG E 91 138.81 6.27 -37.94
C ARG E 91 139.63 5.13 -38.55
N ILE E 92 140.63 4.66 -37.80
CA ILE E 92 141.47 3.57 -38.29
C ILE E 92 140.92 2.19 -37.96
N GLU E 93 139.98 2.09 -37.02
CA GLU E 93 139.41 0.81 -36.64
C GLU E 93 138.54 0.21 -37.74
N ASP E 94 138.87 -1.00 -38.18
CA ASP E 94 138.05 -1.78 -39.11
C ASP E 94 136.83 -2.39 -38.42
N ALA E 95 135.95 -1.52 -37.90
CA ALA E 95 134.80 -1.97 -37.15
C ALA E 95 133.66 -2.40 -38.09
N LYS E 96 132.65 -3.03 -37.50
CA LYS E 96 131.48 -3.53 -38.19
C LYS E 96 130.25 -3.18 -37.35
N PRO E 97 129.06 -3.12 -37.96
CA PRO E 97 127.87 -2.77 -37.18
C PRO E 97 127.17 -3.99 -36.60
N ALA E 98 126.45 -3.78 -35.50
CA ALA E 98 125.76 -4.90 -34.89
C ALA E 98 124.51 -5.23 -35.69
N SER E 99 124.15 -6.52 -35.70
CA SER E 99 123.04 -7.00 -36.50
C SER E 99 122.38 -8.18 -35.79
N ALA E 100 121.17 -8.51 -36.23
CA ALA E 100 120.45 -9.65 -35.71
C ALA E 100 119.37 -10.05 -36.71
N GLU E 101 118.83 -11.26 -36.52
CA GLU E 101 117.85 -11.84 -37.43
C GLU E 101 116.72 -12.44 -36.60
N ILE E 102 115.49 -12.20 -37.03
CA ILE E 102 114.32 -12.77 -36.36
C ILE E 102 113.23 -13.02 -37.41
N GLY E 103 112.77 -14.26 -37.50
CA GLY E 103 111.79 -14.62 -38.51
C GLY E 103 112.34 -14.41 -39.90
N GLY E 104 111.63 -13.60 -40.68
CA GLY E 104 112.05 -13.16 -41.99
C GLY E 104 112.77 -11.82 -42.01
N LEU E 105 112.95 -11.17 -40.84
CA LEU E 105 113.54 -9.85 -40.76
C LEU E 105 115.06 -9.91 -40.68
N LYS E 106 115.71 -8.87 -41.17
CA LYS E 106 117.12 -8.60 -40.95
C LYS E 106 117.27 -7.24 -40.28
N ILE E 107 117.96 -7.23 -39.14
CA ILE E 107 118.15 -6.07 -38.29
C ILE E 107 119.61 -5.65 -38.42
N THR E 108 119.85 -4.38 -38.77
CA THR E 108 121.21 -3.87 -38.85
C THR E 108 121.28 -2.43 -38.35
N SER E 109 122.22 -2.15 -37.46
CA SER E 109 122.41 -0.85 -36.83
C SER E 109 123.30 0.06 -37.67
N LYS E 110 123.10 1.37 -37.51
CA LYS E 110 123.96 2.35 -38.18
C LYS E 110 125.35 2.38 -37.54
N ILE E 111 125.41 2.32 -36.21
CA ILE E 111 126.68 2.54 -35.51
C ILE E 111 127.63 1.38 -35.74
N TYR E 112 128.90 1.69 -35.97
CA TYR E 112 129.96 0.72 -36.15
C TYR E 112 130.70 0.54 -34.83
N GLY E 113 130.80 -0.71 -34.38
CA GLY E 113 131.52 -1.06 -33.17
C GLY E 113 130.63 -1.78 -32.18
N ASN E 114 131.18 -2.01 -31.00
CA ASN E 114 130.49 -2.73 -29.94
C ASN E 114 129.39 -1.92 -29.27
N VAL E 115 129.28 -0.63 -29.56
CA VAL E 115 128.26 0.21 -28.95
C VAL E 115 126.88 -0.18 -29.44
N ALA E 116 126.77 -0.66 -30.68
CA ALA E 116 125.49 -1.01 -31.26
C ALA E 116 124.90 -2.28 -30.67
N ASN E 117 125.72 -3.08 -29.99
CA ASN E 117 125.25 -4.32 -29.39
C ASN E 117 124.17 -4.07 -28.34
N ASN E 118 124.27 -2.96 -27.61
CA ASN E 118 123.33 -2.65 -26.55
C ASN E 118 122.09 -1.90 -27.05
N ILE E 119 121.94 -1.73 -28.37
CA ILE E 119 120.68 -1.24 -28.90
C ILE E 119 119.65 -2.36 -28.78
N GLN E 120 118.51 -2.04 -28.17
CA GLN E 120 117.47 -3.01 -27.88
C GLN E 120 116.36 -2.86 -28.92
N VAL E 121 115.92 -3.98 -29.48
CA VAL E 121 114.89 -3.99 -30.52
C VAL E 121 113.91 -5.12 -30.20
N GLY E 122 112.66 -4.93 -30.57
CA GLY E 122 111.61 -5.82 -30.10
C GLY E 122 110.24 -5.46 -30.58
N LEU E 123 109.57 -6.40 -31.24
CA LEU E 123 108.26 -6.20 -31.82
C LEU E 123 107.19 -6.79 -30.91
N GLU E 124 106.04 -6.11 -30.86
CA GLU E 124 104.91 -6.51 -30.02
C GLU E 124 103.65 -6.33 -30.85
N LYS E 125 102.52 -6.68 -30.24
CA LYS E 125 101.20 -6.55 -30.86
C LYS E 125 100.28 -5.79 -29.91
N ASN E 126 99.43 -4.95 -30.48
CA ASN E 126 98.41 -4.22 -29.74
C ASN E 126 97.04 -4.80 -30.06
N THR E 127 96.33 -5.24 -29.02
CA THR E 127 95.05 -5.90 -29.23
C THR E 127 93.93 -4.92 -29.52
N LEU E 128 94.02 -3.71 -28.98
CA LEU E 128 92.98 -2.70 -29.22
C LEU E 128 92.96 -2.28 -30.68
N SER E 129 94.13 -2.03 -31.26
CA SER E 129 94.26 -1.68 -32.68
C SER E 129 94.43 -2.89 -33.58
N ASP E 130 94.67 -4.09 -33.01
CA ASP E 130 94.95 -5.27 -33.81
C ASP E 130 96.14 -5.02 -34.76
N SER E 131 97.18 -4.39 -34.21
CA SER E 131 98.34 -3.94 -34.98
C SER E 131 99.62 -4.21 -34.22
N LEU E 132 100.62 -4.74 -34.93
CA LEU E 132 101.97 -4.86 -34.42
C LEU E 132 102.50 -3.53 -33.89
N ARG E 133 103.49 -3.63 -33.00
CA ARG E 133 104.13 -2.49 -32.36
C ARG E 133 105.63 -2.75 -32.27
N LEU E 134 106.43 -1.72 -32.55
CA LEU E 134 107.87 -1.75 -32.39
C LEU E 134 108.32 -0.78 -31.29
N ARG E 135 109.32 -1.18 -30.52
CA ARG E 135 109.90 -0.34 -29.47
C ARG E 135 111.41 -0.54 -29.48
N VAL E 136 112.15 0.56 -29.64
CA VAL E 136 113.61 0.56 -29.71
C VAL E 136 114.13 1.46 -28.58
N ILE E 137 115.01 0.92 -27.75
CA ILE E 137 115.55 1.62 -26.59
C ILE E 137 117.07 1.53 -26.63
N PHE E 138 117.75 2.66 -26.40
CA PHE E 138 119.20 2.72 -26.33
C PHE E 138 119.53 3.68 -25.19
N GLN E 139 119.81 3.13 -24.01
CA GLN E 139 119.90 3.91 -22.79
C GLN E 139 121.16 4.75 -22.71
N ASP E 140 122.14 4.51 -23.57
CA ASP E 140 123.37 5.29 -23.52
C ASP E 140 123.12 6.72 -23.99
N ASP E 141 122.24 6.89 -24.97
CA ASP E 141 121.85 8.20 -25.48
C ASP E 141 120.48 8.65 -24.99
N ARG E 142 119.92 7.97 -23.98
CA ARG E 142 118.59 8.27 -23.46
C ARG E 142 117.54 8.22 -24.58
N PHE E 143 117.64 7.22 -25.43
CA PHE E 143 116.72 7.00 -26.54
C PHE E 143 115.64 6.02 -26.10
N ASN E 144 114.39 6.39 -26.33
CA ASN E 144 113.28 5.50 -26.01
C ASN E 144 112.08 5.97 -26.84
N GLU E 145 111.68 5.16 -27.82
CA GLU E 145 110.58 5.50 -28.71
C GLU E 145 109.76 4.26 -29.02
N VAL E 146 108.49 4.48 -29.33
CA VAL E 146 107.54 3.42 -29.65
C VAL E 146 106.86 3.76 -30.97
N TYR E 147 106.83 2.78 -31.88
CA TYR E 147 106.22 2.92 -33.19
C TYR E 147 104.97 2.04 -33.20
N ASP E 148 103.89 2.58 -32.68
CA ASP E 148 102.63 1.85 -32.61
C ASP E 148 101.98 1.84 -33.97
N ASN E 149 100.99 0.95 -34.14
CA ASN E 149 100.14 0.94 -35.33
C ASN E 149 100.97 0.58 -36.57
N ILE E 150 101.68 -0.55 -36.47
CA ILE E 150 102.44 -1.03 -37.61
C ILE E 150 101.48 -1.69 -38.59
N GLY E 151 101.69 -1.45 -39.88
CA GLY E 151 100.67 -1.78 -40.85
C GLY E 151 99.42 -0.98 -40.57
N ASN E 152 98.28 -1.66 -40.62
CA ASN E 152 96.95 -1.05 -40.48
C ASN E 152 96.82 0.20 -41.34
N ILE E 153 96.83 -0.02 -42.66
CA ILE E 153 96.90 1.12 -43.56
C ILE E 153 95.51 1.73 -43.77
N PHE E 154 94.47 0.90 -43.94
CA PHE E 154 93.13 1.42 -44.17
C PHE E 154 92.09 0.41 -43.70
N THR E 155 90.89 0.92 -43.48
CA THR E 155 89.75 0.16 -43.01
C THR E 155 88.71 0.08 -44.12
N ILE E 156 88.22 -1.14 -44.38
CA ILE E 156 87.19 -1.37 -45.39
C ILE E 156 85.86 -1.54 -44.66
N LYS E 157 84.87 -0.74 -45.07
CA LYS E 157 83.58 -0.68 -44.36
C LYS E 157 82.46 -0.72 -45.39
N TYR E 158 81.33 -1.27 -44.96
CA TYR E 158 80.21 -1.60 -45.84
C TYR E 158 78.95 -1.00 -45.25
N LYS E 159 78.13 -0.40 -46.12
CA LYS E 159 76.93 0.33 -45.72
C LYS E 159 75.68 -0.18 -46.41
N GLY E 160 75.75 -1.33 -47.08
CA GLY E 160 74.60 -1.91 -47.73
C GLY E 160 73.87 -2.90 -46.84
N GLU E 161 72.82 -3.49 -47.40
CA GLU E 161 71.90 -4.37 -46.69
C GLU E 161 71.68 -5.66 -47.48
N GLU E 162 72.71 -6.10 -48.23
CA GLU E 162 72.66 -7.34 -49.00
C GLU E 162 73.08 -8.52 -48.11
N ALA E 163 73.13 -9.71 -48.71
CA ALA E 163 73.37 -10.93 -47.92
C ALA E 163 74.75 -10.92 -47.28
N ASN E 164 75.77 -10.51 -48.03
CA ASN E 164 77.14 -10.53 -47.53
C ASN E 164 77.98 -9.58 -48.36
N ALA E 165 79.15 -9.24 -47.84
CA ALA E 165 80.09 -8.34 -48.53
C ALA E 165 81.48 -8.66 -48.03
N THR E 166 82.38 -9.01 -48.95
CA THR E 166 83.73 -9.45 -48.61
C THR E 166 84.73 -8.81 -49.58
N PHE E 167 86.02 -8.91 -49.25
CA PHE E 167 87.07 -8.42 -50.15
C PHE E 167 88.17 -9.46 -50.18
N SER E 168 89.17 -9.24 -51.03
CA SER E 168 90.28 -10.19 -51.11
C SER E 168 91.48 -9.53 -51.78
N VAL E 169 92.65 -9.71 -51.18
CA VAL E 169 93.93 -9.27 -51.74
C VAL E 169 94.90 -10.44 -51.65
N GLU E 170 95.57 -10.75 -52.77
CA GLU E 170 96.51 -11.86 -52.84
C GLU E 170 97.77 -11.38 -53.53
N HIS E 171 98.87 -12.08 -53.24
CA HIS E 171 100.17 -11.75 -53.81
C HIS E 171 100.40 -12.46 -55.13
N ASP E 172 101.28 -11.90 -55.96
CA ASP E 172 101.82 -12.59 -57.12
C ASP E 172 103.15 -13.23 -56.72
N GLU E 173 103.20 -14.56 -56.73
CA GLU E 173 104.34 -15.27 -56.17
C GLU E 173 105.63 -14.99 -56.94
N GLU E 174 105.53 -14.71 -58.24
CA GLU E 174 106.72 -14.39 -59.03
C GLU E 174 107.41 -13.12 -58.53
N THR E 175 106.66 -12.16 -57.97
CA THR E 175 107.23 -10.89 -57.53
C THR E 175 106.75 -10.45 -56.14
N GLN E 176 105.92 -11.24 -55.47
CA GLN E 176 105.38 -10.90 -54.15
C GLN E 176 104.69 -9.54 -54.17
N LYS E 177 103.98 -9.25 -55.25
CA LYS E 177 103.23 -8.02 -55.42
C LYS E 177 101.73 -8.31 -55.38
N ALA E 178 100.95 -7.36 -54.89
CA ALA E 178 99.51 -7.59 -54.75
C ALA E 178 98.87 -7.71 -56.13
N SER E 179 98.45 -8.92 -56.49
CA SER E 179 97.92 -9.18 -57.83
C SER E 179 96.60 -8.43 -58.05
N ARG E 180 95.71 -8.44 -57.06
CA ARG E 180 94.38 -7.87 -57.22
C ARG E 180 93.92 -7.24 -55.92
N LEU E 181 92.82 -6.49 -56.02
CA LEU E 181 92.15 -5.89 -54.87
C LEU E 181 90.68 -5.78 -55.26
N VAL E 182 89.84 -6.58 -54.61
CA VAL E 182 88.50 -6.86 -55.10
C VAL E 182 87.51 -6.56 -53.99
N LEU E 183 86.40 -5.93 -54.34
CA LEU E 183 85.25 -5.76 -53.47
C LEU E 183 84.08 -6.56 -54.02
N LYS E 184 83.40 -7.30 -53.15
CA LYS E 184 82.33 -8.21 -53.55
C LYS E 184 81.10 -7.97 -52.69
N VAL E 185 79.94 -8.09 -53.32
CA VAL E 185 78.64 -8.15 -52.67
C VAL E 185 78.11 -9.56 -52.88
N GLY E 186 77.89 -10.30 -51.80
CA GLY E 186 77.66 -11.73 -51.93
C GLY E 186 78.85 -12.46 -52.52
N ASP E 187 78.71 -12.98 -53.75
CA ASP E 187 79.76 -13.76 -54.40
C ASP E 187 80.43 -13.05 -55.55
N GLN E 188 79.70 -12.20 -56.29
CA GLN E 188 80.24 -11.48 -57.43
C GLN E 188 80.96 -10.20 -56.98
N GLU E 189 81.64 -9.57 -57.94
CA GLU E 189 82.50 -8.43 -57.67
C GLU E 189 81.82 -7.12 -58.06
N VAL E 190 82.00 -6.10 -57.23
CA VAL E 190 81.58 -4.75 -57.60
C VAL E 190 82.60 -4.11 -58.53
N LYS E 191 83.81 -3.90 -58.04
CA LYS E 191 84.91 -3.42 -58.88
C LYS E 191 86.23 -3.93 -58.33
N SER E 192 87.09 -4.42 -59.22
CA SER E 192 88.40 -4.95 -58.86
C SER E 192 89.50 -4.04 -59.37
N TYR E 193 90.46 -3.72 -58.51
CA TYR E 193 91.63 -2.92 -58.84
C TYR E 193 92.83 -3.85 -58.93
N ASP E 194 93.21 -4.16 -60.16
CA ASP E 194 94.45 -4.89 -60.45
C ASP E 194 95.62 -3.97 -60.13
N LEU E 195 96.29 -4.19 -58.99
CA LEU E 195 97.34 -3.27 -58.55
C LEU E 195 98.65 -3.49 -59.28
N THR E 196 98.87 -4.68 -59.87
CA THR E 196 100.09 -4.91 -60.62
C THR E 196 100.17 -4.03 -61.87
N GLY E 197 99.05 -3.46 -62.31
CA GLY E 197 99.01 -2.60 -63.48
C GLY E 197 98.20 -1.35 -63.21
N GLY E 198 98.16 -0.49 -64.22
CA GLY E 198 97.43 0.77 -64.12
C GLY E 198 98.24 1.87 -63.47
N ALA E 199 97.52 2.91 -63.05
CA ALA E 199 98.10 4.05 -62.36
C ALA E 199 97.90 4.01 -60.84
N TYR E 200 97.28 2.95 -60.31
CA TYR E 200 97.07 2.81 -58.86
C TYR E 200 98.33 2.22 -58.23
N ASP E 201 99.41 3.02 -58.27
CA ASP E 201 100.66 2.58 -57.69
C ASP E 201 100.64 2.68 -56.16
N TYR E 202 99.92 3.65 -55.60
CA TYR E 202 99.88 3.87 -54.16
C TYR E 202 98.46 3.68 -53.62
N THR E 203 98.38 3.39 -52.32
CA THR E 203 97.09 3.07 -51.70
C THR E 203 96.12 4.25 -51.78
N ASN E 204 96.61 5.47 -51.89
CA ASN E 204 95.71 6.62 -51.89
C ASN E 204 94.96 6.73 -53.20
N ALA E 205 95.61 6.40 -54.31
CA ALA E 205 94.89 6.29 -55.57
C ALA E 205 93.79 5.24 -55.48
N ILE E 206 93.98 4.21 -54.66
CA ILE E 206 93.00 3.14 -54.57
C ILE E 206 91.79 3.57 -53.74
N ILE E 207 92.06 4.21 -52.60
CA ILE E 207 91.01 4.58 -51.67
C ILE E 207 90.19 5.74 -52.21
N THR E 208 90.80 6.60 -53.03
CA THR E 208 90.08 7.75 -53.55
C THR E 208 89.00 7.32 -54.54
N ASP E 209 89.21 6.19 -55.21
CA ASP E 209 88.22 5.61 -56.12
C ASP E 209 87.31 4.58 -55.45
N ILE E 210 87.76 3.92 -54.39
CA ILE E 210 86.89 2.97 -53.71
C ILE E 210 85.79 3.71 -52.95
N ASN E 211 86.11 4.87 -52.39
CA ASN E 211 85.12 5.62 -51.63
C ASN E 211 83.99 6.14 -52.52
N GLN E 212 84.22 6.25 -53.83
CA GLN E 212 83.19 6.71 -54.75
C GLN E 212 82.14 5.65 -55.06
N LEU E 213 82.29 4.43 -54.54
CA LEU E 213 81.32 3.41 -54.84
C LEU E 213 80.07 3.67 -54.00
N PRO E 214 78.90 3.25 -54.47
CA PRO E 214 77.65 3.70 -53.82
C PRO E 214 77.51 3.21 -52.38
N ASP E 215 78.04 2.02 -52.07
CA ASP E 215 77.79 1.34 -50.80
C ASP E 215 79.06 0.67 -50.28
N PHE E 216 80.22 1.30 -50.47
CA PHE E 216 81.49 0.76 -49.96
C PHE E 216 82.39 1.94 -49.63
N GLU E 217 83.25 1.71 -48.63
CA GLU E 217 84.23 2.68 -48.19
C GLU E 217 85.53 1.98 -47.83
N ALA E 218 86.66 2.61 -48.15
CA ALA E 218 87.99 2.10 -47.82
C ALA E 218 88.78 3.18 -47.09
N LYS E 219 88.20 3.63 -45.98
CA LYS E 219 88.76 4.74 -45.20
C LYS E 219 90.19 4.47 -44.75
N LEU E 220 91.11 5.35 -45.15
CA LEU E 220 92.48 5.30 -44.65
C LEU E 220 92.51 5.35 -43.13
N SER E 221 93.45 4.62 -42.56
CA SER E 221 93.42 4.36 -41.12
C SER E 221 93.58 5.68 -40.35
N PRO E 222 92.89 5.84 -39.21
CA PRO E 222 93.10 7.04 -38.39
C PRO E 222 94.52 7.23 -37.89
N PHE E 223 95.36 6.20 -37.93
CA PHE E 223 96.71 6.29 -37.39
C PHE E 223 97.67 6.88 -38.44
N GLY E 224 97.39 8.12 -38.81
CA GLY E 224 98.21 8.82 -39.77
C GLY E 224 97.93 8.40 -41.19
N ASP E 225 98.41 9.22 -42.13
CA ASP E 225 98.31 8.94 -43.56
C ASP E 225 99.58 8.20 -43.96
N LYS E 226 99.51 6.87 -43.95
CA LYS E 226 100.70 6.08 -44.22
C LYS E 226 101.09 6.17 -45.70
N ASN E 227 100.12 5.97 -46.58
CA ASN E 227 100.29 6.10 -48.04
C ASN E 227 101.39 5.16 -48.54
N LEU E 228 101.08 3.88 -48.48
CA LEU E 228 102.01 2.84 -48.87
C LEU E 228 101.77 2.41 -50.31
N GLU E 229 102.77 1.74 -50.88
CA GLU E 229 102.67 1.22 -52.23
C GLU E 229 101.51 0.24 -52.35
N SER E 230 100.85 0.27 -53.51
CA SER E 230 99.73 -0.62 -53.76
C SER E 230 100.18 -2.08 -53.86
N SER E 231 101.37 -2.31 -54.41
CA SER E 231 101.82 -3.68 -54.65
C SER E 231 102.25 -4.40 -53.38
N LYS E 232 102.50 -3.68 -52.29
CA LYS E 232 103.03 -4.27 -51.07
C LYS E 232 101.94 -4.65 -50.06
N LEU E 233 100.67 -4.67 -50.47
CA LEU E 233 99.61 -5.02 -49.55
C LEU E 233 99.66 -6.50 -49.21
N ASP E 234 99.31 -6.84 -47.97
CA ASP E 234 99.42 -8.21 -47.50
C ASP E 234 98.25 -9.04 -48.00
N LYS E 235 98.29 -10.34 -47.68
CA LYS E 235 97.38 -11.34 -48.22
C LYS E 235 96.26 -11.58 -47.21
N ILE E 236 95.10 -10.98 -47.50
CA ILE E 236 93.89 -11.14 -46.70
C ILE E 236 92.73 -11.43 -47.66
N GLU E 237 91.98 -12.49 -47.36
CA GLU E 237 90.84 -12.90 -48.15
C GLU E 237 89.69 -13.33 -47.25
N ASN E 238 88.47 -13.13 -47.73
CA ASN E 238 87.26 -13.65 -47.10
C ASN E 238 87.13 -13.17 -45.65
N ALA E 239 86.88 -11.87 -45.54
CA ALA E 239 86.63 -11.20 -44.26
C ALA E 239 85.38 -10.36 -44.37
N ASN E 240 84.56 -10.41 -43.32
CA ASN E 240 83.27 -9.74 -43.33
C ASN E 240 83.46 -8.23 -43.24
N ILE E 241 82.99 -7.52 -44.26
CA ILE E 241 82.96 -6.05 -44.22
C ILE E 241 81.69 -5.58 -43.51
N LYS E 242 80.58 -6.31 -43.68
CA LYS E 242 79.29 -5.84 -43.17
C LYS E 242 79.24 -5.89 -41.65
N ASP E 243 80.07 -6.73 -41.04
CA ASP E 243 80.15 -6.92 -39.59
C ASP E 243 81.32 -6.20 -38.96
N LYS E 244 82.42 -6.04 -39.69
CA LYS E 244 83.66 -5.50 -39.14
C LYS E 244 84.29 -4.51 -40.12
N ALA E 245 85.01 -3.55 -39.56
CA ALA E 245 85.86 -2.62 -40.31
C ALA E 245 87.22 -3.27 -40.47
N VAL E 246 87.29 -4.19 -41.44
CA VAL E 246 88.46 -5.05 -41.59
C VAL E 246 89.68 -4.23 -41.98
N TYR E 247 90.83 -4.61 -41.46
CA TYR E 247 92.09 -3.91 -41.66
C TYR E 247 92.95 -4.67 -42.66
N VAL E 248 93.33 -4.01 -43.73
CA VAL E 248 94.44 -4.45 -44.58
C VAL E 248 95.71 -3.81 -44.02
N LYS E 249 96.75 -4.61 -43.82
CA LYS E 249 97.84 -4.25 -42.93
C LYS E 249 99.09 -3.86 -43.70
N ALA E 250 99.77 -4.80 -44.36
CA ALA E 250 101.02 -4.53 -45.06
C ALA E 250 102.08 -4.06 -44.06
N VAL E 251 102.46 -5.00 -43.19
CA VAL E 251 103.31 -4.65 -42.06
C VAL E 251 104.71 -4.26 -42.51
N PHE E 252 105.28 -4.98 -43.48
CA PHE E 252 106.65 -4.70 -43.86
C PHE E 252 106.76 -3.39 -44.63
N GLY E 253 105.85 -3.14 -45.58
CA GLY E 253 105.90 -1.88 -46.28
C GLY E 253 105.61 -0.70 -45.37
N ASP E 254 104.77 -0.91 -44.36
CA ASP E 254 104.45 0.18 -43.44
C ASP E 254 105.60 0.48 -42.49
N LEU E 255 106.45 -0.51 -42.21
CA LEU E 255 107.60 -0.27 -41.35
C LEU E 255 108.57 0.74 -41.96
N GLU E 256 108.53 0.94 -43.28
CA GLU E 256 109.29 2.03 -43.88
C GLU E 256 108.73 3.38 -43.45
N LYS E 257 107.40 3.48 -43.33
CA LYS E 257 106.78 4.71 -42.88
C LYS E 257 107.02 4.93 -41.40
N GLN E 258 107.04 3.84 -40.63
CA GLN E 258 107.30 3.94 -39.19
C GLN E 258 108.72 4.41 -38.92
N THR E 259 109.70 3.81 -39.59
CA THR E 259 111.11 4.15 -39.47
C THR E 259 111.55 5.08 -40.60
N ALA E 260 110.67 6.01 -41.02
CA ALA E 260 111.01 6.89 -42.14
C ALA E 260 112.16 7.82 -41.79
N TYR E 261 112.12 8.44 -40.62
CA TYR E 261 113.02 9.53 -40.25
C TYR E 261 113.67 9.32 -38.89
N ASN E 262 112.92 8.83 -37.90
CA ASN E 262 113.44 8.58 -36.57
C ASN E 262 113.75 7.10 -36.43
N GLY E 263 115.01 6.79 -36.09
CA GLY E 263 115.35 5.41 -35.82
C GLY E 263 116.83 5.10 -36.00
N ILE E 264 117.43 4.50 -34.97
CA ILE E 264 118.85 4.18 -35.06
C ILE E 264 119.08 2.94 -35.91
N VAL E 265 118.12 2.02 -35.93
CA VAL E 265 118.28 0.69 -36.51
C VAL E 265 117.46 0.59 -37.79
N SER E 266 118.09 0.10 -38.86
CA SER E 266 117.41 -0.18 -40.12
C SER E 266 116.86 -1.61 -40.12
N PHE E 267 115.88 -1.86 -40.99
CA PHE E 267 115.22 -3.16 -41.09
C PHE E 267 115.13 -3.59 -42.55
N GLU E 268 115.14 -4.91 -42.74
CA GLU E 268 114.94 -5.51 -44.06
C GLU E 268 114.29 -6.88 -43.88
N GLN E 269 113.66 -7.35 -44.95
CA GLN E 269 112.99 -8.65 -44.98
C GLN E 269 113.66 -9.52 -46.03
N LEU E 270 113.99 -10.76 -45.65
CA LEU E 270 114.76 -11.66 -46.51
C LEU E 270 113.95 -12.00 -47.78
N LYS E 298 108.41 -15.05 -46.90
CA LYS E 298 108.75 -14.92 -45.49
C LYS E 298 107.70 -14.09 -44.76
N THR E 299 107.68 -14.18 -43.44
CA THR E 299 106.67 -13.50 -42.64
C THR E 299 107.35 -12.90 -41.41
N ILE E 300 106.82 -11.78 -40.95
CA ILE E 300 107.37 -11.09 -39.77
C ILE E 300 106.54 -11.53 -38.57
N GLU E 301 107.19 -11.61 -37.41
CA GLU E 301 106.56 -12.04 -36.18
C GLU E 301 107.02 -11.15 -35.03
N PRO E 302 106.20 -10.97 -34.00
CA PRO E 302 106.70 -10.31 -32.79
C PRO E 302 107.75 -11.15 -32.10
N PHE E 303 108.53 -10.48 -31.25
CA PHE E 303 109.60 -11.14 -30.54
C PHE E 303 110.01 -10.27 -29.35
N GLU E 304 110.87 -10.84 -28.51
CA GLU E 304 111.25 -10.17 -27.27
C GLU E 304 112.14 -8.96 -27.53
N LEU E 305 112.27 -8.11 -26.52
CA LEU E 305 113.12 -6.92 -26.59
C LEU E 305 114.57 -7.38 -26.55
N THR E 306 115.08 -7.78 -27.71
CA THR E 306 116.38 -8.44 -27.80
C THR E 306 117.45 -7.44 -28.20
N LYS E 307 118.63 -7.59 -27.61
CA LYS E 307 119.77 -6.76 -27.95
C LYS E 307 120.47 -7.31 -29.19
N LEU E 308 121.15 -6.42 -29.91
CA LEU E 308 121.84 -6.78 -31.13
C LEU E 308 123.11 -7.56 -30.82
N LYS E 309 123.73 -8.10 -31.87
CA LYS E 309 124.98 -8.84 -31.74
C LYS E 309 125.82 -8.58 -32.99
N GLY E 310 127.07 -9.06 -32.94
CA GLY E 310 127.98 -8.92 -34.05
C GLY E 310 128.74 -7.62 -34.09
N GLY E 311 128.42 -6.66 -33.23
CA GLY E 311 129.11 -5.38 -33.24
C GLY E 311 130.56 -5.56 -32.81
N THR E 312 131.51 -5.16 -33.65
CA THR E 312 132.93 -5.40 -33.44
C THR E 312 133.69 -4.12 -33.73
N ASN E 313 134.54 -3.71 -32.81
CA ASN E 313 135.41 -2.57 -33.05
C ASN E 313 136.55 -2.95 -33.99
N GLY E 314 137.07 -4.17 -33.84
CA GLY E 314 138.15 -4.62 -34.69
C GLY E 314 139.52 -4.20 -34.20
N GLU E 315 140.53 -4.98 -34.53
CA GLU E 315 141.88 -4.64 -34.15
C GLU E 315 142.35 -3.44 -34.99
N PRO E 316 143.40 -2.75 -34.58
CA PRO E 316 143.87 -1.62 -35.40
C PRO E 316 144.80 -2.12 -36.50
N PRO E 317 144.87 -1.42 -37.64
CA PRO E 317 145.74 -1.90 -38.71
C PRO E 317 147.20 -1.79 -38.32
N ALA E 318 148.01 -2.70 -38.86
CA ALA E 318 149.44 -2.63 -38.57
C ALA E 318 150.09 -1.52 -39.38
N THR E 319 149.68 -1.36 -40.64
CA THR E 319 150.22 -0.35 -41.55
C THR E 319 149.11 0.58 -42.01
N TRP E 320 149.37 1.89 -42.01
CA TRP E 320 148.34 2.87 -42.34
C TRP E 320 148.42 3.34 -43.79
N ALA E 321 149.05 2.57 -44.67
CA ALA E 321 149.23 3.04 -46.05
C ALA E 321 147.89 3.17 -46.76
N ASP E 322 147.05 2.14 -46.67
CA ASP E 322 145.72 2.20 -47.26
C ASP E 322 144.86 3.27 -46.61
N LYS E 323 145.00 3.45 -45.29
CA LYS E 323 144.30 4.54 -44.62
C LYS E 323 144.81 5.90 -45.10
N LEU E 324 146.12 6.04 -45.26
CA LEU E 324 146.70 7.33 -45.59
C LEU E 324 146.35 7.79 -47.00
N ASP E 325 146.14 6.84 -47.92
CA ASP E 325 145.90 7.18 -49.32
C ASP E 325 144.65 8.02 -49.49
N LYS E 326 143.63 7.81 -48.63
CA LYS E 326 142.38 8.57 -48.71
C LYS E 326 142.59 10.07 -48.61
N PHE E 327 143.69 10.53 -48.00
CA PHE E 327 144.04 11.93 -47.94
C PHE E 327 144.91 12.36 -49.12
N ALA E 328 144.83 11.67 -50.26
CA ALA E 328 145.67 12.02 -51.40
C ALA E 328 145.31 13.39 -51.95
N HIS E 329 144.01 13.65 -52.12
CA HIS E 329 143.50 14.83 -52.81
C HIS E 329 142.47 15.54 -51.96
N GLU E 330 142.71 15.62 -50.64
CA GLU E 330 141.78 16.29 -49.73
C GLU E 330 142.17 17.75 -49.47
N GLY E 331 143.33 18.19 -49.95
CA GLY E 331 143.78 19.55 -49.79
C GLY E 331 144.45 19.88 -48.48
N GLY E 332 144.71 18.89 -47.63
CA GLY E 332 145.32 19.16 -46.34
C GLY E 332 146.82 19.39 -46.44
N TYR E 333 147.34 20.19 -45.49
CA TYR E 333 148.76 20.54 -45.47
C TYR E 333 149.47 19.91 -44.27
N TYR E 334 148.98 20.15 -43.05
CA TYR E 334 149.54 19.58 -41.85
C TYR E 334 148.75 18.33 -41.46
N ILE E 335 149.45 17.20 -41.33
CA ILE E 335 148.84 15.95 -40.87
C ILE E 335 149.70 15.39 -39.74
N VAL E 336 149.03 14.86 -38.72
CA VAL E 336 149.69 14.31 -37.53
C VAL E 336 149.04 12.96 -37.24
N PRO E 337 149.76 11.84 -37.30
CA PRO E 337 149.13 10.56 -36.91
C PRO E 337 149.07 10.45 -35.39
N LEU E 338 148.00 9.84 -34.88
CA LEU E 338 147.85 9.62 -33.45
C LEU E 338 148.43 8.26 -33.09
N SER E 339 149.76 8.18 -33.19
CA SER E 339 150.46 6.94 -32.93
C SER E 339 151.92 7.27 -32.62
N SER E 340 152.49 6.50 -31.70
CA SER E 340 153.89 6.61 -31.33
C SER E 340 154.80 5.67 -32.13
N LYS E 341 154.28 5.01 -33.16
CA LYS E 341 155.04 4.00 -33.87
C LYS E 341 155.91 4.62 -34.95
N GLN E 342 157.17 4.20 -34.99
CA GLN E 342 158.16 4.71 -35.94
C GLN E 342 157.79 4.27 -37.35
N SER E 343 157.14 3.10 -37.48
CA SER E 343 156.70 2.63 -38.79
C SER E 343 155.64 3.56 -39.37
N VAL E 344 154.68 3.97 -38.55
CA VAL E 344 153.67 4.92 -39.02
C VAL E 344 154.36 6.22 -39.43
N HIS E 345 155.29 6.70 -38.60
CA HIS E 345 156.04 7.91 -38.91
C HIS E 345 156.73 7.83 -40.27
N ALA E 346 157.34 6.69 -40.58
CA ALA E 346 157.99 6.52 -41.88
C ALA E 346 156.97 6.47 -43.01
N GLU E 347 155.80 5.90 -42.74
CA GLU E 347 154.73 5.82 -43.72
C GLU E 347 154.19 7.20 -44.05
N VAL E 348 153.96 8.01 -43.01
CA VAL E 348 153.49 9.37 -43.21
C VAL E 348 154.54 10.19 -43.94
N ALA E 349 155.82 10.01 -43.58
CA ALA E 349 156.90 10.72 -44.27
C ALA E 349 156.92 10.39 -45.75
N SER E 350 156.76 9.10 -46.08
CA SER E 350 156.68 8.72 -47.48
C SER E 350 155.45 9.34 -48.15
N PHE E 351 154.33 9.36 -47.44
CA PHE E 351 153.09 9.90 -47.99
C PHE E 351 153.22 11.38 -48.30
N VAL E 352 153.74 12.16 -47.35
CA VAL E 352 153.87 13.60 -47.56
C VAL E 352 154.90 13.90 -48.64
N LYS E 353 155.91 13.05 -48.80
CA LYS E 353 156.87 13.28 -49.87
C LYS E 353 156.23 13.01 -51.22
N GLU E 354 155.46 11.92 -51.31
CA GLU E 354 154.75 11.61 -52.55
C GLU E 354 153.77 12.71 -52.93
N ARG E 355 153.01 13.23 -51.95
CA ARG E 355 152.06 14.28 -52.28
C ARG E 355 152.78 15.56 -52.67
N SER E 356 153.94 15.83 -52.08
CA SER E 356 154.72 16.99 -52.49
C SER E 356 155.29 16.81 -53.90
N ASP E 357 155.60 15.57 -54.27
CA ASP E 357 156.05 15.28 -55.62
C ASP E 357 154.91 15.44 -56.64
N ALA E 358 153.66 15.24 -56.21
CA ALA E 358 152.51 15.36 -57.09
C ALA E 358 151.94 16.78 -57.15
N GLY E 359 152.65 17.76 -56.59
CA GLY E 359 152.23 19.14 -56.60
C GLY E 359 151.37 19.56 -55.42
N GLU E 360 151.29 18.74 -54.37
CA GLU E 360 150.43 18.98 -53.20
C GLU E 360 151.34 18.88 -51.98
N PRO E 361 152.02 19.98 -51.63
CA PRO E 361 153.01 19.90 -50.55
C PRO E 361 152.34 19.71 -49.19
N MET E 362 152.93 18.86 -48.37
CA MET E 362 152.41 18.54 -47.05
C MET E 362 153.57 18.41 -46.07
N ARG E 363 153.25 18.59 -44.79
CA ARG E 363 154.24 18.47 -43.71
C ARG E 363 153.60 17.73 -42.54
N ALA E 364 154.45 17.06 -41.77
CA ALA E 364 154.03 16.18 -40.69
C ALA E 364 154.78 16.52 -39.43
N ILE E 365 154.12 16.30 -38.30
CA ILE E 365 154.70 16.43 -36.97
C ILE E 365 154.42 15.13 -36.24
N VAL E 366 155.44 14.56 -35.61
CA VAL E 366 155.36 13.24 -34.98
C VAL E 366 155.90 13.28 -33.56
N GLY E 367 155.50 12.27 -32.78
CA GLY E 367 155.98 12.10 -31.43
C GLY E 367 155.54 10.77 -30.88
N GLY E 368 156.11 10.40 -29.72
CA GLY E 368 155.53 9.26 -29.04
C GLY E 368 156.12 9.09 -27.66
N GLY E 369 155.72 7.99 -27.01
CA GLY E 369 156.27 7.62 -25.72
C GLY E 369 155.97 8.62 -24.62
N PHE E 370 156.21 8.19 -23.38
CA PHE E 370 156.11 9.04 -22.19
C PHE E 370 157.49 9.16 -21.58
N ASN E 371 158.02 10.39 -21.55
CA ASN E 371 159.31 10.67 -20.91
C ASN E 371 160.42 9.91 -21.63
N GLU E 372 160.53 10.20 -22.93
CA GLU E 372 161.50 9.52 -23.78
C GLU E 372 162.85 10.20 -23.60
N SER E 373 163.90 9.40 -23.38
CA SER E 373 165.20 9.98 -23.12
C SER E 373 165.72 10.67 -24.39
N LYS E 374 166.81 11.42 -24.24
CA LYS E 374 167.32 12.16 -25.38
C LYS E 374 167.91 11.21 -26.43
N GLU E 375 168.41 10.05 -26.00
CA GLU E 375 168.96 9.09 -26.94
C GLU E 375 167.90 8.62 -27.92
N GLN E 376 166.70 8.30 -27.42
CA GLN E 376 165.62 7.86 -28.30
C GLN E 376 165.25 8.94 -29.30
N LEU E 377 165.21 10.19 -28.85
CA LEU E 377 164.87 11.31 -29.74
C LEU E 377 165.93 11.47 -30.83
N PHE E 378 167.21 11.37 -30.47
CA PHE E 378 168.25 11.46 -31.48
C PHE E 378 168.18 10.30 -32.46
N GLY E 379 167.86 9.10 -31.97
CA GLY E 379 167.70 7.96 -32.87
C GLY E 379 166.55 8.15 -33.83
N ARG E 380 165.43 8.67 -33.33
CA ARG E 380 164.28 8.94 -34.18
C ARG E 380 164.57 10.05 -35.19
N GLN E 381 165.35 11.06 -34.79
CA GLN E 381 165.68 12.13 -35.72
C GLN E 381 166.63 11.64 -36.80
N ALA E 382 167.58 10.78 -36.42
CA ALA E 382 168.50 10.21 -37.40
C ALA E 382 167.79 9.24 -38.34
N SER E 383 166.78 8.53 -37.84
CA SER E 383 166.04 7.59 -38.70
C SER E 383 165.20 8.33 -39.73
N LEU E 384 164.59 9.45 -39.33
CA LEU E 384 163.74 10.21 -40.25
C LEU E 384 164.58 11.09 -41.17
N SER E 385 165.33 12.01 -40.60
CA SER E 385 166.14 13.01 -41.30
C SER E 385 165.44 13.58 -42.54
N ASN E 386 164.19 14.02 -42.35
CA ASN E 386 163.36 14.56 -43.42
C ASN E 386 163.10 16.04 -43.19
N PRO E 387 163.24 16.92 -44.19
CA PRO E 387 162.82 18.32 -43.97
C PRO E 387 161.34 18.44 -43.61
N ARG E 388 160.48 17.72 -44.30
CA ARG E 388 159.04 17.83 -44.11
C ARG E 388 158.51 17.02 -42.91
N VAL E 389 159.35 16.71 -41.92
CA VAL E 389 158.95 16.01 -40.71
C VAL E 389 159.58 16.71 -39.52
N SER E 390 158.80 16.93 -38.47
CA SER E 390 159.20 17.56 -37.22
C SER E 390 158.93 16.63 -36.04
N LEU E 391 159.89 16.56 -35.12
CA LEU E 391 159.83 15.68 -33.96
C LEU E 391 159.54 16.51 -32.71
N VAL E 392 158.67 15.98 -31.84
CA VAL E 392 158.31 16.63 -30.57
C VAL E 392 158.82 15.76 -29.43
N ALA E 393 159.51 16.40 -28.48
CA ALA E 393 160.16 15.69 -27.37
C ALA E 393 159.35 15.67 -26.09
N ASN E 394 158.70 16.78 -25.73
CA ASN E 394 158.02 16.85 -24.44
C ASN E 394 156.62 16.26 -24.51
N SER E 395 156.23 15.61 -23.42
CA SER E 395 154.87 15.14 -23.20
C SER E 395 154.40 15.62 -21.84
N GLY E 396 153.13 15.94 -21.73
CA GLY E 396 152.58 16.49 -20.52
C GLY E 396 151.08 16.32 -20.43
N THR E 397 150.43 17.32 -19.82
CA THR E 397 149.03 17.22 -19.40
C THR E 397 148.25 18.42 -19.93
N PHE E 398 146.97 18.17 -20.22
CA PHE E 398 146.06 19.16 -20.76
C PHE E 398 144.74 19.14 -20.00
N VAL E 399 144.17 20.31 -19.75
CA VAL E 399 142.90 20.44 -19.05
C VAL E 399 141.81 20.51 -20.12
N MET E 400 141.08 19.42 -20.29
CA MET E 400 139.98 19.40 -21.24
C MET E 400 138.84 20.29 -20.75
N ASP E 401 137.96 20.66 -21.70
CA ASP E 401 136.77 21.40 -21.32
C ASP E 401 135.82 20.57 -20.45
N ASP E 402 135.85 19.24 -20.60
CA ASP E 402 135.03 18.38 -19.76
C ASP E 402 135.53 18.30 -18.32
N GLY E 403 136.74 18.80 -18.03
CA GLY E 403 137.32 18.76 -16.72
C GLY E 403 138.35 17.67 -16.49
N ARG E 404 138.68 16.89 -17.52
CA ARG E 404 139.63 15.80 -17.37
C ARG E 404 141.05 16.36 -17.42
N LYS E 405 141.87 15.99 -16.44
CA LYS E 405 143.29 16.33 -16.43
C LYS E 405 144.06 15.26 -17.21
N ASN E 406 143.85 15.26 -18.52
CA ASN E 406 144.33 14.18 -19.39
C ASN E 406 145.84 14.22 -19.53
N HIS E 407 146.51 13.22 -18.96
CA HIS E 407 147.94 13.02 -19.19
C HIS E 407 148.11 12.22 -20.47
N VAL E 408 148.82 12.80 -21.43
CA VAL E 408 148.84 12.30 -22.80
C VAL E 408 150.30 12.09 -23.22
N PRO E 409 150.53 11.25 -24.25
CA PRO E 409 151.91 11.08 -24.73
C PRO E 409 152.38 12.32 -25.50
N ALA E 410 153.41 12.19 -26.34
CA ALA E 410 153.99 13.35 -27.03
C ALA E 410 153.32 13.65 -28.37
N TYR E 411 152.68 12.67 -28.99
CA TYR E 411 152.05 12.98 -30.28
C TYR E 411 150.81 13.85 -30.11
N MET E 412 150.16 13.80 -28.94
CA MET E 412 149.05 14.72 -28.68
C MET E 412 149.55 16.16 -28.62
N VAL E 413 150.74 16.36 -28.07
CA VAL E 413 151.39 17.66 -28.11
C VAL E 413 151.73 18.03 -29.55
N ALA E 414 152.15 17.05 -30.36
CA ALA E 414 152.41 17.33 -31.77
C ALA E 414 151.13 17.68 -32.52
N VAL E 415 149.99 17.10 -32.11
CA VAL E 415 148.71 17.55 -32.65
C VAL E 415 148.50 19.02 -32.29
N ALA E 416 148.70 19.36 -31.02
CA ALA E 416 148.50 20.75 -30.58
C ALA E 416 149.41 21.70 -31.33
N LEU E 417 150.68 21.32 -31.53
CA LEU E 417 151.59 22.19 -32.27
C LEU E 417 151.15 22.34 -33.72
N GLY E 418 150.69 21.24 -34.32
CA GLY E 418 150.18 21.33 -35.69
C GLY E 418 148.97 22.25 -35.79
N GLY E 419 148.03 22.12 -34.85
CA GLY E 419 146.87 22.98 -34.85
C GLY E 419 147.22 24.45 -34.67
N LEU E 420 148.27 24.74 -33.90
CA LEU E 420 148.71 26.11 -33.73
C LEU E 420 149.42 26.61 -34.99
N ALA E 421 150.18 25.75 -35.64
CA ALA E 421 150.87 26.15 -36.86
C ALA E 421 149.88 26.48 -37.96
N SER E 422 148.93 25.58 -38.19
CA SER E 422 147.83 25.78 -39.14
C SER E 422 147.01 27.01 -38.79
N GLY E 423 146.86 27.33 -37.51
CA GLY E 423 146.17 28.56 -37.15
C GLY E 423 146.90 29.82 -37.56
N LEU E 424 148.23 29.76 -37.61
CA LEU E 424 149.03 30.93 -37.93
C LEU E 424 148.90 31.30 -39.42
N GLU E 425 149.25 32.55 -39.72
CA GLU E 425 149.25 33.03 -41.10
C GLU E 425 150.35 32.33 -41.89
N ILE E 426 150.21 32.37 -43.23
CA ILE E 426 151.22 31.78 -44.12
C ILE E 426 152.56 32.46 -43.87
N GLY E 427 153.56 31.64 -43.49
CA GLY E 427 154.92 32.08 -43.26
C GLY E 427 155.18 32.69 -41.89
N GLU E 428 154.17 32.77 -41.01
CA GLU E 428 154.41 33.13 -39.62
C GLU E 428 154.95 31.92 -38.85
N SER E 429 155.80 32.19 -37.86
CA SER E 429 156.53 31.16 -37.14
C SER E 429 155.82 30.76 -35.84
N ILE E 430 156.00 29.50 -35.43
CA ILE E 430 155.51 29.07 -34.12
C ILE E 430 156.53 29.32 -33.01
N THR E 431 157.56 30.13 -33.27
CA THR E 431 158.57 30.47 -32.26
C THR E 431 157.95 31.31 -31.15
N PHE E 432 158.28 30.95 -29.90
CA PHE E 432 157.91 31.72 -28.71
C PHE E 432 156.40 31.94 -28.60
N LYS E 433 155.58 31.08 -29.22
CA LYS E 433 154.13 31.21 -29.08
C LYS E 433 153.65 30.47 -27.83
N PRO E 434 152.59 30.93 -27.16
CA PRO E 434 152.10 30.20 -25.99
C PRO E 434 151.37 28.93 -26.40
N LEU E 435 151.47 27.92 -25.54
CA LEU E 435 150.88 26.60 -25.79
C LEU E 435 149.76 26.23 -24.82
N ARG E 436 149.73 26.81 -23.62
CA ARG E 436 148.68 26.57 -22.64
C ARG E 436 148.67 25.13 -22.13
N VAL E 437 149.83 24.47 -22.16
CA VAL E 437 149.95 23.14 -21.55
C VAL E 437 149.97 23.30 -20.03
N SER E 438 149.20 22.45 -19.35
CA SER E 438 149.10 22.53 -17.89
C SER E 438 150.44 22.22 -17.23
N SER E 439 151.05 21.09 -17.61
CA SER E 439 152.31 20.67 -17.02
C SER E 439 153.03 19.77 -18.02
N LEU E 440 154.29 19.45 -17.73
CA LEU E 440 155.13 18.62 -18.57
C LEU E 440 155.84 17.57 -17.73
N ASP E 441 156.18 16.45 -18.36
CA ASP E 441 156.86 15.40 -17.62
C ASP E 441 158.33 15.72 -17.34
N GLN E 442 158.91 16.71 -18.03
CA GLN E 442 160.28 17.13 -17.76
C GLN E 442 160.42 18.63 -17.91
N ILE E 443 161.46 19.16 -17.27
CA ILE E 443 161.81 20.58 -17.36
C ILE E 443 163.27 20.65 -17.80
N TYR E 444 163.49 20.74 -19.11
CA TYR E 444 164.84 20.73 -19.66
C TYR E 444 165.57 22.05 -19.41
N GLU E 445 166.86 21.94 -19.11
CA GLU E 445 167.72 23.07 -18.79
C GLU E 445 168.21 23.75 -20.07
N SER E 446 168.86 24.91 -19.90
CA SER E 446 169.33 25.70 -21.05
C SER E 446 170.35 24.94 -21.88
N ILE E 447 171.07 23.98 -21.29
CA ILE E 447 171.99 23.15 -22.08
C ILE E 447 171.21 22.06 -22.80
N ASP E 448 170.22 21.46 -22.14
CA ASP E 448 169.44 20.39 -22.78
C ASP E 448 168.63 20.94 -23.94
N LEU E 449 168.08 22.14 -23.81
CA LEU E 449 167.36 22.76 -24.91
C LEU E 449 168.30 23.07 -26.07
N ASP E 450 169.51 23.55 -25.77
CA ASP E 450 170.49 23.82 -26.82
C ASP E 450 170.94 22.55 -27.52
N GLU E 451 170.98 21.43 -26.79
CA GLU E 451 171.31 20.17 -27.43
C GLU E 451 170.18 19.71 -28.34
N LEU E 452 168.94 19.80 -27.84
CA LEU E 452 167.79 19.35 -28.61
C LEU E 452 167.62 20.17 -29.89
N ASN E 453 167.82 21.49 -29.79
CA ASN E 453 167.67 22.34 -30.98
C ASN E 453 168.82 22.10 -31.97
N GLU E 454 170.02 21.85 -31.47
CA GLU E 454 171.14 21.56 -32.36
C GLU E 454 170.97 20.21 -33.05
N ASN E 455 170.18 19.32 -32.48
CA ASN E 455 169.83 18.05 -33.09
C ASN E 455 168.53 18.11 -33.90
N GLY E 456 167.98 19.31 -34.13
CA GLY E 456 166.75 19.45 -34.88
C GLY E 456 165.53 18.85 -34.21
N ILE E 457 165.36 19.11 -32.91
CA ILE E 457 164.26 18.56 -32.12
C ILE E 457 163.51 19.73 -31.49
N ILE E 458 162.18 19.73 -31.64
CA ILE E 458 161.37 20.78 -31.01
C ILE E 458 161.20 20.45 -29.53
N SER E 459 161.21 21.49 -28.70
CA SER E 459 161.16 21.35 -27.25
C SER E 459 160.40 22.55 -26.68
N ILE E 460 159.90 22.38 -25.45
CA ILE E 460 159.14 23.40 -24.74
C ILE E 460 159.84 23.65 -23.41
N GLU E 461 160.04 24.92 -23.10
CA GLU E 461 160.79 25.33 -21.92
C GLU E 461 159.83 25.97 -20.93
N PHE E 462 159.94 25.57 -19.66
CA PHE E 462 159.16 26.23 -18.62
C PHE E 462 159.53 27.70 -18.51
N VAL E 463 158.52 28.52 -18.27
CA VAL E 463 158.72 29.96 -18.11
C VAL E 463 157.70 30.49 -17.11
N ARG E 464 158.15 31.40 -16.25
CA ARG E 464 157.39 31.90 -15.11
C ARG E 464 156.71 33.23 -15.41
N ASN E 465 155.46 33.35 -14.94
CA ASN E 465 154.81 34.65 -14.70
C ASN E 465 154.63 35.47 -15.97
N ARG E 466 154.57 34.81 -17.13
CA ARG E 466 154.22 35.50 -18.36
C ARG E 466 152.70 35.67 -18.44
N THR E 467 152.27 36.65 -19.25
CA THR E 467 150.88 37.08 -19.21
C THR E 467 149.93 35.98 -19.68
N ASN E 468 150.29 35.27 -20.74
CA ASN E 468 149.42 34.24 -21.30
C ASN E 468 149.54 32.93 -20.56
N THR E 469 150.67 32.23 -20.72
CA THR E 469 150.84 30.86 -20.23
C THR E 469 152.20 30.73 -19.58
N PHE E 470 152.43 29.61 -18.86
CA PHE E 470 153.73 29.37 -18.25
C PHE E 470 154.67 28.58 -19.15
N PHE E 471 154.35 28.42 -20.43
CA PHE E 471 155.19 27.68 -21.36
C PHE E 471 155.24 28.38 -22.70
N ARG E 472 156.34 28.18 -23.43
CA ARG E 472 156.43 28.70 -24.80
C ARG E 472 157.23 27.73 -25.67
N ILE E 473 157.06 27.88 -26.98
CA ILE E 473 157.80 27.07 -27.96
C ILE E 473 159.12 27.77 -28.25
N VAL E 474 160.22 27.03 -28.09
CA VAL E 474 161.54 27.63 -28.26
C VAL E 474 161.84 27.88 -29.74
N ASP E 475 161.54 26.92 -30.62
CA ASP E 475 161.97 27.03 -32.01
C ASP E 475 161.05 26.20 -32.91
N ASP E 476 161.06 26.53 -34.20
CA ASP E 476 160.29 25.84 -35.24
C ASP E 476 161.21 25.03 -36.16
N VAL E 477 162.15 24.31 -35.57
CA VAL E 477 163.17 23.59 -36.33
C VAL E 477 162.60 22.28 -36.88
N THR E 478 163.16 21.79 -37.99
CA THR E 478 162.80 20.49 -38.54
C THR E 478 163.85 19.43 -38.21
N THR E 479 163.56 18.19 -38.63
CA THR E 479 164.47 17.08 -38.38
C THR E 479 165.75 17.23 -39.20
N PHE E 480 165.64 17.72 -40.43
CA PHE E 480 166.81 18.08 -41.23
C PHE E 480 167.68 19.06 -40.45
N ASN E 481 168.90 18.65 -40.12
CA ASN E 481 169.77 19.40 -39.23
C ASN E 481 170.77 20.30 -39.97
N ASP E 482 170.53 20.59 -41.25
CA ASP E 482 171.38 21.52 -42.00
C ASP E 482 170.88 22.94 -41.74
N LYS E 483 171.39 23.52 -40.66
CA LYS E 483 170.94 24.87 -40.29
C LYS E 483 171.37 25.91 -41.31
N SER E 484 172.42 25.63 -42.09
CA SER E 484 172.82 26.57 -43.14
C SER E 484 171.69 26.74 -44.17
N ASP E 485 170.96 25.67 -44.49
CA ASP E 485 169.84 25.74 -45.43
C ASP E 485 168.58 26.25 -44.73
N PRO E 486 168.07 27.47 -45.01
CA PRO E 486 166.96 27.99 -44.19
C PRO E 486 165.61 27.40 -44.60
N VAL E 487 165.50 26.96 -45.87
CA VAL E 487 164.25 26.40 -46.34
C VAL E 487 163.98 25.06 -45.67
N LYS E 488 164.97 24.16 -45.70
CA LYS E 488 164.76 22.83 -45.14
C LYS E 488 164.71 22.87 -43.63
N ALA E 489 165.54 23.72 -43.00
CA ALA E 489 165.67 23.67 -41.54
C ALA E 489 164.44 24.28 -40.85
N GLU E 490 164.00 25.46 -41.27
CA GLU E 490 162.94 26.21 -40.59
C GLU E 490 161.59 25.85 -41.18
N MET E 491 160.62 25.47 -40.32
CA MET E 491 159.28 25.14 -40.79
C MET E 491 158.62 26.33 -41.50
N ALA E 492 158.72 27.52 -40.90
CA ALA E 492 158.07 28.71 -41.46
C ALA E 492 158.56 29.02 -42.87
N VAL E 493 159.89 29.07 -43.06
CA VAL E 493 160.46 29.52 -44.34
C VAL E 493 160.00 28.62 -45.48
N GLY E 494 160.01 27.29 -45.27
CA GLY E 494 159.57 26.39 -46.31
C GLY E 494 158.08 26.43 -46.55
N GLU E 495 157.29 26.66 -45.48
CA GLU E 495 155.84 26.76 -45.65
C GLU E 495 155.51 27.98 -46.50
N ALA E 496 156.24 29.09 -46.31
CA ALA E 496 156.02 30.28 -47.13
C ALA E 496 156.31 29.99 -48.60
N ASN E 497 157.46 29.39 -48.89
CA ASN E 497 157.80 28.98 -50.24
C ASN E 497 156.77 28.05 -50.86
N ASP E 498 156.30 27.06 -50.09
CA ASP E 498 155.38 26.08 -50.66
C ASP E 498 154.02 26.72 -50.95
N PHE E 499 153.53 27.56 -50.04
CA PHE E 499 152.25 28.21 -50.30
C PHE E 499 152.37 29.20 -51.45
N LEU E 500 153.50 29.91 -51.54
CA LEU E 500 153.69 30.83 -52.66
C LEU E 500 153.65 30.10 -53.99
N VAL E 501 154.35 28.97 -54.10
CA VAL E 501 154.42 28.24 -55.36
C VAL E 501 153.07 27.63 -55.71
N SER E 502 152.41 27.01 -54.73
CA SER E 502 151.09 26.43 -54.97
C SER E 502 150.08 27.48 -55.42
N GLU E 503 150.04 28.63 -54.74
CA GLU E 503 149.07 29.67 -55.10
C GLU E 503 149.36 30.23 -56.49
N LEU E 504 150.64 30.42 -56.82
CA LEU E 504 151.01 30.89 -58.14
C LEU E 504 150.60 29.88 -59.21
N LYS E 505 150.83 28.59 -58.94
CA LYS E 505 150.48 27.55 -59.90
C LYS E 505 148.98 27.52 -60.13
N VAL E 506 148.20 27.48 -59.05
CA VAL E 506 146.74 27.39 -59.17
C VAL E 506 146.16 28.60 -59.90
N GLN E 507 146.64 29.79 -59.58
CA GLN E 507 146.09 30.99 -60.21
C GLN E 507 146.46 31.07 -61.68
N LEU E 508 147.69 30.68 -62.03
CA LEU E 508 148.09 30.71 -63.44
C LEU E 508 147.32 29.66 -64.25
N GLU E 509 147.06 28.50 -63.66
CA GLU E 509 146.29 27.49 -64.37
C GLU E 509 144.86 27.97 -64.57
N ASP E 510 144.19 28.35 -63.47
CA ASP E 510 142.82 28.86 -63.54
C ASP E 510 142.67 30.01 -64.55
N GLN E 511 143.60 30.97 -64.55
CA GLN E 511 143.35 32.22 -65.27
C GLN E 511 143.55 32.05 -66.78
N PHE E 512 144.79 31.81 -67.21
CA PHE E 512 145.21 32.00 -68.58
C PHE E 512 145.20 30.74 -69.42
N ILE E 513 145.40 29.57 -68.81
CA ILE E 513 145.44 28.33 -69.58
C ILE E 513 144.04 28.02 -70.12
N GLY E 514 143.96 27.75 -71.43
CA GLY E 514 142.70 27.53 -72.10
C GLY E 514 142.08 28.76 -72.73
N THR E 515 142.62 29.96 -72.46
CA THR E 515 142.06 31.20 -72.99
C THR E 515 142.64 31.49 -74.37
N ARG E 516 142.49 32.74 -74.83
CA ARG E 516 142.99 33.17 -76.13
C ARG E 516 144.35 33.87 -75.98
N THR E 517 145.12 33.91 -77.08
CA THR E 517 146.40 34.62 -77.12
C THR E 517 146.26 35.82 -78.04
N ILE E 518 146.18 37.02 -77.44
CA ILE E 518 146.05 38.27 -78.16
C ILE E 518 147.20 39.20 -77.76
N ASN E 519 147.20 40.41 -78.37
CA ASN E 519 148.28 41.36 -78.12
C ASN E 519 148.30 41.79 -76.65
N THR E 520 147.12 42.01 -76.07
CA THR E 520 147.06 42.48 -74.68
C THR E 520 147.35 41.38 -73.67
N SER E 521 147.50 40.13 -74.11
CA SER E 521 147.68 39.02 -73.17
C SER E 521 148.94 39.21 -72.33
N ALA E 522 150.06 39.55 -72.96
CA ALA E 522 151.33 39.66 -72.23
C ALA E 522 151.26 40.75 -71.16
N SER E 523 150.97 41.99 -71.57
CA SER E 523 150.65 43.06 -70.61
C SER E 523 149.68 42.61 -69.52
N ILE E 524 148.61 41.89 -69.89
CA ILE E 524 147.63 41.48 -68.88
C ILE E 524 148.26 40.48 -67.92
N ILE E 525 149.09 39.57 -68.44
CA ILE E 525 149.78 38.62 -67.58
C ILE E 525 150.70 39.34 -66.61
N LYS E 526 151.46 40.31 -67.12
CA LYS E 526 152.37 41.07 -66.26
C LYS E 526 151.61 41.85 -65.20
N ASP E 527 150.49 42.47 -65.58
CA ASP E 527 149.69 43.22 -64.62
C ASP E 527 149.12 42.31 -63.55
N PHE E 528 148.63 41.13 -63.95
CA PHE E 528 148.09 40.18 -62.97
C PHE E 528 149.16 39.70 -61.99
N ILE E 529 150.38 39.47 -62.49
CA ILE E 529 151.45 38.97 -61.63
C ILE E 529 151.84 40.04 -60.62
N GLN E 530 152.07 41.26 -61.12
CA GLN E 530 152.37 42.45 -60.32
C GLN E 530 151.31 42.67 -59.24
N SER E 531 150.03 42.54 -59.61
CA SER E 531 148.95 42.70 -58.64
C SER E 531 149.03 41.63 -57.54
N TYR E 532 149.28 40.39 -57.96
CA TYR E 532 149.47 39.27 -57.03
C TYR E 532 150.65 39.54 -56.10
N LEU E 533 151.77 40.00 -56.65
CA LEU E 533 152.95 40.24 -55.83
C LEU E 533 152.75 41.45 -54.91
N GLY E 534 151.97 42.43 -55.35
CA GLY E 534 151.62 43.52 -54.45
C GLY E 534 150.63 43.12 -53.38
N ARG E 535 149.73 42.18 -53.69
CA ARG E 535 148.85 41.63 -52.67
C ARG E 535 149.63 40.87 -51.62
N LYS E 536 150.60 40.07 -52.06
CA LYS E 536 151.43 39.29 -51.13
C LYS E 536 152.25 40.22 -50.23
N LYS E 537 152.79 41.29 -50.81
CA LYS E 537 153.52 42.27 -50.02
C LYS E 537 152.61 42.95 -49.00
N ARG E 538 151.42 43.35 -49.44
CA ARG E 538 150.47 44.00 -48.54
C ARG E 538 150.10 43.10 -47.38
N ASP E 539 149.98 41.80 -47.61
CA ASP E 539 149.67 40.89 -46.52
C ASP E 539 150.89 40.51 -45.66
N ASN E 540 152.05 41.13 -45.87
CA ASN E 540 153.33 40.78 -45.22
C ASN E 540 153.75 39.33 -45.47
N GLU E 541 153.29 38.71 -46.56
CA GLU E 541 153.69 37.32 -46.85
C GLU E 541 155.05 37.23 -47.56
N ILE E 542 155.61 38.35 -48.03
CA ILE E 542 156.95 38.46 -48.61
C ILE E 542 157.54 39.76 -48.06
N GLN E 543 158.86 39.93 -48.25
CA GLN E 543 159.49 41.20 -47.83
C GLN E 543 159.28 42.28 -48.90
N ASP E 544 159.72 42.02 -50.13
CA ASP E 544 159.57 42.97 -51.23
C ASP E 544 159.88 42.29 -52.56
N PHE E 545 159.48 42.96 -53.66
CA PHE E 545 159.76 42.44 -55.01
C PHE E 545 160.02 43.63 -55.94
N PRO E 546 161.03 43.56 -56.82
CA PRO E 546 161.20 44.64 -57.81
C PRO E 546 160.24 44.45 -58.98
N ALA E 547 159.46 45.49 -59.29
CA ALA E 547 158.43 45.33 -60.31
C ALA E 547 159.02 45.23 -61.71
N GLU E 548 160.12 45.95 -61.96
CA GLU E 548 160.68 45.97 -63.31
C GLU E 548 161.25 44.61 -63.72
N ASP E 549 161.67 43.79 -62.75
CA ASP E 549 162.27 42.51 -63.10
C ASP E 549 161.27 41.55 -63.72
N VAL E 550 159.98 41.74 -63.47
CA VAL E 550 158.95 40.87 -64.03
C VAL E 550 158.93 41.00 -65.55
N GLN E 551 159.26 39.91 -66.25
CA GLN E 551 159.22 39.82 -67.70
C GLN E 551 158.28 38.73 -68.17
N VAL E 552 157.67 38.96 -69.34
CA VAL E 552 156.73 38.04 -69.96
C VAL E 552 157.09 37.96 -71.44
N ILE E 553 157.09 36.75 -71.99
CA ILE E 553 157.34 36.51 -73.40
C ILE E 553 156.31 35.49 -73.87
N VAL E 554 155.65 35.77 -75.00
CA VAL E 554 154.57 34.93 -75.51
C VAL E 554 154.94 34.50 -76.92
N GLU E 555 154.88 33.18 -77.17
CA GLU E 555 155.23 32.64 -78.48
C GLU E 555 154.42 31.37 -78.69
N GLY E 556 153.36 31.47 -79.49
CA GLY E 556 152.52 30.30 -79.73
C GLY E 556 151.82 29.84 -78.46
N ASN E 557 152.08 28.58 -78.09
CA ASN E 557 151.43 27.99 -76.92
C ASN E 557 152.09 28.45 -75.64
N GLU E 558 153.42 28.56 -75.66
CA GLU E 558 154.17 28.82 -74.44
C GLU E 558 153.95 30.25 -73.95
N ALA E 559 154.28 30.46 -72.69
CA ALA E 559 154.33 31.80 -72.11
C ALA E 559 155.46 31.79 -71.08
N ARG E 560 156.61 32.33 -71.48
CA ARG E 560 157.82 32.30 -70.66
C ARG E 560 157.86 33.50 -69.73
N ILE E 561 158.03 33.26 -68.42
CA ILE E 561 157.92 34.30 -67.41
C ILE E 561 159.13 34.21 -66.48
N SER E 562 159.51 35.35 -65.88
CA SER E 562 160.61 35.40 -64.93
C SER E 562 160.41 36.57 -63.98
N MET E 563 160.84 36.39 -62.73
CA MET E 563 160.63 37.39 -61.69
C MET E 563 161.57 37.12 -60.51
N THR E 564 161.72 38.14 -59.66
CA THR E 564 162.58 38.13 -58.48
C THR E 564 161.79 38.55 -57.24
N VAL E 565 162.11 37.95 -56.09
CA VAL E 565 161.40 38.19 -54.83
C VAL E 565 162.41 38.20 -53.68
N TYR E 566 162.13 39.01 -52.64
CA TYR E 566 162.88 38.97 -51.39
C TYR E 566 162.01 38.27 -50.34
N PRO E 567 162.34 37.06 -49.88
CA PRO E 567 161.38 36.24 -49.15
C PRO E 567 161.23 36.62 -47.67
N ILE E 568 160.13 36.13 -47.09
CA ILE E 568 159.75 36.49 -45.72
C ILE E 568 160.63 35.76 -44.71
N ARG E 569 160.86 36.41 -43.56
CA ARG E 569 161.55 35.81 -42.42
C ARG E 569 160.93 36.36 -41.14
N SER E 570 161.13 35.65 -40.03
CA SER E 570 160.77 36.12 -38.69
C SER E 570 162.02 36.14 -37.82
N PHE E 571 162.15 37.19 -37.01
CA PHE E 571 163.40 37.45 -36.30
C PHE E 571 163.75 36.28 -35.40
N LYS E 572 165.03 35.98 -35.30
CA LYS E 572 165.55 35.00 -34.34
C LYS E 572 166.72 35.50 -33.51
N LYS E 573 167.27 36.67 -33.78
CA LYS E 573 168.08 37.38 -32.80
C LYS E 573 167.79 38.87 -32.88
N ILE E 574 167.70 39.49 -31.70
CA ILE E 574 167.40 40.90 -31.53
C ILE E 574 168.50 41.47 -30.62
N SER E 575 169.30 42.41 -31.14
CA SER E 575 170.41 43.01 -30.41
C SER E 575 170.18 44.50 -30.16
N VAL E 576 170.62 44.97 -28.99
CA VAL E 576 170.37 46.34 -28.56
C VAL E 576 171.60 46.82 -27.78
N SER E 577 172.28 47.86 -28.28
CA SER E 577 173.44 48.44 -27.58
C SER E 577 173.08 49.83 -27.07
N LEU E 578 173.67 50.20 -25.93
CA LEU E 578 173.39 51.48 -25.28
C LEU E 578 174.67 52.28 -25.15
N VAL E 579 174.55 53.61 -25.16
CA VAL E 579 175.71 54.49 -24.98
C VAL E 579 175.33 55.51 -23.91
N TYR E 580 176.19 55.67 -22.92
CA TYR E 580 175.97 56.60 -21.82
C TYR E 580 176.84 57.85 -21.97
N LYS E 581 176.25 59.00 -21.67
CA LYS E 581 176.88 60.30 -21.84
C LYS E 581 176.42 61.22 -20.72
N GLN E 582 177.25 62.22 -20.42
CA GLN E 582 176.91 63.17 -19.37
C GLN E 582 177.36 64.56 -19.79
N GLN E 583 176.82 65.55 -19.09
CA GLN E 583 177.21 66.94 -19.24
C GLN E 583 177.77 67.41 -17.90
N THR E 584 178.81 68.23 -17.95
CA THR E 584 179.37 68.81 -16.73
C THR E 584 178.81 70.21 -16.49
N VAL F 3 115.52 48.91 -98.12
CA VAL F 3 115.92 49.88 -99.13
C VAL F 3 114.72 50.24 -100.02
N GLU F 4 113.55 50.34 -99.41
CA GLU F 4 112.33 50.66 -100.13
C GLU F 4 112.16 52.18 -100.19
N PRO F 5 111.96 52.80 -101.35
CA PRO F 5 111.50 54.19 -101.35
C PRO F 5 110.13 54.27 -100.69
N PHE F 6 109.88 55.41 -100.01
CA PHE F 6 108.70 55.51 -99.16
C PHE F 6 107.42 55.46 -99.98
N PRO F 7 107.29 56.18 -101.10
CA PRO F 7 106.35 55.73 -102.15
C PRO F 7 106.99 54.57 -102.90
N ARG F 8 106.37 53.39 -102.81
CA ARG F 8 106.98 52.21 -103.41
C ARG F 8 107.13 52.36 -104.92
N ARG F 9 106.10 52.90 -105.58
CA ARG F 9 106.16 53.17 -107.01
C ARG F 9 106.57 54.61 -107.22
N PRO F 10 107.60 54.92 -108.00
CA PRO F 10 107.98 56.32 -108.19
C PRO F 10 107.05 57.07 -109.12
N ILE F 11 106.82 58.34 -108.79
CA ILE F 11 105.88 59.21 -109.47
C ILE F 11 106.63 60.33 -110.20
N THR F 12 106.00 60.85 -111.25
CA THR F 12 106.59 61.90 -112.07
C THR F 12 106.30 63.31 -111.55
N ARG F 13 105.41 63.45 -110.58
CA ARG F 13 105.05 64.77 -110.10
C ARG F 13 106.11 65.30 -109.16
N PRO F 14 106.08 66.61 -108.86
CA PRO F 14 107.01 67.13 -107.85
C PRO F 14 106.71 66.55 -106.48
N HIS F 15 107.69 65.86 -105.92
CA HIS F 15 107.49 65.10 -104.70
C HIS F 15 108.83 64.91 -104.02
N ALA F 16 108.77 64.49 -102.76
CA ALA F 16 109.94 64.12 -101.98
C ALA F 16 109.96 62.60 -101.88
N SER F 17 111.13 62.01 -102.11
CA SER F 17 111.30 60.57 -102.17
C SER F 17 112.36 60.18 -101.15
N ILE F 18 112.04 59.21 -100.30
CA ILE F 18 112.87 58.84 -99.16
C ILE F 18 113.17 57.36 -99.25
N GLU F 19 114.45 57.00 -99.33
CA GLU F 19 114.92 55.62 -99.26
C GLU F 19 115.78 55.47 -98.02
N VAL F 20 115.49 54.44 -97.22
CA VAL F 20 116.06 54.26 -95.89
C VAL F 20 116.69 52.87 -95.80
N ASP F 21 117.90 52.82 -95.26
CA ASP F 21 118.60 51.56 -94.97
C ASP F 21 117.97 50.93 -93.73
N THR F 22 116.88 50.19 -93.97
CA THR F 22 116.13 49.56 -92.88
C THR F 22 116.98 48.57 -92.10
N SER F 23 117.99 47.98 -92.72
CA SER F 23 118.82 46.95 -92.11
C SER F 23 120.03 47.52 -91.38
N GLY F 24 120.19 48.85 -91.32
CA GLY F 24 121.30 49.43 -90.60
C GLY F 24 121.08 49.58 -89.12
N ILE F 25 119.81 49.51 -88.68
CA ILE F 25 119.53 49.56 -87.24
C ILE F 25 120.07 48.32 -86.55
N GLY F 26 119.87 47.14 -87.14
CA GLY F 26 120.45 45.90 -86.68
C GLY F 26 121.95 45.84 -86.83
N SER F 32 130.06 33.56 -87.34
CA SER F 32 128.66 33.20 -87.46
C SER F 32 128.10 32.45 -86.25
N GLU F 33 126.85 32.01 -86.38
CA GLU F 33 126.15 31.39 -85.25
C GLU F 33 126.81 30.09 -84.82
N LYS F 34 127.43 29.36 -85.76
CA LYS F 34 128.08 28.09 -85.49
C LYS F 34 127.04 27.07 -85.00
N VAL F 35 126.16 26.71 -85.93
CA VAL F 35 125.03 25.85 -85.61
C VAL F 35 125.51 24.45 -85.24
N PHE F 36 124.79 23.81 -84.34
CA PHE F 36 125.07 22.46 -83.86
C PHE F 36 123.99 21.51 -84.39
N CYS F 37 124.35 20.24 -84.55
CA CYS F 37 123.49 19.25 -85.17
C CYS F 37 123.53 17.96 -84.34
N LEU F 38 122.40 17.24 -84.39
CA LEU F 38 122.26 15.98 -83.67
C LEU F 38 121.40 15.03 -84.49
N ILE F 39 121.80 13.77 -84.53
CA ILE F 39 121.06 12.71 -85.18
C ILE F 39 120.96 11.52 -84.23
N GLY F 40 119.78 10.93 -84.15
CA GLY F 40 119.56 9.84 -83.20
C GLY F 40 118.14 9.33 -83.22
N GLN F 41 117.92 8.28 -82.43
CA GLN F 41 116.61 7.73 -82.08
C GLN F 41 115.74 8.71 -81.28
N ALA F 42 114.45 8.74 -81.62
CA ALA F 42 113.42 9.51 -80.94
C ALA F 42 112.08 8.80 -81.12
N GLU F 43 111.09 9.15 -80.29
CA GLU F 43 109.77 8.53 -80.28
C GLU F 43 108.65 9.46 -80.81
N GLY F 44 109.01 10.47 -81.59
CA GLY F 44 108.08 11.37 -82.30
C GLY F 44 108.80 12.15 -83.41
N GLY F 45 108.06 12.71 -84.37
CA GLY F 45 108.63 13.42 -85.53
C GLY F 45 108.91 12.52 -86.74
N GLU F 46 108.98 13.12 -87.94
CA GLU F 46 109.11 12.44 -89.24
C GLU F 46 110.36 11.57 -89.41
N PRO F 47 110.36 10.62 -90.35
CA PRO F 47 111.44 9.64 -90.51
C PRO F 47 112.68 10.14 -91.27
N ASN F 48 112.60 11.31 -91.92
CA ASN F 48 113.67 11.89 -92.77
C ASN F 48 113.88 13.39 -92.57
N THR F 49 112.87 14.12 -92.08
CA THR F 49 112.88 15.59 -92.11
C THR F 49 113.78 16.18 -91.05
N VAL F 50 114.72 17.05 -91.45
CA VAL F 50 115.51 17.85 -90.51
C VAL F 50 114.66 18.99 -89.98
N TYR F 51 114.59 19.14 -88.65
CA TYR F 51 113.87 20.22 -88.00
C TYR F 51 114.81 21.13 -87.21
N GLU F 52 114.70 22.44 -87.43
CA GLU F 52 115.39 23.45 -86.64
C GLU F 52 114.75 23.54 -85.26
N LEU F 53 115.57 23.69 -84.22
CA LEU F 53 115.09 23.79 -82.85
C LEU F 53 115.58 25.07 -82.20
N ARG F 54 114.69 25.71 -81.46
CA ARG F 54 114.97 26.95 -80.72
C ARG F 54 114.67 26.82 -79.24
N ASN F 55 113.58 26.14 -78.88
CA ASN F 55 113.12 26.05 -77.50
C ASN F 55 112.84 24.59 -77.15
N TYR F 56 112.92 24.29 -75.85
CA TYR F 56 112.66 22.92 -75.40
C TYR F 56 111.20 22.53 -75.60
N SER F 57 110.26 23.48 -75.51
CA SER F 57 108.86 23.15 -75.75
C SER F 57 108.63 22.73 -77.18
N GLN F 58 109.32 23.38 -78.13
CA GLN F 58 109.22 22.98 -79.52
C GLN F 58 109.70 21.54 -79.70
N ALA F 59 110.89 21.24 -79.15
CA ALA F 59 111.46 19.90 -79.23
C ALA F 59 110.54 18.85 -78.61
N LYS F 60 109.94 19.15 -77.46
CA LYS F 60 109.08 18.15 -76.84
C LYS F 60 107.79 17.95 -77.62
N ARG F 61 107.22 19.03 -78.17
CA ARG F 61 106.01 18.88 -78.98
C ARG F 61 106.31 18.23 -80.32
N LEU F 62 107.57 18.22 -80.77
CA LEU F 62 108.02 17.46 -81.96
C LEU F 62 108.65 16.08 -81.65
N PHE F 63 109.90 16.03 -81.19
CA PHE F 63 110.67 14.84 -80.82
C PHE F 63 110.25 14.30 -79.45
N ARG F 64 109.03 13.77 -79.39
CA ARG F 64 108.24 13.51 -78.18
C ARG F 64 108.96 12.92 -76.96
N SER F 65 109.84 11.94 -77.15
CA SER F 65 110.49 11.19 -76.07
C SER F 65 111.70 10.39 -76.61
N GLY F 66 112.48 9.77 -75.73
CA GLY F 66 113.64 8.97 -76.09
C GLY F 66 114.95 9.77 -76.15
N GLU F 67 116.04 9.10 -76.49
CA GLU F 67 117.39 9.63 -76.27
C GLU F 67 117.67 10.97 -76.93
N LEU F 68 117.14 11.23 -78.13
CA LEU F 68 117.38 12.51 -78.79
C LEU F 68 116.85 13.71 -77.98
N LEU F 69 115.66 13.62 -77.39
CA LEU F 69 115.15 14.71 -76.56
C LEU F 69 116.09 14.99 -75.39
N ASP F 70 116.57 13.93 -74.75
CA ASP F 70 117.50 14.12 -73.64
C ASP F 70 118.81 14.73 -74.14
N ALA F 71 119.34 14.24 -75.26
CA ALA F 71 120.52 14.83 -75.88
C ALA F 71 120.35 16.33 -76.11
N ILE F 72 119.21 16.74 -76.67
CA ILE F 72 118.98 18.17 -76.91
C ILE F 72 119.00 18.94 -75.60
N GLU F 73 118.29 18.42 -74.59
CA GLU F 73 118.28 19.07 -73.28
C GLU F 73 119.70 19.16 -72.71
N LEU F 74 120.46 18.07 -72.80
CA LEU F 74 121.83 18.08 -72.30
C LEU F 74 122.70 19.06 -73.08
N ALA F 75 122.41 19.27 -74.36
CA ALA F 75 123.21 20.18 -75.16
C ALA F 75 122.91 21.63 -74.80
N TRP F 76 121.64 21.94 -74.55
CA TRP F 76 121.31 23.29 -74.12
C TRP F 76 121.76 23.54 -72.68
N GLY F 77 121.74 22.51 -71.84
CA GLY F 77 122.21 22.67 -70.47
C GLY F 77 123.71 22.94 -70.40
N SER F 78 124.48 22.21 -71.19
CA SER F 78 125.93 22.42 -71.26
C SER F 78 126.32 23.64 -72.09
N ASN F 79 125.36 24.32 -72.71
CA ASN F 79 125.63 25.58 -73.38
C ASN F 79 126.06 26.62 -72.34
N PRO F 80 126.86 27.63 -72.73
CA PRO F 80 127.23 28.68 -71.76
C PRO F 80 126.00 29.40 -71.20
N ASN F 81 126.26 30.28 -70.22
CA ASN F 81 125.20 30.70 -69.32
C ASN F 81 124.11 31.51 -70.00
N TYR F 82 124.39 32.13 -71.15
CA TYR F 82 123.34 32.86 -71.84
C TYR F 82 122.30 31.92 -72.44
N THR F 83 122.71 30.72 -72.85
CA THR F 83 121.78 29.67 -73.27
C THR F 83 120.94 30.14 -74.46
N ALA F 84 121.63 30.42 -75.57
CA ALA F 84 121.00 30.74 -76.83
C ALA F 84 121.73 30.02 -77.95
N GLY F 85 120.98 29.66 -78.99
CA GLY F 85 121.56 28.99 -80.13
C GLY F 85 120.48 28.31 -80.94
N ARG F 86 120.92 27.65 -82.01
CA ARG F 86 120.05 26.90 -82.90
C ARG F 86 120.57 25.47 -83.02
N ILE F 87 119.66 24.50 -83.01
CA ILE F 87 120.01 23.08 -83.06
C ILE F 87 119.15 22.43 -84.14
N LEU F 88 119.78 21.66 -85.02
CA LEU F 88 119.09 20.92 -86.07
C LEU F 88 119.08 19.44 -85.74
N ALA F 89 117.91 18.82 -85.79
CA ALA F 89 117.77 17.44 -85.39
C ALA F 89 116.98 16.62 -86.40
N MET F 90 117.29 15.32 -86.49
CA MET F 90 116.56 14.37 -87.33
C MET F 90 116.61 12.94 -86.77
N ARG F 91 115.54 12.18 -87.03
CA ARG F 91 115.21 10.90 -86.39
C ARG F 91 115.56 9.73 -87.30
N ILE F 92 116.40 8.80 -86.86
CA ILE F 92 117.02 7.84 -87.79
C ILE F 92 116.07 6.79 -88.39
N GLU F 93 115.00 6.42 -87.70
CA GLU F 93 114.20 5.23 -88.04
C GLU F 93 113.10 5.51 -89.07
N ASP F 94 112.81 4.53 -89.94
CA ASP F 94 111.82 4.64 -91.03
C ASP F 94 110.36 4.51 -90.54
N ALA F 95 110.02 5.24 -89.48
CA ALA F 95 108.70 5.24 -88.85
C ALA F 95 107.57 5.67 -89.79
N LYS F 96 106.36 5.13 -89.57
CA LYS F 96 105.15 5.40 -90.37
C LYS F 96 104.01 5.88 -89.46
N PRO F 97 103.08 6.73 -89.96
CA PRO F 97 101.99 7.21 -89.11
C PRO F 97 100.88 6.18 -88.97
N ALA F 98 100.00 6.43 -88.00
CA ALA F 98 98.87 5.56 -87.74
C ALA F 98 97.66 6.06 -88.51
N SER F 99 96.97 5.13 -89.18
CA SER F 99 95.86 5.49 -90.04
C SER F 99 94.81 4.39 -89.99
N ALA F 100 93.62 4.72 -90.47
CA ALA F 100 92.54 3.75 -90.57
C ALA F 100 91.53 4.25 -91.59
N GLU F 101 90.60 3.37 -91.96
CA GLU F 101 89.56 3.69 -92.93
C GLU F 101 88.22 3.22 -92.41
N ILE F 102 87.25 4.13 -92.42
CA ILE F 102 85.86 3.80 -92.07
C ILE F 102 84.94 4.85 -92.68
N GLY F 103 83.79 4.40 -93.18
CA GLY F 103 82.90 5.34 -93.82
C GLY F 103 83.49 5.86 -95.12
N GLY F 104 83.18 7.12 -95.39
CA GLY F 104 83.64 7.83 -96.58
C GLY F 104 84.81 8.76 -96.31
N LEU F 105 85.58 8.42 -95.29
CA LEU F 105 86.74 9.18 -94.84
C LEU F 105 87.91 8.27 -94.50
N LYS F 106 89.13 8.76 -94.75
CA LYS F 106 90.37 8.09 -94.35
C LYS F 106 91.03 8.94 -93.28
N ILE F 107 91.25 8.34 -92.12
CA ILE F 107 91.79 9.02 -90.96
C ILE F 107 93.29 8.74 -90.91
N THR F 108 94.08 9.80 -90.72
CA THR F 108 95.53 9.69 -90.69
C THR F 108 96.08 10.64 -89.63
N SER F 109 97.04 10.14 -88.86
CA SER F 109 97.67 10.90 -87.79
C SER F 109 99.01 11.45 -88.25
N LYS F 110 99.40 12.60 -87.68
CA LYS F 110 100.61 13.28 -88.09
C LYS F 110 101.81 12.89 -87.24
N ILE F 111 101.64 12.00 -86.25
CA ILE F 111 102.74 11.46 -85.42
C ILE F 111 103.16 10.12 -86.01
N TYR F 112 104.47 9.90 -86.10
CA TYR F 112 105.05 8.71 -86.72
C TYR F 112 105.56 7.76 -85.64
N GLY F 113 105.30 6.46 -85.77
CA GLY F 113 105.73 5.46 -84.79
C GLY F 113 104.58 4.80 -84.03
N ASN F 114 104.90 4.01 -83.00
CA ASN F 114 103.89 3.23 -82.30
C ASN F 114 102.98 4.10 -81.42
N VAL F 115 103.45 5.28 -81.00
CA VAL F 115 102.69 6.17 -80.12
C VAL F 115 101.38 6.61 -80.77
N ALA F 116 101.32 6.66 -82.11
CA ALA F 116 100.15 7.17 -82.79
C ALA F 116 98.94 6.25 -82.68
N ASN F 117 99.14 4.97 -82.34
CA ASN F 117 98.03 4.02 -82.30
C ASN F 117 97.01 4.32 -81.19
N ASN F 118 97.30 5.23 -80.27
CA ASN F 118 96.38 5.57 -79.19
C ASN F 118 95.45 6.73 -79.55
N ILE F 119 95.14 6.94 -80.83
CA ILE F 119 94.21 7.97 -81.26
C ILE F 119 92.87 7.33 -81.54
N GLN F 120 91.79 7.95 -81.02
CA GLN F 120 90.43 7.52 -81.28
C GLN F 120 89.63 8.66 -81.89
N VAL F 121 88.78 8.32 -82.87
CA VAL F 121 88.02 9.29 -83.65
C VAL F 121 86.62 8.73 -83.86
N GLY F 122 85.62 9.60 -83.82
CA GLY F 122 84.25 9.19 -84.06
C GLY F 122 83.41 10.35 -84.53
N LEU F 123 82.47 10.05 -85.43
CA LEU F 123 81.61 11.04 -86.06
C LEU F 123 80.16 10.82 -85.66
N GLU F 124 79.44 11.92 -85.44
CA GLU F 124 78.00 11.85 -85.21
C GLU F 124 77.32 13.02 -85.91
N LYS F 125 76.06 12.80 -86.30
CA LYS F 125 75.24 13.79 -87.00
C LYS F 125 74.14 14.24 -86.06
N ASN F 126 74.29 15.44 -85.51
CA ASN F 126 73.25 16.03 -84.67
C ASN F 126 72.11 16.48 -85.56
N THR F 127 71.08 15.64 -85.66
CA THR F 127 69.91 15.97 -86.49
C THR F 127 69.14 17.15 -85.91
N LEU F 128 69.30 17.42 -84.62
CA LEU F 128 68.69 18.60 -84.03
C LEU F 128 69.21 19.87 -84.69
N SER F 129 70.53 20.03 -84.75
CA SER F 129 71.16 21.14 -85.47
C SER F 129 71.26 20.92 -86.99
N ASP F 130 71.01 19.70 -87.49
CA ASP F 130 71.15 19.40 -88.91
C ASP F 130 72.58 19.66 -89.38
N SER F 131 73.53 19.01 -88.70
CA SER F 131 74.93 19.16 -89.06
C SER F 131 75.72 18.00 -88.48
N LEU F 132 76.91 17.79 -89.03
CA LEU F 132 77.80 16.75 -88.54
C LEU F 132 78.50 17.20 -87.25
N ARG F 133 79.06 16.23 -86.53
CA ARG F 133 79.78 16.47 -85.30
C ARG F 133 80.95 15.51 -85.21
N LEU F 134 82.14 16.04 -84.90
CA LEU F 134 83.37 15.25 -84.89
C LEU F 134 84.10 15.42 -83.57
N ARG F 135 84.67 14.31 -83.06
CA ARG F 135 85.41 14.28 -81.81
C ARG F 135 86.71 13.52 -82.01
N VAL F 136 87.80 14.07 -81.46
CA VAL F 136 89.11 13.47 -81.50
C VAL F 136 89.60 13.33 -80.05
N ILE F 137 90.13 12.15 -79.71
CA ILE F 137 90.55 11.83 -78.36
C ILE F 137 91.95 11.22 -78.44
N PHE F 138 92.88 11.80 -77.67
CA PHE F 138 94.26 11.30 -77.56
C PHE F 138 94.69 11.54 -76.11
N GLN F 139 94.54 10.51 -75.28
CA GLN F 139 94.68 10.65 -73.83
C GLN F 139 96.13 10.69 -73.36
N ASP F 140 97.11 10.57 -74.25
CA ASP F 140 98.50 10.64 -73.81
C ASP F 140 98.92 12.06 -73.48
N ASP F 141 98.38 13.05 -74.21
CA ASP F 141 98.53 14.45 -73.85
C ASP F 141 97.29 15.04 -73.18
N ARG F 142 96.36 14.19 -72.72
CA ARG F 142 95.09 14.66 -72.17
C ARG F 142 94.28 15.43 -73.20
N PHE F 143 94.45 15.09 -74.48
CA PHE F 143 93.80 15.81 -75.57
C PHE F 143 92.40 15.26 -75.80
N ASN F 144 91.43 16.15 -75.87
CA ASN F 144 90.05 15.77 -76.17
C ASN F 144 89.34 17.04 -76.64
N GLU F 145 88.84 17.03 -77.87
CA GLU F 145 88.16 18.20 -78.42
C GLU F 145 86.95 17.77 -79.23
N VAL F 146 85.95 18.64 -79.33
CA VAL F 146 84.72 18.36 -80.07
C VAL F 146 84.47 19.50 -81.05
N TYR F 147 84.14 19.13 -82.29
CA TYR F 147 83.78 20.05 -83.36
C TYR F 147 82.28 19.94 -83.62
N ASP F 148 81.59 21.08 -83.55
CA ASP F 148 80.13 21.16 -83.65
C ASP F 148 79.70 22.12 -84.75
N ASN F 149 78.49 21.90 -85.26
CA ASN F 149 77.95 22.68 -86.38
C ASN F 149 78.85 22.57 -87.60
N ILE F 150 79.27 21.34 -87.89
CA ILE F 150 80.12 21.06 -89.05
C ILE F 150 79.24 21.20 -90.28
N GLY F 151 79.66 22.04 -91.22
CA GLY F 151 78.80 22.45 -92.31
C GLY F 151 77.91 23.62 -91.95
N ASN F 152 76.81 23.73 -92.72
CA ASN F 152 75.83 24.80 -92.60
C ASN F 152 76.48 26.17 -92.78
N ILE F 153 76.97 26.39 -93.99
CA ILE F 153 77.78 27.59 -94.26
C ILE F 153 76.94 28.86 -94.15
N PHE F 154 75.71 28.86 -94.67
CA PHE F 154 74.89 30.06 -94.64
C PHE F 154 73.47 29.69 -95.02
N THR F 155 72.53 30.46 -94.48
CA THR F 155 71.11 30.29 -94.70
C THR F 155 70.67 31.03 -95.96
N ILE F 156 69.45 30.74 -96.40
CA ILE F 156 68.80 31.43 -97.51
C ILE F 156 67.32 31.41 -97.19
N LYS F 157 66.70 32.59 -97.09
CA LYS F 157 65.27 32.71 -96.86
C LYS F 157 64.69 33.71 -97.85
N TYR F 158 63.42 33.52 -98.21
CA TYR F 158 62.73 34.35 -99.18
C TYR F 158 61.42 34.86 -98.59
N LYS F 159 61.08 36.12 -98.91
CA LYS F 159 59.87 36.74 -98.37
C LYS F 159 59.10 37.55 -99.42
N GLY F 160 59.27 37.26 -100.70
CA GLY F 160 58.60 37.98 -101.75
C GLY F 160 57.15 37.56 -101.94
N GLU F 161 56.50 38.21 -102.91
CA GLU F 161 55.10 37.94 -103.20
C GLU F 161 54.86 36.68 -104.01
N GLU F 162 55.88 36.01 -104.54
CA GLU F 162 55.59 34.84 -105.35
C GLU F 162 55.08 33.69 -104.46
N ALA F 163 54.46 32.71 -105.12
CA ALA F 163 53.89 31.59 -104.39
C ALA F 163 54.96 30.68 -103.81
N ASN F 164 56.06 30.48 -104.53
CA ASN F 164 57.16 29.65 -104.08
C ASN F 164 58.45 30.14 -104.72
N ALA F 165 59.57 29.92 -104.01
CA ALA F 165 60.89 30.26 -104.51
C ALA F 165 61.82 29.09 -104.26
N THR F 166 62.70 28.83 -105.23
CA THR F 166 63.59 27.67 -105.18
C THR F 166 64.96 28.04 -105.73
N PHE F 167 65.91 27.11 -105.56
CA PHE F 167 67.26 27.30 -106.08
C PHE F 167 67.92 25.93 -106.23
N SER F 168 69.04 25.91 -106.94
CA SER F 168 69.80 24.68 -107.14
C SER F 168 71.27 25.03 -107.26
N VAL F 169 72.12 24.06 -106.91
CA VAL F 169 73.57 24.18 -107.03
C VAL F 169 74.03 23.12 -108.02
N GLU F 170 74.50 23.55 -109.18
CA GLU F 170 74.98 22.66 -110.22
C GLU F 170 76.46 22.34 -110.04
N HIS F 171 76.85 21.10 -110.36
CA HIS F 171 78.22 20.62 -110.14
C HIS F 171 78.83 20.20 -111.46
N ASP F 172 80.15 20.30 -111.56
CA ASP F 172 80.86 19.75 -112.72
C ASP F 172 80.98 18.25 -112.55
N GLU F 173 80.43 17.49 -113.51
CA GLU F 173 80.36 16.05 -113.39
C GLU F 173 81.73 15.38 -113.38
N GLU F 174 82.75 16.01 -113.97
CA GLU F 174 84.07 15.41 -114.00
C GLU F 174 84.69 15.35 -112.61
N THR F 175 84.41 16.34 -111.75
CA THR F 175 84.99 16.43 -110.41
C THR F 175 83.98 16.79 -109.32
N GLN F 176 82.68 16.86 -109.65
CA GLN F 176 81.64 17.20 -108.67
C GLN F 176 81.91 18.54 -107.98
N LYS F 177 82.50 19.49 -108.71
CA LYS F 177 82.82 20.81 -108.20
C LYS F 177 81.69 21.77 -108.57
N ALA F 178 81.06 22.36 -107.55
CA ALA F 178 80.01 23.36 -107.74
C ALA F 178 80.45 24.45 -108.71
N SER F 179 79.62 24.70 -109.72
CA SER F 179 79.92 25.66 -110.77
C SER F 179 78.87 26.76 -110.91
N ARG F 180 77.60 26.48 -110.61
CA ARG F 180 76.54 27.48 -110.78
C ARG F 180 75.53 27.32 -109.66
N LEU F 181 75.42 28.33 -108.80
CA LEU F 181 74.37 28.42 -107.80
C LEU F 181 73.25 29.27 -108.39
N VAL F 182 72.13 28.63 -108.71
CA VAL F 182 71.08 29.24 -109.55
C VAL F 182 69.85 29.48 -108.70
N LEU F 183 69.41 30.73 -108.66
CA LEU F 183 68.18 31.10 -107.99
C LEU F 183 67.00 30.86 -108.93
N LYS F 184 66.02 30.07 -108.49
CA LYS F 184 64.85 29.76 -109.31
C LYS F 184 63.58 30.20 -108.58
N VAL F 185 63.18 31.45 -108.77
CA VAL F 185 61.98 31.94 -108.11
C VAL F 185 60.77 31.46 -108.89
N GLY F 186 59.81 30.88 -108.19
CA GLY F 186 58.67 30.26 -108.86
C GLY F 186 59.07 28.93 -109.47
N ASP F 187 59.19 28.89 -110.81
CA ASP F 187 59.63 27.70 -111.52
C ASP F 187 60.52 28.06 -112.70
N GLN F 188 61.22 29.19 -112.63
CA GLN F 188 62.11 29.65 -113.68
C GLN F 188 63.35 30.27 -113.07
N GLU F 189 64.46 30.18 -113.79
CA GLU F 189 65.71 30.77 -113.32
C GLU F 189 65.60 32.29 -113.31
N VAL F 190 66.23 32.92 -112.31
CA VAL F 190 66.26 34.39 -112.23
C VAL F 190 67.70 34.90 -112.26
N LYS F 191 68.64 34.10 -111.76
CA LYS F 191 70.04 34.52 -111.68
C LYS F 191 70.89 33.33 -111.26
N SER F 192 72.14 33.33 -111.72
CA SER F 192 73.10 32.28 -111.42
C SER F 192 74.47 32.91 -111.18
N TYR F 193 75.18 32.36 -110.19
CA TYR F 193 76.51 32.83 -109.82
C TYR F 193 77.57 31.86 -110.36
N ASP F 194 78.49 32.37 -111.17
CA ASP F 194 79.49 31.49 -111.79
C ASP F 194 80.62 31.23 -110.80
N LEU F 195 80.78 29.96 -110.42
CA LEU F 195 81.69 29.56 -109.34
C LEU F 195 83.04 29.08 -109.87
N THR F 196 83.44 29.53 -111.06
CA THR F 196 84.66 29.07 -111.72
C THR F 196 85.76 30.12 -111.77
N GLY F 197 85.49 31.35 -111.33
CA GLY F 197 86.50 32.38 -111.37
C GLY F 197 85.93 33.79 -111.22
N GLY F 198 86.75 34.71 -110.70
CA GLY F 198 86.35 36.09 -110.54
C GLY F 198 85.95 36.45 -109.12
N ALA F 199 84.94 37.30 -108.98
CA ALA F 199 84.53 37.75 -107.65
C ALA F 199 83.81 36.67 -106.87
N TYR F 200 83.31 35.63 -107.52
CA TYR F 200 82.44 34.65 -106.86
C TYR F 200 83.20 33.41 -106.41
N ASP F 201 84.55 33.47 -106.34
CA ASP F 201 85.34 32.32 -105.95
C ASP F 201 84.99 31.84 -104.55
N TYR F 202 84.54 32.74 -103.68
CA TYR F 202 84.20 32.44 -102.31
C TYR F 202 82.73 32.67 -102.07
N THR F 203 82.22 32.05 -101.00
CA THR F 203 80.80 32.16 -100.71
C THR F 203 80.41 33.57 -100.27
N ASN F 204 81.38 34.43 -99.92
CA ASN F 204 81.05 35.75 -99.40
C ASN F 204 80.34 36.58 -100.44
N ALA F 205 80.82 36.54 -101.69
CA ALA F 205 80.20 37.30 -102.76
C ALA F 205 78.80 36.77 -103.06
N ILE F 206 78.60 35.46 -102.89
CA ILE F 206 77.28 34.88 -103.08
C ILE F 206 76.32 35.36 -102.00
N ILE F 207 76.83 35.55 -100.78
CA ILE F 207 75.96 35.93 -99.67
C ILE F 207 75.57 37.40 -99.83
N THR F 208 76.55 38.23 -100.20
CA THR F 208 76.30 39.65 -100.39
C THR F 208 75.32 39.90 -101.52
N ASP F 209 75.47 39.19 -102.63
CA ASP F 209 74.58 39.40 -103.77
C ASP F 209 73.16 38.93 -103.46
N ILE F 210 73.03 37.78 -102.80
CA ILE F 210 71.71 37.32 -102.36
C ILE F 210 71.06 38.35 -101.44
N ASN F 211 71.80 38.80 -100.41
CA ASN F 211 71.22 39.78 -99.49
C ASN F 211 70.97 41.13 -100.15
N GLN F 212 71.62 41.42 -101.28
CA GLN F 212 71.36 42.67 -101.97
C GLN F 212 69.94 42.71 -102.52
N LEU F 213 69.37 41.55 -102.81
CA LEU F 213 68.00 41.48 -103.27
C LEU F 213 67.04 41.78 -102.11
N PRO F 214 66.11 42.72 -102.26
CA PRO F 214 65.23 43.04 -101.12
C PRO F 214 64.35 41.90 -100.67
N ASP F 215 64.13 40.88 -101.50
CA ASP F 215 63.22 39.80 -101.20
C ASP F 215 63.89 38.61 -100.50
N PHE F 216 65.18 38.71 -100.19
CA PHE F 216 65.95 37.60 -99.65
C PHE F 216 66.64 38.02 -98.36
N GLU F 217 66.94 37.03 -97.51
CA GLU F 217 67.70 37.23 -96.29
C GLU F 217 68.59 36.00 -96.10
N ALA F 218 69.90 36.19 -96.27
CA ALA F 218 70.87 35.10 -96.23
C ALA F 218 72.00 35.43 -95.25
N LYS F 219 71.65 35.59 -93.98
CA LYS F 219 72.67 35.74 -92.94
C LYS F 219 73.65 34.58 -92.93
N LEU F 220 74.94 34.91 -92.84
CA LEU F 220 75.99 33.93 -92.70
C LEU F 220 75.90 33.22 -91.35
N SER F 221 76.43 32.00 -91.30
CA SER F 221 76.40 31.22 -90.08
C SER F 221 77.21 31.93 -88.99
N PRO F 222 76.78 31.90 -87.73
CA PRO F 222 77.52 32.61 -86.67
C PRO F 222 78.63 31.81 -86.02
N PHE F 223 78.68 30.51 -86.25
CA PHE F 223 79.59 29.61 -85.52
C PHE F 223 80.97 29.67 -86.18
N GLY F 224 81.72 30.71 -85.83
CA GLY F 224 83.08 30.79 -86.31
C GLY F 224 83.16 31.09 -87.80
N ASP F 225 84.40 31.05 -88.30
CA ASP F 225 84.72 31.52 -89.65
C ASP F 225 84.75 30.31 -90.58
N LYS F 226 83.68 30.15 -91.34
CA LYS F 226 83.59 29.10 -92.36
C LYS F 226 84.14 29.66 -93.66
N ASN F 227 83.37 30.56 -94.31
CA ASN F 227 83.85 31.33 -95.46
C ASN F 227 84.43 30.44 -96.55
N LEU F 228 83.78 29.30 -96.77
CA LEU F 228 84.32 28.31 -97.68
C LEU F 228 84.31 28.82 -99.12
N GLU F 229 85.25 28.33 -99.91
CA GLU F 229 85.23 28.55 -101.34
C GLU F 229 83.92 28.04 -101.92
N SER F 230 83.46 28.69 -102.99
CA SER F 230 82.20 28.32 -103.62
C SER F 230 82.32 27.10 -104.51
N SER F 231 83.52 26.59 -104.75
CA SER F 231 83.65 25.40 -105.57
C SER F 231 83.24 24.15 -104.80
N LYS F 232 83.47 24.13 -103.49
CA LYS F 232 83.20 22.97 -102.65
C LYS F 232 81.75 22.86 -102.16
N LEU F 233 80.82 23.68 -102.64
CA LEU F 233 79.45 23.59 -102.16
C LEU F 233 78.77 22.32 -102.67
N ASP F 234 77.91 21.75 -101.82
CA ASP F 234 77.23 20.51 -102.14
C ASP F 234 75.97 20.78 -102.98
N LYS F 235 75.58 19.74 -103.72
CA LYS F 235 74.55 19.87 -104.74
C LYS F 235 73.17 20.08 -104.09
N ILE F 236 72.34 20.91 -104.72
CA ILE F 236 70.99 21.20 -104.27
C ILE F 236 70.10 21.24 -105.51
N GLU F 237 68.87 20.74 -105.37
CA GLU F 237 67.93 20.60 -106.47
C GLU F 237 66.55 21.09 -106.04
N ASN F 238 66.28 22.37 -106.28
CA ASN F 238 64.99 23.01 -106.01
C ASN F 238 64.55 22.80 -104.57
N ALA F 239 65.24 23.49 -103.67
CA ALA F 239 64.89 23.56 -102.26
C ALA F 239 64.09 24.82 -102.00
N ASN F 240 62.92 24.67 -101.36
CA ASN F 240 62.01 25.78 -101.17
C ASN F 240 62.61 26.82 -100.24
N ILE F 241 62.57 28.09 -100.66
CA ILE F 241 63.22 29.17 -99.93
C ILE F 241 62.18 29.99 -99.18
N LYS F 242 60.94 30.00 -99.67
CA LYS F 242 59.91 30.87 -99.09
C LYS F 242 59.60 30.45 -97.66
N ASP F 243 59.23 29.20 -97.46
CA ASP F 243 58.76 28.74 -96.16
C ASP F 243 59.87 28.32 -95.21
N LYS F 244 61.11 28.15 -95.71
CA LYS F 244 62.20 27.56 -94.95
C LYS F 244 63.45 28.41 -95.08
N ALA F 245 64.34 28.31 -94.08
CA ALA F 245 65.67 28.93 -94.14
C ALA F 245 66.64 27.83 -94.56
N VAL F 246 66.83 27.70 -95.87
CA VAL F 246 67.64 26.61 -96.41
C VAL F 246 69.11 26.87 -96.10
N TYR F 247 69.77 25.87 -95.51
CA TYR F 247 71.17 25.95 -95.16
C TYR F 247 71.98 25.18 -96.19
N VAL F 248 72.93 25.85 -96.83
CA VAL F 248 73.91 25.16 -97.67
C VAL F 248 74.92 24.50 -96.76
N LYS F 249 75.21 23.23 -97.01
CA LYS F 249 75.98 22.41 -96.06
C LYS F 249 77.47 22.48 -96.36
N ALA F 250 77.90 21.85 -97.46
CA ALA F 250 79.32 21.74 -97.80
C ALA F 250 80.08 21.11 -96.63
N VAL F 251 79.86 19.81 -96.46
CA VAL F 251 80.29 19.14 -95.23
C VAL F 251 81.80 19.00 -95.20
N PHE F 252 82.41 18.55 -96.30
CA PHE F 252 83.83 18.23 -96.26
C PHE F 252 84.69 19.48 -96.25
N GLY F 253 84.25 20.56 -96.90
CA GLY F 253 84.98 21.80 -96.82
C GLY F 253 85.02 22.36 -95.40
N ASP F 254 83.90 22.30 -94.69
CA ASP F 254 83.93 22.75 -93.30
C ASP F 254 84.69 21.77 -92.43
N LEU F 255 84.66 20.48 -92.76
CA LEU F 255 85.46 19.53 -91.99
C LEU F 255 86.94 19.85 -92.10
N GLU F 256 87.37 20.24 -93.30
CA GLU F 256 88.76 20.61 -93.52
C GLU F 256 89.08 21.92 -92.81
N LYS F 257 88.15 22.87 -92.85
CA LYS F 257 88.41 24.19 -92.29
C LYS F 257 88.53 24.12 -90.77
N GLN F 258 87.58 23.44 -90.11
CA GLN F 258 87.61 23.39 -88.64
C GLN F 258 88.79 22.57 -88.14
N THR F 259 89.13 21.46 -88.81
CA THR F 259 90.21 20.60 -88.37
C THR F 259 91.57 21.00 -88.92
N ALA F 260 91.74 22.26 -89.32
CA ALA F 260 92.99 22.69 -89.95
C ALA F 260 94.00 23.14 -88.90
N TYR F 261 93.64 24.11 -88.07
CA TYR F 261 94.52 24.67 -87.06
C TYR F 261 94.44 23.97 -85.71
N ASN F 262 93.76 22.81 -85.63
CA ASN F 262 93.48 22.18 -84.35
C ASN F 262 93.63 20.68 -84.50
N GLY F 263 94.39 20.06 -83.60
CA GLY F 263 94.43 18.62 -83.50
C GLY F 263 95.51 18.00 -84.37
N ILE F 264 95.85 16.76 -84.02
CA ILE F 264 96.90 16.03 -84.73
C ILE F 264 96.36 15.34 -85.97
N VAL F 265 95.09 14.93 -85.94
CA VAL F 265 94.51 14.05 -86.94
C VAL F 265 94.19 14.83 -88.21
N SER F 266 94.30 14.15 -89.35
CA SER F 266 93.95 14.69 -90.66
C SER F 266 92.98 13.75 -91.36
N PHE F 267 92.20 14.31 -92.28
CA PHE F 267 91.09 13.61 -92.91
C PHE F 267 91.14 13.78 -94.42
N GLU F 268 90.69 12.76 -95.14
CA GLU F 268 90.61 12.76 -96.60
C GLU F 268 89.36 12.03 -97.05
N GLN F 269 88.67 12.61 -98.03
CA GLN F 269 87.43 12.04 -98.54
C GLN F 269 87.75 10.96 -99.57
N LEU F 270 87.05 9.83 -99.46
CA LEU F 270 87.22 8.73 -100.41
C LEU F 270 86.42 9.03 -101.67
N LYS F 298 83.10 8.92 -102.51
CA LYS F 298 82.09 8.22 -101.73
C LYS F 298 81.53 9.15 -100.67
N THR F 299 80.23 9.03 -100.42
CA THR F 299 79.57 9.90 -99.45
C THR F 299 80.04 9.57 -98.04
N ILE F 300 80.16 10.61 -97.22
CA ILE F 300 80.55 10.47 -95.83
C ILE F 300 79.33 10.06 -95.01
N GLU F 301 79.53 9.22 -94.01
CA GLU F 301 78.48 8.82 -93.08
C GLU F 301 79.06 8.73 -91.68
N PRO F 302 78.21 8.80 -90.64
CA PRO F 302 78.74 8.68 -89.27
C PRO F 302 79.23 7.27 -88.97
N PHE F 303 80.15 7.20 -88.01
CA PHE F 303 80.76 5.93 -87.62
C PHE F 303 81.06 5.98 -86.13
N GLU F 304 81.10 4.79 -85.52
CA GLU F 304 81.43 4.68 -84.11
C GLU F 304 82.89 5.05 -83.86
N LEU F 305 83.22 5.14 -82.57
CA LEU F 305 84.56 5.57 -82.14
C LEU F 305 85.60 4.57 -82.61
N THR F 306 86.40 4.96 -83.60
CA THR F 306 87.35 4.06 -84.25
C THR F 306 88.77 4.41 -83.84
N LYS F 307 89.57 3.38 -83.60
CA LYS F 307 90.95 3.51 -83.17
C LYS F 307 91.88 3.18 -84.33
N LEU F 308 92.94 3.96 -84.47
CA LEU F 308 93.76 3.91 -85.66
C LEU F 308 94.68 2.69 -85.62
N LYS F 309 95.33 2.41 -86.76
CA LYS F 309 96.31 1.32 -86.80
C LYS F 309 97.46 1.69 -87.71
N GLY F 310 98.49 0.85 -87.70
CA GLY F 310 99.63 1.01 -88.59
C GLY F 310 100.64 2.03 -88.15
N GLY F 311 100.63 2.43 -86.89
CA GLY F 311 101.73 3.16 -86.28
C GLY F 311 102.88 2.25 -85.92
N THR F 312 103.97 2.29 -86.70
CA THR F 312 105.11 1.42 -86.48
C THR F 312 106.40 2.23 -86.50
N ASN F 313 107.34 1.96 -85.58
CA ASN F 313 108.67 2.58 -85.53
C ASN F 313 109.60 1.99 -86.60
N GLY F 314 109.46 0.70 -86.91
CA GLY F 314 110.33 0.04 -87.86
C GLY F 314 111.57 -0.51 -87.18
N GLU F 315 112.71 -0.40 -87.84
CA GLU F 315 114.00 -0.82 -87.31
C GLU F 315 115.03 0.21 -87.72
N PRO F 316 116.14 0.33 -86.97
CA PRO F 316 117.16 1.31 -87.36
C PRO F 316 117.86 0.89 -88.63
N PRO F 317 118.29 1.84 -89.46
CA PRO F 317 118.95 1.48 -90.71
C PRO F 317 120.35 0.94 -90.48
N ALA F 318 120.88 0.25 -91.49
CA ALA F 318 122.24 -0.24 -91.46
C ALA F 318 123.24 0.75 -92.04
N THR F 319 122.78 1.91 -92.50
CA THR F 319 123.65 2.92 -93.08
C THR F 319 123.03 4.29 -92.86
N TRP F 320 123.74 5.18 -92.17
CA TRP F 320 123.23 6.52 -91.92
C TRP F 320 123.62 7.51 -93.01
N ALA F 321 124.34 7.07 -94.04
CA ALA F 321 124.82 7.99 -95.07
C ALA F 321 123.66 8.62 -95.83
N ASP F 322 122.59 7.85 -96.05
CA ASP F 322 121.44 8.41 -96.77
C ASP F 322 120.70 9.42 -95.90
N LYS F 323 120.63 9.19 -94.59
CA LYS F 323 120.08 10.12 -93.60
C LYS F 323 121.00 11.33 -93.46
N LEU F 324 122.31 11.13 -93.45
CA LEU F 324 123.22 12.26 -93.22
C LEU F 324 123.21 13.26 -94.37
N ASP F 325 123.07 12.77 -95.62
CA ASP F 325 122.90 13.66 -96.78
C ASP F 325 121.91 14.81 -96.56
N LYS F 326 120.90 14.64 -95.71
CA LYS F 326 119.93 15.72 -95.45
C LYS F 326 120.60 16.92 -94.84
N PHE F 327 121.70 16.76 -94.10
CA PHE F 327 122.47 17.85 -93.52
C PHE F 327 123.55 18.36 -94.45
N ALA F 328 123.35 18.23 -95.77
CA ALA F 328 124.41 18.64 -96.70
C ALA F 328 124.43 20.15 -96.88
N HIS F 329 123.26 20.78 -96.93
CA HIS F 329 123.10 22.20 -97.20
C HIS F 329 122.17 22.83 -96.17
N GLU F 330 122.31 22.44 -94.90
CA GLU F 330 121.57 23.04 -93.80
C GLU F 330 122.34 24.07 -92.99
N GLY F 331 123.62 24.30 -93.28
CA GLY F 331 124.38 25.32 -92.57
C GLY F 331 125.08 24.84 -91.32
N GLY F 332 124.96 23.56 -90.98
CA GLY F 332 125.57 23.05 -89.77
C GLY F 332 127.09 23.08 -89.84
N TYR F 333 127.70 23.14 -88.66
CA TYR F 333 129.16 23.07 -88.51
C TYR F 333 129.60 21.90 -87.61
N TYR F 334 128.96 21.70 -86.47
CA TYR F 334 129.20 20.56 -85.59
C TYR F 334 128.06 19.56 -85.74
N ILE F 335 128.42 18.30 -85.85
CA ILE F 335 127.46 17.21 -85.93
C ILE F 335 127.94 16.07 -85.05
N VAL F 336 127.01 15.40 -84.37
CA VAL F 336 127.32 14.31 -83.46
C VAL F 336 126.29 13.19 -83.69
N PRO F 337 126.69 11.94 -83.92
CA PRO F 337 125.71 10.85 -83.92
C PRO F 337 125.56 10.22 -82.55
N LEU F 338 124.32 9.84 -82.22
CA LEU F 338 124.02 9.22 -80.94
C LEU F 338 124.17 7.69 -81.06
N SER F 339 125.42 7.27 -81.27
CA SER F 339 125.72 5.85 -81.41
C SER F 339 127.23 5.63 -81.37
N SER F 340 127.66 4.63 -80.60
CA SER F 340 129.07 4.29 -80.43
C SER F 340 129.61 3.33 -81.49
N LYS F 341 128.83 2.98 -82.50
CA LYS F 341 129.28 2.06 -83.54
C LYS F 341 130.36 2.69 -84.41
N GLN F 342 131.40 1.93 -84.74
CA GLN F 342 132.50 2.42 -85.57
C GLN F 342 132.05 2.69 -87.01
N SER F 343 131.09 1.92 -87.52
CA SER F 343 130.55 2.10 -88.86
C SER F 343 129.86 3.46 -88.99
N VAL F 344 129.05 3.85 -88.00
CA VAL F 344 128.39 5.15 -88.05
C VAL F 344 129.41 6.27 -87.91
N HIS F 345 130.49 6.06 -87.14
CA HIS F 345 131.58 7.03 -87.05
C HIS F 345 132.28 7.19 -88.41
N ALA F 346 132.58 6.08 -89.07
CA ALA F 346 133.16 6.08 -90.41
C ALA F 346 132.25 6.75 -91.45
N GLU F 347 130.93 6.56 -91.37
CA GLU F 347 130.03 7.22 -92.30
C GLU F 347 129.93 8.70 -92.01
N VAL F 348 129.97 9.14 -90.76
CA VAL F 348 129.99 10.56 -90.45
C VAL F 348 131.30 11.19 -90.91
N ALA F 349 132.43 10.52 -90.67
CA ALA F 349 133.72 10.98 -91.13
C ALA F 349 133.75 11.19 -92.66
N SER F 350 133.16 10.28 -93.43
CA SER F 350 133.10 10.44 -94.88
C SER F 350 132.18 11.59 -95.27
N PHE F 351 131.07 11.77 -94.56
CA PHE F 351 130.15 12.84 -94.87
C PHE F 351 130.80 14.20 -94.63
N VAL F 352 131.36 14.42 -93.43
CA VAL F 352 131.94 15.73 -93.10
C VAL F 352 133.13 16.03 -94.00
N LYS F 353 133.94 15.01 -94.34
CA LYS F 353 135.05 15.16 -95.26
C LYS F 353 134.53 15.64 -96.63
N GLU F 354 133.54 14.96 -97.18
CA GLU F 354 132.98 15.30 -98.48
C GLU F 354 132.40 16.72 -98.50
N ARG F 355 131.66 17.10 -97.46
CA ARG F 355 131.11 18.44 -97.42
C ARG F 355 132.19 19.48 -97.16
N SER F 356 133.27 19.12 -96.47
CA SER F 356 134.38 20.05 -96.27
C SER F 356 135.17 20.27 -97.56
N ASP F 357 135.22 19.29 -98.46
CA ASP F 357 135.78 19.53 -99.79
C ASP F 357 134.84 20.31 -100.69
N ALA F 358 133.56 20.44 -100.32
CA ALA F 358 132.57 21.12 -101.15
C ALA F 358 132.31 22.56 -100.71
N GLY F 359 133.23 23.15 -99.93
CA GLY F 359 133.06 24.52 -99.49
C GLY F 359 132.16 24.71 -98.30
N GLU F 360 131.81 23.63 -97.58
CA GLU F 360 130.95 23.69 -96.40
C GLU F 360 131.60 22.94 -95.24
N PRO F 361 132.63 23.52 -94.62
CA PRO F 361 133.43 22.83 -93.64
C PRO F 361 132.58 22.44 -92.43
N MET F 362 132.82 21.25 -91.91
CA MET F 362 132.18 20.67 -90.73
C MET F 362 133.20 19.92 -89.90
N ARG F 363 132.85 19.62 -88.64
CA ARG F 363 133.61 18.73 -87.76
C ARG F 363 132.67 17.82 -86.99
N ALA F 364 133.17 16.64 -86.63
CA ALA F 364 132.42 15.64 -85.89
C ALA F 364 133.06 15.30 -84.54
N ILE F 365 132.24 14.97 -83.55
CA ILE F 365 132.71 14.54 -82.24
C ILE F 365 132.05 13.20 -81.91
N VAL F 366 132.78 12.26 -81.32
CA VAL F 366 132.32 10.88 -81.08
C VAL F 366 132.79 10.35 -79.72
N GLY F 367 132.12 9.36 -79.14
CA GLY F 367 132.46 8.82 -77.83
C GLY F 367 132.57 7.31 -77.88
N GLY F 368 133.38 6.77 -76.99
CA GLY F 368 133.64 5.34 -76.93
C GLY F 368 132.76 4.54 -75.98
N GLY F 369 131.46 4.52 -76.26
CA GLY F 369 130.55 3.58 -75.63
C GLY F 369 130.44 3.70 -74.12
N PHE F 370 130.30 2.55 -73.45
CA PHE F 370 130.18 2.46 -72.00
C PHE F 370 131.52 2.07 -71.40
N ASN F 371 132.27 3.07 -70.93
CA ASN F 371 133.52 2.88 -70.19
C ASN F 371 134.47 1.91 -70.91
N GLU F 372 134.71 2.15 -72.20
CA GLU F 372 135.62 1.31 -72.95
C GLU F 372 137.06 1.52 -72.48
N SER F 373 137.85 0.45 -72.56
CA SER F 373 139.23 0.49 -72.09
C SER F 373 140.10 1.36 -73.00
N LYS F 374 141.32 1.64 -72.53
CA LYS F 374 142.24 2.47 -73.31
C LYS F 374 142.64 1.81 -74.62
N GLU F 375 142.78 0.48 -74.63
CA GLU F 375 143.15 -0.23 -75.85
C GLU F 375 142.11 0.01 -76.94
N GLN F 376 140.83 -0.14 -76.59
CA GLN F 376 139.75 0.10 -77.53
C GLN F 376 139.72 1.55 -78.00
N LEU F 377 140.01 2.49 -77.10
CA LEU F 377 140.06 3.89 -77.47
C LEU F 377 141.19 4.15 -78.46
N PHE F 378 142.37 3.53 -78.27
CA PHE F 378 143.47 3.64 -79.21
C PHE F 378 143.10 3.01 -80.56
N GLY F 379 142.45 1.85 -80.56
CA GLY F 379 141.99 1.20 -81.78
C GLY F 379 140.98 2.04 -82.55
N ARG F 380 140.08 2.72 -81.83
CA ARG F 380 139.16 3.70 -82.42
C ARG F 380 139.90 4.87 -83.04
N GLN F 381 140.86 5.47 -82.33
CA GLN F 381 141.62 6.58 -82.88
C GLN F 381 142.42 6.16 -84.12
N ALA F 382 143.07 4.99 -84.09
CA ALA F 382 143.79 4.45 -85.24
C ALA F 382 142.87 4.21 -86.46
N SER F 383 141.62 3.84 -86.23
CA SER F 383 140.64 3.68 -87.29
C SER F 383 140.20 5.01 -87.94
N LEU F 384 140.49 6.14 -87.31
CA LEU F 384 140.10 7.47 -87.78
C LEU F 384 141.28 8.28 -88.31
N SER F 385 142.23 8.65 -87.43
CA SER F 385 143.36 9.54 -87.75
C SER F 385 142.95 10.79 -88.55
N ASN F 386 141.78 11.35 -88.26
CA ASN F 386 141.11 12.32 -89.14
C ASN F 386 141.12 13.72 -88.51
N PRO F 387 141.69 14.73 -89.16
CA PRO F 387 141.75 16.09 -88.63
C PRO F 387 140.40 16.67 -88.21
N ARG F 388 139.32 16.31 -88.88
CA ARG F 388 137.98 16.87 -88.62
C ARG F 388 137.14 16.04 -87.65
N VAL F 389 137.75 15.08 -86.95
CA VAL F 389 137.07 14.23 -85.96
C VAL F 389 137.81 14.23 -84.63
N SER F 390 137.08 14.33 -83.53
CA SER F 390 137.61 14.27 -82.15
C SER F 390 136.89 13.21 -81.32
N LEU F 391 137.62 12.51 -80.47
CA LEU F 391 137.14 11.32 -79.74
C LEU F 391 137.10 11.56 -78.23
N VAL F 392 136.00 11.16 -77.57
CA VAL F 392 135.81 11.32 -76.14
C VAL F 392 135.94 9.96 -75.47
N ALA F 393 136.82 9.87 -74.48
CA ALA F 393 137.02 8.66 -73.68
C ALA F 393 136.02 8.56 -72.52
N ASN F 394 135.81 9.65 -71.77
CA ASN F 394 135.05 9.58 -70.54
C ASN F 394 133.55 9.37 -70.79
N SER F 395 132.92 8.58 -69.93
CA SER F 395 131.48 8.48 -69.85
C SER F 395 131.08 8.64 -68.39
N GLY F 396 129.92 9.23 -68.17
CA GLY F 396 129.48 9.52 -66.82
C GLY F 396 127.99 9.77 -66.74
N THR F 397 127.55 10.06 -65.52
CA THR F 397 126.15 10.31 -65.21
C THR F 397 125.87 11.81 -65.21
N PHE F 398 124.83 12.22 -65.92
CA PHE F 398 124.32 13.59 -65.91
C PHE F 398 122.98 13.63 -65.17
N VAL F 399 122.92 14.45 -64.12
CA VAL F 399 121.70 14.58 -63.32
C VAL F 399 120.77 15.54 -64.03
N MET F 400 119.71 15.00 -64.64
CA MET F 400 118.78 15.87 -65.35
C MET F 400 118.00 16.73 -64.37
N ASP F 401 117.70 17.96 -64.79
CA ASP F 401 116.81 18.83 -64.03
C ASP F 401 115.47 18.17 -63.71
N ASP F 402 115.05 17.19 -64.49
CA ASP F 402 113.81 16.47 -64.23
C ASP F 402 113.94 15.52 -63.06
N GLY F 403 115.17 15.24 -62.59
CA GLY F 403 115.41 14.36 -61.49
C GLY F 403 115.87 12.97 -61.89
N ARG F 404 115.83 12.65 -63.17
CA ARG F 404 116.39 11.37 -63.64
C ARG F 404 117.91 11.45 -63.68
N LYS F 405 118.54 10.42 -63.12
CA LYS F 405 120.00 10.26 -63.18
C LYS F 405 120.31 9.54 -64.48
N ASN F 406 120.72 10.31 -65.49
CA ASN F 406 121.04 9.77 -66.81
C ASN F 406 122.46 9.25 -66.77
N HIS F 407 122.61 7.96 -66.45
CA HIS F 407 123.89 7.25 -66.61
C HIS F 407 124.01 6.85 -68.07
N VAL F 408 124.80 7.59 -68.82
CA VAL F 408 124.76 7.58 -70.27
C VAL F 408 126.14 7.23 -70.81
N PRO F 409 126.22 6.71 -72.05
CA PRO F 409 127.55 6.39 -72.62
C PRO F 409 128.32 7.64 -73.01
N ALA F 410 129.45 7.45 -73.70
CA ALA F 410 130.39 8.53 -73.96
C ALA F 410 129.99 9.46 -75.09
N TYR F 411 129.06 9.05 -75.97
CA TYR F 411 128.68 9.92 -77.07
C TYR F 411 127.71 11.01 -76.61
N MET F 412 127.03 10.80 -75.47
CA MET F 412 126.28 11.89 -74.86
C MET F 412 127.21 12.91 -74.22
N VAL F 413 128.38 12.46 -73.75
CA VAL F 413 129.39 13.41 -73.27
C VAL F 413 129.94 14.20 -74.45
N ALA F 414 130.09 13.54 -75.59
CA ALA F 414 130.51 14.25 -76.80
C ALA F 414 129.45 15.25 -77.24
N VAL F 415 128.17 14.93 -77.01
CA VAL F 415 127.10 15.87 -77.31
C VAL F 415 127.22 17.08 -76.40
N ALA F 416 127.67 16.86 -75.16
CA ALA F 416 127.80 17.98 -74.23
C ALA F 416 128.98 18.85 -74.60
N LEU F 417 130.08 18.23 -75.03
CA LEU F 417 131.22 19.03 -75.50
C LEU F 417 130.86 19.82 -76.74
N GLY F 418 130.07 19.24 -77.64
CA GLY F 418 129.69 19.96 -78.84
C GLY F 418 128.75 21.11 -78.55
N GLY F 419 127.82 20.92 -77.60
CA GLY F 419 126.98 22.02 -77.17
C GLY F 419 127.71 23.10 -76.42
N LEU F 420 128.80 22.74 -75.73
CA LEU F 420 129.63 23.75 -75.09
C LEU F 420 130.42 24.53 -76.13
N ALA F 421 131.00 23.83 -77.10
CA ALA F 421 131.83 24.49 -78.11
C ALA F 421 131.00 25.34 -79.06
N SER F 422 129.75 24.96 -79.34
CA SER F 422 128.93 25.79 -80.22
C SER F 422 128.64 27.16 -79.63
N GLY F 423 128.58 27.29 -78.31
CA GLY F 423 128.34 28.58 -77.70
C GLY F 423 129.57 29.45 -77.58
N LEU F 424 130.75 28.88 -77.79
CA LEU F 424 131.98 29.62 -77.57
C LEU F 424 132.38 30.34 -78.86
N GLU F 425 132.98 31.51 -78.69
CA GLU F 425 133.30 32.36 -79.83
C GLU F 425 134.32 31.68 -80.73
N ILE F 426 134.40 32.19 -81.97
CA ILE F 426 135.33 31.64 -82.96
C ILE F 426 136.74 31.83 -82.45
N GLY F 427 137.56 30.78 -82.52
CA GLY F 427 138.94 30.83 -82.10
C GLY F 427 139.17 30.32 -80.70
N GLU F 428 138.12 30.24 -79.88
CA GLU F 428 138.26 29.80 -78.50
C GLU F 428 138.43 28.28 -78.48
N SER F 429 138.53 27.71 -77.29
CA SER F 429 138.82 26.29 -77.12
C SER F 429 138.11 25.78 -75.88
N ILE F 430 137.70 24.51 -75.92
CA ILE F 430 137.04 23.93 -74.76
C ILE F 430 138.03 23.48 -73.69
N THR F 431 139.32 23.77 -73.89
CA THR F 431 140.32 23.33 -72.92
C THR F 431 140.11 24.03 -71.58
N PHE F 432 140.23 23.25 -70.50
CA PHE F 432 140.10 23.69 -69.11
C PHE F 432 138.72 24.23 -68.76
N LYS F 433 137.72 24.08 -69.64
CA LYS F 433 136.40 24.60 -69.34
C LYS F 433 135.63 23.59 -68.49
N PRO F 434 134.66 24.03 -67.68
CA PRO F 434 133.85 23.06 -66.96
C PRO F 434 132.86 22.33 -67.87
N LEU F 435 132.50 21.11 -67.45
CA LEU F 435 131.60 20.26 -68.21
C LEU F 435 130.22 20.07 -67.56
N ARG F 436 130.08 20.43 -66.28
CA ARG F 436 128.77 20.42 -65.61
C ARG F 436 128.23 18.99 -65.50
N VAL F 437 129.12 18.05 -65.25
CA VAL F 437 128.78 16.63 -65.14
C VAL F 437 128.82 16.26 -63.66
N SER F 438 127.89 15.40 -63.25
CA SER F 438 127.83 15.04 -61.83
C SER F 438 128.93 14.04 -61.48
N SER F 439 129.12 13.01 -62.30
CA SER F 439 130.05 11.95 -61.97
C SER F 439 130.50 11.28 -63.27
N LEU F 440 131.63 10.57 -63.18
CA LEU F 440 132.25 9.90 -64.32
C LEU F 440 132.58 8.46 -63.92
N ASP F 441 132.56 7.57 -64.90
CA ASP F 441 132.75 6.15 -64.58
C ASP F 441 134.18 5.86 -64.14
N GLN F 442 135.16 6.59 -64.68
CA GLN F 442 136.57 6.41 -64.39
C GLN F 442 137.20 7.73 -63.98
N ILE F 443 138.08 7.68 -62.99
CA ILE F 443 138.90 8.83 -62.60
C ILE F 443 140.30 8.55 -63.13
N TYR F 444 140.60 9.08 -64.32
CA TYR F 444 141.90 8.76 -64.93
C TYR F 444 143.03 9.41 -64.13
N GLU F 445 144.13 8.67 -64.01
CA GLU F 445 145.32 9.14 -63.30
C GLU F 445 146.12 10.07 -64.22
N SER F 446 147.21 10.63 -63.67
CA SER F 446 148.05 11.51 -64.49
C SER F 446 148.67 10.75 -65.65
N ILE F 447 149.11 9.51 -65.42
CA ILE F 447 149.67 8.70 -66.50
C ILE F 447 148.60 8.42 -67.56
N ASP F 448 147.37 8.15 -67.13
CA ASP F 448 146.32 7.82 -68.10
C ASP F 448 145.95 9.03 -68.94
N LEU F 449 145.65 10.16 -68.29
CA LEU F 449 145.42 11.42 -69.02
C LEU F 449 146.55 11.75 -69.98
N ASP F 450 147.80 11.64 -69.54
CA ASP F 450 148.92 11.93 -70.43
C ASP F 450 148.93 10.99 -71.63
N GLU F 451 148.64 9.71 -71.41
CA GLU F 451 148.58 8.77 -72.53
C GLU F 451 147.43 9.10 -73.47
N LEU F 452 146.24 9.40 -72.91
CA LEU F 452 145.12 9.77 -73.76
C LEU F 452 145.42 11.02 -74.57
N ASN F 453 146.01 12.04 -73.95
CA ASN F 453 146.29 13.28 -74.65
C ASN F 453 147.29 13.06 -75.78
N GLU F 454 148.35 12.31 -75.52
CA GLU F 454 149.37 12.04 -76.54
C GLU F 454 148.79 11.24 -77.71
N ASN F 455 147.83 10.36 -77.45
CA ASN F 455 147.17 9.59 -78.49
C ASN F 455 146.08 10.37 -79.21
N GLY F 456 145.87 11.63 -78.88
CA GLY F 456 144.83 12.43 -79.50
C GLY F 456 143.43 11.98 -79.13
N ILE F 457 143.13 11.95 -77.83
CA ILE F 457 141.84 11.53 -77.32
C ILE F 457 141.49 12.47 -76.17
N ILE F 458 140.27 13.01 -76.19
CA ILE F 458 139.86 13.98 -75.17
C ILE F 458 139.43 13.22 -73.92
N SER F 459 139.86 13.73 -72.76
CA SER F 459 139.52 13.15 -71.47
C SER F 459 139.18 14.27 -70.50
N ILE F 460 138.54 13.89 -69.39
CA ILE F 460 138.08 14.82 -68.37
C ILE F 460 138.64 14.36 -67.04
N GLU F 461 139.13 15.31 -66.23
CA GLU F 461 139.67 15.04 -64.91
C GLU F 461 138.79 15.65 -63.84
N PHE F 462 138.91 15.11 -62.63
CA PHE F 462 138.11 15.53 -61.47
C PHE F 462 139.04 16.26 -60.51
N VAL F 463 138.82 17.57 -60.34
CA VAL F 463 139.68 18.41 -59.51
C VAL F 463 139.17 18.33 -58.08
N ARG F 464 139.98 17.74 -57.19
CA ARG F 464 139.69 17.69 -55.76
C ARG F 464 140.57 18.60 -54.92
N ASN F 465 141.62 19.19 -55.50
CA ASN F 465 142.50 20.04 -54.69
C ASN F 465 141.77 21.30 -54.22
N ARG F 466 140.83 21.80 -55.01
CA ARG F 466 140.12 23.03 -54.68
C ARG F 466 139.12 22.79 -53.55
N THR F 467 138.62 23.90 -52.99
CA THR F 467 137.58 23.81 -51.95
C THR F 467 136.27 23.26 -52.49
N ASN F 468 136.03 23.36 -53.79
CA ASN F 468 134.80 22.87 -54.41
C ASN F 468 135.21 22.16 -55.69
N THR F 469 134.83 20.90 -55.79
CA THR F 469 135.30 20.05 -56.87
C THR F 469 134.43 20.25 -58.10
N PHE F 470 135.05 20.20 -59.28
CA PHE F 470 134.30 20.19 -60.52
C PHE F 470 135.12 19.46 -61.58
N PHE F 471 134.44 19.06 -62.65
CA PHE F 471 135.08 18.39 -63.77
C PHE F 471 135.42 19.39 -64.85
N ARG F 472 136.64 19.30 -65.39
CA ARG F 472 137.13 20.19 -66.43
C ARG F 472 137.78 19.41 -67.56
N ILE F 473 137.69 19.95 -68.76
CA ILE F 473 138.27 19.29 -69.94
C ILE F 473 139.75 19.60 -70.00
N VAL F 474 140.54 18.59 -70.41
CA VAL F 474 141.99 18.70 -70.41
C VAL F 474 142.50 19.30 -71.73
N ASP F 475 141.88 18.96 -72.87
CA ASP F 475 142.34 19.47 -74.14
C ASP F 475 141.23 19.27 -75.18
N ASP F 476 141.45 19.88 -76.34
CA ASP F 476 140.57 19.77 -77.50
C ASP F 476 141.30 19.14 -78.68
N VAL F 477 142.19 18.18 -78.39
CA VAL F 477 143.00 17.57 -79.44
C VAL F 477 142.10 16.73 -80.35
N THR F 478 142.36 16.79 -81.66
CA THR F 478 141.70 16.02 -82.72
C THR F 478 142.31 14.62 -82.87
N THR F 479 141.69 13.72 -83.63
CA THR F 479 142.23 12.37 -83.83
C THR F 479 143.43 12.28 -84.79
N PHE F 480 143.73 13.32 -85.57
CA PHE F 480 144.94 13.36 -86.39
C PHE F 480 146.20 13.33 -85.53
N ASN F 481 147.22 12.61 -85.97
CA ASN F 481 148.26 12.13 -85.05
C ASN F 481 149.51 13.04 -84.95
N ASP F 482 149.94 13.64 -86.05
CA ASP F 482 151.17 14.44 -86.09
C ASP F 482 150.91 15.78 -85.43
N LYS F 483 151.64 16.05 -84.34
CA LYS F 483 151.52 17.32 -83.64
C LYS F 483 152.26 18.46 -84.33
N SER F 484 153.12 18.17 -85.30
CA SER F 484 153.84 19.24 -85.99
C SER F 484 152.90 20.16 -86.74
N ASP F 485 151.67 19.70 -87.06
CA ASP F 485 150.70 20.53 -87.75
C ASP F 485 149.71 21.10 -86.72
N PRO F 486 149.95 22.27 -86.13
CA PRO F 486 149.03 22.75 -85.08
C PRO F 486 147.62 23.01 -85.58
N VAL F 487 147.46 23.41 -86.84
CA VAL F 487 146.13 23.67 -87.41
C VAL F 487 145.29 22.40 -87.34
N LYS F 488 145.81 21.28 -87.84
CA LYS F 488 145.06 20.00 -87.86
C LYS F 488 145.02 19.32 -86.50
N ALA F 489 145.99 19.55 -85.63
CA ALA F 489 146.02 18.96 -84.29
C ALA F 489 145.10 19.64 -83.27
N GLU F 490 144.48 20.79 -83.58
CA GLU F 490 143.71 21.56 -82.61
C GLU F 490 142.41 22.07 -83.23
N MET F 491 141.29 21.77 -82.57
CA MET F 491 139.99 22.23 -83.03
C MET F 491 139.92 23.75 -83.19
N ALA F 492 140.48 24.51 -82.23
CA ALA F 492 140.29 25.95 -82.23
C ALA F 492 140.92 26.60 -83.46
N VAL F 493 142.20 26.30 -83.72
CA VAL F 493 142.89 26.91 -84.85
C VAL F 493 142.22 26.54 -86.16
N GLY F 494 141.85 25.26 -86.32
CA GLY F 494 141.16 24.87 -87.55
C GLY F 494 139.80 25.53 -87.68
N GLU F 495 139.06 25.66 -86.57
CA GLU F 495 137.77 26.32 -86.61
C GLU F 495 137.91 27.77 -87.04
N ALA F 496 138.91 28.47 -86.49
CA ALA F 496 139.10 29.87 -86.83
C ALA F 496 139.49 30.03 -88.29
N ASN F 497 140.34 29.14 -88.79
CA ASN F 497 140.72 29.19 -90.20
C ASN F 497 139.52 28.93 -91.11
N ASP F 498 138.72 27.91 -90.79
CA ASP F 498 137.52 27.55 -91.54
C ASP F 498 136.55 28.72 -91.61
N PHE F 499 136.24 29.33 -90.46
CA PHE F 499 135.27 30.42 -90.41
C PHE F 499 135.78 31.65 -91.16
N LEU F 500 137.06 31.99 -90.98
CA LEU F 500 137.65 33.10 -91.73
C LEU F 500 137.51 32.88 -93.23
N VAL F 501 137.93 31.71 -93.70
CA VAL F 501 137.91 31.41 -95.12
C VAL F 501 136.48 31.48 -95.65
N SER F 502 135.52 30.89 -94.93
CA SER F 502 134.15 30.89 -95.42
C SER F 502 133.56 32.30 -95.46
N GLU F 503 133.64 33.04 -94.35
CA GLU F 503 133.13 34.41 -94.34
C GLU F 503 133.78 35.27 -95.42
N LEU F 504 135.11 35.20 -95.56
CA LEU F 504 135.79 36.05 -96.55
C LEU F 504 135.37 35.65 -97.97
N LYS F 505 135.24 34.36 -98.25
CA LYS F 505 134.80 33.89 -99.56
C LYS F 505 133.37 34.32 -99.84
N VAL F 506 132.46 34.20 -98.87
CA VAL F 506 131.07 34.61 -99.08
C VAL F 506 130.98 36.12 -99.26
N GLN F 507 131.68 36.89 -98.42
CA GLN F 507 131.53 38.34 -98.47
C GLN F 507 132.13 38.91 -99.76
N LEU F 508 133.24 38.33 -100.22
CA LEU F 508 133.84 38.74 -101.48
C LEU F 508 132.91 38.44 -102.66
N GLU F 509 132.17 37.32 -102.64
CA GLU F 509 131.15 37.06 -103.65
C GLU F 509 130.03 38.11 -103.57
N ASP F 510 129.46 38.31 -102.40
CA ASP F 510 128.32 39.21 -102.23
C ASP F 510 128.66 40.65 -102.60
N GLN F 511 129.93 41.04 -102.49
CA GLN F 511 130.30 42.44 -102.72
C GLN F 511 130.69 42.69 -104.17
N PHE F 512 131.81 42.10 -104.61
CA PHE F 512 132.50 42.60 -105.79
C PHE F 512 132.18 41.85 -107.07
N ILE F 513 131.68 40.61 -107.01
CA ILE F 513 131.30 39.91 -108.23
C ILE F 513 130.05 40.57 -108.79
N GLY F 514 130.08 40.90 -110.09
CA GLY F 514 129.00 41.60 -110.74
C GLY F 514 129.19 43.11 -110.83
N THR F 515 130.15 43.67 -110.10
CA THR F 515 130.38 45.10 -110.09
C THR F 515 131.36 45.50 -111.19
N ARG F 516 131.11 46.66 -111.80
CA ARG F 516 132.00 47.19 -112.81
C ARG F 516 133.33 47.67 -112.21
N THR F 517 134.39 47.46 -113.01
CA THR F 517 135.79 47.70 -112.61
C THR F 517 136.14 49.16 -112.83
N ILE F 518 135.68 50.01 -111.92
CA ILE F 518 136.01 51.43 -111.98
C ILE F 518 137.49 51.61 -111.67
N ASN F 519 138.00 52.82 -111.86
CA ASN F 519 139.42 53.07 -111.64
C ASN F 519 139.82 52.85 -110.19
N THR F 520 138.89 53.05 -109.26
CA THR F 520 139.14 52.90 -107.83
C THR F 520 138.69 51.53 -107.30
N SER F 521 138.47 50.55 -108.18
CA SER F 521 138.03 49.24 -107.72
C SER F 521 139.07 48.59 -106.81
N ALA F 522 140.35 48.62 -107.23
CA ALA F 522 141.38 47.96 -106.44
C ALA F 522 141.57 48.65 -105.09
N SER F 523 141.52 49.98 -105.06
CA SER F 523 141.63 50.68 -103.78
C SER F 523 140.44 50.37 -102.89
N ILE F 524 139.24 50.27 -103.47
CA ILE F 524 138.05 49.96 -102.69
C ILE F 524 138.15 48.55 -102.12
N ILE F 525 138.63 47.60 -102.93
CA ILE F 525 138.80 46.23 -102.46
C ILE F 525 139.81 46.20 -101.32
N LYS F 526 140.91 46.95 -101.47
CA LYS F 526 141.92 46.98 -100.41
C LYS F 526 141.34 47.56 -99.12
N ASP F 527 140.56 48.64 -99.24
CA ASP F 527 139.99 49.25 -98.05
C ASP F 527 138.94 48.35 -97.40
N PHE F 528 138.14 47.66 -98.22
CA PHE F 528 137.17 46.72 -97.68
C PHE F 528 137.88 45.61 -96.92
N ILE F 529 138.91 45.04 -97.52
CA ILE F 529 139.59 43.90 -96.89
C ILE F 529 140.29 44.34 -95.61
N GLN F 530 140.89 45.53 -95.63
CA GLN F 530 141.51 46.06 -94.42
C GLN F 530 140.48 46.33 -93.33
N SER F 531 139.25 46.71 -93.71
CA SER F 531 138.25 46.96 -92.70
C SER F 531 137.75 45.67 -92.08
N TYR F 532 137.60 44.63 -92.91
CA TYR F 532 137.21 43.31 -92.44
C TYR F 532 138.26 42.70 -91.51
N LEU F 533 139.54 42.82 -91.88
CA LEU F 533 140.60 42.31 -91.02
C LEU F 533 140.67 43.10 -89.71
N GLY F 534 140.45 44.42 -89.77
CA GLY F 534 140.35 45.19 -88.54
C GLY F 534 139.23 44.70 -87.64
N ARG F 535 138.01 44.61 -88.17
CA ARG F 535 136.88 44.06 -87.44
C ARG F 535 137.18 42.70 -86.83
N LYS F 536 137.77 41.79 -87.61
CA LYS F 536 138.10 40.47 -87.07
C LYS F 536 139.12 40.58 -85.94
N LYS F 537 140.05 41.52 -86.05
CA LYS F 537 140.98 41.79 -84.96
C LYS F 537 140.27 42.38 -83.75
N ARG F 538 139.16 43.08 -83.96
CA ARG F 538 138.41 43.64 -82.85
C ARG F 538 137.72 42.56 -82.03
N ASP F 539 137.22 41.51 -82.68
CA ASP F 539 136.62 40.39 -81.97
C ASP F 539 137.63 39.35 -81.49
N ASN F 540 138.92 39.61 -81.58
CA ASN F 540 139.97 38.64 -81.23
C ASN F 540 139.77 37.28 -81.90
N GLU F 541 139.25 37.26 -83.12
CA GLU F 541 139.29 36.03 -83.92
C GLU F 541 140.64 35.80 -84.58
N ILE F 542 141.34 36.89 -84.92
CA ILE F 542 142.73 36.84 -85.35
C ILE F 542 143.61 37.65 -84.39
N GLN F 543 144.91 37.33 -84.40
CA GLN F 543 145.87 38.02 -83.54
C GLN F 543 146.21 39.41 -84.08
N ASP F 544 146.86 39.46 -85.24
CA ASP F 544 147.29 40.72 -85.83
C ASP F 544 147.47 40.50 -87.32
N PHE F 545 147.52 41.61 -88.07
CA PHE F 545 147.74 41.55 -89.50
C PHE F 545 148.37 42.88 -89.97
N PRO F 546 149.37 42.85 -90.88
CA PRO F 546 149.90 44.14 -91.36
C PRO F 546 149.11 44.66 -92.56
N ALA F 547 148.58 45.88 -92.44
CA ALA F 547 147.74 46.42 -93.50
C ALA F 547 148.50 46.58 -94.81
N GLU F 548 149.82 46.77 -94.75
CA GLU F 548 150.61 47.06 -95.93
C GLU F 548 150.57 45.92 -96.94
N ASP F 549 150.74 44.68 -96.45
CA ASP F 549 150.66 43.48 -97.28
C ASP F 549 149.38 43.36 -98.11
N VAL F 550 148.30 44.06 -97.77
CA VAL F 550 147.05 43.90 -98.52
C VAL F 550 147.23 44.55 -99.89
N GLN F 551 147.61 43.76 -100.89
CA GLN F 551 147.82 44.26 -102.24
C GLN F 551 146.78 43.63 -103.17
N VAL F 552 146.32 44.42 -104.14
CA VAL F 552 145.25 44.05 -105.06
C VAL F 552 145.70 44.28 -106.48
N ILE F 553 145.59 43.25 -107.31
CA ILE F 553 145.85 43.32 -108.73
C ILE F 553 144.54 43.06 -109.45
N VAL F 554 144.20 43.93 -110.42
CA VAL F 554 142.97 43.82 -111.18
C VAL F 554 143.35 43.82 -112.66
N GLU F 555 142.86 42.84 -113.40
CA GLU F 555 143.17 42.70 -114.82
C GLU F 555 142.04 41.91 -115.47
N GLY F 556 141.22 42.59 -116.26
CA GLY F 556 140.16 41.89 -116.97
C GLY F 556 139.08 41.48 -116.01
N ASN F 557 138.69 40.20 -116.08
CA ASN F 557 137.70 39.65 -115.17
C ASN F 557 138.31 39.03 -113.91
N GLU F 558 139.62 39.11 -113.72
CA GLU F 558 140.34 38.44 -112.65
C GLU F 558 140.85 39.46 -111.64
N ALA F 559 140.68 39.16 -110.36
CA ALA F 559 141.19 39.98 -109.25
C ALA F 559 142.04 39.10 -108.35
N ARG F 560 143.31 39.47 -108.19
CA ARG F 560 144.28 38.71 -107.40
C ARG F 560 144.63 39.53 -106.18
N ILE F 561 144.58 38.89 -105.00
CA ILE F 561 144.81 39.53 -103.72
C ILE F 561 145.79 38.71 -102.92
N SER F 562 146.75 39.39 -102.27
CA SER F 562 147.68 38.77 -101.33
C SER F 562 147.49 39.40 -99.96
N MET F 563 147.75 38.61 -98.92
CA MET F 563 147.62 39.10 -97.57
C MET F 563 148.44 38.22 -96.63
N THR F 564 148.63 38.72 -95.41
CA THR F 564 149.28 37.98 -94.34
C THR F 564 148.49 38.19 -93.06
N VAL F 565 148.28 37.11 -92.31
CA VAL F 565 147.52 37.14 -91.07
C VAL F 565 148.23 36.30 -90.02
N TYR F 566 148.32 36.83 -88.80
CA TYR F 566 148.88 36.06 -87.70
C TYR F 566 147.73 35.30 -87.03
N PRO F 567 147.72 33.96 -87.05
CA PRO F 567 146.56 33.23 -86.53
C PRO F 567 146.38 33.40 -85.03
N ILE F 568 145.12 33.31 -84.61
CA ILE F 568 144.80 33.34 -83.19
C ILE F 568 145.39 32.09 -82.54
N ARG F 569 145.77 32.20 -81.27
CA ARG F 569 146.38 31.07 -80.55
C ARG F 569 145.86 31.06 -79.12
N SER F 570 145.97 29.89 -78.49
CA SER F 570 145.49 29.67 -77.13
C SER F 570 146.61 29.07 -76.28
N PHE F 571 146.78 29.60 -75.07
CA PHE F 571 147.86 29.18 -74.20
C PHE F 571 147.66 27.73 -73.75
N LYS F 572 148.65 26.88 -74.02
CA LYS F 572 148.69 25.53 -73.48
C LYS F 572 150.03 25.17 -72.84
N LYS F 573 150.74 26.15 -72.28
CA LYS F 573 151.93 25.90 -71.48
C LYS F 573 152.45 27.21 -70.90
N ILE F 574 152.76 27.20 -69.60
CA ILE F 574 153.33 28.35 -68.91
C ILE F 574 154.55 27.86 -68.13
N SER F 575 155.69 28.50 -68.38
CA SER F 575 156.94 28.24 -67.68
C SER F 575 157.40 29.52 -67.00
N VAL F 576 157.56 29.47 -65.68
CA VAL F 576 157.92 30.64 -64.88
C VAL F 576 159.08 30.27 -63.97
N SER F 577 160.05 31.17 -63.87
CA SER F 577 161.24 30.99 -63.05
C SER F 577 161.23 32.02 -61.93
N LEU F 578 161.51 31.57 -60.71
CA LEU F 578 161.56 32.42 -59.52
C LEU F 578 162.96 32.38 -58.92
N VAL F 579 163.43 33.55 -58.45
CA VAL F 579 164.76 33.70 -57.87
C VAL F 579 164.62 34.47 -56.56
N TYR F 580 165.18 33.93 -55.47
CA TYR F 580 165.21 34.61 -54.19
C TYR F 580 166.49 35.42 -54.04
N LYS F 581 166.40 36.56 -53.36
CA LYS F 581 167.56 37.38 -53.06
C LYS F 581 167.46 37.97 -51.67
N GLN F 582 168.61 38.10 -51.01
CA GLN F 582 168.73 38.79 -49.73
C GLN F 582 168.50 40.29 -49.90
N GLN F 583 168.06 40.94 -48.81
CA GLN F 583 167.95 42.39 -48.75
C GLN F 583 168.31 42.82 -47.33
N THR F 584 168.93 43.99 -47.22
CA THR F 584 169.24 44.62 -45.95
C THR F 584 168.67 46.04 -45.94
N LEU F 585 167.97 46.38 -44.85
CA LEU F 585 167.34 47.68 -44.68
C LEU F 585 168.05 48.45 -43.58
N GLN F 586 168.20 49.77 -43.77
CA GLN F 586 168.83 50.61 -42.75
C GLN F 586 168.05 51.91 -42.61
N ALA F 587 167.84 52.32 -41.36
CA ALA F 587 167.17 53.58 -41.02
C ALA F 587 165.71 53.62 -41.46
N VAL G 3 118.25 80.69 -130.08
CA VAL G 3 119.26 81.44 -130.80
C VAL G 3 118.58 82.28 -131.87
N GLU G 4 117.77 83.24 -131.44
CA GLU G 4 117.04 84.13 -132.32
C GLU G 4 117.03 85.53 -131.73
N PRO G 5 116.87 86.57 -132.55
CA PRO G 5 116.91 87.93 -132.01
C PRO G 5 115.57 88.30 -131.38
N PHE G 6 115.63 89.22 -130.42
CA PHE G 6 114.45 89.85 -129.83
C PHE G 6 114.35 91.31 -130.26
N PRO G 7 113.29 91.77 -130.99
CA PRO G 7 112.19 90.97 -131.56
C PRO G 7 112.69 90.12 -132.71
N ARG G 8 111.82 89.24 -133.20
CA ARG G 8 112.13 88.40 -134.35
C ARG G 8 111.68 89.08 -135.64
N ARG G 9 112.13 90.32 -135.81
CA ARG G 9 111.77 91.16 -136.95
C ARG G 9 112.85 92.23 -137.07
N PRO G 10 113.90 92.03 -137.88
CA PRO G 10 114.97 93.04 -137.95
C PRO G 10 114.46 94.39 -138.44
N ILE G 11 115.00 95.45 -137.84
CA ILE G 11 114.64 96.83 -138.12
C ILE G 11 115.91 97.65 -138.30
N THR G 12 115.83 98.68 -139.12
CA THR G 12 116.98 99.50 -139.47
C THR G 12 117.12 100.75 -138.60
N ARG G 13 116.00 101.30 -138.13
CA ARG G 13 116.04 102.48 -137.28
C ARG G 13 116.78 102.16 -135.98
N PRO G 14 117.29 103.17 -135.26
CA PRO G 14 118.07 102.90 -134.04
C PRO G 14 117.25 102.15 -133.01
N HIS G 15 117.90 101.22 -132.31
CA HIS G 15 117.25 100.37 -131.32
C HIS G 15 118.32 99.61 -130.56
N ALA G 16 117.92 98.57 -129.81
CA ALA G 16 118.85 97.72 -129.06
C ALA G 16 118.33 96.29 -129.07
N SER G 17 118.94 95.38 -129.81
CA SER G 17 118.44 94.02 -129.90
C SER G 17 119.23 93.03 -129.04
N ILE G 18 118.60 91.90 -128.71
CA ILE G 18 119.19 90.85 -127.87
C ILE G 18 119.06 89.53 -128.63
N GLU G 19 120.12 88.71 -128.56
CA GLU G 19 120.18 87.44 -129.27
C GLU G 19 120.45 86.30 -128.28
N VAL G 20 119.52 86.11 -127.35
CA VAL G 20 119.74 85.17 -126.25
C VAL G 20 119.90 83.75 -126.78
N ASP G 21 120.83 83.02 -126.19
CA ASP G 21 121.05 81.59 -126.44
C ASP G 21 120.53 80.82 -125.25
N THR G 22 119.40 80.12 -125.44
CA THR G 22 118.75 79.39 -124.35
C THR G 22 119.29 77.98 -124.16
N SER G 23 120.17 77.51 -125.04
CA SER G 23 120.72 76.18 -124.91
C SER G 23 121.73 76.17 -123.75
N GLY G 24 122.25 74.97 -123.46
CA GLY G 24 123.27 74.82 -122.46
C GLY G 24 122.76 74.61 -121.05
N ILE G 25 121.45 74.49 -120.86
CA ILE G 25 120.85 74.29 -119.55
C ILE G 25 119.85 73.14 -119.60
N GLY G 26 120.07 72.18 -120.50
CA GLY G 26 119.25 70.99 -120.57
C GLY G 26 119.41 70.03 -119.43
N SER G 32 120.83 57.68 -123.42
CA SER G 32 119.86 56.74 -123.96
C SER G 32 118.98 56.16 -122.86
N GLU G 33 117.74 55.83 -123.23
CA GLU G 33 116.73 55.33 -122.30
C GLU G 33 116.66 53.81 -122.22
N LYS G 34 117.31 53.08 -123.13
CA LYS G 34 117.27 51.62 -123.20
C LYS G 34 115.85 51.08 -123.07
N VAL G 35 115.03 51.39 -124.08
CA VAL G 35 113.65 50.92 -124.06
C VAL G 35 113.63 49.41 -124.27
N PHE G 36 112.73 48.74 -123.55
CA PHE G 36 112.52 47.30 -123.62
C PHE G 36 111.26 47.03 -124.43
N CYS G 37 111.34 46.10 -125.38
CA CYS G 37 110.23 45.74 -126.24
C CYS G 37 109.65 44.39 -125.84
N LEU G 38 108.36 44.19 -126.17
CA LEU G 38 107.69 42.94 -125.88
C LEU G 38 106.72 42.60 -127.02
N ILE G 39 106.61 41.31 -127.34
CA ILE G 39 105.63 40.82 -128.30
C ILE G 39 104.91 39.62 -127.69
N GLY G 40 103.58 39.66 -127.67
CA GLY G 40 102.85 38.62 -127.00
C GLY G 40 101.36 38.71 -127.26
N GLN G 41 100.60 37.96 -126.47
CA GLN G 41 99.20 37.68 -126.74
C GLN G 41 98.30 38.49 -125.83
N ALA G 42 97.24 39.08 -126.36
CA ALA G 42 96.32 39.82 -125.50
C ALA G 42 94.97 39.97 -126.18
N GLU G 43 93.95 40.21 -125.36
CA GLU G 43 92.57 40.31 -125.83
C GLU G 43 92.21 41.78 -126.06
N GLY G 44 92.93 42.41 -126.98
CA GLY G 44 92.79 43.85 -127.17
C GLY G 44 94.00 44.45 -127.85
N GLY G 45 93.76 45.56 -128.52
CA GLY G 45 94.74 46.30 -129.30
C GLY G 45 94.81 45.86 -130.75
N GLU G 46 95.14 46.82 -131.63
CA GLU G 46 95.06 46.61 -133.06
C GLU G 46 96.17 45.67 -133.53
N PRO G 47 96.03 45.09 -134.72
CA PRO G 47 97.09 44.19 -135.21
C PRO G 47 98.15 44.96 -135.98
N ASN G 48 99.38 44.50 -135.81
CA ASN G 48 100.57 45.02 -136.48
C ASN G 48 100.88 46.43 -136.00
N THR G 49 100.63 46.70 -134.72
CA THR G 49 100.77 48.02 -134.13
C THR G 49 101.58 47.91 -132.84
N VAL G 50 102.33 48.97 -132.56
CA VAL G 50 103.17 49.04 -131.36
C VAL G 50 102.63 50.17 -130.49
N TYR G 51 102.52 49.91 -129.19
CA TYR G 51 102.04 50.88 -128.22
C TYR G 51 103.00 50.98 -127.04
N GLU G 52 103.17 52.21 -126.58
CA GLU G 52 104.04 52.55 -125.46
C GLU G 52 103.28 52.37 -124.16
N LEU G 53 103.96 51.78 -123.17
CA LEU G 53 103.37 51.47 -121.87
C LEU G 53 104.24 52.07 -120.78
N ARG G 54 103.59 52.64 -119.77
CA ARG G 54 104.28 53.19 -118.60
C ARG G 54 103.62 52.84 -117.28
N ASN G 55 102.38 52.36 -117.28
CA ASN G 55 101.64 52.06 -116.07
C ASN G 55 100.81 50.80 -116.29
N TYR G 56 100.60 50.05 -115.21
CA TYR G 56 99.84 48.80 -115.29
C TYR G 56 98.41 49.05 -115.80
N SER G 57 97.68 49.97 -115.14
CA SER G 57 96.38 50.41 -115.62
C SER G 57 96.38 50.78 -117.10
N GLN G 58 97.39 51.53 -117.56
CA GLN G 58 97.44 51.93 -118.98
C GLN G 58 97.54 50.70 -119.87
N ALA G 59 98.38 49.74 -119.48
CA ALA G 59 98.45 48.48 -120.22
C ALA G 59 97.12 47.75 -120.19
N LYS G 60 96.51 47.65 -119.01
CA LYS G 60 95.27 46.90 -118.86
C LYS G 60 94.12 47.53 -119.63
N ARG G 61 94.18 48.84 -119.88
CA ARG G 61 93.12 49.49 -120.65
C ARG G 61 93.06 48.91 -122.06
N LEU G 62 94.21 48.86 -122.73
CA LEU G 62 94.31 48.40 -124.11
C LEU G 62 94.43 46.87 -124.16
N PHE G 63 95.52 46.33 -123.62
CA PHE G 63 95.70 44.89 -123.47
C PHE G 63 94.83 44.45 -122.30
N ARG G 64 93.61 44.00 -122.63
CA ARG G 64 92.63 43.69 -121.60
C ARG G 64 93.07 42.50 -120.75
N SER G 65 93.39 41.38 -121.40
CA SER G 65 93.80 40.18 -120.67
C SER G 65 94.62 39.31 -121.62
N GLY G 66 95.48 38.48 -121.02
CA GLY G 66 96.30 37.58 -121.79
C GLY G 66 97.67 37.37 -121.17
N GLU G 67 98.53 36.60 -121.84
CA GLU G 67 99.88 36.39 -121.33
C GLU G 67 100.75 37.63 -121.49
N LEU G 68 100.40 38.54 -122.39
CA LEU G 68 101.21 39.73 -122.56
C LEU G 68 101.11 40.66 -121.35
N LEU G 69 99.91 40.81 -120.78
CA LEU G 69 99.76 41.59 -119.57
C LEU G 69 100.58 40.99 -118.42
N ASP G 70 100.54 39.66 -118.27
CA ASP G 70 101.37 39.03 -117.25
C ASP G 70 102.85 39.28 -117.49
N ALA G 71 103.27 39.30 -118.76
CA ALA G 71 104.68 39.54 -119.07
C ALA G 71 105.09 40.97 -118.76
N ILE G 72 104.18 41.91 -119.01
CA ILE G 72 104.40 43.31 -118.65
C ILE G 72 104.52 43.45 -117.14
N GLU G 73 103.68 42.73 -116.39
CA GLU G 73 103.70 42.86 -114.93
C GLU G 73 104.97 42.24 -114.38
N LEU G 74 105.42 41.13 -114.97
CA LEU G 74 106.66 40.50 -114.56
C LEU G 74 107.86 41.39 -114.88
N ALA G 75 107.84 42.05 -116.04
CA ALA G 75 108.98 42.88 -116.45
C ALA G 75 109.09 44.13 -115.59
N TRP G 76 107.95 44.71 -115.20
CA TRP G 76 108.01 45.85 -114.28
C TRP G 76 108.34 45.40 -112.86
N GLY G 77 107.87 44.22 -112.47
CA GLY G 77 108.19 43.66 -111.18
C GLY G 77 109.55 42.99 -111.09
N SER G 78 110.30 42.92 -112.19
CA SER G 78 111.57 42.20 -112.13
C SER G 78 112.65 42.99 -111.41
N ASN G 79 112.43 44.28 -111.22
CA ASN G 79 113.40 45.19 -110.61
C ASN G 79 112.67 46.13 -109.66
N PRO G 80 112.26 45.64 -108.48
CA PRO G 80 111.51 46.52 -107.56
C PRO G 80 112.34 47.70 -107.03
N ASN G 81 113.65 47.53 -106.83
CA ASN G 81 114.51 48.64 -106.46
C ASN G 81 114.63 49.73 -107.52
N TYR G 82 114.30 49.47 -108.78
CA TYR G 82 114.48 50.43 -109.87
C TYR G 82 113.14 50.87 -110.45
N THR G 83 113.20 51.96 -111.20
CA THR G 83 112.01 52.62 -111.72
C THR G 83 111.30 51.71 -112.73
N ALA G 84 110.03 52.01 -112.98
CA ALA G 84 109.26 51.37 -114.03
C ALA G 84 109.49 52.11 -115.35
N GLY G 85 110.35 51.54 -116.20
CA GLY G 85 110.75 52.18 -117.43
C GLY G 85 109.77 51.97 -118.58
N ARG G 86 110.01 52.74 -119.64
CA ARG G 86 109.20 52.64 -120.85
C ARG G 86 109.24 51.21 -121.41
N ILE G 87 108.10 50.74 -121.91
CA ILE G 87 107.97 49.41 -122.50
C ILE G 87 107.09 49.53 -123.75
N LEU G 88 107.52 48.91 -124.84
CA LEU G 88 106.74 48.81 -126.06
C LEU G 88 106.20 47.40 -126.23
N ALA G 89 104.93 47.31 -126.60
CA ALA G 89 104.14 46.08 -126.64
C ALA G 89 103.46 45.99 -127.99
N MET G 90 103.27 44.76 -128.46
CA MET G 90 102.60 44.50 -129.73
C MET G 90 101.72 43.29 -129.59
N ARG G 91 100.64 43.27 -130.38
CA ARG G 91 99.77 42.10 -130.53
C ARG G 91 100.16 41.34 -131.78
N ILE G 92 100.01 40.01 -131.72
CA ILE G 92 100.44 39.12 -132.80
C ILE G 92 99.25 38.72 -133.67
N GLU G 93 98.08 38.57 -133.06
CA GLU G 93 96.92 38.04 -133.76
C GLU G 93 96.39 39.06 -134.77
N ASP G 94 96.01 38.56 -135.95
CA ASP G 94 95.45 39.40 -137.02
C ASP G 94 93.96 39.61 -136.78
N ALA G 95 93.67 40.40 -135.74
CA ALA G 95 92.30 40.60 -135.28
C ALA G 95 91.61 41.70 -136.06
N LYS G 96 90.27 41.63 -136.07
CA LYS G 96 89.41 42.57 -136.77
C LYS G 96 88.36 43.07 -135.80
N PRO G 97 87.80 44.26 -136.02
CA PRO G 97 86.80 44.79 -135.10
C PRO G 97 85.38 44.29 -135.41
N ALA G 98 84.56 44.31 -134.37
CA ALA G 98 83.13 44.07 -134.53
C ALA G 98 82.45 45.27 -135.20
N SER G 99 81.52 44.99 -136.11
CA SER G 99 80.75 46.01 -136.80
C SER G 99 79.40 45.45 -137.21
N ALA G 100 78.42 46.34 -137.32
CA ALA G 100 77.09 45.97 -137.77
C ALA G 100 76.48 47.13 -138.54
N GLU G 101 75.61 46.79 -139.50
CA GLU G 101 74.89 47.76 -140.33
C GLU G 101 73.42 47.59 -139.96
N ILE G 102 72.85 48.62 -139.34
CA ILE G 102 71.44 48.67 -138.99
C ILE G 102 70.93 50.08 -139.29
N GLY G 103 69.77 50.17 -139.93
CA GLY G 103 69.30 51.46 -140.41
C GLY G 103 70.15 51.98 -141.56
N GLY G 104 70.29 53.31 -141.57
CA GLY G 104 71.09 54.03 -142.55
C GLY G 104 72.56 54.21 -142.21
N LEU G 105 72.98 53.76 -141.03
CA LEU G 105 74.29 54.04 -140.46
C LEU G 105 75.16 52.79 -140.52
N LYS G 106 76.47 53.02 -140.70
CA LYS G 106 77.47 51.98 -140.52
C LYS G 106 78.08 52.12 -139.13
N ILE G 107 78.04 51.04 -138.35
CA ILE G 107 78.46 51.04 -136.96
C ILE G 107 79.63 50.09 -136.82
N THR G 108 80.75 50.59 -136.29
CA THR G 108 81.96 49.80 -136.11
C THR G 108 82.60 50.16 -134.78
N SER G 109 83.09 49.16 -134.08
CA SER G 109 83.70 49.35 -132.77
C SER G 109 85.20 49.58 -132.89
N LYS G 110 85.76 50.27 -131.89
CA LYS G 110 87.20 50.53 -131.89
C LYS G 110 87.97 49.33 -131.39
N ILE G 111 87.40 48.56 -130.46
CA ILE G 111 88.08 47.38 -129.93
C ILE G 111 88.19 46.31 -131.01
N TYR G 112 89.35 45.64 -131.05
CA TYR G 112 89.68 44.60 -132.00
C TYR G 112 89.67 43.26 -131.27
N GLY G 113 88.85 42.31 -131.75
CA GLY G 113 88.79 40.98 -131.19
C GLY G 113 87.37 40.51 -131.00
N ASN G 114 87.22 39.35 -130.34
CA ASN G 114 85.88 38.84 -130.10
C ASN G 114 85.19 39.51 -128.93
N VAL G 115 85.92 40.28 -128.11
CA VAL G 115 85.29 40.98 -127.00
C VAL G 115 84.44 42.12 -127.52
N ALA G 116 84.84 42.70 -128.66
CA ALA G 116 84.10 43.81 -129.26
C ALA G 116 82.64 43.46 -129.57
N ASN G 117 82.32 42.18 -129.78
CA ASN G 117 80.97 41.80 -130.15
C ASN G 117 79.96 42.08 -129.03
N ASN G 118 80.40 42.21 -127.78
CA ASN G 118 79.49 42.49 -126.68
C ASN G 118 78.97 43.92 -126.70
N ILE G 119 79.59 44.81 -127.49
CA ILE G 119 79.17 46.19 -127.54
C ILE G 119 77.78 46.28 -128.17
N GLN G 120 76.92 47.11 -127.58
CA GLN G 120 75.52 47.23 -128.01
C GLN G 120 75.23 48.71 -128.21
N VAL G 121 74.57 49.03 -129.33
CA VAL G 121 74.27 50.40 -129.70
C VAL G 121 72.82 50.46 -130.19
N GLY G 122 72.10 51.49 -129.78
CA GLY G 122 70.74 51.69 -130.27
C GLY G 122 70.27 53.13 -130.22
N LEU G 123 69.55 53.56 -131.26
CA LEU G 123 69.05 54.93 -131.38
C LEU G 123 67.61 55.04 -130.90
N GLU G 124 67.28 56.19 -130.31
CA GLU G 124 65.95 56.42 -129.77
C GLU G 124 65.52 57.84 -130.15
N LYS G 125 64.34 58.25 -129.68
CA LYS G 125 63.82 59.58 -129.94
C LYS G 125 63.12 60.11 -128.70
N ASN G 126 63.20 61.43 -128.53
CA ASN G 126 62.55 62.13 -127.41
C ASN G 126 61.40 62.97 -127.95
N THR G 127 60.21 62.77 -127.38
CA THR G 127 58.99 63.38 -127.91
C THR G 127 58.98 64.88 -127.70
N LEU G 128 59.38 65.35 -126.51
CA LEU G 128 59.34 66.79 -126.23
C LEU G 128 60.24 67.56 -127.19
N SER G 129 61.52 67.17 -127.28
CA SER G 129 62.46 67.93 -128.10
C SER G 129 62.34 67.62 -129.60
N ASP G 130 61.56 66.61 -129.99
CA ASP G 130 61.50 66.16 -131.37
C ASP G 130 62.90 65.83 -131.90
N SER G 131 63.70 65.18 -131.04
CA SER G 131 65.10 64.92 -131.32
C SER G 131 65.42 63.45 -131.08
N LEU G 132 66.37 62.94 -131.87
CA LEU G 132 66.87 61.58 -131.74
C LEU G 132 67.83 61.47 -130.57
N ARG G 133 68.03 60.24 -130.10
CA ARG G 133 68.92 59.97 -128.97
C ARG G 133 69.75 58.73 -129.27
N LEU G 134 70.98 58.72 -128.74
CA LEU G 134 71.90 57.59 -128.92
C LEU G 134 72.37 57.07 -127.56
N ARG G 135 72.51 55.75 -127.47
CA ARG G 135 72.95 55.09 -126.26
C ARG G 135 73.81 53.88 -126.60
N VAL G 136 74.95 53.77 -125.91
CA VAL G 136 75.92 52.70 -126.12
C VAL G 136 76.14 52.00 -124.79
N ILE G 137 76.07 50.67 -124.79
CA ILE G 137 76.27 49.88 -123.59
C ILE G 137 77.33 48.82 -123.87
N PHE G 138 78.22 48.62 -122.89
CA PHE G 138 79.24 47.57 -122.93
C PHE G 138 79.25 46.92 -121.55
N GLN G 139 78.65 45.73 -121.46
CA GLN G 139 78.34 45.11 -120.18
C GLN G 139 79.56 44.50 -119.50
N ASP G 140 80.71 44.39 -120.20
CA ASP G 140 81.86 43.75 -119.60
C ASP G 140 82.54 44.66 -118.58
N ASP G 141 82.37 45.98 -118.71
CA ASP G 141 82.92 46.94 -117.78
C ASP G 141 81.86 47.89 -117.22
N ARG G 142 80.59 47.53 -117.33
CA ARG G 142 79.48 48.37 -116.84
C ARG G 142 79.52 49.77 -117.45
N PHE G 143 79.99 49.87 -118.69
CA PHE G 143 80.11 51.15 -119.37
C PHE G 143 78.78 51.53 -119.99
N ASN G 144 78.45 52.82 -119.93
CA ASN G 144 77.19 53.31 -120.48
C ASN G 144 77.33 54.79 -120.79
N GLU G 145 76.92 55.19 -121.99
CA GLU G 145 76.96 56.57 -122.41
C GLU G 145 75.70 56.91 -123.18
N VAL G 146 75.32 58.19 -123.14
CA VAL G 146 74.12 58.68 -123.79
C VAL G 146 74.43 60.01 -124.48
N TYR G 147 74.19 60.08 -125.79
CA TYR G 147 74.31 61.30 -126.57
C TYR G 147 72.91 61.77 -126.93
N ASP G 148 72.39 62.71 -126.14
CA ASP G 148 71.03 63.20 -126.24
C ASP G 148 70.94 64.40 -127.18
N ASN G 149 69.72 64.69 -127.63
CA ASN G 149 69.40 65.90 -128.40
C ASN G 149 70.06 65.90 -129.77
N ILE G 150 69.98 64.77 -130.47
CA ILE G 150 70.53 64.67 -131.82
C ILE G 150 69.60 65.44 -132.74
N GLY G 151 70.16 66.41 -133.46
CA GLY G 151 69.36 67.37 -134.20
C GLY G 151 69.21 68.65 -133.41
N ASN G 152 68.30 69.49 -133.89
CA ASN G 152 68.07 70.82 -133.32
C ASN G 152 69.34 71.68 -133.35
N ILE G 153 69.90 71.84 -134.56
CA ILE G 153 71.13 72.63 -134.66
C ILE G 153 70.83 74.12 -134.51
N PHE G 154 69.69 74.57 -135.04
CA PHE G 154 69.26 75.96 -134.88
C PHE G 154 67.81 76.05 -135.36
N THR G 155 67.04 76.91 -134.71
CA THR G 155 65.66 77.16 -135.10
C THR G 155 65.59 78.30 -136.11
N ILE G 156 64.42 78.44 -136.74
CA ILE G 156 64.11 79.60 -137.56
C ILE G 156 62.67 80.00 -137.22
N LYS G 157 62.45 81.30 -137.06
CA LYS G 157 61.14 81.85 -136.69
C LYS G 157 60.81 83.01 -137.60
N TYR G 158 59.53 83.17 -137.93
CA TYR G 158 59.09 84.15 -138.92
C TYR G 158 58.01 85.00 -138.26
N LYS G 159 58.29 86.31 -138.14
CA LYS G 159 57.42 87.21 -137.40
C LYS G 159 56.61 88.13 -138.31
N GLY G 160 56.60 87.88 -139.62
CA GLY G 160 55.84 88.69 -140.54
C GLY G 160 54.39 88.25 -140.65
N GLU G 161 53.55 89.18 -141.11
CA GLU G 161 52.11 89.01 -141.10
C GLU G 161 51.57 88.30 -142.35
N GLU G 162 52.44 87.96 -143.31
CA GLU G 162 52.00 87.32 -144.54
C GLU G 162 51.66 85.85 -144.31
N ALA G 163 50.74 85.33 -145.14
CA ALA G 163 50.19 84.00 -144.89
C ALA G 163 51.21 82.90 -145.21
N ASN G 164 52.06 83.11 -146.22
CA ASN G 164 53.02 82.10 -146.66
C ASN G 164 54.43 82.50 -146.23
N ALA G 165 55.07 81.64 -145.45
CA ALA G 165 56.46 81.84 -145.07
C ALA G 165 57.04 80.47 -144.75
N THR G 166 57.94 79.99 -145.59
CA THR G 166 58.58 78.70 -145.40
C THR G 166 60.06 78.83 -145.76
N PHE G 167 60.77 77.69 -145.70
CA PHE G 167 62.17 77.64 -146.11
C PHE G 167 62.46 76.27 -146.69
N SER G 168 63.41 76.23 -147.64
CA SER G 168 63.88 74.98 -148.22
C SER G 168 65.40 74.93 -148.24
N VAL G 169 65.94 73.73 -148.07
CA VAL G 169 67.36 73.44 -148.22
C VAL G 169 67.52 72.60 -149.48
N GLU G 170 68.26 73.13 -150.47
CA GLU G 170 68.49 72.43 -151.73
C GLU G 170 69.87 71.81 -151.74
N HIS G 171 69.96 70.63 -152.34
CA HIS G 171 71.19 69.84 -152.38
C HIS G 171 71.81 69.90 -153.78
N ASP G 172 73.14 69.78 -153.84
CA ASP G 172 73.81 69.59 -155.11
C ASP G 172 73.55 68.17 -155.63
N GLU G 173 72.94 68.07 -156.81
CA GLU G 173 72.41 66.78 -157.25
C GLU G 173 73.51 65.77 -157.52
N GLU G 174 74.68 66.23 -157.94
CA GLU G 174 75.77 65.32 -158.30
C GLU G 174 76.33 64.61 -157.08
N THR G 175 76.51 65.36 -155.98
CA THR G 175 77.15 64.90 -154.76
C THR G 175 76.21 64.82 -153.55
N GLN G 176 74.98 65.30 -153.69
CA GLN G 176 73.96 65.34 -152.63
C GLN G 176 74.42 66.16 -151.42
N LYS G 177 75.32 67.12 -151.63
CA LYS G 177 75.70 68.04 -150.57
C LYS G 177 74.72 69.20 -150.52
N ALA G 178 74.41 69.68 -149.33
CA ALA G 178 73.55 70.85 -149.19
C ALA G 178 74.20 72.05 -149.86
N SER G 179 73.51 72.62 -150.84
CA SER G 179 74.04 73.71 -151.66
C SER G 179 73.36 75.06 -151.41
N ARG G 180 72.09 75.09 -151.00
CA ARG G 180 71.36 76.32 -150.79
C ARG G 180 70.45 76.19 -149.58
N LEU G 181 70.27 77.30 -148.86
CA LEU G 181 69.30 77.43 -147.78
C LEU G 181 68.36 78.58 -148.14
N VAL G 182 67.20 78.26 -148.73
CA VAL G 182 66.31 79.26 -149.31
C VAL G 182 65.18 79.56 -148.33
N LEU G 183 64.85 80.85 -148.20
CA LEU G 183 63.80 81.36 -147.33
C LEU G 183 62.82 82.13 -148.19
N LYS G 184 61.62 81.56 -148.38
CA LYS G 184 60.63 82.08 -149.30
C LYS G 184 59.44 82.67 -148.55
N VAL G 185 58.90 83.76 -149.10
CA VAL G 185 57.66 84.38 -148.64
C VAL G 185 56.76 84.56 -149.85
N GLY G 186 55.52 84.13 -149.74
CA GLY G 186 54.58 84.16 -150.85
C GLY G 186 54.86 83.11 -151.91
N ASP G 187 55.43 83.54 -153.04
CA ASP G 187 55.87 82.63 -154.10
C ASP G 187 57.19 83.10 -154.70
N GLN G 188 58.05 83.73 -153.90
CA GLN G 188 59.33 84.25 -154.36
C GLN G 188 60.37 84.03 -153.27
N GLU G 189 61.64 84.02 -153.67
CA GLU G 189 62.74 83.83 -152.73
C GLU G 189 63.15 85.18 -152.17
N VAL G 190 62.79 85.44 -150.91
CA VAL G 190 63.23 86.68 -150.26
C VAL G 190 64.75 86.71 -150.14
N LYS G 191 65.34 85.57 -149.77
CA LYS G 191 66.77 85.42 -149.66
C LYS G 191 67.13 83.96 -149.90
N SER G 192 68.34 83.73 -150.43
CA SER G 192 68.81 82.39 -150.73
C SER G 192 70.31 82.35 -150.46
N TYR G 193 70.72 81.58 -149.44
CA TYR G 193 72.12 81.45 -149.06
C TYR G 193 72.85 80.46 -149.96
N ASP G 194 73.25 80.95 -151.13
CA ASP G 194 73.85 80.08 -152.14
C ASP G 194 75.27 79.70 -151.72
N LEU G 195 75.46 78.45 -151.34
CA LEU G 195 76.69 78.03 -150.66
C LEU G 195 77.82 77.86 -151.67
N THR G 196 78.18 78.99 -152.29
CA THR G 196 79.26 79.05 -153.27
C THR G 196 80.58 79.53 -152.68
N GLY G 197 80.54 80.26 -151.56
CA GLY G 197 81.75 80.75 -150.95
C GLY G 197 81.41 81.70 -149.83
N GLY G 198 82.46 82.33 -149.30
CA GLY G 198 82.28 83.30 -148.24
C GLY G 198 82.33 82.67 -146.87
N ALA G 199 81.86 83.46 -145.90
CA ALA G 199 81.69 82.99 -144.53
C ALA G 199 80.44 82.13 -144.34
N TYR G 200 79.61 81.95 -145.37
CA TYR G 200 78.39 81.17 -145.21
C TYR G 200 78.64 79.66 -145.20
N ASP G 201 79.87 79.22 -145.44
CA ASP G 201 80.16 77.78 -145.37
C ASP G 201 79.88 77.22 -143.99
N TYR G 202 80.01 78.04 -142.94
CA TYR G 202 79.67 77.67 -141.58
C TYR G 202 78.29 78.22 -141.24
N THR G 203 77.49 77.42 -140.53
CA THR G 203 76.09 77.77 -140.31
C THR G 203 75.93 79.02 -139.45
N ASN G 204 76.86 79.26 -138.51
CA ASN G 204 76.84 80.47 -137.69
C ASN G 204 76.59 81.74 -138.53
N ALA G 205 77.38 81.94 -139.59
CA ALA G 205 77.17 83.12 -140.43
C ALA G 205 75.76 83.15 -141.02
N ILE G 206 75.25 81.99 -141.42
CA ILE G 206 73.87 81.90 -141.89
C ILE G 206 72.90 82.31 -140.80
N ILE G 207 73.11 81.82 -139.57
CA ILE G 207 72.22 82.14 -138.46
C ILE G 207 72.23 83.63 -138.17
N THR G 208 73.41 84.26 -138.21
CA THR G 208 73.49 85.69 -137.96
C THR G 208 72.77 86.47 -139.06
N ASP G 209 72.97 86.09 -140.32
CA ASP G 209 72.35 86.82 -141.41
C ASP G 209 70.84 86.61 -141.45
N ILE G 210 70.36 85.45 -141.01
CA ILE G 210 68.92 85.26 -140.89
C ILE G 210 68.36 86.14 -139.77
N ASN G 211 69.12 86.31 -138.68
CA ASN G 211 68.71 87.26 -137.66
C ASN G 211 68.73 88.68 -138.20
N GLN G 212 69.63 88.98 -139.13
CA GLN G 212 69.67 90.29 -139.75
C GLN G 212 68.44 90.57 -140.61
N LEU G 213 67.72 89.54 -141.05
CA LEU G 213 66.57 89.76 -141.90
C LEU G 213 65.50 90.53 -141.12
N PRO G 214 64.77 91.45 -141.75
CA PRO G 214 63.62 92.05 -141.03
C PRO G 214 62.61 91.03 -140.53
N ASP G 215 62.13 90.13 -141.39
CA ASP G 215 61.16 89.13 -140.91
C ASP G 215 61.82 87.92 -140.25
N PHE G 216 62.58 87.12 -141.02
CA PHE G 216 63.06 85.87 -140.45
C PHE G 216 64.04 86.13 -139.32
N GLU G 217 64.16 85.15 -138.42
CA GLU G 217 65.14 85.21 -137.34
C GLU G 217 65.54 83.80 -136.95
N ALA G 218 66.83 83.59 -136.71
CA ALA G 218 67.41 82.29 -136.43
C ALA G 218 68.17 82.34 -135.11
N LYS G 219 67.83 81.46 -134.18
CA LYS G 219 68.45 81.40 -132.86
C LYS G 219 69.36 80.18 -132.79
N LEU G 220 70.61 80.40 -132.37
CA LEU G 220 71.52 79.28 -132.21
C LEU G 220 71.06 78.38 -131.07
N SER G 221 71.25 77.07 -131.25
CA SER G 221 70.58 76.09 -130.40
C SER G 221 71.11 76.15 -128.97
N PRO G 222 70.27 76.33 -127.95
CA PRO G 222 70.79 76.27 -126.56
C PRO G 222 71.11 74.86 -126.10
N PHE G 223 70.71 73.83 -126.84
CA PHE G 223 70.98 72.44 -126.51
C PHE G 223 72.34 72.00 -127.03
N GLY G 224 73.37 72.76 -126.66
CA GLY G 224 74.72 72.54 -127.10
C GLY G 224 75.06 73.18 -128.44
N ASP G 225 76.09 74.02 -128.48
CA ASP G 225 76.42 74.78 -129.67
C ASP G 225 77.14 73.86 -130.66
N LYS G 226 76.53 73.67 -131.82
CA LYS G 226 76.96 72.68 -132.80
C LYS G 226 77.87 73.28 -133.87
N ASN G 227 77.42 74.35 -134.53
CA ASN G 227 78.25 75.13 -135.44
C ASN G 227 78.72 74.26 -136.62
N LEU G 228 77.75 73.69 -137.32
CA LEU G 228 78.08 72.75 -138.39
C LEU G 228 78.37 73.53 -139.68
N GLU G 229 79.13 72.90 -140.58
CA GLU G 229 79.26 73.44 -141.92
C GLU G 229 77.92 73.34 -142.65
N SER G 230 77.63 74.35 -143.46
CA SER G 230 76.35 74.45 -144.16
C SER G 230 76.12 73.27 -145.10
N SER G 231 77.19 72.64 -145.59
CA SER G 231 77.03 71.59 -146.59
C SER G 231 76.44 70.31 -146.03
N LYS G 232 76.40 70.16 -144.70
CA LYS G 232 75.94 68.93 -144.07
C LYS G 232 74.55 69.08 -143.44
N LEU G 233 73.81 70.12 -143.80
CA LEU G 233 72.50 70.33 -143.22
C LEU G 233 71.47 69.38 -143.82
N ASP G 234 70.34 69.23 -143.13
CA ASP G 234 69.26 68.36 -143.57
C ASP G 234 68.36 69.13 -144.52
N LYS G 235 67.16 68.60 -144.80
CA LYS G 235 66.29 69.16 -145.82
C LYS G 235 64.85 69.13 -145.31
N ILE G 236 64.27 70.30 -145.12
CA ILE G 236 62.90 70.47 -144.63
C ILE G 236 62.21 71.46 -145.55
N GLU G 237 60.97 71.13 -145.94
CA GLU G 237 60.20 71.94 -146.87
C GLU G 237 58.74 71.95 -146.46
N ASN G 238 58.07 73.04 -146.82
CA ASN G 238 56.64 73.26 -146.55
C ASN G 238 56.33 73.21 -145.06
N ALA G 239 57.25 73.73 -144.25
CA ALA G 239 57.09 73.78 -142.80
C ALA G 239 56.64 75.19 -142.40
N ASN G 240 55.58 75.25 -141.58
CA ASN G 240 54.98 76.55 -141.24
C ASN G 240 55.83 77.21 -140.18
N ILE G 241 56.80 77.99 -140.63
CA ILE G 241 57.72 78.68 -139.71
C ILE G 241 56.95 79.74 -138.93
N LYS G 242 56.04 80.45 -139.59
CA LYS G 242 55.25 81.49 -138.94
C LYS G 242 54.47 80.95 -137.75
N ASP G 243 53.72 79.86 -137.96
CA ASP G 243 52.84 79.33 -136.93
C ASP G 243 53.65 78.70 -135.79
N LYS G 244 54.72 77.99 -136.12
CA LYS G 244 55.52 77.28 -135.14
C LYS G 244 56.97 77.29 -135.58
N ALA G 245 57.86 77.40 -134.58
CA ALA G 245 59.30 77.32 -134.80
C ALA G 245 59.65 75.99 -135.47
N VAL G 246 60.51 76.05 -136.49
CA VAL G 246 60.89 74.90 -137.29
C VAL G 246 62.34 74.57 -136.97
N TYR G 247 62.60 73.30 -136.66
CA TYR G 247 63.91 72.85 -136.19
C TYR G 247 64.74 72.34 -137.35
N VAL G 248 65.78 73.09 -137.72
CA VAL G 248 66.82 72.52 -138.56
C VAL G 248 67.64 71.56 -137.71
N LYS G 249 67.84 70.34 -138.21
CA LYS G 249 68.41 69.25 -137.42
C LYS G 249 69.85 68.93 -137.80
N ALA G 250 70.08 68.49 -139.03
CA ALA G 250 71.40 68.10 -139.51
C ALA G 250 72.00 67.02 -138.61
N VAL G 251 71.32 65.88 -138.58
CA VAL G 251 71.76 64.77 -137.74
C VAL G 251 73.10 64.24 -138.22
N PHE G 252 73.35 64.28 -139.53
CA PHE G 252 74.64 63.83 -140.07
C PHE G 252 75.79 64.66 -139.49
N GLY G 253 75.53 65.93 -139.21
CA GLY G 253 76.51 66.75 -138.51
C GLY G 253 76.64 66.37 -137.05
N ASP G 254 75.51 66.01 -136.42
CA ASP G 254 75.56 65.61 -135.02
C ASP G 254 76.36 64.34 -134.82
N LEU G 255 76.45 63.51 -135.87
CA LEU G 255 77.31 62.33 -135.81
C LEU G 255 78.76 62.73 -135.53
N GLU G 256 79.29 63.66 -136.32
CA GLU G 256 80.67 64.12 -136.11
C GLU G 256 80.80 64.91 -134.81
N LYS G 257 79.79 65.71 -134.47
CA LYS G 257 79.90 66.58 -133.30
C LYS G 257 79.99 65.75 -132.02
N GLN G 258 79.08 64.79 -131.86
CA GLN G 258 78.96 64.01 -130.64
C GLN G 258 79.58 62.62 -130.73
N THR G 259 79.14 61.82 -131.70
CA THR G 259 79.43 60.38 -131.63
C THR G 259 80.84 60.05 -132.08
N ALA G 260 81.40 60.83 -133.01
CA ALA G 260 82.68 60.48 -133.60
C ALA G 260 83.84 60.82 -132.67
N TYR G 261 83.78 61.98 -132.01
CA TYR G 261 84.87 62.44 -131.17
C TYR G 261 84.91 61.78 -129.80
N ASN G 262 83.92 60.96 -129.46
CA ASN G 262 83.81 60.39 -128.12
C ASN G 262 83.23 58.99 -128.23
N GLY G 263 83.45 58.20 -127.18
CA GLY G 263 82.82 56.91 -127.07
C GLY G 263 83.66 55.80 -127.66
N ILE G 264 83.20 54.57 -127.43
CA ILE G 264 83.95 53.43 -127.95
C ILE G 264 83.63 53.21 -129.43
N VAL G 265 82.42 53.56 -129.86
CA VAL G 265 81.91 53.14 -131.16
C VAL G 265 82.00 54.30 -132.16
N SER G 266 82.59 54.05 -133.32
CA SER G 266 82.55 55.01 -134.41
C SER G 266 81.31 54.78 -135.28
N PHE G 267 80.89 55.83 -135.99
CA PHE G 267 79.66 55.83 -136.78
C PHE G 267 79.90 56.44 -138.16
N GLU G 268 79.26 55.87 -139.19
CA GLU G 268 79.27 56.46 -140.52
C GLU G 268 77.95 56.15 -141.19
N GLN G 269 77.79 56.64 -142.42
CA GLN G 269 76.61 56.41 -143.25
C GLN G 269 77.02 55.78 -144.56
N LEU G 270 76.21 54.84 -145.04
CA LEU G 270 76.50 54.12 -146.27
C LEU G 270 76.02 54.91 -147.48
N LYS G 298 70.10 56.16 -147.87
CA LYS G 298 70.05 55.79 -146.45
C LYS G 298 69.80 57.02 -145.59
N THR G 299 69.04 56.85 -144.51
CA THR G 299 68.77 57.92 -143.55
C THR G 299 68.95 57.41 -142.13
N ILE G 300 69.37 58.30 -141.23
CA ILE G 300 69.50 57.94 -139.82
C ILE G 300 68.11 57.87 -139.21
N GLU G 301 67.80 56.75 -138.58
CA GLU G 301 66.50 56.48 -137.98
C GLU G 301 66.71 55.73 -136.68
N PRO G 302 65.69 55.69 -135.81
CA PRO G 302 65.87 54.95 -134.55
C PRO G 302 65.89 53.44 -134.77
N PHE G 303 66.66 52.76 -133.92
CA PHE G 303 66.63 51.31 -133.88
C PHE G 303 66.96 50.83 -132.47
N GLU G 304 66.56 49.59 -132.18
CA GLU G 304 66.73 49.02 -130.85
C GLU G 304 68.21 48.71 -130.58
N LEU G 305 68.55 48.66 -129.29
CA LEU G 305 69.89 48.27 -128.84
C LEU G 305 70.29 46.91 -129.38
N THR G 306 71.23 46.88 -130.31
CA THR G 306 71.65 45.66 -130.99
C THR G 306 73.15 45.45 -130.79
N LYS G 307 73.53 44.19 -130.55
CA LYS G 307 74.93 43.83 -130.40
C LYS G 307 75.66 43.95 -131.73
N LEU G 308 76.93 44.33 -131.66
CA LEU G 308 77.78 44.31 -132.85
C LEU G 308 78.34 42.91 -133.05
N LYS G 309 78.69 42.59 -134.31
CA LYS G 309 79.18 41.28 -134.66
C LYS G 309 80.40 41.44 -135.56
N GLY G 310 81.01 40.31 -135.95
CA GLY G 310 82.17 40.39 -136.82
C GLY G 310 83.50 40.49 -136.10
N GLY G 311 83.51 40.62 -134.78
CA GLY G 311 84.75 40.71 -134.04
C GLY G 311 85.48 39.37 -134.03
N THR G 312 86.72 39.37 -134.51
CA THR G 312 87.51 38.15 -134.68
C THR G 312 88.91 38.40 -134.13
N ASN G 313 89.42 37.45 -133.34
CA ASN G 313 90.79 37.57 -132.85
C ASN G 313 91.79 37.21 -133.93
N GLY G 314 91.50 36.20 -134.74
CA GLY G 314 92.41 35.74 -135.77
C GLY G 314 93.42 34.74 -135.22
N GLU G 315 94.39 34.45 -136.07
CA GLU G 315 95.47 33.51 -135.76
C GLU G 315 96.80 34.15 -136.15
N PRO G 316 97.91 33.74 -135.51
CA PRO G 316 99.18 34.34 -135.86
C PRO G 316 99.63 33.90 -137.24
N PRO G 317 100.40 34.72 -137.95
CA PRO G 317 100.86 34.32 -139.29
C PRO G 317 102.02 33.36 -139.22
N ALA G 318 102.25 32.68 -140.35
CA ALA G 318 103.42 31.82 -140.45
C ALA G 318 104.71 32.62 -140.37
N THR G 319 104.78 33.75 -141.07
CA THR G 319 105.97 34.58 -141.12
C THR G 319 105.87 35.68 -140.08
N TRP G 320 106.87 35.75 -139.20
CA TRP G 320 106.93 36.78 -138.16
C TRP G 320 107.74 37.99 -138.55
N ALA G 321 108.23 38.07 -139.79
CA ALA G 321 109.16 39.14 -140.14
C ALA G 321 108.44 40.48 -140.19
N ASP G 322 107.21 40.47 -140.69
CA ASP G 322 106.39 41.68 -140.72
C ASP G 322 106.11 42.20 -139.31
N LYS G 323 105.96 41.29 -138.35
CA LYS G 323 105.64 41.71 -136.99
C LYS G 323 106.82 42.40 -136.33
N LEU G 324 108.03 41.96 -136.66
CA LEU G 324 109.22 42.56 -136.08
C LEU G 324 109.56 43.89 -136.74
N ASP G 325 109.22 44.06 -138.03
CA ASP G 325 109.66 45.24 -138.77
C ASP G 325 109.04 46.55 -138.27
N LYS G 326 107.94 46.48 -137.50
CA LYS G 326 107.35 47.68 -136.95
C LYS G 326 108.25 48.35 -135.91
N PHE G 327 109.09 47.56 -135.22
CA PHE G 327 110.13 47.98 -134.28
C PHE G 327 111.42 48.38 -135.00
N ALA G 328 111.30 48.96 -136.20
CA ALA G 328 112.47 49.39 -136.95
C ALA G 328 113.06 50.67 -136.38
N HIS G 329 112.22 51.68 -136.09
CA HIS G 329 112.67 53.01 -135.70
C HIS G 329 112.17 53.41 -134.32
N GLU G 330 111.84 52.45 -133.45
CA GLU G 330 111.21 52.77 -132.17
C GLU G 330 112.19 52.98 -131.03
N GLY G 331 113.50 52.88 -131.28
CA GLY G 331 114.50 53.09 -130.25
C GLY G 331 114.68 51.97 -129.25
N GLY G 332 114.02 50.82 -129.43
CA GLY G 332 114.17 49.74 -128.46
C GLY G 332 115.44 48.93 -128.70
N TYR G 333 116.00 48.43 -127.59
CA TYR G 333 117.26 47.68 -127.57
C TYR G 333 117.08 46.21 -127.19
N TYR G 334 116.16 45.90 -126.27
CA TYR G 334 115.88 44.56 -125.79
C TYR G 334 114.49 44.14 -126.29
N ILE G 335 114.38 42.96 -126.91
CA ILE G 335 113.07 42.49 -127.37
C ILE G 335 112.96 41.00 -127.12
N VAL G 336 111.80 40.56 -126.61
CA VAL G 336 111.59 39.17 -126.22
C VAL G 336 110.20 38.71 -126.65
N PRO G 337 110.07 37.69 -127.50
CA PRO G 337 108.76 37.16 -127.85
C PRO G 337 108.27 36.09 -126.88
N LEU G 338 106.94 36.04 -126.73
CA LEU G 338 106.31 35.06 -125.85
C LEU G 338 106.00 33.79 -126.66
N SER G 339 107.07 33.10 -127.06
CA SER G 339 107.01 31.87 -127.84
C SER G 339 108.30 31.07 -127.65
N SER G 340 108.16 29.79 -127.31
CA SER G 340 109.28 28.86 -127.27
C SER G 340 109.66 28.26 -128.62
N LYS G 341 108.99 28.62 -129.71
CA LYS G 341 109.27 27.99 -131.00
C LYS G 341 110.62 28.45 -131.53
N GLN G 342 111.40 27.51 -132.06
CA GLN G 342 112.72 27.80 -132.65
C GLN G 342 112.62 28.62 -133.92
N SER G 343 111.48 28.59 -134.63
CA SER G 343 111.31 29.38 -135.84
C SER G 343 111.24 30.86 -135.51
N VAL G 344 110.43 31.22 -134.51
CA VAL G 344 110.35 32.61 -134.07
C VAL G 344 111.70 33.09 -133.56
N HIS G 345 112.43 32.24 -132.83
CA HIS G 345 113.78 32.55 -132.35
C HIS G 345 114.75 32.82 -133.49
N ALA G 346 114.76 31.99 -134.54
CA ALA G 346 115.60 32.23 -135.70
C ALA G 346 115.20 33.51 -136.45
N GLU G 347 113.91 33.83 -136.55
CA GLU G 347 113.47 35.03 -137.24
C GLU G 347 113.85 36.28 -136.45
N VAL G 348 113.78 36.23 -135.11
CA VAL G 348 114.27 37.30 -134.24
C VAL G 348 115.77 37.46 -134.36
N ALA G 349 116.53 36.36 -134.33
CA ALA G 349 117.98 36.40 -134.50
C ALA G 349 118.35 37.05 -135.84
N SER G 350 117.65 36.71 -136.92
CA SER G 350 117.81 37.37 -138.21
C SER G 350 117.45 38.86 -138.16
N PHE G 351 116.35 39.22 -137.49
CA PHE G 351 115.86 40.60 -137.41
C PHE G 351 116.86 41.48 -136.69
N VAL G 352 117.22 41.11 -135.45
CA VAL G 352 118.08 41.96 -134.61
C VAL G 352 119.46 42.12 -135.23
N LYS G 353 119.99 41.07 -135.86
CA LYS G 353 121.20 41.21 -136.65
C LYS G 353 120.98 42.22 -137.77
N GLU G 354 119.90 42.14 -138.54
CA GLU G 354 119.67 43.08 -139.63
C GLU G 354 119.55 44.51 -139.11
N ARG G 355 118.88 44.70 -137.97
CA ARG G 355 118.85 46.04 -137.38
C ARG G 355 120.25 46.52 -137.01
N SER G 356 121.07 45.65 -136.42
CA SER G 356 122.43 46.01 -136.05
C SER G 356 123.25 46.37 -137.28
N ASP G 357 123.12 45.63 -138.38
CA ASP G 357 123.80 46.01 -139.62
C ASP G 357 123.29 47.35 -140.13
N ALA G 358 122.01 47.65 -139.89
CA ALA G 358 121.40 48.87 -140.39
C ALA G 358 121.76 50.12 -139.58
N GLY G 359 122.42 49.96 -138.43
CA GLY G 359 122.79 51.08 -137.58
C GLY G 359 121.97 51.22 -136.32
N GLU G 360 121.12 50.24 -135.99
CA GLU G 360 120.27 50.24 -134.80
C GLU G 360 120.51 48.92 -134.08
N PRO G 361 121.54 48.86 -133.23
CA PRO G 361 121.92 47.64 -132.55
C PRO G 361 120.88 47.23 -131.51
N MET G 362 120.61 45.93 -131.43
CA MET G 362 119.66 45.31 -130.51
C MET G 362 120.16 43.96 -130.01
N ARG G 363 119.51 43.42 -128.98
CA ARG G 363 119.72 42.05 -128.49
C ARG G 363 118.38 41.40 -128.14
N ALA G 364 118.35 40.09 -128.19
CA ALA G 364 117.19 39.30 -127.83
C ALA G 364 117.53 38.27 -126.76
N ILE G 365 116.54 37.92 -125.94
CA ILE G 365 116.67 36.85 -124.95
C ILE G 365 115.43 35.96 -125.07
N VAL G 366 115.60 34.63 -125.04
CA VAL G 366 114.52 33.67 -125.27
C VAL G 366 114.61 32.49 -124.30
N GLY G 367 113.48 31.81 -124.04
CA GLY G 367 113.45 30.69 -123.11
C GLY G 367 112.60 29.52 -123.55
N GLY G 368 113.14 28.31 -123.42
CA GLY G 368 112.58 27.14 -124.05
C GLY G 368 111.63 26.35 -123.17
N GLY G 369 110.33 26.42 -123.48
CA GLY G 369 109.35 25.49 -122.94
C GLY G 369 109.28 25.36 -121.44
N PHE G 370 108.69 24.25 -120.98
CA PHE G 370 108.51 23.92 -119.58
C PHE G 370 109.39 22.74 -119.20
N ASN G 371 110.37 22.98 -118.32
CA ASN G 371 111.17 21.91 -117.73
C ASN G 371 111.94 21.12 -118.80
N GLU G 372 112.53 21.85 -119.75
CA GLU G 372 113.30 21.23 -120.82
C GLU G 372 114.65 20.75 -120.32
N SER G 373 115.12 19.65 -120.88
CA SER G 373 116.33 19.02 -120.42
C SER G 373 117.53 19.79 -120.94
N LYS G 374 118.73 19.37 -120.54
CA LYS G 374 119.93 20.07 -120.99
C LYS G 374 120.19 19.83 -122.49
N GLU G 375 119.92 18.60 -122.97
CA GLU G 375 120.07 18.33 -124.41
C GLU G 375 119.30 19.35 -125.27
N GLN G 376 118.08 19.71 -124.86
CA GLN G 376 117.31 20.66 -125.66
C GLN G 376 117.94 22.04 -125.64
N LEU G 377 118.48 22.45 -124.48
CA LEU G 377 119.19 23.72 -124.39
C LEU G 377 120.43 23.73 -125.27
N PHE G 378 121.14 22.60 -125.40
CA PHE G 378 122.28 22.47 -126.30
C PHE G 378 121.83 22.52 -127.76
N GLY G 379 120.78 21.80 -128.13
CA GLY G 379 120.24 21.83 -129.50
C GLY G 379 119.75 23.22 -129.89
N ARG G 380 119.03 23.91 -128.99
CA ARG G 380 118.62 25.29 -129.19
C ARG G 380 119.83 26.19 -129.39
N GLN G 381 120.79 26.18 -128.48
CA GLN G 381 121.98 27.03 -128.58
C GLN G 381 122.76 26.77 -129.89
N ALA G 382 122.97 25.52 -130.27
CA ALA G 382 123.64 25.14 -131.51
C ALA G 382 122.87 25.56 -132.77
N SER G 383 121.56 25.78 -132.64
CA SER G 383 120.69 26.33 -133.69
C SER G 383 120.66 27.87 -133.72
N LEU G 384 121.39 28.54 -132.84
CA LEU G 384 121.43 30.00 -132.72
C LEU G 384 122.86 30.55 -132.88
N SER G 385 123.79 30.18 -131.99
CA SER G 385 125.20 30.60 -132.02
C SER G 385 125.42 32.10 -132.28
N ASN G 386 124.52 32.98 -131.81
CA ASN G 386 124.48 34.36 -132.25
C ASN G 386 124.86 35.32 -131.12
N PRO G 387 125.87 36.20 -131.29
CA PRO G 387 126.28 37.15 -130.26
C PRO G 387 125.17 38.09 -129.78
N ARG G 388 124.13 38.31 -130.58
CA ARG G 388 122.97 39.16 -130.21
C ARG G 388 121.79 38.39 -129.63
N VAL G 389 121.96 37.10 -129.29
CA VAL G 389 120.92 36.28 -128.65
C VAL G 389 121.45 35.52 -127.44
N SER G 390 120.67 35.50 -126.37
CA SER G 390 120.92 34.70 -125.15
C SER G 390 119.76 33.75 -124.86
N LEU G 391 120.08 32.56 -124.33
CA LEU G 391 119.11 31.50 -124.02
C LEU G 391 118.95 31.32 -122.51
N VAL G 392 117.71 31.17 -122.04
CA VAL G 392 117.37 31.06 -120.62
C VAL G 392 116.83 29.65 -120.39
N ALA G 393 117.38 28.98 -119.39
CA ALA G 393 117.04 27.59 -119.09
C ALA G 393 115.96 27.46 -118.02
N ASN G 394 116.10 28.19 -116.92
CA ASN G 394 115.27 27.95 -115.75
C ASN G 394 113.83 28.39 -116.00
N SER G 395 112.88 27.62 -115.48
CA SER G 395 111.46 27.94 -115.50
C SER G 395 110.89 27.69 -114.11
N GLY G 396 110.00 28.56 -113.69
CA GLY G 396 109.47 28.50 -112.34
C GLY G 396 108.14 29.22 -112.18
N THR G 397 107.88 29.66 -110.95
CA THR G 397 106.61 30.28 -110.56
C THR G 397 106.88 31.68 -110.03
N PHE G 398 106.00 32.62 -110.37
CA PHE G 398 106.09 34.01 -109.92
C PHE G 398 104.82 34.38 -109.18
N VAL G 399 104.95 34.98 -107.99
CA VAL G 399 103.79 35.41 -107.21
C VAL G 399 103.36 36.76 -107.76
N MET G 400 102.28 36.79 -108.54
CA MET G 400 101.76 38.03 -109.10
C MET G 400 101.11 38.88 -108.02
N ASP G 401 100.97 40.17 -108.32
CA ASP G 401 100.32 41.11 -107.41
C ASP G 401 98.88 40.71 -107.10
N ASP G 402 98.23 39.96 -107.99
CA ASP G 402 96.86 39.50 -107.77
C ASP G 402 96.78 38.25 -106.89
N GLY G 403 97.89 37.81 -106.30
CA GLY G 403 97.90 36.63 -105.47
C GLY G 403 98.00 35.33 -106.20
N ARG G 404 98.33 35.36 -107.49
CA ARG G 404 98.41 34.16 -108.31
C ARG G 404 99.84 33.62 -108.33
N LYS G 405 99.99 32.34 -108.00
CA LYS G 405 101.27 31.64 -108.14
C LYS G 405 101.39 31.13 -109.57
N ASN G 406 101.61 32.07 -110.49
CA ASN G 406 101.52 31.80 -111.92
C ASN G 406 102.74 31.02 -112.37
N HIS G 407 102.60 29.70 -112.45
CA HIS G 407 103.65 28.88 -113.03
C HIS G 407 103.77 29.21 -114.51
N VAL G 408 104.99 29.35 -115.01
CA VAL G 408 105.26 29.99 -116.30
C VAL G 408 106.43 29.29 -116.98
N PRO G 409 106.52 29.40 -118.31
CA PRO G 409 107.65 28.79 -119.02
C PRO G 409 108.87 29.70 -119.02
N ALA G 410 109.96 29.13 -119.55
CA ALA G 410 111.27 29.79 -119.49
C ALA G 410 111.27 31.17 -120.14
N TYR G 411 110.46 31.38 -121.19
CA TYR G 411 110.54 32.68 -121.87
C TYR G 411 109.96 33.81 -121.03
N MET G 412 109.02 33.52 -120.12
CA MET G 412 108.60 34.53 -119.16
C MET G 412 109.76 34.91 -118.24
N VAL G 413 110.59 33.93 -117.86
CA VAL G 413 111.83 34.24 -117.14
C VAL G 413 112.76 35.08 -118.00
N ALA G 414 112.77 34.85 -119.31
CA ALA G 414 113.62 35.67 -120.17
C ALA G 414 113.10 37.10 -120.24
N VAL G 415 111.78 37.27 -120.13
CA VAL G 415 111.19 38.60 -120.01
C VAL G 415 111.56 39.23 -118.67
N ALA G 416 111.66 38.43 -117.62
CA ALA G 416 112.08 39.01 -116.35
C ALA G 416 113.53 39.48 -116.43
N LEU G 417 114.41 38.67 -117.04
CA LEU G 417 115.80 39.07 -117.23
C LEU G 417 115.92 40.29 -118.13
N GLY G 418 115.13 40.41 -119.21
CA GLY G 418 115.19 41.60 -120.02
C GLY G 418 114.74 42.82 -119.24
N GLY G 419 113.67 42.66 -118.45
CA GLY G 419 113.20 43.73 -117.60
C GLY G 419 114.25 44.19 -116.61
N LEU G 420 114.99 43.26 -116.02
CA LEU G 420 116.09 43.55 -115.11
C LEU G 420 117.19 44.28 -115.85
N ALA G 421 117.58 43.80 -117.03
CA ALA G 421 118.68 44.42 -117.78
C ALA G 421 118.33 45.84 -118.19
N SER G 422 117.08 46.06 -118.59
CA SER G 422 116.66 47.42 -118.94
C SER G 422 116.66 48.33 -117.72
N GLY G 423 116.48 47.75 -116.54
CA GLY G 423 116.43 48.55 -115.31
C GLY G 423 117.78 49.00 -114.83
N LEU G 424 118.84 48.27 -115.17
CA LEU G 424 120.21 48.68 -114.90
C LEU G 424 120.65 49.80 -115.84
N GLU G 425 121.77 50.42 -115.47
CA GLU G 425 122.37 51.48 -116.25
C GLU G 425 123.11 50.89 -117.45
N ILE G 426 123.63 51.78 -118.31
CA ILE G 426 124.31 51.33 -119.50
C ILE G 426 125.61 50.64 -119.13
N GLY G 427 125.86 49.48 -119.74
CA GLY G 427 127.07 48.72 -119.54
C GLY G 427 127.08 47.80 -118.33
N GLU G 428 125.98 47.72 -117.58
CA GLU G 428 125.96 46.91 -116.38
C GLU G 428 125.75 45.44 -116.72
N SER G 429 126.03 44.56 -115.75
CA SER G 429 125.92 43.12 -115.93
C SER G 429 124.92 42.53 -114.95
N ILE G 430 124.11 41.58 -115.42
CA ILE G 430 123.12 40.84 -114.62
C ILE G 430 123.74 39.68 -113.83
N THR G 431 125.05 39.47 -113.89
CA THR G 431 125.76 38.44 -113.11
C THR G 431 125.49 38.59 -111.61
N PHE G 432 125.16 37.50 -110.92
CA PHE G 432 124.92 37.41 -109.47
C PHE G 432 123.81 38.32 -108.92
N LYS G 433 123.04 39.00 -109.77
CA LYS G 433 121.85 39.75 -109.31
C LYS G 433 120.77 38.79 -108.81
N PRO G 434 119.95 39.18 -107.83
CA PRO G 434 118.82 38.37 -107.39
C PRO G 434 117.70 38.39 -108.44
N LEU G 435 117.07 37.23 -108.68
CA LEU G 435 116.00 37.10 -109.68
C LEU G 435 114.62 37.58 -109.19
N ARG G 436 114.32 37.42 -107.90
CA ARG G 436 113.00 37.70 -107.30
C ARG G 436 111.85 36.81 -107.85
N VAL G 437 112.17 35.56 -108.20
CA VAL G 437 111.19 34.47 -108.43
C VAL G 437 110.69 33.89 -107.11
N SER G 438 109.59 33.12 -107.13
CA SER G 438 109.12 32.39 -105.93
C SER G 438 109.75 30.99 -105.81
N SER G 439 109.68 30.18 -106.87
CA SER G 439 110.27 28.83 -106.91
C SER G 439 110.63 28.43 -108.33
N LEU G 440 111.57 27.50 -108.48
CA LEU G 440 112.08 27.03 -109.77
C LEU G 440 111.83 25.53 -109.94
N ASP G 441 111.55 25.10 -111.16
CA ASP G 441 111.27 23.69 -111.41
C ASP G 441 112.52 22.82 -111.24
N GLN G 442 113.68 23.31 -111.69
CA GLN G 442 114.93 22.57 -111.69
C GLN G 442 115.97 23.37 -110.91
N ILE G 443 116.15 23.03 -109.63
CA ILE G 443 117.21 23.64 -108.81
C ILE G 443 118.49 22.88 -109.11
N TYR G 444 119.39 23.50 -109.89
CA TYR G 444 120.55 22.80 -110.43
C TYR G 444 121.66 22.73 -109.37
N GLU G 445 122.67 21.91 -109.64
CA GLU G 445 123.86 21.81 -108.80
C GLU G 445 125.05 22.39 -109.58
N SER G 446 126.25 22.25 -109.00
CA SER G 446 127.40 22.94 -109.55
C SER G 446 127.77 22.40 -110.93
N ILE G 447 127.58 21.10 -111.14
CA ILE G 447 127.96 20.48 -112.41
C ILE G 447 127.10 21.04 -113.55
N ASP G 448 125.79 21.06 -113.36
CA ASP G 448 124.90 21.55 -114.41
C ASP G 448 125.14 23.02 -114.69
N LEU G 449 125.33 23.84 -113.64
CA LEU G 449 125.61 25.26 -113.81
C LEU G 449 126.92 25.49 -114.55
N ASP G 450 127.95 24.68 -114.28
CA ASP G 450 129.20 24.82 -115.01
C ASP G 450 129.04 24.41 -116.47
N GLU G 451 128.38 23.28 -116.72
CA GLU G 451 128.12 22.85 -118.09
C GLU G 451 127.35 23.93 -118.85
N LEU G 452 126.26 24.45 -118.26
CA LEU G 452 125.47 25.45 -118.96
C LEU G 452 126.30 26.69 -119.23
N ASN G 453 127.06 27.16 -118.25
CA ASN G 453 127.89 28.34 -118.42
C ASN G 453 128.89 28.14 -119.55
N GLU G 454 129.55 26.98 -119.61
CA GLU G 454 130.53 26.74 -120.67
C GLU G 454 129.87 26.71 -122.03
N ASN G 455 128.70 26.07 -122.14
CA ASN G 455 128.00 25.94 -123.41
C ASN G 455 127.22 27.19 -123.79
N GLY G 456 127.25 28.25 -122.98
CA GLY G 456 126.62 29.50 -123.35
C GLY G 456 125.13 29.57 -123.11
N ILE G 457 124.65 29.04 -121.99
CA ILE G 457 123.23 29.10 -121.63
C ILE G 457 123.12 29.73 -120.24
N ILE G 458 122.28 30.77 -120.11
CA ILE G 458 122.08 31.49 -118.85
C ILE G 458 121.27 30.62 -117.89
N SER G 459 121.74 30.56 -116.64
CA SER G 459 121.19 29.65 -115.62
C SER G 459 121.23 30.26 -114.23
N ILE G 460 120.38 29.73 -113.34
CA ILE G 460 119.94 30.41 -112.12
C ILE G 460 119.98 29.43 -110.95
N GLU G 461 120.60 29.82 -109.84
CA GLU G 461 120.80 28.96 -108.67
C GLU G 461 120.05 29.46 -107.45
N PHE G 462 119.38 28.54 -106.74
CA PHE G 462 118.90 28.76 -105.39
C PHE G 462 120.07 28.63 -104.42
N VAL G 463 120.46 29.72 -103.78
CA VAL G 463 121.62 29.75 -102.87
C VAL G 463 121.22 29.19 -101.51
N ARG G 464 121.65 27.97 -101.19
CA ARG G 464 121.29 27.25 -99.96
C ARG G 464 122.15 27.57 -98.75
N ASN G 465 123.33 28.17 -98.94
CA ASN G 465 124.44 28.14 -97.99
C ASN G 465 124.27 29.04 -96.73
N ARG G 466 123.05 29.51 -96.43
CA ARG G 466 122.82 30.78 -95.72
C ARG G 466 121.69 30.72 -94.71
N THR G 467 121.67 31.73 -93.83
CA THR G 467 120.63 32.00 -92.82
C THR G 467 119.25 32.28 -93.42
N ASN G 468 119.23 32.83 -94.63
CA ASN G 468 118.05 33.16 -95.42
C ASN G 468 118.38 32.97 -96.90
N THR G 469 117.41 32.65 -97.76
CA THR G 469 117.67 32.06 -99.08
C THR G 469 116.96 32.76 -100.24
N PHE G 470 117.60 32.74 -101.42
CA PHE G 470 117.20 33.49 -102.61
C PHE G 470 117.78 32.87 -103.89
N PHE G 471 117.31 33.31 -105.04
CA PHE G 471 117.75 32.83 -106.35
C PHE G 471 118.60 33.89 -107.07
N ARG G 472 119.77 33.53 -107.63
CA ARG G 472 120.65 34.47 -108.38
C ARG G 472 121.09 33.93 -109.73
N ILE G 473 121.21 34.80 -110.72
CA ILE G 473 121.69 34.47 -112.07
C ILE G 473 123.20 34.21 -112.03
N VAL G 474 123.69 33.06 -112.51
CA VAL G 474 125.12 32.73 -112.34
C VAL G 474 126.05 33.41 -113.35
N ASP G 475 125.56 33.79 -114.52
CA ASP G 475 126.38 34.45 -115.56
C ASP G 475 125.50 35.17 -116.61
N ASP G 476 126.09 36.03 -117.44
CA ASP G 476 125.40 36.79 -118.49
C ASP G 476 125.90 36.43 -119.89
N VAL G 477 126.35 35.18 -120.07
CA VAL G 477 126.95 34.71 -121.32
C VAL G 477 125.94 34.63 -122.46
N THR G 478 126.29 35.10 -123.66
CA THR G 478 125.46 34.97 -124.87
C THR G 478 125.57 33.59 -125.52
N THR G 479 124.69 33.24 -126.47
CA THR G 479 124.71 31.92 -127.13
C THR G 479 125.96 31.64 -127.97
N PHE G 480 126.73 32.65 -128.35
CA PHE G 480 128.01 32.46 -129.03
C PHE G 480 129.01 31.78 -128.09
N ASN G 481 129.50 30.59 -128.45
CA ASN G 481 130.18 29.69 -127.50
C ASN G 481 131.59 30.19 -127.09
N ASP G 482 132.39 30.57 -128.08
CA ASP G 482 133.78 30.97 -127.91
C ASP G 482 133.88 32.30 -127.17
N LYS G 483 134.69 32.30 -126.10
CA LYS G 483 134.86 33.44 -125.21
C LYS G 483 136.15 34.23 -125.49
N SER G 484 136.79 34.01 -126.65
CA SER G 484 138.02 34.74 -126.98
C SER G 484 137.75 36.24 -127.05
N ASP G 485 136.67 36.64 -127.70
CA ASP G 485 136.24 38.03 -127.77
C ASP G 485 135.16 38.27 -126.71
N PRO G 486 135.46 38.94 -125.58
CA PRO G 486 134.39 39.21 -124.60
C PRO G 486 133.36 40.22 -125.08
N VAL G 487 133.66 41.01 -126.11
CA VAL G 487 132.67 41.96 -126.62
C VAL G 487 131.46 41.21 -127.16
N LYS G 488 131.74 40.14 -127.92
CA LYS G 488 130.73 39.21 -128.45
C LYS G 488 130.17 38.30 -127.38
N ALA G 489 131.03 37.73 -126.53
CA ALA G 489 130.58 36.77 -125.53
C ALA G 489 129.72 37.39 -124.43
N GLU G 490 130.09 38.56 -123.90
CA GLU G 490 129.47 39.15 -122.72
C GLU G 490 128.42 40.18 -123.14
N MET G 491 127.22 40.06 -122.57
CA MET G 491 126.13 40.98 -122.86
C MET G 491 126.48 42.41 -122.46
N ALA G 492 127.09 42.61 -121.30
CA ALA G 492 127.36 43.95 -120.80
C ALA G 492 128.36 44.69 -121.67
N VAL G 493 129.45 44.01 -122.07
CA VAL G 493 130.46 44.67 -122.88
C VAL G 493 129.89 45.05 -124.24
N GLY G 494 129.16 44.12 -124.85
CA GLY G 494 128.50 44.33 -126.13
C GLY G 494 127.47 45.46 -126.05
N GLU G 495 126.82 45.64 -124.91
CA GLU G 495 125.84 46.71 -124.72
C GLU G 495 126.55 48.05 -124.57
N ALA G 496 127.66 48.07 -123.84
CA ALA G 496 128.42 49.30 -123.67
C ALA G 496 129.02 49.77 -124.99
N ASN G 497 129.50 48.80 -125.78
CA ASN G 497 130.01 49.03 -127.10
C ASN G 497 128.93 49.56 -128.03
N ASP G 498 127.77 48.90 -128.09
CA ASP G 498 126.65 49.37 -128.90
C ASP G 498 126.28 50.81 -128.54
N PHE G 499 126.07 51.08 -127.25
CA PHE G 499 125.59 52.38 -126.80
C PHE G 499 126.60 53.49 -127.07
N LEU G 500 127.88 53.21 -126.77
CA LEU G 500 128.93 54.20 -127.02
C LEU G 500 129.03 54.58 -128.49
N VAL G 501 129.06 53.58 -129.38
CA VAL G 501 129.21 53.86 -130.80
C VAL G 501 128.01 54.65 -131.32
N SER G 502 126.80 54.24 -130.92
CA SER G 502 125.60 54.89 -131.41
C SER G 502 125.51 56.34 -130.94
N GLU G 503 125.78 56.59 -129.66
CA GLU G 503 125.73 57.97 -129.15
C GLU G 503 126.78 58.84 -129.84
N LEU G 504 128.02 58.34 -129.93
CA LEU G 504 129.10 59.10 -130.56
C LEU G 504 128.77 59.41 -132.02
N LYS G 505 128.26 58.43 -132.75
CA LYS G 505 127.94 58.63 -134.15
C LYS G 505 126.81 59.64 -134.33
N VAL G 506 125.74 59.52 -133.54
CA VAL G 506 124.61 60.44 -133.69
C VAL G 506 125.04 61.86 -133.31
N GLN G 507 125.76 62.02 -132.19
CA GLN G 507 126.17 63.35 -131.75
C GLN G 507 127.13 63.99 -132.75
N LEU G 508 128.04 63.20 -133.34
CA LEU G 508 128.96 63.78 -134.33
C LEU G 508 128.24 64.20 -135.60
N GLU G 509 127.23 63.43 -136.04
CA GLU G 509 126.40 63.91 -137.15
C GLU G 509 125.73 65.21 -136.75
N ASP G 510 125.01 65.20 -135.62
CA ASP G 510 124.21 66.35 -135.20
C ASP G 510 125.06 67.61 -135.03
N GLN G 511 126.34 67.45 -134.68
CA GLN G 511 127.17 68.60 -134.31
C GLN G 511 127.92 69.20 -135.50
N PHE G 512 128.80 68.42 -136.13
CA PHE G 512 129.85 68.99 -136.98
C PHE G 512 129.63 68.86 -138.47
N ILE G 513 128.73 68.00 -138.94
CA ILE G 513 128.49 67.92 -140.38
C ILE G 513 127.69 69.15 -140.81
N GLY G 514 128.14 69.79 -141.88
CA GLY G 514 127.55 71.01 -142.39
C GLY G 514 128.12 72.29 -141.81
N THR G 515 129.06 72.19 -140.88
CA THR G 515 129.68 73.36 -140.26
C THR G 515 130.99 73.72 -140.95
N ARG G 516 131.37 74.99 -140.81
CA ARG G 516 132.54 75.53 -141.50
C ARG G 516 133.81 74.84 -141.04
N THR G 517 134.75 74.69 -141.98
CA THR G 517 136.05 74.08 -141.69
C THR G 517 137.06 75.18 -141.33
N ILE G 518 136.77 75.88 -140.24
CA ILE G 518 137.63 76.98 -139.81
C ILE G 518 138.96 76.42 -139.30
N ASN G 519 139.84 77.30 -138.83
CA ASN G 519 141.16 76.87 -138.39
C ASN G 519 141.10 76.20 -137.03
N THR G 520 140.12 76.59 -136.21
CA THR G 520 139.93 76.05 -134.88
C THR G 520 139.02 74.83 -134.87
N SER G 521 138.57 74.34 -136.04
CA SER G 521 137.61 73.25 -136.07
C SER G 521 138.19 72.00 -135.42
N ALA G 522 139.30 71.48 -135.96
CA ALA G 522 140.05 70.39 -135.34
C ALA G 522 140.15 70.48 -133.81
N SER G 523 140.57 71.63 -133.28
CA SER G 523 140.71 71.72 -131.84
C SER G 523 139.35 71.64 -131.15
N ILE G 524 138.33 72.26 -131.76
CA ILE G 524 136.98 72.18 -131.20
C ILE G 524 136.50 70.74 -131.20
N ILE G 525 136.79 69.99 -132.27
CA ILE G 525 136.35 68.61 -132.35
C ILE G 525 137.02 67.77 -131.26
N LYS G 526 138.33 68.00 -131.06
CA LYS G 526 139.09 67.34 -130.02
C LYS G 526 138.51 67.66 -128.64
N ASP G 527 138.22 68.94 -128.37
CA ASP G 527 137.69 69.30 -127.06
C ASP G 527 136.30 68.69 -126.86
N PHE G 528 135.51 68.58 -127.92
CA PHE G 528 134.18 67.98 -127.79
C PHE G 528 134.29 66.48 -127.50
N ILE G 529 135.19 65.79 -128.20
CA ILE G 529 135.33 64.35 -127.98
C ILE G 529 135.91 64.08 -126.60
N GLN G 530 136.86 64.91 -126.15
CA GLN G 530 137.38 64.76 -124.79
C GLN G 530 136.27 64.97 -123.77
N SER G 531 135.42 65.97 -123.99
CA SER G 531 134.31 66.24 -123.08
C SER G 531 133.30 65.09 -123.08
N TYR G 532 133.05 64.49 -124.24
CA TYR G 532 132.15 63.35 -124.30
C TYR G 532 132.73 62.15 -123.54
N LEU G 533 134.02 61.85 -123.78
CA LEU G 533 134.65 60.72 -123.08
C LEU G 533 134.74 60.97 -121.57
N GLY G 534 135.04 62.21 -121.17
CA GLY G 534 135.05 62.52 -119.75
C GLY G 534 133.70 62.32 -119.11
N ARG G 535 132.64 62.71 -119.81
CA ARG G 535 131.29 62.54 -119.28
C ARG G 535 130.91 61.06 -119.22
N LYS G 536 131.38 60.26 -120.19
CA LYS G 536 131.22 58.82 -120.09
C LYS G 536 131.96 58.26 -118.88
N LYS G 537 133.22 58.66 -118.70
CA LYS G 537 133.99 58.21 -117.55
C LYS G 537 133.31 58.59 -116.25
N ARG G 538 132.77 59.81 -116.19
CA ARG G 538 132.11 60.29 -114.98
C ARG G 538 130.93 59.39 -114.61
N ASP G 539 130.11 59.01 -115.60
CA ASP G 539 128.99 58.13 -115.35
C ASP G 539 129.40 56.68 -115.09
N ASN G 540 130.68 56.34 -115.29
CA ASN G 540 131.23 54.99 -115.12
C ASN G 540 130.72 54.01 -116.17
N GLU G 541 130.42 54.51 -117.37
CA GLU G 541 130.15 53.64 -118.51
C GLU G 541 131.42 53.15 -119.18
N ILE G 542 132.57 53.80 -118.92
CA ILE G 542 133.86 53.38 -119.42
C ILE G 542 134.88 53.50 -118.29
N GLN G 543 135.96 52.73 -118.41
CA GLN G 543 136.98 52.72 -117.36
C GLN G 543 137.82 54.00 -117.38
N ASP G 544 138.59 54.21 -118.44
CA ASP G 544 139.46 55.37 -118.57
C ASP G 544 139.94 55.41 -120.02
N PHE G 545 140.49 56.56 -120.42
CA PHE G 545 141.05 56.75 -121.75
C PHE G 545 142.31 57.60 -121.62
N PRO G 546 143.28 57.44 -122.53
CA PRO G 546 144.37 58.45 -122.61
C PRO G 546 143.92 59.67 -123.38
N ALA G 547 143.94 60.83 -122.72
CA ALA G 547 143.48 62.06 -123.33
C ALA G 547 144.35 62.47 -124.51
N GLU G 548 145.66 62.27 -124.40
CA GLU G 548 146.56 62.73 -125.46
C GLU G 548 146.31 61.99 -126.78
N ASP G 549 145.89 60.73 -126.70
CA ASP G 549 145.69 59.93 -127.91
C ASP G 549 144.50 60.40 -128.75
N VAL G 550 143.69 61.32 -128.25
CA VAL G 550 142.54 61.82 -128.99
C VAL G 550 143.04 62.86 -129.99
N GLN G 551 143.42 62.41 -131.19
CA GLN G 551 144.01 63.27 -132.21
C GLN G 551 143.00 63.49 -133.34
N VAL G 552 142.93 64.71 -133.84
CA VAL G 552 142.01 65.10 -134.90
C VAL G 552 142.82 65.65 -136.08
N ILE G 553 142.55 65.11 -137.26
CA ILE G 553 143.17 65.52 -138.52
C ILE G 553 142.06 66.00 -139.44
N VAL G 554 142.19 67.22 -139.94
CA VAL G 554 141.24 67.82 -140.87
C VAL G 554 141.96 68.06 -142.20
N GLU G 555 141.36 67.57 -143.28
CA GLU G 555 141.91 67.73 -144.62
C GLU G 555 140.76 67.69 -145.60
N GLY G 556 140.46 68.84 -146.22
CA GLY G 556 139.37 68.88 -147.18
C GLY G 556 138.04 68.62 -146.51
N ASN G 557 137.16 67.89 -147.20
CA ASN G 557 135.85 67.60 -146.63
C ASN G 557 135.90 66.55 -145.53
N GLU G 558 136.96 65.73 -145.49
CA GLU G 558 137.05 64.63 -144.54
C GLU G 558 137.72 65.08 -143.25
N ALA G 559 137.27 64.49 -142.14
CA ALA G 559 137.87 64.68 -140.83
C ALA G 559 138.21 63.32 -140.24
N ARG G 560 139.49 63.07 -140.00
CA ARG G 560 139.98 61.80 -139.48
C ARG G 560 140.27 61.93 -138.00
N ILE G 561 139.79 60.95 -137.22
CA ILE G 561 139.91 60.95 -135.78
C ILE G 561 140.40 59.57 -135.32
N SER G 562 141.33 59.57 -134.37
CA SER G 562 141.88 58.37 -133.77
C SER G 562 141.87 58.53 -132.27
N MET G 563 141.42 57.50 -131.56
CA MET G 563 141.31 57.57 -130.11
C MET G 563 141.41 56.16 -129.55
N THR G 564 141.61 56.10 -128.23
CA THR G 564 141.67 54.85 -127.50
C THR G 564 140.87 54.98 -126.21
N VAL G 565 140.13 53.94 -125.87
CA VAL G 565 139.31 53.88 -124.66
C VAL G 565 139.44 52.50 -124.06
N TYR G 566 139.68 52.45 -122.74
CA TYR G 566 139.73 51.17 -122.03
C TYR G 566 138.31 50.73 -121.67
N PRO G 567 137.85 49.55 -122.11
CA PRO G 567 136.45 49.18 -121.85
C PRO G 567 136.21 48.82 -120.39
N ILE G 568 135.00 49.11 -119.93
CA ILE G 568 134.61 48.73 -118.58
C ILE G 568 134.46 47.22 -118.53
N ARG G 569 134.93 46.61 -117.44
CA ARG G 569 134.81 45.18 -117.23
C ARG G 569 134.17 44.91 -115.88
N SER G 570 133.53 43.75 -115.74
CA SER G 570 132.88 43.35 -114.50
C SER G 570 133.60 42.14 -113.91
N PHE G 571 133.85 42.19 -112.60
CA PHE G 571 134.58 41.10 -111.95
C PHE G 571 133.80 39.79 -112.06
N LYS G 572 134.49 38.71 -112.41
CA LYS G 572 133.92 37.35 -112.46
C LYS G 572 134.89 36.30 -111.92
N LYS G 573 135.96 36.70 -111.24
CA LYS G 573 136.87 35.75 -110.62
C LYS G 573 137.75 36.47 -109.60
N ILE G 574 137.76 36.01 -108.35
CA ILE G 574 138.55 36.63 -107.30
C ILE G 574 139.37 35.55 -106.62
N SER G 575 140.69 35.77 -106.53
CA SER G 575 141.62 34.86 -105.88
C SER G 575 142.29 35.57 -104.72
N VAL G 576 142.47 34.85 -103.61
CA VAL G 576 143.10 35.38 -102.40
C VAL G 576 144.18 34.39 -101.98
N SER G 577 145.41 34.88 -101.88
CA SER G 577 146.56 34.06 -101.52
C SER G 577 146.98 34.35 -100.08
N LEU G 578 146.20 33.84 -99.14
CA LEU G 578 146.46 34.06 -97.72
C LEU G 578 147.70 33.27 -97.28
N VAL G 579 148.49 33.85 -96.38
CA VAL G 579 149.70 33.19 -95.88
C VAL G 579 149.83 33.48 -94.38
N TYR G 580 149.88 32.43 -93.59
CA TYR G 580 149.99 32.56 -92.14
C TYR G 580 151.44 32.80 -91.72
N LYS G 581 151.60 33.42 -90.55
CA LYS G 581 152.91 33.67 -89.97
C LYS G 581 152.76 33.75 -88.46
N GLN G 582 153.88 33.57 -87.76
CA GLN G 582 153.92 33.62 -86.30
C GLN G 582 154.79 34.79 -85.86
N GLN G 583 154.44 35.39 -84.73
CA GLN G 583 155.09 36.59 -84.22
C GLN G 583 155.11 36.54 -82.71
N THR G 584 156.18 37.04 -82.12
CA THR G 584 156.44 36.91 -80.69
C THR G 584 156.18 38.25 -80.01
N LEU G 585 155.84 38.17 -78.73
CA LEU G 585 155.49 39.34 -77.95
C LEU G 585 156.24 39.34 -76.64
N GLN G 586 156.54 40.54 -76.16
CA GLN G 586 157.30 40.75 -74.94
C GLN G 586 156.63 41.84 -74.13
N ALA G 587 156.14 41.48 -72.95
CA ALA G 587 155.45 42.43 -72.09
C ALA G 587 154.24 43.10 -72.75
N VAL H 3 139.54 115.09 -150.14
CA VAL H 3 139.80 116.23 -149.27
C VAL H 3 138.75 117.31 -149.49
N GLU H 4 138.32 117.94 -148.40
CA GLU H 4 137.30 118.97 -148.41
C GLU H 4 137.90 120.28 -147.90
N PRO H 5 138.34 121.20 -148.77
CA PRO H 5 138.91 122.45 -148.27
C PRO H 5 137.84 123.37 -147.69
N PHE H 6 138.30 124.27 -146.82
CA PHE H 6 137.44 125.24 -146.15
C PHE H 6 138.13 126.60 -146.10
N PRO H 7 137.60 127.65 -146.75
CA PRO H 7 136.43 127.74 -147.63
C PRO H 7 136.70 127.20 -149.03
N ARG H 8 135.63 126.83 -149.73
CA ARG H 8 135.73 126.33 -151.10
C ARG H 8 136.19 127.37 -152.10
N ARG H 9 136.18 128.65 -151.71
CA ARG H 9 136.70 129.75 -152.54
C ARG H 9 138.03 130.22 -151.96
N PRO H 10 139.18 129.92 -152.58
CA PRO H 10 140.45 130.45 -152.05
C PRO H 10 140.50 131.97 -152.04
N ILE H 11 141.28 132.50 -151.11
CA ILE H 11 141.53 133.94 -150.99
C ILE H 11 143.03 134.16 -150.92
N THR H 12 143.49 135.23 -151.56
CA THR H 12 144.92 135.50 -151.68
C THR H 12 145.49 136.29 -150.51
N ARG H 13 144.64 136.99 -149.75
CA ARG H 13 145.11 137.78 -148.63
C ARG H 13 145.54 136.85 -147.48
N PRO H 14 146.27 137.36 -146.50
CA PRO H 14 146.69 136.49 -145.39
C PRO H 14 145.50 135.94 -144.62
N HIS H 15 145.54 134.63 -144.37
CA HIS H 15 144.43 133.91 -143.76
C HIS H 15 144.96 132.57 -143.27
N ALA H 16 144.06 131.75 -142.73
CA ALA H 16 144.38 130.38 -142.33
C ALA H 16 143.41 129.43 -143.02
N SER H 17 143.95 128.36 -143.61
CA SER H 17 143.17 127.43 -144.42
C SER H 17 143.15 126.06 -143.73
N ILE H 18 141.97 125.47 -143.67
CA ILE H 18 141.77 124.15 -143.05
C ILE H 18 141.27 123.20 -144.11
N GLU H 19 141.88 122.02 -144.17
CA GLU H 19 141.51 120.94 -145.07
C GLU H 19 141.11 119.73 -144.25
N VAL H 20 140.01 119.09 -144.66
CA VAL H 20 139.40 117.99 -143.93
C VAL H 20 139.27 116.79 -144.86
N ASP H 21 139.69 115.62 -144.39
CA ASP H 21 139.56 114.36 -145.09
C ASP H 21 138.74 113.42 -144.22
N THR H 22 137.55 113.06 -144.70
CA THR H 22 136.60 112.22 -143.97
C THR H 22 136.76 110.73 -144.28
N SER H 23 137.81 110.33 -144.99
CA SER H 23 138.02 108.93 -145.29
C SER H 23 138.53 108.19 -144.05
N GLY H 24 138.13 106.92 -143.92
CA GLY H 24 138.45 106.16 -142.74
C GLY H 24 137.50 106.29 -141.57
N ILE H 25 136.53 107.20 -141.64
CA ILE H 25 135.52 107.27 -140.60
C ILE H 25 134.60 106.06 -140.67
N GLY H 26 134.08 105.77 -141.86
CA GLY H 26 133.19 104.66 -142.10
C GLY H 26 133.90 103.32 -142.10
N SER H 32 127.84 92.71 -147.27
CA SER H 32 127.04 92.36 -148.45
C SER H 32 125.69 91.73 -148.06
N GLU H 33 124.65 91.89 -148.89
CA GLU H 33 123.30 91.43 -148.54
C GLU H 33 122.89 90.04 -149.06
N LYS H 34 123.41 89.60 -150.22
CA LYS H 34 122.98 88.38 -150.93
C LYS H 34 121.44 88.32 -151.11
N VAL H 35 120.91 89.22 -151.95
CA VAL H 35 119.46 89.38 -152.19
C VAL H 35 118.87 88.22 -152.99
N PHE H 36 117.61 87.88 -152.71
CA PHE H 36 116.87 86.72 -153.23
C PHE H 36 115.75 87.11 -154.21
N CYS H 37 115.58 86.38 -155.31
CA CYS H 37 114.72 86.74 -156.44
C CYS H 37 113.66 85.66 -156.74
N LEU H 38 112.48 86.07 -157.21
CA LEU H 38 111.36 85.16 -157.47
C LEU H 38 110.60 85.65 -158.71
N ILE H 39 110.14 84.72 -159.53
CA ILE H 39 109.22 85.02 -160.62
C ILE H 39 108.07 84.02 -160.55
N GLY H 40 106.84 84.52 -160.64
CA GLY H 40 105.70 83.64 -160.53
C GLY H 40 104.40 84.36 -160.83
N GLN H 41 103.30 83.72 -160.46
CA GLN H 41 101.94 84.21 -160.74
C GLN H 41 101.43 85.06 -159.58
N ALA H 42 100.69 86.11 -159.93
CA ALA H 42 100.08 86.99 -158.93
C ALA H 42 98.81 87.62 -159.52
N GLU H 43 97.87 87.94 -158.63
CA GLU H 43 96.61 88.59 -158.98
C GLU H 43 96.68 90.12 -158.92
N GLY H 44 97.87 90.70 -158.83
CA GLY H 44 97.99 92.15 -158.77
C GLY H 44 99.44 92.54 -158.97
N GLY H 45 99.62 93.80 -159.34
CA GLY H 45 100.93 94.36 -159.62
C GLY H 45 101.14 94.57 -161.11
N GLU H 46 102.08 95.47 -161.43
CA GLU H 46 102.32 95.82 -162.81
C GLU H 46 103.04 94.67 -163.50
N PRO H 47 102.98 94.61 -164.83
CA PRO H 47 103.76 93.61 -165.55
C PRO H 47 105.15 94.13 -165.87
N ASN H 48 106.09 93.18 -165.95
CA ASN H 48 107.48 93.48 -166.34
C ASN H 48 108.12 94.50 -165.41
N THR H 49 107.80 94.42 -164.13
CA THR H 49 108.27 95.38 -163.12
C THR H 49 108.76 94.64 -161.89
N VAL H 50 109.96 94.97 -161.43
CA VAL H 50 110.58 94.38 -160.26
C VAL H 50 110.27 95.26 -159.06
N TYR H 51 109.96 94.64 -157.92
CA TYR H 51 109.68 95.36 -156.69
C TYR H 51 110.49 94.75 -155.56
N GLU H 52 111.18 95.61 -154.81
CA GLU H 52 111.80 95.27 -153.54
C GLU H 52 110.69 94.93 -152.53
N LEU H 53 110.92 93.96 -151.67
CA LEU H 53 109.92 93.57 -150.68
C LEU H 53 110.61 93.08 -149.41
N ARG H 54 110.39 93.81 -148.32
CA ARG H 54 110.81 93.42 -146.99
C ARG H 54 109.65 93.36 -146.00
N ASN H 55 108.72 94.29 -146.11
CA ASN H 55 107.52 94.32 -145.29
C ASN H 55 106.40 93.47 -145.89
N TYR H 56 105.77 92.65 -145.03
CA TYR H 56 104.70 91.77 -145.50
C TYR H 56 103.48 92.56 -145.95
N SER H 57 103.18 93.69 -145.29
CA SER H 57 102.06 94.52 -145.73
C SER H 57 102.28 95.05 -147.14
N GLN H 58 103.51 95.45 -147.48
CA GLN H 58 103.78 95.92 -148.83
C GLN H 58 103.57 94.81 -149.85
N ALA H 59 104.12 93.61 -149.56
CA ALA H 59 103.97 92.47 -150.46
C ALA H 59 102.51 92.10 -150.66
N LYS H 60 101.70 92.11 -149.59
CA LYS H 60 100.29 91.78 -149.73
C LYS H 60 99.58 92.83 -150.58
N ARG H 61 99.88 94.11 -150.35
CA ARG H 61 99.19 95.16 -151.10
C ARG H 61 99.57 95.12 -152.57
N LEU H 62 100.87 94.99 -152.85
CA LEU H 62 101.37 94.88 -154.22
C LEU H 62 100.77 93.63 -154.88
N PHE H 63 101.16 92.45 -154.40
CA PHE H 63 100.60 91.19 -154.89
C PHE H 63 99.38 90.84 -154.05
N ARG H 64 98.18 91.10 -154.60
CA ARG H 64 96.96 90.91 -153.83
C ARG H 64 96.82 89.45 -153.38
N SER H 65 97.14 88.52 -154.26
CA SER H 65 97.06 87.10 -153.96
C SER H 65 97.62 86.36 -155.17
N GLY H 66 98.11 85.15 -154.93
CA GLY H 66 98.49 84.24 -155.98
C GLY H 66 99.45 83.22 -155.42
N GLU H 67 100.23 82.61 -156.33
CA GLU H 67 101.28 81.70 -155.91
C GLU H 67 102.59 82.42 -155.62
N LEU H 68 102.79 83.61 -156.18
CA LEU H 68 104.01 84.35 -155.92
C LEU H 68 103.99 84.98 -154.52
N LEU H 69 102.82 85.36 -154.02
CA LEU H 69 102.74 85.83 -152.64
C LEU H 69 102.96 84.69 -151.66
N ASP H 70 102.43 83.51 -151.98
CA ASP H 70 102.65 82.33 -151.13
C ASP H 70 104.11 81.92 -151.15
N ALA H 71 104.77 82.01 -152.31
CA ALA H 71 106.20 81.71 -152.37
C ALA H 71 106.99 82.67 -151.50
N ILE H 72 106.62 83.95 -151.52
CA ILE H 72 107.30 84.97 -150.74
C ILE H 72 107.10 84.73 -149.26
N GLU H 73 105.88 84.34 -148.87
CA GLU H 73 105.59 84.08 -147.47
C GLU H 73 106.31 82.82 -146.99
N LEU H 74 106.45 81.81 -147.87
CA LEU H 74 107.19 80.62 -147.50
C LEU H 74 108.67 80.94 -147.31
N ALA H 75 109.26 81.68 -148.26
CA ALA H 75 110.66 82.09 -148.15
C ALA H 75 110.94 82.84 -146.86
N TRP H 76 110.11 83.82 -146.51
CA TRP H 76 110.33 84.52 -145.24
C TRP H 76 110.13 83.58 -144.06
N GLY H 77 109.23 82.60 -144.19
CA GLY H 77 108.94 81.64 -143.15
C GLY H 77 109.67 80.33 -143.26
N SER H 78 110.47 80.12 -144.31
CA SER H 78 111.26 78.91 -144.43
C SER H 78 112.51 78.92 -143.56
N ASN H 79 112.89 80.07 -142.99
CA ASN H 79 114.09 80.20 -142.17
C ASN H 79 113.71 80.93 -140.88
N PRO H 80 113.10 80.23 -139.91
CA PRO H 80 112.72 80.90 -138.67
C PRO H 80 113.90 81.48 -137.91
N ASN H 81 115.05 80.80 -137.91
CA ASN H 81 116.21 81.24 -137.14
C ASN H 81 117.13 82.18 -137.90
N TYR H 82 116.62 82.88 -138.92
CA TYR H 82 117.44 83.80 -139.71
C TYR H 82 116.66 85.09 -139.94
N THR H 83 117.34 86.10 -140.48
CA THR H 83 116.69 87.38 -140.72
C THR H 83 115.83 87.31 -141.97
N ALA H 84 114.67 87.95 -141.91
CA ALA H 84 113.80 88.07 -143.08
C ALA H 84 114.27 89.27 -143.90
N GLY H 85 115.07 89.01 -144.93
CA GLY H 85 115.74 90.05 -145.68
C GLY H 85 114.99 90.45 -146.93
N ARG H 86 115.69 91.21 -147.79
CA ARG H 86 115.17 91.74 -149.06
C ARG H 86 114.87 90.63 -150.05
N ILE H 87 113.69 90.68 -150.66
CA ILE H 87 113.28 89.82 -151.78
C ILE H 87 112.94 90.70 -152.99
N LEU H 88 113.26 90.21 -154.19
CA LEU H 88 112.82 90.76 -155.48
C LEU H 88 111.77 89.83 -156.11
N ALA H 89 110.78 90.39 -156.80
CA ALA H 89 109.63 89.65 -157.28
C ALA H 89 109.11 90.30 -158.55
N MET H 90 108.57 89.47 -159.47
CA MET H 90 108.02 89.99 -160.72
C MET H 90 106.79 89.17 -161.08
N ARG H 91 105.84 89.84 -161.74
CA ARG H 91 104.60 89.21 -162.20
C ARG H 91 104.65 88.90 -163.69
N ILE H 92 104.62 87.60 -164.01
CA ILE H 92 104.63 87.13 -165.40
C ILE H 92 103.41 87.64 -166.18
N GLU H 93 102.24 87.71 -165.54
CA GLU H 93 101.00 88.02 -166.25
C GLU H 93 101.06 89.41 -166.88
N ASP H 94 100.62 89.52 -168.14
CA ASP H 94 100.53 90.83 -168.80
C ASP H 94 99.15 91.44 -168.59
N ALA H 95 98.83 91.64 -167.31
CA ALA H 95 97.61 92.31 -166.91
C ALA H 95 97.60 93.76 -167.36
N LYS H 96 96.40 94.33 -167.43
CA LYS H 96 96.19 95.73 -167.77
C LYS H 96 95.05 96.24 -166.89
N PRO H 97 94.98 97.55 -166.65
CA PRO H 97 94.00 98.06 -165.70
C PRO H 97 92.68 98.46 -166.38
N ALA H 98 91.67 98.63 -165.54
CA ALA H 98 90.33 98.99 -165.98
C ALA H 98 90.24 100.51 -166.13
N SER H 99 89.57 100.95 -167.19
CA SER H 99 89.45 102.36 -167.48
C SER H 99 88.07 102.62 -168.09
N ALA H 100 87.65 103.88 -168.01
CA ALA H 100 86.38 104.29 -168.59
C ALA H 100 86.42 105.78 -168.86
N GLU H 101 85.60 106.21 -169.81
CA GLU H 101 85.42 107.63 -170.14
C GLU H 101 83.96 107.97 -169.96
N ILE H 102 83.67 108.75 -168.93
CA ILE H 102 82.31 109.14 -168.59
C ILE H 102 82.37 110.46 -167.83
N GLY H 103 81.42 111.32 -168.12
CA GLY H 103 81.26 112.60 -167.45
C GLY H 103 82.14 113.68 -168.01
N GLY H 104 82.81 113.40 -169.14
CA GLY H 104 83.84 114.28 -169.64
C GLY H 104 85.19 114.13 -168.97
N LEU H 105 85.50 112.93 -168.47
CA LEU H 105 86.74 112.68 -167.73
C LEU H 105 87.26 111.29 -168.07
N LYS H 106 88.58 111.17 -168.20
CA LYS H 106 89.23 109.89 -168.38
C LYS H 106 89.50 109.28 -167.01
N ILE H 107 89.05 108.03 -166.81
CA ILE H 107 89.16 107.34 -165.53
C ILE H 107 90.10 106.17 -165.75
N THR H 108 91.09 106.02 -164.88
CA THR H 108 92.04 104.92 -164.97
C THR H 108 92.39 104.39 -163.59
N SER H 109 92.40 103.07 -163.46
CA SER H 109 92.59 102.41 -162.18
C SER H 109 94.06 102.06 -162.00
N LYS H 110 94.50 101.99 -160.74
CA LYS H 110 95.88 101.65 -160.41
C LYS H 110 96.09 100.16 -160.25
N ILE H 111 95.03 99.35 -160.27
CA ILE H 111 95.11 97.91 -160.08
C ILE H 111 95.10 97.25 -161.45
N TYR H 112 96.03 96.33 -161.67
CA TYR H 112 96.22 95.68 -162.96
C TYR H 112 95.67 94.25 -162.90
N GLY H 113 94.67 93.96 -163.74
CA GLY H 113 94.09 92.64 -163.84
C GLY H 113 92.57 92.70 -163.82
N ASN H 114 91.95 91.51 -163.69
CA ASN H 114 90.50 91.46 -163.68
C ASN H 114 89.89 92.09 -162.44
N VAL H 115 90.68 92.28 -161.38
CA VAL H 115 90.13 92.83 -160.14
C VAL H 115 89.69 94.28 -160.33
N ALA H 116 90.27 94.99 -161.29
CA ALA H 116 89.94 96.40 -161.44
C ALA H 116 88.50 96.63 -161.87
N ASN H 117 87.83 95.61 -162.43
CA ASN H 117 86.47 95.80 -162.93
C ASN H 117 85.48 96.12 -161.82
N ASN H 118 85.80 95.80 -160.57
CA ASN H 118 84.88 96.05 -159.47
C ASN H 118 84.90 97.49 -158.97
N ILE H 119 85.79 98.33 -159.50
CA ILE H 119 85.87 99.73 -159.06
C ILE H 119 84.62 100.47 -159.53
N GLN H 120 84.11 101.36 -158.68
CA GLN H 120 82.91 102.14 -158.95
C GLN H 120 83.20 103.60 -158.61
N VAL H 121 82.81 104.51 -159.51
CA VAL H 121 83.04 105.94 -159.33
C VAL H 121 81.81 106.70 -159.82
N GLY H 122 81.48 107.79 -159.13
CA GLY H 122 80.33 108.59 -159.51
C GLY H 122 80.47 110.02 -159.04
N LEU H 123 79.73 110.91 -159.70
CA LEU H 123 79.79 112.34 -159.44
C LEU H 123 78.38 112.91 -159.32
N GLU H 124 78.19 113.83 -158.36
CA GLU H 124 76.91 114.45 -158.09
C GLU H 124 77.13 115.91 -157.73
N LYS H 125 76.02 116.62 -157.48
CA LYS H 125 76.02 118.02 -157.09
C LYS H 125 75.28 118.18 -155.77
N ASN H 126 75.72 119.15 -154.97
CA ASN H 126 75.12 119.42 -153.67
C ASN H 126 74.35 120.72 -153.75
N THR H 127 73.03 120.64 -153.56
CA THR H 127 72.18 121.82 -153.69
C THR H 127 72.29 122.74 -152.49
N LEU H 128 72.77 122.23 -151.35
CA LEU H 128 72.83 123.02 -150.14
C LEU H 128 74.00 124.01 -150.12
N SER H 129 74.96 123.86 -151.04
CA SER H 129 76.11 124.76 -151.08
C SER H 129 76.54 125.14 -152.49
N ASP H 130 75.83 124.69 -153.53
CA ASP H 130 76.19 124.98 -154.91
C ASP H 130 77.60 124.48 -155.24
N SER H 131 77.90 123.26 -154.81
CA SER H 131 79.20 122.65 -154.99
C SER H 131 79.03 121.21 -155.46
N LEU H 132 80.06 120.71 -156.14
CA LEU H 132 80.04 119.38 -156.72
C LEU H 132 80.45 118.32 -155.68
N ARG H 133 80.15 117.07 -156.00
CA ARG H 133 80.32 115.95 -155.08
C ARG H 133 80.84 114.74 -155.85
N LEU H 134 81.67 113.94 -155.16
CA LEU H 134 82.35 112.80 -155.74
C LEU H 134 82.31 111.63 -154.77
N ARG H 135 82.27 110.40 -155.31
CA ARG H 135 82.37 109.20 -154.51
C ARG H 135 83.14 108.12 -155.26
N VAL H 136 84.12 107.54 -154.58
CA VAL H 136 84.97 106.47 -155.11
C VAL H 136 84.85 105.28 -154.18
N ILE H 137 84.55 104.11 -154.76
CA ILE H 137 84.28 102.87 -154.05
C ILE H 137 85.03 101.73 -154.73
N PHE H 138 85.69 100.91 -153.90
CA PHE H 138 86.33 99.67 -154.33
C PHE H 138 85.92 98.62 -153.29
N GLN H 139 84.89 97.83 -153.63
CA GLN H 139 84.27 96.95 -152.65
C GLN H 139 85.19 95.83 -152.19
N ASP H 140 86.19 95.47 -152.99
CA ASP H 140 87.05 94.36 -152.60
C ASP H 140 87.90 94.72 -151.38
N ASP H 141 88.44 95.94 -151.37
CA ASP H 141 89.15 96.49 -150.22
C ASP H 141 88.22 97.14 -149.20
N ARG H 142 86.90 97.12 -149.44
CA ARG H 142 85.93 97.83 -148.62
C ARG H 142 86.25 99.32 -148.53
N PHE H 143 86.86 99.87 -149.58
CA PHE H 143 87.22 101.28 -149.64
C PHE H 143 86.02 102.10 -150.09
N ASN H 144 85.74 103.19 -149.38
CA ASN H 144 84.60 104.06 -149.69
C ASN H 144 84.90 105.43 -149.10
N GLU H 145 84.86 106.45 -149.94
CA GLU H 145 85.13 107.82 -149.52
C GLU H 145 84.26 108.76 -150.34
N VAL H 146 83.79 109.84 -149.71
CA VAL H 146 82.99 110.87 -150.36
C VAL H 146 83.70 112.20 -150.20
N TYR H 147 84.13 112.79 -151.33
CA TYR H 147 84.77 114.09 -151.35
C TYR H 147 83.69 115.15 -151.55
N ASP H 148 83.08 115.57 -150.44
CA ASP H 148 81.92 116.42 -150.51
C ASP H 148 82.34 117.88 -150.73
N ASN H 149 81.52 118.60 -151.51
CA ASN H 149 81.72 120.02 -151.78
C ASN H 149 83.04 120.27 -152.50
N ILE H 150 83.21 119.59 -153.63
CA ILE H 150 84.36 119.86 -154.48
C ILE H 150 84.17 121.20 -155.18
N GLY H 151 85.26 121.95 -155.29
CA GLY H 151 85.25 123.29 -155.85
C GLY H 151 84.83 124.32 -154.82
N ASN H 152 84.46 125.49 -155.33
CA ASN H 152 84.08 126.65 -154.51
C ASN H 152 85.22 127.01 -153.54
N ILE H 153 86.35 127.38 -154.13
CA ILE H 153 87.58 127.50 -153.36
C ILE H 153 87.52 128.71 -152.42
N PHE H 154 86.96 129.83 -152.88
CA PHE H 154 86.90 131.01 -152.03
C PHE H 154 85.88 131.98 -152.60
N THR H 155 85.32 132.79 -151.71
CA THR H 155 84.31 133.78 -152.07
C THR H 155 84.98 135.10 -152.43
N ILE H 156 84.25 135.91 -153.20
CA ILE H 156 84.62 137.29 -153.49
C ILE H 156 83.40 138.16 -153.22
N LYS H 157 83.55 139.13 -152.32
CA LYS H 157 82.47 139.98 -151.86
C LYS H 157 82.81 141.45 -152.09
N TYR H 158 81.75 142.26 -152.22
CA TYR H 158 81.83 143.69 -152.43
C TYR H 158 80.90 144.39 -151.45
N LYS H 159 81.39 145.53 -150.92
CA LYS H 159 80.72 146.23 -149.84
C LYS H 159 80.41 147.68 -150.14
N GLY H 160 80.88 148.22 -151.27
CA GLY H 160 80.63 149.60 -151.61
C GLY H 160 79.19 149.85 -152.05
N GLU H 161 78.92 151.13 -152.32
CA GLU H 161 77.58 151.58 -152.72
C GLU H 161 77.48 151.92 -154.20
N GLU H 162 78.55 151.73 -154.97
CA GLU H 162 78.48 151.97 -156.41
C GLU H 162 77.44 151.06 -157.06
N ALA H 163 76.89 151.53 -158.18
CA ALA H 163 75.87 150.77 -158.89
C ALA H 163 76.40 149.43 -159.40
N ASN H 164 77.61 149.43 -159.97
CA ASN H 164 78.17 148.25 -160.63
C ASN H 164 79.42 147.77 -159.90
N ALA H 165 79.52 146.45 -159.74
CA ALA H 165 80.69 145.82 -159.13
C ALA H 165 80.78 144.40 -159.68
N THR H 166 81.78 144.15 -160.53
CA THR H 166 81.91 142.89 -161.25
C THR H 166 83.35 142.42 -161.21
N PHE H 167 83.54 141.11 -161.27
CA PHE H 167 84.85 140.49 -161.34
C PHE H 167 84.89 139.50 -162.49
N SER H 168 86.11 139.19 -162.92
CA SER H 168 86.32 138.26 -164.03
C SER H 168 87.61 137.49 -163.82
N VAL H 169 87.66 136.30 -164.42
CA VAL H 169 88.87 135.49 -164.50
C VAL H 169 89.17 135.26 -165.98
N GLU H 170 90.34 135.74 -166.41
CA GLU H 170 90.78 135.61 -167.80
C GLU H 170 91.78 134.48 -167.92
N HIS H 171 91.90 133.97 -169.15
CA HIS H 171 92.77 132.85 -169.48
C HIS H 171 93.91 133.30 -170.39
N ASP H 172 95.02 132.55 -170.32
CA ASP H 172 96.09 132.66 -171.30
C ASP H 172 95.65 131.97 -172.58
N GLU H 173 95.72 132.69 -173.72
CA GLU H 173 95.14 132.17 -174.94
C GLU H 173 95.90 130.97 -175.47
N GLU H 174 97.22 130.98 -175.38
CA GLU H 174 98.01 129.88 -175.94
C GLU H 174 97.81 128.56 -175.20
N THR H 175 97.31 128.61 -173.95
CA THR H 175 97.12 127.41 -173.13
C THR H 175 95.76 127.33 -172.44
N GLN H 176 94.97 128.40 -172.44
CA GLN H 176 93.66 128.41 -171.76
C GLN H 176 93.79 128.13 -170.27
N LYS H 177 94.88 128.60 -169.67
CA LYS H 177 95.10 128.52 -168.25
C LYS H 177 94.79 129.87 -167.59
N ALA H 178 94.26 129.80 -166.37
CA ALA H 178 93.89 131.00 -165.62
C ALA H 178 95.14 131.86 -165.39
N SER H 179 95.13 133.07 -165.97
CA SER H 179 96.25 133.99 -165.85
C SER H 179 95.98 135.23 -165.01
N ARG H 180 94.72 135.61 -164.83
CA ARG H 180 94.38 136.86 -164.16
C ARG H 180 93.11 136.67 -163.34
N LEU H 181 92.91 137.57 -162.38
CA LEU H 181 91.64 137.70 -161.68
C LEU H 181 91.39 139.19 -161.47
N VAL H 182 90.45 139.74 -162.22
CA VAL H 182 90.22 141.18 -162.28
C VAL H 182 89.02 141.54 -161.43
N LEU H 183 89.16 142.63 -160.68
CA LEU H 183 88.08 143.22 -159.91
C LEU H 183 87.75 144.58 -160.49
N LYS H 184 86.48 144.79 -160.84
CA LYS H 184 86.01 146.04 -161.41
C LYS H 184 84.87 146.57 -160.55
N VAL H 185 84.83 147.89 -160.41
CA VAL H 185 83.82 148.60 -159.64
C VAL H 185 83.43 149.84 -160.43
N GLY H 186 82.19 149.92 -160.87
CA GLY H 186 81.73 150.98 -161.74
C GLY H 186 81.88 150.66 -163.22
N ASP H 187 82.99 151.10 -163.83
CA ASP H 187 83.32 150.76 -165.22
C ASP H 187 84.78 150.34 -165.42
N GLN H 188 85.67 150.55 -164.44
CA GLN H 188 87.09 150.25 -164.61
C GLN H 188 87.64 149.56 -163.38
N GLU H 189 88.81 148.94 -163.57
CA GLU H 189 89.40 148.05 -162.58
C GLU H 189 89.76 148.78 -161.29
N VAL H 190 89.59 148.07 -160.17
CA VAL H 190 90.16 148.48 -158.88
C VAL H 190 91.49 147.79 -158.61
N LYS H 191 91.55 146.48 -158.76
CA LYS H 191 92.83 145.78 -158.65
C LYS H 191 92.70 144.44 -159.37
N SER H 192 93.79 144.01 -160.01
CA SER H 192 93.83 142.76 -160.75
C SER H 192 94.97 141.90 -160.23
N TYR H 193 94.69 140.60 -160.06
CA TYR H 193 95.63 139.66 -159.46
C TYR H 193 96.22 138.82 -160.58
N ASP H 194 97.38 139.24 -161.08
CA ASP H 194 98.08 138.48 -162.11
C ASP H 194 98.51 137.13 -161.54
N LEU H 195 98.28 136.06 -162.32
CA LEU H 195 98.49 134.69 -161.85
C LEU H 195 99.69 134.01 -162.49
N THR H 196 100.13 134.45 -163.67
CA THR H 196 101.26 133.79 -164.32
C THR H 196 102.54 133.98 -163.52
N GLY H 197 102.74 135.17 -162.97
CA GLY H 197 103.93 135.49 -162.21
C GLY H 197 103.70 136.68 -161.30
N GLY H 198 104.29 136.63 -160.11
CA GLY H 198 104.18 137.70 -159.14
C GLY H 198 103.99 137.17 -157.73
N ALA H 199 103.27 137.93 -156.91
CA ALA H 199 103.04 137.57 -155.52
C ALA H 199 101.81 136.69 -155.32
N TYR H 200 101.02 136.46 -156.39
CA TYR H 200 99.73 135.77 -156.31
C TYR H 200 99.81 134.43 -157.04
N ASP H 201 100.86 133.66 -156.78
CA ASP H 201 100.93 132.30 -157.29
C ASP H 201 99.94 131.37 -156.60
N TYR H 202 99.59 131.65 -155.34
CA TYR H 202 98.64 130.84 -154.59
C TYR H 202 97.37 131.64 -154.38
N THR H 203 96.24 130.92 -154.27
CA THR H 203 94.97 131.60 -154.18
C THR H 203 94.72 132.20 -152.79
N ASN H 204 95.32 131.63 -151.75
CA ASN H 204 95.19 132.23 -150.43
C ASN H 204 95.74 133.65 -150.38
N ALA H 205 96.81 133.94 -151.13
CA ALA H 205 97.31 135.30 -151.19
C ALA H 205 96.27 136.23 -151.81
N ILE H 206 95.49 135.72 -152.77
CA ILE H 206 94.42 136.52 -153.33
C ILE H 206 93.33 136.75 -152.29
N ILE H 207 92.97 135.69 -151.55
CA ILE H 207 91.95 135.80 -150.51
C ILE H 207 92.34 136.87 -149.49
N THR H 208 93.59 136.81 -149.02
CA THR H 208 94.07 137.73 -148.00
C THR H 208 94.06 139.16 -148.50
N ASP H 209 94.50 139.39 -149.74
CA ASP H 209 94.55 140.75 -150.24
C ASP H 209 93.15 141.32 -150.47
N ILE H 210 92.25 140.51 -151.03
CA ILE H 210 90.85 140.90 -151.13
C ILE H 210 90.29 141.28 -149.76
N ASN H 211 90.59 140.49 -148.73
CA ASN H 211 90.17 140.84 -147.37
C ASN H 211 90.78 142.19 -146.95
N GLN H 212 92.04 142.43 -147.29
CA GLN H 212 92.69 143.67 -146.90
C GLN H 212 92.09 144.89 -147.60
N LEU H 213 91.41 144.70 -148.73
CA LEU H 213 90.81 145.82 -149.42
C LEU H 213 89.70 146.45 -148.57
N PRO H 214 89.36 147.74 -148.81
CA PRO H 214 88.39 148.40 -147.93
C PRO H 214 86.98 147.85 -148.06
N ASP H 215 86.47 147.81 -149.28
CA ASP H 215 85.10 147.44 -149.58
C ASP H 215 85.00 146.05 -150.23
N PHE H 216 85.78 145.09 -149.71
CA PHE H 216 85.77 143.74 -150.24
C PHE H 216 86.06 142.75 -149.12
N GLU H 217 85.53 141.54 -149.26
CA GLU H 217 85.72 140.48 -148.29
C GLU H 217 85.88 139.16 -149.04
N ALA H 218 86.51 138.19 -148.38
CA ALA H 218 86.77 136.91 -149.04
C ALA H 218 87.17 135.89 -147.99
N LYS H 219 86.81 134.64 -148.23
CA LYS H 219 87.10 133.57 -147.27
C LYS H 219 87.14 132.24 -148.01
N LEU H 220 88.00 131.34 -147.55
CA LEU H 220 88.14 130.03 -148.16
C LEU H 220 87.07 129.07 -147.62
N SER H 221 86.58 128.20 -148.49
CA SER H 221 85.64 127.17 -148.06
C SER H 221 86.36 126.20 -147.13
N PRO H 222 85.80 125.87 -145.95
CA PRO H 222 86.58 125.07 -145.00
C PRO H 222 86.70 123.61 -145.37
N PHE H 223 85.91 123.11 -146.33
CA PHE H 223 85.87 121.67 -146.60
C PHE H 223 87.19 121.29 -147.26
N GLY H 224 88.13 120.81 -146.44
CA GLY H 224 89.43 120.41 -146.94
C GLY H 224 90.34 121.58 -147.19
N ASP H 225 91.62 121.42 -146.89
CA ASP H 225 92.63 122.44 -147.19
C ASP H 225 92.89 122.36 -148.69
N LYS H 226 92.11 123.13 -149.44
CA LYS H 226 92.21 123.12 -150.89
C LYS H 226 93.54 123.72 -151.34
N ASN H 227 93.70 125.02 -151.12
CA ASN H 227 94.94 125.75 -151.41
C ASN H 227 95.43 125.52 -152.84
N LEU H 228 94.49 125.36 -153.77
CA LEU H 228 94.83 125.19 -155.17
C LEU H 228 95.59 126.39 -155.71
N GLU H 229 96.64 126.12 -156.48
CA GLU H 229 97.36 127.19 -157.18
C GLU H 229 96.47 127.84 -158.22
N SER H 230 96.66 129.14 -158.42
CA SER H 230 95.72 129.92 -159.22
C SER H 230 95.72 129.58 -160.70
N SER H 231 96.62 128.70 -161.17
CA SER H 231 96.67 128.42 -162.61
C SER H 231 95.42 127.71 -163.11
N LYS H 232 94.82 126.86 -162.27
CA LYS H 232 93.72 125.98 -162.67
C LYS H 232 92.35 126.53 -162.27
N LEU H 233 92.15 127.84 -162.32
CA LEU H 233 90.86 128.44 -161.98
C LEU H 233 89.96 128.56 -163.20
N ASP H 234 88.65 128.52 -162.94
CA ASP H 234 87.66 128.57 -164.00
C ASP H 234 87.48 130.01 -164.51
N LYS H 235 86.94 130.12 -165.71
CA LYS H 235 86.77 131.42 -166.34
C LYS H 235 85.48 132.07 -165.86
N ILE H 236 85.57 133.36 -165.54
CA ILE H 236 84.44 134.16 -165.09
C ILE H 236 84.48 135.48 -165.85
N GLU H 237 83.32 136.00 -166.23
CA GLU H 237 83.25 137.21 -167.05
C GLU H 237 82.10 138.10 -166.59
N ASN H 238 82.45 139.22 -165.98
CA ASN H 238 81.48 140.25 -165.58
C ASN H 238 80.41 139.67 -164.65
N ALA H 239 80.85 138.90 -163.67
CA ALA H 239 79.96 138.36 -162.64
C ALA H 239 79.86 139.37 -161.51
N ASN H 240 78.63 139.81 -161.23
CA ASN H 240 78.36 140.78 -160.17
C ASN H 240 78.91 140.32 -158.82
N ILE H 241 79.55 141.24 -158.11
CA ILE H 241 80.02 141.01 -156.74
C ILE H 241 79.02 141.51 -155.73
N LYS H 242 78.45 142.69 -155.97
CA LYS H 242 77.55 143.34 -155.01
C LYS H 242 76.33 142.48 -154.67
N ASP H 243 75.95 141.54 -155.53
CA ASP H 243 74.80 140.68 -155.21
C ASP H 243 75.12 139.75 -154.06
N LYS H 244 76.14 138.88 -154.22
CA LYS H 244 76.50 137.95 -153.17
C LYS H 244 78.01 137.76 -153.16
N ALA H 245 78.51 137.19 -152.07
CA ALA H 245 79.89 136.78 -152.00
C ALA H 245 80.14 135.62 -152.98
N VAL H 246 80.47 135.96 -154.23
CA VAL H 246 80.50 134.97 -155.31
C VAL H 246 81.75 134.10 -155.20
N TYR H 247 81.54 132.80 -155.42
CA TYR H 247 82.59 131.79 -155.35
C TYR H 247 83.32 131.63 -156.68
N VAL H 248 84.65 131.47 -156.62
CA VAL H 248 85.41 130.99 -157.76
C VAL H 248 85.43 129.48 -157.67
N LYS H 249 84.74 128.81 -158.58
CA LYS H 249 84.42 127.40 -158.39
C LYS H 249 85.67 126.54 -158.58
N ALA H 250 86.15 126.46 -159.82
CA ALA H 250 87.35 125.69 -160.17
C ALA H 250 87.21 124.24 -159.71
N VAL H 251 86.15 123.59 -160.18
CA VAL H 251 85.76 122.31 -159.60
C VAL H 251 86.77 121.22 -159.92
N PHE H 252 87.33 121.24 -161.14
CA PHE H 252 88.14 120.10 -161.56
C PHE H 252 89.53 120.19 -160.95
N GLY H 253 90.07 121.40 -160.88
CA GLY H 253 91.37 121.59 -160.25
C GLY H 253 91.35 121.23 -158.78
N ASP H 254 90.28 121.64 -158.07
CA ASP H 254 90.12 121.20 -156.69
C ASP H 254 89.99 119.68 -156.60
N LEU H 255 89.28 119.07 -157.56
CA LEU H 255 89.15 117.61 -157.55
C LEU H 255 90.50 116.93 -157.72
N GLU H 256 91.32 117.44 -158.65
CA GLU H 256 92.66 116.91 -158.84
C GLU H 256 93.50 117.05 -157.58
N LYS H 257 93.48 118.24 -156.97
CA LYS H 257 94.30 118.47 -155.79
C LYS H 257 93.85 117.60 -154.61
N GLN H 258 92.59 117.18 -154.59
CA GLN H 258 92.07 116.38 -153.48
C GLN H 258 92.32 114.89 -153.69
N THR H 259 92.32 114.44 -154.94
CA THR H 259 92.37 113.03 -155.29
C THR H 259 93.55 112.70 -156.20
N ALA H 260 94.61 113.51 -156.16
CA ALA H 260 95.78 113.24 -156.97
C ALA H 260 96.52 112.00 -156.48
N TYR H 261 96.73 111.92 -155.16
CA TYR H 261 97.53 110.86 -154.54
C TYR H 261 96.74 110.05 -153.52
N ASN H 262 95.41 110.11 -153.56
CA ASN H 262 94.54 109.41 -152.63
C ASN H 262 93.63 108.45 -153.41
N GLY H 263 93.38 107.29 -152.83
CA GLY H 263 92.47 106.34 -153.44
C GLY H 263 93.12 105.52 -154.53
N ILE H 264 92.32 104.64 -155.14
CA ILE H 264 92.80 103.76 -156.20
C ILE H 264 92.67 104.37 -157.60
N VAL H 265 91.76 105.35 -157.80
CA VAL H 265 91.41 105.83 -159.13
C VAL H 265 92.10 107.17 -159.38
N SER H 266 92.47 107.40 -160.64
CA SER H 266 92.96 108.69 -161.12
C SER H 266 91.97 109.29 -162.13
N PHE H 267 91.98 110.62 -162.25
CA PHE H 267 91.13 111.32 -163.21
C PHE H 267 91.94 112.31 -164.05
N GLU H 268 91.45 112.54 -165.26
CA GLU H 268 92.07 113.41 -166.25
C GLU H 268 90.97 113.88 -167.19
N GLN H 269 91.23 115.01 -167.86
CA GLN H 269 90.27 115.55 -168.81
C GLN H 269 90.10 114.61 -170.00
N LEU H 270 88.91 114.65 -170.60
CA LEU H 270 88.60 113.88 -171.81
C LEU H 270 89.61 114.14 -172.91
N LYS H 298 87.48 120.12 -173.03
CA LYS H 298 86.12 119.62 -173.04
C LYS H 298 85.46 119.75 -171.68
N THR H 299 84.13 119.86 -171.72
CA THR H 299 83.34 120.14 -170.53
C THR H 299 83.25 118.89 -169.65
N ILE H 300 83.21 119.12 -168.34
CA ILE H 300 83.15 118.06 -167.33
C ILE H 300 81.83 118.24 -166.57
N GLU H 301 81.06 117.17 -166.48
CA GLU H 301 79.76 117.17 -165.84
C GLU H 301 79.59 115.90 -165.04
N PRO H 302 78.68 115.88 -164.06
CA PRO H 302 78.55 114.69 -163.20
C PRO H 302 78.03 113.50 -163.98
N PHE H 303 78.10 112.35 -163.31
CA PHE H 303 77.68 111.09 -163.91
C PHE H 303 77.33 110.10 -162.80
N GLU H 304 76.53 109.11 -163.17
CA GLU H 304 76.00 108.14 -162.24
C GLU H 304 77.10 107.22 -161.71
N LEU H 305 76.89 106.72 -160.49
CA LEU H 305 77.81 105.76 -159.91
C LEU H 305 77.78 104.47 -160.71
N THR H 306 78.86 104.23 -161.47
CA THR H 306 78.92 103.13 -162.42
C THR H 306 80.28 102.44 -162.29
N LYS H 307 80.29 101.15 -162.66
CA LYS H 307 81.50 100.35 -162.60
C LYS H 307 82.44 100.69 -163.75
N LEU H 308 83.71 100.34 -163.57
CA LEU H 308 84.72 100.57 -164.61
C LEU H 308 84.64 99.45 -165.65
N LYS H 309 85.58 99.46 -166.60
CA LYS H 309 85.61 98.46 -167.66
C LYS H 309 87.06 98.31 -168.10
N GLY H 310 87.33 97.21 -168.80
CA GLY H 310 88.62 96.98 -169.41
C GLY H 310 89.60 96.17 -168.59
N GLY H 311 89.24 95.76 -167.37
CA GLY H 311 90.13 94.94 -166.58
C GLY H 311 90.41 93.60 -167.22
N THR H 312 91.69 93.32 -167.51
CA THR H 312 92.06 92.08 -168.18
C THR H 312 93.44 91.64 -167.70
N ASN H 313 93.60 90.33 -167.50
CA ASN H 313 94.87 89.76 -167.09
C ASN H 313 95.76 89.39 -168.27
N GLY H 314 95.17 89.06 -169.43
CA GLY H 314 95.95 88.61 -170.56
C GLY H 314 96.27 87.12 -170.46
N GLU H 315 97.36 86.74 -171.10
CA GLU H 315 97.85 85.36 -171.09
C GLU H 315 99.37 85.39 -170.99
N PRO H 316 100.00 84.34 -170.44
CA PRO H 316 101.45 84.38 -170.26
C PRO H 316 102.16 84.15 -171.58
N PRO H 317 103.43 84.55 -171.70
CA PRO H 317 104.16 84.33 -172.95
C PRO H 317 104.67 82.89 -173.05
N ALA H 318 105.18 82.56 -174.23
CA ALA H 318 105.82 81.27 -174.41
C ALA H 318 107.17 81.21 -173.70
N THR H 319 108.00 82.24 -173.85
CA THR H 319 109.34 82.29 -173.31
C THR H 319 109.42 83.36 -172.22
N TRP H 320 109.97 83.00 -171.07
CA TRP H 320 110.19 83.92 -169.97
C TRP H 320 111.52 84.66 -170.05
N ALA H 321 112.30 84.44 -171.10
CA ALA H 321 113.63 85.04 -171.18
C ALA H 321 113.54 86.56 -171.32
N ASP H 322 112.49 87.04 -172.00
CA ASP H 322 112.33 88.49 -172.13
C ASP H 322 112.04 89.15 -170.79
N LYS H 323 111.47 88.40 -169.83
CA LYS H 323 111.25 88.96 -168.49
C LYS H 323 112.56 89.10 -167.73
N LEU H 324 113.45 88.11 -167.83
CA LEU H 324 114.72 88.13 -167.11
C LEU H 324 115.62 89.29 -167.45
N ASP H 325 115.41 89.97 -168.58
CA ASP H 325 116.28 91.12 -168.89
C ASP H 325 116.18 92.19 -167.82
N LYS H 326 115.00 92.36 -167.24
CA LYS H 326 114.80 93.35 -166.18
C LYS H 326 115.54 92.99 -164.90
N PHE H 327 115.95 91.74 -164.73
CA PHE H 327 116.75 91.31 -163.57
C PHE H 327 118.25 91.43 -163.80
N ALA H 328 118.68 92.07 -164.89
CA ALA H 328 120.08 92.01 -165.28
C ALA H 328 120.96 92.82 -164.34
N HIS H 329 120.45 93.95 -163.85
CA HIS H 329 121.22 94.88 -163.04
C HIS H 329 120.35 95.39 -161.89
N GLU H 330 119.71 94.44 -161.18
CA GLU H 330 118.92 94.75 -160.00
C GLU H 330 119.65 94.45 -158.70
N GLY H 331 120.56 93.47 -158.71
CA GLY H 331 121.37 93.04 -157.57
C GLY H 331 120.68 91.90 -156.84
N GLY H 332 121.23 90.69 -156.96
CA GLY H 332 120.75 89.46 -156.34
C GLY H 332 121.63 88.27 -156.72
N TYR H 333 121.46 87.13 -156.04
CA TYR H 333 122.28 85.94 -156.29
C TYR H 333 121.44 84.69 -156.58
N TYR H 334 120.46 84.37 -155.73
CA TYR H 334 119.58 83.23 -155.92
C TYR H 334 118.23 83.68 -156.50
N ILE H 335 117.75 82.95 -157.51
CA ILE H 335 116.50 83.17 -158.25
C ILE H 335 115.84 81.83 -158.51
N VAL H 336 114.53 81.77 -158.27
CA VAL H 336 113.75 80.55 -158.43
C VAL H 336 112.46 80.82 -159.20
N PRO H 337 112.29 80.39 -160.45
CA PRO H 337 111.01 80.61 -161.10
C PRO H 337 109.96 79.66 -160.54
N LEU H 338 108.71 80.12 -160.53
CA LEU H 338 107.59 79.23 -160.18
C LEU H 338 107.01 78.61 -161.44
N SER H 339 107.76 77.65 -161.98
CA SER H 339 107.28 76.84 -163.10
C SER H 339 108.11 75.57 -163.18
N SER H 340 107.44 74.45 -163.39
CA SER H 340 108.08 73.14 -163.51
C SER H 340 108.40 72.76 -164.95
N LYS H 341 108.06 73.62 -165.92
CA LYS H 341 108.35 73.32 -167.31
C LYS H 341 109.85 73.46 -167.57
N GLN H 342 110.38 72.54 -168.37
CA GLN H 342 111.81 72.50 -168.69
C GLN H 342 112.27 73.72 -169.48
N SER H 343 111.38 74.39 -170.20
CA SER H 343 111.80 75.51 -171.04
C SER H 343 112.16 76.70 -170.20
N VAL H 344 111.32 77.01 -169.20
CA VAL H 344 111.64 78.07 -168.24
C VAL H 344 112.98 77.79 -167.54
N HIS H 345 113.24 76.53 -167.18
CA HIS H 345 114.50 76.14 -166.53
C HIS H 345 115.69 76.40 -167.44
N ALA H 346 115.62 75.94 -168.69
CA ALA H 346 116.66 76.20 -169.67
C ALA H 346 116.85 77.70 -169.90
N GLU H 347 115.78 78.49 -169.90
CA GLU H 347 115.90 79.93 -170.12
C GLU H 347 116.61 80.63 -168.97
N VAL H 348 116.24 80.29 -167.73
CA VAL H 348 116.91 80.86 -166.57
C VAL H 348 118.35 80.38 -166.47
N ALA H 349 118.65 79.12 -166.81
CA ALA H 349 120.01 78.58 -166.81
C ALA H 349 120.92 79.40 -167.73
N SER H 350 120.52 79.56 -168.99
CA SER H 350 121.14 80.49 -169.93
C SER H 350 121.28 81.90 -169.37
N PHE H 351 120.20 82.46 -168.82
CA PHE H 351 120.26 83.82 -168.29
C PHE H 351 121.32 83.96 -167.22
N VAL H 352 121.37 83.06 -166.22
CA VAL H 352 122.36 83.19 -165.13
C VAL H 352 123.77 82.90 -165.64
N LYS H 353 123.95 82.01 -166.62
CA LYS H 353 125.22 81.83 -167.32
C LYS H 353 125.65 83.13 -168.02
N GLU H 354 124.74 83.85 -168.67
CA GLU H 354 125.09 85.09 -169.35
C GLU H 354 125.51 86.15 -168.34
N ARG H 355 124.80 86.24 -167.22
CA ARG H 355 125.16 87.21 -166.20
C ARG H 355 126.49 86.84 -165.56
N SER H 356 126.73 85.56 -165.31
CA SER H 356 128.02 85.03 -164.81
C SER H 356 129.17 85.42 -165.73
N ASP H 357 129.00 85.22 -167.02
CA ASP H 357 130.01 85.63 -168.01
C ASP H 357 130.12 87.15 -168.13
N ALA H 358 129.06 87.89 -167.76
CA ALA H 358 129.12 89.34 -167.78
C ALA H 358 129.88 89.90 -166.59
N GLY H 359 129.63 89.37 -165.39
CA GLY H 359 130.25 89.85 -164.17
C GLY H 359 129.34 89.93 -162.96
N GLU H 360 128.11 89.42 -163.09
CA GLU H 360 127.11 89.44 -162.02
C GLU H 360 126.53 88.03 -161.86
N PRO H 361 127.33 87.07 -161.35
CA PRO H 361 126.91 85.68 -161.27
C PRO H 361 125.68 85.47 -160.38
N MET H 362 124.89 84.47 -160.74
CA MET H 362 123.65 84.06 -160.07
C MET H 362 123.49 82.54 -160.12
N ARG H 363 122.56 82.00 -159.33
CA ARG H 363 122.26 80.56 -159.25
C ARG H 363 120.76 80.27 -159.28
N ALA H 364 120.40 79.18 -159.93
CA ALA H 364 119.02 78.72 -160.05
C ALA H 364 118.79 77.42 -159.29
N ILE H 365 117.76 77.40 -158.44
CA ILE H 365 117.26 76.20 -157.76
C ILE H 365 115.89 75.85 -158.35
N VAL H 366 115.69 74.64 -158.86
CA VAL H 366 114.46 74.25 -159.58
C VAL H 366 113.90 72.92 -159.07
N GLY H 367 112.58 72.75 -159.04
CA GLY H 367 111.96 71.51 -158.60
C GLY H 367 111.30 70.76 -159.74
N GLY H 368 111.36 69.43 -159.68
CA GLY H 368 110.69 68.56 -160.62
C GLY H 368 109.23 68.25 -160.31
N GLY H 369 108.34 69.19 -160.60
CA GLY H 369 106.89 69.00 -160.59
C GLY H 369 106.35 68.38 -159.31
N PHE H 370 105.30 67.56 -159.49
CA PHE H 370 104.57 66.91 -158.40
C PHE H 370 104.91 65.43 -158.39
N ASN H 371 105.66 64.99 -157.37
CA ASN H 371 105.85 63.57 -157.06
C ASN H 371 106.44 62.80 -158.24
N GLU H 372 107.37 63.43 -158.94
CA GLU H 372 108.01 62.79 -160.08
C GLU H 372 108.93 61.66 -159.63
N SER H 373 109.03 60.64 -160.47
CA SER H 373 109.85 59.46 -160.22
C SER H 373 111.32 59.74 -160.53
N LYS H 374 112.18 58.80 -160.11
CA LYS H 374 113.62 58.96 -160.30
C LYS H 374 113.99 59.11 -161.77
N GLU H 375 113.27 58.44 -162.67
CA GLU H 375 113.59 58.55 -164.09
C GLU H 375 113.38 59.98 -164.59
N GLN H 376 112.29 60.63 -164.17
CA GLN H 376 112.07 62.01 -164.58
C GLN H 376 113.12 62.94 -163.98
N LEU H 377 113.50 62.72 -162.72
CA LEU H 377 114.54 63.55 -162.11
C LEU H 377 115.85 63.40 -162.85
N PHE H 378 116.22 62.18 -163.22
CA PHE H 378 117.39 61.90 -164.05
C PHE H 378 117.28 62.58 -165.42
N GLY H 379 116.13 62.50 -166.09
CA GLY H 379 115.92 63.19 -167.37
C GLY H 379 116.13 64.71 -167.25
N ARG H 380 115.60 65.32 -166.17
CA ARG H 380 115.83 66.74 -165.87
C ARG H 380 117.31 67.00 -165.62
N GLN H 381 117.95 66.25 -164.74
CA GLN H 381 119.36 66.47 -164.41
C GLN H 381 120.28 66.28 -165.63
N ALA H 382 120.00 65.31 -166.49
CA ALA H 382 120.72 65.09 -167.73
C ALA H 382 120.52 66.24 -168.73
N SER H 383 119.32 66.83 -168.75
CA SER H 383 119.04 68.00 -169.59
C SER H 383 119.78 69.24 -169.08
N LEU H 384 119.67 69.53 -167.79
CA LEU H 384 120.15 70.77 -167.17
C LEU H 384 121.68 70.83 -167.04
N SER H 385 122.29 69.83 -166.40
CA SER H 385 123.73 69.57 -166.36
C SER H 385 124.62 70.82 -166.30
N ASN H 386 124.38 71.72 -165.33
CA ASN H 386 125.10 72.99 -165.25
C ASN H 386 125.52 73.32 -163.81
N PRO H 387 126.80 73.66 -163.54
CA PRO H 387 127.28 74.02 -162.23
C PRO H 387 126.53 75.13 -161.51
N ARG H 388 125.86 76.06 -162.21
CA ARG H 388 125.06 77.13 -161.61
C ARG H 388 123.60 76.76 -161.35
N VAL H 389 123.21 75.52 -161.62
CA VAL H 389 121.83 75.03 -161.49
C VAL H 389 121.76 73.85 -160.53
N SER H 390 120.78 73.86 -159.63
CA SER H 390 120.54 72.81 -158.64
C SER H 390 119.10 72.32 -158.68
N LEU H 391 118.88 71.01 -158.57
CA LEU H 391 117.58 70.36 -158.71
C LEU H 391 117.07 69.86 -157.35
N VAL H 392 115.78 69.99 -157.07
CA VAL H 392 115.12 69.54 -155.84
C VAL H 392 114.13 68.46 -156.20
N ALA H 393 114.21 67.32 -155.51
CA ALA H 393 113.37 66.17 -155.83
C ALA H 393 112.08 66.15 -155.01
N ASN H 394 112.20 66.22 -153.68
CA ASN H 394 111.05 66.01 -152.81
C ASN H 394 110.06 67.17 -152.93
N SER H 395 108.78 66.84 -152.93
CA SER H 395 107.68 67.78 -152.76
C SER H 395 106.93 67.41 -151.50
N GLY H 396 106.32 68.39 -150.85
CA GLY H 396 105.52 68.07 -149.70
C GLY H 396 104.62 69.21 -149.28
N THR H 397 104.14 69.12 -148.04
CA THR H 397 103.17 70.06 -147.49
C THR H 397 103.84 71.00 -146.49
N PHE H 398 103.33 72.24 -146.43
CA PHE H 398 103.78 73.25 -145.47
C PHE H 398 102.57 73.82 -144.75
N VAL H 399 102.71 74.03 -143.44
CA VAL H 399 101.65 74.63 -142.64
C VAL H 399 101.75 76.14 -142.83
N MET H 400 100.87 76.69 -143.67
CA MET H 400 100.85 78.12 -143.92
C MET H 400 100.37 78.86 -142.67
N ASP H 401 100.49 80.19 -142.73
CA ASP H 401 100.08 81.01 -141.61
C ASP H 401 98.56 81.04 -141.46
N ASP H 402 97.84 80.85 -142.57
CA ASP H 402 96.39 80.74 -142.59
C ASP H 402 95.90 79.39 -142.04
N GLY H 403 96.80 78.45 -141.80
CA GLY H 403 96.44 77.14 -141.30
C GLY H 403 96.16 76.09 -142.37
N ARG H 404 96.12 76.48 -143.64
CA ARG H 404 95.88 75.53 -144.71
C ARG H 404 97.06 74.57 -144.85
N LYS H 405 96.73 73.30 -145.06
CA LYS H 405 97.75 72.28 -145.35
C LYS H 405 98.11 72.34 -146.84
N ASN H 406 98.85 73.39 -147.18
CA ASN H 406 99.18 73.72 -148.57
C ASN H 406 100.09 72.63 -149.14
N HIS H 407 99.51 71.78 -149.98
CA HIS H 407 100.27 70.79 -150.74
C HIS H 407 100.78 71.45 -152.01
N VAL H 408 102.10 71.49 -152.17
CA VAL H 408 102.75 72.32 -153.19
C VAL H 408 103.72 71.46 -153.99
N PRO H 409 104.16 71.94 -155.15
CA PRO H 409 105.11 71.17 -155.95
C PRO H 409 106.54 71.40 -155.49
N ALA H 410 107.45 70.58 -156.02
CA ALA H 410 108.88 70.67 -155.73
C ALA H 410 109.41 72.11 -155.75
N TYR H 411 109.11 72.88 -156.80
CA TYR H 411 109.73 74.20 -156.92
C TYR H 411 109.33 75.17 -155.81
N MET H 412 108.26 74.91 -155.06
CA MET H 412 108.03 75.70 -153.86
C MET H 412 108.97 75.29 -152.74
N VAL H 413 109.37 74.02 -152.71
CA VAL H 413 110.44 73.60 -151.81
C VAL H 413 111.77 74.23 -152.25
N ALA H 414 112.00 74.34 -153.55
CA ALA H 414 113.22 74.99 -154.02
C ALA H 414 113.26 76.47 -153.64
N VAL H 415 112.09 77.12 -153.59
CA VAL H 415 112.02 78.48 -153.05
C VAL H 415 112.45 78.47 -151.59
N ALA H 416 111.89 77.54 -150.80
CA ALA H 416 112.21 77.47 -149.38
C ALA H 416 113.70 77.20 -149.15
N LEU H 417 114.31 76.37 -149.99
CA LEU H 417 115.75 76.19 -149.89
C LEU H 417 116.49 77.47 -150.27
N GLY H 418 115.98 78.19 -151.26
CA GLY H 418 116.59 79.46 -151.63
C GLY H 418 116.47 80.51 -150.54
N GLY H 419 115.40 80.45 -149.76
CA GLY H 419 115.26 81.41 -148.68
C GLY H 419 116.12 81.05 -147.49
N LEU H 420 116.43 79.75 -147.35
CA LEU H 420 117.36 79.31 -146.33
C LEU H 420 118.79 79.66 -146.72
N ALA H 421 119.13 79.50 -147.99
CA ALA H 421 120.44 79.82 -148.54
C ALA H 421 120.68 81.32 -148.70
N SER H 422 119.65 82.16 -148.80
CA SER H 422 119.82 83.61 -148.63
C SER H 422 120.02 83.99 -147.16
N GLY H 423 119.45 83.23 -146.22
CA GLY H 423 119.60 83.45 -144.78
C GLY H 423 121.00 83.09 -144.24
N LEU H 424 121.58 81.99 -144.73
CA LEU H 424 122.94 81.58 -144.37
C LEU H 424 123.97 82.66 -144.68
N GLU H 425 124.98 82.76 -143.83
CA GLU H 425 126.20 83.51 -144.12
C GLU H 425 126.94 82.95 -145.34
N ILE H 426 127.79 83.74 -145.99
CA ILE H 426 128.60 83.26 -147.11
C ILE H 426 129.46 82.08 -146.68
N GLY H 427 129.69 81.13 -147.58
CA GLY H 427 130.51 79.94 -147.32
C GLY H 427 129.87 78.87 -146.44
N GLU H 428 128.76 79.14 -145.75
CA GLU H 428 127.93 78.07 -145.19
C GLU H 428 127.12 77.36 -146.29
N SER H 429 126.60 76.20 -145.91
CA SER H 429 125.92 75.22 -146.75
C SER H 429 124.60 74.83 -146.11
N ILE H 430 123.64 74.47 -146.97
CA ILE H 430 122.33 73.98 -146.53
C ILE H 430 122.35 72.51 -146.14
N THR H 431 123.53 71.89 -146.05
CA THR H 431 123.63 70.47 -145.72
C THR H 431 123.28 70.24 -144.26
N PHE H 432 122.40 69.27 -144.01
CA PHE H 432 121.94 68.86 -142.69
C PHE H 432 121.16 69.96 -141.97
N LYS H 433 120.72 71.00 -142.68
CA LYS H 433 119.96 72.08 -142.06
C LYS H 433 118.47 71.74 -141.97
N PRO H 434 117.79 72.07 -140.87
CA PRO H 434 116.37 71.72 -140.76
C PRO H 434 115.52 72.49 -141.76
N LEU H 435 114.47 71.82 -142.26
CA LEU H 435 113.57 72.40 -143.24
C LEU H 435 112.26 72.90 -142.66
N ARG H 436 111.84 72.35 -141.52
CA ARG H 436 110.60 72.72 -140.84
C ARG H 436 109.37 72.44 -141.72
N VAL H 437 109.47 71.40 -142.57
CA VAL H 437 108.37 70.99 -143.43
C VAL H 437 107.39 70.13 -142.63
N SER H 438 106.12 70.15 -143.05
CA SER H 438 105.11 69.37 -142.35
C SER H 438 105.18 67.90 -142.74
N SER H 439 105.11 67.61 -144.04
CA SER H 439 105.17 66.25 -144.53
C SER H 439 105.75 66.26 -145.94
N LEU H 440 106.12 65.07 -146.42
CA LEU H 440 106.70 64.89 -147.75
C LEU H 440 105.91 63.82 -148.50
N ASP H 441 105.76 64.01 -149.82
CA ASP H 441 105.05 63.03 -150.63
C ASP H 441 105.82 61.72 -150.70
N GLN H 442 107.13 61.81 -150.91
CA GLN H 442 108.00 60.65 -151.11
C GLN H 442 109.05 60.60 -150.00
N ILE H 443 109.08 59.48 -149.29
CA ILE H 443 110.07 59.23 -148.24
C ILE H 443 110.90 58.03 -148.68
N TYR H 444 112.20 58.28 -148.89
CA TYR H 444 113.10 57.40 -149.62
C TYR H 444 113.82 56.40 -148.72
N GLU H 445 114.35 55.35 -149.35
CA GLU H 445 115.27 54.39 -148.75
C GLU H 445 116.70 54.94 -148.76
N SER H 446 117.57 54.28 -148.00
CA SER H 446 118.99 54.63 -147.98
C SER H 446 119.62 54.50 -149.36
N ILE H 447 119.21 53.48 -150.11
CA ILE H 447 119.75 53.28 -151.46
C ILE H 447 119.23 54.36 -152.40
N ASP H 448 117.97 54.76 -152.24
CA ASP H 448 117.41 55.82 -153.07
C ASP H 448 118.05 57.16 -152.75
N LEU H 449 118.26 57.45 -151.46
CA LEU H 449 118.90 58.70 -151.08
C LEU H 449 120.33 58.75 -151.62
N ASP H 450 121.05 57.62 -151.58
CA ASP H 450 122.41 57.59 -152.09
C ASP H 450 122.45 57.82 -153.60
N GLU H 451 121.49 57.25 -154.34
CA GLU H 451 121.46 57.48 -155.78
C GLU H 451 121.08 58.91 -156.11
N LEU H 452 120.19 59.52 -155.31
CA LEU H 452 119.85 60.91 -155.54
C LEU H 452 121.04 61.82 -155.28
N ASN H 453 121.80 61.52 -154.22
CA ASN H 453 122.98 62.32 -153.94
C ASN H 453 123.99 62.18 -155.07
N GLU H 454 124.28 60.93 -155.46
CA GLU H 454 125.35 60.65 -156.41
C GLU H 454 125.09 61.26 -157.78
N ASN H 455 123.82 61.44 -158.16
CA ASN H 455 123.46 61.95 -159.47
C ASN H 455 123.11 63.43 -159.45
N GLY H 456 123.61 64.16 -158.45
CA GLY H 456 123.44 65.61 -158.44
C GLY H 456 122.02 66.11 -158.26
N ILE H 457 121.24 65.49 -157.37
CA ILE H 457 119.89 65.97 -157.03
C ILE H 457 119.84 66.17 -155.52
N ILE H 458 119.39 67.35 -155.09
CA ILE H 458 119.18 67.62 -153.68
C ILE H 458 117.93 66.88 -153.22
N SER H 459 118.07 66.11 -152.15
CA SER H 459 117.01 65.29 -151.57
C SER H 459 116.94 65.48 -150.06
N ILE H 460 115.84 65.00 -149.47
CA ILE H 460 115.54 65.16 -148.06
C ILE H 460 115.20 63.78 -147.47
N GLU H 461 115.66 63.53 -146.24
CA GLU H 461 115.34 62.31 -145.50
C GLU H 461 114.50 62.64 -144.27
N PHE H 462 113.58 61.73 -143.93
CA PHE H 462 112.76 61.84 -142.72
C PHE H 462 113.51 61.17 -141.57
N VAL H 463 114.02 61.99 -140.65
CA VAL H 463 114.84 61.52 -139.54
C VAL H 463 113.90 60.95 -138.47
N ARG H 464 113.90 59.61 -138.35
CA ARG H 464 112.94 58.89 -137.52
C ARG H 464 113.51 58.39 -136.20
N ASN H 465 114.83 58.24 -136.08
CA ASN H 465 115.43 57.56 -134.93
C ASN H 465 115.30 58.35 -133.61
N ARG H 466 115.15 59.67 -133.68
CA ARG H 466 115.06 60.55 -132.53
C ARG H 466 113.70 60.44 -131.82
N THR H 467 113.63 60.94 -130.58
CA THR H 467 112.31 61.16 -129.99
C THR H 467 111.62 62.32 -130.69
N ASN H 468 112.40 63.33 -131.09
CA ASN H 468 111.95 64.46 -131.90
C ASN H 468 112.26 64.16 -133.36
N THR H 469 111.30 63.54 -134.07
CA THR H 469 111.46 63.24 -135.49
C THR H 469 111.33 64.52 -136.33
N PHE H 470 112.12 64.62 -137.40
CA PHE H 470 112.12 65.82 -138.25
C PHE H 470 112.71 65.46 -139.62
N PHE H 471 112.95 66.49 -140.45
CA PHE H 471 113.44 66.36 -141.83
C PHE H 471 114.68 67.23 -142.00
N ARG H 472 115.72 66.70 -142.66
CA ARG H 472 116.98 67.41 -142.89
C ARG H 472 117.46 67.27 -144.34
N ILE H 473 118.16 68.30 -144.82
CA ILE H 473 118.72 68.28 -146.18
C ILE H 473 119.99 67.45 -146.14
N VAL H 474 120.17 66.59 -147.15
CA VAL H 474 121.27 65.63 -147.10
C VAL H 474 122.55 66.21 -147.73
N ASP H 475 122.40 67.02 -148.78
CA ASP H 475 123.54 67.62 -149.48
C ASP H 475 123.07 68.77 -150.34
N ASP H 476 124.02 69.64 -150.71
CA ASP H 476 123.79 70.80 -151.56
C ASP H 476 124.52 70.64 -152.89
N VAL H 477 124.52 69.41 -153.42
CA VAL H 477 125.18 69.15 -154.69
C VAL H 477 124.38 69.78 -155.83
N THR H 478 125.10 70.29 -156.83
CA THR H 478 124.55 70.90 -158.05
C THR H 478 124.18 69.85 -159.13
N THR H 479 123.49 70.26 -160.20
CA THR H 479 123.12 69.31 -161.27
C THR H 479 124.31 68.78 -162.05
N PHE H 480 125.36 69.57 -162.21
CA PHE H 480 126.62 69.11 -162.82
C PHE H 480 127.33 68.14 -161.88
N ASN H 481 127.75 66.98 -162.39
CA ASN H 481 127.88 65.81 -161.54
C ASN H 481 129.30 65.23 -161.44
N ASP H 482 130.32 66.07 -161.27
CA ASP H 482 131.71 65.63 -161.22
C ASP H 482 132.36 66.19 -159.97
N LYS H 483 133.02 65.33 -159.21
CA LYS H 483 133.64 65.73 -157.94
C LYS H 483 135.05 66.25 -158.12
N SER H 484 135.54 66.36 -159.36
CA SER H 484 136.89 66.85 -159.58
C SER H 484 137.04 68.30 -159.11
N ASP H 485 136.04 69.14 -159.42
CA ASP H 485 136.03 70.55 -159.03
C ASP H 485 134.97 70.77 -157.96
N PRO H 486 135.31 70.84 -156.67
CA PRO H 486 134.29 71.14 -155.65
C PRO H 486 133.66 72.51 -155.82
N VAL H 487 134.32 73.44 -156.54
CA VAL H 487 133.73 74.76 -156.74
C VAL H 487 132.47 74.65 -157.59
N LYS H 488 132.50 73.77 -158.60
CA LYS H 488 131.35 73.42 -159.44
C LYS H 488 130.39 72.43 -158.77
N ALA H 489 130.91 71.44 -158.05
CA ALA H 489 130.08 70.41 -157.45
C ALA H 489 129.28 70.90 -156.24
N GLU H 490 129.70 71.96 -155.54
CA GLU H 490 129.10 72.34 -154.27
C GLU H 490 128.61 73.78 -154.34
N MET H 491 127.39 74.02 -153.83
CA MET H 491 126.83 75.36 -153.86
C MET H 491 127.60 76.34 -152.98
N ALA H 492 127.97 75.91 -151.78
CA ALA H 492 128.60 76.81 -150.82
C ALA H 492 129.95 77.31 -151.33
N VAL H 493 130.85 76.38 -151.64
CA VAL H 493 132.16 76.72 -152.24
C VAL H 493 131.99 77.66 -153.43
N GLY H 494 131.11 77.32 -154.38
CA GLY H 494 130.91 78.19 -155.53
C GLY H 494 130.43 79.57 -155.14
N GLU H 495 129.51 79.65 -154.18
CA GLU H 495 128.99 80.91 -153.69
C GLU H 495 130.12 81.72 -153.04
N ALA H 496 130.98 81.08 -152.25
CA ALA H 496 132.10 81.79 -151.62
C ALA H 496 133.09 82.29 -152.67
N ASN H 497 133.35 81.47 -153.69
CA ASN H 497 134.19 81.82 -154.82
C ASN H 497 133.61 83.02 -155.58
N ASP H 498 132.35 82.96 -155.97
CA ASP H 498 131.67 84.05 -156.68
C ASP H 498 131.73 85.35 -155.88
N PHE H 499 131.33 85.33 -154.61
CA PHE H 499 131.29 86.53 -153.79
C PHE H 499 132.69 87.10 -153.62
N LEU H 500 133.69 86.24 -153.38
CA LEU H 500 135.05 86.71 -153.16
C LEU H 500 135.55 87.45 -154.41
N VAL H 501 135.42 86.80 -155.57
CA VAL H 501 135.93 87.37 -156.81
C VAL H 501 135.20 88.67 -157.15
N SER H 502 133.89 88.70 -156.97
CA SER H 502 133.14 89.91 -157.31
C SER H 502 133.53 91.07 -156.39
N GLU H 503 133.62 90.82 -155.09
CA GLU H 503 133.95 91.88 -154.15
C GLU H 503 135.38 92.36 -154.36
N LEU H 504 136.31 91.46 -154.66
CA LEU H 504 137.69 91.88 -154.93
C LEU H 504 137.76 92.67 -156.22
N LYS H 505 137.05 92.24 -157.26
CA LYS H 505 137.03 92.97 -158.51
C LYS H 505 136.49 94.39 -158.32
N VAL H 506 135.34 94.50 -157.66
CA VAL H 506 134.71 95.81 -157.46
C VAL H 506 135.62 96.73 -156.65
N GLN H 507 136.15 96.24 -155.53
CA GLN H 507 136.94 97.11 -154.67
C GLN H 507 138.23 97.54 -155.36
N LEU H 508 138.91 96.61 -156.04
CA LEU H 508 140.16 96.96 -156.72
C LEU H 508 139.91 97.96 -157.84
N GLU H 509 138.80 97.80 -158.56
CA GLU H 509 138.49 98.76 -159.63
C GLU H 509 138.12 100.12 -159.05
N ASP H 510 137.37 100.14 -157.95
CA ASP H 510 136.99 101.42 -157.36
C ASP H 510 138.20 102.15 -156.79
N GLN H 511 139.07 101.41 -156.10
CA GLN H 511 140.16 101.99 -155.33
C GLN H 511 141.29 102.48 -156.23
N PHE H 512 141.91 101.56 -156.98
CA PHE H 512 143.22 101.81 -157.57
C PHE H 512 143.22 102.13 -159.06
N ILE H 513 142.08 102.09 -159.75
CA ILE H 513 142.04 102.51 -161.14
C ILE H 513 141.76 104.01 -161.19
N GLY H 514 142.60 104.74 -161.90
CA GLY H 514 142.56 106.20 -161.87
C GLY H 514 143.51 106.84 -160.88
N THR H 515 144.09 106.06 -159.96
CA THR H 515 145.05 106.64 -159.02
C THR H 515 146.40 106.83 -159.70
N ARG H 516 147.31 107.48 -158.97
CA ARG H 516 148.65 107.75 -159.45
C ARG H 516 149.56 106.55 -159.17
N THR H 517 150.49 106.32 -160.10
CA THR H 517 151.46 105.23 -159.98
C THR H 517 152.69 105.73 -159.21
N ILE H 518 152.48 105.97 -157.92
CA ILE H 518 153.54 106.46 -157.05
C ILE H 518 154.42 105.29 -156.60
N ASN H 519 155.55 105.64 -155.99
CA ASN H 519 156.56 104.65 -155.59
C ASN H 519 156.01 103.65 -154.58
N THR H 520 155.18 104.13 -153.65
CA THR H 520 154.53 103.30 -152.65
C THR H 520 153.22 102.68 -153.13
N SER H 521 152.98 102.66 -154.45
CA SER H 521 151.73 102.08 -154.95
C SER H 521 151.66 100.58 -154.65
N ALA H 522 152.76 99.88 -154.85
CA ALA H 522 152.76 98.43 -154.65
C ALA H 522 152.58 98.06 -153.18
N SER H 523 153.23 98.80 -152.28
CA SER H 523 153.07 98.51 -150.86
C SER H 523 151.65 98.82 -150.41
N ILE H 524 151.07 99.90 -150.92
CA ILE H 524 149.71 100.27 -150.54
C ILE H 524 148.73 99.17 -150.98
N ILE H 525 148.77 98.80 -152.27
CA ILE H 525 148.02 97.67 -152.79
C ILE H 525 148.18 96.43 -151.92
N LYS H 526 149.42 96.09 -151.55
CA LYS H 526 149.65 94.91 -150.72
C LYS H 526 148.97 95.07 -149.36
N ASP H 527 149.06 96.26 -148.77
CA ASP H 527 148.43 96.50 -147.47
C ASP H 527 146.91 96.39 -147.58
N PHE H 528 146.34 96.80 -148.71
CA PHE H 528 144.90 96.81 -148.88
C PHE H 528 144.37 95.41 -149.15
N ILE H 529 145.17 94.58 -149.80
CA ILE H 529 144.79 93.19 -150.03
C ILE H 529 144.88 92.41 -148.73
N GLN H 530 145.94 92.62 -147.96
CA GLN H 530 146.08 91.98 -146.65
C GLN H 530 144.92 92.33 -145.73
N SER H 531 144.65 93.64 -145.53
CA SER H 531 143.47 94.07 -144.80
C SER H 531 142.20 93.36 -145.29
N TYR H 532 141.96 93.34 -146.60
CA TYR H 532 140.76 92.71 -147.14
C TYR H 532 140.71 91.22 -146.85
N LEU H 533 141.84 90.52 -147.01
CA LEU H 533 141.85 89.10 -146.70
C LEU H 533 141.71 88.85 -145.21
N GLY H 534 142.27 89.74 -144.38
CA GLY H 534 142.09 89.60 -142.94
C GLY H 534 140.64 89.79 -142.53
N ARG H 535 139.90 90.70 -143.19
CA ARG H 535 138.46 90.87 -142.92
C ARG H 535 137.69 89.62 -143.34
N LYS H 536 137.93 89.12 -144.54
CA LYS H 536 137.35 87.86 -145.00
C LYS H 536 137.63 86.72 -144.01
N LYS H 537 138.86 86.63 -143.49
CA LYS H 537 139.19 85.57 -142.54
C LYS H 537 138.48 85.78 -141.19
N ARG H 538 138.35 87.04 -140.79
CA ARG H 538 137.63 87.37 -139.56
C ARG H 538 136.16 86.97 -139.66
N ASP H 539 135.52 87.21 -140.80
CA ASP H 539 134.13 86.86 -140.99
C ASP H 539 133.93 85.39 -141.36
N ASN H 540 134.98 84.56 -141.33
CA ASN H 540 134.89 83.13 -141.61
C ASN H 540 134.43 82.85 -143.05
N GLU H 541 134.65 83.79 -143.96
CA GLU H 541 134.34 83.59 -145.37
C GLU H 541 135.51 82.91 -146.09
N ILE H 542 136.69 82.82 -145.46
CA ILE H 542 137.83 82.07 -145.97
C ILE H 542 138.49 81.35 -144.79
N GLN H 543 139.24 80.30 -145.11
CA GLN H 543 139.94 79.51 -144.10
C GLN H 543 141.22 80.23 -143.66
N ASP H 544 142.13 80.47 -144.59
CA ASP H 544 143.38 81.14 -144.25
C ASP H 544 144.03 81.60 -145.54
N PHE H 545 145.05 82.44 -145.41
CA PHE H 545 145.85 82.87 -146.55
C PHE H 545 147.30 83.06 -146.10
N PRO H 546 148.28 82.77 -146.99
CA PRO H 546 149.69 83.03 -146.65
C PRO H 546 150.11 84.45 -146.99
N ALA H 547 150.60 85.21 -146.00
CA ALA H 547 151.05 86.57 -146.27
C ALA H 547 152.16 86.64 -147.32
N GLU H 548 153.06 85.64 -147.37
CA GLU H 548 154.22 85.79 -148.24
C GLU H 548 153.83 85.74 -149.72
N ASP H 549 152.80 84.97 -150.07
CA ASP H 549 152.42 84.85 -151.47
C ASP H 549 151.89 86.14 -152.05
N VAL H 550 151.39 87.06 -151.22
CA VAL H 550 150.84 88.32 -151.71
C VAL H 550 152.01 89.16 -152.22
N GLN H 551 152.02 89.41 -153.53
CA GLN H 551 153.06 90.16 -154.21
C GLN H 551 152.44 91.07 -155.25
N VAL H 552 153.00 92.28 -155.38
CA VAL H 552 152.49 93.31 -156.29
C VAL H 552 153.60 93.69 -157.25
N ILE H 553 153.31 93.59 -158.54
CA ILE H 553 154.24 93.95 -159.61
C ILE H 553 153.63 95.13 -160.35
N VAL H 554 154.40 96.20 -160.50
CA VAL H 554 153.98 97.40 -161.22
C VAL H 554 154.79 97.48 -162.51
N GLU H 555 154.11 97.73 -163.63
CA GLU H 555 154.80 97.87 -164.92
C GLU H 555 153.87 98.65 -165.86
N GLY H 556 154.27 99.88 -166.19
CA GLY H 556 153.46 100.70 -167.08
C GLY H 556 152.12 101.03 -166.45
N ASN H 557 151.07 100.92 -167.24
CA ASN H 557 149.72 101.24 -166.79
C ASN H 557 149.04 100.08 -166.07
N GLU H 558 149.71 98.94 -165.96
CA GLU H 558 149.12 97.72 -165.41
C GLU H 558 149.69 97.43 -164.03
N ALA H 559 149.08 96.44 -163.37
CA ALA H 559 149.57 95.96 -162.08
C ALA H 559 149.18 94.50 -161.94
N ARG H 560 150.16 93.61 -162.07
CA ARG H 560 149.95 92.18 -161.91
C ARG H 560 150.14 91.80 -160.44
N ILE H 561 149.21 91.02 -159.90
CA ILE H 561 149.20 90.65 -158.48
C ILE H 561 149.05 89.14 -158.39
N SER H 562 149.84 88.52 -157.52
CA SER H 562 149.77 87.09 -157.25
C SER H 562 149.37 86.89 -155.80
N MET H 563 148.35 86.05 -155.59
CA MET H 563 147.82 85.83 -154.25
C MET H 563 147.40 84.38 -154.11
N THR H 564 147.36 83.93 -152.86
CA THR H 564 146.89 82.61 -152.50
C THR H 564 145.86 82.70 -151.39
N VAL H 565 144.82 81.86 -151.48
CA VAL H 565 143.81 81.73 -150.44
C VAL H 565 143.50 80.25 -150.27
N TYR H 566 143.41 79.80 -149.03
CA TYR H 566 142.94 78.45 -148.74
C TYR H 566 141.42 78.46 -148.70
N PRO H 567 140.71 77.64 -149.49
CA PRO H 567 139.25 77.76 -149.54
C PRO H 567 138.61 77.40 -148.22
N ILE H 568 137.49 78.07 -147.93
CA ILE H 568 136.59 77.62 -146.87
C ILE H 568 135.86 76.37 -147.34
N ARG H 569 135.62 75.44 -146.41
CA ARG H 569 134.98 74.18 -146.74
C ARG H 569 134.05 73.74 -145.61
N SER H 570 133.07 72.92 -145.96
CA SER H 570 132.07 72.41 -145.02
C SER H 570 132.33 70.93 -144.77
N PHE H 571 132.16 70.51 -143.53
CA PHE H 571 132.39 69.11 -143.17
C PHE H 571 131.31 68.21 -143.75
N LYS H 572 131.72 67.18 -144.51
CA LYS H 572 130.75 66.24 -145.08
C LYS H 572 131.16 64.78 -144.90
N LYS H 573 132.18 64.48 -144.11
CA LYS H 573 132.59 63.10 -143.85
C LYS H 573 133.46 63.13 -142.60
N ILE H 574 133.18 62.21 -141.67
CA ILE H 574 133.90 62.12 -140.41
C ILE H 574 134.27 60.66 -140.22
N SER H 575 135.57 60.37 -140.26
CA SER H 575 136.10 59.04 -140.05
C SER H 575 136.62 58.95 -138.63
N VAL H 576 136.19 57.93 -137.89
CA VAL H 576 136.61 57.71 -136.51
C VAL H 576 137.12 56.28 -136.39
N SER H 577 138.20 56.10 -135.63
CA SER H 577 138.80 54.81 -135.37
C SER H 577 138.94 54.64 -133.87
N LEU H 578 138.29 53.61 -133.32
CA LEU H 578 138.22 53.37 -131.88
C LEU H 578 138.82 52.00 -131.62
N VAL H 579 140.00 51.97 -131.02
CA VAL H 579 140.73 50.75 -130.71
C VAL H 579 140.77 50.62 -129.20
N TYR H 580 140.24 49.50 -128.68
CA TYR H 580 140.31 49.28 -127.24
C TYR H 580 141.65 48.70 -126.85
N LYS H 581 141.98 48.82 -125.56
CA LYS H 581 143.24 48.36 -125.01
C LYS H 581 142.99 47.85 -123.59
N GLN H 582 143.96 47.10 -123.07
CA GLN H 582 143.86 46.62 -121.69
C GLN H 582 144.51 47.61 -120.73
N GLN H 583 144.09 47.54 -119.47
CA GLN H 583 144.69 48.33 -118.40
C GLN H 583 144.73 47.51 -117.13
N THR H 584 145.86 47.55 -116.43
CA THR H 584 146.06 46.79 -115.20
C THR H 584 146.23 47.75 -114.04
N LEU H 585 145.54 47.46 -112.93
CA LEU H 585 145.48 48.34 -111.77
C LEU H 585 146.22 47.73 -110.59
N GLN H 586 147.07 48.52 -109.94
CA GLN H 586 147.85 48.10 -108.77
C GLN H 586 147.35 48.88 -107.56
N ALA H 587 146.66 48.18 -106.65
CA ALA H 587 146.16 48.78 -105.42
C ALA H 587 145.20 49.93 -105.69
N VAL I 3 172.62 140.63 -155.19
CA VAL I 3 173.65 141.47 -154.61
C VAL I 3 173.06 142.87 -154.47
N GLU I 4 173.37 143.55 -153.36
CA GLU I 4 172.86 144.89 -153.08
C GLU I 4 173.85 145.60 -152.18
N PRO I 5 174.90 146.20 -152.75
CA PRO I 5 175.87 146.90 -151.90
C PRO I 5 175.25 148.15 -151.29
N PHE I 6 175.71 148.45 -150.07
CA PHE I 6 175.21 149.59 -149.31
C PHE I 6 176.42 150.29 -148.72
N PRO I 7 176.54 151.63 -148.85
CA PRO I 7 175.71 152.62 -149.56
C PRO I 7 175.91 152.56 -151.07
N ARG I 8 174.91 152.97 -151.84
CA ARG I 8 174.99 152.83 -153.29
C ARG I 8 175.94 153.85 -153.90
N ARG I 9 176.15 154.97 -153.23
CA ARG I 9 177.12 155.96 -153.69
C ARG I 9 178.51 155.53 -153.22
N PRO I 10 179.53 155.52 -154.09
CA PRO I 10 180.84 155.08 -153.60
C PRO I 10 181.42 156.10 -152.64
N ILE I 11 182.20 155.62 -151.68
CA ILE I 11 182.87 156.46 -150.70
C ILE I 11 184.36 156.13 -150.74
N THR I 12 185.19 157.18 -150.71
CA THR I 12 186.64 157.02 -150.73
C THR I 12 187.28 157.25 -149.37
N ARG I 13 186.70 158.12 -148.55
CA ARG I 13 187.20 158.34 -147.19
C ARG I 13 186.97 157.07 -146.37
N PRO I 14 187.57 156.97 -145.18
CA PRO I 14 187.38 155.76 -144.37
C PRO I 14 185.92 155.58 -143.97
N HIS I 15 185.44 154.35 -144.12
CA HIS I 15 184.02 154.05 -143.93
C HIS I 15 183.87 152.56 -143.75
N ALA I 16 182.62 152.09 -143.80
CA ALA I 16 182.32 150.66 -143.81
C ALA I 16 181.35 150.36 -144.94
N SER I 17 181.47 149.14 -145.49
CA SER I 17 180.67 148.68 -146.62
C SER I 17 179.95 147.38 -146.28
N ILE I 18 178.73 147.26 -146.79
CA ILE I 18 177.85 146.12 -146.56
C ILE I 18 177.30 145.66 -147.89
N GLU I 19 177.31 144.34 -148.11
CA GLU I 19 176.78 143.71 -149.32
C GLU I 19 175.59 142.83 -148.93
N VAL I 20 174.39 143.40 -149.01
CA VAL I 20 173.15 142.70 -148.72
C VAL I 20 172.81 141.80 -149.91
N ASP I 21 172.44 140.55 -149.62
CA ASP I 21 172.13 139.55 -150.64
C ASP I 21 170.86 138.83 -150.24
N THR I 22 169.85 138.89 -151.12
CA THR I 22 168.56 138.23 -150.90
C THR I 22 168.31 137.10 -151.90
N SER I 23 169.29 136.75 -152.73
CA SER I 23 169.16 135.58 -153.58
C SER I 23 168.89 134.30 -152.78
N GLY I 24 167.85 133.59 -153.18
CA GLY I 24 167.61 132.22 -152.75
C GLY I 24 166.52 132.07 -151.71
N ILE I 25 166.26 133.12 -150.95
CA ILE I 25 165.35 133.07 -149.81
C ILE I 25 163.91 133.12 -150.31
N GLY I 26 163.68 133.78 -151.43
CA GLY I 26 162.37 133.88 -152.04
C GLY I 26 161.83 132.60 -152.65
N SER I 32 152.34 126.35 -161.61
CA SER I 32 151.31 126.74 -162.55
C SER I 32 149.95 126.23 -162.13
N GLU I 33 148.93 127.09 -162.28
CA GLU I 33 147.58 126.79 -161.82
C GLU I 33 146.76 126.00 -162.83
N LYS I 34 147.24 125.84 -164.07
CA LYS I 34 146.53 125.09 -165.11
C LYS I 34 145.15 125.71 -165.34
N VAL I 35 145.20 126.98 -165.77
CA VAL I 35 143.99 127.76 -165.98
C VAL I 35 143.12 127.13 -167.06
N PHE I 36 141.82 127.40 -166.99
CA PHE I 36 140.80 126.89 -167.88
C PHE I 36 140.17 128.05 -168.64
N CYS I 37 139.74 127.78 -169.87
CA CYS I 37 139.16 128.81 -170.73
C CYS I 37 137.84 128.37 -171.33
N LEU I 38 136.99 129.36 -171.64
CA LEU I 38 135.72 129.13 -172.33
C LEU I 38 135.46 130.25 -173.32
N ILE I 39 134.90 129.87 -174.47
CA ILE I 39 134.43 130.83 -175.45
C ILE I 39 133.00 130.47 -175.85
N GLY I 40 132.16 131.49 -176.00
CA GLY I 40 130.78 131.32 -176.39
C GLY I 40 130.08 132.66 -176.57
N GLN I 41 128.79 132.69 -176.23
CA GLN I 41 127.96 133.88 -176.37
C GLN I 41 127.34 134.26 -175.03
N ALA I 42 127.10 135.55 -174.86
CA ALA I 42 126.43 136.05 -173.66
C ALA I 42 125.70 137.34 -174.00
N GLU I 43 124.88 137.78 -173.05
CA GLU I 43 124.10 139.01 -173.17
C GLU I 43 124.76 140.17 -172.44
N GLY I 44 126.05 140.41 -172.66
CA GLY I 44 126.76 141.31 -171.78
C GLY I 44 128.26 141.15 -171.86
N GLY I 45 128.95 142.21 -171.45
CA GLY I 45 130.40 142.30 -171.60
C GLY I 45 130.81 142.68 -173.02
N GLU I 46 132.00 143.26 -173.11
CA GLU I 46 132.50 143.84 -174.34
C GLU I 46 133.00 142.74 -175.27
N PRO I 47 133.11 143.01 -176.57
CA PRO I 47 133.65 142.01 -177.49
C PRO I 47 135.17 142.08 -177.62
N ASN I 48 135.75 140.93 -177.96
CA ASN I 48 137.19 140.80 -178.17
C ASN I 48 137.98 141.29 -176.95
N THR I 49 137.50 140.94 -175.76
CA THR I 49 138.12 141.32 -174.51
C THR I 49 138.05 140.16 -173.53
N VAL I 50 139.20 139.69 -173.07
CA VAL I 50 139.27 138.57 -172.13
C VAL I 50 139.30 139.11 -170.72
N TYR I 51 138.65 138.38 -169.80
CA TYR I 51 138.49 138.78 -168.41
C TYR I 51 138.94 137.64 -167.50
N GLU I 52 139.25 137.99 -166.26
CA GLU I 52 139.55 137.02 -165.22
C GLU I 52 138.31 136.82 -164.35
N LEU I 53 137.92 135.56 -164.15
CA LEU I 53 136.76 135.19 -163.34
C LEU I 53 137.20 134.48 -162.08
N ARG I 54 136.83 135.05 -160.94
CA ARG I 54 137.13 134.52 -159.62
C ARG I 54 135.85 134.24 -158.82
N ASN I 55 134.94 135.20 -158.76
CA ASN I 55 133.67 135.05 -158.06
C ASN I 55 132.50 134.89 -159.03
N TYR I 56 131.47 134.18 -158.59
CA TYR I 56 130.28 134.02 -159.41
C TYR I 56 129.53 135.33 -159.57
N SER I 57 129.50 136.16 -158.53
CA SER I 57 128.80 137.44 -158.62
C SER I 57 129.50 138.37 -159.61
N GLN I 58 130.83 138.40 -159.61
CA GLN I 58 131.55 139.22 -160.57
C GLN I 58 131.20 138.83 -162.00
N ALA I 59 131.25 137.53 -162.30
CA ALA I 59 130.99 137.06 -163.65
C ALA I 59 129.54 137.33 -164.04
N LYS I 60 128.61 137.14 -163.10
CA LYS I 60 127.21 137.35 -163.41
C LYS I 60 126.92 138.82 -163.66
N ARG I 61 127.62 139.72 -162.96
CA ARG I 61 127.46 141.15 -163.22
C ARG I 61 128.03 141.52 -164.60
N LEU I 62 129.21 141.00 -164.93
CA LEU I 62 129.79 141.28 -166.25
C LEU I 62 129.04 140.50 -167.33
N PHE I 63 129.19 139.18 -167.32
CA PHE I 63 128.44 138.31 -168.21
C PHE I 63 127.01 138.23 -167.69
N ARG I 64 126.09 138.90 -168.37
CA ARG I 64 124.74 139.04 -167.86
C ARG I 64 124.01 137.70 -167.87
N SER I 65 124.02 137.03 -169.02
CA SER I 65 123.21 135.81 -169.18
C SER I 65 123.63 135.14 -170.48
N GLY I 66 123.18 133.88 -170.64
CA GLY I 66 123.31 133.13 -171.87
C GLY I 66 123.85 131.75 -171.58
N GLU I 67 124.45 131.14 -172.60
CA GLU I 67 125.05 129.81 -172.43
C GLU I 67 126.38 129.88 -171.70
N LEU I 68 127.10 131.00 -171.81
CA LEU I 68 128.41 131.10 -171.19
C LEU I 68 128.31 131.09 -169.68
N LEU I 69 127.34 131.83 -169.13
CA LEU I 69 127.16 131.88 -167.68
C LEU I 69 126.79 130.50 -167.15
N ASP I 70 125.97 129.76 -167.91
CA ASP I 70 125.68 128.38 -167.55
C ASP I 70 126.93 127.51 -167.61
N ALA I 71 127.81 127.77 -168.58
CA ALA I 71 129.03 126.99 -168.71
C ALA I 71 130.02 127.31 -167.60
N ILE I 72 130.00 128.56 -167.12
CA ILE I 72 130.83 128.92 -165.97
C ILE I 72 130.28 128.27 -164.71
N GLU I 73 128.95 128.12 -164.62
CA GLU I 73 128.35 127.57 -163.42
C GLU I 73 128.52 126.07 -163.38
N LEU I 74 128.53 125.43 -164.54
CA LEU I 74 128.76 124.00 -164.61
C LEU I 74 130.23 123.65 -164.37
N ALA I 75 131.14 124.51 -164.84
CA ALA I 75 132.56 124.28 -164.60
C ALA I 75 132.90 124.39 -163.12
N TRP I 76 132.40 125.42 -162.43
CA TRP I 76 132.63 125.56 -161.00
C TRP I 76 131.79 124.62 -160.17
N GLY I 77 130.78 123.97 -160.75
CA GLY I 77 129.94 123.02 -160.03
C GLY I 77 130.12 121.56 -160.44
N SER I 78 130.86 121.33 -161.52
CA SER I 78 131.20 119.97 -161.95
C SER I 78 132.20 119.25 -161.06
N ASN I 79 132.77 119.90 -160.04
CA ASN I 79 133.76 119.29 -159.16
C ASN I 79 133.39 119.60 -157.72
N PRO I 80 132.46 118.84 -157.12
CA PRO I 80 132.15 119.09 -155.70
C PRO I 80 133.35 119.00 -154.78
N ASN I 81 134.20 117.99 -154.93
CA ASN I 81 135.29 117.70 -154.00
C ASN I 81 136.54 118.55 -154.25
N TYR I 82 136.48 119.53 -155.16
CA TYR I 82 137.63 120.36 -155.52
C TYR I 82 137.20 121.82 -155.55
N THR I 83 138.19 122.70 -155.50
CA THR I 83 137.96 124.14 -155.46
C THR I 83 137.55 124.68 -156.84
N ALA I 84 137.09 125.93 -156.83
CA ALA I 84 136.66 126.63 -158.03
C ALA I 84 137.86 127.36 -158.63
N GLY I 85 138.33 126.86 -159.75
CA GLY I 85 139.55 127.32 -160.37
C GLY I 85 139.30 128.53 -161.26
N ARG I 86 140.33 129.35 -161.47
CA ARG I 86 140.14 130.58 -162.20
C ARG I 86 139.88 130.25 -163.67
N ILE I 87 138.93 130.96 -164.28
CA ILE I 87 138.48 130.71 -165.64
C ILE I 87 138.52 132.02 -166.42
N LEU I 88 138.85 131.94 -167.71
CA LEU I 88 138.91 133.08 -168.60
C LEU I 88 137.80 132.96 -169.63
N ALA I 89 137.16 134.08 -169.96
CA ALA I 89 135.99 134.07 -170.82
C ALA I 89 135.98 135.31 -171.70
N MET I 90 135.32 135.17 -172.84
CA MET I 90 135.26 136.22 -173.85
C MET I 90 134.02 135.99 -174.70
N ARG I 91 133.62 137.03 -175.43
CA ARG I 91 132.39 137.02 -176.22
C ARG I 91 132.74 137.15 -177.70
N ILE I 92 132.23 136.22 -178.50
CA ILE I 92 132.56 136.20 -179.93
C ILE I 92 131.77 137.22 -180.73
N GLU I 93 130.58 137.59 -180.26
CA GLU I 93 129.71 138.45 -181.06
C GLU I 93 130.34 139.82 -181.26
N ASP I 94 130.15 140.39 -182.44
CA ASP I 94 130.72 141.71 -182.78
C ASP I 94 129.79 142.84 -182.34
N ALA I 95 129.38 142.82 -181.07
CA ALA I 95 128.36 143.77 -180.62
C ALA I 95 128.93 145.19 -180.58
N LYS I 96 128.03 146.16 -180.55
CA LYS I 96 128.36 147.57 -180.46
C LYS I 96 127.42 148.24 -179.48
N PRO I 97 127.79 149.40 -178.93
CA PRO I 97 126.97 150.01 -177.87
C PRO I 97 125.95 150.98 -178.44
N ALA I 98 125.07 151.42 -177.57
CA ALA I 98 124.12 152.48 -177.89
C ALA I 98 124.77 153.84 -177.74
N SER I 99 124.38 154.78 -178.60
CA SER I 99 124.93 156.13 -178.57
C SER I 99 123.93 157.10 -179.18
N ALA I 100 123.91 158.32 -178.66
CA ALA I 100 122.97 159.34 -179.07
C ALA I 100 123.62 160.71 -178.95
N GLU I 101 123.08 161.67 -179.71
CA GLU I 101 123.48 163.07 -179.65
C GLU I 101 122.31 163.87 -179.09
N ILE I 102 122.56 164.57 -177.98
CA ILE I 102 121.52 165.35 -177.31
C ILE I 102 122.24 166.46 -176.55
N GLY I 103 121.52 167.58 -176.38
CA GLY I 103 122.11 168.75 -175.73
C GLY I 103 123.35 169.24 -176.45
N GLY I 104 124.39 169.49 -175.68
CA GLY I 104 125.68 169.93 -176.16
C GLY I 104 126.74 168.88 -175.89
N LEU I 105 126.34 167.60 -175.96
CA LEU I 105 127.26 166.49 -175.68
C LEU I 105 126.89 165.31 -176.55
N LYS I 106 127.86 164.40 -176.69
CA LYS I 106 127.66 163.12 -177.34
C LYS I 106 127.78 162.02 -176.29
N ILE I 107 126.76 161.18 -176.18
CA ILE I 107 126.64 160.20 -175.12
C ILE I 107 126.75 158.81 -175.75
N THR I 108 127.50 157.93 -175.09
CA THR I 108 127.66 156.55 -175.53
C THR I 108 127.71 155.63 -174.32
N SER I 109 127.11 154.46 -174.45
CA SER I 109 127.06 153.46 -173.39
C SER I 109 128.26 152.52 -173.47
N LYS I 110 128.57 151.89 -172.33
CA LYS I 110 129.69 150.98 -172.21
C LYS I 110 129.31 149.51 -172.45
N ILE I 111 128.07 149.11 -172.16
CA ILE I 111 127.64 147.75 -172.41
C ILE I 111 127.34 147.59 -173.89
N TYR I 112 127.76 146.46 -174.46
CA TYR I 112 127.63 146.20 -175.89
C TYR I 112 126.49 145.22 -176.10
N GLY I 113 125.51 145.61 -176.92
CA GLY I 113 124.39 144.73 -177.23
C GLY I 113 123.06 145.45 -177.36
N ASN I 114 122.04 144.73 -177.84
CA ASN I 114 120.73 145.34 -178.05
C ASN I 114 120.10 145.80 -176.74
N VAL I 115 120.51 145.25 -175.61
CA VAL I 115 119.93 145.64 -174.33
C VAL I 115 120.33 147.06 -173.95
N ALA I 116 121.47 147.54 -174.46
CA ALA I 116 121.95 148.87 -174.10
C ALA I 116 121.04 149.99 -174.60
N ASN I 117 120.13 149.71 -175.56
CA ASN I 117 119.28 150.77 -176.09
C ASN I 117 118.37 151.37 -175.00
N ASN I 118 117.92 150.56 -174.04
CA ASN I 118 117.08 151.06 -172.95
C ASN I 118 117.78 152.08 -172.03
N ILE I 119 119.05 152.41 -172.22
CA ILE I 119 119.68 153.41 -171.36
C ILE I 119 119.08 154.79 -171.67
N GLN I 120 118.96 155.63 -170.64
CA GLN I 120 118.29 156.92 -170.71
C GLN I 120 119.14 157.94 -169.97
N VAL I 121 119.27 159.13 -170.54
CA VAL I 121 120.03 160.21 -169.92
C VAL I 121 119.26 161.52 -170.08
N GLY I 122 119.22 162.31 -169.01
CA GLY I 122 118.52 163.57 -169.03
C GLY I 122 119.13 164.55 -168.03
N LEU I 123 118.91 165.84 -168.31
CA LEU I 123 119.39 166.93 -167.49
C LEU I 123 118.25 167.94 -167.33
N GLU I 124 117.15 167.50 -166.73
CA GLU I 124 116.09 168.42 -166.33
C GLU I 124 116.59 169.26 -165.17
N LYS I 125 116.35 170.57 -165.23
CA LYS I 125 116.95 171.48 -164.28
C LYS I 125 116.04 171.66 -163.08
N ASN I 126 116.62 171.55 -161.88
CA ASN I 126 115.92 171.90 -160.64
C ASN I 126 116.34 173.32 -160.30
N THR I 127 115.50 174.27 -160.68
CA THR I 127 115.81 175.70 -160.55
C THR I 127 115.87 176.18 -159.11
N LEU I 128 115.42 175.37 -158.14
CA LEU I 128 115.54 175.80 -156.75
C LEU I 128 117.00 175.82 -156.32
N SER I 129 117.73 174.74 -156.62
CA SER I 129 119.16 174.63 -156.37
C SER I 129 120.01 175.17 -157.52
N ASP I 130 119.40 175.64 -158.61
CA ASP I 130 120.12 176.22 -159.74
C ASP I 130 121.18 175.25 -160.30
N SER I 131 120.85 173.96 -160.27
CA SER I 131 121.72 172.91 -160.78
C SER I 131 120.91 171.95 -161.64
N LEU I 132 121.61 171.23 -162.51
CA LEU I 132 120.97 170.28 -163.41
C LEU I 132 120.83 168.93 -162.71
N ARG I 133 119.60 168.41 -162.63
CA ARG I 133 119.34 167.13 -161.98
C ARG I 133 119.53 166.01 -162.99
N LEU I 134 120.66 165.31 -162.90
CA LEU I 134 121.01 164.23 -163.83
C LEU I 134 120.37 162.94 -163.37
N ARG I 135 119.30 162.53 -164.06
CA ARG I 135 118.67 161.24 -163.83
C ARG I 135 119.05 160.28 -164.96
N VAL I 136 119.56 159.12 -164.57
CA VAL I 136 119.99 158.06 -165.48
C VAL I 136 119.21 156.81 -165.12
N ILE I 137 118.75 156.07 -166.12
CA ILE I 137 117.86 154.93 -165.93
C ILE I 137 118.31 153.78 -166.82
N PHE I 138 118.32 152.57 -166.26
CA PHE I 138 118.52 151.35 -167.04
C PHE I 138 117.54 150.33 -166.47
N GLN I 139 116.43 150.14 -167.17
CA GLN I 139 115.33 149.36 -166.63
C GLN I 139 115.68 147.88 -166.49
N ASP I 140 116.56 147.37 -167.35
CA ASP I 140 116.94 145.97 -167.27
C ASP I 140 117.64 145.65 -165.95
N ASP I 141 118.54 146.54 -165.50
CA ASP I 141 119.34 146.32 -164.31
C ASP I 141 118.68 146.87 -163.04
N ARG I 142 117.44 147.35 -163.14
CA ARG I 142 116.76 148.01 -162.02
C ARG I 142 117.56 149.20 -161.50
N PHE I 143 118.31 149.84 -162.41
CA PHE I 143 119.12 151.01 -162.10
C PHE I 143 118.31 152.25 -162.43
N ASN I 144 117.80 152.90 -161.38
CA ASN I 144 117.00 154.12 -161.50
C ASN I 144 117.46 155.02 -160.34
N GLU I 145 118.45 155.86 -160.62
CA GLU I 145 119.06 156.74 -159.63
C GLU I 145 119.01 158.18 -160.11
N VAL I 146 118.96 159.11 -159.16
CA VAL I 146 118.84 160.53 -159.43
C VAL I 146 120.08 161.23 -158.89
N TYR I 147 120.76 161.99 -159.76
CA TYR I 147 121.92 162.79 -159.39
C TYR I 147 121.59 164.27 -159.56
N ASP I 148 122.15 165.09 -158.67
CA ASP I 148 121.83 166.51 -158.62
C ASP I 148 123.09 167.22 -158.15
N ASN I 149 123.01 168.54 -158.01
CA ASN I 149 124.16 169.35 -157.62
C ASN I 149 125.31 169.20 -158.61
N ILE I 150 124.97 169.20 -159.89
CA ILE I 150 125.95 169.38 -160.97
C ILE I 150 126.01 170.88 -161.25
N GLY I 151 127.21 171.44 -161.16
CA GLY I 151 127.38 172.88 -161.14
C GLY I 151 127.27 173.41 -159.73
N ASN I 152 127.46 174.73 -159.60
CA ASN I 152 127.56 175.41 -158.31
C ASN I 152 128.58 174.72 -157.40
N ILE I 153 129.85 174.81 -157.82
CA ILE I 153 130.92 174.15 -157.07
C ILE I 153 131.21 174.91 -155.77
N PHE I 154 131.25 176.25 -155.81
CA PHE I 154 131.54 177.05 -154.62
C PHE I 154 131.20 178.50 -154.91
N THR I 155 131.19 179.31 -153.86
CA THR I 155 130.73 180.70 -153.92
C THR I 155 131.89 181.67 -153.69
N ILE I 156 131.77 182.83 -154.32
CA ILE I 156 132.65 183.97 -154.08
C ILE I 156 131.78 185.21 -153.92
N LYS I 157 132.14 186.08 -152.96
CA LYS I 157 131.38 187.29 -152.69
C LYS I 157 132.34 188.44 -152.39
N TYR I 158 131.91 189.65 -152.78
CA TYR I 158 132.70 190.87 -152.65
C TYR I 158 132.07 191.80 -151.62
N LYS I 159 132.92 192.38 -150.76
CA LYS I 159 132.47 193.27 -149.70
C LYS I 159 133.43 194.44 -149.52
N GLY I 160 134.05 194.89 -150.62
CA GLY I 160 134.93 196.04 -150.58
C GLY I 160 134.19 197.36 -150.69
N GLU I 161 134.92 198.45 -150.48
CA GLU I 161 134.32 199.78 -150.38
C GLU I 161 134.18 200.48 -151.73
N GLU I 162 134.69 199.90 -152.82
CA GLU I 162 134.62 200.55 -154.12
C GLU I 162 133.16 200.57 -154.61
N ALA I 163 132.94 201.21 -155.76
CA ALA I 163 131.58 201.41 -156.22
C ALA I 163 131.02 200.15 -156.86
N ASN I 164 131.85 199.46 -157.63
CA ASN I 164 131.45 198.21 -158.27
C ASN I 164 132.69 197.35 -158.47
N ALA I 165 132.46 196.04 -158.56
CA ALA I 165 133.53 195.09 -158.82
C ALA I 165 133.03 193.99 -159.75
N THR I 166 133.97 193.41 -160.50
CA THR I 166 133.67 192.39 -161.50
C THR I 166 134.87 191.47 -161.59
N PHE I 167 134.61 190.23 -162.03
CA PHE I 167 135.65 189.22 -162.14
C PHE I 167 135.37 188.34 -163.35
N SER I 168 136.44 187.73 -163.85
CA SER I 168 136.37 186.93 -165.07
C SER I 168 137.33 185.75 -164.94
N VAL I 169 137.03 184.70 -165.71
CA VAL I 169 137.89 183.54 -165.86
C VAL I 169 138.30 183.50 -167.33
N GLU I 170 139.58 183.71 -167.60
CA GLU I 170 140.08 183.79 -168.97
C GLU I 170 140.58 182.43 -169.42
N HIS I 171 140.10 181.98 -170.58
CA HIS I 171 140.44 180.68 -171.15
C HIS I 171 141.38 180.88 -172.33
N ASP I 172 142.00 179.77 -172.76
CA ASP I 172 142.72 179.77 -174.02
C ASP I 172 141.67 179.54 -175.10
N GLU I 173 141.47 180.54 -175.97
CA GLU I 173 140.32 180.52 -176.87
C GLU I 173 140.38 179.35 -177.83
N GLU I 174 141.58 178.90 -178.20
CA GLU I 174 141.69 177.83 -179.17
C GLU I 174 141.35 176.47 -178.58
N THR I 175 141.50 176.30 -177.27
CA THR I 175 141.17 175.05 -176.57
C THR I 175 140.16 175.20 -175.44
N GLN I 176 139.78 176.42 -175.05
CA GLN I 176 138.85 176.64 -173.94
C GLN I 176 139.38 176.06 -172.63
N LYS I 177 140.68 176.23 -172.39
CA LYS I 177 141.32 175.80 -171.15
C LYS I 177 141.51 177.01 -170.25
N ALA I 178 140.96 176.95 -169.05
CA ALA I 178 141.06 178.07 -168.11
C ALA I 178 142.52 178.30 -167.73
N SER I 179 142.97 179.56 -167.84
CA SER I 179 144.33 179.94 -167.47
C SER I 179 144.44 181.01 -166.40
N ARG I 180 143.38 181.77 -166.10
CA ARG I 180 143.46 182.91 -165.19
C ARG I 180 142.14 183.07 -164.46
N LEU I 181 142.20 183.65 -163.26
CA LEU I 181 141.03 184.16 -162.55
C LEU I 181 141.38 185.56 -162.07
N VAL I 182 140.69 186.55 -162.62
CA VAL I 182 141.02 187.96 -162.48
C VAL I 182 139.89 188.64 -161.72
N LEU I 183 140.20 189.26 -160.59
CA LEU I 183 139.27 190.15 -159.90
C LEU I 183 139.60 191.59 -160.27
N LYS I 184 138.55 192.35 -160.59
CA LYS I 184 138.66 193.71 -161.11
C LYS I 184 137.68 194.64 -160.41
N VAL I 185 138.08 195.90 -160.27
CA VAL I 185 137.17 196.99 -159.98
C VAL I 185 137.18 197.89 -161.22
N GLY I 186 136.04 197.96 -161.90
CA GLY I 186 135.94 198.65 -163.17
C GLY I 186 136.67 197.90 -164.26
N ASP I 187 137.82 198.44 -164.69
CA ASP I 187 138.75 197.77 -165.60
C ASP I 187 140.13 197.56 -164.98
N GLN I 188 140.30 197.89 -163.70
CA GLN I 188 141.59 197.74 -163.02
C GLN I 188 141.53 196.54 -162.08
N GLU I 189 142.57 195.70 -162.14
CA GLU I 189 142.58 194.45 -161.41
C GLU I 189 142.91 194.71 -159.94
N VAL I 190 142.02 194.29 -159.04
CA VAL I 190 142.39 194.24 -157.64
C VAL I 190 143.47 193.19 -157.44
N LYS I 191 143.22 191.95 -157.87
CA LYS I 191 144.25 190.93 -157.82
C LYS I 191 143.81 189.77 -158.69
N SER I 192 144.79 189.04 -159.24
CA SER I 192 144.54 187.95 -160.17
C SER I 192 145.38 186.74 -159.77
N TYR I 193 144.91 185.56 -160.19
CA TYR I 193 145.55 184.28 -159.88
C TYR I 193 145.67 183.45 -161.17
N ASP I 194 146.75 183.67 -161.93
CA ASP I 194 147.13 182.78 -163.03
C ASP I 194 147.00 181.32 -162.64
N LEU I 195 146.21 180.58 -163.42
CA LEU I 195 145.86 179.19 -163.14
C LEU I 195 146.74 178.22 -163.91
N THR I 196 148.04 178.52 -164.04
CA THR I 196 148.96 177.70 -164.81
C THR I 196 150.27 177.53 -164.05
N GLY I 197 150.71 176.28 -163.92
CA GLY I 197 152.01 176.00 -163.36
C GLY I 197 152.12 176.42 -161.91
N GLY I 198 151.51 175.64 -161.02
CA GLY I 198 151.73 175.82 -159.60
C GLY I 198 150.61 175.23 -158.75
N ALA I 199 150.55 175.71 -157.51
CA ALA I 199 149.39 175.43 -156.65
C ALA I 199 148.06 175.94 -157.22
N TYR I 200 148.07 176.82 -158.22
CA TYR I 200 146.83 177.42 -158.70
C TYR I 200 146.04 176.47 -159.59
N ASP I 201 146.58 175.29 -159.87
CA ASP I 201 145.94 174.28 -160.71
C ASP I 201 144.68 173.70 -160.10
N TYR I 202 144.44 173.91 -158.79
CA TYR I 202 143.31 173.36 -158.08
C TYR I 202 142.51 174.48 -157.43
N THR I 203 141.25 174.19 -157.10
CA THR I 203 140.40 175.23 -156.51
C THR I 203 140.78 175.51 -155.06
N ASN I 204 141.50 174.61 -154.40
CA ASN I 204 141.86 174.83 -153.00
C ASN I 204 142.77 176.03 -152.83
N ALA I 205 143.76 176.18 -153.71
CA ALA I 205 144.63 177.35 -153.62
C ALA I 205 143.85 178.63 -153.83
N ILE I 206 142.92 178.63 -154.80
CA ILE I 206 142.10 179.81 -155.02
C ILE I 206 141.28 180.15 -153.79
N ILE I 207 140.72 179.12 -153.14
CA ILE I 207 139.91 179.35 -151.95
C ILE I 207 140.74 179.97 -150.82
N THR I 208 141.88 179.33 -150.51
CA THR I 208 142.78 179.84 -149.48
C THR I 208 143.23 181.27 -149.77
N ASP I 209 143.71 181.54 -150.99
CA ASP I 209 144.27 182.85 -151.27
C ASP I 209 143.20 183.94 -151.23
N ILE I 210 141.99 183.62 -151.69
CA ILE I 210 140.91 184.60 -151.66
C ILE I 210 140.43 184.82 -150.23
N ASN I 211 140.43 183.77 -149.40
CA ASN I 211 140.07 183.95 -148.00
C ASN I 211 141.07 184.82 -147.28
N GLN I 212 142.34 184.79 -147.69
CA GLN I 212 143.35 185.65 -147.07
C GLN I 212 143.01 187.12 -147.26
N LEU I 213 142.42 187.50 -148.40
CA LEU I 213 142.10 188.90 -148.61
C LEU I 213 140.90 189.30 -147.75
N PRO I 214 140.94 190.42 -147.02
CA PRO I 214 139.74 190.83 -146.26
C PRO I 214 138.57 191.27 -147.14
N ASP I 215 138.82 191.64 -148.39
CA ASP I 215 137.79 192.17 -149.28
C ASP I 215 137.04 191.10 -150.07
N PHE I 216 137.35 189.81 -149.88
CA PHE I 216 136.72 188.74 -150.64
C PHE I 216 136.54 187.52 -149.77
N GLU I 217 135.47 186.77 -150.05
CA GLU I 217 135.17 185.52 -149.36
C GLU I 217 135.15 184.37 -150.36
N ALA I 218 135.58 183.19 -149.89
CA ALA I 218 135.58 181.99 -150.73
C ALA I 218 135.44 180.79 -149.81
N LYS I 219 134.31 180.09 -149.92
CA LYS I 219 134.00 178.93 -149.08
C LYS I 219 133.39 177.84 -149.94
N LEU I 220 133.86 176.60 -149.75
CA LEU I 220 133.32 175.46 -150.49
C LEU I 220 131.88 175.20 -150.07
N SER I 221 131.03 174.93 -151.07
CA SER I 221 129.62 174.68 -150.82
C SER I 221 129.39 173.23 -150.43
N PRO I 222 128.32 172.93 -149.67
CA PRO I 222 127.95 171.53 -149.45
C PRO I 222 127.35 170.83 -150.66
N PHE I 223 127.16 171.52 -151.79
CA PHE I 223 126.69 170.89 -153.02
C PHE I 223 127.88 170.25 -153.73
N GLY I 224 128.39 169.19 -153.12
CA GLY I 224 129.42 168.38 -153.73
C GLY I 224 130.82 168.93 -153.53
N ASP I 225 131.62 168.25 -152.72
CA ASP I 225 133.00 168.68 -152.46
C ASP I 225 133.83 168.13 -153.60
N LYS I 226 133.79 168.85 -154.72
CA LYS I 226 134.47 168.39 -155.93
C LYS I 226 135.96 168.70 -155.87
N ASN I 227 136.31 169.93 -155.49
CA ASN I 227 137.69 170.41 -155.56
C ASN I 227 138.22 170.23 -156.97
N LEU I 228 137.46 170.74 -157.93
CA LEU I 228 137.79 170.58 -159.33
C LEU I 228 139.07 171.34 -159.67
N GLU I 229 139.78 170.84 -160.67
CA GLU I 229 140.97 171.53 -161.13
C GLU I 229 140.60 172.91 -161.66
N SER I 230 141.56 173.83 -161.61
CA SER I 230 141.30 175.20 -162.03
C SER I 230 141.29 175.36 -163.54
N SER I 231 141.88 174.41 -164.28
CA SER I 231 141.89 174.51 -165.73
C SER I 231 140.52 174.23 -166.34
N LYS I 232 139.64 173.51 -165.65
CA LYS I 232 138.35 173.10 -166.19
C LYS I 232 137.20 173.97 -165.72
N LEU I 233 137.49 175.14 -165.15
CA LEU I 233 136.45 176.03 -164.67
C LEU I 233 135.77 176.74 -165.83
N ASP I 234 134.56 177.22 -165.57
CA ASP I 234 133.77 177.86 -166.60
C ASP I 234 134.26 179.28 -166.89
N LYS I 235 133.83 179.83 -168.03
CA LYS I 235 134.29 181.15 -168.45
C LYS I 235 133.31 182.20 -167.97
N ILE I 236 133.75 183.02 -167.01
CA ILE I 236 133.01 184.17 -166.51
C ILE I 236 133.60 185.41 -167.18
N GLU I 237 132.74 186.37 -167.54
CA GLU I 237 133.15 187.56 -168.28
C GLU I 237 132.59 188.82 -167.60
N ASN I 238 133.31 189.28 -166.57
CA ASN I 238 132.99 190.55 -165.91
C ASN I 238 131.60 190.48 -165.25
N ALA I 239 131.38 189.43 -164.47
CA ALA I 239 130.14 189.30 -163.72
C ALA I 239 130.25 190.09 -162.43
N ASN I 240 129.22 190.86 -162.12
CA ASN I 240 129.26 191.72 -160.94
C ASN I 240 129.23 190.87 -159.68
N ILE I 241 129.90 191.35 -158.64
CA ILE I 241 130.13 190.58 -157.41
C ILE I 241 129.61 191.30 -156.17
N LYS I 242 129.25 192.57 -156.26
CA LYS I 242 128.96 193.35 -155.06
C LYS I 242 127.71 192.85 -154.35
N ASP I 243 126.65 192.52 -155.11
CA ASP I 243 125.37 192.15 -154.54
C ASP I 243 125.16 190.66 -154.41
N LYS I 244 125.93 189.84 -155.14
CA LYS I 244 125.72 188.40 -155.21
C LYS I 244 126.94 187.64 -154.68
N ALA I 245 126.66 186.50 -154.06
CA ALA I 245 127.67 185.48 -153.76
C ALA I 245 127.77 184.61 -155.00
N VAL I 246 128.58 185.04 -155.96
CA VAL I 246 128.55 184.45 -157.30
C VAL I 246 129.06 183.02 -157.23
N TYR I 247 128.33 182.11 -157.86
CA TYR I 247 128.66 180.68 -157.86
C TYR I 247 129.50 180.37 -159.09
N VAL I 248 130.69 179.83 -158.87
CA VAL I 248 131.41 179.16 -159.94
C VAL I 248 130.75 177.80 -160.16
N LYS I 249 130.63 177.40 -161.43
CA LYS I 249 129.88 176.21 -161.80
C LYS I 249 130.79 175.13 -162.37
N ALA I 250 131.38 175.35 -163.54
CA ALA I 250 132.25 174.36 -164.18
C ALA I 250 131.50 173.05 -164.42
N VAL I 251 130.45 173.14 -165.23
CA VAL I 251 129.55 172.00 -165.39
C VAL I 251 130.25 170.84 -166.07
N PHE I 252 131.11 171.11 -167.06
CA PHE I 252 131.83 170.04 -167.74
C PHE I 252 132.76 169.31 -166.78
N GLY I 253 133.60 170.05 -166.06
CA GLY I 253 134.45 169.42 -165.06
C GLY I 253 133.69 168.80 -163.91
N ASP I 254 132.45 169.22 -163.69
CA ASP I 254 131.66 168.64 -162.62
C ASP I 254 131.04 167.32 -163.07
N LEU I 255 130.77 167.21 -164.37
CA LEU I 255 130.41 165.93 -164.96
C LEU I 255 131.58 164.95 -164.96
N GLU I 256 132.80 165.43 -165.23
CA GLU I 256 133.94 164.52 -165.17
C GLU I 256 134.17 164.02 -163.75
N LYS I 257 134.03 164.90 -162.76
CA LYS I 257 134.33 164.49 -161.39
C LYS I 257 133.26 163.57 -160.83
N GLN I 258 131.99 163.89 -161.05
CA GLN I 258 130.90 163.24 -160.34
C GLN I 258 130.31 162.03 -161.09
N THR I 259 130.60 161.88 -162.39
CA THR I 259 129.98 160.82 -163.19
C THR I 259 131.02 160.02 -163.99
N ALA I 260 132.30 160.07 -163.60
CA ALA I 260 133.28 159.23 -164.29
C ALA I 260 132.94 157.76 -164.13
N TYR I 261 132.73 157.32 -162.88
CA TYR I 261 132.51 155.93 -162.51
C TYR I 261 131.14 155.79 -161.84
N ASN I 262 130.11 156.36 -162.46
CA ASN I 262 128.74 156.24 -162.00
C ASN I 262 127.84 155.90 -163.18
N GLY I 263 127.12 154.78 -163.09
CA GLY I 263 126.26 154.38 -164.17
C GLY I 263 127.02 153.63 -165.26
N ILE I 264 126.42 153.59 -166.44
CA ILE I 264 126.97 152.88 -167.60
C ILE I 264 127.03 153.86 -168.76
N VAL I 265 127.31 155.13 -168.46
CA VAL I 265 127.21 156.22 -169.41
C VAL I 265 128.55 156.94 -169.49
N SER I 266 128.99 157.19 -170.72
CA SER I 266 130.09 158.10 -171.01
C SER I 266 129.58 159.34 -171.72
N PHE I 267 130.42 160.38 -171.74
CA PHE I 267 130.11 161.68 -172.34
C PHE I 267 131.26 162.17 -173.20
N GLU I 268 130.91 162.95 -174.23
CA GLU I 268 131.89 163.54 -175.13
C GLU I 268 131.35 164.84 -175.71
N GLN I 269 132.26 165.73 -176.13
CA GLN I 269 131.89 166.99 -176.77
C GLN I 269 132.14 166.91 -178.27
N LEU I 270 131.26 167.54 -179.04
CA LEU I 270 131.44 167.66 -180.48
C LEU I 270 132.65 168.52 -180.80
N LYS I 298 130.80 173.93 -177.76
CA LYS I 298 129.41 173.84 -177.35
C LYS I 298 129.24 174.15 -175.87
N THR I 299 128.03 174.57 -175.52
CA THR I 299 127.64 174.81 -174.13
C THR I 299 126.60 173.78 -173.70
N ILE I 300 126.77 173.27 -172.48
CA ILE I 300 125.83 172.30 -171.95
C ILE I 300 124.55 173.01 -171.57
N GLU I 301 123.41 172.45 -171.96
CA GLU I 301 122.10 172.99 -171.66
C GLU I 301 121.19 171.87 -171.20
N PRO I 302 120.04 172.19 -170.58
CA PRO I 302 119.10 171.12 -170.21
C PRO I 302 118.54 170.45 -171.46
N PHE I 303 118.25 169.15 -171.32
CA PHE I 303 117.60 168.39 -172.37
C PHE I 303 116.74 167.32 -171.70
N GLU I 304 115.76 166.81 -172.45
CA GLU I 304 114.82 165.87 -171.88
C GLU I 304 115.46 164.50 -171.67
N LEU I 305 114.82 163.71 -170.83
CA LEU I 305 115.26 162.34 -170.58
C LEU I 305 114.98 161.48 -171.81
N THR I 306 116.03 161.11 -172.55
CA THR I 306 115.88 160.51 -173.88
C THR I 306 116.64 159.18 -173.92
N LYS I 307 116.06 158.18 -174.57
CA LYS I 307 116.71 156.89 -174.70
C LYS I 307 117.85 156.94 -175.72
N LEU I 308 118.80 156.04 -175.55
CA LEU I 308 119.91 155.84 -176.47
C LEU I 308 119.54 154.82 -177.53
N LYS I 309 120.25 154.91 -178.66
CA LYS I 309 119.99 154.10 -179.83
C LYS I 309 121.31 153.53 -180.33
N GLY I 310 121.22 152.50 -181.17
CA GLY I 310 122.38 151.90 -181.81
C GLY I 310 122.94 150.68 -181.13
N GLY I 311 122.29 150.16 -180.08
CA GLY I 311 122.71 148.90 -179.51
C GLY I 311 122.54 147.78 -180.52
N THR I 312 123.60 146.98 -180.70
CA THR I 312 123.63 145.94 -181.72
C THR I 312 124.38 144.74 -181.17
N ASN I 313 123.78 143.55 -181.28
CA ASN I 313 124.49 142.32 -180.95
C ASN I 313 125.57 142.01 -181.98
N GLY I 314 125.32 142.39 -183.24
CA GLY I 314 126.28 142.15 -184.30
C GLY I 314 126.06 140.80 -184.97
N GLU I 315 127.14 140.30 -185.58
CA GLU I 315 127.14 139.06 -186.35
C GLU I 315 128.31 138.20 -185.92
N PRO I 316 128.24 136.88 -186.09
CA PRO I 316 129.38 136.04 -185.73
C PRO I 316 130.53 136.25 -186.70
N PRO I 317 131.75 135.86 -186.34
CA PRO I 317 132.87 135.96 -187.28
C PRO I 317 132.95 134.75 -188.19
N ALA I 318 133.58 134.96 -189.36
CA ALA I 318 133.76 133.86 -190.30
C ALA I 318 134.64 132.77 -189.71
N THR I 319 135.66 133.17 -188.95
CA THR I 319 136.57 132.24 -188.29
C THR I 319 136.74 132.63 -186.84
N TRP I 320 136.92 131.63 -185.98
CA TRP I 320 137.19 131.87 -184.57
C TRP I 320 138.66 132.02 -184.25
N ALA I 321 139.54 131.99 -185.26
CA ALA I 321 140.98 132.00 -185.01
C ALA I 321 141.45 133.37 -184.55
N ASP I 322 140.85 134.45 -185.04
CA ASP I 322 141.16 135.76 -184.50
C ASP I 322 140.65 135.91 -183.07
N LYS I 323 139.48 135.33 -182.78
CA LYS I 323 138.92 135.41 -181.43
C LYS I 323 139.76 134.59 -180.45
N LEU I 324 140.29 133.45 -180.91
CA LEU I 324 141.15 132.63 -180.08
C LEU I 324 142.50 133.29 -179.82
N ASP I 325 142.93 134.21 -180.67
CA ASP I 325 144.23 134.86 -180.49
C ASP I 325 144.30 135.72 -179.25
N LYS I 326 143.15 136.17 -178.75
CA LYS I 326 143.15 136.91 -177.50
C LYS I 326 143.52 136.04 -176.31
N PHE I 327 143.30 134.72 -176.40
CA PHE I 327 143.73 133.81 -175.33
C PHE I 327 145.15 133.27 -175.56
N ALA I 328 145.90 133.84 -176.50
CA ALA I 328 147.21 133.29 -176.83
C ALA I 328 148.16 133.33 -175.64
N HIS I 329 148.25 134.47 -174.98
CA HIS I 329 149.21 134.73 -173.90
C HIS I 329 148.49 135.13 -172.61
N GLU I 330 147.36 134.49 -172.33
CA GLU I 330 146.60 134.75 -171.11
C GLU I 330 146.86 133.68 -170.04
N GLY I 331 147.73 132.71 -170.31
CA GLY I 331 148.04 131.66 -169.36
C GLY I 331 147.12 130.46 -169.41
N GLY I 332 146.21 130.38 -170.38
CA GLY I 332 145.29 129.27 -170.43
C GLY I 332 145.95 127.99 -170.93
N TYR I 333 145.48 126.85 -170.42
CA TYR I 333 145.91 125.50 -170.85
C TYR I 333 144.77 124.69 -171.45
N TYR I 334 143.63 124.60 -170.77
CA TYR I 334 142.44 123.91 -171.27
C TYR I 334 141.45 124.94 -171.81
N ILE I 335 140.92 124.67 -173.01
CA ILE I 335 139.98 125.56 -173.68
C ILE I 335 138.90 124.70 -174.34
N VAL I 336 137.66 125.13 -174.22
CA VAL I 336 136.50 124.40 -174.75
C VAL I 336 135.59 125.37 -175.51
N PRO I 337 135.44 125.26 -176.83
CA PRO I 337 134.50 126.14 -177.52
C PRO I 337 133.05 125.69 -177.29
N LEU I 338 132.17 126.67 -177.08
CA LEU I 338 130.74 126.39 -176.97
C LEU I 338 130.11 126.37 -178.37
N SER I 339 130.46 125.32 -179.11
CA SER I 339 129.94 125.13 -180.45
C SER I 339 130.16 123.68 -180.85
N SER I 340 129.21 123.15 -181.63
CA SER I 340 129.24 121.77 -182.10
C SER I 340 129.60 121.66 -183.59
N LYS I 341 130.08 122.75 -184.20
CA LYS I 341 130.40 122.75 -185.62
C LYS I 341 131.82 122.25 -185.85
N GLN I 342 131.98 121.43 -186.89
CA GLN I 342 133.25 120.77 -187.22
C GLN I 342 134.31 121.77 -187.68
N SER I 343 133.91 122.90 -188.27
CA SER I 343 134.89 123.88 -188.71
C SER I 343 135.50 124.62 -187.53
N VAL I 344 134.66 124.94 -186.53
CA VAL I 344 135.15 125.57 -185.32
C VAL I 344 136.09 124.63 -184.57
N HIS I 345 135.81 123.32 -184.59
CA HIS I 345 136.67 122.33 -183.96
C HIS I 345 138.03 122.25 -184.67
N ALA I 346 138.05 122.18 -186.01
CA ALA I 346 139.29 122.18 -186.77
C ALA I 346 140.12 123.45 -186.58
N GLU I 347 139.49 124.62 -186.47
CA GLU I 347 140.16 125.88 -186.23
C GLU I 347 140.86 125.88 -184.87
N VAL I 348 140.10 125.54 -183.81
CA VAL I 348 140.64 125.36 -182.45
C VAL I 348 141.78 124.36 -182.45
N ALA I 349 141.68 123.23 -183.16
CA ALA I 349 142.79 122.29 -183.29
C ALA I 349 144.03 122.95 -183.91
N SER I 350 143.87 123.72 -184.99
CA SER I 350 144.99 124.45 -185.56
C SER I 350 145.50 125.54 -184.63
N PHE I 351 144.62 126.17 -183.85
CA PHE I 351 145.05 127.20 -182.92
C PHE I 351 145.93 126.60 -181.82
N VAL I 352 145.49 125.52 -181.17
CA VAL I 352 146.27 124.91 -180.08
C VAL I 352 147.55 124.29 -180.59
N LYS I 353 147.56 123.69 -181.79
CA LYS I 353 148.82 123.26 -182.42
C LYS I 353 149.78 124.44 -182.53
N GLU I 354 149.33 125.59 -183.04
CA GLU I 354 150.23 126.70 -183.28
C GLU I 354 150.78 127.28 -181.98
N ARG I 355 149.93 127.38 -180.96
CA ARG I 355 150.37 127.91 -179.68
C ARG I 355 151.34 126.95 -178.99
N SER I 356 151.05 125.65 -179.06
CA SER I 356 151.94 124.63 -178.49
C SER I 356 153.31 124.73 -179.13
N ASP I 357 153.35 124.82 -180.46
CA ASP I 357 154.58 124.98 -181.21
C ASP I 357 155.27 126.31 -180.91
N ALA I 358 154.53 127.30 -180.44
CA ALA I 358 155.07 128.62 -180.12
C ALA I 358 155.49 128.76 -178.66
N GLY I 359 155.43 127.67 -177.88
CA GLY I 359 155.78 127.71 -176.47
C GLY I 359 154.62 127.92 -175.52
N GLU I 360 153.38 127.77 -175.98
CA GLU I 360 152.18 127.92 -175.15
C GLU I 360 151.34 126.66 -175.28
N PRO I 361 151.71 125.57 -174.58
CA PRO I 361 151.00 124.31 -174.66
C PRO I 361 149.55 124.44 -174.20
N MET I 362 148.66 123.78 -174.91
CA MET I 362 147.22 123.74 -174.64
C MET I 362 146.64 122.38 -175.01
N ARG I 363 145.44 122.12 -174.50
CA ARG I 363 144.59 120.99 -174.90
C ARG I 363 143.14 121.43 -175.04
N ALA I 364 142.40 120.75 -175.88
CA ALA I 364 141.02 121.10 -176.20
C ALA I 364 140.08 119.91 -176.05
N ILE I 365 138.88 120.18 -175.54
CA ILE I 365 137.80 119.21 -175.39
C ILE I 365 136.59 119.71 -176.19
N VAL I 366 135.90 118.86 -176.93
CA VAL I 366 134.79 119.24 -177.82
C VAL I 366 133.65 118.22 -177.78
N GLY I 367 132.42 118.62 -178.13
CA GLY I 367 131.26 117.76 -178.08
C GLY I 367 130.39 117.92 -179.31
N GLY I 368 129.92 116.81 -179.90
CA GLY I 368 129.09 116.90 -181.09
C GLY I 368 127.59 116.95 -180.83
N GLY I 369 127.10 118.10 -180.40
CA GLY I 369 125.66 118.35 -180.39
C GLY I 369 124.90 117.41 -179.50
N PHE I 370 123.70 117.05 -179.94
CA PHE I 370 122.75 116.24 -179.18
C PHE I 370 122.61 114.86 -179.81
N ASN I 371 122.95 113.83 -179.03
CA ASN I 371 122.55 112.45 -179.31
C ASN I 371 123.05 111.95 -180.67
N GLU I 372 124.30 112.28 -181.01
CA GLU I 372 124.85 111.81 -182.27
C GLU I 372 125.19 110.33 -182.18
N SER I 373 125.09 109.65 -183.33
CA SER I 373 125.37 108.22 -183.38
C SER I 373 126.87 107.95 -183.33
N LYS I 374 127.22 106.67 -183.22
CA LYS I 374 128.62 106.28 -183.17
C LYS I 374 129.33 106.59 -184.48
N GLU I 375 128.64 106.47 -185.62
CA GLU I 375 129.28 106.74 -186.90
C GLU I 375 129.62 108.22 -187.06
N GLN I 376 128.80 109.11 -186.49
CA GLN I 376 129.16 110.52 -186.51
C GLN I 376 130.39 110.78 -185.66
N LEU I 377 130.46 110.15 -184.50
CA LEU I 377 131.60 110.31 -183.62
C LEU I 377 132.88 109.77 -184.26
N PHE I 378 132.80 108.65 -184.98
CA PHE I 378 133.91 108.15 -185.79
C PHE I 378 134.26 109.13 -186.94
N GLY I 379 133.27 109.64 -187.67
CA GLY I 379 133.51 110.63 -188.71
C GLY I 379 134.20 111.89 -188.18
N ARG I 380 133.74 112.42 -187.04
CA ARG I 380 134.40 113.51 -186.32
C ARG I 380 135.81 113.13 -185.92
N GLN I 381 135.99 111.98 -185.27
CA GLN I 381 137.30 111.56 -184.78
C GLN I 381 138.31 111.40 -185.90
N ALA I 382 137.93 110.74 -187.01
CA ALA I 382 138.83 110.57 -188.15
C ALA I 382 139.15 111.92 -188.82
N SER I 383 138.19 112.86 -188.82
CA SER I 383 138.45 114.23 -189.27
C SER I 383 139.46 114.94 -188.38
N LEU I 384 139.35 114.77 -187.05
CA LEU I 384 140.13 115.50 -186.05
C LEU I 384 141.54 114.93 -185.86
N SER I 385 141.65 113.65 -185.47
CA SER I 385 142.90 112.89 -185.37
C SER I 385 144.10 113.67 -184.80
N ASN I 386 143.90 114.35 -183.66
CA ASN I 386 144.89 115.29 -183.11
C ASN I 386 145.27 114.98 -181.64
N PRO I 387 146.56 114.79 -181.33
CA PRO I 387 147.04 114.48 -179.98
C PRO I 387 146.56 115.44 -178.88
N ARG I 388 146.27 116.70 -179.21
CA ARG I 388 145.84 117.73 -178.25
C ARG I 388 144.32 117.92 -178.15
N VAL I 389 143.53 117.09 -178.83
CA VAL I 389 142.07 117.23 -178.89
C VAL I 389 141.38 115.95 -178.44
N SER I 390 140.36 116.07 -177.59
CA SER I 390 139.53 114.98 -177.09
C SER I 390 138.04 115.26 -177.32
N LEU I 391 137.28 114.23 -177.66
CA LEU I 391 135.86 114.33 -178.06
C LEU I 391 134.96 113.64 -177.03
N VAL I 392 133.85 114.28 -176.65
CA VAL I 392 132.89 113.78 -175.68
C VAL I 392 131.65 113.31 -176.45
N ALA I 393 131.24 112.08 -176.17
CA ALA I 393 130.12 111.42 -176.84
C ALA I 393 128.79 111.68 -176.15
N ASN I 394 128.77 111.63 -174.82
CA ASN I 394 127.52 111.63 -174.06
C ASN I 394 127.00 113.04 -173.83
N SER I 395 125.68 113.14 -173.72
CA SER I 395 124.98 114.38 -173.43
C SER I 395 123.85 114.03 -172.47
N GLY I 396 123.52 114.96 -171.59
CA GLY I 396 122.50 114.69 -170.60
C GLY I 396 121.91 115.94 -170.03
N THR I 397 121.30 115.79 -168.86
CA THR I 397 120.65 116.88 -168.16
C THR I 397 121.46 117.29 -166.93
N PHE I 398 121.44 118.58 -166.59
CA PHE I 398 122.08 119.06 -165.38
C PHE I 398 121.13 119.95 -164.61
N VAL I 399 121.30 119.98 -163.30
CA VAL I 399 120.51 120.81 -162.40
C VAL I 399 121.30 122.08 -162.11
N MET I 400 120.73 123.23 -162.47
CA MET I 400 121.34 124.53 -162.31
C MET I 400 120.84 125.19 -161.02
N ASP I 401 121.56 126.22 -160.59
CA ASP I 401 121.11 126.99 -159.44
C ASP I 401 119.84 127.79 -159.73
N ASP I 402 119.49 127.98 -161.01
CA ASP I 402 118.25 128.64 -161.37
C ASP I 402 117.03 127.71 -161.25
N GLY I 403 117.24 126.42 -161.02
CA GLY I 403 116.15 125.47 -160.94
C GLY I 403 115.81 124.78 -162.25
N ARG I 404 116.52 125.11 -163.33
CA ARG I 404 116.28 124.48 -164.62
C ARG I 404 117.03 123.16 -164.71
N LYS I 405 116.32 122.11 -165.12
CA LYS I 405 116.94 120.83 -165.46
C LYS I 405 117.43 120.90 -166.91
N ASN I 406 118.47 121.71 -167.09
CA ASN I 406 118.93 122.10 -168.41
C ASN I 406 119.43 120.90 -169.20
N HIS I 407 118.80 120.66 -170.36
CA HIS I 407 119.21 119.60 -171.27
C HIS I 407 120.25 120.18 -172.22
N VAL I 408 121.51 119.79 -172.01
CA VAL I 408 122.64 120.48 -172.62
C VAL I 408 123.30 119.57 -173.65
N PRO I 409 124.05 120.09 -174.63
CA PRO I 409 124.68 119.23 -175.63
C PRO I 409 125.99 118.67 -175.10
N ALA I 410 126.66 117.90 -175.97
CA ALA I 410 127.89 117.21 -175.58
C ALA I 410 129.00 118.18 -175.19
N TYR I 411 129.05 119.36 -175.81
CA TYR I 411 130.17 120.25 -175.54
C TYR I 411 130.05 120.92 -174.18
N MET I 412 128.84 121.02 -173.63
CA MET I 412 128.71 121.46 -172.25
C MET I 412 129.22 120.39 -171.30
N VAL I 413 129.05 119.11 -171.66
CA VAL I 413 129.67 118.04 -170.89
C VAL I 413 131.18 118.12 -171.02
N ALA I 414 131.67 118.51 -172.19
CA ALA I 414 133.11 118.75 -172.32
C ALA I 414 133.56 119.91 -171.43
N VAL I 415 132.72 120.93 -171.28
CA VAL I 415 133.06 122.02 -170.37
C VAL I 415 133.12 121.51 -168.95
N ALA I 416 132.13 120.68 -168.56
CA ALA I 416 132.15 120.08 -167.22
C ALA I 416 133.40 119.26 -167.01
N LEU I 417 133.83 118.52 -168.04
CA LEU I 417 135.02 117.70 -167.92
C LEU I 417 136.27 118.55 -167.80
N GLY I 418 136.39 119.62 -168.60
CA GLY I 418 137.51 120.53 -168.41
C GLY I 418 137.54 121.16 -167.04
N GLY I 419 136.38 121.50 -166.48
CA GLY I 419 136.35 122.05 -165.13
C GLY I 419 136.81 121.04 -164.10
N LEU I 420 136.49 119.76 -164.32
CA LEU I 420 137.00 118.72 -163.43
C LEU I 420 138.51 118.58 -163.57
N ALA I 421 139.01 118.52 -164.81
CA ALA I 421 140.46 118.45 -165.03
C ALA I 421 141.19 119.62 -164.39
N SER I 422 140.65 120.85 -164.53
CA SER I 422 141.31 121.98 -163.89
C SER I 422 141.32 121.80 -162.37
N GLY I 423 140.22 121.30 -161.81
CA GLY I 423 140.15 120.98 -160.39
C GLY I 423 141.20 120.00 -159.93
N LEU I 424 141.65 119.10 -160.81
CA LEU I 424 142.72 118.17 -160.52
C LEU I 424 144.07 118.88 -160.61
N GLU I 425 145.09 118.26 -160.02
CA GLU I 425 146.45 118.78 -160.01
C GLU I 425 147.17 118.26 -161.25
N ILE I 426 148.49 118.44 -161.30
CA ILE I 426 149.27 118.05 -162.47
C ILE I 426 149.50 116.55 -162.48
N GLY I 427 149.38 115.96 -163.66
CA GLY I 427 149.60 114.54 -163.85
C GLY I 427 148.58 113.64 -163.18
N GLU I 428 147.37 114.14 -162.96
CA GLU I 428 146.23 113.35 -162.53
C GLU I 428 145.29 113.08 -163.71
N SER I 429 144.55 111.98 -163.61
CA SER I 429 143.62 111.54 -164.64
C SER I 429 142.18 111.60 -164.14
N ILE I 430 141.27 111.88 -165.06
CA ILE I 430 139.84 111.98 -164.75
C ILE I 430 139.15 110.64 -164.96
N THR I 431 139.91 109.54 -164.89
CA THR I 431 139.35 108.22 -165.13
C THR I 431 138.60 107.75 -163.89
N PHE I 432 137.36 107.25 -164.09
CA PHE I 432 136.52 106.74 -163.00
C PHE I 432 136.27 107.82 -161.94
N LYS I 433 136.30 109.15 -162.37
CA LYS I 433 135.85 110.20 -161.46
C LYS I 433 134.36 110.45 -161.64
N PRO I 434 133.65 110.95 -160.63
CA PRO I 434 132.20 111.14 -160.79
C PRO I 434 131.92 112.34 -161.66
N LEU I 435 130.74 112.33 -162.29
CA LEU I 435 130.33 113.42 -163.17
C LEU I 435 129.30 114.34 -162.52
N ARG I 436 128.56 113.87 -161.52
CA ARG I 436 127.54 114.65 -160.82
C ARG I 436 126.42 115.08 -161.76
N VAL I 437 126.11 114.27 -162.75
CA VAL I 437 125.05 114.57 -163.70
C VAL I 437 123.73 114.04 -163.16
N SER I 438 122.62 114.61 -163.66
CA SER I 438 121.32 114.13 -163.24
C SER I 438 120.91 112.92 -164.07
N SER I 439 121.06 113.01 -165.39
CA SER I 439 120.78 111.88 -166.28
C SER I 439 121.54 112.11 -167.59
N LEU I 440 121.43 111.13 -168.48
CA LEU I 440 122.13 111.11 -169.77
C LEU I 440 121.16 110.66 -170.84
N ASP I 441 121.24 111.30 -172.00
CA ASP I 441 120.35 110.91 -173.09
C ASP I 441 120.63 109.50 -173.58
N GLN I 442 121.91 109.13 -173.65
CA GLN I 442 122.33 107.81 -174.12
C GLN I 442 123.03 107.06 -173.00
N ILE I 443 122.57 105.85 -172.74
CA ILE I 443 123.18 104.95 -171.76
C ILE I 443 123.82 103.82 -172.57
N TYR I 444 125.14 103.89 -172.72
CA TYR I 444 125.86 102.94 -173.56
C TYR I 444 126.14 101.64 -172.81
N GLU I 445 126.02 100.53 -173.54
CA GLU I 445 126.36 99.21 -173.02
C GLU I 445 127.88 99.03 -173.04
N SER I 446 128.31 97.89 -172.51
CA SER I 446 129.71 97.51 -172.49
C SER I 446 130.33 97.54 -173.87
N ILE I 447 129.69 96.90 -174.86
CA ILE I 447 130.25 96.87 -176.21
C ILE I 447 130.36 98.29 -176.79
N ASP I 448 129.34 99.13 -176.58
CA ASP I 448 129.37 100.47 -177.15
C ASP I 448 130.47 101.31 -176.51
N LEU I 449 130.62 101.19 -175.19
CA LEU I 449 131.70 101.89 -174.49
C LEU I 449 133.07 101.41 -174.97
N ASP I 450 133.24 100.10 -175.12
CA ASP I 450 134.50 99.56 -175.63
C ASP I 450 134.83 100.10 -177.01
N GLU I 451 133.83 100.19 -177.89
CA GLU I 451 134.09 100.69 -179.25
C GLU I 451 134.44 102.17 -179.22
N LEU I 452 133.77 102.94 -178.35
CA LEU I 452 134.06 104.36 -178.22
C LEU I 452 135.44 104.59 -177.66
N ASN I 453 135.85 103.78 -176.70
CA ASN I 453 137.20 103.90 -176.16
C ASN I 453 138.24 103.51 -177.22
N GLU I 454 138.00 102.41 -177.93
CA GLU I 454 138.96 101.93 -178.92
C GLU I 454 139.17 102.94 -180.05
N ASN I 455 138.09 103.59 -180.49
CA ASN I 455 138.16 104.54 -181.59
C ASN I 455 138.71 105.89 -181.17
N GLY I 456 138.87 106.13 -179.87
CA GLY I 456 139.45 107.36 -179.39
C GLY I 456 138.44 108.45 -179.09
N ILE I 457 137.36 108.09 -178.40
CA ILE I 457 136.32 109.02 -177.98
C ILE I 457 136.03 108.80 -176.51
N ILE I 458 135.91 109.89 -175.75
CA ILE I 458 135.63 109.80 -174.33
C ILE I 458 134.14 109.57 -174.13
N SER I 459 133.80 108.54 -173.34
CA SER I 459 132.42 108.15 -173.08
C SER I 459 132.18 108.07 -171.58
N ILE I 460 130.89 108.00 -171.21
CA ILE I 460 130.46 108.10 -169.81
C ILE I 460 129.45 106.99 -169.56
N GLU I 461 129.65 106.24 -168.49
CA GLU I 461 128.83 105.09 -168.15
C GLU I 461 128.04 105.33 -166.87
N PHE I 462 126.96 104.56 -166.73
CA PHE I 462 126.06 104.60 -165.58
C PHE I 462 126.29 103.33 -164.76
N VAL I 463 126.64 103.50 -163.49
CA VAL I 463 127.02 102.38 -162.63
C VAL I 463 125.74 101.81 -161.99
N ARG I 464 125.31 100.67 -162.50
CA ARG I 464 124.22 99.90 -161.92
C ARG I 464 124.70 98.72 -161.08
N ASN I 465 126.01 98.60 -160.84
CA ASN I 465 126.49 97.43 -160.11
C ASN I 465 126.10 97.49 -158.64
N ARG I 466 126.08 98.68 -158.06
CA ARG I 466 125.79 98.91 -156.65
C ARG I 466 124.41 99.53 -156.48
N THR I 467 123.90 99.49 -155.25
CA THR I 467 122.61 100.12 -154.91
C THR I 467 122.69 101.65 -154.96
N ASN I 468 123.86 102.23 -154.73
CA ASN I 468 124.11 103.66 -154.85
C ASN I 468 124.70 103.93 -156.22
N THR I 469 123.82 103.96 -157.23
CA THR I 469 124.24 104.15 -158.59
C THR I 469 124.72 105.59 -158.82
N PHE I 470 125.66 105.75 -159.76
CA PHE I 470 126.17 107.06 -160.11
C PHE I 470 126.80 106.99 -161.49
N PHE I 471 127.12 108.16 -162.05
CA PHE I 471 127.76 108.28 -163.35
C PHE I 471 129.23 108.63 -163.17
N ARG I 472 130.07 108.15 -164.09
CA ARG I 472 131.52 108.35 -164.01
C ARG I 472 132.13 108.26 -165.41
N ILE I 473 133.38 108.75 -165.51
CA ILE I 473 134.11 108.78 -166.78
C ILE I 473 134.93 107.51 -166.90
N VAL I 474 134.89 106.91 -168.09
CA VAL I 474 135.56 105.63 -168.30
C VAL I 474 137.03 105.80 -168.69
N ASP I 475 137.37 106.86 -169.43
CA ASP I 475 138.75 107.06 -169.83
C ASP I 475 138.88 108.51 -170.28
N ASP I 476 140.13 108.95 -170.44
CA ASP I 476 140.47 110.28 -170.93
C ASP I 476 141.37 110.19 -172.16
N VAL I 477 141.10 109.24 -173.05
CA VAL I 477 141.94 109.06 -174.23
C VAL I 477 141.73 110.23 -175.18
N THR I 478 142.77 110.57 -175.96
CA THR I 478 142.74 111.63 -176.99
C THR I 478 142.20 111.13 -178.34
N THR I 479 141.93 112.04 -179.28
CA THR I 479 141.47 111.65 -180.64
C THR I 479 142.58 111.06 -181.53
N PHE I 480 143.86 111.23 -181.22
CA PHE I 480 144.94 110.56 -181.94
C PHE I 480 145.05 109.11 -181.47
N ASN I 481 144.59 108.16 -182.29
CA ASN I 481 144.11 106.89 -181.77
C ASN I 481 145.19 105.84 -181.42
N ASP I 482 146.45 106.15 -181.67
CA ASP I 482 147.58 105.22 -181.56
C ASP I 482 147.95 105.06 -180.10
N LYS I 483 147.61 103.91 -179.53
CA LYS I 483 147.86 103.65 -178.12
C LYS I 483 149.29 103.23 -177.82
N SER I 484 149.99 102.61 -178.79
CA SER I 484 151.43 102.32 -178.71
C SER I 484 152.26 103.41 -178.04
N ASP I 485 151.89 104.67 -178.26
CA ASP I 485 152.58 105.83 -177.69
C ASP I 485 151.69 106.44 -176.61
N PRO I 486 151.93 106.16 -175.32
CA PRO I 486 151.00 106.66 -174.30
C PRO I 486 151.03 108.18 -174.13
N VAL I 487 152.20 108.80 -174.31
CA VAL I 487 152.33 110.26 -174.22
C VAL I 487 151.21 110.96 -174.98
N LYS I 488 151.10 110.67 -176.28
CA LYS I 488 150.05 111.23 -177.15
C LYS I 488 148.65 110.74 -176.79
N ALA I 489 148.52 109.47 -176.42
CA ALA I 489 147.21 108.88 -176.18
C ALA I 489 146.63 109.34 -174.85
N GLU I 490 147.46 109.39 -173.80
CA GLU I 490 146.97 109.68 -172.46
C GLU I 490 147.01 111.18 -172.22
N MET I 491 145.92 111.73 -171.70
CA MET I 491 145.88 113.16 -171.42
C MET I 491 146.74 113.53 -170.22
N ALA I 492 146.73 112.69 -169.18
CA ALA I 492 147.49 113.00 -167.97
C ALA I 492 148.99 113.01 -168.28
N VAL I 493 149.48 112.02 -169.02
CA VAL I 493 150.90 111.94 -169.32
C VAL I 493 151.35 113.14 -170.15
N GLY I 494 150.57 113.47 -171.18
CA GLY I 494 150.83 114.64 -172.00
C GLY I 494 150.83 115.91 -171.15
N GLU I 495 149.89 116.03 -170.22
CA GLU I 495 149.79 117.19 -169.33
C GLU I 495 151.04 117.31 -168.47
N ALA I 496 151.41 116.23 -167.79
CA ALA I 496 152.62 116.23 -166.96
C ALA I 496 153.87 116.56 -167.77
N ASN I 497 153.94 116.09 -169.00
CA ASN I 497 155.13 116.35 -169.82
C ASN I 497 155.18 117.83 -170.21
N ASP I 498 154.06 118.37 -170.68
CA ASP I 498 153.93 119.77 -171.09
C ASP I 498 154.33 120.68 -169.93
N PHE I 499 153.76 120.43 -168.75
CA PHE I 499 153.96 121.33 -167.63
C PHE I 499 155.42 121.27 -167.16
N LEU I 500 155.96 120.05 -167.03
CA LEU I 500 157.35 119.87 -166.64
C LEU I 500 158.29 120.58 -167.60
N VAL I 501 158.10 120.36 -168.91
CA VAL I 501 159.00 120.95 -169.91
C VAL I 501 158.93 122.48 -169.85
N SER I 502 157.70 123.03 -169.90
CA SER I 502 157.55 124.47 -169.95
C SER I 502 158.13 125.12 -168.68
N GLU I 503 157.88 124.53 -167.51
CA GLU I 503 158.41 125.12 -166.29
C GLU I 503 159.93 125.02 -166.26
N LEU I 504 160.48 123.87 -166.65
CA LEU I 504 161.94 123.73 -166.70
C LEU I 504 162.56 124.68 -167.71
N LYS I 505 161.85 124.98 -168.81
CA LYS I 505 162.43 125.82 -169.85
C LYS I 505 162.41 127.28 -169.42
N VAL I 506 161.33 127.70 -168.77
CA VAL I 506 161.22 129.07 -168.29
C VAL I 506 162.21 129.32 -167.17
N GLN I 507 162.34 128.36 -166.24
CA GLN I 507 163.25 128.57 -165.12
C GLN I 507 164.70 128.59 -165.57
N LEU I 508 165.06 127.69 -166.49
CA LEU I 508 166.43 127.69 -166.99
C LEU I 508 166.72 128.94 -167.80
N GLU I 509 165.74 129.40 -168.58
CA GLU I 509 165.96 130.61 -169.37
C GLU I 509 166.15 131.83 -168.44
N ASP I 510 165.37 131.90 -167.36
CA ASP I 510 165.47 133.02 -166.44
C ASP I 510 166.78 132.98 -165.66
N GLN I 511 167.19 131.79 -165.20
CA GLN I 511 168.26 131.72 -164.21
C GLN I 511 169.66 131.76 -164.82
N PHE I 512 169.93 130.90 -165.80
CA PHE I 512 171.31 130.56 -166.14
C PHE I 512 171.89 131.31 -167.32
N ILE I 513 171.06 131.65 -168.31
CA ILE I 513 171.52 132.46 -169.43
C ILE I 513 172.00 133.81 -168.91
N GLY I 514 173.18 134.23 -169.36
CA GLY I 514 173.81 135.45 -168.92
C GLY I 514 174.65 135.34 -167.67
N THR I 515 174.70 134.16 -167.04
CA THR I 515 175.62 133.90 -165.94
C THR I 515 176.97 133.46 -166.47
N ARG I 516 178.02 133.79 -165.72
CA ARG I 516 179.37 133.50 -166.16
C ARG I 516 179.60 131.99 -166.27
N THR I 517 180.53 131.63 -167.15
CA THR I 517 180.96 130.26 -167.39
C THR I 517 182.11 129.88 -166.45
N ILE I 518 181.91 130.08 -165.16
CA ILE I 518 182.95 129.77 -164.18
C ILE I 518 183.01 128.27 -164.01
N ASN I 519 184.06 127.77 -163.34
CA ASN I 519 184.21 126.33 -163.17
C ASN I 519 183.06 125.72 -162.38
N THR I 520 182.52 126.45 -161.40
CA THR I 520 181.41 125.97 -160.58
C THR I 520 180.05 126.11 -161.25
N SER I 521 180.00 126.58 -162.50
CA SER I 521 178.70 126.74 -163.16
C SER I 521 178.01 125.39 -163.37
N ALA I 522 178.72 124.46 -164.02
CA ALA I 522 178.21 123.08 -164.15
C ALA I 522 177.71 122.51 -162.83
N SER I 523 178.48 122.67 -161.74
CA SER I 523 178.05 122.12 -160.46
C SER I 523 176.80 122.82 -159.95
N ILE I 524 176.67 124.12 -160.22
CA ILE I 524 175.49 124.84 -159.75
C ILE I 524 174.29 124.42 -160.57
N ILE I 525 174.48 124.20 -161.87
CA ILE I 525 173.41 123.76 -162.74
C ILE I 525 172.94 122.38 -162.35
N LYS I 526 173.87 121.49 -161.98
CA LYS I 526 173.47 120.14 -161.63
C LYS I 526 172.75 120.13 -160.29
N ASP I 527 173.17 121.00 -159.37
CA ASP I 527 172.47 121.13 -158.09
C ASP I 527 171.04 121.64 -158.30
N PHE I 528 170.89 122.63 -159.19
CA PHE I 528 169.57 123.22 -159.41
C PHE I 528 168.63 122.21 -160.05
N ILE I 529 169.11 121.50 -161.07
CA ILE I 529 168.32 120.41 -161.68
C ILE I 529 167.92 119.38 -160.64
N GLN I 530 168.87 118.92 -159.81
CA GLN I 530 168.52 117.93 -158.80
C GLN I 530 167.47 118.47 -157.83
N SER I 531 167.61 119.74 -157.43
CA SER I 531 166.63 120.31 -156.52
C SER I 531 165.26 120.48 -157.16
N TYR I 532 165.22 120.75 -158.46
CA TYR I 532 163.94 120.88 -159.16
C TYR I 532 163.27 119.53 -159.32
N LEU I 533 164.04 118.50 -159.68
CA LEU I 533 163.49 117.16 -159.83
C LEU I 533 163.11 116.55 -158.50
N GLY I 534 163.87 116.85 -157.44
CA GLY I 534 163.50 116.36 -156.13
C GLY I 534 162.24 117.03 -155.59
N ARG I 535 162.06 118.31 -155.91
CA ARG I 535 160.83 119.00 -155.51
C ARG I 535 159.63 118.47 -156.27
N LYS I 536 159.82 118.17 -157.57
CA LYS I 536 158.72 117.61 -158.35
C LYS I 536 158.35 116.22 -157.86
N LYS I 537 159.36 115.42 -157.49
CA LYS I 537 159.10 114.11 -156.91
C LYS I 537 158.33 114.24 -155.60
N ARG I 538 158.70 115.23 -154.77
CA ARG I 538 157.97 115.49 -153.52
C ARG I 538 156.49 115.75 -153.77
N ASP I 539 156.17 116.53 -154.80
CA ASP I 539 154.78 116.83 -155.11
C ASP I 539 154.05 115.68 -155.82
N ASN I 540 154.81 114.65 -156.24
CA ASN I 540 154.34 113.48 -157.00
C ASN I 540 153.92 113.83 -158.42
N GLU I 541 154.49 114.90 -158.99
CA GLU I 541 154.30 115.16 -160.41
C GLU I 541 155.11 114.21 -161.29
N ILE I 542 156.17 113.60 -160.74
CA ILE I 542 156.98 112.62 -161.45
C ILE I 542 157.28 111.47 -160.51
N GLN I 543 157.43 110.27 -161.09
CA GLN I 543 157.57 109.07 -160.28
C GLN I 543 158.93 109.03 -159.57
N ASP I 544 160.01 109.01 -160.35
CA ASP I 544 161.35 108.92 -159.79
C ASP I 544 162.33 109.34 -160.87
N PHE I 545 163.58 109.59 -160.47
CA PHE I 545 164.65 109.93 -161.39
C PHE I 545 165.96 109.47 -160.80
N PRO I 546 166.96 109.06 -161.63
CA PRO I 546 168.28 108.75 -161.08
C PRO I 546 169.11 110.02 -160.94
N ALA I 547 169.33 110.43 -159.68
CA ALA I 547 170.06 111.67 -159.42
C ALA I 547 171.54 111.57 -159.79
N GLU I 548 172.06 110.36 -159.99
CA GLU I 548 173.46 110.18 -160.37
C GLU I 548 173.68 110.39 -161.86
N ASP I 549 172.65 110.21 -162.69
CA ASP I 549 172.74 110.32 -164.14
C ASP I 549 172.46 111.73 -164.66
N VAL I 550 172.62 112.77 -163.82
CA VAL I 550 172.40 114.15 -164.24
C VAL I 550 173.77 114.68 -164.65
N GLN I 551 174.11 114.47 -165.93
CA GLN I 551 175.43 114.79 -166.49
C GLN I 551 175.41 116.13 -167.22
N VAL I 552 176.02 117.15 -166.63
CA VAL I 552 176.12 118.47 -167.23
C VAL I 552 177.49 118.62 -167.89
N ILE I 553 177.49 119.08 -169.14
CA ILE I 553 178.71 119.44 -169.88
C ILE I 553 178.63 120.92 -170.23
N VAL I 554 179.74 121.63 -170.09
CA VAL I 554 179.83 123.06 -170.32
C VAL I 554 180.98 123.34 -171.29
N GLU I 555 180.73 124.16 -172.30
CA GLU I 555 181.73 124.53 -173.29
C GLU I 555 181.34 125.85 -173.94
N GLY I 556 182.10 126.92 -173.64
CA GLY I 556 181.75 128.22 -174.20
C GLY I 556 180.34 128.64 -173.84
N ASN I 557 179.65 129.23 -174.82
CA ASN I 557 178.31 129.75 -174.56
C ASN I 557 177.27 128.65 -174.40
N GLU I 558 177.58 127.43 -174.84
CA GLU I 558 176.62 126.33 -174.84
C GLU I 558 176.74 125.51 -173.56
N ALA I 559 175.60 125.02 -173.07
CA ALA I 559 175.52 124.14 -171.92
C ALA I 559 174.70 122.91 -172.34
N ARG I 560 175.35 121.75 -172.33
CA ARG I 560 174.73 120.49 -172.74
C ARG I 560 174.35 119.70 -171.49
N ILE I 561 173.06 119.40 -171.35
CA ILE I 561 172.48 118.80 -170.15
C ILE I 561 171.76 117.53 -170.56
N SER I 562 171.95 116.45 -169.79
CA SER I 562 171.28 115.19 -170.03
C SER I 562 170.74 114.67 -168.71
N MET I 563 169.53 114.10 -168.76
CA MET I 563 168.89 113.60 -167.55
C MET I 563 167.89 112.52 -167.93
N THR I 564 167.47 111.77 -166.91
CA THR I 564 166.46 110.72 -167.05
C THR I 564 165.37 110.96 -166.01
N VAL I 565 164.12 110.72 -166.40
CA VAL I 565 162.97 110.88 -165.51
C VAL I 565 161.99 109.76 -165.81
N TYR I 566 161.48 109.12 -164.77
CA TYR I 566 160.42 108.13 -164.91
C TYR I 566 159.08 108.83 -164.73
N PRO I 567 158.18 108.84 -165.74
CA PRO I 567 156.99 109.68 -165.62
C PRO I 567 155.92 109.07 -164.74
N ILE I 568 155.19 109.93 -164.05
CA ILE I 568 154.08 109.44 -163.23
C ILE I 568 152.99 108.92 -164.15
N ARG I 569 152.50 107.72 -163.89
CA ARG I 569 151.50 107.05 -164.71
C ARG I 569 150.28 106.77 -163.83
N SER I 570 149.18 106.35 -164.47
CA SER I 570 147.94 106.05 -163.77
C SER I 570 147.50 104.64 -164.10
N PHE I 571 147.23 103.85 -163.05
CA PHE I 571 146.74 102.49 -163.22
C PHE I 571 145.44 102.49 -164.03
N LYS I 572 145.34 101.53 -164.95
CA LYS I 572 144.11 101.32 -165.70
C LYS I 572 143.82 99.84 -165.96
N LYS I 573 144.62 98.92 -165.43
CA LYS I 573 144.33 97.49 -165.53
C LYS I 573 145.00 96.77 -164.37
N ILE I 574 144.26 95.86 -163.75
CA ILE I 574 144.74 95.08 -162.60
C ILE I 574 144.50 93.60 -162.89
N SER I 575 145.54 92.78 -162.70
CA SER I 575 145.45 91.35 -162.87
C SER I 575 145.74 90.67 -161.55
N VAL I 576 144.93 89.66 -161.23
CA VAL I 576 145.04 88.90 -159.99
C VAL I 576 145.07 87.43 -160.37
N SER I 577 146.19 86.76 -160.13
CA SER I 577 146.31 85.32 -160.37
C SER I 577 146.05 84.56 -159.07
N LEU I 578 144.78 84.58 -158.66
CA LEU I 578 144.40 83.81 -157.48
C LEU I 578 144.62 82.32 -157.70
N VAL I 579 145.16 81.65 -156.69
CA VAL I 579 145.39 80.22 -156.70
C VAL I 579 144.93 79.63 -155.38
N TYR I 580 144.21 78.52 -155.45
CA TYR I 580 143.65 77.84 -154.28
C TYR I 580 144.50 76.63 -153.89
N LYS I 581 144.72 76.48 -152.58
CA LYS I 581 145.56 75.40 -152.04
C LYS I 581 144.87 74.78 -150.83
N GLN I 582 145.38 73.61 -150.44
CA GLN I 582 144.84 72.81 -149.35
C GLN I 582 145.81 72.81 -148.17
N GLN I 583 145.28 73.04 -146.97
CA GLN I 583 146.08 73.08 -145.74
C GLN I 583 145.58 72.00 -144.80
N THR I 584 146.50 71.14 -144.35
CA THR I 584 146.18 70.06 -143.43
C THR I 584 146.40 70.51 -141.98
N LEU I 585 145.36 70.38 -141.17
CA LEU I 585 145.42 70.70 -139.75
C LEU I 585 145.66 69.47 -138.88
N GLN I 586 146.48 69.64 -137.85
CA GLN I 586 146.75 68.61 -136.84
C GLN I 586 146.26 69.10 -135.49
N ALA I 587 145.42 68.29 -134.83
CA ALA I 587 144.80 68.60 -133.54
C ALA I 587 144.22 70.02 -133.44
N VAL J 3 214.39 150.54 -151.65
CA VAL J 3 215.14 150.72 -150.42
C VAL J 3 215.53 152.18 -150.28
N GLU J 4 215.67 152.64 -149.05
CA GLU J 4 215.99 154.04 -148.75
C GLU J 4 216.72 154.01 -147.41
N PRO J 5 218.05 154.06 -147.40
CA PRO J 5 218.75 153.93 -146.12
C PRO J 5 218.44 155.12 -145.21
N PHE J 6 218.72 154.95 -143.93
CA PHE J 6 218.60 156.01 -142.93
C PHE J 6 219.94 156.21 -142.25
N PRO J 7 220.61 157.37 -142.41
CA PRO J 7 220.36 158.55 -143.25
C PRO J 7 220.76 158.30 -144.69
N ARG J 8 220.26 159.14 -145.61
CA ARG J 8 220.60 158.91 -147.02
C ARG J 8 222.05 159.23 -147.31
N ARG J 9 222.60 160.24 -146.64
CA ARG J 9 224.00 160.58 -146.85
C ARG J 9 224.91 159.68 -146.03
N PRO J 10 225.98 159.10 -146.60
CA PRO J 10 226.87 158.26 -145.80
C PRO J 10 227.53 159.04 -144.67
N ILE J 11 227.95 158.29 -143.64
CA ILE J 11 228.76 158.83 -142.55
C ILE J 11 229.94 157.88 -142.37
N THR J 12 231.14 158.45 -142.22
CA THR J 12 232.37 157.67 -142.23
C THR J 12 232.83 157.25 -140.84
N ARG J 13 232.45 158.00 -139.80
CA ARG J 13 232.89 157.65 -138.45
C ARG J 13 232.22 156.34 -138.03
N PRO J 14 232.63 155.73 -136.92
CA PRO J 14 231.89 154.57 -136.42
C PRO J 14 230.47 154.98 -136.05
N HIS J 15 229.51 154.13 -136.44
CA HIS J 15 228.10 154.46 -136.30
C HIS J 15 227.30 153.17 -136.44
N ALA J 16 225.98 153.29 -136.56
CA ALA J 16 225.12 152.21 -137.00
C ALA J 16 224.35 152.65 -138.23
N SER J 17 224.23 151.74 -139.20
CA SER J 17 223.57 151.99 -140.48
C SER J 17 222.33 151.13 -140.60
N ILE J 18 221.23 151.75 -141.01
CA ILE J 18 219.93 151.10 -141.15
C ILE J 18 219.49 151.18 -142.61
N GLU J 19 219.02 150.04 -143.13
CA GLU J 19 218.42 149.96 -144.46
C GLU J 19 217.01 149.40 -144.33
N VAL J 20 216.05 150.03 -145.00
CA VAL J 20 214.63 149.73 -144.86
C VAL J 20 214.05 149.53 -146.25
N ASP J 21 213.30 148.44 -146.41
CA ASP J 21 212.64 148.09 -147.66
C ASP J 21 211.13 148.16 -147.44
N THR J 22 210.45 149.01 -148.22
CA THR J 22 209.03 149.27 -148.09
C THR J 22 208.22 148.72 -149.26
N SER J 23 208.72 147.69 -149.93
CA SER J 23 208.01 147.06 -151.04
C SER J 23 207.26 145.84 -150.56
N GLY J 24 206.15 145.55 -151.23
CA GLY J 24 205.29 144.42 -150.88
C GLY J 24 204.13 144.76 -149.96
N ILE J 25 204.33 145.69 -149.03
CA ILE J 25 203.25 146.10 -148.14
C ILE J 25 202.28 147.01 -148.86
N GLY J 26 202.77 147.75 -149.87
CA GLY J 26 201.94 148.61 -150.67
C GLY J 26 202.47 148.78 -152.08
N SER J 32 190.02 147.83 -160.67
CA SER J 32 189.94 148.85 -161.70
C SER J 32 188.53 149.44 -161.76
N GLU J 33 188.43 150.72 -162.12
CA GLU J 33 187.16 151.41 -162.23
C GLU J 33 186.67 151.41 -163.67
N LYS J 34 185.35 151.51 -163.84
CA LYS J 34 184.71 151.61 -165.14
C LYS J 34 183.87 152.87 -165.13
N VAL J 35 183.98 153.67 -166.20
CA VAL J 35 183.33 154.98 -166.28
C VAL J 35 182.55 155.08 -167.58
N PHE J 36 181.36 155.70 -167.51
CA PHE J 36 180.46 155.89 -168.63
C PHE J 36 180.43 157.37 -168.97
N CYS J 37 180.58 157.68 -170.25
CA CYS J 37 180.68 159.06 -170.74
C CYS J 37 179.35 159.50 -171.35
N LEU J 38 179.21 160.81 -171.51
CA LEU J 38 178.00 161.36 -172.11
C LEU J 38 178.33 162.68 -172.78
N ILE J 39 177.74 162.93 -173.95
CA ILE J 39 177.86 164.21 -174.64
C ILE J 39 176.46 164.68 -175.04
N GLY J 40 176.20 165.98 -174.94
CA GLY J 40 174.85 166.44 -175.13
C GLY J 40 174.75 167.95 -175.09
N GLN J 41 173.53 168.45 -174.89
CA GLN J 41 173.27 169.87 -174.70
C GLN J 41 172.58 170.08 -173.35
N ALA J 42 172.79 171.28 -172.80
CA ALA J 42 172.24 171.63 -171.49
C ALA J 42 172.22 173.14 -171.36
N GLU J 43 171.63 173.62 -170.26
CA GLU J 43 171.53 175.06 -169.99
C GLU J 43 172.66 175.56 -169.09
N GLY J 44 173.84 174.95 -169.16
CA GLY J 44 174.93 175.33 -168.26
C GLY J 44 176.10 174.39 -168.44
N GLY J 45 177.26 174.86 -168.01
CA GLY J 45 178.51 174.16 -168.22
C GLY J 45 179.36 174.86 -169.26
N GLU J 46 180.68 174.74 -169.11
CA GLU J 46 181.61 175.35 -170.03
C GLU J 46 181.75 174.51 -171.30
N PRO J 47 182.18 175.11 -172.41
CA PRO J 47 182.36 174.33 -173.64
C PRO J 47 183.71 173.62 -173.64
N ASN J 48 183.73 172.47 -174.29
CA ASN J 48 184.98 171.75 -174.57
C ASN J 48 185.67 171.28 -173.29
N THR J 49 184.90 171.07 -172.22
CA THR J 49 185.42 170.79 -170.89
C THR J 49 184.90 169.44 -170.42
N VAL J 50 185.80 168.59 -169.95
CA VAL J 50 185.46 167.28 -169.45
C VAL J 50 185.16 167.42 -167.95
N TYR J 51 183.88 167.32 -167.59
CA TYR J 51 183.45 167.42 -166.19
C TYR J 51 183.16 166.03 -165.64
N GLU J 52 183.74 165.75 -164.47
CA GLU J 52 183.49 164.52 -163.74
C GLU J 52 182.33 164.75 -162.77
N LEU J 53 181.42 163.78 -162.71
CA LEU J 53 180.24 163.87 -161.87
C LEU J 53 180.20 162.69 -160.93
N ARG J 54 179.81 162.95 -159.69
CA ARG J 54 179.59 161.90 -158.71
C ARG J 54 178.20 161.98 -158.11
N ASN J 55 177.72 163.19 -157.81
CA ASN J 55 176.43 163.41 -157.16
C ASN J 55 175.44 164.03 -158.15
N TYR J 56 174.17 163.61 -158.01
CA TYR J 56 173.11 164.21 -158.81
C TYR J 56 173.02 165.72 -158.56
N SER J 57 173.18 166.13 -157.31
CA SER J 57 173.15 167.55 -156.99
C SER J 57 174.27 168.30 -157.70
N GLN J 58 175.45 167.67 -157.81
CA GLN J 58 176.55 168.32 -158.49
C GLN J 58 176.22 168.54 -159.96
N ALA J 59 175.63 167.53 -160.60
CA ALA J 59 175.25 167.66 -162.00
C ALA J 59 174.17 168.72 -162.19
N LYS J 60 173.15 168.75 -161.33
CA LYS J 60 172.14 169.80 -161.44
C LYS J 60 172.73 171.20 -161.28
N ARG J 61 173.61 171.40 -160.28
CA ARG J 61 174.18 172.71 -160.06
C ARG J 61 175.06 173.15 -161.22
N LEU J 62 175.87 172.22 -161.76
CA LEU J 62 176.70 172.56 -162.92
C LEU J 62 175.84 172.63 -164.16
N PHE J 63 175.31 171.48 -164.60
CA PHE J 63 174.38 171.42 -165.72
C PHE J 63 172.99 171.79 -165.19
N ARG J 64 172.56 173.02 -165.48
CA ARG J 64 171.35 173.57 -164.87
C ARG J 64 170.12 172.76 -165.26
N SER J 65 169.95 172.50 -166.55
CA SER J 65 168.81 171.76 -167.04
C SER J 65 169.13 171.27 -168.45
N GLY J 66 168.19 170.55 -169.05
CA GLY J 66 168.31 170.15 -170.45
C GLY J 66 168.37 168.65 -170.58
N GLU J 67 168.62 168.20 -171.81
CA GLU J 67 168.56 166.77 -172.11
C GLU J 67 169.68 166.01 -171.42
N LEU J 68 170.84 166.66 -171.23
CA LEU J 68 172.00 165.96 -170.69
C LEU J 68 171.80 165.60 -169.22
N LEU J 69 171.22 166.51 -168.43
CA LEU J 69 170.93 166.17 -167.05
C LEU J 69 169.93 165.02 -166.95
N ASP J 70 168.92 165.02 -167.82
CA ASP J 70 167.99 163.90 -167.86
C ASP J 70 168.70 162.60 -168.24
N ALA J 71 169.68 162.69 -169.15
CA ALA J 71 170.44 161.52 -169.53
C ALA J 71 171.23 160.96 -168.36
N ILE J 72 171.87 161.85 -167.58
CA ILE J 72 172.62 161.43 -166.40
C ILE J 72 171.68 160.78 -165.39
N GLU J 73 170.52 161.40 -165.16
CA GLU J 73 169.53 160.84 -164.25
C GLU J 73 169.09 159.45 -164.70
N LEU J 74 168.84 159.28 -166.00
CA LEU J 74 168.45 157.97 -166.52
C LEU J 74 169.58 156.96 -166.34
N ALA J 75 170.82 157.38 -166.58
CA ALA J 75 171.95 156.47 -166.44
C ALA J 75 172.11 155.99 -165.01
N TRP J 76 171.99 156.89 -164.04
CA TRP J 76 172.07 156.50 -162.64
C TRP J 76 170.81 155.81 -162.12
N GLY J 77 169.68 155.95 -162.82
CA GLY J 77 168.46 155.29 -162.44
C GLY J 77 168.22 153.95 -163.10
N SER J 78 169.07 153.56 -164.03
CA SER J 78 168.97 152.28 -164.73
C SER J 78 169.72 151.15 -164.03
N ASN J 79 170.27 151.37 -162.84
CA ASN J 79 170.92 150.33 -162.03
C ASN J 79 170.51 150.50 -160.58
N PRO J 80 169.32 150.04 -160.21
CA PRO J 80 168.89 150.22 -158.82
C PRO J 80 169.72 149.44 -157.83
N ASN J 81 170.22 148.27 -158.23
CA ASN J 81 170.98 147.42 -157.32
C ASN J 81 172.44 147.87 -157.22
N TYR J 82 173.02 148.33 -158.33
CA TYR J 82 174.45 148.58 -158.40
C TYR J 82 174.79 150.02 -158.02
N THR J 83 176.07 150.25 -157.72
CA THR J 83 176.52 151.56 -157.26
C THR J 83 176.55 152.56 -158.40
N ALA J 84 176.37 153.83 -158.04
CA ALA J 84 176.35 154.94 -158.99
C ALA J 84 177.80 155.35 -159.27
N GLY J 85 178.34 154.87 -160.38
CA GLY J 85 179.73 155.14 -160.70
C GLY J 85 179.93 156.50 -161.33
N ARG J 86 181.17 156.98 -161.27
CA ARG J 86 181.52 158.28 -161.84
C ARG J 86 181.21 158.33 -163.33
N ILE J 87 180.64 159.47 -163.76
CA ILE J 87 180.20 159.69 -165.13
C ILE J 87 180.82 160.98 -165.62
N LEU J 88 181.23 161.00 -166.89
CA LEU J 88 181.84 162.20 -167.48
C LEU J 88 180.84 162.83 -168.44
N ALA J 89 180.79 164.16 -168.44
CA ALA J 89 179.83 164.90 -169.24
C ALA J 89 180.53 166.04 -169.98
N MET J 90 179.91 166.46 -171.09
CA MET J 90 180.46 167.53 -171.91
C MET J 90 179.36 168.20 -172.70
N ARG J 91 179.50 169.51 -172.92
CA ARG J 91 178.53 170.32 -173.63
C ARG J 91 179.06 170.60 -175.04
N ILE J 92 178.28 170.24 -176.06
CA ILE J 92 178.69 170.53 -177.43
C ILE J 92 178.62 172.04 -177.71
N GLU J 93 177.65 172.72 -177.12
CA GLU J 93 177.40 174.12 -177.42
C GLU J 93 178.57 174.99 -177.00
N ASP J 94 178.98 175.89 -177.89
CA ASP J 94 180.12 176.80 -177.65
C ASP J 94 179.66 178.06 -176.92
N ALA J 95 179.06 177.87 -175.75
CA ALA J 95 178.47 178.97 -175.02
C ALA J 95 179.55 179.95 -174.55
N LYS J 96 179.11 181.14 -174.17
CA LYS J 96 179.97 182.17 -173.60
C LYS J 96 179.22 182.88 -172.49
N PRO J 97 179.91 183.50 -171.54
CA PRO J 97 179.21 184.07 -170.39
C PRO J 97 178.80 185.52 -170.64
N ALA J 98 177.84 185.97 -169.83
CA ALA J 98 177.39 187.34 -169.92
C ALA J 98 178.36 188.27 -169.19
N SER J 99 178.48 189.49 -169.72
CA SER J 99 179.39 190.48 -169.14
C SER J 99 178.88 191.87 -169.46
N ALA J 100 179.31 192.85 -168.65
CA ALA J 100 178.92 194.23 -168.87
C ALA J 100 180.15 195.12 -168.72
N GLU J 101 180.43 195.94 -169.74
CA GLU J 101 181.49 196.95 -169.65
C GLU J 101 180.92 198.28 -169.15
N ILE J 102 180.32 198.21 -167.98
CA ILE J 102 179.68 199.34 -167.33
C ILE J 102 180.68 200.00 -166.39
N GLY J 103 180.69 201.34 -166.38
CA GLY J 103 181.68 202.07 -165.60
C GLY J 103 183.10 201.67 -165.95
N GLY J 104 183.97 201.79 -164.95
CA GLY J 104 185.34 201.34 -165.02
C GLY J 104 185.57 199.88 -164.70
N LEU J 105 184.52 199.12 -164.43
CA LEU J 105 184.60 197.72 -164.02
C LEU J 105 184.05 196.83 -165.13
N LYS J 106 184.78 195.76 -165.43
CA LYS J 106 184.31 194.74 -166.39
C LYS J 106 183.62 193.65 -165.59
N ILE J 107 182.32 193.79 -165.42
CA ILE J 107 181.52 192.79 -164.73
C ILE J 107 181.39 191.57 -165.61
N THR J 108 181.66 190.39 -165.04
CA THR J 108 181.62 189.13 -165.76
C THR J 108 180.93 188.08 -164.89
N SER J 109 180.24 187.16 -165.56
CA SER J 109 179.47 186.11 -164.90
C SER J 109 180.11 184.75 -165.15
N LYS J 110 179.96 183.86 -164.18
CA LYS J 110 180.53 182.52 -164.29
C LYS J 110 179.73 181.63 -165.23
N ILE J 111 178.39 181.74 -165.18
CA ILE J 111 177.54 180.82 -165.93
C ILE J 111 177.65 181.10 -167.42
N TYR J 112 177.66 180.04 -168.22
CA TYR J 112 177.75 180.10 -169.68
C TYR J 112 176.39 179.92 -170.35
N GLY J 113 175.92 180.95 -171.05
CA GLY J 113 174.64 180.87 -171.75
C GLY J 113 173.82 182.14 -171.68
N ASN J 114 172.61 182.11 -172.24
CA ASN J 114 171.77 183.30 -172.26
C ASN J 114 171.11 183.57 -170.91
N VAL J 115 171.09 182.60 -170.00
CA VAL J 115 170.46 182.81 -168.71
C VAL J 115 171.24 183.84 -167.90
N ALA J 116 172.55 183.95 -168.12
CA ALA J 116 173.35 184.91 -167.36
C ALA J 116 172.93 186.35 -167.65
N ASN J 117 172.32 186.62 -168.81
CA ASN J 117 171.93 187.99 -169.16
C ASN J 117 170.96 188.58 -168.14
N ASN J 118 170.19 187.74 -167.44
CA ASN J 118 169.25 188.23 -166.43
C ASN J 118 169.94 188.86 -165.21
N ILE J 119 171.24 188.59 -165.03
CA ILE J 119 171.97 189.14 -163.89
C ILE J 119 171.89 190.67 -163.85
N GLN J 120 171.66 191.21 -162.65
CA GLN J 120 171.62 192.64 -162.39
C GLN J 120 172.63 193.02 -161.31
N VAL J 121 173.49 193.99 -161.62
CA VAL J 121 174.55 194.42 -160.71
C VAL J 121 174.52 195.94 -160.59
N GLY J 122 174.67 196.44 -159.36
CA GLY J 122 174.64 197.87 -159.09
C GLY J 122 175.33 198.15 -157.78
N LEU J 123 175.67 199.44 -157.57
CA LEU J 123 176.47 199.86 -156.42
C LEU J 123 175.82 201.03 -155.71
N GLU J 124 176.11 201.14 -154.41
CA GLU J 124 175.66 202.26 -153.58
C GLU J 124 176.80 202.60 -152.62
N LYS J 125 176.55 203.50 -151.67
CA LYS J 125 177.58 203.92 -150.74
C LYS J 125 176.95 204.34 -149.41
N ASN J 126 177.63 204.01 -148.30
CA ASN J 126 177.22 204.43 -146.96
C ASN J 126 178.19 205.49 -146.45
N THR J 127 177.66 206.67 -146.14
CA THR J 127 178.46 207.81 -145.69
C THR J 127 178.83 207.74 -144.21
N LEU J 128 178.21 206.84 -143.44
CA LEU J 128 178.57 206.73 -142.02
C LEU J 128 179.98 206.17 -141.88
N SER J 129 180.26 205.04 -142.52
CA SER J 129 181.59 204.44 -142.52
C SER J 129 182.42 204.84 -143.74
N ASP J 130 181.87 205.62 -144.67
CA ASP J 130 182.59 206.08 -145.84
C ASP J 130 183.06 204.89 -146.68
N SER J 131 182.11 204.00 -146.98
CA SER J 131 182.41 202.74 -147.65
C SER J 131 181.33 202.41 -148.67
N LEU J 132 181.75 201.82 -149.79
CA LEU J 132 180.83 201.54 -150.88
C LEU J 132 179.91 200.37 -150.55
N ARG J 133 178.95 200.12 -151.45
CA ARG J 133 178.07 198.96 -151.37
C ARG J 133 177.98 198.32 -152.74
N LEU J 134 177.73 197.02 -152.75
CA LEU J 134 177.60 196.25 -153.99
C LEU J 134 176.48 195.23 -153.83
N ARG J 135 175.71 195.03 -154.89
CA ARG J 135 174.60 194.12 -154.90
C ARG J 135 174.60 193.33 -156.20
N VAL J 136 174.05 192.11 -156.14
CA VAL J 136 173.93 191.22 -157.28
C VAL J 136 172.59 190.50 -157.13
N ILE J 137 171.84 190.42 -158.23
CA ILE J 137 170.51 189.82 -158.23
C ILE J 137 170.48 188.75 -159.32
N PHE J 138 170.48 187.48 -158.92
CA PHE J 138 170.29 186.35 -159.82
C PHE J 138 169.17 185.48 -159.22
N GLN J 139 167.94 185.96 -159.32
CA GLN J 139 166.81 185.32 -158.64
C GLN J 139 166.38 184.04 -159.34
N ASP J 140 166.92 183.74 -160.51
CA ASP J 140 166.66 182.43 -161.12
C ASP J 140 167.16 181.30 -160.22
N ASP J 141 168.30 181.50 -159.56
CA ASP J 141 168.84 180.58 -158.57
C ASP J 141 168.52 181.01 -157.14
N ARG J 142 167.49 181.85 -156.96
CA ARG J 142 167.12 182.40 -155.65
C ARG J 142 168.31 183.07 -154.96
N PHE J 143 169.13 183.75 -155.75
CA PHE J 143 170.36 184.39 -155.30
C PHE J 143 170.15 185.89 -155.24
N ASN J 144 170.42 186.48 -154.08
CA ASN J 144 170.42 187.93 -153.91
C ASN J 144 171.27 188.24 -152.68
N GLU J 145 172.38 188.93 -152.88
CA GLU J 145 173.28 189.32 -151.80
C GLU J 145 173.66 190.78 -151.94
N VAL J 146 173.94 191.41 -150.80
CA VAL J 146 174.39 192.80 -150.74
C VAL J 146 175.69 192.82 -149.96
N TYR J 147 176.77 193.26 -150.61
CA TYR J 147 178.06 193.42 -149.92
C TYR J 147 178.13 194.85 -149.41
N ASP J 148 177.73 195.05 -148.16
CA ASP J 148 177.60 196.38 -147.58
C ASP J 148 178.94 196.80 -146.99
N ASN J 149 179.24 198.09 -147.11
CA ASN J 149 180.41 198.70 -146.47
C ASN J 149 181.71 198.08 -146.96
N ILE J 150 181.89 198.08 -148.28
CA ILE J 150 183.11 197.51 -148.86
C ILE J 150 184.30 198.38 -148.51
N GLY J 151 185.42 197.73 -148.23
CA GLY J 151 186.65 198.42 -147.87
C GLY J 151 186.67 198.77 -146.40
N ASN J 152 187.54 199.74 -146.07
CA ASN J 152 187.66 200.27 -144.72
C ASN J 152 188.03 199.16 -143.72
N ILE J 153 189.22 198.61 -143.92
CA ILE J 153 189.68 197.48 -143.13
C ILE J 153 189.98 197.90 -141.69
N PHE J 154 190.60 199.07 -141.51
CA PHE J 154 191.01 199.50 -140.19
C PHE J 154 191.13 201.02 -140.15
N THR J 155 191.23 201.55 -138.94
CA THR J 155 191.26 202.98 -138.67
C THR J 155 192.61 203.38 -138.09
N ILE J 156 192.97 204.65 -138.31
CA ILE J 156 194.13 205.27 -137.69
C ILE J 156 193.65 206.55 -137.01
N LYS J 157 194.07 206.76 -135.76
CA LYS J 157 193.79 208.01 -135.06
C LYS J 157 195.04 208.48 -134.34
N TYR J 158 195.12 209.79 -134.11
CA TYR J 158 196.33 210.45 -133.61
C TYR J 158 196.13 210.83 -132.15
N LYS J 159 197.16 210.56 -131.34
CA LYS J 159 197.12 210.79 -129.90
C LYS J 159 198.40 211.48 -129.40
N GLY J 160 199.14 212.14 -130.28
CA GLY J 160 200.44 212.67 -129.96
C GLY J 160 200.42 214.12 -129.53
N GLU J 161 201.61 214.73 -129.54
CA GLU J 161 201.78 216.15 -129.28
C GLU J 161 202.30 216.96 -130.45
N GLU J 162 202.52 216.37 -131.63
CA GLU J 162 202.95 217.21 -132.75
C GLU J 162 201.80 218.10 -133.21
N ALA J 163 202.11 218.99 -134.14
CA ALA J 163 201.16 219.99 -134.61
C ALA J 163 200.36 219.52 -135.82
N ASN J 164 200.69 218.35 -136.37
CA ASN J 164 199.99 217.82 -137.52
C ASN J 164 200.18 216.31 -137.54
N ALA J 165 199.27 215.64 -138.23
CA ALA J 165 199.16 214.19 -138.20
C ALA J 165 198.45 213.78 -139.48
N THR J 166 199.23 213.25 -140.42
CA THR J 166 198.71 212.83 -141.72
C THR J 166 199.31 211.47 -142.04
N PHE J 167 198.61 210.74 -142.91
CA PHE J 167 199.10 209.47 -143.44
C PHE J 167 198.94 209.47 -144.95
N SER J 168 199.90 208.85 -145.62
CA SER J 168 199.84 208.65 -147.06
C SER J 168 199.93 207.17 -147.41
N VAL J 169 199.37 206.82 -148.56
CA VAL J 169 199.56 205.53 -149.20
C VAL J 169 200.10 205.84 -150.59
N GLU J 170 201.40 205.63 -150.79
CA GLU J 170 202.04 206.02 -152.02
C GLU J 170 201.72 205.04 -153.14
N HIS J 171 201.43 205.58 -154.34
CA HIS J 171 201.18 204.77 -155.52
C HIS J 171 202.42 204.83 -156.40
N ASP J 172 202.88 203.66 -156.84
CA ASP J 172 204.13 203.54 -157.58
C ASP J 172 203.81 203.32 -159.05
N GLU J 173 204.38 204.16 -159.92
CA GLU J 173 204.06 204.08 -161.33
C GLU J 173 204.63 202.81 -161.97
N GLU J 174 205.77 202.34 -161.49
CA GLU J 174 206.40 201.16 -162.09
C GLU J 174 205.54 199.92 -161.88
N THR J 175 205.06 199.72 -160.66
CA THR J 175 204.19 198.59 -160.35
C THR J 175 202.71 198.92 -160.48
N GLN J 176 202.35 200.21 -160.53
CA GLN J 176 200.96 200.65 -160.60
C GLN J 176 200.15 200.11 -159.42
N LYS J 177 200.78 200.06 -158.25
CA LYS J 177 200.18 199.49 -157.05
C LYS J 177 200.64 200.32 -155.85
N ALA J 178 200.00 200.09 -154.71
CA ALA J 178 200.39 200.77 -153.47
C ALA J 178 201.72 200.19 -152.99
N SER J 179 202.75 201.04 -152.92
CA SER J 179 204.11 200.62 -152.60
C SER J 179 204.50 200.90 -151.15
N ARG J 180 204.16 202.08 -150.64
CA ARG J 180 204.44 202.47 -149.27
C ARG J 180 203.19 202.98 -148.56
N LEU J 181 203.17 202.81 -147.24
CA LEU J 181 202.20 203.45 -146.35
C LEU J 181 203.00 204.07 -145.21
N VAL J 182 203.02 205.40 -145.17
CA VAL J 182 203.91 206.13 -144.28
C VAL J 182 203.13 207.21 -143.54
N LEU J 183 203.44 207.36 -142.25
CA LEU J 183 202.91 208.43 -141.41
C LEU J 183 203.83 209.63 -141.52
N LYS J 184 203.33 210.72 -142.09
CA LYS J 184 204.11 211.90 -142.43
C LYS J 184 203.60 213.11 -141.66
N VAL J 185 204.51 213.91 -141.12
CA VAL J 185 204.13 215.11 -140.38
C VAL J 185 205.08 216.23 -140.79
N GLY J 186 204.51 217.37 -141.19
CA GLY J 186 205.33 218.48 -141.65
C GLY J 186 206.02 218.16 -142.96
N ASP J 187 207.33 217.92 -142.93
CA ASP J 187 208.09 217.52 -144.13
C ASP J 187 209.02 216.38 -143.80
N GLN J 188 208.54 215.44 -142.98
CA GLN J 188 209.32 214.28 -142.60
C GLN J 188 208.39 213.10 -142.33
N GLU J 189 208.97 211.91 -142.36
CA GLU J 189 208.23 210.67 -142.15
C GLU J 189 208.32 210.29 -140.69
N VAL J 190 207.16 210.18 -140.02
CA VAL J 190 207.15 209.73 -138.64
C VAL J 190 207.66 208.30 -138.55
N LYS J 191 207.07 207.40 -139.34
CA LYS J 191 207.52 206.01 -139.40
C LYS J 191 206.99 205.41 -140.69
N SER J 192 207.86 204.75 -141.44
CA SER J 192 207.53 204.21 -142.75
C SER J 192 207.19 202.72 -142.65
N TYR J 193 206.27 202.29 -143.51
CA TYR J 193 205.87 200.88 -143.64
C TYR J 193 205.87 200.56 -145.12
N ASP J 194 206.99 200.00 -145.60
CA ASP J 194 207.23 199.75 -147.00
C ASP J 194 206.47 198.49 -147.41
N LEU J 195 205.44 198.66 -148.24
CA LEU J 195 204.60 197.55 -148.67
C LEU J 195 205.26 196.67 -149.71
N THR J 196 206.32 197.15 -150.37
CA THR J 196 206.94 196.40 -151.46
C THR J 196 207.65 195.13 -150.97
N GLY J 197 207.94 195.02 -149.68
CA GLY J 197 208.66 193.86 -149.19
C GLY J 197 208.62 193.81 -147.67
N GLY J 198 209.05 192.66 -147.15
CA GLY J 198 209.04 192.43 -145.72
C GLY J 198 207.72 191.83 -145.24
N ALA J 199 207.47 191.99 -143.95
CA ALA J 199 206.21 191.54 -143.35
C ALA J 199 205.06 192.51 -143.56
N TYR J 200 205.28 193.66 -144.20
CA TYR J 200 204.22 194.62 -144.49
C TYR J 200 203.43 194.26 -145.73
N ASP J 201 203.64 193.07 -146.30
CA ASP J 201 202.82 192.64 -147.42
C ASP J 201 201.36 192.47 -147.01
N TYR J 202 201.08 192.22 -145.73
CA TYR J 202 199.71 192.20 -145.24
C TYR J 202 199.45 193.44 -144.39
N THR J 203 198.17 193.74 -144.19
CA THR J 203 197.80 194.94 -143.45
C THR J 203 198.07 194.78 -141.95
N ASN J 204 197.94 193.56 -141.42
CA ASN J 204 198.02 193.37 -139.98
C ASN J 204 199.38 193.76 -139.42
N ALA J 205 200.46 193.60 -140.20
CA ALA J 205 201.75 194.14 -139.81
C ALA J 205 201.67 195.65 -139.64
N ILE J 206 200.97 196.35 -140.54
CA ILE J 206 200.87 197.80 -140.44
C ILE J 206 200.06 198.20 -139.21
N ILE J 207 198.97 197.48 -138.93
CA ILE J 207 198.17 197.78 -137.74
C ILE J 207 199.00 197.58 -136.48
N THR J 208 199.78 196.50 -136.42
CA THR J 208 200.58 196.24 -135.23
C THR J 208 201.65 197.33 -135.05
N ASP J 209 202.32 197.72 -136.13
CA ASP J 209 203.44 198.65 -136.01
C ASP J 209 203.00 200.08 -135.70
N ILE J 210 201.82 200.49 -136.20
CA ILE J 210 201.31 201.82 -135.88
C ILE J 210 201.15 201.99 -134.37
N ASN J 211 200.71 200.94 -133.68
CA ASN J 211 200.55 201.00 -132.23
C ASN J 211 201.89 201.17 -131.50
N GLN J 212 203.02 201.00 -132.19
CA GLN J 212 204.32 201.16 -131.54
C GLN J 212 204.60 202.62 -131.24
N LEU J 213 204.18 203.52 -132.12
CA LEU J 213 204.38 204.94 -131.91
C LEU J 213 203.58 205.40 -130.69
N PRO J 214 204.13 206.25 -129.82
CA PRO J 214 203.25 206.90 -128.82
C PRO J 214 202.18 207.76 -129.47
N ASP J 215 202.51 208.48 -130.55
CA ASP J 215 201.63 209.47 -131.14
C ASP J 215 200.53 208.89 -132.03
N PHE J 216 200.61 207.61 -132.41
CA PHE J 216 199.64 207.01 -133.31
C PHE J 216 199.20 205.64 -132.82
N GLU J 217 197.92 205.34 -132.98
CA GLU J 217 197.37 204.02 -132.65
C GLU J 217 196.40 203.61 -133.74
N ALA J 218 196.16 202.31 -133.86
CA ALA J 218 195.30 201.76 -134.89
C ALA J 218 194.43 200.67 -134.31
N LYS J 219 193.25 200.49 -134.91
CA LYS J 219 192.34 199.43 -134.52
C LYS J 219 191.60 198.93 -135.75
N LEU J 220 191.23 197.66 -135.72
CA LEU J 220 190.53 197.03 -136.84
C LEU J 220 189.11 197.60 -136.93
N SER J 221 188.53 197.48 -138.13
CA SER J 221 187.19 197.97 -138.33
C SER J 221 186.16 197.08 -137.62
N PRO J 222 185.03 197.63 -137.19
CA PRO J 222 184.00 196.77 -136.56
C PRO J 222 183.52 195.65 -137.47
N PHE J 223 183.54 195.84 -138.78
CA PHE J 223 183.17 194.74 -139.68
C PHE J 223 184.21 193.62 -139.64
N GLY J 224 185.48 193.98 -139.50
CA GLY J 224 186.48 192.98 -139.19
C GLY J 224 187.14 192.27 -140.35
N ASP J 225 186.70 191.04 -140.59
CA ASP J 225 187.47 190.07 -141.35
C ASP J 225 187.52 190.42 -142.83
N LYS J 226 188.51 191.22 -143.23
CA LYS J 226 188.85 191.45 -144.63
C LYS J 226 190.22 190.88 -144.96
N ASN J 227 191.25 191.27 -144.19
CA ASN J 227 192.59 190.68 -144.24
C ASN J 227 193.19 190.76 -145.65
N LEU J 228 193.38 192.00 -146.11
CA LEU J 228 193.76 192.28 -147.49
C LEU J 228 195.27 192.48 -147.62
N GLU J 229 195.77 192.18 -148.81
CA GLU J 229 197.16 192.39 -149.16
C GLU J 229 197.44 193.90 -149.22
N SER J 230 198.46 194.34 -148.49
CA SER J 230 198.89 195.74 -148.54
C SER J 230 199.12 196.28 -149.96
N SER J 231 199.45 195.43 -150.94
CA SER J 231 199.79 195.94 -152.26
C SER J 231 198.58 196.43 -153.06
N LYS J 232 197.36 196.14 -152.60
CA LYS J 232 196.14 196.49 -153.31
C LYS J 232 195.42 197.68 -152.68
N LEU J 233 196.08 198.40 -151.78
CA LEU J 233 195.47 199.55 -151.13
C LEU J 233 195.34 200.72 -152.10
N ASP J 234 194.42 201.62 -151.78
CA ASP J 234 194.12 202.75 -152.64
C ASP J 234 195.13 203.87 -152.42
N LYS J 235 195.13 204.81 -153.37
CA LYS J 235 196.10 205.89 -153.41
C LYS J 235 195.59 207.03 -152.53
N ILE J 236 196.33 207.33 -151.46
CA ILE J 236 196.01 208.42 -150.53
C ILE J 236 197.29 209.19 -150.28
N GLU J 237 197.19 210.52 -150.24
CA GLU J 237 198.33 211.41 -150.04
C GLU J 237 198.00 212.41 -148.94
N ASN J 238 198.49 212.14 -147.73
CA ASN J 238 198.46 213.08 -146.61
C ASN J 238 197.03 213.47 -146.24
N ALA J 239 196.26 212.48 -145.80
CA ALA J 239 194.92 212.71 -145.28
C ALA J 239 195.01 212.92 -143.78
N ASN J 240 194.46 214.04 -143.31
CA ASN J 240 194.60 214.41 -141.91
C ASN J 240 193.93 213.39 -141.00
N ILE J 241 194.61 213.05 -139.91
CA ILE J 241 194.10 212.09 -138.92
C ILE J 241 194.30 212.65 -137.51
N LYS J 242 194.38 213.98 -137.39
CA LYS J 242 194.74 214.59 -136.12
C LYS J 242 193.65 214.32 -135.08
N ASP J 243 192.39 214.44 -135.50
CA ASP J 243 191.21 214.18 -134.66
C ASP J 243 190.15 213.50 -135.52
N LYS J 244 190.58 212.49 -136.28
CA LYS J 244 189.70 211.76 -137.18
C LYS J 244 190.11 210.29 -137.20
N ALA J 245 189.12 209.41 -137.06
CA ALA J 245 189.34 207.97 -137.19
C ALA J 245 189.12 207.56 -138.64
N VAL J 246 190.09 207.91 -139.47
CA VAL J 246 189.96 207.73 -140.91
C VAL J 246 190.25 206.27 -141.25
N TYR J 247 189.32 205.66 -141.96
CA TYR J 247 189.45 204.28 -142.40
C TYR J 247 190.39 204.21 -143.59
N VAL J 248 191.28 203.21 -143.58
CA VAL J 248 192.07 202.89 -144.77
C VAL J 248 191.16 202.13 -145.71
N LYS J 249 190.83 202.74 -146.85
CA LYS J 249 189.72 202.28 -147.68
C LYS J 249 189.99 200.87 -148.22
N ALA J 250 191.08 200.71 -148.98
CA ALA J 250 191.47 199.39 -149.49
C ALA J 250 190.35 198.80 -150.35
N VAL J 251 189.84 199.60 -151.29
CA VAL J 251 188.63 199.21 -152.00
C VAL J 251 188.88 197.99 -152.88
N PHE J 252 190.03 197.95 -153.57
CA PHE J 252 190.32 196.88 -154.52
C PHE J 252 190.39 195.52 -153.83
N GLY J 253 191.07 195.45 -152.68
CA GLY J 253 191.21 194.17 -152.01
C GLY J 253 189.89 193.60 -151.52
N ASP J 254 189.05 194.43 -150.91
CA ASP J 254 187.76 193.98 -150.41
C ASP J 254 186.73 193.81 -151.51
N LEU J 255 186.98 194.38 -152.69
CA LEU J 255 186.17 194.05 -153.87
C LEU J 255 186.49 192.65 -154.38
N GLU J 256 187.77 192.27 -154.37
CA GLU J 256 188.14 190.93 -154.80
C GLU J 256 187.71 189.86 -153.79
N LYS J 257 187.72 190.20 -152.50
CA LYS J 257 187.36 189.21 -151.48
C LYS J 257 185.87 188.94 -151.49
N GLN J 258 185.04 189.97 -151.62
CA GLN J 258 183.59 189.78 -151.55
C GLN J 258 182.98 189.27 -152.84
N THR J 259 183.78 189.11 -153.92
CA THR J 259 183.24 188.74 -155.23
C THR J 259 184.04 187.68 -155.96
N ALA J 260 185.18 187.23 -155.43
CA ALA J 260 186.00 186.27 -156.17
C ALA J 260 185.29 184.92 -156.29
N TYR J 261 184.94 184.34 -155.14
CA TYR J 261 184.21 183.08 -155.04
C TYR J 261 182.76 183.25 -154.57
N ASN J 262 182.28 184.47 -154.36
CA ASN J 262 180.93 184.72 -153.89
C ASN J 262 179.99 184.86 -155.09
N GLY J 263 179.04 183.96 -155.23
CA GLY J 263 178.00 184.16 -156.22
C GLY J 263 178.43 183.71 -157.60
N ILE J 264 177.75 184.27 -158.61
CA ILE J 264 178.04 183.97 -160.01
C ILE J 264 178.89 185.05 -160.68
N VAL J 265 179.01 186.24 -160.08
CA VAL J 265 179.55 187.41 -160.76
C VAL J 265 180.97 187.69 -160.29
N SER J 266 181.91 187.75 -161.23
CA SER J 266 183.27 188.23 -160.99
C SER J 266 183.40 189.69 -161.44
N PHE J 267 184.50 190.32 -161.02
CA PHE J 267 184.77 191.73 -161.32
C PHE J 267 186.24 191.93 -161.64
N GLU J 268 186.51 192.88 -162.54
CA GLU J 268 187.86 193.23 -162.96
C GLU J 268 187.84 194.58 -163.66
N GLN J 269 188.79 195.46 -163.32
CA GLN J 269 188.85 196.77 -163.95
C GLN J 269 189.27 196.66 -165.41
N LEU J 270 188.74 197.56 -166.24
CA LEU J 270 189.12 197.63 -167.64
C LEU J 270 190.57 198.07 -167.77
N LYS J 298 190.78 203.90 -166.69
CA LYS J 298 189.50 203.85 -166.00
C LYS J 298 189.68 203.99 -164.50
N THR J 299 188.60 204.30 -163.80
CA THR J 299 188.63 204.57 -162.36
C THR J 299 187.40 203.93 -161.72
N ILE J 300 187.57 203.49 -160.48
CA ILE J 300 186.46 202.86 -159.76
C ILE J 300 185.50 203.95 -159.30
N GLU J 301 184.22 203.80 -159.65
CA GLU J 301 183.19 204.74 -159.24
C GLU J 301 181.88 203.98 -159.06
N PRO J 302 180.98 204.43 -158.18
CA PRO J 302 179.68 203.76 -158.09
C PRO J 302 178.80 204.05 -159.30
N PHE J 303 177.95 203.07 -159.63
CA PHE J 303 176.96 203.23 -160.68
C PHE J 303 175.75 202.37 -160.35
N GLU J 304 174.63 202.69 -160.98
CA GLU J 304 173.32 202.16 -160.58
C GLU J 304 173.19 200.70 -161.04
N LEU J 305 171.97 200.17 -161.09
CA LEU J 305 171.77 198.75 -161.36
C LEU J 305 171.56 198.58 -162.86
N THR J 306 172.25 197.61 -163.45
CA THR J 306 172.21 197.43 -164.90
C THR J 306 172.36 195.97 -165.26
N LYS J 307 171.73 195.57 -166.36
CA LYS J 307 171.74 194.18 -166.76
C LYS J 307 173.05 193.82 -167.46
N LEU J 308 173.36 192.53 -167.48
CA LEU J 308 174.50 192.01 -168.23
C LEU J 308 174.10 191.57 -169.64
N LYS J 309 175.11 191.52 -170.50
CA LYS J 309 174.93 191.34 -171.94
C LYS J 309 175.94 190.29 -172.41
N GLY J 310 175.72 189.76 -173.61
CA GLY J 310 176.66 188.83 -174.21
C GLY J 310 176.43 187.37 -173.86
N GLY J 311 175.45 187.06 -173.03
CA GLY J 311 175.13 185.68 -172.73
C GLY J 311 174.67 184.91 -173.96
N THR J 312 175.52 184.05 -174.49
CA THR J 312 175.28 183.33 -175.74
C THR J 312 175.38 181.82 -175.50
N ASN J 313 174.28 181.11 -175.76
CA ASN J 313 174.30 179.65 -175.77
C ASN J 313 175.36 179.10 -176.73
N GLY J 314 175.56 179.75 -177.88
CA GLY J 314 176.56 179.38 -178.84
C GLY J 314 176.03 178.47 -179.95
N GLU J 315 176.81 178.38 -181.04
CA GLU J 315 176.43 177.55 -182.18
C GLU J 315 176.66 176.07 -181.86
N PRO J 316 175.77 175.16 -182.28
CA PRO J 316 176.10 173.73 -182.22
C PRO J 316 176.98 173.34 -183.40
N PRO J 317 178.24 172.97 -183.18
CA PRO J 317 179.11 172.69 -184.34
C PRO J 317 178.65 171.45 -185.07
N ALA J 318 178.73 171.49 -186.40
CA ALA J 318 178.35 170.33 -187.21
C ALA J 318 179.17 169.09 -186.83
N THR J 319 180.49 169.23 -186.72
CA THR J 319 181.35 168.10 -186.41
C THR J 319 181.53 167.96 -184.90
N TRP J 320 181.20 166.78 -184.38
CA TRP J 320 181.44 166.49 -182.97
C TRP J 320 182.88 166.07 -182.68
N ALA J 321 183.75 166.00 -183.69
CA ALA J 321 185.14 165.71 -183.41
C ALA J 321 185.80 166.82 -182.61
N ASP J 322 185.29 168.06 -182.75
CA ASP J 322 185.82 169.15 -181.95
C ASP J 322 185.63 168.92 -180.46
N LYS J 323 184.65 168.10 -180.08
CA LYS J 323 184.38 167.76 -178.68
C LYS J 323 184.94 166.41 -178.29
N LEU J 324 184.98 165.44 -179.22
CA LEU J 324 185.53 164.13 -178.90
C LEU J 324 187.04 164.20 -178.68
N ASP J 325 187.75 165.01 -179.47
CA ASP J 325 189.19 165.12 -179.30
C ASP J 325 189.58 165.77 -177.96
N LYS J 326 188.67 166.50 -177.33
CA LYS J 326 189.00 167.14 -176.05
C LYS J 326 189.16 166.12 -174.92
N PHE J 327 188.66 164.90 -175.09
CA PHE J 327 188.82 163.86 -174.09
C PHE J 327 190.30 163.48 -173.96
N ALA J 328 190.60 162.76 -172.90
CA ALA J 328 191.98 162.64 -172.42
C ALA J 328 192.11 161.28 -171.71
N HIS J 329 193.15 161.12 -170.92
CA HIS J 329 193.40 159.86 -170.22
C HIS J 329 192.62 159.75 -168.92
N GLU J 330 191.38 160.23 -168.88
CA GLU J 330 190.59 160.17 -167.66
C GLU J 330 190.30 158.73 -167.28
N GLY J 331 190.00 157.89 -168.28
CA GLY J 331 189.78 156.48 -168.09
C GLY J 331 188.43 156.00 -168.60
N GLY J 332 187.70 156.88 -169.27
CA GLY J 332 186.35 156.54 -169.72
C GLY J 332 186.38 155.39 -170.71
N TYR J 333 185.37 154.53 -170.62
CA TYR J 333 185.19 153.41 -171.55
C TYR J 333 183.96 153.60 -172.44
N TYR J 334 182.77 153.66 -171.85
CA TYR J 334 181.53 153.74 -172.62
C TYR J 334 181.18 155.20 -172.89
N ILE J 335 180.53 155.43 -174.03
CA ILE J 335 180.11 156.78 -174.42
C ILE J 335 178.91 156.67 -175.32
N VAL J 336 177.87 157.45 -175.05
CA VAL J 336 176.67 157.51 -175.85
C VAL J 336 176.55 158.93 -176.40
N PRO J 337 176.38 159.12 -177.73
CA PRO J 337 176.06 160.46 -178.23
C PRO J 337 174.56 160.72 -178.20
N LEU J 338 174.15 161.89 -177.71
CA LEU J 338 172.74 162.23 -177.61
C LEU J 338 172.29 162.89 -178.91
N SER J 339 172.27 162.09 -179.98
CA SER J 339 171.82 162.57 -181.28
C SER J 339 171.65 161.38 -182.22
N SER J 340 170.72 161.53 -183.17
CA SER J 340 170.37 160.49 -184.14
C SER J 340 171.12 160.63 -185.47
N LYS J 341 172.07 161.54 -185.57
CA LYS J 341 172.72 161.81 -186.85
C LYS J 341 173.73 160.73 -187.20
N GLN J 342 173.81 160.41 -188.50
CA GLN J 342 174.80 159.45 -188.96
C GLN J 342 176.22 160.00 -188.82
N SER J 343 176.41 161.28 -189.12
CA SER J 343 177.75 161.87 -189.03
C SER J 343 178.26 161.86 -187.60
N VAL J 344 177.38 162.03 -186.62
CA VAL J 344 177.81 161.98 -185.23
C VAL J 344 178.24 160.57 -184.86
N HIS J 345 177.48 159.56 -185.30
CA HIS J 345 177.80 158.18 -184.96
C HIS J 345 179.09 157.74 -185.63
N ALA J 346 179.29 158.13 -186.90
CA ALA J 346 180.55 157.82 -187.58
C ALA J 346 181.74 158.47 -186.86
N GLU J 347 181.61 159.73 -186.47
CA GLU J 347 182.71 160.42 -185.78
C GLU J 347 183.01 159.77 -184.44
N VAL J 348 181.97 159.36 -183.71
CA VAL J 348 182.19 158.65 -182.45
C VAL J 348 182.91 157.33 -182.70
N ALA J 349 182.46 156.57 -183.70
CA ALA J 349 183.13 155.31 -184.06
C ALA J 349 184.59 155.54 -184.40
N SER J 350 184.90 156.56 -185.19
CA SER J 350 186.29 156.84 -185.53
C SER J 350 187.08 157.28 -184.31
N PHE J 351 186.46 158.04 -183.41
CA PHE J 351 187.14 158.48 -182.20
C PHE J 351 187.49 157.29 -181.31
N VAL J 352 186.51 156.41 -181.04
CA VAL J 352 186.77 155.29 -180.13
C VAL J 352 187.79 154.34 -180.71
N LYS J 353 187.76 154.14 -182.04
CA LYS J 353 188.77 153.28 -182.66
C LYS J 353 190.16 153.90 -182.53
N GLU J 354 190.25 155.22 -182.71
CA GLU J 354 191.54 155.90 -182.61
C GLU J 354 192.11 155.81 -181.20
N ARG J 355 191.27 156.07 -180.20
CA ARG J 355 191.77 156.00 -178.82
C ARG J 355 192.12 154.58 -178.41
N SER J 356 191.35 153.59 -178.89
CA SER J 356 191.71 152.20 -178.62
C SER J 356 193.10 151.89 -179.17
N ASP J 357 193.31 152.19 -180.45
CA ASP J 357 194.64 152.08 -181.05
C ASP J 357 195.69 152.89 -180.29
N ALA J 358 195.29 153.98 -179.62
CA ALA J 358 196.19 154.79 -178.81
C ALA J 358 196.22 154.38 -177.35
N GLY J 359 195.92 153.11 -177.06
CA GLY J 359 196.02 152.61 -175.71
C GLY J 359 194.91 152.99 -174.75
N GLU J 360 193.83 153.62 -175.23
CA GLU J 360 192.70 154.05 -174.40
C GLU J 360 191.43 153.37 -174.92
N PRO J 361 191.19 152.10 -174.58
CA PRO J 361 190.05 151.39 -175.17
C PRO J 361 188.73 152.03 -174.78
N MET J 362 187.80 152.07 -175.74
CA MET J 362 186.49 152.66 -175.54
C MET J 362 185.49 151.94 -176.44
N ARG J 363 184.21 152.13 -176.13
CA ARG J 363 183.11 151.55 -176.90
C ARG J 363 181.93 152.50 -176.80
N ALA J 364 180.96 152.32 -177.71
CA ALA J 364 179.83 153.24 -177.82
C ALA J 364 178.53 152.49 -178.06
N ILE J 365 177.42 153.13 -177.65
CA ILE J 365 176.06 152.65 -177.91
C ILE J 365 175.25 153.81 -178.49
N VAL J 366 174.58 153.56 -179.62
CA VAL J 366 173.84 154.59 -180.36
C VAL J 366 172.40 154.16 -180.59
N GLY J 367 171.56 155.13 -180.94
CA GLY J 367 170.16 154.86 -181.27
C GLY J 367 169.61 155.90 -182.21
N GLY J 368 168.60 155.50 -183.00
CA GLY J 368 168.04 156.34 -184.04
C GLY J 368 166.64 156.91 -183.80
N GLY J 369 166.55 158.14 -183.31
CA GLY J 369 165.28 158.86 -183.26
C GLY J 369 164.16 158.13 -182.54
N PHE J 370 162.97 158.10 -183.15
CA PHE J 370 161.81 157.40 -182.65
C PHE J 370 161.36 156.38 -183.69
N ASN J 371 161.10 155.16 -183.23
CA ASN J 371 160.27 154.18 -183.95
C ASN J 371 160.70 153.96 -185.40
N GLU J 372 162.00 153.75 -185.61
CA GLU J 372 162.49 153.45 -186.95
C GLU J 372 162.19 152.01 -187.33
N SER J 373 161.84 151.79 -188.60
CA SER J 373 161.57 150.43 -189.05
C SER J 373 162.86 149.63 -189.21
N LYS J 374 162.72 148.31 -189.29
CA LYS J 374 163.89 147.43 -189.32
C LYS J 374 164.82 147.77 -190.48
N GLU J 375 164.25 148.05 -191.66
CA GLU J 375 165.06 148.34 -192.85
C GLU J 375 165.95 149.57 -192.67
N GLN J 376 165.51 150.55 -191.87
CA GLN J 376 166.38 151.67 -191.54
C GLN J 376 167.47 151.21 -190.60
N LEU J 377 167.13 150.37 -189.63
CA LEU J 377 168.12 149.92 -188.66
C LEU J 377 169.16 149.01 -189.31
N PHE J 378 168.76 148.20 -190.29
CA PHE J 378 169.73 147.45 -191.08
C PHE J 378 170.72 148.39 -191.73
N GLY J 379 170.20 149.46 -192.35
CA GLY J 379 171.05 150.49 -192.94
C GLY J 379 172.09 151.03 -191.97
N ARG J 380 171.64 151.45 -190.78
CA ARG J 380 172.55 152.07 -189.81
C ARG J 380 173.62 151.10 -189.36
N GLN J 381 173.27 149.82 -189.22
CA GLN J 381 174.27 148.83 -188.85
C GLN J 381 175.26 148.60 -189.99
N ALA J 382 174.78 148.58 -191.24
CA ALA J 382 175.68 148.40 -192.37
C ALA J 382 176.59 149.62 -192.54
N SER J 383 176.09 150.81 -192.24
CA SER J 383 176.91 152.02 -192.35
C SER J 383 177.99 152.04 -191.28
N LEU J 384 177.69 151.53 -190.09
CA LEU J 384 178.68 151.50 -189.01
C LEU J 384 179.60 150.29 -189.18
N SER J 385 179.06 149.10 -188.94
CA SER J 385 179.84 147.85 -189.03
C SER J 385 181.11 147.95 -188.19
N ASN J 386 180.99 148.50 -186.98
CA ASN J 386 182.12 148.73 -186.11
C ASN J 386 182.18 147.67 -185.01
N PRO J 387 183.35 147.15 -184.61
CA PRO J 387 183.36 146.27 -183.43
C PRO J 387 183.00 146.99 -182.14
N ARG J 388 183.33 148.27 -182.04
CA ARG J 388 183.19 149.04 -180.81
C ARG J 388 181.98 149.96 -180.85
N VAL J 389 180.92 149.57 -181.54
CA VAL J 389 179.67 150.32 -181.57
C VAL J 389 178.50 149.35 -181.53
N SER J 390 177.48 149.68 -180.72
CA SER J 390 176.27 148.88 -180.60
C SER J 390 175.05 149.75 -180.93
N LEU J 391 174.08 149.18 -181.66
CA LEU J 391 172.87 149.90 -182.08
C LEU J 391 171.64 149.39 -181.35
N VAL J 392 170.89 150.32 -180.77
CA VAL J 392 169.64 150.06 -180.05
C VAL J 392 168.47 150.23 -181.03
N ALA J 393 167.57 149.25 -181.04
CA ALA J 393 166.36 149.30 -181.88
C ALA J 393 165.19 150.01 -181.20
N ASN J 394 164.93 149.76 -179.91
CA ASN J 394 163.69 150.20 -179.31
C ASN J 394 163.78 151.63 -178.78
N SER J 395 162.61 152.29 -178.74
CA SER J 395 162.41 153.60 -178.13
C SER J 395 161.21 153.52 -177.20
N GLY J 396 161.15 154.40 -176.22
CA GLY J 396 160.11 154.28 -175.22
C GLY J 396 160.05 155.44 -174.25
N THR J 397 159.34 155.22 -173.14
CA THR J 397 159.05 156.26 -172.16
C THR J 397 159.59 155.86 -170.79
N PHE J 398 160.07 156.85 -170.03
CA PHE J 398 160.61 156.67 -168.69
C PHE J 398 160.01 157.70 -167.75
N VAL J 399 159.64 157.25 -166.56
CA VAL J 399 159.10 158.14 -165.52
C VAL J 399 160.26 158.62 -164.65
N MET J 400 160.38 159.93 -164.50
CA MET J 400 161.47 160.57 -163.79
C MET J 400 160.97 161.12 -162.45
N ASP J 401 161.85 161.84 -161.75
CA ASP J 401 161.55 162.25 -160.37
C ASP J 401 160.36 163.20 -160.31
N ASP J 402 160.40 164.28 -161.08
CA ASP J 402 159.38 165.33 -161.00
C ASP J 402 158.15 165.01 -161.86
N GLY J 403 157.64 163.78 -161.75
CA GLY J 403 156.43 163.36 -162.45
C GLY J 403 156.46 163.57 -163.95
N ARG J 404 157.64 163.41 -164.55
CA ARG J 404 157.84 163.66 -165.98
C ARG J 404 157.76 162.32 -166.73
N LYS J 405 156.67 162.13 -167.47
CA LYS J 405 156.50 160.98 -168.35
C LYS J 405 157.21 161.27 -169.68
N ASN J 406 158.53 161.28 -169.62
CA ASN J 406 159.33 161.79 -170.73
C ASN J 406 159.43 160.69 -171.79
N HIS J 407 158.72 160.90 -172.90
CA HIS J 407 158.80 160.05 -174.08
C HIS J 407 160.04 160.40 -174.90
N VAL J 408 160.97 159.45 -175.01
CA VAL J 408 162.36 159.81 -175.34
C VAL J 408 162.76 159.11 -176.62
N PRO J 409 163.77 159.65 -177.31
CA PRO J 409 164.31 158.96 -178.49
C PRO J 409 165.17 157.76 -178.10
N ALA J 410 165.48 156.95 -179.11
CA ALA J 410 166.15 155.68 -178.88
C ALA J 410 167.51 155.83 -178.20
N TYR J 411 168.22 156.93 -178.45
CA TYR J 411 169.56 157.05 -177.88
C TYR J 411 169.52 157.26 -176.36
N MET J 412 168.39 157.72 -175.81
CA MET J 412 168.24 157.77 -174.36
C MET J 412 168.19 156.37 -173.77
N VAL J 413 167.40 155.48 -174.37
CA VAL J 413 167.50 154.05 -174.07
C VAL J 413 168.95 153.57 -174.12
N ALA J 414 169.71 154.00 -175.13
CA ALA J 414 171.13 153.62 -175.21
C ALA J 414 171.91 154.16 -174.02
N VAL J 415 171.55 155.37 -173.55
CA VAL J 415 172.15 155.88 -172.32
C VAL J 415 171.81 154.95 -171.15
N ALA J 416 170.54 154.55 -171.05
CA ALA J 416 170.09 153.64 -170.00
C ALA J 416 170.86 152.33 -170.06
N LEU J 417 171.12 151.82 -171.26
CA LEU J 417 171.91 150.61 -171.40
C LEU J 417 173.35 150.83 -170.93
N GLY J 418 173.95 151.96 -171.32
CA GLY J 418 175.31 152.25 -170.85
C GLY J 418 175.39 152.48 -169.36
N GLY J 419 174.31 152.99 -168.75
CA GLY J 419 174.29 153.09 -167.30
C GLY J 419 174.18 151.73 -166.63
N LEU J 420 173.40 150.83 -167.23
CA LEU J 420 173.37 149.45 -166.74
C LEU J 420 174.75 148.83 -166.81
N ALA J 421 175.41 148.97 -167.96
CA ALA J 421 176.70 148.32 -168.18
C ALA J 421 177.74 148.82 -167.18
N SER J 422 177.79 150.13 -166.96
CA SER J 422 178.65 150.70 -165.93
C SER J 422 178.29 150.18 -164.54
N GLY J 423 176.99 149.95 -164.26
CA GLY J 423 176.61 149.33 -163.01
C GLY J 423 177.18 147.92 -162.86
N LEU J 424 177.23 147.18 -163.97
CA LEU J 424 177.71 145.80 -163.95
C LEU J 424 179.23 145.74 -163.88
N GLU J 425 179.75 144.72 -163.20
CA GLU J 425 181.18 144.62 -163.00
C GLU J 425 181.86 144.02 -164.23
N ILE J 426 183.20 143.95 -164.16
CA ILE J 426 184.02 143.59 -165.31
C ILE J 426 183.71 142.18 -165.79
N GLY J 427 183.53 142.03 -167.10
CA GLY J 427 183.22 140.73 -167.67
C GLY J 427 181.83 140.21 -167.40
N GLU J 428 180.89 141.09 -167.07
CA GLU J 428 179.46 140.79 -167.05
C GLU J 428 178.80 141.33 -168.30
N SER J 429 177.55 140.93 -168.52
CA SER J 429 176.78 141.31 -169.71
C SER J 429 175.41 141.82 -169.31
N ILE J 430 174.73 142.43 -170.28
CA ILE J 430 173.42 143.02 -170.09
C ILE J 430 172.34 142.13 -170.67
N THR J 431 172.66 140.86 -170.91
CA THR J 431 171.75 139.90 -171.50
C THR J 431 170.74 139.49 -170.45
N PHE J 432 169.46 139.56 -170.80
CA PHE J 432 168.36 139.07 -169.97
C PHE J 432 168.21 139.83 -168.65
N LYS J 433 168.83 141.03 -168.54
CA LYS J 433 168.66 141.89 -167.38
C LYS J 433 167.46 142.81 -167.56
N PRO J 434 166.88 143.33 -166.48
CA PRO J 434 165.75 144.24 -166.64
C PRO J 434 166.21 145.65 -166.97
N LEU J 435 165.29 146.41 -167.57
CA LEU J 435 165.54 147.78 -168.01
C LEU J 435 164.82 148.81 -167.17
N ARG J 436 163.73 148.43 -166.50
CA ARG J 436 162.92 149.32 -165.68
C ARG J 436 162.26 150.42 -166.52
N VAL J 437 161.96 150.13 -167.78
CA VAL J 437 161.34 151.11 -168.66
C VAL J 437 159.84 151.12 -168.39
N SER J 438 159.20 152.28 -168.54
CA SER J 438 157.75 152.33 -168.31
C SER J 438 156.99 151.70 -169.46
N SER J 439 157.28 152.10 -170.71
CA SER J 439 156.56 151.60 -171.86
C SER J 439 157.50 151.60 -173.05
N LEU J 440 157.10 150.92 -174.14
CA LEU J 440 157.91 150.84 -175.34
C LEU J 440 157.08 151.19 -176.57
N ASP J 441 157.74 151.81 -177.55
CA ASP J 441 157.08 152.13 -178.80
C ASP J 441 156.89 150.86 -179.62
N GLN J 442 157.99 150.25 -180.06
CA GLN J 442 157.95 149.04 -180.86
C GLN J 442 157.95 147.83 -179.94
N ILE J 443 156.91 147.00 -180.05
CA ILE J 443 156.82 145.71 -179.38
C ILE J 443 157.16 144.68 -180.44
N TYR J 444 158.42 144.22 -180.44
CA TYR J 444 158.88 143.28 -181.45
C TYR J 444 158.46 141.85 -181.11
N GLU J 445 157.94 141.14 -182.10
CA GLU J 445 157.64 139.72 -181.93
C GLU J 445 158.93 138.91 -182.04
N SER J 446 158.81 137.61 -181.75
CA SER J 446 159.98 136.73 -181.73
C SER J 446 160.71 136.73 -183.06
N ILE J 447 159.96 136.71 -184.17
CA ILE J 447 160.60 136.72 -185.49
C ILE J 447 161.34 138.04 -185.69
N ASP J 448 160.76 139.15 -185.22
CA ASP J 448 161.41 140.45 -185.39
C ASP J 448 162.70 140.54 -184.58
N LEU J 449 162.65 140.08 -183.33
CA LEU J 449 163.85 140.06 -182.50
C LEU J 449 164.92 139.16 -183.09
N ASP J 450 164.51 138.03 -183.68
CA ASP J 450 165.46 137.14 -184.31
C ASP J 450 166.18 137.84 -185.46
N GLU J 451 165.40 138.52 -186.31
CA GLU J 451 166.00 139.27 -187.42
C GLU J 451 166.92 140.37 -186.92
N LEU J 452 166.52 141.09 -185.87
CA LEU J 452 167.38 142.14 -185.33
C LEU J 452 168.66 141.58 -184.75
N ASN J 453 168.57 140.44 -184.06
CA ASN J 453 169.77 139.82 -183.49
C ASN J 453 170.70 139.34 -184.61
N GLU J 454 170.13 138.83 -185.70
CA GLU J 454 170.96 138.33 -186.80
C GLU J 454 171.70 139.47 -187.50
N ASN J 455 171.15 140.67 -187.47
CA ASN J 455 171.78 141.88 -188.01
C ASN J 455 172.53 142.67 -186.95
N GLY J 456 172.86 142.03 -185.82
CA GLY J 456 173.71 142.65 -184.83
C GLY J 456 173.17 143.93 -184.21
N ILE J 457 171.89 143.94 -183.86
CA ILE J 457 171.21 145.13 -183.33
C ILE J 457 170.58 144.77 -182.00
N ILE J 458 170.95 145.51 -180.96
CA ILE J 458 170.43 145.21 -179.63
C ILE J 458 168.96 145.61 -179.59
N SER J 459 168.12 144.74 -179.03
CA SER J 459 166.68 144.93 -179.00
C SER J 459 166.16 144.64 -177.59
N ILE J 460 165.02 145.27 -177.27
CA ILE J 460 164.41 145.19 -175.95
C ILE J 460 163.01 144.60 -176.15
N GLU J 461 162.61 143.70 -175.24
CA GLU J 461 161.42 142.89 -175.41
C GLU J 461 160.51 143.01 -174.20
N PHE J 462 159.19 142.98 -174.46
CA PHE J 462 158.16 142.99 -173.43
C PHE J 462 157.57 141.59 -173.34
N VAL J 463 157.77 140.94 -172.18
CA VAL J 463 157.48 139.52 -172.00
C VAL J 463 156.03 139.34 -171.60
N ARG J 464 155.33 138.43 -172.29
CA ARG J 464 153.98 138.04 -171.92
C ARG J 464 153.93 136.62 -171.36
N ASN J 465 155.07 135.93 -171.26
CA ASN J 465 155.04 134.54 -170.83
C ASN J 465 154.74 134.42 -169.33
N ARG J 466 155.36 135.28 -168.53
CA ARG J 466 155.10 135.31 -167.10
C ARG J 466 153.80 136.04 -166.80
N THR J 467 153.15 135.64 -165.70
CA THR J 467 151.90 136.28 -165.32
C THR J 467 152.12 137.75 -165.00
N ASN J 468 153.20 138.06 -164.29
CA ASN J 468 153.62 139.45 -164.05
C ASN J 468 154.57 139.83 -165.19
N THR J 469 154.12 140.72 -166.07
CA THR J 469 154.92 141.10 -167.23
C THR J 469 155.95 142.16 -166.86
N PHE J 470 157.04 142.17 -167.63
CA PHE J 470 158.14 143.09 -167.38
C PHE J 470 159.01 143.18 -168.63
N PHE J 471 159.74 144.28 -168.72
CA PHE J 471 160.70 144.52 -169.81
C PHE J 471 162.08 144.01 -169.44
N ARG J 472 162.86 143.67 -170.46
CA ARG J 472 164.22 143.18 -170.27
C ARG J 472 164.96 143.20 -171.59
N ILE J 473 166.27 143.10 -171.48
CA ILE J 473 167.18 143.18 -172.62
C ILE J 473 167.34 141.79 -173.22
N VAL J 474 167.63 141.74 -174.52
CA VAL J 474 167.68 140.48 -175.27
C VAL J 474 169.12 140.00 -175.31
N ASP J 475 170.01 140.79 -175.92
CA ASP J 475 171.39 140.38 -176.10
C ASP J 475 172.26 141.60 -176.31
N ASP J 476 173.55 141.46 -176.00
CA ASP J 476 174.54 142.53 -176.11
C ASP J 476 175.37 142.39 -177.39
N VAL J 477 174.70 142.18 -178.51
CA VAL J 477 175.38 141.96 -179.78
C VAL J 477 175.77 143.30 -180.39
N THR J 478 176.97 143.34 -180.97
CA THR J 478 177.51 144.55 -181.59
C THR J 478 177.15 144.62 -183.06
N THR J 479 177.47 145.77 -183.67
CA THR J 479 177.17 145.99 -185.07
C THR J 479 178.04 145.11 -185.97
N PHE J 480 179.30 144.92 -185.56
CA PHE J 480 180.19 144.00 -186.27
C PHE J 480 179.60 142.59 -186.30
N ASN J 481 179.57 141.99 -187.48
CA ASN J 481 178.79 140.80 -187.76
C ASN J 481 179.66 139.69 -188.35
N ASP J 482 180.75 139.36 -187.67
CA ASP J 482 181.52 138.14 -187.91
C ASP J 482 181.40 137.29 -186.65
N LYS J 483 180.43 136.38 -186.66
CA LYS J 483 180.06 135.66 -185.44
C LYS J 483 181.15 134.71 -184.94
N SER J 484 182.16 134.39 -185.77
CA SER J 484 183.24 133.54 -185.31
C SER J 484 184.19 134.25 -184.33
N ASP J 485 184.10 135.59 -184.21
CA ASP J 485 184.95 136.38 -183.33
C ASP J 485 184.14 136.87 -182.14
N PRO J 486 184.00 136.08 -181.07
CA PRO J 486 183.16 136.54 -179.95
C PRO J 486 183.70 137.76 -179.23
N VAL J 487 185.00 138.01 -179.29
CA VAL J 487 185.57 139.22 -178.70
C VAL J 487 184.92 140.46 -179.31
N LYS J 488 184.90 140.53 -180.65
CA LYS J 488 184.29 141.70 -181.28
C LYS J 488 182.77 141.62 -181.23
N ALA J 489 182.21 140.42 -181.49
CA ALA J 489 180.76 140.28 -181.59
C ALA J 489 180.08 140.61 -180.26
N GLU J 490 180.63 140.12 -179.16
CA GLU J 490 180.05 140.24 -177.83
C GLU J 490 180.74 141.35 -177.04
N MET J 491 179.94 142.30 -176.54
CA MET J 491 180.46 143.39 -175.74
C MET J 491 181.22 142.89 -174.51
N ALA J 492 180.69 141.89 -173.80
CA ALA J 492 181.31 141.47 -172.54
C ALA J 492 182.68 140.86 -172.76
N VAL J 493 182.82 140.02 -173.78
CA VAL J 493 184.11 139.39 -174.03
C VAL J 493 185.13 140.45 -174.48
N GLY J 494 184.70 141.39 -175.32
CA GLY J 494 185.61 142.44 -175.75
C GLY J 494 186.00 143.37 -174.61
N GLU J 495 185.06 143.65 -173.71
CA GLU J 495 185.39 144.48 -172.55
C GLU J 495 186.40 143.77 -171.66
N ALA J 496 186.19 142.48 -171.41
CA ALA J 496 187.10 141.74 -170.52
C ALA J 496 188.48 141.65 -171.13
N ASN J 497 188.56 141.36 -172.44
CA ASN J 497 189.85 141.24 -173.09
C ASN J 497 190.61 142.56 -173.08
N ASP J 498 189.92 143.68 -173.34
CA ASP J 498 190.62 144.97 -173.34
C ASP J 498 191.12 145.32 -171.94
N PHE J 499 190.28 145.14 -170.92
CA PHE J 499 190.69 145.46 -169.56
C PHE J 499 191.86 144.59 -169.13
N LEU J 500 191.85 143.30 -169.53
CA LEU J 500 192.94 142.41 -169.16
C LEU J 500 194.24 142.82 -169.87
N VAL J 501 194.17 143.07 -171.17
CA VAL J 501 195.37 143.47 -171.91
C VAL J 501 195.88 144.82 -171.41
N SER J 502 194.97 145.77 -171.14
CA SER J 502 195.41 147.10 -170.74
C SER J 502 196.07 147.06 -169.36
N GLU J 503 195.48 146.32 -168.41
CA GLU J 503 196.09 146.24 -167.09
C GLU J 503 197.43 145.53 -167.14
N LEU J 504 197.50 144.40 -167.86
CA LEU J 504 198.74 143.62 -167.96
C LEU J 504 199.87 144.48 -168.51
N LYS J 505 199.62 145.17 -169.62
CA LYS J 505 200.67 145.96 -170.26
C LYS J 505 201.09 147.13 -169.37
N VAL J 506 200.13 147.75 -168.68
CA VAL J 506 200.46 148.88 -167.81
C VAL J 506 201.32 148.40 -166.65
N GLN J 507 200.88 147.35 -165.97
CA GLN J 507 201.62 146.80 -164.84
C GLN J 507 203.03 146.34 -165.24
N LEU J 508 203.15 145.62 -166.36
CA LEU J 508 204.47 145.15 -166.79
C LEU J 508 205.38 146.30 -167.16
N GLU J 509 204.85 147.33 -167.85
CA GLU J 509 205.67 148.49 -168.17
C GLU J 509 206.09 149.23 -166.90
N ASP J 510 205.18 149.34 -165.93
CA ASP J 510 205.49 150.02 -164.68
C ASP J 510 206.60 149.30 -163.93
N GLN J 511 206.46 147.99 -163.76
CA GLN J 511 207.33 147.24 -162.87
C GLN J 511 208.66 146.87 -163.52
N PHE J 512 208.62 146.03 -164.55
CA PHE J 512 209.81 145.33 -165.04
C PHE J 512 210.38 145.92 -166.32
N ILE J 513 209.55 146.10 -167.35
CA ILE J 513 210.03 146.45 -168.68
C ILE J 513 210.66 147.83 -168.64
N GLY J 514 211.82 147.95 -169.29
CA GLY J 514 212.53 149.21 -169.36
C GLY J 514 213.43 149.51 -168.18
N THR J 515 213.64 148.55 -167.29
CA THR J 515 214.53 148.72 -166.15
C THR J 515 215.91 148.16 -166.48
N ARG J 516 216.86 148.44 -165.59
CA ARG J 516 218.24 148.02 -165.77
C ARG J 516 218.32 146.50 -165.84
N THR J 517 219.28 145.99 -166.60
CA THR J 517 219.37 144.56 -166.84
C THR J 517 220.05 143.87 -165.68
N ILE J 518 219.48 142.75 -165.24
CA ILE J 518 220.07 141.89 -164.22
C ILE J 518 219.84 140.44 -164.63
N ASN J 519 220.45 139.53 -163.88
CA ASN J 519 220.54 138.13 -164.26
C ASN J 519 219.53 137.24 -163.55
N THR J 520 218.64 137.80 -162.72
CA THR J 520 217.70 137.00 -161.93
C THR J 520 216.33 137.68 -161.91
N SER J 521 215.82 138.02 -163.10
CA SER J 521 214.52 138.66 -163.24
C SER J 521 213.43 137.74 -163.77
N ALA J 522 213.80 136.61 -164.37
CA ALA J 522 212.79 135.74 -164.99
C ALA J 522 211.85 135.15 -163.96
N SER J 523 212.39 134.63 -162.86
CA SER J 523 211.55 134.02 -161.84
C SER J 523 210.64 135.06 -161.18
N ILE J 524 211.18 136.25 -160.92
CA ILE J 524 210.37 137.29 -160.29
C ILE J 524 209.27 137.74 -161.24
N ILE J 525 209.56 137.84 -162.54
CA ILE J 525 208.53 138.20 -163.50
C ILE J 525 207.46 137.11 -163.54
N LYS J 526 207.88 135.83 -163.50
CA LYS J 526 206.88 134.78 -163.57
C LYS J 526 206.04 134.72 -162.31
N ASP J 527 206.62 135.06 -161.16
CA ASP J 527 205.82 135.13 -159.93
C ASP J 527 204.78 136.24 -160.01
N PHE J 528 205.20 137.45 -160.39
CA PHE J 528 204.27 138.56 -160.61
C PHE J 528 203.17 138.19 -161.59
N ILE J 529 203.51 137.57 -162.72
CA ILE J 529 202.49 137.21 -163.70
C ILE J 529 201.47 136.24 -163.09
N GLN J 530 201.97 135.21 -162.41
CA GLN J 530 201.10 134.23 -161.76
C GLN J 530 200.17 134.89 -160.73
N SER J 531 200.75 135.68 -159.81
CA SER J 531 199.94 136.51 -158.91
C SER J 531 198.83 137.26 -159.63
N TYR J 532 199.18 137.99 -160.70
CA TYR J 532 198.18 138.74 -161.46
C TYR J 532 197.10 137.81 -162.03
N LEU J 533 197.50 136.66 -162.56
CA LEU J 533 196.52 135.71 -163.07
C LEU J 533 195.64 135.16 -161.95
N GLY J 534 196.23 134.83 -160.80
CA GLY J 534 195.43 134.46 -159.64
C GLY J 534 194.43 135.51 -159.24
N ARG J 535 194.84 136.78 -159.27
CA ARG J 535 193.95 137.85 -158.85
C ARG J 535 192.81 138.02 -159.85
N LYS J 536 193.11 137.87 -161.14
CA LYS J 536 192.07 137.90 -162.16
C LYS J 536 191.09 136.74 -161.99
N LYS J 537 191.61 135.53 -161.79
CA LYS J 537 190.74 134.38 -161.56
C LYS J 537 189.91 134.55 -160.30
N ARG J 538 190.45 135.23 -159.30
CA ARG J 538 189.74 135.39 -158.03
C ARG J 538 188.44 136.18 -158.21
N ASP J 539 188.47 137.23 -159.04
CA ASP J 539 187.31 138.10 -159.25
C ASP J 539 186.38 137.59 -160.34
N ASN J 540 186.57 136.35 -160.81
CA ASN J 540 185.79 135.77 -161.90
C ASN J 540 185.93 136.55 -163.20
N GLU J 541 187.07 137.22 -163.41
CA GLU J 541 187.34 137.86 -164.69
C GLU J 541 187.83 136.86 -165.73
N ILE J 542 188.37 135.71 -165.31
CA ILE J 542 188.77 134.63 -166.20
C ILE J 542 188.30 133.31 -165.60
N GLN J 543 188.23 132.29 -166.45
CA GLN J 543 187.78 130.97 -166.00
C GLN J 543 188.90 130.23 -165.27
N ASP J 544 190.03 130.00 -165.96
CA ASP J 544 191.17 129.34 -165.36
C ASP J 544 192.40 129.64 -166.22
N PHE J 545 193.56 129.20 -165.73
CA PHE J 545 194.80 129.35 -166.46
C PHE J 545 195.77 128.22 -166.12
N PRO J 546 196.50 127.66 -167.11
CA PRO J 546 197.49 126.62 -166.76
C PRO J 546 198.77 127.24 -166.22
N ALA J 547 198.89 127.33 -164.90
CA ALA J 547 200.02 128.07 -164.32
C ALA J 547 201.34 127.43 -164.65
N GLU J 548 201.35 126.12 -164.90
CA GLU J 548 202.58 125.42 -165.26
C GLU J 548 203.09 125.82 -166.65
N ASP J 549 202.22 126.34 -167.52
CA ASP J 549 202.60 126.70 -168.87
C ASP J 549 203.08 128.14 -169.01
N VAL J 550 203.19 128.89 -167.92
CA VAL J 550 203.69 130.26 -168.00
C VAL J 550 205.20 130.21 -168.17
N GLN J 551 205.70 130.96 -169.17
CA GLN J 551 207.11 130.96 -169.53
C GLN J 551 207.62 132.39 -169.59
N VAL J 552 208.86 132.58 -169.12
CA VAL J 552 209.52 133.89 -169.13
C VAL J 552 210.95 133.69 -169.61
N ILE J 553 211.36 134.49 -170.60
CA ILE J 553 212.71 134.45 -171.13
C ILE J 553 213.20 135.88 -171.27
N VAL J 554 214.42 136.11 -170.81
CA VAL J 554 215.07 137.41 -170.81
C VAL J 554 216.38 137.31 -171.57
N GLU J 555 216.65 138.29 -172.43
CA GLU J 555 217.90 138.33 -173.20
C GLU J 555 218.14 139.78 -173.56
N GLY J 556 219.18 140.36 -172.97
CA GLY J 556 219.45 141.78 -173.06
C GLY J 556 218.33 142.57 -172.41
N ASN J 557 217.53 143.30 -173.20
CA ASN J 557 216.39 144.05 -172.71
C ASN J 557 215.07 143.54 -173.31
N GLU J 558 215.06 142.32 -173.87
CA GLU J 558 213.87 141.76 -174.50
C GLU J 558 213.11 140.95 -173.47
N ALA J 559 211.98 141.48 -173.02
CA ALA J 559 211.11 140.77 -172.08
C ALA J 559 210.16 139.87 -172.87
N ARG J 560 210.49 138.58 -172.98
CA ARG J 560 209.69 137.64 -173.76
C ARG J 560 208.79 136.90 -172.79
N ILE J 561 207.48 137.05 -172.97
CA ILE J 561 206.47 136.41 -172.14
C ILE J 561 205.52 135.62 -173.03
N SER J 562 205.15 134.40 -172.60
CA SER J 562 204.14 133.62 -173.29
C SER J 562 203.31 132.83 -172.28
N MET J 563 201.99 132.78 -172.50
CA MET J 563 201.09 132.22 -171.52
C MET J 563 199.85 131.67 -172.23
N THR J 564 198.91 131.18 -171.44
CA THR J 564 197.61 130.72 -171.93
C THR J 564 196.57 131.07 -170.88
N VAL J 565 195.38 131.41 -171.36
CA VAL J 565 194.26 131.82 -170.52
C VAL J 565 192.98 131.26 -171.09
N TYR J 566 192.14 130.67 -170.23
CA TYR J 566 190.82 130.23 -170.64
C TYR J 566 189.84 131.37 -170.47
N PRO J 567 189.23 131.91 -171.53
CA PRO J 567 188.48 133.16 -171.40
C PRO J 567 187.19 132.99 -170.60
N ILE J 568 186.71 134.13 -170.07
CA ILE J 568 185.42 134.17 -169.39
C ILE J 568 184.33 134.18 -170.45
N ARG J 569 183.21 133.53 -170.14
CA ARG J 569 182.08 133.52 -171.06
C ARG J 569 180.79 133.46 -170.25
N SER J 570 179.67 133.77 -170.91
CA SER J 570 178.35 133.89 -170.31
C SER J 570 177.36 133.08 -171.13
N PHE J 571 176.60 132.22 -170.44
CA PHE J 571 175.72 131.27 -171.14
C PHE J 571 174.70 132.01 -171.99
N LYS J 572 174.45 131.48 -173.18
CA LYS J 572 173.37 131.98 -174.02
C LYS J 572 172.52 130.88 -174.66
N LYS J 573 172.93 129.62 -174.60
CA LYS J 573 172.15 128.50 -175.11
C LYS J 573 172.23 127.35 -174.13
N ILE J 574 171.07 126.71 -173.90
CA ILE J 574 170.93 125.61 -172.96
C ILE J 574 170.26 124.46 -173.70
N SER J 575 170.93 123.31 -173.77
CA SER J 575 170.36 122.11 -174.38
C SER J 575 170.05 121.10 -173.29
N VAL J 576 168.78 120.75 -173.16
CA VAL J 576 168.30 119.76 -172.18
C VAL J 576 167.81 118.55 -172.96
N SER J 577 168.55 117.45 -172.90
CA SER J 577 168.12 116.20 -173.53
C SER J 577 167.41 115.36 -172.48
N LEU J 578 166.08 115.48 -172.44
CA LEU J 578 165.28 114.71 -171.49
C LEU J 578 164.94 113.35 -172.09
N VAL J 579 164.96 112.31 -171.27
CA VAL J 579 164.64 110.96 -171.72
C VAL J 579 163.68 110.33 -170.72
N TYR J 580 162.59 109.77 -171.23
CA TYR J 580 161.58 109.12 -170.42
C TYR J 580 161.78 107.62 -170.44
N LYS J 581 161.62 107.00 -169.27
CA LYS J 581 161.79 105.56 -169.11
C LYS J 581 160.73 105.04 -168.14
N GLN J 582 160.51 103.72 -168.17
CA GLN J 582 159.55 103.06 -167.32
C GLN J 582 160.25 102.25 -166.24
N GLN J 583 159.74 102.34 -165.01
CA GLN J 583 160.32 101.67 -163.85
C GLN J 583 159.30 100.69 -163.26
N THR J 584 159.78 99.50 -162.93
CA THR J 584 158.96 98.46 -162.32
C THR J 584 159.25 98.36 -160.83
N LEU J 585 158.19 98.18 -160.03
CA LEU J 585 158.28 98.16 -158.58
C LEU J 585 157.73 96.84 -158.07
N GLN J 586 158.45 96.24 -157.11
CA GLN J 586 158.11 94.95 -156.53
C GLN J 586 157.67 95.17 -155.09
N ALA J 587 156.36 95.11 -154.86
CA ALA J 587 155.79 95.24 -153.52
C ALA J 587 156.10 96.58 -152.87
N ALA K 2 16.51 -26.33 -15.60
CA ALA K 2 15.71 -25.15 -15.95
C ALA K 2 16.59 -23.91 -16.17
N ILE K 3 16.08 -22.93 -16.94
CA ILE K 3 16.79 -21.67 -17.16
C ILE K 3 16.56 -20.69 -16.00
N ALA K 4 17.55 -19.83 -15.74
CA ALA K 4 17.42 -18.70 -14.84
C ALA K 4 16.88 -17.49 -15.61
N THR K 5 15.72 -16.96 -15.22
CA THR K 5 15.16 -15.76 -15.86
C THR K 5 16.03 -14.53 -15.64
N TYR K 6 15.95 -13.55 -16.54
CA TYR K 6 16.65 -12.26 -16.42
C TYR K 6 16.35 -11.58 -15.07
N ASN K 7 15.10 -11.66 -14.60
CA ASN K 7 14.70 -11.09 -13.32
C ASN K 7 15.35 -11.77 -12.10
N SER K 8 15.88 -12.99 -12.21
CA SER K 8 16.52 -13.64 -11.05
C SER K 8 17.76 -12.89 -10.56
N HIS K 9 18.67 -12.58 -11.50
CA HIS K 9 19.86 -11.76 -11.26
C HIS K 9 19.47 -10.43 -10.64
N VAL K 10 18.42 -9.82 -11.18
CA VAL K 10 17.84 -8.56 -10.65
C VAL K 10 17.40 -8.72 -9.19
N GLU K 11 16.69 -9.79 -8.86
CA GLU K 11 16.20 -10.02 -7.50
C GLU K 11 17.31 -10.36 -6.52
N LEU K 12 18.29 -11.17 -6.92
CA LEU K 12 19.45 -11.45 -6.08
C LEU K 12 20.31 -10.20 -5.87
N ALA K 13 20.40 -9.30 -6.87
CA ALA K 13 20.97 -7.98 -6.69
C ALA K 13 20.16 -7.15 -5.68
N LYS K 14 18.82 -7.08 -5.81
CA LYS K 14 17.96 -6.42 -4.82
C LYS K 14 18.18 -6.97 -3.40
N TYR K 15 18.43 -8.28 -3.24
CA TYR K 15 18.81 -8.84 -1.95
C TYR K 15 20.12 -8.24 -1.41
N LEU K 16 21.23 -8.26 -2.15
CA LEU K 16 22.48 -7.69 -1.62
C LEU K 16 22.39 -6.19 -1.38
N VAL K 17 21.57 -5.47 -2.15
CA VAL K 17 21.25 -4.07 -1.84
C VAL K 17 20.49 -3.94 -0.52
N SER K 18 19.52 -4.81 -0.24
CA SER K 18 18.78 -4.76 1.04
C SER K 18 19.67 -4.98 2.27
N LYS K 19 20.80 -5.69 2.12
CA LYS K 19 21.78 -5.94 3.19
C LYS K 19 22.70 -4.76 3.48
N ALA K 20 22.57 -3.64 2.77
CA ALA K 20 23.49 -2.49 2.81
C ALA K 20 23.93 -2.07 4.23
N ASP K 21 23.02 -2.12 5.21
CA ASP K 21 23.31 -1.69 6.58
C ASP K 21 24.38 -2.55 7.29
N SER K 22 24.72 -3.71 6.73
CA SER K 22 25.75 -4.62 7.24
C SER K 22 27.00 -4.73 6.35
N VAL K 23 27.10 -3.95 5.27
CA VAL K 23 28.19 -4.01 4.29
C VAL K 23 29.39 -3.16 4.71
N TYR K 24 30.57 -3.77 4.75
CA TYR K 24 31.81 -3.08 5.08
C TYR K 24 32.89 -3.37 4.03
N LEU K 25 33.54 -2.32 3.55
CA LEU K 25 34.83 -2.43 2.89
C LEU K 25 35.83 -2.97 3.91
N THR K 26 36.75 -3.81 3.47
CA THR K 26 37.88 -4.25 4.26
C THR K 26 39.16 -4.24 3.42
N ILE K 27 40.29 -3.91 4.05
CA ILE K 27 41.59 -3.83 3.40
C ILE K 27 42.67 -4.51 4.24
N GLY K 28 43.66 -5.08 3.56
CA GLY K 28 44.66 -5.94 4.19
C GLY K 28 45.91 -6.18 3.34
N LYS K 29 46.73 -7.16 3.77
CA LYS K 29 48.03 -7.50 3.21
C LYS K 29 49.02 -6.33 3.28
N SER K 30 49.35 -5.97 4.51
CA SER K 30 50.25 -4.85 4.83
C SER K 30 51.73 -5.18 4.76
N THR K 31 52.13 -6.45 4.64
CA THR K 31 53.50 -6.83 4.22
C THR K 31 53.53 -7.28 2.76
N PRO K 32 54.71 -7.39 2.11
CA PRO K 32 54.86 -7.75 0.70
C PRO K 32 54.14 -9.04 0.22
N TRP K 33 53.88 -9.10 -1.08
CA TRP K 33 53.68 -10.35 -1.82
C TRP K 33 54.97 -11.17 -1.94
N SER K 34 54.95 -12.24 -2.73
CA SER K 34 56.16 -12.82 -3.34
C SER K 34 56.84 -11.82 -4.26
N ASN K 35 56.17 -11.42 -5.36
CA ASN K 35 56.65 -10.38 -6.27
C ASN K 35 55.73 -9.15 -6.19
N GLU K 36 56.26 -8.03 -5.72
CA GLU K 36 55.49 -6.79 -5.57
C GLU K 36 55.04 -6.16 -6.91
N THR K 37 55.56 -6.64 -8.05
CA THR K 37 55.19 -6.18 -9.39
C THR K 37 54.21 -7.14 -10.09
N ASN K 38 53.94 -8.32 -9.51
CA ASN K 38 53.01 -9.28 -10.11
C ASN K 38 52.26 -10.02 -9.00
N PRO K 39 51.22 -9.39 -8.41
CA PRO K 39 50.42 -9.98 -7.34
C PRO K 39 49.91 -11.35 -7.73
N PRO K 40 49.79 -12.29 -6.80
CA PRO K 40 49.25 -13.60 -7.10
C PRO K 40 47.77 -13.49 -7.52
N GLN K 41 47.33 -14.35 -8.44
CA GLN K 41 45.89 -14.59 -8.62
C GLN K 41 45.23 -14.89 -7.26
N PRO K 42 44.01 -14.40 -7.00
CA PRO K 42 43.30 -14.69 -5.77
C PRO K 42 42.81 -16.15 -5.68
N ASP K 43 42.42 -16.57 -4.48
CA ASP K 43 41.91 -17.91 -4.15
C ASP K 43 40.42 -17.80 -3.78
N GLU K 44 39.52 -18.46 -4.51
CA GLU K 44 38.08 -18.29 -4.27
C GLU K 44 37.59 -18.88 -2.94
N ASN K 45 38.34 -19.76 -2.30
CA ASN K 45 37.99 -20.30 -0.99
C ASN K 45 38.40 -19.39 0.18
N ALA K 46 39.30 -18.41 -0.03
CA ALA K 46 39.88 -17.63 1.06
C ALA K 46 38.81 -16.88 1.87
N THR K 47 38.73 -17.15 3.18
CA THR K 47 37.58 -16.73 4.00
C THR K 47 37.63 -15.29 4.51
N VAL K 48 38.84 -14.74 4.65
CA VAL K 48 39.10 -13.37 5.14
C VAL K 48 40.43 -12.84 4.56
N LEU K 49 40.63 -11.53 4.51
CA LEU K 49 41.87 -10.97 3.97
C LEU K 49 43.07 -11.34 4.86
N GLN K 50 44.26 -11.40 4.27
CA GLN K 50 45.48 -11.62 5.03
C GLN K 50 45.83 -10.34 5.79
N GLU K 51 46.41 -10.43 6.99
CA GLU K 51 46.97 -9.28 7.72
C GLU K 51 45.99 -8.09 7.88
N VAL K 52 44.72 -8.37 8.21
CA VAL K 52 43.60 -7.40 8.12
C VAL K 52 43.94 -6.08 8.83
N ILE K 53 43.78 -4.95 8.14
CA ILE K 53 44.04 -3.62 8.70
C ILE K 53 42.81 -3.09 9.44
N GLY K 54 41.62 -3.28 8.85
CA GLY K 54 40.37 -2.83 9.43
C GLY K 54 39.16 -2.98 8.51
N TYR K 55 38.05 -2.41 8.95
CA TYR K 55 36.76 -2.45 8.27
C TYR K 55 36.12 -1.06 8.30
N LYS K 56 35.53 -0.62 7.19
CA LYS K 56 34.84 0.67 7.09
C LYS K 56 33.48 0.45 6.45
N LYS K 57 32.42 1.05 7.00
CA LYS K 57 31.06 0.88 6.46
C LYS K 57 30.99 1.39 5.01
N ALA K 58 30.25 0.72 4.14
CA ALA K 58 30.05 1.18 2.78
C ALA K 58 29.37 2.56 2.77
N THR K 59 29.92 3.52 2.02
CA THR K 59 29.30 4.84 1.82
C THR K 59 28.11 4.75 0.87
N LYS K 60 28.11 3.77 -0.03
CA LYS K 60 27.04 3.59 -1.00
C LYS K 60 26.89 2.15 -1.42
N VAL K 61 25.64 1.74 -1.58
CA VAL K 61 25.22 0.45 -2.12
C VAL K 61 23.92 0.70 -2.86
N THR K 62 23.90 0.45 -4.16
CA THR K 62 22.72 0.70 -4.99
C THR K 62 22.71 -0.18 -6.22
N LEU K 63 21.54 -0.39 -6.81
CA LEU K 63 21.45 -0.88 -8.18
C LEU K 63 21.92 0.21 -9.14
N VAL K 64 22.48 -0.19 -10.28
CA VAL K 64 22.79 0.67 -11.41
C VAL K 64 22.51 -0.06 -12.72
N ARG K 65 22.48 0.69 -13.83
CA ARG K 65 22.54 0.15 -15.19
C ARG K 65 23.45 0.99 -16.09
N PRO K 66 23.98 0.44 -17.19
CA PRO K 66 24.71 1.23 -18.18
C PRO K 66 23.83 2.36 -18.71
N SER K 67 24.40 3.57 -18.83
CA SER K 67 23.63 4.74 -19.23
C SER K 67 23.48 4.85 -20.75
N LYS K 68 22.39 5.45 -21.24
CA LYS K 68 22.09 5.62 -22.66
C LYS K 68 21.40 6.95 -22.97
N SER K 69 21.64 7.44 -24.19
CA SER K 69 21.24 8.77 -24.63
C SER K 69 20.06 8.70 -25.63
N PRO K 70 19.07 9.61 -25.56
CA PRO K 70 19.03 10.80 -24.73
C PRO K 70 18.48 10.62 -23.30
N GLU K 71 17.82 9.51 -22.98
CA GLU K 71 16.98 9.41 -21.76
C GLU K 71 17.74 9.53 -20.43
N ASP K 72 19.07 9.34 -20.41
CA ASP K 72 19.92 9.59 -19.24
C ASP K 72 20.77 10.88 -19.34
N ASP K 73 20.58 11.74 -20.35
CA ASP K 73 21.47 12.88 -20.61
C ASP K 73 21.54 13.94 -19.50
N ASN K 74 20.56 13.99 -18.59
CA ASN K 74 20.48 15.00 -17.54
C ASN K 74 20.35 14.35 -16.14
N LYS K 75 21.14 13.30 -15.87
CA LYS K 75 21.04 12.45 -14.66
C LYS K 75 22.42 12.15 -14.05
N ASN K 76 22.46 11.60 -12.83
CA ASN K 76 23.64 11.52 -11.96
C ASN K 76 24.72 10.49 -12.37
N LEU K 77 25.22 10.54 -13.61
CA LEU K 77 26.06 9.48 -14.18
C LEU K 77 27.31 9.16 -13.33
N ILE K 78 27.63 7.88 -13.24
CA ILE K 78 28.81 7.34 -12.56
C ILE K 78 29.80 6.83 -13.61
N SER K 79 31.02 7.36 -13.57
CA SER K 79 32.14 6.82 -14.35
C SER K 79 32.78 5.65 -13.60
N TYR K 80 32.85 4.50 -14.26
CA TYR K 80 33.53 3.29 -13.79
C TYR K 80 33.91 2.41 -14.99
N GLY K 81 34.97 1.61 -14.89
CA GLY K 81 35.28 0.57 -15.87
C GLY K 81 35.48 1.07 -17.30
N ASN K 82 35.88 2.33 -17.46
CA ASN K 82 35.96 3.04 -18.75
C ASN K 82 34.62 3.11 -19.52
N LYS K 83 33.50 2.99 -18.81
CA LYS K 83 32.12 3.10 -19.31
C LYS K 83 31.37 4.20 -18.55
N SER K 84 30.05 4.30 -18.75
CA SER K 84 29.17 5.20 -18.02
C SER K 84 27.91 4.49 -17.53
N TRP K 85 27.49 4.81 -16.31
CA TRP K 85 26.44 4.11 -15.56
C TRP K 85 25.48 5.09 -14.88
N VAL K 86 24.29 4.65 -14.48
CA VAL K 86 23.32 5.48 -13.76
C VAL K 86 22.59 4.70 -12.68
N GLU K 87 22.20 5.39 -11.61
CA GLU K 87 21.51 4.85 -10.43
C GLU K 87 20.10 4.35 -10.77
N VAL K 88 19.67 3.24 -10.16
CA VAL K 88 18.27 2.81 -10.24
C VAL K 88 17.76 2.45 -8.85
N THR K 89 16.54 2.88 -8.52
CA THR K 89 15.95 2.68 -7.19
C THR K 89 15.34 1.27 -7.05
N PRO K 90 15.36 0.64 -5.86
CA PRO K 90 14.91 -0.74 -5.68
C PRO K 90 13.51 -1.05 -6.22
N GLU K 91 12.57 -0.11 -6.16
CA GLU K 91 11.21 -0.26 -6.66
C GLU K 91 11.04 -0.03 -8.18
N ASN K 92 12.12 0.21 -8.93
CA ASN K 92 12.09 0.26 -10.41
C ASN K 92 12.98 -0.80 -11.07
N ALA K 93 13.61 -1.70 -10.29
CA ALA K 93 14.70 -2.56 -10.76
C ALA K 93 14.34 -3.37 -12.01
N LYS K 94 13.22 -4.12 -11.96
CA LYS K 94 12.77 -5.01 -13.05
C LYS K 94 12.37 -4.22 -14.30
N ALA K 95 11.71 -3.08 -14.16
CA ALA K 95 11.33 -2.24 -15.30
C ALA K 95 12.55 -1.68 -16.03
N GLU K 96 13.58 -1.27 -15.29
CA GLU K 96 14.83 -0.73 -15.87
C GLU K 96 15.80 -1.83 -16.33
N GLY K 97 15.67 -3.04 -15.82
CA GLY K 97 16.55 -4.18 -16.11
C GLY K 97 17.86 -4.17 -15.33
N ALA K 98 17.90 -3.52 -14.17
CA ALA K 98 19.11 -3.29 -13.38
C ALA K 98 19.54 -4.54 -12.58
N LYS K 99 20.57 -5.24 -13.05
CA LYS K 99 21.11 -6.41 -12.37
C LYS K 99 22.53 -6.20 -11.83
N TRP K 100 23.09 -5.00 -12.02
CA TRP K 100 24.42 -4.64 -11.55
C TRP K 100 24.34 -3.76 -10.30
N VAL K 101 25.19 -4.06 -9.32
CA VAL K 101 25.26 -3.35 -8.05
C VAL K 101 26.54 -2.52 -8.01
N TYR K 102 26.44 -1.24 -7.64
CA TYR K 102 27.60 -0.38 -7.41
C TYR K 102 27.90 -0.31 -5.92
N LEU K 103 29.17 -0.47 -5.55
CA LEU K 103 29.65 -0.55 -4.17
C LEU K 103 30.81 0.42 -3.95
N GLU K 104 30.85 1.14 -2.83
CA GLU K 104 31.82 2.21 -2.59
C GLU K 104 32.12 2.42 -1.11
N SER K 105 33.37 2.76 -0.76
CA SER K 105 33.62 3.41 0.53
C SER K 105 34.92 4.19 0.58
N SER K 106 34.83 5.49 0.83
CA SER K 106 35.99 6.33 1.02
C SER K 106 36.63 6.08 2.39
N ILE K 107 37.81 5.47 2.44
CA ILE K 107 38.65 5.45 3.66
C ILE K 107 39.40 6.77 3.72
N VAL K 108 39.11 7.62 4.70
CA VAL K 108 39.64 8.98 4.77
C VAL K 108 40.75 9.07 5.81
N GLY K 109 41.94 9.51 5.42
CA GLY K 109 43.03 9.75 6.35
C GLY K 109 43.39 8.52 7.20
N ASP K 110 43.60 8.75 8.49
CA ASP K 110 44.01 7.76 9.49
C ASP K 110 42.83 7.13 10.27
N GLU K 111 41.58 7.24 9.78
CA GLU K 111 40.42 6.63 10.46
C GLU K 111 40.48 5.09 10.51
N LEU K 112 41.40 4.49 9.76
CA LEU K 112 41.97 3.17 9.98
C LEU K 112 43.50 3.29 10.00
N PRO K 113 44.24 2.39 10.66
CA PRO K 113 45.69 2.48 10.80
C PRO K 113 46.45 2.78 9.51
N LEU K 114 47.40 3.72 9.58
CA LEU K 114 48.25 4.12 8.45
C LEU K 114 49.29 3.05 8.14
N GLY K 115 49.51 2.79 6.85
CA GLY K 115 50.48 1.80 6.35
C GLY K 115 50.14 1.32 4.95
N THR K 116 51.05 0.54 4.34
CA THR K 116 50.79 -0.02 3.00
C THR K 116 49.65 -1.02 3.02
N TYR K 117 49.03 -1.27 1.87
CA TYR K 117 48.05 -2.34 1.69
C TYR K 117 48.04 -2.88 0.27
N ARG K 118 47.55 -4.11 0.08
CA ARG K 118 47.58 -4.85 -1.20
C ARG K 118 46.32 -5.66 -1.49
N GLN K 119 45.48 -5.93 -0.49
CA GLN K 119 44.22 -6.66 -0.61
C GLN K 119 43.03 -5.77 -0.25
N VAL K 120 41.94 -5.91 -1.00
CA VAL K 120 40.70 -5.15 -0.82
C VAL K 120 39.49 -6.04 -1.06
N GLY K 121 38.43 -5.93 -0.26
CA GLY K 121 37.19 -6.68 -0.49
C GLY K 121 36.00 -6.15 0.30
N PHE K 122 34.81 -6.72 0.04
CA PHE K 122 33.56 -6.31 0.68
C PHE K 122 32.96 -7.49 1.46
N VAL K 123 32.68 -7.29 2.74
CA VAL K 123 31.98 -8.26 3.59
C VAL K 123 30.53 -7.82 3.83
N MET K 124 29.68 -8.75 4.24
CA MET K 124 28.34 -8.43 4.75
C MET K 124 28.06 -9.22 6.04
N ASP K 125 27.06 -8.80 6.80
CA ASP K 125 26.76 -9.35 8.12
C ASP K 125 27.90 -9.16 9.12
N LEU K 126 28.70 -8.10 8.95
CA LEU K 126 29.64 -7.66 9.97
C LEU K 126 28.88 -7.15 11.20
N VAL K 127 29.35 -7.49 12.39
CA VAL K 127 28.81 -7.03 13.67
C VAL K 127 29.96 -6.56 14.54
N ALA K 128 29.86 -5.38 15.13
CA ALA K 128 30.81 -4.90 16.13
C ALA K 128 30.38 -5.24 17.56
N LYS K 129 31.32 -5.18 18.52
CA LYS K 129 31.03 -5.31 19.94
C LYS K 129 30.08 -4.21 20.44
N SER K 130 29.43 -4.45 21.58
CA SER K 130 28.42 -3.54 22.15
C SER K 130 28.96 -2.13 22.40
N GLY K 131 28.20 -1.11 21.99
CA GLY K 131 28.57 0.29 22.15
C GLY K 131 29.61 0.84 21.15
N ILE K 132 30.16 0.00 20.25
CA ILE K 132 30.98 0.47 19.14
C ILE K 132 30.06 0.88 17.98
N SER K 133 29.59 2.13 17.99
CA SER K 133 28.66 2.65 16.97
C SER K 133 29.34 3.10 15.67
N LYS K 134 30.59 3.57 15.77
CA LYS K 134 31.34 4.21 14.69
C LYS K 134 31.45 3.37 13.41
N PHE K 135 31.44 4.01 12.24
CA PHE K 135 31.53 3.34 10.94
C PHE K 135 32.90 2.69 10.65
N ASN K 136 33.95 3.07 11.36
CA ASN K 136 35.33 2.62 11.12
C ASN K 136 35.86 1.79 12.30
N LEU K 137 36.34 0.58 12.02
CA LEU K 137 36.64 -0.45 13.01
C LEU K 137 38.01 -1.10 12.77
N VAL K 138 38.82 -1.29 13.82
CA VAL K 138 39.97 -2.21 13.78
C VAL K 138 39.54 -3.63 14.19
N PRO K 139 40.25 -4.71 13.78
CA PRO K 139 39.74 -6.07 13.90
C PRO K 139 39.35 -6.53 15.32
N SER K 140 39.96 -5.94 16.35
CA SER K 140 39.63 -6.22 17.75
C SER K 140 38.28 -5.64 18.22
N GLU K 141 37.73 -4.65 17.51
CA GLU K 141 36.43 -4.05 17.81
C GLU K 141 35.26 -4.81 17.15
N VAL K 142 35.57 -5.61 16.13
CA VAL K 142 34.63 -6.50 15.45
C VAL K 142 34.30 -7.70 16.34
N GLU K 143 33.02 -8.04 16.46
CA GLU K 143 32.57 -9.29 17.09
C GLU K 143 32.36 -10.42 16.07
N SER K 144 31.75 -10.13 14.92
CA SER K 144 31.65 -11.07 13.79
C SER K 144 32.05 -10.38 12.50
N THR K 145 32.96 -10.99 11.73
CA THR K 145 33.40 -10.43 10.44
C THR K 145 32.38 -10.68 9.32
N GLY K 146 31.35 -11.50 9.56
CA GLY K 146 30.36 -11.85 8.55
C GLY K 146 30.94 -12.69 7.39
N THR K 147 30.38 -12.59 6.19
CA THR K 147 30.82 -13.32 4.99
C THR K 147 31.51 -12.40 3.99
N LEU K 148 32.68 -12.80 3.49
CA LEU K 148 33.39 -12.11 2.41
C LEU K 148 32.77 -12.42 1.05
N LEU K 149 32.14 -11.45 0.41
CA LEU K 149 31.47 -11.64 -0.88
C LEU K 149 32.46 -11.58 -2.05
N PHE K 150 33.16 -10.46 -2.19
CA PHE K 150 34.05 -10.17 -3.32
C PHE K 150 35.37 -9.61 -2.81
N PHE K 151 36.48 -9.93 -3.47
CA PHE K 151 37.77 -9.31 -3.12
C PHE K 151 38.76 -9.32 -4.29
N ASP K 152 39.83 -8.54 -4.18
CA ASP K 152 40.89 -8.49 -5.18
C ASP K 152 42.28 -8.22 -4.61
N ASN K 153 43.30 -8.66 -5.34
CA ASN K 153 44.72 -8.46 -5.07
C ASN K 153 45.28 -7.38 -6.00
N LYS K 154 46.06 -6.42 -5.47
CA LYS K 154 46.59 -5.27 -6.22
C LYS K 154 48.06 -5.05 -5.93
N GLN K 155 48.77 -4.30 -6.78
CA GLN K 155 50.11 -3.80 -6.43
C GLN K 155 49.99 -2.86 -5.22
N PHE K 156 51.04 -2.71 -4.43
CA PHE K 156 50.87 -2.05 -3.14
C PHE K 156 50.48 -0.57 -3.29
N GLN K 157 49.61 -0.11 -2.40
CA GLN K 157 49.39 1.31 -2.13
C GLN K 157 50.01 1.73 -0.80
N ASN K 158 50.09 3.03 -0.56
CA ASN K 158 50.50 3.64 0.70
C ASN K 158 49.55 4.80 1.04
N ARG K 159 49.55 5.27 2.30
CA ARG K 159 48.57 6.22 2.85
C ARG K 159 49.20 7.22 3.81
N SER K 160 48.54 8.36 4.00
CA SER K 160 48.82 9.38 5.00
C SER K 160 47.57 10.19 5.33
N GLU K 161 47.61 11.05 6.34
CA GLU K 161 46.47 11.85 6.79
C GLU K 161 45.86 12.74 5.70
N GLN K 162 46.64 13.11 4.68
CA GLN K 162 46.17 13.91 3.54
C GLN K 162 45.54 13.07 2.42
N THR K 163 45.72 11.75 2.45
CA THR K 163 45.20 10.83 1.42
C THR K 163 43.77 10.40 1.72
N THR K 164 43.05 9.99 0.69
CA THR K 164 41.81 9.21 0.80
C THR K 164 41.89 8.06 -0.19
N ALA K 165 41.52 6.84 0.21
CA ALA K 165 41.38 5.74 -0.72
C ALA K 165 39.91 5.53 -1.06
N LYS K 166 39.53 5.71 -2.32
CA LYS K 166 38.16 5.50 -2.81
C LYS K 166 38.07 4.18 -3.56
N GLU K 167 38.16 3.07 -2.82
CA GLU K 167 37.90 1.74 -3.37
C GLU K 167 36.42 1.60 -3.75
N ARG K 168 36.14 0.94 -4.87
CA ARG K 168 34.79 0.74 -5.37
C ARG K 168 34.73 -0.39 -6.40
N PHE K 169 33.53 -0.90 -6.67
CA PHE K 169 33.26 -1.91 -7.69
C PHE K 169 31.90 -1.70 -8.36
N ILE K 170 31.73 -2.20 -9.58
CA ILE K 170 30.42 -2.60 -10.10
C ILE K 170 30.46 -4.11 -10.30
N VAL K 171 29.48 -4.84 -9.75
CA VAL K 171 29.44 -6.30 -9.82
C VAL K 171 28.02 -6.85 -9.89
N GLU K 172 27.97 -8.15 -10.10
CA GLU K 172 26.91 -9.07 -9.65
C GLU K 172 27.64 -10.32 -9.12
N VAL K 173 27.01 -11.19 -8.33
CA VAL K 173 27.72 -12.37 -7.78
C VAL K 173 28.23 -13.31 -8.90
N ASP K 174 27.48 -13.38 -10.00
CA ASP K 174 28.00 -13.67 -11.34
C ASP K 174 28.48 -12.35 -11.98
N PRO K 175 29.80 -12.10 -12.12
CA PRO K 175 30.30 -10.85 -12.65
C PRO K 175 30.36 -10.79 -14.19
N ASN K 176 29.95 -11.83 -14.93
CA ASN K 176 30.34 -12.00 -16.35
C ASN K 176 29.27 -12.58 -17.29
N SER K 177 27.97 -12.42 -17.02
CA SER K 177 26.87 -12.85 -17.89
C SER K 177 26.88 -12.15 -19.25
N ALA L 2 39.23 -9.47 -9.22
CA ALA L 2 37.93 -8.92 -8.80
C ALA L 2 36.90 -10.02 -8.50
N ILE L 3 37.38 -11.15 -7.99
CA ILE L 3 36.62 -12.39 -7.85
C ILE L 3 35.55 -12.36 -6.76
N ALA L 4 34.55 -13.22 -6.90
CA ALA L 4 33.67 -13.65 -5.82
C ALA L 4 34.32 -14.79 -5.01
N THR L 5 34.02 -14.90 -3.71
CA THR L 5 34.37 -16.12 -2.95
C THR L 5 33.32 -17.21 -3.15
N TYR L 6 33.72 -18.46 -2.97
CA TYR L 6 32.85 -19.65 -3.08
C TYR L 6 31.63 -19.61 -2.15
N ASN L 7 31.75 -18.92 -1.01
CA ASN L 7 30.63 -18.70 -0.10
C ASN L 7 29.50 -17.88 -0.75
N SER L 8 29.83 -16.93 -1.64
CA SER L 8 28.87 -15.92 -2.09
C SER L 8 27.66 -16.55 -2.79
N HIS L 9 27.88 -17.53 -3.67
CA HIS L 9 26.80 -18.25 -4.35
C HIS L 9 25.87 -18.96 -3.36
N VAL L 10 26.46 -19.57 -2.33
CA VAL L 10 25.76 -20.27 -1.26
C VAL L 10 24.86 -19.31 -0.49
N GLU L 11 25.26 -18.05 -0.30
CA GLU L 11 24.39 -17.11 0.41
C GLU L 11 23.11 -16.81 -0.38
N LEU L 12 23.22 -16.60 -1.68
CA LEU L 12 22.04 -16.42 -2.53
C LEU L 12 21.13 -17.65 -2.50
N ALA L 13 21.71 -18.83 -2.50
CA ALA L 13 20.96 -20.07 -2.32
C ALA L 13 20.25 -20.12 -0.96
N LYS L 14 20.92 -19.75 0.14
CA LYS L 14 20.26 -19.60 1.44
C LYS L 14 19.11 -18.60 1.38
N TYR L 15 19.28 -17.48 0.69
CA TYR L 15 18.18 -16.55 0.48
C TYR L 15 17.01 -17.23 -0.21
N LEU L 16 17.23 -17.90 -1.35
CA LEU L 16 16.16 -18.60 -2.08
C LEU L 16 15.42 -19.61 -1.20
N VAL L 17 16.14 -20.37 -0.36
CA VAL L 17 15.54 -21.31 0.60
C VAL L 17 14.79 -20.61 1.74
N SER L 18 15.19 -19.40 2.13
CA SER L 18 14.46 -18.62 3.14
C SER L 18 13.07 -18.14 2.68
N LYS L 19 12.84 -18.06 1.36
CA LYS L 19 11.55 -17.67 0.74
C LYS L 19 10.51 -18.78 0.69
N ALA L 20 10.87 -20.01 1.07
CA ALA L 20 10.18 -21.28 0.76
C ALA L 20 8.65 -21.25 0.96
N ASP L 21 8.16 -20.64 2.04
CA ASP L 21 6.72 -20.60 2.33
C ASP L 21 5.92 -19.94 1.18
N SER L 22 6.47 -18.89 0.57
CA SER L 22 5.85 -18.19 -0.57
C SER L 22 6.05 -18.87 -1.93
N VAL L 23 6.79 -19.98 -2.01
CA VAL L 23 7.15 -20.60 -3.29
C VAL L 23 6.07 -21.57 -3.77
N TYR L 24 5.70 -21.45 -5.04
CA TYR L 24 4.68 -22.26 -5.71
C TYR L 24 5.24 -22.82 -7.01
N LEU L 25 4.95 -24.10 -7.29
CA LEU L 25 4.98 -24.65 -8.64
C LEU L 25 3.90 -23.96 -9.47
N THR L 26 4.19 -23.73 -10.74
CA THR L 26 3.25 -23.26 -11.75
C THR L 26 3.46 -24.00 -13.07
N ILE L 27 2.37 -24.12 -13.83
CA ILE L 27 2.30 -24.95 -15.03
C ILE L 27 1.49 -24.25 -16.14
N GLY L 28 1.86 -24.47 -17.40
CA GLY L 28 1.29 -23.74 -18.52
C GLY L 28 1.63 -24.29 -19.90
N LYS L 29 1.43 -23.45 -20.91
CA LYS L 29 1.42 -23.73 -22.35
C LYS L 29 0.49 -24.92 -22.66
N SER L 30 -0.79 -24.74 -22.37
CA SER L 30 -1.80 -25.79 -22.44
C SER L 30 -2.24 -26.17 -23.86
N THR L 31 -2.01 -25.34 -24.88
CA THR L 31 -2.24 -25.71 -26.31
C THR L 31 -0.93 -26.10 -27.02
N PRO L 32 -0.97 -26.79 -28.17
CA PRO L 32 0.22 -27.26 -28.90
C PRO L 32 1.33 -26.22 -29.17
N TRP L 33 2.58 -26.70 -29.22
CA TRP L 33 3.66 -26.05 -29.97
C TRP L 33 3.43 -26.20 -31.49
N SER L 34 4.33 -25.65 -32.31
CA SER L 34 4.37 -25.97 -33.75
C SER L 34 4.72 -27.45 -34.01
N ASN L 35 5.49 -28.07 -33.10
CA ASN L 35 5.77 -29.50 -33.06
C ASN L 35 5.86 -29.98 -31.61
N GLU L 36 4.95 -30.86 -31.18
CA GLU L 36 4.87 -31.30 -29.77
C GLU L 36 6.11 -32.08 -29.30
N THR L 37 6.87 -32.66 -30.23
CA THR L 37 8.12 -33.39 -30.01
C THR L 37 9.36 -32.49 -30.11
N ASN L 38 9.22 -31.24 -30.56
CA ASN L 38 10.34 -30.28 -30.68
C ASN L 38 9.96 -28.84 -30.25
N PRO L 39 9.89 -28.56 -28.94
CA PRO L 39 9.62 -27.24 -28.38
C PRO L 39 10.61 -26.15 -28.84
N PRO L 40 10.20 -24.87 -28.88
CA PRO L 40 11.09 -23.74 -29.12
C PRO L 40 11.93 -23.43 -27.88
N GLN L 41 12.89 -22.50 -27.99
CA GLN L 41 13.73 -22.06 -26.85
C GLN L 41 12.96 -21.18 -25.84
N PRO L 42 13.11 -21.43 -24.52
CA PRO L 42 12.48 -20.61 -23.49
C PRO L 42 13.18 -19.24 -23.40
N ASP L 43 12.42 -18.14 -23.53
CA ASP L 43 12.99 -16.79 -23.50
C ASP L 43 13.17 -16.30 -22.05
N GLU L 44 14.42 -16.09 -21.64
CA GLU L 44 14.77 -15.62 -20.29
C GLU L 44 14.18 -14.24 -19.94
N ASN L 45 13.72 -13.45 -20.91
CA ASN L 45 13.05 -12.16 -20.67
C ASN L 45 11.58 -12.34 -20.24
N ALA L 46 10.97 -13.51 -20.42
CA ALA L 46 9.54 -13.71 -20.16
C ALA L 46 9.20 -13.60 -18.66
N THR L 47 8.10 -12.93 -18.34
CA THR L 47 7.71 -12.66 -16.94
C THR L 47 6.94 -13.81 -16.28
N VAL L 48 6.17 -14.57 -17.05
CA VAL L 48 5.28 -15.65 -16.59
C VAL L 48 5.03 -16.66 -17.72
N LEU L 49 4.61 -17.88 -17.38
CA LEU L 49 4.32 -18.92 -18.36
C LEU L 49 3.23 -18.47 -19.35
N GLN L 50 3.26 -19.00 -20.57
CA GLN L 50 2.11 -18.86 -21.47
C GLN L 50 0.95 -19.74 -20.99
N GLU L 51 -0.29 -19.37 -21.30
CA GLU L 51 -1.48 -20.19 -21.04
C GLU L 51 -1.47 -20.83 -19.63
N VAL L 52 -1.39 -20.00 -18.58
CA VAL L 52 -1.24 -20.43 -17.19
C VAL L 52 -2.42 -21.30 -16.76
N ILE L 53 -2.13 -22.50 -16.25
CA ILE L 53 -3.13 -23.42 -15.73
C ILE L 53 -3.48 -23.07 -14.27
N GLY L 54 -2.47 -22.70 -13.49
CA GLY L 54 -2.60 -22.34 -12.07
C GLY L 54 -1.30 -22.57 -11.30
N TYR L 55 -1.44 -22.74 -9.99
CA TYR L 55 -0.34 -22.76 -9.03
C TYR L 55 -0.59 -23.78 -7.91
N LYS L 56 0.47 -24.43 -7.41
CA LYS L 56 0.44 -25.32 -6.24
C LYS L 56 1.63 -25.04 -5.31
N LYS L 57 1.41 -24.94 -4.00
CA LYS L 57 2.46 -24.64 -3.01
C LYS L 57 3.63 -25.62 -3.09
N ALA L 58 4.86 -25.17 -2.87
CA ALA L 58 6.00 -26.06 -2.86
C ALA L 58 5.94 -27.02 -1.65
N THR L 59 6.12 -28.31 -1.92
CA THR L 59 6.05 -29.38 -0.92
C THR L 59 7.39 -29.66 -0.24
N LYS L 60 8.50 -29.35 -0.92
CA LYS L 60 9.84 -29.47 -0.38
C LYS L 60 10.75 -28.43 -1.04
N VAL L 61 11.43 -27.64 -0.22
CA VAL L 61 12.47 -26.69 -0.62
C VAL L 61 13.65 -26.89 0.32
N THR L 62 14.86 -27.08 -0.22
CA THR L 62 16.07 -27.27 0.59
C THR L 62 17.35 -26.96 -0.20
N LEU L 63 18.43 -26.63 0.51
CA LEU L 63 19.77 -26.74 -0.05
C LEU L 63 20.12 -28.22 -0.25
N VAL L 64 20.87 -28.52 -1.31
CA VAL L 64 21.36 -29.87 -1.65
C VAL L 64 22.76 -29.80 -2.23
N ARG L 65 23.48 -30.92 -2.25
CA ARG L 65 24.72 -31.07 -3.04
C ARG L 65 24.90 -32.49 -3.59
N PRO L 66 25.75 -32.69 -4.61
CA PRO L 66 26.15 -34.02 -5.05
C PRO L 66 26.72 -34.86 -3.89
N SER L 67 26.39 -36.16 -3.86
CA SER L 67 26.87 -37.08 -2.82
C SER L 67 28.32 -37.51 -3.03
N LYS L 68 29.04 -37.77 -1.92
CA LYS L 68 30.38 -38.37 -1.87
C LYS L 68 30.44 -39.55 -0.89
N SER L 69 31.06 -40.64 -1.33
CA SER L 69 31.27 -41.86 -0.55
C SER L 69 32.52 -41.72 0.33
N PRO L 70 32.59 -42.38 1.51
CA PRO L 70 31.56 -43.23 2.13
C PRO L 70 30.51 -42.43 2.91
N GLU L 71 30.78 -41.16 3.23
CA GLU L 71 30.03 -40.46 4.26
C GLU L 71 28.55 -40.21 3.89
N ASP L 72 28.27 -39.69 2.70
CA ASP L 72 26.88 -39.34 2.35
C ASP L 72 26.01 -40.59 2.10
N ASP L 73 26.62 -41.71 1.71
CA ASP L 73 25.93 -43.01 1.58
C ASP L 73 25.28 -43.47 2.90
N ASN L 74 25.69 -42.88 4.03
CA ASN L 74 25.26 -43.19 5.39
C ASN L 74 24.48 -42.03 6.05
N LYS L 75 23.99 -41.06 5.26
CA LYS L 75 23.16 -39.92 5.69
C LYS L 75 21.76 -39.95 5.07
N ASN L 76 20.94 -38.94 5.37
CA ASN L 76 19.70 -38.63 4.67
C ASN L 76 19.97 -38.41 3.17
N LEU L 77 19.10 -38.88 2.28
CA LEU L 77 19.47 -39.09 0.87
C LEU L 77 18.34 -38.77 -0.11
N ILE L 78 18.70 -38.34 -1.32
CA ILE L 78 17.80 -38.11 -2.46
C ILE L 78 18.36 -38.83 -3.69
N SER L 79 17.51 -39.51 -4.46
CA SER L 79 17.85 -39.96 -5.81
C SER L 79 17.09 -39.16 -6.87
N TYR L 80 17.82 -38.53 -7.79
CA TYR L 80 17.30 -37.79 -8.94
C TYR L 80 18.36 -37.69 -10.05
N GLY L 81 17.94 -37.56 -11.31
CA GLY L 81 18.84 -37.73 -12.45
C GLY L 81 19.43 -39.15 -12.52
N ASN L 82 18.71 -40.13 -11.96
CA ASN L 82 19.17 -41.50 -11.68
C ASN L 82 20.42 -41.57 -10.78
N LYS L 83 20.74 -40.49 -10.04
CA LYS L 83 21.98 -40.29 -9.26
C LYS L 83 21.71 -39.69 -7.87
N SER L 84 22.71 -39.76 -6.99
CA SER L 84 22.54 -39.60 -5.56
C SER L 84 23.00 -38.23 -5.03
N TRP L 85 22.19 -37.61 -4.18
CA TRP L 85 22.33 -36.26 -3.62
C TRP L 85 22.11 -36.29 -2.10
N VAL L 86 22.69 -35.33 -1.39
CA VAL L 86 22.50 -35.15 0.07
C VAL L 86 21.88 -33.79 0.39
N GLU L 87 20.91 -33.78 1.30
CA GLU L 87 20.27 -32.54 1.77
C GLU L 87 21.16 -31.80 2.78
N VAL L 88 21.11 -30.46 2.78
CA VAL L 88 21.92 -29.63 3.69
C VAL L 88 21.03 -28.63 4.43
N THR L 89 21.30 -28.42 5.71
CA THR L 89 20.59 -27.44 6.55
C THR L 89 21.22 -26.04 6.50
N PRO L 90 20.43 -24.95 6.63
CA PRO L 90 20.94 -23.60 6.46
C PRO L 90 22.16 -23.25 7.32
N GLU L 91 22.22 -23.72 8.56
CA GLU L 91 23.32 -23.43 9.49
C GLU L 91 24.61 -24.22 9.22
N ASN L 92 24.65 -25.06 8.17
CA ASN L 92 25.87 -25.74 7.72
C ASN L 92 26.31 -25.35 6.29
N ALA L 93 25.56 -24.49 5.60
CA ALA L 93 25.65 -24.32 4.15
C ALA L 93 27.06 -24.05 3.62
N LYS L 94 27.81 -23.13 4.25
CA LYS L 94 29.19 -22.77 3.87
C LYS L 94 30.19 -23.91 4.13
N ALA L 95 30.01 -24.69 5.20
CA ALA L 95 30.88 -25.82 5.50
C ALA L 95 30.73 -26.95 4.45
N GLU L 96 29.49 -27.18 4.00
CA GLU L 96 29.16 -28.15 2.95
C GLU L 96 29.40 -27.66 1.52
N GLY L 97 29.33 -26.34 1.29
CA GLY L 97 29.43 -25.75 -0.05
C GLY L 97 28.13 -25.87 -0.87
N ALA L 98 26.98 -25.86 -0.21
CA ALA L 98 25.68 -26.30 -0.72
C ALA L 98 24.96 -25.35 -1.72
N LYS L 99 25.64 -24.83 -2.74
CA LYS L 99 25.11 -23.79 -3.66
C LYS L 99 23.95 -24.23 -4.57
N TRP L 100 23.41 -25.44 -4.44
CA TRP L 100 22.25 -25.89 -5.24
C TRP L 100 20.97 -25.85 -4.42
N VAL L 101 19.90 -25.32 -5.00
CA VAL L 101 18.57 -25.30 -4.39
C VAL L 101 17.68 -26.32 -5.07
N TYR L 102 17.00 -27.14 -4.27
CA TYR L 102 16.03 -28.12 -4.70
C TYR L 102 14.62 -27.58 -4.48
N LEU L 103 13.75 -27.72 -5.49
CA LEU L 103 12.35 -27.32 -5.47
C LEU L 103 11.47 -28.49 -5.92
N GLU L 104 10.36 -28.77 -5.23
CA GLU L 104 9.47 -29.90 -5.55
C GLU L 104 8.00 -29.66 -5.18
N SER L 105 7.08 -30.05 -6.07
CA SER L 105 5.65 -30.08 -5.77
C SER L 105 4.90 -31.13 -6.59
N SER L 106 3.76 -31.57 -6.05
CA SER L 106 2.88 -32.60 -6.61
C SER L 106 1.50 -32.02 -6.88
N ILE L 107 0.99 -32.15 -8.10
CA ILE L 107 -0.38 -31.75 -8.48
C ILE L 107 -1.21 -33.01 -8.64
N VAL L 108 -2.25 -33.16 -7.81
CA VAL L 108 -3.01 -34.41 -7.62
C VAL L 108 -4.41 -34.27 -8.22
N GLY L 109 -4.77 -35.19 -9.12
CA GLY L 109 -6.11 -35.23 -9.70
C GLY L 109 -6.50 -33.92 -10.37
N ASP L 110 -7.71 -33.45 -10.11
CA ASP L 110 -8.26 -32.20 -10.65
C ASP L 110 -8.08 -30.98 -9.70
N GLU L 111 -7.18 -31.02 -8.71
CA GLU L 111 -6.98 -29.87 -7.80
C GLU L 111 -6.52 -28.59 -8.52
N LEU L 112 -6.00 -28.73 -9.74
CA LEU L 112 -6.04 -27.72 -10.79
C LEU L 112 -6.76 -28.32 -12.01
N PRO L 113 -7.41 -27.53 -12.87
CA PRO L 113 -8.09 -28.03 -14.06
C PRO L 113 -7.30 -29.06 -14.88
N LEU L 114 -8.00 -30.08 -15.39
CA LEU L 114 -7.42 -31.14 -16.20
C LEU L 114 -7.10 -30.65 -17.63
N GLY L 115 -5.95 -31.03 -18.16
CA GLY L 115 -5.50 -30.64 -19.50
C GLY L 115 -4.06 -31.05 -19.81
N THR L 116 -3.63 -30.85 -21.05
CA THR L 116 -2.22 -31.00 -21.44
C THR L 116 -1.38 -29.78 -21.03
N TYR L 117 -0.07 -29.94 -20.88
CA TYR L 117 0.86 -28.87 -20.52
C TYR L 117 2.21 -29.04 -21.20
N ARG L 118 2.95 -27.93 -21.38
CA ARG L 118 4.24 -27.82 -22.10
C ARG L 118 5.25 -26.86 -21.45
N GLN L 119 4.88 -26.22 -20.34
CA GLN L 119 5.79 -25.40 -19.54
C GLN L 119 5.62 -25.70 -18.05
N VAL L 120 6.75 -25.73 -17.35
CA VAL L 120 6.86 -25.98 -15.90
C VAL L 120 7.84 -24.96 -15.31
N GLY L 121 7.52 -24.38 -14.15
CA GLY L 121 8.41 -23.45 -13.47
C GLY L 121 8.00 -23.16 -12.04
N PHE L 122 8.78 -22.33 -11.35
CA PHE L 122 8.55 -21.99 -9.94
C PHE L 122 8.55 -20.49 -9.70
N VAL L 123 7.60 -20.03 -8.90
CA VAL L 123 7.41 -18.63 -8.51
C VAL L 123 7.64 -18.46 -7.01
N MET L 124 8.17 -17.31 -6.59
CA MET L 124 8.16 -16.85 -5.20
C MET L 124 7.15 -15.70 -5.00
N ASP L 125 6.86 -15.32 -3.75
CA ASP L 125 6.07 -14.11 -3.43
C ASP L 125 4.66 -14.08 -4.03
N LEU L 126 4.10 -15.25 -4.35
CA LEU L 126 2.70 -15.36 -4.74
C LEU L 126 1.77 -15.05 -3.55
N VAL L 127 0.78 -14.19 -3.77
CA VAL L 127 -0.25 -13.85 -2.78
C VAL L 127 -1.64 -14.10 -3.35
N ALA L 128 -2.40 -14.95 -2.69
CA ALA L 128 -3.79 -15.24 -3.04
C ALA L 128 -4.73 -14.10 -2.65
N LYS L 129 -5.89 -14.01 -3.29
CA LYS L 129 -6.94 -13.03 -2.93
C LYS L 129 -7.41 -13.23 -1.49
N SER L 130 -7.92 -12.15 -0.89
CA SER L 130 -8.31 -12.14 0.53
C SER L 130 -9.35 -13.22 0.88
N GLY L 131 -9.06 -14.01 1.91
CA GLY L 131 -9.89 -15.11 2.41
C GLY L 131 -9.53 -16.49 1.85
N ILE L 132 -8.82 -16.60 0.72
CA ILE L 132 -8.36 -17.89 0.19
C ILE L 132 -7.17 -18.41 1.01
N SER L 133 -7.16 -19.69 1.40
CA SER L 133 -6.05 -20.31 2.15
C SER L 133 -5.56 -21.66 1.61
N LYS L 134 -6.26 -22.23 0.62
CA LYS L 134 -5.93 -23.52 0.00
C LYS L 134 -4.64 -23.47 -0.81
N PHE L 135 -3.91 -24.58 -0.85
CA PHE L 135 -2.57 -24.64 -1.46
C PHE L 135 -2.58 -24.71 -3.00
N ASN L 136 -3.73 -24.95 -3.61
CA ASN L 136 -3.94 -25.02 -5.06
C ASN L 136 -4.75 -23.80 -5.53
N LEU L 137 -4.28 -23.08 -6.54
CA LEU L 137 -4.89 -21.82 -7.00
C LEU L 137 -4.98 -21.73 -8.53
N VAL L 138 -6.16 -21.43 -9.06
CA VAL L 138 -6.30 -21.00 -10.47
C VAL L 138 -6.05 -19.48 -10.60
N PRO L 139 -5.72 -18.94 -11.79
CA PRO L 139 -5.26 -17.55 -11.89
C PRO L 139 -6.22 -16.51 -11.30
N SER L 140 -7.52 -16.74 -11.41
CA SER L 140 -8.56 -15.86 -10.86
C SER L 140 -8.60 -15.81 -9.33
N GLU L 141 -7.96 -16.75 -8.63
CA GLU L 141 -7.80 -16.76 -7.17
C GLU L 141 -6.52 -16.04 -6.69
N VAL L 142 -5.67 -15.58 -7.61
CA VAL L 142 -4.36 -15.00 -7.31
C VAL L 142 -4.43 -13.46 -7.38
N GLU L 143 -4.01 -12.78 -6.32
CA GLU L 143 -4.00 -11.31 -6.26
C GLU L 143 -2.68 -10.76 -6.83
N SER L 144 -1.56 -11.34 -6.41
CA SER L 144 -0.24 -11.07 -6.98
C SER L 144 0.44 -12.37 -7.33
N THR L 145 0.86 -12.54 -8.58
CA THR L 145 1.56 -13.75 -9.05
C THR L 145 3.00 -13.83 -8.58
N GLY L 146 3.49 -12.82 -7.85
CA GLY L 146 4.86 -12.78 -7.38
C GLY L 146 5.85 -12.76 -8.54
N THR L 147 6.94 -13.56 -8.47
CA THR L 147 7.98 -13.57 -9.51
C THR L 147 8.35 -14.99 -9.94
N LEU L 148 8.34 -15.26 -11.25
CA LEU L 148 8.87 -16.48 -11.85
C LEU L 148 10.40 -16.43 -11.91
N LEU L 149 11.07 -17.25 -11.10
CA LEU L 149 12.53 -17.29 -11.05
C LEU L 149 13.11 -18.20 -12.13
N PHE L 150 12.56 -19.42 -12.24
CA PHE L 150 13.08 -20.50 -13.08
C PHE L 150 11.94 -21.22 -13.81
N PHE L 151 12.16 -21.62 -15.05
CA PHE L 151 11.22 -22.44 -15.83
C PHE L 151 11.93 -23.16 -16.98
N ASP L 152 11.24 -24.11 -17.62
CA ASP L 152 11.71 -24.72 -18.86
C ASP L 152 10.55 -25.07 -19.79
N ASN L 153 10.82 -25.05 -21.09
CA ASN L 153 9.91 -25.60 -22.10
C ASN L 153 10.02 -27.13 -22.11
N LYS L 154 8.91 -27.82 -22.36
CA LYS L 154 8.85 -29.28 -22.38
C LYS L 154 8.05 -29.78 -23.59
N GLN L 155 8.32 -31.03 -23.98
CA GLN L 155 7.44 -31.79 -24.88
C GLN L 155 6.09 -32.06 -24.19
N PHE L 156 5.02 -32.21 -24.96
CA PHE L 156 3.66 -32.22 -24.38
C PHE L 156 3.41 -33.37 -23.38
N GLN L 157 2.66 -33.04 -22.32
CA GLN L 157 2.35 -33.91 -21.18
C GLN L 157 0.88 -33.77 -20.79
N ASN L 158 0.36 -34.70 -19.98
CA ASN L 158 -1.09 -34.82 -19.71
C ASN L 158 -1.41 -35.36 -18.30
N ARG L 159 -2.65 -35.15 -17.83
CA ARG L 159 -3.14 -35.56 -16.49
C ARG L 159 -4.58 -36.09 -16.55
N SER L 160 -4.91 -37.00 -15.62
CA SER L 160 -6.25 -37.55 -15.40
C SER L 160 -6.54 -37.72 -13.90
N GLU L 161 -7.81 -37.90 -13.54
CA GLU L 161 -8.33 -37.82 -12.17
C GLU L 161 -7.61 -38.71 -11.13
N GLN L 162 -7.10 -39.87 -11.52
CA GLN L 162 -6.34 -40.76 -10.64
C GLN L 162 -4.94 -40.21 -10.31
N THR L 163 -4.32 -39.56 -11.31
CA THR L 163 -2.88 -39.35 -11.40
C THR L 163 -2.37 -38.20 -10.54
N THR L 164 -1.10 -38.31 -10.14
CA THR L 164 -0.34 -37.17 -9.62
C THR L 164 0.75 -36.80 -10.62
N ALA L 165 0.75 -35.56 -11.08
CA ALA L 165 1.89 -35.01 -11.81
C ALA L 165 2.88 -34.44 -10.79
N LYS L 166 4.09 -35.00 -10.73
CA LYS L 166 5.18 -34.47 -9.89
C LYS L 166 6.31 -33.91 -10.75
N GLU L 167 6.74 -32.70 -10.43
CA GLU L 167 7.85 -32.03 -11.08
C GLU L 167 8.78 -31.50 -9.99
N ARG L 168 10.10 -31.65 -10.19
CA ARG L 168 11.11 -31.12 -9.25
C ARG L 168 12.37 -30.68 -10.00
N PHE L 169 12.99 -29.59 -9.54
CA PHE L 169 14.20 -29.02 -10.11
C PHE L 169 15.32 -29.06 -9.08
N ILE L 170 16.55 -29.23 -9.53
CA ILE L 170 17.75 -28.73 -8.84
C ILE L 170 18.31 -27.59 -9.70
N VAL L 171 18.58 -26.45 -9.08
CA VAL L 171 19.10 -25.22 -9.73
C VAL L 171 20.26 -24.63 -8.94
N GLU L 172 21.04 -23.79 -9.61
CA GLU L 172 22.12 -22.97 -9.01
C GLU L 172 22.16 -21.58 -9.70
N VAL L 173 22.63 -20.63 -8.89
CA VAL L 173 22.53 -19.18 -9.09
C VAL L 173 23.53 -18.59 -10.09
N ASP L 174 24.59 -19.33 -10.43
CA ASP L 174 25.65 -18.93 -11.34
C ASP L 174 26.24 -20.18 -12.02
N PRO L 175 25.67 -20.59 -13.16
CA PRO L 175 26.17 -21.72 -13.93
C PRO L 175 27.43 -21.37 -14.75
N ASN L 176 27.98 -20.16 -14.62
CA ASN L 176 28.92 -19.58 -15.59
C ASN L 176 30.06 -18.72 -14.97
N SER L 177 30.77 -19.28 -13.98
CA SER L 177 32.05 -18.78 -13.44
C SER L 177 33.26 -19.17 -14.30
N ALA M 2 -25.05 -74.69 -5.29
CA ALA M 2 -23.97 -74.61 -4.31
C ALA M 2 -23.26 -73.24 -4.32
N ILE M 3 -22.48 -72.93 -3.29
CA ILE M 3 -21.74 -71.67 -3.16
C ILE M 3 -20.24 -71.86 -2.92
N ALA M 4 -19.43 -70.96 -3.50
CA ALA M 4 -18.06 -70.68 -3.06
C ALA M 4 -18.06 -69.70 -1.86
N THR M 5 -16.89 -69.22 -1.44
CA THR M 5 -16.76 -68.34 -0.25
C THR M 5 -15.78 -67.19 -0.45
N TYR M 6 -15.91 -66.14 0.36
CA TYR M 6 -14.94 -65.05 0.49
C TYR M 6 -13.50 -65.57 0.71
N ASN M 7 -13.35 -66.62 1.55
CA ASN M 7 -12.06 -67.29 1.75
C ASN M 7 -11.50 -67.92 0.47
N SER M 8 -12.34 -68.34 -0.48
CA SER M 8 -11.84 -68.79 -1.78
C SER M 8 -11.21 -67.63 -2.56
N HIS M 9 -11.80 -66.43 -2.51
CA HIS M 9 -11.25 -65.23 -3.15
C HIS M 9 -9.94 -64.80 -2.49
N VAL M 10 -9.82 -64.97 -1.18
CA VAL M 10 -8.54 -64.84 -0.44
C VAL M 10 -7.48 -65.84 -0.96
N GLU M 11 -7.83 -67.11 -1.14
CA GLU M 11 -6.91 -68.14 -1.63
C GLU M 11 -6.49 -67.96 -3.10
N LEU M 12 -7.41 -67.52 -3.94
CA LEU M 12 -7.10 -67.21 -5.33
C LEU M 12 -6.27 -65.91 -5.44
N ALA M 13 -6.49 -64.93 -4.56
CA ALA M 13 -5.58 -63.80 -4.42
C ALA M 13 -4.17 -64.26 -3.98
N LYS M 14 -4.06 -65.13 -2.98
CA LYS M 14 -2.78 -65.76 -2.57
C LYS M 14 -2.10 -66.50 -3.72
N TYR M 15 -2.85 -67.24 -4.54
CA TYR M 15 -2.32 -67.91 -5.73
C TYR M 15 -1.69 -66.89 -6.70
N LEU M 16 -2.41 -65.84 -7.08
CA LEU M 16 -1.88 -64.77 -7.96
C LEU M 16 -0.61 -64.13 -7.36
N VAL M 17 -0.61 -63.86 -6.06
CA VAL M 17 0.56 -63.33 -5.34
C VAL M 17 1.74 -64.32 -5.31
N SER M 18 1.48 -65.63 -5.25
CA SER M 18 2.54 -66.65 -5.30
C SER M 18 3.25 -66.75 -6.66
N LYS M 19 2.60 -66.27 -7.74
CA LYS M 19 3.12 -66.23 -9.11
C LYS M 19 4.07 -65.04 -9.38
N ALA M 20 4.24 -64.11 -8.42
CA ALA M 20 4.83 -62.77 -8.57
C ALA M 20 6.15 -62.73 -9.36
N ASP M 21 7.00 -63.75 -9.22
CA ASP M 21 8.30 -63.80 -9.91
C ASP M 21 8.15 -63.80 -11.45
N SER M 22 7.05 -64.36 -11.95
CA SER M 22 6.67 -64.40 -13.36
C SER M 22 5.85 -63.18 -13.84
N VAL M 23 5.54 -62.23 -12.95
CA VAL M 23 4.60 -61.14 -13.23
C VAL M 23 5.33 -59.89 -13.70
N TYR M 24 4.84 -59.31 -14.81
CA TYR M 24 5.32 -58.05 -15.38
C TYR M 24 4.14 -57.10 -15.60
N LEU M 25 4.33 -55.82 -15.30
CA LEU M 25 3.51 -54.76 -15.89
C LEU M 25 3.82 -54.72 -17.39
N THR M 26 2.81 -54.42 -18.21
CA THR M 26 2.97 -54.10 -19.63
C THR M 26 2.19 -52.84 -19.97
N ILE M 27 2.69 -52.10 -20.95
CA ILE M 27 2.05 -50.88 -21.45
C ILE M 27 2.06 -50.91 -22.97
N GLY M 28 1.11 -50.22 -23.58
CA GLY M 28 0.90 -50.26 -25.02
C GLY M 28 0.06 -49.12 -25.56
N LYS M 29 -0.49 -49.31 -26.76
CA LYS M 29 -1.25 -48.33 -27.53
C LYS M 29 -0.46 -47.01 -27.69
N SER M 30 0.67 -47.11 -28.39
CA SER M 30 1.57 -45.97 -28.63
C SER M 30 1.03 -44.97 -29.65
N THR M 31 0.15 -45.36 -30.59
CA THR M 31 -0.52 -44.37 -31.46
C THR M 31 -1.81 -43.85 -30.81
N PRO M 32 -2.34 -42.67 -31.22
CA PRO M 32 -3.53 -42.06 -30.63
C PRO M 32 -4.77 -42.96 -30.55
N TRP M 33 -5.68 -42.64 -29.63
CA TRP M 33 -7.10 -42.98 -29.81
C TRP M 33 -7.74 -42.14 -30.93
N SER M 34 -8.97 -42.47 -31.35
CA SER M 34 -9.74 -41.64 -32.28
C SER M 34 -9.95 -40.20 -31.75
N ASN M 35 -10.07 -40.06 -30.43
CA ASN M 35 -9.93 -38.80 -29.70
C ASN M 35 -9.36 -39.11 -28.32
N GLU M 36 -8.20 -38.54 -27.99
CA GLU M 36 -7.41 -38.89 -26.79
C GLU M 36 -8.17 -38.69 -25.47
N THR M 37 -9.19 -37.83 -25.44
CA THR M 37 -10.02 -37.56 -24.26
C THR M 37 -11.02 -38.70 -23.94
N ASN M 38 -11.46 -39.46 -24.94
CA ASN M 38 -12.55 -40.45 -24.80
C ASN M 38 -12.14 -41.81 -25.40
N PRO M 39 -11.28 -42.59 -24.73
CA PRO M 39 -10.82 -43.91 -25.17
C PRO M 39 -11.96 -44.92 -25.44
N PRO M 40 -11.72 -45.93 -26.29
CA PRO M 40 -12.62 -47.06 -26.48
C PRO M 40 -12.59 -48.02 -25.27
N GLN M 41 -13.63 -48.84 -25.11
CA GLN M 41 -13.75 -49.84 -24.04
C GLN M 41 -12.78 -51.04 -24.22
N PRO M 42 -12.30 -51.67 -23.12
CA PRO M 42 -11.38 -52.80 -23.15
C PRO M 42 -12.04 -54.13 -23.57
N ASP M 43 -11.28 -55.22 -23.59
CA ASP M 43 -11.74 -56.57 -24.00
C ASP M 43 -11.16 -57.67 -23.08
N GLU M 44 -11.93 -58.10 -22.08
CA GLU M 44 -11.50 -59.12 -21.11
C GLU M 44 -11.23 -60.54 -21.70
N ASN M 45 -11.53 -60.77 -22.98
CA ASN M 45 -11.18 -62.00 -23.69
C ASN M 45 -9.81 -61.91 -24.41
N ALA M 46 -9.21 -60.73 -24.54
CA ALA M 46 -7.88 -60.58 -25.15
C ALA M 46 -6.74 -61.12 -24.26
N THR M 47 -5.61 -61.49 -24.86
CA THR M 47 -4.40 -62.02 -24.16
C THR M 47 -3.10 -61.26 -24.47
N VAL M 48 -3.16 -60.14 -25.20
CA VAL M 48 -2.02 -59.22 -25.46
C VAL M 48 -2.52 -57.78 -25.69
N LEU M 49 -1.76 -56.75 -25.29
CA LEU M 49 -2.12 -55.34 -25.56
C LEU M 49 -1.99 -54.97 -27.04
N GLN M 50 -2.70 -53.94 -27.51
CA GLN M 50 -2.42 -53.33 -28.82
C GLN M 50 -1.08 -52.60 -28.78
N GLU M 51 -0.32 -52.64 -29.87
CA GLU M 51 0.91 -51.83 -30.05
C GLU M 51 1.87 -51.95 -28.84
N VAL M 52 2.18 -53.19 -28.41
CA VAL M 52 2.93 -53.46 -27.17
C VAL M 52 4.26 -52.72 -27.16
N ILE M 53 4.45 -51.82 -26.18
CA ILE M 53 5.68 -51.05 -25.99
C ILE M 53 6.74 -51.91 -25.28
N GLY M 54 6.32 -52.68 -24.27
CA GLY M 54 7.19 -53.62 -23.57
C GLY M 54 6.62 -54.13 -22.25
N TYR M 55 7.52 -54.69 -21.45
CA TYR M 55 7.25 -55.33 -20.16
C TYR M 55 8.25 -54.84 -19.12
N LYS M 56 7.81 -54.62 -17.89
CA LYS M 56 8.69 -54.32 -16.74
C LYS M 56 8.27 -55.21 -15.56
N LYS M 57 9.20 -55.93 -14.93
CA LYS M 57 8.90 -56.84 -13.80
C LYS M 57 8.11 -56.09 -12.72
N ALA M 58 7.09 -56.72 -12.13
CA ALA M 58 6.32 -56.09 -11.08
C ALA M 58 7.20 -55.86 -9.84
N THR M 59 7.40 -54.58 -9.49
CA THR M 59 8.26 -54.19 -8.36
C THR M 59 7.63 -54.57 -7.01
N LYS M 60 6.30 -54.66 -6.95
CA LYS M 60 5.54 -54.98 -5.74
C LYS M 60 4.23 -55.70 -6.10
N VAL M 61 4.10 -56.93 -5.63
CA VAL M 61 2.87 -57.74 -5.70
C VAL M 61 2.52 -58.19 -4.29
N THR M 62 1.35 -57.78 -3.78
CA THR M 62 0.92 -58.06 -2.41
C THR M 62 -0.59 -58.08 -2.30
N LEU M 63 -1.11 -58.81 -1.30
CA LEU M 63 -2.47 -58.61 -0.83
C LEU M 63 -2.59 -57.26 -0.13
N VAL M 64 -3.79 -56.71 -0.12
CA VAL M 64 -4.21 -55.55 0.67
C VAL M 64 -5.61 -55.75 1.25
N ARG M 65 -5.99 -54.89 2.20
CA ARG M 65 -7.38 -54.59 2.57
C ARG M 65 -7.53 -53.08 2.85
N PRO M 66 -8.74 -52.51 2.93
CA PRO M 66 -8.92 -51.11 3.32
C PRO M 66 -8.23 -50.79 4.67
N SER M 67 -7.64 -49.61 4.79
CA SER M 67 -6.91 -49.18 5.99
C SER M 67 -7.86 -48.63 7.07
N LYS M 68 -7.45 -48.74 8.35
CA LYS M 68 -8.13 -48.09 9.49
C LYS M 68 -7.18 -47.77 10.67
N SER M 69 -7.56 -46.81 11.51
CA SER M 69 -6.78 -46.35 12.66
C SER M 69 -7.60 -46.43 13.96
N PRO M 70 -7.01 -46.77 15.13
CA PRO M 70 -5.58 -46.92 15.41
C PRO M 70 -4.89 -48.23 14.97
N GLU M 71 -5.63 -49.29 14.65
CA GLU M 71 -5.04 -50.64 14.56
C GLU M 71 -4.13 -50.91 13.34
N ASP M 72 -4.10 -50.04 12.31
CA ASP M 72 -3.09 -50.07 11.23
C ASP M 72 -1.99 -49.00 11.39
N ASP M 73 -1.91 -48.27 12.50
CA ASP M 73 -0.92 -47.18 12.69
C ASP M 73 0.55 -47.66 12.62
N ASN M 74 0.84 -48.89 13.05
CA ASN M 74 2.20 -49.46 13.00
C ASN M 74 2.60 -50.01 11.62
N LYS M 75 1.69 -50.00 10.64
CA LYS M 75 1.84 -50.69 9.34
C LYS M 75 2.29 -49.73 8.24
N ASN M 76 2.28 -50.18 6.98
CA ASN M 76 2.54 -49.35 5.81
C ASN M 76 1.31 -49.33 4.88
N LEU M 77 1.05 -48.16 4.28
CA LEU M 77 -0.20 -47.88 3.57
C LEU M 77 0.03 -47.53 2.09
N ILE M 78 -0.94 -47.91 1.26
CA ILE M 78 -0.97 -47.73 -0.19
C ILE M 78 -2.04 -46.70 -0.54
N SER M 79 -1.66 -45.63 -1.25
CA SER M 79 -2.57 -44.58 -1.70
C SER M 79 -2.73 -44.58 -3.22
N TYR M 80 -3.97 -44.65 -3.71
CA TYR M 80 -4.31 -44.60 -5.15
C TYR M 80 -5.76 -44.13 -5.35
N GLY M 81 -6.02 -43.34 -6.39
CA GLY M 81 -7.39 -42.88 -6.70
C GLY M 81 -8.06 -42.16 -5.53
N ASN M 82 -7.25 -41.46 -4.73
CA ASN M 82 -7.55 -40.86 -3.41
C ASN M 82 -7.89 -41.86 -2.27
N LYS M 83 -8.05 -43.15 -2.58
CA LYS M 83 -8.28 -44.23 -1.59
C LYS M 83 -6.99 -44.55 -0.83
N SER M 84 -7.11 -45.10 0.38
CA SER M 84 -5.96 -45.51 1.19
C SER M 84 -6.16 -46.90 1.81
N TRP M 85 -5.16 -47.77 1.63
CA TRP M 85 -5.20 -49.22 1.85
C TRP M 85 -4.00 -49.70 2.69
N VAL M 86 -4.05 -50.91 3.24
CA VAL M 86 -2.95 -51.51 4.03
C VAL M 86 -2.55 -52.88 3.48
N GLU M 87 -1.26 -53.20 3.53
CA GLU M 87 -0.64 -54.44 3.04
C GLU M 87 -0.92 -55.67 3.93
N VAL M 88 -1.02 -56.88 3.35
CA VAL M 88 -1.20 -58.13 4.11
C VAL M 88 -0.27 -59.21 3.55
N THR M 89 0.41 -59.97 4.42
CA THR M 89 1.28 -61.08 4.01
C THR M 89 0.49 -62.39 3.83
N PRO M 90 0.88 -63.29 2.91
CA PRO M 90 0.11 -64.49 2.55
C PRO M 90 -0.32 -65.39 3.71
N GLU M 91 0.56 -65.66 4.69
CA GLU M 91 0.24 -66.51 5.84
C GLU M 91 -0.80 -65.90 6.80
N ASN M 92 -1.09 -64.59 6.71
CA ASN M 92 -2.09 -63.91 7.52
C ASN M 92 -3.40 -63.62 6.77
N ALA M 93 -3.50 -64.00 5.49
CA ALA M 93 -4.51 -63.50 4.56
C ALA M 93 -5.97 -63.78 4.98
N LYS M 94 -6.25 -64.98 5.48
CA LYS M 94 -7.59 -65.38 5.96
C LYS M 94 -7.98 -64.63 7.24
N ALA M 95 -7.03 -64.45 8.17
CA ALA M 95 -7.27 -63.74 9.43
C ALA M 95 -7.54 -62.24 9.21
N GLU M 96 -6.80 -61.59 8.32
CA GLU M 96 -7.06 -60.18 7.91
C GLU M 96 -8.23 -60.05 6.92
N GLY M 97 -8.60 -61.11 6.19
CA GLY M 97 -9.66 -61.10 5.19
C GLY M 97 -9.25 -60.50 3.83
N ALA M 98 -8.00 -60.68 3.43
CA ALA M 98 -7.39 -59.93 2.31
C ALA M 98 -7.60 -60.60 0.94
N LYS M 99 -8.71 -60.25 0.26
CA LYS M 99 -9.08 -60.70 -1.11
C LYS M 99 -8.81 -59.70 -2.24
N TRP M 100 -8.11 -58.60 -1.94
CA TRP M 100 -7.70 -57.58 -2.90
C TRP M 100 -6.19 -57.64 -3.17
N VAL M 101 -5.80 -57.58 -4.44
CA VAL M 101 -4.39 -57.62 -4.84
C VAL M 101 -3.95 -56.24 -5.34
N TYR M 102 -2.82 -55.75 -4.85
CA TYR M 102 -2.17 -54.54 -5.35
C TYR M 102 -0.96 -54.89 -6.22
N LEU M 103 -0.93 -54.33 -7.42
CA LEU M 103 0.09 -54.58 -8.44
C LEU M 103 0.75 -53.26 -8.86
N GLU M 104 2.09 -53.15 -8.77
CA GLU M 104 2.82 -51.91 -9.10
C GLU M 104 4.15 -52.17 -9.83
N SER M 105 4.43 -51.37 -10.87
CA SER M 105 5.77 -51.24 -11.44
C SER M 105 6.04 -49.81 -11.93
N SER M 106 7.33 -49.48 -12.08
CA SER M 106 7.81 -48.14 -12.45
C SER M 106 8.85 -48.24 -13.57
N ILE M 107 8.77 -47.32 -14.54
CA ILE M 107 9.74 -47.17 -15.64
C ILE M 107 10.20 -45.71 -15.63
N VAL M 108 11.49 -45.46 -15.85
CA VAL M 108 12.09 -44.11 -15.92
C VAL M 108 13.05 -44.04 -17.10
N GLY M 109 12.99 -42.98 -17.90
CA GLY M 109 13.84 -42.85 -19.09
C GLY M 109 13.48 -43.83 -20.21
N ASP M 110 14.44 -44.10 -21.11
CA ASP M 110 14.27 -44.92 -22.32
C ASP M 110 14.50 -46.43 -22.12
N GLU M 111 14.55 -46.93 -20.87
CA GLU M 111 14.74 -48.37 -20.58
C GLU M 111 13.61 -49.25 -21.16
N LEU M 112 12.46 -48.66 -21.47
CA LEU M 112 11.53 -49.10 -22.50
C LEU M 112 11.32 -47.95 -23.51
N PRO M 113 11.03 -48.21 -24.80
CA PRO M 113 11.01 -47.21 -25.86
C PRO M 113 10.25 -45.92 -25.52
N LEU M 114 10.86 -44.76 -25.80
CA LEU M 114 10.24 -43.45 -25.57
C LEU M 114 9.16 -43.13 -26.60
N GLY M 115 8.20 -42.33 -26.15
CA GLY M 115 6.95 -42.04 -26.84
C GLY M 115 5.79 -41.96 -25.86
N THR M 116 4.57 -41.88 -26.38
CA THR M 116 3.35 -41.88 -25.55
C THR M 116 2.86 -43.30 -25.22
N TYR M 117 2.13 -43.46 -24.12
CA TYR M 117 1.49 -44.72 -23.71
C TYR M 117 0.04 -44.48 -23.25
N ARG M 118 -0.84 -45.47 -23.46
CA ARG M 118 -2.31 -45.36 -23.23
C ARG M 118 -2.93 -46.64 -22.64
N GLN M 119 -2.66 -47.79 -23.25
CA GLN M 119 -3.07 -49.07 -22.65
C GLN M 119 -2.11 -49.46 -21.54
N VAL M 120 -2.66 -49.96 -20.43
CA VAL M 120 -1.88 -50.40 -19.26
C VAL M 120 -2.43 -51.73 -18.76
N GLY M 121 -1.58 -52.68 -18.38
CA GLY M 121 -2.02 -54.00 -17.91
C GLY M 121 -0.91 -54.88 -17.34
N PHE M 122 -1.24 -56.14 -17.05
CA PHE M 122 -0.36 -57.10 -16.37
C PHE M 122 -0.35 -58.47 -17.04
N VAL M 123 0.84 -59.08 -17.12
CA VAL M 123 1.07 -60.45 -17.62
C VAL M 123 1.68 -61.34 -16.53
N MET M 124 1.39 -62.65 -16.58
CA MET M 124 2.08 -63.68 -15.77
C MET M 124 2.40 -64.93 -16.59
N ASP M 125 3.32 -65.78 -16.11
CA ASP M 125 3.96 -66.88 -16.88
C ASP M 125 4.73 -66.44 -18.13
N LEU M 126 5.28 -65.21 -18.12
CA LEU M 126 6.19 -64.70 -19.14
C LEU M 126 7.57 -65.38 -19.05
N VAL M 127 8.16 -65.73 -20.20
CA VAL M 127 9.51 -66.33 -20.30
C VAL M 127 10.41 -65.47 -21.19
N ALA M 128 11.55 -64.99 -20.67
CA ALA M 128 12.54 -64.23 -21.44
C ALA M 128 13.45 -65.14 -22.28
N LYS M 129 13.96 -64.63 -23.39
CA LYS M 129 14.84 -65.39 -24.31
C LYS M 129 16.21 -65.70 -23.69
N SER M 130 16.89 -66.69 -24.27
CA SER M 130 18.21 -67.16 -23.85
C SER M 130 19.28 -66.05 -23.88
N GLY M 131 20.02 -65.91 -22.79
CA GLY M 131 21.07 -64.89 -22.61
C GLY M 131 20.60 -63.56 -21.97
N ILE M 132 19.30 -63.40 -21.71
CA ILE M 132 18.70 -62.18 -21.13
C ILE M 132 18.17 -62.46 -19.72
N SER M 133 18.43 -61.57 -18.75
CA SER M 133 17.93 -61.68 -17.36
C SER M 133 17.48 -60.35 -16.72
N LYS M 134 17.52 -59.24 -17.46
CA LYS M 134 17.07 -57.90 -17.02
C LYS M 134 15.55 -57.83 -16.84
N PHE M 135 15.10 -56.88 -16.01
CA PHE M 135 13.69 -56.75 -15.62
C PHE M 135 12.85 -55.87 -16.56
N ASN M 136 13.48 -55.07 -17.44
CA ASN M 136 12.83 -54.32 -18.51
C ASN M 136 13.05 -55.07 -19.83
N LEU M 137 11.97 -55.44 -20.52
CA LEU M 137 12.00 -56.19 -21.77
C LEU M 137 11.19 -55.49 -22.86
N VAL M 138 11.78 -55.31 -24.03
CA VAL M 138 10.98 -55.06 -25.26
C VAL M 138 10.49 -56.40 -25.83
N PRO M 139 9.37 -56.45 -26.58
CA PRO M 139 8.78 -57.70 -27.03
C PRO M 139 9.74 -58.64 -27.79
N SER M 140 10.76 -58.12 -28.48
CA SER M 140 11.76 -58.96 -29.17
C SER M 140 12.59 -59.84 -28.24
N GLU M 141 12.65 -59.53 -26.94
CA GLU M 141 13.44 -60.24 -25.92
C GLU M 141 12.64 -61.35 -25.18
N VAL M 142 11.38 -61.59 -25.56
CA VAL M 142 10.45 -62.51 -24.88
C VAL M 142 10.19 -63.78 -25.71
N GLU M 143 10.39 -64.95 -25.09
CA GLU M 143 10.14 -66.27 -25.70
C GLU M 143 8.65 -66.66 -25.64
N SER M 144 7.99 -66.40 -24.51
CA SER M 144 6.53 -66.54 -24.34
C SER M 144 5.98 -65.38 -23.53
N THR M 145 4.90 -64.74 -23.99
CA THR M 145 4.26 -63.61 -23.28
C THR M 145 3.42 -64.04 -22.07
N GLY M 146 3.22 -65.35 -21.87
CA GLY M 146 2.36 -65.86 -20.80
C GLY M 146 0.89 -65.51 -21.03
N THR M 147 0.14 -65.27 -19.94
CA THR M 147 -1.24 -64.78 -19.98
C THR M 147 -1.30 -63.32 -19.52
N LEU M 148 -1.79 -62.42 -20.38
CA LEU M 148 -2.28 -61.10 -19.97
C LEU M 148 -3.56 -61.29 -19.15
N LEU M 149 -3.50 -60.98 -17.85
CA LEU M 149 -4.67 -61.07 -16.98
C LEU M 149 -5.54 -59.82 -17.09
N PHE M 150 -4.99 -58.65 -16.77
CA PHE M 150 -5.77 -57.43 -16.52
C PHE M 150 -5.27 -56.27 -17.38
N PHE M 151 -6.17 -55.44 -17.93
CA PHE M 151 -5.77 -54.23 -18.63
C PHE M 151 -6.89 -53.16 -18.74
N ASP M 152 -6.49 -51.94 -19.07
CA ASP M 152 -7.31 -50.72 -19.13
C ASP M 152 -6.85 -49.81 -20.28
N ASN M 153 -7.75 -48.96 -20.77
CA ASN M 153 -7.56 -48.02 -21.89
C ASN M 153 -7.59 -46.56 -21.38
N LYS M 154 -6.50 -46.07 -20.78
CA LYS M 154 -6.45 -44.71 -20.22
C LYS M 154 -6.37 -43.64 -21.31
N GLN M 155 -6.65 -42.38 -20.94
CA GLN M 155 -6.08 -41.23 -21.65
C GLN M 155 -4.54 -41.27 -21.55
N PHE M 156 -3.84 -40.69 -22.53
CA PHE M 156 -2.39 -40.87 -22.68
C PHE M 156 -1.53 -40.17 -21.59
N GLN M 157 -0.26 -40.57 -21.50
CA GLN M 157 0.83 -39.72 -21.02
C GLN M 157 2.09 -39.90 -21.89
N ASN M 158 3.13 -39.10 -21.66
CA ASN M 158 4.38 -39.06 -22.41
C ASN M 158 5.58 -39.16 -21.45
N ARG M 159 6.78 -39.53 -21.94
CA ARG M 159 7.89 -39.98 -21.06
C ARG M 159 9.25 -39.35 -21.37
N SER M 160 10.07 -39.30 -20.33
CA SER M 160 11.51 -38.95 -20.32
C SER M 160 12.13 -39.39 -18.97
N GLU M 161 13.45 -39.27 -18.79
CA GLU M 161 14.13 -39.53 -17.51
C GLU M 161 13.58 -38.71 -16.33
N GLN M 162 12.94 -37.58 -16.62
CA GLN M 162 12.35 -36.69 -15.61
C GLN M 162 10.96 -37.16 -15.14
N THR M 163 10.45 -38.27 -15.68
CA THR M 163 9.11 -38.84 -15.42
C THR M 163 9.20 -40.27 -14.90
N THR M 164 8.26 -40.67 -14.05
CA THR M 164 8.12 -42.06 -13.59
C THR M 164 6.77 -42.63 -14.02
N ALA M 165 6.76 -43.73 -14.77
CA ALA M 165 5.54 -44.42 -15.20
C ALA M 165 4.95 -45.31 -14.09
N LYS M 166 4.70 -44.75 -12.89
CA LYS M 166 4.22 -45.49 -11.70
C LYS M 166 2.73 -45.81 -11.79
N GLU M 167 2.34 -46.59 -12.79
CA GLU M 167 0.99 -47.12 -12.95
C GLU M 167 0.74 -48.30 -12.00
N ARG M 168 -0.49 -48.42 -11.48
CA ARG M 168 -0.92 -49.52 -10.60
C ARG M 168 -2.43 -49.77 -10.65
N PHE M 169 -2.83 -50.99 -10.32
CA PHE M 169 -4.22 -51.38 -10.06
C PHE M 169 -4.36 -51.90 -8.62
N ILE M 170 -5.55 -51.73 -8.05
CA ILE M 170 -6.06 -52.64 -7.01
C ILE M 170 -7.13 -53.49 -7.70
N VAL M 171 -6.98 -54.82 -7.67
CA VAL M 171 -7.88 -55.77 -8.36
C VAL M 171 -8.49 -56.78 -7.38
N GLU M 172 -9.70 -57.23 -7.69
CA GLU M 172 -10.40 -58.26 -6.92
C GLU M 172 -11.07 -59.30 -7.83
N VAL M 173 -10.89 -60.59 -7.50
CA VAL M 173 -11.38 -61.73 -8.29
C VAL M 173 -12.88 -62.00 -8.11
N ASP M 174 -13.51 -61.36 -7.12
CA ASP M 174 -14.98 -61.28 -6.96
C ASP M 174 -15.34 -59.93 -6.30
N PRO M 175 -15.80 -58.93 -7.08
CA PRO M 175 -16.23 -57.63 -6.56
C PRO M 175 -17.65 -57.60 -5.98
N ASN M 176 -18.44 -58.68 -6.06
CA ASN M 176 -19.88 -58.65 -5.72
C ASN M 176 -20.43 -59.95 -5.11
N SER M 177 -19.79 -60.41 -4.03
CA SER M 177 -20.25 -61.47 -3.11
C SER M 177 -21.40 -61.00 -2.22
N ALA N 2 -9.49 -51.75 -10.59
CA ALA N 2 -10.54 -52.28 -11.48
C ALA N 2 -10.77 -53.79 -11.30
N ILE N 3 -11.94 -54.26 -11.74
CA ILE N 3 -12.36 -55.65 -11.55
C ILE N 3 -11.57 -56.65 -12.42
N ALA N 4 -11.69 -57.95 -12.10
CA ALA N 4 -11.06 -59.05 -12.82
C ALA N 4 -11.65 -59.31 -14.24
N THR N 5 -11.04 -60.25 -14.97
CA THR N 5 -11.34 -60.62 -16.36
C THR N 5 -11.66 -62.11 -16.54
N TYR N 6 -12.45 -62.47 -17.54
CA TYR N 6 -12.87 -63.85 -17.82
C TYR N 6 -11.71 -64.85 -17.84
N ASN N 7 -10.62 -64.58 -18.56
CA ASN N 7 -9.50 -65.52 -18.61
C ASN N 7 -8.72 -65.64 -17.28
N SER N 8 -8.86 -64.66 -16.36
CA SER N 8 -8.39 -64.85 -14.99
C SER N 8 -9.26 -65.89 -14.26
N HIS N 9 -10.59 -65.88 -14.41
CA HIS N 9 -11.45 -66.94 -13.86
C HIS N 9 -11.03 -68.32 -14.37
N VAL N 10 -10.63 -68.42 -15.64
CA VAL N 10 -10.12 -69.67 -16.23
C VAL N 10 -8.82 -70.14 -15.57
N GLU N 11 -7.82 -69.27 -15.41
CA GLU N 11 -6.54 -69.64 -14.76
C GLU N 11 -6.74 -70.08 -13.29
N LEU N 12 -7.68 -69.46 -12.59
CA LEU N 12 -8.01 -69.79 -11.20
C LEU N 12 -8.79 -71.12 -11.09
N ALA N 13 -9.66 -71.42 -12.04
CA ALA N 13 -10.26 -72.75 -12.18
C ALA N 13 -9.19 -73.82 -12.48
N LYS N 14 -8.21 -73.55 -13.36
CA LYS N 14 -7.06 -74.45 -13.58
C LYS N 14 -6.28 -74.72 -12.28
N TYR N 15 -6.08 -73.70 -11.43
CA TYR N 15 -5.44 -73.91 -10.13
C TYR N 15 -6.22 -74.91 -9.26
N LEU N 16 -7.53 -74.71 -9.07
CA LEU N 16 -8.36 -75.62 -8.26
C LEU N 16 -8.30 -77.07 -8.77
N VAL N 17 -8.31 -77.27 -10.09
CA VAL N 17 -8.13 -78.59 -10.72
C VAL N 17 -6.73 -79.17 -10.47
N SER N 18 -5.68 -78.34 -10.41
CA SER N 18 -4.30 -78.81 -10.14
C SER N 18 -4.09 -79.32 -8.70
N LYS N 19 -4.99 -79.01 -7.76
CA LYS N 19 -4.95 -79.43 -6.35
C LYS N 19 -5.65 -80.78 -6.06
N ALA N 20 -6.26 -81.40 -7.08
CA ALA N 20 -7.27 -82.47 -6.97
C ALA N 20 -6.93 -83.62 -6.02
N ASP N 21 -5.67 -84.05 -5.95
CA ASP N 21 -5.24 -85.18 -5.12
C ASP N 21 -5.48 -84.94 -3.61
N SER N 22 -5.44 -83.67 -3.18
CA SER N 22 -5.73 -83.21 -1.81
C SER N 22 -7.22 -82.86 -1.58
N VAL N 23 -8.08 -83.01 -2.58
CA VAL N 23 -9.50 -82.61 -2.49
C VAL N 23 -10.33 -83.75 -1.91
N TYR N 24 -11.15 -83.44 -0.90
CA TYR N 24 -12.08 -84.36 -0.24
C TYR N 24 -13.49 -83.73 -0.22
N LEU N 25 -14.51 -84.55 -0.48
CA LEU N 25 -15.88 -84.30 -0.02
C LEU N 25 -15.92 -84.37 1.52
N THR N 26 -16.77 -83.56 2.14
CA THR N 26 -17.12 -83.67 3.56
C THR N 26 -18.62 -83.49 3.74
N ILE N 27 -19.17 -84.14 4.77
CA ILE N 27 -20.60 -84.11 5.10
C ILE N 27 -20.79 -83.89 6.61
N GLY N 28 -21.88 -83.22 6.98
CA GLY N 28 -22.13 -82.76 8.36
C GLY N 28 -23.60 -82.44 8.66
N LYS N 29 -23.82 -81.78 9.81
CA LYS N 29 -25.11 -81.36 10.36
C LYS N 29 -26.06 -82.55 10.60
N SER N 30 -25.65 -83.45 11.50
CA SER N 30 -26.33 -84.70 11.85
C SER N 30 -27.52 -84.54 12.82
N THR N 31 -27.72 -83.36 13.43
CA THR N 31 -28.98 -83.00 14.11
C THR N 31 -29.84 -82.06 13.25
N PRO N 32 -31.16 -81.92 13.51
CA PRO N 32 -32.07 -81.05 12.75
C PRO N 32 -31.63 -79.59 12.53
N TRP N 33 -32.13 -78.98 11.46
CA TRP N 33 -32.20 -77.52 11.32
C TRP N 33 -33.22 -76.89 12.28
N SER N 34 -33.29 -75.56 12.30
CA SER N 34 -34.38 -74.79 12.94
C SER N 34 -35.76 -75.19 12.39
N ASN N 35 -35.83 -75.46 11.09
CA ASN N 35 -37.01 -75.98 10.40
C ASN N 35 -36.55 -76.93 9.27
N GLU N 36 -36.90 -78.22 9.34
CA GLU N 36 -36.46 -79.22 8.35
C GLU N 36 -37.13 -79.06 6.95
N THR N 37 -38.17 -78.22 6.83
CA THR N 37 -38.74 -77.77 5.54
C THR N 37 -37.96 -76.60 4.93
N ASN N 38 -37.15 -75.88 5.71
CA ASN N 38 -36.38 -74.71 5.25
C ASN N 38 -35.03 -74.59 6.00
N PRO N 39 -33.94 -75.14 5.45
CA PRO N 39 -32.57 -74.91 5.93
C PRO N 39 -32.23 -73.42 6.08
N PRO N 40 -31.31 -73.04 6.99
CA PRO N 40 -30.87 -71.66 7.15
C PRO N 40 -30.06 -71.20 5.92
N GLN N 41 -30.12 -69.89 5.65
CA GLN N 41 -29.56 -69.30 4.43
C GLN N 41 -28.04 -69.58 4.28
N PRO N 42 -27.51 -69.58 3.04
CA PRO N 42 -26.10 -69.89 2.77
C PRO N 42 -25.16 -68.73 3.18
N ASP N 43 -24.95 -68.57 4.48
CA ASP N 43 -23.93 -67.68 5.05
C ASP N 43 -22.52 -68.24 4.80
N GLU N 44 -21.88 -67.77 3.73
CA GLU N 44 -20.58 -68.23 3.23
C GLU N 44 -19.39 -68.04 4.19
N ASN N 45 -19.56 -67.29 5.29
CA ASN N 45 -18.48 -66.93 6.22
C ASN N 45 -18.08 -68.08 7.19
N ALA N 46 -18.70 -69.26 7.08
CA ALA N 46 -18.36 -70.44 7.87
C ALA N 46 -16.96 -71.01 7.51
N THR N 47 -16.23 -71.47 8.53
CA THR N 47 -14.85 -71.98 8.41
C THR N 47 -14.76 -73.47 8.11
N VAL N 48 -15.70 -74.27 8.63
CA VAL N 48 -15.86 -75.72 8.41
C VAL N 48 -17.33 -76.12 8.68
N LEU N 49 -17.78 -77.28 8.19
CA LEU N 49 -19.16 -77.74 8.37
C LEU N 49 -19.51 -78.03 9.84
N GLN N 50 -20.79 -77.92 10.23
CA GLN N 50 -21.25 -78.23 11.58
C GLN N 50 -21.32 -79.74 11.79
N GLU N 51 -21.10 -80.21 13.02
CA GLU N 51 -21.35 -81.61 13.44
C GLU N 51 -20.69 -82.64 12.49
N VAL N 52 -19.43 -82.39 12.09
CA VAL N 52 -18.76 -83.06 10.94
C VAL N 52 -18.80 -84.57 11.09
N ILE N 53 -19.28 -85.27 10.06
CA ILE N 53 -19.33 -86.76 10.04
C ILE N 53 -18.00 -87.32 9.54
N GLY N 54 -17.41 -86.71 8.51
CA GLY N 54 -16.06 -87.07 8.05
C GLY N 54 -15.72 -86.51 6.67
N TYR N 55 -14.74 -87.16 6.04
CA TYR N 55 -14.13 -86.75 4.78
C TYR N 55 -13.95 -87.96 3.85
N LYS N 56 -14.17 -87.78 2.54
CA LYS N 56 -13.84 -88.78 1.51
C LYS N 56 -13.16 -88.13 0.30
N LYS N 57 -12.04 -88.68 -0.16
CA LYS N 57 -11.27 -88.20 -1.33
C LYS N 57 -12.16 -88.01 -2.57
N ALA N 58 -11.88 -87.01 -3.41
CA ALA N 58 -12.68 -86.76 -4.62
C ALA N 58 -12.50 -87.87 -5.66
N THR N 59 -13.60 -88.33 -6.24
CA THR N 59 -13.61 -89.34 -7.31
C THR N 59 -13.54 -88.72 -8.71
N LYS N 60 -13.95 -87.46 -8.87
CA LYS N 60 -13.79 -86.67 -10.10
C LYS N 60 -13.51 -85.19 -9.81
N VAL N 61 -12.53 -84.62 -10.50
CA VAL N 61 -12.17 -83.19 -10.49
C VAL N 61 -11.68 -82.82 -11.90
N THR N 62 -12.39 -81.92 -12.58
CA THR N 62 -12.06 -81.50 -13.95
C THR N 62 -12.62 -80.11 -14.23
N LEU N 63 -12.07 -79.40 -15.22
CA LEU N 63 -12.81 -78.29 -15.83
C LEU N 63 -14.00 -78.82 -16.64
N VAL N 64 -15.05 -78.01 -16.70
CA VAL N 64 -16.24 -78.21 -17.51
C VAL N 64 -16.75 -76.87 -18.05
N ARG N 65 -17.66 -76.93 -19.00
CA ARG N 65 -18.54 -75.82 -19.39
C ARG N 65 -19.95 -76.37 -19.71
N PRO N 66 -21.00 -75.54 -19.79
CA PRO N 66 -22.23 -75.97 -20.42
C PRO N 66 -21.97 -76.61 -21.79
N SER N 67 -22.66 -77.71 -22.11
CA SER N 67 -22.54 -78.32 -23.45
C SER N 67 -23.37 -77.54 -24.50
N LYS N 68 -22.98 -77.64 -25.77
CA LYS N 68 -23.56 -76.90 -26.90
C LYS N 68 -23.49 -77.71 -28.20
N SER N 69 -24.42 -77.48 -29.12
CA SER N 69 -24.62 -78.28 -30.34
C SER N 69 -24.48 -77.40 -31.60
N PRO N 70 -23.92 -77.90 -32.72
CA PRO N 70 -23.51 -79.29 -32.98
C PRO N 70 -22.16 -79.71 -32.40
N GLU N 71 -21.32 -78.79 -31.92
CA GLU N 71 -19.91 -79.09 -31.65
C GLU N 71 -19.67 -80.09 -30.49
N ASP N 72 -20.60 -80.28 -29.55
CA ASP N 72 -20.53 -81.35 -28.55
C ASP N 72 -21.42 -82.57 -28.84
N ASP N 73 -22.06 -82.67 -30.02
CA ASP N 73 -22.81 -83.85 -30.42
C ASP N 73 -21.93 -85.11 -30.46
N ASN N 74 -20.63 -84.94 -30.69
CA ASN N 74 -19.63 -86.00 -30.84
C ASN N 74 -18.83 -86.29 -29.54
N LYS N 75 -19.36 -85.91 -28.36
CA LYS N 75 -18.65 -85.86 -27.07
C LYS N 75 -19.47 -86.41 -25.89
N ASN N 76 -18.83 -86.65 -24.75
CA ASN N 76 -19.48 -87.03 -23.49
C ASN N 76 -20.50 -85.99 -23.00
N LEU N 77 -21.41 -86.41 -22.11
CA LEU N 77 -22.40 -85.54 -21.46
C LEU N 77 -22.44 -85.77 -19.94
N ILE N 78 -22.50 -84.68 -19.18
CA ILE N 78 -22.73 -84.66 -17.72
C ILE N 78 -24.10 -84.01 -17.45
N SER N 79 -25.00 -84.71 -16.78
CA SER N 79 -26.27 -84.12 -16.33
C SER N 79 -26.13 -83.61 -14.90
N TYR N 80 -26.23 -82.29 -14.70
CA TYR N 80 -26.16 -81.64 -13.37
C TYR N 80 -27.00 -80.35 -13.34
N GLY N 81 -27.56 -79.95 -12.19
CA GLY N 81 -28.37 -78.74 -12.09
C GLY N 81 -29.59 -78.72 -13.04
N ASN N 82 -30.12 -79.91 -13.38
CA ASN N 82 -31.18 -80.17 -14.37
C ASN N 82 -30.80 -79.83 -15.83
N LYS N 83 -29.51 -79.66 -16.14
CA LYS N 83 -28.97 -79.19 -17.43
C LYS N 83 -27.68 -79.95 -17.81
N SER N 84 -27.22 -79.78 -19.05
CA SER N 84 -26.11 -80.55 -19.64
C SER N 84 -24.78 -79.79 -19.69
N TRP N 85 -23.69 -80.48 -19.31
CA TRP N 85 -22.32 -79.95 -19.17
C TRP N 85 -21.29 -80.89 -19.82
N VAL N 86 -20.11 -80.39 -20.17
CA VAL N 86 -19.08 -81.17 -20.91
C VAL N 86 -17.66 -80.87 -20.40
N GLU N 87 -16.82 -81.89 -20.45
CA GLU N 87 -15.45 -81.96 -19.90
C GLU N 87 -14.42 -81.15 -20.70
N VAL N 88 -13.49 -80.47 -20.03
CA VAL N 88 -12.42 -79.70 -20.69
C VAL N 88 -11.08 -79.96 -20.00
N THR N 89 -10.01 -80.11 -20.79
CA THR N 89 -8.66 -80.35 -20.30
C THR N 89 -7.92 -79.03 -19.99
N PRO N 90 -6.96 -79.01 -19.04
CA PRO N 90 -6.27 -77.78 -18.60
C PRO N 90 -5.61 -76.94 -19.69
N GLU N 91 -5.06 -77.56 -20.74
CA GLU N 91 -4.42 -76.87 -21.86
C GLU N 91 -5.39 -76.28 -22.91
N ASN N 92 -6.66 -76.70 -22.92
CA ASN N 92 -7.72 -76.13 -23.78
C ASN N 92 -8.54 -75.02 -23.09
N ALA N 93 -8.35 -74.80 -21.78
CA ALA N 93 -9.25 -74.00 -20.95
C ALA N 93 -9.51 -72.57 -21.47
N LYS N 94 -8.46 -71.87 -21.92
CA LYS N 94 -8.53 -70.51 -22.49
C LYS N 94 -9.15 -70.45 -23.90
N ALA N 95 -9.13 -71.56 -24.65
CA ALA N 95 -9.80 -71.67 -25.95
C ALA N 95 -11.30 -71.97 -25.80
N GLU N 96 -11.66 -72.92 -24.91
CA GLU N 96 -13.06 -73.29 -24.62
C GLU N 96 -13.79 -72.27 -23.73
N GLY N 97 -13.06 -71.44 -22.98
CA GLY N 97 -13.64 -70.53 -21.99
C GLY N 97 -14.11 -71.22 -20.70
N ALA N 98 -13.50 -72.36 -20.36
CA ALA N 98 -13.94 -73.28 -19.31
C ALA N 98 -13.60 -72.79 -17.89
N LYS N 99 -14.32 -71.78 -17.40
CA LYS N 99 -14.14 -71.22 -16.05
C LYS N 99 -14.88 -71.96 -14.93
N TRP N 100 -15.46 -73.14 -15.20
CA TRP N 100 -16.20 -73.95 -14.22
C TRP N 100 -15.46 -75.25 -13.87
N VAL N 101 -15.51 -75.64 -12.60
CA VAL N 101 -14.95 -76.90 -12.09
C VAL N 101 -16.09 -77.88 -11.75
N TYR N 102 -15.98 -79.14 -12.19
CA TYR N 102 -16.87 -80.22 -11.77
C TYR N 102 -16.20 -81.06 -10.68
N LEU N 103 -16.92 -81.31 -9.59
CA LEU N 103 -16.46 -82.02 -8.41
C LEU N 103 -17.46 -83.14 -8.07
N GLU N 104 -16.99 -84.36 -7.78
CA GLU N 104 -17.87 -85.47 -7.33
C GLU N 104 -17.15 -86.42 -6.38
N SER N 105 -17.86 -86.90 -5.36
CA SER N 105 -17.44 -88.07 -4.59
C SER N 105 -18.60 -88.92 -4.07
N SER N 106 -18.31 -90.17 -3.75
CA SER N 106 -19.26 -91.17 -3.24
C SER N 106 -18.71 -91.81 -1.98
N ILE N 107 -19.54 -91.96 -0.95
CA ILE N 107 -19.25 -92.78 0.24
C ILE N 107 -19.93 -94.14 0.02
N VAL N 108 -19.16 -95.22 -0.04
CA VAL N 108 -19.69 -96.58 -0.22
C VAL N 108 -19.93 -97.20 1.14
N GLY N 109 -21.16 -97.08 1.66
CA GLY N 109 -21.57 -97.74 2.89
C GLY N 109 -20.93 -97.20 4.17
N ASP N 110 -20.51 -98.10 5.06
CA ASP N 110 -20.05 -97.82 6.43
C ASP N 110 -18.60 -97.27 6.54
N GLU N 111 -17.95 -96.90 5.44
CA GLU N 111 -16.58 -96.36 5.46
C GLU N 111 -16.46 -94.98 6.15
N LEU N 112 -17.58 -94.33 6.45
CA LEU N 112 -17.70 -93.20 7.38
C LEU N 112 -18.91 -93.42 8.32
N PRO N 113 -18.97 -92.77 9.50
CA PRO N 113 -20.01 -93.00 10.51
C PRO N 113 -21.44 -92.95 9.97
N LEU N 114 -22.30 -93.87 10.43
CA LEU N 114 -23.69 -94.00 9.98
C LEU N 114 -24.58 -92.90 10.62
N GLY N 115 -25.52 -92.34 9.86
CA GLY N 115 -26.48 -91.34 10.35
C GLY N 115 -26.94 -90.33 9.30
N THR N 116 -27.73 -89.34 9.74
CA THR N 116 -28.27 -88.27 8.88
C THR N 116 -27.24 -87.16 8.57
N TYR N 117 -27.42 -86.43 7.46
CA TYR N 117 -26.60 -85.24 7.15
C TYR N 117 -27.40 -84.18 6.38
N ARG N 118 -27.03 -82.89 6.54
CA ARG N 118 -27.71 -81.72 5.95
C ARG N 118 -26.75 -80.70 5.32
N GLN N 119 -25.44 -80.83 5.58
CA GLN N 119 -24.39 -80.00 4.98
C GLN N 119 -23.43 -80.84 4.16
N VAL N 120 -23.02 -80.29 3.01
CA VAL N 120 -22.17 -80.91 1.99
C VAL N 120 -21.14 -79.88 1.52
N GLY N 121 -19.88 -80.27 1.36
CA GLY N 121 -18.85 -79.36 0.82
C GLY N 121 -17.55 -80.05 0.40
N PHE N 122 -16.68 -79.32 -0.28
CA PHE N 122 -15.35 -79.81 -0.71
C PHE N 122 -14.22 -79.06 -0.01
N VAL N 123 -13.27 -79.80 0.56
CA VAL N 123 -12.05 -79.26 1.19
C VAL N 123 -10.83 -79.61 0.35
N MET N 124 -9.82 -78.73 0.27
CA MET N 124 -8.48 -79.07 -0.25
C MET N 124 -7.42 -79.06 0.87
N ASP N 125 -6.20 -79.51 0.56
CA ASP N 125 -5.05 -79.53 1.48
C ASP N 125 -5.29 -80.28 2.81
N LEU N 126 -6.24 -81.21 2.83
CA LEU N 126 -6.49 -82.06 4.00
C LEU N 126 -5.34 -83.07 4.18
N VAL N 127 -4.82 -83.19 5.41
CA VAL N 127 -3.69 -84.06 5.77
C VAL N 127 -4.11 -85.02 6.88
N ALA N 128 -3.97 -86.33 6.66
CA ALA N 128 -4.23 -87.36 7.67
C ALA N 128 -3.07 -87.52 8.67
N LYS N 129 -3.36 -88.07 9.85
CA LYS N 129 -2.33 -88.47 10.83
C LYS N 129 -1.44 -89.60 10.31
N SER N 130 -0.18 -89.64 10.76
CA SER N 130 0.84 -90.57 10.24
C SER N 130 0.48 -92.04 10.49
N GLY N 131 0.72 -92.90 9.49
CA GLY N 131 0.27 -94.29 9.47
C GLY N 131 -1.14 -94.51 8.90
N ILE N 132 -1.88 -93.42 8.60
CA ILE N 132 -3.20 -93.46 7.95
C ILE N 132 -3.04 -93.05 6.46
N SER N 133 -3.48 -93.90 5.53
CA SER N 133 -3.40 -93.62 4.07
C SER N 133 -4.71 -93.84 3.30
N LYS N 134 -5.73 -94.40 3.97
CA LYS N 134 -7.08 -94.59 3.41
C LYS N 134 -7.73 -93.27 2.97
N PHE N 135 -8.67 -93.35 2.04
CA PHE N 135 -9.33 -92.18 1.44
C PHE N 135 -10.50 -91.62 2.27
N ASN N 136 -11.00 -92.40 3.22
CA ASN N 136 -12.11 -92.09 4.13
C ASN N 136 -11.56 -91.80 5.54
N LEU N 137 -11.89 -90.63 6.10
CA LEU N 137 -11.34 -90.16 7.39
C LEU N 137 -12.43 -89.56 8.28
N VAL N 138 -12.43 -89.87 9.57
CA VAL N 138 -13.22 -89.12 10.57
C VAL N 138 -12.40 -87.96 11.16
N PRO N 139 -13.00 -86.91 11.74
CA PRO N 139 -12.25 -85.74 12.26
C PRO N 139 -11.13 -86.03 13.28
N SER N 140 -11.17 -87.16 14.00
CA SER N 140 -10.11 -87.58 14.92
C SER N 140 -8.88 -88.19 14.24
N GLU N 141 -8.97 -88.57 12.96
CA GLU N 141 -7.88 -89.13 12.14
C GLU N 141 -7.12 -88.07 11.33
N VAL N 142 -7.63 -86.84 11.31
CA VAL N 142 -7.14 -85.77 10.45
C VAL N 142 -6.20 -84.86 11.24
N GLU N 143 -4.99 -84.69 10.74
CA GLU N 143 -3.93 -83.86 11.36
C GLU N 143 -4.11 -82.38 11.00
N SER N 144 -4.56 -82.09 9.78
CA SER N 144 -5.03 -80.77 9.36
C SER N 144 -6.19 -80.88 8.37
N THR N 145 -7.30 -80.20 8.64
CA THR N 145 -8.50 -80.23 7.78
C THR N 145 -8.33 -79.46 6.46
N GLY N 146 -7.24 -78.71 6.30
CA GLY N 146 -7.00 -77.88 5.13
C GLY N 146 -7.99 -76.72 5.02
N THR N 147 -8.59 -76.52 3.84
CA THR N 147 -9.49 -75.38 3.56
C THR N 147 -10.81 -75.83 2.95
N LEU N 148 -11.95 -75.47 3.55
CA LEU N 148 -13.28 -75.65 2.95
C LEU N 148 -13.51 -74.63 1.81
N LEU N 149 -13.57 -75.11 0.57
CA LEU N 149 -13.66 -74.26 -0.62
C LEU N 149 -15.11 -73.91 -1.01
N PHE N 150 -15.99 -74.91 -1.01
CA PHE N 150 -17.37 -74.82 -1.50
C PHE N 150 -18.31 -75.59 -0.58
N PHE N 151 -19.56 -75.14 -0.42
CA PHE N 151 -20.57 -75.89 0.34
C PHE N 151 -22.02 -75.56 -0.07
N ASP N 152 -22.97 -76.35 0.43
CA ASP N 152 -24.41 -76.11 0.29
C ASP N 152 -25.19 -76.62 1.52
N ASN N 153 -26.33 -75.98 1.84
CA ASN N 153 -27.25 -76.39 2.91
C ASN N 153 -28.48 -77.06 2.29
N LYS N 154 -28.85 -78.25 2.78
CA LYS N 154 -29.90 -79.10 2.17
C LYS N 154 -30.88 -79.60 3.23
N GLN N 155 -32.07 -80.06 2.81
CA GLN N 155 -32.93 -80.90 3.65
C GLN N 155 -32.29 -82.29 3.87
N PHE N 156 -32.59 -82.93 4.99
CA PHE N 156 -31.76 -84.03 5.50
C PHE N 156 -31.73 -85.29 4.62
N GLN N 157 -30.50 -85.77 4.40
CA GLN N 157 -30.17 -87.09 3.85
C GLN N 157 -29.94 -88.09 5.00
N ASN N 158 -29.84 -89.38 4.68
CA ASN N 158 -29.52 -90.47 5.60
C ASN N 158 -28.73 -91.58 4.88
N ARG N 159 -28.11 -92.49 5.63
CA ARG N 159 -27.23 -93.56 5.12
C ARG N 159 -27.34 -94.86 5.91
N SER N 160 -26.87 -95.94 5.29
CA SER N 160 -26.68 -97.27 5.89
C SER N 160 -25.35 -97.87 5.44
N GLU N 161 -25.02 -99.07 5.91
CA GLU N 161 -23.90 -99.84 5.40
C GLU N 161 -24.06 -100.18 3.90
N GLN N 162 -25.28 -100.15 3.36
CA GLN N 162 -25.61 -100.55 1.99
C GLN N 162 -25.65 -99.38 0.98
N THR N 163 -25.95 -98.16 1.43
CA THR N 163 -26.12 -96.99 0.54
C THR N 163 -24.79 -96.53 -0.05
N THR N 164 -24.71 -96.42 -1.39
CA THR N 164 -23.72 -95.56 -2.05
C THR N 164 -24.27 -94.13 -2.07
N ALA N 165 -23.80 -93.28 -1.15
CA ALA N 165 -24.23 -91.89 -1.05
C ALA N 165 -23.31 -90.98 -1.88
N LYS N 166 -23.87 -90.26 -2.86
CA LYS N 166 -23.13 -89.43 -3.81
C LYS N 166 -23.45 -87.94 -3.66
N GLU N 167 -22.43 -87.09 -3.64
CA GLU N 167 -22.53 -85.63 -3.60
C GLU N 167 -21.57 -84.98 -4.59
N ARG N 168 -22.04 -83.93 -5.28
CA ARG N 168 -21.33 -83.30 -6.40
C ARG N 168 -21.75 -81.85 -6.67
N PHE N 169 -20.85 -81.07 -7.27
CA PHE N 169 -21.02 -79.65 -7.58
C PHE N 169 -20.51 -79.30 -8.99
N ILE N 170 -21.09 -78.25 -9.58
CA ILE N 170 -20.44 -77.40 -10.59
C ILE N 170 -20.34 -75.98 -10.03
N VAL N 171 -19.15 -75.40 -10.04
CA VAL N 171 -18.83 -74.10 -9.41
C VAL N 171 -17.83 -73.29 -10.26
N GLU N 172 -17.90 -71.96 -10.15
CA GLU N 172 -16.90 -71.04 -10.71
C GLU N 172 -16.45 -70.02 -9.64
N VAL N 173 -15.21 -69.54 -9.81
CA VAL N 173 -14.49 -68.82 -8.74
C VAL N 173 -15.14 -67.50 -8.37
N ASP N 174 -15.80 -66.88 -9.34
CA ASP N 174 -16.57 -65.65 -9.21
C ASP N 174 -18.05 -66.04 -9.42
N PRO N 175 -18.75 -66.54 -8.38
CA PRO N 175 -19.95 -67.38 -8.55
C PRO N 175 -21.18 -66.66 -9.13
N ASN N 176 -21.15 -65.34 -9.18
CA ASN N 176 -22.09 -64.52 -9.96
C ASN N 176 -21.35 -63.35 -10.63
N SER N 177 -20.61 -63.66 -11.70
CA SER N 177 -19.84 -62.71 -12.53
C SER N 177 -20.73 -61.84 -13.42
N ALA O 2 -41.96 -132.13 -12.81
CA ALA O 2 -40.67 -131.88 -13.46
C ALA O 2 -39.97 -130.63 -12.90
N ILE O 3 -38.66 -130.51 -13.13
CA ILE O 3 -37.87 -129.34 -12.72
C ILE O 3 -38.06 -128.15 -13.68
N ALA O 4 -38.02 -126.92 -13.15
CA ALA O 4 -37.86 -125.71 -13.97
C ALA O 4 -36.36 -125.47 -14.24
N THR O 5 -35.93 -125.63 -15.49
CA THR O 5 -34.49 -125.62 -15.84
C THR O 5 -33.89 -124.21 -15.89
N TYR O 6 -32.57 -124.09 -15.72
CA TYR O 6 -31.83 -122.85 -15.91
C TYR O 6 -32.20 -122.10 -17.20
N ASN O 7 -32.27 -122.80 -18.34
CA ASN O 7 -32.66 -122.15 -19.60
C ASN O 7 -34.14 -121.76 -19.67
N SER O 8 -35.04 -122.38 -18.88
CA SER O 8 -36.41 -121.85 -18.77
C SER O 8 -36.38 -120.45 -18.13
N HIS O 9 -35.56 -120.24 -17.10
CA HIS O 9 -35.39 -118.92 -16.47
C HIS O 9 -34.81 -117.88 -17.45
N VAL O 10 -33.87 -118.27 -18.32
CA VAL O 10 -33.39 -117.44 -19.44
C VAL O 10 -34.52 -117.03 -20.38
N GLU O 11 -35.35 -117.95 -20.89
CA GLU O 11 -36.46 -117.61 -21.79
C GLU O 11 -37.52 -116.71 -21.14
N LEU O 12 -37.75 -116.88 -19.84
CA LEU O 12 -38.65 -116.03 -19.09
C LEU O 12 -38.05 -114.62 -18.84
N ALA O 13 -36.73 -114.50 -18.64
CA ALA O 13 -36.04 -113.21 -18.58
C ALA O 13 -36.09 -112.46 -19.94
N LYS O 14 -35.87 -113.17 -21.06
CA LYS O 14 -36.08 -112.66 -22.43
C LYS O 14 -37.48 -112.07 -22.63
N TYR O 15 -38.52 -112.80 -22.20
CA TYR O 15 -39.89 -112.30 -22.30
C TYR O 15 -40.08 -110.96 -21.56
N LEU O 16 -39.63 -110.85 -20.31
CA LEU O 16 -39.74 -109.61 -19.53
C LEU O 16 -39.01 -108.43 -20.20
N VAL O 17 -37.83 -108.65 -20.77
CA VAL O 17 -37.08 -107.63 -21.54
C VAL O 17 -37.83 -107.20 -22.80
N SER O 18 -38.53 -108.10 -23.50
CA SER O 18 -39.31 -107.76 -24.70
C SER O 18 -40.43 -106.75 -24.47
N LYS O 19 -40.87 -106.58 -23.21
CA LYS O 19 -41.94 -105.67 -22.78
C LYS O 19 -41.47 -104.23 -22.48
N ALA O 20 -40.17 -103.93 -22.66
CA ALA O 20 -39.48 -102.70 -22.23
C ALA O 20 -40.20 -101.38 -22.51
N ASP O 21 -40.87 -101.23 -23.65
CA ASP O 21 -41.52 -99.96 -24.01
C ASP O 21 -42.69 -99.58 -23.09
N SER O 22 -43.30 -100.56 -22.41
CA SER O 22 -44.36 -100.35 -21.43
C SER O 22 -43.88 -100.33 -19.97
N VAL O 23 -42.56 -100.40 -19.74
CA VAL O 23 -41.99 -100.48 -18.39
C VAL O 23 -41.81 -99.09 -17.77
N TYR O 24 -42.28 -98.93 -16.53
CA TYR O 24 -42.12 -97.72 -15.72
C TYR O 24 -41.58 -98.06 -14.34
N LEU O 25 -40.66 -97.23 -13.86
CA LEU O 25 -40.37 -97.08 -12.43
C LEU O 25 -41.62 -96.53 -11.73
N THR O 26 -41.88 -96.96 -10.50
CA THR O 26 -42.81 -96.35 -9.55
C THR O 26 -42.16 -96.22 -8.17
N ILE O 27 -42.50 -95.16 -7.44
CA ILE O 27 -42.02 -94.93 -6.08
C ILE O 27 -43.20 -94.55 -5.17
N GLY O 28 -43.07 -94.87 -3.89
CA GLY O 28 -44.12 -94.73 -2.89
C GLY O 28 -43.58 -94.71 -1.45
N LYS O 29 -44.50 -94.87 -0.49
CA LYS O 29 -44.28 -94.84 0.96
C LYS O 29 -43.63 -93.53 1.45
N SER O 30 -44.36 -92.44 1.31
CA SER O 30 -43.94 -91.10 1.73
C SER O 30 -44.04 -90.84 3.25
N THR O 31 -44.62 -91.76 4.05
CA THR O 31 -44.61 -91.66 5.54
C THR O 31 -43.78 -92.78 6.20
N PRO O 32 -43.22 -92.57 7.40
CA PRO O 32 -42.29 -93.50 8.07
C PRO O 32 -42.75 -94.95 8.21
N TRP O 33 -41.80 -95.89 8.35
CA TRP O 33 -42.05 -97.20 8.98
C TRP O 33 -42.03 -97.12 10.52
N SER O 34 -42.19 -98.27 11.21
CA SER O 34 -42.03 -98.36 12.68
C SER O 34 -40.58 -98.18 13.14
N ASN O 35 -39.62 -98.65 12.35
CA ASN O 35 -38.20 -98.32 12.46
C ASN O 35 -37.52 -98.36 11.06
N GLU O 36 -36.51 -97.53 10.85
CA GLU O 36 -36.07 -97.10 9.51
C GLU O 36 -34.82 -97.82 8.98
N THR O 37 -34.08 -98.53 9.83
CA THR O 37 -32.80 -99.17 9.45
C THR O 37 -33.00 -100.39 8.56
N ASN O 38 -34.01 -101.23 8.84
CA ASN O 38 -34.30 -102.46 8.11
C ASN O 38 -35.82 -102.82 8.11
N PRO O 39 -36.63 -102.22 7.22
CA PRO O 39 -38.05 -102.53 7.04
C PRO O 39 -38.34 -104.02 6.68
N PRO O 40 -39.58 -104.50 6.81
CA PRO O 40 -39.94 -105.92 6.61
C PRO O 40 -39.96 -106.36 5.13
N GLN O 41 -40.16 -107.66 4.89
CA GLN O 41 -40.36 -108.24 3.55
C GLN O 41 -41.63 -107.69 2.86
N PRO O 42 -41.63 -107.46 1.54
CA PRO O 42 -42.80 -107.02 0.79
C PRO O 42 -43.82 -108.17 0.62
N ASP O 43 -45.11 -107.87 0.81
CA ASP O 43 -46.20 -108.85 0.69
C ASP O 43 -46.58 -109.09 -0.78
N GLU O 44 -45.96 -110.09 -1.42
CA GLU O 44 -46.02 -110.32 -2.88
C GLU O 44 -47.41 -110.58 -3.48
N ASN O 45 -48.46 -110.75 -2.66
CA ASN O 45 -49.85 -110.79 -3.10
C ASN O 45 -50.35 -109.42 -3.62
N ALA O 46 -49.74 -108.31 -3.20
CA ALA O 46 -50.11 -106.96 -3.61
C ALA O 46 -49.70 -106.63 -5.05
N THR O 47 -50.41 -105.66 -5.66
CA THR O 47 -50.24 -105.27 -7.08
C THR O 47 -49.98 -103.77 -7.27
N VAL O 48 -49.86 -102.99 -6.18
CA VAL O 48 -49.62 -101.54 -6.20
C VAL O 48 -48.83 -101.11 -4.95
N LEU O 49 -47.95 -100.08 -5.04
CA LEU O 49 -47.20 -99.58 -3.88
C LEU O 49 -48.12 -98.92 -2.83
N GLN O 50 -47.67 -98.82 -1.57
CA GLN O 50 -48.34 -97.99 -0.58
C GLN O 50 -48.02 -96.51 -0.84
N GLU O 51 -48.99 -95.61 -0.60
CA GLU O 51 -48.81 -94.16 -0.74
C GLU O 51 -48.13 -93.79 -2.08
N VAL O 52 -48.66 -94.27 -3.21
CA VAL O 52 -48.01 -94.11 -4.53
C VAL O 52 -47.77 -92.63 -4.82
N ILE O 53 -46.52 -92.27 -5.16
CA ILE O 53 -46.12 -90.90 -5.51
C ILE O 53 -46.30 -90.70 -7.03
N GLY O 54 -45.89 -91.68 -7.84
CA GLY O 54 -46.02 -91.61 -9.30
C GLY O 54 -45.25 -92.68 -10.07
N TYR O 55 -45.11 -92.43 -11.37
CA TYR O 55 -44.49 -93.31 -12.36
C TYR O 55 -43.54 -92.53 -13.30
N LYS O 56 -42.41 -93.13 -13.69
CA LYS O 56 -41.46 -92.57 -14.69
C LYS O 56 -41.04 -93.66 -15.67
N LYS O 57 -41.05 -93.40 -16.99
CA LYS O 57 -40.69 -94.40 -18.02
C LYS O 57 -39.28 -94.96 -17.80
N ALA O 58 -39.07 -96.26 -17.94
CA ALA O 58 -37.75 -96.86 -17.80
C ALA O 58 -36.80 -96.32 -18.87
N THR O 59 -35.59 -95.95 -18.44
CA THR O 59 -34.52 -95.49 -19.35
C THR O 59 -33.75 -96.66 -19.97
N LYS O 60 -33.59 -97.75 -19.20
CA LYS O 60 -32.84 -98.95 -19.58
C LYS O 60 -33.57 -100.21 -19.10
N VAL O 61 -33.63 -101.20 -19.99
CA VAL O 61 -34.13 -102.58 -19.74
C VAL O 61 -33.28 -103.55 -20.58
N THR O 62 -32.56 -104.47 -19.94
CA THR O 62 -31.67 -105.42 -20.63
C THR O 62 -31.51 -106.72 -19.85
N LEU O 63 -31.14 -107.81 -20.52
CA LEU O 63 -30.54 -108.96 -19.84
C LEU O 63 -29.13 -108.60 -19.34
N VAL O 64 -28.71 -109.27 -18.28
CA VAL O 64 -27.35 -109.22 -17.74
C VAL O 64 -26.93 -110.59 -17.23
N ARG O 65 -25.63 -110.77 -16.98
CA ARG O 65 -25.09 -111.86 -16.15
C ARG O 65 -23.87 -111.41 -15.35
N PRO O 66 -23.52 -112.08 -14.23
CA PRO O 66 -22.22 -111.88 -13.59
C PRO O 66 -21.05 -112.13 -14.55
N SER O 67 -19.99 -111.33 -14.46
CA SER O 67 -18.81 -111.41 -15.34
C SER O 67 -17.75 -112.42 -14.85
N LYS O 68 -16.89 -112.94 -15.76
CA LYS O 68 -15.68 -113.71 -15.41
C LYS O 68 -14.40 -113.14 -16.04
N SER O 69 -13.35 -113.06 -15.23
CA SER O 69 -12.06 -112.43 -15.56
C SER O 69 -11.10 -113.38 -16.30
N PRO O 70 -10.22 -112.89 -17.19
CA PRO O 70 -10.07 -111.49 -17.64
C PRO O 70 -11.05 -111.03 -18.72
N GLU O 71 -11.53 -111.90 -19.61
CA GLU O 71 -12.13 -111.46 -20.89
C GLU O 71 -13.43 -110.64 -20.76
N ASP O 72 -14.28 -110.86 -19.75
CA ASP O 72 -15.47 -110.01 -19.56
C ASP O 72 -15.16 -108.63 -18.98
N ASP O 73 -13.98 -108.42 -18.37
CA ASP O 73 -13.62 -107.16 -17.71
C ASP O 73 -13.46 -105.98 -18.69
N ASN O 74 -13.38 -106.25 -20.00
CA ASN O 74 -13.25 -105.28 -21.08
C ASN O 74 -14.57 -104.99 -21.84
N LYS O 75 -15.66 -105.70 -21.52
CA LYS O 75 -16.94 -105.69 -22.26
C LYS O 75 -17.90 -104.61 -21.73
N ASN O 76 -19.18 -104.69 -22.09
CA ASN O 76 -20.27 -103.81 -21.63
C ASN O 76 -20.57 -104.02 -20.12
N LEU O 77 -19.64 -103.56 -19.28
CA LEU O 77 -19.61 -103.83 -17.84
C LEU O 77 -20.68 -103.04 -17.05
N ILE O 78 -21.18 -103.65 -15.98
CA ILE O 78 -22.15 -103.11 -15.01
C ILE O 78 -21.72 -103.52 -13.60
N SER O 79 -22.06 -102.75 -12.57
CA SER O 79 -21.87 -103.13 -11.15
C SER O 79 -23.16 -102.97 -10.35
N TYR O 80 -23.54 -104.00 -9.60
CA TYR O 80 -24.76 -104.08 -8.77
C TYR O 80 -24.67 -105.28 -7.80
N GLY O 81 -25.38 -105.27 -6.68
CA GLY O 81 -25.56 -106.47 -5.83
C GLY O 81 -24.26 -107.10 -5.32
N ASN O 82 -23.22 -106.29 -5.08
CA ASN O 82 -21.87 -106.71 -4.67
C ASN O 82 -21.13 -107.62 -5.68
N LYS O 83 -21.54 -107.63 -6.95
CA LYS O 83 -20.92 -108.39 -8.06
C LYS O 83 -20.68 -107.52 -9.29
N SER O 84 -19.71 -107.91 -10.11
CA SER O 84 -19.47 -107.35 -11.44
C SER O 84 -20.35 -108.07 -12.47
N TRP O 85 -20.89 -107.33 -13.44
CA TRP O 85 -21.90 -107.77 -14.41
C TRP O 85 -21.51 -107.37 -15.84
N VAL O 86 -22.13 -108.01 -16.83
CA VAL O 86 -22.06 -107.62 -18.24
C VAL O 86 -23.48 -107.56 -18.85
N GLU O 87 -23.73 -106.61 -19.74
CA GLU O 87 -24.95 -106.59 -20.58
C GLU O 87 -25.00 -107.79 -21.54
N VAL O 88 -26.20 -108.34 -21.79
CA VAL O 88 -26.39 -109.39 -22.79
C VAL O 88 -27.57 -109.03 -23.70
N THR O 89 -27.44 -109.24 -25.01
CA THR O 89 -28.53 -109.00 -25.98
C THR O 89 -29.43 -110.25 -26.14
N PRO O 90 -30.73 -110.10 -26.47
CA PRO O 90 -31.70 -111.20 -26.45
C PRO O 90 -31.33 -112.44 -27.29
N GLU O 91 -30.62 -112.26 -28.40
CA GLU O 91 -30.22 -113.35 -29.31
C GLU O 91 -28.97 -114.12 -28.84
N ASN O 92 -28.25 -113.62 -27.83
CA ASN O 92 -27.12 -114.32 -27.19
C ASN O 92 -27.52 -115.04 -25.88
N ALA O 93 -28.75 -114.86 -25.39
CA ALA O 93 -29.13 -115.14 -24.00
C ALA O 93 -28.82 -116.56 -23.50
N LYS O 94 -29.10 -117.59 -24.32
CA LYS O 94 -28.86 -119.00 -23.99
C LYS O 94 -27.39 -119.45 -24.14
N ALA O 95 -26.59 -118.73 -24.92
CA ALA O 95 -25.14 -118.97 -24.99
C ALA O 95 -24.42 -118.36 -23.77
N GLU O 96 -24.79 -117.13 -23.39
CA GLU O 96 -24.23 -116.45 -22.21
C GLU O 96 -24.79 -116.98 -20.88
N GLY O 97 -26.00 -117.55 -20.85
CA GLY O 97 -26.64 -118.01 -19.62
C GLY O 97 -27.40 -116.91 -18.87
N ALA O 98 -27.94 -115.92 -19.60
CA ALA O 98 -28.32 -114.61 -19.06
C ALA O 98 -29.74 -114.51 -18.48
N LYS O 99 -30.01 -115.22 -17.37
CA LYS O 99 -31.34 -115.28 -16.73
C LYS O 99 -31.74 -114.07 -15.86
N TRP O 100 -30.92 -113.02 -15.80
CA TRP O 100 -31.16 -111.85 -14.95
C TRP O 100 -31.56 -110.61 -15.76
N VAL O 101 -32.61 -109.91 -15.33
CA VAL O 101 -33.17 -108.72 -15.98
C VAL O 101 -32.78 -107.45 -15.21
N TYR O 102 -32.21 -106.47 -15.90
CA TYR O 102 -31.77 -105.18 -15.37
C TYR O 102 -32.77 -104.09 -15.76
N LEU O 103 -33.20 -103.26 -14.79
CA LEU O 103 -34.22 -102.22 -14.93
C LEU O 103 -33.75 -100.90 -14.28
N GLU O 104 -33.94 -99.74 -14.91
CA GLU O 104 -33.43 -98.45 -14.38
C GLU O 104 -34.18 -97.19 -14.88
N SER O 105 -34.40 -96.20 -14.01
CA SER O 105 -34.86 -94.85 -14.38
C SER O 105 -34.38 -93.73 -13.44
N SER O 106 -34.43 -92.49 -13.93
CA SER O 106 -33.93 -91.27 -13.28
C SER O 106 -35.05 -90.22 -13.19
N ILE O 107 -35.06 -89.41 -12.12
CA ILE O 107 -36.03 -88.32 -11.93
C ILE O 107 -35.26 -87.01 -11.64
N VAL O 108 -35.58 -85.93 -12.37
CA VAL O 108 -34.78 -84.68 -12.43
C VAL O 108 -35.64 -83.42 -12.25
N GLY O 109 -35.16 -82.48 -11.43
CA GLY O 109 -35.81 -81.18 -11.23
C GLY O 109 -37.16 -81.27 -10.50
N ASP O 110 -38.18 -80.63 -11.06
CA ASP O 110 -39.53 -80.44 -10.47
C ASP O 110 -40.60 -81.40 -11.03
N GLU O 111 -40.23 -82.42 -11.82
CA GLU O 111 -41.18 -83.19 -12.63
C GLU O 111 -42.18 -84.09 -11.85
N LEU O 112 -41.90 -84.40 -10.58
CA LEU O 112 -42.75 -85.18 -9.65
C LEU O 112 -42.65 -84.58 -8.22
N PRO O 113 -43.57 -84.91 -7.29
CA PRO O 113 -43.59 -84.37 -5.93
C PRO O 113 -42.23 -84.35 -5.18
N LEU O 114 -42.01 -83.30 -4.37
CA LEU O 114 -40.78 -83.07 -3.60
C LEU O 114 -40.70 -83.91 -2.30
N GLY O 115 -39.49 -84.09 -1.76
CA GLY O 115 -39.26 -84.68 -0.44
C GLY O 115 -38.48 -86.01 -0.46
N THR O 116 -39.03 -87.03 0.21
CA THR O 116 -38.42 -88.38 0.41
C THR O 116 -39.44 -89.51 0.21
N TYR O 117 -38.96 -90.74 -0.01
CA TYR O 117 -39.76 -91.94 -0.31
C TYR O 117 -39.14 -93.22 0.29
N ARG O 118 -39.93 -94.28 0.48
CA ARG O 118 -39.52 -95.53 1.19
C ARG O 118 -39.98 -96.85 0.54
N GLN O 119 -40.63 -96.80 -0.63
CA GLN O 119 -40.93 -97.96 -1.48
C GLN O 119 -40.55 -97.69 -2.94
N VAL O 120 -40.14 -98.74 -3.63
CA VAL O 120 -39.69 -98.74 -5.04
C VAL O 120 -40.25 -99.95 -5.77
N GLY O 121 -40.62 -99.81 -7.04
CA GLY O 121 -41.03 -100.93 -7.88
C GLY O 121 -40.99 -100.65 -9.39
N PHE O 122 -41.17 -101.70 -10.20
CA PHE O 122 -41.25 -101.63 -11.65
C PHE O 122 -42.53 -102.31 -12.16
N VAL O 123 -43.27 -101.62 -13.04
CA VAL O 123 -44.51 -102.14 -13.63
C VAL O 123 -44.29 -102.33 -15.13
N MET O 124 -44.98 -103.28 -15.74
CA MET O 124 -45.18 -103.32 -17.21
C MET O 124 -46.63 -103.01 -17.57
N ASP O 125 -46.92 -102.78 -18.85
CA ASP O 125 -48.26 -102.53 -19.39
C ASP O 125 -48.97 -101.27 -18.82
N LEU O 126 -48.23 -100.28 -18.32
CA LEU O 126 -48.79 -98.99 -17.92
C LEU O 126 -49.33 -98.19 -19.12
N VAL O 127 -50.48 -97.53 -18.97
CA VAL O 127 -51.07 -96.63 -19.98
C VAL O 127 -51.55 -95.32 -19.35
N ALA O 128 -51.19 -94.18 -19.95
CA ALA O 128 -51.65 -92.85 -19.52
C ALA O 128 -53.03 -92.50 -20.06
N LYS O 129 -53.72 -91.59 -19.35
CA LYS O 129 -54.91 -90.93 -19.85
C LYS O 129 -54.65 -90.13 -21.12
N SER O 130 -55.70 -89.93 -21.90
CA SER O 130 -55.64 -89.35 -23.25
C SER O 130 -54.92 -87.99 -23.28
N GLY O 131 -54.11 -87.77 -24.32
CA GLY O 131 -53.36 -86.52 -24.56
C GLY O 131 -52.07 -86.36 -23.75
N ILE O 132 -51.88 -87.14 -22.68
CA ILE O 132 -50.69 -87.08 -21.81
C ILE O 132 -49.56 -87.97 -22.34
N SER O 133 -48.64 -87.38 -23.08
CA SER O 133 -47.52 -88.10 -23.67
C SER O 133 -46.24 -88.11 -22.83
N LYS O 134 -46.14 -87.25 -21.82
CA LYS O 134 -44.96 -87.09 -20.95
C LYS O 134 -44.63 -88.36 -20.16
N PHE O 135 -43.32 -88.56 -19.95
CA PHE O 135 -42.81 -89.77 -19.31
C PHE O 135 -42.91 -89.78 -17.79
N ASN O 136 -43.23 -88.66 -17.13
CA ASN O 136 -43.51 -88.56 -15.69
C ASN O 136 -45.03 -88.45 -15.46
N LEU O 137 -45.63 -89.32 -14.64
CA LEU O 137 -47.07 -89.39 -14.41
C LEU O 137 -47.42 -89.53 -12.93
N VAL O 138 -48.31 -88.67 -12.40
CA VAL O 138 -48.92 -88.87 -11.07
C VAL O 138 -50.16 -89.79 -11.18
N PRO O 139 -50.61 -90.44 -10.09
CA PRO O 139 -51.67 -91.46 -10.15
C PRO O 139 -53.00 -91.02 -10.81
N SER O 140 -53.34 -89.73 -10.78
CA SER O 140 -54.52 -89.19 -11.48
C SER O 140 -54.36 -89.06 -13.01
N GLU O 141 -53.14 -89.11 -13.54
CA GLU O 141 -52.82 -89.05 -14.97
C GLU O 141 -52.73 -90.44 -15.63
N VAL O 142 -52.63 -91.50 -14.82
CA VAL O 142 -52.61 -92.89 -15.30
C VAL O 142 -54.04 -93.39 -15.57
N GLU O 143 -54.26 -94.02 -16.72
CA GLU O 143 -55.52 -94.71 -17.05
C GLU O 143 -55.50 -96.18 -16.59
N SER O 144 -54.37 -96.87 -16.78
CA SER O 144 -54.13 -98.23 -16.27
C SER O 144 -52.71 -98.39 -15.73
N THR O 145 -52.55 -98.99 -14.54
CA THR O 145 -51.23 -99.21 -13.92
C THR O 145 -50.54 -100.51 -14.37
N GLY O 146 -51.19 -101.32 -15.21
CA GLY O 146 -50.63 -102.59 -15.73
C GLY O 146 -50.39 -103.67 -14.66
N THR O 147 -49.22 -104.32 -14.69
CA THR O 147 -48.80 -105.31 -13.68
C THR O 147 -47.52 -104.84 -12.95
N LEU O 148 -47.57 -104.72 -11.62
CA LEU O 148 -46.38 -104.54 -10.80
C LEU O 148 -45.56 -105.84 -10.73
N LEU O 149 -44.41 -105.86 -11.40
CA LEU O 149 -43.58 -107.06 -11.57
C LEU O 149 -42.65 -107.33 -10.38
N PHE O 150 -42.02 -106.27 -9.86
CA PHE O 150 -41.15 -106.33 -8.69
C PHE O 150 -41.34 -105.06 -7.86
N PHE O 151 -41.29 -105.21 -6.53
CA PHE O 151 -41.34 -104.10 -5.58
C PHE O 151 -40.69 -104.47 -4.23
N ASP O 152 -40.26 -103.48 -3.47
CA ASP O 152 -39.56 -103.67 -2.19
C ASP O 152 -39.63 -102.43 -1.29
N ASN O 153 -39.27 -102.60 -0.01
CA ASN O 153 -39.21 -101.57 1.03
C ASN O 153 -37.75 -101.09 1.20
N LYS O 154 -37.51 -99.77 1.16
CA LYS O 154 -36.18 -99.17 0.96
C LYS O 154 -35.88 -98.02 1.92
N GLN O 155 -34.60 -97.86 2.28
CA GLN O 155 -34.06 -96.71 3.01
C GLN O 155 -34.15 -95.42 2.16
N PHE O 156 -34.56 -94.29 2.76
CA PHE O 156 -34.91 -93.07 2.03
C PHE O 156 -33.72 -92.21 1.56
N GLN O 157 -33.95 -91.39 0.53
CA GLN O 157 -33.08 -90.30 0.05
C GLN O 157 -33.91 -89.04 -0.28
N ASN O 158 -33.30 -87.86 -0.24
CA ASN O 158 -33.88 -86.58 -0.67
C ASN O 158 -34.02 -86.46 -2.22
N ARG O 159 -35.01 -85.69 -2.68
CA ARG O 159 -34.93 -84.95 -3.95
C ARG O 159 -35.37 -83.49 -3.77
N SER O 160 -34.53 -82.57 -4.22
CA SER O 160 -34.72 -81.10 -4.21
C SER O 160 -34.22 -80.48 -5.53
N GLU O 161 -34.31 -79.16 -5.66
CA GLU O 161 -34.33 -78.41 -6.94
C GLU O 161 -33.11 -78.56 -7.86
N GLN O 162 -31.97 -79.11 -7.40
CA GLN O 162 -30.77 -79.33 -8.22
C GLN O 162 -30.20 -80.77 -8.15
N THR O 163 -30.90 -81.71 -7.50
CA THR O 163 -30.41 -83.08 -7.25
C THR O 163 -31.15 -84.13 -8.09
N THR O 164 -30.43 -85.01 -8.78
CA THR O 164 -31.03 -86.16 -9.48
C THR O 164 -31.39 -87.29 -8.52
N ALA O 165 -32.65 -87.74 -8.52
CA ALA O 165 -33.05 -89.02 -7.92
C ALA O 165 -32.92 -90.15 -8.96
N LYS O 166 -32.61 -91.37 -8.52
CA LYS O 166 -32.45 -92.53 -9.43
C LYS O 166 -32.79 -93.85 -8.75
N GLU O 167 -33.36 -94.80 -9.51
CA GLU O 167 -33.71 -96.15 -9.03
C GLU O 167 -33.42 -97.24 -10.07
N ARG O 168 -32.99 -98.42 -9.60
CA ARG O 168 -32.69 -99.60 -10.42
C ARG O 168 -32.82 -100.93 -9.67
N PHE O 169 -32.98 -102.02 -10.42
CA PHE O 169 -33.00 -103.41 -9.96
C PHE O 169 -32.22 -104.32 -10.93
N ILE O 170 -31.64 -105.40 -10.39
CA ILE O 170 -31.41 -106.65 -11.14
C ILE O 170 -32.27 -107.74 -10.50
N VAL O 171 -33.07 -108.43 -11.30
CA VAL O 171 -34.15 -109.32 -10.85
C VAL O 171 -34.25 -110.60 -11.69
N GLU O 172 -34.82 -111.65 -11.12
CA GLU O 172 -35.02 -112.94 -11.77
C GLU O 172 -36.31 -113.64 -11.28
N VAL O 173 -36.66 -114.75 -11.91
CA VAL O 173 -37.94 -115.47 -11.73
C VAL O 173 -38.02 -116.39 -10.49
N ASP O 174 -36.88 -116.65 -9.84
CA ASP O 174 -36.70 -117.69 -8.81
C ASP O 174 -35.58 -117.26 -7.82
N PRO O 175 -35.83 -117.17 -6.51
CA PRO O 175 -34.81 -116.75 -5.54
C PRO O 175 -33.71 -117.80 -5.29
N ASN O 176 -34.07 -119.09 -5.13
CA ASN O 176 -33.11 -120.21 -5.00
C ASN O 176 -33.81 -121.58 -5.15
N SER O 177 -33.31 -122.41 -6.07
CA SER O 177 -33.74 -123.81 -6.30
C SER O 177 -33.02 -124.79 -5.39
N ALA P 2 -32.23 -108.38 -6.39
CA ALA P 2 -33.49 -108.23 -5.69
C ALA P 2 -34.43 -109.44 -5.91
N ILE P 3 -35.41 -109.61 -5.02
CA ILE P 3 -36.28 -110.79 -4.92
C ILE P 3 -37.47 -110.80 -5.89
N ALA P 4 -38.00 -111.99 -6.18
CA ALA P 4 -39.12 -112.25 -7.09
C ALA P 4 -40.49 -111.77 -6.57
N THR P 5 -41.54 -111.85 -7.41
CA THR P 5 -42.94 -111.79 -6.95
C THR P 5 -43.84 -112.84 -7.61
N TYR P 6 -44.89 -113.23 -6.89
CA TYR P 6 -45.96 -114.13 -7.34
C TYR P 6 -46.62 -113.67 -8.64
N ASN P 7 -46.86 -112.37 -8.80
CA ASN P 7 -47.42 -111.79 -10.04
C ASN P 7 -46.56 -112.16 -11.27
N SER P 8 -45.23 -112.24 -11.11
CA SER P 8 -44.31 -112.61 -12.20
C SER P 8 -44.40 -114.10 -12.54
N HIS P 9 -44.42 -115.00 -11.54
CA HIS P 9 -44.62 -116.44 -11.77
C HIS P 9 -45.85 -116.71 -12.64
N VAL P 10 -46.93 -115.98 -12.35
CA VAL P 10 -48.19 -116.05 -13.09
C VAL P 10 -48.04 -115.59 -14.55
N GLU P 11 -47.49 -114.41 -14.81
CA GLU P 11 -47.32 -113.90 -16.19
C GLU P 11 -46.39 -114.79 -17.02
N LEU P 12 -45.43 -115.45 -16.39
CA LEU P 12 -44.49 -116.36 -17.04
C LEU P 12 -45.13 -117.74 -17.33
N ALA P 13 -46.03 -118.23 -16.48
CA ALA P 13 -46.88 -119.39 -16.78
C ALA P 13 -47.85 -119.10 -17.94
N LYS P 14 -48.46 -117.90 -17.98
CA LYS P 14 -49.26 -117.43 -19.13
C LYS P 14 -48.48 -117.54 -20.43
N TYR P 15 -47.24 -117.03 -20.45
CA TYR P 15 -46.41 -117.09 -21.65
C TYR P 15 -46.18 -118.53 -22.13
N LEU P 16 -45.85 -119.48 -21.26
CA LEU P 16 -45.64 -120.89 -21.69
C LEU P 16 -46.94 -121.61 -22.12
N VAL P 17 -48.11 -121.21 -21.62
CA VAL P 17 -49.41 -121.67 -22.12
C VAL P 17 -49.74 -121.10 -23.51
N SER P 18 -49.31 -119.86 -23.81
CA SER P 18 -49.52 -119.26 -25.14
C SER P 18 -48.81 -120.01 -26.28
N LYS P 19 -47.74 -120.76 -25.97
CA LYS P 19 -46.92 -121.55 -26.92
C LYS P 19 -47.50 -122.93 -27.28
N ALA P 20 -48.66 -123.31 -26.72
CA ALA P 20 -49.23 -124.67 -26.69
C ALA P 20 -49.22 -125.43 -28.04
N ASP P 21 -49.48 -124.74 -29.16
CA ASP P 21 -49.50 -125.37 -30.48
C ASP P 21 -48.16 -126.04 -30.86
N SER P 22 -47.04 -125.47 -30.41
CA SER P 22 -45.70 -126.02 -30.65
C SER P 22 -45.19 -127.00 -29.58
N VAL P 23 -46.05 -127.42 -28.64
CA VAL P 23 -45.64 -128.23 -27.49
C VAL P 23 -45.87 -129.73 -27.74
N TYR P 24 -44.83 -130.54 -27.50
CA TYR P 24 -44.84 -132.00 -27.65
C TYR P 24 -44.33 -132.67 -26.38
N LEU P 25 -44.99 -133.76 -25.98
CA LEU P 25 -44.42 -134.79 -25.12
C LEU P 25 -43.23 -135.45 -25.83
N THR P 26 -42.19 -135.81 -25.10
CA THR P 26 -41.09 -136.66 -25.56
C THR P 26 -40.76 -137.70 -24.49
N ILE P 27 -40.39 -138.92 -24.89
CA ILE P 27 -39.92 -139.96 -23.98
C ILE P 27 -38.62 -140.58 -24.49
N GLY P 28 -37.83 -141.12 -23.57
CA GLY P 28 -36.49 -141.65 -23.84
C GLY P 28 -35.99 -142.64 -22.78
N LYS P 29 -34.70 -142.96 -22.83
CA LYS P 29 -33.97 -143.87 -21.94
C LYS P 29 -34.54 -145.30 -21.94
N SER P 30 -34.42 -145.95 -23.10
CA SER P 30 -34.89 -147.32 -23.35
C SER P 30 -33.97 -148.44 -22.85
N THR P 31 -32.70 -148.17 -22.50
CA THR P 31 -31.88 -149.14 -21.73
C THR P 31 -31.88 -148.85 -20.23
N PRO P 32 -31.54 -149.82 -19.36
CA PRO P 32 -31.50 -149.66 -17.91
C PRO P 32 -30.77 -148.42 -17.39
N TRP P 33 -31.21 -147.93 -16.23
CA TRP P 33 -30.32 -147.16 -15.35
C TRP P 33 -29.20 -148.06 -14.81
N SER P 34 -28.16 -147.48 -14.21
CA SER P 34 -27.21 -148.27 -13.42
C SER P 34 -27.90 -149.03 -12.28
N ASN P 35 -28.84 -148.37 -11.61
CA ASN P 35 -29.72 -148.95 -10.60
C ASN P 35 -31.18 -148.63 -10.95
N GLU P 36 -31.96 -149.64 -11.38
CA GLU P 36 -33.36 -149.46 -11.82
C GLU P 36 -34.32 -149.04 -10.70
N THR P 37 -33.95 -149.19 -9.43
CA THR P 37 -34.68 -148.64 -8.28
C THR P 37 -34.31 -147.18 -7.99
N ASN P 38 -33.10 -146.74 -8.34
CA ASN P 38 -32.52 -145.45 -7.94
C ASN P 38 -31.95 -144.63 -9.12
N PRO P 39 -32.80 -144.02 -9.97
CA PRO P 39 -32.38 -143.07 -11.01
C PRO P 39 -31.69 -141.81 -10.44
N PRO P 40 -30.83 -141.12 -11.20
CA PRO P 40 -30.22 -139.85 -10.82
C PRO P 40 -31.22 -138.67 -10.94
N GLN P 41 -30.81 -137.46 -10.51
CA GLN P 41 -31.57 -136.22 -10.72
C GLN P 41 -31.46 -135.72 -12.19
N PRO P 42 -32.44 -134.97 -12.72
CA PRO P 42 -32.34 -134.30 -14.02
C PRO P 42 -31.35 -133.11 -13.97
N ASP P 43 -30.24 -133.20 -14.70
CA ASP P 43 -29.26 -132.12 -14.81
C ASP P 43 -29.80 -131.01 -15.73
N GLU P 44 -30.13 -129.84 -15.16
CA GLU P 44 -31.00 -128.85 -15.81
C GLU P 44 -30.50 -128.29 -17.14
N ASN P 45 -29.19 -128.28 -17.39
CA ASN P 45 -28.61 -127.79 -18.66
C ASN P 45 -28.78 -128.78 -19.83
N ALA P 46 -29.40 -129.95 -19.64
CA ALA P 46 -29.68 -130.90 -20.72
C ALA P 46 -30.71 -130.36 -21.75
N THR P 47 -30.41 -130.53 -23.04
CA THR P 47 -31.19 -129.98 -24.15
C THR P 47 -32.12 -131.00 -24.82
N VAL P 48 -31.89 -132.29 -24.59
CA VAL P 48 -32.63 -133.43 -25.18
C VAL P 48 -32.59 -134.64 -24.23
N LEU P 49 -33.59 -135.52 -24.25
CA LEU P 49 -33.55 -136.78 -23.49
C LEU P 49 -32.42 -137.70 -24.00
N GLN P 50 -31.95 -138.63 -23.15
CA GLN P 50 -31.09 -139.73 -23.59
C GLN P 50 -31.90 -140.78 -24.36
N GLU P 51 -31.29 -141.42 -25.37
CA GLU P 51 -31.92 -142.51 -26.15
C GLU P 51 -33.35 -142.16 -26.60
N VAL P 52 -33.53 -141.00 -27.25
CA VAL P 52 -34.87 -140.44 -27.56
C VAL P 52 -35.68 -141.43 -28.36
N ILE P 53 -36.87 -141.80 -27.85
CA ILE P 53 -37.82 -142.70 -28.51
C ILE P 53 -38.63 -141.94 -29.56
N GLY P 54 -39.17 -140.77 -29.20
CA GLY P 54 -39.94 -139.93 -30.12
C GLY P 54 -40.65 -138.77 -29.45
N TYR P 55 -41.62 -138.21 -30.19
CA TYR P 55 -42.41 -137.05 -29.83
C TYR P 55 -43.90 -137.28 -30.13
N LYS P 56 -44.78 -136.73 -29.30
CA LYS P 56 -46.24 -136.71 -29.52
C LYS P 56 -46.81 -135.34 -29.15
N LYS P 57 -47.63 -134.72 -30.02
CA LYS P 57 -48.20 -133.38 -29.75
C LYS P 57 -48.96 -133.38 -28.41
N ALA P 58 -48.84 -132.31 -27.63
CA ALA P 58 -49.59 -132.20 -26.38
C ALA P 58 -51.09 -132.20 -26.64
N THR P 59 -51.82 -133.06 -25.93
CA THR P 59 -53.28 -133.15 -25.99
C THR P 59 -53.96 -132.10 -25.10
N LYS P 60 -53.24 -131.56 -24.11
CA LYS P 60 -53.72 -130.51 -23.20
C LYS P 60 -52.56 -129.64 -22.71
N VAL P 61 -52.79 -128.32 -22.69
CA VAL P 61 -51.92 -127.29 -22.08
C VAL P 61 -52.80 -126.20 -21.49
N THR P 62 -52.70 -125.92 -20.20
CA THR P 62 -53.53 -124.89 -19.53
C THR P 62 -52.86 -124.41 -18.25
N LEU P 63 -53.25 -123.23 -17.76
CA LEU P 63 -53.01 -122.87 -16.37
C LEU P 63 -53.90 -123.72 -15.46
N VAL P 64 -53.42 -123.96 -14.23
CA VAL P 64 -54.16 -124.60 -13.14
C VAL P 64 -53.82 -123.96 -11.79
N ARG P 65 -54.62 -124.24 -10.77
CA ARG P 65 -54.31 -123.98 -9.36
C ARG P 65 -54.87 -125.10 -8.46
N PRO P 66 -54.35 -125.34 -7.25
CA PRO P 66 -54.90 -126.36 -6.34
C PRO P 66 -56.40 -126.10 -6.06
N SER P 67 -57.22 -127.15 -6.10
CA SER P 67 -58.68 -127.01 -5.93
C SER P 67 -59.03 -126.69 -4.46
N LYS P 68 -59.93 -125.74 -4.25
CA LYS P 68 -60.43 -125.32 -2.92
C LYS P 68 -61.95 -125.23 -2.85
N SER P 69 -62.53 -125.80 -1.80
CA SER P 69 -63.95 -125.64 -1.47
C SER P 69 -64.17 -124.30 -0.74
N PRO P 70 -65.34 -123.64 -0.85
CA PRO P 70 -66.51 -124.00 -1.66
C PRO P 70 -66.44 -123.57 -3.13
N GLU P 71 -65.60 -122.62 -3.50
CA GLU P 71 -65.73 -121.94 -4.81
C GLU P 71 -65.41 -122.83 -6.02
N ASP P 72 -64.62 -123.89 -5.85
CA ASP P 72 -64.37 -124.90 -6.91
C ASP P 72 -65.32 -126.11 -6.84
N ASP P 73 -66.33 -126.13 -5.96
CA ASP P 73 -67.31 -127.22 -5.89
C ASP P 73 -68.14 -127.38 -7.18
N ASN P 74 -68.16 -126.34 -8.05
CA ASN P 74 -68.84 -126.32 -9.36
C ASN P 74 -67.95 -125.74 -10.48
N LYS P 75 -66.73 -126.29 -10.64
CA LYS P 75 -65.74 -125.95 -11.70
C LYS P 75 -65.07 -127.22 -12.28
N ASN P 76 -64.24 -127.06 -13.32
CA ASN P 76 -63.57 -128.17 -14.03
C ASN P 76 -62.44 -128.81 -13.19
N LEU P 77 -62.69 -129.98 -12.59
CA LEU P 77 -61.73 -130.69 -11.73
C LEU P 77 -60.57 -131.36 -12.51
N ILE P 78 -59.41 -131.45 -11.85
CA ILE P 78 -58.21 -132.23 -12.25
C ILE P 78 -57.68 -133.03 -11.05
N SER P 79 -57.26 -134.28 -11.26
CA SER P 79 -56.59 -135.15 -10.26
C SER P 79 -55.19 -135.57 -10.74
N TYR P 80 -54.14 -135.29 -9.94
CA TYR P 80 -52.73 -135.46 -10.33
C TYR P 80 -51.81 -135.66 -9.12
N GLY P 81 -50.83 -136.56 -9.19
CA GLY P 81 -49.66 -136.58 -8.30
C GLY P 81 -49.97 -136.62 -6.79
N ASN P 82 -51.04 -137.33 -6.39
CA ASN P 82 -51.58 -137.34 -5.02
C ASN P 82 -52.15 -135.98 -4.53
N LYS P 83 -52.60 -135.12 -5.46
CA LYS P 83 -53.19 -133.79 -5.25
C LYS P 83 -54.41 -133.54 -6.16
N SER P 84 -55.20 -132.50 -5.87
CA SER P 84 -56.38 -132.07 -6.63
C SER P 84 -56.28 -130.60 -7.08
N TRP P 85 -56.77 -130.30 -8.28
CA TRP P 85 -56.52 -129.07 -9.04
C TRP P 85 -57.78 -128.59 -9.80
N VAL P 86 -57.78 -127.35 -10.28
CA VAL P 86 -58.81 -126.75 -11.13
C VAL P 86 -58.18 -125.95 -12.29
N GLU P 87 -58.82 -125.94 -13.45
CA GLU P 87 -58.37 -125.20 -14.65
C GLU P 87 -58.54 -123.68 -14.52
N VAL P 88 -57.62 -122.87 -15.09
CA VAL P 88 -57.78 -121.41 -15.10
C VAL P 88 -57.55 -120.87 -16.51
N THR P 89 -58.42 -119.98 -16.99
CA THR P 89 -58.26 -119.36 -18.30
C THR P 89 -57.24 -118.21 -18.23
N PRO P 90 -56.46 -117.94 -19.30
CA PRO P 90 -55.41 -116.92 -19.28
C PRO P 90 -55.83 -115.52 -18.81
N GLU P 91 -57.02 -115.03 -19.18
CA GLU P 91 -57.52 -113.71 -18.77
C GLU P 91 -58.02 -113.65 -17.32
N ASN P 92 -57.94 -114.75 -16.55
CA ASN P 92 -58.21 -114.78 -15.10
C ASN P 92 -56.97 -115.15 -14.26
N ALA P 93 -55.80 -115.35 -14.88
CA ALA P 93 -54.61 -115.88 -14.21
C ALA P 93 -54.19 -115.13 -12.93
N LYS P 94 -54.09 -113.79 -12.96
CA LYS P 94 -53.70 -112.98 -11.80
C LYS P 94 -54.74 -112.99 -10.67
N ALA P 95 -56.02 -112.90 -11.01
CA ALA P 95 -57.10 -112.89 -10.01
C ALA P 95 -57.20 -114.25 -9.30
N GLU P 96 -57.00 -115.35 -10.02
CA GLU P 96 -57.03 -116.71 -9.48
C GLU P 96 -55.71 -117.11 -8.78
N GLY P 97 -54.58 -116.48 -9.12
CA GLY P 97 -53.23 -116.79 -8.60
C GLY P 97 -52.54 -117.94 -9.35
N ALA P 98 -52.90 -118.16 -10.62
CA ALA P 98 -52.58 -119.38 -11.36
C ALA P 98 -51.16 -119.40 -11.96
N LYS P 99 -50.17 -119.71 -11.12
CA LYS P 99 -48.77 -119.85 -11.55
C LYS P 99 -48.34 -121.26 -11.99
N TRP P 100 -49.25 -122.23 -11.97
CA TRP P 100 -48.96 -123.62 -12.36
C TRP P 100 -49.45 -123.94 -13.77
N VAL P 101 -48.64 -124.64 -14.56
CA VAL P 101 -48.98 -125.12 -15.91
C VAL P 101 -49.21 -126.63 -15.88
N TYR P 102 -50.29 -127.10 -16.49
CA TYR P 102 -50.61 -128.52 -16.67
C TYR P 102 -50.31 -128.95 -18.12
N LEU P 103 -49.54 -130.02 -18.31
CA LEU P 103 -49.11 -130.53 -19.62
C LEU P 103 -49.39 -132.04 -19.72
N GLU P 104 -50.05 -132.52 -20.80
CA GLU P 104 -50.42 -133.95 -20.94
C GLU P 104 -50.51 -134.50 -22.38
N SER P 105 -50.07 -135.74 -22.60
CA SER P 105 -50.32 -136.49 -23.84
C SER P 105 -50.32 -138.02 -23.63
N SER P 106 -50.96 -138.75 -24.55
CA SER P 106 -51.00 -140.23 -24.59
C SER P 106 -50.28 -140.77 -25.83
N ILE P 107 -49.36 -141.71 -25.64
CA ILE P 107 -48.69 -142.47 -26.70
C ILE P 107 -49.37 -143.86 -26.75
N VAL P 108 -50.15 -144.10 -27.81
CA VAL P 108 -51.14 -145.18 -27.86
C VAL P 108 -50.73 -146.34 -28.76
N GLY P 109 -50.87 -147.57 -28.25
CA GLY P 109 -50.68 -148.79 -29.02
C GLY P 109 -49.29 -148.91 -29.65
N ASP P 110 -49.22 -148.99 -30.97
CA ASP P 110 -47.98 -149.13 -31.76
C ASP P 110 -47.52 -147.83 -32.46
N GLU P 111 -48.08 -146.66 -32.14
CA GLU P 111 -47.80 -145.41 -32.87
C GLU P 111 -46.40 -144.80 -32.63
N LEU P 112 -45.64 -145.30 -31.66
CA LEU P 112 -44.24 -144.99 -31.36
C LEU P 112 -43.48 -146.24 -30.85
N PRO P 113 -42.13 -146.28 -30.93
CA PRO P 113 -41.34 -147.49 -30.66
C PRO P 113 -41.64 -148.22 -29.35
N LEU P 114 -41.47 -149.54 -29.40
CA LEU P 114 -41.85 -150.51 -28.37
C LEU P 114 -40.84 -150.59 -27.20
N GLY P 115 -41.14 -151.46 -26.22
CA GLY P 115 -40.24 -151.79 -25.12
C GLY P 115 -40.33 -150.83 -23.93
N THR P 116 -39.24 -150.68 -23.19
CA THR P 116 -39.21 -149.88 -21.95
C THR P 116 -38.90 -148.40 -22.18
N TYR P 117 -39.24 -147.55 -21.20
CA TYR P 117 -38.87 -146.12 -21.15
C TYR P 117 -38.62 -145.66 -19.70
N ARG P 118 -37.77 -144.63 -19.52
CA ARG P 118 -37.33 -144.11 -18.20
C ARG P 118 -37.17 -142.59 -18.11
N GLN P 119 -37.22 -141.87 -19.24
CA GLN P 119 -37.19 -140.40 -19.29
C GLN P 119 -38.42 -139.82 -19.98
N VAL P 120 -38.87 -138.67 -19.50
CA VAL P 120 -40.10 -137.99 -19.92
C VAL P 120 -39.89 -136.48 -19.90
N GLY P 121 -40.48 -135.73 -20.82
CA GLY P 121 -40.46 -134.26 -20.81
C GLY P 121 -41.38 -133.60 -21.84
N PHE P 122 -41.45 -132.27 -21.81
CA PHE P 122 -42.17 -131.44 -22.77
C PHE P 122 -41.29 -130.36 -23.40
N VAL P 123 -41.25 -130.32 -24.73
CA VAL P 123 -40.57 -129.30 -25.55
C VAL P 123 -41.55 -128.23 -26.02
N MET P 124 -41.03 -127.10 -26.51
CA MET P 124 -41.75 -126.08 -27.28
C MET P 124 -40.96 -125.75 -28.56
N ASP P 125 -41.59 -125.15 -29.57
CA ASP P 125 -40.97 -124.79 -30.85
C ASP P 125 -40.47 -125.97 -31.71
N LEU P 126 -41.02 -127.19 -31.54
CA LEU P 126 -40.74 -128.33 -32.42
C LEU P 126 -41.31 -128.09 -33.83
N VAL P 127 -40.58 -128.54 -34.86
CA VAL P 127 -41.00 -128.50 -36.28
C VAL P 127 -40.69 -129.83 -36.97
N ALA P 128 -41.66 -130.40 -37.69
CA ALA P 128 -41.48 -131.61 -38.51
C ALA P 128 -40.82 -131.29 -39.86
N LYS P 129 -40.23 -132.31 -40.47
CA LYS P 129 -39.81 -132.26 -41.88
C LYS P 129 -41.00 -132.05 -42.82
N SER P 130 -40.70 -131.51 -44.01
CA SER P 130 -41.72 -131.13 -45.00
C SER P 130 -42.62 -132.31 -45.42
N GLY P 131 -43.93 -132.04 -45.52
CA GLY P 131 -44.92 -133.04 -45.90
C GLY P 131 -45.41 -133.95 -44.77
N ILE P 132 -44.81 -133.90 -43.59
CA ILE P 132 -45.25 -134.67 -42.41
C ILE P 132 -46.19 -133.82 -41.56
N SER P 133 -47.44 -134.27 -41.41
CA SER P 133 -48.47 -133.55 -40.65
C SER P 133 -48.96 -134.29 -39.40
N LYS P 134 -48.63 -135.59 -39.27
CA LYS P 134 -49.02 -136.43 -38.12
C LYS P 134 -48.44 -135.92 -36.80
N PHE P 135 -49.16 -136.19 -35.71
CA PHE P 135 -48.81 -135.71 -34.38
C PHE P 135 -47.86 -136.64 -33.60
N ASN P 136 -47.61 -137.86 -34.05
CA ASN P 136 -46.59 -138.80 -33.54
C ASN P 136 -45.36 -138.81 -34.47
N LEU P 137 -44.16 -138.54 -33.94
CA LEU P 137 -42.92 -138.36 -34.71
C LEU P 137 -41.77 -139.15 -34.07
N VAL P 138 -41.00 -139.91 -34.86
CA VAL P 138 -39.66 -140.36 -34.43
C VAL P 138 -38.60 -139.31 -34.77
N PRO P 139 -37.42 -139.29 -34.12
CA PRO P 139 -36.40 -138.25 -34.32
C PRO P 139 -35.97 -137.99 -35.77
N SER P 140 -36.07 -139.00 -36.66
CA SER P 140 -35.78 -138.88 -38.10
C SER P 140 -36.89 -138.19 -38.94
N GLU P 141 -38.08 -137.98 -38.39
CA GLU P 141 -39.21 -137.23 -39.01
C GLU P 141 -39.27 -135.77 -38.56
N VAL P 142 -38.56 -135.43 -37.48
CA VAL P 142 -38.41 -134.06 -36.96
C VAL P 142 -37.33 -133.31 -37.75
N GLU P 143 -37.57 -132.03 -38.04
CA GLU P 143 -36.58 -131.13 -38.65
C GLU P 143 -35.85 -130.28 -37.60
N SER P 144 -36.59 -129.76 -36.61
CA SER P 144 -36.04 -129.08 -35.44
C SER P 144 -36.78 -129.52 -34.17
N THR P 145 -36.04 -129.86 -33.10
CA THR P 145 -36.62 -130.36 -31.84
C THR P 145 -37.10 -129.25 -30.90
N GLY P 146 -36.81 -127.98 -31.23
CA GLY P 146 -37.12 -126.82 -30.39
C GLY P 146 -36.37 -126.80 -29.05
N THR P 147 -36.97 -126.20 -28.02
CA THR P 147 -36.40 -126.09 -26.66
C THR P 147 -37.14 -126.98 -25.65
N LEU P 148 -36.39 -127.79 -24.89
CA LEU P 148 -36.90 -128.59 -23.77
C LEU P 148 -37.12 -127.71 -22.52
N LEU P 149 -38.38 -127.34 -22.25
CA LEU P 149 -38.75 -126.55 -21.06
C LEU P 149 -38.65 -127.36 -19.76
N PHE P 150 -39.25 -128.55 -19.75
CA PHE P 150 -39.43 -129.37 -18.55
C PHE P 150 -39.12 -130.85 -18.86
N PHE P 151 -38.42 -131.54 -17.97
CA PHE P 151 -38.20 -132.98 -18.06
C PHE P 151 -37.90 -133.59 -16.68
N ASP P 152 -38.03 -134.92 -16.55
CA ASP P 152 -37.64 -135.65 -15.33
C ASP P 152 -37.28 -137.12 -15.63
N ASN P 153 -36.54 -137.76 -14.71
CA ASN P 153 -36.25 -139.20 -14.72
C ASN P 153 -37.35 -139.99 -13.98
N LYS P 154 -37.54 -141.26 -14.35
CA LYS P 154 -38.42 -142.22 -13.67
C LYS P 154 -37.77 -143.61 -13.58
N GLN P 155 -38.22 -144.42 -12.63
CA GLN P 155 -38.05 -145.88 -12.68
C GLN P 155 -38.81 -146.47 -13.88
N PHE P 156 -38.33 -147.59 -14.44
CA PHE P 156 -38.80 -148.05 -15.76
C PHE P 156 -40.27 -148.50 -15.79
N GLN P 157 -40.88 -148.44 -16.97
CA GLN P 157 -42.11 -149.14 -17.34
C GLN P 157 -41.99 -149.72 -18.77
N ASN P 158 -42.84 -150.68 -19.14
CA ASN P 158 -42.74 -151.45 -20.40
C ASN P 158 -44.02 -151.40 -21.23
N ARG P 159 -43.90 -151.33 -22.56
CA ARG P 159 -44.99 -151.47 -23.54
C ARG P 159 -44.81 -152.67 -24.48
N SER P 160 -45.78 -153.58 -24.47
CA SER P 160 -46.09 -154.46 -25.61
C SER P 160 -47.03 -153.75 -26.60
N GLU P 161 -47.14 -154.25 -27.83
CA GLU P 161 -47.77 -153.59 -28.97
C GLU P 161 -49.24 -153.15 -28.74
N GLN P 162 -49.95 -153.82 -27.84
CA GLN P 162 -51.35 -153.52 -27.48
C GLN P 162 -51.51 -152.46 -26.37
N THR P 163 -50.41 -151.90 -25.84
CA THR P 163 -50.42 -151.13 -24.57
C THR P 163 -49.88 -149.70 -24.71
N THR P 164 -50.38 -148.82 -23.83
CA THR P 164 -50.36 -147.35 -23.97
C THR P 164 -49.59 -146.69 -22.82
N ALA P 165 -48.86 -145.61 -23.10
CA ALA P 165 -48.19 -144.78 -22.10
C ALA P 165 -48.78 -143.36 -22.08
N LYS P 166 -49.34 -142.93 -20.94
CA LYS P 166 -49.85 -141.57 -20.75
C LYS P 166 -48.91 -140.81 -19.82
N GLU P 167 -48.41 -139.67 -20.28
CA GLU P 167 -47.37 -138.90 -19.60
C GLU P 167 -47.70 -137.41 -19.53
N ARG P 168 -47.40 -136.83 -18.37
CA ARG P 168 -47.84 -135.51 -17.94
C ARG P 168 -46.96 -134.93 -16.84
N PHE P 169 -47.03 -133.61 -16.67
CA PHE P 169 -46.51 -132.92 -15.49
C PHE P 169 -47.37 -131.71 -15.13
N ILE P 170 -47.36 -131.35 -13.84
CA ILE P 170 -47.71 -130.02 -13.35
C ILE P 170 -46.41 -129.33 -12.94
N VAL P 171 -46.19 -128.12 -13.41
CA VAL P 171 -44.95 -127.35 -13.18
C VAL P 171 -45.27 -125.89 -12.82
N GLU P 172 -44.33 -125.21 -12.16
CA GLU P 172 -44.32 -123.78 -11.91
C GLU P 172 -42.88 -123.25 -12.09
N VAL P 173 -42.67 -121.97 -12.35
CA VAL P 173 -41.32 -121.44 -12.66
C VAL P 173 -40.30 -121.49 -11.49
N ASP P 174 -40.76 -121.55 -10.25
CA ASP P 174 -39.96 -121.56 -9.00
C ASP P 174 -40.28 -122.82 -8.17
N PRO P 175 -39.33 -123.77 -7.96
CA PRO P 175 -39.66 -125.08 -7.42
C PRO P 175 -39.94 -125.13 -5.90
N ASN P 176 -39.21 -124.36 -5.07
CA ASN P 176 -39.34 -124.43 -3.60
C ASN P 176 -38.94 -123.14 -2.85
N SER P 177 -39.64 -122.88 -1.73
CA SER P 177 -39.41 -121.75 -0.81
C SER P 177 -39.89 -122.07 0.60
N ASN Q 4 26.88 22.32 25.05
CA ASN Q 4 26.90 23.69 24.52
C ASN Q 4 26.93 23.70 23.01
N PHE Q 5 25.93 24.36 22.43
CA PHE Q 5 25.76 24.40 20.97
C PHE Q 5 26.47 25.59 20.34
N LYS Q 6 27.23 26.38 21.09
CA LYS Q 6 28.05 27.44 20.50
C LYS Q 6 29.34 26.94 19.87
N GLY Q 7 29.65 25.65 19.98
CA GLY Q 7 30.92 25.09 19.57
C GLY Q 7 30.96 24.81 18.08
N SER Q 8 32.12 24.27 17.67
CA SER Q 8 32.42 24.06 16.26
C SER Q 8 31.38 23.24 15.50
N PRO Q 9 30.91 22.08 15.99
CA PRO Q 9 30.04 21.25 15.13
C PRO Q 9 28.73 21.93 14.74
N TYR Q 10 28.19 22.83 15.56
CA TYR Q 10 26.90 23.47 15.32
C TYR Q 10 26.99 24.98 15.23
N LEU Q 11 27.79 25.62 16.09
CA LEU Q 11 28.00 27.06 16.03
C LEU Q 11 26.68 27.82 16.20
N ASP Q 12 25.90 27.43 17.21
CA ASP Q 12 24.64 28.12 17.48
C ASP Q 12 24.96 29.51 18.00
N ARG Q 13 24.43 30.53 17.31
CA ARG Q 13 24.75 31.92 17.59
C ARG Q 13 23.71 32.59 18.50
N PHE Q 14 22.72 31.86 18.96
CA PHE Q 14 21.68 32.43 19.81
C PHE Q 14 22.23 32.83 21.16
N ASP Q 15 21.76 33.98 21.66
CA ASP Q 15 22.06 34.47 23.00
C ASP Q 15 20.90 35.34 23.50
N PRO Q 16 20.29 35.05 24.66
CA PRO Q 16 19.11 35.84 25.06
C PRO Q 16 19.39 37.32 25.27
N SER Q 17 20.61 37.69 25.69
CA SER Q 17 20.89 39.06 26.07
C SER Q 17 20.88 40.03 24.88
N LYS Q 18 20.95 39.52 23.65
CA LYS Q 18 21.01 40.39 22.48
C LYS Q 18 19.63 40.89 22.05
N ASP Q 19 18.55 40.29 22.55
CA ASP Q 19 17.18 40.73 22.27
C ASP Q 19 16.85 40.68 20.78
N ARG Q 20 17.38 39.68 20.08
CA ARG Q 20 17.14 39.47 18.66
C ARG Q 20 16.15 38.33 18.51
N THR Q 21 15.01 38.60 17.87
CA THR Q 21 13.86 37.70 17.89
C THR Q 21 13.47 37.16 16.51
N LYS Q 22 14.25 37.42 15.47
CA LYS Q 22 13.84 36.96 14.14
C LYS Q 22 15.05 36.96 13.22
N VAL Q 23 15.19 35.87 12.46
CA VAL Q 23 16.24 35.75 11.46
C VAL Q 23 15.62 36.10 10.10
N LEU Q 24 16.14 37.16 9.47
CA LEU Q 24 15.60 37.70 8.23
C LEU Q 24 16.49 37.25 7.08
N PHE Q 25 16.07 36.18 6.39
CA PHE Q 25 16.85 35.67 5.28
C PHE Q 25 16.77 36.59 4.07
N ASN Q 26 17.78 36.50 3.20
CA ASN Q 26 17.92 37.34 2.02
C ASN Q 26 18.12 36.47 0.78
N PRO Q 27 17.71 36.94 -0.40
CA PRO Q 27 17.77 36.09 -1.59
C PRO Q 27 19.16 36.09 -2.21
N ASP Q 28 19.47 34.99 -2.90
CA ASP Q 28 20.76 34.79 -3.55
C ASP Q 28 21.94 34.99 -2.59
N ARG Q 29 21.91 34.26 -1.48
CA ARG Q 29 22.99 34.27 -0.51
C ARG Q 29 23.27 32.83 -0.09
N PRO Q 30 24.47 32.53 0.39
CA PRO Q 30 24.75 31.17 0.87
C PRO Q 30 24.13 30.94 2.24
N LEU Q 31 23.32 29.88 2.35
CA LEU Q 31 22.59 29.60 3.58
C LEU Q 31 23.54 29.06 4.64
N GLN Q 32 23.34 29.49 5.88
CA GLN Q 32 24.17 29.13 7.02
C GLN Q 32 23.39 28.25 7.97
N GLN Q 33 23.97 27.10 8.35
CA GLN Q 33 23.30 26.23 9.33
C GLN Q 33 23.14 26.91 10.69
N ALA Q 34 24.05 27.83 11.04
CA ALA Q 34 23.93 28.54 12.31
C ALA Q 34 22.64 29.34 12.37
N GLU Q 35 22.25 29.95 11.24
CA GLU Q 35 20.98 30.69 11.18
C GLU Q 35 19.80 29.77 11.42
N LEU Q 36 19.85 28.54 10.89
CA LEU Q 36 18.76 27.59 11.08
C LEU Q 36 18.65 27.18 12.55
N ASN Q 37 19.80 26.92 13.18
CA ASN Q 37 19.82 26.56 14.59
C ASN Q 37 19.26 27.69 15.44
N GLU Q 38 19.70 28.93 15.18
CA GLU Q 38 19.18 30.06 15.93
C GLU Q 38 17.68 30.25 15.70
N MET Q 39 17.22 29.96 14.48
CA MET Q 39 15.81 30.12 14.16
C MET Q 39 14.95 29.27 15.08
N GLN Q 40 15.33 28.00 15.27
CA GLN Q 40 14.54 27.20 16.21
C GLN Q 40 14.85 27.55 17.67
N SER Q 41 16.08 28.00 17.96
CA SER Q 41 16.45 28.31 19.34
C SER Q 41 15.58 29.42 19.90
N ILE Q 42 15.34 30.46 19.10
CA ILE Q 42 14.60 31.63 19.59
C ILE Q 42 13.19 31.24 20.02
N ASP Q 43 12.48 30.52 19.15
CA ASP Q 43 11.11 30.13 19.44
C ASP Q 43 11.05 29.23 20.66
N GLN Q 44 12.00 28.29 20.78
CA GLN Q 44 11.98 27.46 21.98
C GLN Q 44 12.31 28.26 23.23
N TYR Q 45 13.14 29.30 23.11
CA TYR Q 45 13.49 30.09 24.28
C TYR Q 45 12.28 30.86 24.79
N TYR Q 46 11.54 31.46 23.86
CA TYR Q 46 10.35 32.23 24.25
C TYR Q 46 9.22 31.32 24.71
N LEU Q 47 9.11 30.11 24.15
CA LEU Q 47 8.15 29.15 24.69
C LEU Q 47 8.51 28.77 26.12
N LYS Q 48 9.81 28.58 26.39
CA LYS Q 48 10.25 28.31 27.75
C LYS Q 48 9.89 29.46 28.69
N ASN Q 49 10.05 30.70 28.22
CA ASN Q 49 9.72 31.85 29.06
C ASN Q 49 8.23 31.87 29.37
N LEU Q 50 7.39 31.62 28.36
CA LEU Q 50 5.94 31.62 28.59
C LEU Q 50 5.55 30.52 29.56
N GLY Q 51 6.19 29.35 29.44
CA GLY Q 51 5.89 28.28 30.38
C GLY Q 51 6.33 28.61 31.79
N ASP Q 52 7.52 29.21 31.93
CA ASP Q 52 8.03 29.57 33.25
C ASP Q 52 7.16 30.63 33.90
N ALA Q 53 6.53 31.51 33.11
CA ALA Q 53 5.63 32.50 33.68
C ALA Q 53 4.41 31.89 34.37
N ILE Q 54 4.11 30.61 34.15
CA ILE Q 54 2.93 29.96 34.70
C ILE Q 54 3.32 28.79 35.60
N PHE Q 55 4.09 27.85 35.07
CA PHE Q 55 4.35 26.56 35.70
C PHE Q 55 5.67 26.56 36.45
N LYS Q 56 5.87 25.49 37.22
CA LYS Q 56 7.06 25.18 37.98
C LYS Q 56 7.53 23.79 37.58
N ASP Q 57 8.84 23.57 37.68
CA ASP Q 57 9.46 22.36 37.14
C ASP Q 57 8.92 21.07 37.75
N GLY Q 58 8.31 21.13 38.93
CA GLY Q 58 7.73 19.97 39.58
C GLY Q 58 6.23 19.90 39.52
N ASP Q 59 5.62 20.60 38.56
CA ASP Q 59 4.16 20.66 38.49
C ASP Q 59 3.62 19.50 37.66
N LYS Q 60 2.78 18.68 38.29
CA LYS Q 60 2.11 17.58 37.61
C LYS Q 60 0.79 18.06 37.03
N GLN Q 61 0.54 17.71 35.77
CA GLN Q 61 -0.69 18.10 35.08
C GLN Q 61 -1.74 17.00 35.08
N SER Q 62 -1.35 15.78 34.73
CA SER Q 62 -2.28 14.65 34.77
C SER Q 62 -1.49 13.35 34.88
N GLY Q 63 -2.18 12.30 35.33
CA GLY Q 63 -1.53 11.01 35.41
C GLY Q 63 -0.46 10.99 36.49
N LEU Q 64 0.62 10.26 36.22
CA LEU Q 64 1.76 10.11 37.13
C LEU Q 64 1.34 9.54 38.48
N GLY Q 65 0.32 8.68 38.48
CA GLY Q 65 -0.05 7.98 39.70
C GLY Q 65 0.99 6.95 40.07
N PHE Q 66 1.55 7.05 41.27
CA PHE Q 66 2.63 6.18 41.67
C PHE Q 66 2.11 4.87 42.25
N THR Q 67 2.94 3.82 42.18
CA THR Q 67 2.65 2.53 42.79
C THR Q 67 3.88 2.11 43.60
N LEU Q 68 3.66 1.74 44.86
CA LEU Q 68 4.72 1.37 45.80
C LEU Q 68 4.49 -0.06 46.27
N SER Q 69 5.48 -0.93 46.08
CA SER Q 69 5.36 -2.32 46.47
C SER Q 69 5.71 -2.45 47.97
N GLU Q 70 5.64 -3.68 48.49
CA GLU Q 70 6.00 -3.93 49.88
C GLU Q 70 7.50 -3.74 50.12
N ASP Q 71 8.38 -3.93 49.13
CA ASP Q 71 9.84 -3.93 49.34
C ASP Q 71 10.48 -2.52 49.19
N ASN Q 72 9.70 -1.45 49.33
CA ASN Q 72 10.10 -0.07 49.02
C ASN Q 72 10.56 0.17 47.57
N VAL Q 73 10.15 -0.67 46.62
CA VAL Q 73 10.27 -0.41 45.17
C VAL Q 73 9.15 0.51 44.70
N LEU Q 74 9.48 1.53 43.90
CA LEU Q 74 8.61 2.61 43.44
C LEU Q 74 8.63 2.72 41.92
N THR Q 75 7.44 2.88 41.33
CA THR Q 75 7.23 3.07 39.89
C THR Q 75 6.10 4.07 39.64
N VAL Q 76 6.16 4.81 38.53
CA VAL Q 76 5.29 5.94 38.23
C VAL Q 76 4.63 5.70 36.88
N ASN Q 77 3.31 5.87 36.84
CA ASN Q 77 2.56 5.66 35.61
C ASN Q 77 2.80 6.82 34.64
N PRO Q 78 2.43 6.66 33.37
CA PRO Q 78 2.65 7.75 32.41
C PRO Q 78 1.82 8.97 32.74
N GLY Q 79 2.29 10.12 32.29
CA GLY Q 79 1.55 11.36 32.49
C GLY Q 79 2.37 12.54 32.04
N TYR Q 80 1.74 13.71 32.10
CA TYR Q 80 2.32 14.96 31.64
C TYR Q 80 2.99 15.67 32.81
N VAL Q 81 4.06 16.40 32.50
CA VAL Q 81 4.77 17.18 33.51
C VAL Q 81 5.51 18.30 32.81
N TYR Q 82 5.63 19.44 33.50
CA TYR Q 82 6.39 20.59 33.01
C TYR Q 82 7.82 20.50 33.54
N ILE Q 83 8.79 20.33 32.65
CA ILE Q 83 10.20 20.27 33.02
C ILE Q 83 10.99 21.04 31.96
N ASN Q 84 11.66 22.12 32.39
CA ASN Q 84 12.65 22.85 31.59
C ASN Q 84 12.04 23.42 30.31
N GLY Q 85 11.07 24.32 30.50
CA GLY Q 85 10.51 25.09 29.42
C GLY Q 85 9.53 24.37 28.52
N LYS Q 86 9.19 23.11 28.82
CA LYS Q 86 8.31 22.35 27.96
C LYS Q 86 7.46 21.41 28.82
N ILE Q 87 6.24 21.15 28.37
CA ILE Q 87 5.37 20.16 28.99
C ILE Q 87 5.62 18.83 28.30
N ARG Q 88 6.26 17.90 29.00
CA ARG Q 88 6.72 16.64 28.44
C ARG Q 88 5.86 15.49 28.94
N TYR Q 89 5.61 14.53 28.06
CA TYR Q 89 4.81 13.35 28.37
C TYR Q 89 5.73 12.25 28.88
N TYR Q 90 5.69 11.99 30.19
CA TYR Q 90 6.49 10.94 30.78
C TYR Q 90 5.89 9.58 30.43
N ASP Q 91 6.74 8.67 29.91
CA ASP Q 91 6.29 7.33 29.56
C ASP Q 91 7.37 6.27 29.80
N ASN Q 92 8.23 6.48 30.80
CA ASN Q 92 9.30 5.57 31.10
C ASN Q 92 8.90 4.65 32.25
N ASP Q 93 9.38 3.40 32.21
CA ASP Q 93 9.02 2.39 33.20
C ASP Q 93 10.17 2.23 34.18
N ASP Q 94 10.42 3.24 35.01
CA ASP Q 94 11.50 3.10 35.99
C ASP Q 94 11.03 2.29 37.20
N SER Q 95 11.97 1.53 37.74
CA SER Q 95 11.92 1.06 39.11
C SER Q 95 13.04 1.74 39.87
N VAL Q 96 12.72 2.40 40.98
CA VAL Q 96 13.72 2.88 41.94
C VAL Q 96 13.35 2.38 43.33
N LYS Q 97 14.31 2.09 44.21
CA LYS Q 97 13.99 1.75 45.60
C LYS Q 97 14.48 2.80 46.58
N ILE Q 98 13.57 3.28 47.44
CA ILE Q 98 13.82 4.26 48.49
C ILE Q 98 14.37 3.57 49.75
N THR Q 99 14.96 4.32 50.67
CA THR Q 99 15.47 3.72 51.92
C THR Q 99 14.32 3.33 52.85
N GLY Q 100 13.22 4.07 52.82
CA GLY Q 100 12.04 3.84 53.65
C GLY Q 100 12.07 4.58 54.98
N VAL Q 101 13.07 5.42 55.25
CA VAL Q 101 13.23 6.13 56.54
C VAL Q 101 13.70 7.57 56.35
N GLY Q 102 13.27 8.46 57.24
CA GLY Q 102 13.52 9.90 57.09
C GLY Q 102 12.73 10.50 55.93
N LYS Q 103 13.05 11.76 55.58
CA LYS Q 103 12.46 12.43 54.41
C LYS Q 103 13.11 11.96 53.11
N GLU Q 104 12.30 11.61 52.14
CA GLU Q 104 12.73 11.18 50.81
C GLU Q 104 11.89 11.91 49.75
N THR Q 105 12.50 12.33 48.64
CA THR Q 105 11.88 13.08 47.56
C THR Q 105 12.14 12.36 46.24
N ILE Q 106 11.12 12.25 45.40
CA ILE Q 106 11.22 11.63 44.10
C ILE Q 106 11.20 12.72 43.07
N GLY Q 107 12.14 12.71 42.15
CA GLY Q 107 12.29 13.72 41.13
C GLY Q 107 12.60 13.11 39.78
N ILE Q 108 12.43 13.92 38.75
CA ILE Q 108 12.71 13.54 37.36
C ILE Q 108 13.87 14.39 36.86
N LYS Q 109 14.85 13.72 36.26
CA LYS Q 109 16.05 14.34 35.71
C LYS Q 109 15.99 14.24 34.20
N LEU Q 110 16.34 15.33 33.52
CA LEU Q 110 16.36 15.40 32.06
C LEU Q 110 17.81 15.34 31.58
N THR Q 111 18.12 14.38 30.72
CA THR Q 111 19.47 14.17 30.20
C THR Q 111 19.48 14.48 28.71
N GLU Q 112 20.37 15.38 28.29
CA GLU Q 112 20.52 15.70 26.88
C GLU Q 112 21.48 14.72 26.23
N ARG Q 113 21.12 14.26 25.02
CA ARG Q 113 21.97 13.36 24.25
C ARG Q 113 21.82 13.69 22.77
N ILE Q 114 22.88 13.38 22.02
CA ILE Q 114 22.94 13.67 20.59
C ILE Q 114 22.76 12.38 19.81
N VAL Q 115 21.81 12.40 18.88
CA VAL Q 115 21.53 11.28 17.97
C VAL Q 115 21.99 11.69 16.59
N THR Q 116 22.84 10.86 15.97
CA THR Q 116 23.44 11.14 14.67
C THR Q 116 23.00 10.09 13.65
N PRO Q 117 23.29 10.23 12.36
CA PRO Q 117 23.09 9.15 11.40
C PRO Q 117 23.93 7.91 11.72
N ASP Q 118 25.12 8.14 12.28
CA ASP Q 118 26.04 7.08 12.70
C ASP Q 118 25.39 6.05 13.64
N GLU Q 119 24.48 6.48 14.51
CA GLU Q 119 23.73 5.63 15.43
C GLU Q 119 22.40 5.17 14.84
N ASP Q 120 21.61 6.09 14.32
CA ASP Q 120 20.25 5.82 13.85
C ASP Q 120 20.22 6.03 12.34
N ALA Q 121 20.15 4.95 11.58
CA ALA Q 121 20.22 5.04 10.13
C ALA Q 121 19.01 5.76 9.54
N SER Q 122 17.88 5.80 10.24
CA SER Q 122 16.67 6.40 9.69
C SER Q 122 16.84 7.88 9.41
N LEU Q 123 17.78 8.54 10.09
CA LEU Q 123 18.01 9.97 9.87
C LEU Q 123 18.67 10.26 8.53
N LEU Q 124 19.23 9.26 7.84
CA LEU Q 124 19.76 9.43 6.49
C LEU Q 124 18.63 9.77 5.53
N ASP Q 125 18.88 10.67 4.60
CA ASP Q 125 17.92 11.06 3.58
C ASP Q 125 17.40 9.84 2.83
N GLN Q 126 16.07 9.72 2.75
CA GLN Q 126 15.40 8.64 2.04
C GLN Q 126 14.48 9.16 0.94
N THR Q 127 14.67 10.39 0.49
CA THR Q 127 13.86 10.91 -0.62
C THR Q 127 14.23 10.16 -1.89
N SER Q 128 13.35 9.30 -2.40
CA SER Q 128 13.78 8.31 -3.39
C SER Q 128 14.05 8.93 -4.77
N GLY Q 129 15.12 8.49 -5.45
CA GLY Q 129 15.42 8.92 -6.81
C GLY Q 129 15.96 10.35 -6.94
N VAL Q 130 16.75 10.83 -5.98
CA VAL Q 130 17.38 12.17 -6.01
C VAL Q 130 18.83 12.11 -5.54
N PRO Q 131 19.71 13.06 -5.92
CA PRO Q 131 21.15 12.96 -5.68
C PRO Q 131 21.60 12.84 -4.22
N SER Q 132 20.88 13.44 -3.27
CA SER Q 132 21.15 13.36 -1.85
C SER Q 132 20.61 12.10 -1.18
N TYR Q 133 20.20 11.06 -1.93
CA TYR Q 133 19.69 9.83 -1.35
C TYR Q 133 20.76 9.12 -0.51
N PHE Q 134 20.36 8.57 0.63
CA PHE Q 134 21.22 7.98 1.64
C PHE Q 134 22.31 8.94 2.19
N SER Q 135 22.24 10.24 1.96
CA SER Q 135 23.27 11.14 2.46
C SER Q 135 22.97 11.55 3.90
N LYS Q 136 24.06 11.68 4.67
CA LYS Q 136 24.06 12.21 6.04
C LYS Q 136 23.47 13.61 6.07
N GLY Q 137 22.88 14.00 7.20
CA GLY Q 137 22.32 15.33 7.36
C GLY Q 137 22.36 15.78 8.80
N ALA Q 138 21.27 16.43 9.22
CA ALA Q 138 21.21 17.02 10.56
C ALA Q 138 21.09 15.94 11.64
N ASP Q 139 21.64 16.27 12.81
CA ASP Q 139 21.54 15.45 14.00
C ASP Q 139 20.24 15.75 14.74
N ARG Q 140 20.00 15.03 15.84
CA ARG Q 140 18.82 15.26 16.67
C ARG Q 140 19.23 15.32 18.13
N LEU Q 141 18.56 16.20 18.89
CA LEU Q 141 18.78 16.34 20.32
C LEU Q 141 17.69 15.55 21.04
N GLU Q 142 18.10 14.48 21.73
CA GLU Q 142 17.18 13.60 22.44
C GLU Q 142 17.26 13.90 23.94
N GLU Q 143 16.09 14.17 24.53
CA GLU Q 143 15.96 14.54 25.94
C GLU Q 143 15.00 13.57 26.60
N LYS Q 144 15.55 12.57 27.29
CA LYS Q 144 14.76 11.55 27.99
C LYS Q 144 14.73 11.83 29.48
N MET Q 145 13.64 11.37 30.10
CA MET Q 145 13.32 11.61 31.51
C MET Q 145 13.43 10.31 32.29
N SER Q 146 14.01 10.39 33.47
CA SER Q 146 14.16 9.23 34.34
C SER Q 146 14.01 9.66 35.80
N LEU Q 147 13.62 8.74 36.67
CA LEU Q 147 13.48 8.96 38.11
C LEU Q 147 14.81 9.00 38.84
N THR Q 148 14.92 9.86 39.84
CA THR Q 148 16.04 9.96 40.78
C THR Q 148 15.51 10.28 42.16
N VAL Q 149 16.11 9.67 43.19
CA VAL Q 149 15.68 9.80 44.60
C VAL Q 149 16.65 10.70 45.35
N ASN Q 150 16.17 11.71 46.09
CA ASN Q 150 17.02 12.58 46.91
C ASN Q 150 18.12 13.24 46.07
N ASP Q 151 17.74 13.65 44.86
CA ASP Q 151 18.63 14.36 43.95
C ASP Q 151 18.20 15.83 43.91
N PRO Q 152 18.98 16.77 44.47
CA PRO Q 152 18.52 18.16 44.48
C PRO Q 152 18.46 18.80 43.10
N THR Q 153 19.17 18.24 42.12
CA THR Q 153 19.15 18.83 40.78
C THR Q 153 17.84 18.52 40.07
N SER Q 154 17.23 17.38 40.37
CA SER Q 154 16.01 16.95 39.71
C SER Q 154 14.81 17.75 40.20
N ALA Q 155 13.76 17.77 39.40
CA ALA Q 155 12.52 18.45 39.75
C ALA Q 155 11.62 17.50 40.54
N THR Q 156 11.33 17.85 41.79
CA THR Q 156 10.53 16.99 42.66
C THR Q 156 9.10 16.87 42.16
N ILE Q 157 8.56 15.64 42.23
CA ILE Q 157 7.17 15.36 41.88
C ILE Q 157 6.43 14.78 43.09
N TYR Q 158 7.16 14.12 43.98
CA TYR Q 158 6.58 13.52 45.18
C TYR Q 158 7.56 13.63 46.33
N THR Q 159 7.02 13.60 47.55
CA THR Q 159 7.80 13.63 48.77
C THR Q 159 7.21 12.62 49.74
N PHE Q 160 8.04 11.80 50.37
CA PHE Q 160 7.67 10.74 51.29
C PHE Q 160 8.38 10.94 52.63
N MET Q 161 7.68 10.70 53.74
CA MET Q 161 8.28 10.62 55.06
C MET Q 161 8.13 9.20 55.58
N ASP Q 162 9.22 8.50 55.88
CA ASP Q 162 9.17 7.09 56.32
C ASP Q 162 8.32 6.19 55.40
N GLY Q 163 8.26 6.49 54.10
CA GLY Q 163 7.45 5.77 53.13
C GLY Q 163 5.96 6.11 53.12
N ASP Q 164 5.53 7.19 53.78
CA ASP Q 164 4.15 7.68 53.72
C ASP Q 164 4.07 8.94 52.87
N LEU Q 165 3.05 9.03 52.02
CA LEU Q 165 2.96 10.19 51.14
C LEU Q 165 2.72 11.44 51.97
N TYR Q 166 3.44 12.52 51.64
CA TYR Q 166 3.45 13.70 52.50
C TYR Q 166 2.36 14.69 52.10
N ILE Q 167 2.22 14.95 50.80
CA ILE Q 167 1.27 15.94 50.28
C ILE Q 167 0.61 15.34 49.04
N GLN Q 168 -0.70 15.56 48.92
CA GLN Q 168 -1.47 15.13 47.77
C GLN Q 168 -1.76 16.30 46.84
N SER Q 169 -2.08 15.99 45.59
CA SER Q 169 -2.52 17.01 44.63
C SER Q 169 -3.44 16.33 43.61
N THR Q 170 -4.75 16.46 43.82
CA THR Q 170 -5.70 15.71 43.02
C THR Q 170 -5.65 16.13 41.56
N ASN Q 171 -5.50 17.43 41.30
CA ASN Q 171 -5.59 18.00 39.97
C ASN Q 171 -4.31 18.76 39.64
N ALA Q 172 -4.29 19.39 38.46
CA ALA Q 172 -3.08 20.01 37.91
C ALA Q 172 -2.52 21.08 38.85
N GLU Q 173 -1.18 21.14 38.92
CA GLU Q 173 -0.47 22.11 39.73
C GLU Q 173 -0.04 23.28 38.87
N MET Q 174 -0.28 24.50 39.37
CA MET Q 174 0.12 25.74 38.70
C MET Q 174 0.62 26.70 39.79
N ASP Q 175 1.94 26.80 39.90
CA ASP Q 175 2.56 27.54 41.01
C ASP Q 175 2.18 29.02 41.00
N LYS Q 176 2.40 29.71 39.87
CA LYS Q 176 2.10 31.15 39.83
C LYS Q 176 0.60 31.38 40.05
N ILE Q 177 -0.25 30.55 39.41
CA ILE Q 177 -1.68 30.75 39.63
C ILE Q 177 -2.00 30.51 41.10
N ASN Q 178 -1.40 29.47 41.69
CA ASN Q 178 -1.68 29.12 43.07
C ASN Q 178 -1.25 30.22 44.03
N LYS Q 179 -0.20 30.96 43.70
CA LYS Q 179 0.21 32.06 44.57
C LYS Q 179 -0.85 33.15 44.56
N VAL Q 180 -1.37 33.49 43.37
CA VAL Q 180 -2.40 34.53 43.35
C VAL Q 180 -3.67 34.06 44.06
N LEU Q 181 -4.05 32.80 43.84
CA LEU Q 181 -5.25 32.27 44.48
C LEU Q 181 -5.08 32.21 46.00
N ALA Q 182 -3.87 31.89 46.46
CA ALA Q 182 -3.61 31.85 47.89
C ALA Q 182 -3.70 33.24 48.51
N GLU Q 183 -3.14 34.24 47.82
CA GLU Q 183 -3.27 35.63 48.27
C GLU Q 183 -4.74 36.03 48.41
N ARG Q 184 -5.54 35.73 47.37
CA ARG Q 184 -6.97 36.08 47.43
C ARG Q 184 -7.67 35.35 48.56
N THR Q 185 -7.37 34.05 48.72
CA THR Q 185 -8.06 33.27 49.75
C THR Q 185 -7.70 33.78 51.14
N TYR Q 186 -6.43 34.11 51.36
CA TYR Q 186 -6.01 34.57 52.69
C TYR Q 186 -6.60 35.94 52.98
N ASP Q 187 -6.69 36.80 51.95
CA ASP Q 187 -7.28 38.12 52.15
C ASP Q 187 -8.76 37.99 52.47
N GLU Q 188 -9.47 37.08 51.80
CA GLU Q 188 -10.91 36.97 51.99
C GLU Q 188 -11.25 36.29 53.32
N SER Q 189 -10.55 35.20 53.66
CA SER Q 189 -10.95 34.32 54.73
C SER Q 189 -9.87 33.99 55.75
N GLY Q 190 -8.60 34.28 55.47
CA GLY Q 190 -7.56 33.85 56.40
C GLY Q 190 -7.32 32.35 56.33
N SER Q 191 -6.74 31.83 57.40
CA SER Q 191 -6.42 30.41 57.53
C SER Q 191 -7.58 29.68 58.20
N TYR Q 192 -7.86 28.46 57.73
CA TYR Q 192 -8.94 27.68 58.31
C TYR Q 192 -8.74 26.22 57.96
N LYS Q 193 -9.43 25.36 58.71
CA LYS Q 193 -9.41 23.92 58.47
C LYS Q 193 -10.68 23.49 57.75
N VAL Q 194 -10.54 22.51 56.87
CA VAL Q 194 -11.66 21.94 56.13
C VAL Q 194 -12.18 20.67 56.80
N ASN Q 195 -11.28 19.74 57.14
CA ASN Q 195 -11.67 18.49 57.78
C ASN Q 195 -10.44 17.77 58.31
N GLY Q 196 -10.69 16.89 59.27
CA GLY Q 196 -9.63 16.03 59.79
C GLY Q 196 -8.77 16.69 60.85
N PHE Q 197 -7.53 16.19 60.94
CA PHE Q 197 -6.54 16.69 61.90
C PHE Q 197 -7.03 16.60 63.34
N GLU Q 198 -7.52 15.42 63.71
CA GLU Q 198 -7.85 15.13 65.10
C GLU Q 198 -6.64 14.56 65.82
N LEU Q 199 -6.56 14.86 67.12
CA LEU Q 199 -5.41 14.49 67.94
C LEU Q 199 -5.78 13.27 68.79
N PHE Q 200 -4.91 12.26 68.79
CA PHE Q 200 -5.15 11.05 69.56
C PHE Q 200 -3.86 10.62 70.24
N SER Q 201 -3.93 10.40 71.55
CA SER Q 201 -2.79 9.90 72.31
C SER Q 201 -2.74 8.38 72.23
N GLU Q 202 -1.56 7.85 71.93
CA GLU Q 202 -1.33 6.42 71.81
C GLU Q 202 -0.32 5.89 72.82
N GLY Q 203 0.65 6.70 73.21
CA GLY Q 203 1.67 6.27 74.16
C GLY Q 203 2.60 5.20 73.65
N ASN Q 204 2.91 5.21 72.36
CA ASN Q 204 3.84 4.23 71.81
C ASN Q 204 5.21 4.36 72.45
N ALA Q 205 5.80 3.22 72.82
CA ALA Q 205 7.05 3.19 73.56
C ALA Q 205 8.27 3.27 72.62
N GLU Q 206 8.34 4.37 71.87
CA GLU Q 206 9.55 4.65 71.12
C GLU Q 206 10.68 5.10 72.03
N ASP Q 207 10.37 5.82 73.10
CA ASP Q 207 11.36 6.25 74.06
C ASP Q 207 10.66 6.50 75.38
N ASP Q 208 11.34 6.19 76.49
CA ASP Q 208 10.72 6.37 77.80
C ASP Q 208 10.50 7.83 78.18
N ASP Q 209 11.18 8.76 77.51
CA ASP Q 209 11.10 10.17 77.82
C ASP Q 209 10.17 10.93 76.88
N HIS Q 210 9.30 10.21 76.15
CA HIS Q 210 8.41 10.83 75.18
C HIS Q 210 7.06 10.13 75.22
N VAL Q 211 6.02 10.87 74.84
CA VAL Q 211 4.66 10.36 74.69
C VAL Q 211 4.24 10.58 73.25
N SER Q 212 3.86 9.51 72.56
CA SER Q 212 3.53 9.61 71.15
C SER Q 212 2.09 10.10 70.97
N VAL Q 213 1.89 10.95 69.97
CA VAL Q 213 0.58 11.51 69.67
C VAL Q 213 0.38 11.40 68.16
N VAL Q 214 -0.83 11.00 67.75
CA VAL Q 214 -1.16 10.77 66.35
C VAL Q 214 -2.10 11.86 65.87
N VAL Q 215 -1.73 12.51 64.75
CA VAL Q 215 -2.56 13.52 64.12
C VAL Q 215 -3.21 12.89 62.88
N ASP Q 216 -4.54 12.88 62.87
CA ASP Q 216 -5.30 12.21 61.82
C ASP Q 216 -5.21 13.00 60.50
N ALA Q 217 -5.39 12.28 59.39
CA ALA Q 217 -5.32 12.90 58.08
C ALA Q 217 -6.44 13.92 57.90
N GLY Q 218 -6.10 15.05 57.30
CA GLY Q 218 -7.09 16.08 57.06
C GLY Q 218 -6.68 16.97 55.90
N LYS Q 219 -7.46 18.04 55.72
CA LYS Q 219 -7.22 19.05 54.71
C LYS Q 219 -7.38 20.42 55.34
N ALA Q 220 -6.55 21.37 54.91
CA ALA Q 220 -6.58 22.72 55.45
C ALA Q 220 -6.00 23.70 54.44
N TYR Q 221 -6.28 24.98 54.67
CA TYR Q 221 -5.76 26.08 53.86
C TYR Q 221 -5.02 27.03 54.79
N VAL Q 222 -3.69 27.07 54.69
CA VAL Q 222 -2.84 27.92 55.52
C VAL Q 222 -2.20 28.94 54.60
N LYS Q 223 -2.41 30.22 54.90
CA LYS Q 223 -1.94 31.33 54.06
C LYS Q 223 -2.44 31.21 52.62
N GLY Q 224 -3.60 30.56 52.45
CA GLY Q 224 -4.20 30.38 51.14
C GLY Q 224 -3.74 29.15 50.39
N PHE Q 225 -2.67 28.51 50.85
CA PHE Q 225 -2.16 27.30 50.21
C PHE Q 225 -2.81 26.06 50.81
N LYS Q 226 -3.37 25.21 49.95
CA LYS Q 226 -4.01 23.99 50.43
C LYS Q 226 -2.96 23.04 51.00
N VAL Q 227 -3.34 22.36 52.08
CA VAL Q 227 -2.47 21.38 52.73
C VAL Q 227 -3.34 20.13 52.89
N ASP Q 228 -3.24 19.21 51.93
CA ASP Q 228 -3.99 17.97 51.93
C ASP Q 228 -3.02 16.83 52.22
N LYS Q 229 -3.25 16.13 53.34
CA LYS Q 229 -2.45 15.00 53.77
C LYS Q 229 -3.27 13.71 53.66
N PRO Q 230 -2.73 12.62 53.10
CA PRO Q 230 -3.56 11.42 52.92
C PRO Q 230 -3.66 10.54 54.14
N VAL Q 231 -2.61 10.55 54.98
CA VAL Q 231 -2.50 9.65 56.12
C VAL Q 231 -2.04 10.43 57.34
N SER Q 232 -2.18 9.79 58.50
CA SER Q 232 -1.87 10.42 59.77
C SER Q 232 -0.36 10.59 59.91
N THR Q 233 0.03 11.44 60.86
CA THR Q 233 1.41 11.74 61.16
C THR Q 233 1.64 11.53 62.65
N ARG Q 234 2.69 10.80 62.99
CA ARG Q 234 3.05 10.60 64.39
C ARG Q 234 3.98 11.70 64.88
N ILE Q 235 3.66 12.26 66.05
CA ILE Q 235 4.50 13.24 66.72
C ILE Q 235 4.69 12.80 68.17
N SER Q 236 5.71 13.36 68.80
CA SER Q 236 6.10 12.96 70.15
C SER Q 236 6.43 14.22 70.94
N VAL Q 237 5.94 14.28 72.18
CA VAL Q 237 6.16 15.42 73.06
C VAL Q 237 7.07 14.95 74.19
N PRO Q 238 8.06 15.74 74.63
CA PRO Q 238 8.89 15.27 75.74
C PRO Q 238 8.14 15.30 77.06
N LYS Q 239 8.47 14.36 77.93
CA LYS Q 239 7.85 14.30 79.24
C LYS Q 239 8.28 15.47 80.11
N SER Q 240 7.37 15.92 80.97
CA SER Q 240 7.65 17.04 81.87
C SER Q 240 8.42 16.55 83.10
N TYR Q 241 9.64 17.08 83.30
CA TYR Q 241 10.43 16.76 84.47
C TYR Q 241 10.86 17.98 85.28
N ASP Q 242 10.48 19.19 84.87
CA ASP Q 242 10.82 20.37 85.66
C ASP Q 242 10.15 20.35 87.02
N LEU Q 243 10.88 20.80 88.04
CA LEU Q 243 10.49 20.66 89.43
C LEU Q 243 10.12 22.01 90.03
N GLY Q 244 9.06 22.01 90.84
CA GLY Q 244 8.73 23.13 91.69
C GLY Q 244 9.19 22.87 93.12
N THR Q 245 9.63 23.93 93.79
CA THR Q 245 10.15 23.88 95.15
C THR Q 245 9.14 24.48 96.13
N ALA Q 246 8.78 23.69 97.14
CA ALA Q 246 7.93 24.14 98.24
C ALA Q 246 8.77 24.16 99.52
N GLU Q 247 8.87 25.35 100.14
CA GLU Q 247 9.70 25.57 101.30
C GLU Q 247 8.89 26.18 102.44
N ASN Q 248 9.24 25.79 103.67
CA ASN Q 248 8.57 26.27 104.87
C ASN Q 248 7.07 25.96 104.82
N GLU Q 249 6.71 24.78 104.31
CA GLU Q 249 5.32 24.34 104.37
C GLU Q 249 4.99 23.96 105.80
N SER Q 250 4.08 24.71 106.41
CA SER Q 250 3.84 24.68 107.84
C SER Q 250 2.59 23.89 108.19
N THR Q 251 2.67 23.12 109.28
CA THR Q 251 1.53 22.39 109.80
C THR Q 251 1.76 22.12 111.29
N ILE Q 252 0.75 22.41 112.11
CA ILE Q 252 0.87 22.20 113.54
C ILE Q 252 0.80 20.70 113.81
N PHE Q 253 1.78 20.19 114.55
CA PHE Q 253 1.80 18.80 114.94
C PHE Q 253 0.92 18.57 116.15
N ASN Q 254 0.09 17.52 116.08
CA ASN Q 254 -0.80 17.11 117.15
C ASN Q 254 -0.32 15.79 117.71
N LYS Q 255 -0.27 15.68 119.04
CA LYS Q 255 0.11 14.42 119.67
C LYS Q 255 -0.93 13.34 119.39
N SER Q 256 -2.19 13.73 119.20
CA SER Q 256 -3.23 12.75 118.92
C SER Q 256 -3.08 12.14 117.53
N ASN Q 257 -2.66 12.94 116.54
CA ASN Q 257 -2.54 12.49 115.16
C ASN Q 257 -1.14 12.83 114.66
N ASN Q 258 -0.32 11.79 114.46
CA ASN Q 258 1.07 12.02 114.05
C ASN Q 258 1.19 12.39 112.58
N SER Q 259 0.30 11.88 111.73
CA SER Q 259 0.42 12.07 110.29
C SER Q 259 0.19 13.53 109.91
N ILE Q 260 0.95 14.01 108.94
CA ILE Q 260 0.78 15.35 108.37
C ILE Q 260 0.94 15.25 106.86
N SER Q 261 0.08 15.95 106.13
CA SER Q 261 -0.01 15.85 104.69
C SER Q 261 0.79 16.93 103.98
N LEU Q 262 1.18 16.64 102.74
CA LEU Q 262 1.89 17.57 101.88
C LEU Q 262 0.93 18.08 100.82
N ALA Q 263 0.97 19.40 100.57
CA ALA Q 263 -0.03 20.01 99.70
C ALA Q 263 0.12 19.55 98.26
N ASN Q 264 1.33 19.65 97.71
CA ASN Q 264 1.58 19.26 96.33
C ASN Q 264 1.61 17.75 96.20
N SER Q 265 0.88 17.23 95.20
CA SER Q 265 0.74 15.77 95.09
C SER Q 265 2.01 15.10 94.57
N PRO Q 266 2.48 15.36 93.35
CA PRO Q 266 3.59 14.58 92.81
C PRO Q 266 4.92 14.92 93.48
N VAL Q 267 5.12 14.43 94.70
CA VAL Q 267 6.33 14.71 95.46
C VAL Q 267 7.46 13.83 94.96
N LYS Q 268 8.62 14.42 94.73
CA LYS Q 268 9.84 13.71 94.32
C LYS Q 268 10.69 13.32 95.53
N GLU Q 269 11.10 14.31 96.32
CA GLU Q 269 11.96 14.08 97.47
C GLU Q 269 11.71 15.15 98.51
N ILE Q 270 11.83 14.76 99.78
CA ILE Q 270 11.71 15.69 100.89
C ILE Q 270 13.11 16.16 101.30
N ARG Q 271 13.35 17.47 101.11
CA ARG Q 271 14.68 18.01 101.40
C ARG Q 271 14.98 18.01 102.90
N ARG Q 272 14.03 18.46 103.72
CA ARG Q 272 14.31 18.62 105.15
C ARG Q 272 12.99 18.65 105.91
N VAL Q 273 12.98 17.96 107.04
CA VAL Q 273 11.88 18.00 108.00
C VAL Q 273 12.48 18.40 109.34
N THR Q 274 11.96 19.49 109.92
CA THR Q 274 12.49 20.05 111.16
C THR Q 274 11.35 20.28 112.13
N GLY Q 275 11.59 19.96 113.40
CA GLY Q 275 10.59 20.15 114.43
C GLY Q 275 11.23 20.29 115.78
N GLN Q 276 10.54 21.01 116.66
CA GLN Q 276 11.06 21.25 118.01
C GLN Q 276 11.06 19.97 118.83
N VAL Q 277 12.21 19.64 119.45
CA VAL Q 277 12.37 18.42 120.22
C VAL Q 277 12.91 18.75 121.60
N LEU Q 278 12.42 18.05 122.62
CA LEU Q 278 12.84 18.21 124.00
C LEU Q 278 13.78 17.07 124.38
N ILE Q 279 15.00 17.42 124.80
CA ILE Q 279 15.95 16.47 125.36
C ILE Q 279 15.86 16.53 126.89
N GLU Q 280 15.69 15.37 127.50
CA GLU Q 280 15.59 15.23 128.96
C GLU Q 280 16.82 14.52 129.49
N LYS Q 281 17.46 15.13 130.49
CA LYS Q 281 18.53 14.48 131.24
C LYS Q 281 19.73 14.16 130.34
N GLU Q 282 20.32 15.21 129.77
CA GLU Q 282 21.55 15.11 128.99
C GLU Q 282 22.72 15.34 129.92
N ARG Q 283 23.62 14.37 129.98
CA ARG Q 283 24.82 14.49 130.82
C ARG Q 283 25.77 15.50 130.20
N VAL Q 284 26.30 16.40 131.03
CA VAL Q 284 27.25 17.41 130.61
C VAL Q 284 28.37 17.49 131.63
N THR Q 285 29.61 17.59 131.15
CA THR Q 285 30.79 17.64 131.98
C THR Q 285 31.23 19.08 132.17
N ARG Q 286 31.43 19.49 133.41
CA ARG Q 286 31.87 20.85 133.69
C ARG Q 286 33.29 21.05 133.19
N GLY Q 287 33.53 22.19 132.55
CA GLY Q 287 34.85 22.52 132.07
C GLY Q 287 35.77 23.05 133.17
N ALA Q 288 37.07 22.93 132.91
CA ALA Q 288 38.07 23.29 133.90
C ALA Q 288 38.01 24.77 134.24
N GLN Q 289 37.82 25.62 133.24
CA GLN Q 289 37.76 27.06 133.44
C GLN Q 289 36.53 27.45 134.25
N GLY Q 290 36.74 28.23 135.30
CA GLY Q 290 35.62 28.74 136.07
C GLY Q 290 34.89 29.84 135.30
N ASP Q 291 33.57 29.87 135.50
CA ASP Q 291 32.69 30.84 134.81
C ASP Q 291 32.82 30.72 133.29
N GLY Q 292 33.00 29.51 132.81
CA GLY Q 292 33.27 29.23 131.41
C GLY Q 292 32.01 28.78 130.69
N GLN Q 293 32.19 28.05 129.60
CA GLN Q 293 31.10 27.66 128.71
C GLN Q 293 31.24 26.19 128.37
N ASP Q 294 30.14 25.43 128.51
CA ASP Q 294 30.12 24.00 128.21
C ASP Q 294 29.18 23.76 127.04
N PHE Q 295 29.69 23.12 125.99
CA PHE Q 295 28.95 23.01 124.74
C PHE Q 295 27.96 21.87 124.80
N LEU Q 296 26.73 22.15 124.37
CA LEU Q 296 25.69 21.13 124.27
C LEU Q 296 25.88 20.27 123.03
N SER Q 297 25.33 19.07 123.09
CA SER Q 297 25.43 18.13 121.98
C SER Q 297 24.79 18.66 120.72
N ASN Q 298 23.74 19.47 120.84
CA ASN Q 298 23.06 20.09 119.70
C ASN Q 298 23.25 21.60 119.75
N ASN Q 299 23.63 22.19 118.61
CA ASN Q 299 23.94 23.60 118.50
C ASN Q 299 22.75 24.46 118.10
N THR Q 300 21.54 23.89 118.03
CA THR Q 300 20.34 24.64 117.67
C THR Q 300 19.43 24.92 118.87
N ALA Q 301 19.93 24.75 120.09
CA ALA Q 301 19.10 24.90 121.28
C ALA Q 301 18.66 26.35 121.45
N PHE Q 302 17.45 26.53 122.03
CA PHE Q 302 16.88 27.85 122.23
C PHE Q 302 16.21 28.06 123.57
N GLU Q 303 16.16 27.05 124.44
CA GLU Q 303 15.57 27.21 125.75
C GLU Q 303 16.11 26.12 126.66
N ILE Q 304 16.45 26.49 127.90
CA ILE Q 304 16.92 25.55 128.91
C ILE Q 304 15.78 25.32 129.89
N VAL Q 305 15.44 24.05 130.11
CA VAL Q 305 14.33 23.73 131.01
C VAL Q 305 14.80 23.52 132.44
N LYS Q 306 15.84 22.72 132.63
CA LYS Q 306 16.26 22.35 133.97
C LYS Q 306 17.72 21.97 133.94
N VAL Q 307 18.46 22.41 134.96
CA VAL Q 307 19.86 22.07 135.15
C VAL Q 307 20.02 21.63 136.60
N TRP Q 308 20.49 20.40 136.80
CA TRP Q 308 20.51 19.82 138.14
C TRP Q 308 21.54 18.71 138.18
N THR Q 309 21.84 18.26 139.39
CA THR Q 309 22.78 17.18 139.65
C THR Q 309 22.09 16.12 140.50
N GLU Q 310 22.56 14.87 140.36
CA GLU Q 310 22.03 13.75 141.11
C GLU Q 310 23.15 12.82 141.54
N THR Q 311 23.04 12.30 142.78
CA THR Q 311 23.94 11.27 143.28
C THR Q 311 23.32 9.88 143.17
N SER Q 312 21.99 9.80 143.11
CA SER Q 312 21.27 8.58 142.86
C SER Q 312 20.11 8.90 141.92
N PRO Q 313 19.51 7.90 141.27
CA PRO Q 313 18.42 8.19 140.33
C PRO Q 313 17.22 8.82 141.01
N GLY Q 314 16.78 9.97 140.48
CA GLY Q 314 15.58 10.63 140.94
C GLY Q 314 15.71 11.47 142.20
N VAL Q 315 16.91 11.56 142.79
CA VAL Q 315 17.20 12.44 143.91
C VAL Q 315 17.97 13.65 143.41
N THR Q 316 17.38 14.83 143.54
CA THR Q 316 18.00 16.07 143.03
C THR Q 316 18.86 16.66 144.14
N THR Q 317 20.18 16.53 144.00
CA THR Q 317 21.07 17.10 145.00
C THR Q 317 21.00 18.63 145.00
N LYS Q 318 20.90 19.23 143.81
CA LYS Q 318 20.75 20.67 143.70
C LYS Q 318 20.20 21.02 142.33
N GLU Q 319 19.36 22.05 142.29
CA GLU Q 319 18.83 22.62 141.07
C GLU Q 319 19.34 24.05 140.93
N TYR Q 320 20.02 24.33 139.83
CA TYR Q 320 20.58 25.66 139.59
C TYR Q 320 19.54 26.56 138.95
N LYS Q 321 19.57 27.83 139.34
CA LYS Q 321 18.54 28.80 138.97
C LYS Q 321 18.99 29.59 137.75
N GLN Q 322 18.22 29.53 136.67
CA GLN Q 322 18.61 30.24 135.47
C GLN Q 322 18.55 31.74 135.70
N GLY Q 323 19.48 32.47 135.05
CA GLY Q 323 19.49 33.91 135.12
C GLY Q 323 20.39 34.50 136.19
N GLU Q 324 20.82 33.70 137.16
CA GLU Q 324 21.78 34.14 138.18
C GLU Q 324 22.89 33.12 138.36
N ASP Q 325 22.61 31.84 138.09
CA ASP Q 325 23.62 30.79 138.09
C ASP Q 325 24.14 30.47 136.69
N PHE Q 326 23.29 30.55 135.67
CA PHE Q 326 23.70 30.25 134.30
C PHE Q 326 22.76 30.95 133.34
N ARG Q 327 23.14 30.96 132.07
CA ARG Q 327 22.28 31.50 131.02
C ARG Q 327 22.63 30.81 129.70
N LEU Q 328 21.69 30.86 128.76
CA LEU Q 328 21.92 30.34 127.43
C LEU Q 328 22.63 31.41 126.60
N THR Q 329 23.74 31.03 125.97
CA THR Q 329 24.54 31.94 125.16
C THR Q 329 24.69 31.33 123.77
N ASP Q 330 24.23 32.08 122.76
CA ASP Q 330 24.37 31.69 121.35
C ASP Q 330 23.66 30.38 121.02
N GLY Q 331 22.74 29.94 121.89
CA GLY Q 331 22.01 28.70 121.61
C GLY Q 331 22.91 27.48 121.47
N GLN Q 332 24.09 27.51 122.10
CA GLN Q 332 25.09 26.44 122.01
C GLN Q 332 25.62 26.00 123.36
N THR Q 333 25.77 26.93 124.31
CA THR Q 333 26.54 26.69 125.53
C THR Q 333 25.75 27.11 126.77
N ILE Q 334 26.01 26.39 127.86
CA ILE Q 334 25.55 26.78 129.19
C ILE Q 334 26.65 27.68 129.77
N ASP Q 335 26.40 28.98 129.81
CA ASP Q 335 27.39 29.94 130.26
C ASP Q 335 27.22 30.18 131.75
N TRP Q 336 28.29 29.98 132.52
CA TRP Q 336 28.28 30.16 133.97
C TRP Q 336 28.83 31.51 134.38
N SER Q 337 28.92 32.47 133.45
CA SER Q 337 29.38 33.82 133.79
C SER Q 337 28.54 34.54 134.85
N PRO Q 338 27.24 34.24 135.04
CA PRO Q 338 26.53 34.89 136.15
C PRO Q 338 27.15 34.61 137.50
N GLN Q 339 26.86 35.53 138.43
CA GLN Q 339 27.50 35.53 139.75
C GLN Q 339 27.18 34.27 140.55
N GLY Q 340 26.05 33.64 140.31
CA GLY Q 340 25.54 32.61 141.19
C GLY Q 340 26.42 31.37 141.22
N GLN Q 341 25.86 30.32 141.83
CA GLN Q 341 26.59 29.08 142.03
C GLN Q 341 26.87 28.38 140.71
N GLU Q 342 27.81 27.44 140.74
CA GLU Q 342 28.10 26.60 139.58
C GLU Q 342 28.76 25.31 140.06
N PRO Q 343 28.71 24.24 139.26
CA PRO Q 343 29.39 23.00 139.67
C PRO Q 343 30.90 23.13 139.63
N SER Q 344 31.54 22.36 140.48
CA SER Q 344 33.00 22.32 140.56
C SER Q 344 33.59 21.81 139.24
N GLY Q 345 34.80 22.26 138.93
CA GLY Q 345 35.45 21.85 137.69
C GLY Q 345 35.64 20.35 137.61
N GLY Q 346 35.29 19.74 136.47
CA GLY Q 346 35.49 18.32 136.29
C GLY Q 346 34.28 17.48 136.62
N THR Q 347 33.26 18.05 137.27
CA THR Q 347 32.09 17.32 137.70
C THR Q 347 31.05 17.32 136.59
N SER Q 348 30.22 16.28 136.59
CA SER Q 348 29.19 16.10 135.58
C SER Q 348 27.84 16.53 136.14
N TYR Q 349 27.01 17.12 135.28
CA TYR Q 349 25.68 17.54 135.66
C TYR Q 349 24.73 17.33 134.47
N TYR Q 350 23.44 17.33 134.77
CA TYR Q 350 22.41 17.09 133.77
C TYR Q 350 21.87 18.42 133.24
N VAL Q 351 21.40 18.40 132.01
CA VAL Q 351 20.79 19.56 131.36
C VAL Q 351 19.60 19.05 130.53
N SER Q 352 18.52 19.83 130.55
CA SER Q 352 17.33 19.60 129.74
C SER Q 352 17.08 20.86 128.92
N TYR Q 353 16.84 20.70 127.62
CA TYR Q 353 16.69 21.86 126.75
C TYR Q 353 15.91 21.47 125.51
N LYS Q 354 15.43 22.49 124.81
CA LYS Q 354 14.65 22.34 123.58
C LYS Q 354 15.49 22.82 122.40
N TYR Q 355 15.33 22.14 121.27
CA TYR Q 355 16.08 22.46 120.08
C TYR Q 355 15.31 21.98 118.86
N ASN Q 356 15.64 22.57 117.71
CA ASN Q 356 15.08 22.15 116.43
C ASN Q 356 15.94 21.03 115.86
N LYS Q 357 15.37 19.83 115.76
CA LYS Q 357 16.08 18.67 115.24
C LYS Q 357 15.71 18.48 113.77
N ARG Q 358 16.72 18.23 112.94
CA ARG Q 358 16.50 17.85 111.54
C ARG Q 358 16.16 16.38 111.53
N MET Q 359 14.88 16.06 111.27
CA MET Q 359 14.44 14.67 111.30
C MET Q 359 14.99 13.88 110.13
N GLU Q 360 15.35 12.62 110.40
CA GLU Q 360 15.97 11.74 109.42
C GLU Q 360 14.94 10.75 108.91
N ALA Q 361 14.89 10.57 107.59
CA ALA Q 361 13.93 9.65 106.99
C ALA Q 361 14.24 8.20 107.37
N GLY Q 362 13.18 7.43 107.68
CA GLY Q 362 13.37 6.07 108.14
C GLY Q 362 13.96 5.89 109.53
N LYS Q 363 14.22 6.97 110.26
CA LYS Q 363 14.62 6.91 111.65
C LYS Q 363 13.65 7.67 112.54
N ASP Q 364 13.39 8.94 112.21
CA ASP Q 364 12.42 9.75 112.94
C ASP Q 364 11.04 9.73 112.30
N TYR Q 365 10.95 9.44 111.01
CA TYR Q 365 9.67 9.37 110.30
C TYR Q 365 9.76 8.41 109.13
N GLU Q 366 8.59 8.01 108.64
CA GLU Q 366 8.45 7.21 107.43
C GLU Q 366 7.43 7.87 106.51
N VAL Q 367 7.63 7.72 105.21
CA VAL Q 367 6.82 8.39 104.19
C VAL Q 367 5.97 7.33 103.49
N THR Q 368 4.67 7.60 103.40
CA THR Q 368 3.71 6.66 102.82
C THR Q 368 2.77 7.44 101.90
N THR Q 369 1.91 6.68 101.21
CA THR Q 369 0.96 7.26 100.29
C THR Q 369 -0.31 6.42 100.32
N GLN Q 370 -1.42 7.06 99.98
CA GLN Q 370 -2.73 6.43 100.01
C GLN Q 370 -3.30 6.26 98.60
N GLY Q 371 -3.53 7.37 97.89
CA GLY Q 371 -4.27 7.35 96.65
C GLY Q 371 -3.44 6.97 95.45
N GLU Q 372 -3.99 7.27 94.27
CA GLU Q 372 -3.31 7.05 93.01
C GLU Q 372 -3.61 8.20 92.06
N GLY Q 373 -2.74 8.40 91.08
CA GLY Q 373 -2.94 9.46 90.11
C GLY Q 373 -2.83 10.84 90.71
N LEU Q 374 -3.61 11.77 90.16
CA LEU Q 374 -3.60 13.15 90.64
C LEU Q 374 -4.09 13.25 92.08
N SER Q 375 -4.99 12.35 92.49
CA SER Q 375 -5.49 12.39 93.87
C SER Q 375 -4.49 11.82 94.87
N LYS Q 376 -3.37 11.24 94.42
CA LYS Q 376 -2.38 10.65 95.31
C LYS Q 376 -1.81 11.71 96.25
N LYS Q 377 -1.54 11.30 97.49
CA LYS Q 377 -1.02 12.19 98.52
C LYS Q 377 0.15 11.54 99.25
N TRP Q 378 1.06 12.38 99.75
CA TRP Q 378 2.20 11.97 100.55
C TRP Q 378 2.00 12.44 101.98
N TYR Q 379 2.40 11.60 102.93
CA TYR Q 379 2.25 11.87 104.36
C TYR Q 379 3.55 11.62 105.09
N ILE Q 380 3.77 12.40 106.15
CA ILE Q 380 4.88 12.20 107.08
C ILE Q 380 4.27 11.71 108.39
N ASN Q 381 4.58 10.47 108.74
CA ASN Q 381 3.86 9.73 109.77
C ASN Q 381 4.43 9.87 111.17
N PHE Q 382 5.75 9.96 111.30
CA PHE Q 382 6.44 9.92 112.60
C PHE Q 382 6.05 8.63 113.32
N THR Q 383 6.13 7.52 112.61
CA THR Q 383 5.70 6.23 113.16
C THR Q 383 6.69 5.57 114.13
N PRO Q 384 8.00 5.59 113.89
CA PRO Q 384 8.92 4.83 114.75
C PRO Q 384 8.87 5.28 116.21
N SER Q 385 8.94 4.30 117.11
CA SER Q 385 8.82 4.60 118.53
C SER Q 385 10.04 5.36 119.05
N ASN Q 386 11.25 4.86 118.77
CA ASN Q 386 12.45 5.52 119.25
C ASN Q 386 12.73 6.84 118.53
N GLY Q 387 12.09 7.08 117.38
CA GLY Q 387 12.32 8.32 116.66
C GLY Q 387 11.86 9.55 117.42
N ALA Q 388 12.62 10.64 117.26
CA ALA Q 388 12.31 11.90 117.94
C ALA Q 388 11.08 12.53 117.31
N LYS Q 389 10.07 12.83 118.14
CA LYS Q 389 8.80 13.37 117.70
C LYS Q 389 8.70 14.85 118.04
N PRO Q 390 7.98 15.67 117.26
CA PRO Q 390 7.90 17.10 117.62
C PRO Q 390 7.13 17.30 118.91
N ILE Q 391 7.43 18.43 119.56
CA ILE Q 391 6.68 18.83 120.75
C ILE Q 391 5.23 19.06 120.34
N ASP Q 392 4.32 18.77 121.26
CA ASP Q 392 2.90 18.89 120.95
C ASP Q 392 2.52 20.35 120.74
N GLN Q 393 1.66 20.59 119.75
CA GLN Q 393 1.19 21.94 119.41
C GLN Q 393 2.33 22.86 118.99
N THR Q 394 3.29 22.31 118.24
CA THR Q 394 4.35 23.11 117.64
C THR Q 394 4.33 22.93 116.12
N VAL Q 395 5.00 23.85 115.44
CA VAL Q 395 4.98 23.92 113.97
C VAL Q 395 6.09 23.02 113.43
N VAL Q 396 5.75 22.22 112.43
CA VAL Q 396 6.70 21.36 111.73
C VAL Q 396 6.82 21.87 110.30
N LEU Q 397 8.06 22.20 109.90
CA LEU Q 397 8.34 22.75 108.58
C LEU Q 397 8.95 21.67 107.69
N VAL Q 398 8.40 21.53 106.48
CA VAL Q 398 8.84 20.55 105.51
C VAL Q 398 9.22 21.26 104.22
N ASP Q 399 10.42 20.95 103.71
CA ASP Q 399 10.88 21.41 102.42
C ASP Q 399 11.00 20.23 101.47
N TYR Q 400 10.36 20.34 100.30
CA TYR Q 400 10.35 19.24 99.34
C TYR Q 400 10.15 19.80 97.93
N THR Q 401 10.43 18.95 96.94
CA THR Q 401 10.25 19.30 95.54
C THR Q 401 9.18 18.42 94.92
N TYR Q 402 8.57 18.93 93.85
CA TYR Q 402 7.50 18.21 93.17
C TYR Q 402 7.54 18.52 91.68
N TYR Q 403 7.06 17.58 90.88
CA TYR Q 403 7.08 17.73 89.43
C TYR Q 403 6.02 18.74 88.97
N LEU Q 404 6.28 19.35 87.80
CA LEU Q 404 5.40 20.35 87.20
C LEU Q 404 4.88 19.86 85.86
N ALA Q 405 3.63 20.21 85.58
CA ALA Q 405 2.99 19.83 84.33
C ALA Q 405 3.34 20.83 83.23
N ARG Q 406 3.15 20.41 81.98
CA ARG Q 406 3.39 21.29 80.85
C ARG Q 406 2.27 21.09 79.83
N LYS Q 407 1.92 22.18 79.13
CA LYS Q 407 0.87 22.17 78.13
C LYS Q 407 1.43 22.76 76.84
N ASP Q 408 1.34 21.98 75.76
CA ASP Q 408 1.93 22.32 74.48
C ASP Q 408 0.83 22.53 73.45
N SER Q 409 1.16 23.29 72.41
CA SER Q 409 0.26 23.59 71.30
C SER Q 409 0.80 22.97 70.02
N VAL Q 410 -0.09 22.42 69.22
CA VAL Q 410 0.25 21.79 67.95
C VAL Q 410 -0.08 22.78 66.82
N PHE Q 411 0.82 22.87 65.84
CA PHE Q 411 0.67 23.79 64.72
C PHE Q 411 0.98 23.04 63.44
N ILE Q 412 0.47 23.57 62.32
CA ILE Q 412 0.79 23.09 60.99
C ILE Q 412 1.00 24.31 60.09
N ASN Q 413 2.05 24.28 59.28
CA ASN Q 413 2.40 25.37 58.40
C ASN Q 413 1.94 25.08 56.98
N LYS Q 414 2.14 26.06 56.08
CA LYS Q 414 1.69 25.91 54.71
C LYS Q 414 2.43 24.80 53.97
N TYR Q 415 3.63 24.43 54.44
CA TYR Q 415 4.40 23.36 53.82
C TYR Q 415 3.93 21.96 54.26
N GLY Q 416 3.01 21.87 55.20
CA GLY Q 416 2.58 20.59 55.73
C GLY Q 416 3.46 20.02 56.82
N ASP Q 417 4.24 20.85 57.50
CA ASP Q 417 5.11 20.39 58.59
C ASP Q 417 4.39 20.59 59.92
N ILE Q 418 4.04 19.48 60.56
CA ILE Q 418 3.38 19.55 61.87
C ILE Q 418 4.45 19.73 62.95
N ALA Q 419 4.26 20.71 63.82
CA ALA Q 419 5.26 21.07 64.81
C ALA Q 419 4.57 21.37 66.15
N ILE Q 420 5.39 21.46 67.19
CA ILE Q 420 4.90 21.64 68.56
C ILE Q 420 5.75 22.73 69.21
N LEU Q 421 5.08 23.67 69.89
CA LEU Q 421 5.75 24.69 70.67
C LEU Q 421 5.60 24.36 72.14
N PRO Q 422 6.68 24.24 72.93
CA PRO Q 422 6.52 23.88 74.34
C PRO Q 422 6.11 25.07 75.19
N GLY Q 423 5.13 24.83 76.06
CA GLY Q 423 4.65 25.86 76.96
C GLY Q 423 5.46 25.93 78.24
N GLU Q 424 5.14 26.92 79.06
CA GLU Q 424 5.87 27.14 80.29
C GLU Q 424 5.46 26.09 81.33
N PRO Q 425 6.41 25.40 81.98
CA PRO Q 425 6.01 24.43 83.00
C PRO Q 425 5.35 25.08 84.21
N ASN Q 426 4.29 24.43 84.70
CA ASN Q 426 3.54 24.98 85.82
C ASN Q 426 2.65 23.89 86.39
N ILE Q 427 2.16 24.13 87.62
CA ILE Q 427 1.25 23.18 88.25
C ILE Q 427 -0.02 23.04 87.41
N MET Q 428 -0.64 21.86 87.51
CA MET Q 428 -1.77 21.51 86.65
C MET Q 428 -2.92 22.49 86.78
N ARG Q 429 -3.07 23.13 87.95
CA ARG Q 429 -4.15 24.09 88.11
C ARG Q 429 -3.89 25.37 87.31
N LEU Q 430 -2.62 25.74 87.12
CA LEU Q 430 -2.24 26.99 86.48
C LEU Q 430 -1.56 26.83 85.12
N VAL Q 431 -1.33 25.61 84.65
CA VAL Q 431 -0.68 25.43 83.36
C VAL Q 431 -1.60 25.92 82.24
N THR Q 432 -1.03 26.63 81.28
CA THR Q 432 -1.72 27.16 80.12
C THR Q 432 -0.85 26.93 78.89
N PRO Q 433 -1.43 26.83 77.69
CA PRO Q 433 -0.61 26.60 76.49
C PRO Q 433 0.17 27.86 76.13
N PRO Q 434 1.18 27.74 75.26
CA PRO Q 434 1.91 28.94 74.85
C PRO Q 434 1.05 29.84 73.96
N LEU Q 435 1.30 31.14 74.05
CA LEU Q 435 0.60 32.13 73.26
C LEU Q 435 1.35 32.43 71.97
N ASN Q 436 0.65 32.36 70.84
CA ASN Q 436 1.25 32.58 69.53
C ASN Q 436 0.33 33.46 68.69
N THR Q 437 0.95 34.27 67.82
CA THR Q 437 0.22 35.12 66.88
C THR Q 437 0.86 35.09 65.50
N ASP Q 438 1.56 34.02 65.14
CA ASP Q 438 2.18 33.92 63.83
C ASP Q 438 1.11 33.63 62.78
N PRO Q 439 0.92 34.48 61.76
CA PRO Q 439 -0.13 34.18 60.76
C PRO Q 439 0.17 32.96 59.92
N GLU Q 440 1.43 32.55 59.82
CA GLU Q 440 1.87 31.47 58.94
C GLU Q 440 1.46 30.08 59.42
N ASN Q 441 1.01 29.94 60.67
CA ASN Q 441 0.73 28.64 61.28
C ASN Q 441 -0.73 28.52 61.65
N LEU Q 442 -1.29 27.32 61.44
CA LEU Q 442 -2.65 27.00 61.84
C LEU Q 442 -2.62 26.09 63.06
N GLN Q 443 -3.16 26.56 64.18
CA GLN Q 443 -3.19 25.77 65.41
C GLN Q 443 -4.19 24.64 65.26
N LEU Q 444 -3.73 23.40 65.49
CA LEU Q 444 -4.61 22.23 65.41
C LEU Q 444 -5.16 21.81 66.75
N GLY Q 445 -4.51 22.19 67.85
CA GLY Q 445 -4.97 21.81 69.16
C GLY Q 445 -3.87 22.00 70.19
N THR Q 446 -4.07 21.37 71.33
CA THR Q 446 -3.14 21.44 72.45
C THR Q 446 -3.02 20.07 73.08
N VAL Q 447 -1.80 19.74 73.53
CA VAL Q 447 -1.52 18.48 74.21
C VAL Q 447 -0.99 18.83 75.60
N THR Q 448 -1.66 18.31 76.63
CA THR Q 448 -1.27 18.50 78.02
C THR Q 448 -0.69 17.18 78.53
N VAL Q 449 0.51 17.27 79.13
CA VAL Q 449 1.20 16.11 79.69
C VAL Q 449 1.19 16.23 81.21
N LEU Q 450 0.73 15.17 81.86
CA LEU Q 450 0.64 15.17 83.32
C LEU Q 450 2.05 15.05 83.91
N PRO Q 451 2.25 15.53 85.15
CA PRO Q 451 3.64 15.62 85.65
C PRO Q 451 4.25 14.25 85.92
N ASP Q 452 5.26 13.90 85.13
CA ASP Q 452 5.97 12.63 85.28
C ASP Q 452 4.99 11.45 85.12
N SER Q 453 4.39 11.37 83.94
CA SER Q 453 3.47 10.29 83.66
C SER Q 453 3.39 10.09 82.15
N ASP Q 454 3.00 8.88 81.75
CA ASP Q 454 2.82 8.59 80.33
C ASP Q 454 1.50 9.14 79.79
N GLU Q 455 0.54 9.43 80.67
CA GLU Q 455 -0.76 9.91 80.24
C GLU Q 455 -0.65 11.35 79.73
N ALA Q 456 -1.51 11.67 78.76
CA ALA Q 456 -1.55 13.00 78.15
C ALA Q 456 -2.98 13.26 77.69
N VAL Q 457 -3.40 14.52 77.80
CA VAL Q 457 -4.73 14.95 77.40
C VAL Q 457 -4.61 15.76 76.12
N CYS Q 458 -5.31 15.32 75.07
CA CYS Q 458 -5.27 15.94 73.76
C CYS Q 458 -6.65 16.53 73.44
N ILE Q 459 -6.66 17.79 73.04
CA ILE Q 459 -7.89 18.50 72.66
C ILE Q 459 -7.62 19.25 71.37
N SER Q 460 -8.63 19.28 70.49
CA SER Q 460 -8.51 19.97 69.21
C SER Q 460 -9.26 21.30 69.28
N PHE Q 461 -8.57 22.38 68.89
CA PHE Q 461 -9.15 23.72 68.79
C PHE Q 461 -8.94 24.32 67.41
N ALA Q 462 -8.92 23.49 66.36
CA ALA Q 462 -8.62 24.01 65.04
C ALA Q 462 -9.74 24.93 64.54
N ILE Q 463 -9.35 26.07 63.98
CA ILE Q 463 -10.31 26.94 63.31
C ILE Q 463 -10.82 26.24 62.06
N THR Q 464 -12.14 26.15 61.92
CA THR Q 464 -12.81 25.42 60.86
C THR Q 464 -13.80 26.31 60.14
N ARG Q 465 -14.01 26.01 58.86
CA ARG Q 465 -14.81 26.85 58.00
C ARG Q 465 -16.28 26.82 58.44
N LEU Q 466 -17.05 27.71 57.84
CA LEU Q 466 -18.51 27.73 58.00
C LEU Q 466 -19.11 27.89 56.60
N SER Q 467 -19.64 26.80 56.05
CA SER Q 467 -20.26 26.84 54.73
C SER Q 467 -21.49 27.74 54.72
N MET Q 468 -21.95 28.09 53.53
CA MET Q 468 -23.11 28.95 53.40
C MET Q 468 -24.32 28.33 54.07
N GLU Q 469 -24.48 27.01 53.99
CA GLU Q 469 -25.52 26.29 54.72
C GLU Q 469 -25.46 26.54 56.24
N ASP Q 470 -24.27 26.49 56.82
CA ASP Q 470 -24.09 26.75 58.25
C ASP Q 470 -24.43 28.19 58.61
N LEU Q 471 -24.03 29.14 57.76
CA LEU Q 471 -24.29 30.55 58.04
C LEU Q 471 -25.79 30.83 57.93
N GLN Q 472 -26.48 30.18 56.99
CA GLN Q 472 -27.92 30.26 56.90
C GLN Q 472 -28.58 29.71 58.15
N LYS Q 473 -28.06 28.60 58.68
CA LYS Q 473 -28.57 28.03 59.92
C LYS Q 473 -28.35 28.97 61.10
N VAL Q 474 -27.19 29.64 61.14
CA VAL Q 474 -26.95 30.62 62.20
C VAL Q 474 -27.94 31.77 62.08
N LYS Q 475 -28.22 32.21 60.84
CA LYS Q 475 -29.18 33.29 60.64
C LYS Q 475 -30.57 32.89 61.11
N THR Q 476 -30.97 31.64 60.83
CA THR Q 476 -32.24 31.13 61.32
C THR Q 476 -32.26 31.08 62.84
N ARG Q 477 -31.13 30.72 63.46
CA ARG Q 477 -31.05 30.72 64.91
C ARG Q 477 -31.25 32.12 65.47
N VAL Q 478 -30.61 33.12 64.85
CA VAL Q 478 -30.82 34.52 65.24
C VAL Q 478 -32.28 34.92 65.09
N ASP Q 479 -32.91 34.53 63.97
CA ASP Q 479 -34.34 34.80 63.79
C ASP Q 479 -35.16 34.19 64.94
N ASN Q 480 -34.86 32.94 65.31
CA ASN Q 480 -35.57 32.31 66.43
C ASN Q 480 -35.32 33.06 67.74
N LEU Q 481 -34.08 33.52 67.95
CA LEU Q 481 -33.74 34.24 69.17
C LEU Q 481 -34.53 35.53 69.28
N GLU Q 482 -34.61 36.30 68.20
CA GLU Q 482 -35.39 37.54 68.26
C GLU Q 482 -36.88 37.26 68.39
N TYR Q 483 -37.36 36.17 67.81
CA TYR Q 483 -38.77 35.81 68.02
C TYR Q 483 -39.04 35.50 69.48
N ASN Q 484 -38.12 34.78 70.13
CA ASN Q 484 -38.28 34.45 71.53
C ASN Q 484 -38.15 35.71 72.39
N GLN Q 485 -37.32 36.65 71.95
CA GLN Q 485 -37.20 37.91 72.68
C GLN Q 485 -38.51 38.69 72.58
N ALA Q 486 -39.16 38.65 71.42
CA ALA Q 486 -40.44 39.33 71.31
C ALA Q 486 -41.50 38.64 72.14
N VAL Q 487 -41.46 37.31 72.20
CA VAL Q 487 -42.42 36.57 73.02
C VAL Q 487 -42.23 36.92 74.49
N ASN Q 488 -40.97 37.00 74.93
CA ASN Q 488 -40.68 37.37 76.31
C ASN Q 488 -41.16 38.78 76.62
N ALA Q 489 -40.91 39.72 75.70
CA ALA Q 489 -41.38 41.09 75.88
C ALA Q 489 -42.90 41.18 75.91
N LEU Q 490 -43.58 40.22 75.27
CA LEU Q 490 -45.04 40.21 75.29
C LEU Q 490 -45.60 40.12 76.70
N ASP Q 491 -44.87 39.45 77.61
CA ASP Q 491 -45.32 39.24 78.98
C ASP Q 491 -44.76 40.27 79.96
N ASP Q 492 -44.04 41.28 79.48
CA ASP Q 492 -43.50 42.28 80.40
C ASP Q 492 -44.59 43.22 80.89
N GLY Q 493 -45.21 43.96 79.97
CA GLY Q 493 -46.32 44.82 80.34
C GLY Q 493 -45.96 46.00 81.23
N ALA Q 494 -44.76 46.56 81.06
CA ALA Q 494 -44.30 47.70 81.85
C ALA Q 494 -43.45 48.60 80.97
N MET Q 495 -43.62 49.91 81.12
CA MET Q 495 -42.89 50.88 80.31
C MET Q 495 -42.79 52.19 81.08
N GLU Q 496 -41.61 52.78 81.14
CA GLU Q 496 -41.40 53.99 81.90
C GLU Q 496 -41.97 55.20 81.16
N GLY Q 497 -42.38 56.22 81.93
CA GLY Q 497 -42.87 57.43 81.31
C GLY Q 497 -41.85 58.30 80.61
N GLN Q 498 -40.87 58.79 81.37
CA GLN Q 498 -39.87 59.73 80.87
C GLN Q 498 -38.64 58.95 80.42
N ASN Q 499 -38.36 59.01 79.12
CA ASN Q 499 -37.18 58.39 78.53
C ASN Q 499 -37.13 56.90 78.87
N PRO Q 500 -38.05 56.09 78.35
CA PRO Q 500 -38.02 54.66 78.66
C PRO Q 500 -36.98 53.93 77.83
N LEU Q 501 -36.26 53.02 78.47
CA LEU Q 501 -35.42 52.08 77.74
C LEU Q 501 -36.31 51.10 76.99
N THR Q 502 -36.10 50.98 75.68
CA THR Q 502 -36.92 50.14 74.82
C THR Q 502 -36.05 49.14 74.07
N LEU Q 503 -36.59 47.94 73.84
CA LEU Q 503 -35.84 46.95 73.09
C LEU Q 503 -35.69 47.40 71.64
N ARG Q 504 -34.46 47.32 71.13
CA ARG Q 504 -34.19 47.73 69.76
C ARG Q 504 -34.72 46.68 68.78
N SER Q 505 -35.51 47.14 67.80
CA SER Q 505 -36.08 46.31 66.75
C SER Q 505 -37.12 45.33 67.25
N VAL Q 506 -37.69 45.57 68.44
CA VAL Q 506 -38.73 44.71 69.01
C VAL Q 506 -39.85 45.59 69.56
N PHE Q 507 -41.09 45.15 69.34
CA PHE Q 507 -42.26 45.76 69.98
C PHE Q 507 -43.36 44.71 70.05
N SER Q 508 -43.92 44.54 71.24
CA SER Q 508 -44.98 43.56 71.48
C SER Q 508 -45.95 44.11 72.51
N GLU Q 509 -47.21 43.72 72.37
CA GLU Q 509 -48.30 44.15 73.24
C GLU Q 509 -49.03 42.91 73.73
N GLY Q 510 -48.95 42.67 75.03
CA GLY Q 510 -49.68 41.62 75.72
C GLY Q 510 -51.10 41.97 76.11
N PHE Q 511 -51.53 43.21 75.91
CA PHE Q 511 -52.86 43.68 76.26
C PHE Q 511 -53.18 43.41 77.72
N ILE Q 512 -52.19 43.64 78.58
CA ILE Q 512 -52.34 43.47 80.02
C ILE Q 512 -52.15 44.75 80.80
N SER Q 513 -51.73 45.84 80.16
CA SER Q 513 -51.48 47.10 80.85
C SER Q 513 -51.57 48.25 79.85
N LEU Q 514 -51.81 49.43 80.38
CA LEU Q 514 -51.93 50.64 79.57
C LEU Q 514 -50.59 51.29 79.24
N ASP Q 515 -49.48 50.75 79.75
CA ASP Q 515 -48.19 51.41 79.61
C ASP Q 515 -47.74 51.45 78.15
N LYS Q 516 -47.93 50.35 77.42
CA LYS Q 516 -47.51 50.29 76.02
C LYS Q 516 -48.40 51.09 75.08
N ALA Q 517 -49.63 51.42 75.49
CA ALA Q 517 -50.61 52.01 74.58
C ALA Q 517 -50.59 53.52 74.66
N ASP Q 518 -50.83 54.17 73.51
CA ASP Q 518 -50.99 55.62 73.43
C ASP Q 518 -52.49 55.91 73.54
N ILE Q 519 -53.00 55.82 74.78
CA ILE Q 519 -54.43 56.03 75.02
C ILE Q 519 -54.89 57.44 74.70
N THR Q 520 -53.98 58.42 74.72
CA THR Q 520 -54.35 59.79 74.40
C THR Q 520 -54.45 60.06 72.90
N HIS Q 521 -54.17 59.08 72.06
CA HIS Q 521 -54.21 59.29 70.63
C HIS Q 521 -55.65 59.59 70.20
N PRO Q 522 -55.87 60.43 69.18
CA PRO Q 522 -57.27 60.72 68.79
C PRO Q 522 -58.02 59.50 68.28
N ASP Q 523 -57.34 58.58 67.61
CA ASP Q 523 -57.97 57.39 67.01
C ASP Q 523 -58.04 56.21 67.97
N PHE Q 524 -57.59 56.37 69.21
CA PHE Q 524 -57.61 55.29 70.20
C PHE Q 524 -59.04 55.14 70.70
N GLY Q 525 -59.67 54.02 70.38
CA GLY Q 525 -61.03 53.75 70.81
C GLY Q 525 -61.26 52.29 71.14
N ILE Q 526 -60.19 51.58 71.53
CA ILE Q 526 -60.25 50.16 71.85
C ILE Q 526 -60.28 49.98 73.36
N VAL Q 527 -60.86 48.88 73.84
CA VAL Q 527 -60.96 48.60 75.26
C VAL Q 527 -60.34 47.23 75.54
N PHE Q 528 -59.60 47.15 76.63
CA PHE Q 528 -58.86 45.95 77.00
C PHE Q 528 -59.72 45.02 77.84
N SER Q 529 -59.44 43.72 77.73
CA SER Q 529 -60.01 42.70 78.61
C SER Q 529 -58.84 41.92 79.20
N PHE Q 530 -58.41 42.33 80.40
CA PHE Q 530 -57.20 41.78 80.99
C PHE Q 530 -57.35 40.32 81.39
N GLU Q 531 -58.57 39.87 81.73
CA GLU Q 531 -58.74 38.46 82.07
C GLU Q 531 -58.37 37.54 80.91
N ASP Q 532 -58.78 37.90 79.70
CA ASP Q 532 -58.44 37.17 78.48
C ASP Q 532 -57.20 37.68 77.77
N ALA Q 533 -56.61 38.80 78.20
CA ALA Q 533 -55.48 39.41 77.51
C ALA Q 533 -55.86 39.71 76.06
N GLU Q 534 -57.08 40.20 75.87
CA GLU Q 534 -57.62 40.54 74.56
C GLU Q 534 -58.06 42.00 74.56
N ALA Q 535 -58.27 42.52 73.36
CA ALA Q 535 -58.80 43.85 73.15
C ALA Q 535 -59.94 43.79 72.14
N THR Q 536 -60.93 44.64 72.33
CA THR Q 536 -62.11 44.64 71.49
C THR Q 536 -62.69 46.05 71.47
N LEU Q 537 -63.88 46.19 70.87
CA LEU Q 537 -64.56 47.47 70.73
C LEU Q 537 -65.77 47.53 71.65
N ALA Q 538 -65.90 48.62 72.40
CA ALA Q 538 -67.08 48.86 73.22
C ALA Q 538 -68.17 49.55 72.41
N TYR Q 539 -69.41 49.34 72.83
CA TYR Q 539 -70.55 49.91 72.12
C TYR Q 539 -70.58 51.42 72.25
N THR Q 540 -70.91 52.09 71.14
CA THR Q 540 -71.08 53.54 71.11
C THR Q 540 -72.29 53.86 70.25
N GLU Q 541 -73.23 54.62 70.82
CA GLU Q 541 -74.50 54.87 70.16
C GLU Q 541 -74.33 55.63 68.86
N ALA Q 542 -73.44 56.63 68.85
CA ALA Q 542 -73.25 57.45 67.66
C ALA Q 542 -72.62 56.64 66.55
N HIS Q 556 -87.52 55.74 63.63
CA HIS Q 556 -86.90 54.49 64.08
C HIS Q 556 -87.96 53.49 64.56
N ILE Q 557 -87.55 52.23 64.73
CA ILE Q 557 -88.45 51.16 65.14
C ILE Q 557 -87.73 50.27 66.16
N TRP Q 558 -88.52 49.57 66.99
CA TRP Q 558 -88.01 48.66 68.00
C TRP Q 558 -87.95 47.22 67.50
N GLY Q 559 -87.11 46.41 68.16
CA GLY Q 559 -86.93 45.01 67.81
C GLY Q 559 -86.66 44.08 68.98
N ARG Q 560 -87.23 42.88 68.90
CA ARG Q 560 -87.25 41.90 69.98
C ARG Q 560 -86.31 40.75 69.62
N LEU Q 561 -85.43 40.39 70.54
CA LEU Q 561 -84.46 39.31 70.35
C LEU Q 561 -85.15 37.97 70.63
N ILE Q 562 -85.62 37.31 69.58
CA ILE Q 562 -86.44 36.12 69.74
C ILE Q 562 -85.59 34.94 70.19
N SER Q 563 -84.67 34.48 69.33
CA SER Q 563 -83.76 33.40 69.68
C SER Q 563 -82.54 34.01 70.37
N ALA Q 564 -82.41 33.77 71.67
CA ALA Q 564 -81.32 34.38 72.41
C ALA Q 564 -79.97 33.78 71.99
N PRO Q 565 -78.89 34.58 72.01
CA PRO Q 565 -77.56 34.02 71.68
C PRO Q 565 -76.93 33.16 72.77
N PHE Q 566 -77.52 33.08 73.96
CA PHE Q 566 -77.03 32.20 75.01
C PHE Q 566 -78.13 32.01 76.03
N THR Q 567 -77.97 30.94 76.83
CA THR Q 567 -78.87 30.63 77.94
C THR Q 567 -78.11 30.72 79.25
N GLU Q 568 -78.66 31.44 80.23
CA GLU Q 568 -78.00 31.65 81.50
C GLU Q 568 -78.47 30.63 82.53
N GLU Q 569 -77.57 30.33 83.48
CA GLU Q 569 -77.84 29.41 84.57
C GLU Q 569 -77.17 29.93 85.83
N ARG Q 570 -77.90 29.88 86.93
CA ARG Q 570 -77.41 30.36 88.22
C ARG Q 570 -76.59 29.25 88.87
N THR Q 571 -75.27 29.42 88.92
CA THR Q 571 -74.40 28.38 89.46
C THR Q 571 -74.00 28.63 90.92
N ILE Q 572 -73.92 29.89 91.34
CA ILE Q 572 -73.63 30.27 92.71
C ILE Q 572 -74.80 31.10 93.20
N TYR Q 573 -75.25 30.83 94.43
CA TYR Q 573 -76.36 31.58 95.01
C TYR Q 573 -76.28 31.48 96.52
N GLN Q 574 -76.00 32.60 97.17
CA GLN Q 574 -76.03 32.71 98.63
C GLN Q 574 -77.31 33.47 99.00
N GLY Q 575 -78.31 32.73 99.47
CA GLY Q 575 -79.63 33.32 99.65
C GLY Q 575 -79.91 33.81 101.06
N GLN Q 576 -79.14 33.33 102.05
CA GLN Q 576 -79.41 33.70 103.44
C GLN Q 576 -78.98 35.13 103.70
N ALA Q 577 -79.87 35.91 104.32
CA ALA Q 577 -79.60 37.30 104.68
C ALA Q 577 -80.16 37.58 106.06
N SER Q 578 -79.44 38.39 106.84
CA SER Q 578 -79.81 38.67 108.22
C SER Q 578 -79.77 40.15 108.59
N GLU Q 579 -78.91 40.94 107.94
CA GLU Q 579 -78.68 42.32 108.35
C GLU Q 579 -78.46 43.19 107.12
N THR Q 580 -78.38 44.51 107.36
CA THR Q 580 -78.07 45.50 106.34
C THR Q 580 -76.74 46.15 106.64
N LEU Q 581 -75.85 46.21 105.64
CA LEU Q 581 -74.56 46.88 105.76
C LEU Q 581 -74.49 48.01 104.74
N ASN Q 582 -74.15 49.21 105.23
CA ASN Q 582 -73.97 50.35 104.32
C ASN Q 582 -72.80 50.08 103.37
N VAL Q 583 -73.00 50.41 102.10
CA VAL Q 583 -71.94 50.25 101.11
C VAL Q 583 -70.69 51.06 101.45
N ASN Q 584 -70.81 52.14 102.22
CA ASN Q 584 -69.67 52.96 102.64
C ASN Q 584 -69.77 53.21 104.14
N PRO Q 585 -69.49 52.19 104.97
CA PRO Q 585 -69.71 52.37 106.42
C PRO Q 585 -68.82 53.41 107.05
N TYR Q 586 -67.59 53.57 106.57
CA TYR Q 586 -66.57 54.36 107.24
C TYR Q 586 -66.57 55.83 106.85
N ASN Q 587 -67.59 56.29 106.11
CA ASN Q 587 -67.71 57.69 105.75
C ASN Q 587 -69.12 58.26 105.90
N ILE Q 588 -70.03 57.55 106.56
CA ILE Q 588 -71.39 58.08 106.72
C ILE Q 588 -71.35 59.29 107.67
N PRO Q 589 -71.97 60.42 107.34
CA PRO Q 589 -71.87 61.58 108.24
C PRO Q 589 -72.65 61.36 109.54
N ASN Q 590 -71.99 61.62 110.67
CA ASN Q 590 -72.59 61.53 111.99
C ASN Q 590 -73.15 60.15 112.31
N PRO Q 793 -66.94 51.39 100.21
CA PRO Q 793 -67.18 50.27 99.29
C PRO Q 793 -67.10 48.89 99.94
N LEU Q 794 -67.83 47.93 99.36
CA LEU Q 794 -67.84 46.55 99.79
C LEU Q 794 -67.43 45.63 98.65
N ALA Q 795 -67.05 44.39 99.01
CA ALA Q 795 -66.69 43.39 98.02
C ALA Q 795 -66.96 42.01 98.57
N GLN Q 796 -67.08 41.04 97.65
CA GLN Q 796 -67.35 39.65 97.98
C GLN Q 796 -66.56 38.76 97.04
N SER Q 797 -65.73 37.88 97.60
CA SER Q 797 -64.88 37.01 96.80
C SER Q 797 -65.64 35.74 96.39
N PHE Q 798 -65.24 35.16 95.26
CA PHE Q 798 -65.83 33.93 94.77
C PHE Q 798 -64.83 33.25 93.86
N GLN Q 799 -65.09 31.98 93.56
CA GLN Q 799 -64.24 31.23 92.65
C GLN Q 799 -65.04 30.08 92.02
N TYR Q 800 -64.48 29.55 90.94
CA TYR Q 800 -65.05 28.39 90.24
C TYR Q 800 -63.98 27.32 90.09
N ASP Q 801 -64.43 26.07 90.02
CA ASP Q 801 -63.55 24.92 89.81
C ASP Q 801 -63.33 24.61 88.34
N GLU Q 802 -63.89 25.37 87.40
CA GLU Q 802 -63.72 25.16 85.95
C GLU Q 802 -63.73 26.50 85.22
N ASN Q 803 -63.35 26.56 83.95
CA ASN Q 803 -63.49 27.78 83.18
C ASN Q 803 -64.98 28.02 82.88
N ARG Q 804 -65.57 29.13 83.35
CA ARG Q 804 -66.96 29.52 83.12
C ARG Q 804 -67.03 30.91 82.52
N THR Q 805 -68.02 31.12 81.67
CA THR Q 805 -68.31 32.40 81.03
C THR Q 805 -69.36 33.15 81.84
N ILE Q 806 -68.95 34.07 82.69
CA ILE Q 806 -69.86 34.84 83.53
C ILE Q 806 -70.56 35.87 82.66
N SER Q 807 -71.90 35.85 82.67
CA SER Q 807 -72.72 36.73 81.86
C SER Q 807 -73.37 37.85 82.66
N SER Q 808 -73.89 37.57 83.85
CA SER Q 808 -74.53 38.63 84.62
C SER Q 808 -74.37 38.30 86.10
N LEU Q 809 -74.66 39.30 86.94
CA LEU Q 809 -74.61 39.16 88.38
C LEU Q 809 -75.98 39.38 88.99
N GLY Q 810 -76.20 38.85 90.19
CA GLY Q 810 -77.42 39.20 90.92
C GLY Q 810 -77.13 39.75 92.29
N LEU Q 811 -77.68 40.94 92.58
CA LEU Q 811 -77.48 41.64 93.83
C LEU Q 811 -78.83 42.00 94.45
N TYR Q 812 -78.80 42.26 95.75
CA TYR Q 812 -79.99 42.60 96.54
C TYR Q 812 -79.69 43.86 97.34
N PHE Q 813 -80.46 44.91 97.12
CA PHE Q 813 -80.31 46.19 97.80
C PHE Q 813 -81.48 46.40 98.75
N ALA Q 814 -81.17 46.87 99.96
CA ALA Q 814 -82.21 47.19 100.92
C ALA Q 814 -82.77 48.59 100.73
N SER Q 815 -81.95 49.53 100.28
CA SER Q 815 -82.38 50.90 100.03
C SER Q 815 -81.46 51.52 98.99
N LYS Q 816 -81.91 52.65 98.44
CA LYS Q 816 -81.15 53.35 97.41
C LYS Q 816 -81.31 54.84 97.64
N GLY Q 817 -80.54 55.61 96.89
CA GLY Q 817 -80.57 57.06 96.96
C GLY Q 817 -81.64 57.65 96.06
N ASP Q 818 -81.41 58.89 95.63
CA ASP Q 818 -82.39 59.61 94.84
C ASP Q 818 -82.31 59.16 93.37
N LYS Q 819 -83.06 59.85 92.51
CA LYS Q 819 -83.08 59.51 91.09
C LYS Q 819 -81.70 59.63 90.46
N GLN Q 820 -80.98 60.71 90.78
CA GLN Q 820 -79.71 61.02 90.12
C GLN Q 820 -78.55 60.16 90.58
N SER Q 821 -78.68 59.47 91.72
CA SER Q 821 -77.59 58.66 92.24
C SER Q 821 -77.40 57.40 91.38
N ASN Q 822 -76.16 56.91 91.40
CA ASN Q 822 -75.81 55.68 90.69
C ASN Q 822 -74.72 54.93 91.46
N VAL Q 823 -74.60 53.64 91.16
CA VAL Q 823 -73.65 52.76 91.82
C VAL Q 823 -72.77 52.09 90.76
N VAL Q 824 -71.46 52.09 91.00
CA VAL Q 824 -70.50 51.48 90.07
C VAL Q 824 -70.24 50.05 90.52
N ILE Q 825 -70.51 49.09 89.64
CA ILE Q 825 -70.30 47.67 89.89
C ILE Q 825 -69.07 47.24 89.10
N GLN Q 826 -68.15 46.55 89.77
CA GLN Q 826 -66.89 46.11 89.16
C GLN Q 826 -66.58 44.69 89.59
N ILE Q 827 -65.82 44.00 88.76
CA ILE Q 827 -65.24 42.69 89.07
C ILE Q 827 -63.73 42.85 89.06
N ARG Q 828 -63.09 42.61 90.21
CA ARG Q 828 -61.65 42.74 90.35
C ARG Q 828 -61.04 41.40 90.73
N GLY Q 829 -59.78 41.22 90.34
CA GLY Q 829 -59.07 40.00 90.64
C GLY Q 829 -58.60 39.91 92.07
N MET Q 830 -58.21 38.71 92.47
CA MET Q 830 -57.78 38.43 93.84
C MET Q 830 -56.30 38.09 93.86
N GLY Q 831 -55.54 38.75 94.74
CA GLY Q 831 -54.12 38.51 94.78
C GLY Q 831 -53.76 37.21 95.48
N ASP Q 832 -52.45 36.92 95.44
CA ASP Q 832 -51.93 35.68 96.01
C ASP Q 832 -52.24 35.56 97.50
N GLN Q 833 -52.35 36.69 98.20
CA GLN Q 833 -52.56 36.71 99.64
C GLN Q 833 -54.04 36.83 100.02
N GLY Q 834 -54.95 36.53 99.09
CA GLY Q 834 -56.37 36.52 99.38
C GLY Q 834 -56.99 37.86 99.70
N TYR Q 835 -56.68 38.87 98.91
CA TYR Q 835 -57.26 40.21 99.02
C TYR Q 835 -57.55 40.72 97.62
N PRO Q 836 -58.50 41.64 97.46
CA PRO Q 836 -58.71 42.23 96.13
C PRO Q 836 -57.53 43.09 95.69
N ASN Q 837 -57.28 43.11 94.38
CA ASN Q 837 -56.19 43.88 93.76
C ASN Q 837 -56.75 45.04 92.97
N LYS Q 838 -55.85 45.86 92.42
CA LYS Q 838 -56.30 47.04 91.69
C LYS Q 838 -56.77 46.73 90.27
N THR Q 839 -56.52 45.54 89.76
CA THR Q 839 -56.93 45.20 88.41
C THR Q 839 -58.44 45.10 88.34
N ILE Q 840 -59.02 45.64 87.27
CA ILE Q 840 -60.47 45.64 87.05
C ILE Q 840 -60.74 44.94 85.73
N TYR Q 841 -61.47 43.83 85.80
CA TYR Q 841 -61.83 43.06 84.61
C TYR Q 841 -63.14 43.51 83.98
N ALA Q 842 -64.06 44.08 84.76
CA ALA Q 842 -65.32 44.55 84.23
C ALA Q 842 -65.80 45.74 85.05
N GLU Q 843 -66.60 46.60 84.42
CA GLU Q 843 -67.12 47.79 85.08
C GLU Q 843 -68.41 48.20 84.41
N THR Q 844 -69.34 48.72 85.20
CA THR Q 844 -70.60 49.24 84.68
C THR Q 844 -71.19 50.23 85.67
N VAL Q 845 -72.13 51.03 85.18
CA VAL Q 845 -72.78 52.07 85.99
C VAL Q 845 -74.27 51.74 86.04
N MET Q 846 -74.81 51.59 87.24
CA MET Q 846 -76.22 51.27 87.45
C MET Q 846 -76.92 52.49 88.01
N ASN Q 847 -77.95 52.97 87.31
CA ASN Q 847 -78.71 54.12 87.77
C ASN Q 847 -79.66 53.71 88.89
N ALA Q 848 -80.27 54.72 89.53
CA ALA Q 848 -81.18 54.43 90.63
C ALA Q 848 -82.40 53.66 90.15
N ASP Q 849 -82.91 53.97 88.96
CA ASP Q 849 -84.10 53.26 88.47
C ASP Q 849 -83.82 51.79 88.21
N ASP Q 850 -82.59 51.45 87.81
CA ASP Q 850 -82.25 50.05 87.60
C ASP Q 850 -82.09 49.28 88.91
N ILE Q 851 -81.83 49.97 90.01
CA ILE Q 851 -81.61 49.34 91.31
C ILE Q 851 -82.96 49.12 91.98
N LYS Q 852 -83.43 47.87 91.96
CA LYS Q 852 -84.64 47.51 92.71
C LYS Q 852 -84.31 47.33 94.20
N VAL Q 853 -85.31 47.62 95.04
CA VAL Q 853 -85.13 47.56 96.48
C VAL Q 853 -86.30 46.79 97.07
N SER Q 854 -86.12 46.31 98.30
CA SER Q 854 -87.20 45.62 99.01
C SER Q 854 -86.84 45.57 100.49
N ASN Q 855 -87.86 45.39 101.32
CA ASN Q 855 -87.70 45.31 102.76
C ASN Q 855 -87.56 43.87 103.26
N ASN Q 856 -87.59 42.89 102.35
CA ASN Q 856 -87.41 41.48 102.70
C ASN Q 856 -86.39 40.76 101.82
N ALA Q 857 -85.47 41.51 101.19
CA ALA Q 857 -84.43 40.93 100.34
C ALA Q 857 -85.01 40.05 99.24
N SER Q 858 -86.15 40.49 98.70
CA SER Q 858 -86.83 39.77 97.62
C SER Q 858 -86.54 40.35 96.24
N ALA Q 859 -86.23 41.63 96.15
CA ALA Q 859 -85.96 42.25 94.87
C ALA Q 859 -84.53 41.95 94.45
N GLU Q 860 -84.36 41.47 93.22
CA GLU Q 860 -83.06 41.12 92.66
C GLU Q 860 -82.78 42.02 91.47
N THR Q 861 -81.85 42.96 91.64
CA THR Q 861 -81.40 43.78 90.53
C THR Q 861 -80.34 43.03 89.73
N ARG Q 862 -80.53 42.97 88.41
CA ARG Q 862 -79.62 42.25 87.53
C ARG Q 862 -78.63 43.22 86.91
N VAL Q 863 -77.34 42.88 86.99
CA VAL Q 863 -76.25 43.69 86.45
C VAL Q 863 -75.69 42.98 85.22
N TYR Q 864 -75.59 43.71 84.12
CA TYR Q 864 -75.06 43.22 82.86
C TYR Q 864 -73.86 44.07 82.47
N PHE Q 865 -72.85 43.42 81.87
CA PHE Q 865 -71.65 44.07 81.38
C PHE Q 865 -71.64 44.00 79.87
N ASP Q 866 -70.93 44.95 79.26
CA ASP Q 866 -70.83 44.99 77.80
C ASP Q 866 -69.98 43.84 77.26
N ASP Q 867 -69.00 43.37 78.05
CA ASP Q 867 -68.12 42.27 77.68
C ASP Q 867 -68.23 41.15 78.71
N PRO Q 868 -68.32 39.87 78.29
CA PRO Q 868 -68.44 38.80 79.29
C PRO Q 868 -67.14 38.61 80.06
N MET Q 869 -67.29 38.20 81.33
CA MET Q 869 -66.15 37.97 82.22
C MET Q 869 -65.79 36.49 82.18
N MET Q 870 -64.62 36.18 81.63
CA MET Q 870 -64.15 34.80 81.49
C MET Q 870 -63.40 34.44 82.78
N ALA Q 871 -63.99 33.57 83.58
CA ALA Q 871 -63.42 33.23 84.88
C ALA Q 871 -62.61 31.95 84.74
N GLU Q 872 -61.33 32.02 85.09
CA GLU Q 872 -60.45 30.86 84.93
C GLU Q 872 -60.58 29.92 86.12
N GLY Q 873 -60.60 28.63 85.85
CA GLY Q 873 -60.75 27.64 86.90
C GLY Q 873 -59.65 27.71 87.93
N GLY Q 874 -60.03 27.70 89.21
CA GLY Q 874 -59.08 27.72 90.30
C GLY Q 874 -58.60 29.11 90.71
N LYS Q 875 -59.10 30.15 90.06
CA LYS Q 875 -58.73 31.53 90.35
C LYS Q 875 -59.86 32.22 91.10
N GLU Q 876 -59.50 33.02 92.11
CA GLU Q 876 -60.49 33.78 92.86
C GLU Q 876 -60.72 35.15 92.22
N TYR Q 877 -61.97 35.59 92.26
CA TYR Q 877 -62.36 36.91 91.78
C TYR Q 877 -63.31 37.54 92.78
N ALA Q 878 -63.33 38.88 92.80
CA ALA Q 878 -64.08 39.64 93.78
C ALA Q 878 -64.98 40.64 93.08
N ILE Q 879 -66.28 40.56 93.32
CA ILE Q 879 -67.20 41.61 92.96
C ILE Q 879 -66.90 42.82 93.85
N VAL Q 880 -66.96 44.01 93.27
CA VAL Q 880 -66.70 45.25 93.99
C VAL Q 880 -67.83 46.22 93.69
N ILE Q 881 -68.28 46.92 94.73
CA ILE Q 881 -69.42 47.82 94.63
C ILE Q 881 -68.98 49.17 95.20
N ILE Q 882 -69.05 50.22 94.38
CA ILE Q 882 -68.54 51.54 94.71
C ILE Q 882 -69.61 52.58 94.39
N THR Q 883 -69.80 53.53 95.31
CA THR Q 883 -70.72 54.64 95.07
C THR Q 883 -70.38 55.77 96.04
N GLU Q 884 -70.42 57.00 95.54
CA GLU Q 884 -70.09 58.16 96.40
C GLU Q 884 -71.26 58.54 97.30
N ASN Q 885 -72.48 58.11 96.99
CA ASN Q 885 -73.63 58.47 97.80
C ASN Q 885 -73.62 57.68 99.10
N SER Q 886 -74.08 58.31 100.18
CA SER Q 886 -74.09 57.70 101.51
C SER Q 886 -75.47 57.18 101.90
N ASP Q 887 -76.35 56.95 100.93
CA ASP Q 887 -77.69 56.42 101.18
C ASP Q 887 -77.91 55.16 100.35
N TYR Q 888 -76.95 54.24 100.39
CA TYR Q 888 -77.07 52.96 99.71
C TYR Q 888 -76.74 51.82 100.68
N THR Q 889 -77.65 50.86 100.80
CA THR Q 889 -77.45 49.74 101.71
C THR Q 889 -77.75 48.44 100.99
N MET Q 890 -77.17 47.35 101.48
CA MET Q 890 -77.32 46.03 100.89
C MET Q 890 -77.55 45.00 101.98
N TRP Q 891 -78.27 43.95 101.63
CA TRP Q 891 -78.49 42.83 102.56
C TRP Q 891 -77.23 41.99 102.66
N VAL Q 892 -76.90 41.60 103.90
CA VAL Q 892 -75.78 40.71 104.16
C VAL Q 892 -76.23 39.57 105.08
N GLY Q 893 -75.75 38.37 104.81
CA GLY Q 893 -75.99 37.23 105.66
C GLY Q 893 -74.81 36.99 106.59
N THR Q 894 -75.12 36.89 107.89
CA THR Q 894 -74.12 36.72 108.93
C THR Q 894 -74.46 35.48 109.76
N ARG Q 895 -73.43 34.71 110.08
CA ARG Q 895 -73.61 33.49 110.86
C ARG Q 895 -74.11 33.80 112.25
N THR Q 896 -74.99 32.92 112.75
CA THR Q 896 -75.58 32.96 114.09
C THR Q 896 -76.72 33.99 114.19
N LYS Q 897 -76.96 34.84 113.11
CA LYS Q 897 -78.00 35.86 113.19
C LYS Q 897 -79.33 35.31 112.68
N PRO Q 898 -80.48 35.86 113.08
CA PRO Q 898 -81.75 35.33 112.56
C PRO Q 898 -81.98 35.77 111.13
N LYS Q 899 -82.65 34.93 110.36
CA LYS Q 899 -83.02 35.32 109.00
C LYS Q 899 -84.12 36.37 109.04
N ILE Q 900 -84.11 37.24 108.02
CA ILE Q 900 -85.04 38.37 107.98
C ILE Q 900 -86.48 37.87 107.88
N ASP Q 901 -86.73 36.97 106.93
CA ASP Q 901 -88.07 36.44 106.69
C ASP Q 901 -88.43 35.26 107.57
N LYS Q 902 -87.44 34.65 108.24
CA LYS Q 902 -87.66 33.53 109.16
C LYS Q 902 -86.83 33.75 110.40
N PRO Q 903 -87.29 34.60 111.32
CA PRO Q 903 -86.54 34.81 112.57
C PRO Q 903 -86.42 33.55 113.42
N ASN Q 904 -87.37 32.61 113.33
CA ASN Q 904 -87.25 31.35 114.05
C ASN Q 904 -85.97 30.60 113.68
N GLU Q 905 -85.52 30.71 112.43
CA GLU Q 905 -84.30 30.06 111.99
C GLU Q 905 -83.14 31.04 112.06
N VAL Q 906 -81.94 30.49 112.25
CA VAL Q 906 -80.70 31.24 112.30
C VAL Q 906 -79.71 30.63 111.32
N ILE Q 907 -78.77 31.44 110.85
CA ILE Q 907 -77.78 30.97 109.89
C ILE Q 907 -76.75 30.19 110.68
N SER Q 908 -76.77 28.86 110.57
CA SER Q 908 -75.96 28.02 111.45
C SER Q 908 -74.49 28.05 111.05
N GLY Q 909 -74.20 27.58 109.83
CA GLY Q 909 -72.86 27.59 109.29
C GLY Q 909 -72.52 28.90 108.58
N ASN Q 910 -71.38 28.89 107.91
CA ASN Q 910 -70.99 30.05 107.12
C ASN Q 910 -71.97 30.22 105.95
N PRO Q 911 -72.32 31.46 105.57
CA PRO Q 911 -73.28 31.59 104.45
C PRO Q 911 -72.71 31.06 103.14
N TYR Q 912 -71.53 31.54 102.75
CA TYR Q 912 -70.79 31.06 101.59
C TYR Q 912 -69.37 30.77 102.06
N LEU Q 913 -69.00 29.49 102.05
CA LEU Q 913 -67.76 29.06 102.68
C LEU Q 913 -66.55 29.60 101.92
N GLN Q 914 -66.60 29.58 100.58
CA GLN Q 914 -65.43 29.91 99.78
C GLN Q 914 -65.28 31.39 99.51
N GLY Q 915 -66.08 32.25 100.16
CA GLY Q 915 -66.00 33.68 99.97
C GLY Q 915 -66.00 34.41 101.30
N VAL Q 916 -65.58 35.67 101.24
CA VAL Q 916 -65.45 36.53 102.41
C VAL Q 916 -65.98 37.92 102.05
N LEU Q 917 -66.75 38.50 102.96
CA LEU Q 917 -67.19 39.89 102.80
C LEU Q 917 -66.08 40.84 103.19
N PHE Q 918 -65.93 41.91 102.41
CA PHE Q 918 -64.89 42.92 102.62
C PHE Q 918 -65.52 44.30 102.71
N SER Q 919 -64.85 45.19 103.44
CA SER Q 919 -65.22 46.59 103.54
C SER Q 919 -63.97 47.44 103.50
N SER Q 920 -64.12 48.66 102.98
CA SER Q 920 -62.98 49.56 102.81
C SER Q 920 -63.48 50.99 102.81
N SER Q 921 -62.60 51.90 103.22
CA SER Q 921 -62.88 53.33 103.20
C SER Q 921 -62.31 54.02 101.97
N ASN Q 922 -61.46 53.35 101.18
CA ASN Q 922 -60.89 53.94 99.98
C ASN Q 922 -60.81 52.98 98.81
N ALA Q 923 -61.40 51.78 98.92
CA ALA Q 923 -61.33 50.74 97.89
C ALA Q 923 -59.91 50.26 97.64
N SER Q 924 -59.01 50.43 98.60
CA SER Q 924 -57.65 49.90 98.53
C SER Q 924 -57.34 48.97 99.68
N THR Q 925 -57.60 49.38 100.91
CA THR Q 925 -57.36 48.57 102.10
C THR Q 925 -58.68 47.95 102.54
N TRP Q 926 -58.76 46.63 102.54
CA TRP Q 926 -59.99 45.90 102.76
C TRP Q 926 -59.96 45.18 104.11
N THR Q 927 -61.03 45.38 104.89
CA THR Q 927 -61.17 44.72 106.19
C THR Q 927 -62.08 43.52 106.00
N PRO Q 928 -61.60 42.27 106.11
CA PRO Q 928 -62.50 41.13 105.89
C PRO Q 928 -63.49 40.93 107.03
N HIS Q 929 -64.64 40.36 106.68
CA HIS Q 929 -65.65 39.93 107.64
C HIS Q 929 -65.84 38.43 107.40
N GLN Q 930 -65.16 37.62 108.21
CA GLN Q 930 -65.12 36.18 107.95
C GLN Q 930 -66.49 35.54 108.14
N ASN Q 931 -67.26 36.01 109.11
CA ASN Q 931 -68.55 35.42 109.43
C ASN Q 931 -69.70 35.94 108.57
N SER Q 932 -69.44 36.84 107.63
CA SER Q 932 -70.51 37.48 106.85
C SER Q 932 -70.21 37.34 105.36
N ASP Q 933 -71.28 37.23 104.58
CA ASP Q 933 -71.19 37.25 103.11
C ASP Q 933 -72.41 37.96 102.55
N LEU Q 934 -72.25 38.54 101.37
CA LEU Q 934 -73.36 39.20 100.70
C LEU Q 934 -74.37 38.17 100.21
N LYS Q 935 -75.60 38.61 100.05
CA LYS Q 935 -76.62 37.85 99.34
C LYS Q 935 -76.49 38.19 97.86
N PHE Q 936 -76.07 37.22 97.06
CA PHE Q 936 -75.78 37.47 95.66
C PHE Q 936 -76.00 36.19 94.85
N GLY Q 937 -75.95 36.35 93.54
CA GLY Q 937 -76.03 35.22 92.63
C GLY Q 937 -75.31 35.51 91.34
N ILE Q 938 -74.53 34.55 90.86
CA ILE Q 938 -73.70 34.71 89.67
C ILE Q 938 -74.22 33.78 88.59
N TYR Q 939 -74.45 34.33 87.40
CA TYR Q 939 -75.01 33.60 86.28
C TYR Q 939 -73.94 33.32 85.22
N THR Q 940 -73.88 32.06 84.76
CA THR Q 940 -72.97 31.65 83.70
C THR Q 940 -73.78 31.25 82.48
N SER Q 941 -73.18 31.40 81.30
CA SER Q 941 -73.86 31.22 80.03
C SER Q 941 -73.20 30.15 79.16
N LYS Q 942 -74.01 29.44 78.38
CA LYS Q 942 -73.59 28.53 77.32
C LYS Q 942 -74.13 29.08 76.00
N PHE Q 943 -73.28 29.36 75.01
CA PHE Q 943 -73.73 29.99 73.77
C PHE Q 943 -74.31 28.93 72.83
N ASN Q 944 -75.19 29.33 71.92
CA ASN Q 944 -75.85 28.41 71.00
C ASN Q 944 -75.42 28.72 69.56
N GLU Q 945 -75.98 27.97 68.60
CA GLU Q 945 -75.50 28.07 67.22
C GLU Q 945 -75.85 29.41 66.57
N THR Q 946 -77.10 29.85 66.67
CA THR Q 946 -77.56 31.07 65.98
C THR Q 946 -78.48 31.89 66.87
N ALA Q 947 -78.58 33.19 66.55
CA ALA Q 947 -79.44 34.15 67.21
C ALA Q 947 -80.30 34.88 66.18
N THR Q 948 -81.52 35.29 66.58
CA THR Q 948 -82.47 35.92 65.66
C THR Q 948 -83.12 37.12 66.32
N ILE Q 949 -83.22 38.23 65.59
CA ILE Q 949 -83.93 39.45 65.98
C ILE Q 949 -85.12 39.61 65.06
N GLU Q 950 -86.25 40.06 65.61
CA GLU Q 950 -87.42 40.47 64.85
C GLU Q 950 -87.80 41.90 65.20
N PHE Q 951 -88.12 42.69 64.18
CA PHE Q 951 -88.51 44.08 64.32
C PHE Q 951 -90.02 44.24 64.16
N GLU Q 952 -90.55 45.28 64.80
CA GLU Q 952 -91.97 45.60 64.77
C GLU Q 952 -92.33 45.95 63.32
N PRO Q 953 -93.59 45.77 62.91
CA PRO Q 953 -93.91 45.98 61.49
C PRO Q 953 -93.83 47.43 61.04
N ILE Q 954 -93.46 47.60 59.77
CA ILE Q 954 -93.38 48.92 59.16
C ILE Q 954 -94.79 49.34 58.75
N LYS Q 981 -89.94 55.23 49.62
CA LYS Q 981 -90.88 55.63 50.67
C LYS Q 981 -92.34 55.28 50.30
N LEU Q 982 -92.55 54.79 49.08
CA LEU Q 982 -93.79 54.12 48.68
C LEU Q 982 -93.46 52.63 48.55
N ILE Q 983 -94.32 51.80 49.13
CA ILE Q 983 -93.97 50.43 49.51
C ILE Q 983 -93.43 49.61 48.35
N LEU Q 984 -93.90 49.86 47.13
CA LEU Q 984 -93.38 49.09 46.00
C LEU Q 984 -91.96 49.51 45.63
N ASP Q 985 -91.61 50.77 45.81
CA ASP Q 985 -90.22 51.17 45.62
C ASP Q 985 -89.41 50.84 46.87
N ASP Q 986 -90.04 51.08 48.02
CA ASP Q 986 -89.38 50.92 49.31
C ASP Q 986 -88.86 49.50 49.52
N MET Q 987 -89.71 48.49 49.24
CA MET Q 987 -89.31 47.10 49.50
C MET Q 987 -88.21 46.64 48.56
N ALA Q 988 -88.18 47.12 47.31
CA ALA Q 988 -87.06 46.84 46.42
C ALA Q 988 -85.79 47.56 46.89
N SER Q 989 -85.94 48.85 47.22
CA SER Q 989 -84.83 49.65 47.74
C SER Q 989 -84.25 49.04 49.01
N SER Q 990 -85.11 48.63 49.93
CA SER Q 990 -84.64 48.10 51.21
C SER Q 990 -83.94 46.76 51.04
N THR Q 991 -84.58 45.79 50.36
CA THR Q 991 -83.97 44.47 50.16
C THR Q 991 -82.76 44.50 49.21
N THR Q 992 -82.45 45.64 48.61
CA THR Q 992 -81.17 45.80 47.91
C THR Q 992 -80.03 46.07 48.88
N PHE Q 993 -80.33 46.74 50.00
CA PHE Q 993 -79.34 47.09 51.01
C PHE Q 993 -79.22 46.09 52.14
N ASP Q 994 -80.36 45.53 52.58
CA ASP Q 994 -80.41 44.50 53.61
C ASP Q 994 -79.90 43.18 53.05
N GLN Q 995 -78.59 42.98 53.08
CA GLN Q 995 -78.02 41.74 52.57
C GLN Q 995 -76.78 41.38 53.40
N LEU Q 996 -76.39 40.10 53.29
CA LEU Q 996 -75.36 39.46 54.10
C LEU Q 996 -73.99 40.15 54.08
N LYS Q 997 -73.74 41.09 53.16
CA LYS Q 997 -72.42 41.67 52.93
C LYS Q 997 -72.36 43.17 53.22
N TRP Q 998 -73.49 43.88 53.21
CA TRP Q 998 -73.51 45.27 53.65
C TRP Q 998 -73.53 45.31 55.18
N GLU Q 999 -73.58 46.52 55.76
CA GLU Q 999 -73.65 46.60 57.22
C GLU Q 999 -74.86 45.89 57.86
N PRO Q 1000 -76.01 45.67 57.16
CA PRO Q 1000 -76.99 44.70 57.74
C PRO Q 1000 -76.57 43.25 57.52
N ILE Q 1001 -75.60 42.81 58.33
CA ILE Q 1001 -75.04 41.45 58.29
C ILE Q 1001 -76.07 40.41 58.74
N GLY Q 1002 -75.88 39.17 58.28
CA GLY Q 1002 -76.74 38.05 58.65
C GLY Q 1002 -77.84 37.77 57.63
N ASN Q 1003 -78.52 36.65 57.81
CA ASN Q 1003 -79.58 36.24 56.88
C ASN Q 1003 -80.82 37.08 57.13
N TYR Q 1004 -80.98 38.16 56.35
CA TYR Q 1004 -82.19 38.96 56.45
C TYR Q 1004 -83.36 38.29 55.74
N GLN Q 1005 -84.56 38.45 56.33
CA GLN Q 1005 -85.79 37.90 55.80
C GLN Q 1005 -86.92 38.88 56.10
N ASP Q 1006 -88.04 38.73 55.38
CA ASP Q 1006 -89.26 39.44 55.76
C ASP Q 1006 -90.49 38.65 55.31
N LEU Q 1007 -91.65 39.07 55.83
CA LEU Q 1007 -92.94 38.74 55.24
C LEU Q 1007 -93.70 40.05 55.11
N ASP Q 1008 -94.62 40.10 54.15
CA ASP Q 1008 -95.30 41.35 53.80
C ASP Q 1008 -96.74 41.04 53.41
N VAL Q 1009 -97.56 42.10 53.32
CA VAL Q 1009 -99.00 41.98 53.08
C VAL Q 1009 -99.35 42.75 51.83
N LEU Q 1010 -100.30 42.20 51.05
CA LEU Q 1010 -100.65 42.68 49.72
C LEU Q 1010 -101.65 43.84 49.81
N GLY Q 1011 -102.18 44.29 48.68
CA GLY Q 1011 -103.10 45.42 48.69
C GLY Q 1011 -102.46 46.74 49.07
N LEU Q 1012 -101.18 46.91 48.74
CA LEU Q 1012 -100.39 48.10 49.12
C LEU Q 1012 -100.46 48.40 50.62
N ALA Q 1013 -100.60 47.36 51.44
CA ALA Q 1013 -100.49 47.49 52.89
C ALA Q 1013 -99.07 47.88 53.29
N ARG Q 1014 -98.98 48.70 54.34
CA ARG Q 1014 -97.72 49.30 54.80
C ARG Q 1014 -96.87 48.35 55.65
N GLN Q 1015 -97.44 47.26 56.16
CA GLN Q 1015 -96.82 46.50 57.25
C GLN Q 1015 -95.98 45.33 56.72
N VAL Q 1016 -94.77 45.66 56.26
CA VAL Q 1016 -93.69 44.68 56.15
C VAL Q 1016 -93.18 44.38 57.55
N LYS Q 1017 -92.77 43.12 57.80
CA LYS Q 1017 -92.14 42.74 59.07
C LYS Q 1017 -90.77 42.11 58.81
N LEU Q 1018 -89.73 42.69 59.41
CA LEU Q 1018 -88.34 42.26 59.18
C LEU Q 1018 -87.87 41.24 60.20
N ARG Q 1019 -86.94 40.39 59.77
CA ARG Q 1019 -86.24 39.42 60.62
C ARG Q 1019 -84.77 39.35 60.22
N ALA Q 1020 -83.87 39.23 61.20
CA ALA Q 1020 -82.43 39.05 60.97
C ALA Q 1020 -81.91 37.89 61.81
N THR Q 1021 -81.25 36.93 61.16
CA THR Q 1021 -80.64 35.77 61.80
C THR Q 1021 -79.12 35.82 61.62
N PHE Q 1022 -78.36 35.50 62.67
CA PHE Q 1022 -76.90 35.50 62.60
C PHE Q 1022 -76.28 34.43 63.51
N GLU Q 1023 -75.04 34.06 63.16
CA GLU Q 1023 -74.28 33.01 63.86
C GLU Q 1023 -73.78 33.53 65.20
N SER Q 1024 -74.11 32.83 66.28
CA SER Q 1024 -73.76 33.26 67.63
C SER Q 1024 -72.40 32.71 68.06
N ASN Q 1025 -71.85 33.31 69.13
CA ASN Q 1025 -70.54 32.92 69.64
C ASN Q 1025 -70.44 33.32 71.11
N ARG Q 1026 -69.35 32.90 71.75
CA ARG Q 1026 -69.07 33.09 73.18
C ARG Q 1026 -68.80 34.52 73.60
N TYR Q 1027 -68.51 35.43 72.67
CA TYR Q 1027 -68.18 36.82 72.96
C TYR Q 1027 -69.33 37.78 72.64
N ILE Q 1028 -70.56 37.28 72.56
CA ILE Q 1028 -71.71 38.16 72.38
C ILE Q 1028 -71.95 38.95 73.67
N SER Q 1029 -72.23 40.25 73.53
CA SER Q 1029 -72.33 41.10 74.71
C SER Q 1029 -73.60 40.78 75.50
N PRO Q 1030 -73.52 40.46 76.81
CA PRO Q 1030 -74.76 40.25 77.56
C PRO Q 1030 -75.63 41.49 77.65
N LEU Q 1031 -75.01 42.68 77.68
CA LEU Q 1031 -75.78 43.91 77.81
C LEU Q 1031 -76.67 44.12 76.59
N MET Q 1032 -76.14 43.91 75.39
CA MET Q 1032 -76.95 44.05 74.18
C MET Q 1032 -78.08 43.03 74.16
N SER Q 1033 -77.81 41.80 74.63
CA SER Q 1033 -78.83 40.77 74.64
C SER Q 1033 -79.97 41.14 75.59
N SER Q 1034 -79.64 41.65 76.77
CA SER Q 1034 -80.67 42.00 77.75
C SER Q 1034 -81.43 43.25 77.33
N SER Q 1035 -80.76 44.23 76.74
CA SER Q 1035 -81.40 45.50 76.43
C SER Q 1035 -82.38 45.36 75.27
N ASP Q 1036 -83.40 46.23 75.27
CA ASP Q 1036 -84.39 46.27 74.21
C ASP Q 1036 -83.80 46.98 72.99
N LEU Q 1037 -83.78 46.30 71.85
CA LEU Q 1037 -83.09 46.81 70.66
C LEU Q 1037 -83.97 47.76 69.86
N THR Q 1038 -83.29 48.57 69.03
CA THR Q 1038 -83.91 49.33 67.95
C THR Q 1038 -83.11 49.10 66.68
N PHE Q 1039 -83.74 49.39 65.54
CA PHE Q 1039 -83.13 49.22 64.22
C PHE Q 1039 -81.88 50.10 64.04
N THR Q 1040 -81.68 51.13 64.87
CA THR Q 1040 -80.49 51.98 64.81
C THR Q 1040 -79.44 51.64 65.86
N THR Q 1041 -79.84 51.26 67.07
CA THR Q 1041 -78.86 50.70 68.01
C THR Q 1041 -78.24 49.44 67.44
N PHE Q 1042 -79.07 48.50 67.00
CA PHE Q 1042 -78.61 47.44 66.12
C PHE Q 1042 -78.24 48.05 64.77
N LEU Q 1043 -77.39 47.36 64.01
CA LEU Q 1043 -76.90 47.85 62.72
C LEU Q 1043 -76.13 49.18 62.87
N THR Q 1044 -75.60 49.46 64.07
CA THR Q 1044 -74.54 50.46 64.25
C THR Q 1044 -73.21 49.85 63.82
N GLU Q 1045 -72.44 50.59 63.02
CA GLU Q 1045 -71.11 50.14 62.59
C GLU Q 1045 -70.07 50.72 63.55
N LEU Q 1046 -69.64 49.92 64.52
CA LEU Q 1046 -68.65 50.38 65.49
C LEU Q 1046 -67.28 50.47 64.84
N THR Q 1047 -66.47 51.41 65.30
CA THR Q 1047 -65.11 51.58 64.81
C THR Q 1047 -64.18 51.96 65.96
N GLY Q 1048 -62.91 51.62 65.79
CA GLY Q 1048 -61.88 51.97 66.77
C GLY Q 1048 -60.54 51.41 66.33
N SER Q 1049 -59.50 51.81 67.07
CA SER Q 1049 -58.15 51.42 66.70
C SER Q 1049 -57.24 51.40 67.91
N TYR Q 1050 -56.28 50.49 67.92
CA TYR Q 1050 -55.20 50.46 68.88
C TYR Q 1050 -54.01 51.21 68.29
N VAL Q 1051 -53.38 52.05 69.11
CA VAL Q 1051 -52.20 52.82 68.72
C VAL Q 1051 -51.18 52.68 69.83
N GLY Q 1052 -49.99 52.15 69.49
CA GLY Q 1052 -48.92 52.02 70.45
C GLY Q 1052 -48.04 53.26 70.52
N ARG Q 1053 -47.29 53.35 71.61
CA ARG Q 1053 -46.38 54.47 71.81
C ARG Q 1053 -45.27 54.44 70.78
N ALA Q 1054 -44.86 55.62 70.31
CA ALA Q 1054 -43.83 55.70 69.29
C ALA Q 1054 -42.50 55.18 69.83
N ILE Q 1055 -41.83 54.36 69.02
CA ILE Q 1055 -40.57 53.71 69.38
C ILE Q 1055 -39.45 54.36 68.60
N ASP Q 1056 -38.39 54.77 69.30
CA ASP Q 1056 -37.24 55.42 68.69
C ASP Q 1056 -36.22 54.37 68.28
N MET Q 1057 -36.12 54.10 66.97
CA MET Q 1057 -35.16 53.13 66.45
C MET Q 1057 -33.94 53.81 65.83
N THR Q 1058 -33.49 54.91 66.41
CA THR Q 1058 -32.33 55.61 65.87
C THR Q 1058 -31.09 54.71 65.93
N GLU Q 1059 -30.85 54.08 67.08
CA GLU Q 1059 -29.68 53.22 67.23
C GLU Q 1059 -29.81 51.88 66.51
N ALA Q 1060 -30.99 51.52 66.03
CA ALA Q 1060 -31.21 50.28 65.28
C ALA Q 1060 -32.04 50.58 64.04
N PRO Q 1061 -31.43 51.13 62.99
CA PRO Q 1061 -32.18 51.35 61.75
C PRO Q 1061 -32.63 50.03 61.12
N TYR Q 1062 -33.76 50.10 60.42
CA TYR Q 1062 -34.37 48.93 59.82
C TYR Q 1062 -34.96 49.29 58.46
N ASN Q 1063 -35.15 48.26 57.63
CA ASN Q 1063 -35.88 48.40 56.37
C ASN Q 1063 -36.85 47.27 56.12
N THR Q 1064 -36.93 46.26 57.00
CA THR Q 1064 -37.85 45.14 56.87
C THR Q 1064 -38.62 45.01 58.17
N VAL Q 1065 -39.90 44.64 58.09
CA VAL Q 1065 -40.78 44.54 59.24
C VAL Q 1065 -41.52 43.21 59.19
N ARG Q 1066 -41.59 42.51 60.33
CA ARG Q 1066 -42.39 41.30 60.50
C ARG Q 1066 -43.54 41.62 61.44
N PHE Q 1067 -44.75 41.67 60.88
CA PHE Q 1067 -45.97 41.99 61.64
C PHE Q 1067 -46.73 40.71 61.90
N SER Q 1068 -47.00 40.41 63.17
CA SER Q 1068 -47.72 39.21 63.56
C SER Q 1068 -48.79 39.56 64.57
N TYR Q 1069 -49.98 39.00 64.39
CA TYR Q 1069 -51.07 39.20 65.32
C TYR Q 1069 -52.12 38.12 65.14
N GLU Q 1070 -52.82 37.80 66.22
CA GLU Q 1070 -53.98 36.91 66.21
C GLU Q 1070 -55.24 37.75 66.24
N ALA Q 1071 -56.19 37.44 65.36
CA ALA Q 1071 -57.44 38.18 65.24
C ALA Q 1071 -58.60 37.24 65.00
N PHE Q 1072 -59.66 37.42 65.80
CA PHE Q 1072 -60.93 36.74 65.60
C PHE Q 1072 -61.85 37.66 64.81
N LEU Q 1073 -62.30 37.18 63.63
CA LEU Q 1073 -63.02 38.01 62.65
C LEU Q 1073 -64.38 37.40 62.38
N PRO Q 1074 -65.43 37.82 63.09
CA PRO Q 1074 -66.78 37.41 62.70
C PRO Q 1074 -67.16 38.01 61.35
N LYS Q 1075 -68.28 37.54 60.80
CA LYS Q 1075 -68.69 38.00 59.47
C LYS Q 1075 -69.05 39.48 59.50
N GLY Q 1076 -68.45 40.25 58.60
CA GLY Q 1076 -68.62 41.69 58.60
C GLY Q 1076 -67.73 42.41 59.58
N THR Q 1077 -66.47 41.99 59.71
CA THR Q 1077 -65.48 42.66 60.54
C THR Q 1077 -64.14 42.68 59.80
N LYS Q 1078 -63.30 43.63 60.18
CA LYS Q 1078 -62.00 43.81 59.54
C LYS Q 1078 -60.95 44.16 60.60
N VAL Q 1079 -59.69 43.81 60.31
CA VAL Q 1079 -58.54 44.23 61.09
C VAL Q 1079 -57.42 44.56 60.10
N VAL Q 1080 -57.10 45.83 59.96
CA VAL Q 1080 -56.17 46.36 58.98
C VAL Q 1080 -54.89 46.78 59.71
N PRO Q 1081 -53.79 46.02 59.63
CA PRO Q 1081 -52.56 46.48 60.27
C PRO Q 1081 -51.95 47.68 59.55
N LYS Q 1082 -51.28 48.53 60.31
CA LYS Q 1082 -50.68 49.74 59.77
C LYS Q 1082 -49.39 50.06 60.53
N TYR Q 1083 -48.52 50.87 59.93
CA TYR Q 1083 -47.30 51.29 60.61
C TYR Q 1083 -46.90 52.67 60.12
N SER Q 1084 -46.10 53.34 60.93
CA SER Q 1084 -45.61 54.68 60.62
C SER Q 1084 -44.14 54.76 61.00
N ALA Q 1085 -43.36 55.44 60.16
CA ALA Q 1085 -41.95 55.71 60.40
C ALA Q 1085 -41.69 57.21 60.60
N ASP Q 1086 -42.72 57.98 60.96
CA ASP Q 1086 -42.60 59.43 61.11
C ASP Q 1086 -43.47 59.94 62.26
N ASP Q 1087 -43.66 59.12 63.30
CA ASP Q 1087 -44.42 59.50 64.49
C ASP Q 1087 -45.88 59.78 64.16
N GLY Q 1088 -46.49 58.92 63.33
CA GLY Q 1088 -47.90 59.05 63.01
C GLY Q 1088 -48.30 60.19 62.11
N LYS Q 1089 -47.34 60.88 61.47
CA LYS Q 1089 -47.71 61.87 60.48
C LYS Q 1089 -48.38 61.20 59.27
N THR Q 1090 -47.82 60.07 58.83
CA THR Q 1090 -48.39 59.28 57.75
C THR Q 1090 -48.43 57.81 58.16
N TRP Q 1091 -49.51 57.13 57.78
CA TRP Q 1091 -49.71 55.71 58.07
C TRP Q 1091 -49.67 54.93 56.76
N LYS Q 1092 -48.80 53.92 56.70
CA LYS Q 1092 -48.65 53.07 55.53
C LYS Q 1092 -49.38 51.75 55.72
N THR Q 1093 -49.50 51.01 54.62
CA THR Q 1093 -50.17 49.72 54.60
C THR Q 1093 -49.31 48.70 53.87
N PHE Q 1094 -49.38 47.45 54.34
CA PHE Q 1094 -48.62 46.37 53.73
C PHE Q 1094 -49.27 45.92 52.42
N THR Q 1095 -48.43 45.70 51.43
CA THR Q 1095 -48.85 45.22 50.11
C THR Q 1095 -49.05 43.72 50.08
N LYS Q 1096 -48.23 42.96 50.82
CA LYS Q 1096 -48.39 41.51 50.87
C LYS Q 1096 -49.66 41.12 51.61
N SER Q 1097 -50.19 39.95 51.25
CA SER Q 1097 -51.30 39.31 51.94
C SER Q 1097 -50.77 38.46 53.09
N PRO Q 1098 -51.39 38.43 54.27
CA PRO Q 1098 -50.79 37.68 55.38
C PRO Q 1098 -50.94 36.18 55.16
N THR Q 1099 -49.97 35.43 55.68
CA THR Q 1099 -50.07 33.97 55.74
C THR Q 1099 -50.81 33.57 57.02
N THR Q 1100 -51.77 32.66 56.89
CA THR Q 1100 -52.70 32.36 57.98
C THR Q 1100 -52.37 31.01 58.61
N THR Q 1101 -52.31 30.98 59.95
CA THR Q 1101 -52.19 29.75 60.72
C THR Q 1101 -53.24 29.80 61.82
N ARG Q 1102 -53.99 28.71 62.00
CA ARG Q 1102 -55.04 28.60 63.01
C ARG Q 1102 -54.49 28.40 64.42
N ALA Q 1103 -55.06 29.09 65.40
CA ALA Q 1103 -54.67 29.00 66.80
C ALA Q 1103 -55.63 28.12 67.61
N ASN Q 1104 -56.93 28.42 67.55
CA ASN Q 1104 -57.98 27.64 68.20
C ASN Q 1104 -59.28 27.71 67.39
N ASN Q 1105 -60.43 27.48 68.00
CA ASN Q 1105 -61.70 27.50 67.26
C ASN Q 1105 -62.06 28.91 66.77
N GLU Q 1106 -61.75 29.96 67.52
CA GLU Q 1106 -62.05 31.34 67.14
C GLU Q 1106 -60.88 32.05 66.44
N PHE Q 1107 -59.78 32.27 67.15
CA PHE Q 1107 -58.69 33.12 66.66
C PHE Q 1107 -57.90 32.45 65.54
N THR Q 1108 -57.31 33.29 64.68
CA THR Q 1108 -56.43 32.86 63.62
C THR Q 1108 -55.22 33.79 63.57
N ARG Q 1109 -54.04 33.20 63.40
CA ARG Q 1109 -52.80 33.97 63.41
C ARG Q 1109 -52.50 34.52 62.02
N TYR Q 1110 -52.33 35.84 61.94
CA TYR Q 1110 -51.98 36.52 60.70
C TYR Q 1110 -50.56 37.06 60.85
N VAL Q 1111 -49.72 36.74 59.87
CA VAL Q 1111 -48.30 37.11 59.87
C VAL Q 1111 -47.98 37.75 58.52
N ILE Q 1112 -47.30 38.90 58.56
CA ILE Q 1112 -46.83 39.62 57.39
C ILE Q 1112 -45.34 39.82 57.52
N ASP Q 1113 -44.59 39.50 56.47
CA ASP Q 1113 -43.15 39.72 56.40
C ASP Q 1113 -42.87 40.40 55.07
N GLU Q 1114 -42.60 41.70 55.11
CA GLU Q 1114 -42.44 42.52 53.91
C GLU Q 1114 -41.27 43.46 54.09
N LYS Q 1115 -40.50 43.65 53.01
CA LYS Q 1115 -39.46 44.68 52.99
C LYS Q 1115 -40.13 46.03 52.75
N VAL Q 1116 -40.39 46.77 53.83
CA VAL Q 1116 -41.17 48.00 53.72
C VAL Q 1116 -40.43 49.05 52.92
N LYS Q 1117 -39.10 49.12 53.03
CA LYS Q 1117 -38.30 50.11 52.32
C LYS Q 1117 -37.35 49.38 51.38
N SER Q 1118 -37.36 49.78 50.11
CA SER Q 1118 -36.49 49.12 49.13
C SER Q 1118 -35.02 49.50 49.35
N SER Q 1119 -34.74 50.79 49.59
CA SER Q 1119 -33.39 51.28 49.77
C SER Q 1119 -33.36 52.31 50.90
N GLY Q 1120 -32.30 52.26 51.71
CA GLY Q 1120 -32.25 53.05 52.92
C GLY Q 1120 -32.80 52.30 54.11
N THR Q 1121 -32.87 53.02 55.23
CA THR Q 1121 -33.34 52.45 56.48
C THR Q 1121 -34.15 53.48 57.26
N ASN Q 1122 -35.27 53.04 57.82
CA ASN Q 1122 -36.07 53.87 58.71
C ASN Q 1122 -35.43 53.93 60.10
N THR Q 1123 -35.85 54.93 60.87
CA THR Q 1123 -35.38 55.09 62.24
C THR Q 1123 -36.49 55.27 63.29
N LYS Q 1124 -37.75 55.07 62.91
CA LYS Q 1124 -38.87 55.20 63.83
C LYS Q 1124 -39.87 54.11 63.53
N LEU Q 1125 -40.66 53.77 64.54
CA LEU Q 1125 -41.67 52.73 64.43
C LEU Q 1125 -42.85 53.09 65.33
N GLN Q 1126 -44.07 52.87 64.81
CA GLN Q 1126 -45.28 53.04 65.61
C GLN Q 1126 -46.34 52.10 65.03
N VAL Q 1127 -46.79 51.15 65.85
CA VAL Q 1127 -47.67 50.08 65.39
C VAL Q 1127 -49.12 50.51 65.57
N ARG Q 1128 -49.99 50.15 64.62
CA ARG Q 1128 -51.39 50.48 64.69
C ARG Q 1128 -52.24 49.34 64.16
N LEU Q 1129 -53.40 49.12 64.79
CA LEU Q 1129 -54.41 48.17 64.33
C LEU Q 1129 -55.75 48.89 64.26
N ASP Q 1130 -56.44 48.77 63.12
CA ASP Q 1130 -57.73 49.42 62.90
C ASP Q 1130 -58.84 48.38 62.91
N LEU Q 1131 -59.76 48.51 63.88
CA LEU Q 1131 -60.90 47.61 64.02
C LEU Q 1131 -62.16 48.32 63.58
N SER Q 1132 -63.07 47.56 62.99
CA SER Q 1132 -64.37 48.07 62.56
C SER Q 1132 -65.39 46.94 62.51
N THR Q 1133 -66.66 47.31 62.72
CA THR Q 1133 -67.77 46.37 62.66
C THR Q 1133 -68.87 46.90 61.74
N GLU Q 1134 -69.68 45.96 61.26
CA GLU Q 1134 -70.89 46.22 60.50
C GLU Q 1134 -72.13 46.38 61.39
N ASN Q 1135 -72.21 45.64 62.50
CA ASN Q 1135 -73.32 45.77 63.45
C ASN Q 1135 -72.75 45.75 64.86
N SER Q 1136 -73.64 45.90 65.85
CA SER Q 1136 -73.22 46.00 67.24
C SER Q 1136 -72.88 44.64 67.84
N PHE Q 1137 -73.63 43.59 67.49
CA PHE Q 1137 -73.45 42.32 68.17
C PHE Q 1137 -72.13 41.64 67.81
N LEU Q 1138 -71.76 41.66 66.52
CA LEU Q 1138 -70.56 40.96 66.07
C LEU Q 1138 -69.40 41.95 66.02
N ARG Q 1139 -68.34 41.66 66.78
CA ARG Q 1139 -67.18 42.52 66.92
C ARG Q 1139 -65.91 41.70 66.78
N PRO Q 1140 -64.81 42.28 66.28
CA PRO Q 1140 -63.54 41.56 66.28
C PRO Q 1140 -62.82 41.62 67.62
N ARG Q 1141 -61.83 40.74 67.76
CA ARG Q 1141 -60.97 40.68 68.94
C ARG Q 1141 -59.56 40.32 68.51
N VAL Q 1142 -58.57 40.97 69.15
CA VAL Q 1142 -57.17 40.77 68.83
C VAL Q 1142 -56.39 40.49 70.10
N ARG Q 1143 -55.29 39.73 69.96
CA ARG Q 1143 -54.40 39.37 71.06
C ARG Q 1143 -53.00 38.99 70.58
N ARG Q 1144 -52.05 38.97 71.51
CA ARG Q 1144 -50.67 38.54 71.28
C ARG Q 1144 -50.04 39.25 70.08
N LEU Q 1145 -50.05 40.59 70.07
CA LEU Q 1145 -49.47 41.40 69.01
C LEU Q 1145 -47.95 41.46 69.17
N MET Q 1146 -47.23 40.97 68.16
CA MET Q 1146 -45.77 40.96 68.15
C MET Q 1146 -45.27 41.54 66.84
N VAL Q 1147 -44.43 42.57 66.94
CA VAL Q 1147 -43.84 43.24 65.78
C VAL Q 1147 -42.34 43.27 65.96
N THR Q 1148 -41.61 42.80 64.95
CA THR Q 1148 -40.16 42.81 64.93
C THR Q 1148 -39.66 43.35 63.60
N THR Q 1149 -38.51 44.01 63.65
CA THR Q 1149 -37.90 44.64 62.49
C THR Q 1149 -36.49 44.10 62.29
N ARG Q 1150 -36.03 44.17 61.04
CA ARG Q 1150 -34.73 43.67 60.65
C ARG Q 1150 -34.10 44.63 59.66
N ASP Q 1151 -32.79 44.49 59.47
CA ASP Q 1151 -32.06 45.21 58.43
C ASP Q 1151 -31.49 44.18 57.46
N GLU Q 1152 -32.09 44.08 56.29
CA GLU Q 1152 -31.66 43.15 55.25
C GLU Q 1152 -31.61 43.82 53.89
N ASN R 4 7.38 46.13 8.21
CA ASN R 4 6.96 45.86 6.83
C ASN R 4 7.80 44.74 6.22
N PHE R 5 7.53 43.49 6.61
CA PHE R 5 8.28 42.36 6.08
C PHE R 5 7.65 41.79 4.81
N LYS R 6 6.57 42.38 4.31
CA LYS R 6 6.08 42.09 2.97
C LYS R 6 6.86 42.81 1.88
N GLY R 7 7.80 43.66 2.25
CA GLY R 7 8.55 44.46 1.30
C GLY R 7 9.47 43.61 0.45
N SER R 8 10.18 44.33 -0.43
CA SER R 8 10.97 43.69 -1.49
C SER R 8 12.08 42.79 -0.98
N PRO R 9 12.88 43.16 0.05
CA PRO R 9 14.00 42.28 0.43
C PRO R 9 13.58 40.92 0.93
N TYR R 10 12.46 40.83 1.65
CA TYR R 10 12.06 39.61 2.33
C TYR R 10 10.84 38.95 1.71
N LEU R 11 9.79 39.71 1.42
CA LEU R 11 8.58 39.21 0.75
C LEU R 11 7.86 38.15 1.59
N ASP R 12 7.83 38.35 2.90
CA ASP R 12 7.11 37.43 3.78
C ASP R 12 5.62 37.42 3.44
N ARG R 13 5.10 36.24 3.10
CA ARG R 13 3.72 36.09 2.66
C ARG R 13 2.75 35.84 3.79
N PHE R 14 3.17 36.00 5.04
CA PHE R 14 2.27 35.73 6.15
C PHE R 14 1.17 36.78 6.26
N ASP R 15 -0.04 36.30 6.52
CA ASP R 15 -1.21 37.14 6.77
C ASP R 15 -2.21 36.33 7.59
N PRO R 16 -2.64 36.77 8.78
CA PRO R 16 -3.53 35.93 9.59
C PRO R 16 -4.86 35.59 8.93
N SER R 17 -5.36 36.41 8.00
CA SER R 17 -6.66 36.12 7.42
C SER R 17 -6.66 34.83 6.61
N LYS R 18 -5.51 34.42 6.05
CA LYS R 18 -5.48 33.26 5.18
C LYS R 18 -5.60 31.92 5.91
N ASP R 19 -5.45 31.91 7.23
CA ASP R 19 -5.62 30.70 8.06
C ASP R 19 -4.70 29.57 7.60
N ARG R 20 -3.47 29.92 7.23
CA ARG R 20 -2.46 28.98 6.78
C ARG R 20 -1.43 28.78 7.89
N THR R 21 -1.27 27.54 8.34
CA THR R 21 -0.58 27.27 9.59
C THR R 21 0.77 26.59 9.45
N LYS R 22 1.11 26.07 8.27
CA LYS R 22 2.28 25.24 8.08
C LYS R 22 2.82 25.43 6.67
N VAL R 23 4.14 25.41 6.53
CA VAL R 23 4.81 25.45 5.24
C VAL R 23 5.28 24.05 4.93
N LEU R 24 4.73 23.44 3.88
CA LEU R 24 5.04 22.06 3.51
C LEU R 24 6.05 22.05 2.38
N PHE R 25 7.32 21.88 2.72
CA PHE R 25 8.38 21.88 1.73
C PHE R 25 8.31 20.61 0.89
N ASN R 26 8.74 20.71 -0.36
CA ASN R 26 8.77 19.60 -1.30
C ASN R 26 10.18 19.41 -1.87
N PRO R 27 10.55 18.18 -2.22
CA PRO R 27 11.91 17.92 -2.67
C PRO R 27 12.15 18.42 -4.09
N ASP R 28 13.42 18.73 -4.36
CA ASP R 28 13.86 19.18 -5.69
C ASP R 28 13.08 20.42 -6.14
N ARG R 29 13.08 21.44 -5.28
CA ARG R 29 12.51 22.73 -5.62
C ARG R 29 13.32 23.83 -4.93
N PRO R 30 13.23 25.07 -5.41
CA PRO R 30 13.88 26.17 -4.70
C PRO R 30 13.37 26.33 -3.27
N LEU R 31 14.27 26.73 -2.38
CA LEU R 31 13.94 27.07 -0.99
C LEU R 31 13.85 28.60 -0.89
N GLN R 32 12.63 29.12 -1.03
CA GLN R 32 12.42 30.56 -0.95
C GLN R 32 12.72 31.08 0.46
N GLN R 33 13.43 32.21 0.52
CA GLN R 33 13.64 32.89 1.80
C GLN R 33 12.32 33.39 2.39
N ALA R 34 11.36 33.74 1.53
CA ALA R 34 10.05 34.12 2.01
C ALA R 34 9.38 33.00 2.79
N GLU R 35 9.54 31.75 2.32
CA GLU R 35 8.99 30.61 3.03
C GLU R 35 9.63 30.47 4.40
N LEU R 36 10.96 30.67 4.48
CA LEU R 36 11.63 30.57 5.77
C LEU R 36 11.15 31.65 6.73
N ASN R 37 10.92 32.87 6.23
CA ASN R 37 10.42 33.93 7.08
C ASN R 37 9.01 33.63 7.59
N GLU R 38 8.14 33.16 6.68
CA GLU R 38 6.77 32.81 7.05
C GLU R 38 6.75 31.65 8.04
N MET R 39 7.73 30.74 7.94
CA MET R 39 7.80 29.58 8.82
C MET R 39 7.89 30.02 10.28
N GLN R 40 8.73 31.01 10.56
CA GLN R 40 8.82 31.48 11.95
C GLN R 40 7.73 32.50 12.26
N SER R 41 7.26 33.26 11.26
CA SER R 41 6.22 34.25 11.53
C SER R 41 4.93 33.58 12.02
N ILE R 42 4.59 32.42 11.44
CA ILE R 42 3.37 31.71 11.84
C ILE R 42 3.46 31.32 13.32
N ASP R 43 4.58 30.73 13.71
CA ASP R 43 4.78 30.28 15.08
C ASP R 43 4.77 31.46 16.04
N GLN R 44 5.44 32.56 15.67
CA GLN R 44 5.46 33.74 16.54
C GLN R 44 4.07 34.35 16.68
N TYR R 45 3.29 34.36 15.59
CA TYR R 45 1.93 34.90 15.66
C TYR R 45 1.07 34.06 16.59
N TYR R 46 1.17 32.73 16.49
CA TYR R 46 0.33 31.90 17.34
C TYR R 46 0.78 31.96 18.80
N LEU R 47 2.09 32.08 19.03
CA LEU R 47 2.58 32.32 20.39
C LEU R 47 2.06 33.65 20.93
N LYS R 48 2.00 34.67 20.07
CA LYS R 48 1.42 35.95 20.49
C LYS R 48 -0.04 35.80 20.88
N ASN R 49 -0.79 35.04 20.09
CA ASN R 49 -2.20 34.78 20.40
C ASN R 49 -2.33 34.10 21.76
N LEU R 50 -1.50 33.07 21.98
CA LEU R 50 -1.55 32.32 23.24
C LEU R 50 -1.21 33.22 24.43
N GLY R 51 -0.24 34.12 24.24
CA GLY R 51 0.09 35.04 25.33
C GLY R 51 -1.01 36.04 25.58
N ASP R 52 -1.62 36.57 24.51
CA ASP R 52 -2.69 37.55 24.64
C ASP R 52 -3.95 36.94 25.24
N ALA R 53 -4.13 35.62 25.10
CA ALA R 53 -5.27 34.97 25.72
C ALA R 53 -5.20 34.95 27.24
N ILE R 54 -4.02 35.18 27.83
CA ILE R 54 -3.81 35.11 29.27
C ILE R 54 -3.38 36.45 29.84
N PHE R 55 -2.44 37.10 29.17
CA PHE R 55 -1.79 38.31 29.67
C PHE R 55 -2.27 39.53 28.91
N LYS R 56 -1.97 40.69 29.49
CA LYS R 56 -2.17 41.99 28.85
C LYS R 56 -0.82 42.68 28.78
N ASP R 57 -0.69 43.60 27.82
CA ASP R 57 0.55 44.34 27.66
C ASP R 57 0.88 45.13 28.92
N GLY R 58 2.12 45.01 29.38
CA GLY R 58 2.55 45.66 30.61
C GLY R 58 2.30 44.88 31.87
N ASP R 59 1.89 43.62 31.78
CA ASP R 59 1.66 42.80 32.97
C ASP R 59 3.00 42.36 33.53
N LYS R 60 3.30 42.78 34.75
CA LYS R 60 4.56 42.41 35.40
C LYS R 60 4.46 41.00 35.97
N GLN R 61 5.56 40.26 35.89
CA GLN R 61 5.66 38.89 36.38
C GLN R 61 6.63 38.74 37.54
N SER R 62 7.79 39.38 37.47
CA SER R 62 8.76 39.32 38.55
C SER R 62 9.75 40.47 38.42
N GLY R 63 10.32 40.86 39.56
CA GLY R 63 11.30 41.93 39.58
C GLY R 63 10.66 43.28 39.32
N LEU R 64 11.35 44.12 38.54
CA LEU R 64 10.87 45.42 38.11
C LEU R 64 10.53 46.35 39.28
N GLY R 65 11.23 46.19 40.40
CA GLY R 65 11.12 47.09 41.53
C GLY R 65 11.64 48.47 41.22
N PHE R 66 10.80 49.48 41.36
CA PHE R 66 11.16 50.84 40.97
C PHE R 66 11.87 51.56 42.10
N THR R 67 12.70 52.54 41.71
CA THR R 67 13.37 53.41 42.66
C THR R 67 13.24 54.86 42.19
N LEU R 68 12.90 55.74 43.13
CA LEU R 68 12.64 57.14 42.85
C LEU R 68 13.55 57.99 43.72
N SER R 69 14.29 58.89 43.08
CA SER R 69 15.20 59.76 43.80
C SER R 69 14.48 61.04 44.24
N GLU R 70 15.17 61.82 45.07
CA GLU R 70 14.66 63.11 45.50
C GLU R 70 14.50 64.08 44.34
N ASP R 71 15.31 63.90 43.28
CA ASP R 71 15.19 64.65 42.04
C ASP R 71 14.20 64.02 41.06
N ASN R 72 13.25 63.23 41.56
CA ASN R 72 12.20 62.61 40.74
C ASN R 72 12.76 61.75 39.61
N VAL R 73 13.99 61.28 39.72
CA VAL R 73 14.57 60.38 38.72
C VAL R 73 14.12 58.96 39.03
N LEU R 74 13.45 58.34 38.05
CA LEU R 74 12.86 57.02 38.22
C LEU R 74 13.68 55.97 37.47
N THR R 75 14.13 54.95 38.19
CA THR R 75 14.83 53.80 37.64
C THR R 75 14.06 52.52 37.96
N VAL R 76 14.09 51.56 37.02
CA VAL R 76 13.41 50.28 37.16
C VAL R 76 14.45 49.15 37.17
N ASN R 77 14.30 48.25 38.13
CA ASN R 77 15.18 47.09 38.26
C ASN R 77 14.88 46.07 37.15
N PRO R 78 15.74 45.08 36.98
CA PRO R 78 15.48 44.05 35.95
C PRO R 78 14.31 43.15 36.35
N GLY R 79 13.71 42.54 35.34
CA GLY R 79 12.60 41.64 35.57
C GLY R 79 11.96 41.22 34.28
N TYR R 80 10.90 40.41 34.42
CA TYR R 80 10.12 39.92 33.30
C TYR R 80 8.80 40.67 33.17
N VAL R 81 8.32 40.79 31.93
CA VAL R 81 7.10 41.52 31.64
C VAL R 81 6.57 41.11 30.26
N TYR R 82 5.24 41.10 30.10
CA TYR R 82 4.62 40.79 28.83
C TYR R 82 4.31 42.11 28.13
N ILE R 83 4.84 42.30 26.91
CA ILE R 83 4.72 43.60 26.24
C ILE R 83 4.04 43.44 24.88
N ASN R 84 4.60 42.61 24.01
CA ASN R 84 4.07 42.41 22.66
C ASN R 84 4.27 40.96 22.25
N GLY R 85 3.25 40.15 22.50
CA GLY R 85 3.22 38.76 22.06
C GLY R 85 4.27 37.85 22.66
N LYS R 86 5.05 38.32 23.63
CA LYS R 86 6.14 37.56 24.19
C LYS R 86 6.35 38.05 25.62
N ILE R 87 6.99 37.21 26.43
CA ILE R 87 7.46 37.61 27.75
C ILE R 87 8.94 37.89 27.63
N ARG R 88 9.33 39.14 27.83
CA ARG R 88 10.68 39.61 27.57
C ARG R 88 11.38 39.98 28.88
N TYR R 89 12.68 39.67 28.96
CA TYR R 89 13.46 40.00 30.14
C TYR R 89 14.05 41.39 29.97
N TYR R 90 13.69 42.30 30.88
CA TYR R 90 14.10 43.70 30.79
C TYR R 90 15.35 43.90 31.63
N ASP R 91 16.42 44.38 30.99
CA ASP R 91 17.66 44.73 31.69
C ASP R 91 18.30 45.96 31.04
N ASN R 92 17.49 46.86 30.50
CA ASN R 92 18.01 48.00 29.77
C ASN R 92 18.73 49.00 30.66
N ASP R 93 18.41 49.04 31.96
CA ASP R 93 18.95 50.01 32.91
C ASP R 93 18.63 51.44 32.47
N ASP R 94 17.39 51.65 32.04
CA ASP R 94 16.91 52.94 31.58
C ASP R 94 16.39 53.74 32.76
N SER R 95 16.35 55.07 32.60
CA SER R 95 15.85 55.96 33.63
C SER R 95 15.15 57.14 32.98
N VAL R 96 14.11 57.64 33.66
CA VAL R 96 13.36 58.80 33.22
C VAL R 96 13.00 59.61 34.46
N LYS R 97 12.88 60.92 34.27
CA LYS R 97 12.57 61.85 35.36
C LYS R 97 11.11 62.28 35.24
N ILE R 98 10.34 62.09 36.30
CA ILE R 98 8.91 62.39 36.30
C ILE R 98 8.71 63.83 36.75
N THR R 99 7.62 64.44 36.25
CA THR R 99 7.32 65.82 36.61
C THR R 99 6.93 65.96 38.07
N GLY R 100 6.35 64.92 38.66
CA GLY R 100 5.95 64.96 40.04
C GLY R 100 4.61 65.62 40.29
N VAL R 101 3.85 65.93 39.24
CA VAL R 101 2.56 66.58 39.34
C VAL R 101 1.57 65.87 38.43
N GLY R 102 0.38 65.61 38.94
CA GLY R 102 -0.66 64.96 38.16
C GLY R 102 -0.37 63.49 37.92
N LYS R 103 -1.24 62.88 37.12
CA LYS R 103 -1.14 61.46 36.83
C LYS R 103 0.04 61.21 35.89
N GLU R 104 0.88 60.24 36.23
CA GLU R 104 2.01 59.86 35.40
C GLU R 104 2.06 58.33 35.31
N THR R 105 2.18 57.83 34.09
CA THR R 105 2.07 56.40 33.80
C THR R 105 3.36 55.90 33.18
N ILE R 106 4.24 55.33 34.01
CA ILE R 106 5.49 54.78 33.47
C ILE R 106 5.15 53.61 32.55
N GLY R 107 5.81 53.55 31.40
CA GLY R 107 5.59 52.46 30.47
C GLY R 107 6.84 52.10 29.70
N ILE R 108 6.81 50.92 29.09
CA ILE R 108 7.93 50.41 28.30
C ILE R 108 7.56 50.44 26.83
N LYS R 109 8.45 51.02 26.02
CA LYS R 109 8.26 51.09 24.57
C LYS R 109 9.20 50.13 23.89
N LEU R 110 8.68 49.41 22.89
CA LEU R 110 9.45 48.43 22.14
C LEU R 110 9.75 48.99 20.75
N THR R 111 11.03 49.09 20.42
CA THR R 111 11.49 49.69 19.17
C THR R 111 12.15 48.61 18.32
N GLU R 112 11.64 48.43 17.10
CA GLU R 112 12.20 47.46 16.16
C GLU R 112 13.33 48.10 15.38
N ARG R 113 14.36 47.30 15.08
CA ARG R 113 15.50 47.77 14.33
C ARG R 113 16.13 46.60 13.59
N ILE R 114 16.64 46.87 12.39
CA ILE R 114 17.24 45.84 11.55
C ILE R 114 18.75 45.88 11.76
N VAL R 115 19.32 44.73 12.12
CA VAL R 115 20.76 44.57 12.30
C VAL R 115 21.28 43.74 11.14
N THR R 116 22.32 44.24 10.47
CA THR R 116 22.87 43.62 9.27
C THR R 116 24.31 43.20 9.53
N PRO R 117 24.93 42.40 8.65
CA PRO R 117 26.34 42.06 8.85
C PRO R 117 27.27 43.26 8.79
N ASP R 118 26.86 44.32 8.09
CA ASP R 118 27.71 45.51 8.00
C ASP R 118 27.91 46.14 9.38
N GLU R 119 26.85 46.17 10.19
CA GLU R 119 26.94 46.70 11.54
C GLU R 119 27.63 45.72 12.48
N ASP R 120 27.06 44.54 12.63
CA ASP R 120 27.55 43.50 13.53
C ASP R 120 28.32 42.50 12.67
N ALA R 121 29.65 42.48 12.83
CA ALA R 121 30.47 41.63 11.97
C ALA R 121 30.30 40.14 12.28
N SER R 122 29.88 39.80 13.50
CA SER R 122 29.79 38.41 13.95
C SER R 122 28.68 37.66 13.20
N LEU R 123 27.77 38.38 12.55
CA LEU R 123 26.73 37.73 11.75
C LEU R 123 27.25 37.14 10.46
N LEU R 124 28.51 37.42 10.10
CA LEU R 124 29.12 36.79 8.94
C LEU R 124 29.34 35.31 9.22
N ASP R 125 29.72 34.61 8.16
CA ASP R 125 29.93 33.18 8.22
C ASP R 125 31.04 32.84 9.20
N GLN R 126 30.72 32.01 10.18
CA GLN R 126 31.69 31.64 11.21
C GLN R 126 32.71 30.61 10.72
N THR R 127 32.33 29.76 9.78
CA THR R 127 33.26 28.74 9.29
C THR R 127 34.48 29.37 8.61
N SER R 128 34.25 30.40 7.80
CA SER R 128 35.35 31.11 7.15
C SER R 128 36.02 32.09 8.11
N GLY R 129 35.23 32.91 8.79
CA GLY R 129 35.73 33.85 9.77
C GLY R 129 36.43 35.07 9.22
N VAL R 130 36.27 35.35 7.92
CA VAL R 130 36.84 36.56 7.29
C VAL R 130 35.82 37.12 6.31
N PRO R 131 35.85 38.44 6.06
CA PRO R 131 34.95 39.00 5.04
C PRO R 131 35.22 38.42 3.66
N SER R 132 34.16 38.19 2.90
CA SER R 132 34.29 37.55 1.60
C SER R 132 33.00 37.76 0.82
N TYR R 133 32.99 37.28 -0.43
CA TYR R 133 31.78 37.33 -1.24
C TYR R 133 30.68 36.42 -0.69
N PHE R 134 31.06 35.31 -0.07
CA PHE R 134 30.12 34.33 0.47
C PHE R 134 29.88 34.50 1.97
N SER R 135 30.43 35.55 2.60
CA SER R 135 30.34 35.66 4.05
C SER R 135 28.98 36.17 4.50
N LYS R 136 28.42 37.15 3.79
CA LYS R 136 27.16 37.76 4.19
C LYS R 136 26.01 36.78 4.06
N GLY R 137 25.02 36.92 4.96
CA GLY R 137 23.88 36.03 4.95
C GLY R 137 22.66 36.73 5.51
N ALA R 138 21.92 36.11 6.43
CA ALA R 138 20.66 36.67 6.87
C ALA R 138 20.86 37.82 7.84
N ASP R 139 19.86 38.70 7.93
CA ASP R 139 19.87 39.81 8.87
C ASP R 139 19.18 39.36 10.17
N ARG R 140 19.14 40.26 11.14
CA ARG R 140 18.53 40.01 12.44
C ARG R 140 17.59 41.15 12.78
N LEU R 141 16.46 40.84 13.40
CA LEU R 141 15.53 41.84 13.91
C LEU R 141 15.80 42.05 15.40
N GLU R 142 16.25 43.24 15.76
CA GLU R 142 16.55 43.57 17.15
C GLU R 142 15.40 44.40 17.73
N GLU R 143 14.95 44.04 18.92
CA GLU R 143 13.83 44.69 19.61
C GLU R 143 14.28 45.09 21.02
N LYS R 144 14.90 46.26 21.12
CA LYS R 144 15.28 46.84 22.40
C LYS R 144 14.10 47.57 23.06
N MET R 145 14.09 47.50 24.39
CA MET R 145 13.06 48.10 25.24
C MET R 145 13.58 49.38 25.88
N SER R 146 12.73 50.40 25.93
CA SER R 146 13.07 51.70 26.50
C SER R 146 11.93 52.18 27.38
N LEU R 147 12.28 52.99 28.39
CA LEU R 147 11.33 53.47 29.38
C LEU R 147 10.82 54.86 29.01
N THR R 148 9.53 55.07 29.19
CA THR R 148 8.83 56.30 28.86
C THR R 148 8.19 56.90 30.10
N VAL R 149 7.56 58.05 29.92
CA VAL R 149 6.94 58.82 31.00
C VAL R 149 5.42 58.85 30.85
N ASN R 150 4.93 59.36 29.72
CA ASN R 150 3.50 59.49 29.46
C ASN R 150 3.12 59.12 28.03
N ASP R 151 3.89 58.27 27.36
CA ASP R 151 3.53 57.89 26.01
C ASP R 151 2.33 56.94 26.04
N PRO R 152 1.20 57.25 25.40
CA PRO R 152 0.05 56.33 25.49
C PRO R 152 0.25 55.03 24.74
N THR R 153 1.09 55.03 23.70
CA THR R 153 1.32 53.84 22.89
C THR R 153 2.12 52.78 23.64
N SER R 154 2.90 53.18 24.65
CA SER R 154 3.72 52.24 25.38
C SER R 154 2.89 51.45 26.38
N ALA R 155 3.39 50.27 26.73
CA ALA R 155 2.72 49.41 27.70
C ALA R 155 2.98 49.94 29.10
N THR R 156 1.93 50.38 29.79
CA THR R 156 2.07 50.92 31.13
C THR R 156 2.44 49.82 32.13
N ILE R 157 3.38 50.12 33.02
CA ILE R 157 3.81 49.20 34.07
C ILE R 157 3.56 49.77 35.46
N TYR R 158 3.59 51.10 35.59
CA TYR R 158 3.34 51.77 36.86
C TYR R 158 2.57 53.06 36.62
N THR R 159 1.87 53.50 37.66
CA THR R 159 1.11 54.74 37.64
C THR R 159 1.38 55.50 38.93
N PHE R 160 1.56 56.83 38.81
CA PHE R 160 1.91 57.69 39.92
C PHE R 160 1.00 58.91 39.97
N MET R 161 0.73 59.36 41.19
CA MET R 161 -0.10 60.54 41.44
C MET R 161 0.66 61.46 42.39
N ASP R 162 1.13 62.59 41.86
CA ASP R 162 1.93 63.55 42.63
C ASP R 162 3.18 62.90 43.20
N GLY R 163 3.81 62.04 42.40
CA GLY R 163 5.02 61.35 42.83
C GLY R 163 4.81 60.22 43.80
N ASP R 164 3.58 59.75 43.98
CA ASP R 164 3.26 58.67 44.89
C ASP R 164 2.69 57.51 44.10
N LEU R 165 3.08 56.30 44.47
CA LEU R 165 2.59 55.10 43.80
C LEU R 165 1.08 54.98 43.97
N TYR R 166 0.41 54.58 42.90
CA TYR R 166 -1.05 54.55 42.84
C TYR R 166 -1.60 53.18 43.22
N ILE R 167 -1.16 52.12 42.54
CA ILE R 167 -1.63 50.77 42.81
C ILE R 167 -0.44 49.82 42.83
N GLN R 168 -0.44 48.87 43.77
CA GLN R 168 0.60 47.86 43.90
C GLN R 168 0.15 46.52 43.36
N SER R 169 1.13 45.63 43.15
CA SER R 169 0.82 44.25 42.76
C SER R 169 1.94 43.37 43.29
N THR R 170 1.67 42.64 44.39
CA THR R 170 2.74 41.89 45.05
C THR R 170 3.28 40.75 44.20
N ASN R 171 2.46 40.19 43.32
CA ASN R 171 2.82 38.99 42.58
C ASN R 171 2.42 39.18 41.12
N ALA R 172 2.48 38.09 40.35
CA ALA R 172 2.29 38.18 38.90
C ALA R 172 0.91 38.72 38.54
N GLU R 173 0.89 39.56 37.50
CA GLU R 173 -0.33 40.17 37.00
C GLU R 173 -0.83 39.39 35.78
N MET R 174 -2.11 39.04 35.79
CA MET R 174 -2.75 38.31 34.69
C MET R 174 -4.14 38.89 34.51
N ASP R 175 -4.31 39.67 33.44
CA ASP R 175 -5.56 40.41 33.24
C ASP R 175 -6.73 39.46 33.00
N LYS R 176 -6.57 38.51 32.09
CA LYS R 176 -7.69 37.61 31.78
C LYS R 176 -8.02 36.71 32.97
N ILE R 177 -7.00 36.20 33.65
CA ILE R 177 -7.24 35.40 34.85
C ILE R 177 -7.99 36.23 35.88
N ASN R 178 -7.47 37.43 36.19
CA ASN R 178 -8.11 38.28 37.19
C ASN R 178 -9.55 38.62 36.83
N LYS R 179 -9.84 38.80 35.53
CA LYS R 179 -11.21 39.02 35.12
C LYS R 179 -12.09 37.82 35.45
N VAL R 180 -11.57 36.60 35.22
CA VAL R 180 -12.33 35.41 35.60
C VAL R 180 -12.55 35.38 37.11
N LEU R 181 -11.49 35.62 37.88
CA LEU R 181 -11.57 35.51 39.33
C LEU R 181 -12.49 36.57 39.93
N ALA R 182 -12.62 37.72 39.27
CA ALA R 182 -13.42 38.80 39.83
C ALA R 182 -14.89 38.47 39.82
N GLU R 183 -15.34 37.77 38.78
CA GLU R 183 -16.74 37.34 38.71
C GLU R 183 -17.07 36.40 39.87
N ARG R 184 -16.22 35.41 40.11
CA ARG R 184 -16.43 34.49 41.22
C ARG R 184 -16.41 35.24 42.55
N THR R 185 -15.44 36.13 42.74
CA THR R 185 -15.33 36.85 44.01
C THR R 185 -16.57 37.70 44.26
N TYR R 186 -16.99 38.47 43.27
CA TYR R 186 -18.14 39.33 43.40
C TYR R 186 -19.42 38.51 43.60
N ASP R 187 -19.57 37.40 42.90
CA ASP R 187 -20.74 36.55 43.12
C ASP R 187 -20.75 35.96 44.53
N GLU R 188 -19.63 35.46 45.04
CA GLU R 188 -19.56 34.84 46.36
C GLU R 188 -19.70 35.84 47.51
N SER R 189 -18.99 36.96 47.45
CA SER R 189 -18.82 37.83 48.61
C SER R 189 -19.19 39.28 48.35
N GLY R 190 -19.38 39.68 47.11
CA GLY R 190 -19.54 41.09 46.75
C GLY R 190 -18.29 41.91 47.05
N SER R 191 -18.44 43.22 47.07
CA SER R 191 -17.39 44.19 47.37
C SER R 191 -17.24 44.37 48.87
N TYR R 192 -15.99 44.43 49.33
CA TYR R 192 -15.70 44.53 50.76
C TYR R 192 -14.32 45.12 50.93
N LYS R 193 -14.08 45.65 52.12
CA LYS R 193 -12.78 46.18 52.51
C LYS R 193 -12.02 45.15 53.33
N VAL R 194 -10.71 45.12 53.14
CA VAL R 194 -9.81 44.25 53.91
C VAL R 194 -9.21 44.99 55.10
N ASN R 195 -8.61 46.14 54.84
CA ASN R 195 -8.04 46.94 55.92
C ASN R 195 -7.79 48.36 55.43
N GLY R 196 -7.63 49.27 56.39
CA GLY R 196 -7.20 50.63 56.10
C GLY R 196 -8.35 51.51 55.64
N PHE R 197 -8.01 52.53 54.86
CA PHE R 197 -8.97 53.49 54.32
C PHE R 197 -9.72 54.23 55.44
N GLU R 198 -8.97 54.74 56.41
CA GLU R 198 -9.53 55.59 57.44
C GLU R 198 -9.51 57.04 56.98
N LEU R 199 -10.52 57.81 57.39
CA LEU R 199 -10.64 59.21 57.01
C LEU R 199 -10.14 60.10 58.14
N PHE R 200 -9.31 61.08 57.80
CA PHE R 200 -8.79 62.04 58.74
C PHE R 200 -8.91 63.44 58.12
N SER R 201 -9.30 64.41 58.93
CA SER R 201 -9.36 65.80 58.48
C SER R 201 -8.08 66.53 58.87
N GLU R 202 -7.51 67.30 57.92
CA GLU R 202 -6.28 68.04 58.17
C GLU R 202 -6.44 69.55 58.03
N GLY R 203 -7.31 70.01 57.13
CA GLY R 203 -7.48 71.44 56.92
C GLY R 203 -6.29 72.13 56.29
N ASN R 204 -5.59 71.46 55.38
CA ASN R 204 -4.48 72.08 54.69
C ASN R 204 -4.95 73.25 53.84
N ALA R 205 -4.22 74.35 53.90
CA ALA R 205 -4.63 75.58 53.23
C ALA R 205 -4.16 75.63 51.78
N GLU R 206 -4.59 74.64 50.97
CA GLU R 206 -4.36 74.72 49.54
C GLU R 206 -5.31 75.72 48.88
N ASP R 207 -6.52 75.86 49.43
CA ASP R 207 -7.49 76.84 48.95
C ASP R 207 -8.50 77.13 50.04
N ASP R 208 -8.82 78.43 50.19
CA ASP R 208 -9.74 78.85 51.24
C ASP R 208 -11.15 78.30 51.04
N ASP R 209 -11.50 77.87 49.83
CA ASP R 209 -12.82 77.37 49.51
C ASP R 209 -12.90 75.84 49.55
N HIS R 210 -11.89 75.16 50.11
CA HIS R 210 -11.87 73.71 50.17
C HIS R 210 -11.32 73.26 51.51
N VAL R 211 -11.74 72.08 51.93
CA VAL R 211 -11.29 71.44 53.17
C VAL R 211 -10.60 70.13 52.82
N SER R 212 -9.33 70.01 53.21
CA SER R 212 -8.56 68.84 52.85
C SER R 212 -8.94 67.64 53.72
N VAL R 213 -8.97 66.46 53.11
CA VAL R 213 -9.25 65.21 53.80
C VAL R 213 -8.24 64.18 53.34
N VAL R 214 -7.75 63.36 54.27
CA VAL R 214 -6.75 62.34 54.02
C VAL R 214 -7.41 60.98 54.17
N VAL R 215 -7.20 60.11 53.19
CA VAL R 215 -7.68 58.73 53.22
C VAL R 215 -6.48 57.81 53.41
N ASP R 216 -6.49 57.03 54.49
CA ASP R 216 -5.30 56.28 54.83
C ASP R 216 -5.13 55.10 53.88
N ALA R 217 -3.91 54.59 53.80
CA ALA R 217 -3.61 53.46 52.93
C ALA R 217 -4.37 52.22 53.38
N GLY R 218 -4.74 51.38 52.42
CA GLY R 218 -5.49 50.19 52.74
C GLY R 218 -5.57 49.27 51.55
N LYS R 219 -6.39 48.23 51.71
CA LYS R 219 -6.59 47.23 50.66
C LYS R 219 -8.06 46.85 50.63
N ALA R 220 -8.59 46.63 49.43
CA ALA R 220 -9.99 46.29 49.28
C ALA R 220 -10.19 45.55 47.97
N TYR R 221 -11.32 44.84 47.88
CA TYR R 221 -11.72 44.13 46.68
C TYR R 221 -13.03 44.74 46.18
N VAL R 222 -12.96 45.46 45.06
CA VAL R 222 -14.12 46.14 44.50
C VAL R 222 -14.46 45.46 43.18
N LYS R 223 -15.71 45.00 43.06
CA LYS R 223 -16.21 44.28 41.89
C LYS R 223 -15.40 43.01 41.61
N GLY R 224 -14.74 42.46 42.63
CA GLY R 224 -13.89 41.30 42.48
C GLY R 224 -12.46 41.59 42.13
N PHE R 225 -12.09 42.86 41.91
CA PHE R 225 -10.74 43.25 41.57
C PHE R 225 -10.06 43.83 42.81
N LYS R 226 -8.85 43.36 43.10
CA LYS R 226 -8.11 43.85 44.25
C LYS R 226 -7.69 45.30 44.02
N VAL R 227 -7.73 46.10 45.08
CA VAL R 227 -7.35 47.51 45.04
C VAL R 227 -6.44 47.74 46.24
N ASP R 228 -5.13 47.64 46.03
CA ASP R 228 -4.14 47.82 47.07
C ASP R 228 -3.46 49.17 46.87
N LYS R 229 -3.61 50.06 47.86
CA LYS R 229 -2.98 51.38 47.85
C LYS R 229 -1.88 51.41 48.91
N PRO R 230 -0.60 51.63 48.58
CA PRO R 230 0.43 51.56 49.63
C PRO R 230 0.49 52.79 50.53
N VAL R 231 0.04 53.94 50.02
CA VAL R 231 0.17 55.22 50.72
C VAL R 231 -1.16 55.98 50.66
N SER R 232 -1.31 56.88 51.61
CA SER R 232 -2.56 57.63 51.76
C SER R 232 -2.80 58.53 50.55
N THR R 233 -4.07 58.81 50.29
CA THR R 233 -4.51 59.67 49.19
C THR R 233 -5.20 60.90 49.77
N ARG R 234 -4.82 62.07 49.27
CA ARG R 234 -5.37 63.34 49.72
C ARG R 234 -6.50 63.77 48.80
N ILE R 235 -7.65 64.16 49.39
CA ILE R 235 -8.80 64.66 48.65
C ILE R 235 -9.33 65.90 49.37
N SER R 236 -10.02 66.74 48.60
CA SER R 236 -10.52 68.02 49.08
C SER R 236 -11.99 68.17 48.74
N VAL R 237 -12.77 68.70 49.70
CA VAL R 237 -14.21 68.85 49.53
C VAL R 237 -14.50 70.35 49.44
N PRO R 238 -15.40 70.82 48.57
CA PRO R 238 -15.72 72.25 48.58
C PRO R 238 -16.50 72.62 49.83
N LYS R 239 -16.28 73.84 50.30
CA LYS R 239 -17.03 74.34 51.44
C LYS R 239 -18.50 74.56 51.05
N SER R 240 -19.37 74.52 52.05
CA SER R 240 -20.79 74.73 51.86
C SER R 240 -21.13 76.20 52.04
N TYR R 241 -21.66 76.82 50.98
CA TYR R 241 -22.08 78.22 50.99
C TYR R 241 -23.53 78.40 50.57
N ASP R 242 -24.27 77.32 50.32
CA ASP R 242 -25.67 77.44 49.97
C ASP R 242 -26.48 77.94 51.15
N LEU R 243 -27.44 78.82 50.87
CA LEU R 243 -28.14 79.60 51.89
C LEU R 243 -29.58 79.13 52.04
N GLY R 244 -30.08 79.14 53.27
CA GLY R 244 -31.49 78.93 53.55
C GLY R 244 -32.12 80.24 53.98
N THR R 245 -33.34 80.47 53.49
CA THR R 245 -34.06 81.73 53.73
C THR R 245 -35.11 81.51 54.81
N ALA R 246 -35.05 82.31 55.87
CA ALA R 246 -36.09 82.35 56.90
C ALA R 246 -36.84 83.67 56.76
N GLU R 247 -38.17 83.58 56.68
CA GLU R 247 -39.03 84.75 56.48
C GLU R 247 -40.18 84.72 57.48
N ASN R 248 -40.60 85.92 57.88
CA ASN R 248 -41.72 86.10 58.83
C ASN R 248 -41.44 85.41 60.15
N GLU R 249 -40.18 85.36 60.58
CA GLU R 249 -39.86 84.81 61.88
C GLU R 249 -40.39 85.76 62.96
N SER R 250 -41.36 85.28 63.72
CA SER R 250 -42.15 86.13 64.61
C SER R 250 -41.69 85.99 66.05
N THR R 251 -41.73 87.10 66.78
CA THR R 251 -41.39 87.15 68.19
C THR R 251 -42.10 88.35 68.79
N ILE R 252 -42.76 88.16 69.92
CA ILE R 252 -43.44 89.26 70.59
C ILE R 252 -42.40 90.12 71.30
N PHE R 253 -42.42 91.42 71.00
CA PHE R 253 -41.51 92.35 71.65
C PHE R 253 -42.03 92.69 73.04
N ASN R 254 -41.13 92.73 74.01
CA ASN R 254 -41.43 93.10 75.39
C ASN R 254 -40.64 94.35 75.74
N LYS R 255 -41.31 95.30 76.41
CA LYS R 255 -40.62 96.52 76.81
C LYS R 255 -39.55 96.23 77.85
N SER R 256 -39.78 95.23 78.69
CA SER R 256 -38.80 94.88 79.72
C SER R 256 -37.50 94.36 79.11
N ASN R 257 -37.59 93.53 78.07
CA ASN R 257 -36.43 92.89 77.44
C ASN R 257 -36.42 93.25 75.97
N ASN R 258 -35.44 94.07 75.54
CA ASN R 258 -35.46 94.52 74.15
C ASN R 258 -34.92 93.46 73.20
N SER R 259 -34.03 92.61 73.68
CA SER R 259 -33.36 91.65 72.80
C SER R 259 -34.30 90.56 72.32
N ILE R 260 -34.18 90.18 71.05
CA ILE R 260 -34.91 89.04 70.50
C ILE R 260 -33.93 88.17 69.73
N SER R 261 -34.06 86.85 69.89
CA SER R 261 -33.15 85.88 69.32
C SER R 261 -33.62 85.42 67.94
N LEU R 262 -32.65 84.97 67.15
CA LEU R 262 -32.88 84.37 65.84
C LEU R 262 -32.71 82.86 65.95
N ALA R 263 -33.65 82.11 65.37
CA ALA R 263 -33.62 80.67 65.53
C ALA R 263 -32.37 80.06 64.90
N ASN R 264 -32.18 80.28 63.60
CA ASN R 264 -31.06 79.69 62.89
C ASN R 264 -29.75 80.34 63.28
N SER R 265 -28.75 79.52 63.61
CA SER R 265 -27.52 80.03 64.20
C SER R 265 -26.63 80.72 63.17
N PRO R 266 -26.13 80.04 62.12
CA PRO R 266 -25.18 80.71 61.22
C PRO R 266 -25.86 81.77 60.36
N VAL R 267 -26.15 82.92 60.95
CA VAL R 267 -26.82 84.00 60.21
C VAL R 267 -25.80 84.74 59.36
N LYS R 268 -26.18 84.97 58.10
CA LYS R 268 -25.34 85.74 57.19
C LYS R 268 -25.71 87.22 57.23
N GLU R 269 -26.96 87.53 56.87
CA GLU R 269 -27.42 88.91 56.83
C GLU R 269 -28.91 88.95 57.13
N ILE R 270 -29.35 90.08 57.69
CA ILE R 270 -30.75 90.31 58.00
C ILE R 270 -31.36 91.14 56.87
N ARG R 271 -32.31 90.56 56.15
CA ARG R 271 -32.87 91.22 54.98
C ARG R 271 -33.76 92.39 55.38
N ARG R 272 -34.57 92.21 56.42
CA ARG R 272 -35.53 93.22 56.82
C ARG R 272 -35.98 92.98 58.25
N VAL R 273 -36.17 94.07 59.00
CA VAL R 273 -36.76 94.02 60.34
C VAL R 273 -37.87 95.05 60.38
N THR R 274 -39.10 94.60 60.65
CA THR R 274 -40.27 95.46 60.62
C THR R 274 -41.05 95.31 61.91
N GLY R 275 -41.56 96.43 62.42
CA GLY R 275 -42.33 96.43 63.66
C GLY R 275 -43.21 97.66 63.72
N GLN R 276 -44.33 97.50 64.43
CA GLN R 276 -45.29 98.60 64.58
C GLN R 276 -44.68 99.72 65.41
N VAL R 277 -44.80 100.95 64.93
CA VAL R 277 -44.23 102.13 65.58
C VAL R 277 -45.28 103.23 65.65
N LEU R 278 -45.30 103.95 66.76
CA LEU R 278 -46.24 105.03 67.02
C LEU R 278 -45.51 106.36 66.82
N ILE R 279 -46.06 107.21 65.95
CA ILE R 279 -45.58 108.58 65.78
C ILE R 279 -46.53 109.49 66.55
N GLU R 280 -45.95 110.41 67.33
CA GLU R 280 -46.70 111.35 68.15
C GLU R 280 -46.41 112.78 67.68
N LYS R 281 -47.47 113.52 67.38
CA LYS R 281 -47.39 114.94 67.08
C LYS R 281 -46.61 115.20 65.79
N GLU R 282 -47.12 114.65 64.70
CA GLU R 282 -46.55 114.86 63.37
C GLU R 282 -47.26 116.05 62.72
N ARG R 283 -46.47 117.08 62.38
CA ARG R 283 -47.04 118.28 61.78
C ARG R 283 -47.45 118.00 60.34
N VAL R 284 -48.66 118.42 59.98
CA VAL R 284 -49.23 118.18 58.66
C VAL R 284 -49.90 119.47 58.20
N THR R 285 -49.69 119.82 56.94
CA THR R 285 -50.24 121.02 56.34
C THR R 285 -51.53 120.69 55.61
N ARG R 286 -52.58 121.45 55.88
CA ARG R 286 -53.86 121.25 55.20
C ARG R 286 -53.74 121.64 53.74
N GLY R 287 -54.25 120.78 52.86
CA GLY R 287 -54.25 121.09 51.45
C GLY R 287 -55.24 122.16 51.07
N ALA R 288 -54.99 122.76 49.91
CA ALA R 288 -55.86 123.82 49.41
C ALA R 288 -57.26 123.31 49.12
N GLN R 289 -57.37 122.14 48.51
CA GLN R 289 -58.67 121.60 48.13
C GLN R 289 -59.47 121.26 49.38
N GLY R 290 -60.74 121.67 49.40
CA GLY R 290 -61.61 121.30 50.49
C GLY R 290 -62.10 119.87 50.37
N ASP R 291 -62.22 119.21 51.51
CA ASP R 291 -62.61 117.79 51.59
C ASP R 291 -61.64 116.93 50.80
N GLY R 292 -60.36 117.28 50.81
CA GLY R 292 -59.34 116.58 50.06
C GLY R 292 -58.63 115.53 50.87
N GLN R 293 -57.39 115.24 50.46
CA GLN R 293 -56.55 114.24 51.10
C GLN R 293 -55.16 114.80 51.34
N ASP R 294 -54.65 114.67 52.56
CA ASP R 294 -53.31 115.13 52.92
C ASP R 294 -52.44 113.91 53.21
N PHE R 295 -51.31 113.82 52.52
CA PHE R 295 -50.45 112.66 52.61
C PHE R 295 -49.63 112.67 53.89
N LEU R 296 -49.55 111.51 54.54
CA LEU R 296 -48.70 111.38 55.72
C LEU R 296 -47.25 111.16 55.30
N SER R 297 -46.33 111.41 56.25
CA SER R 297 -44.92 111.14 55.98
C SER R 297 -44.65 109.67 55.67
N ASN R 298 -45.31 108.74 56.36
CA ASN R 298 -45.16 107.31 56.08
C ASN R 298 -46.42 106.78 55.38
N ASN R 299 -46.21 105.88 54.41
CA ASN R 299 -47.30 105.32 53.61
C ASN R 299 -47.78 103.96 54.10
N THR R 300 -47.27 103.47 55.25
CA THR R 300 -47.65 102.19 55.80
C THR R 300 -48.54 102.32 57.04
N ALA R 301 -49.21 103.46 57.21
CA ALA R 301 -50.06 103.66 58.37
C ALA R 301 -51.31 102.81 58.31
N PHE R 302 -51.81 102.45 59.50
CA PHE R 302 -53.02 101.62 59.61
C PHE R 302 -53.98 102.08 60.69
N GLU R 303 -53.62 103.05 61.54
CA GLU R 303 -54.53 103.52 62.57
C GLU R 303 -54.18 104.95 62.92
N ILE R 304 -55.21 105.79 63.10
CA ILE R 304 -55.04 107.18 63.51
C ILE R 304 -55.47 107.30 64.96
N VAL R 305 -54.58 107.85 65.79
CA VAL R 305 -54.77 107.93 67.23
C VAL R 305 -55.42 109.25 67.62
N LYS R 306 -54.89 110.36 67.12
CA LYS R 306 -55.33 111.69 67.54
C LYS R 306 -54.99 112.70 66.46
N VAL R 307 -55.96 113.56 66.15
CA VAL R 307 -55.79 114.69 65.24
C VAL R 307 -56.28 115.93 65.97
N TRP R 308 -55.41 116.93 66.08
CA TRP R 308 -55.72 118.11 66.89
C TRP R 308 -54.81 119.25 66.48
N THR R 309 -55.17 120.46 66.94
CA THR R 309 -54.40 121.67 66.68
C THR R 309 -54.01 122.32 67.99
N GLU R 310 -52.91 123.08 67.96
CA GLU R 310 -52.40 123.78 69.14
C GLU R 310 -51.90 125.17 68.74
N THR R 311 -52.30 126.17 69.54
CA THR R 311 -51.71 127.49 69.40
C THR R 311 -50.50 127.69 70.32
N SER R 312 -50.44 126.97 71.43
CA SER R 312 -49.31 126.98 72.34
C SER R 312 -49.01 125.54 72.73
N PRO R 313 -47.81 125.25 73.23
CA PRO R 313 -47.47 123.86 73.58
C PRO R 313 -48.37 123.32 74.69
N GLY R 314 -49.04 122.19 74.39
CA GLY R 314 -49.85 121.49 75.36
C GLY R 314 -51.30 121.92 75.44
N VAL R 315 -51.68 123.03 74.80
CA VAL R 315 -53.04 123.53 74.82
C VAL R 315 -53.73 123.08 73.54
N THR R 316 -54.77 122.25 73.68
CA THR R 316 -55.48 121.70 72.53
C THR R 316 -56.58 122.67 72.14
N THR R 317 -56.39 123.36 71.00
CA THR R 317 -57.46 124.25 70.53
C THR R 317 -58.70 123.45 70.16
N LYS R 318 -58.53 122.38 69.37
CA LYS R 318 -59.65 121.55 68.96
C LYS R 318 -59.16 120.15 68.63
N GLU R 319 -59.99 119.17 68.97
CA GLU R 319 -59.73 117.76 68.65
C GLU R 319 -60.80 117.27 67.69
N TYR R 320 -60.39 116.80 66.51
CA TYR R 320 -61.31 116.31 65.51
C TYR R 320 -61.65 114.83 65.73
N LYS R 321 -62.94 114.53 65.63
CA LYS R 321 -63.47 113.20 65.91
C LYS R 321 -63.40 112.33 64.66
N GLN R 322 -62.76 111.18 64.78
CA GLN R 322 -62.63 110.28 63.64
C GLN R 322 -63.98 109.65 63.29
N GLY R 323 -64.19 109.43 62.00
CA GLY R 323 -65.39 108.80 61.50
C GLY R 323 -66.48 109.77 61.04
N GLU R 324 -66.43 111.02 61.49
CA GLU R 324 -67.37 112.06 61.04
C GLU R 324 -66.62 113.30 60.56
N ASP R 325 -65.45 113.56 61.13
CA ASP R 325 -64.61 114.65 60.66
C ASP R 325 -63.63 114.17 59.60
N PHE R 326 -63.00 113.01 59.80
CA PHE R 326 -62.00 112.49 58.89
C PHE R 326 -62.04 110.97 58.92
N ARG R 327 -61.21 110.35 58.10
CA ARG R 327 -61.03 108.89 58.10
C ARG R 327 -59.71 108.55 57.43
N LEU R 328 -59.19 107.37 57.77
CA LEU R 328 -57.98 106.88 57.11
C LEU R 328 -58.36 106.23 55.78
N THR R 329 -57.65 106.64 54.72
CA THR R 329 -57.89 106.16 53.36
C THR R 329 -56.59 105.61 52.79
N ASP R 330 -56.61 104.33 52.42
CA ASP R 330 -55.48 103.66 51.77
C ASP R 330 -54.23 103.62 52.66
N GLY R 331 -54.38 103.85 53.96
CA GLY R 331 -53.25 103.83 54.85
C GLY R 331 -52.19 104.86 54.53
N GLN R 332 -52.57 105.95 53.85
CA GLN R 332 -51.63 106.98 53.41
C GLN R 332 -52.08 108.39 53.78
N THR R 333 -53.39 108.65 53.76
CA THR R 333 -53.91 110.01 53.77
C THR R 333 -54.99 110.19 54.83
N ILE R 334 -55.01 111.39 55.42
CA ILE R 334 -56.13 111.85 56.22
C ILE R 334 -57.14 112.45 55.26
N ASP R 335 -58.22 111.71 55.01
CA ASP R 335 -59.29 112.14 54.13
C ASP R 335 -60.34 112.91 54.92
N TRP R 336 -60.64 114.12 54.46
CA TRP R 336 -61.64 114.99 55.09
C TRP R 336 -62.96 114.97 54.35
N SER R 337 -63.21 113.95 53.52
CA SER R 337 -64.48 113.86 52.81
C SER R 337 -65.69 113.72 53.75
N PRO R 338 -65.57 113.20 54.99
CA PRO R 338 -66.74 113.22 55.88
C PRO R 338 -67.31 114.62 56.10
N GLN R 339 -68.58 114.63 56.52
CA GLN R 339 -69.33 115.87 56.66
C GLN R 339 -68.74 116.80 57.71
N GLY R 340 -68.10 116.25 58.73
CA GLY R 340 -67.77 117.02 59.92
C GLY R 340 -66.72 118.09 59.66
N GLN R 341 -66.24 118.67 60.75
CA GLN R 341 -65.38 119.83 60.68
C GLN R 341 -64.04 119.46 60.05
N GLU R 342 -63.30 120.48 59.61
CA GLU R 342 -61.95 120.28 59.09
C GLU R 342 -61.19 121.59 59.22
N PRO R 343 -59.86 121.55 59.24
CA PRO R 343 -59.10 122.80 59.31
C PRO R 343 -59.24 123.62 58.03
N SER R 344 -59.00 124.91 58.16
CA SER R 344 -59.05 125.82 57.02
C SER R 344 -57.87 125.56 56.09
N GLY R 345 -58.08 125.80 54.80
CA GLY R 345 -57.01 125.53 53.85
C GLY R 345 -55.74 126.33 54.10
N GLY R 346 -54.59 125.65 53.97
CA GLY R 346 -53.31 126.26 54.24
C GLY R 346 -52.87 126.26 55.69
N THR R 347 -53.71 125.81 56.62
CA THR R 347 -53.34 125.74 58.03
C THR R 347 -52.69 124.40 58.37
N SER R 348 -51.85 124.41 59.40
CA SER R 348 -51.14 123.23 59.86
C SER R 348 -51.90 122.58 61.03
N TYR R 349 -51.83 121.24 61.10
CA TYR R 349 -52.42 120.51 62.22
C TYR R 349 -51.60 119.25 62.49
N TYR R 350 -51.73 118.73 63.71
CA TYR R 350 -50.97 117.57 64.16
C TYR R 350 -51.76 116.29 63.93
N VAL R 351 -51.01 115.21 63.69
CA VAL R 351 -51.58 113.87 63.50
C VAL R 351 -50.75 112.87 64.29
N SER R 352 -51.43 111.93 64.94
CA SER R 352 -50.77 110.81 65.60
C SER R 352 -51.31 109.51 65.00
N TYR R 353 -50.41 108.60 64.65
CA TYR R 353 -50.82 107.38 63.96
C TYR R 353 -49.77 106.30 64.18
N LYS R 354 -50.17 105.07 63.85
CA LYS R 354 -49.33 103.88 63.96
C LYS R 354 -49.02 103.34 62.57
N TYR R 355 -47.79 102.87 62.38
CA TYR R 355 -47.37 102.34 61.09
C TYR R 355 -46.27 101.32 61.30
N ASN R 356 -46.06 100.49 60.27
CA ASN R 356 -44.97 99.51 60.27
C ASN R 356 -43.73 100.15 59.68
N LYS R 357 -42.71 100.31 60.51
CA LYS R 357 -41.44 100.93 60.13
C LYS R 357 -40.43 99.84 59.81
N ARG R 358 -39.74 99.99 58.68
CA ARG R 358 -38.63 99.10 58.32
C ARG R 358 -37.40 99.57 59.08
N MET R 359 -37.04 98.84 60.13
CA MET R 359 -35.94 99.25 60.99
C MET R 359 -34.61 99.19 60.26
N GLU R 360 -33.74 100.14 60.59
CA GLU R 360 -32.44 100.30 59.93
C GLU R 360 -31.32 99.91 60.88
N ALA R 361 -30.47 98.98 60.45
CA ALA R 361 -29.33 98.55 61.26
C ALA R 361 -28.44 99.72 61.65
N GLY R 362 -28.06 99.76 62.93
CA GLY R 362 -27.16 100.76 63.42
C GLY R 362 -27.81 102.09 63.76
N LYS R 363 -29.12 102.23 63.49
CA LYS R 363 -29.90 103.41 63.81
C LYS R 363 -31.08 103.07 64.70
N ASP R 364 -31.85 102.03 64.34
CA ASP R 364 -32.97 101.55 65.14
C ASP R 364 -32.61 100.31 65.96
N TYR R 365 -31.61 99.54 65.54
CA TYR R 365 -31.17 98.37 66.29
C TYR R 365 -29.71 98.09 65.98
N GLU R 366 -29.10 97.27 66.85
CA GLU R 366 -27.73 96.78 66.67
C GLU R 366 -27.75 95.27 66.81
N VAL R 367 -26.86 94.62 66.07
CA VAL R 367 -26.77 93.16 66.02
C VAL R 367 -25.53 92.72 66.80
N THR R 368 -25.71 91.75 67.70
CA THR R 368 -24.62 91.24 68.52
C THR R 368 -24.70 89.72 68.55
N THR R 369 -23.70 89.10 69.19
CA THR R 369 -23.64 87.66 69.33
C THR R 369 -23.00 87.31 70.67
N GLN R 370 -23.33 86.13 71.18
CA GLN R 370 -22.88 85.66 72.49
C GLN R 370 -21.93 84.47 72.38
N GLY R 371 -22.38 83.38 71.75
CA GLY R 371 -21.65 82.13 71.74
C GLY R 371 -20.63 82.04 70.63
N GLU R 372 -20.14 80.82 70.41
CA GLU R 372 -19.20 80.53 69.34
C GLU R 372 -19.55 79.18 68.73
N GLY R 373 -19.13 78.97 67.48
CA GLY R 373 -19.40 77.68 66.88
C GLY R 373 -20.89 77.48 66.62
N LEU R 374 -21.30 76.20 66.66
CA LEU R 374 -22.69 75.87 66.36
C LEU R 374 -23.65 76.47 67.38
N SER R 375 -23.18 76.73 68.60
CA SER R 375 -23.99 77.34 69.63
C SER R 375 -24.04 78.86 69.55
N LYS R 376 -23.40 79.46 68.55
CA LYS R 376 -23.44 80.91 68.41
C LYS R 376 -24.83 81.37 67.99
N LYS R 377 -25.26 82.50 68.56
CA LYS R 377 -26.59 83.04 68.35
C LYS R 377 -26.48 84.50 67.95
N TRP R 378 -27.46 84.96 67.18
CA TRP R 378 -27.60 86.35 66.76
C TRP R 378 -28.83 86.98 67.40
N TYR R 379 -28.69 88.24 67.82
CA TYR R 379 -29.75 88.95 68.55
C TYR R 379 -29.96 90.32 67.95
N ILE R 380 -31.22 90.78 67.98
CA ILE R 380 -31.59 92.14 67.61
C ILE R 380 -31.96 92.84 68.91
N ASN R 381 -31.16 93.83 69.29
CA ASN R 381 -31.18 94.43 70.62
C ASN R 381 -32.05 95.68 70.75
N PHE R 382 -32.22 96.47 69.70
CA PHE R 382 -32.95 97.75 69.79
C PHE R 382 -32.34 98.65 70.86
N THR R 383 -31.01 98.70 70.90
CA THR R 383 -30.27 99.39 71.94
C THR R 383 -30.32 100.92 71.82
N PRO R 384 -30.10 101.53 70.64
CA PRO R 384 -30.00 102.99 70.57
C PRO R 384 -31.21 103.72 71.13
N SER R 385 -30.94 104.82 71.83
CA SER R 385 -32.01 105.57 72.49
C SER R 385 -32.91 106.26 71.47
N ASN R 386 -32.31 106.99 70.53
CA ASN R 386 -33.07 107.74 69.54
C ASN R 386 -33.74 106.85 68.52
N GLY R 387 -33.30 105.59 68.39
CA GLY R 387 -33.86 104.71 67.39
C GLY R 387 -35.29 104.33 67.72
N ALA R 388 -36.08 104.13 66.68
CA ALA R 388 -37.49 103.78 66.89
C ALA R 388 -37.59 102.35 67.39
N LYS R 389 -38.40 102.15 68.45
CA LYS R 389 -38.60 100.85 69.07
C LYS R 389 -40.01 100.34 68.78
N PRO R 390 -40.24 99.02 68.72
CA PRO R 390 -41.60 98.54 68.44
C PRO R 390 -42.56 98.85 69.58
N ILE R 391 -43.85 98.93 69.24
CA ILE R 391 -44.87 99.10 70.27
C ILE R 391 -44.86 97.88 71.17
N ASP R 392 -45.09 98.10 72.47
CA ASP R 392 -45.03 97.01 73.44
C ASP R 392 -46.11 95.98 73.16
N GLN R 393 -45.74 94.72 73.30
CA GLN R 393 -46.64 93.57 73.12
C GLN R 393 -47.13 93.45 71.68
N THR R 394 -46.28 93.80 70.70
CA THR R 394 -46.57 93.65 69.29
C THR R 394 -45.58 92.67 68.67
N VAL R 395 -45.93 92.19 67.48
CA VAL R 395 -45.12 91.21 66.78
C VAL R 395 -44.04 91.91 65.99
N VAL R 396 -42.83 91.36 66.03
CA VAL R 396 -41.69 91.83 65.24
C VAL R 396 -41.30 90.72 64.28
N LEU R 397 -41.27 91.04 62.98
CA LEU R 397 -40.96 90.09 61.93
C LEU R 397 -39.57 90.34 61.38
N VAL R 398 -38.78 89.27 61.28
CA VAL R 398 -37.38 89.35 60.83
C VAL R 398 -37.20 88.41 59.65
N ASP R 399 -36.62 88.92 58.57
CA ASP R 399 -36.24 88.13 57.40
C ASP R 399 -34.72 88.13 57.28
N TYR R 400 -34.15 86.94 57.15
CA TYR R 400 -32.71 86.78 57.11
C TYR R 400 -32.35 85.47 56.42
N THR R 401 -31.07 85.36 56.04
CA THR R 401 -30.52 84.18 55.41
C THR R 401 -29.43 83.59 56.28
N TYR R 402 -29.24 82.28 56.16
CA TYR R 402 -28.27 81.54 56.97
C TYR R 402 -27.64 80.44 56.13
N TYR R 403 -26.40 80.09 56.49
CA TYR R 403 -25.68 79.06 55.76
C TYR R 403 -26.21 77.68 56.07
N LEU R 404 -26.15 76.80 55.08
CA LEU R 404 -26.61 75.42 55.22
C LEU R 404 -25.41 74.48 55.26
N ALA R 405 -25.60 73.34 55.93
CA ALA R 405 -24.57 72.31 55.96
C ALA R 405 -24.77 71.32 54.82
N ARG R 406 -23.70 70.58 54.51
CA ARG R 406 -23.73 69.54 53.49
C ARG R 406 -23.00 68.31 54.01
N LYS R 407 -23.51 67.13 53.67
CA LYS R 407 -22.92 65.86 54.04
C LYS R 407 -22.64 65.03 52.79
N ASP R 408 -21.38 64.62 52.62
CA ASP R 408 -20.94 63.97 51.40
C ASP R 408 -20.40 62.58 51.71
N SER R 409 -20.43 61.72 50.69
CA SER R 409 -20.01 60.33 50.79
C SER R 409 -18.75 60.10 49.98
N VAL R 410 -17.87 59.24 50.50
CA VAL R 410 -16.60 58.92 49.86
C VAL R 410 -16.71 57.53 49.25
N PHE R 411 -16.22 57.38 48.02
CA PHE R 411 -16.30 56.12 47.29
C PHE R 411 -15.00 55.83 46.56
N ILE R 412 -14.74 54.53 46.37
CA ILE R 412 -13.57 54.03 45.67
C ILE R 412 -14.03 52.97 44.66
N ASN R 413 -13.51 53.05 43.45
CA ASN R 413 -13.89 52.18 42.34
C ASN R 413 -12.84 51.10 42.13
N LYS R 414 -13.12 50.20 41.19
CA LYS R 414 -12.20 49.10 40.88
C LYS R 414 -10.89 49.59 40.29
N TYR R 415 -10.86 50.79 39.70
CA TYR R 415 -9.63 51.37 39.19
C TYR R 415 -8.84 52.13 40.25
N GLY R 416 -9.27 52.11 41.51
CA GLY R 416 -8.52 52.75 42.57
C GLY R 416 -8.63 54.25 42.59
N ASP R 417 -9.67 54.82 41.96
CA ASP R 417 -9.92 56.25 41.99
C ASP R 417 -10.85 56.58 43.14
N ILE R 418 -10.41 57.47 44.02
CA ILE R 418 -11.19 57.91 45.17
C ILE R 418 -11.90 59.20 44.77
N ALA R 419 -13.22 59.23 44.91
CA ALA R 419 -14.01 60.38 44.53
C ALA R 419 -15.15 60.56 45.52
N ILE R 420 -15.80 61.72 45.43
CA ILE R 420 -16.85 62.12 46.37
C ILE R 420 -18.07 62.58 45.57
N LEU R 421 -19.26 62.15 46.02
CA LEU R 421 -20.53 62.59 45.45
C LEU R 421 -21.13 63.62 46.39
N PRO R 422 -21.41 64.86 45.97
CA PRO R 422 -21.97 65.82 46.91
C PRO R 422 -23.41 65.51 47.27
N GLY R 423 -23.76 65.76 48.53
CA GLY R 423 -25.12 65.59 49.00
C GLY R 423 -25.94 66.86 48.89
N GLU R 424 -27.21 66.74 49.26
CA GLU R 424 -28.11 67.89 49.22
C GLU R 424 -27.83 68.80 50.41
N PRO R 425 -27.60 70.10 50.22
CA PRO R 425 -27.41 70.99 51.37
C PRO R 425 -28.67 71.05 52.23
N ASN R 426 -28.48 71.11 53.54
CA ASN R 426 -29.59 71.19 54.48
C ASN R 426 -29.05 71.58 55.85
N ILE R 427 -29.95 72.00 56.72
CA ILE R 427 -29.54 72.37 58.08
C ILE R 427 -28.95 71.15 58.77
N MET R 428 -28.09 71.39 59.75
CA MET R 428 -27.30 70.32 60.38
C MET R 428 -28.19 69.27 61.03
N ARG R 429 -29.39 69.65 61.49
CA ARG R 429 -30.28 68.68 62.11
C ARG R 429 -30.89 67.72 61.09
N LEU R 430 -31.02 68.15 59.85
CA LEU R 430 -31.71 67.41 58.79
C LEU R 430 -30.77 66.87 57.73
N VAL R 431 -29.50 67.28 57.71
CA VAL R 431 -28.60 66.90 56.63
C VAL R 431 -28.37 65.40 56.64
N THR R 432 -28.37 64.79 55.46
CA THR R 432 -28.11 63.37 55.31
C THR R 432 -27.15 63.16 54.15
N PRO R 433 -26.44 62.03 54.09
CA PRO R 433 -25.53 61.81 52.97
C PRO R 433 -26.32 61.42 51.73
N PRO R 434 -25.73 61.56 50.53
CA PRO R 434 -26.46 61.17 49.32
C PRO R 434 -26.68 59.68 49.26
N LEU R 435 -27.78 59.29 48.61
CA LEU R 435 -28.16 57.89 48.50
C LEU R 435 -27.68 57.36 47.15
N ASN R 436 -26.93 56.25 47.18
CA ASN R 436 -26.35 55.66 45.98
C ASN R 436 -26.51 54.15 46.03
N THR R 437 -26.71 53.56 44.84
CA THR R 437 -26.85 52.12 44.67
C THR R 437 -26.02 51.58 43.51
N ASP R 438 -24.96 52.29 43.13
CA ASP R 438 -24.09 51.84 42.04
C ASP R 438 -23.27 50.65 42.53
N PRO R 439 -23.36 49.46 41.90
CA PRO R 439 -22.51 48.35 42.34
C PRO R 439 -21.02 48.61 42.16
N GLU R 440 -20.64 49.45 41.20
CA GLU R 440 -19.23 49.63 40.84
C GLU R 440 -18.42 50.39 41.88
N ASN R 441 -19.08 50.99 42.88
CA ASN R 441 -18.40 51.76 43.91
C ASN R 441 -18.55 51.12 45.27
N LEU R 442 -17.50 51.22 46.09
CA LEU R 442 -17.48 50.79 47.48
C LEU R 442 -17.40 52.01 48.38
N GLN R 443 -18.39 52.17 49.25
CA GLN R 443 -18.42 53.33 50.12
C GLN R 443 -17.42 53.14 51.27
N LEU R 444 -16.55 54.12 51.44
CA LEU R 444 -15.56 54.15 52.52
C LEU R 444 -16.04 54.92 53.75
N GLY R 445 -16.86 55.94 53.57
CA GLY R 445 -17.32 56.73 54.69
C GLY R 445 -18.04 57.96 54.20
N THR R 446 -18.26 58.89 55.14
CA THR R 446 -18.93 60.14 54.86
C THR R 446 -18.17 61.28 55.53
N VAL R 447 -18.19 62.44 54.88
CA VAL R 447 -17.57 63.66 55.39
C VAL R 447 -18.66 64.72 55.48
N THR R 448 -18.84 65.26 56.68
CA THR R 448 -19.79 66.33 56.93
C THR R 448 -19.04 67.63 57.12
N VAL R 449 -19.45 68.67 56.40
CA VAL R 449 -18.84 70.00 56.52
C VAL R 449 -19.82 70.93 57.23
N LEU R 450 -19.35 71.59 58.28
CA LEU R 450 -20.16 72.53 59.02
C LEU R 450 -20.39 73.78 58.17
N PRO R 451 -21.53 74.48 58.38
CA PRO R 451 -21.85 75.61 57.50
C PRO R 451 -20.87 76.77 57.62
N ASP R 452 -20.13 77.04 56.54
CA ASP R 452 -19.18 78.14 56.49
C ASP R 452 -18.14 78.03 57.60
N SER R 453 -17.38 76.95 57.55
CA SER R 453 -16.31 76.70 58.52
C SER R 453 -15.30 75.75 57.89
N ASP R 454 -14.07 75.82 58.42
CA ASP R 454 -13.01 74.92 58.02
C ASP R 454 -13.13 73.53 58.67
N GLU R 455 -13.89 73.43 59.76
CA GLU R 455 -14.06 72.16 60.46
C GLU R 455 -14.89 71.18 59.65
N ALA R 456 -14.59 69.90 59.80
CA ALA R 456 -15.32 68.84 59.11
C ALA R 456 -15.28 67.57 59.95
N VAL R 457 -16.38 66.83 59.95
CA VAL R 457 -16.50 65.58 60.69
C VAL R 457 -16.40 64.42 59.70
N CYS R 458 -15.43 63.53 59.92
CA CYS R 458 -15.20 62.38 59.06
C CYS R 458 -15.46 61.09 59.83
N ILE R 459 -16.25 60.20 59.24
CA ILE R 459 -16.61 58.92 59.83
C ILE R 459 -16.50 57.84 58.75
N SER R 460 -15.98 56.67 59.15
CA SER R 460 -15.74 55.58 58.22
C SER R 460 -16.83 54.52 58.42
N PHE R 461 -17.56 54.21 57.34
CA PHE R 461 -18.61 53.20 57.33
C PHE R 461 -18.31 52.08 56.34
N ALA R 462 -17.03 51.80 56.10
CA ALA R 462 -16.67 50.86 55.05
C ALA R 462 -17.05 49.43 55.43
N ILE R 463 -17.64 48.72 54.48
CA ILE R 463 -17.98 47.32 54.69
C ILE R 463 -16.69 46.52 54.74
N THR R 464 -16.52 45.74 55.81
CA THR R 464 -15.30 44.99 56.07
C THR R 464 -15.61 43.51 56.12
N ARG R 465 -14.61 42.69 55.79
CA ARG R 465 -14.81 41.26 55.70
C ARG R 465 -15.00 40.67 57.10
N LEU R 466 -15.35 39.38 57.12
CA LEU R 466 -15.46 38.61 58.36
C LEU R 466 -14.79 37.26 58.10
N SER R 467 -13.59 37.07 58.65
CA SER R 467 -12.89 35.81 58.47
C SER R 467 -13.64 34.66 59.16
N MET R 468 -13.16 33.44 58.92
CA MET R 468 -13.77 32.27 59.54
C MET R 468 -13.69 32.35 61.06
N GLU R 469 -12.58 32.88 61.59
CA GLU R 469 -12.45 33.02 63.03
C GLU R 469 -13.51 33.96 63.58
N ASP R 470 -13.76 35.07 62.88
CA ASP R 470 -14.78 36.02 63.30
C ASP R 470 -16.17 35.37 63.27
N LEU R 471 -16.47 34.61 62.22
CA LEU R 471 -17.77 33.96 62.13
C LEU R 471 -17.94 32.90 63.21
N GLN R 472 -16.86 32.18 63.54
CA GLN R 472 -16.92 31.23 64.65
C GLN R 472 -17.17 31.97 65.97
N LYS R 473 -16.56 33.14 66.15
CA LYS R 473 -16.82 33.92 67.35
C LYS R 473 -18.28 34.38 67.40
N VAL R 474 -18.84 34.75 66.25
CA VAL R 474 -20.25 35.14 66.19
C VAL R 474 -21.13 33.95 66.56
N LYS R 475 -20.78 32.76 66.09
CA LYS R 475 -21.54 31.56 66.45
C LYS R 475 -21.46 31.28 67.94
N THR R 476 -20.28 31.48 68.53
CA THR R 476 -20.13 31.31 69.97
C THR R 476 -20.99 32.31 70.73
N ARG R 477 -21.06 33.55 70.23
CA ARG R 477 -21.93 34.55 70.84
C ARG R 477 -23.39 34.15 70.75
N VAL R 478 -23.79 33.57 69.62
CA VAL R 478 -25.17 33.09 69.48
C VAL R 478 -25.43 31.96 70.47
N ASP R 479 -24.44 31.07 70.64
CA ASP R 479 -24.57 29.99 71.62
C ASP R 479 -24.76 30.55 73.03
N ASN R 480 -23.97 31.56 73.38
CA ASN R 480 -24.12 32.19 74.70
C ASN R 480 -25.47 32.88 74.83
N LEU R 481 -25.96 33.48 73.75
CA LEU R 481 -27.26 34.14 73.78
C LEU R 481 -28.38 33.13 74.06
N GLU R 482 -28.36 32.00 73.38
CA GLU R 482 -29.42 31.01 73.62
C GLU R 482 -29.26 30.36 75.00
N TYR R 483 -28.04 30.21 75.50
CA TYR R 483 -27.86 29.73 76.86
C TYR R 483 -28.46 30.71 77.87
N ASN R 484 -28.21 32.01 77.67
CA ASN R 484 -28.78 33.01 78.57
C ASN R 484 -30.29 33.04 78.46
N GLN R 485 -30.82 32.82 77.26
CA GLN R 485 -32.27 32.74 77.06
C GLN R 485 -32.86 31.56 77.82
N ALA R 486 -32.19 30.41 77.79
CA ALA R 486 -32.64 29.27 78.56
C ALA R 486 -32.59 29.56 80.06
N VAL R 487 -31.53 30.25 80.50
CA VAL R 487 -31.40 30.60 81.91
C VAL R 487 -32.54 31.52 82.33
N ASN R 488 -32.88 32.49 81.46
CA ASN R 488 -33.98 33.40 81.80
C ASN R 488 -35.32 32.67 81.83
N ALA R 489 -35.53 31.76 80.88
CA ALA R 489 -36.72 30.94 80.86
C ALA R 489 -36.82 30.03 82.08
N LEU R 490 -35.68 29.67 82.68
CA LEU R 490 -35.70 28.82 83.86
C LEU R 490 -36.47 29.47 85.01
N ASP R 491 -36.43 30.80 85.12
CA ASP R 491 -37.05 31.54 86.22
C ASP R 491 -38.47 32.00 85.91
N ASP R 492 -38.99 31.75 84.70
CA ASP R 492 -40.29 32.27 84.26
C ASP R 492 -41.47 31.60 84.97
N GLY R 493 -41.40 30.27 85.15
CA GLY R 493 -42.24 29.54 86.09
C GLY R 493 -43.75 29.48 85.78
N ALA R 494 -44.22 29.90 84.61
CA ALA R 494 -45.63 29.84 84.25
C ALA R 494 -45.85 29.54 82.76
N MET R 495 -46.94 28.85 82.42
CA MET R 495 -47.25 28.48 81.03
C MET R 495 -48.76 28.33 80.83
N GLU R 496 -49.27 28.89 79.74
CA GLU R 496 -50.70 28.93 79.45
C GLU R 496 -51.31 27.51 79.24
N GLY R 497 -52.58 27.36 79.57
CA GLY R 497 -53.28 26.08 79.52
C GLY R 497 -53.68 25.62 78.12
N GLN R 498 -53.96 26.53 77.20
CA GLN R 498 -54.53 26.22 75.89
C GLN R 498 -53.78 26.98 74.78
N ASN R 499 -53.27 26.27 73.78
CA ASN R 499 -52.44 26.84 72.70
C ASN R 499 -51.37 27.86 73.17
N PRO R 500 -50.42 27.45 74.02
CA PRO R 500 -49.49 28.38 74.66
C PRO R 500 -48.41 28.85 73.68
N LEU R 501 -48.11 30.15 73.67
CA LEU R 501 -46.87 30.62 73.03
C LEU R 501 -45.68 30.03 73.77
N THR R 502 -44.74 29.50 73.00
CA THR R 502 -43.67 28.67 73.51
C THR R 502 -42.36 29.01 72.83
N LEU R 503 -41.28 29.14 73.60
CA LEU R 503 -40.00 29.55 73.06
C LEU R 503 -39.47 28.49 72.08
N ARG R 504 -39.02 28.88 70.88
CA ARG R 504 -38.62 27.92 69.88
C ARG R 504 -37.21 27.44 70.21
N SER R 505 -37.03 26.11 70.19
CA SER R 505 -35.73 25.48 70.44
C SER R 505 -35.22 25.74 71.86
N VAL R 506 -36.12 25.92 72.83
CA VAL R 506 -35.72 26.13 74.21
C VAL R 506 -36.74 25.45 75.12
N PHE R 507 -36.30 24.75 76.14
CA PHE R 507 -37.15 24.19 77.19
C PHE R 507 -36.39 24.13 78.49
N SER R 508 -36.96 24.66 79.57
CA SER R 508 -36.29 24.69 80.86
C SER R 508 -37.33 24.50 81.96
N GLU R 509 -36.90 23.98 83.10
CA GLU R 509 -37.75 23.69 84.25
C GLU R 509 -37.05 24.14 85.53
N GLY R 510 -37.49 25.26 86.10
CA GLY R 510 -36.93 25.75 87.35
C GLY R 510 -37.39 25.02 88.59
N PHE R 511 -38.36 24.11 88.46
CA PHE R 511 -38.92 23.39 89.60
C PHE R 511 -39.50 24.34 90.63
N ILE R 512 -40.21 25.35 90.14
CA ILE R 512 -40.91 26.32 90.97
C ILE R 512 -42.40 26.38 90.70
N SER R 513 -42.92 25.60 89.76
CA SER R 513 -44.36 25.54 89.51
C SER R 513 -44.69 24.24 88.81
N LEU R 514 -45.93 23.79 88.91
CA LEU R 514 -46.42 22.62 88.20
C LEU R 514 -46.72 22.89 86.71
N ASP R 515 -46.77 24.14 86.27
CA ASP R 515 -47.19 24.49 84.90
C ASP R 515 -46.38 23.82 83.78
N LYS R 516 -45.07 23.65 83.95
CA LYS R 516 -44.22 23.02 82.92
C LYS R 516 -44.40 21.50 82.85
N ALA R 517 -44.80 20.87 83.93
CA ALA R 517 -44.79 19.42 84.08
C ALA R 517 -46.04 18.76 83.50
N ASP R 518 -45.90 17.58 82.91
CA ASP R 518 -47.03 16.76 82.45
C ASP R 518 -47.56 15.90 83.61
N ILE R 519 -48.09 16.52 84.66
CA ILE R 519 -48.41 15.89 85.96
C ILE R 519 -49.47 14.79 85.93
N THR R 520 -49.91 14.34 84.75
CA THR R 520 -50.83 13.22 84.56
C THR R 520 -50.31 12.18 83.58
N HIS R 521 -49.03 12.19 83.25
CA HIS R 521 -48.40 11.08 82.55
C HIS R 521 -48.29 9.87 83.48
N PRO R 522 -48.53 8.62 83.04
CA PRO R 522 -48.51 7.45 83.92
C PRO R 522 -47.15 7.19 84.61
N ASP R 523 -46.04 7.65 84.04
CA ASP R 523 -44.73 7.53 84.69
C ASP R 523 -44.41 8.67 85.66
N PHE R 524 -45.23 9.72 85.75
CA PHE R 524 -44.90 10.87 86.59
C PHE R 524 -44.93 10.48 88.08
N GLY R 525 -43.86 10.78 88.82
CA GLY R 525 -43.68 10.29 90.20
C GLY R 525 -42.84 11.17 91.15
N ILE R 526 -42.50 12.38 90.74
CA ILE R 526 -41.72 13.35 91.52
C ILE R 526 -42.53 13.93 92.69
N VAL R 527 -41.84 14.45 93.71
CA VAL R 527 -42.38 15.53 94.56
C VAL R 527 -41.47 16.73 94.53
N PHE R 528 -42.05 17.93 94.56
CA PHE R 528 -41.33 19.19 94.45
C PHE R 528 -41.01 19.78 95.82
N SER R 529 -39.90 20.50 95.88
CA SER R 529 -39.49 21.33 97.01
C SER R 529 -39.26 22.74 96.48
N PHE R 530 -40.31 23.57 96.48
CA PHE R 530 -40.24 24.89 95.87
C PHE R 530 -39.27 25.81 96.61
N GLU R 531 -39.09 25.61 97.92
CA GLU R 531 -38.16 26.46 98.64
C GLU R 531 -36.73 26.27 98.15
N ASP R 532 -36.35 25.03 97.84
CA ASP R 532 -35.04 24.71 97.29
C ASP R 532 -35.01 24.72 95.76
N ALA R 533 -36.16 24.76 95.10
CA ALA R 533 -36.25 24.62 93.65
C ALA R 533 -35.63 23.30 93.20
N GLU R 534 -35.96 22.23 93.93
CA GLU R 534 -35.43 20.89 93.70
C GLU R 534 -36.58 19.90 93.61
N ALA R 535 -36.30 18.80 92.92
CA ALA R 535 -37.22 17.71 92.68
C ALA R 535 -36.63 16.45 93.31
N THR R 536 -37.45 15.54 93.80
CA THR R 536 -37.00 14.25 94.37
C THR R 536 -38.10 13.18 94.35
N LEU R 537 -37.86 12.01 94.94
CA LEU R 537 -38.84 10.93 95.13
C LEU R 537 -39.41 10.96 96.54
N ALA R 538 -40.73 10.76 96.68
CA ALA R 538 -41.38 10.53 97.96
C ALA R 538 -41.53 9.04 98.24
N TYR R 539 -41.61 8.65 99.51
CA TYR R 539 -41.75 7.24 99.86
C TYR R 539 -43.11 6.70 99.43
N THR R 540 -43.12 5.47 98.93
CA THR R 540 -44.34 4.74 98.63
C THR R 540 -44.22 3.32 99.18
N GLU R 541 -45.33 2.79 99.71
CA GLU R 541 -45.33 1.50 100.41
C GLU R 541 -45.54 0.32 99.46
N ALA R 542 -45.26 0.49 98.17
CA ALA R 542 -45.43 -0.60 97.21
C ALA R 542 -44.33 -1.64 97.39
N HIS R 556 -41.18 -10.19 108.61
CA HIS R 556 -41.70 -9.03 109.33
C HIS R 556 -40.72 -8.51 110.42
N ILE R 557 -39.44 -8.87 110.26
CA ILE R 557 -38.41 -8.44 111.22
C ILE R 557 -38.35 -6.92 111.33
N TRP R 558 -38.34 -6.42 112.58
CA TRP R 558 -38.33 -4.99 112.89
C TRP R 558 -36.89 -4.47 112.97
N GLY R 559 -36.72 -3.17 112.68
CA GLY R 559 -35.40 -2.54 112.71
C GLY R 559 -35.32 -1.31 113.60
N ARG R 560 -34.18 -1.16 114.26
CA ARG R 560 -33.91 -0.03 115.16
C ARG R 560 -32.81 0.86 114.61
N LEU R 561 -33.05 2.17 114.66
CA LEU R 561 -32.10 3.21 114.21
C LEU R 561 -31.21 3.55 115.41
N ILE R 562 -30.14 2.78 115.58
CA ILE R 562 -29.24 2.98 116.72
C ILE R 562 -28.56 4.35 116.62
N SER R 563 -27.96 4.65 115.46
CA SER R 563 -27.24 5.90 115.25
C SER R 563 -28.07 6.81 114.34
N ALA R 564 -28.50 7.96 114.86
CA ALA R 564 -29.41 8.77 114.07
C ALA R 564 -28.63 9.47 112.95
N PRO R 565 -29.23 9.65 111.77
CA PRO R 565 -28.56 10.44 110.72
C PRO R 565 -28.47 11.93 111.05
N PHE R 566 -29.23 12.42 112.03
CA PHE R 566 -29.16 13.82 112.39
C PHE R 566 -29.63 13.96 113.83
N THR R 567 -29.26 15.07 114.46
CA THR R 567 -29.63 15.38 115.84
C THR R 567 -30.40 16.69 115.86
N GLU R 568 -31.61 16.65 116.44
CA GLU R 568 -32.49 17.80 116.43
C GLU R 568 -32.23 18.72 117.62
N GLU R 569 -32.55 19.99 117.46
CA GLU R 569 -32.44 20.99 118.51
C GLU R 569 -33.58 21.98 118.38
N ARG R 570 -34.16 22.36 119.52
CA ARG R 570 -35.31 23.25 119.58
C ARG R 570 -34.79 24.68 119.64
N THR R 571 -34.89 25.41 118.52
CA THR R 571 -34.40 26.77 118.43
C THR R 571 -35.47 27.80 118.78
N ILE R 572 -36.72 27.55 118.40
CA ILE R 572 -37.85 28.45 118.64
C ILE R 572 -38.84 27.70 119.52
N TYR R 573 -39.31 28.34 120.58
CA TYR R 573 -40.27 27.69 121.48
C TYR R 573 -41.07 28.76 122.20
N GLN R 574 -42.38 28.83 121.92
CA GLN R 574 -43.30 29.71 122.63
C GLN R 574 -44.11 28.83 123.57
N GLY R 575 -43.86 28.98 124.88
CA GLY R 575 -44.42 28.08 125.86
C GLY R 575 -45.66 28.60 126.56
N GLN R 576 -45.79 29.93 126.63
CA GLN R 576 -46.90 30.53 127.36
C GLN R 576 -48.21 30.27 126.63
N ALA R 577 -49.21 29.77 127.36
CA ALA R 577 -50.54 29.52 126.82
C ALA R 577 -51.58 29.98 127.83
N SER R 578 -52.70 30.50 127.33
CA SER R 578 -53.73 31.08 128.20
C SER R 578 -55.15 30.63 127.84
N GLU R 579 -55.41 30.34 126.56
CA GLU R 579 -56.76 30.10 126.06
C GLU R 579 -56.72 29.03 124.98
N THR R 580 -57.91 28.56 124.60
CA THR R 580 -58.13 27.61 123.52
C THR R 580 -58.85 28.30 122.38
N LEU R 581 -58.35 28.11 121.16
CA LEU R 581 -58.97 28.63 119.95
C LEU R 581 -59.30 27.47 119.01
N ASN R 582 -60.55 27.42 118.55
CA ASN R 582 -60.94 26.38 117.60
C ASN R 582 -60.15 26.55 116.31
N VAL R 583 -59.74 25.41 115.71
CA VAL R 583 -59.01 25.49 114.46
C VAL R 583 -59.84 26.03 113.30
N ASN R 584 -61.17 26.02 113.42
CA ASN R 584 -62.06 26.58 112.40
C ASN R 584 -63.12 27.41 113.11
N PRO R 585 -62.76 28.62 113.58
CA PRO R 585 -63.73 29.39 114.37
C PRO R 585 -64.97 29.84 113.61
N TYR R 586 -64.83 30.13 112.31
CA TYR R 586 -65.86 30.79 111.52
C TYR R 586 -66.76 29.79 110.78
N ASN R 587 -66.80 28.53 111.23
CA ASN R 587 -67.70 27.53 110.66
C ASN R 587 -68.11 26.49 111.70
N ILE R 588 -68.06 26.81 112.98
CA ILE R 588 -68.59 25.91 114.00
C ILE R 588 -70.12 26.01 113.99
N PRO R 589 -70.88 24.90 113.99
CA PRO R 589 -72.34 25.05 113.95
C PRO R 589 -72.85 25.62 115.27
N ASN R 590 -73.69 26.65 115.16
CA ASN R 590 -74.33 27.28 116.31
C ASN R 590 -73.32 27.77 117.34
N PRO R 793 -59.34 27.22 109.62
CA PRO R 793 -57.90 27.00 109.70
C PRO R 793 -57.15 28.14 110.38
N LEU R 794 -56.05 27.80 111.05
CA LEU R 794 -55.22 28.75 111.76
C LEU R 794 -53.80 28.67 111.22
N ALA R 795 -53.02 29.70 111.51
CA ALA R 795 -51.63 29.74 111.10
C ALA R 795 -50.83 30.59 112.07
N GLN R 796 -49.51 30.36 112.07
CA GLN R 796 -48.58 31.08 112.93
C GLN R 796 -47.30 31.34 112.15
N SER R 797 -46.90 32.61 112.07
CA SER R 797 -45.74 33.02 111.32
C SER R 797 -44.46 32.91 112.16
N PHE R 798 -43.34 32.66 111.48
CA PHE R 798 -42.04 32.60 112.14
C PHE R 798 -40.97 32.93 111.10
N GLN R 799 -39.76 33.18 111.60
CA GLN R 799 -38.62 33.44 110.73
C GLN R 799 -37.34 33.09 111.47
N TYR R 800 -36.26 32.94 110.69
CA TYR R 800 -34.93 32.70 111.22
C TYR R 800 -33.96 33.71 110.64
N ASP R 801 -32.95 34.05 111.43
CA ASP R 801 -31.93 35.01 111.01
C ASP R 801 -30.81 34.34 110.22
N GLU R 802 -30.84 33.01 110.09
CA GLU R 802 -29.84 32.25 109.36
C GLU R 802 -30.53 31.10 108.63
N ASN R 803 -29.78 30.43 107.77
CA ASN R 803 -30.29 29.29 107.01
C ASN R 803 -30.25 28.05 107.89
N ARG R 804 -31.44 27.54 108.23
CA ARG R 804 -31.60 26.38 109.11
C ARG R 804 -32.42 25.31 108.40
N THR R 805 -32.15 24.05 108.75
CA THR R 805 -32.87 22.89 108.19
C THR R 805 -33.92 22.48 109.22
N ILE R 806 -35.18 22.78 108.92
CA ILE R 806 -36.29 22.44 109.82
C ILE R 806 -36.65 20.96 109.63
N SER R 807 -36.57 20.19 110.71
CA SER R 807 -36.80 18.76 110.69
C SER R 807 -38.19 18.37 111.19
N SER R 808 -38.71 19.03 112.21
CA SER R 808 -40.01 18.65 112.76
C SER R 808 -40.62 19.86 113.46
N LEU R 809 -41.91 19.75 113.74
CA LEU R 809 -42.68 20.79 114.42
C LEU R 809 -43.29 20.24 115.70
N GLY R 810 -43.41 21.12 116.69
CA GLY R 810 -44.10 20.82 117.93
C GLY R 810 -45.39 21.59 118.08
N LEU R 811 -46.49 20.89 118.34
CA LEU R 811 -47.79 21.51 118.53
C LEU R 811 -48.43 21.00 119.81
N TYR R 812 -49.40 21.75 120.31
CA TYR R 812 -50.14 21.41 121.52
C TYR R 812 -51.63 21.52 121.24
N PHE R 813 -52.34 20.40 121.35
CA PHE R 813 -53.77 20.31 121.08
C PHE R 813 -54.53 20.13 122.38
N ALA R 814 -55.60 20.90 122.56
CA ALA R 814 -56.41 20.78 123.77
C ALA R 814 -57.46 19.69 123.66
N SER R 815 -57.98 19.44 122.46
CA SER R 815 -58.96 18.40 122.23
C SER R 815 -58.86 17.95 120.78
N LYS R 816 -59.42 16.78 120.49
CA LYS R 816 -59.40 16.22 119.15
C LYS R 816 -60.75 15.58 118.85
N GLY R 817 -60.91 15.12 117.61
CA GLY R 817 -62.12 14.47 117.17
C GLY R 817 -62.05 12.97 117.35
N ASP R 818 -62.86 12.26 116.57
CA ASP R 818 -63.00 10.82 116.72
C ASP R 818 -61.76 10.11 116.17
N LYS R 819 -61.80 8.79 116.12
CA LYS R 819 -60.68 8.01 115.60
C LYS R 819 -60.40 8.31 114.14
N GLN R 820 -61.45 8.43 113.34
CA GLN R 820 -61.29 8.56 111.89
C GLN R 820 -60.89 9.96 111.45
N SER R 821 -60.98 10.95 112.33
CA SER R 821 -60.65 12.31 111.95
C SER R 821 -59.13 12.48 111.81
N ASN R 822 -58.75 13.47 111.02
CA ASN R 822 -57.34 13.78 110.80
C ASN R 822 -57.18 15.27 110.59
N VAL R 823 -55.94 15.73 110.76
CA VAL R 823 -55.56 17.13 110.61
C VAL R 823 -54.41 17.22 109.62
N VAL R 824 -54.51 18.16 108.69
CA VAL R 824 -53.48 18.40 107.67
C VAL R 824 -52.58 19.52 108.18
N ILE R 825 -51.28 19.27 108.26
CA ILE R 825 -50.32 20.26 108.72
C ILE R 825 -49.48 20.67 107.52
N GLN R 826 -49.37 21.99 107.30
CA GLN R 826 -48.63 22.52 106.16
C GLN R 826 -47.75 23.68 106.60
N ILE R 827 -46.70 23.91 105.82
CA ILE R 827 -45.82 25.07 105.95
C ILE R 827 -45.95 25.86 104.66
N ARG R 828 -46.39 27.12 104.77
CA ARG R 828 -46.63 27.98 103.62
C ARG R 828 -45.73 29.20 103.72
N GLY R 829 -45.41 29.79 102.56
CA GLY R 829 -44.60 30.99 102.56
C GLY R 829 -45.39 32.23 102.86
N MET R 830 -44.66 33.29 103.19
CA MET R 830 -45.23 34.58 103.57
C MET R 830 -44.93 35.58 102.46
N GLY R 831 -45.96 36.30 102.01
CA GLY R 831 -45.81 37.26 100.95
C GLY R 831 -45.14 38.54 101.41
N ASP R 832 -44.95 39.43 100.44
CA ASP R 832 -44.28 40.70 100.69
C ASP R 832 -45.06 41.59 101.66
N GLN R 833 -46.38 41.40 101.75
CA GLN R 833 -47.25 42.22 102.58
C GLN R 833 -47.54 41.57 103.93
N GLY R 834 -46.74 40.60 104.34
CA GLY R 834 -46.91 40.00 105.65
C GLY R 834 -48.17 39.20 105.84
N TYR R 835 -48.53 38.36 104.87
CA TYR R 835 -49.64 37.41 105.00
C TYR R 835 -49.23 36.10 104.35
N PRO R 836 -49.84 34.98 104.76
CA PRO R 836 -49.55 33.71 104.07
C PRO R 836 -49.98 33.74 102.62
N ASN R 837 -49.24 32.99 101.78
CA ASN R 837 -49.51 32.86 100.35
C ASN R 837 -49.98 31.44 100.05
N LYS R 838 -50.30 31.18 98.78
CA LYS R 838 -50.88 29.89 98.46
C LYS R 838 -49.81 28.82 98.25
N THR R 839 -48.55 29.22 98.15
CA THR R 839 -47.45 28.27 97.99
C THR R 839 -47.34 27.40 99.23
N ILE R 840 -47.14 26.10 99.01
CA ILE R 840 -47.01 25.11 100.07
C ILE R 840 -45.66 24.43 99.91
N TYR R 841 -44.81 24.54 100.94
CA TYR R 841 -43.49 23.94 100.93
C TYR R 841 -43.45 22.55 101.58
N ALA R 842 -44.40 22.25 102.46
CA ALA R 842 -44.48 20.96 103.12
C ALA R 842 -45.93 20.66 103.45
N GLU R 843 -46.23 19.36 103.53
CA GLU R 843 -47.59 18.90 103.80
C GLU R 843 -47.52 17.50 104.39
N THR R 844 -48.38 17.25 105.37
CA THR R 844 -48.51 15.92 105.97
C THR R 844 -49.90 15.78 106.56
N VAL R 845 -50.32 14.53 106.78
CA VAL R 845 -51.63 14.20 107.34
C VAL R 845 -51.40 13.50 108.66
N MET R 846 -52.00 14.04 109.73
CA MET R 846 -51.86 13.51 111.09
C MET R 846 -53.20 12.91 111.51
N ASN R 847 -53.19 11.62 111.85
CA ASN R 847 -54.39 10.96 112.29
C ASN R 847 -54.73 11.35 113.74
N ALA R 848 -55.91 10.91 114.20
CA ALA R 848 -56.32 11.24 115.56
C ALA R 848 -55.42 10.56 116.59
N ASP R 849 -55.01 9.32 116.34
CA ASP R 849 -54.18 8.58 117.28
C ASP R 849 -52.81 9.22 117.44
N ASP R 850 -52.30 9.88 116.39
CA ASP R 850 -51.02 10.57 116.49
C ASP R 850 -51.12 11.90 117.22
N ILE R 851 -52.32 12.47 117.35
CA ILE R 851 -52.50 13.78 117.97
C ILE R 851 -52.73 13.55 119.45
N LYS R 852 -51.74 13.90 120.27
CA LYS R 852 -51.89 13.83 121.71
C LYS R 852 -52.58 15.09 122.22
N VAL R 853 -53.40 14.92 123.27
CA VAL R 853 -54.17 16.01 123.86
C VAL R 853 -54.00 16.01 125.37
N SER R 854 -54.15 17.20 125.97
CA SER R 854 -54.04 17.34 127.40
C SER R 854 -54.82 18.58 127.83
N ASN R 855 -55.28 18.57 129.08
CA ASN R 855 -56.03 19.68 129.66
C ASN R 855 -55.15 20.73 130.32
N ASN R 856 -53.82 20.66 130.18
CA ASN R 856 -52.91 21.65 130.74
C ASN R 856 -51.78 21.99 129.77
N ALA R 857 -51.99 21.76 128.46
CA ALA R 857 -51.00 22.08 127.44
C ALA R 857 -49.66 21.38 127.69
N SER R 858 -49.72 20.17 128.24
CA SER R 858 -48.52 19.40 128.55
C SER R 858 -48.16 18.42 127.45
N ALA R 859 -49.15 17.88 126.73
CA ALA R 859 -48.89 16.91 125.68
C ALA R 859 -48.43 17.59 124.40
N GLU R 860 -47.30 17.12 123.85
CA GLU R 860 -46.68 17.72 122.68
C GLU R 860 -46.67 16.72 121.53
N THR R 861 -47.58 16.90 120.56
CA THR R 861 -47.59 16.02 119.39
C THR R 861 -46.53 16.50 118.39
N ARG R 862 -45.71 15.57 117.91
CA ARG R 862 -44.61 15.90 117.00
C ARG R 862 -45.04 15.64 115.57
N VAL R 863 -44.80 16.61 114.69
CA VAL R 863 -45.15 16.52 113.28
C VAL R 863 -43.86 16.33 112.49
N TYR R 864 -43.83 15.30 111.65
CA TYR R 864 -42.70 14.99 110.79
C TYR R 864 -43.13 15.04 109.34
N PHE R 865 -42.22 15.49 108.48
CA PHE R 865 -42.44 15.58 107.04
C PHE R 865 -41.48 14.65 106.32
N ASP R 866 -41.92 14.13 105.17
CA ASP R 866 -41.11 13.21 104.38
C ASP R 866 -39.89 13.89 103.73
N ASP R 867 -39.89 15.21 103.66
CA ASP R 867 -38.77 15.97 103.12
C ASP R 867 -38.45 17.12 104.05
N PRO R 868 -37.18 17.42 104.33
CA PRO R 868 -36.90 18.52 105.26
C PRO R 868 -37.19 19.87 104.65
N MET R 869 -37.57 20.83 105.51
CA MET R 869 -37.90 22.19 105.11
C MET R 869 -36.66 23.06 105.30
N MET R 870 -36.09 23.54 104.20
CA MET R 870 -34.91 24.40 104.22
C MET R 870 -35.36 25.85 104.35
N ALA R 871 -35.17 26.46 105.53
CA ALA R 871 -35.69 27.80 105.77
C ALA R 871 -34.57 28.81 105.51
N GLU R 872 -34.73 29.63 104.47
CA GLU R 872 -33.73 30.63 104.18
C GLU R 872 -33.75 31.75 105.22
N GLY R 873 -32.55 32.23 105.56
CA GLY R 873 -32.43 33.27 106.56
C GLY R 873 -33.06 34.58 106.11
N GLY R 874 -33.79 35.21 107.02
CA GLY R 874 -34.44 36.48 106.76
C GLY R 874 -35.79 36.39 106.08
N LYS R 875 -36.25 35.20 105.71
CA LYS R 875 -37.54 35.02 105.06
C LYS R 875 -38.56 34.46 106.05
N GLU R 876 -39.76 35.03 106.02
CA GLU R 876 -40.83 34.56 106.90
C GLU R 876 -41.56 33.36 106.30
N TYR R 877 -41.90 32.42 107.18
CA TYR R 877 -42.69 31.25 106.83
C TYR R 877 -43.77 31.04 107.88
N ALA R 878 -44.88 30.44 107.46
CA ALA R 878 -46.06 30.26 108.31
C ALA R 878 -46.48 28.80 108.34
N ILE R 879 -46.62 28.27 109.56
CA ILE R 879 -47.24 26.98 109.76
C ILE R 879 -48.73 27.14 109.54
N VAL R 880 -49.34 26.14 108.88
CA VAL R 880 -50.76 26.18 108.53
C VAL R 880 -51.40 24.86 108.93
N ILE R 881 -52.54 24.93 109.60
CA ILE R 881 -53.20 23.78 110.20
C ILE R 881 -54.63 23.76 109.69
N ILE R 882 -54.98 22.71 108.95
CA ILE R 882 -56.26 22.61 108.24
C ILE R 882 -56.92 21.30 108.63
N THR R 883 -58.23 21.35 108.86
CA THR R 883 -59.00 20.14 109.13
C THR R 883 -60.48 20.45 108.96
N GLU R 884 -61.20 19.53 108.32
CA GLU R 884 -62.61 19.73 108.05
C GLU R 884 -63.46 19.53 109.31
N ASN R 885 -62.97 18.74 110.26
CA ASN R 885 -63.74 18.48 111.47
C ASN R 885 -63.87 19.74 112.32
N SER R 886 -65.02 19.86 112.99
CA SER R 886 -65.31 21.01 113.85
C SER R 886 -65.03 20.74 115.32
N ASP R 887 -64.34 19.64 115.65
CA ASP R 887 -64.06 19.28 117.03
C ASP R 887 -62.55 19.17 117.25
N TYR R 888 -61.82 20.17 116.77
CA TYR R 888 -60.38 20.27 117.00
C TYR R 888 -60.06 21.65 117.56
N THR R 889 -59.31 21.67 118.66
CA THR R 889 -58.95 22.90 119.35
C THR R 889 -57.45 22.85 119.68
N MET R 890 -56.86 24.04 119.83
CA MET R 890 -55.44 24.15 120.17
C MET R 890 -55.25 25.24 121.20
N TRP R 891 -54.20 25.08 122.02
CA TRP R 891 -53.87 26.12 122.99
C TRP R 891 -53.27 27.33 122.29
N VAL R 892 -53.59 28.53 122.80
CA VAL R 892 -53.04 29.77 122.28
C VAL R 892 -52.69 30.69 123.45
N GLY R 893 -51.52 31.31 123.39
CA GLY R 893 -51.13 32.29 124.40
C GLY R 893 -51.50 33.69 123.97
N THR R 894 -52.19 34.41 124.85
CA THR R 894 -52.67 35.76 124.58
C THR R 894 -52.14 36.70 125.65
N ARG R 895 -51.75 37.90 125.23
CA ARG R 895 -51.19 38.88 126.15
C ARG R 895 -52.23 39.39 127.13
N THR R 896 -51.80 39.58 128.38
CA THR R 896 -52.56 40.08 129.52
C THR R 896 -53.42 38.99 130.17
N LYS R 897 -53.53 37.76 129.54
CA LYS R 897 -54.36 36.71 130.11
C LYS R 897 -53.56 35.86 131.11
N PRO R 898 -54.22 35.22 132.07
CA PRO R 898 -53.48 34.34 133.00
C PRO R 898 -52.98 33.10 132.29
N LYS R 899 -51.88 32.55 132.81
CA LYS R 899 -51.38 31.29 132.31
C LYS R 899 -52.24 30.15 132.84
N ILE R 900 -52.31 29.06 132.07
CA ILE R 900 -53.20 27.96 132.40
C ILE R 900 -52.72 27.26 133.67
N ASP R 901 -51.43 26.95 133.74
CA ASP R 901 -50.85 26.22 134.86
C ASP R 901 -50.42 27.14 136.00
N LYS R 902 -50.30 28.44 135.76
CA LYS R 902 -49.90 29.43 136.76
C LYS R 902 -50.84 30.63 136.64
N PRO R 903 -52.08 30.51 137.16
CA PRO R 903 -52.99 31.66 137.11
C PRO R 903 -52.47 32.90 137.81
N ASN R 904 -51.64 32.74 138.84
CA ASN R 904 -51.07 33.88 139.55
C ASN R 904 -50.29 34.79 138.61
N GLU R 905 -49.67 34.23 137.58
CA GLU R 905 -48.91 34.98 136.60
C GLU R 905 -49.77 35.29 135.39
N VAL R 906 -49.40 36.36 134.67
CA VAL R 906 -50.09 36.76 133.45
C VAL R 906 -49.04 37.02 132.37
N ILE R 907 -49.42 36.75 131.12
CA ILE R 907 -48.53 36.98 129.99
C ILE R 907 -48.39 38.49 129.81
N SER R 908 -47.28 39.04 130.28
CA SER R 908 -47.09 40.49 130.26
C SER R 908 -46.93 41.00 128.84
N GLY R 909 -45.86 40.60 128.15
CA GLY R 909 -45.58 41.05 126.81
C GLY R 909 -46.21 40.18 125.75
N ASN R 910 -45.80 40.39 124.51
CA ASN R 910 -46.26 39.53 123.43
C ASN R 910 -45.68 38.13 123.63
N PRO R 911 -46.43 37.06 123.31
CA PRO R 911 -45.84 35.71 123.50
C PRO R 911 -44.65 35.45 122.59
N TYR R 912 -44.81 35.67 121.28
CA TYR R 912 -43.72 35.56 120.31
C TYR R 912 -43.73 36.81 119.44
N LEU R 913 -42.72 37.66 119.63
CA LEU R 913 -42.77 39.02 119.07
C LEU R 913 -42.68 39.01 117.55
N GLN R 914 -41.91 38.09 116.99
CA GLN R 914 -41.70 38.05 115.55
C GLN R 914 -42.74 37.22 114.80
N GLY R 915 -43.82 36.80 115.46
CA GLY R 915 -44.85 36.03 114.82
C GLY R 915 -46.23 36.52 115.21
N VAL R 916 -47.20 36.18 114.37
CA VAL R 916 -48.60 36.60 114.54
C VAL R 916 -49.50 35.42 114.28
N LEU R 917 -50.51 35.24 115.13
CA LEU R 917 -51.53 34.24 114.91
C LEU R 917 -52.48 34.71 113.82
N PHE R 918 -52.97 33.76 113.02
CA PHE R 918 -53.91 34.05 111.94
C PHE R 918 -55.08 33.08 112.04
N SER R 919 -56.23 33.53 111.53
CA SER R 919 -57.39 32.68 111.38
C SER R 919 -58.07 32.98 110.05
N SER R 920 -58.74 31.97 109.49
CA SER R 920 -59.37 32.09 108.17
C SER R 920 -60.53 31.13 108.07
N SER R 921 -61.54 31.51 107.29
CA SER R 921 -62.68 30.65 107.02
C SER R 921 -62.52 29.81 105.76
N ASN R 922 -61.53 30.12 104.91
CA ASN R 922 -61.30 29.38 103.67
C ASN R 922 -59.81 29.12 103.39
N ALA R 923 -58.91 29.42 104.33
CA ALA R 923 -57.48 29.25 104.15
C ALA R 923 -56.93 30.15 103.04
N SER R 924 -57.63 31.23 102.68
CA SER R 924 -57.13 32.21 101.73
C SER R 924 -57.06 33.61 102.31
N THR R 925 -58.13 34.08 102.97
CA THR R 925 -58.15 35.39 103.62
C THR R 925 -57.90 35.15 105.11
N TRP R 926 -56.82 35.73 105.62
CA TRP R 926 -56.37 35.51 107.00
C TRP R 926 -56.62 36.76 107.82
N THR R 927 -57.22 36.57 109.00
CA THR R 927 -57.43 37.66 109.94
C THR R 927 -56.36 37.61 111.03
N PRO R 928 -55.46 38.58 111.16
CA PRO R 928 -54.40 38.46 112.15
C PRO R 928 -54.89 38.73 113.57
N HIS R 929 -54.22 38.09 114.53
CA HIS R 929 -54.42 38.32 115.95
C HIS R 929 -53.08 38.75 116.53
N GLN R 930 -52.88 40.07 116.63
CA GLN R 930 -51.57 40.61 116.98
C GLN R 930 -51.16 40.24 118.40
N ASN R 931 -52.12 40.22 119.32
CA ASN R 931 -51.84 39.95 120.74
C ASN R 931 -51.80 38.45 121.07
N SER R 932 -51.95 37.56 120.08
CA SER R 932 -52.02 36.12 120.34
C SER R 932 -51.06 35.37 119.43
N ASP R 933 -50.48 34.30 119.98
CA ASP R 933 -49.60 33.41 119.23
C ASP R 933 -49.79 31.98 119.72
N LEU R 934 -49.58 31.02 118.81
CA LEU R 934 -49.74 29.62 119.19
C LEU R 934 -48.66 29.21 120.20
N LYS R 935 -48.91 28.13 120.91
CA LYS R 935 -47.88 27.45 121.70
C LYS R 935 -47.27 26.39 120.80
N PHE R 936 -46.01 26.59 120.41
CA PHE R 936 -45.40 25.74 119.39
C PHE R 936 -43.91 25.71 119.60
N GLY R 937 -43.27 24.70 119.01
CA GLY R 937 -41.83 24.60 118.99
C GLY R 937 -41.33 24.01 117.69
N ILE R 938 -40.33 24.65 117.11
CA ILE R 938 -39.73 24.25 115.83
C ILE R 938 -38.37 23.65 116.14
N TYR R 939 -38.08 22.49 115.53
CA TYR R 939 -36.83 21.78 115.74
C TYR R 939 -36.00 21.86 114.47
N THR R 940 -34.73 22.21 114.62
CA THR R 940 -33.78 22.24 113.51
C THR R 940 -32.71 21.17 113.72
N SER R 941 -32.39 20.44 112.65
CA SER R 941 -31.48 19.31 112.70
C SER R 941 -30.10 19.67 112.15
N LYS R 942 -29.14 18.78 112.44
CA LYS R 942 -27.78 18.90 111.96
C LYS R 942 -27.27 17.50 111.64
N PHE R 943 -27.13 17.17 110.36
CA PHE R 943 -26.76 15.81 109.99
C PHE R 943 -25.31 15.52 110.34
N ASN R 944 -25.03 14.23 110.55
CA ASN R 944 -23.71 13.74 110.97
C ASN R 944 -23.10 12.90 109.85
N GLU R 945 -21.91 12.34 110.10
CA GLU R 945 -21.18 11.66 109.03
C GLU R 945 -21.92 10.40 108.56
N THR R 946 -22.28 9.50 109.48
CA THR R 946 -22.80 8.19 109.11
C THR R 946 -23.97 7.82 110.02
N ALA R 947 -24.83 6.90 109.56
CA ALA R 947 -25.96 6.39 110.33
C ALA R 947 -25.95 4.86 110.33
N THR R 948 -26.64 4.24 111.30
CA THR R 948 -26.62 2.78 111.46
C THR R 948 -28.01 2.25 111.81
N ILE R 949 -28.33 1.03 111.33
CA ILE R 949 -29.54 0.31 111.70
C ILE R 949 -29.12 -1.09 112.14
N GLU R 950 -29.81 -1.64 113.14
CA GLU R 950 -29.68 -3.04 113.53
C GLU R 950 -31.06 -3.70 113.53
N PHE R 951 -31.20 -4.75 112.73
CA PHE R 951 -32.45 -5.49 112.63
C PHE R 951 -32.54 -6.48 113.78
N GLU R 952 -33.73 -6.61 114.38
CA GLU R 952 -33.87 -7.45 115.56
C GLU R 952 -33.52 -8.89 115.20
N PRO R 953 -32.91 -9.65 116.11
CA PRO R 953 -32.27 -10.92 115.70
C PRO R 953 -33.30 -11.91 115.17
N ILE R 954 -33.06 -12.35 113.93
CA ILE R 954 -34.01 -13.10 113.12
C ILE R 954 -34.56 -14.31 113.89
N LYS R 981 -32.36 -19.93 101.82
CA LYS R 981 -33.41 -19.98 102.83
C LYS R 981 -33.12 -21.02 103.93
N LEU R 982 -32.35 -22.05 103.60
CA LEU R 982 -31.92 -23.02 104.60
C LEU R 982 -30.81 -22.38 105.45
N ILE R 983 -31.01 -22.42 106.78
CA ILE R 983 -30.28 -21.56 107.73
C ILE R 983 -28.75 -21.71 107.60
N LEU R 984 -28.25 -22.93 107.38
CA LEU R 984 -26.79 -23.09 107.23
C LEU R 984 -26.30 -22.50 105.90
N ASP R 985 -27.09 -22.66 104.84
CA ASP R 985 -26.68 -22.22 103.51
C ASP R 985 -26.95 -20.74 103.29
N ASP R 986 -28.10 -20.28 103.80
CA ASP R 986 -28.64 -18.95 103.52
C ASP R 986 -27.66 -17.82 103.86
N MET R 987 -26.69 -18.06 104.75
CA MET R 987 -25.68 -17.05 105.02
C MET R 987 -24.88 -16.70 103.77
N ALA R 988 -24.68 -17.66 102.86
CA ALA R 988 -24.00 -17.36 101.61
C ALA R 988 -24.85 -16.50 100.69
N SER R 989 -26.16 -16.77 100.66
CA SER R 989 -27.08 -15.97 99.86
C SER R 989 -27.22 -14.57 100.44
N SER R 990 -27.40 -14.50 101.75
CA SER R 990 -27.45 -13.24 102.48
C SER R 990 -26.23 -12.37 102.21
N THR R 991 -25.04 -12.91 102.47
CA THR R 991 -23.83 -12.12 102.27
C THR R 991 -23.55 -11.83 100.80
N THR R 992 -24.16 -12.57 99.86
CA THR R 992 -24.04 -12.25 98.45
C THR R 992 -24.84 -10.98 98.13
N PHE R 993 -26.11 -10.96 98.54
CA PHE R 993 -26.99 -9.85 98.16
C PHE R 993 -26.67 -8.58 98.94
N ASP R 994 -26.39 -8.68 100.24
CA ASP R 994 -26.11 -7.49 101.06
C ASP R 994 -24.77 -6.87 100.63
N GLN R 995 -24.82 -5.82 99.80
CA GLN R 995 -23.58 -5.28 99.24
C GLN R 995 -23.75 -3.80 98.90
N LEU R 996 -22.62 -3.07 98.95
CA LEU R 996 -22.53 -1.61 98.77
C LEU R 996 -22.99 -1.14 97.40
N LYS R 997 -23.15 -2.04 96.42
CA LYS R 997 -23.63 -1.72 95.08
C LYS R 997 -24.65 -2.75 94.58
N TRP R 998 -25.42 -3.33 95.49
CA TRP R 998 -26.61 -4.11 95.20
C TRP R 998 -27.71 -3.55 96.11
N GLU R 999 -28.95 -4.02 95.93
CA GLU R 999 -30.14 -3.41 96.55
C GLU R 999 -29.99 -3.09 98.04
N PRO R 1000 -29.39 -3.95 98.89
CA PRO R 1000 -29.05 -3.52 100.27
C PRO R 1000 -27.72 -2.77 100.30
N ILE R 1001 -27.79 -1.50 99.87
CA ILE R 1001 -26.63 -0.59 99.81
C ILE R 1001 -25.91 -0.45 101.15
N GLY R 1002 -26.63 -0.55 102.27
CA GLY R 1002 -26.08 -0.18 103.55
C GLY R 1002 -24.97 -1.03 104.16
N ASN R 1003 -23.81 -1.12 103.48
CA ASN R 1003 -22.49 -1.53 104.01
C ASN R 1003 -22.56 -2.47 105.23
N TYR R 1004 -23.06 -3.68 105.01
CA TYR R 1004 -23.58 -4.56 106.06
C TYR R 1004 -22.50 -5.17 106.97
N GLN R 1005 -22.95 -5.57 108.18
CA GLN R 1005 -22.20 -6.37 109.14
C GLN R 1005 -23.15 -7.39 109.78
N ASP R 1006 -22.59 -8.41 110.47
CA ASP R 1006 -23.39 -9.56 110.85
C ASP R 1006 -22.82 -10.25 112.10
N LEU R 1007 -23.69 -10.55 113.08
CA LEU R 1007 -23.30 -11.27 114.29
C LEU R 1007 -24.05 -12.60 114.34
N ASP R 1008 -23.33 -13.68 114.62
CA ASP R 1008 -23.80 -15.06 114.47
C ASP R 1008 -23.61 -15.85 115.76
N VAL R 1009 -24.44 -16.89 115.97
CA VAL R 1009 -24.43 -17.67 117.21
C VAL R 1009 -23.73 -19.01 116.97
N LEU R 1010 -24.36 -19.92 116.20
CA LEU R 1010 -23.83 -21.27 116.04
C LEU R 1010 -24.18 -21.88 114.68
N GLY R 1011 -24.36 -21.04 113.65
CA GLY R 1011 -24.65 -21.57 112.33
C GLY R 1011 -26.10 -21.93 112.12
N LEU R 1012 -26.55 -23.02 112.77
CA LEU R 1012 -27.92 -23.51 112.60
C LEU R 1012 -28.97 -22.66 113.32
N ALA R 1013 -28.57 -21.67 114.09
CA ALA R 1013 -29.53 -20.90 114.89
C ALA R 1013 -30.36 -19.96 114.01
N ARG R 1014 -31.67 -19.94 114.23
CA ARG R 1014 -32.53 -18.90 113.67
C ARG R 1014 -32.23 -17.53 114.27
N GLN R 1015 -31.54 -17.48 115.42
CA GLN R 1015 -31.12 -16.26 116.08
C GLN R 1015 -29.84 -15.76 115.41
N VAL R 1016 -29.97 -14.77 114.52
CA VAL R 1016 -28.88 -14.14 113.80
C VAL R 1016 -29.20 -12.64 113.71
N LYS R 1017 -28.18 -11.78 113.83
CA LYS R 1017 -28.40 -10.33 113.99
C LYS R 1017 -27.70 -9.53 112.89
N LEU R 1018 -28.47 -9.08 111.89
CA LEU R 1018 -27.97 -8.25 110.79
C LEU R 1018 -27.85 -6.77 111.17
N ARG R 1019 -26.85 -6.09 110.59
CA ARG R 1019 -26.54 -4.69 110.87
C ARG R 1019 -26.22 -3.95 109.57
N ALA R 1020 -26.75 -2.73 109.41
CA ALA R 1020 -26.56 -1.92 108.21
C ALA R 1020 -26.10 -0.51 108.55
N THR R 1021 -25.26 0.08 107.69
CA THR R 1021 -24.70 1.42 107.91
C THR R 1021 -24.57 2.13 106.56
N PHE R 1022 -24.82 3.44 106.56
CA PHE R 1022 -24.73 4.25 105.35
C PHE R 1022 -24.21 5.64 105.69
N GLU R 1023 -23.69 6.33 104.67
CA GLU R 1023 -23.24 7.71 104.80
C GLU R 1023 -24.44 8.65 104.80
N SER R 1024 -24.55 9.48 105.83
CA SER R 1024 -25.69 10.35 106.03
C SER R 1024 -25.52 11.65 105.25
N ASN R 1025 -26.62 12.39 105.09
CA ASN R 1025 -26.60 13.66 104.36
C ASN R 1025 -27.74 14.54 104.84
N ARG R 1026 -27.74 15.79 104.37
CA ARG R 1026 -28.69 16.79 104.86
C ARG R 1026 -30.10 16.62 104.30
N TYR R 1027 -30.30 15.73 103.31
CA TYR R 1027 -31.60 15.49 102.70
C TYR R 1027 -32.27 14.21 103.21
N ILE R 1028 -31.77 13.63 104.30
CA ILE R 1028 -32.41 12.45 104.87
C ILE R 1028 -33.81 12.80 105.34
N SER R 1029 -34.76 11.91 105.08
CA SER R 1029 -36.17 12.16 105.41
C SER R 1029 -36.37 12.17 106.93
N PRO R 1030 -36.92 13.23 107.54
CA PRO R 1030 -37.16 13.16 108.99
C PRO R 1030 -38.23 12.15 109.37
N LEU R 1031 -39.19 11.89 108.47
CA LEU R 1031 -40.22 10.90 108.77
C LEU R 1031 -39.63 9.51 108.94
N MET R 1032 -38.83 9.07 107.96
CA MET R 1032 -38.16 7.77 108.07
C MET R 1032 -37.29 7.68 109.32
N SER R 1033 -36.55 8.73 109.65
CA SER R 1033 -35.67 8.70 110.81
C SER R 1033 -36.47 8.54 112.10
N SER R 1034 -37.59 9.28 112.22
CA SER R 1034 -38.41 9.19 113.43
C SER R 1034 -39.14 7.85 113.48
N SER R 1035 -39.71 7.43 112.36
CA SER R 1035 -40.49 6.20 112.31
C SER R 1035 -39.60 4.98 112.49
N ASP R 1036 -40.19 3.91 113.02
CA ASP R 1036 -39.50 2.64 113.21
C ASP R 1036 -39.60 1.79 111.95
N LEU R 1037 -38.53 1.06 111.66
CA LEU R 1037 -38.37 0.41 110.36
C LEU R 1037 -38.68 -1.08 110.40
N THR R 1038 -38.78 -1.67 109.21
CA THR R 1038 -38.73 -3.11 108.98
C THR R 1038 -37.77 -3.37 107.83
N PHE R 1039 -37.35 -4.63 107.71
CA PHE R 1039 -36.53 -5.06 106.58
C PHE R 1039 -37.28 -5.01 105.25
N THR R 1040 -38.61 -4.85 105.27
CA THR R 1040 -39.40 -4.68 104.05
C THR R 1040 -39.57 -3.21 103.68
N THR R 1041 -39.94 -2.36 104.63
CA THR R 1041 -40.02 -0.92 104.38
C THR R 1041 -38.65 -0.35 104.04
N PHE R 1042 -37.64 -0.69 104.82
CA PHE R 1042 -36.26 -0.44 104.40
C PHE R 1042 -35.99 -1.32 103.18
N LEU R 1043 -34.93 -1.01 102.44
CA LEU R 1043 -34.53 -1.81 101.28
C LEU R 1043 -35.67 -1.84 100.25
N THR R 1044 -36.27 -0.67 100.00
CA THR R 1044 -37.29 -0.47 98.97
C THR R 1044 -36.71 0.29 97.79
N GLU R 1045 -37.00 -0.17 96.56
CA GLU R 1045 -36.69 0.59 95.35
C GLU R 1045 -37.78 1.63 95.09
N LEU R 1046 -37.53 2.87 95.51
CA LEU R 1046 -38.33 4.01 95.08
C LEU R 1046 -37.96 4.41 93.66
N THR R 1047 -38.95 4.60 92.79
CA THR R 1047 -38.71 4.96 91.38
C THR R 1047 -39.79 5.88 90.84
N GLY R 1048 -39.47 6.64 89.80
CA GLY R 1048 -40.43 7.48 89.08
C GLY R 1048 -39.73 8.35 88.05
N SER R 1049 -40.45 9.28 87.46
CA SER R 1049 -39.88 10.19 86.47
C SER R 1049 -40.43 11.60 86.62
N TYR R 1050 -39.63 12.59 86.28
CA TYR R 1050 -40.14 13.86 85.80
C TYR R 1050 -40.46 13.72 84.31
N VAL R 1051 -41.54 14.32 83.84
CA VAL R 1051 -41.88 14.39 82.41
C VAL R 1051 -42.45 15.75 82.08
N GLY R 1052 -41.80 16.50 81.19
CA GLY R 1052 -42.27 17.84 80.80
C GLY R 1052 -43.40 17.79 79.76
N ARG R 1053 -44.20 18.85 79.66
CA ARG R 1053 -45.20 18.97 78.59
C ARG R 1053 -44.55 18.96 77.22
N ALA R 1054 -45.12 18.27 76.25
CA ALA R 1054 -44.57 18.18 74.90
C ALA R 1054 -44.57 19.53 74.19
N ILE R 1055 -43.51 19.82 73.43
CA ILE R 1055 -43.29 21.09 72.76
C ILE R 1055 -43.34 20.92 71.25
N ASP R 1056 -44.15 21.74 70.58
CA ASP R 1056 -44.24 21.76 69.13
C ASP R 1056 -43.14 22.63 68.50
N MET R 1057 -42.13 22.00 67.92
CA MET R 1057 -41.02 22.63 67.21
C MET R 1057 -41.21 22.58 65.70
N THR R 1058 -42.44 22.64 65.20
CA THR R 1058 -42.71 22.65 63.75
C THR R 1058 -42.09 23.85 63.06
N GLU R 1059 -42.13 25.03 63.69
CA GLU R 1059 -41.54 26.22 63.13
C GLU R 1059 -40.03 26.33 63.37
N ALA R 1060 -39.46 25.47 64.21
CA ALA R 1060 -38.02 25.46 64.48
C ALA R 1060 -37.54 24.02 64.50
N PRO R 1061 -37.38 23.40 63.31
CA PRO R 1061 -36.83 22.05 63.26
C PRO R 1061 -35.39 22.01 63.76
N TYR R 1062 -35.00 20.89 64.34
CA TYR R 1062 -33.70 20.71 64.97
C TYR R 1062 -33.19 19.30 64.73
N ASN R 1063 -31.89 19.11 64.80
CA ASN R 1063 -31.27 17.78 64.76
C ASN R 1063 -30.18 17.60 65.80
N THR R 1064 -29.88 18.62 66.61
CA THR R 1064 -28.90 18.55 67.66
C THR R 1064 -29.53 19.03 68.96
N VAL R 1065 -29.20 18.38 70.08
CA VAL R 1065 -29.81 18.69 71.36
C VAL R 1065 -28.71 18.85 72.40
N ARG R 1066 -28.80 19.89 73.21
CA ARG R 1066 -27.90 20.11 74.36
C ARG R 1066 -28.70 19.88 75.62
N PHE R 1067 -28.45 18.76 76.29
CA PHE R 1067 -29.16 18.38 77.52
C PHE R 1067 -28.26 18.69 78.71
N SER R 1068 -28.77 19.52 79.63
CA SER R 1068 -28.02 19.94 80.80
C SER R 1068 -28.89 19.84 82.04
N TYR R 1069 -28.32 19.34 83.13
CA TYR R 1069 -29.03 19.24 84.38
C TYR R 1069 -28.03 19.03 85.50
N GLU R 1070 -28.43 19.43 86.71
CA GLU R 1070 -27.66 19.18 87.93
C GLU R 1070 -28.39 18.10 88.72
N ALA R 1071 -27.63 17.09 89.16
CA ALA R 1071 -28.20 16.00 89.94
C ALA R 1071 -27.30 15.71 91.13
N PHE R 1072 -27.93 15.35 92.25
CA PHE R 1072 -27.24 14.81 93.42
C PHE R 1072 -27.49 13.32 93.49
N LEU R 1073 -26.43 12.52 93.45
CA LEU R 1073 -26.53 11.07 93.33
C LEU R 1073 -25.92 10.39 94.55
N PRO R 1074 -26.70 10.04 95.58
CA PRO R 1074 -26.17 9.20 96.67
C PRO R 1074 -25.79 7.80 96.21
N LYS R 1075 -25.29 7.01 97.15
CA LYS R 1075 -24.97 5.61 96.88
C LYS R 1075 -26.23 4.83 96.51
N GLY R 1076 -26.15 4.10 95.42
CA GLY R 1076 -27.26 3.38 94.82
C GLY R 1076 -28.37 4.24 94.27
N THR R 1077 -28.04 5.23 93.44
CA THR R 1077 -29.05 6.04 92.77
C THR R 1077 -28.62 6.30 91.33
N LYS R 1078 -29.61 6.62 90.49
CA LYS R 1078 -29.37 6.87 89.07
C LYS R 1078 -30.28 7.98 88.57
N VAL R 1079 -29.82 8.70 87.56
CA VAL R 1079 -30.62 9.69 86.84
C VAL R 1079 -30.32 9.54 85.36
N VAL R 1080 -31.29 9.05 84.61
CA VAL R 1080 -31.13 8.68 83.20
C VAL R 1080 -31.89 9.71 82.35
N PRO R 1081 -31.23 10.65 81.68
CA PRO R 1081 -31.98 11.58 80.80
C PRO R 1081 -32.50 10.88 79.57
N LYS R 1082 -33.64 11.35 79.06
CA LYS R 1082 -34.30 10.82 77.86
C LYS R 1082 -35.04 11.92 77.13
N TYR R 1083 -35.30 11.70 75.85
CA TYR R 1083 -36.16 12.58 75.05
C TYR R 1083 -37.02 11.77 74.11
N SER R 1084 -38.08 12.37 73.59
CA SER R 1084 -38.90 11.83 72.52
C SER R 1084 -39.07 12.85 71.42
N ALA R 1085 -38.98 12.41 70.17
CA ALA R 1085 -39.29 13.22 68.99
C ALA R 1085 -40.71 12.99 68.45
N ASP R 1086 -41.61 12.36 69.21
CA ASP R 1086 -42.89 11.85 68.72
C ASP R 1086 -43.98 11.83 69.81
N ASP R 1087 -44.04 12.86 70.66
CA ASP R 1087 -45.04 13.00 71.72
C ASP R 1087 -45.12 11.80 72.69
N GLY R 1088 -43.98 11.15 72.93
CA GLY R 1088 -43.82 10.03 73.85
C GLY R 1088 -44.22 8.68 73.28
N LYS R 1089 -44.48 8.59 71.97
CA LYS R 1089 -44.79 7.31 71.32
C LYS R 1089 -43.58 6.37 71.34
N THR R 1090 -42.36 6.91 71.36
CA THR R 1090 -41.11 6.18 71.64
C THR R 1090 -40.18 7.03 72.52
N TRP R 1091 -39.19 6.43 73.17
CA TRP R 1091 -38.20 7.17 73.97
C TRP R 1091 -36.78 6.79 73.59
N LYS R 1092 -35.94 7.81 73.39
CA LYS R 1092 -34.53 7.68 73.00
C LYS R 1092 -33.61 7.86 74.20
N THR R 1093 -32.36 7.44 74.07
CA THR R 1093 -31.32 7.63 75.09
C THR R 1093 -30.05 8.14 74.41
N PHE R 1094 -29.37 9.08 75.06
CA PHE R 1094 -28.15 9.63 74.51
C PHE R 1094 -27.05 8.58 74.52
N THR R 1095 -26.21 8.57 73.47
CA THR R 1095 -25.09 7.65 73.41
C THR R 1095 -23.85 8.21 74.10
N LYS R 1096 -23.68 9.52 74.07
CA LYS R 1096 -22.49 10.15 74.66
C LYS R 1096 -22.57 10.08 76.18
N SER R 1097 -21.40 10.11 76.81
CA SER R 1097 -21.31 10.21 78.26
C SER R 1097 -21.26 11.68 78.68
N PRO R 1098 -21.92 12.10 79.76
CA PRO R 1098 -21.94 13.53 80.08
C PRO R 1098 -20.62 14.02 80.67
N THR R 1099 -20.24 15.23 80.29
CA THR R 1099 -19.14 15.92 80.94
C THR R 1099 -19.62 16.50 82.26
N THR R 1100 -18.80 16.34 83.30
CA THR R 1100 -19.19 16.64 84.68
C THR R 1100 -18.44 17.85 85.19
N THR R 1101 -19.17 18.79 85.79
CA THR R 1101 -18.60 19.93 86.49
C THR R 1101 -19.29 20.04 87.84
N ARG R 1102 -18.50 20.19 88.90
CA ARG R 1102 -19.04 20.20 90.25
C ARG R 1102 -19.68 21.54 90.57
N ALA R 1103 -20.94 21.52 91.01
CA ALA R 1103 -21.66 22.71 91.40
C ALA R 1103 -21.42 23.06 92.86
N ASN R 1104 -21.67 22.11 93.76
CA ASN R 1104 -21.42 22.32 95.19
C ASN R 1104 -21.04 20.96 95.79
N ASN R 1105 -21.09 20.88 97.12
CA ASN R 1105 -20.71 19.65 97.81
C ASN R 1105 -21.62 18.49 97.41
N GLU R 1106 -22.90 18.76 97.20
CA GLU R 1106 -23.87 17.72 96.86
C GLU R 1106 -24.00 17.59 95.34
N PHE R 1107 -24.49 18.63 94.69
CA PHE R 1107 -24.90 18.55 93.30
C PHE R 1107 -23.71 18.61 92.35
N THR R 1108 -23.84 17.91 91.23
CA THR R 1108 -22.88 17.93 90.14
C THR R 1108 -23.62 18.18 88.83
N ARG R 1109 -23.05 19.02 87.98
CA ARG R 1109 -23.69 19.39 86.71
C ARG R 1109 -23.33 18.38 85.63
N TYR R 1110 -24.35 17.82 84.98
CA TYR R 1110 -24.19 16.88 83.88
C TYR R 1110 -24.69 17.54 82.60
N VAL R 1111 -23.85 17.54 81.56
CA VAL R 1111 -24.17 18.18 80.29
C VAL R 1111 -23.92 17.19 79.17
N ILE R 1112 -24.85 17.10 78.23
CA ILE R 1112 -24.72 16.25 77.05
C ILE R 1112 -24.99 17.10 75.82
N ASP R 1113 -24.12 16.98 74.82
CA ASP R 1113 -24.26 17.70 73.55
C ASP R 1113 -24.06 16.67 72.43
N GLU R 1114 -25.17 16.17 71.89
CA GLU R 1114 -25.18 15.09 70.92
C GLU R 1114 -26.00 15.48 69.70
N LYS R 1115 -25.53 15.08 68.52
CA LYS R 1115 -26.31 15.23 67.29
C LYS R 1115 -27.28 14.05 67.22
N VAL R 1116 -28.50 14.29 67.74
CA VAL R 1116 -29.46 13.20 67.92
C VAL R 1116 -29.90 12.59 66.60
N LYS R 1117 -29.88 13.36 65.51
CA LYS R 1117 -30.32 12.90 64.19
C LYS R 1117 -29.22 13.17 63.18
N SER R 1118 -28.77 12.11 62.49
CA SER R 1118 -27.68 12.26 61.55
C SER R 1118 -28.10 13.07 60.32
N SER R 1119 -29.31 12.83 59.80
CA SER R 1119 -29.86 13.52 58.61
C SER R 1119 -31.34 13.84 58.76
N GLY R 1120 -31.79 14.93 58.14
CA GLY R 1120 -33.10 15.49 58.42
C GLY R 1120 -33.17 16.23 59.77
N THR R 1121 -34.36 16.55 60.24
CA THR R 1121 -34.61 17.37 61.42
C THR R 1121 -35.90 16.92 62.11
N ASN R 1122 -35.87 16.78 63.43
CA ASN R 1122 -37.07 16.58 64.22
C ASN R 1122 -37.90 17.85 64.28
N THR R 1123 -39.20 17.71 64.51
CA THR R 1123 -40.14 18.84 64.62
C THR R 1123 -40.88 18.85 65.94
N LYS R 1124 -40.57 17.95 66.88
CA LYS R 1124 -41.18 17.87 68.21
C LYS R 1124 -40.15 17.49 69.26
N LEU R 1125 -40.37 17.88 70.50
CA LEU R 1125 -39.48 17.57 71.61
C LEU R 1125 -40.29 17.32 72.86
N GLN R 1126 -39.99 16.26 73.58
CA GLN R 1126 -40.44 16.08 74.96
C GLN R 1126 -39.30 15.59 75.83
N VAL R 1127 -39.18 16.13 77.03
CA VAL R 1127 -38.00 15.99 77.90
C VAL R 1127 -38.39 15.18 79.12
N ARG R 1128 -37.51 14.29 79.57
CA ARG R 1128 -37.81 13.33 80.62
C ARG R 1128 -36.57 13.06 81.45
N LEU R 1129 -36.76 12.79 82.73
CA LEU R 1129 -35.70 12.39 83.66
C LEU R 1129 -36.24 11.29 84.56
N ASP R 1130 -35.52 10.18 84.62
CA ASP R 1130 -35.94 8.99 85.34
C ASP R 1130 -35.10 8.84 86.60
N LEU R 1131 -35.77 8.87 87.76
CA LEU R 1131 -35.12 8.77 89.05
C LEU R 1131 -35.41 7.41 89.67
N SER R 1132 -34.40 6.81 90.29
CA SER R 1132 -34.56 5.51 90.93
C SER R 1132 -33.60 5.40 92.10
N THR R 1133 -33.91 4.48 93.02
CA THR R 1133 -33.14 4.28 94.24
C THR R 1133 -32.93 2.79 94.44
N GLU R 1134 -32.11 2.45 95.44
CA GLU R 1134 -31.95 1.08 95.92
C GLU R 1134 -32.50 0.88 97.32
N ASN R 1135 -32.71 1.95 98.08
CA ASN R 1135 -33.32 1.89 99.41
C ASN R 1135 -34.05 3.20 99.67
N SER R 1136 -34.70 3.30 100.83
CA SER R 1136 -35.61 4.43 101.06
C SER R 1136 -34.88 5.67 101.58
N PHE R 1137 -33.85 5.48 102.40
CA PHE R 1137 -33.20 6.62 103.04
C PHE R 1137 -32.41 7.47 102.04
N LEU R 1138 -31.77 6.84 101.06
CA LEU R 1138 -30.95 7.55 100.08
C LEU R 1138 -31.75 7.69 98.78
N ARG R 1139 -31.98 8.95 98.35
CA ARG R 1139 -32.75 9.27 97.16
C ARG R 1139 -31.98 10.33 96.36
N PRO R 1140 -32.14 10.35 95.03
CA PRO R 1140 -31.52 11.40 94.23
C PRO R 1140 -32.35 12.68 94.21
N ARG R 1141 -31.69 13.76 93.82
CA ARG R 1141 -32.32 15.07 93.70
C ARG R 1141 -31.82 15.71 92.42
N VAL R 1142 -32.69 16.47 91.74
CA VAL R 1142 -32.32 17.16 90.52
C VAL R 1142 -32.81 18.60 90.58
N ARG R 1143 -32.13 19.48 89.85
CA ARG R 1143 -32.52 20.88 89.81
C ARG R 1143 -31.90 21.56 88.60
N ARG R 1144 -32.52 22.66 88.20
CA ARG R 1144 -31.99 23.55 87.16
C ARG R 1144 -31.81 22.80 85.84
N LEU R 1145 -32.90 22.18 85.39
CA LEU R 1145 -32.93 21.48 84.12
C LEU R 1145 -33.08 22.48 82.98
N MET R 1146 -32.15 22.44 82.02
CA MET R 1146 -32.16 23.30 80.86
C MET R 1146 -31.86 22.45 79.62
N VAL R 1147 -32.71 22.55 78.61
CA VAL R 1147 -32.58 21.80 77.36
C VAL R 1147 -32.70 22.78 76.21
N THR R 1148 -31.72 22.77 75.30
CA THR R 1148 -31.72 23.63 74.13
C THR R 1148 -31.37 22.79 72.90
N THR R 1149 -31.91 23.20 71.75
CA THR R 1149 -31.83 22.44 70.52
C THR R 1149 -31.30 23.36 69.43
N ARG R 1150 -30.61 22.77 68.45
CA ARG R 1150 -29.98 23.52 67.38
C ARG R 1150 -30.12 22.74 66.08
N ASP R 1151 -29.91 23.43 64.96
CA ASP R 1151 -29.91 22.81 63.64
C ASP R 1151 -28.50 22.97 63.08
N GLU R 1152 -27.74 21.88 63.05
CA GLU R 1152 -26.36 21.91 62.57
C GLU R 1152 -26.06 20.76 61.61
N ASN S 4 -1.66 13.03 7.57
CA ASN S 4 -0.39 12.31 7.73
C ASN S 4 0.63 12.84 6.72
N PHE S 5 1.71 13.40 7.26
CA PHE S 5 2.82 13.94 6.48
C PHE S 5 4.06 13.06 6.47
N LYS S 6 3.95 11.83 6.98
CA LYS S 6 5.05 10.86 7.01
C LYS S 6 5.26 10.19 5.66
N GLY S 7 4.39 10.45 4.67
CA GLY S 7 4.47 9.76 3.41
C GLY S 7 5.51 10.33 2.47
N SER S 8 5.57 9.71 1.29
CA SER S 8 6.61 10.01 0.31
C SER S 8 6.73 11.48 -0.06
N PRO S 9 5.65 12.20 -0.40
CA PRO S 9 5.84 13.57 -0.92
C PRO S 9 6.41 14.56 0.10
N TYR S 10 6.31 14.27 1.39
CA TYR S 10 6.81 15.15 2.44
C TYR S 10 7.78 14.47 3.40
N LEU S 11 7.50 13.23 3.83
CA LEU S 11 8.42 12.46 4.66
C LEU S 11 8.66 13.14 6.01
N ASP S 12 7.60 13.73 6.56
CA ASP S 12 7.72 14.42 7.84
C ASP S 12 8.06 13.41 8.92
N ARG S 13 9.27 13.49 9.47
CA ARG S 13 9.84 12.47 10.33
C ARG S 13 9.58 12.72 11.82
N PHE S 14 8.71 13.67 12.16
CA PHE S 14 8.45 13.95 13.55
C PHE S 14 7.67 12.82 14.20
N ASP S 15 8.01 12.51 15.45
CA ASP S 15 7.25 11.52 16.21
C ASP S 15 7.36 11.86 17.69
N PRO S 16 6.24 12.06 18.43
CA PRO S 16 6.37 12.47 19.83
C PRO S 16 7.04 11.44 20.72
N SER S 17 6.79 10.14 20.48
CA SER S 17 7.39 9.06 21.24
C SER S 17 8.93 9.09 21.24
N LYS S 18 9.56 9.68 20.23
CA LYS S 18 11.03 9.66 20.20
C LYS S 18 11.67 10.69 21.13
N ASP S 19 10.92 11.70 21.61
CA ASP S 19 11.45 12.71 22.54
C ASP S 19 12.63 13.46 21.94
N ARG S 20 12.57 13.74 20.64
CA ARG S 20 13.58 14.53 19.96
C ARG S 20 13.02 15.94 19.78
N THR S 21 13.80 16.94 20.22
CA THR S 21 13.30 18.31 20.40
C THR S 21 14.07 19.35 19.61
N LYS S 22 15.07 18.96 18.83
CA LYS S 22 15.86 19.96 18.11
C LYS S 22 16.53 19.29 16.92
N VAL S 23 16.44 19.92 15.75
CA VAL S 23 17.11 19.44 14.54
C VAL S 23 18.40 20.24 14.39
N LEU S 24 19.54 19.60 14.68
CA LEU S 24 20.83 20.26 14.68
C LEU S 24 21.54 20.02 13.34
N PHE S 25 21.59 21.07 12.53
CA PHE S 25 22.20 21.00 11.21
C PHE S 25 23.71 21.06 11.32
N ASN S 26 24.40 20.38 10.40
CA ASN S 26 25.86 20.40 10.37
C ASN S 26 26.37 20.97 9.04
N PRO S 27 27.59 21.51 9.00
CA PRO S 27 28.10 22.06 7.76
C PRO S 27 28.54 20.97 6.80
N ASP S 28 28.64 21.34 5.52
CA ASP S 28 29.09 20.43 4.46
C ASP S 28 28.18 19.21 4.35
N ARG S 29 26.86 19.43 4.42
CA ARG S 29 25.86 18.39 4.28
C ARG S 29 24.72 18.90 3.41
N PRO S 30 24.00 18.01 2.72
CA PRO S 30 22.80 18.45 2.00
C PRO S 30 21.65 18.74 2.94
N LEU S 31 20.73 19.60 2.47
CA LEU S 31 19.61 20.05 3.29
C LEU S 31 18.35 19.26 2.90
N GLN S 32 17.72 18.64 3.89
CA GLN S 32 16.55 17.79 3.67
C GLN S 32 15.27 18.56 3.99
N GLN S 33 14.28 18.45 3.10
CA GLN S 33 12.98 19.05 3.36
C GLN S 33 12.32 18.45 4.60
N ALA S 34 12.57 17.16 4.86
CA ALA S 34 12.02 16.52 6.05
C ALA S 34 12.51 17.17 7.33
N GLU S 35 13.79 17.55 7.36
CA GLU S 35 14.31 18.28 8.52
C GLU S 35 13.57 19.59 8.72
N LEU S 36 13.28 20.32 7.66
CA LEU S 36 12.56 21.58 7.79
C LEU S 36 11.14 21.36 8.33
N ASN S 37 10.47 20.34 7.79
CA ASN S 37 9.12 20.02 8.25
C ASN S 37 9.12 19.65 9.74
N GLU S 38 10.07 18.81 10.14
CA GLU S 38 10.18 18.41 11.54
C GLU S 38 10.52 19.61 12.42
N MET S 39 11.29 20.57 11.87
CA MET S 39 11.70 21.73 12.63
C MET S 39 10.49 22.51 13.10
N GLN S 40 9.53 22.72 12.21
CA GLN S 40 8.30 23.37 12.68
C GLN S 40 7.32 22.43 13.37
N SER S 41 7.36 21.13 13.06
CA SER S 41 6.42 20.20 13.68
C SER S 41 6.67 20.07 15.18
N ILE S 42 7.94 20.08 15.59
CA ILE S 42 8.27 20.01 17.01
C ILE S 42 7.69 21.22 17.74
N ASP S 43 7.89 22.42 17.18
CA ASP S 43 7.44 23.62 17.87
C ASP S 43 5.92 23.65 17.96
N GLN S 44 5.24 23.24 16.88
CA GLN S 44 3.79 23.22 16.90
C GLN S 44 3.25 22.18 17.88
N TYR S 45 3.91 21.03 18.00
CA TYR S 45 3.46 20.01 18.92
C TYR S 45 3.60 20.48 20.36
N TYR S 46 4.72 21.13 20.70
CA TYR S 46 4.89 21.60 22.07
C TYR S 46 4.00 22.79 22.37
N LEU S 47 3.71 23.62 21.38
CA LEU S 47 2.71 24.66 21.56
C LEU S 47 1.34 24.06 21.81
N LYS S 48 1.00 22.98 21.10
CA LYS S 48 -0.26 22.29 21.33
C LYS S 48 -0.32 21.74 22.75
N ASN S 49 0.79 21.17 23.22
CA ASN S 49 0.82 20.66 24.59
C ASN S 49 0.64 21.77 25.60
N LEU S 50 1.32 22.90 25.40
CA LEU S 50 1.17 24.02 26.33
C LEU S 50 -0.28 24.51 26.35
N GLY S 51 -0.90 24.61 25.18
CA GLY S 51 -2.29 25.04 25.13
C GLY S 51 -3.23 24.06 25.80
N ASP S 52 -3.04 22.75 25.53
CA ASP S 52 -3.91 21.73 26.11
C ASP S 52 -3.78 21.70 27.62
N ALA S 53 -2.59 22.00 28.15
CA ALA S 53 -2.41 22.04 29.60
C ALA S 53 -3.29 23.10 30.28
N ILE S 54 -3.73 24.11 29.53
CA ILE S 54 -4.50 25.23 30.07
C ILE S 54 -5.93 25.19 29.57
N PHE S 55 -6.12 25.23 28.27
CA PHE S 55 -7.43 25.36 27.65
C PHE S 55 -7.97 24.00 27.20
N LYS S 56 -9.24 24.01 26.80
CA LYS S 56 -9.91 22.86 26.22
C LYS S 56 -10.48 23.25 24.87
N ASP S 57 -10.56 22.27 23.96
CA ASP S 57 -11.12 22.49 22.64
C ASP S 57 -12.54 23.04 22.76
N GLY S 58 -12.83 24.10 22.01
CA GLY S 58 -14.09 24.79 22.07
C GLY S 58 -14.21 25.83 23.17
N ASP S 59 -13.10 26.21 23.82
CA ASP S 59 -13.21 27.17 24.92
C ASP S 59 -13.24 28.58 24.35
N LYS S 60 -14.37 29.27 24.48
CA LYS S 60 -14.47 30.64 23.99
C LYS S 60 -13.59 31.56 24.81
N GLN S 61 -12.99 32.54 24.14
CA GLN S 61 -12.15 33.54 24.79
C GLN S 61 -12.71 34.95 24.65
N SER S 62 -13.19 35.33 23.46
CA SER S 62 -13.78 36.64 23.25
C SER S 62 -14.64 36.60 22.00
N GLY S 63 -15.63 37.50 21.97
CA GLY S 63 -16.51 37.59 20.82
C GLY S 63 -17.45 36.40 20.75
N LEU S 64 -17.68 35.92 19.52
CA LEU S 64 -18.54 34.75 19.26
C LEU S 64 -19.96 34.93 19.80
N GLY S 65 -20.43 36.18 19.87
CA GLY S 65 -21.81 36.41 20.25
C GLY S 65 -22.78 36.01 19.16
N PHE S 66 -23.60 34.99 19.43
CA PHE S 66 -24.49 34.47 18.40
C PHE S 66 -25.72 35.36 18.24
N THR S 67 -26.26 35.37 17.03
CA THR S 67 -27.51 36.04 16.70
C THR S 67 -28.41 35.02 16.02
N LEU S 68 -29.52 34.65 16.64
CA LEU S 68 -30.45 33.64 16.12
C LEU S 68 -31.70 34.35 15.59
N SER S 69 -31.98 34.17 14.31
CA SER S 69 -33.16 34.71 13.66
C SER S 69 -34.41 33.86 13.98
N GLU S 70 -35.58 34.41 13.64
CA GLU S 70 -36.84 33.71 13.85
C GLU S 70 -36.98 32.45 12.99
N ASP S 71 -36.26 32.31 11.89
CA ASP S 71 -36.33 31.13 11.00
C ASP S 71 -35.45 29.95 11.46
N ASN S 72 -34.93 29.99 12.69
CA ASN S 72 -33.89 29.07 13.17
C ASN S 72 -32.57 29.13 12.38
N VAL S 73 -32.34 30.19 11.60
CA VAL S 73 -31.04 30.50 11.02
C VAL S 73 -30.14 31.11 12.08
N LEU S 74 -29.04 30.41 12.39
CA LEU S 74 -28.06 30.76 13.41
C LEU S 74 -26.79 31.29 12.75
N THR S 75 -26.18 32.30 13.35
CA THR S 75 -24.89 32.85 12.90
C THR S 75 -24.07 33.33 14.09
N VAL S 76 -22.75 33.22 13.98
CA VAL S 76 -21.78 33.45 15.04
C VAL S 76 -20.90 34.64 14.62
N ASN S 77 -20.81 35.62 15.51
CA ASN S 77 -19.99 36.79 15.25
C ASN S 77 -18.51 36.43 15.33
N PRO S 78 -17.61 37.31 14.88
CA PRO S 78 -16.19 36.96 14.94
C PRO S 78 -15.69 36.95 16.38
N GLY S 79 -14.65 36.16 16.61
CA GLY S 79 -14.05 36.04 17.92
C GLY S 79 -12.93 35.04 17.90
N TYR S 80 -12.41 34.73 19.09
CA TYR S 80 -11.28 33.82 19.28
C TYR S 80 -11.75 32.52 19.94
N VAL S 81 -11.11 31.40 19.59
CA VAL S 81 -11.51 30.13 20.17
C VAL S 81 -10.30 29.20 20.13
N TYR S 82 -10.23 28.29 21.09
CA TYR S 82 -9.16 27.30 21.15
C TYR S 82 -9.64 26.02 20.48
N ILE S 83 -9.02 25.68 19.36
CA ILE S 83 -9.38 24.47 18.62
C ILE S 83 -8.09 23.82 18.12
N ASN S 84 -7.84 22.58 18.56
CA ASN S 84 -6.75 21.76 18.05
C ASN S 84 -5.40 22.47 18.23
N GLY S 85 -5.04 22.66 19.49
CA GLY S 85 -3.71 23.10 19.82
C GLY S 85 -3.36 24.51 19.45
N LYS S 86 -4.34 25.32 19.05
CA LYS S 86 -4.09 26.72 18.71
C LYS S 86 -5.34 27.54 19.02
N ILE S 87 -5.11 28.82 19.35
CA ILE S 87 -6.19 29.78 19.54
C ILE S 87 -6.41 30.44 18.17
N ARG S 88 -7.37 29.89 17.42
CA ARG S 88 -7.65 30.36 16.08
C ARG S 88 -8.67 31.50 16.12
N TYR S 89 -8.57 32.39 15.14
CA TYR S 89 -9.49 33.51 14.99
C TYR S 89 -10.57 33.12 13.98
N TYR S 90 -11.83 33.19 14.40
CA TYR S 90 -12.94 32.78 13.57
C TYR S 90 -13.56 34.02 12.93
N ASP S 91 -13.55 34.06 11.59
CA ASP S 91 -14.19 35.12 10.84
C ASP S 91 -14.83 34.54 9.59
N ASN S 92 -15.49 33.38 9.74
CA ASN S 92 -16.00 32.65 8.59
C ASN S 92 -17.31 33.24 8.07
N ASP S 93 -18.11 33.84 8.94
CA ASP S 93 -19.41 34.38 8.57
C ASP S 93 -20.33 33.29 8.01
N ASP S 94 -20.23 32.04 8.46
CA ASP S 94 -21.13 30.98 7.97
C ASP S 94 -22.49 31.03 8.69
N SER S 95 -23.45 30.21 8.26
CA SER S 95 -24.72 30.03 8.96
C SER S 95 -25.19 28.58 8.95
N VAL S 96 -26.07 28.23 9.88
CA VAL S 96 -26.67 26.89 9.99
C VAL S 96 -28.14 26.99 10.36
N LYS S 97 -28.93 25.94 10.10
CA LYS S 97 -30.31 25.84 10.58
C LYS S 97 -30.43 24.84 11.71
N ILE S 98 -31.05 25.24 12.81
CA ILE S 98 -31.26 24.39 13.99
C ILE S 98 -32.69 23.83 13.98
N THR S 99 -32.90 22.57 14.31
CA THR S 99 -34.26 21.98 14.31
C THR S 99 -35.14 22.61 15.38
N GLY S 100 -34.56 23.20 16.43
CA GLY S 100 -35.30 23.90 17.47
C GLY S 100 -36.05 22.97 18.44
N VAL S 101 -35.74 21.67 18.44
CA VAL S 101 -36.37 20.68 19.31
C VAL S 101 -35.34 19.68 19.86
N GLY S 102 -35.55 19.20 21.08
CA GLY S 102 -34.55 18.39 21.77
C GLY S 102 -33.29 19.21 22.12
N LYS S 103 -32.14 18.54 22.26
CA LYS S 103 -30.87 19.18 22.61
C LYS S 103 -29.99 19.30 21.38
N GLU S 104 -29.58 20.51 21.03
CA GLU S 104 -28.76 20.78 19.84
C GLU S 104 -27.46 21.45 20.22
N THR S 105 -26.35 20.79 19.91
CA THR S 105 -25.01 21.27 20.19
C THR S 105 -24.41 21.91 18.94
N ILE S 106 -23.89 23.12 19.07
CA ILE S 106 -23.24 23.83 17.98
C ILE S 106 -21.74 23.75 18.22
N GLY S 107 -20.99 23.31 17.22
CA GLY S 107 -19.56 23.21 17.30
C GLY S 107 -18.90 23.60 15.99
N ILE S 108 -17.60 23.90 16.09
CA ILE S 108 -16.78 24.34 14.96
C ILE S 108 -15.97 23.15 14.48
N LYS S 109 -15.98 22.92 13.16
CA LYS S 109 -15.25 21.83 12.52
C LYS S 109 -14.05 22.38 11.76
N LEU S 110 -12.90 21.75 11.93
CA LEU S 110 -11.66 22.15 11.28
C LEU S 110 -11.31 21.14 10.20
N THR S 111 -11.06 21.62 8.99
CA THR S 111 -10.76 20.76 7.83
C THR S 111 -9.40 21.15 7.28
N GLU S 112 -8.51 20.16 7.21
CA GLU S 112 -7.18 20.36 6.64
C GLU S 112 -7.24 20.28 5.12
N ARG S 113 -6.67 21.27 4.44
CA ARG S 113 -6.67 21.33 2.98
C ARG S 113 -5.28 21.77 2.51
N ILE S 114 -4.74 21.06 1.52
CA ILE S 114 -3.42 21.36 0.98
C ILE S 114 -3.55 22.34 -0.17
N VAL S 115 -2.84 23.46 -0.08
CA VAL S 115 -2.85 24.51 -1.08
C VAL S 115 -1.52 24.46 -1.82
N THR S 116 -1.59 24.23 -3.13
CA THR S 116 -0.43 24.08 -3.99
C THR S 116 -0.22 25.32 -4.86
N PRO S 117 0.97 25.47 -5.46
CA PRO S 117 1.20 26.66 -6.31
C PRO S 117 0.31 26.67 -7.54
N ASP S 118 -0.13 25.50 -8.00
CA ASP S 118 -1.00 25.41 -9.17
C ASP S 118 -2.33 26.13 -8.91
N GLU S 119 -2.93 25.87 -7.74
CA GLU S 119 -4.17 26.55 -7.38
C GLU S 119 -3.91 28.00 -7.01
N ASP S 120 -2.89 28.24 -6.19
CA ASP S 120 -2.56 29.56 -5.66
C ASP S 120 -1.30 30.04 -6.36
N ALA S 121 -1.46 30.94 -7.33
CA ALA S 121 -0.31 31.37 -8.11
C ALA S 121 0.62 32.28 -7.31
N SER S 122 0.13 32.86 -6.21
CA SER S 122 0.96 33.74 -5.40
C SER S 122 2.06 32.99 -4.67
N LEU S 123 1.95 31.67 -4.52
CA LEU S 123 3.02 30.92 -3.86
C LEU S 123 4.29 30.88 -4.69
N LEU S 124 4.23 31.12 -6.00
CA LEU S 124 5.41 31.10 -6.83
C LEU S 124 6.36 32.24 -6.44
N ASP S 125 7.65 31.97 -6.54
CA ASP S 125 8.67 32.94 -6.14
C ASP S 125 8.54 34.19 -6.99
N GLN S 126 8.34 35.33 -6.33
CA GLN S 126 8.15 36.62 -6.97
C GLN S 126 9.27 37.59 -6.59
N THR S 127 10.46 37.07 -6.31
CA THR S 127 11.64 37.90 -6.10
C THR S 127 12.26 38.21 -7.45
N SER S 128 12.26 39.49 -7.82
CA SER S 128 12.77 39.91 -9.12
C SER S 128 14.24 39.57 -9.27
N GLY S 129 14.62 39.12 -10.47
CA GLY S 129 16.01 38.96 -10.81
C GLY S 129 16.75 37.86 -10.06
N VAL S 130 16.12 36.71 -9.89
CA VAL S 130 16.75 35.54 -9.25
C VAL S 130 16.59 34.35 -10.20
N PRO S 131 17.42 33.31 -10.05
CA PRO S 131 17.24 32.15 -10.95
C PRO S 131 15.96 31.39 -10.68
N SER S 132 15.48 31.39 -9.44
CA SER S 132 14.27 30.68 -9.05
C SER S 132 13.02 31.53 -9.20
N TYR S 133 13.04 32.53 -10.08
CA TYR S 133 11.85 33.36 -10.29
C TYR S 133 10.74 32.55 -10.94
N PHE S 134 9.53 32.69 -10.40
CA PHE S 134 8.31 32.00 -10.86
C PHE S 134 8.38 30.48 -10.68
N SER S 135 9.36 29.97 -9.95
CA SER S 135 9.49 28.53 -9.75
C SER S 135 8.61 28.08 -8.59
N LYS S 136 8.10 26.85 -8.72
CA LYS S 136 7.25 26.25 -7.70
C LYS S 136 8.06 26.06 -6.42
N GLY S 137 7.37 26.00 -5.29
CA GLY S 137 8.02 25.86 -4.00
C GLY S 137 7.16 25.12 -3.02
N ALA S 138 7.27 25.49 -1.74
CA ALA S 138 6.58 24.76 -0.70
C ALA S 138 5.09 24.99 -0.78
N ASP S 139 4.31 23.95 -0.48
CA ASP S 139 2.87 24.09 -0.34
C ASP S 139 2.52 24.69 1.01
N ARG S 140 1.23 24.90 1.24
CA ARG S 140 0.71 25.50 2.45
C ARG S 140 -0.45 24.66 2.97
N LEU S 141 -0.47 24.46 4.29
CA LEU S 141 -1.55 23.73 4.95
C LEU S 141 -2.60 24.75 5.39
N GLU S 142 -3.77 24.68 4.75
CA GLU S 142 -4.88 25.59 5.04
C GLU S 142 -5.92 24.87 5.89
N GLU S 143 -6.26 25.48 7.03
CA GLU S 143 -7.17 24.90 8.00
C GLU S 143 -8.35 25.85 8.23
N LYS S 144 -9.43 25.66 7.47
CA LYS S 144 -10.56 26.58 7.51
C LYS S 144 -11.59 26.05 8.50
N MET S 145 -12.06 26.94 9.38
CA MET S 145 -13.06 26.59 10.38
C MET S 145 -14.46 26.78 9.81
N SER S 146 -15.34 25.84 10.14
CA SER S 146 -16.72 25.85 9.64
C SER S 146 -17.67 25.47 10.77
N LEU S 147 -18.90 25.97 10.73
CA LEU S 147 -19.90 25.78 11.78
C LEU S 147 -20.71 24.49 11.55
N THR S 148 -21.12 23.77 12.60
CA THR S 148 -21.84 22.48 12.47
C THR S 148 -22.81 22.20 13.62
N VAL S 149 -23.84 21.37 13.39
CA VAL S 149 -24.92 21.06 14.35
C VAL S 149 -24.94 19.59 14.71
N ASN S 150 -24.88 19.28 16.01
CA ASN S 150 -24.82 17.92 16.54
C ASN S 150 -23.70 17.07 15.90
N ASP S 151 -22.58 17.69 15.55
CA ASP S 151 -21.42 16.95 15.04
C ASP S 151 -20.55 16.56 16.22
N PRO S 152 -20.43 15.26 16.57
CA PRO S 152 -19.65 14.92 17.77
C PRO S 152 -18.16 15.16 17.62
N THR S 153 -17.63 15.11 16.40
CA THR S 153 -16.23 15.38 16.17
C THR S 153 -15.88 16.86 16.40
N SER S 154 -16.81 17.79 16.14
CA SER S 154 -16.50 19.20 16.26
C SER S 154 -16.32 19.62 17.71
N ALA S 155 -15.69 20.78 17.91
CA ALA S 155 -15.51 21.36 19.24
C ALA S 155 -16.72 22.23 19.56
N THR S 156 -17.49 21.79 20.55
CA THR S 156 -18.72 22.48 20.94
C THR S 156 -18.42 23.88 21.46
N ILE S 157 -19.27 24.84 21.06
CA ILE S 157 -19.17 26.23 21.49
C ILE S 157 -20.46 26.67 22.17
N TYR S 158 -21.60 26.11 21.75
CA TYR S 158 -22.90 26.43 22.33
C TYR S 158 -23.76 25.18 22.40
N THR S 159 -24.71 25.19 23.34
CA THR S 159 -25.71 24.14 23.49
C THR S 159 -27.07 24.77 23.67
N PHE S 160 -28.05 24.29 22.92
CA PHE S 160 -29.41 24.80 22.93
C PHE S 160 -30.37 23.69 23.33
N MET S 161 -31.41 24.04 24.05
CA MET S 161 -32.52 23.17 24.36
C MET S 161 -33.79 23.78 23.80
N ASP S 162 -34.49 23.09 22.91
CA ASP S 162 -35.73 23.58 22.29
C ASP S 162 -35.64 25.02 21.75
N GLY S 163 -34.49 25.42 21.22
CA GLY S 163 -34.25 26.77 20.68
C GLY S 163 -33.82 27.84 21.70
N ASP S 164 -33.57 27.47 22.96
CA ASP S 164 -33.12 28.35 24.05
C ASP S 164 -31.68 28.03 24.46
N LEU S 165 -30.90 29.07 24.76
CA LEU S 165 -29.51 28.94 25.18
C LEU S 165 -29.42 28.26 26.55
N TYR S 166 -28.62 27.20 26.66
CA TYR S 166 -28.60 26.35 27.86
C TYR S 166 -27.64 26.83 28.96
N ILE S 167 -26.49 27.38 28.59
CA ILE S 167 -25.44 27.89 29.48
C ILE S 167 -24.84 29.16 28.88
N GLN S 168 -24.60 30.19 29.70
CA GLN S 168 -23.82 31.37 29.31
C GLN S 168 -22.37 31.30 29.80
N SER S 169 -21.52 32.17 29.27
CA SER S 169 -20.15 32.38 29.75
C SER S 169 -19.77 33.82 29.44
N THR S 170 -19.77 34.69 30.46
CA THR S 170 -19.56 36.13 30.24
C THR S 170 -18.10 36.44 29.89
N ASN S 171 -17.15 35.58 30.26
CA ASN S 171 -15.74 35.83 30.00
C ASN S 171 -15.09 34.51 29.56
N ALA S 172 -13.76 34.54 29.42
CA ALA S 172 -13.02 33.42 28.86
C ALA S 172 -13.22 32.15 29.67
N GLU S 173 -13.27 31.02 28.97
CA GLU S 173 -13.40 29.71 29.58
C GLU S 173 -12.04 29.02 29.64
N MET S 174 -11.72 28.45 30.80
CA MET S 174 -10.44 27.76 31.03
C MET S 174 -10.75 26.55 31.90
N ASP S 175 -10.84 25.39 31.25
CA ASP S 175 -11.31 24.18 31.92
C ASP S 175 -10.36 23.77 33.03
N LYS S 176 -9.07 23.70 32.74
CA LYS S 176 -8.10 23.29 33.76
C LYS S 176 -8.07 24.25 34.93
N ILE S 177 -8.13 25.55 34.66
CA ILE S 177 -8.25 26.55 35.72
C ILE S 177 -9.58 26.38 36.45
N ASN S 178 -10.66 26.11 35.70
CA ASN S 178 -11.98 26.02 36.30
C ASN S 178 -12.06 24.86 37.29
N LYS S 179 -11.35 23.77 37.03
CA LYS S 179 -11.38 22.62 37.94
C LYS S 179 -10.75 22.99 39.29
N VAL S 180 -9.60 23.66 39.26
CA VAL S 180 -8.92 24.10 40.47
C VAL S 180 -9.78 25.11 41.23
N LEU S 181 -10.37 26.06 40.51
CA LEU S 181 -11.21 27.06 41.16
C LEU S 181 -12.46 26.41 41.76
N ALA S 182 -13.02 25.41 41.08
CA ALA S 182 -14.18 24.72 41.61
C ALA S 182 -13.82 23.96 42.87
N GLU S 183 -12.65 23.31 42.89
CA GLU S 183 -12.19 22.63 44.09
C GLU S 183 -12.07 23.60 45.25
N ARG S 184 -11.40 24.74 45.02
CA ARG S 184 -11.22 25.73 46.08
C ARG S 184 -12.56 26.26 46.57
N THR S 185 -13.47 26.57 45.65
CA THR S 185 -14.76 27.14 46.03
C THR S 185 -15.61 26.11 46.79
N TYR S 186 -15.59 24.86 46.36
CA TYR S 186 -16.36 23.81 47.04
C TYR S 186 -15.79 23.50 48.41
N ASP S 187 -14.47 23.58 48.57
CA ASP S 187 -13.87 23.37 49.88
C ASP S 187 -14.18 24.55 50.81
N GLU S 188 -14.17 25.77 50.29
CA GLU S 188 -14.34 26.94 51.13
C GLU S 188 -15.80 27.11 51.55
N SER S 189 -16.74 26.96 50.61
CA SER S 189 -18.13 27.34 50.81
C SER S 189 -19.15 26.27 50.47
N GLY S 190 -18.80 25.28 49.65
CA GLY S 190 -19.75 24.29 49.17
C GLY S 190 -20.62 24.82 48.06
N SER S 191 -21.69 24.08 47.79
CA SER S 191 -22.66 24.39 46.76
C SER S 191 -23.67 25.42 47.24
N TYR S 192 -23.96 26.46 46.46
CA TYR S 192 -24.96 27.45 46.83
C TYR S 192 -25.54 28.17 45.61
N LYS S 193 -26.73 28.74 45.77
CA LYS S 193 -27.37 29.60 44.77
C LYS S 193 -26.92 31.05 44.91
N VAL S 194 -26.87 31.81 43.81
CA VAL S 194 -26.59 33.25 43.83
C VAL S 194 -27.84 34.08 43.62
N ASN S 195 -28.66 33.74 42.63
CA ASN S 195 -29.97 34.36 42.41
C ASN S 195 -30.86 33.47 41.52
N GLY S 196 -32.14 33.75 41.52
CA GLY S 196 -33.07 33.17 40.56
C GLY S 196 -33.52 31.77 40.97
N PHE S 197 -33.86 30.95 39.98
CA PHE S 197 -34.36 29.61 40.19
C PHE S 197 -35.60 29.54 41.10
N GLU S 198 -36.50 30.51 41.02
CA GLU S 198 -37.85 30.37 41.54
C GLU S 198 -38.61 29.23 40.84
N LEU S 199 -39.66 28.71 41.49
CA LEU S 199 -40.57 27.74 40.89
C LEU S 199 -41.95 28.38 40.68
N PHE S 200 -42.57 28.16 39.53
CA PHE S 200 -43.95 28.54 39.25
C PHE S 200 -44.71 27.40 38.59
N SER S 201 -45.92 27.09 39.05
CA SER S 201 -46.82 26.21 38.33
C SER S 201 -47.49 26.97 37.17
N GLU S 202 -47.70 26.28 36.05
CA GLU S 202 -48.36 26.86 34.88
C GLU S 202 -49.53 26.00 34.38
N GLY S 203 -49.52 24.68 34.60
CA GLY S 203 -50.61 23.80 34.15
C GLY S 203 -50.76 23.68 32.62
N ASN S 204 -49.70 23.97 31.86
CA ASN S 204 -49.69 23.83 30.39
C ASN S 204 -50.07 22.41 29.96
N ALA S 205 -50.96 22.31 28.99
CA ALA S 205 -51.59 21.06 28.59
C ALA S 205 -50.78 20.33 27.52
N GLU S 206 -49.52 20.02 27.82
CA GLU S 206 -48.68 19.16 26.97
C GLU S 206 -49.06 17.67 27.04
N ASP S 207 -49.61 17.24 28.17
CA ASP S 207 -50.18 15.92 28.41
C ASP S 207 -51.31 16.06 29.46
N ASP S 208 -52.23 15.11 29.53
CA ASP S 208 -53.20 15.02 30.62
C ASP S 208 -52.60 14.36 31.87
N ASP S 209 -51.56 13.53 31.74
CA ASP S 209 -50.94 12.81 32.87
C ASP S 209 -49.77 13.53 33.55
N HIS S 210 -49.54 14.79 33.22
CA HIS S 210 -48.40 15.56 33.71
C HIS S 210 -48.79 17.00 34.06
N VAL S 211 -48.15 17.55 35.09
CA VAL S 211 -48.29 18.96 35.45
C VAL S 211 -47.02 19.69 35.09
N SER S 212 -47.14 20.75 34.29
CA SER S 212 -46.01 21.57 33.86
C SER S 212 -45.60 22.52 34.97
N VAL S 213 -44.31 22.55 35.30
CA VAL S 213 -43.68 23.49 36.22
C VAL S 213 -42.59 24.28 35.49
N VAL S 214 -42.50 25.56 35.78
CA VAL S 214 -41.45 26.43 35.24
C VAL S 214 -40.44 26.71 36.34
N VAL S 215 -39.16 26.57 36.03
CA VAL S 215 -38.06 27.03 36.87
C VAL S 215 -37.50 28.30 36.25
N ASP S 216 -37.43 29.40 36.99
CA ASP S 216 -36.99 30.66 36.43
C ASP S 216 -35.49 30.64 36.05
N ALA S 217 -35.01 31.63 35.30
CA ALA S 217 -33.56 31.82 35.11
C ALA S 217 -32.86 32.07 36.45
N GLY S 218 -31.54 31.94 36.50
CA GLY S 218 -30.78 32.11 37.74
C GLY S 218 -29.30 31.80 37.58
N LYS S 219 -28.54 31.97 38.65
CA LYS S 219 -27.11 31.64 38.72
C LYS S 219 -26.78 30.91 40.00
N ALA S 220 -25.95 29.89 39.92
CA ALA S 220 -25.51 29.11 41.06
C ALA S 220 -24.10 28.59 40.87
N TYR S 221 -23.46 28.16 41.94
CA TYR S 221 -22.22 27.40 41.87
C TYR S 221 -22.46 26.04 42.50
N VAL S 222 -22.41 24.98 41.70
CA VAL S 222 -22.67 23.61 42.16
C VAL S 222 -21.36 22.86 42.12
N LYS S 223 -20.93 22.23 43.21
CA LYS S 223 -19.60 21.61 43.26
C LYS S 223 -18.47 22.57 42.85
N GLY S 224 -18.68 23.90 42.90
CA GLY S 224 -17.66 24.86 42.54
C GLY S 224 -17.74 25.36 41.11
N PHE S 225 -18.44 24.68 40.22
CA PHE S 225 -18.55 25.08 38.82
C PHE S 225 -19.68 26.08 38.69
N LYS S 226 -19.50 27.18 37.95
CA LYS S 226 -20.62 28.12 37.76
C LYS S 226 -21.65 27.51 36.83
N VAL S 227 -22.90 27.77 37.13
CA VAL S 227 -24.05 27.32 36.37
C VAL S 227 -24.95 28.52 36.22
N ASP S 228 -24.93 29.13 35.04
CA ASP S 228 -25.66 30.35 34.75
C ASP S 228 -26.64 30.08 33.62
N LYS S 229 -27.94 30.23 33.88
CA LYS S 229 -28.99 30.04 32.88
C LYS S 229 -29.58 31.40 32.50
N PRO S 230 -29.73 31.72 31.22
CA PRO S 230 -30.25 33.01 30.78
C PRO S 230 -31.77 33.08 30.75
N VAL S 231 -32.46 31.95 30.59
CA VAL S 231 -33.92 31.88 30.45
C VAL S 231 -34.48 30.68 31.21
N SER S 232 -35.76 30.75 31.55
CA SER S 232 -36.44 29.72 32.33
C SER S 232 -36.45 28.37 31.62
N THR S 233 -36.58 27.31 32.40
CA THR S 233 -36.66 25.92 31.93
C THR S 233 -38.00 25.32 32.31
N ARG S 234 -38.75 24.77 31.35
CA ARG S 234 -39.92 23.94 31.65
C ARG S 234 -39.52 22.52 32.03
N ILE S 235 -40.19 21.99 33.04
CA ILE S 235 -40.13 20.59 33.46
C ILE S 235 -41.55 20.12 33.69
N SER S 236 -41.77 18.81 33.71
CA SER S 236 -43.08 18.27 34.04
C SER S 236 -42.95 17.15 35.05
N VAL S 237 -43.85 17.17 36.04
CA VAL S 237 -43.96 16.12 37.05
C VAL S 237 -45.13 15.22 36.66
N PRO S 238 -44.99 13.90 36.78
CA PRO S 238 -46.11 13.01 36.54
C PRO S 238 -47.16 13.24 37.62
N LYS S 239 -48.45 13.15 37.28
CA LYS S 239 -49.53 13.18 38.27
C LYS S 239 -49.38 12.06 39.29
N SER S 240 -50.11 12.14 40.40
CA SER S 240 -50.14 11.05 41.38
C SER S 240 -51.42 10.22 41.22
N TYR S 241 -51.24 8.91 41.03
CA TYR S 241 -52.32 7.95 40.82
C TYR S 241 -52.25 6.73 41.76
N ASP S 242 -51.25 6.63 42.63
CA ASP S 242 -51.16 5.53 43.58
C ASP S 242 -52.28 5.59 44.62
N LEU S 243 -52.78 4.43 45.04
CA LEU S 243 -53.99 4.31 45.86
C LEU S 243 -53.71 3.79 47.27
N GLY S 244 -54.22 4.51 48.26
CA GLY S 244 -54.41 3.99 49.60
C GLY S 244 -55.69 3.17 49.69
N THR S 245 -55.70 2.16 50.55
CA THR S 245 -56.85 1.32 50.81
C THR S 245 -57.28 1.51 52.26
N ALA S 246 -58.57 1.74 52.47
CA ALA S 246 -59.17 1.68 53.80
C ALA S 246 -60.12 0.48 53.87
N GLU S 247 -60.01 -0.29 54.94
CA GLU S 247 -60.88 -1.45 55.20
C GLU S 247 -61.45 -1.38 56.61
N ASN S 248 -62.58 -2.03 56.85
CA ASN S 248 -63.29 -2.02 58.14
C ASN S 248 -63.64 -0.61 58.65
N GLU S 249 -63.68 0.41 57.79
CA GLU S 249 -64.03 1.75 58.26
C GLU S 249 -65.48 1.76 58.74
N SER S 250 -65.72 2.37 59.90
CA SER S 250 -66.85 2.02 60.77
C SER S 250 -67.72 3.23 61.11
N THR S 251 -69.01 3.03 61.38
CA THR S 251 -69.94 4.05 61.91
C THR S 251 -71.17 3.38 62.52
N ILE S 252 -71.65 3.83 63.67
CA ILE S 252 -72.96 3.42 64.19
C ILE S 252 -74.07 4.13 63.40
N PHE S 253 -74.93 3.37 62.72
CA PHE S 253 -76.02 3.91 61.91
C PHE S 253 -77.17 4.46 62.76
N ASN S 254 -77.73 5.61 62.37
CA ASN S 254 -78.91 6.21 62.98
C ASN S 254 -80.14 6.16 62.07
N LYS S 255 -81.26 5.59 62.54
CA LYS S 255 -82.57 5.71 61.88
C LYS S 255 -82.95 7.17 61.60
N SER S 256 -82.58 8.10 62.47
CA SER S 256 -82.87 9.54 62.33
C SER S 256 -81.98 10.29 61.34
N ASN S 257 -80.86 9.71 60.87
CA ASN S 257 -79.96 10.33 59.91
C ASN S 257 -79.25 9.26 59.08
N ASN S 258 -79.77 9.02 57.88
CA ASN S 258 -79.30 7.93 57.03
C ASN S 258 -77.87 8.12 56.50
N SER S 259 -77.44 9.38 56.30
CA SER S 259 -76.13 9.67 55.71
C SER S 259 -74.95 9.34 56.64
N ILE S 260 -73.92 8.70 56.10
CA ILE S 260 -72.62 8.46 56.76
C ILE S 260 -71.46 8.95 55.89
N SER S 261 -70.41 9.49 56.50
CA SER S 261 -69.25 10.04 55.79
C SER S 261 -68.09 9.06 55.66
N LEU S 262 -67.17 9.32 54.73
CA LEU S 262 -65.89 8.61 54.59
C LEU S 262 -64.71 9.49 55.01
N ALA S 263 -63.77 8.96 55.78
CA ALA S 263 -62.67 9.74 56.36
C ALA S 263 -61.70 10.31 55.32
N ASN S 264 -61.27 9.50 54.35
CA ASN S 264 -60.34 9.94 53.31
C ASN S 264 -61.07 10.71 52.20
N SER S 265 -60.63 11.92 51.87
CA SER S 265 -61.35 12.79 50.93
C SER S 265 -61.41 12.24 49.50
N PRO S 266 -60.29 11.99 48.79
CA PRO S 266 -60.33 11.72 47.36
C PRO S 266 -60.67 10.27 47.01
N VAL S 267 -61.92 9.85 47.24
CA VAL S 267 -62.39 8.48 47.04
C VAL S 267 -62.50 8.12 45.55
N LYS S 268 -61.86 7.01 45.15
CA LYS S 268 -61.95 6.47 43.79
C LYS S 268 -63.17 5.58 43.60
N GLU S 269 -63.26 4.52 44.40
CA GLU S 269 -64.39 3.60 44.38
C GLU S 269 -64.59 2.91 45.74
N ILE S 270 -65.82 2.49 46.01
CA ILE S 270 -66.17 1.72 47.20
C ILE S 270 -66.23 0.25 46.81
N ARG S 271 -65.48 -0.62 47.50
CA ARG S 271 -65.44 -2.05 47.22
C ARG S 271 -66.60 -2.80 47.84
N ARG S 272 -67.01 -2.42 49.06
CA ARG S 272 -68.08 -3.08 49.81
C ARG S 272 -68.62 -2.16 50.88
N VAL S 273 -69.94 -1.98 50.88
CA VAL S 273 -70.69 -1.45 52.03
C VAL S 273 -71.38 -2.65 52.66
N THR S 274 -71.31 -2.83 53.97
CA THR S 274 -72.05 -3.90 54.64
C THR S 274 -72.48 -3.54 56.05
N GLY S 275 -73.55 -4.15 56.54
CA GLY S 275 -74.09 -3.94 57.88
C GLY S 275 -75.14 -4.99 58.22
N GLN S 276 -75.59 -5.02 59.47
CA GLN S 276 -76.62 -5.94 59.92
C GLN S 276 -77.99 -5.51 59.38
N VAL S 277 -78.77 -6.47 58.89
CA VAL S 277 -80.10 -6.28 58.30
C VAL S 277 -81.06 -7.31 58.88
N LEU S 278 -82.30 -6.91 59.18
CA LEU S 278 -83.34 -7.76 59.75
C LEU S 278 -84.40 -8.09 58.69
N ILE S 279 -84.67 -9.38 58.49
CA ILE S 279 -85.76 -9.84 57.61
C ILE S 279 -86.97 -10.27 58.43
N GLU S 280 -88.13 -9.84 57.99
CA GLU S 280 -89.43 -10.23 58.53
C GLU S 280 -90.09 -11.26 57.60
N LYS S 281 -90.66 -12.32 58.19
CA LYS S 281 -91.64 -13.19 57.52
C LYS S 281 -91.14 -13.89 56.23
N GLU S 282 -89.97 -14.53 56.28
CA GLU S 282 -89.46 -15.38 55.21
C GLU S 282 -90.05 -16.80 55.27
N ARG S 283 -90.59 -17.29 54.15
CA ARG S 283 -91.14 -18.64 53.97
C ARG S 283 -90.04 -19.72 53.91
N VAL S 284 -90.26 -20.86 54.56
CA VAL S 284 -89.42 -22.07 54.50
C VAL S 284 -90.29 -23.31 54.32
N THR S 285 -89.82 -24.31 53.56
CA THR S 285 -90.44 -25.65 53.49
C THR S 285 -89.57 -26.67 54.24
N ARG S 286 -90.19 -27.46 55.12
CA ARG S 286 -89.50 -28.44 55.97
C ARG S 286 -88.98 -29.60 55.14
N GLY S 287 -87.68 -29.89 55.25
CA GLY S 287 -87.03 -31.00 54.54
C GLY S 287 -87.55 -32.39 54.95
N ALA S 288 -87.53 -33.35 54.02
CA ALA S 288 -88.20 -34.65 54.17
C ALA S 288 -87.53 -35.59 55.19
N GLN S 289 -86.25 -35.40 55.49
CA GLN S 289 -85.53 -36.16 56.52
C GLN S 289 -85.97 -35.72 57.93
N GLY S 290 -86.14 -36.67 58.85
CA GLY S 290 -86.50 -36.36 60.23
C GLY S 290 -85.39 -35.59 60.97
N ASP S 291 -85.76 -34.64 61.82
CA ASP S 291 -84.84 -33.91 62.72
C ASP S 291 -83.69 -33.20 61.98
N GLY S 292 -83.93 -32.79 60.73
CA GLY S 292 -82.91 -32.37 59.76
C GLY S 292 -82.73 -30.85 59.59
N GLN S 293 -82.13 -30.48 58.47
CA GLN S 293 -81.70 -29.11 58.18
C GLN S 293 -82.55 -28.44 57.09
N ASP S 294 -83.04 -27.23 57.36
CA ASP S 294 -83.69 -26.35 56.38
C ASP S 294 -82.82 -25.10 56.11
N PHE S 295 -82.54 -24.77 54.86
CA PHE S 295 -81.66 -23.63 54.49
C PHE S 295 -82.44 -22.31 54.33
N LEU S 296 -81.85 -21.20 54.79
CA LEU S 296 -82.37 -19.84 54.60
C LEU S 296 -82.01 -19.27 53.21
N SER S 297 -82.60 -18.13 52.81
CA SER S 297 -82.26 -17.44 51.55
C SER S 297 -80.88 -16.76 51.53
N ASN S 298 -80.27 -16.54 52.70
CA ASN S 298 -78.95 -15.93 52.86
C ASN S 298 -78.04 -16.79 53.72
N ASN S 299 -76.75 -16.81 53.41
CA ASN S 299 -75.76 -17.65 54.09
C ASN S 299 -74.91 -16.90 55.14
N THR S 300 -75.37 -15.73 55.59
CA THR S 300 -74.68 -14.84 56.55
C THR S 300 -75.56 -14.52 57.77
N ALA S 301 -76.51 -15.40 58.09
CA ALA S 301 -77.38 -15.23 59.25
C ALA S 301 -76.66 -15.54 60.57
N PHE S 302 -77.05 -14.90 61.67
CA PHE S 302 -76.38 -15.09 62.96
C PHE S 302 -77.27 -14.96 64.21
N GLU S 303 -78.52 -14.52 64.08
CA GLU S 303 -79.53 -14.70 65.13
C GLU S 303 -80.94 -14.82 64.52
N ILE S 304 -81.78 -15.67 65.12
CA ILE S 304 -83.15 -15.94 64.67
C ILE S 304 -84.14 -15.32 65.66
N VAL S 305 -84.97 -14.40 65.19
CA VAL S 305 -85.85 -13.59 66.04
C VAL S 305 -87.17 -14.31 66.34
N LYS S 306 -87.74 -15.01 65.35
CA LYS S 306 -89.04 -15.71 65.47
C LYS S 306 -89.13 -16.88 64.49
N VAL S 307 -89.70 -18.00 64.91
CA VAL S 307 -90.08 -19.13 64.03
C VAL S 307 -91.52 -19.54 64.33
N TRP S 308 -92.40 -19.56 63.32
CA TRP S 308 -93.84 -19.68 63.55
C TRP S 308 -94.62 -20.08 62.29
N THR S 309 -95.88 -20.47 62.44
CA THR S 309 -96.82 -20.78 61.34
C THR S 309 -98.10 -19.95 61.42
N GLU S 310 -98.66 -19.55 60.28
CA GLU S 310 -99.96 -18.86 60.16
C GLU S 310 -100.90 -19.58 59.19
N THR S 311 -102.09 -19.99 59.63
CA THR S 311 -103.17 -20.48 58.76
C THR S 311 -103.94 -19.33 58.08
N SER S 312 -103.86 -18.13 58.61
CA SER S 312 -104.46 -16.91 58.04
C SER S 312 -103.63 -15.67 58.40
N PRO S 313 -103.71 -14.58 57.62
CA PRO S 313 -102.88 -13.39 57.81
C PRO S 313 -102.82 -12.87 59.26
N GLY S 314 -101.65 -12.97 59.89
CA GLY S 314 -101.35 -12.43 61.21
C GLY S 314 -101.84 -13.26 62.39
N VAL S 315 -102.51 -14.39 62.15
CA VAL S 315 -102.89 -15.35 63.21
C VAL S 315 -101.76 -16.34 63.43
N THR S 316 -101.06 -16.22 64.55
CA THR S 316 -99.98 -17.15 64.91
C THR S 316 -100.58 -18.46 65.43
N THR S 317 -100.48 -19.52 64.64
CA THR S 317 -100.96 -20.86 65.03
C THR S 317 -100.08 -21.46 66.12
N LYS S 318 -98.75 -21.36 65.96
CA LYS S 318 -97.75 -21.84 66.91
C LYS S 318 -96.46 -21.05 66.76
N GLU S 319 -95.73 -20.85 67.85
CA GLU S 319 -94.36 -20.34 67.88
C GLU S 319 -93.42 -21.40 68.49
N TYR S 320 -92.32 -21.69 67.80
CA TYR S 320 -91.30 -22.64 68.26
C TYR S 320 -90.23 -21.95 69.11
N LYS S 321 -89.65 -22.66 70.08
CA LYS S 321 -88.72 -22.11 71.08
C LYS S 321 -87.29 -22.56 70.76
N GLN S 322 -86.42 -21.58 70.52
CA GLN S 322 -85.02 -21.83 70.18
C GLN S 322 -84.29 -22.60 71.29
N GLY S 323 -83.26 -23.37 70.95
CA GLY S 323 -82.50 -24.22 71.86
C GLY S 323 -83.09 -25.64 71.92
N GLU S 324 -84.33 -25.78 72.38
CA GLU S 324 -84.99 -27.08 72.55
C GLU S 324 -85.78 -27.57 71.33
N ASP S 325 -86.38 -26.68 70.53
CA ASP S 325 -87.07 -27.06 69.30
C ASP S 325 -86.13 -27.05 68.08
N PHE S 326 -85.31 -26.01 67.95
CA PHE S 326 -84.39 -25.79 66.84
C PHE S 326 -83.20 -24.95 67.29
N ARG S 327 -82.13 -24.94 66.49
CA ARG S 327 -80.99 -24.04 66.64
C ARG S 327 -80.49 -23.54 65.30
N LEU S 328 -79.73 -22.45 65.30
CA LEU S 328 -78.98 -21.97 64.14
C LEU S 328 -77.67 -22.76 63.99
N THR S 329 -77.45 -23.35 62.82
CA THR S 329 -76.23 -24.10 62.51
C THR S 329 -75.47 -23.44 61.38
N ASP S 330 -74.18 -23.20 61.61
CA ASP S 330 -73.22 -22.62 60.65
C ASP S 330 -73.58 -21.23 60.10
N GLY S 331 -74.59 -20.56 60.67
CA GLY S 331 -75.13 -19.33 60.10
C GLY S 331 -75.86 -19.51 58.75
N GLN S 332 -76.27 -20.74 58.40
CA GLN S 332 -76.93 -21.05 57.12
C GLN S 332 -78.28 -21.77 57.22
N THR S 333 -78.50 -22.57 58.27
CA THR S 333 -79.64 -23.51 58.34
C THR S 333 -80.36 -23.43 59.67
N ILE S 334 -81.69 -23.61 59.63
CA ILE S 334 -82.44 -24.05 60.80
C ILE S 334 -82.20 -25.55 60.94
N ASP S 335 -81.79 -25.99 62.12
CA ASP S 335 -81.50 -27.39 62.42
C ASP S 335 -82.46 -27.91 63.50
N TRP S 336 -83.29 -28.89 63.13
CA TRP S 336 -84.29 -29.54 63.98
C TRP S 336 -83.77 -30.79 64.71
N SER S 337 -82.45 -30.99 64.83
CA SER S 337 -81.87 -32.03 65.67
C SER S 337 -82.18 -31.94 67.17
N PRO S 338 -82.51 -30.79 67.78
CA PRO S 338 -83.04 -30.76 69.15
C PRO S 338 -84.30 -31.62 69.35
N GLN S 339 -84.57 -32.01 70.60
CA GLN S 339 -85.63 -32.98 70.90
C GLN S 339 -87.06 -32.45 70.72
N GLY S 340 -87.26 -31.13 70.76
CA GLY S 340 -88.58 -30.51 70.81
C GLY S 340 -89.42 -30.66 69.54
N GLN S 341 -90.56 -29.96 69.51
CA GLN S 341 -91.51 -29.94 68.39
C GLN S 341 -90.87 -29.44 67.08
N GLU S 342 -91.31 -29.98 65.94
CA GLU S 342 -90.96 -29.49 64.60
C GLU S 342 -92.19 -29.48 63.68
N PRO S 343 -92.21 -28.70 62.59
CA PRO S 343 -93.15 -28.88 61.51
C PRO S 343 -93.03 -30.28 60.90
N SER S 344 -94.14 -30.84 60.41
CA SER S 344 -94.13 -32.14 59.71
C SER S 344 -93.39 -32.06 58.37
N GLY S 345 -92.80 -33.18 57.92
CA GLY S 345 -92.09 -33.24 56.64
C GLY S 345 -92.98 -32.81 55.48
N GLY S 346 -92.45 -32.01 54.57
CA GLY S 346 -93.21 -31.47 53.44
C GLY S 346 -94.20 -30.35 53.77
N THR S 347 -94.29 -29.88 55.02
CA THR S 347 -95.05 -28.67 55.38
C THR S 347 -94.20 -27.39 55.28
N SER S 348 -94.79 -26.21 55.45
CA SER S 348 -94.10 -24.92 55.37
C SER S 348 -94.44 -23.93 56.51
N TYR S 349 -93.53 -22.99 56.76
CA TYR S 349 -93.52 -22.12 57.95
C TYR S 349 -92.73 -20.82 57.72
N TYR S 350 -92.79 -19.88 58.68
CA TYR S 350 -92.13 -18.57 58.64
C TYR S 350 -90.93 -18.45 59.60
N VAL S 351 -89.92 -17.71 59.15
CA VAL S 351 -88.72 -17.32 59.91
C VAL S 351 -88.49 -15.82 59.83
N SER S 352 -88.00 -15.21 60.92
CA SER S 352 -87.46 -13.84 60.94
C SER S 352 -86.08 -13.85 61.59
N TYR S 353 -85.12 -13.14 61.01
CA TYR S 353 -83.69 -13.34 61.32
C TYR S 353 -82.81 -12.15 60.96
N LYS S 354 -81.63 -12.06 61.58
CA LYS S 354 -80.59 -11.06 61.31
C LYS S 354 -79.51 -11.68 60.45
N TYR S 355 -79.08 -10.96 59.42
CA TYR S 355 -78.03 -11.37 58.50
C TYR S 355 -77.23 -10.17 57.99
N ASN S 356 -76.00 -10.37 57.53
CA ASN S 356 -75.20 -9.27 56.97
C ASN S 356 -75.28 -9.25 55.45
N LYS S 357 -75.68 -8.10 54.88
CA LYS S 357 -75.83 -7.90 53.43
C LYS S 357 -74.66 -7.11 52.86
N ARG S 358 -74.12 -7.53 51.71
CA ARG S 358 -73.27 -6.70 50.85
C ARG S 358 -74.15 -5.79 50.00
N MET S 359 -74.25 -4.50 50.35
CA MET S 359 -75.20 -3.57 49.75
C MET S 359 -74.89 -3.27 48.28
N GLU S 360 -75.87 -2.77 47.52
CA GLU S 360 -75.73 -2.41 46.11
C GLU S 360 -76.10 -0.95 45.80
N ALA S 361 -75.31 -0.30 44.96
CA ALA S 361 -75.58 1.07 44.51
C ALA S 361 -76.82 1.14 43.61
N GLY S 362 -77.53 2.28 43.65
CA GLY S 362 -78.76 2.49 42.89
C GLY S 362 -79.92 1.58 43.31
N LYS S 363 -79.83 1.00 44.52
CA LYS S 363 -80.69 -0.09 44.97
C LYS S 363 -80.85 -0.09 46.49
N ASP S 364 -79.74 -0.22 47.22
CA ASP S 364 -79.67 -0.01 48.67
C ASP S 364 -79.18 1.39 49.06
N TYR S 365 -78.26 1.97 48.28
CA TYR S 365 -77.70 3.30 48.53
C TYR S 365 -77.43 4.08 47.25
N GLU S 366 -77.24 5.39 47.40
CA GLU S 366 -76.72 6.29 46.38
C GLU S 366 -75.61 7.15 47.01
N VAL S 367 -74.54 7.40 46.26
CA VAL S 367 -73.30 8.06 46.75
C VAL S 367 -73.21 9.49 46.21
N THR S 368 -72.91 10.44 47.09
CA THR S 368 -72.97 11.88 46.77
C THR S 368 -71.82 12.61 47.46
N THR S 369 -71.55 13.84 47.01
CA THR S 369 -70.48 14.70 47.53
C THR S 369 -70.96 16.13 47.71
N GLN S 370 -70.44 16.83 48.74
CA GLN S 370 -70.83 18.20 49.04
C GLN S 370 -69.80 19.23 48.58
N GLY S 371 -68.61 19.20 49.19
CA GLY S 371 -67.61 20.25 49.03
C GLY S 371 -66.82 20.18 47.72
N GLU S 372 -65.72 20.93 47.67
CA GLU S 372 -64.80 20.97 46.54
C GLU S 372 -63.34 21.05 47.01
N GLY S 373 -62.40 20.68 46.14
CA GLY S 373 -60.98 20.59 46.47
C GLY S 373 -60.70 19.60 47.61
N LEU S 374 -59.71 19.91 48.45
CA LEU S 374 -59.34 19.04 49.58
C LEU S 374 -60.45 18.90 50.63
N SER S 375 -61.38 19.86 50.68
CA SER S 375 -62.51 19.83 51.61
C SER S 375 -63.71 19.02 51.10
N LYS S 376 -63.61 18.42 49.92
CA LYS S 376 -64.63 17.55 49.33
C LYS S 376 -64.75 16.22 50.08
N LYS S 377 -65.97 15.79 50.40
CA LYS S 377 -66.27 14.57 51.16
C LYS S 377 -67.18 13.65 50.34
N TRP S 378 -67.12 12.34 50.58
CA TRP S 378 -68.04 11.35 50.03
C TRP S 378 -68.98 10.84 51.12
N TYR S 379 -70.28 10.70 50.81
CA TYR S 379 -71.27 10.14 51.74
C TYR S 379 -72.03 8.96 51.13
N ILE S 380 -72.42 8.02 51.98
CA ILE S 380 -73.38 6.97 51.63
C ILE S 380 -74.71 7.32 52.30
N ASN S 381 -75.81 7.35 51.54
CA ASN S 381 -77.06 7.97 51.98
C ASN S 381 -78.22 7.02 52.34
N PHE S 382 -78.22 5.77 51.86
CA PHE S 382 -79.36 4.83 52.00
C PHE S 382 -80.76 5.39 51.58
N THR S 383 -80.79 6.33 50.62
CA THR S 383 -82.00 7.04 50.21
C THR S 383 -83.13 6.18 49.62
N PRO S 384 -82.88 5.18 48.75
CA PRO S 384 -83.96 4.40 48.11
C PRO S 384 -84.89 3.75 49.15
N SER S 385 -86.18 4.10 49.15
CA SER S 385 -87.11 3.73 50.25
C SER S 385 -87.35 2.22 50.37
N ASN S 386 -87.10 1.46 49.30
CA ASN S 386 -87.19 0.00 49.26
C ASN S 386 -85.87 -0.73 49.52
N GLY S 387 -84.76 0.00 49.72
CA GLY S 387 -83.44 -0.56 49.96
C GLY S 387 -83.29 -1.20 51.35
N ALA S 388 -82.35 -2.13 51.50
CA ALA S 388 -82.06 -2.80 52.76
C ALA S 388 -81.35 -1.86 53.77
N LYS S 389 -82.13 -1.03 54.48
CA LYS S 389 -81.59 -0.11 55.50
C LYS S 389 -80.99 -0.88 56.69
N PRO S 390 -79.76 -0.55 57.16
CA PRO S 390 -79.14 -1.17 58.33
C PRO S 390 -80.01 -1.15 59.59
N ILE S 391 -79.79 -2.11 60.51
CA ILE S 391 -80.47 -2.11 61.81
C ILE S 391 -80.05 -0.86 62.60
N ASP S 392 -81.01 -0.11 63.13
CA ASP S 392 -80.77 1.10 63.91
C ASP S 392 -79.84 0.82 65.10
N GLN S 393 -78.86 1.69 65.35
CA GLN S 393 -77.84 1.49 66.39
C GLN S 393 -77.00 0.22 66.18
N THR S 394 -76.57 -0.04 64.95
CA THR S 394 -75.54 -1.07 64.63
C THR S 394 -74.48 -0.55 63.67
N VAL S 395 -73.32 -1.19 63.68
CA VAL S 395 -72.15 -0.74 62.93
C VAL S 395 -72.24 -1.09 61.45
N VAL S 396 -72.16 -0.07 60.58
CA VAL S 396 -71.85 -0.23 59.16
C VAL S 396 -70.34 -0.37 58.98
N LEU S 397 -69.89 -1.29 58.12
CA LEU S 397 -68.51 -1.42 57.67
C LEU S 397 -68.39 -1.05 56.20
N VAL S 398 -67.32 -0.32 55.84
CA VAL S 398 -67.00 0.02 54.46
C VAL S 398 -65.54 -0.28 54.14
N ASP S 399 -65.29 -0.86 52.96
CA ASP S 399 -63.97 -0.99 52.34
C ASP S 399 -63.91 -0.14 51.06
N TYR S 400 -62.86 0.67 50.86
CA TYR S 400 -62.78 1.60 49.71
C TYR S 400 -61.34 2.06 49.40
N THR S 401 -61.13 2.69 48.24
CA THR S 401 -59.80 3.12 47.79
C THR S 401 -59.77 4.61 47.49
N TYR S 402 -58.63 5.27 47.70
CA TYR S 402 -58.47 6.72 47.56
C TYR S 402 -57.09 7.09 47.06
N TYR S 403 -56.98 8.21 46.36
CA TYR S 403 -55.71 8.66 45.78
C TYR S 403 -54.77 9.27 46.81
N LEU S 404 -53.49 8.89 46.75
CA LEU S 404 -52.43 9.44 47.59
C LEU S 404 -51.78 10.67 46.93
N ALA S 405 -51.30 11.60 47.76
CA ALA S 405 -50.47 12.71 47.31
C ALA S 405 -49.00 12.28 47.15
N ARG S 406 -48.19 13.09 46.46
CA ARG S 406 -46.75 12.89 46.36
C ARG S 406 -46.03 14.23 46.44
N LYS S 407 -44.85 14.27 47.07
CA LYS S 407 -44.00 15.45 47.17
C LYS S 407 -42.64 15.15 46.58
N ASP S 408 -42.21 15.95 45.62
CA ASP S 408 -41.00 15.70 44.82
C ASP S 408 -40.01 16.86 44.97
N SER S 409 -38.71 16.56 44.94
CA SER S 409 -37.66 17.57 45.11
C SER S 409 -36.96 17.87 43.79
N VAL S 410 -36.74 19.15 43.50
CA VAL S 410 -36.12 19.64 42.28
C VAL S 410 -34.65 19.90 42.54
N PHE S 411 -33.76 19.36 41.71
CA PHE S 411 -32.31 19.46 41.86
C PHE S 411 -31.65 19.99 40.60
N ILE S 412 -30.45 20.55 40.72
CA ILE S 412 -29.60 20.95 39.59
C ILE S 412 -28.16 20.46 39.79
N ASN S 413 -27.57 19.88 38.76
CA ASN S 413 -26.20 19.34 38.81
C ASN S 413 -25.17 20.34 38.25
N LYS S 414 -23.87 20.02 38.35
CA LYS S 414 -22.80 20.87 37.82
C LYS S 414 -22.79 21.05 36.29
N TYR S 415 -23.55 20.27 35.53
CA TYR S 415 -23.71 20.47 34.09
C TYR S 415 -24.86 21.40 33.76
N GLY S 416 -25.67 21.81 34.74
CA GLY S 416 -26.83 22.65 34.52
C GLY S 416 -28.05 21.88 34.04
N ASP S 417 -28.08 20.57 34.20
CA ASP S 417 -29.31 19.80 34.03
C ASP S 417 -30.18 19.96 35.28
N ILE S 418 -31.41 20.44 35.11
CA ILE S 418 -32.43 20.40 36.14
C ILE S 418 -33.07 19.02 36.11
N ALA S 419 -33.39 18.47 37.28
CA ALA S 419 -33.93 17.13 37.43
C ALA S 419 -34.90 17.06 38.60
N ILE S 420 -35.67 15.98 38.69
CA ILE S 420 -36.63 15.75 39.75
C ILE S 420 -36.41 14.35 40.34
N LEU S 421 -36.38 14.23 41.67
CA LEU S 421 -36.44 12.93 42.34
C LEU S 421 -37.85 12.73 42.90
N PRO S 422 -38.52 11.62 42.61
CA PRO S 422 -39.86 11.35 43.11
C PRO S 422 -39.82 10.95 44.58
N GLY S 423 -40.72 11.50 45.38
CA GLY S 423 -40.90 11.09 46.77
C GLY S 423 -41.73 9.84 46.93
N GLU S 424 -41.92 9.41 48.17
CA GLU S 424 -42.82 8.30 48.49
C GLU S 424 -44.28 8.78 48.52
N PRO S 425 -45.21 8.19 47.77
CA PRO S 425 -46.63 8.55 47.84
C PRO S 425 -47.20 8.31 49.24
N ASN S 426 -47.99 9.24 49.76
CA ASN S 426 -48.64 9.13 51.07
C ASN S 426 -49.82 10.09 51.15
N ILE S 427 -50.64 10.01 52.19
CA ILE S 427 -51.71 10.98 52.42
C ILE S 427 -51.15 12.37 52.69
N MET S 428 -51.88 13.42 52.30
CA MET S 428 -51.40 14.80 52.32
C MET S 428 -50.91 15.27 53.70
N ARG S 429 -51.46 14.74 54.79
CA ARG S 429 -51.00 15.06 56.15
C ARG S 429 -49.60 14.52 56.45
N LEU S 430 -49.20 13.40 55.85
CA LEU S 430 -47.97 12.68 56.17
C LEU S 430 -46.90 12.75 55.07
N VAL S 431 -47.23 13.21 53.86
CA VAL S 431 -46.29 13.21 52.74
C VAL S 431 -45.08 14.11 53.00
N THR S 432 -43.89 13.66 52.61
CA THR S 432 -42.61 14.37 52.82
C THR S 432 -41.72 14.23 51.60
N PRO S 433 -40.81 15.17 51.34
CA PRO S 433 -39.94 15.11 50.17
C PRO S 433 -38.91 13.98 50.35
N PRO S 434 -38.37 13.43 49.26
CA PRO S 434 -37.38 12.37 49.32
C PRO S 434 -36.08 12.87 49.96
N LEU S 435 -35.42 11.98 50.68
CA LEU S 435 -34.19 12.29 51.41
C LEU S 435 -32.97 11.97 50.54
N ASN S 436 -32.19 12.99 50.26
CA ASN S 436 -30.99 12.93 49.43
C ASN S 436 -29.82 13.66 50.09
N THR S 437 -28.62 13.12 49.92
CA THR S 437 -27.35 13.70 50.40
C THR S 437 -26.25 13.64 49.33
N ASP S 438 -26.55 13.35 48.07
CA ASP S 438 -25.57 13.41 46.98
C ASP S 438 -24.93 14.80 46.89
N PRO S 439 -23.62 14.96 47.12
CA PRO S 439 -22.98 16.28 47.03
C PRO S 439 -23.02 16.90 45.63
N GLU S 440 -23.19 16.10 44.58
CA GLU S 440 -23.15 16.58 43.18
C GLU S 440 -24.42 17.30 42.74
N ASN S 441 -25.38 17.51 43.63
CA ASN S 441 -26.64 18.16 43.30
C ASN S 441 -26.95 19.28 44.30
N LEU S 442 -27.49 20.40 43.83
CA LEU S 442 -28.06 21.44 44.66
C LEU S 442 -29.58 21.34 44.62
N GLN S 443 -30.25 21.28 45.77
CA GLN S 443 -31.71 21.32 45.81
C GLN S 443 -32.20 22.75 45.55
N LEU S 444 -33.15 22.94 44.63
CA LEU S 444 -33.78 24.24 44.36
C LEU S 444 -35.08 24.43 45.15
N GLY S 445 -35.85 23.38 45.32
CA GLY S 445 -37.12 23.44 46.05
C GLY S 445 -37.90 22.13 45.96
N THR S 446 -39.17 22.17 46.34
CA THR S 446 -40.04 21.00 46.35
C THR S 446 -41.40 21.32 45.77
N VAL S 447 -41.90 20.43 44.92
CA VAL S 447 -43.22 20.52 44.31
C VAL S 447 -44.11 19.45 44.93
N THR S 448 -45.29 19.83 45.42
CA THR S 448 -46.28 18.90 45.98
C THR S 448 -47.48 18.86 45.06
N VAL S 449 -47.85 17.68 44.56
CA VAL S 449 -48.98 17.52 43.64
C VAL S 449 -50.17 16.97 44.41
N LEU S 450 -51.32 17.65 44.34
CA LEU S 450 -52.52 17.21 45.03
C LEU S 450 -53.03 15.92 44.39
N PRO S 451 -53.66 15.01 45.16
CA PRO S 451 -54.03 13.70 44.66
C PRO S 451 -55.06 13.79 43.54
N ASP S 452 -54.75 13.21 42.38
CA ASP S 452 -55.56 13.28 41.15
C ASP S 452 -56.08 14.70 40.84
N SER S 453 -55.17 15.63 40.55
CA SER S 453 -55.51 17.02 40.22
C SER S 453 -54.45 17.67 39.33
N ASP S 454 -54.83 18.72 38.60
CA ASP S 454 -53.88 19.60 37.89
C ASP S 454 -53.17 20.56 38.84
N GLU S 455 -53.74 20.84 40.00
CA GLU S 455 -53.18 21.82 40.94
C GLU S 455 -51.92 21.25 41.61
N ALA S 456 -50.90 22.08 41.77
CA ALA S 456 -49.67 21.74 42.46
C ALA S 456 -49.16 22.94 43.25
N VAL S 457 -48.53 22.68 44.39
CA VAL S 457 -47.95 23.68 45.27
C VAL S 457 -46.44 23.66 45.11
N CYS S 458 -45.84 24.78 44.71
CA CYS S 458 -44.41 24.89 44.51
C CYS S 458 -43.79 25.74 45.62
N ILE S 459 -42.73 25.28 46.28
CA ILE S 459 -42.00 26.07 47.27
C ILE S 459 -40.50 26.00 46.99
N SER S 460 -39.79 27.12 47.09
CA SER S 460 -38.34 27.20 46.90
C SER S 460 -37.59 27.23 48.23
N PHE S 461 -36.55 26.41 48.35
CA PHE S 461 -35.76 26.23 49.57
C PHE S 461 -34.25 26.33 49.31
N ALA S 462 -33.85 26.80 48.13
CA ALA S 462 -32.48 26.75 47.68
C ALA S 462 -31.52 27.43 48.68
N ILE S 463 -30.37 26.82 48.92
CA ILE S 463 -29.37 27.39 49.82
C ILE S 463 -28.70 28.59 49.18
N THR S 464 -29.15 29.79 49.48
CA THR S 464 -28.57 31.02 48.93
C THR S 464 -27.35 31.47 49.73
N ARG S 465 -26.39 32.14 49.08
CA ARG S 465 -25.20 32.69 49.73
C ARG S 465 -25.53 33.74 50.78
N LEU S 466 -24.55 34.11 51.60
CA LEU S 466 -24.56 35.36 52.36
C LEU S 466 -23.35 36.21 51.99
N SER S 467 -23.56 37.44 51.56
CA SER S 467 -22.48 38.38 51.26
C SER S 467 -21.94 39.01 52.56
N MET S 468 -20.77 39.65 52.52
CA MET S 468 -20.17 40.25 53.71
C MET S 468 -21.06 41.33 54.30
N GLU S 469 -21.82 42.04 53.46
CA GLU S 469 -22.78 42.99 53.98
C GLU S 469 -23.85 42.29 54.81
N ASP S 470 -24.38 41.16 54.32
CA ASP S 470 -25.39 40.41 55.07
C ASP S 470 -24.81 39.90 56.36
N LEU S 471 -23.59 39.39 56.35
CA LEU S 471 -22.99 38.87 57.57
C LEU S 471 -22.77 39.98 58.59
N GLN S 472 -22.33 41.16 58.14
CA GLN S 472 -22.22 42.30 59.04
C GLN S 472 -23.57 42.67 59.62
N LYS S 473 -24.63 42.66 58.79
CA LYS S 473 -25.97 42.91 59.31
C LYS S 473 -26.37 41.87 60.35
N VAL S 474 -26.03 40.60 60.12
CA VAL S 474 -26.32 39.58 61.12
C VAL S 474 -25.55 39.86 62.41
N LYS S 475 -24.33 40.36 62.28
CA LYS S 475 -23.52 40.66 63.46
C LYS S 475 -24.12 41.81 64.25
N THR S 476 -24.64 42.81 63.54
CA THR S 476 -25.33 43.92 64.17
C THR S 476 -26.59 43.43 64.88
N ARG S 477 -27.32 42.51 64.27
CA ARG S 477 -28.51 41.95 64.91
C ARG S 477 -28.15 41.20 66.18
N VAL S 478 -27.01 40.49 66.18
CA VAL S 478 -26.53 39.86 67.40
C VAL S 478 -26.20 40.91 68.45
N ASP S 479 -25.58 42.00 68.02
CA ASP S 479 -25.27 43.10 68.92
C ASP S 479 -26.53 43.68 69.56
N ASN S 480 -27.58 43.86 68.76
CA ASN S 480 -28.84 44.34 69.29
C ASN S 480 -29.49 43.32 70.22
N LEU S 481 -29.30 42.03 69.93
CA LEU S 481 -29.89 41.01 70.78
C LEU S 481 -29.28 41.05 72.17
N GLU S 482 -27.95 41.11 72.25
CA GLU S 482 -27.26 41.13 73.55
C GLU S 482 -27.51 42.44 74.27
N TYR S 483 -27.71 43.54 73.54
CA TYR S 483 -28.11 44.80 74.17
C TYR S 483 -29.48 44.63 74.84
N ASN S 484 -30.44 44.05 74.11
CA ASN S 484 -31.77 43.83 74.66
C ASN S 484 -31.72 42.83 75.82
N GLN S 485 -30.83 41.84 75.74
CA GLN S 485 -30.68 40.92 76.87
C GLN S 485 -30.21 41.67 78.10
N ALA S 486 -29.22 42.54 77.94
CA ALA S 486 -28.72 43.35 79.05
C ALA S 486 -29.82 44.25 79.59
N VAL S 487 -30.65 44.80 78.71
CA VAL S 487 -31.75 45.65 79.16
C VAL S 487 -32.71 44.83 80.01
N ASN S 488 -33.09 43.64 79.52
CA ASN S 488 -33.98 42.76 80.27
C ASN S 488 -33.39 42.34 81.61
N ALA S 489 -32.08 42.08 81.65
CA ALA S 489 -31.42 41.73 82.90
C ALA S 489 -31.36 42.91 83.86
N LEU S 490 -31.45 44.13 83.35
CA LEU S 490 -31.47 45.31 84.22
C LEU S 490 -32.69 45.31 85.14
N ASP S 491 -33.80 44.73 84.71
CA ASP S 491 -35.03 44.72 85.48
C ASP S 491 -35.20 43.48 86.35
N ASP S 492 -34.24 42.55 86.35
CA ASP S 492 -34.38 41.33 87.14
C ASP S 492 -34.21 41.61 88.62
N GLY S 493 -33.04 42.07 89.03
CA GLY S 493 -32.94 42.46 90.43
C GLY S 493 -32.99 41.30 91.40
N ALA S 494 -32.57 40.10 90.98
CA ALA S 494 -32.47 38.94 91.84
C ALA S 494 -31.22 38.14 91.49
N MET S 495 -30.65 37.50 92.51
CA MET S 495 -29.44 36.70 92.35
C MET S 495 -29.32 35.73 93.51
N GLU S 496 -29.06 34.46 93.19
CA GLU S 496 -28.96 33.43 94.22
C GLU S 496 -27.67 33.60 95.03
N GLY S 497 -27.71 33.13 96.27
CA GLY S 497 -26.56 33.26 97.15
C GLY S 497 -25.43 32.29 96.87
N GLN S 498 -25.73 31.00 96.89
CA GLN S 498 -24.74 29.92 96.72
C GLN S 498 -24.78 29.46 95.27
N ASN S 499 -23.64 29.59 94.56
CA ASN S 499 -23.47 29.14 93.19
C ASN S 499 -24.56 29.67 92.26
N PRO S 500 -24.64 30.98 92.04
CA PRO S 500 -25.74 31.52 91.24
C PRO S 500 -25.51 31.33 89.76
N LEU S 501 -26.57 30.96 89.04
CA LEU S 501 -26.52 31.00 87.60
C LEU S 501 -26.51 32.45 87.13
N THR S 502 -25.52 32.79 86.30
CA THR S 502 -25.31 34.15 85.85
C THR S 502 -25.24 34.17 84.33
N LEU S 503 -25.77 35.24 83.74
CA LEU S 503 -25.73 35.39 82.29
C LEU S 503 -24.29 35.53 81.84
N ARG S 504 -23.92 34.79 80.80
CA ARG S 504 -22.56 34.83 80.29
C ARG S 504 -22.35 36.10 79.48
N SER S 505 -21.26 36.82 79.78
CA SER S 505 -20.89 38.04 79.07
C SER S 505 -21.93 39.16 79.24
N VAL S 506 -22.69 39.14 80.34
CA VAL S 506 -23.69 40.16 80.63
C VAL S 506 -23.68 40.47 82.12
N PHE S 507 -23.75 41.76 82.45
CA PHE S 507 -23.91 42.20 83.83
C PHE S 507 -24.61 43.56 83.81
N SER S 508 -25.66 43.69 84.60
CA SER S 508 -26.44 44.91 84.66
C SER S 508 -27.04 45.10 86.05
N GLU S 509 -27.07 46.35 86.48
CA GLU S 509 -27.56 46.73 87.81
C GLU S 509 -28.73 47.69 87.63
N GLY S 510 -29.94 47.25 88.00
CA GLY S 510 -31.07 48.14 87.97
C GLY S 510 -31.24 49.01 89.19
N PHE S 511 -30.36 48.86 90.19
CA PHE S 511 -30.42 49.66 91.41
C PHE S 511 -31.77 49.52 92.12
N ILE S 512 -32.32 48.31 92.10
CA ILE S 512 -33.60 48.00 92.74
C ILE S 512 -33.48 46.95 93.82
N SER S 513 -32.31 46.33 93.99
CA SER S 513 -32.12 45.31 95.03
C SER S 513 -30.65 45.24 95.38
N LEU S 514 -30.37 44.67 96.55
CA LEU S 514 -29.01 44.50 97.04
C LEU S 514 -28.41 43.15 96.71
N ASP S 515 -29.08 42.33 95.91
CA ASP S 515 -28.53 41.02 95.56
C ASP S 515 -27.33 41.15 94.64
N LYS S 516 -27.39 42.07 93.66
CA LYS S 516 -26.28 42.24 92.73
C LYS S 516 -25.09 42.95 93.38
N ALA S 517 -25.31 43.70 94.46
CA ALA S 517 -24.25 44.53 95.01
C ALA S 517 -23.39 43.73 95.97
N ASP S 518 -22.11 44.08 96.05
CA ASP S 518 -21.18 43.54 97.04
C ASP S 518 -21.07 44.55 98.18
N ILE S 519 -22.10 44.54 99.03
CA ILE S 519 -22.18 45.51 100.13
C ILE S 519 -21.02 45.36 101.11
N THR S 520 -20.48 44.15 101.27
CA THR S 520 -19.41 43.88 102.21
C THR S 520 -18.03 44.24 101.67
N HIS S 521 -17.94 44.85 100.50
CA HIS S 521 -16.65 45.29 99.99
C HIS S 521 -16.18 46.50 100.80
N PRO S 522 -14.85 46.67 100.99
CA PRO S 522 -14.40 47.81 101.82
C PRO S 522 -14.78 49.14 101.22
N ASP S 523 -14.72 49.27 99.89
CA ASP S 523 -14.97 50.55 99.22
C ASP S 523 -16.44 50.83 98.96
N PHE S 524 -17.35 49.92 99.32
CA PHE S 524 -18.77 50.13 99.07
C PHE S 524 -19.27 51.21 100.01
N GLY S 525 -19.74 52.33 99.44
CA GLY S 525 -20.14 53.47 100.22
C GLY S 525 -21.30 54.27 99.64
N ILE S 526 -22.06 53.64 98.74
CA ILE S 526 -23.20 54.29 98.10
C ILE S 526 -24.48 53.87 98.80
N VAL S 527 -25.54 54.63 98.56
CA VAL S 527 -26.88 54.35 99.10
C VAL S 527 -27.88 54.35 97.95
N PHE S 528 -28.92 53.53 98.11
CA PHE S 528 -29.87 53.27 97.05
C PHE S 528 -31.11 54.16 97.24
N SER S 529 -31.76 54.49 96.12
CA SER S 529 -33.05 55.18 96.12
C SER S 529 -33.96 54.35 95.21
N PHE S 530 -34.61 53.34 95.80
CA PHE S 530 -35.30 52.34 94.99
C PHE S 530 -36.45 52.94 94.19
N GLU S 531 -37.05 54.03 94.67
CA GLU S 531 -38.19 54.60 93.96
C GLU S 531 -37.76 55.22 92.62
N ASP S 532 -36.59 55.84 92.60
CA ASP S 532 -35.98 56.42 91.40
C ASP S 532 -35.06 55.45 90.67
N ALA S 533 -34.71 54.32 91.28
CA ALA S 533 -33.77 53.36 90.70
C ALA S 533 -32.41 54.01 90.46
N GLU S 534 -31.98 54.80 91.44
CA GLU S 534 -30.77 55.61 91.38
C GLU S 534 -29.90 55.29 92.59
N ALA S 535 -28.62 55.66 92.51
CA ALA S 535 -27.66 55.49 93.58
C ALA S 535 -26.83 56.75 93.74
N THR S 536 -26.57 57.12 94.99
CA THR S 536 -25.85 58.36 95.29
C THR S 536 -25.07 58.19 96.59
N LEU S 537 -24.53 59.29 97.11
CA LEU S 537 -23.74 59.30 98.32
C LEU S 537 -24.51 59.99 99.45
N ALA S 538 -24.46 59.40 100.63
CA ALA S 538 -25.07 59.95 101.83
C ALA S 538 -24.03 60.77 102.61
N TYR S 539 -24.51 61.66 103.47
CA TYR S 539 -23.59 62.52 104.20
C TYR S 539 -22.89 61.74 105.31
N THR S 540 -21.62 62.10 105.59
CA THR S 540 -20.88 61.51 106.70
C THR S 540 -19.93 62.55 107.29
N GLU S 541 -19.75 62.52 108.63
CA GLU S 541 -18.86 63.48 109.28
C GLU S 541 -17.38 63.11 109.15
N ALA S 542 -16.52 64.03 109.59
CA ALA S 542 -15.06 63.97 109.41
C ALA S 542 -14.70 63.79 107.93
N HIS S 556 -14.74 77.15 115.17
CA HIS S 556 -15.21 76.90 113.81
C HIS S 556 -16.44 77.74 113.47
N ILE S 557 -16.39 78.42 112.32
CA ILE S 557 -17.42 79.38 111.93
C ILE S 557 -18.64 78.66 111.39
N TRP S 558 -19.82 79.06 111.90
CA TRP S 558 -21.10 78.59 111.42
C TRP S 558 -21.53 79.38 110.17
N GLY S 559 -22.55 78.87 109.49
CA GLY S 559 -23.09 79.54 108.31
C GLY S 559 -24.61 79.42 108.22
N ARG S 560 -25.20 80.39 107.51
CA ARG S 560 -26.64 80.53 107.34
C ARG S 560 -26.97 80.42 105.87
N LEU S 561 -27.89 79.51 105.52
CA LEU S 561 -28.33 79.29 104.13
C LEU S 561 -29.33 80.39 103.73
N ILE S 562 -28.79 81.58 103.48
CA ILE S 562 -29.64 82.78 103.36
C ILE S 562 -30.63 82.70 102.21
N SER S 563 -30.30 82.00 101.12
CA SER S 563 -31.24 81.72 100.03
C SER S 563 -31.47 80.22 99.97
N ALA S 564 -32.72 79.80 100.18
CA ALA S 564 -32.96 78.36 100.25
C ALA S 564 -32.96 77.74 98.86
N PRO S 565 -32.36 76.55 98.69
CA PRO S 565 -32.29 75.93 97.35
C PRO S 565 -33.64 75.47 96.83
N PHE S 566 -34.65 75.34 97.71
CA PHE S 566 -35.98 74.93 97.32
C PHE S 566 -36.98 75.62 98.24
N THR S 567 -38.26 75.61 97.83
CA THR S 567 -39.34 76.19 98.64
C THR S 567 -40.43 75.14 98.85
N GLU S 568 -40.98 75.10 100.07
CA GLU S 568 -41.90 74.04 100.47
C GLU S 568 -43.35 74.53 100.50
N GLU S 569 -44.26 73.64 100.11
CA GLU S 569 -45.70 73.83 100.31
C GLU S 569 -46.24 72.60 101.02
N ARG S 570 -47.13 72.80 101.99
CA ARG S 570 -47.83 71.69 102.63
C ARG S 570 -49.06 71.35 101.78
N THR S 571 -49.03 70.20 101.12
CA THR S 571 -50.06 69.82 100.16
C THR S 571 -51.11 68.88 100.75
N ILE S 572 -50.72 68.06 101.73
CA ILE S 572 -51.62 67.17 102.44
C ILE S 572 -51.53 67.52 103.93
N TYR S 573 -52.68 67.61 104.58
CA TYR S 573 -52.70 67.95 106.01
C TYR S 573 -53.99 67.43 106.61
N GLN S 574 -53.87 66.46 107.54
CA GLN S 574 -55.00 65.99 108.34
C GLN S 574 -54.83 66.57 109.73
N GLY S 575 -55.67 67.55 110.06
CA GLY S 575 -55.53 68.31 111.28
C GLY S 575 -56.34 67.78 112.45
N GLN S 576 -57.44 67.10 112.16
CA GLN S 576 -58.35 66.66 113.23
C GLN S 576 -57.73 65.53 114.03
N ALA S 577 -57.75 65.67 115.36
CA ALA S 577 -57.23 64.67 116.28
C ALA S 577 -58.22 64.50 117.42
N SER S 578 -58.34 63.26 117.89
CA SER S 578 -59.31 62.93 118.94
C SER S 578 -58.76 62.05 120.05
N GLU S 579 -57.71 61.26 119.82
CA GLU S 579 -57.24 60.30 120.81
C GLU S 579 -55.73 60.18 120.73
N THR S 580 -55.18 59.35 121.61
CA THR S 580 -53.77 58.99 121.62
C THR S 580 -53.64 57.49 121.44
N LEU S 581 -52.79 57.07 120.51
CA LEU S 581 -52.51 55.66 120.26
C LEU S 581 -51.03 55.41 120.47
N ASN S 582 -50.71 54.40 121.27
CA ASN S 582 -49.32 54.03 121.49
C ASN S 582 -48.71 53.55 120.18
N VAL S 583 -47.44 53.91 119.96
CA VAL S 583 -46.76 53.52 118.73
C VAL S 583 -46.53 52.02 118.67
N ASN S 584 -46.54 51.33 119.81
CA ASN S 584 -46.40 49.88 119.88
C ASN S 584 -47.49 49.34 120.80
N PRO S 585 -48.73 49.25 120.32
CA PRO S 585 -49.82 48.88 121.24
C PRO S 585 -49.74 47.44 121.72
N TYR S 586 -49.20 46.54 120.89
CA TYR S 586 -49.23 45.11 121.16
C TYR S 586 -47.97 44.59 121.87
N ASN S 587 -47.23 45.48 122.54
CA ASN S 587 -46.09 45.05 123.33
C ASN S 587 -45.87 45.90 124.59
N ILE S 588 -46.81 46.73 124.98
CA ILE S 588 -46.67 47.51 126.21
C ILE S 588 -46.74 46.57 127.42
N PRO S 589 -45.82 46.67 128.39
CA PRO S 589 -45.89 45.72 129.51
C PRO S 589 -47.09 46.02 130.41
N ASN S 590 -47.86 44.97 130.72
CA ASN S 590 -49.01 45.07 131.63
C ASN S 590 -50.03 46.10 131.16
N PRO S 793 -45.46 49.23 116.11
CA PRO S 793 -45.29 50.25 115.07
C PRO S 793 -46.60 50.63 114.38
N LEU S 794 -46.69 51.89 113.97
CA LEU S 794 -47.87 52.43 113.29
C LEU S 794 -47.47 52.92 111.91
N ALA S 795 -48.47 53.07 111.03
CA ALA S 795 -48.23 53.59 109.69
C ALA S 795 -49.49 54.28 109.19
N GLN S 796 -49.30 55.14 108.19
CA GLN S 796 -50.38 55.89 107.56
C GLN S 796 -50.11 55.99 106.08
N SER S 797 -51.08 55.56 105.27
CA SER S 797 -50.94 55.56 103.83
C SER S 797 -51.35 56.90 103.24
N PHE S 798 -50.78 57.22 102.08
CA PHE S 798 -51.10 58.45 101.36
C PHE S 798 -50.76 58.25 99.88
N GLN S 799 -51.24 59.18 99.06
CA GLN S 799 -50.92 59.16 97.63
C GLN S 799 -51.07 60.56 97.05
N TYR S 800 -50.50 60.74 95.84
CA TYR S 800 -50.61 61.99 95.11
C TYR S 800 -51.11 61.69 93.71
N ASP S 801 -51.84 62.64 93.15
CA ASP S 801 -52.33 62.54 91.78
C ASP S 801 -51.29 62.93 90.73
N GLU S 802 -50.13 63.45 91.14
CA GLU S 802 -49.07 63.88 90.22
C GLU S 802 -47.72 63.53 90.85
N ASN S 803 -46.66 63.73 90.08
CA ASN S 803 -45.30 63.47 90.55
C ASN S 803 -44.85 64.65 91.39
N ARG S 804 -44.54 64.41 92.68
CA ARG S 804 -44.23 65.46 93.63
C ARG S 804 -42.96 65.07 94.37
N THR S 805 -42.10 66.05 94.65
CA THR S 805 -40.86 65.82 95.39
C THR S 805 -41.11 66.07 96.88
N ILE S 806 -41.25 65.00 97.65
CA ILE S 806 -41.48 65.11 99.09
C ILE S 806 -40.18 65.50 99.78
N SER S 807 -40.20 66.66 100.47
CA SER S 807 -38.98 67.16 101.10
C SER S 807 -38.96 66.95 102.62
N SER S 808 -40.12 66.94 103.28
CA SER S 808 -40.19 66.70 104.72
C SER S 808 -41.60 66.28 105.13
N LEU S 809 -41.70 65.76 106.35
CA LEU S 809 -42.94 65.28 106.95
C LEU S 809 -43.26 66.10 108.19
N GLY S 810 -44.54 66.10 108.56
CA GLY S 810 -45.03 66.69 109.80
C GLY S 810 -45.72 65.64 110.66
N LEU S 811 -45.33 65.52 111.91
CA LEU S 811 -45.93 64.58 112.86
C LEU S 811 -46.19 65.28 114.18
N TYR S 812 -47.11 64.70 114.96
CA TYR S 812 -47.53 65.26 116.24
C TYR S 812 -47.50 64.17 117.30
N PHE S 813 -46.63 64.33 118.30
CA PHE S 813 -46.43 63.38 119.38
C PHE S 813 -47.07 63.89 120.66
N ALA S 814 -47.78 63.01 121.35
CA ALA S 814 -48.41 63.37 122.61
C ALA S 814 -47.47 63.20 123.80
N SER S 815 -46.53 62.27 123.71
CA SER S 815 -45.53 62.06 124.75
C SER S 815 -44.30 61.43 124.11
N LYS S 816 -43.24 61.33 124.90
CA LYS S 816 -42.00 60.72 124.44
C LYS S 816 -41.31 60.04 125.62
N GLY S 817 -40.25 59.30 125.34
CA GLY S 817 -39.48 58.66 126.38
C GLY S 817 -38.37 59.55 126.90
N ASP S 818 -37.31 58.94 127.42
CA ASP S 818 -36.26 59.71 128.07
C ASP S 818 -35.35 60.36 127.02
N LYS S 819 -34.25 60.94 127.49
CA LYS S 819 -33.30 61.60 126.60
C LYS S 819 -32.70 60.63 125.61
N GLN S 820 -32.33 59.42 126.08
CA GLN S 820 -31.57 58.48 125.26
C GLN S 820 -32.44 57.76 124.23
N SER S 821 -33.76 57.80 124.38
CA SER S 821 -34.64 57.10 123.45
C SER S 821 -34.65 57.81 122.08
N ASN S 822 -35.05 57.05 121.06
CA ASN S 822 -35.13 57.58 119.70
C ASN S 822 -36.19 56.80 118.92
N VAL S 823 -36.69 57.43 117.87
CA VAL S 823 -37.76 56.87 117.03
C VAL S 823 -37.27 56.87 115.60
N VAL S 824 -37.45 55.74 114.91
CA VAL S 824 -37.04 55.59 113.52
C VAL S 824 -38.24 55.88 112.63
N ILE S 825 -38.09 56.82 111.72
CA ILE S 825 -39.14 57.23 110.78
C ILE S 825 -38.74 56.72 109.40
N GLN S 826 -39.68 56.01 108.76
CA GLN S 826 -39.46 55.40 107.46
C GLN S 826 -40.63 55.69 106.54
N ILE S 827 -40.34 55.71 105.24
CA ILE S 827 -41.36 55.75 104.19
C ILE S 827 -41.25 54.46 103.40
N ARG S 828 -42.33 53.68 103.41
CA ARG S 828 -42.38 52.39 102.73
C ARG S 828 -43.41 52.44 101.61
N GLY S 829 -43.26 51.53 100.65
CA GLY S 829 -44.22 51.41 99.58
C GLY S 829 -45.49 50.72 100.02
N MET S 830 -46.46 50.69 99.11
CA MET S 830 -47.74 50.02 99.30
C MET S 830 -47.91 49.00 98.18
N GLY S 831 -48.27 47.77 98.56
CA GLY S 831 -48.39 46.70 97.60
C GLY S 831 -49.71 46.72 96.86
N ASP S 832 -49.84 45.76 95.94
CA ASP S 832 -51.00 45.75 95.05
C ASP S 832 -52.31 45.54 95.81
N GLN S 833 -52.24 44.94 96.99
CA GLN S 833 -53.41 44.63 97.80
C GLN S 833 -53.62 45.64 98.92
N GLY S 834 -53.10 46.86 98.77
CA GLY S 834 -53.35 47.91 99.74
C GLY S 834 -52.83 47.67 101.14
N TYR S 835 -51.59 47.24 101.26
CA TYR S 835 -50.90 47.13 102.53
C TYR S 835 -49.45 47.54 102.36
N PRO S 836 -48.77 47.95 103.43
CA PRO S 836 -47.35 48.27 103.32
C PRO S 836 -46.50 47.05 103.00
N ASN S 837 -45.39 47.29 102.29
CA ASN S 837 -44.47 46.24 101.87
C ASN S 837 -43.13 46.45 102.56
N LYS S 838 -42.22 45.50 102.36
CA LYS S 838 -40.94 45.53 103.04
C LYS S 838 -39.98 46.54 102.42
N THR S 839 -40.26 47.02 101.21
CA THR S 839 -39.38 48.00 100.58
C THR S 839 -39.37 49.30 101.37
N ILE S 840 -38.18 49.87 101.55
CA ILE S 840 -38.00 51.13 102.28
C ILE S 840 -37.35 52.14 101.35
N TYR S 841 -38.06 53.25 101.10
CA TYR S 841 -37.58 54.31 100.23
C TYR S 841 -36.84 55.41 100.97
N ALA S 842 -37.11 55.58 102.27
CA ALA S 842 -36.45 56.60 103.08
C ALA S 842 -36.41 56.15 104.53
N GLU S 843 -35.42 56.64 105.27
CA GLU S 843 -35.23 56.25 106.66
C GLU S 843 -34.42 57.32 107.39
N THR S 844 -34.86 57.68 108.60
CA THR S 844 -34.11 58.62 109.42
C THR S 844 -34.35 58.34 110.89
N VAL S 845 -33.38 58.71 111.75
CA VAL S 845 -33.49 58.45 113.18
C VAL S 845 -33.72 59.78 113.89
N MET S 846 -34.79 59.85 114.68
CA MET S 846 -35.18 61.06 115.42
C MET S 846 -34.90 60.88 116.91
N ASN S 847 -34.02 61.72 117.45
CA ASN S 847 -33.71 61.62 118.87
C ASN S 847 -34.87 62.16 119.70
N ALA S 848 -34.77 62.00 121.01
CA ALA S 848 -35.82 62.47 121.90
C ALA S 848 -35.90 64.00 121.88
N ASP S 849 -34.75 64.67 121.84
CA ASP S 849 -34.75 66.13 121.85
C ASP S 849 -35.41 66.71 120.61
N ASP S 850 -35.25 66.05 119.46
CA ASP S 850 -35.89 66.56 118.24
C ASP S 850 -37.41 66.39 118.31
N ILE S 851 -37.90 65.41 119.05
CA ILE S 851 -39.33 65.10 119.08
C ILE S 851 -40.02 66.08 120.03
N LYS S 852 -40.71 67.06 119.47
CA LYS S 852 -41.52 67.97 120.27
C LYS S 852 -42.82 67.28 120.69
N VAL S 853 -43.34 67.66 121.86
CA VAL S 853 -44.56 67.08 122.39
C VAL S 853 -45.45 68.17 122.96
N SER S 854 -46.75 67.88 123.02
CA SER S 854 -47.74 68.83 123.53
C SER S 854 -48.99 68.07 123.94
N ASN S 855 -49.74 68.66 124.87
CA ASN S 855 -50.95 68.03 125.37
C ASN S 855 -52.20 68.43 124.59
N ASN S 856 -52.05 69.21 123.51
CA ASN S 856 -53.17 69.62 122.67
C ASN S 856 -52.89 69.43 121.19
N ALA S 857 -51.90 68.60 120.83
CA ALA S 857 -51.54 68.33 119.44
C ALA S 857 -51.14 69.61 118.70
N SER S 858 -50.52 70.55 119.43
CA SER S 858 -50.08 71.81 118.85
C SER S 858 -48.63 71.76 118.38
N ALA S 859 -47.78 70.98 119.03
CA ALA S 859 -46.38 70.93 118.65
C ALA S 859 -46.20 70.02 117.44
N GLU S 860 -45.47 70.50 116.44
CA GLU S 860 -45.25 69.79 115.18
C GLU S 860 -43.76 69.56 115.00
N THR S 861 -43.30 68.34 115.28
CA THR S 861 -41.93 67.95 114.96
C THR S 861 -41.79 67.71 113.46
N ARG S 862 -40.76 68.32 112.85
CA ARG S 862 -40.50 68.15 111.42
C ARG S 862 -39.46 67.07 111.19
N VAL S 863 -39.74 66.16 110.25
CA VAL S 863 -38.85 65.04 109.94
C VAL S 863 -38.22 65.30 108.57
N TYR S 864 -36.90 65.23 108.51
CA TYR S 864 -36.13 65.49 107.28
C TYR S 864 -35.24 64.31 106.91
N PHE S 865 -35.28 63.92 105.64
CA PHE S 865 -34.46 62.84 105.11
C PHE S 865 -33.33 63.40 104.25
N ASP S 866 -32.28 62.59 104.06
CA ASP S 866 -31.11 63.14 103.39
C ASP S 866 -31.29 63.17 101.88
N ASP S 867 -31.94 62.13 101.31
CA ASP S 867 -32.29 62.09 99.89
C ASP S 867 -33.78 62.36 99.74
N PRO S 868 -34.22 63.29 98.88
CA PRO S 868 -35.66 63.56 98.76
C PRO S 868 -36.42 62.36 98.22
N MET S 869 -37.64 62.18 98.71
CA MET S 869 -38.51 61.08 98.28
C MET S 869 -39.32 61.52 97.07
N MET S 870 -39.08 60.88 95.93
CA MET S 870 -39.79 61.18 94.69
C MET S 870 -41.06 60.34 94.63
N ALA S 871 -42.20 60.95 94.91
CA ALA S 871 -43.47 60.21 94.90
C ALA S 871 -44.05 60.25 93.48
N GLU S 872 -44.18 59.06 92.88
CA GLU S 872 -44.81 58.96 91.56
C GLU S 872 -46.32 59.15 91.68
N GLY S 873 -46.91 59.78 90.67
CA GLY S 873 -48.35 60.00 90.69
C GLY S 873 -49.12 58.70 90.55
N GLY S 874 -50.18 58.57 91.35
CA GLY S 874 -51.04 57.40 91.31
C GLY S 874 -50.54 56.21 92.11
N LYS S 875 -49.40 56.34 92.80
CA LYS S 875 -48.81 55.25 93.59
C LYS S 875 -48.94 55.58 95.07
N GLU S 876 -49.43 54.61 95.84
CA GLU S 876 -49.62 54.79 97.27
C GLU S 876 -48.31 54.54 98.03
N TYR S 877 -48.08 55.34 99.05
CA TYR S 877 -46.91 55.21 99.92
C TYR S 877 -47.34 55.34 101.37
N ALA S 878 -46.58 54.73 102.27
CA ALA S 878 -46.93 54.67 103.68
C ALA S 878 -45.77 55.19 104.53
N ILE S 879 -46.06 56.19 105.36
CA ILE S 879 -45.14 56.57 106.42
C ILE S 879 -45.16 55.47 107.47
N VAL S 880 -43.99 55.13 108.02
CA VAL S 880 -43.87 54.09 109.02
C VAL S 880 -43.05 54.62 110.19
N ILE S 881 -43.51 54.33 111.41
CA ILE S 881 -42.89 54.86 112.63
C ILE S 881 -42.60 53.69 113.55
N ILE S 882 -41.31 53.50 113.87
CA ILE S 882 -40.83 52.34 114.62
C ILE S 882 -39.97 52.83 115.77
N THR S 883 -40.16 52.23 116.95
CA THR S 883 -39.33 52.52 118.10
C THR S 883 -39.48 51.39 119.12
N GLU S 884 -38.35 50.96 119.68
CA GLU S 884 -38.36 49.87 120.65
C GLU S 884 -38.92 50.29 122.01
N ASN S 885 -38.86 51.59 122.33
CA ASN S 885 -39.38 52.08 123.60
C ASN S 885 -40.90 52.01 123.63
N SER S 886 -41.43 51.72 124.82
CA SER S 886 -42.86 51.56 125.04
C SER S 886 -43.52 52.84 125.57
N ASP S 887 -42.80 53.96 125.60
CA ASP S 887 -43.31 55.19 126.20
C ASP S 887 -43.36 56.27 125.11
N TYR S 888 -43.94 55.94 123.97
CA TYR S 888 -44.13 56.87 122.87
C TYR S 888 -45.58 56.78 122.41
N THR S 889 -46.23 57.94 122.27
CA THR S 889 -47.63 58.02 121.89
C THR S 889 -47.80 59.13 120.86
N MET S 890 -48.83 59.00 120.03
CA MET S 890 -49.09 59.93 118.95
C MET S 890 -50.59 60.23 118.87
N TRP S 891 -50.90 61.47 118.52
CA TRP S 891 -52.28 61.88 118.33
C TRP S 891 -52.86 61.24 117.08
N VAL S 892 -54.10 60.75 117.21
CA VAL S 892 -54.81 60.13 116.10
C VAL S 892 -56.24 60.67 116.07
N GLY S 893 -56.71 60.98 114.86
CA GLY S 893 -58.08 61.44 114.66
C GLY S 893 -58.95 60.26 114.27
N THR S 894 -60.05 60.09 115.00
CA THR S 894 -61.00 59.01 114.78
C THR S 894 -62.38 59.61 114.54
N ARG S 895 -63.12 58.99 113.61
CA ARG S 895 -64.45 59.46 113.26
C ARG S 895 -65.41 59.26 114.42
N THR S 896 -66.34 60.21 114.57
CA THR S 896 -67.41 60.22 115.57
C THR S 896 -66.91 60.59 116.97
N LYS S 897 -65.59 60.82 117.17
CA LYS S 897 -65.06 61.17 118.48
C LYS S 897 -64.90 62.69 118.60
N PRO S 898 -65.01 63.25 119.81
CA PRO S 898 -64.84 64.70 119.95
C PRO S 898 -63.39 65.13 119.71
N LYS S 899 -63.25 66.37 119.24
CA LYS S 899 -61.93 66.95 119.06
C LYS S 899 -61.31 67.33 120.39
N ILE S 900 -59.98 67.28 120.45
CA ILE S 900 -59.28 67.50 121.72
C ILE S 900 -59.47 68.92 122.20
N ASP S 901 -59.25 69.90 121.32
CA ASP S 901 -59.39 71.30 121.66
C ASP S 901 -60.82 71.81 121.54
N LYS S 902 -61.70 71.08 120.86
CA LYS S 902 -63.10 71.46 120.67
C LYS S 902 -63.97 70.24 120.97
N PRO S 903 -64.20 69.93 122.25
CA PRO S 903 -65.08 68.78 122.57
C PRO S 903 -66.50 68.96 122.06
N ASN S 904 -66.99 70.20 121.95
CA ASN S 904 -68.32 70.43 121.39
C ASN S 904 -68.45 69.85 119.99
N GLU S 905 -67.39 69.93 119.18
CA GLU S 905 -67.41 69.41 117.83
C GLU S 905 -66.89 67.98 117.79
N VAL S 906 -67.40 67.20 116.84
CA VAL S 906 -67.01 65.81 116.62
C VAL S 906 -66.59 65.63 115.18
N ILE S 907 -65.62 64.74 114.96
CA ILE S 907 -65.17 64.43 113.61
C ILE S 907 -66.30 63.67 112.92
N SER S 908 -66.95 64.32 111.95
CA SER S 908 -68.14 63.75 111.35
C SER S 908 -67.79 62.68 110.32
N GLY S 909 -67.08 63.07 109.26
CA GLY S 909 -66.61 62.16 108.25
C GLY S 909 -65.27 61.55 108.59
N ASN S 910 -64.74 60.82 107.61
CA ASN S 910 -63.40 60.26 107.75
C ASN S 910 -62.38 61.40 107.85
N PRO S 911 -61.35 61.28 108.70
CA PRO S 911 -60.36 62.37 108.75
C PRO S 911 -59.66 62.57 107.42
N TYR S 912 -59.06 61.52 106.87
CA TYR S 912 -58.39 61.53 105.57
C TYR S 912 -58.91 60.35 104.78
N LEU S 913 -59.68 60.65 103.73
CA LEU S 913 -60.41 59.60 103.03
C LEU S 913 -59.47 58.64 102.29
N GLN S 914 -58.38 59.16 101.75
CA GLN S 914 -57.50 58.39 100.89
C GLN S 914 -56.36 57.71 101.62
N GLY S 915 -56.38 57.70 102.95
CA GLY S 915 -55.41 56.97 103.72
C GLY S 915 -56.05 56.22 104.88
N VAL S 916 -55.29 55.29 105.43
CA VAL S 916 -55.75 54.39 106.47
C VAL S 916 -54.66 54.26 107.53
N LEU S 917 -55.07 54.28 108.79
CA LEU S 917 -54.16 54.02 109.90
C LEU S 917 -53.91 52.52 110.02
N PHE S 918 -52.66 52.17 110.31
CA PHE S 918 -52.24 50.79 110.47
C PHE S 918 -51.52 50.62 111.81
N SER S 919 -51.64 49.41 112.36
CA SER S 919 -50.92 49.03 113.58
C SER S 919 -50.39 47.61 113.42
N SER S 920 -49.21 47.37 113.97
CA SER S 920 -48.56 46.07 113.83
C SER S 920 -47.78 45.77 115.10
N SER S 921 -47.58 44.47 115.34
CA SER S 921 -46.74 44.02 116.44
C SER S 921 -45.30 43.73 116.03
N ASN S 922 -45.05 43.53 114.73
CA ASN S 922 -43.73 43.16 114.23
C ASN S 922 -43.32 43.93 112.98
N ALA S 923 -44.06 44.97 112.58
CA ALA S 923 -43.76 45.76 111.39
C ALA S 923 -43.80 44.94 110.11
N SER S 924 -44.51 43.82 110.10
CA SER S 924 -44.75 43.01 108.92
C SER S 924 -46.24 42.82 108.64
N THR S 925 -47.00 42.37 109.65
CA THR S 925 -48.44 42.17 109.52
C THR S 925 -49.14 43.39 110.10
N TRP S 926 -49.92 44.08 109.26
CA TRP S 926 -50.53 45.35 109.63
C TRP S 926 -52.04 45.18 109.77
N THR S 927 -52.59 45.68 110.88
CA THR S 927 -54.03 45.66 111.13
C THR S 927 -54.61 47.03 110.79
N PRO S 928 -55.50 47.17 109.80
CA PRO S 928 -55.91 48.51 109.40
C PRO S 928 -56.96 49.04 110.36
N HIS S 929 -57.02 50.37 110.47
CA HIS S 929 -58.04 51.08 111.23
C HIS S 929 -58.74 52.02 110.25
N GLN S 930 -59.88 51.58 109.72
CA GLN S 930 -60.53 52.33 108.65
C GLN S 930 -61.02 53.69 109.12
N ASN S 931 -61.53 53.77 110.36
CA ASN S 931 -62.14 54.99 110.87
C ASN S 931 -61.15 55.97 111.47
N SER S 932 -59.85 55.66 111.46
CA SER S 932 -58.84 56.47 112.12
C SER S 932 -57.71 56.81 111.15
N ASP S 933 -57.15 58.01 111.32
CA ASP S 933 -55.97 58.42 110.58
C ASP S 933 -55.13 59.32 111.48
N LEU S 934 -53.81 59.29 111.24
CA LEU S 934 -52.87 60.10 112.00
C LEU S 934 -53.08 61.57 111.69
N LYS S 935 -52.70 62.41 112.65
CA LYS S 935 -52.56 63.85 112.40
C LYS S 935 -51.17 64.06 111.83
N PHE S 936 -51.10 64.42 110.55
CA PHE S 936 -49.82 64.52 109.86
C PHE S 936 -49.93 65.57 108.76
N GLY S 937 -48.76 65.98 108.27
CA GLY S 937 -48.68 66.90 107.16
C GLY S 937 -47.45 66.66 106.32
N ILE S 938 -47.64 66.54 105.00
CA ILE S 938 -46.57 66.22 104.06
C ILE S 938 -46.23 67.48 103.27
N TYR S 939 -44.94 67.79 103.20
CA TYR S 939 -44.43 68.98 102.51
C TYR S 939 -43.72 68.55 101.23
N THR S 940 -44.08 69.16 100.11
CA THR S 940 -43.46 68.92 98.81
C THR S 940 -42.74 70.19 98.38
N SER S 941 -41.57 70.04 97.75
CA SER S 941 -40.73 71.17 97.38
C SER S 941 -40.65 71.39 95.88
N LYS S 942 -40.25 72.61 95.52
CA LYS S 942 -39.91 73.03 94.16
C LYS S 942 -38.56 73.73 94.22
N PHE S 943 -37.60 73.32 93.38
CA PHE S 943 -36.27 73.91 93.41
C PHE S 943 -36.18 75.16 92.54
N ASN S 944 -35.31 76.07 92.95
CA ASN S 944 -35.13 77.38 92.31
C ASN S 944 -33.71 77.50 91.77
N GLU S 945 -33.42 78.64 91.14
CA GLU S 945 -32.23 78.78 90.30
C GLU S 945 -30.95 78.48 91.08
N THR S 946 -30.65 79.27 92.12
CA THR S 946 -29.36 79.21 92.82
C THR S 946 -29.59 79.31 94.33
N ALA S 947 -28.58 78.90 95.10
CA ALA S 947 -28.60 78.94 96.56
C ALA S 947 -27.33 79.60 97.08
N THR S 948 -27.41 80.17 98.29
CA THR S 948 -26.31 80.92 98.89
C THR S 948 -26.19 80.61 100.38
N ILE S 949 -24.96 80.43 100.85
CA ILE S 949 -24.62 80.33 102.27
C ILE S 949 -23.73 81.51 102.63
N GLU S 950 -24.02 82.17 103.75
CA GLU S 950 -23.15 83.20 104.31
C GLU S 950 -22.63 82.74 105.65
N PHE S 951 -21.31 82.78 105.80
CA PHE S 951 -20.64 82.38 107.03
C PHE S 951 -20.38 83.57 107.93
N GLU S 952 -20.47 83.33 109.24
CA GLU S 952 -20.38 84.39 110.24
C GLU S 952 -18.98 84.99 110.15
N PRO S 953 -18.81 86.28 110.48
CA PRO S 953 -17.49 86.88 110.28
C PRO S 953 -16.43 86.25 111.18
N ILE S 954 -15.29 85.92 110.56
CA ILE S 954 -14.29 85.03 111.15
C ILE S 954 -13.78 85.61 112.47
N LYS S 981 -1.99 82.17 109.69
CA LYS S 981 -3.02 82.58 110.62
C LYS S 981 -2.93 84.09 110.92
N LEU S 982 -2.32 84.87 110.00
CA LEU S 982 -2.37 86.33 110.03
C LEU S 982 -3.06 86.81 108.76
N ILE S 983 -4.05 87.70 108.92
CA ILE S 983 -5.13 87.89 107.95
C ILE S 983 -4.65 88.17 106.52
N LEU S 984 -3.70 89.11 106.33
CA LEU S 984 -3.40 89.51 104.95
C LEU S 984 -2.74 88.36 104.18
N ASP S 985 -1.63 87.82 104.69
CA ASP S 985 -1.07 86.65 104.04
C ASP S 985 -1.99 85.43 104.08
N ASP S 986 -2.91 85.34 105.05
CA ASP S 986 -3.97 84.34 104.97
C ASP S 986 -4.83 84.55 103.73
N MET S 987 -5.40 85.75 103.59
CA MET S 987 -6.43 85.91 102.57
C MET S 987 -5.87 85.81 101.16
N ALA S 988 -4.57 86.01 100.98
CA ALA S 988 -3.91 85.71 99.72
C ALA S 988 -3.96 84.22 99.41
N SER S 989 -3.92 83.37 100.43
CA SER S 989 -4.02 81.92 100.30
C SER S 989 -5.46 81.46 100.32
N SER S 990 -6.31 82.17 101.07
CA SER S 990 -7.76 81.94 101.02
C SER S 990 -8.24 82.02 99.58
N THR S 991 -8.00 83.17 98.92
CA THR S 991 -8.42 83.35 97.53
C THR S 991 -7.75 82.36 96.57
N THR S 992 -6.67 81.68 96.98
CA THR S 992 -6.07 80.64 96.15
C THR S 992 -6.90 79.36 96.20
N PHE S 993 -7.37 78.98 97.39
CA PHE S 993 -8.10 77.74 97.58
C PHE S 993 -9.61 77.87 97.40
N ASP S 994 -10.23 79.03 97.68
CA ASP S 994 -11.67 79.18 97.45
C ASP S 994 -11.97 79.50 95.98
N GLN S 995 -11.92 78.46 95.14
CA GLN S 995 -12.22 78.61 93.73
C GLN S 995 -13.04 77.43 93.21
N LEU S 996 -13.81 77.71 92.15
CA LEU S 996 -14.72 76.72 91.55
C LEU S 996 -14.03 75.41 91.23
N LYS S 997 -12.82 75.49 90.64
CA LYS S 997 -12.13 74.31 90.14
C LYS S 997 -11.05 73.82 91.10
N TRP S 998 -10.94 74.43 92.29
CA TRP S 998 -10.33 73.81 93.45
C TRP S 998 -11.44 72.97 94.09
N GLU S 999 -11.25 72.55 95.33
CA GLU S 999 -12.27 71.81 96.07
C GLU S 999 -13.57 72.57 96.26
N PRO S 1000 -13.62 73.75 96.91
CA PRO S 1000 -14.92 74.38 97.19
C PRO S 1000 -15.65 74.89 95.95
N ILE S 1001 -16.78 74.24 95.62
CA ILE S 1001 -17.46 74.42 94.34
C ILE S 1001 -18.27 75.72 94.24
N GLY S 1002 -18.64 76.35 95.35
CA GLY S 1002 -19.40 77.59 95.27
C GLY S 1002 -18.61 78.72 94.65
N ASN S 1003 -19.32 79.64 94.01
CA ASN S 1003 -18.73 80.93 93.66
C ASN S 1003 -18.61 81.78 94.91
N TYR S 1004 -17.49 82.49 95.07
CA TYR S 1004 -17.20 83.18 96.32
C TYR S 1004 -17.21 84.69 96.17
N GLN S 1005 -17.77 85.35 97.19
CA GLN S 1005 -17.67 86.78 97.40
C GLN S 1005 -17.13 87.00 98.82
N ASP S 1006 -16.34 88.07 98.97
CA ASP S 1006 -15.42 88.19 100.09
C ASP S 1006 -15.41 89.64 100.59
N LEU S 1007 -15.92 89.87 101.81
CA LEU S 1007 -16.03 91.20 102.39
C LEU S 1007 -15.09 91.34 103.59
N ASP S 1008 -14.19 92.33 103.53
CA ASP S 1008 -13.39 92.75 104.68
C ASP S 1008 -14.06 93.92 105.38
N VAL S 1009 -13.95 93.97 106.72
CA VAL S 1009 -14.30 95.20 107.42
C VAL S 1009 -13.23 96.26 107.20
N LEU S 1010 -11.96 95.85 107.22
CA LEU S 1010 -10.80 96.66 106.91
C LEU S 1010 -9.59 95.75 106.82
N GLY S 1011 -8.53 96.25 106.19
CA GLY S 1011 -7.34 95.44 105.96
C GLY S 1011 -6.73 94.95 107.27
N LEU S 1012 -6.24 93.71 107.24
CA LEU S 1012 -5.62 93.00 108.37
C LEU S 1012 -6.53 92.79 109.58
N ALA S 1013 -7.81 93.13 109.48
CA ALA S 1013 -8.76 92.91 110.55
C ALA S 1013 -9.31 91.49 110.51
N ARG S 1014 -9.63 90.93 111.70
CA ARG S 1014 -10.13 89.56 111.75
C ARG S 1014 -11.52 89.41 111.12
N GLN S 1015 -12.29 90.50 110.98
CA GLN S 1015 -13.69 90.39 110.53
C GLN S 1015 -13.79 90.26 109.01
N VAL S 1016 -13.20 89.17 108.50
CA VAL S 1016 -13.50 88.62 107.18
C VAL S 1016 -14.89 88.01 107.21
N LYS S 1017 -15.69 88.20 106.15
CA LYS S 1017 -17.02 87.60 106.07
C LYS S 1017 -17.25 87.10 104.65
N LEU S 1018 -17.61 85.82 104.51
CA LEU S 1018 -17.60 85.09 103.24
C LEU S 1018 -19.00 84.65 102.82
N ARG S 1019 -19.25 84.71 101.51
CA ARG S 1019 -20.53 84.36 100.89
C ARG S 1019 -20.29 83.38 99.75
N ALA S 1020 -20.87 82.18 99.85
CA ALA S 1020 -20.72 81.10 98.87
C ALA S 1020 -22.05 80.87 98.13
N THR S 1021 -22.03 80.95 96.79
CA THR S 1021 -23.21 80.74 95.94
C THR S 1021 -22.98 79.55 95.03
N PHE S 1022 -23.98 78.64 94.96
CA PHE S 1022 -23.92 77.45 94.12
C PHE S 1022 -25.27 77.25 93.41
N GLU S 1023 -25.20 76.69 92.20
CA GLU S 1023 -26.38 76.43 91.39
C GLU S 1023 -27.15 75.25 91.96
N SER S 1024 -28.48 75.40 92.06
CA SER S 1024 -29.33 74.44 92.75
C SER S 1024 -29.98 73.45 91.78
N ASN S 1025 -30.56 72.38 92.34
CA ASN S 1025 -31.18 71.33 91.52
C ASN S 1025 -32.17 70.54 92.37
N ARG S 1026 -32.86 69.57 91.73
CA ARG S 1026 -33.98 68.92 92.42
C ARG S 1026 -33.55 67.85 93.42
N TYR S 1027 -32.27 67.49 93.47
CA TYR S 1027 -31.76 66.45 94.36
C TYR S 1027 -31.02 67.01 95.57
N ILE S 1028 -31.19 68.29 95.87
CA ILE S 1028 -30.50 68.89 97.01
C ILE S 1028 -31.05 68.31 98.31
N SER S 1029 -30.14 67.98 99.23
CA SER S 1029 -30.52 67.30 100.48
C SER S 1029 -31.44 68.17 101.34
N PRO S 1030 -32.63 67.67 101.74
CA PRO S 1030 -33.43 68.44 102.72
C PRO S 1030 -32.74 68.57 104.07
N LEU S 1031 -32.20 67.47 104.58
CA LEU S 1031 -31.56 67.48 105.91
C LEU S 1031 -30.38 68.45 105.98
N MET S 1032 -29.54 68.50 104.93
CA MET S 1032 -28.47 69.50 104.95
C MET S 1032 -29.03 70.91 104.83
N SER S 1033 -30.19 71.08 104.17
CA SER S 1033 -30.72 72.43 103.98
C SER S 1033 -31.32 72.97 105.28
N SER S 1034 -31.99 72.12 106.06
CA SER S 1034 -32.70 72.55 107.25
C SER S 1034 -31.86 72.48 108.53
N SER S 1035 -30.84 71.62 108.58
CA SER S 1035 -29.96 71.52 109.73
C SER S 1035 -28.99 72.72 109.76
N ASP S 1036 -28.22 72.81 110.85
CA ASP S 1036 -27.26 73.89 111.05
C ASP S 1036 -25.93 73.56 110.37
N LEU S 1037 -25.21 74.60 109.92
CA LEU S 1037 -24.07 74.42 109.03
C LEU S 1037 -22.80 75.07 109.58
N THR S 1038 -21.66 74.50 109.21
CA THR S 1038 -20.34 75.07 109.48
C THR S 1038 -19.49 74.99 108.22
N PHE S 1039 -18.40 75.79 108.19
CA PHE S 1039 -17.45 75.79 107.08
C PHE S 1039 -16.69 74.46 106.94
N THR S 1040 -16.82 73.55 107.91
CA THR S 1040 -16.25 72.20 107.83
C THR S 1040 -17.27 71.13 107.48
N THR S 1041 -18.56 71.33 107.81
CA THR S 1041 -19.61 70.40 107.39
C THR S 1041 -20.07 70.72 105.98
N PHE S 1042 -20.13 72.01 105.65
CA PHE S 1042 -20.01 72.44 104.27
C PHE S 1042 -18.57 72.24 103.86
N LEU S 1043 -18.31 72.14 102.56
CA LEU S 1043 -16.98 71.88 102.06
C LEU S 1043 -16.39 70.60 102.66
N THR S 1044 -17.13 69.51 102.49
CA THR S 1044 -16.70 68.14 102.82
C THR S 1044 -16.51 67.33 101.54
N GLU S 1045 -15.43 66.56 101.45
CA GLU S 1045 -15.22 65.68 100.30
C GLU S 1045 -15.94 64.35 100.62
N LEU S 1046 -17.14 64.18 100.11
CA LEU S 1046 -17.80 62.88 100.20
C LEU S 1046 -17.19 61.93 99.16
N THR S 1047 -17.02 60.66 99.55
CA THR S 1047 -16.52 59.68 98.60
C THR S 1047 -17.23 58.34 98.83
N GLY S 1048 -17.26 57.52 97.80
CA GLY S 1048 -17.87 56.21 97.87
C GLY S 1048 -17.76 55.52 96.53
N SER S 1049 -18.23 54.28 96.48
CA SER S 1049 -18.17 53.52 95.24
C SER S 1049 -19.22 52.42 95.26
N TYR S 1050 -19.67 52.02 94.08
CA TYR S 1050 -20.46 50.83 93.89
C TYR S 1050 -19.56 49.70 93.41
N VAL S 1051 -19.69 48.53 94.03
CA VAL S 1051 -18.89 47.35 93.65
C VAL S 1051 -19.83 46.17 93.47
N GLY S 1052 -19.82 45.57 92.26
CA GLY S 1052 -20.69 44.47 91.98
C GLY S 1052 -20.05 43.13 92.29
N ARG S 1053 -20.88 42.11 92.47
CA ARG S 1053 -20.36 40.78 92.77
C ARG S 1053 -19.53 40.26 91.59
N ALA S 1054 -18.44 39.56 91.91
CA ALA S 1054 -17.56 39.04 90.88
C ALA S 1054 -18.28 37.99 90.03
N ILE S 1055 -18.06 38.05 88.72
CA ILE S 1055 -18.78 37.20 87.77
C ILE S 1055 -17.77 36.24 87.14
N ASP S 1056 -18.12 34.96 87.10
CA ASP S 1056 -17.22 33.94 86.57
C ASP S 1056 -17.53 33.74 85.09
N MET S 1057 -16.64 34.25 84.24
CA MET S 1057 -16.74 34.15 82.78
C MET S 1057 -15.80 33.09 82.23
N THR S 1058 -15.68 31.95 82.93
CA THR S 1058 -14.79 30.90 82.45
C THR S 1058 -15.34 30.24 81.19
N GLU S 1059 -16.66 30.03 81.15
CA GLU S 1059 -17.31 29.43 79.99
C GLU S 1059 -17.50 30.41 78.83
N ALA S 1060 -17.33 31.71 79.07
CA ALA S 1060 -17.45 32.75 78.04
C ALA S 1060 -16.25 33.68 78.18
N PRO S 1061 -15.09 33.32 77.63
CA PRO S 1061 -13.95 34.23 77.65
C PRO S 1061 -14.20 35.45 76.78
N TYR S 1062 -13.60 36.58 77.17
CA TYR S 1062 -13.82 37.83 76.48
C TYR S 1062 -12.52 38.63 76.43
N ASN S 1063 -12.45 39.54 75.45
CA ASN S 1063 -11.35 40.47 75.35
C ASN S 1063 -11.81 41.91 75.07
N THR S 1064 -13.11 42.13 74.82
CA THR S 1064 -13.67 43.46 74.60
C THR S 1064 -14.79 43.68 75.58
N VAL S 1065 -14.89 44.91 76.12
CA VAL S 1065 -15.92 45.24 77.09
C VAL S 1065 -16.68 46.47 76.60
N ARG S 1066 -18.01 46.47 76.75
CA ARG S 1066 -18.84 47.62 76.40
C ARG S 1066 -19.43 48.11 77.72
N PHE S 1067 -18.93 49.24 78.20
CA PHE S 1067 -19.35 49.82 79.48
C PHE S 1067 -20.32 50.96 79.20
N SER S 1068 -21.53 50.89 79.76
CA SER S 1068 -22.56 51.89 79.54
C SER S 1068 -23.25 52.23 80.84
N TYR S 1069 -23.41 53.53 81.10
CA TYR S 1069 -24.06 53.99 82.32
C TYR S 1069 -24.55 55.41 82.11
N GLU S 1070 -25.57 55.79 82.90
CA GLU S 1070 -26.11 57.14 82.90
C GLU S 1070 -25.78 57.81 84.23
N ALA S 1071 -25.25 59.03 84.16
CA ALA S 1071 -24.77 59.73 85.36
C ALA S 1071 -25.19 61.18 85.33
N PHE S 1072 -25.59 61.70 86.50
CA PHE S 1072 -25.82 63.12 86.70
C PHE S 1072 -24.66 63.72 87.48
N LEU S 1073 -23.95 64.66 86.84
CA LEU S 1073 -22.68 65.18 87.34
C LEU S 1073 -22.82 66.67 87.63
N PRO S 1074 -23.15 67.07 88.86
CA PRO S 1074 -23.08 68.49 89.20
C PRO S 1074 -21.63 68.95 89.20
N LYS S 1075 -21.45 70.26 89.31
CA LYS S 1075 -20.09 70.80 89.29
C LYS S 1075 -19.32 70.29 90.49
N GLY S 1076 -18.06 69.93 90.26
CA GLY S 1076 -17.21 69.36 91.31
C GLY S 1076 -17.35 67.88 91.54
N THR S 1077 -18.23 67.19 90.82
CA THR S 1077 -18.42 65.75 90.99
C THR S 1077 -17.73 64.99 89.86
N LYS S 1078 -17.54 63.69 90.09
CA LYS S 1078 -16.90 62.81 89.13
C LYS S 1078 -17.42 61.39 89.30
N VAL S 1079 -17.49 60.68 88.18
CA VAL S 1079 -17.79 59.25 88.14
C VAL S 1079 -16.76 58.59 87.24
N VAL S 1080 -16.00 57.65 87.80
CA VAL S 1080 -14.87 57.01 87.13
C VAL S 1080 -15.16 55.51 87.01
N PRO S 1081 -15.45 54.99 85.83
CA PRO S 1081 -15.70 53.55 85.72
C PRO S 1081 -14.41 52.75 85.79
N LYS S 1082 -14.52 51.52 86.30
CA LYS S 1082 -13.38 50.63 86.44
C LYS S 1082 -13.86 49.19 86.27
N TYR S 1083 -12.90 48.30 85.99
CA TYR S 1083 -13.20 46.88 85.87
C TYR S 1083 -12.00 46.08 86.35
N SER S 1084 -12.25 44.82 86.72
CA SER S 1084 -11.20 43.93 87.17
C SER S 1084 -11.41 42.54 86.59
N ALA S 1085 -10.31 41.91 86.18
CA ALA S 1085 -10.34 40.54 85.66
C ALA S 1085 -9.61 39.57 86.58
N ASP S 1086 -9.47 39.91 87.87
CA ASP S 1086 -8.77 39.06 88.82
C ASP S 1086 -9.42 39.11 90.20
N ASP S 1087 -10.74 39.25 90.27
CA ASP S 1087 -11.47 39.29 91.54
C ASP S 1087 -11.01 40.43 92.44
N GLY S 1088 -10.79 41.60 91.85
CA GLY S 1088 -10.51 42.79 92.63
C GLY S 1088 -9.09 42.92 93.16
N LYS S 1089 -8.16 42.06 92.72
CA LYS S 1089 -6.78 42.27 93.11
C LYS S 1089 -6.19 43.52 92.48
N THR S 1090 -6.52 43.78 91.21
CA THR S 1090 -6.12 44.99 90.51
C THR S 1090 -7.29 45.56 89.74
N TRP S 1091 -7.43 46.88 89.78
CA TRP S 1091 -8.51 47.59 89.10
C TRP S 1091 -7.94 48.41 87.95
N LYS S 1092 -8.50 48.21 86.76
CA LYS S 1092 -8.04 48.88 85.56
C LYS S 1092 -8.97 50.03 85.16
N THR S 1093 -8.45 50.91 84.30
CA THR S 1093 -9.18 52.09 83.84
C THR S 1093 -9.18 52.13 82.31
N PHE S 1094 -10.32 52.50 81.74
CA PHE S 1094 -10.42 52.58 80.28
C PHE S 1094 -9.65 53.78 79.76
N THR S 1095 -8.96 53.57 78.63
CA THR S 1095 -8.20 54.62 77.97
C THR S 1095 -9.04 55.45 77.02
N LYS S 1096 -10.10 54.89 76.45
CA LYS S 1096 -10.96 55.68 75.56
C LYS S 1096 -11.81 56.66 76.36
N SER S 1097 -12.11 57.79 75.73
CA SER S 1097 -13.07 58.75 76.27
C SER S 1097 -14.49 58.32 75.92
N PRO S 1098 -15.49 58.48 76.80
CA PRO S 1098 -16.84 57.99 76.47
C PRO S 1098 -17.57 58.92 75.50
N THR S 1099 -18.31 58.31 74.58
CA THR S 1099 -19.27 59.06 73.76
C THR S 1099 -20.51 59.37 74.60
N THR S 1100 -21.01 60.61 74.50
CA THR S 1100 -22.06 61.13 75.35
C THR S 1100 -23.35 61.33 74.57
N THR S 1101 -24.46 60.86 75.15
CA THR S 1101 -25.81 61.11 74.63
C THR S 1101 -26.70 61.58 75.78
N ARG S 1102 -27.40 62.68 75.59
CA ARG S 1102 -28.22 63.22 76.67
C ARG S 1102 -29.48 62.39 76.87
N ALA S 1103 -29.78 62.09 78.13
CA ALA S 1103 -30.98 61.35 78.51
C ALA S 1103 -32.13 62.27 78.88
N ASN S 1104 -31.88 63.21 79.79
CA ASN S 1104 -32.88 64.20 80.18
C ASN S 1104 -32.12 65.46 80.59
N ASN S 1105 -32.82 66.37 81.27
CA ASN S 1105 -32.19 67.61 81.69
C ASN S 1105 -31.04 67.36 82.65
N GLU S 1106 -31.18 66.39 83.56
CA GLU S 1106 -30.13 66.03 84.50
C GLU S 1106 -29.14 65.01 83.95
N PHE S 1107 -29.60 63.79 83.68
CA PHE S 1107 -28.73 62.65 83.38
C PHE S 1107 -28.23 62.68 81.95
N THR S 1108 -27.01 62.15 81.77
CA THR S 1108 -26.38 61.98 80.47
C THR S 1108 -25.79 60.58 80.38
N ARG S 1109 -25.99 59.94 79.23
CA ARG S 1109 -25.57 58.56 79.02
C ARG S 1109 -24.12 58.52 78.55
N TYR S 1110 -23.28 57.76 79.26
CA TYR S 1110 -21.88 57.58 78.93
C TYR S 1110 -21.66 56.13 78.51
N VAL S 1111 -21.07 55.95 77.34
CA VAL S 1111 -20.83 54.63 76.76
C VAL S 1111 -19.36 54.53 76.38
N ILE S 1112 -18.73 53.42 76.75
CA ILE S 1112 -17.36 53.12 76.36
C ILE S 1112 -17.37 51.77 75.67
N ASP S 1113 -16.65 51.66 74.55
CA ASP S 1113 -16.44 50.41 73.84
C ASP S 1113 -14.95 50.31 73.52
N GLU S 1114 -14.25 49.48 74.29
CA GLU S 1114 -12.80 49.38 74.21
C GLU S 1114 -12.41 47.90 74.22
N LYS S 1115 -11.43 47.55 73.39
CA LYS S 1115 -10.81 46.23 73.41
C LYS S 1115 -9.81 46.20 74.56
N VAL S 1116 -10.27 45.69 75.71
CA VAL S 1116 -9.47 45.83 76.93
C VAL S 1116 -8.18 45.02 76.85
N LYS S 1117 -8.19 43.88 76.15
CA LYS S 1117 -7.05 42.98 76.05
C LYS S 1117 -6.67 42.85 74.58
N SER S 1118 -5.41 43.13 74.27
CA SER S 1118 -4.95 43.08 72.88
C SER S 1118 -4.87 41.64 72.38
N SER S 1119 -4.33 40.74 73.20
CA SER S 1119 -4.19 39.33 72.84
C SER S 1119 -4.60 38.47 74.02
N GLY S 1120 -5.19 37.32 73.72
CA GLY S 1120 -5.74 36.46 74.74
C GLY S 1120 -7.14 36.87 75.12
N THR S 1121 -7.66 36.21 76.15
CA THR S 1121 -9.01 36.45 76.65
C THR S 1121 -9.03 36.36 78.16
N ASN S 1122 -9.80 37.26 78.78
CA ASN S 1122 -10.05 37.19 80.20
C ASN S 1122 -11.17 36.20 80.52
N THR S 1123 -11.22 35.78 81.79
CA THR S 1123 -12.21 34.83 82.29
C THR S 1123 -12.92 35.30 83.56
N LYS S 1124 -12.77 36.57 83.95
CA LYS S 1124 -13.42 37.12 85.13
C LYS S 1124 -13.86 38.55 84.88
N LEU S 1125 -14.88 39.01 85.61
CA LEU S 1125 -15.39 40.36 85.45
C LEU S 1125 -15.93 40.85 86.78
N GLN S 1126 -15.60 42.10 87.12
CA GLN S 1126 -16.13 42.75 88.31
C GLN S 1126 -16.25 44.25 88.02
N VAL S 1127 -17.47 44.77 88.02
CA VAL S 1127 -17.75 46.15 87.62
C VAL S 1127 -17.66 47.05 88.84
N ARG S 1128 -17.15 48.27 88.64
CA ARG S 1128 -16.99 49.21 89.74
C ARG S 1128 -17.22 50.63 89.22
N LEU S 1129 -17.83 51.46 90.06
CA LEU S 1129 -18.05 52.88 89.79
C LEU S 1129 -17.61 53.66 91.01
N ASP S 1130 -16.74 54.64 90.80
CA ASP S 1130 -16.20 55.46 91.89
C ASP S 1130 -16.87 56.83 91.89
N LEU S 1131 -17.59 57.14 92.97
CA LEU S 1131 -18.28 58.41 93.13
C LEU S 1131 -17.57 59.28 94.17
N SER S 1132 -17.43 60.57 93.85
CA SER S 1132 -16.77 61.51 94.76
C SER S 1132 -17.36 62.90 94.57
N THR S 1133 -17.25 63.73 95.62
CA THR S 1133 -17.70 65.12 95.58
C THR S 1133 -16.63 65.99 96.21
N GLU S 1134 -16.81 67.31 96.09
CA GLU S 1134 -15.95 68.29 96.74
C GLU S 1134 -16.74 69.31 97.55
N ASN S 1135 -18.05 69.12 97.73
CA ASN S 1135 -18.75 69.74 98.86
C ASN S 1135 -19.95 68.86 99.23
N SER S 1136 -20.58 69.19 100.36
CA SER S 1136 -21.62 68.37 100.95
C SER S 1136 -22.97 68.43 100.23
N PHE S 1137 -23.25 69.52 99.50
CA PHE S 1137 -24.56 69.71 98.88
C PHE S 1137 -24.64 69.07 97.48
N LEU S 1138 -23.63 69.29 96.65
CA LEU S 1138 -23.66 68.84 95.26
C LEU S 1138 -23.05 67.44 95.17
N ARG S 1139 -23.89 66.44 94.89
CA ARG S 1139 -23.51 65.03 94.83
C ARG S 1139 -23.90 64.41 93.48
N PRO S 1140 -23.15 63.43 92.97
CA PRO S 1140 -23.54 62.79 91.70
C PRO S 1140 -24.58 61.70 91.93
N ARG S 1141 -25.16 61.26 90.82
CA ARG S 1141 -26.12 60.16 90.82
C ARG S 1141 -25.89 59.30 89.58
N VAL S 1142 -26.19 58.01 89.70
CA VAL S 1142 -26.00 57.06 88.62
C VAL S 1142 -27.21 56.14 88.54
N ARG S 1143 -27.48 55.62 87.34
CA ARG S 1143 -28.61 54.72 87.14
C ARG S 1143 -28.45 53.98 85.84
N ARG S 1144 -29.07 52.80 85.78
CA ARG S 1144 -29.19 52.02 84.54
C ARG S 1144 -27.80 51.60 84.04
N LEU S 1145 -27.03 51.00 84.93
CA LEU S 1145 -25.70 50.51 84.59
C LEU S 1145 -25.82 49.20 83.80
N MET S 1146 -25.18 49.13 82.64
CA MET S 1146 -25.20 47.94 81.81
C MET S 1146 -23.79 47.71 81.28
N VAL S 1147 -23.27 46.49 81.48
CA VAL S 1147 -21.93 46.12 81.06
C VAL S 1147 -22.03 44.80 80.32
N THR S 1148 -21.50 44.75 79.09
CA THR S 1148 -21.48 43.55 78.29
C THR S 1148 -20.08 43.36 77.72
N THR S 1149 -19.74 42.11 77.43
CA THR S 1149 -18.43 41.73 76.95
C THR S 1149 -18.59 40.92 75.67
N ARG S 1150 -17.52 40.91 74.87
CA ARG S 1150 -17.50 40.21 73.59
C ARG S 1150 -16.10 39.63 73.36
N ASP S 1151 -16.04 38.65 72.45
CA ASP S 1151 -14.80 38.06 71.98
C ASP S 1151 -14.63 38.44 70.52
N GLU S 1152 -13.82 39.46 70.27
CA GLU S 1152 -13.51 39.91 68.90
C GLU S 1152 -12.02 39.88 68.63
N ASN T 4 -46.68 -47.74 -13.52
CA ASN T 4 -46.72 -46.99 -14.77
C ASN T 4 -46.71 -47.94 -15.97
N PHE T 5 -47.84 -48.57 -16.25
CA PHE T 5 -47.94 -49.49 -17.38
C PHE T 5 -48.36 -48.80 -18.66
N LYS T 6 -48.53 -47.47 -18.66
CA LYS T 6 -48.65 -46.70 -19.88
C LYS T 6 -47.29 -46.41 -20.53
N GLY T 7 -46.20 -46.81 -19.90
CA GLY T 7 -44.87 -46.51 -20.38
C GLY T 7 -44.55 -47.27 -21.66
N SER T 8 -43.33 -47.03 -22.12
CA SER T 8 -42.89 -47.48 -23.45
C SER T 8 -42.90 -49.00 -23.61
N PRO T 9 -42.44 -49.81 -22.65
CA PRO T 9 -42.39 -51.26 -22.92
C PRO T 9 -43.73 -51.90 -23.14
N TYR T 10 -44.77 -51.44 -22.44
CA TYR T 10 -46.08 -52.10 -22.44
C TYR T 10 -47.16 -51.30 -23.16
N LEU T 11 -47.26 -50.00 -22.87
CA LEU T 11 -48.20 -49.10 -23.55
C LEU T 11 -49.65 -49.50 -23.30
N ASP T 12 -49.95 -49.94 -22.08
CA ASP T 12 -51.32 -50.29 -21.72
C ASP T 12 -52.22 -49.06 -21.83
N ARG T 13 -53.27 -49.16 -22.66
CA ARG T 13 -54.15 -48.05 -22.94
C ARG T 13 -55.34 -47.96 -21.99
N PHE T 14 -55.33 -48.72 -20.90
CA PHE T 14 -56.46 -48.69 -19.99
C PHE T 14 -56.53 -47.38 -19.22
N ASP T 15 -57.75 -46.86 -19.09
CA ASP T 15 -58.06 -45.68 -18.31
C ASP T 15 -59.53 -45.74 -17.91
N PRO T 16 -59.88 -45.69 -16.61
CA PRO T 16 -61.30 -45.84 -16.25
C PRO T 16 -62.22 -44.77 -16.81
N SER T 17 -61.72 -43.58 -17.11
CA SER T 17 -62.62 -42.54 -17.59
C SER T 17 -63.23 -42.88 -18.95
N LYS T 18 -62.56 -43.69 -19.77
CA LYS T 18 -63.04 -43.96 -21.12
C LYS T 18 -64.24 -44.90 -21.18
N ASP T 19 -64.56 -45.59 -20.08
CA ASP T 19 -65.75 -46.46 -19.98
C ASP T 19 -65.74 -47.54 -21.07
N ARG T 20 -64.56 -48.08 -21.35
CA ARG T 20 -64.36 -49.13 -22.34
C ARG T 20 -64.15 -50.46 -21.63
N THR T 21 -65.02 -51.44 -21.91
CA THR T 21 -65.11 -52.62 -21.06
C THR T 21 -64.61 -53.91 -21.71
N LYS T 22 -64.37 -53.92 -23.01
CA LYS T 22 -64.08 -55.13 -23.75
C LYS T 22 -63.16 -54.81 -24.92
N VAL T 23 -62.24 -55.73 -25.21
CA VAL T 23 -61.35 -55.63 -26.36
C VAL T 23 -61.88 -56.60 -27.42
N LEU T 24 -62.35 -56.06 -28.55
CA LEU T 24 -62.95 -56.88 -29.61
C LEU T 24 -61.91 -57.13 -30.70
N PHE T 25 -61.28 -58.29 -30.65
CA PHE T 25 -60.26 -58.63 -31.63
C PHE T 25 -60.89 -58.89 -32.98
N ASN T 26 -60.15 -58.61 -34.05
CA ASN T 26 -60.59 -58.82 -35.43
C ASN T 26 -59.59 -59.71 -36.17
N PRO T 27 -60.06 -60.48 -37.16
CA PRO T 27 -59.17 -61.42 -37.85
C PRO T 27 -58.24 -60.72 -38.81
N ASP T 28 -57.09 -61.35 -39.03
CA ASP T 28 -56.09 -60.87 -39.99
C ASP T 28 -55.63 -59.45 -39.63
N ARG T 29 -55.23 -59.26 -38.38
CA ARG T 29 -54.62 -58.02 -37.93
C ARG T 29 -53.57 -58.31 -36.89
N PRO T 30 -52.64 -57.38 -36.64
CA PRO T 30 -51.68 -57.57 -35.55
C PRO T 30 -52.37 -57.72 -34.19
N LEU T 31 -51.77 -58.56 -33.34
CA LEU T 31 -52.18 -58.73 -31.95
C LEU T 31 -51.26 -57.90 -31.07
N GLN T 32 -51.68 -56.67 -30.77
CA GLN T 32 -50.88 -55.78 -29.93
C GLN T 32 -50.77 -56.32 -28.51
N GLN T 33 -49.55 -56.26 -27.96
CA GLN T 33 -49.35 -56.61 -26.54
C GLN T 33 -50.08 -55.64 -25.63
N ALA T 34 -50.23 -54.39 -26.06
CA ALA T 34 -51.01 -53.43 -25.28
C ALA T 34 -52.46 -53.88 -25.12
N GLU T 35 -53.04 -54.45 -26.19
CA GLU T 35 -54.40 -54.97 -26.10
C GLU T 35 -54.48 -56.11 -25.10
N LEU T 36 -53.48 -57.00 -25.09
CA LEU T 36 -53.47 -58.09 -24.13
C LEU T 36 -53.37 -57.58 -22.69
N ASN T 37 -52.56 -56.55 -22.47
CA ASN T 37 -52.44 -55.98 -21.12
C ASN T 37 -53.75 -55.33 -20.69
N GLU T 38 -54.38 -54.56 -21.58
CA GLU T 38 -55.65 -53.91 -21.28
C GLU T 38 -56.75 -54.94 -21.04
N MET T 39 -56.67 -56.09 -21.71
CA MET T 39 -57.67 -57.14 -21.57
C MET T 39 -57.77 -57.61 -20.13
N GLN T 40 -56.62 -57.82 -19.47
CA GLN T 40 -56.68 -58.23 -18.08
C GLN T 40 -56.81 -57.03 -17.14
N SER T 41 -56.32 -55.84 -17.55
CA SER T 41 -56.45 -54.67 -16.67
C SER T 41 -57.91 -54.31 -16.45
N ILE T 42 -58.74 -54.43 -17.50
CA ILE T 42 -60.16 -54.10 -17.36
C ILE T 42 -60.82 -55.00 -16.33
N ASP T 43 -60.58 -56.30 -16.44
CA ASP T 43 -61.17 -57.28 -15.53
C ASP T 43 -60.68 -57.06 -14.11
N GLN T 44 -59.38 -56.80 -13.93
CA GLN T 44 -58.84 -56.55 -12.61
C GLN T 44 -59.42 -55.28 -11.99
N TYR T 45 -59.60 -54.23 -12.80
CA TYR T 45 -60.17 -52.99 -12.31
C TYR T 45 -61.61 -53.21 -11.85
N TYR T 46 -62.40 -53.95 -12.62
CA TYR T 46 -63.79 -54.15 -12.22
C TYR T 46 -63.89 -55.08 -11.02
N LEU T 47 -63.03 -56.10 -10.92
CA LEU T 47 -62.90 -56.93 -9.72
C LEU T 47 -62.51 -56.08 -8.50
N LYS T 48 -61.64 -55.06 -8.69
CA LYS T 48 -61.29 -54.14 -7.60
C LYS T 48 -62.51 -53.33 -7.18
N ASN T 49 -63.28 -52.84 -8.14
CA ASN T 49 -64.49 -52.09 -7.83
C ASN T 49 -65.47 -52.94 -7.03
N LEU T 50 -65.67 -54.20 -7.46
CA LEU T 50 -66.57 -55.16 -6.82
C LEU T 50 -66.13 -55.49 -5.40
N GLY T 51 -64.82 -55.64 -5.17
CA GLY T 51 -64.28 -55.78 -3.83
C GLY T 51 -64.47 -54.51 -2.97
N ASP T 52 -64.16 -53.35 -3.51
CA ASP T 52 -64.25 -52.08 -2.79
C ASP T 52 -65.69 -51.74 -2.36
N ALA T 53 -66.70 -52.14 -3.13
CA ALA T 53 -68.11 -51.99 -2.74
C ALA T 53 -68.57 -52.93 -1.59
N ILE T 54 -67.68 -53.75 -1.03
CA ILE T 54 -67.99 -54.72 0.03
C ILE T 54 -66.97 -54.60 1.18
N PHE T 55 -65.69 -54.61 0.82
CA PHE T 55 -64.51 -54.61 1.69
C PHE T 55 -63.78 -53.24 1.72
N LYS T 56 -62.63 -53.20 2.38
CA LYS T 56 -61.72 -52.06 2.54
C LYS T 56 -60.28 -52.56 2.77
N ASP T 57 -59.31 -51.71 2.43
CA ASP T 57 -57.87 -51.95 2.59
C ASP T 57 -57.48 -52.28 4.04
N GLY T 58 -57.32 -53.57 4.33
CA GLY T 58 -56.94 -54.13 5.63
C GLY T 58 -57.97 -55.11 6.23
N ASP T 59 -59.13 -55.30 5.60
CA ASP T 59 -60.20 -56.14 6.15
C ASP T 59 -59.82 -57.63 6.26
N LYS T 60 -59.66 -58.11 7.51
CA LYS T 60 -59.28 -59.50 7.83
C LYS T 60 -60.43 -60.46 7.53
N GLN T 61 -60.19 -61.49 6.72
CA GLN T 61 -61.19 -62.49 6.35
C GLN T 61 -61.11 -63.71 7.28
N SER T 62 -59.92 -64.32 7.41
CA SER T 62 -59.62 -65.39 8.36
C SER T 62 -58.11 -65.58 8.50
N GLY T 63 -57.63 -66.26 9.55
CA GLY T 63 -56.19 -66.35 9.85
C GLY T 63 -55.59 -65.01 10.28
N LEU T 64 -54.33 -64.72 9.89
CA LEU T 64 -53.57 -63.53 10.29
C LEU T 64 -53.52 -63.31 11.81
N GLY T 65 -53.52 -64.39 12.59
CA GLY T 65 -53.34 -64.31 14.02
C GLY T 65 -52.01 -63.63 14.34
N PHE T 66 -52.05 -62.57 15.13
CA PHE T 66 -50.86 -61.93 15.68
C PHE T 66 -50.40 -62.62 16.98
N THR T 67 -49.14 -62.39 17.35
CA THR T 67 -48.50 -62.87 18.58
C THR T 67 -47.51 -61.81 19.05
N LEU T 68 -47.28 -61.68 20.37
CA LEU T 68 -46.42 -60.62 20.88
C LEU T 68 -45.50 -61.20 21.95
N SER T 69 -44.20 -60.98 21.78
CA SER T 69 -43.23 -61.49 22.72
C SER T 69 -42.99 -60.47 23.83
N GLU T 70 -42.25 -60.91 24.85
CA GLU T 70 -41.88 -60.03 25.95
C GLU T 70 -40.97 -58.90 25.49
N ASP T 71 -40.22 -59.13 24.40
CA ASP T 71 -39.41 -58.11 23.75
C ASP T 71 -40.20 -57.31 22.71
N ASN T 72 -41.54 -57.25 22.84
CA ASN T 72 -42.40 -56.47 21.97
C ASN T 72 -42.26 -56.84 20.50
N VAL T 73 -41.77 -58.04 20.18
CA VAL T 73 -41.66 -58.51 18.81
C VAL T 73 -43.02 -59.07 18.39
N LEU T 74 -43.59 -58.51 17.33
CA LEU T 74 -44.93 -58.85 16.85
C LEU T 74 -44.85 -59.67 15.58
N THR T 75 -45.41 -60.88 15.60
CA THR T 75 -45.32 -61.83 14.47
C THR T 75 -46.71 -62.28 14.04
N VAL T 76 -46.98 -62.21 12.73
CA VAL T 76 -48.30 -62.52 12.14
C VAL T 76 -48.22 -63.82 11.33
N ASN T 77 -49.07 -64.79 11.66
CA ASN T 77 -49.22 -66.07 10.97
C ASN T 77 -50.04 -65.97 9.66
N PRO T 78 -50.02 -66.98 8.78
CA PRO T 78 -50.75 -66.94 7.51
C PRO T 78 -52.29 -66.70 7.61
N GLY T 79 -52.91 -66.23 6.54
CA GLY T 79 -54.37 -66.00 6.47
C GLY T 79 -54.83 -65.20 5.26
N TYR T 80 -56.12 -64.91 5.15
CA TYR T 80 -56.73 -64.15 4.07
C TYR T 80 -57.12 -62.72 4.49
N VAL T 81 -56.75 -61.72 3.69
CA VAL T 81 -57.02 -60.30 3.96
C VAL T 81 -57.30 -59.52 2.66
N TYR T 82 -58.23 -58.57 2.69
CA TYR T 82 -58.41 -57.62 1.57
C TYR T 82 -57.42 -56.46 1.75
N ILE T 83 -56.66 -56.08 0.72
CA ILE T 83 -55.65 -54.99 0.79
C ILE T 83 -55.80 -53.97 -0.34
N ASN T 84 -55.78 -54.42 -1.58
CA ASN T 84 -55.85 -53.55 -2.77
C ASN T 84 -56.56 -54.29 -3.89
N GLY T 85 -57.87 -54.09 -3.97
CA GLY T 85 -58.68 -54.62 -5.05
C GLY T 85 -58.78 -56.12 -5.15
N LYS T 86 -58.23 -56.90 -4.20
CA LYS T 86 -58.21 -58.39 -4.21
C LYS T 86 -58.14 -58.94 -2.79
N ILE T 87 -58.59 -60.17 -2.58
CA ILE T 87 -58.33 -60.93 -1.33
C ILE T 87 -57.06 -61.75 -1.50
N ARG T 88 -56.06 -61.45 -0.67
CA ARG T 88 -54.71 -62.05 -0.73
C ARG T 88 -54.53 -63.02 0.43
N TYR T 89 -53.91 -64.16 0.16
CA TYR T 89 -53.43 -65.05 1.22
C TYR T 89 -52.04 -64.56 1.69
N TYR T 90 -51.97 -63.96 2.87
CA TYR T 90 -50.71 -63.62 3.50
C TYR T 90 -50.06 -64.91 4.04
N ASP T 91 -48.76 -65.07 3.78
CA ASP T 91 -47.92 -66.08 4.39
C ASP T 91 -46.46 -65.62 4.40
N ASN T 92 -46.24 -64.31 4.51
CA ASN T 92 -44.89 -63.76 4.42
C ASN T 92 -44.01 -64.14 5.61
N ASP T 93 -44.61 -64.47 6.76
CA ASP T 93 -43.89 -64.76 8.01
C ASP T 93 -43.03 -63.56 8.45
N ASP T 94 -43.57 -62.34 8.29
CA ASP T 94 -42.88 -61.11 8.62
C ASP T 94 -43.06 -60.81 10.11
N SER T 95 -42.14 -60.00 10.65
CA SER T 95 -42.20 -59.62 12.05
C SER T 95 -41.68 -58.19 12.20
N VAL T 96 -42.26 -57.46 13.16
CA VAL T 96 -41.86 -56.10 13.48
C VAL T 96 -41.94 -55.94 14.99
N LYS T 97 -41.08 -55.07 15.52
CA LYS T 97 -41.01 -54.81 16.96
C LYS T 97 -41.67 -53.48 17.25
N ILE T 98 -42.63 -53.48 18.17
CA ILE T 98 -43.40 -52.28 18.49
C ILE T 98 -42.71 -51.55 19.64
N THR T 99 -42.88 -50.23 19.67
CA THR T 99 -42.27 -49.42 20.72
C THR T 99 -42.89 -49.70 22.08
N GLY T 100 -44.17 -50.08 22.11
CA GLY T 100 -44.83 -50.36 23.36
C GLY T 100 -45.35 -49.14 24.08
N VAL T 101 -45.35 -47.97 23.43
CA VAL T 101 -45.82 -46.73 24.02
C VAL T 101 -46.68 -46.00 23.00
N GLY T 102 -47.82 -45.48 23.44
CA GLY T 102 -48.71 -44.74 22.59
C GLY T 102 -49.42 -45.64 21.59
N LYS T 103 -50.25 -45.02 20.73
CA LYS T 103 -51.03 -45.75 19.74
C LYS T 103 -50.13 -46.27 18.62
N GLU T 104 -50.24 -47.56 18.32
CA GLU T 104 -49.47 -48.22 17.27
C GLU T 104 -50.43 -49.03 16.42
N THR T 105 -50.32 -48.87 15.10
CA THR T 105 -51.26 -49.41 14.14
C THR T 105 -50.54 -50.36 13.19
N ILE T 106 -50.57 -51.66 13.49
CA ILE T 106 -49.93 -52.63 12.60
C ILE T 106 -50.66 -52.62 11.27
N GLY T 107 -49.90 -52.63 10.17
CA GLY T 107 -50.50 -52.65 8.85
C GLY T 107 -49.66 -53.41 7.86
N ILE T 108 -50.27 -53.81 6.74
CA ILE T 108 -49.61 -54.55 5.67
C ILE T 108 -49.39 -53.60 4.49
N LYS T 109 -48.17 -53.58 3.96
CA LYS T 109 -47.80 -52.78 2.81
C LYS T 109 -47.60 -53.69 1.62
N LEU T 110 -48.12 -53.27 0.46
CA LEU T 110 -48.03 -54.02 -0.79
C LEU T 110 -47.02 -53.34 -1.70
N THR T 111 -45.99 -54.08 -2.09
CA THR T 111 -44.89 -53.56 -2.91
C THR T 111 -44.91 -54.24 -4.26
N GLU T 112 -45.01 -53.45 -5.32
CA GLU T 112 -44.98 -53.96 -6.68
C GLU T 112 -43.55 -54.11 -7.17
N ARG T 113 -43.30 -55.16 -7.96
CA ARG T 113 -41.98 -55.41 -8.49
C ARG T 113 -42.11 -56.18 -9.79
N ILE T 114 -41.22 -55.89 -10.74
CA ILE T 114 -41.25 -56.51 -12.06
C ILE T 114 -40.26 -57.68 -12.05
N VAL T 115 -40.76 -58.86 -12.40
CA VAL T 115 -39.96 -60.07 -12.51
C VAL T 115 -39.80 -60.39 -13.99
N THR T 116 -38.55 -60.59 -14.43
CA THR T 116 -38.23 -60.81 -15.83
C THR T 116 -37.61 -62.20 -16.02
N PRO T 117 -37.47 -62.68 -17.25
CA PRO T 117 -36.80 -63.98 -17.42
C PRO T 117 -35.36 -63.99 -16.98
N ASP T 118 -34.69 -62.82 -16.98
CA ASP T 118 -33.30 -62.77 -16.54
C ASP T 118 -33.17 -63.17 -15.07
N GLU T 119 -34.12 -62.74 -14.23
CA GLU T 119 -34.11 -63.11 -12.83
C GLU T 119 -34.59 -64.54 -12.62
N ASP T 120 -35.82 -64.82 -13.04
CA ASP T 120 -36.46 -66.12 -12.87
C ASP T 120 -36.34 -66.84 -14.20
N ALA T 121 -35.49 -67.87 -14.26
CA ALA T 121 -35.22 -68.60 -15.49
C ALA T 121 -36.43 -69.45 -15.97
N SER T 122 -37.36 -69.77 -15.08
CA SER T 122 -38.50 -70.63 -15.41
C SER T 122 -39.51 -69.92 -16.29
N LEU T 123 -39.45 -68.58 -16.36
CA LEU T 123 -40.33 -67.83 -17.23
C LEU T 123 -39.98 -67.98 -18.71
N LEU T 124 -38.84 -68.58 -19.02
CA LEU T 124 -38.49 -68.86 -20.39
C LEU T 124 -39.42 -69.93 -20.95
N ASP T 125 -39.31 -70.12 -22.27
CA ASP T 125 -40.14 -71.07 -22.98
C ASP T 125 -39.92 -72.48 -22.46
N GLN T 126 -41.01 -73.12 -22.01
CA GLN T 126 -40.90 -74.46 -21.45
C GLN T 126 -40.76 -75.54 -22.53
N THR T 127 -41.30 -75.32 -23.72
CA THR T 127 -41.21 -76.33 -24.77
C THR T 127 -39.75 -76.58 -25.17
N SER T 128 -38.95 -75.52 -25.30
CA SER T 128 -37.54 -75.66 -25.62
C SER T 128 -36.73 -76.04 -24.39
N GLY T 129 -36.93 -75.35 -23.25
CA GLY T 129 -36.28 -75.69 -21.97
C GLY T 129 -34.83 -75.21 -21.80
N VAL T 130 -34.32 -74.32 -22.66
CA VAL T 130 -32.93 -73.79 -22.65
C VAL T 130 -32.88 -72.31 -23.08
N PRO T 131 -31.83 -71.52 -22.74
CA PRO T 131 -31.66 -70.14 -23.22
C PRO T 131 -31.52 -70.06 -24.76
N SER T 132 -32.28 -69.18 -25.44
CA SER T 132 -32.23 -69.06 -26.89
C SER T 132 -32.72 -67.67 -27.27
N TYR T 133 -32.66 -67.38 -28.58
CA TYR T 133 -33.19 -66.13 -29.09
C TYR T 133 -34.70 -66.05 -28.95
N PHE T 134 -35.39 -67.18 -29.05
CA PHE T 134 -36.85 -67.25 -28.98
C PHE T 134 -37.36 -67.63 -27.60
N SER T 135 -36.48 -67.76 -26.60
CA SER T 135 -36.92 -68.25 -25.28
C SER T 135 -37.64 -67.17 -24.47
N LYS T 136 -37.13 -65.94 -24.51
CA LYS T 136 -37.69 -64.87 -23.70
C LYS T 136 -39.09 -64.50 -24.16
N GLY T 137 -39.94 -64.10 -23.21
CA GLY T 137 -41.30 -63.74 -23.53
C GLY T 137 -41.83 -62.71 -22.55
N ALA T 138 -43.02 -62.90 -22.00
CA ALA T 138 -43.65 -61.88 -21.17
C ALA T 138 -43.03 -61.83 -19.78
N ASP T 139 -43.15 -60.67 -19.13
CA ASP T 139 -42.69 -60.50 -17.76
C ASP T 139 -43.85 -60.79 -16.81
N ARG T 140 -43.57 -60.70 -15.51
CA ARG T 140 -44.56 -60.94 -14.47
C ARG T 140 -44.53 -59.80 -13.48
N LEU T 141 -45.69 -59.41 -12.96
CA LEU T 141 -45.80 -58.42 -11.90
C LEU T 141 -45.95 -59.15 -10.56
N GLU T 142 -44.95 -59.00 -9.70
CA GLU T 142 -44.95 -59.63 -8.38
C GLU T 142 -45.35 -58.60 -7.33
N GLU T 143 -46.27 -58.98 -6.45
CA GLU T 143 -46.80 -58.12 -5.38
C GLU T 143 -46.66 -58.83 -4.04
N LYS T 144 -45.49 -58.70 -3.43
CA LYS T 144 -45.25 -59.22 -2.09
C LYS T 144 -45.75 -58.26 -1.01
N MET T 145 -46.22 -58.86 0.08
CA MET T 145 -46.77 -58.16 1.23
C MET T 145 -45.76 -58.14 2.38
N SER T 146 -45.66 -56.99 3.05
CA SER T 146 -44.74 -56.79 4.15
C SER T 146 -45.46 -56.09 5.30
N LEU T 147 -44.99 -56.34 6.51
CA LEU T 147 -45.61 -55.83 7.73
C LEU T 147 -44.91 -54.55 8.19
N THR T 148 -45.70 -53.57 8.61
CA THR T 148 -45.23 -52.26 9.05
C THR T 148 -45.65 -52.03 10.50
N VAL T 149 -45.25 -50.86 11.02
CA VAL T 149 -45.49 -50.46 12.39
C VAL T 149 -46.45 -49.29 12.48
N ASN T 150 -46.09 -48.16 11.85
CA ASN T 150 -46.89 -46.94 11.88
C ASN T 150 -46.94 -46.24 10.52
N ASP T 151 -46.78 -46.97 9.41
CA ASP T 151 -46.88 -46.33 8.11
C ASP T 151 -48.33 -45.98 7.80
N PRO T 152 -48.68 -44.71 7.55
CA PRO T 152 -50.11 -44.41 7.30
C PRO T 152 -50.61 -44.93 5.97
N THR T 153 -49.72 -45.09 4.99
CA THR T 153 -50.12 -45.54 3.66
C THR T 153 -50.51 -47.01 3.65
N SER T 154 -50.03 -47.79 4.61
CA SER T 154 -50.33 -49.21 4.64
C SER T 154 -51.74 -49.46 5.19
N ALA T 155 -52.31 -50.60 4.79
CA ALA T 155 -53.61 -51.09 5.23
C ALA T 155 -53.54 -51.54 6.70
N THR T 156 -54.16 -50.81 7.64
CA THR T 156 -54.10 -51.20 9.05
C THR T 156 -54.91 -52.48 9.28
N ILE T 157 -54.32 -53.42 10.01
CA ILE T 157 -54.92 -54.71 10.36
C ILE T 157 -55.21 -54.82 11.86
N TYR T 158 -54.41 -54.16 12.71
CA TYR T 158 -54.59 -54.18 14.18
C TYR T 158 -54.23 -52.81 14.75
N THR T 159 -54.78 -52.48 15.91
CA THR T 159 -54.44 -51.25 16.65
C THR T 159 -54.24 -51.57 18.14
N PHE T 160 -53.20 -50.99 18.71
CA PHE T 160 -52.77 -51.22 20.09
C PHE T 160 -52.55 -49.89 20.80
N MET T 161 -52.77 -49.87 22.12
CA MET T 161 -52.33 -48.79 23.01
C MET T 161 -51.47 -49.37 24.14
N ASP T 162 -50.23 -48.91 24.28
CA ASP T 162 -49.28 -49.30 25.33
C ASP T 162 -49.05 -50.81 25.32
N GLY T 163 -49.04 -51.42 24.12
CA GLY T 163 -48.96 -52.88 23.90
C GLY T 163 -50.29 -53.66 23.98
N ASP T 164 -51.40 -53.03 24.35
CA ASP T 164 -52.69 -53.70 24.60
C ASP T 164 -53.72 -53.46 23.46
N LEU T 165 -54.37 -54.53 22.99
CA LEU T 165 -55.21 -54.51 21.77
C LEU T 165 -56.52 -53.71 21.94
N TYR T 166 -56.81 -52.85 20.96
CA TYR T 166 -57.71 -51.71 21.12
C TYR T 166 -59.11 -51.85 20.48
N ILE T 167 -59.23 -52.59 19.37
CA ILE T 167 -60.47 -52.86 18.59
C ILE T 167 -60.43 -54.30 18.05
N GLN T 168 -61.58 -54.97 17.87
CA GLN T 168 -61.68 -56.36 17.39
C GLN T 168 -62.86 -56.62 16.43
N SER T 169 -62.78 -57.73 15.67
CA SER T 169 -63.93 -58.40 15.04
C SER T 169 -63.81 -59.93 15.20
N THR T 170 -64.91 -60.62 15.54
CA THR T 170 -64.92 -62.10 15.69
C THR T 170 -64.95 -62.85 14.34
N ASN T 171 -65.28 -62.14 13.26
CA ASN T 171 -65.63 -62.69 11.95
C ASN T 171 -65.13 -61.80 10.79
N ALA T 172 -65.24 -62.34 9.58
CA ALA T 172 -64.75 -61.72 8.34
C ALA T 172 -65.22 -60.27 8.19
N GLU T 173 -64.25 -59.36 8.16
CA GLU T 173 -64.50 -57.92 8.03
C GLU T 173 -65.00 -57.57 6.64
N MET T 174 -66.04 -56.73 6.59
CA MET T 174 -66.67 -56.21 5.38
C MET T 174 -67.20 -54.82 5.71
N ASP T 175 -66.52 -53.79 5.21
CA ASP T 175 -66.81 -52.38 5.50
C ASP T 175 -68.24 -51.95 5.16
N LYS T 176 -68.76 -52.31 3.97
CA LYS T 176 -70.06 -51.82 3.50
C LYS T 176 -71.21 -52.59 4.14
N ILE T 177 -71.02 -53.89 4.39
CA ILE T 177 -71.98 -54.73 5.14
C ILE T 177 -72.19 -54.18 6.54
N ASN T 178 -71.13 -53.81 7.26
CA ASN T 178 -71.26 -53.16 8.56
C ASN T 178 -71.97 -51.79 8.48
N LYS T 179 -71.68 -50.98 7.46
CA LYS T 179 -72.40 -49.70 7.24
C LYS T 179 -73.91 -49.91 6.99
N VAL T 180 -74.31 -50.98 6.29
CA VAL T 180 -75.72 -51.38 6.14
C VAL T 180 -76.31 -51.88 7.47
N LEU T 181 -75.62 -52.78 8.17
CA LEU T 181 -76.06 -53.31 9.47
C LEU T 181 -76.26 -52.20 10.52
N ALA T 182 -75.40 -51.17 10.49
CA ALA T 182 -75.43 -50.07 11.45
C ALA T 182 -76.73 -49.26 11.40
N GLU T 183 -77.22 -48.95 10.20
CA GLU T 183 -78.50 -48.24 10.05
C GLU T 183 -79.65 -48.99 10.74
N ARG T 184 -79.79 -50.29 10.44
CA ARG T 184 -80.81 -51.15 11.05
C ARG T 184 -80.64 -51.24 12.57
N THR T 185 -79.41 -51.52 13.01
CA THR T 185 -79.10 -51.67 14.44
C THR T 185 -79.51 -50.43 15.23
N TYR T 186 -79.16 -49.25 14.74
CA TYR T 186 -79.47 -47.97 15.40
C TYR T 186 -80.94 -47.56 15.27
N ASP T 187 -81.55 -47.75 14.09
CA ASP T 187 -82.99 -47.54 13.89
C ASP T 187 -83.86 -48.44 14.80
N GLU T 188 -83.36 -49.60 15.19
CA GLU T 188 -84.03 -50.55 16.07
C GLU T 188 -83.71 -50.33 17.56
N SER T 189 -82.50 -50.68 17.99
CA SER T 189 -82.17 -50.92 19.40
C SER T 189 -81.78 -49.68 20.21
N GLY T 190 -81.26 -48.65 19.54
CA GLY T 190 -80.42 -47.62 20.18
C GLY T 190 -79.00 -48.15 20.45
N SER T 191 -78.20 -47.40 21.21
CA SER T 191 -76.88 -47.87 21.67
C SER T 191 -76.99 -48.64 22.99
N TYR T 192 -76.20 -49.71 23.16
CA TYR T 192 -76.24 -50.55 24.36
C TYR T 192 -74.92 -51.30 24.62
N LYS T 193 -74.64 -51.57 25.89
CA LYS T 193 -73.59 -52.49 26.34
C LYS T 193 -74.08 -53.94 26.24
N VAL T 194 -73.14 -54.87 26.10
CA VAL T 194 -73.37 -56.32 26.24
C VAL T 194 -72.67 -56.86 27.50
N ASN T 195 -71.42 -56.46 27.77
CA ASN T 195 -70.66 -56.86 28.95
C ASN T 195 -69.58 -55.82 29.33
N GLY T 196 -69.05 -55.91 30.56
CA GLY T 196 -67.87 -55.16 31.00
C GLY T 196 -68.09 -53.70 31.42
N PHE T 197 -67.04 -52.88 31.29
CA PHE T 197 -67.07 -51.43 31.53
C PHE T 197 -67.52 -50.99 32.95
N GLU T 198 -67.20 -51.79 33.97
CA GLU T 198 -67.10 -51.34 35.36
C GLU T 198 -65.95 -50.32 35.54
N LEU T 199 -65.93 -49.59 36.67
CA LEU T 199 -64.91 -48.56 36.96
C LEU T 199 -64.30 -48.73 38.36
N PHE T 200 -62.97 -48.62 38.45
CA PHE T 200 -62.21 -48.71 39.71
C PHE T 200 -61.14 -47.61 39.84
N SER T 201 -61.04 -46.99 41.02
CA SER T 201 -60.11 -45.91 41.33
C SER T 201 -58.86 -46.41 42.07
N GLU T 202 -57.88 -46.93 41.34
CA GLU T 202 -56.69 -47.60 41.90
C GLU T 202 -55.61 -46.67 42.50
N GLY T 203 -55.63 -45.37 42.20
CA GLY T 203 -54.70 -44.41 42.79
C GLY T 203 -53.22 -44.57 42.41
N ASN T 204 -52.92 -45.23 41.27
CA ASN T 204 -51.56 -45.39 40.79
C ASN T 204 -50.86 -44.03 40.63
N ALA T 205 -49.67 -43.92 41.22
CA ALA T 205 -48.92 -42.67 41.32
C ALA T 205 -48.12 -42.37 40.06
N GLU T 206 -48.77 -42.30 38.88
CA GLU T 206 -48.10 -41.90 37.63
C GLU T 206 -47.84 -40.39 37.55
N ASP T 207 -48.64 -39.60 38.27
CA ASP T 207 -48.46 -38.18 38.54
C ASP T 207 -49.13 -37.87 39.88
N ASP T 208 -48.65 -36.86 40.59
CA ASP T 208 -49.24 -36.42 41.86
C ASP T 208 -50.49 -35.55 41.65
N ASP T 209 -50.65 -34.97 40.46
CA ASP T 209 -51.80 -34.12 40.07
C ASP T 209 -52.98 -34.86 39.42
N HIS T 210 -52.87 -36.18 39.24
CA HIS T 210 -53.89 -37.02 38.59
C HIS T 210 -54.28 -38.22 39.45
N VAL T 211 -55.50 -38.69 39.26
CA VAL T 211 -56.01 -39.94 39.86
C VAL T 211 -56.22 -40.98 38.76
N SER T 212 -55.57 -42.14 38.91
CA SER T 212 -55.61 -43.24 37.95
C SER T 212 -56.90 -44.05 38.13
N VAL T 213 -57.58 -44.33 37.01
CA VAL T 213 -58.86 -45.04 36.96
C VAL T 213 -58.78 -46.18 35.92
N VAL T 214 -59.34 -47.33 36.28
CA VAL T 214 -59.38 -48.53 35.44
C VAL T 214 -60.81 -48.78 34.97
N VAL T 215 -61.00 -48.93 33.65
CA VAL T 215 -62.27 -49.34 33.04
C VAL T 215 -62.17 -50.83 32.69
N ASP T 216 -63.07 -51.68 33.19
CA ASP T 216 -62.92 -53.14 32.98
C ASP T 216 -63.32 -53.62 31.56
N ALA T 217 -62.73 -54.72 31.10
CA ALA T 217 -62.86 -55.25 29.73
C ALA T 217 -64.34 -55.45 29.31
N GLY T 218 -64.76 -54.90 28.17
CA GLY T 218 -66.18 -54.82 27.81
C GLY T 218 -66.51 -54.72 26.31
N LYS T 219 -67.79 -54.91 26.00
CA LYS T 219 -68.37 -54.93 24.64
C LYS T 219 -69.66 -54.13 24.58
N ALA T 220 -69.87 -53.40 23.49
CA ALA T 220 -71.03 -52.56 23.26
C ALA T 220 -71.35 -52.40 21.77
N TYR T 221 -72.58 -52.00 21.46
CA TYR T 221 -72.98 -51.54 20.14
C TYR T 221 -73.38 -50.08 20.26
N VAL T 222 -72.73 -49.21 19.49
CA VAL T 222 -72.87 -47.74 19.62
C VAL T 222 -73.08 -47.13 18.23
N LYS T 223 -74.11 -46.28 18.10
CA LYS T 223 -74.52 -45.68 16.80
C LYS T 223 -74.68 -46.72 15.67
N GLY T 224 -75.04 -47.95 16.04
CA GLY T 224 -75.18 -49.10 15.14
C GLY T 224 -73.92 -49.92 14.85
N PHE T 225 -72.72 -49.43 15.18
CA PHE T 225 -71.47 -50.19 15.02
C PHE T 225 -71.16 -51.04 16.26
N LYS T 226 -70.30 -52.06 16.08
CA LYS T 226 -69.90 -52.99 17.14
C LYS T 226 -68.53 -52.62 17.70
N VAL T 227 -68.42 -52.55 19.03
CA VAL T 227 -67.24 -52.06 19.75
C VAL T 227 -66.87 -53.07 20.83
N ASP T 228 -65.60 -53.46 20.87
CA ASP T 228 -65.08 -54.47 21.78
C ASP T 228 -63.71 -54.08 22.32
N LYS T 229 -63.48 -54.24 23.62
CA LYS T 229 -62.20 -54.01 24.31
C LYS T 229 -61.88 -55.19 25.24
N PRO T 230 -60.98 -56.12 24.82
CA PRO T 230 -60.66 -57.32 25.58
C PRO T 230 -59.72 -57.08 26.78
N VAL T 231 -59.40 -55.83 27.09
CA VAL T 231 -58.41 -55.42 28.09
C VAL T 231 -58.99 -54.37 29.03
N SER T 232 -58.75 -54.52 30.34
CA SER T 232 -59.08 -53.47 31.29
C SER T 232 -58.19 -52.25 31.01
N THR T 233 -58.83 -51.12 30.71
CA THR T 233 -58.23 -49.97 30.04
C THR T 233 -58.00 -48.85 31.05
N ARG T 234 -56.76 -48.35 31.16
CA ARG T 234 -56.40 -47.27 32.08
C ARG T 234 -56.65 -45.89 31.48
N ILE T 235 -57.17 -45.01 32.32
CA ILE T 235 -57.33 -43.57 32.10
C ILE T 235 -56.96 -42.83 33.39
N SER T 236 -56.82 -41.51 33.33
CA SER T 236 -56.56 -40.66 34.49
C SER T 236 -57.40 -39.40 34.45
N VAL T 237 -57.76 -38.88 35.62
CA VAL T 237 -58.50 -37.62 35.77
C VAL T 237 -57.63 -36.61 36.53
N PRO T 238 -57.63 -35.33 36.13
CA PRO T 238 -56.91 -34.29 36.86
C PRO T 238 -57.61 -34.02 38.20
N LYS T 239 -56.84 -33.89 39.28
CA LYS T 239 -57.37 -33.56 40.61
C LYS T 239 -58.10 -32.21 40.62
N SER T 240 -59.08 -32.05 41.51
CA SER T 240 -59.80 -30.77 41.66
C SER T 240 -59.05 -29.84 42.61
N TYR T 241 -58.62 -28.69 42.09
CA TYR T 241 -57.95 -27.62 42.86
C TYR T 241 -58.69 -26.28 42.82
N ASP T 242 -59.76 -26.16 42.03
CA ASP T 242 -60.58 -24.95 41.97
C ASP T 242 -61.21 -24.61 43.33
N LEU T 243 -61.34 -23.32 43.62
CA LEU T 243 -61.67 -22.81 44.96
C LEU T 243 -63.01 -22.09 44.99
N GLY T 244 -63.71 -22.22 46.11
CA GLY T 244 -64.82 -21.37 46.49
C GLY T 244 -64.38 -20.32 47.52
N THR T 245 -65.08 -19.18 47.54
CA THR T 245 -64.78 -18.05 48.43
C THR T 245 -65.93 -17.79 49.38
N ALA T 246 -65.67 -17.87 50.68
CA ALA T 246 -66.63 -17.48 51.71
C ALA T 246 -66.22 -16.13 52.31
N GLU T 247 -67.13 -15.17 52.35
CA GLU T 247 -66.89 -13.85 52.94
C GLU T 247 -67.94 -13.49 53.97
N ASN T 248 -67.54 -12.77 55.02
CA ASN T 248 -68.41 -12.36 56.11
C ASN T 248 -69.20 -13.52 56.73
N GLU T 249 -68.54 -14.66 56.88
CA GLU T 249 -69.04 -15.77 57.69
C GLU T 249 -69.12 -15.32 59.15
N SER T 250 -70.33 -15.34 59.71
CA SER T 250 -70.67 -14.64 60.94
C SER T 250 -70.90 -15.60 62.10
N THR T 251 -70.32 -15.34 63.27
CA THR T 251 -70.59 -16.12 64.48
C THR T 251 -70.51 -15.22 65.72
N ILE T 252 -71.48 -15.31 66.61
CA ILE T 252 -71.44 -14.56 67.88
C ILE T 252 -70.38 -15.18 68.78
N PHE T 253 -69.42 -14.39 69.27
CA PHE T 253 -68.41 -14.85 70.21
C PHE T 253 -68.93 -14.90 71.66
N ASN T 254 -68.76 -16.04 72.33
CA ASN T 254 -69.14 -16.26 73.72
C ASN T 254 -67.90 -16.36 74.62
N LYS T 255 -67.81 -15.57 75.69
CA LYS T 255 -66.65 -15.65 76.61
C LYS T 255 -66.44 -17.05 77.21
N SER T 256 -67.51 -17.81 77.40
CA SER T 256 -67.46 -19.18 77.92
C SER T 256 -66.92 -20.23 76.95
N ASN T 257 -66.83 -19.93 75.66
CA ASN T 257 -66.32 -20.85 74.64
C ASN T 257 -65.65 -20.08 73.50
N ASN T 258 -64.32 -20.01 73.55
CA ASN T 258 -63.55 -19.22 72.59
C ASN T 258 -63.59 -19.79 71.16
N SER T 259 -63.63 -21.11 70.98
CA SER T 259 -63.64 -21.71 69.64
C SER T 259 -64.86 -21.33 68.81
N ILE T 260 -64.63 -21.08 67.52
CA ILE T 260 -65.69 -20.96 66.50
C ILE T 260 -65.36 -21.84 65.29
N SER T 261 -66.36 -22.52 64.74
CA SER T 261 -66.23 -23.42 63.60
C SER T 261 -66.37 -22.70 62.26
N LEU T 262 -65.74 -23.22 61.21
CA LEU T 262 -65.99 -22.80 59.83
C LEU T 262 -66.98 -23.73 59.14
N ALA T 263 -67.85 -23.19 58.28
CA ALA T 263 -68.89 -23.97 57.61
C ALA T 263 -68.31 -24.97 56.60
N ASN T 264 -67.58 -24.49 55.60
CA ASN T 264 -66.99 -25.34 54.57
C ASN T 264 -65.86 -26.20 55.17
N SER T 265 -65.78 -27.48 54.79
CA SER T 265 -64.78 -28.39 55.34
C SER T 265 -63.37 -28.18 54.78
N PRO T 266 -63.11 -28.27 53.47
CA PRO T 266 -61.74 -28.35 52.93
C PRO T 266 -61.08 -26.96 52.78
N VAL T 267 -60.84 -26.29 53.91
CA VAL T 267 -60.31 -24.92 53.98
C VAL T 267 -58.85 -24.85 53.52
N LYS T 268 -58.55 -23.95 52.60
CA LYS T 268 -57.19 -23.71 52.08
C LYS T 268 -56.43 -22.67 52.89
N GLU T 269 -57.00 -21.47 53.01
CA GLU T 269 -56.44 -20.37 53.78
C GLU T 269 -57.52 -19.42 54.29
N ILE T 270 -57.24 -18.80 55.43
CA ILE T 270 -58.07 -17.75 56.03
C ILE T 270 -57.51 -16.41 55.58
N ARG T 271 -58.29 -15.66 54.82
CA ARG T 271 -57.91 -14.35 54.28
C ARG T 271 -57.81 -13.32 55.41
N ARG T 272 -58.82 -13.27 56.28
CA ARG T 272 -59.02 -12.19 57.26
C ARG T 272 -59.98 -12.58 58.38
N VAL T 273 -59.57 -12.43 59.64
CA VAL T 273 -60.44 -12.53 60.81
C VAL T 273 -60.57 -11.15 61.45
N THR T 274 -61.78 -10.67 61.69
CA THR T 274 -61.97 -9.34 62.28
C THR T 274 -63.05 -9.35 63.35
N GLY T 275 -62.81 -8.67 64.48
CA GLY T 275 -63.72 -8.64 65.63
C GLY T 275 -63.61 -7.35 66.41
N GLN T 276 -64.69 -6.98 67.09
CA GLN T 276 -64.69 -5.83 67.98
C GLN T 276 -63.80 -6.09 69.19
N VAL T 277 -62.87 -5.19 69.48
CA VAL T 277 -61.95 -5.26 70.63
C VAL T 277 -62.09 -3.98 71.43
N LEU T 278 -61.99 -4.07 72.76
CA LEU T 278 -61.96 -2.93 73.67
C LEU T 278 -60.53 -2.67 74.10
N ILE T 279 -60.06 -1.43 73.99
CA ILE T 279 -58.79 -0.98 74.54
C ILE T 279 -59.09 -0.24 75.83
N GLU T 280 -58.36 -0.57 76.88
CA GLU T 280 -58.38 0.13 78.15
C GLU T 280 -57.07 0.88 78.36
N LYS T 281 -57.17 2.11 78.85
CA LYS T 281 -56.02 2.94 79.28
C LYS T 281 -54.94 3.09 78.21
N GLU T 282 -55.33 3.44 76.98
CA GLU T 282 -54.38 3.93 76.01
C GLU T 282 -53.95 5.36 76.36
N ARG T 283 -52.66 5.59 76.57
CA ARG T 283 -52.10 6.92 76.76
C ARG T 283 -52.12 7.69 75.44
N VAL T 284 -52.56 8.93 75.49
CA VAL T 284 -52.60 9.85 74.34
C VAL T 284 -51.99 11.19 74.73
N THR T 285 -51.25 11.84 73.84
CA THR T 285 -50.61 13.13 74.13
C THR T 285 -51.36 14.26 73.45
N ARG T 286 -51.78 15.27 74.21
CA ARG T 286 -52.63 16.34 73.71
C ARG T 286 -51.88 17.26 72.75
N GLY T 287 -52.32 17.37 71.51
CA GLY T 287 -51.69 18.21 70.48
C GLY T 287 -51.61 19.69 70.83
N ALA T 288 -50.74 20.42 70.13
CA ALA T 288 -50.47 21.83 70.41
C ALA T 288 -51.53 22.84 69.90
N GLN T 289 -52.29 22.51 68.86
CA GLN T 289 -53.41 23.33 68.42
C GLN T 289 -54.57 23.22 69.41
N GLY T 290 -55.07 24.34 69.95
CA GLY T 290 -56.23 24.34 70.84
C GLY T 290 -57.47 23.89 70.08
N ASP T 291 -58.45 23.27 70.75
CA ASP T 291 -59.66 22.76 70.08
C ASP T 291 -59.35 21.86 68.86
N GLY T 292 -58.26 21.11 68.91
CA GLY T 292 -57.74 20.33 67.80
C GLY T 292 -58.22 18.88 67.77
N GLN T 293 -57.51 18.07 67.01
CA GLN T 293 -57.74 16.64 66.90
C GLN T 293 -56.49 15.85 67.28
N ASP T 294 -56.62 14.88 68.18
CA ASP T 294 -55.54 13.96 68.55
C ASP T 294 -55.81 12.59 67.96
N PHE T 295 -54.83 11.95 67.31
CA PHE T 295 -55.02 10.65 66.65
C PHE T 295 -54.86 9.47 67.62
N LEU T 296 -55.83 8.55 67.58
CA LEU T 296 -55.76 7.27 68.27
C LEU T 296 -54.76 6.33 67.59
N SER T 297 -54.27 5.31 68.32
CA SER T 297 -53.31 4.35 67.74
C SER T 297 -53.90 3.41 66.68
N ASN T 298 -55.23 3.28 66.59
CA ASN T 298 -55.91 2.42 65.63
C ASN T 298 -56.94 3.24 64.85
N ASN T 299 -57.02 3.10 63.54
CA ASN T 299 -57.86 3.96 62.70
C ASN T 299 -59.27 3.39 62.41
N THR T 300 -59.69 2.36 63.16
CA THR T 300 -60.97 1.66 62.99
C THR T 300 -61.86 1.78 64.23
N ALA T 301 -61.65 2.80 65.07
CA ALA T 301 -62.48 3.00 66.25
C ALA T 301 -63.91 3.41 65.90
N PHE T 302 -64.85 3.24 66.83
CA PHE T 302 -66.25 3.59 66.61
C PHE T 302 -67.03 4.06 67.84
N GLU T 303 -66.51 3.86 69.05
CA GLU T 303 -67.14 4.35 70.27
C GLU T 303 -66.09 4.68 71.32
N ILE T 304 -66.26 5.79 72.04
CA ILE T 304 -65.38 6.19 73.11
C ILE T 304 -66.05 5.90 74.44
N VAL T 305 -65.45 5.04 75.25
CA VAL T 305 -66.00 4.57 76.51
C VAL T 305 -65.71 5.56 77.63
N LYS T 306 -64.47 6.03 77.73
CA LYS T 306 -64.00 6.87 78.83
C LYS T 306 -62.81 7.72 78.37
N VAL T 307 -62.70 8.95 78.86
CA VAL T 307 -61.53 9.82 78.66
C VAL T 307 -61.24 10.53 79.97
N TRP T 308 -60.06 10.34 80.55
CA TRP T 308 -59.77 10.75 81.93
C TRP T 308 -58.27 10.94 82.17
N THR T 309 -57.91 11.51 83.31
CA THR T 309 -56.52 11.65 83.78
C THR T 309 -56.34 11.10 85.19
N GLU T 310 -55.14 10.64 85.52
CA GLU T 310 -54.79 10.17 86.87
C GLU T 310 -53.44 10.74 87.32
N THR T 311 -53.37 11.27 88.54
CA THR T 311 -52.09 11.68 89.17
C THR T 311 -51.31 10.51 89.75
N SER T 312 -52.01 9.47 90.17
CA SER T 312 -51.50 8.21 90.72
C SER T 312 -52.39 7.03 90.29
N PRO T 313 -51.85 5.81 90.16
CA PRO T 313 -52.59 4.68 89.62
C PRO T 313 -53.94 4.45 90.30
N GLY T 314 -55.02 4.50 89.54
CA GLY T 314 -56.38 4.26 90.03
C GLY T 314 -57.11 5.46 90.64
N VAL T 315 -56.44 6.61 90.83
CA VAL T 315 -57.09 7.85 91.29
C VAL T 315 -57.44 8.74 90.10
N THR T 316 -58.73 8.82 89.76
CA THR T 316 -59.20 9.68 88.67
C THR T 316 -59.19 11.14 89.10
N THR T 317 -58.41 11.98 88.41
CA THR T 317 -58.32 13.41 88.70
C THR T 317 -59.44 14.21 88.06
N LYS T 318 -59.78 13.90 86.80
CA LYS T 318 -60.99 14.37 86.11
C LYS T 318 -61.40 13.37 85.03
N GLU T 319 -62.69 13.32 84.74
CA GLU T 319 -63.28 12.62 83.59
C GLU T 319 -63.96 13.66 82.69
N TYR T 320 -63.85 13.51 81.36
CA TYR T 320 -64.41 14.46 80.39
C TYR T 320 -65.71 13.92 79.79
N LYS T 321 -66.72 14.77 79.68
CA LYS T 321 -68.10 14.44 79.32
C LYS T 321 -68.29 14.53 77.82
N GLN T 322 -68.49 13.38 77.18
CA GLN T 322 -68.66 13.31 75.74
C GLN T 322 -69.85 14.15 75.28
N GLY T 323 -69.73 14.79 74.11
CA GLY T 323 -70.79 15.60 73.52
C GLY T 323 -70.77 17.07 73.94
N GLU T 324 -70.06 17.43 75.01
CA GLU T 324 -69.80 18.85 75.33
C GLU T 324 -68.33 19.18 75.53
N ASP T 325 -67.50 18.23 75.96
CA ASP T 325 -66.05 18.40 76.03
C ASP T 325 -65.35 17.91 74.75
N PHE T 326 -65.79 16.80 74.18
CA PHE T 326 -65.17 16.15 73.02
C PHE T 326 -66.18 15.26 72.29
N ARG T 327 -65.83 14.85 71.07
CA ARG T 327 -66.60 13.87 70.28
C ARG T 327 -65.67 13.03 69.42
N LEU T 328 -66.10 11.86 68.98
CA LEU T 328 -65.36 11.05 68.00
C LEU T 328 -65.49 11.65 66.60
N THR T 329 -64.40 11.76 65.86
CA THR T 329 -64.40 12.26 64.48
C THR T 329 -63.61 11.32 63.58
N ASP T 330 -64.19 11.01 62.43
CA ASP T 330 -63.66 10.10 61.40
C ASP T 330 -63.31 8.69 61.89
N GLY T 331 -63.69 8.31 63.11
CA GLY T 331 -63.24 7.06 63.73
C GLY T 331 -61.72 6.98 63.98
N GLN T 332 -61.02 8.11 63.90
CA GLN T 332 -59.57 8.18 64.09
C GLN T 332 -59.12 9.09 65.22
N THR T 333 -59.93 10.09 65.61
CA THR T 333 -59.46 11.17 66.48
C THR T 333 -60.44 11.52 67.57
N ILE T 334 -59.91 11.89 68.73
CA ILE T 334 -60.65 12.64 69.72
C ILE T 334 -60.62 14.10 69.28
N ASP T 335 -61.78 14.72 69.07
CA ASP T 335 -61.90 16.11 68.62
C ASP T 335 -62.39 16.97 69.78
N TRP T 336 -61.62 17.99 70.16
CA TRP T 336 -61.93 18.91 71.26
C TRP T 336 -62.62 20.21 70.83
N SER T 337 -63.13 20.27 69.60
CA SER T 337 -63.89 21.43 69.11
C SER T 337 -65.17 21.81 69.87
N PRO T 338 -65.86 20.95 70.64
CA PRO T 338 -66.95 21.39 71.50
C PRO T 338 -66.57 22.50 72.49
N GLN T 339 -67.55 23.18 73.09
CA GLN T 339 -67.28 24.32 73.98
C GLN T 339 -66.51 23.96 75.26
N GLY T 340 -66.68 22.74 75.80
CA GLY T 340 -66.30 22.36 77.15
C GLY T 340 -64.79 22.32 77.46
N GLN T 341 -64.43 21.70 78.57
CA GLN T 341 -63.04 21.62 79.03
C GLN T 341 -62.18 20.73 78.13
N GLU T 342 -60.87 20.98 78.08
CA GLU T 342 -59.90 20.07 77.42
C GLU T 342 -58.60 19.94 78.23
N PRO T 343 -57.88 18.81 78.13
CA PRO T 343 -56.53 18.64 78.67
C PRO T 343 -55.57 19.74 78.21
N SER T 344 -54.60 20.09 79.04
CA SER T 344 -53.68 21.19 78.73
C SER T 344 -52.69 20.83 77.63
N GLY T 345 -52.30 21.77 76.77
CA GLY T 345 -51.46 21.46 75.59
C GLY T 345 -50.15 20.76 75.93
N GLY T 346 -49.79 19.71 75.20
CA GLY T 346 -48.58 18.93 75.48
C GLY T 346 -48.61 18.08 76.74
N THR T 347 -49.72 18.00 77.48
CA THR T 347 -49.88 16.98 78.55
C THR T 347 -50.38 15.65 77.99
N SER T 348 -50.43 14.60 78.81
CA SER T 348 -50.94 13.29 78.41
C SER T 348 -52.06 12.75 79.32
N TYR T 349 -52.99 12.05 78.71
CA TYR T 349 -54.25 11.58 79.27
C TYR T 349 -54.62 10.19 78.74
N TYR T 350 -55.66 9.55 79.27
CA TYR T 350 -56.05 8.20 78.87
C TYR T 350 -57.36 8.19 78.09
N VAL T 351 -57.43 7.30 77.09
CA VAL T 351 -58.63 7.03 76.30
C VAL T 351 -58.97 5.56 76.39
N SER T 352 -60.25 5.23 76.44
CA SER T 352 -60.77 3.87 76.27
C SER T 352 -61.80 3.85 75.16
N TYR T 353 -61.68 2.92 74.24
CA TYR T 353 -62.50 2.90 73.03
C TYR T 353 -62.59 1.50 72.45
N LYS T 354 -63.61 1.29 71.62
CA LYS T 354 -63.81 0.06 70.87
C LYS T 354 -63.38 0.24 69.42
N TYR T 355 -62.76 -0.77 68.84
CA TYR T 355 -62.33 -0.77 67.44
C TYR T 355 -62.40 -2.18 66.85
N ASN T 356 -62.54 -2.29 65.53
CA ASN T 356 -62.44 -3.57 64.83
C ASN T 356 -60.97 -3.91 64.62
N LYS T 357 -60.46 -4.99 65.20
CA LYS T 357 -59.08 -5.42 65.02
C LYS T 357 -59.02 -6.52 63.97
N ARG T 358 -58.15 -6.39 62.98
CA ARG T 358 -57.75 -7.53 62.13
C ARG T 358 -56.86 -8.46 62.94
N MET T 359 -57.36 -9.64 63.30
CA MET T 359 -56.65 -10.60 64.16
C MET T 359 -55.52 -11.29 63.41
N GLU T 360 -54.41 -11.53 64.09
CA GLU T 360 -53.22 -12.13 63.50
C GLU T 360 -53.09 -13.61 63.90
N ALA T 361 -52.85 -14.48 62.92
CA ALA T 361 -52.61 -15.89 63.15
C ALA T 361 -51.33 -16.12 63.98
N GLY T 362 -51.37 -17.08 64.88
CA GLY T 362 -50.31 -17.38 65.85
C GLY T 362 -50.35 -16.45 67.08
N LYS T 363 -50.62 -15.16 66.88
CA LYS T 363 -50.56 -14.13 67.92
C LYS T 363 -51.89 -13.90 68.64
N ASP T 364 -52.99 -13.69 67.90
CA ASP T 364 -54.33 -13.51 68.46
C ASP T 364 -55.16 -14.79 68.46
N TYR T 365 -54.92 -15.67 67.48
CA TYR T 365 -55.64 -16.94 67.36
C TYR T 365 -54.76 -18.02 66.77
N GLU T 366 -55.13 -19.27 67.03
CA GLU T 366 -54.55 -20.45 66.38
C GLU T 366 -55.66 -21.20 65.63
N VAL T 367 -55.27 -21.87 64.54
CA VAL T 367 -56.15 -22.70 63.71
C VAL T 367 -55.89 -24.16 64.00
N THR T 368 -56.95 -24.95 64.18
CA THR T 368 -56.86 -26.39 64.45
C THR T 368 -57.94 -27.17 63.71
N THR T 369 -57.73 -28.47 63.55
CA THR T 369 -58.68 -29.38 62.90
C THR T 369 -58.90 -30.66 63.72
N GLN T 370 -60.15 -31.12 63.77
CA GLN T 370 -60.55 -32.29 64.56
C GLN T 370 -60.60 -33.58 63.73
N GLY T 371 -61.51 -33.65 62.75
CA GLY T 371 -61.81 -34.87 62.01
C GLY T 371 -60.84 -35.23 60.88
N GLU T 372 -61.28 -36.12 60.00
CA GLU T 372 -60.55 -36.59 58.82
C GLU T 372 -61.52 -36.86 57.65
N GLY T 373 -60.99 -36.86 56.42
CA GLY T 373 -61.79 -36.97 55.21
C GLY T 373 -62.79 -35.83 55.05
N LEU T 374 -63.98 -36.12 54.51
CA LEU T 374 -65.04 -35.14 54.32
C LEU T 374 -65.64 -34.59 55.62
N SER T 375 -65.54 -35.36 56.70
CA SER T 375 -66.00 -34.99 58.04
C SER T 375 -65.02 -34.13 58.82
N LYS T 376 -63.85 -33.82 58.26
CA LYS T 376 -62.88 -32.88 58.83
C LYS T 376 -63.49 -31.48 58.93
N LYS T 377 -63.15 -30.72 59.97
CA LYS T 377 -63.60 -29.33 60.20
C LYS T 377 -62.43 -28.45 60.61
N TRP T 378 -62.56 -27.14 60.40
CA TRP T 378 -61.58 -26.14 60.83
C TRP T 378 -62.20 -25.25 61.92
N TYR T 379 -61.36 -24.83 62.87
CA TYR T 379 -61.75 -23.98 63.99
C TYR T 379 -60.76 -22.82 64.23
N ILE T 380 -61.26 -21.70 64.68
CA ILE T 380 -60.49 -20.56 65.18
C ILE T 380 -60.63 -20.55 66.70
N ASN T 381 -59.53 -20.63 67.45
CA ASN T 381 -59.61 -20.90 68.89
C ASN T 381 -59.40 -19.72 69.84
N PHE T 382 -58.78 -18.62 69.39
CA PHE T 382 -58.40 -17.49 70.27
C PHE T 382 -57.61 -17.93 71.53
N THR T 383 -56.84 -19.01 71.43
CA THR T 383 -56.14 -19.63 72.57
C THR T 383 -55.09 -18.74 73.27
N PRO T 384 -54.21 -18.01 72.56
CA PRO T 384 -53.08 -17.33 73.19
C PRO T 384 -53.53 -16.33 74.27
N SER T 385 -52.89 -16.40 75.44
CA SER T 385 -53.22 -15.57 76.61
C SER T 385 -52.93 -14.08 76.39
N ASN T 386 -51.86 -13.75 75.68
CA ASN T 386 -51.50 -12.37 75.34
C ASN T 386 -52.24 -11.82 74.12
N GLY T 387 -52.91 -12.69 73.35
CA GLY T 387 -53.66 -12.27 72.17
C GLY T 387 -54.88 -11.41 72.52
N ALA T 388 -55.27 -10.53 71.61
CA ALA T 388 -56.52 -9.80 71.77
C ALA T 388 -57.71 -10.73 71.51
N LYS T 389 -58.79 -10.58 72.31
CA LYS T 389 -60.00 -11.41 72.21
C LYS T 389 -61.23 -10.55 71.92
N PRO T 390 -62.17 -10.99 71.07
CA PRO T 390 -63.38 -10.23 70.80
C PRO T 390 -64.18 -9.92 72.06
N ILE T 391 -64.92 -8.82 72.04
CA ILE T 391 -65.85 -8.45 73.11
C ILE T 391 -66.94 -9.52 73.25
N ASP T 392 -67.35 -9.86 74.47
CA ASP T 392 -68.41 -10.87 74.67
C ASP T 392 -69.74 -10.46 74.02
N GLN T 393 -70.46 -11.42 73.42
CA GLN T 393 -71.73 -11.20 72.73
C GLN T 393 -71.64 -10.22 71.55
N THR T 394 -70.54 -10.28 70.79
CA THR T 394 -70.33 -9.51 69.56
C THR T 394 -70.05 -10.43 68.37
N VAL T 395 -70.35 -9.96 67.16
CA VAL T 395 -70.11 -10.73 65.94
C VAL T 395 -68.62 -10.75 65.57
N VAL T 396 -68.11 -11.92 65.22
CA VAL T 396 -66.82 -12.12 64.53
C VAL T 396 -67.08 -12.45 63.07
N LEU T 397 -66.30 -11.87 62.17
CA LEU T 397 -66.39 -12.06 60.73
C LEU T 397 -65.13 -12.76 60.20
N VAL T 398 -65.29 -13.83 59.43
CA VAL T 398 -64.17 -14.55 58.80
C VAL T 398 -64.36 -14.57 57.28
N ASP T 399 -63.27 -14.33 56.57
CA ASP T 399 -63.12 -14.51 55.13
C ASP T 399 -62.10 -15.61 54.84
N TYR T 400 -62.40 -16.57 53.98
CA TYR T 400 -61.52 -17.71 53.69
C TYR T 400 -61.87 -18.38 52.36
N THR T 401 -60.97 -19.23 51.86
CA THR T 401 -61.17 -20.00 50.63
C THR T 401 -61.07 -21.49 50.89
N TYR T 402 -61.78 -22.29 50.09
CA TYR T 402 -61.88 -23.74 50.25
C TYR T 402 -61.93 -24.46 48.90
N TYR T 403 -61.43 -25.70 48.85
CA TYR T 403 -61.43 -26.49 47.62
C TYR T 403 -62.83 -26.97 47.25
N LEU T 404 -63.18 -26.92 45.97
CA LEU T 404 -64.40 -27.50 45.41
C LEU T 404 -64.19 -28.94 44.92
N ALA T 405 -65.27 -29.73 44.92
CA ALA T 405 -65.32 -31.03 44.26
C ALA T 405 -65.66 -30.90 42.77
N ARG T 406 -65.42 -31.98 42.00
CA ARG T 406 -65.81 -32.05 40.59
C ARG T 406 -66.31 -33.45 40.27
N LYS T 407 -67.33 -33.55 39.41
CA LYS T 407 -67.96 -34.80 39.01
C LYS T 407 -67.98 -34.90 37.49
N ASP T 408 -67.35 -35.94 36.97
CA ASP T 408 -67.06 -36.10 35.54
C ASP T 408 -67.73 -37.37 34.99
N SER T 409 -68.04 -37.39 33.70
CA SER T 409 -68.73 -38.50 33.05
C SER T 409 -67.81 -39.25 32.09
N VAL T 410 -67.88 -40.59 32.09
CA VAL T 410 -67.04 -41.47 31.26
C VAL T 410 -67.83 -41.96 30.06
N PHE T 411 -67.30 -41.79 28.85
CA PHE T 411 -67.92 -42.17 27.59
C PHE T 411 -67.02 -43.05 26.74
N ILE T 412 -67.63 -43.83 25.85
CA ILE T 412 -66.97 -44.43 24.69
C ILE T 412 -67.66 -43.94 23.41
N ASN T 413 -66.91 -43.42 22.45
CA ASN T 413 -67.47 -42.97 21.18
C ASN T 413 -67.74 -44.16 20.24
N LYS T 414 -68.51 -43.94 19.16
CA LYS T 414 -68.81 -45.00 18.17
C LYS T 414 -67.57 -45.62 17.50
N TYR T 415 -66.44 -44.90 17.48
CA TYR T 415 -65.17 -45.35 16.93
C TYR T 415 -64.37 -46.24 17.90
N GLY T 416 -64.82 -46.39 19.14
CA GLY T 416 -64.17 -47.22 20.16
C GLY T 416 -63.06 -46.49 20.94
N ASP T 417 -63.16 -45.18 21.11
CA ASP T 417 -62.27 -44.40 21.96
C ASP T 417 -62.95 -44.03 23.28
N ILE T 418 -62.27 -44.28 24.42
CA ILE T 418 -62.75 -43.92 25.76
C ILE T 418 -62.24 -42.53 26.13
N ALA T 419 -63.11 -41.68 26.69
CA ALA T 419 -62.78 -40.32 27.08
C ALA T 419 -63.73 -39.78 28.16
N ILE T 420 -63.26 -38.76 28.88
CA ILE T 420 -63.97 -38.09 29.96
C ILE T 420 -64.27 -36.65 29.59
N LEU T 421 -65.49 -36.20 29.90
CA LEU T 421 -65.87 -34.79 29.84
C LEU T 421 -65.89 -34.22 31.27
N PRO T 422 -65.21 -33.09 31.54
CA PRO T 422 -65.12 -32.53 32.88
C PRO T 422 -66.43 -31.80 33.26
N GLY T 423 -66.84 -31.91 34.52
CA GLY T 423 -67.99 -31.17 35.05
C GLY T 423 -67.64 -29.78 35.56
N GLU T 424 -68.66 -28.99 35.88
CA GLU T 424 -68.53 -27.71 36.58
C GLU T 424 -68.16 -27.93 38.06
N PRO T 425 -67.05 -27.38 38.58
CA PRO T 425 -66.67 -27.53 39.98
C PRO T 425 -67.75 -26.95 40.91
N ASN T 426 -68.07 -27.64 42.01
CA ASN T 426 -69.04 -27.19 43.01
C ASN T 426 -68.80 -27.93 44.34
N ILE T 427 -69.42 -27.49 45.42
CA ILE T 427 -69.39 -28.19 46.70
C ILE T 427 -70.04 -29.57 46.59
N MET T 428 -69.56 -30.54 47.36
CA MET T 428 -69.99 -31.94 47.25
C MET T 428 -71.51 -32.14 47.38
N ARG T 429 -72.21 -31.29 48.15
CA ARG T 429 -73.68 -31.33 48.29
C ARG T 429 -74.43 -30.99 47.00
N LEU T 430 -73.84 -30.18 46.14
CA LEU T 430 -74.49 -29.59 44.96
C LEU T 430 -73.91 -30.06 43.62
N VAL T 431 -72.73 -30.68 43.63
CA VAL T 431 -72.03 -31.09 42.41
C VAL T 431 -72.88 -32.07 41.59
N THR T 432 -72.84 -31.94 40.26
CA THR T 432 -73.54 -32.82 39.32
C THR T 432 -72.64 -33.11 38.11
N PRO T 433 -72.79 -34.28 37.47
CA PRO T 433 -72.06 -34.60 36.25
C PRO T 433 -72.48 -33.68 35.09
N PRO T 434 -71.62 -33.51 34.08
CA PRO T 434 -71.90 -32.63 32.94
C PRO T 434 -73.05 -33.14 32.09
N LEU T 435 -74.01 -32.27 31.77
CA LEU T 435 -75.13 -32.61 30.90
C LEU T 435 -74.66 -32.71 29.44
N ASN T 436 -74.86 -33.86 28.81
CA ASN T 436 -74.52 -34.15 27.41
C ASN T 436 -75.77 -34.68 26.67
N THR T 437 -75.85 -34.43 25.35
CA THR T 437 -76.90 -34.99 24.48
C THR T 437 -76.36 -35.52 23.14
N ASP T 438 -75.03 -35.71 22.99
CA ASP T 438 -74.39 -36.24 21.78
C ASP T 438 -74.78 -37.71 21.49
N PRO T 439 -75.43 -38.02 20.35
CA PRO T 439 -75.71 -39.39 19.93
C PRO T 439 -74.48 -40.29 19.69
N GLU T 440 -73.31 -39.72 19.40
CA GLU T 440 -72.13 -40.51 18.99
C GLU T 440 -71.43 -41.29 20.13
N ASN T 441 -71.90 -41.13 21.38
CA ASN T 441 -71.28 -41.69 22.59
C ASN T 441 -72.24 -42.59 23.37
N LEU T 442 -71.67 -43.60 24.06
CA LEU T 442 -72.30 -44.37 25.13
C LEU T 442 -71.62 -44.06 26.46
N GLN T 443 -72.36 -43.63 27.47
CA GLN T 443 -71.82 -43.44 28.82
C GLN T 443 -71.48 -44.80 29.43
N LEU T 444 -70.25 -44.97 29.92
CA LEU T 444 -69.87 -46.11 30.75
C LEU T 444 -70.21 -45.86 32.22
N GLY T 445 -69.97 -44.63 32.69
CA GLY T 445 -70.20 -44.23 34.08
C GLY T 445 -69.82 -42.78 34.39
N THR T 446 -69.36 -42.56 35.62
CA THR T 446 -68.90 -41.27 36.18
C THR T 446 -67.73 -41.49 37.13
N VAL T 447 -66.96 -40.42 37.35
CA VAL T 447 -65.93 -40.30 38.39
C VAL T 447 -66.21 -39.04 39.20
N THR T 448 -66.40 -39.14 40.52
CA THR T 448 -66.43 -37.95 41.39
C THR T 448 -65.11 -37.87 42.14
N VAL T 449 -64.40 -36.75 42.00
CA VAL T 449 -63.12 -36.56 42.69
C VAL T 449 -63.34 -35.67 43.90
N LEU T 450 -62.91 -36.15 45.06
CA LEU T 450 -63.05 -35.41 46.31
C LEU T 450 -62.11 -34.18 46.27
N PRO T 451 -62.46 -33.09 46.95
CA PRO T 451 -61.70 -31.86 46.87
C PRO T 451 -60.31 -32.06 47.47
N ASP T 452 -59.25 -31.80 46.69
CA ASP T 452 -57.84 -31.94 47.10
C ASP T 452 -57.54 -33.29 47.80
N SER T 453 -57.77 -34.40 47.09
CA SER T 453 -57.50 -35.75 47.58
C SER T 453 -57.17 -36.72 46.45
N ASP T 454 -56.49 -37.81 46.78
CA ASP T 454 -56.27 -38.95 45.88
C ASP T 454 -57.53 -39.82 45.69
N GLU T 455 -58.50 -39.74 46.61
CA GLU T 455 -59.71 -40.57 46.56
C GLU T 455 -60.69 -40.08 45.49
N ALA T 456 -61.28 -41.03 44.77
CA ALA T 456 -62.35 -40.79 43.80
C ALA T 456 -63.42 -41.88 43.84
N VAL T 457 -64.69 -41.48 43.75
CA VAL T 457 -65.85 -42.38 43.76
C VAL T 457 -66.30 -42.61 42.32
N CYS T 458 -66.23 -43.84 41.81
CA CYS T 458 -66.66 -44.16 40.45
C CYS T 458 -67.98 -44.96 40.42
N ILE T 459 -68.90 -44.60 39.52
CA ILE T 459 -70.23 -45.22 39.41
C ILE T 459 -70.55 -45.49 37.93
N SER T 460 -71.00 -46.71 37.59
CA SER T 460 -71.39 -47.10 36.22
C SER T 460 -72.84 -46.74 35.88
N PHE T 461 -73.11 -46.47 34.60
CA PHE T 461 -74.42 -46.00 34.12
C PHE T 461 -74.83 -46.51 32.71
N ALA T 462 -74.05 -47.39 32.08
CA ALA T 462 -74.33 -47.89 30.73
C ALA T 462 -75.65 -48.67 30.65
N ILE T 463 -76.44 -48.44 29.59
CA ILE T 463 -77.62 -49.26 29.25
C ILE T 463 -77.16 -50.62 28.73
N THR T 464 -77.36 -51.69 29.49
CA THR T 464 -77.25 -53.05 28.93
C THR T 464 -78.53 -53.44 28.18
N ARG T 465 -78.40 -54.26 27.13
CA ARG T 465 -79.54 -54.80 26.37
C ARG T 465 -80.49 -55.65 27.23
N LEU T 466 -81.71 -55.86 26.75
CA LEU T 466 -82.67 -56.80 27.32
C LEU T 466 -83.06 -57.87 26.29
N SER T 467 -82.94 -59.14 26.65
CA SER T 467 -83.40 -60.27 25.84
C SER T 467 -84.90 -60.52 26.03
N MET T 468 -85.54 -61.24 25.12
CA MET T 468 -86.97 -61.57 25.25
C MET T 468 -87.27 -62.38 26.52
N GLU T 469 -86.34 -63.18 27.05
CA GLU T 469 -86.49 -63.82 28.36
C GLU T 469 -86.69 -62.78 29.48
N ASP T 470 -85.87 -61.72 29.47
CA ASP T 470 -85.98 -60.60 30.42
C ASP T 470 -87.30 -59.83 30.23
N LEU T 471 -87.69 -59.53 28.98
CA LEU T 471 -88.93 -58.80 28.72
C LEU T 471 -90.17 -59.61 29.12
N GLN T 472 -90.20 -60.91 28.82
CA GLN T 472 -91.28 -61.79 29.26
C GLN T 472 -91.31 -61.94 30.79
N LYS T 473 -90.15 -61.92 31.46
CA LYS T 473 -90.09 -61.79 32.92
C LYS T 473 -90.71 -60.48 33.40
N VAL T 474 -90.45 -59.34 32.74
CA VAL T 474 -91.11 -58.05 33.08
C VAL T 474 -92.64 -58.15 32.92
N LYS T 475 -93.14 -58.70 31.82
CA LYS T 475 -94.58 -58.97 31.64
C LYS T 475 -95.13 -59.87 32.75
N THR T 476 -94.39 -60.91 33.13
CA THR T 476 -94.76 -61.87 34.19
C THR T 476 -94.81 -61.20 35.58
N ARG T 477 -93.89 -60.27 35.86
CA ARG T 477 -93.94 -59.43 37.06
C ARG T 477 -95.20 -58.57 37.05
N VAL T 478 -95.56 -57.95 35.93
CA VAL T 478 -96.83 -57.19 35.80
C VAL T 478 -98.05 -58.08 36.07
N ASP T 479 -98.10 -59.33 35.58
CA ASP T 479 -99.17 -60.28 35.96
C ASP T 479 -99.24 -60.48 37.48
N ASN T 480 -98.12 -60.75 38.15
CA ASN T 480 -98.12 -60.94 39.60
C ASN T 480 -98.51 -59.67 40.36
N LEU T 481 -98.07 -58.49 39.92
CA LEU T 481 -98.48 -57.23 40.56
C LEU T 481 -99.97 -56.94 40.34
N GLU T 482 -100.54 -57.19 39.16
CA GLU T 482 -101.98 -57.00 38.98
C GLU T 482 -102.80 -58.11 39.66
N TYR T 483 -102.26 -59.32 39.81
CA TYR T 483 -102.86 -60.35 40.66
C TYR T 483 -102.85 -59.91 42.13
N ASN T 484 -101.73 -59.38 42.62
CA ASN T 484 -101.69 -58.74 43.93
C ASN T 484 -102.67 -57.57 44.02
N GLN T 485 -102.88 -56.82 42.93
CA GLN T 485 -103.88 -55.74 42.88
C GLN T 485 -105.31 -56.27 42.98
N ALA T 486 -105.62 -57.40 42.34
CA ALA T 486 -106.89 -58.09 42.56
C ALA T 486 -107.01 -58.62 44.00
N VAL T 487 -105.95 -59.19 44.60
CA VAL T 487 -105.92 -59.62 46.01
C VAL T 487 -106.05 -58.44 46.98
N ASN T 488 -105.45 -57.29 46.69
CA ASN T 488 -105.71 -56.05 47.41
C ASN T 488 -107.18 -55.66 47.28
N ALA T 489 -107.66 -55.51 46.04
CA ALA T 489 -109.03 -55.06 45.75
C ALA T 489 -110.07 -56.00 46.33
N LEU T 490 -109.78 -57.29 46.52
CA LEU T 490 -110.70 -58.26 47.12
C LEU T 490 -111.11 -57.86 48.56
N ASP T 491 -110.19 -57.27 49.31
CA ASP T 491 -110.42 -56.82 50.69
C ASP T 491 -111.01 -55.41 50.80
N ASP T 492 -111.21 -54.66 49.70
CA ASP T 492 -111.75 -53.30 49.80
C ASP T 492 -113.20 -53.31 50.25
N GLY T 493 -114.09 -53.87 49.42
CA GLY T 493 -115.49 -53.97 49.79
C GLY T 493 -116.25 -52.66 49.80
N ALA T 494 -115.79 -51.66 49.03
CA ALA T 494 -116.43 -50.34 49.01
C ALA T 494 -116.46 -49.85 47.58
N MET T 495 -117.59 -49.23 47.20
CA MET T 495 -117.78 -48.74 45.85
C MET T 495 -118.75 -47.56 45.89
N GLU T 496 -118.38 -46.47 45.24
CA GLU T 496 -119.21 -45.28 45.22
C GLU T 496 -120.46 -45.52 44.36
N GLY T 497 -121.53 -44.77 44.65
CA GLY T 497 -122.76 -44.93 43.92
C GLY T 497 -122.79 -44.26 42.56
N GLN T 498 -122.57 -42.95 42.53
CA GLN T 498 -122.66 -42.15 41.31
C GLN T 498 -121.26 -41.94 40.72
N ASN T 499 -121.04 -42.47 39.51
CA ASN T 499 -119.77 -42.33 38.79
C ASN T 499 -118.61 -42.81 39.64
N PRO T 500 -118.55 -44.08 39.99
CA PRO T 500 -117.46 -44.55 40.86
C PRO T 500 -116.16 -44.65 40.11
N LEU T 501 -115.06 -44.38 40.82
CA LEU T 501 -113.74 -44.67 40.29
C LEU T 501 -113.43 -46.15 40.43
N THR T 502 -113.09 -46.81 39.32
CA THR T 502 -112.93 -48.25 39.29
C THR T 502 -111.55 -48.61 38.74
N LEU T 503 -110.96 -49.67 39.29
CA LEU T 503 -109.66 -50.11 38.80
C LEU T 503 -109.78 -50.63 37.39
N ARG T 504 -108.94 -50.13 36.48
CA ARG T 504 -108.92 -50.50 35.06
C ARG T 504 -108.43 -51.95 34.94
N SER T 505 -109.05 -52.73 34.04
CA SER T 505 -108.71 -54.14 33.77
C SER T 505 -108.91 -55.12 34.95
N VAL T 506 -109.75 -54.79 35.94
CA VAL T 506 -109.96 -55.60 37.17
C VAL T 506 -111.46 -55.73 37.51
N PHE T 507 -111.90 -56.94 37.90
CA PHE T 507 -113.15 -57.16 38.67
C PHE T 507 -112.94 -58.22 39.76
N SER T 508 -113.40 -57.97 40.99
CA SER T 508 -113.27 -58.93 42.09
C SER T 508 -114.29 -58.65 43.20
N GLU T 509 -114.49 -59.65 44.07
CA GLU T 509 -115.60 -59.67 45.02
C GLU T 509 -115.17 -60.48 46.24
N GLY T 510 -114.96 -59.80 47.37
CA GLY T 510 -114.64 -60.48 48.60
C GLY T 510 -115.82 -61.07 49.34
N PHE T 511 -117.05 -60.79 48.89
CA PHE T 511 -118.27 -61.26 49.54
C PHE T 511 -118.33 -60.78 50.99
N ILE T 512 -117.99 -59.51 51.18
CA ILE T 512 -118.06 -58.84 52.47
C ILE T 512 -118.94 -57.60 52.45
N SER T 513 -119.47 -57.22 51.30
CA SER T 513 -120.32 -56.04 51.19
C SER T 513 -121.26 -56.23 50.02
N LEU T 514 -122.34 -55.42 49.99
CA LEU T 514 -123.28 -55.45 48.88
C LEU T 514 -123.04 -54.36 47.85
N ASP T 515 -121.99 -53.55 48.01
CA ASP T 515 -121.74 -52.47 47.07
C ASP T 515 -121.37 -53.00 45.70
N LYS T 516 -120.52 -54.03 45.64
CA LYS T 516 -120.08 -54.57 44.35
C LYS T 516 -121.20 -55.30 43.64
N ALA T 517 -122.12 -55.91 44.39
CA ALA T 517 -123.16 -56.75 43.80
C ALA T 517 -124.25 -55.95 43.11
N ASP T 518 -124.77 -56.49 42.01
CA ASP T 518 -125.92 -55.89 41.32
C ASP T 518 -127.20 -56.59 41.78
N ILE T 519 -127.56 -56.32 43.03
CA ILE T 519 -128.67 -57.02 43.68
C ILE T 519 -130.00 -56.80 42.96
N THR T 520 -130.15 -55.69 42.23
CA THR T 520 -131.41 -55.46 41.54
C THR T 520 -131.58 -56.26 40.27
N HIS T 521 -130.57 -57.03 39.84
CA HIS T 521 -130.69 -57.78 38.59
C HIS T 521 -131.77 -58.85 38.74
N PRO T 522 -132.49 -59.20 37.66
CA PRO T 522 -133.54 -60.22 37.83
C PRO T 522 -132.99 -61.57 38.26
N ASP T 523 -131.78 -61.94 37.85
CA ASP T 523 -131.22 -63.26 38.10
C ASP T 523 -130.44 -63.35 39.41
N PHE T 524 -130.46 -62.30 40.23
CA PHE T 524 -129.69 -62.29 41.47
C PHE T 524 -130.50 -63.01 42.53
N GLY T 525 -129.93 -64.07 43.10
CA GLY T 525 -130.61 -64.82 44.14
C GLY T 525 -129.66 -65.30 45.22
N ILE T 526 -128.56 -64.57 45.40
CA ILE T 526 -127.46 -65.00 46.28
C ILE T 526 -127.66 -64.36 47.65
N VAL T 527 -127.41 -65.15 48.68
CA VAL T 527 -127.33 -64.67 50.06
C VAL T 527 -125.88 -64.74 50.51
N PHE T 528 -125.51 -63.84 51.44
CA PHE T 528 -124.13 -63.66 51.84
C PHE T 528 -123.93 -64.14 53.27
N SER T 529 -122.80 -64.80 53.51
CA SER T 529 -122.33 -65.14 54.84
C SER T 529 -121.04 -64.32 55.09
N PHE T 530 -121.20 -63.12 55.65
CA PHE T 530 -120.08 -62.20 55.80
C PHE T 530 -119.04 -62.75 56.79
N GLU T 531 -119.46 -63.54 57.77
CA GLU T 531 -118.48 -64.07 58.71
C GLU T 531 -117.49 -65.00 58.02
N ASP T 532 -117.97 -65.80 57.06
CA ASP T 532 -117.13 -66.69 56.28
C ASP T 532 -116.63 -66.06 54.98
N ALA T 533 -117.18 -64.91 54.58
CA ALA T 533 -116.88 -64.29 53.29
C ALA T 533 -117.22 -65.25 52.14
N GLU T 534 -118.37 -65.90 52.25
CA GLU T 534 -118.83 -66.90 51.30
C GLU T 534 -120.26 -66.56 50.86
N ALA T 535 -120.59 -67.06 49.68
CA ALA T 535 -121.87 -66.86 49.02
C ALA T 535 -122.50 -68.24 48.84
N THR T 536 -123.83 -68.30 48.93
CA THR T 536 -124.55 -69.56 48.83
C THR T 536 -125.99 -69.26 48.43
N LEU T 537 -126.78 -70.32 48.29
CA LEU T 537 -128.20 -70.23 47.97
C LEU T 537 -129.05 -70.51 49.20
N ALA T 538 -130.17 -69.80 49.29
CA ALA T 538 -131.16 -69.93 50.34
C ALA T 538 -132.38 -70.68 49.81
N TYR T 539 -133.01 -71.45 50.69
CA TYR T 539 -134.16 -72.24 50.28
C TYR T 539 -135.32 -71.37 49.81
N THR T 540 -135.99 -71.81 48.76
CA THR T 540 -137.21 -71.17 48.27
C THR T 540 -138.25 -72.26 48.01
N GLU T 541 -139.52 -71.95 48.31
CA GLU T 541 -140.59 -72.94 48.23
C GLU T 541 -141.22 -73.02 46.86
N ALA T 542 -140.54 -72.56 45.81
CA ALA T 542 -141.08 -72.62 44.46
C ALA T 542 -141.10 -74.05 43.95
N HIS T 556 -148.16 -85.74 48.66
CA HIS T 556 -147.96 -85.05 49.94
C HIS T 556 -147.28 -85.95 51.00
N ILE T 557 -146.62 -87.02 50.52
CA ILE T 557 -145.93 -87.94 51.43
C ILE T 557 -144.90 -87.22 52.30
N TRP T 558 -144.94 -87.51 53.61
CA TRP T 558 -144.07 -86.88 54.61
C TRP T 558 -142.78 -87.68 54.77
N GLY T 559 -141.71 -87.00 55.17
CA GLY T 559 -140.40 -87.63 55.36
C GLY T 559 -139.80 -87.41 56.74
N ARG T 560 -139.12 -88.44 57.23
CA ARG T 560 -138.47 -88.43 58.55
C ARG T 560 -136.95 -88.51 58.40
N LEU T 561 -136.25 -87.65 59.14
CA LEU T 561 -134.78 -87.60 59.19
C LEU T 561 -134.32 -88.58 60.27
N ILE T 562 -134.17 -89.85 59.88
CA ILE T 562 -133.77 -90.89 60.83
C ILE T 562 -132.37 -90.61 61.37
N SER T 563 -131.41 -90.38 60.47
CA SER T 563 -130.01 -90.14 60.85
C SER T 563 -129.68 -88.67 60.64
N ALA T 564 -129.38 -87.97 61.74
CA ALA T 564 -129.19 -86.53 61.59
C ALA T 564 -127.85 -86.24 60.91
N PRO T 565 -127.77 -85.20 60.07
CA PRO T 565 -126.46 -84.82 59.51
C PRO T 565 -125.52 -84.22 60.54
N PHE T 566 -126.00 -83.84 61.72
CA PHE T 566 -125.12 -83.29 62.75
C PHE T 566 -125.79 -83.51 64.09
N THR T 567 -124.99 -83.45 65.15
CA THR T 567 -125.45 -83.61 66.53
C THR T 567 -125.10 -82.35 67.32
N GLU T 568 -126.11 -81.74 67.94
CA GLU T 568 -125.95 -80.47 68.64
C GLU T 568 -125.52 -80.70 70.08
N GLU T 569 -124.83 -79.71 70.64
CA GLU T 569 -124.41 -79.72 72.03
C GLU T 569 -124.48 -78.30 72.58
N ARG T 570 -124.96 -78.17 73.80
CA ARG T 570 -125.17 -76.88 74.46
C ARG T 570 -123.87 -76.51 75.18
N THR T 571 -123.12 -75.58 74.61
CA THR T 571 -121.83 -75.16 75.18
C THR T 571 -121.98 -73.99 76.15
N ILE T 572 -122.88 -73.04 75.84
CA ILE T 572 -123.11 -71.85 76.65
C ILE T 572 -124.55 -71.91 77.14
N TYR T 573 -124.76 -71.68 78.43
CA TYR T 573 -126.12 -71.72 78.98
C TYR T 573 -126.16 -70.87 80.24
N GLN T 574 -126.91 -69.77 80.18
CA GLN T 574 -127.16 -68.94 81.36
C GLN T 574 -128.59 -69.21 81.81
N GLY T 575 -128.73 -69.88 82.95
CA GLY T 575 -130.02 -70.37 83.39
C GLY T 575 -130.71 -69.49 84.42
N GLN T 576 -129.93 -68.72 85.18
CA GLN T 576 -130.50 -67.91 86.23
C GLN T 576 -131.33 -66.78 85.65
N ALA T 577 -132.57 -66.64 86.14
CA ALA T 577 -133.47 -65.57 85.72
C ALA T 577 -134.17 -65.00 86.94
N SER T 578 -134.42 -63.70 86.92
CA SER T 578 -135.00 -63.00 88.08
C SER T 578 -136.15 -62.06 87.72
N GLU T 579 -136.12 -61.47 86.53
CA GLU T 579 -137.05 -60.41 86.14
C GLU T 579 -137.40 -60.54 84.67
N THR T 580 -138.41 -59.76 84.26
CA THR T 580 -138.86 -59.65 82.88
C THR T 580 -138.54 -58.26 82.35
N LEU T 581 -137.94 -58.20 81.17
CA LEU T 581 -137.64 -56.95 80.47
C LEU T 581 -138.35 -56.94 79.13
N ASN T 582 -139.08 -55.86 78.86
CA ASN T 582 -139.74 -55.70 77.57
C ASN T 582 -138.71 -55.64 76.46
N VAL T 583 -139.00 -56.29 75.33
CA VAL T 583 -138.07 -56.23 74.21
C VAL T 583 -137.92 -54.85 73.61
N ASN T 584 -138.85 -53.93 73.87
CA ASN T 584 -138.77 -52.54 73.40
C ASN T 584 -139.14 -51.64 74.56
N PRO T 585 -138.24 -51.45 75.54
CA PRO T 585 -138.62 -50.69 76.73
C PRO T 585 -138.92 -49.22 76.47
N TYR T 586 -138.22 -48.59 75.51
CA TYR T 586 -138.23 -47.16 75.29
C TYR T 586 -139.27 -46.72 74.27
N ASN T 587 -140.29 -47.56 74.01
CA ASN T 587 -141.40 -47.18 73.12
C ASN T 587 -142.68 -47.89 73.51
N ILE T 588 -142.83 -48.31 74.76
CA ILE T 588 -144.12 -48.84 75.22
C ILE T 588 -145.08 -47.68 75.46
N PRO T 589 -146.33 -47.72 74.98
CA PRO T 589 -147.21 -46.56 75.21
C PRO T 589 -147.57 -46.45 76.68
N ASN T 590 -147.42 -45.24 77.22
CA ASN T 590 -147.79 -44.93 78.60
C ASN T 590 -147.09 -45.85 79.60
N PRO T 793 -135.64 -52.98 71.04
CA PRO T 793 -134.84 -54.19 70.81
C PRO T 793 -133.79 -54.41 71.88
N LEU T 794 -133.48 -55.68 72.13
CA LEU T 794 -132.50 -56.09 73.13
C LEU T 794 -131.44 -56.94 72.45
N ALA T 795 -130.29 -57.07 73.14
CA ALA T 795 -129.21 -57.89 72.63
C ALA T 795 -128.40 -58.43 73.79
N GLN T 796 -127.67 -59.51 73.52
CA GLN T 796 -126.82 -60.17 74.50
C GLN T 796 -125.54 -60.63 73.81
N SER T 797 -124.40 -60.21 74.36
CA SER T 797 -123.10 -60.52 73.77
C SER T 797 -122.57 -61.86 74.28
N PHE T 798 -121.78 -62.52 73.44
CA PHE T 798 -121.14 -63.78 73.79
C PHE T 798 -119.88 -63.94 72.95
N GLN T 799 -119.04 -64.90 73.36
CA GLN T 799 -117.84 -65.21 72.61
C GLN T 799 -117.43 -66.66 72.90
N TYR T 800 -116.58 -67.18 72.03
CA TYR T 800 -116.00 -68.50 72.19
C TYR T 800 -114.48 -68.42 72.09
N ASP T 801 -113.81 -69.31 72.82
CA ASP T 801 -112.36 -69.37 72.83
C ASP T 801 -111.81 -70.19 71.67
N GLU T 802 -112.67 -70.83 70.87
CA GLU T 802 -112.28 -71.65 69.74
C GLU T 802 -113.30 -71.44 68.62
N ASN T 803 -112.97 -71.97 67.45
CA ASN T 803 -113.85 -71.89 66.28
C ASN T 803 -114.93 -72.96 66.39
N ARG T 804 -116.18 -72.52 66.56
CA ARG T 804 -117.33 -73.39 66.74
C ARG T 804 -118.38 -73.06 65.67
N THR T 805 -119.15 -74.08 65.29
CA THR T 805 -120.24 -73.94 64.32
C THR T 805 -121.55 -73.84 65.11
N ILE T 806 -122.11 -72.63 65.16
CA ILE T 806 -123.36 -72.40 65.88
C ILE T 806 -124.52 -72.84 65.00
N SER T 807 -125.32 -73.77 65.52
CA SER T 807 -126.44 -74.36 64.79
C SER T 807 -127.80 -73.78 65.18
N SER T 808 -128.01 -73.48 66.46
CA SER T 808 -129.31 -72.98 66.89
C SER T 808 -129.13 -72.19 68.17
N LEU T 809 -130.16 -71.42 68.52
CA LEU T 809 -130.19 -70.61 69.73
C LEU T 809 -131.36 -71.01 70.60
N GLY T 810 -131.17 -70.88 71.92
CA GLY T 810 -132.22 -71.08 72.90
C GLY T 810 -132.60 -69.79 73.58
N LEU T 811 -133.91 -69.48 73.58
CA LEU T 811 -134.42 -68.27 74.21
C LEU T 811 -135.59 -68.63 75.12
N TYR T 812 -135.90 -67.74 76.05
CA TYR T 812 -137.01 -67.92 76.99
C TYR T 812 -137.85 -66.65 76.99
N PHE T 813 -139.11 -66.78 76.60
CA PHE T 813 -140.05 -65.67 76.51
C PHE T 813 -141.08 -65.77 77.62
N ALA T 814 -141.34 -64.65 78.29
CA ALA T 814 -142.34 -64.65 79.37
C ALA T 814 -143.75 -64.43 78.83
N SER T 815 -143.89 -63.66 77.76
CA SER T 815 -145.20 -63.40 77.14
C SER T 815 -144.98 -63.09 75.66
N LYS T 816 -146.05 -63.18 74.88
CA LYS T 816 -146.00 -62.92 73.46
C LYS T 816 -147.25 -62.15 73.04
N GLY T 817 -147.29 -61.75 71.78
CA GLY T 817 -148.40 -61.02 71.22
C GLY T 817 -149.42 -61.95 70.59
N ASP T 818 -150.19 -61.41 69.66
CA ASP T 818 -151.30 -62.15 69.08
C ASP T 818 -150.76 -63.19 68.08
N LYS T 819 -151.68 -63.83 67.36
CA LYS T 819 -151.28 -64.85 66.39
C LYS T 819 -150.43 -64.26 65.26
N GLN T 820 -150.81 -63.08 64.77
CA GLN T 820 -150.17 -62.51 63.59
C GLN T 820 -148.82 -61.87 63.89
N SER T 821 -148.49 -61.65 65.17
CA SER T 821 -147.24 -61.00 65.51
C SER T 821 -146.07 -61.95 65.27
N ASN T 822 -144.89 -61.36 65.07
CA ASN T 822 -143.68 -62.13 64.87
C ASN T 822 -142.49 -61.36 65.44
N VAL T 823 -141.40 -62.08 65.66
CA VAL T 823 -140.17 -61.55 66.21
C VAL T 823 -139.02 -61.91 65.28
N VAL T 824 -138.16 -60.93 64.98
CA VAL T 824 -137.01 -61.13 64.12
C VAL T 824 -135.80 -61.39 65.01
N ILE T 825 -135.12 -62.51 64.78
CA ILE T 825 -133.95 -62.88 65.58
C ILE T 825 -132.73 -62.75 64.67
N GLN T 826 -131.71 -62.04 65.14
CA GLN T 826 -130.50 -61.79 64.37
C GLN T 826 -129.26 -62.00 65.22
N ILE T 827 -128.16 -62.32 64.55
CA ILE T 827 -126.83 -62.38 65.14
C ILE T 827 -125.99 -61.31 64.48
N ARG T 828 -125.48 -60.36 65.26
CA ARG T 828 -124.71 -59.24 64.75
C ARG T 828 -123.31 -59.28 65.37
N GLY T 829 -122.35 -58.71 64.64
CA GLY T 829 -121.00 -58.66 65.16
C GLY T 829 -120.79 -57.54 66.15
N MET T 830 -119.68 -57.65 66.90
CA MET T 830 -119.32 -56.71 67.94
C MET T 830 -118.10 -55.92 67.48
N GLY T 831 -118.19 -54.60 67.60
CA GLY T 831 -117.11 -53.74 67.16
C GLY T 831 -115.94 -53.73 68.13
N ASP T 832 -114.92 -52.98 67.76
CA ASP T 832 -113.69 -52.89 68.54
C ASP T 832 -113.91 -52.27 69.90
N GLN T 833 -114.96 -51.45 70.05
CA GLN T 833 -115.25 -50.75 71.29
C GLN T 833 -116.31 -51.45 72.14
N GLY T 834 -116.55 -52.73 71.88
CA GLY T 834 -117.47 -53.50 72.71
C GLY T 834 -118.92 -53.09 72.61
N TYR T 835 -119.42 -52.86 71.41
CA TYR T 835 -120.83 -52.61 71.17
C TYR T 835 -121.25 -53.33 69.89
N PRO T 836 -122.53 -53.65 69.73
CA PRO T 836 -122.97 -54.25 68.46
C PRO T 836 -122.80 -53.30 67.29
N ASN T 837 -122.54 -53.87 66.11
CA ASN T 837 -122.37 -53.14 64.86
C ASN T 837 -123.56 -53.42 63.94
N LYS T 838 -123.54 -52.77 62.76
CA LYS T 838 -124.70 -52.90 61.90
C LYS T 838 -124.64 -54.16 61.04
N THR T 839 -123.48 -54.83 60.99
CA THR T 839 -123.33 -56.06 60.24
C THR T 839 -124.23 -57.14 60.83
N ILE T 840 -124.89 -57.88 59.95
CA ILE T 840 -125.80 -58.97 60.32
C ILE T 840 -125.29 -60.25 59.67
N TYR T 841 -124.96 -61.24 60.50
CA TYR T 841 -124.47 -62.53 60.01
C TYR T 841 -125.57 -63.56 59.84
N ALA T 842 -126.69 -63.42 60.55
CA ALA T 842 -127.81 -64.34 60.45
C ALA T 842 -129.10 -63.59 60.75
N GLU T 843 -130.19 -64.10 60.20
CA GLU T 843 -131.50 -63.47 60.36
C GLU T 843 -132.58 -64.53 60.13
N THR T 844 -133.62 -64.46 60.94
CA THR T 844 -134.79 -65.33 60.78
C THR T 844 -136.01 -64.64 61.39
N VAL T 845 -137.19 -65.10 60.97
CA VAL T 845 -138.47 -64.57 61.44
C VAL T 845 -139.20 -65.67 62.18
N MET T 846 -139.56 -65.41 63.43
CA MET T 846 -140.25 -66.38 64.29
C MET T 846 -141.68 -65.92 64.51
N ASN T 847 -142.63 -66.75 64.14
CA ASN T 847 -144.04 -66.42 64.32
C ASN T 847 -144.45 -66.59 65.78
N ALA T 848 -145.68 -66.16 66.09
CA ALA T 848 -146.15 -66.28 67.47
C ALA T 848 -146.32 -67.74 67.89
N ASP T 849 -146.81 -68.59 66.97
CA ASP T 849 -147.02 -70.00 67.30
C ASP T 849 -145.71 -70.72 67.59
N ASP T 850 -144.61 -70.29 66.98
CA ASP T 850 -143.32 -70.89 67.26
C ASP T 850 -142.71 -70.42 68.58
N ILE T 851 -143.19 -69.31 69.12
CA ILE T 851 -142.62 -68.73 70.34
C ILE T 851 -143.38 -69.33 71.51
N LYS T 852 -142.73 -70.21 72.26
CA LYS T 852 -143.32 -70.76 73.47
C LYS T 852 -143.11 -69.80 74.63
N VAL T 853 -144.09 -69.76 75.53
CA VAL T 853 -144.07 -68.87 76.69
C VAL T 853 -144.41 -69.65 77.96
N SER T 854 -143.90 -69.15 79.09
CA SER T 854 -144.17 -69.78 80.37
C SER T 854 -144.00 -68.73 81.47
N ASN T 855 -144.71 -68.94 82.58
CA ASN T 855 -144.65 -68.04 83.74
C ASN T 855 -143.55 -68.42 84.74
N ASN T 856 -142.66 -69.36 84.41
CA ASN T 856 -141.55 -69.73 85.28
C ASN T 856 -140.26 -69.96 84.48
N ALA T 857 -140.16 -69.36 83.29
CA ALA T 857 -138.96 -69.48 82.46
C ALA T 857 -138.60 -70.94 82.16
N SER T 858 -139.62 -71.78 82.01
CA SER T 858 -139.43 -73.18 81.72
C SER T 858 -139.49 -73.50 80.23
N ALA T 859 -140.30 -72.76 79.48
CA ALA T 859 -140.45 -73.02 78.05
C ALA T 859 -139.29 -72.43 77.26
N GLU T 860 -138.68 -73.27 76.42
CA GLU T 860 -137.49 -72.89 75.65
C GLU T 860 -137.81 -72.94 74.15
N THR T 861 -138.00 -71.77 73.53
CA THR T 861 -138.24 -71.72 72.10
C THR T 861 -136.90 -71.80 71.37
N ARG T 862 -136.82 -72.69 70.38
CA ARG T 862 -135.58 -72.93 69.64
C ARG T 862 -135.60 -72.13 68.34
N VAL T 863 -134.51 -71.42 68.06
CA VAL T 863 -134.37 -70.60 66.86
C VAL T 863 -133.39 -71.30 65.94
N TYR T 864 -133.80 -71.50 64.70
CA TYR T 864 -132.97 -72.13 63.67
C TYR T 864 -132.78 -71.16 62.52
N PHE T 865 -131.61 -71.22 61.90
CA PHE T 865 -131.25 -70.38 60.75
C PHE T 865 -131.00 -71.27 59.54
N ASP T 866 -131.29 -70.74 58.36
CA ASP T 866 -131.11 -71.47 57.11
C ASP T 866 -129.65 -71.71 56.76
N ASP T 867 -128.73 -70.98 57.38
CA ASP T 867 -127.30 -71.16 57.17
C ASP T 867 -126.60 -71.18 58.52
N PRO T 868 -125.63 -72.06 58.75
CA PRO T 868 -124.99 -72.09 60.07
C PRO T 868 -124.09 -70.88 60.28
N MET T 869 -123.97 -70.47 61.56
CA MET T 869 -123.16 -69.32 61.95
C MET T 869 -121.80 -69.84 62.43
N MET T 870 -120.76 -69.52 61.66
CA MET T 870 -119.38 -69.94 61.98
C MET T 870 -118.75 -68.89 62.89
N ALA T 871 -118.58 -69.22 64.17
CA ALA T 871 -118.11 -68.23 65.13
C ALA T 871 -116.61 -68.39 65.30
N GLU T 872 -115.84 -67.39 64.86
CA GLU T 872 -114.39 -67.46 65.00
C GLU T 872 -113.98 -67.29 66.46
N GLY T 873 -112.95 -68.05 66.84
CA GLY T 873 -112.48 -68.02 68.23
C GLY T 873 -111.89 -66.67 68.59
N GLY T 874 -112.26 -66.19 69.78
CA GLY T 874 -111.75 -64.93 70.28
C GLY T 874 -112.51 -63.69 69.83
N LYS T 875 -113.51 -63.84 68.97
CA LYS T 875 -114.30 -62.72 68.47
C LYS T 875 -115.66 -62.70 69.16
N GLU T 876 -116.09 -61.51 69.57
CA GLU T 876 -117.39 -61.35 70.21
C GLU T 876 -118.51 -61.22 69.18
N TYR T 877 -119.64 -61.84 69.48
CA TYR T 877 -120.85 -61.75 68.68
C TYR T 877 -122.04 -61.52 69.60
N ALA T 878 -123.06 -60.87 69.07
CA ALA T 878 -124.23 -60.46 69.84
C ALA T 878 -125.51 -60.94 69.17
N ILE T 879 -126.34 -61.65 69.95
CA ILE T 879 -127.68 -61.98 69.53
C ILE T 879 -128.52 -60.71 69.60
N VAL T 880 -129.39 -60.51 68.61
CA VAL T 880 -130.22 -59.31 68.52
C VAL T 880 -131.65 -59.73 68.25
N ILE T 881 -132.58 -59.15 69.01
CA ILE T 881 -133.98 -59.54 69.00
C ILE T 881 -134.80 -58.28 68.73
N ILE T 882 -135.51 -58.28 67.60
CA ILE T 882 -136.22 -57.10 67.11
C ILE T 882 -137.67 -57.48 66.85
N THR T 883 -138.60 -56.61 67.23
CA THR T 883 -140.01 -56.81 66.94
C THR T 883 -140.74 -55.49 67.13
N GLU T 884 -141.66 -55.18 66.20
CA GLU T 884 -142.39 -53.92 66.26
C GLU T 884 -143.49 -53.96 67.32
N ASN T 885 -143.98 -55.15 67.66
CA ASN T 885 -145.04 -55.25 68.65
C ASN T 885 -144.55 -54.84 70.03
N SER T 886 -145.45 -54.24 70.82
CA SER T 886 -145.14 -53.78 72.16
C SER T 886 -145.59 -54.77 73.24
N ASP T 887 -145.95 -55.99 72.87
CA ASP T 887 -146.44 -56.99 73.82
C ASP T 887 -145.56 -58.23 73.75
N TYR T 888 -144.25 -58.03 73.78
CA TYR T 888 -143.28 -59.11 73.85
C TYR T 888 -142.32 -58.85 74.99
N THR T 889 -142.14 -59.86 75.84
CA THR T 889 -141.28 -59.78 77.02
C THR T 889 -140.40 -61.02 77.09
N MET T 890 -139.25 -60.88 77.75
CA MET T 890 -138.32 -62.00 77.91
C MET T 890 -137.78 -62.01 79.34
N TRP T 891 -137.44 -63.21 79.82
CA TRP T 891 -136.81 -63.31 81.13
C TRP T 891 -135.38 -62.80 81.08
N VAL T 892 -134.95 -62.14 82.17
CA VAL T 892 -133.59 -61.66 82.32
C VAL T 892 -133.11 -61.93 83.73
N GLY T 893 -131.87 -62.42 83.86
CA GLY T 893 -131.26 -62.62 85.16
C GLY T 893 -130.44 -61.42 85.57
N THR T 894 -130.69 -60.91 86.77
CA THR T 894 -130.02 -59.72 87.29
C THR T 894 -129.36 -60.06 88.63
N ARG T 895 -128.17 -59.53 88.84
CA ARG T 895 -127.42 -59.81 90.05
C ARG T 895 -128.10 -59.20 91.28
N THR T 896 -128.06 -59.95 92.38
CA THR T 896 -128.58 -59.62 93.70
C THR T 896 -130.10 -59.86 93.79
N LYS T 897 -130.81 -60.16 92.64
CA LYS T 897 -132.24 -60.36 92.68
C LYS T 897 -132.58 -61.83 93.00
N PRO T 898 -133.76 -62.11 93.56
CA PRO T 898 -134.13 -63.51 93.81
C PRO T 898 -134.41 -64.25 92.51
N LYS T 899 -134.19 -65.56 92.53
CA LYS T 899 -134.55 -66.39 91.39
C LYS T 899 -136.05 -66.59 91.36
N ILE T 900 -136.58 -66.79 90.15
CA ILE T 900 -138.04 -66.88 89.98
C ILE T 900 -138.57 -68.14 90.65
N ASP T 901 -137.93 -69.27 90.38
CA ASP T 901 -138.37 -70.57 90.89
C ASP T 901 -137.82 -70.88 92.27
N LYS T 902 -136.79 -70.17 92.72
CA LYS T 902 -136.17 -70.36 94.02
C LYS T 902 -135.96 -68.99 94.65
N PRO T 903 -137.04 -68.38 95.19
CA PRO T 903 -136.87 -67.07 95.85
C PRO T 903 -135.90 -67.09 97.02
N ASN T 904 -135.76 -68.24 97.70
CA ASN T 904 -134.83 -68.34 98.83
C ASN T 904 -133.39 -68.01 98.40
N GLU T 905 -133.05 -68.33 97.15
CA GLU T 905 -131.72 -68.06 96.62
C GLU T 905 -131.73 -66.74 95.86
N VAL T 906 -130.54 -66.13 95.76
CA VAL T 906 -130.35 -64.89 95.01
C VAL T 906 -129.14 -65.04 94.10
N ILE T 907 -129.20 -64.38 92.95
CA ILE T 907 -128.10 -64.42 92.00
C ILE T 907 -126.93 -63.63 92.61
N SER T 908 -125.95 -64.35 93.15
CA SER T 908 -124.85 -63.70 93.85
C SER T 908 -123.96 -62.94 92.90
N GLY T 909 -123.30 -63.64 91.97
CA GLY T 909 -122.38 -63.02 91.03
C GLY T 909 -123.08 -62.58 89.76
N ASN T 910 -122.27 -62.22 88.76
CA ASN T 910 -122.83 -61.87 87.47
C ASN T 910 -123.44 -63.13 86.85
N PRO T 911 -124.56 -63.02 86.11
CA PRO T 911 -125.13 -64.24 85.50
C PRO T 911 -124.22 -64.87 84.45
N TYR T 912 -123.77 -64.07 83.47
CA TYR T 912 -122.80 -64.50 82.47
C TYR T 912 -121.71 -63.45 82.37
N LEU T 913 -120.51 -63.81 82.85
CA LEU T 913 -119.47 -62.82 83.07
C LEU T 913 -118.95 -62.23 81.77
N GLN T 914 -118.87 -63.04 80.71
CA GLN T 914 -118.31 -62.60 79.45
C GLN T 914 -119.33 -61.95 78.52
N GLY T 915 -120.54 -61.67 79.00
CA GLY T 915 -121.57 -61.07 78.18
C GLY T 915 -122.29 -59.97 78.94
N VAL T 916 -122.91 -59.07 78.17
CA VAL T 916 -123.62 -57.91 78.71
C VAL T 916 -124.95 -57.79 77.98
N LEU T 917 -126.00 -57.50 78.74
CA LEU T 917 -127.31 -57.19 78.17
C LEU T 917 -127.29 -55.79 77.60
N PHE T 918 -128.01 -55.58 76.50
CA PHE T 918 -128.12 -54.29 75.86
C PHE T 918 -129.59 -54.00 75.57
N SER T 919 -129.90 -52.71 75.52
CA SER T 919 -131.21 -52.24 75.10
C SER T 919 -131.07 -51.02 74.21
N SER T 920 -132.02 -50.82 73.29
CA SER T 920 -131.95 -49.74 72.32
C SER T 920 -133.36 -49.37 71.89
N SER T 921 -133.53 -48.09 71.54
CA SER T 921 -134.79 -47.60 71.01
C SER T 921 -134.86 -47.63 69.49
N ASN T 922 -133.72 -47.82 68.81
CA ASN T 922 -133.68 -47.84 67.35
C ASN T 922 -132.77 -48.94 66.80
N ALA T 923 -132.26 -49.84 67.63
CA ALA T 923 -131.35 -50.90 67.21
C ALA T 923 -130.02 -50.35 66.67
N SER T 924 -129.67 -49.10 67.01
CA SER T 924 -128.38 -48.52 66.65
C SER T 924 -127.57 -48.08 67.85
N THR T 925 -128.17 -47.34 68.78
CA THR T 925 -127.53 -46.90 70.01
C THR T 925 -127.97 -47.86 71.12
N TRP T 926 -127.01 -48.55 71.72
CA TRP T 926 -127.27 -49.59 72.71
C TRP T 926 -126.86 -49.10 74.09
N THR T 927 -127.74 -49.27 75.07
CA THR T 927 -127.46 -48.93 76.45
C THR T 927 -127.11 -50.21 77.21
N PRO T 928 -125.88 -50.40 77.71
CA PRO T 928 -125.56 -51.67 78.36
C PRO T 928 -126.15 -51.77 79.75
N HIS T 929 -126.41 -53.02 80.16
CA HIS T 929 -126.85 -53.37 81.51
C HIS T 929 -125.81 -54.36 82.05
N GLN T 930 -124.84 -53.84 82.80
CA GLN T 930 -123.69 -54.66 83.21
C GLN T 930 -124.11 -55.76 84.18
N ASN T 931 -125.05 -55.48 85.07
CA ASN T 931 -125.47 -56.43 86.08
C ASN T 931 -126.55 -57.40 85.59
N SER T 932 -126.95 -57.35 84.32
CA SER T 932 -128.03 -58.18 83.82
C SER T 932 -127.62 -58.88 82.53
N ASP T 933 -128.12 -60.11 82.37
CA ASP T 933 -127.90 -60.91 81.17
C ASP T 933 -129.13 -61.75 80.86
N LEU T 934 -129.35 -62.02 79.58
CA LEU T 934 -130.51 -62.81 79.20
C LEU T 934 -130.36 -64.25 79.71
N LYS T 935 -131.48 -64.95 79.78
CA LYS T 935 -131.48 -66.39 79.98
C LYS T 935 -131.50 -67.03 78.60
N PHE T 936 -130.40 -67.67 78.20
CA PHE T 936 -130.24 -68.12 76.84
C PHE T 936 -129.32 -69.32 76.80
N GLY T 937 -129.39 -70.06 75.70
CA GLY T 937 -128.48 -71.17 75.46
C GLY T 937 -128.13 -71.28 73.99
N ILE T 938 -126.84 -71.41 73.70
CA ILE T 938 -126.32 -71.51 72.34
C ILE T 938 -125.90 -72.95 72.12
N TYR T 939 -126.29 -73.52 70.98
CA TYR T 939 -125.99 -74.90 70.64
C TYR T 939 -124.99 -74.91 69.49
N THR T 940 -123.94 -75.72 69.63
CA THR T 940 -122.94 -75.93 68.60
C THR T 940 -123.00 -77.35 68.09
N SER T 941 -122.93 -77.52 66.77
CA SER T 941 -123.10 -78.81 66.12
C SER T 941 -121.76 -79.38 65.66
N LYS T 942 -121.80 -80.67 65.33
CA LYS T 942 -120.64 -81.40 64.82
C LYS T 942 -121.15 -82.37 63.77
N PHE T 943 -120.89 -82.10 62.49
CA PHE T 943 -121.43 -82.93 61.43
C PHE T 943 -120.75 -84.31 61.39
N ASN T 944 -121.49 -85.29 60.87
CA ASN T 944 -121.06 -86.69 60.82
C ASN T 944 -120.87 -87.09 59.36
N GLU T 945 -120.51 -88.36 59.13
CA GLU T 945 -120.15 -88.80 57.78
C GLU T 945 -121.35 -88.74 56.82
N THR T 946 -122.47 -89.36 57.19
CA THR T 946 -123.60 -89.51 56.26
C THR T 946 -124.91 -89.24 56.99
N ALA T 947 -125.96 -88.92 56.23
CA ALA T 947 -127.30 -88.69 56.77
C ALA T 947 -128.32 -89.53 55.98
N THR T 948 -129.51 -89.78 56.57
CA THR T 948 -130.52 -90.63 55.95
C THR T 948 -131.93 -90.06 56.15
N ILE T 949 -132.81 -90.27 55.15
CA ILE T 949 -134.23 -89.93 55.25
C ILE T 949 -135.01 -91.17 54.84
N GLU T 950 -136.16 -91.39 55.49
CA GLU T 950 -137.13 -92.41 55.08
C GLU T 950 -138.49 -91.75 54.91
N PHE T 951 -139.06 -91.87 53.71
CA PHE T 951 -140.36 -91.31 53.41
C PHE T 951 -141.45 -92.27 53.88
N GLU T 952 -142.51 -91.73 54.48
CA GLU T 952 -143.54 -92.58 55.05
C GLU T 952 -144.16 -93.46 53.96
N PRO T 953 -144.54 -94.70 54.27
CA PRO T 953 -144.82 -95.65 53.19
C PRO T 953 -146.02 -95.22 52.36
N ILE T 954 -145.77 -95.09 51.05
CA ILE T 954 -146.66 -94.46 50.10
C ILE T 954 -148.08 -95.03 50.19
N LYS T 981 -146.64 -94.43 36.79
CA LYS T 981 -147.70 -94.13 37.76
C LYS T 981 -148.53 -95.37 38.11
N LEU T 982 -148.62 -96.33 37.20
CA LEU T 982 -149.27 -97.61 37.50
C LEU T 982 -148.37 -98.43 38.41
N ILE T 983 -148.93 -98.88 39.54
CA ILE T 983 -148.15 -99.36 40.70
C ILE T 983 -147.19 -100.49 40.32
N LEU T 984 -147.60 -101.43 39.45
CA LEU T 984 -146.67 -102.50 39.06
C LEU T 984 -145.54 -101.96 38.18
N ASP T 985 -145.85 -101.03 37.29
CA ASP T 985 -144.87 -100.52 36.33
C ASP T 985 -144.00 -99.44 36.95
N ASP T 986 -144.62 -98.57 37.76
CA ASP T 986 -144.00 -97.35 38.27
C ASP T 986 -142.69 -97.61 39.01
N MET T 987 -142.47 -98.82 39.52
CA MET T 987 -141.19 -99.13 40.16
C MET T 987 -140.03 -98.99 39.17
N ALA T 988 -140.27 -99.26 37.89
CA ALA T 988 -139.22 -99.06 36.89
C ALA T 988 -138.93 -97.58 36.67
N SER T 989 -139.99 -96.76 36.66
CA SER T 989 -139.83 -95.32 36.50
C SER T 989 -139.15 -94.71 37.74
N SER T 990 -139.64 -95.12 38.91
CA SER T 990 -139.06 -94.72 40.18
C SER T 990 -137.56 -95.03 40.26
N THR T 991 -137.20 -96.30 40.05
CA THR T 991 -135.79 -96.66 40.14
C THR T 991 -134.95 -96.07 39.00
N THR T 992 -135.58 -95.62 37.90
CA THR T 992 -134.84 -94.93 36.86
C THR T 992 -134.44 -93.54 37.32
N PHE T 993 -135.41 -92.77 37.85
CA PHE T 993 -135.14 -91.38 38.21
C PHE T 993 -134.31 -91.27 39.48
N ASP T 994 -134.59 -92.09 40.51
CA ASP T 994 -133.85 -92.01 41.77
C ASP T 994 -132.41 -92.46 41.56
N GLN T 995 -131.48 -91.52 41.41
CA GLN T 995 -130.11 -91.88 41.06
C GLN T 995 -129.12 -90.82 41.54
N LEU T 996 -127.89 -91.28 41.83
CA LEU T 996 -126.80 -90.49 42.41
C LEU T 996 -126.36 -89.30 41.55
N LYS T 997 -126.78 -89.25 40.28
CA LYS T 997 -126.46 -88.16 39.36
C LYS T 997 -127.69 -87.75 38.54
N TRP T 998 -128.89 -87.90 39.10
CA TRP T 998 -130.13 -87.32 38.61
C TRP T 998 -130.77 -86.61 39.81
N GLU T 999 -131.86 -85.89 39.58
CA GLU T 999 -132.44 -84.95 40.55
C GLU T 999 -132.59 -85.54 41.96
N PRO T 1000 -133.03 -86.80 42.16
CA PRO T 1000 -132.93 -87.41 43.52
C PRO T 1000 -131.54 -87.99 43.76
N ILE T 1001 -130.61 -87.08 44.06
CA ILE T 1001 -129.20 -87.41 44.33
C ILE T 1001 -129.03 -88.43 45.45
N GLY T 1002 -129.93 -88.45 46.44
CA GLY T 1002 -129.71 -89.20 47.65
C GLY T 1002 -129.72 -90.72 47.59
N ASN T 1003 -128.78 -91.32 46.83
CA ASN T 1003 -128.33 -92.72 46.90
C ASN T 1003 -129.38 -93.70 47.46
N TYR T 1004 -130.46 -93.89 46.70
CA TYR T 1004 -131.72 -94.44 47.21
C TYR T 1004 -131.69 -95.94 47.54
N GLN T 1005 -132.63 -96.34 48.41
CA GLN T 1005 -132.96 -97.74 48.72
C GLN T 1005 -134.49 -97.87 48.86
N ASP T 1006 -134.99 -99.11 48.85
CA ASP T 1006 -136.44 -99.31 48.68
C ASP T 1006 -136.89 -100.63 49.31
N LEU T 1007 -137.98 -100.58 50.09
CA LEU T 1007 -138.57 -101.77 50.71
C LEU T 1007 -139.99 -101.95 50.16
N ASP T 1008 -140.31 -103.19 49.74
CA ASP T 1008 -141.50 -103.50 48.96
C ASP T 1008 -142.31 -104.63 49.62
N VAL T 1009 -143.63 -104.66 49.37
CA VAL T 1009 -144.54 -105.63 50.02
C VAL T 1009 -144.88 -106.75 49.04
N LEU T 1010 -145.68 -106.44 48.00
CA LEU T 1010 -146.17 -107.49 47.10
C LEU T 1010 -146.40 -106.97 45.68
N GLY T 1011 -145.65 -105.95 45.25
CA GLY T 1011 -145.79 -105.44 43.90
C GLY T 1011 -146.95 -104.48 43.72
N LEU T 1012 -148.18 -105.03 43.75
CA LEU T 1012 -149.38 -104.22 43.54
C LEU T 1012 -149.74 -103.31 44.71
N ALA T 1013 -149.04 -103.40 45.84
CA ALA T 1013 -149.41 -102.64 47.02
C ALA T 1013 -149.08 -101.16 46.86
N ARG T 1014 -150.02 -100.29 47.23
CA ARG T 1014 -149.72 -98.86 47.39
C ARG T 1014 -148.78 -98.61 48.58
N GLN T 1015 -148.65 -99.58 49.48
CA GLN T 1015 -147.74 -99.52 50.63
C GLN T 1015 -146.34 -99.90 50.16
N VAL T 1016 -145.50 -98.88 49.92
CA VAL T 1016 -144.10 -99.03 49.50
C VAL T 1016 -143.30 -97.96 50.24
N LYS T 1017 -142.06 -98.30 50.65
CA LYS T 1017 -141.29 -97.43 51.57
C LYS T 1017 -139.94 -97.04 50.95
N LEU T 1018 -139.85 -95.80 50.43
CA LEU T 1018 -138.62 -95.26 49.87
C LEU T 1018 -137.66 -94.71 50.93
N ARG T 1019 -136.35 -94.83 50.67
CA ARG T 1019 -135.30 -94.42 51.60
C ARG T 1019 -134.18 -93.71 50.84
N ALA T 1020 -133.67 -92.60 51.39
CA ALA T 1020 -132.63 -91.78 50.76
C ALA T 1020 -131.47 -91.52 51.73
N THR T 1021 -130.25 -91.44 51.19
CA THR T 1021 -129.04 -91.23 52.00
C THR T 1021 -128.06 -90.36 51.21
N PHE T 1022 -127.35 -89.47 51.91
CA PHE T 1022 -126.37 -88.59 51.28
C PHE T 1022 -125.19 -88.38 52.23
N GLU T 1023 -124.07 -87.93 51.65
CA GLU T 1023 -122.88 -87.59 52.42
C GLU T 1023 -123.06 -86.21 53.05
N SER T 1024 -122.90 -86.14 54.37
CA SER T 1024 -123.15 -84.93 55.14
C SER T 1024 -121.92 -84.02 55.11
N ASN T 1025 -122.12 -82.76 55.50
CA ASN T 1025 -121.02 -81.79 55.53
C ASN T 1025 -121.35 -80.69 56.54
N ARG T 1026 -120.36 -79.82 56.78
CA ARG T 1026 -120.48 -78.80 57.82
C ARG T 1026 -121.38 -77.63 57.43
N TYR T 1027 -121.81 -77.54 56.17
CA TYR T 1027 -122.66 -76.45 55.69
C TYR T 1027 -124.12 -76.86 55.54
N ILE T 1028 -124.52 -78.02 56.11
CA ILE T 1028 -125.92 -78.43 56.05
C ILE T 1028 -126.77 -77.41 56.82
N SER T 1029 -127.92 -77.10 56.25
CA SER T 1029 -128.81 -76.09 56.83
C SER T 1029 -129.42 -76.57 58.15
N PRO T 1030 -129.25 -75.87 59.28
CA PRO T 1030 -129.92 -76.37 60.51
C PRO T 1030 -131.43 -76.29 60.44
N LEU T 1031 -131.97 -75.34 59.67
CA LEU T 1031 -133.43 -75.24 59.54
C LEU T 1031 -134.00 -76.49 58.89
N MET T 1032 -133.46 -76.89 57.73
CA MET T 1032 -133.91 -78.11 57.07
C MET T 1032 -133.78 -79.33 57.98
N SER T 1033 -132.66 -79.45 58.71
CA SER T 1033 -132.46 -80.61 59.57
C SER T 1033 -133.51 -80.66 60.68
N SER T 1034 -133.79 -79.52 61.30
CA SER T 1034 -134.79 -79.48 62.37
C SER T 1034 -136.19 -79.69 61.84
N SER T 1035 -136.51 -79.02 60.73
CA SER T 1035 -137.85 -79.08 60.16
C SER T 1035 -138.12 -80.46 59.56
N ASP T 1036 -139.40 -80.83 59.55
CA ASP T 1036 -139.84 -82.09 58.96
C ASP T 1036 -140.10 -81.92 57.47
N LEU T 1037 -139.78 -82.97 56.71
CA LEU T 1037 -139.70 -82.88 55.25
C LEU T 1037 -140.92 -83.48 54.56
N THR T 1038 -141.02 -83.19 53.25
CA THR T 1038 -141.88 -83.91 52.32
C THR T 1038 -141.05 -84.25 51.08
N PHE T 1039 -141.58 -85.17 50.28
CA PHE T 1039 -140.96 -85.51 49.00
C PHE T 1039 -141.02 -84.36 47.99
N THR T 1040 -141.82 -83.32 48.25
CA THR T 1040 -141.85 -82.13 47.41
C THR T 1040 -140.87 -81.06 47.87
N THR T 1041 -140.85 -80.75 49.17
CA THR T 1041 -139.86 -79.81 49.70
C THR T 1041 -138.45 -80.35 49.53
N PHE T 1042 -138.24 -81.61 49.90
CA PHE T 1042 -137.02 -82.29 49.50
C PHE T 1042 -137.04 -82.45 47.97
N LEU T 1043 -135.89 -82.73 47.38
CA LEU T 1043 -135.80 -82.94 45.93
C LEU T 1043 -136.27 -81.69 45.17
N THR T 1044 -135.82 -80.52 45.65
CA THR T 1044 -136.05 -79.23 45.00
C THR T 1044 -134.78 -78.73 44.32
N GLU T 1045 -134.92 -78.23 43.08
CA GLU T 1045 -133.81 -77.54 42.40
C GLU T 1045 -133.78 -76.08 42.86
N LEU T 1046 -132.91 -75.77 43.82
CA LEU T 1046 -132.55 -74.41 44.14
C LEU T 1046 -131.59 -73.84 43.10
N THR T 1047 -131.88 -72.63 42.64
CA THR T 1047 -131.08 -71.94 41.62
C THR T 1047 -130.93 -70.47 41.97
N GLY T 1048 -129.86 -69.88 41.47
CA GLY T 1048 -129.54 -68.50 41.75
C GLY T 1048 -128.15 -68.16 41.26
N SER T 1049 -127.95 -66.87 40.98
CA SER T 1049 -126.72 -66.41 40.36
C SER T 1049 -126.22 -65.15 41.04
N TYR T 1050 -124.89 -65.00 41.04
CA TYR T 1050 -124.23 -63.75 41.40
C TYR T 1050 -124.03 -62.92 40.15
N VAL T 1051 -124.35 -61.62 40.25
CA VAL T 1051 -124.18 -60.68 39.15
C VAL T 1051 -123.49 -59.44 39.68
N GLY T 1052 -122.33 -59.12 39.11
CA GLY T 1052 -121.58 -57.94 39.50
C GLY T 1052 -121.97 -56.71 38.70
N ARG T 1053 -121.63 -55.53 39.24
CA ARG T 1053 -121.96 -54.30 38.55
C ARG T 1053 -121.09 -54.15 37.31
N ALA T 1054 -121.68 -53.60 36.25
CA ALA T 1054 -120.97 -53.42 35.00
C ALA T 1054 -119.80 -52.47 35.18
N ILE T 1055 -118.65 -52.84 34.61
CA ILE T 1055 -117.40 -52.08 34.71
C ILE T 1055 -117.11 -51.46 33.36
N ASP T 1056 -116.88 -50.15 33.31
CA ASP T 1056 -116.64 -49.42 32.05
C ASP T 1056 -115.13 -49.34 31.72
N MET T 1057 -114.73 -49.99 30.62
CA MET T 1057 -113.33 -50.06 30.15
C MET T 1057 -113.09 -49.11 28.96
N THR T 1058 -113.96 -48.13 28.69
CA THR T 1058 -113.86 -47.26 27.49
C THR T 1058 -112.53 -46.52 27.38
N GLU T 1059 -111.89 -46.19 28.52
CA GLU T 1059 -110.56 -45.57 28.58
C GLU T 1059 -109.41 -46.52 28.19
N ALA T 1060 -109.58 -47.82 28.46
CA ALA T 1060 -108.56 -48.86 28.32
C ALA T 1060 -109.20 -50.24 28.06
N PRO T 1061 -109.71 -50.48 26.83
CA PRO T 1061 -110.29 -51.76 26.42
C PRO T 1061 -109.37 -52.98 26.63
N TYR T 1062 -109.95 -54.17 26.53
CA TYR T 1062 -109.29 -55.47 26.70
C TYR T 1062 -109.74 -56.47 25.63
N ASN T 1063 -109.03 -57.59 25.46
CA ASN T 1063 -109.48 -58.68 24.57
C ASN T 1063 -109.29 -60.09 25.17
N THR T 1064 -108.70 -60.19 26.35
CA THR T 1064 -108.29 -61.46 26.98
C THR T 1064 -108.57 -61.41 28.47
N VAL T 1065 -108.87 -62.55 29.11
CA VAL T 1065 -109.27 -62.61 30.53
C VAL T 1065 -108.52 -63.71 31.28
N ARG T 1066 -108.02 -63.40 32.48
CA ARG T 1066 -107.65 -64.39 33.50
C ARG T 1066 -108.65 -64.32 34.65
N PHE T 1067 -109.31 -65.45 34.90
CA PHE T 1067 -110.45 -65.57 35.80
C PHE T 1067 -110.13 -66.61 36.87
N SER T 1068 -110.38 -66.32 38.14
CA SER T 1068 -110.17 -67.26 39.25
C SER T 1068 -111.33 -67.19 40.22
N TYR T 1069 -111.82 -68.35 40.66
CA TYR T 1069 -112.76 -68.42 41.76
C TYR T 1069 -112.57 -69.75 42.48
N GLU T 1070 -112.85 -69.76 43.79
CA GLU T 1070 -112.98 -71.00 44.56
C GLU T 1070 -114.45 -71.36 44.67
N ALA T 1071 -114.73 -72.66 44.53
CA ALA T 1071 -116.09 -73.16 44.70
C ALA T 1071 -116.04 -74.48 45.45
N PHE T 1072 -117.06 -74.69 46.29
CA PHE T 1072 -117.30 -75.98 46.93
C PHE T 1072 -118.50 -76.63 46.24
N LEU T 1073 -118.30 -77.80 45.67
CA LEU T 1073 -119.31 -78.46 44.83
C LEU T 1073 -119.73 -79.80 45.44
N PRO T 1074 -120.81 -79.86 46.23
CA PRO T 1074 -121.34 -81.17 46.65
C PRO T 1074 -121.89 -81.98 45.49
N LYS T 1075 -122.37 -83.18 45.82
CA LYS T 1075 -123.01 -84.04 44.84
C LYS T 1075 -124.26 -83.38 44.28
N GLY T 1076 -124.37 -83.36 42.96
CA GLY T 1076 -125.42 -82.68 42.23
C GLY T 1076 -125.42 -81.17 42.32
N THR T 1077 -124.28 -80.53 42.10
CA THR T 1077 -124.22 -79.07 42.07
C THR T 1077 -123.31 -78.63 40.94
N LYS T 1078 -123.50 -77.39 40.50
CA LYS T 1078 -122.73 -76.80 39.40
C LYS T 1078 -122.44 -75.33 39.68
N VAL T 1079 -121.33 -74.85 39.13
CA VAL T 1079 -120.99 -73.42 39.13
C VAL T 1079 -120.43 -73.09 37.75
N VAL T 1080 -121.19 -72.32 36.98
CA VAL T 1080 -120.88 -72.02 35.58
C VAL T 1080 -120.45 -70.56 35.48
N PRO T 1081 -119.17 -70.25 35.31
CA PRO T 1081 -118.79 -68.84 35.14
C PRO T 1081 -119.23 -68.29 33.80
N LYS T 1082 -119.52 -66.99 33.77
CA LYS T 1082 -119.97 -66.32 32.57
C LYS T 1082 -119.49 -64.87 32.60
N TYR T 1083 -119.47 -64.23 31.44
CA TYR T 1083 -119.18 -62.82 31.29
C TYR T 1083 -119.96 -62.23 30.10
N SER T 1084 -120.15 -60.92 30.09
CA SER T 1084 -120.81 -60.18 29.02
C SER T 1084 -119.87 -59.10 28.46
N ALA T 1085 -119.96 -58.87 27.15
CA ALA T 1085 -119.26 -57.83 26.42
C ALA T 1085 -120.05 -56.50 26.32
N ASP T 1086 -121.26 -56.42 26.89
CA ASP T 1086 -122.29 -55.53 26.34
C ASP T 1086 -123.35 -55.21 27.39
N ASP T 1087 -122.97 -55.10 28.66
CA ASP T 1087 -123.89 -54.72 29.73
C ASP T 1087 -125.03 -55.72 29.86
N GLY T 1088 -124.71 -57.00 29.73
CA GLY T 1088 -125.67 -58.05 30.01
C GLY T 1088 -126.65 -58.36 28.91
N LYS T 1089 -126.49 -57.76 27.72
CA LYS T 1089 -127.37 -58.08 26.61
C LYS T 1089 -127.14 -59.52 26.14
N THR T 1090 -125.89 -59.96 26.10
CA THR T 1090 -125.54 -61.34 25.75
C THR T 1090 -124.48 -61.82 26.72
N TRP T 1091 -124.63 -63.05 27.18
CA TRP T 1091 -123.72 -63.69 28.12
C TRP T 1091 -122.98 -64.82 27.42
N LYS T 1092 -121.66 -64.78 27.50
CA LYS T 1092 -120.78 -65.75 26.85
C LYS T 1092 -120.27 -66.76 27.86
N THR T 1093 -119.73 -67.87 27.35
CA THR T 1093 -119.22 -68.96 28.17
C THR T 1093 -117.82 -69.32 27.71
N PHE T 1094 -116.90 -69.55 28.65
CA PHE T 1094 -115.52 -69.93 28.38
C PHE T 1094 -115.43 -71.32 27.73
N THR T 1095 -114.65 -71.47 26.65
CA THR T 1095 -114.50 -72.76 25.99
C THR T 1095 -113.49 -73.65 26.71
N LYS T 1096 -112.46 -73.05 27.34
CA LYS T 1096 -111.42 -73.77 28.09
C LYS T 1096 -111.97 -74.45 29.33
N SER T 1097 -111.39 -75.59 29.69
CA SER T 1097 -111.72 -76.23 30.95
C SER T 1097 -110.83 -75.66 32.06
N PRO T 1098 -111.33 -75.42 33.27
CA PRO T 1098 -110.47 -74.78 34.29
C PRO T 1098 -109.45 -75.74 34.87
N THR T 1099 -108.25 -75.20 35.13
CA THR T 1099 -107.25 -75.91 35.90
C THR T 1099 -107.60 -75.82 37.37
N THR T 1100 -107.47 -76.95 38.08
CA THR T 1100 -107.96 -77.10 39.44
C THR T 1100 -106.79 -77.22 40.41
N THR T 1101 -106.83 -76.43 41.48
CA THR T 1101 -105.88 -76.51 42.61
C THR T 1101 -106.69 -76.55 43.91
N ARG T 1102 -106.40 -77.52 44.78
CA ARG T 1102 -107.19 -77.72 45.99
C ARG T 1102 -106.80 -76.67 47.03
N ALA T 1103 -107.81 -75.96 47.55
CA ALA T 1103 -107.62 -74.96 48.58
C ALA T 1103 -107.68 -75.58 49.98
N ASN T 1104 -108.76 -76.30 50.28
CA ASN T 1104 -108.89 -76.97 51.56
C ASN T 1104 -109.74 -78.22 51.34
N ASN T 1105 -110.23 -78.82 52.42
CA ASN T 1105 -111.01 -80.05 52.32
C ASN T 1105 -112.27 -79.83 51.50
N GLU T 1106 -112.90 -78.66 51.63
CA GLU T 1106 -114.14 -78.37 50.92
C GLU T 1106 -113.86 -77.69 49.59
N PHE T 1107 -113.29 -76.50 49.63
CA PHE T 1107 -113.19 -75.64 48.46
C PHE T 1107 -112.05 -76.06 47.54
N THR T 1108 -112.27 -75.86 46.23
CA THR T 1108 -111.26 -76.08 45.20
C THR T 1108 -111.20 -74.84 44.32
N ARG T 1109 -110.00 -74.34 44.01
CA ARG T 1109 -109.81 -73.16 43.17
C ARG T 1109 -109.87 -73.54 41.69
N TYR T 1110 -110.74 -72.85 40.96
CA TYR T 1110 -110.93 -72.99 39.52
C TYR T 1110 -110.42 -71.73 38.83
N VAL T 1111 -109.54 -71.89 37.86
CA VAL T 1111 -108.94 -70.76 37.14
C VAL T 1111 -109.08 -71.00 35.65
N ILE T 1112 -109.40 -69.95 34.89
CA ILE T 1112 -109.47 -69.92 33.43
C ILE T 1112 -108.54 -68.81 32.90
N ASP T 1113 -107.94 -68.98 31.73
CA ASP T 1113 -107.08 -67.99 31.06
C ASP T 1113 -107.29 -68.07 29.54
N GLU T 1114 -108.22 -67.26 29.01
CA GLU T 1114 -108.76 -67.39 27.64
C GLU T 1114 -108.81 -66.04 26.90
N LYS T 1115 -108.41 -66.03 25.63
CA LYS T 1115 -108.50 -64.86 24.75
C LYS T 1115 -109.93 -64.68 24.23
N VAL T 1116 -110.75 -64.02 25.04
CA VAL T 1116 -112.20 -63.83 24.85
C VAL T 1116 -112.59 -63.10 23.55
N LYS T 1117 -111.67 -62.38 22.91
CA LYS T 1117 -111.81 -61.89 21.53
C LYS T 1117 -110.51 -62.08 20.74
N SER T 1118 -110.60 -62.61 19.53
CA SER T 1118 -109.45 -63.01 18.70
C SER T 1118 -108.70 -61.84 18.07
N SER T 1119 -109.39 -60.78 17.65
CA SER T 1119 -108.82 -59.48 17.22
C SER T 1119 -109.80 -58.34 17.48
N GLY T 1120 -109.29 -57.12 17.65
CA GLY T 1120 -110.06 -56.00 18.23
C GLY T 1120 -110.23 -56.11 19.77
N THR T 1121 -111.06 -55.25 20.36
CA THR T 1121 -111.16 -55.08 21.81
C THR T 1121 -112.60 -54.82 22.31
N ASN T 1122 -112.84 -55.07 23.60
CA ASN T 1122 -114.10 -54.90 24.32
C ASN T 1122 -114.05 -53.65 25.21
N THR T 1123 -115.03 -52.76 25.04
CA THR T 1123 -115.17 -51.51 25.79
C THR T 1123 -115.74 -51.68 27.20
N LYS T 1124 -116.32 -52.83 27.52
CA LYS T 1124 -117.11 -53.09 28.74
C LYS T 1124 -116.97 -54.53 29.26
N LEU T 1125 -117.20 -54.72 30.56
CA LEU T 1125 -117.19 -56.02 31.24
C LEU T 1125 -118.40 -56.11 32.19
N GLN T 1126 -119.08 -57.26 32.21
CA GLN T 1126 -119.92 -57.67 33.34
C GLN T 1126 -119.67 -59.14 33.68
N VAL T 1127 -119.58 -59.49 34.98
CA VAL T 1127 -119.12 -60.80 35.49
C VAL T 1127 -120.22 -61.50 36.28
N ARG T 1128 -120.30 -62.84 36.20
CA ARG T 1128 -121.48 -63.56 36.63
C ARG T 1128 -121.09 -64.99 37.01
N LEU T 1129 -121.80 -65.53 38.00
CA LEU T 1129 -121.64 -66.92 38.45
C LEU T 1129 -123.00 -67.50 38.71
N ASP T 1130 -123.28 -68.65 38.10
CA ASP T 1130 -124.59 -69.28 38.15
C ASP T 1130 -124.52 -70.51 39.04
N LEU T 1131 -125.30 -70.51 40.12
CA LEU T 1131 -125.32 -71.60 41.08
C LEU T 1131 -126.63 -72.38 40.95
N SER T 1132 -126.54 -73.71 41.04
CA SER T 1132 -127.71 -74.55 40.93
C SER T 1132 -127.50 -75.82 41.75
N THR T 1133 -128.61 -76.48 42.09
CA THR T 1133 -128.59 -77.67 42.93
C THR T 1133 -129.53 -78.71 42.30
N GLU T 1134 -129.51 -79.91 42.88
CA GLU T 1134 -130.46 -80.96 42.55
C GLU T 1134 -131.40 -81.29 43.71
N ASN T 1135 -131.06 -80.88 44.93
CA ASN T 1135 -131.92 -81.05 46.11
C ASN T 1135 -131.61 -79.92 47.09
N SER T 1136 -132.35 -79.90 48.21
CA SER T 1136 -132.27 -78.73 49.09
C SER T 1136 -131.11 -78.82 50.08
N PHE T 1137 -130.80 -80.04 50.55
CA PHE T 1137 -129.78 -80.17 51.60
C PHE T 1137 -128.38 -79.87 51.09
N LEU T 1138 -128.06 -80.24 49.86
CA LEU T 1138 -126.73 -80.03 49.29
C LEU T 1138 -126.78 -78.81 48.37
N ARG T 1139 -125.96 -77.80 48.68
CA ARG T 1139 -125.89 -76.55 47.92
C ARG T 1139 -124.42 -76.20 47.69
N PRO T 1140 -124.10 -75.49 46.59
CA PRO T 1140 -122.73 -75.04 46.38
C PRO T 1140 -122.43 -73.75 47.13
N ARG T 1141 -121.14 -73.48 47.27
CA ARG T 1141 -120.66 -72.27 47.92
C ARG T 1141 -119.49 -71.74 47.10
N VAL T 1142 -119.36 -70.41 47.03
CA VAL T 1142 -118.26 -69.79 46.30
C VAL T 1142 -117.66 -68.68 47.16
N ARG T 1143 -116.38 -68.40 46.91
CA ARG T 1143 -115.69 -67.35 47.64
C ARG T 1143 -114.44 -66.91 46.89
N ARG T 1144 -113.96 -65.71 47.21
CA ARG T 1144 -112.65 -65.15 46.78
C ARG T 1144 -112.51 -65.09 45.24
N LEU T 1145 -113.55 -64.56 44.59
CA LEU T 1145 -113.66 -64.35 43.14
C LEU T 1145 -112.76 -63.19 42.68
N MET T 1146 -111.80 -63.47 41.78
CA MET T 1146 -110.85 -62.49 41.25
C MET T 1146 -110.66 -62.64 39.74
N VAL T 1147 -110.81 -61.54 39.00
CA VAL T 1147 -110.71 -61.49 37.54
C VAL T 1147 -109.88 -60.28 37.14
N THR T 1148 -108.96 -60.47 36.19
CA THR T 1148 -108.28 -59.35 35.52
C THR T 1148 -108.25 -59.59 34.02
N THR T 1149 -108.09 -58.52 33.25
CA THR T 1149 -108.19 -58.57 31.79
C THR T 1149 -106.91 -58.06 31.15
N ARG T 1150 -106.58 -58.59 29.96
CA ARG T 1150 -105.40 -58.22 29.18
C ARG T 1150 -105.84 -57.71 27.81
N ASP T 1151 -105.05 -56.82 27.22
CA ASP T 1151 -105.09 -56.50 25.80
C ASP T 1151 -103.82 -57.08 25.17
N GLU T 1152 -103.97 -58.00 24.21
CA GLU T 1152 -102.89 -58.71 23.52
C GLU T 1152 -103.18 -58.82 22.02
N ASN U 4 -74.76 -58.57 -29.99
CA ASN U 4 -74.45 -59.94 -30.38
C ASN U 4 -73.09 -59.97 -31.08
N PHE U 5 -72.14 -60.69 -30.47
CA PHE U 5 -70.79 -60.87 -31.00
C PHE U 5 -70.56 -62.25 -31.61
N LYS U 6 -71.60 -63.04 -31.81
CA LYS U 6 -71.53 -64.37 -32.41
C LYS U 6 -71.42 -64.30 -33.92
N GLY U 7 -71.52 -63.10 -34.52
CA GLY U 7 -71.54 -62.98 -35.96
C GLY U 7 -70.16 -63.04 -36.58
N SER U 8 -70.18 -62.89 -37.92
CA SER U 8 -68.97 -63.07 -38.73
C SER U 8 -67.79 -62.20 -38.30
N PRO U 9 -67.93 -60.90 -38.07
CA PRO U 9 -66.72 -60.09 -37.83
C PRO U 9 -66.00 -60.40 -36.54
N TYR U 10 -66.66 -61.04 -35.57
CA TYR U 10 -66.05 -61.39 -34.29
C TYR U 10 -66.15 -62.86 -33.95
N LEU U 11 -67.30 -63.51 -34.19
CA LEU U 11 -67.45 -64.95 -33.99
C LEU U 11 -67.25 -65.34 -32.53
N ASP U 12 -67.74 -64.49 -31.63
CA ASP U 12 -67.59 -64.77 -30.20
C ASP U 12 -68.37 -66.02 -29.85
N ARG U 13 -67.67 -67.09 -29.49
CA ARG U 13 -68.24 -68.42 -29.36
C ARG U 13 -68.69 -68.74 -27.93
N PHE U 14 -68.75 -67.74 -27.06
CA PHE U 14 -69.18 -68.00 -25.69
C PHE U 14 -70.66 -68.32 -25.63
N ASP U 15 -71.02 -69.28 -24.77
CA ASP U 15 -72.43 -69.58 -24.53
C ASP U 15 -72.59 -70.12 -23.11
N PRO U 16 -73.43 -69.51 -22.26
CA PRO U 16 -73.50 -69.98 -20.86
C PRO U 16 -74.02 -71.42 -20.73
N SER U 17 -74.98 -71.81 -21.57
CA SER U 17 -75.53 -73.17 -21.56
C SER U 17 -74.49 -74.26 -21.73
N LYS U 18 -73.34 -73.97 -22.36
CA LYS U 18 -72.36 -75.04 -22.58
C LYS U 18 -71.52 -75.35 -21.34
N ASP U 19 -71.49 -74.48 -20.33
CA ASP U 19 -70.76 -74.72 -19.09
C ASP U 19 -69.27 -74.93 -19.34
N ARG U 20 -68.73 -74.18 -20.30
CA ARG U 20 -67.29 -74.19 -20.60
C ARG U 20 -66.67 -72.96 -19.95
N THR U 21 -65.61 -73.17 -19.16
CA THR U 21 -65.09 -72.16 -18.25
C THR U 21 -63.63 -71.82 -18.46
N LYS U 22 -62.97 -72.42 -19.46
CA LYS U 22 -61.55 -72.16 -19.65
C LYS U 22 -61.18 -72.49 -21.10
N VAL U 23 -60.46 -71.58 -21.75
CA VAL U 23 -59.95 -71.80 -23.10
C VAL U 23 -58.50 -72.26 -22.97
N LEU U 24 -58.26 -73.54 -23.21
CA LEU U 24 -56.93 -74.13 -23.02
C LEU U 24 -56.21 -74.20 -24.36
N PHE U 25 -55.21 -73.33 -24.53
CA PHE U 25 -54.44 -73.24 -25.76
C PHE U 25 -53.42 -74.35 -25.82
N ASN U 26 -53.12 -74.82 -27.04
CA ASN U 26 -52.11 -75.85 -27.23
C ASN U 26 -50.99 -75.35 -28.13
N PRO U 27 -49.79 -75.93 -28.04
CA PRO U 27 -48.69 -75.48 -28.87
C PRO U 27 -48.83 -75.97 -30.31
N ASP U 28 -48.12 -75.30 -31.20
CA ASP U 28 -48.10 -75.66 -32.62
C ASP U 28 -49.50 -75.59 -33.24
N ARG U 29 -50.24 -74.54 -32.90
CA ARG U 29 -51.58 -74.30 -33.43
C ARG U 29 -51.75 -72.82 -33.77
N PRO U 30 -52.62 -72.48 -34.72
CA PRO U 30 -52.91 -71.07 -34.96
C PRO U 30 -53.78 -70.48 -33.86
N LEU U 31 -53.69 -69.16 -33.70
CA LEU U 31 -54.39 -68.45 -32.64
C LEU U 31 -55.64 -67.79 -33.22
N GLN U 32 -56.79 -68.08 -32.62
CA GLN U 32 -58.09 -67.59 -33.09
C GLN U 32 -58.54 -66.40 -32.27
N GLN U 33 -59.00 -65.35 -32.96
CA GLN U 33 -59.56 -64.19 -32.27
C GLN U 33 -60.79 -64.57 -31.45
N ALA U 34 -61.56 -65.55 -31.91
CA ALA U 34 -62.73 -65.99 -31.18
C ALA U 34 -62.36 -66.56 -29.81
N GLU U 35 -61.25 -67.30 -29.75
CA GLU U 35 -60.76 -67.79 -28.46
C GLU U 35 -60.44 -66.65 -27.51
N LEU U 36 -59.83 -65.58 -28.01
CA LEU U 36 -59.50 -64.44 -27.16
C LEU U 36 -60.78 -63.76 -26.64
N ASN U 37 -61.75 -63.58 -27.53
CA ASN U 37 -63.02 -62.97 -27.14
C ASN U 37 -63.72 -63.81 -26.09
N GLU U 38 -63.78 -65.12 -26.29
CA GLU U 38 -64.40 -66.01 -25.31
C GLU U 38 -63.63 -66.00 -23.99
N MET U 39 -62.31 -65.82 -24.07
CA MET U 39 -61.48 -65.83 -22.87
C MET U 39 -61.91 -64.73 -21.91
N GLN U 40 -62.15 -63.53 -22.45
CA GLN U 40 -62.69 -62.49 -21.56
C GLN U 40 -64.19 -62.57 -21.34
N SER U 41 -64.95 -63.17 -22.27
CA SER U 41 -66.40 -63.25 -22.11
C SER U 41 -66.76 -64.14 -20.94
N ILE U 42 -66.02 -65.24 -20.74
CA ILE U 42 -66.30 -66.13 -19.61
C ILE U 42 -66.10 -65.37 -18.30
N ASP U 43 -65.00 -64.64 -18.18
CA ASP U 43 -64.70 -63.97 -16.92
C ASP U 43 -65.73 -62.89 -16.64
N GLN U 44 -66.13 -62.15 -17.69
CA GLN U 44 -67.13 -61.11 -17.49
C GLN U 44 -68.49 -61.70 -17.14
N TYR U 45 -68.91 -62.81 -17.75
CA TYR U 45 -70.17 -63.48 -17.41
C TYR U 45 -70.17 -63.94 -15.95
N TYR U 46 -69.08 -64.54 -15.47
CA TYR U 46 -69.07 -65.01 -14.09
C TYR U 46 -68.97 -63.85 -13.10
N LEU U 47 -68.27 -62.77 -13.47
CA LEU U 47 -68.28 -61.54 -12.71
C LEU U 47 -69.70 -60.96 -12.62
N LYS U 48 -70.47 -61.02 -13.72
CA LYS U 48 -71.86 -60.58 -13.72
C LYS U 48 -72.70 -61.43 -12.80
N ASN U 49 -72.52 -62.76 -12.84
CA ASN U 49 -73.25 -63.70 -11.97
C ASN U 49 -72.99 -63.38 -10.49
N LEU U 50 -71.71 -63.28 -10.11
CA LEU U 50 -71.32 -63.08 -8.72
C LEU U 50 -71.87 -61.75 -8.19
N GLY U 51 -71.83 -60.70 -9.02
CA GLY U 51 -72.47 -59.42 -8.74
C GLY U 51 -74.00 -59.54 -8.62
N ASP U 52 -74.67 -60.24 -9.54
CA ASP U 52 -76.13 -60.39 -9.50
C ASP U 52 -76.63 -61.16 -8.28
N ALA U 53 -75.83 -62.10 -7.76
CA ALA U 53 -76.13 -62.78 -6.51
C ALA U 53 -76.04 -61.86 -5.27
N ILE U 54 -75.45 -60.66 -5.38
CA ILE U 54 -75.40 -59.65 -4.31
C ILE U 54 -76.41 -58.54 -4.59
N PHE U 55 -76.34 -57.94 -5.77
CA PHE U 55 -76.99 -56.70 -6.14
C PHE U 55 -78.29 -56.87 -6.94
N LYS U 56 -78.97 -55.74 -7.08
CA LYS U 56 -79.92 -55.40 -8.13
C LYS U 56 -79.37 -54.21 -8.92
N ASP U 57 -79.64 -54.23 -10.21
CA ASP U 57 -79.45 -53.12 -11.15
C ASP U 57 -80.09 -51.85 -10.60
N GLY U 58 -79.35 -50.75 -10.57
CA GLY U 58 -79.78 -49.52 -9.92
C GLY U 58 -79.61 -49.50 -8.39
N ASP U 59 -78.99 -50.51 -7.77
CA ASP U 59 -78.50 -50.40 -6.39
C ASP U 59 -77.37 -49.34 -6.34
N LYS U 60 -77.65 -48.20 -5.69
CA LYS U 60 -76.71 -47.09 -5.53
C LYS U 60 -75.63 -47.41 -4.49
N GLN U 61 -74.38 -47.12 -4.81
CA GLN U 61 -73.24 -47.54 -3.97
C GLN U 61 -72.66 -46.38 -3.15
N SER U 62 -72.46 -45.21 -3.75
CA SER U 62 -72.03 -43.98 -3.08
C SER U 62 -72.22 -42.76 -3.99
N GLY U 63 -72.23 -41.54 -3.44
CA GLY U 63 -72.41 -40.35 -4.26
C GLY U 63 -73.82 -40.27 -4.81
N LEU U 64 -73.92 -39.84 -6.06
CA LEU U 64 -75.19 -39.73 -6.79
C LEU U 64 -76.20 -38.83 -6.06
N GLY U 65 -75.71 -37.85 -5.31
CA GLY U 65 -76.60 -36.89 -4.68
C GLY U 65 -77.19 -35.93 -5.70
N PHE U 66 -78.49 -35.99 -5.90
CA PHE U 66 -79.14 -35.18 -6.92
C PHE U 66 -79.32 -33.74 -6.44
N THR U 67 -79.30 -32.82 -7.40
CA THR U 67 -79.60 -31.40 -7.17
C THR U 67 -80.68 -31.01 -8.18
N LEU U 68 -81.87 -30.68 -7.70
CA LEU U 68 -83.03 -30.32 -8.53
C LEU U 68 -83.24 -28.80 -8.47
N SER U 69 -83.13 -28.12 -9.62
CA SER U 69 -83.36 -26.69 -9.74
C SER U 69 -84.86 -26.39 -9.75
N GLU U 70 -85.19 -25.10 -9.62
CA GLU U 70 -86.58 -24.63 -9.64
C GLU U 70 -87.25 -24.84 -10.99
N ASP U 71 -86.47 -24.92 -12.07
CA ASP U 71 -86.93 -25.17 -13.45
C ASP U 71 -87.30 -26.65 -13.67
N ASN U 72 -87.27 -27.46 -12.61
CA ASN U 72 -87.30 -28.93 -12.63
C ASN U 72 -86.16 -29.58 -13.44
N VAL U 73 -85.08 -28.85 -13.70
CA VAL U 73 -83.83 -29.44 -14.20
C VAL U 73 -83.20 -30.29 -13.08
N LEU U 74 -83.11 -31.59 -13.31
CA LEU U 74 -82.52 -32.57 -12.40
C LEU U 74 -81.11 -32.94 -12.88
N THR U 75 -80.13 -32.83 -11.99
CA THR U 75 -78.73 -33.25 -12.24
C THR U 75 -78.27 -34.23 -11.16
N VAL U 76 -77.44 -35.20 -11.53
CA VAL U 76 -76.95 -36.24 -10.63
C VAL U 76 -75.44 -36.07 -10.48
N ASN U 77 -74.99 -35.99 -9.25
CA ASN U 77 -73.57 -35.85 -8.95
C ASN U 77 -72.85 -37.15 -9.26
N PRO U 78 -71.50 -37.15 -9.30
CA PRO U 78 -70.79 -38.39 -9.60
C PRO U 78 -70.91 -39.39 -8.44
N GLY U 79 -70.81 -40.66 -8.79
CA GLY U 79 -70.90 -41.72 -7.82
C GLY U 79 -70.79 -43.07 -8.50
N TYR U 80 -71.02 -44.12 -7.71
CA TYR U 80 -70.93 -45.51 -8.14
C TYR U 80 -72.32 -46.14 -8.21
N VAL U 81 -72.53 -47.06 -9.16
CA VAL U 81 -73.83 -47.70 -9.27
C VAL U 81 -73.62 -49.05 -9.93
N TYR U 82 -74.49 -50.01 -9.59
CA TYR U 82 -74.45 -51.34 -10.19
C TYR U 82 -75.43 -51.39 -11.35
N ILE U 83 -74.90 -51.53 -12.57
CA ILE U 83 -75.71 -51.61 -13.76
C ILE U 83 -75.13 -52.67 -14.68
N ASN U 84 -75.92 -53.71 -14.98
CA ASN U 84 -75.57 -54.71 -15.98
C ASN U 84 -74.25 -55.39 -15.62
N GLY U 85 -74.27 -56.10 -14.49
CA GLY U 85 -73.18 -56.98 -14.16
C GLY U 85 -71.88 -56.31 -13.78
N LYS U 86 -71.88 -54.99 -13.58
CA LYS U 86 -70.67 -54.29 -13.18
C LYS U 86 -71.05 -53.08 -12.34
N ILE U 87 -70.14 -52.70 -11.44
CA ILE U 87 -70.29 -51.48 -10.65
C ILE U 87 -69.57 -50.38 -11.44
N ARG U 88 -70.35 -49.66 -12.24
CA ARG U 88 -69.82 -48.61 -13.10
C ARG U 88 -69.75 -47.28 -12.35
N TYR U 89 -68.78 -46.47 -12.73
CA TYR U 89 -68.61 -45.13 -12.17
C TYR U 89 -69.28 -44.12 -13.10
N TYR U 90 -70.21 -43.34 -12.54
CA TYR U 90 -70.99 -42.40 -13.32
C TYR U 90 -70.37 -41.01 -13.16
N ASP U 91 -69.92 -40.42 -14.26
CA ASP U 91 -69.42 -39.06 -14.28
C ASP U 91 -69.85 -38.38 -15.56
N ASN U 92 -71.12 -38.58 -15.94
CA ASN U 92 -71.60 -38.10 -17.23
C ASN U 92 -71.93 -36.61 -17.21
N ASP U 93 -72.35 -36.08 -16.06
CA ASP U 93 -72.74 -34.68 -15.94
C ASP U 93 -73.91 -34.35 -16.85
N ASP U 94 -74.84 -35.32 -16.97
CA ASP U 94 -76.11 -35.25 -17.69
C ASP U 94 -77.20 -34.58 -16.84
N SER U 95 -78.09 -33.80 -17.46
CA SER U 95 -79.21 -33.17 -16.77
C SER U 95 -80.46 -33.06 -17.65
N VAL U 96 -81.63 -33.22 -17.03
CA VAL U 96 -82.93 -33.33 -17.73
C VAL U 96 -83.96 -32.44 -17.05
N LYS U 97 -84.76 -31.68 -17.81
CA LYS U 97 -85.93 -30.96 -17.29
C LYS U 97 -87.12 -31.91 -17.06
N ILE U 98 -87.21 -32.50 -15.88
CA ILE U 98 -88.33 -33.38 -15.49
C ILE U 98 -89.63 -32.55 -15.44
N THR U 99 -90.80 -33.19 -15.58
CA THR U 99 -92.08 -32.46 -15.61
C THR U 99 -92.49 -31.95 -14.22
N GLY U 100 -92.07 -32.62 -13.14
CA GLY U 100 -92.38 -32.23 -11.77
C GLY U 100 -93.85 -32.43 -11.39
N VAL U 101 -94.59 -33.26 -12.15
CA VAL U 101 -96.00 -33.62 -11.92
C VAL U 101 -96.22 -35.11 -12.11
N GLY U 102 -97.03 -35.74 -11.26
CA GLY U 102 -97.22 -37.19 -11.25
C GLY U 102 -95.97 -37.96 -10.81
N LYS U 103 -95.95 -39.28 -11.03
CA LYS U 103 -94.77 -40.10 -10.77
C LYS U 103 -93.73 -39.93 -11.88
N GLU U 104 -92.49 -39.68 -11.49
CA GLU U 104 -91.33 -39.71 -12.39
C GLU U 104 -90.25 -40.62 -11.81
N THR U 105 -90.02 -41.78 -12.46
CA THR U 105 -88.88 -42.62 -12.13
C THR U 105 -87.67 -42.18 -12.94
N ILE U 106 -86.55 -41.98 -12.27
CA ILE U 106 -85.30 -41.58 -12.89
C ILE U 106 -84.41 -42.81 -12.93
N GLY U 107 -83.90 -43.17 -14.11
CA GLY U 107 -83.02 -44.30 -14.27
C GLY U 107 -81.92 -44.01 -15.26
N ILE U 108 -80.86 -44.84 -15.18
CA ILE U 108 -79.67 -44.71 -16.02
C ILE U 108 -79.77 -45.73 -17.15
N LYS U 109 -79.53 -45.28 -18.37
CA LYS U 109 -79.57 -46.12 -19.57
C LYS U 109 -78.15 -46.36 -20.07
N LEU U 110 -77.85 -47.62 -20.39
CA LEU U 110 -76.54 -48.01 -20.90
C LEU U 110 -76.65 -48.35 -22.38
N THR U 111 -75.79 -47.75 -23.19
CA THR U 111 -75.81 -47.93 -24.64
C THR U 111 -74.46 -48.48 -25.09
N GLU U 112 -74.50 -49.62 -25.78
CA GLU U 112 -73.29 -50.23 -26.31
C GLU U 112 -72.91 -49.57 -27.64
N ARG U 113 -71.66 -49.16 -27.76
CA ARG U 113 -71.17 -48.52 -28.98
C ARG U 113 -69.80 -49.08 -29.32
N ILE U 114 -69.60 -49.43 -30.59
CA ILE U 114 -68.34 -50.00 -31.06
C ILE U 114 -67.41 -48.88 -31.52
N VAL U 115 -66.22 -48.84 -30.95
CA VAL U 115 -65.20 -47.85 -31.26
C VAL U 115 -64.12 -48.51 -32.08
N THR U 116 -63.91 -48.02 -33.30
CA THR U 116 -62.97 -48.59 -34.25
C THR U 116 -61.72 -47.70 -34.37
N PRO U 117 -60.64 -48.22 -34.95
CA PRO U 117 -59.42 -47.40 -35.10
C PRO U 117 -59.63 -46.21 -36.02
N ASP U 118 -60.57 -46.32 -36.96
CA ASP U 118 -60.87 -45.23 -37.88
C ASP U 118 -61.36 -44.00 -37.13
N GLU U 119 -62.29 -44.19 -36.21
CA GLU U 119 -62.79 -43.08 -35.40
C GLU U 119 -61.76 -42.65 -34.36
N ASP U 120 -61.15 -43.62 -33.67
CA ASP U 120 -60.21 -43.39 -32.58
C ASP U 120 -58.82 -43.75 -33.09
N ALA U 121 -58.03 -42.73 -33.42
CA ALA U 121 -56.72 -43.01 -34.00
C ALA U 121 -55.74 -43.54 -32.97
N SER U 122 -56.01 -43.35 -31.68
CA SER U 122 -55.11 -43.82 -30.64
C SER U 122 -55.10 -45.34 -30.55
N LEU U 123 -56.11 -46.04 -31.09
CA LEU U 123 -56.08 -47.49 -31.04
C LEU U 123 -54.99 -48.09 -31.92
N LEU U 124 -54.49 -47.34 -32.90
CA LEU U 124 -53.44 -47.86 -33.76
C LEU U 124 -52.16 -48.10 -32.97
N ASP U 125 -51.44 -49.15 -33.35
CA ASP U 125 -50.22 -49.54 -32.65
C ASP U 125 -49.20 -48.42 -32.71
N GLN U 126 -48.79 -47.95 -31.53
CA GLN U 126 -47.83 -46.84 -31.38
C GLN U 126 -46.55 -47.30 -30.70
N THR U 127 -46.19 -48.57 -30.88
CA THR U 127 -44.89 -49.08 -30.43
C THR U 127 -43.85 -48.77 -31.49
N SER U 128 -42.88 -47.94 -31.14
CA SER U 128 -41.86 -47.52 -32.09
C SER U 128 -41.04 -48.71 -32.57
N GLY U 129 -40.73 -48.71 -33.86
CA GLY U 129 -39.79 -49.67 -34.41
C GLY U 129 -40.26 -51.11 -34.43
N VAL U 130 -41.52 -51.34 -34.81
CA VAL U 130 -42.06 -52.70 -34.95
C VAL U 130 -42.68 -52.80 -36.34
N PRO U 131 -42.87 -54.02 -36.86
CA PRO U 131 -43.48 -54.13 -38.19
C PRO U 131 -44.94 -53.73 -38.20
N SER U 132 -45.65 -53.90 -37.08
CA SER U 132 -47.06 -53.58 -36.96
C SER U 132 -47.29 -52.14 -36.50
N TYR U 133 -46.33 -51.25 -36.74
CA TYR U 133 -46.50 -49.85 -36.35
C TYR U 133 -47.59 -49.20 -37.17
N PHE U 134 -48.50 -48.47 -36.50
CA PHE U 134 -49.63 -47.76 -37.08
C PHE U 134 -50.66 -48.69 -37.73
N SER U 135 -50.58 -49.99 -37.50
CA SER U 135 -51.51 -50.94 -38.07
C SER U 135 -52.77 -51.04 -37.22
N LYS U 136 -53.90 -51.26 -37.89
CA LYS U 136 -55.18 -51.41 -37.23
C LYS U 136 -55.15 -52.66 -36.34
N GLY U 137 -56.01 -52.67 -35.33
CA GLY U 137 -56.06 -53.77 -34.39
C GLY U 137 -57.45 -53.96 -33.83
N ALA U 138 -57.51 -54.40 -32.57
CA ALA U 138 -58.79 -54.74 -31.98
C ALA U 138 -59.62 -53.48 -31.74
N ASP U 139 -60.93 -53.61 -31.93
CA ASP U 139 -61.85 -52.56 -31.57
C ASP U 139 -62.10 -52.56 -30.06
N ARG U 140 -62.90 -51.60 -29.60
CA ARG U 140 -63.23 -51.42 -28.19
C ARG U 140 -64.73 -51.27 -28.04
N LEU U 141 -65.29 -51.92 -27.03
CA LEU U 141 -66.72 -51.81 -26.70
C LEU U 141 -66.88 -50.68 -25.69
N GLU U 142 -67.51 -49.60 -26.11
CA GLU U 142 -67.74 -48.43 -25.27
C GLU U 142 -69.18 -48.43 -24.78
N GLU U 143 -69.36 -48.34 -23.47
CA GLU U 143 -70.67 -48.41 -22.82
C GLU U 143 -70.89 -47.14 -22.00
N LYS U 144 -71.51 -46.13 -22.61
CA LYS U 144 -71.67 -44.83 -21.95
C LYS U 144 -73.02 -44.78 -21.26
N MET U 145 -73.01 -44.36 -19.99
CA MET U 145 -74.24 -44.24 -19.20
C MET U 145 -74.88 -42.88 -19.41
N SER U 146 -76.20 -42.87 -19.51
CA SER U 146 -76.97 -41.67 -19.75
C SER U 146 -78.22 -41.66 -18.87
N LEU U 147 -78.67 -40.46 -18.49
CA LEU U 147 -79.79 -40.25 -17.57
C LEU U 147 -81.15 -40.25 -18.31
N THR U 148 -82.20 -40.78 -17.69
CA THR U 148 -83.54 -40.90 -18.30
C THR U 148 -84.67 -40.71 -17.29
N VAL U 149 -85.87 -40.37 -17.78
CA VAL U 149 -87.12 -40.24 -17.00
C VAL U 149 -88.19 -41.16 -17.55
N ASN U 150 -88.84 -41.95 -16.69
CA ASN U 150 -89.88 -42.93 -17.04
C ASN U 150 -89.48 -43.87 -18.19
N ASP U 151 -88.22 -44.30 -18.22
CA ASP U 151 -87.78 -45.31 -19.18
C ASP U 151 -87.82 -46.67 -18.49
N PRO U 152 -88.70 -47.60 -18.87
CA PRO U 152 -88.78 -48.86 -18.12
C PRO U 152 -87.57 -49.76 -18.32
N THR U 153 -86.88 -49.65 -19.44
CA THR U 153 -85.67 -50.42 -19.66
C THR U 153 -84.52 -49.98 -18.77
N SER U 154 -84.44 -48.70 -18.39
CA SER U 154 -83.33 -48.21 -17.60
C SER U 154 -83.37 -48.76 -16.17
N ALA U 155 -82.23 -48.67 -15.48
CA ALA U 155 -82.12 -49.08 -14.09
C ALA U 155 -82.46 -47.86 -13.22
N THR U 156 -83.58 -47.96 -12.49
CA THR U 156 -84.06 -46.86 -11.67
C THR U 156 -83.09 -46.56 -10.53
N ILE U 157 -82.88 -45.26 -10.27
CA ILE U 157 -82.02 -44.78 -9.20
C ILE U 157 -82.81 -43.89 -8.24
N TYR U 158 -83.82 -43.18 -8.75
CA TYR U 158 -84.67 -42.32 -7.93
C TYR U 158 -86.11 -42.39 -8.41
N THR U 159 -87.03 -42.09 -7.48
CA THR U 159 -88.45 -42.00 -7.78
C THR U 159 -89.00 -40.75 -7.12
N PHE U 160 -89.82 -40.01 -7.86
CA PHE U 160 -90.43 -38.74 -7.43
C PHE U 160 -91.95 -38.79 -7.58
N MET U 161 -92.68 -38.07 -6.73
CA MET U 161 -94.10 -37.75 -6.94
C MET U 161 -94.30 -36.22 -6.89
N ASP U 162 -94.85 -35.60 -7.92
CA ASP U 162 -94.94 -34.13 -8.07
C ASP U 162 -93.58 -33.41 -7.81
N GLY U 163 -92.47 -34.06 -8.19
CA GLY U 163 -91.12 -33.55 -7.93
C GLY U 163 -90.66 -33.59 -6.47
N ASP U 164 -91.36 -34.30 -5.58
CA ASP U 164 -90.86 -34.56 -4.24
C ASP U 164 -90.22 -35.94 -4.18
N LEU U 165 -89.09 -36.05 -3.47
CA LEU U 165 -88.41 -37.33 -3.38
C LEU U 165 -89.27 -38.34 -2.61
N TYR U 166 -89.30 -39.58 -3.10
CA TYR U 166 -90.20 -40.60 -2.58
C TYR U 166 -89.55 -41.48 -1.51
N ILE U 167 -88.26 -41.83 -1.63
CA ILE U 167 -87.52 -42.67 -0.66
C ILE U 167 -86.06 -42.22 -0.56
N GLN U 168 -85.43 -42.40 0.61
CA GLN U 168 -84.02 -42.12 0.87
C GLN U 168 -83.20 -43.39 1.17
N SER U 169 -81.91 -43.38 0.83
CA SER U 169 -80.88 -44.24 1.44
C SER U 169 -79.49 -43.60 1.33
N THR U 170 -78.56 -43.92 2.22
CA THR U 170 -77.21 -43.30 2.26
C THR U 170 -76.07 -44.32 2.16
N ASN U 171 -76.12 -45.42 2.92
CA ASN U 171 -75.16 -46.53 2.82
C ASN U 171 -75.36 -47.38 1.54
N ALA U 172 -74.34 -48.13 1.14
CA ALA U 172 -74.30 -48.91 -0.10
C ALA U 172 -75.41 -49.97 -0.18
N GLU U 173 -76.19 -49.96 -1.28
CA GLU U 173 -77.32 -50.87 -1.48
C GLU U 173 -76.89 -52.26 -2.01
N MET U 174 -77.54 -53.32 -1.52
CA MET U 174 -77.33 -54.72 -1.95
C MET U 174 -78.62 -55.56 -1.81
N ASP U 175 -79.28 -55.87 -2.93
CA ASP U 175 -80.54 -56.62 -2.98
C ASP U 175 -80.59 -57.88 -2.09
N LYS U 176 -79.59 -58.76 -2.18
CA LYS U 176 -79.64 -60.05 -1.45
C LYS U 176 -79.32 -59.87 0.03
N ILE U 177 -78.61 -58.80 0.40
CA ILE U 177 -78.48 -58.41 1.81
C ILE U 177 -79.82 -57.92 2.37
N ASN U 178 -80.65 -57.19 1.61
CA ASN U 178 -82.03 -56.91 2.05
C ASN U 178 -82.78 -58.21 2.35
N LYS U 179 -82.69 -59.18 1.41
CA LYS U 179 -83.39 -60.47 1.49
C LYS U 179 -82.92 -61.33 2.68
N VAL U 180 -81.64 -61.30 3.03
CA VAL U 180 -81.13 -61.92 4.27
C VAL U 180 -81.60 -61.16 5.54
N LEU U 181 -81.40 -59.84 5.60
CA LEU U 181 -81.57 -59.05 6.83
C LEU U 181 -83.03 -58.77 7.22
N ALA U 182 -83.93 -58.60 6.25
CA ALA U 182 -85.32 -58.27 6.53
C ALA U 182 -86.05 -59.37 7.30
N GLU U 183 -85.77 -60.62 6.96
CA GLU U 183 -86.30 -61.80 7.63
C GLU U 183 -85.89 -61.83 9.11
N ARG U 184 -84.60 -61.67 9.40
CA ARG U 184 -84.08 -61.56 10.77
C ARG U 184 -84.68 -60.36 11.52
N THR U 185 -84.82 -59.21 10.87
CA THR U 185 -85.44 -58.01 11.47
C THR U 185 -86.89 -58.25 11.87
N TYR U 186 -87.69 -58.85 10.99
CA TYR U 186 -89.09 -59.15 11.29
C TYR U 186 -89.24 -60.23 12.36
N ASP U 187 -88.49 -61.32 12.24
CA ASP U 187 -88.50 -62.40 13.22
C ASP U 187 -88.02 -61.94 14.61
N GLU U 188 -87.09 -60.99 14.69
CA GLU U 188 -86.58 -60.43 15.95
C GLU U 188 -87.51 -59.39 16.60
N SER U 189 -88.05 -58.42 15.82
CA SER U 189 -88.78 -57.25 16.37
C SER U 189 -90.06 -56.84 15.63
N GLY U 190 -90.40 -57.45 14.49
CA GLY U 190 -91.66 -57.20 13.75
C GLY U 190 -91.71 -55.84 13.04
N SER U 191 -92.93 -55.39 12.69
CA SER U 191 -93.16 -54.07 12.11
C SER U 191 -93.14 -52.95 13.18
N TYR U 192 -92.51 -51.80 12.90
CA TYR U 192 -92.45 -50.64 13.80
C TYR U 192 -92.14 -49.33 13.06
N LYS U 193 -92.46 -48.20 13.69
CA LYS U 193 -92.13 -46.84 13.25
C LYS U 193 -90.93 -46.32 14.03
N VAL U 194 -89.96 -45.75 13.33
CA VAL U 194 -88.76 -45.11 13.91
C VAL U 194 -89.04 -43.64 14.22
N ASN U 195 -89.65 -42.91 13.27
CA ASN U 195 -90.03 -41.50 13.43
C ASN U 195 -91.10 -41.08 12.40
N GLY U 196 -91.73 -39.92 12.62
CA GLY U 196 -92.48 -39.22 11.59
C GLY U 196 -93.90 -39.74 11.31
N PHE U 197 -94.40 -39.48 10.11
CA PHE U 197 -95.73 -39.89 9.60
C PHE U 197 -96.95 -39.41 10.42
N GLU U 198 -96.83 -38.36 11.24
CA GLU U 198 -97.96 -37.78 11.95
C GLU U 198 -99.01 -37.22 10.99
N LEU U 199 -100.30 -37.32 11.36
CA LEU U 199 -101.45 -36.99 10.50
C LEU U 199 -102.07 -35.65 10.91
N PHE U 200 -102.28 -34.73 9.96
CA PHE U 200 -102.93 -33.43 10.20
C PHE U 200 -103.92 -33.04 9.08
N SER U 201 -105.09 -32.53 9.43
CA SER U 201 -106.08 -32.04 8.48
C SER U 201 -105.80 -30.59 8.06
N GLU U 202 -105.72 -30.32 6.76
CA GLU U 202 -105.39 -28.97 6.23
C GLU U 202 -106.53 -28.35 5.41
N GLY U 203 -107.41 -29.16 4.83
CA GLY U 203 -108.59 -28.71 4.12
C GLY U 203 -108.30 -27.98 2.82
N ASN U 204 -107.24 -28.37 2.12
CA ASN U 204 -106.92 -27.76 0.83
C ASN U 204 -108.06 -28.01 -0.17
N ALA U 205 -108.41 -26.97 -0.91
CA ALA U 205 -109.56 -27.01 -1.82
C ALA U 205 -109.17 -27.52 -3.21
N GLU U 206 -108.59 -28.72 -3.24
CA GLU U 206 -108.36 -29.38 -4.52
C GLU U 206 -109.67 -29.88 -5.13
N ASP U 207 -110.60 -30.36 -4.29
CA ASP U 207 -111.91 -30.79 -4.77
C ASP U 207 -112.92 -30.64 -3.64
N ASP U 208 -114.08 -30.09 -3.97
CA ASP U 208 -115.13 -29.88 -2.98
C ASP U 208 -115.59 -31.18 -2.33
N ASP U 209 -115.44 -32.32 -3.01
CA ASP U 209 -115.89 -33.60 -2.48
C ASP U 209 -114.81 -34.35 -1.70
N HIS U 210 -113.68 -33.71 -1.40
CA HIS U 210 -112.58 -34.37 -0.70
C HIS U 210 -112.05 -33.46 0.40
N VAL U 211 -111.48 -34.08 1.44
CA VAL U 211 -110.78 -33.39 2.53
C VAL U 211 -109.30 -33.78 2.49
N SER U 212 -108.44 -32.78 2.37
CA SER U 212 -106.99 -32.97 2.20
C SER U 212 -106.27 -33.00 3.55
N VAL U 213 -105.44 -34.03 3.74
CA VAL U 213 -104.72 -34.37 4.97
C VAL U 213 -103.23 -34.49 4.64
N VAL U 214 -102.37 -34.06 5.56
CA VAL U 214 -100.91 -34.17 5.44
C VAL U 214 -100.39 -35.25 6.38
N VAL U 215 -99.64 -36.20 5.82
CA VAL U 215 -98.84 -37.19 6.55
C VAL U 215 -97.40 -36.69 6.57
N ASP U 216 -96.80 -36.47 7.73
CA ASP U 216 -95.42 -35.98 7.78
C ASP U 216 -94.40 -36.96 7.14
N ALA U 217 -93.20 -36.46 6.82
CA ALA U 217 -92.02 -37.29 6.53
C ALA U 217 -91.82 -38.34 7.63
N GLY U 218 -91.13 -39.45 7.35
CA GLY U 218 -90.90 -40.45 8.40
C GLY U 218 -90.08 -41.66 8.00
N LYS U 219 -89.74 -42.47 8.99
CA LYS U 219 -88.93 -43.67 8.86
C LYS U 219 -89.54 -44.82 9.66
N ALA U 220 -89.53 -46.03 9.10
CA ALA U 220 -90.15 -47.22 9.69
C ALA U 220 -89.51 -48.49 9.15
N TYR U 221 -89.77 -49.62 9.80
CA TYR U 221 -89.50 -50.95 9.26
C TYR U 221 -90.83 -51.71 9.18
N VAL U 222 -91.23 -52.09 7.97
CA VAL U 222 -92.53 -52.73 7.71
C VAL U 222 -92.26 -54.11 7.13
N LYS U 223 -92.79 -55.15 7.79
CA LYS U 223 -92.46 -56.56 7.50
C LYS U 223 -90.94 -56.87 7.50
N GLY U 224 -90.16 -56.08 8.25
CA GLY U 224 -88.68 -56.17 8.33
C GLY U 224 -87.92 -55.37 7.27
N PHE U 225 -88.59 -54.73 6.31
CA PHE U 225 -87.99 -53.93 5.25
C PHE U 225 -88.05 -52.42 5.58
N LYS U 226 -86.94 -51.69 5.36
CA LYS U 226 -86.86 -50.27 5.72
C LYS U 226 -87.73 -49.40 4.82
N VAL U 227 -88.30 -48.35 5.41
CA VAL U 227 -89.05 -47.27 4.76
C VAL U 227 -88.49 -45.94 5.26
N ASP U 228 -88.24 -44.98 4.38
CA ASP U 228 -87.59 -43.71 4.72
C ASP U 228 -88.02 -42.60 3.75
N LYS U 229 -89.01 -41.79 4.14
CA LYS U 229 -89.51 -40.63 3.38
C LYS U 229 -88.90 -39.33 3.92
N PRO U 230 -88.38 -38.46 3.04
CA PRO U 230 -87.74 -37.19 3.44
C PRO U 230 -88.72 -36.05 3.74
N VAL U 231 -89.91 -36.08 3.12
CA VAL U 231 -90.88 -34.97 3.09
C VAL U 231 -92.31 -35.49 3.29
N SER U 232 -93.26 -34.61 3.62
CA SER U 232 -94.62 -35.03 3.89
C SER U 232 -95.33 -35.44 2.60
N THR U 233 -96.36 -36.26 2.75
CA THR U 233 -97.20 -36.74 1.65
C THR U 233 -98.62 -36.25 1.87
N ARG U 234 -99.22 -35.69 0.83
CA ARG U 234 -100.60 -35.24 0.85
C ARG U 234 -101.51 -36.35 0.37
N ILE U 235 -102.55 -36.60 1.15
CA ILE U 235 -103.60 -37.58 0.89
C ILE U 235 -104.95 -36.89 0.97
N SER U 236 -105.96 -37.46 0.33
CA SER U 236 -107.32 -36.90 0.36
C SER U 236 -108.31 -38.03 0.57
N VAL U 237 -109.23 -37.84 1.50
CA VAL U 237 -110.35 -38.76 1.78
C VAL U 237 -111.63 -38.24 1.13
N PRO U 238 -112.49 -39.10 0.59
CA PRO U 238 -113.78 -38.60 0.07
C PRO U 238 -114.72 -38.23 1.20
N LYS U 239 -115.54 -37.20 0.95
CA LYS U 239 -116.52 -36.77 1.94
C LYS U 239 -117.64 -37.78 2.05
N SER U 240 -118.21 -37.87 3.25
CA SER U 240 -119.25 -38.84 3.56
C SER U 240 -120.62 -38.28 3.21
N TYR U 241 -121.31 -38.95 2.28
CA TYR U 241 -122.63 -38.55 1.83
C TYR U 241 -123.70 -39.62 2.03
N ASP U 242 -123.34 -40.81 2.50
CA ASP U 242 -124.34 -41.82 2.81
C ASP U 242 -125.33 -41.37 3.88
N LEU U 243 -126.59 -41.75 3.70
CA LEU U 243 -127.71 -41.25 4.48
C LEU U 243 -128.29 -42.37 5.33
N GLY U 244 -128.61 -42.03 6.58
CA GLY U 244 -129.33 -42.90 7.49
C GLY U 244 -130.79 -42.45 7.58
N THR U 245 -131.70 -43.40 7.52
CA THR U 245 -133.13 -43.11 7.47
C THR U 245 -133.78 -43.37 8.83
N ALA U 246 -134.50 -42.37 9.35
CA ALA U 246 -135.26 -42.46 10.58
C ALA U 246 -136.73 -42.37 10.23
N GLU U 247 -137.55 -43.30 10.71
CA GLU U 247 -139.01 -43.23 10.54
C GLU U 247 -139.76 -43.82 11.75
N ASN U 248 -141.00 -43.39 11.95
CA ASN U 248 -141.83 -43.56 13.15
C ASN U 248 -141.29 -42.83 14.41
N GLU U 249 -140.37 -41.86 14.24
CA GLU U 249 -139.92 -40.99 15.33
C GLU U 249 -141.03 -40.01 15.75
N SER U 250 -141.38 -40.02 17.04
CA SER U 250 -142.70 -39.59 17.53
C SER U 250 -142.64 -38.49 18.59
N THR U 251 -143.66 -37.63 18.63
CA THR U 251 -143.97 -36.74 19.77
C THR U 251 -145.47 -36.37 19.72
N ILE U 252 -146.22 -36.76 20.76
CA ILE U 252 -147.64 -36.40 20.90
C ILE U 252 -147.76 -34.88 20.96
N PHE U 253 -148.64 -34.30 20.14
CA PHE U 253 -148.74 -32.85 19.99
C PHE U 253 -149.48 -32.18 21.16
N ASN U 254 -148.82 -31.19 21.78
CA ASN U 254 -149.38 -30.35 22.84
C ASN U 254 -149.62 -28.93 22.30
N LYS U 255 -150.80 -28.34 22.54
CA LYS U 255 -151.06 -26.94 22.10
C LYS U 255 -150.25 -25.88 22.86
N SER U 256 -149.66 -26.23 24.02
CA SER U 256 -148.83 -25.35 24.87
C SER U 256 -147.45 -25.01 24.27
N ASN U 257 -146.89 -25.92 23.49
CA ASN U 257 -145.58 -25.80 22.83
C ASN U 257 -145.69 -26.50 21.48
N ASN U 258 -145.64 -25.72 20.40
CA ASN U 258 -145.81 -26.25 19.06
C ASN U 258 -144.54 -26.89 18.52
N SER U 259 -143.38 -26.38 18.90
CA SER U 259 -142.12 -26.94 18.40
C SER U 259 -141.88 -28.37 18.88
N ILE U 260 -141.37 -29.21 17.99
CA ILE U 260 -140.93 -30.59 18.25
C ILE U 260 -139.54 -30.79 17.64
N SER U 261 -138.62 -31.44 18.37
CA SER U 261 -137.24 -31.61 17.94
C SER U 261 -137.04 -32.94 17.23
N LEU U 262 -136.04 -32.98 16.35
CA LEU U 262 -135.60 -34.20 15.66
C LEU U 262 -134.34 -34.71 16.36
N ALA U 263 -134.24 -36.02 16.58
CA ALA U 263 -133.15 -36.62 17.36
C ALA U 263 -131.81 -36.55 16.63
N ASN U 264 -131.81 -36.88 15.34
CA ASN U 264 -130.57 -36.88 14.57
C ASN U 264 -130.25 -35.46 14.11
N SER U 265 -129.02 -35.02 14.37
CA SER U 265 -128.68 -33.63 14.13
C SER U 265 -128.60 -33.30 12.64
N PRO U 266 -127.65 -33.86 11.87
CA PRO U 266 -127.51 -33.42 10.46
C PRO U 266 -128.70 -33.86 9.60
N VAL U 267 -129.81 -33.15 9.67
CA VAL U 267 -130.99 -33.50 8.88
C VAL U 267 -130.82 -32.96 7.47
N LYS U 268 -131.10 -33.81 6.48
CA LYS U 268 -131.06 -33.42 5.07
C LYS U 268 -132.43 -32.95 4.59
N GLU U 269 -133.44 -33.82 4.68
CA GLU U 269 -134.78 -33.50 4.23
C GLU U 269 -135.78 -34.32 5.04
N ILE U 270 -136.95 -33.73 5.30
CA ILE U 270 -138.03 -34.40 6.00
C ILE U 270 -138.90 -35.03 4.92
N ARG U 271 -138.92 -36.36 4.88
CA ARG U 271 -139.68 -37.16 3.90
C ARG U 271 -141.18 -37.10 4.15
N ARG U 272 -141.57 -37.05 5.42
CA ARG U 272 -142.96 -36.99 5.88
C ARG U 272 -143.07 -36.37 7.27
N VAL U 273 -143.95 -35.38 7.42
CA VAL U 273 -144.59 -35.03 8.69
C VAL U 273 -146.03 -35.53 8.60
N THR U 274 -146.52 -36.31 9.57
CA THR U 274 -147.89 -36.83 9.53
C THR U 274 -148.53 -36.89 10.92
N GLY U 275 -149.84 -36.68 11.02
CA GLY U 275 -150.53 -36.67 12.31
C GLY U 275 -152.02 -36.38 12.23
N GLN U 276 -152.72 -36.52 13.36
CA GLN U 276 -154.17 -36.37 13.44
C GLN U 276 -154.62 -34.91 13.32
N VAL U 277 -155.64 -34.65 12.50
CA VAL U 277 -156.27 -33.34 12.30
C VAL U 277 -157.80 -33.48 12.43
N LEU U 278 -158.45 -32.52 13.08
CA LEU U 278 -159.91 -32.46 13.25
C LEU U 278 -160.48 -31.39 12.33
N ILE U 279 -161.43 -31.77 11.46
CA ILE U 279 -162.20 -30.82 10.65
C ILE U 279 -163.63 -30.73 11.18
N GLU U 280 -164.09 -29.50 11.34
CA GLU U 280 -165.47 -29.16 11.63
C GLU U 280 -166.12 -28.51 10.40
N LYS U 281 -167.32 -28.99 10.10
CA LYS U 281 -168.33 -28.43 9.21
C LYS U 281 -167.91 -28.54 7.73
N GLU U 282 -167.72 -29.77 7.29
CA GLU U 282 -167.38 -30.05 5.91
C GLU U 282 -168.67 -30.32 5.14
N ARG U 283 -168.93 -29.51 4.12
CA ARG U 283 -170.15 -29.65 3.33
C ARG U 283 -170.05 -30.89 2.44
N VAL U 284 -171.12 -31.69 2.45
CA VAL U 284 -171.17 -32.95 1.71
C VAL U 284 -172.53 -33.05 1.04
N THR U 285 -172.55 -33.47 -0.22
CA THR U 285 -173.76 -33.59 -1.01
C THR U 285 -174.26 -35.03 -0.94
N ARG U 286 -175.54 -35.21 -0.64
CA ARG U 286 -176.13 -36.54 -0.60
C ARG U 286 -176.21 -37.11 -2.00
N GLY U 287 -175.80 -38.38 -2.14
CA GLY U 287 -175.88 -39.04 -3.42
C GLY U 287 -177.30 -39.40 -3.80
N ALA U 288 -177.49 -39.63 -5.10
CA ALA U 288 -178.81 -39.97 -5.61
C ALA U 288 -179.29 -41.32 -5.08
N GLN U 289 -178.39 -42.31 -5.03
CA GLN U 289 -178.78 -43.63 -4.59
C GLN U 289 -179.14 -43.62 -3.11
N GLY U 290 -180.27 -44.24 -2.77
CA GLY U 290 -180.65 -44.36 -1.37
C GLY U 290 -179.84 -45.45 -0.67
N ASP U 291 -179.54 -45.19 0.59
CA ASP U 291 -178.71 -46.07 1.41
C ASP U 291 -177.35 -46.30 0.77
N GLY U 292 -176.81 -45.27 0.12
CA GLY U 292 -175.55 -45.37 -0.59
C GLY U 292 -174.37 -44.93 0.23
N GLN U 293 -173.32 -44.49 -0.46
CA GLN U 293 -172.08 -44.05 0.17
C GLN U 293 -171.65 -42.72 -0.43
N ASP U 294 -171.34 -41.73 0.42
CA ASP U 294 -170.88 -40.42 -0.02
C ASP U 294 -169.42 -40.25 0.39
N PHE U 295 -168.56 -39.95 -0.58
CA PHE U 295 -167.13 -39.89 -0.35
C PHE U 295 -166.75 -38.60 0.38
N LEU U 296 -165.87 -38.73 1.36
CA LEU U 296 -165.35 -37.55 2.04
C LEU U 296 -164.21 -36.93 1.24
N SER U 297 -163.91 -35.66 1.54
CA SER U 297 -162.78 -35.02 0.86
C SER U 297 -161.45 -35.71 1.14
N ASN U 298 -161.24 -36.21 2.37
CA ASN U 298 -160.04 -36.93 2.82
C ASN U 298 -160.32 -38.44 2.90
N ASN U 299 -159.42 -39.28 2.38
CA ASN U 299 -159.61 -40.73 2.38
C ASN U 299 -158.92 -41.42 3.57
N THR U 300 -158.41 -40.64 4.52
CA THR U 300 -157.63 -41.06 5.70
C THR U 300 -158.35 -40.78 7.04
N ALA U 301 -159.68 -40.66 7.03
CA ALA U 301 -160.49 -40.50 8.24
C ALA U 301 -160.47 -41.74 9.15
N PHE U 302 -160.73 -41.55 10.45
CA PHE U 302 -160.80 -42.65 11.44
C PHE U 302 -161.85 -42.48 12.55
N GLU U 303 -162.54 -41.34 12.62
CA GLU U 303 -163.63 -41.08 13.58
C GLU U 303 -164.61 -40.02 13.02
N ILE U 304 -165.93 -40.28 13.01
CA ILE U 304 -166.92 -39.27 12.68
C ILE U 304 -167.43 -38.66 13.98
N VAL U 305 -167.30 -37.34 14.11
CA VAL U 305 -167.65 -36.59 15.31
C VAL U 305 -169.12 -36.15 15.29
N LYS U 306 -169.61 -35.55 14.18
CA LYS U 306 -170.94 -34.98 14.13
C LYS U 306 -171.40 -34.90 12.68
N VAL U 307 -172.65 -35.29 12.43
CA VAL U 307 -173.31 -35.18 11.14
C VAL U 307 -174.64 -34.48 11.39
N TRP U 308 -174.87 -33.37 10.70
CA TRP U 308 -176.04 -32.53 10.98
C TRP U 308 -176.30 -31.62 9.78
N THR U 309 -177.49 -31.02 9.78
CA THR U 309 -177.90 -30.08 8.75
C THR U 309 -178.29 -28.76 9.38
N GLU U 310 -178.15 -27.69 8.59
CA GLU U 310 -178.49 -26.33 9.04
C GLU U 310 -179.19 -25.57 7.93
N THR U 311 -180.28 -24.89 8.29
CA THR U 311 -180.92 -23.94 7.38
C THR U 311 -180.37 -22.52 7.56
N SER U 312 -179.90 -22.18 8.75
CA SER U 312 -179.27 -20.91 9.03
C SER U 312 -178.02 -21.17 9.86
N PRO U 313 -177.08 -20.22 9.90
CA PRO U 313 -175.83 -20.46 10.66
C PRO U 313 -176.10 -20.68 12.15
N GLY U 314 -175.63 -21.83 12.66
CA GLY U 314 -175.71 -22.16 14.07
C GLY U 314 -176.97 -22.86 14.53
N VAL U 315 -177.99 -22.94 13.68
CA VAL U 315 -179.25 -23.60 14.01
C VAL U 315 -179.23 -25.01 13.44
N THR U 316 -179.26 -26.01 14.32
CA THR U 316 -179.19 -27.40 13.91
C THR U 316 -180.59 -27.90 13.60
N THR U 317 -180.88 -28.11 12.32
CA THR U 317 -182.19 -28.65 11.96
C THR U 317 -182.34 -30.08 12.50
N LYS U 318 -181.34 -30.93 12.25
CA LYS U 318 -181.38 -32.30 12.72
C LYS U 318 -179.97 -32.83 12.86
N GLU U 319 -179.76 -33.66 13.89
CA GLU U 319 -178.50 -34.35 14.14
C GLU U 319 -178.72 -35.85 13.99
N TYR U 320 -177.98 -36.47 13.08
CA TYR U 320 -178.09 -37.91 12.84
C TYR U 320 -177.21 -38.70 13.79
N LYS U 321 -177.78 -39.76 14.35
CA LYS U 321 -177.13 -40.59 15.36
C LYS U 321 -176.30 -41.68 14.68
N GLN U 322 -175.01 -41.73 15.02
CA GLN U 322 -174.15 -42.73 14.44
C GLN U 322 -174.49 -44.13 14.96
N GLY U 323 -174.33 -45.12 14.09
CA GLY U 323 -174.57 -46.51 14.43
C GLY U 323 -175.94 -47.03 14.07
N GLU U 324 -176.92 -46.15 13.88
CA GLU U 324 -178.25 -46.52 13.43
C GLU U 324 -178.69 -45.71 12.22
N ASP U 325 -178.21 -44.47 12.10
CA ASP U 325 -178.46 -43.67 10.91
C ASP U 325 -177.36 -43.86 9.87
N PHE U 326 -176.09 -43.89 10.30
CA PHE U 326 -174.97 -44.00 9.38
C PHE U 326 -173.83 -44.74 10.10
N ARG U 327 -172.74 -44.96 9.36
CA ARG U 327 -171.52 -45.53 9.92
C ARG U 327 -170.36 -45.21 9.00
N LEU U 328 -169.15 -45.23 9.57
CA LEU U 328 -167.94 -45.05 8.78
C LEU U 328 -167.55 -46.37 8.13
N THR U 329 -167.31 -46.32 6.81
CA THR U 329 -166.97 -47.49 6.01
C THR U 329 -165.67 -47.22 5.28
N ASP U 330 -164.66 -48.06 5.52
CA ASP U 330 -163.37 -48.01 4.85
C ASP U 330 -162.64 -46.69 5.08
N GLY U 331 -163.03 -45.94 6.11
CA GLY U 331 -162.38 -44.67 6.39
C GLY U 331 -162.47 -43.67 5.27
N GLN U 332 -163.48 -43.79 4.40
CA GLN U 332 -163.61 -42.93 3.23
C GLN U 332 -165.02 -42.34 3.09
N THR U 333 -166.05 -43.09 3.48
CA THR U 333 -167.42 -42.78 3.11
C THR U 333 -168.35 -42.79 4.32
N ILE U 334 -169.34 -41.90 4.29
CA ILE U 334 -170.48 -41.95 5.19
C ILE U 334 -171.49 -42.90 4.54
N ASP U 335 -171.59 -44.11 5.10
CA ASP U 335 -172.52 -45.12 4.61
C ASP U 335 -173.85 -44.98 5.34
N TRP U 336 -174.93 -44.87 4.56
CA TRP U 336 -176.28 -44.75 5.09
C TRP U 336 -177.05 -46.07 5.02
N SER U 337 -176.34 -47.20 4.89
CA SER U 337 -177.01 -48.50 4.85
C SER U 337 -177.76 -48.82 6.14
N PRO U 338 -177.41 -48.28 7.32
CA PRO U 338 -178.26 -48.53 8.50
C PRO U 338 -179.70 -48.10 8.31
N GLN U 339 -180.56 -48.69 9.14
CA GLN U 339 -182.01 -48.53 9.02
C GLN U 339 -182.44 -47.08 9.23
N GLY U 340 -181.72 -46.32 10.05
CA GLY U 340 -182.20 -45.06 10.55
C GLY U 340 -182.33 -44.01 9.46
N GLN U 341 -182.57 -42.78 9.92
CA GLN U 341 -182.91 -41.69 9.01
C GLN U 341 -181.70 -41.35 8.13
N GLU U 342 -181.98 -40.62 7.03
CA GLU U 342 -180.91 -40.12 6.17
C GLU U 342 -181.46 -38.92 5.41
N PRO U 343 -180.57 -38.04 4.93
CA PRO U 343 -181.05 -36.90 4.12
C PRO U 343 -181.64 -37.34 2.80
N SER U 344 -182.50 -36.49 2.25
CA SER U 344 -183.10 -36.75 0.96
C SER U 344 -182.07 -36.62 -0.15
N GLY U 345 -182.26 -37.39 -1.23
CA GLY U 345 -181.28 -37.36 -2.30
C GLY U 345 -181.10 -36.00 -2.94
N GLY U 346 -179.85 -35.63 -3.21
CA GLY U 346 -179.51 -34.33 -3.75
C GLY U 346 -179.37 -33.20 -2.75
N THR U 347 -179.66 -33.45 -1.47
CA THR U 347 -179.50 -32.41 -0.45
C THR U 347 -178.10 -32.43 0.15
N SER U 348 -177.67 -31.27 0.65
CA SER U 348 -176.36 -31.11 1.26
C SER U 348 -176.45 -31.25 2.78
N TYR U 349 -175.41 -31.80 3.40
CA TYR U 349 -175.33 -31.90 4.85
C TYR U 349 -173.87 -31.80 5.28
N TYR U 350 -173.67 -31.43 6.55
CA TYR U 350 -172.34 -31.22 7.11
C TYR U 350 -171.83 -32.49 7.80
N VAL U 351 -170.52 -32.65 7.77
CA VAL U 351 -169.85 -33.77 8.42
C VAL U 351 -168.63 -33.25 9.16
N SER U 352 -168.36 -33.72 10.38
CA SER U 352 -167.16 -33.41 11.16
C SER U 352 -166.48 -34.70 11.59
N TYR U 353 -165.14 -34.74 11.55
CA TYR U 353 -164.37 -35.98 11.64
C TYR U 353 -162.89 -35.71 11.95
N LYS U 354 -162.17 -36.77 12.35
CA LYS U 354 -160.71 -36.77 12.52
C LYS U 354 -160.04 -37.65 11.45
N TYR U 355 -158.89 -37.21 10.94
CA TYR U 355 -158.15 -37.88 9.87
C TYR U 355 -156.63 -37.75 10.01
N ASN U 356 -155.89 -38.69 9.42
CA ASN U 356 -154.43 -38.62 9.35
C ASN U 356 -153.98 -37.74 8.17
N LYS U 357 -153.38 -36.57 8.45
CA LYS U 357 -152.93 -35.61 7.43
C LYS U 357 -151.42 -35.69 7.24
N ARG U 358 -150.94 -35.84 5.99
CA ARG U 358 -149.56 -35.50 5.64
C ARG U 358 -149.43 -33.98 5.59
N MET U 359 -148.68 -33.42 6.53
CA MET U 359 -148.48 -31.97 6.65
C MET U 359 -147.53 -31.46 5.55
N GLU U 360 -147.59 -30.18 5.18
CA GLU U 360 -146.70 -29.58 4.15
C GLU U 360 -145.96 -28.30 4.58
N ALA U 361 -144.75 -28.12 4.06
CA ALA U 361 -143.87 -26.99 4.36
C ALA U 361 -144.37 -25.69 3.69
N GLY U 362 -144.49 -24.62 4.47
CA GLY U 362 -145.08 -23.36 4.00
C GLY U 362 -146.62 -23.42 3.83
N LYS U 363 -147.24 -24.50 4.31
CA LYS U 363 -148.68 -24.79 4.18
C LYS U 363 -149.31 -25.15 5.52
N ASP U 364 -148.70 -26.08 6.25
CA ASP U 364 -149.02 -26.50 7.61
C ASP U 364 -147.88 -26.21 8.61
N TYR U 365 -146.62 -26.31 8.19
CA TYR U 365 -145.45 -26.19 9.06
C TYR U 365 -144.31 -25.38 8.43
N GLU U 366 -143.32 -25.04 9.26
CA GLU U 366 -142.01 -24.54 8.83
C GLU U 366 -140.91 -25.31 9.58
N VAL U 367 -139.68 -25.22 9.08
CA VAL U 367 -138.49 -25.82 9.71
C VAL U 367 -137.39 -24.78 9.93
N THR U 368 -136.80 -24.75 11.12
CA THR U 368 -135.81 -23.78 11.58
C THR U 368 -134.69 -24.51 12.30
N THR U 369 -133.65 -23.77 12.68
CA THR U 369 -132.54 -24.37 13.40
C THR U 369 -132.00 -23.33 14.38
N GLN U 370 -131.36 -23.83 15.44
CA GLN U 370 -130.85 -22.97 16.50
C GLN U 370 -129.33 -22.98 16.56
N GLY U 371 -128.72 -24.16 16.70
CA GLY U 371 -127.29 -24.26 16.95
C GLY U 371 -126.45 -24.28 15.69
N GLU U 372 -125.21 -24.75 15.85
CA GLU U 372 -124.29 -24.91 14.73
C GLU U 372 -123.43 -26.13 14.99
N GLY U 373 -122.90 -26.71 13.90
CA GLY U 373 -122.05 -27.87 14.04
C GLY U 373 -122.81 -29.11 14.48
N LEU U 374 -122.12 -29.97 15.23
CA LEU U 374 -122.73 -31.21 15.70
C LEU U 374 -123.90 -30.94 16.65
N SER U 375 -123.86 -29.83 17.38
CA SER U 375 -124.94 -29.47 18.30
C SER U 375 -126.15 -28.87 17.60
N LYS U 376 -126.09 -28.67 16.29
CA LYS U 376 -127.18 -28.07 15.54
C LYS U 376 -128.40 -29.00 15.57
N LYS U 377 -129.58 -28.41 15.64
CA LYS U 377 -130.84 -29.16 15.75
C LYS U 377 -131.87 -28.58 14.79
N TRP U 378 -132.79 -29.46 14.35
CA TRP U 378 -133.86 -29.13 13.43
C TRP U 378 -135.19 -29.30 14.13
N TYR U 379 -136.10 -28.33 13.95
CA TYR U 379 -137.35 -28.29 14.68
C TYR U 379 -138.52 -28.08 13.72
N ILE U 380 -139.64 -28.78 13.95
CA ILE U 380 -140.90 -28.52 13.23
C ILE U 380 -141.74 -27.67 14.17
N ASN U 381 -142.08 -26.44 13.75
CA ASN U 381 -142.67 -25.41 14.59
C ASN U 381 -144.19 -25.35 14.50
N PHE U 382 -144.82 -25.76 13.39
CA PHE U 382 -146.25 -25.54 13.13
C PHE U 382 -146.64 -24.06 13.34
N THR U 383 -145.82 -23.14 12.82
CA THR U 383 -145.97 -21.71 13.07
C THR U 383 -147.13 -21.03 12.33
N PRO U 384 -147.38 -21.33 11.04
CA PRO U 384 -148.43 -20.59 10.30
C PRO U 384 -149.80 -20.72 10.95
N SER U 385 -150.52 -19.60 10.98
CA SER U 385 -151.85 -19.59 11.59
C SER U 385 -152.83 -20.45 10.79
N ASN U 386 -152.90 -20.24 9.48
CA ASN U 386 -153.86 -20.98 8.65
C ASN U 386 -153.46 -22.43 8.46
N GLY U 387 -152.23 -22.80 8.75
CA GLY U 387 -151.80 -24.17 8.57
C GLY U 387 -152.47 -25.13 9.53
N ALA U 388 -152.73 -26.37 9.11
CA ALA U 388 -153.30 -27.36 10.00
C ALA U 388 -152.29 -27.71 11.11
N LYS U 389 -152.67 -27.46 12.36
CA LYS U 389 -151.89 -27.86 13.54
C LYS U 389 -152.54 -29.13 14.13
N PRO U 390 -151.76 -30.15 14.52
CA PRO U 390 -152.31 -31.41 15.00
C PRO U 390 -153.27 -31.22 16.18
N ILE U 391 -154.20 -32.16 16.37
CA ILE U 391 -155.15 -32.12 17.50
C ILE U 391 -154.37 -32.20 18.84
N ASP U 392 -154.72 -31.36 19.81
CA ASP U 392 -154.11 -31.40 21.14
C ASP U 392 -154.27 -32.79 21.80
N GLN U 393 -153.20 -33.34 22.35
CA GLN U 393 -153.12 -34.68 22.95
C GLN U 393 -153.36 -35.83 21.95
N THR U 394 -152.76 -35.75 20.75
CA THR U 394 -152.81 -36.81 19.73
C THR U 394 -151.46 -37.11 19.08
N VAL U 395 -151.37 -38.28 18.44
CA VAL U 395 -150.14 -38.83 17.83
C VAL U 395 -149.74 -38.09 16.55
N VAL U 396 -148.45 -37.75 16.45
CA VAL U 396 -147.79 -37.13 15.28
C VAL U 396 -146.41 -37.77 15.10
N LEU U 397 -145.99 -37.97 13.85
CA LEU U 397 -144.77 -38.67 13.46
C LEU U 397 -143.97 -37.84 12.43
N VAL U 398 -142.64 -37.86 12.53
CA VAL U 398 -141.74 -37.27 11.52
C VAL U 398 -140.74 -38.32 11.01
N ASP U 399 -140.69 -38.50 9.69
CA ASP U 399 -139.80 -39.42 8.99
C ASP U 399 -138.85 -38.62 8.08
N TYR U 400 -137.55 -38.85 8.18
CA TYR U 400 -136.52 -37.96 7.62
C TYR U 400 -135.16 -38.66 7.43
N THR U 401 -134.26 -38.07 6.62
CA THR U 401 -132.95 -38.66 6.37
C THR U 401 -131.86 -37.74 6.90
N TYR U 402 -130.73 -38.33 7.29
CA TYR U 402 -129.61 -37.58 7.83
C TYR U 402 -128.30 -38.18 7.36
N TYR U 403 -127.28 -37.33 7.26
CA TYR U 403 -125.97 -37.78 6.82
C TYR U 403 -125.31 -38.64 7.89
N LEU U 404 -124.46 -39.57 7.43
CA LEU U 404 -123.73 -40.49 8.29
C LEU U 404 -122.24 -40.16 8.24
N ALA U 405 -121.59 -40.26 9.40
CA ALA U 405 -120.16 -40.02 9.53
C ALA U 405 -119.36 -41.20 8.94
N ARG U 406 -118.06 -41.02 8.77
CA ARG U 406 -117.14 -42.13 8.45
C ARG U 406 -115.84 -41.95 9.22
N LYS U 407 -115.23 -43.06 9.64
CA LYS U 407 -113.91 -43.06 10.27
C LYS U 407 -113.02 -44.08 9.56
N ASP U 408 -111.84 -43.64 9.16
CA ASP U 408 -110.96 -44.35 8.24
C ASP U 408 -109.59 -44.63 8.88
N SER U 409 -108.98 -45.74 8.48
CA SER U 409 -107.63 -46.12 8.87
C SER U 409 -106.64 -45.84 7.73
N VAL U 410 -105.51 -45.24 8.08
CA VAL U 410 -104.43 -44.89 7.15
C VAL U 410 -103.25 -45.85 7.35
N PHE U 411 -102.72 -46.39 6.27
CA PHE U 411 -101.69 -47.43 6.27
C PHE U 411 -100.55 -47.10 5.31
N ILE U 412 -99.42 -47.80 5.44
CA ILE U 412 -98.30 -47.78 4.49
C ILE U 412 -97.85 -49.20 4.19
N ASN U 413 -97.55 -49.51 2.93
CA ASN U 413 -96.98 -50.81 2.57
C ASN U 413 -95.46 -50.84 2.81
N LYS U 414 -94.86 -52.04 2.73
CA LYS U 414 -93.41 -52.23 2.85
C LYS U 414 -92.55 -51.64 1.73
N TYR U 415 -93.12 -50.79 0.87
CA TYR U 415 -92.43 -50.03 -0.18
C TYR U 415 -92.76 -48.52 -0.18
N GLY U 416 -93.51 -48.02 0.82
CA GLY U 416 -93.72 -46.58 1.04
C GLY U 416 -94.99 -45.93 0.44
N ASP U 417 -95.98 -46.70 -0.03
CA ASP U 417 -97.23 -46.20 -0.58
C ASP U 417 -98.24 -46.00 0.54
N ILE U 418 -98.53 -44.75 0.88
CA ILE U 418 -99.55 -44.40 1.86
C ILE U 418 -100.92 -44.64 1.23
N ALA U 419 -101.82 -45.33 1.95
CA ALA U 419 -103.12 -45.70 1.42
C ALA U 419 -104.14 -45.61 2.53
N ILE U 420 -105.43 -45.55 2.16
CA ILE U 420 -106.55 -45.39 3.10
C ILE U 420 -107.65 -46.39 2.79
N LEU U 421 -108.07 -47.17 3.78
CA LEU U 421 -109.16 -48.13 3.64
C LEU U 421 -110.44 -47.49 4.16
N PRO U 422 -111.52 -47.38 3.39
CA PRO U 422 -112.72 -46.74 3.91
C PRO U 422 -113.47 -47.65 4.87
N GLY U 423 -113.90 -47.07 5.99
CA GLY U 423 -114.69 -47.78 6.97
C GLY U 423 -116.18 -47.77 6.66
N GLU U 424 -116.94 -48.47 7.50
CA GLU U 424 -118.38 -48.54 7.28
C GLU U 424 -119.02 -47.22 7.73
N PRO U 425 -119.83 -46.56 6.91
CA PRO U 425 -120.51 -45.35 7.39
C PRO U 425 -121.46 -45.65 8.55
N ASN U 426 -121.50 -44.74 9.51
CA ASN U 426 -122.37 -44.89 10.67
C ASN U 426 -122.42 -43.55 11.40
N ILE U 427 -123.40 -43.44 12.31
CA ILE U 427 -123.54 -42.23 13.11
C ILE U 427 -122.29 -42.05 13.98
N MET U 428 -121.90 -40.80 14.22
CA MET U 428 -120.66 -40.51 14.92
C MET U 428 -120.58 -41.17 16.31
N ARG U 429 -121.72 -41.53 16.96
CA ARG U 429 -121.62 -42.22 18.24
C ARG U 429 -121.19 -43.67 18.06
N LEU U 430 -121.44 -44.27 16.89
CA LEU U 430 -121.18 -45.67 16.63
C LEU U 430 -120.08 -45.92 15.60
N VAL U 431 -119.62 -44.91 14.88
CA VAL U 431 -118.63 -45.11 13.81
C VAL U 431 -117.29 -45.56 14.40
N THR U 432 -116.68 -46.55 13.76
CA THR U 432 -115.46 -47.21 14.18
C THR U 432 -114.59 -47.43 12.95
N PRO U 433 -113.26 -47.50 13.08
CA PRO U 433 -112.36 -47.74 11.96
C PRO U 433 -112.54 -49.13 11.33
N PRO U 434 -112.20 -49.32 10.05
CA PRO U 434 -112.18 -50.66 9.44
C PRO U 434 -111.14 -51.56 10.11
N LEU U 435 -111.53 -52.80 10.38
CA LEU U 435 -110.69 -53.82 10.98
C LEU U 435 -109.81 -54.47 9.90
N ASN U 436 -108.49 -54.47 10.13
CA ASN U 436 -107.47 -54.96 9.21
C ASN U 436 -106.45 -55.85 9.94
N THR U 437 -106.03 -56.93 9.27
CA THR U 437 -105.19 -58.02 9.76
C THR U 437 -103.97 -58.28 8.85
N ASP U 438 -103.77 -57.48 7.79
CA ASP U 438 -102.75 -57.61 6.81
C ASP U 438 -101.37 -57.39 7.41
N PRO U 439 -100.49 -58.41 7.55
CA PRO U 439 -99.22 -58.24 8.28
C PRO U 439 -98.16 -57.44 7.51
N GLU U 440 -98.27 -57.37 6.18
CA GLU U 440 -97.25 -56.78 5.30
C GLU U 440 -97.35 -55.25 5.15
N ASN U 441 -98.35 -54.64 5.78
CA ASN U 441 -98.57 -53.20 5.86
C ASN U 441 -98.60 -52.73 7.33
N LEU U 442 -98.25 -51.47 7.56
CA LEU U 442 -98.25 -50.82 8.88
C LEU U 442 -99.38 -49.78 8.95
N GLN U 443 -100.11 -49.71 10.07
CA GLN U 443 -101.01 -48.59 10.36
C GLN U 443 -100.21 -47.33 10.73
N LEU U 444 -100.49 -46.21 10.08
CA LEU U 444 -99.96 -44.89 10.41
C LEU U 444 -100.82 -44.15 11.46
N GLY U 445 -102.14 -44.24 11.29
CA GLY U 445 -103.09 -43.63 12.22
C GLY U 445 -104.53 -43.70 11.71
N THR U 446 -105.40 -42.90 12.31
CA THR U 446 -106.83 -42.86 11.99
C THR U 446 -107.28 -41.44 11.69
N VAL U 447 -108.22 -41.27 10.76
CA VAL U 447 -108.84 -39.97 10.46
C VAL U 447 -110.36 -40.09 10.54
N THR U 448 -111.00 -39.09 11.15
CA THR U 448 -112.46 -38.97 11.22
C THR U 448 -112.93 -37.94 10.22
N VAL U 449 -113.95 -38.25 9.40
CA VAL U 449 -114.71 -37.23 8.67
C VAL U 449 -116.10 -37.10 9.30
N LEU U 450 -116.40 -35.90 9.79
CA LEU U 450 -117.72 -35.55 10.29
C LEU U 450 -118.73 -35.48 9.13
N PRO U 451 -120.04 -35.68 9.39
CA PRO U 451 -121.01 -35.88 8.30
C PRO U 451 -121.29 -34.60 7.53
N ASP U 452 -120.94 -34.61 6.25
CA ASP U 452 -121.10 -33.45 5.37
C ASP U 452 -120.44 -32.20 5.97
N SER U 453 -119.11 -32.23 6.03
CA SER U 453 -118.35 -31.08 6.54
C SER U 453 -116.91 -31.19 6.05
N ASP U 454 -116.25 -30.03 5.94
CA ASP U 454 -114.83 -30.01 5.60
C ASP U 454 -113.94 -30.40 6.79
N GLU U 455 -114.50 -30.35 7.99
CA GLU U 455 -113.89 -30.75 9.27
C GLU U 455 -113.45 -32.22 9.26
N ALA U 456 -112.16 -32.46 9.53
CA ALA U 456 -111.61 -33.79 9.79
C ALA U 456 -110.65 -33.77 10.98
N VAL U 457 -110.70 -34.83 11.81
CA VAL U 457 -109.87 -34.99 13.01
C VAL U 457 -108.88 -36.12 12.78
N CYS U 458 -107.59 -35.80 12.81
CA CYS U 458 -106.50 -36.71 12.47
C CYS U 458 -105.73 -37.13 13.73
N ILE U 459 -105.53 -38.43 13.92
CA ILE U 459 -105.00 -38.96 15.18
C ILE U 459 -103.91 -40.01 14.92
N SER U 460 -102.76 -39.82 15.56
CA SER U 460 -101.60 -40.71 15.49
C SER U 460 -101.79 -41.97 16.34
N PHE U 461 -101.48 -43.14 15.77
CA PHE U 461 -101.56 -44.43 16.48
C PHE U 461 -100.48 -45.45 16.08
N ALA U 462 -99.53 -45.08 15.21
CA ALA U 462 -98.51 -46.00 14.70
C ALA U 462 -97.67 -46.68 15.79
N ILE U 463 -97.12 -47.85 15.45
CA ILE U 463 -96.31 -48.70 16.33
C ILE U 463 -94.91 -48.09 16.56
N THR U 464 -94.79 -47.01 17.33
CA THR U 464 -93.48 -46.42 17.62
C THR U 464 -92.62 -47.34 18.49
N ARG U 465 -91.34 -47.49 18.14
CA ARG U 465 -90.36 -48.40 18.77
C ARG U 465 -90.04 -48.10 20.24
N LEU U 466 -89.56 -49.11 20.98
CA LEU U 466 -88.84 -48.93 22.25
C LEU U 466 -87.36 -49.36 22.11
N SER U 467 -86.45 -48.50 22.54
CA SER U 467 -85.02 -48.82 22.68
C SER U 467 -84.76 -49.68 23.91
N MET U 468 -83.55 -50.26 24.01
CA MET U 468 -83.09 -50.92 25.24
C MET U 468 -83.25 -50.02 26.47
N GLU U 469 -82.93 -48.72 26.34
CA GLU U 469 -83.02 -47.74 27.43
C GLU U 469 -84.46 -47.56 27.91
N ASP U 470 -85.41 -47.41 27.00
CA ASP U 470 -86.83 -47.24 27.36
C ASP U 470 -87.35 -48.45 28.13
N LEU U 471 -86.94 -49.66 27.73
CA LEU U 471 -87.30 -50.89 28.42
C LEU U 471 -86.66 -50.98 29.82
N GLN U 472 -85.42 -50.48 30.00
CA GLN U 472 -84.80 -50.35 31.32
C GLN U 472 -85.51 -49.31 32.21
N LYS U 473 -86.05 -48.22 31.63
CA LYS U 473 -86.91 -47.26 32.33
C LYS U 473 -88.25 -47.89 32.74
N VAL U 474 -88.91 -48.65 31.86
CA VAL U 474 -90.11 -49.42 32.18
C VAL U 474 -89.84 -50.44 33.30
N LYS U 475 -88.75 -51.21 33.22
CA LYS U 475 -88.29 -52.11 34.29
C LYS U 475 -88.18 -51.38 35.64
N THR U 476 -87.54 -50.22 35.64
CA THR U 476 -87.39 -49.39 36.84
C THR U 476 -88.75 -48.90 37.38
N ARG U 477 -89.69 -48.50 36.51
CA ARG U 477 -91.07 -48.15 36.94
C ARG U 477 -91.76 -49.34 37.62
N VAL U 478 -91.63 -50.55 37.07
CA VAL U 478 -92.17 -51.77 37.70
C VAL U 478 -91.51 -52.05 39.06
N ASP U 479 -90.20 -51.84 39.20
CA ASP U 479 -89.51 -51.93 40.50
C ASP U 479 -90.09 -50.92 41.52
N ASN U 480 -90.46 -49.72 41.08
CA ASN U 480 -91.18 -48.77 41.93
C ASN U 480 -92.60 -49.27 42.26
N LEU U 481 -93.35 -49.79 41.29
CA LEU U 481 -94.70 -50.29 41.54
C LEU U 481 -94.73 -51.43 42.56
N GLU U 482 -93.81 -52.38 42.50
CA GLU U 482 -93.74 -53.47 43.48
C GLU U 482 -93.26 -52.99 44.86
N TYR U 483 -92.33 -52.04 44.93
CA TYR U 483 -91.93 -51.48 46.22
C TYR U 483 -93.03 -50.63 46.84
N ASN U 484 -93.73 -49.80 46.07
CA ASN U 484 -94.95 -49.12 46.51
C ASN U 484 -96.00 -50.12 47.00
N GLN U 485 -96.18 -51.26 46.32
CA GLN U 485 -97.08 -52.31 46.79
C GLN U 485 -96.59 -52.92 48.13
N ALA U 486 -95.28 -53.12 48.30
CA ALA U 486 -94.71 -53.51 49.58
C ALA U 486 -94.92 -52.45 50.67
N VAL U 487 -94.96 -51.15 50.32
CA VAL U 487 -95.28 -50.09 51.27
C VAL U 487 -96.74 -50.20 51.69
N ASN U 488 -97.65 -50.36 50.71
CA ASN U 488 -99.07 -50.49 51.00
C ASN U 488 -99.35 -51.72 51.85
N ALA U 489 -98.67 -52.83 51.57
CA ALA U 489 -98.79 -54.07 52.34
C ALA U 489 -98.29 -53.89 53.78
N LEU U 490 -97.39 -52.93 54.00
CA LEU U 490 -96.88 -52.65 55.35
C LEU U 490 -97.98 -52.18 56.28
N ASP U 491 -98.99 -51.49 55.76
CA ASP U 491 -100.06 -50.93 56.56
C ASP U 491 -101.28 -51.84 56.68
N ASP U 492 -101.27 -53.02 56.03
CA ASP U 492 -102.39 -53.98 56.05
C ASP U 492 -102.58 -54.56 57.45
N GLY U 493 -101.59 -55.32 57.96
CA GLY U 493 -101.70 -55.79 59.33
C GLY U 493 -102.80 -56.78 59.56
N ALA U 494 -103.19 -57.55 58.53
CA ALA U 494 -104.17 -58.62 58.66
C ALA U 494 -103.76 -59.81 57.80
N MET U 495 -103.98 -61.02 58.29
CA MET U 495 -103.60 -62.26 57.58
C MET U 495 -104.46 -63.44 58.03
N GLU U 496 -105.20 -64.03 57.09
CA GLU U 496 -106.16 -65.11 57.36
C GLU U 496 -105.49 -66.34 58.00
N GLY U 497 -106.22 -67.10 58.83
CA GLY U 497 -105.63 -68.23 59.50
C GLY U 497 -105.43 -69.45 58.63
N GLN U 498 -106.51 -69.95 58.02
CA GLN U 498 -106.50 -71.15 57.20
C GLN U 498 -106.39 -70.74 55.73
N ASN U 499 -105.37 -71.23 55.00
CA ASN U 499 -105.11 -70.92 53.58
C ASN U 499 -105.12 -69.41 53.23
N PRO U 500 -104.11 -68.64 53.66
CA PRO U 500 -104.04 -67.19 53.42
C PRO U 500 -103.72 -66.83 51.96
N LEU U 501 -104.33 -65.76 51.45
CA LEU U 501 -103.95 -65.19 50.15
C LEU U 501 -102.55 -64.59 50.23
N THR U 502 -101.71 -64.87 49.23
CA THR U 502 -100.32 -64.41 49.18
C THR U 502 -100.18 -63.30 48.15
N LEU U 503 -99.71 -62.14 48.60
CA LEU U 503 -99.18 -61.10 47.70
C LEU U 503 -97.83 -61.60 47.16
N ARG U 504 -97.85 -62.16 45.95
CA ARG U 504 -96.70 -62.80 45.32
C ARG U 504 -95.54 -61.82 45.10
N SER U 505 -94.32 -62.27 45.30
CA SER U 505 -93.06 -61.49 45.25
C SER U 505 -92.91 -60.35 46.29
N VAL U 506 -93.78 -60.29 47.31
CA VAL U 506 -93.78 -59.25 48.36
C VAL U 506 -93.83 -59.88 49.76
N PHE U 507 -93.09 -59.34 50.72
CA PHE U 507 -93.33 -59.54 52.16
C PHE U 507 -93.14 -58.22 52.90
N SER U 508 -93.99 -57.89 53.88
CA SER U 508 -93.71 -56.76 54.79
C SER U 508 -94.44 -56.90 56.13
N GLU U 509 -93.91 -56.23 57.15
CA GLU U 509 -94.39 -56.29 58.54
C GLU U 509 -94.48 -54.87 59.14
N GLY U 510 -95.71 -54.38 59.37
CA GLY U 510 -95.87 -53.05 59.95
C GLY U 510 -95.77 -53.00 61.45
N PHE U 511 -95.59 -54.14 62.11
CA PHE U 511 -95.47 -54.20 63.57
C PHE U 511 -96.69 -53.60 64.27
N ILE U 512 -97.87 -53.83 63.68
CA ILE U 512 -99.13 -53.35 64.24
C ILE U 512 -100.10 -54.47 64.58
N SER U 513 -99.78 -55.71 64.27
CA SER U 513 -100.65 -56.83 64.60
C SER U 513 -99.81 -58.10 64.69
N LEU U 514 -100.37 -59.12 65.33
CA LEU U 514 -99.71 -60.40 65.51
C LEU U 514 -100.12 -61.43 64.45
N ASP U 515 -100.87 -61.03 63.42
CA ASP U 515 -101.27 -61.97 62.40
C ASP U 515 -100.08 -62.38 61.53
N LYS U 516 -99.17 -61.45 61.19
CA LYS U 516 -97.97 -61.74 60.36
C LYS U 516 -96.88 -62.51 61.13
N ALA U 517 -96.80 -62.32 62.44
CA ALA U 517 -95.81 -62.93 63.31
C ALA U 517 -96.08 -64.42 63.59
N ASP U 518 -95.02 -65.22 63.59
CA ASP U 518 -95.07 -66.61 64.04
C ASP U 518 -94.67 -66.64 65.50
N ILE U 519 -95.63 -66.27 66.36
CA ILE U 519 -95.37 -66.16 67.78
C ILE U 519 -95.00 -67.51 68.40
N THR U 520 -95.50 -68.61 67.85
CA THR U 520 -95.24 -69.95 68.37
C THR U 520 -93.90 -70.54 67.93
N HIS U 521 -93.07 -69.75 67.23
CA HIS U 521 -91.75 -70.25 66.87
C HIS U 521 -90.87 -70.30 68.12
N PRO U 522 -89.92 -71.26 68.21
CA PRO U 522 -89.12 -71.32 69.45
C PRO U 522 -88.28 -70.08 69.67
N ASP U 523 -87.75 -69.48 68.60
CA ASP U 523 -86.85 -68.34 68.72
C ASP U 523 -87.58 -67.00 68.83
N PHE U 524 -88.91 -66.98 68.78
CA PHE U 524 -89.66 -65.72 68.84
C PHE U 524 -89.55 -65.18 70.26
N GLY U 525 -88.95 -64.01 70.41
CA GLY U 525 -88.69 -63.43 71.72
C GLY U 525 -88.76 -61.93 71.78
N ILE U 526 -89.42 -61.31 70.79
CA ILE U 526 -89.55 -59.86 70.72
C ILE U 526 -90.92 -59.46 71.25
N VAL U 527 -91.06 -58.17 71.57
CA VAL U 527 -92.29 -57.58 72.06
C VAL U 527 -92.63 -56.36 71.21
N PHE U 528 -93.92 -56.11 71.05
CA PHE U 528 -94.42 -55.09 70.13
C PHE U 528 -94.72 -53.81 70.90
N SER U 529 -94.58 -52.67 70.21
CA SER U 529 -95.00 -51.37 70.72
C SER U 529 -95.88 -50.76 69.64
N PHE U 530 -97.18 -51.08 69.70
CA PHE U 530 -98.07 -50.76 68.59
C PHE U 530 -98.20 -49.26 68.36
N GLU U 531 -98.02 -48.44 69.41
CA GLU U 531 -98.19 -46.99 69.23
C GLU U 531 -97.07 -46.41 68.35
N ASP U 532 -95.85 -46.92 68.51
CA ASP U 532 -94.69 -46.54 67.72
C ASP U 532 -94.49 -47.41 66.48
N ALA U 533 -95.20 -48.54 66.38
CA ALA U 533 -95.03 -49.48 65.27
C ALA U 533 -93.61 -50.02 65.24
N GLU U 534 -93.09 -50.34 66.43
CA GLU U 534 -91.71 -50.76 66.64
C GLU U 534 -91.71 -52.09 67.40
N ALA U 535 -90.57 -52.77 67.35
CA ALA U 535 -90.36 -54.03 68.06
C ALA U 535 -89.01 -54.03 68.74
N THR U 536 -88.97 -54.56 69.96
CA THR U 536 -87.75 -54.54 70.77
C THR U 536 -87.74 -55.76 71.68
N LEU U 537 -86.80 -55.79 72.62
CA LEU U 537 -86.63 -56.89 73.56
C LEU U 537 -87.03 -56.44 74.96
N ALA U 538 -87.77 -57.31 75.66
CA ALA U 538 -88.18 -57.09 77.04
C ALA U 538 -87.16 -57.74 77.97
N TYR U 539 -87.15 -57.29 79.23
CA TYR U 539 -86.18 -57.81 80.18
C TYR U 539 -86.57 -59.22 80.64
N THR U 540 -85.57 -60.06 80.91
CA THR U 540 -85.80 -61.40 81.44
C THR U 540 -84.65 -61.79 82.37
N GLU U 541 -84.96 -62.51 83.46
CA GLU U 541 -83.91 -62.93 84.40
C GLU U 541 -83.13 -64.14 83.92
N ALA U 542 -82.06 -64.47 84.65
CA ALA U 542 -81.06 -65.48 84.28
C ALA U 542 -80.49 -65.21 82.90
N HIS U 556 -73.78 -61.16 95.91
CA HIS U 556 -73.85 -60.36 94.70
C HIS U 556 -74.01 -58.87 95.01
N ILE U 557 -73.17 -58.05 94.37
CA ILE U 557 -73.09 -56.63 94.66
C ILE U 557 -74.24 -55.88 93.98
N TRP U 558 -74.91 -55.04 94.76
CA TRP U 558 -75.95 -54.15 94.27
C TRP U 558 -75.33 -52.88 93.68
N GLY U 559 -76.14 -52.12 92.96
CA GLY U 559 -75.70 -50.85 92.38
C GLY U 559 -76.77 -49.78 92.42
N ARG U 560 -76.30 -48.52 92.40
CA ARG U 560 -77.13 -47.33 92.50
C ARG U 560 -76.97 -46.50 91.23
N LEU U 561 -78.10 -46.17 90.58
CA LEU U 561 -78.12 -45.38 89.35
C LEU U 561 -77.93 -43.89 89.70
N ILE U 562 -76.69 -43.53 90.04
CA ILE U 562 -76.41 -42.23 90.66
C ILE U 562 -76.78 -41.05 89.76
N SER U 563 -76.70 -41.20 88.43
CA SER U 563 -77.18 -40.19 87.49
C SER U 563 -78.32 -40.80 86.68
N ALA U 564 -79.51 -40.21 86.80
CA ALA U 564 -80.66 -40.83 86.16
C ALA U 564 -80.65 -40.57 84.65
N PRO U 565 -80.98 -41.56 83.82
CA PRO U 565 -80.95 -41.37 82.36
C PRO U 565 -82.01 -40.41 81.85
N PHE U 566 -83.04 -40.12 82.65
CA PHE U 566 -84.10 -39.21 82.28
C PHE U 566 -84.60 -38.50 83.54
N THR U 567 -85.34 -37.40 83.35
CA THR U 567 -85.93 -36.66 84.45
C THR U 567 -87.43 -36.52 84.25
N GLU U 568 -88.21 -36.66 85.32
CA GLU U 568 -89.66 -36.73 85.23
C GLU U 568 -90.32 -35.43 85.67
N GLU U 569 -91.41 -35.07 85.00
CA GLU U 569 -92.31 -34.01 85.45
C GLU U 569 -93.72 -34.58 85.49
N ARG U 570 -94.49 -34.25 86.53
CA ARG U 570 -95.91 -34.60 86.58
C ARG U 570 -96.70 -33.53 85.84
N THR U 571 -97.25 -33.88 84.67
CA THR U 571 -97.91 -32.91 83.79
C THR U 571 -99.41 -32.91 83.95
N ILE U 572 -100.00 -34.04 84.31
CA ILE U 572 -101.44 -34.18 84.57
C ILE U 572 -101.60 -34.70 85.99
N TYR U 573 -102.52 -34.09 86.74
CA TYR U 573 -102.74 -34.50 88.13
C TYR U 573 -104.16 -34.11 88.52
N GLN U 574 -105.00 -35.11 88.80
CA GLN U 574 -106.33 -34.89 89.37
C GLN U 574 -106.25 -35.30 90.84
N GLY U 575 -106.26 -34.30 91.72
CA GLY U 575 -106.04 -34.53 93.14
C GLY U 575 -107.30 -34.73 93.95
N GLN U 576 -108.41 -34.16 93.50
CA GLN U 576 -109.65 -34.20 94.28
C GLN U 576 -110.23 -35.61 94.31
N ALA U 577 -110.56 -36.08 95.50
CA ALA U 577 -111.16 -37.39 95.71
C ALA U 577 -112.30 -37.26 96.70
N SER U 578 -113.36 -38.03 96.50
CA SER U 578 -114.55 -37.95 97.34
C SER U 578 -115.11 -39.30 97.75
N GLU U 579 -114.88 -40.39 97.01
CA GLU U 579 -115.50 -41.66 97.31
C GLU U 579 -114.54 -42.80 96.98
N THR U 580 -115.00 -44.02 97.24
CA THR U 580 -114.28 -45.24 96.88
C THR U 580 -115.15 -46.06 95.95
N LEU U 581 -114.57 -46.50 94.84
CA LEU U 581 -115.25 -47.35 93.87
C LEU U 581 -114.48 -48.66 93.73
N ASN U 582 -115.19 -49.77 93.85
CA ASN U 582 -114.57 -51.08 93.67
C ASN U 582 -114.07 -51.21 92.24
N VAL U 583 -112.91 -51.84 92.07
CA VAL U 583 -112.34 -52.02 90.75
C VAL U 583 -113.16 -52.96 89.89
N ASN U 584 -113.98 -53.82 90.50
CA ASN U 584 -114.89 -54.72 89.80
C ASN U 584 -116.26 -54.61 90.44
N PRO U 585 -117.01 -53.54 90.14
CA PRO U 585 -118.29 -53.35 90.86
C PRO U 585 -119.34 -54.38 90.52
N TYR U 586 -119.32 -54.90 89.28
CA TYR U 586 -120.39 -55.76 88.78
C TYR U 586 -120.10 -57.26 88.96
N ASN U 587 -119.22 -57.61 89.89
CA ASN U 587 -118.97 -59.02 90.21
C ASN U 587 -118.64 -59.26 91.68
N ILE U 588 -118.85 -58.30 92.56
CA ILE U 588 -118.60 -58.51 93.99
C ILE U 588 -119.65 -59.49 94.53
N PRO U 589 -119.27 -60.52 95.29
CA PRO U 589 -120.30 -61.46 95.77
C PRO U 589 -121.19 -60.82 96.83
N ASN U 590 -122.50 -60.96 96.64
CA ASN U 590 -123.48 -60.44 97.61
C ASN U 590 -123.34 -58.95 97.88
N PRO U 793 -113.52 -54.13 86.15
CA PRO U 793 -112.40 -53.26 85.77
C PRO U 793 -112.82 -51.80 85.56
N LEU U 794 -111.91 -50.88 85.86
CA LEU U 794 -112.13 -49.45 85.71
C LEU U 794 -111.11 -48.88 84.74
N ALA U 795 -111.41 -47.70 84.20
CA ALA U 795 -110.50 -47.02 83.30
C ALA U 795 -110.72 -45.52 83.38
N GLN U 796 -109.70 -44.76 82.96
CA GLN U 796 -109.75 -43.31 82.95
C GLN U 796 -109.04 -42.81 81.71
N SER U 797 -109.73 -41.99 80.92
CA SER U 797 -109.19 -41.47 79.67
C SER U 797 -108.39 -40.19 79.91
N PHE U 798 -107.42 -39.94 79.03
CA PHE U 798 -106.60 -38.74 79.08
C PHE U 798 -106.05 -38.46 77.70
N GLN U 799 -105.49 -37.26 77.53
CA GLN U 799 -104.85 -36.89 76.28
C GLN U 799 -103.84 -35.77 76.52
N TYR U 800 -102.95 -35.58 75.53
CA TYR U 800 -101.96 -34.52 75.57
C TYR U 800 -102.06 -33.72 74.27
N ASP U 801 -101.76 -32.43 74.38
CA ASP U 801 -101.73 -31.54 73.23
C ASP U 801 -100.44 -31.64 72.41
N GLU U 802 -99.43 -32.38 72.84
CA GLU U 802 -98.12 -32.49 72.17
C GLU U 802 -97.58 -33.91 72.33
N ASN U 803 -96.52 -34.29 71.60
CA ASN U 803 -95.93 -35.63 71.72
C ASN U 803 -95.10 -35.75 73.02
N ARG U 804 -95.50 -36.60 73.97
CA ARG U 804 -94.87 -36.68 75.29
C ARG U 804 -94.51 -38.12 75.57
N THR U 805 -93.35 -38.34 76.18
CA THR U 805 -92.86 -39.67 76.57
C THR U 805 -93.37 -39.99 77.98
N ILE U 806 -94.41 -40.82 78.11
CA ILE U 806 -94.94 -41.21 79.41
C ILE U 806 -94.01 -42.24 80.03
N SER U 807 -93.46 -41.92 81.21
CA SER U 807 -92.50 -42.80 81.86
C SER U 807 -93.09 -43.57 83.04
N SER U 808 -94.08 -43.03 83.74
CA SER U 808 -94.74 -43.73 84.84
C SER U 808 -96.10 -43.10 85.14
N LEU U 809 -96.90 -43.83 85.92
CA LEU U 809 -98.23 -43.44 86.34
C LEU U 809 -98.29 -43.30 87.86
N GLY U 810 -99.26 -42.53 88.33
CA GLY U 810 -99.58 -42.40 89.74
C GLY U 810 -101.01 -42.82 90.01
N LEU U 811 -101.22 -43.72 90.97
CA LEU U 811 -102.54 -44.18 91.36
C LEU U 811 -102.65 -44.19 92.88
N TYR U 812 -103.91 -44.17 93.35
CA TYR U 812 -104.21 -44.12 94.78
C TYR U 812 -105.25 -45.17 95.10
N PHE U 813 -104.86 -46.14 95.93
CA PHE U 813 -105.70 -47.27 96.33
C PHE U 813 -106.18 -47.08 97.76
N ALA U 814 -107.47 -47.33 97.99
CA ALA U 814 -108.04 -47.22 99.32
C ALA U 814 -107.88 -48.51 100.12
N SER U 815 -107.84 -49.66 99.45
CA SER U 815 -107.63 -50.94 100.10
C SER U 815 -107.03 -51.90 99.09
N LYS U 816 -106.62 -53.06 99.57
CA LYS U 816 -106.06 -54.10 98.70
C LYS U 816 -106.40 -55.46 99.28
N GLY U 817 -106.10 -56.51 98.51
CA GLY U 817 -106.33 -57.86 98.98
C GLY U 817 -105.14 -58.42 99.75
N ASP U 818 -104.99 -59.74 99.74
CA ASP U 818 -103.98 -60.39 100.55
C ASP U 818 -102.61 -60.24 99.88
N LYS U 819 -101.62 -60.92 100.45
CA LYS U 819 -100.26 -60.88 99.92
C LYS U 819 -100.20 -61.42 98.50
N GLN U 820 -100.90 -62.52 98.22
CA GLN U 820 -100.76 -63.22 96.95
C GLN U 820 -101.53 -62.55 95.82
N SER U 821 -102.44 -61.63 96.12
CA SER U 821 -103.21 -60.95 95.08
C SER U 821 -102.33 -59.99 94.29
N ASN U 822 -102.78 -59.65 93.09
CA ASN U 822 -102.06 -58.74 92.22
C ASN U 822 -103.05 -58.05 91.29
N VAL U 823 -102.65 -56.87 90.78
CA VAL U 823 -103.48 -56.05 89.92
C VAL U 823 -102.71 -55.78 88.63
N VAL U 824 -103.39 -55.96 87.49
CA VAL U 824 -102.78 -55.75 86.19
C VAL U 824 -103.12 -54.34 85.74
N ILE U 825 -102.10 -53.53 85.43
CA ILE U 825 -102.25 -52.16 84.98
C ILE U 825 -101.90 -52.12 83.49
N GLN U 826 -102.80 -51.54 82.70
CA GLN U 826 -102.67 -51.48 81.25
C GLN U 826 -102.99 -50.07 80.77
N ILE U 827 -102.38 -49.71 79.64
CA ILE U 827 -102.71 -48.49 78.90
C ILE U 827 -103.26 -48.92 77.55
N ARG U 828 -104.52 -48.56 77.28
CA ARG U 828 -105.20 -48.92 76.05
C ARG U 828 -105.52 -47.66 75.25
N GLY U 829 -105.72 -47.84 73.95
CA GLY U 829 -106.12 -46.73 73.10
C GLY U 829 -107.58 -46.38 73.27
N MET U 830 -107.97 -45.29 72.62
CA MET U 830 -109.34 -44.81 72.59
C MET U 830 -109.81 -44.75 71.13
N GLY U 831 -110.99 -45.31 70.87
CA GLY U 831 -111.49 -45.37 69.52
C GLY U 831 -112.13 -44.08 69.07
N ASP U 832 -112.58 -44.10 67.80
CA ASP U 832 -113.10 -42.88 67.18
C ASP U 832 -114.35 -42.36 67.88
N GLN U 833 -115.08 -43.25 68.57
CA GLN U 833 -116.33 -42.90 69.24
C GLN U 833 -116.13 -42.71 70.75
N GLY U 834 -114.92 -42.36 71.17
CA GLY U 834 -114.69 -42.04 72.57
C GLY U 834 -114.93 -43.14 73.57
N TYR U 835 -114.41 -44.33 73.30
CA TYR U 835 -114.42 -45.44 74.23
C TYR U 835 -113.11 -46.21 74.11
N PRO U 836 -112.70 -46.93 75.16
CA PRO U 836 -111.50 -47.76 75.05
C PRO U 836 -111.64 -48.88 74.03
N ASN U 837 -110.52 -49.26 73.42
CA ASN U 837 -110.47 -50.30 72.41
C ASN U 837 -109.64 -51.46 72.94
N LYS U 838 -109.60 -52.54 72.16
CA LYS U 838 -108.92 -53.76 72.60
C LYS U 838 -107.41 -53.65 72.48
N THR U 839 -106.90 -52.66 71.73
CA THR U 839 -105.46 -52.51 71.60
C THR U 839 -104.82 -52.17 72.93
N ILE U 840 -103.68 -52.80 73.23
CA ILE U 840 -102.95 -52.58 74.48
C ILE U 840 -101.55 -52.11 74.13
N TYR U 841 -101.21 -50.90 74.57
CA TYR U 841 -99.90 -50.30 74.32
C TYR U 841 -98.90 -50.57 75.43
N ALA U 842 -99.36 -50.85 76.65
CA ALA U 842 -98.49 -51.12 77.78
C ALA U 842 -99.21 -52.03 78.77
N GLU U 843 -98.43 -52.80 79.53
CA GLU U 843 -98.99 -53.75 80.49
C GLU U 843 -97.96 -54.08 81.55
N THR U 844 -98.39 -54.10 82.82
CA THR U 844 -97.50 -54.49 83.90
C THR U 844 -98.31 -55.10 85.05
N VAL U 845 -97.68 -55.96 85.84
CA VAL U 845 -98.36 -56.65 86.94
C VAL U 845 -97.85 -56.07 88.25
N MET U 846 -98.76 -55.60 89.09
CA MET U 846 -98.44 -54.99 90.38
C MET U 846 -98.83 -55.94 91.52
N ASN U 847 -97.85 -56.36 92.30
CA ASN U 847 -98.14 -57.25 93.42
C ASN U 847 -98.81 -56.47 94.55
N ALA U 848 -99.26 -57.20 95.57
CA ALA U 848 -99.92 -56.55 96.69
C ALA U 848 -98.96 -55.67 97.47
N ASP U 849 -97.71 -56.14 97.63
CA ASP U 849 -96.73 -55.37 98.40
C ASP U 849 -96.41 -54.04 97.72
N ASP U 850 -96.39 -54.01 96.38
CA ASP U 850 -96.10 -52.75 95.71
C ASP U 850 -97.26 -51.77 95.86
N ILE U 851 -98.48 -52.25 96.04
CA ILE U 851 -99.66 -51.40 96.08
C ILE U 851 -99.75 -50.78 97.48
N LYS U 852 -99.40 -49.50 97.60
CA LYS U 852 -99.58 -48.78 98.85
C LYS U 852 -101.04 -48.39 99.01
N VAL U 853 -101.50 -48.30 100.26
CA VAL U 853 -102.88 -47.95 100.56
C VAL U 853 -102.93 -46.97 101.73
N SER U 854 -104.02 -46.21 101.79
CA SER U 854 -104.20 -45.20 102.82
C SER U 854 -105.69 -44.87 102.94
N ASN U 855 -106.09 -44.41 104.12
CA ASN U 855 -107.48 -44.08 104.37
C ASN U 855 -107.82 -42.62 104.07
N ASN U 856 -106.85 -41.86 103.53
CA ASN U 856 -107.08 -40.46 103.18
C ASN U 856 -106.56 -40.12 101.79
N ALA U 857 -106.34 -41.13 100.94
CA ALA U 857 -105.85 -40.93 99.58
C ALA U 857 -104.49 -40.23 99.56
N SER U 858 -103.67 -40.48 100.57
CA SER U 858 -102.34 -39.89 100.68
C SER U 858 -101.25 -40.76 100.08
N ALA U 859 -101.41 -42.08 100.12
CA ALA U 859 -100.38 -42.97 99.60
C ALA U 859 -100.50 -43.06 98.09
N GLU U 860 -99.37 -42.89 97.40
CA GLU U 860 -99.31 -42.89 95.93
C GLU U 860 -98.41 -44.03 95.47
N THR U 861 -99.00 -45.14 95.02
CA THR U 861 -98.24 -46.20 94.39
C THR U 861 -97.83 -45.79 92.96
N ARG U 862 -96.55 -45.94 92.63
CA ARG U 862 -96.03 -45.60 91.31
C ARG U 862 -96.00 -46.85 90.42
N VAL U 863 -96.50 -46.72 89.19
CA VAL U 863 -96.55 -47.84 88.25
C VAL U 863 -95.54 -47.56 87.14
N TYR U 864 -94.67 -48.53 86.88
CA TYR U 864 -93.60 -48.43 85.88
C TYR U 864 -93.68 -49.55 84.85
N PHE U 865 -93.57 -49.18 83.57
CA PHE U 865 -93.58 -50.12 82.46
C PHE U 865 -92.18 -50.27 81.90
N ASP U 866 -91.95 -51.39 81.18
CA ASP U 866 -90.59 -51.66 80.75
C ASP U 866 -90.24 -50.86 79.50
N ASP U 867 -91.19 -50.70 78.56
CA ASP U 867 -91.01 -49.86 77.39
C ASP U 867 -91.79 -48.56 77.58
N PRO U 868 -91.19 -47.38 77.38
CA PRO U 868 -91.95 -46.14 77.61
C PRO U 868 -93.10 -45.98 76.62
N MET U 869 -94.20 -45.40 77.10
CA MET U 869 -95.39 -45.17 76.27
C MET U 869 -95.26 -43.83 75.57
N MET U 870 -95.18 -43.86 74.24
CA MET U 870 -95.08 -42.65 73.44
C MET U 870 -96.48 -42.13 73.11
N ALA U 871 -96.93 -41.10 73.80
CA ALA U 871 -98.27 -40.57 73.57
C ALA U 871 -98.21 -39.52 72.46
N GLU U 872 -98.91 -39.79 71.36
CA GLU U 872 -98.99 -38.83 70.27
C GLU U 872 -99.92 -37.68 70.65
N GLY U 873 -99.58 -36.48 70.19
CA GLY U 873 -100.41 -35.33 70.51
C GLY U 873 -101.76 -35.40 69.81
N GLY U 874 -102.81 -35.03 70.55
CA GLY U 874 -104.16 -35.04 70.03
C GLY U 874 -104.87 -36.37 70.04
N LYS U 875 -104.23 -37.43 70.53
CA LYS U 875 -104.80 -38.77 70.57
C LYS U 875 -105.12 -39.14 72.00
N GLU U 876 -106.34 -39.63 72.22
CA GLU U 876 -106.79 -40.01 73.56
C GLU U 876 -106.30 -41.42 73.91
N TYR U 877 -105.93 -41.61 75.17
CA TYR U 877 -105.49 -42.90 75.68
C TYR U 877 -106.15 -43.14 77.03
N ALA U 878 -106.32 -44.41 77.38
CA ALA U 878 -107.03 -44.80 78.59
C ALA U 878 -106.17 -45.73 79.43
N ILE U 879 -105.94 -45.34 80.69
CA ILE U 879 -105.40 -46.26 81.67
C ILE U 879 -106.47 -47.29 82.01
N VAL U 880 -106.07 -48.56 82.15
CA VAL U 880 -107.01 -49.64 82.45
C VAL U 880 -106.46 -50.46 83.61
N ILE U 881 -107.33 -50.80 84.56
CA ILE U 881 -106.94 -51.48 85.79
C ILE U 881 -107.81 -52.72 85.92
N ILE U 882 -107.17 -53.90 85.94
CA ILE U 882 -107.85 -55.18 85.91
C ILE U 882 -107.30 -56.05 87.04
N THR U 883 -108.20 -56.74 87.76
CA THR U 883 -107.79 -57.68 88.78
C THR U 883 -108.97 -58.61 89.08
N GLU U 884 -108.67 -59.91 89.19
CA GLU U 884 -109.71 -60.90 89.45
C GLU U 884 -110.21 -60.86 90.90
N ASN U 885 -109.41 -60.35 91.82
CA ASN U 885 -109.81 -60.25 93.22
C ASN U 885 -110.90 -59.20 93.39
N SER U 886 -111.82 -59.47 94.32
CA SER U 886 -112.95 -58.62 94.61
C SER U 886 -112.71 -57.69 95.79
N ASP U 887 -111.48 -57.61 96.31
CA ASP U 887 -111.19 -56.85 97.51
C ASP U 887 -110.15 -55.78 97.16
N TYR U 888 -110.43 -55.04 96.09
CA TYR U 888 -109.59 -53.92 95.66
C TYR U 888 -110.48 -52.72 95.40
N THR U 889 -110.09 -51.57 95.96
CA THR U 889 -110.87 -50.34 95.86
C THR U 889 -109.92 -49.18 95.58
N MET U 890 -110.45 -48.14 94.93
CA MET U 890 -109.67 -46.99 94.52
C MET U 890 -110.46 -45.71 94.80
N TRP U 891 -109.72 -44.67 95.18
CA TRP U 891 -110.33 -43.37 95.41
C TRP U 891 -110.76 -42.75 94.08
N VAL U 892 -111.97 -42.16 94.08
CA VAL U 892 -112.53 -41.50 92.92
C VAL U 892 -113.10 -40.15 93.35
N GLY U 893 -112.85 -39.12 92.55
CA GLY U 893 -113.41 -37.80 92.78
C GLY U 893 -114.66 -37.62 91.95
N THR U 894 -115.73 -37.22 92.62
CA THR U 894 -117.04 -37.02 91.99
C THR U 894 -117.51 -35.59 92.26
N ARG U 895 -118.13 -34.99 91.25
CA ARG U 895 -118.60 -33.62 91.35
C ARG U 895 -119.74 -33.53 92.36
N THR U 896 -119.79 -32.41 93.09
CA THR U 896 -120.80 -32.05 94.08
C THR U 896 -120.65 -32.82 95.40
N LYS U 897 -119.65 -33.76 95.52
CA LYS U 897 -119.47 -34.51 96.76
C LYS U 897 -118.38 -33.86 97.62
N PRO U 898 -118.46 -34.01 98.94
CA PRO U 898 -117.41 -33.43 99.79
C PRO U 898 -116.07 -34.14 99.63
N LYS U 899 -115.00 -33.38 99.85
CA LYS U 899 -113.66 -33.95 99.82
C LYS U 899 -113.41 -34.78 101.08
N ILE U 900 -112.56 -35.79 100.93
CA ILE U 900 -112.33 -36.73 102.03
C ILE U 900 -111.65 -36.05 103.20
N ASP U 901 -110.58 -35.30 102.93
CA ASP U 901 -109.83 -34.60 103.95
C ASP U 901 -110.43 -33.24 104.30
N LYS U 902 -111.30 -32.69 103.45
CA LYS U 902 -111.93 -31.39 103.67
C LYS U 902 -113.43 -31.53 103.39
N PRO U 903 -114.18 -32.09 104.35
CA PRO U 903 -115.64 -32.19 104.14
C PRO U 903 -116.33 -30.85 103.97
N ASN U 904 -115.80 -29.78 104.58
CA ASN U 904 -116.36 -28.44 104.39
C ASN U 904 -116.41 -28.06 102.91
N GLU U 905 -115.39 -28.44 102.14
CA GLU U 905 -115.33 -28.11 100.73
C GLU U 905 -115.94 -29.25 99.89
N VAL U 906 -116.50 -28.88 98.75
CA VAL U 906 -117.10 -29.82 97.81
C VAL U 906 -116.50 -29.59 96.44
N ILE U 907 -116.38 -30.68 95.68
CA ILE U 907 -115.86 -30.60 94.31
C ILE U 907 -116.91 -29.88 93.47
N SER U 908 -116.62 -28.64 93.07
CA SER U 908 -117.62 -27.81 92.41
C SER U 908 -117.78 -28.20 90.94
N GLY U 909 -116.73 -28.04 90.16
CA GLY U 909 -116.72 -28.44 88.77
C GLY U 909 -116.31 -29.89 88.57
N ASN U 910 -116.14 -30.26 87.30
CA ASN U 910 -115.65 -31.59 86.97
C ASN U 910 -114.24 -31.76 87.52
N PRO U 911 -113.88 -32.94 88.04
CA PRO U 911 -112.50 -33.10 88.53
C PRO U 911 -111.47 -32.93 87.42
N TYR U 912 -111.61 -33.69 86.33
CA TYR U 912 -110.75 -33.60 85.17
C TYR U 912 -111.64 -33.52 83.94
N LEU U 913 -111.65 -32.35 83.30
CA LEU U 913 -112.63 -32.07 82.26
C LEU U 913 -112.40 -32.95 81.03
N GLN U 914 -111.15 -33.23 80.69
CA GLN U 914 -110.81 -33.91 79.46
C GLN U 914 -110.72 -35.43 79.59
N GLY U 915 -111.16 -35.99 80.71
CA GLY U 915 -111.22 -37.42 80.87
C GLY U 915 -112.52 -37.84 81.55
N VAL U 916 -112.79 -39.14 81.43
CA VAL U 916 -114.04 -39.73 81.92
C VAL U 916 -113.72 -41.05 82.61
N LEU U 917 -114.37 -41.28 83.74
CA LEU U 917 -114.27 -42.56 84.44
C LEU U 917 -115.13 -43.59 83.74
N PHE U 918 -114.62 -44.82 83.64
CA PHE U 918 -115.31 -45.94 83.02
C PHE U 918 -115.35 -47.12 83.97
N SER U 919 -116.40 -47.93 83.84
CA SER U 919 -116.56 -49.16 84.58
C SER U 919 -117.10 -50.24 83.65
N SER U 920 -116.63 -51.47 83.84
CA SER U 920 -117.03 -52.58 82.98
C SER U 920 -117.09 -53.85 83.80
N SER U 921 -117.91 -54.80 83.32
CA SER U 921 -117.98 -56.12 83.92
C SER U 921 -117.08 -57.14 83.23
N ASN U 922 -116.64 -56.88 81.99
CA ASN U 922 -115.84 -57.82 81.23
C ASN U 922 -114.67 -57.16 80.50
N ALA U 923 -114.35 -55.90 80.79
CA ALA U 923 -113.25 -55.18 80.16
C ALA U 923 -113.43 -55.04 78.65
N SER U 924 -114.66 -55.11 78.16
CA SER U 924 -115.00 -54.86 76.76
C SER U 924 -116.04 -53.77 76.62
N THR U 925 -117.16 -53.88 77.33
CA THR U 925 -118.23 -52.89 77.30
C THR U 925 -118.07 -51.97 78.50
N TRP U 926 -117.88 -50.68 78.25
CA TRP U 926 -117.55 -49.71 79.29
C TRP U 926 -118.73 -48.77 79.51
N THR U 927 -119.10 -48.58 80.78
CA THR U 927 -120.16 -47.66 81.16
C THR U 927 -119.53 -46.35 81.64
N PRO U 928 -119.73 -45.21 80.99
CA PRO U 928 -118.99 -44.02 81.39
C PRO U 928 -119.63 -43.38 82.61
N HIS U 929 -118.82 -42.68 83.39
CA HIS U 929 -119.28 -41.88 84.53
C HIS U 929 -118.81 -40.46 84.27
N GLN U 930 -119.71 -39.63 83.74
CA GLN U 930 -119.30 -38.29 83.30
C GLN U 930 -118.87 -37.41 84.46
N ASN U 931 -119.54 -37.53 85.60
CA ASN U 931 -119.30 -36.66 86.75
C ASN U 931 -118.16 -37.12 87.64
N SER U 932 -117.48 -38.21 87.30
CA SER U 932 -116.47 -38.81 88.16
C SER U 932 -115.17 -39.03 87.37
N ASP U 933 -114.05 -38.88 88.06
CA ASP U 933 -112.74 -39.19 87.50
C ASP U 933 -111.85 -39.72 88.62
N LEU U 934 -110.92 -40.58 88.23
CA LEU U 934 -109.97 -41.16 89.19
C LEU U 934 -109.03 -40.10 89.71
N LYS U 935 -108.49 -40.32 90.91
CA LYS U 935 -107.37 -39.55 91.41
C LYS U 935 -106.11 -40.20 90.87
N PHE U 936 -105.43 -39.52 89.96
CA PHE U 936 -104.29 -40.09 89.27
C PHE U 936 -103.32 -38.98 88.88
N GLY U 937 -102.11 -39.40 88.54
CA GLY U 937 -101.09 -38.49 88.05
C GLY U 937 -100.16 -39.15 87.06
N ILE U 938 -99.95 -38.51 85.92
CA ILE U 938 -99.16 -39.05 84.83
C ILE U 938 -97.85 -38.30 84.76
N TYR U 939 -96.74 -39.03 84.70
CA TYR U 939 -95.39 -38.47 84.67
C TYR U 939 -94.81 -38.67 83.27
N THR U 940 -94.30 -37.59 82.68
CA THR U 940 -93.63 -37.62 81.38
C THR U 940 -92.16 -37.26 81.57
N SER U 941 -91.28 -37.93 80.82
CA SER U 941 -89.85 -37.78 80.99
C SER U 941 -89.18 -37.08 79.81
N LYS U 942 -88.00 -36.50 80.09
CA LYS U 942 -87.05 -35.96 79.11
C LYS U 942 -85.69 -36.60 79.34
N PHE U 943 -85.07 -37.13 78.28
CA PHE U 943 -83.79 -37.83 78.42
C PHE U 943 -82.62 -36.84 78.41
N ASN U 944 -81.53 -37.19 79.07
CA ASN U 944 -80.34 -36.36 79.19
C ASN U 944 -79.14 -37.09 78.62
N GLU U 945 -77.98 -36.42 78.63
CA GLU U 945 -76.82 -36.85 77.84
C GLU U 945 -76.39 -38.28 78.19
N THR U 946 -75.98 -38.52 79.44
CA THR U 946 -75.38 -39.79 79.84
C THR U 946 -75.93 -40.22 81.20
N ALA U 947 -75.75 -41.51 81.52
CA ALA U 947 -76.20 -42.10 82.79
C ALA U 947 -75.05 -42.89 83.41
N THR U 948 -75.10 -43.06 84.74
CA THR U 948 -74.04 -43.73 85.49
C THR U 948 -74.63 -44.61 86.58
N ILE U 949 -74.07 -45.81 86.73
CA ILE U 949 -74.34 -46.72 87.85
C ILE U 949 -73.05 -46.89 88.64
N GLU U 950 -73.16 -46.81 89.97
CA GLU U 950 -72.05 -47.12 90.88
C GLU U 950 -72.42 -48.34 91.70
N PHE U 951 -71.55 -49.34 91.69
CA PHE U 951 -71.75 -50.57 92.44
C PHE U 951 -71.04 -50.51 93.80
N GLU U 952 -71.67 -51.13 94.78
CA GLU U 952 -71.22 -51.07 96.18
C GLU U 952 -69.83 -51.72 96.23
N PRO U 953 -68.96 -51.30 97.15
CA PRO U 953 -67.60 -51.85 97.13
C PRO U 953 -67.59 -53.34 97.43
N ILE U 954 -66.85 -54.09 96.60
CA ILE U 954 -66.95 -55.55 96.52
C ILE U 954 -66.62 -56.18 97.87
N LYS U 981 -60.11 -65.39 92.27
CA LYS U 981 -60.83 -64.83 93.41
C LYS U 981 -59.85 -64.20 94.43
N LEU U 982 -58.63 -63.85 93.97
CA LEU U 982 -57.70 -63.04 94.76
C LEU U 982 -57.44 -61.74 94.00
N ILE U 983 -57.56 -60.61 94.73
CA ILE U 983 -57.88 -59.31 94.12
C ILE U 983 -56.91 -58.90 93.01
N LEU U 984 -55.59 -58.99 93.21
CA LEU U 984 -54.69 -58.40 92.20
C LEU U 984 -54.77 -59.17 90.89
N ASP U 985 -54.56 -60.48 90.90
CA ASP U 985 -54.75 -61.23 89.67
C ASP U 985 -56.21 -61.24 89.20
N ASP U 986 -57.19 -61.04 90.09
CA ASP U 986 -58.55 -60.76 89.63
C ASP U 986 -58.61 -59.49 88.81
N MET U 987 -58.14 -58.37 89.36
CA MET U 987 -58.42 -57.10 88.71
C MET U 987 -57.67 -56.95 87.40
N ALA U 988 -56.60 -57.72 87.19
CA ALA U 988 -55.97 -57.81 85.88
C ALA U 988 -56.91 -58.44 84.85
N SER U 989 -57.76 -59.37 85.29
CA SER U 989 -58.76 -60.00 84.44
C SER U 989 -60.05 -59.21 84.40
N SER U 990 -60.39 -58.54 85.51
CA SER U 990 -61.49 -57.59 85.52
C SER U 990 -61.33 -56.57 84.40
N THR U 991 -60.19 -55.84 84.41
CA THR U 991 -59.92 -54.86 83.37
C THR U 991 -59.85 -55.46 81.97
N THR U 992 -59.69 -56.78 81.84
CA THR U 992 -59.72 -57.41 80.51
C THR U 992 -61.15 -57.52 79.99
N PHE U 993 -62.09 -57.89 80.86
CA PHE U 993 -63.48 -58.10 80.48
C PHE U 993 -64.36 -56.86 80.58
N ASP U 994 -64.09 -55.91 81.49
CA ASP U 994 -64.89 -54.68 81.55
C ASP U 994 -64.42 -53.66 80.51
N GLN U 995 -64.83 -53.89 79.26
CA GLN U 995 -64.49 -52.97 78.18
C GLN U 995 -65.67 -52.78 77.23
N LEU U 996 -65.69 -51.62 76.57
CA LEU U 996 -66.77 -51.22 75.67
C LEU U 996 -67.08 -52.30 74.63
N LYS U 997 -66.04 -52.87 74.03
CA LYS U 997 -66.21 -53.79 72.91
C LYS U 997 -66.11 -55.25 73.34
N TRP U 998 -65.98 -55.51 74.64
CA TRP U 998 -66.34 -56.79 75.23
C TRP U 998 -67.86 -56.71 75.48
N GLU U 999 -68.39 -57.61 76.29
CA GLU U 999 -69.80 -57.59 76.67
C GLU U 999 -70.23 -56.30 77.38
N PRO U 1000 -69.67 -55.92 78.55
CA PRO U 1000 -70.23 -54.76 79.27
C PRO U 1000 -69.98 -53.43 78.56
N ILE U 1001 -71.08 -52.82 78.10
CA ILE U 1001 -71.01 -51.67 77.18
C ILE U 1001 -70.67 -50.34 77.87
N GLY U 1002 -70.84 -50.22 79.18
CA GLY U 1002 -70.50 -48.97 79.84
C GLY U 1002 -69.01 -48.68 79.81
N ASN U 1003 -68.67 -47.38 79.83
CA ASN U 1003 -67.30 -46.97 80.12
C ASN U 1003 -67.05 -47.15 81.60
N TYR U 1004 -65.86 -47.65 81.96
CA TYR U 1004 -65.58 -48.03 83.35
C TYR U 1004 -64.54 -47.14 83.99
N GLN U 1005 -64.79 -46.84 85.27
CA GLN U 1005 -63.83 -46.24 86.17
C GLN U 1005 -63.75 -47.12 87.43
N ASP U 1006 -62.56 -47.19 88.01
CA ASP U 1006 -62.19 -48.27 88.91
C ASP U 1006 -61.36 -47.73 90.08
N LEU U 1007 -61.94 -47.76 91.29
CA LEU U 1007 -61.29 -47.22 92.49
C LEU U 1007 -60.93 -48.34 93.47
N ASP U 1008 -59.65 -48.43 93.80
CA ASP U 1008 -59.18 -49.29 94.89
C ASP U 1008 -59.07 -48.48 96.17
N VAL U 1009 -59.36 -49.12 97.32
CA VAL U 1009 -58.99 -48.50 98.58
C VAL U 1009 -57.49 -48.62 98.82
N LEU U 1010 -56.92 -49.78 98.46
CA LEU U 1010 -55.49 -50.05 98.48
C LEU U 1010 -55.26 -51.38 97.78
N GLY U 1011 -54.02 -51.61 97.38
CA GLY U 1011 -53.68 -52.82 96.62
C GLY U 1011 -54.01 -54.08 97.40
N LEU U 1012 -54.50 -55.09 96.67
CA LEU U 1012 -54.89 -56.40 97.19
C LEU U 1012 -56.03 -56.37 98.22
N ALA U 1013 -56.64 -55.21 98.46
CA ALA U 1013 -57.75 -55.10 99.39
C ALA U 1013 -59.08 -55.45 98.68
N ARG U 1014 -60.02 -56.03 99.44
CA ARG U 1014 -61.30 -56.41 98.84
C ARG U 1014 -62.14 -55.21 98.40
N GLN U 1015 -61.89 -54.01 98.94
CA GLN U 1015 -62.77 -52.86 98.68
C GLN U 1015 -62.44 -52.19 97.33
N VAL U 1016 -62.63 -52.99 96.26
CA VAL U 1016 -62.78 -52.49 94.90
C VAL U 1016 -64.14 -51.82 94.79
N LYS U 1017 -64.22 -50.69 94.09
CA LYS U 1017 -65.50 -50.01 93.87
C LYS U 1017 -65.55 -49.49 92.43
N LEU U 1018 -66.62 -49.85 91.71
CA LEU U 1018 -66.71 -49.70 90.25
C LEU U 1018 -67.82 -48.74 89.84
N ARG U 1019 -67.54 -47.95 88.79
CA ARG U 1019 -68.45 -46.94 88.25
C ARG U 1019 -68.59 -47.15 86.74
N ALA U 1020 -69.82 -47.43 86.28
CA ALA U 1020 -70.14 -47.67 84.87
C ALA U 1020 -70.96 -46.52 84.29
N THR U 1021 -70.49 -45.91 83.19
CA THR U 1021 -71.16 -44.80 82.52
C THR U 1021 -71.53 -45.21 81.09
N PHE U 1022 -72.79 -44.94 80.70
CA PHE U 1022 -73.30 -45.25 79.36
C PHE U 1022 -74.11 -44.07 78.83
N GLU U 1023 -74.07 -43.90 77.51
CA GLU U 1023 -74.78 -42.83 76.82
C GLU U 1023 -76.28 -43.14 76.80
N SER U 1024 -77.09 -42.15 77.12
CA SER U 1024 -78.53 -42.34 77.32
C SER U 1024 -79.34 -41.97 76.07
N ASN U 1025 -80.61 -42.35 76.07
CA ASN U 1025 -81.49 -42.12 74.91
C ASN U 1025 -82.95 -42.19 75.35
N ARG U 1026 -83.87 -41.84 74.44
CA ARG U 1026 -85.30 -41.74 74.74
C ARG U 1026 -85.99 -43.08 75.06
N TYR U 1027 -85.39 -44.22 74.72
CA TYR U 1027 -86.01 -45.52 74.87
C TYR U 1027 -85.52 -46.29 76.10
N ILE U 1028 -84.87 -45.61 77.04
CA ILE U 1028 -84.35 -46.28 78.23
C ILE U 1028 -85.51 -46.76 79.10
N SER U 1029 -85.41 -47.99 79.60
CA SER U 1029 -86.50 -48.61 80.35
C SER U 1029 -86.82 -47.84 81.64
N PRO U 1030 -88.07 -47.42 81.88
CA PRO U 1030 -88.40 -46.85 83.20
C PRO U 1030 -88.26 -47.86 84.32
N LEU U 1031 -88.79 -49.07 84.13
CA LEU U 1031 -88.75 -50.09 85.18
C LEU U 1031 -87.33 -50.46 85.58
N MET U 1032 -86.40 -50.61 84.62
CA MET U 1032 -85.02 -50.85 85.03
C MET U 1032 -84.42 -49.64 85.71
N SER U 1033 -84.88 -48.42 85.38
CA SER U 1033 -84.28 -47.24 85.99
C SER U 1033 -84.72 -47.07 87.44
N SER U 1034 -85.98 -47.37 87.74
CA SER U 1034 -86.54 -47.14 89.08
C SER U 1034 -86.41 -48.34 90.01
N SER U 1035 -86.33 -49.56 89.49
CA SER U 1035 -86.14 -50.75 90.31
C SER U 1035 -84.70 -50.83 90.82
N ASP U 1036 -84.45 -51.81 91.69
CA ASP U 1036 -83.15 -52.02 92.30
C ASP U 1036 -82.26 -52.88 91.39
N LEU U 1037 -80.94 -52.66 91.46
CA LEU U 1037 -80.02 -53.20 90.46
C LEU U 1037 -78.90 -54.00 91.12
N THR U 1038 -78.38 -54.97 90.36
CA THR U 1038 -77.20 -55.76 90.72
C THR U 1038 -76.28 -55.86 89.50
N PHE U 1039 -75.02 -56.22 89.75
CA PHE U 1039 -74.03 -56.44 88.69
C PHE U 1039 -74.36 -57.63 87.80
N THR U 1040 -75.36 -58.44 88.17
CA THR U 1040 -75.85 -59.53 87.34
C THR U 1040 -77.17 -59.22 86.62
N THR U 1041 -77.99 -58.32 87.15
CA THR U 1041 -79.19 -57.86 86.45
C THR U 1041 -78.85 -56.75 85.47
N PHE U 1042 -77.93 -55.89 85.87
CA PHE U 1042 -77.14 -55.15 84.91
C PHE U 1042 -76.17 -56.13 84.28
N LEU U 1043 -75.66 -55.80 83.09
CA LEU U 1043 -74.78 -56.70 82.37
C LEU U 1043 -75.43 -58.06 82.14
N THR U 1044 -76.61 -58.04 81.52
CA THR U 1044 -77.33 -59.22 81.05
C THR U 1044 -77.34 -59.24 79.52
N GLU U 1045 -77.11 -60.41 78.92
CA GLU U 1045 -77.22 -60.53 77.46
C GLU U 1045 -78.67 -60.86 77.14
N LEU U 1046 -79.46 -59.85 76.76
CA LEU U 1046 -80.80 -60.11 76.25
C LEU U 1046 -80.71 -60.61 74.82
N THR U 1047 -81.55 -61.58 74.46
CA THR U 1047 -81.59 -62.06 73.09
C THR U 1047 -83.03 -62.37 72.69
N GLY U 1048 -83.28 -62.32 71.38
CA GLY U 1048 -84.59 -62.61 70.85
C GLY U 1048 -84.57 -62.48 69.35
N SER U 1049 -85.70 -62.78 68.72
CA SER U 1049 -85.81 -62.70 67.27
C SER U 1049 -87.26 -62.53 66.87
N TYR U 1050 -87.47 -61.91 65.71
CA TYR U 1050 -88.76 -61.86 65.03
C TYR U 1050 -88.74 -62.92 63.93
N VAL U 1051 -89.79 -63.74 63.87
CA VAL U 1051 -89.93 -64.78 62.84
C VAL U 1051 -91.30 -64.65 62.19
N GLY U 1052 -91.35 -64.35 60.89
CA GLY U 1052 -92.61 -64.22 60.15
C GLY U 1052 -93.17 -65.58 59.75
N ARG U 1053 -94.48 -65.69 59.52
CA ARG U 1053 -95.10 -66.91 58.97
C ARG U 1053 -94.54 -67.24 57.57
N ALA U 1054 -94.31 -68.53 57.30
CA ALA U 1054 -93.75 -69.01 56.05
C ALA U 1054 -94.67 -68.67 54.88
N ILE U 1055 -94.10 -68.27 53.74
CA ILE U 1055 -94.85 -67.98 52.53
C ILE U 1055 -94.48 -68.98 51.42
N ASP U 1056 -95.48 -69.70 50.93
CA ASP U 1056 -95.37 -70.46 49.68
C ASP U 1056 -95.36 -69.49 48.49
N MET U 1057 -94.23 -69.39 47.80
CA MET U 1057 -94.05 -68.53 46.62
C MET U 1057 -93.99 -69.36 45.31
N THR U 1058 -94.51 -70.59 45.30
CA THR U 1058 -94.48 -71.45 44.10
C THR U 1058 -95.26 -70.83 42.92
N GLU U 1059 -96.25 -69.98 43.21
CA GLU U 1059 -96.99 -69.19 42.22
C GLU U 1059 -96.21 -67.99 41.64
N ALA U 1060 -95.09 -67.60 42.27
CA ALA U 1060 -94.16 -66.59 41.78
C ALA U 1060 -92.72 -66.81 42.30
N PRO U 1061 -91.98 -67.77 41.72
CA PRO U 1061 -90.57 -67.99 42.03
C PRO U 1061 -89.70 -66.74 41.83
N TYR U 1062 -88.56 -66.70 42.51
CA TYR U 1062 -87.62 -65.56 42.52
C TYR U 1062 -86.16 -66.04 42.59
N ASN U 1063 -85.20 -65.18 42.28
CA ASN U 1063 -83.78 -65.48 42.54
C ASN U 1063 -83.01 -64.34 43.20
N THR U 1064 -83.63 -63.17 43.31
CA THR U 1064 -83.03 -61.92 43.79
C THR U 1064 -83.93 -61.30 44.84
N VAL U 1065 -83.36 -60.64 45.84
CA VAL U 1065 -84.13 -59.99 46.90
C VAL U 1065 -83.62 -58.57 47.14
N ARG U 1066 -84.53 -57.60 47.18
CA ARG U 1066 -84.30 -56.27 47.75
C ARG U 1066 -84.94 -56.23 49.13
N PHE U 1067 -84.10 -56.36 50.15
CA PHE U 1067 -84.48 -56.56 51.55
C PHE U 1067 -84.21 -55.28 52.33
N SER U 1068 -85.23 -54.67 52.94
CA SER U 1068 -85.14 -53.35 53.58
C SER U 1068 -85.70 -53.38 54.99
N TYR U 1069 -84.96 -52.79 55.94
CA TYR U 1069 -85.48 -52.59 57.29
C TYR U 1069 -84.79 -51.38 57.91
N GLU U 1070 -85.45 -50.79 58.89
CA GLU U 1070 -84.92 -49.67 59.66
C GLU U 1070 -84.65 -50.14 61.08
N ALA U 1071 -83.47 -49.84 61.60
CA ALA U 1071 -83.03 -50.33 62.91
C ALA U 1071 -82.34 -49.23 63.69
N PHE U 1072 -82.63 -49.17 64.99
CA PHE U 1072 -81.89 -48.33 65.92
C PHE U 1072 -80.95 -49.19 66.74
N LEU U 1073 -79.64 -48.93 66.61
CA LEU U 1073 -78.59 -49.79 67.15
C LEU U 1073 -77.77 -49.02 68.17
N PRO U 1074 -78.11 -49.09 69.45
CA PRO U 1074 -77.20 -48.54 70.47
C PRO U 1074 -75.92 -49.35 70.53
N LYS U 1075 -74.95 -48.82 71.27
CA LYS U 1075 -73.67 -49.50 71.37
C LYS U 1075 -73.86 -50.86 72.04
N GLY U 1076 -73.19 -51.88 71.50
CA GLY U 1076 -73.31 -53.24 71.98
C GLY U 1076 -74.47 -54.04 71.43
N THR U 1077 -75.31 -53.45 70.57
CA THR U 1077 -76.45 -54.15 70.00
N LYS U 1078 -76.96 -55.51 68.07
CA LYS U 1078 -76.83 -56.04 66.73
C LYS U 1078 -78.18 -56.48 66.20
N VAL U 1079 -78.36 -56.34 64.88
CA VAL U 1079 -79.50 -56.86 64.16
C VAL U 1079 -78.98 -57.58 62.92
N VAL U 1080 -79.27 -58.87 62.83
CA VAL U 1080 -78.72 -59.74 61.78
C VAL U 1080 -79.88 -60.28 60.95
N PRO U 1081 -80.07 -59.83 59.70
CA PRO U 1081 -81.18 -60.38 58.91
C PRO U 1081 -80.85 -61.78 58.40
N LYS U 1082 -81.92 -62.56 58.21
CA LYS U 1082 -81.79 -63.93 57.73
C LYS U 1082 -83.02 -64.29 56.90
N TYR U 1083 -82.87 -65.33 56.10
CA TYR U 1083 -83.91 -65.84 55.21
C TYR U 1083 -83.83 -67.38 55.12
N SER U 1084 -84.99 -68.02 54.96
CA SER U 1084 -85.09 -69.45 54.68
C SER U 1084 -85.98 -69.67 53.45
N ALA U 1085 -85.58 -70.64 52.63
CA ALA U 1085 -86.37 -71.14 51.50
C ALA U 1085 -86.76 -72.62 51.69
N ASP U 1086 -86.78 -73.12 52.93
CA ASP U 1086 -87.16 -74.50 53.22
C ASP U 1086 -88.00 -74.59 54.50
N ASP U 1087 -88.82 -73.58 54.78
CA ASP U 1087 -89.68 -73.57 55.97
C ASP U 1087 -88.88 -73.69 57.26
N GLY U 1088 -87.76 -72.97 57.35
CA GLY U 1088 -87.01 -72.88 58.59
C GLY U 1088 -86.14 -74.06 58.92
N LYS U 1089 -85.91 -75.01 58.07
CA LYS U 1089 -84.98 -76.07 58.21
C LYS U 1089 -83.57 -75.56 58.30
N THR U 1090 -83.22 -74.63 57.40
CA THR U 1090 -81.92 -73.99 57.38
C THR U 1090 -82.09 -72.49 57.16
N TRP U 1091 -81.32 -71.69 57.89
CA TRP U 1091 -81.36 -70.24 57.82
C TRP U 1091 -80.08 -69.73 57.19
N LYS U 1092 -80.22 -68.91 56.14
CA LYS U 1092 -79.09 -68.38 55.41
C LYS U 1092 -78.82 -66.92 55.79
N THR U 1093 -77.61 -66.45 55.44
CA THR U 1093 -77.17 -65.09 55.75
C THR U 1093 -76.67 -64.41 54.48
N PHE U 1094 -77.03 -63.13 54.29
CA PHE U 1094 -76.67 -62.33 53.11
C PHE U 1094 -75.15 -62.15 52.97
N THR U 1095 -74.66 -62.05 51.73
CA THR U 1095 -73.23 -61.87 51.43
C THR U 1095 -72.84 -60.40 51.27
N LYS U 1096 -73.72 -59.57 50.69
CA LYS U 1096 -73.50 -58.12 50.59
C LYS U 1096 -73.67 -57.40 51.93
N SER U 1097 -72.82 -56.42 52.17
CA SER U 1097 -72.99 -55.44 53.24
C SER U 1097 -74.14 -54.48 52.90
N PRO U 1098 -74.96 -54.03 53.88
CA PRO U 1098 -76.11 -53.18 53.60
C PRO U 1098 -75.71 -51.74 53.26
N THR U 1099 -76.31 -51.14 52.23
CA THR U 1099 -76.20 -49.70 52.05
C THR U 1099 -77.09 -48.98 53.08
N THR U 1100 -76.56 -47.91 53.68
CA THR U 1100 -77.19 -47.24 54.81
C THR U 1100 -77.69 -45.85 54.42
N THR U 1101 -78.93 -45.55 54.79
CA THR U 1101 -79.50 -44.22 54.66
C THR U 1101 -80.15 -43.82 55.98
N ARG U 1102 -79.84 -42.62 56.51
CA ARG U 1102 -80.40 -42.13 57.78
C ARG U 1102 -81.88 -41.75 57.67
N ALA U 1103 -82.71 -42.21 58.62
CA ALA U 1103 -84.13 -41.87 58.69
C ALA U 1103 -84.41 -40.67 59.60
N ASN U 1104 -83.84 -40.70 60.81
CA ASN U 1104 -83.95 -39.65 61.82
C ASN U 1104 -82.74 -39.68 62.77
N ASN U 1105 -82.80 -39.05 63.94
CA ASN U 1105 -81.67 -39.06 64.85
C ASN U 1105 -81.34 -40.50 65.35
N GLU U 1106 -82.34 -41.34 65.61
CA GLU U 1106 -82.17 -42.69 66.10
C GLU U 1106 -82.01 -43.73 64.98
N PHE U 1107 -83.06 -43.92 64.18
CA PHE U 1107 -83.14 -45.03 63.24
C PHE U 1107 -82.34 -44.77 61.96
N THR U 1108 -81.82 -45.86 61.39
CA THR U 1108 -81.10 -45.85 60.12
C THR U 1108 -81.62 -46.98 59.25
N ARG U 1109 -81.83 -46.68 57.98
CA ARG U 1109 -82.40 -47.64 57.04
C ARG U 1109 -81.31 -48.51 56.43
N TYR U 1110 -81.47 -49.83 56.54
CA TYR U 1110 -80.54 -50.81 55.99
C TYR U 1110 -81.24 -51.55 54.86
N VAL U 1111 -80.58 -51.56 53.69
CA VAL U 1111 -81.06 -52.25 52.50
C VAL U 1111 -79.95 -53.14 51.94
N ILE U 1112 -80.31 -54.36 51.55
CA ILE U 1112 -79.46 -55.30 50.82
C ILE U 1112 -80.16 -55.65 49.50
N ASP U 1113 -79.41 -55.82 48.42
CA ASP U 1113 -79.96 -56.12 47.08
C ASP U 1113 -79.10 -57.19 46.39
N GLU U 1114 -79.52 -58.45 46.53
CA GLU U 1114 -78.66 -59.63 46.32
C GLU U 1114 -79.37 -60.75 45.54
N LYS U 1115 -78.68 -61.34 44.55
CA LYS U 1115 -79.15 -62.49 43.77
C LYS U 1115 -78.89 -63.79 44.54
N VAL U 1116 -79.73 -64.04 45.55
CA VAL U 1116 -79.61 -65.11 46.57
C VAL U 1116 -79.54 -66.55 46.02
N LYS U 1117 -79.86 -66.78 44.74
CA LYS U 1117 -79.37 -67.97 43.99
C LYS U 1117 -78.88 -67.58 42.60
N SER U 1118 -77.72 -68.10 42.17
CA SER U 1118 -77.07 -67.71 40.90
C SER U 1118 -77.70 -68.34 39.64
N SER U 1119 -78.33 -69.52 39.76
CA SER U 1119 -79.05 -70.17 38.66
C SER U 1119 -80.31 -70.88 39.16
N GLY U 1120 -81.33 -70.99 38.31
CA GLY U 1120 -82.68 -71.38 38.73
C GLY U 1120 -83.34 -70.34 39.66
N THR U 1121 -84.25 -70.80 40.51
CA THR U 1121 -85.05 -69.94 41.42
C THR U 1121 -85.34 -70.62 42.76
N ASN U 1122 -85.57 -69.80 43.78
CA ASN U 1122 -86.27 -70.15 45.01
C ASN U 1122 -87.80 -70.09 44.78
N THR U 1123 -88.56 -70.88 45.54
CA THR U 1123 -90.03 -71.00 45.44
C THR U 1123 -90.76 -70.77 46.76
N LYS U 1124 -90.04 -70.39 47.83
CA LYS U 1124 -90.58 -70.11 49.18
C LYS U 1124 -89.78 -68.99 49.82
N LEU U 1125 -90.36 -68.30 50.81
CA LEU U 1125 -89.60 -67.44 51.70
C LEU U 1125 -90.15 -67.50 53.14
N GLN U 1126 -89.24 -67.47 54.11
CA GLN U 1126 -89.51 -67.06 55.49
C GLN U 1126 -88.46 -66.03 55.93
N VAL U 1127 -88.92 -64.96 56.58
CA VAL U 1127 -88.12 -63.77 56.94
C VAL U 1127 -87.83 -63.74 58.45
N ARG U 1128 -86.59 -63.41 58.84
CA ARG U 1128 -86.19 -63.48 60.25
C ARG U 1128 -85.23 -62.34 60.56
N LEU U 1129 -85.35 -61.81 61.78
CA LEU U 1129 -84.46 -60.77 62.30
C LEU U 1129 -84.02 -61.21 63.70
N ASP U 1130 -82.71 -61.23 63.92
CA ASP U 1130 -82.13 -61.65 65.19
C ASP U 1130 -81.67 -60.43 65.98
N LEU U 1131 -82.28 -60.22 67.14
CA LEU U 1131 -81.94 -59.10 68.02
C LEU U 1131 -81.20 -59.59 69.25
N SER U 1132 -80.14 -58.88 69.64
CA SER U 1132 -79.34 -59.24 70.80
C SER U 1132 -78.76 -57.99 71.44
N THR U 1133 -78.45 -58.08 72.73
CA THR U 1133 -77.81 -57.00 73.48
C THR U 1133 -76.69 -57.58 74.33
N GLU U 1134 -75.89 -56.69 74.93
CA GLU U 1134 -74.87 -57.08 75.87
C GLU U 1134 -74.95 -56.30 77.20
N ASN U 1135 -76.02 -55.52 77.41
CA ASN U 1135 -76.43 -55.17 78.77
C ASN U 1135 -77.94 -54.92 78.78
N SER U 1136 -78.49 -54.78 79.99
CA SER U 1136 -79.93 -54.73 80.20
C SER U 1136 -80.57 -53.40 79.78
N PHE U 1137 -79.81 -52.30 79.76
CA PHE U 1137 -80.38 -50.97 79.48
C PHE U 1137 -80.43 -50.66 78.00
N LEU U 1138 -79.34 -50.91 77.27
CA LEU U 1138 -79.23 -50.54 75.86
C LEU U 1138 -79.73 -51.68 74.99
N ARG U 1139 -80.88 -51.49 74.34
CA ARG U 1139 -81.55 -52.50 73.52
C ARG U 1139 -81.81 -51.96 72.11
N PRO U 1140 -81.81 -52.81 71.07
CA PRO U 1140 -82.12 -52.32 69.72
C PRO U 1140 -83.61 -52.25 69.48
N ARG U 1141 -83.97 -51.58 68.38
CA ARG U 1141 -85.35 -51.47 67.93
C ARG U 1141 -85.38 -51.56 66.41
N VAL U 1142 -86.48 -52.08 65.88
CA VAL U 1142 -86.66 -52.27 64.45
C VAL U 1142 -88.07 -51.83 64.07
N ARG U 1143 -88.23 -51.39 62.82
CA ARG U 1143 -89.53 -50.98 62.32
C ARG U 1143 -89.53 -50.92 60.81
N ARG U 1144 -90.72 -51.08 60.23
CA ARG U 1144 -90.94 -50.88 58.80
C ARG U 1144 -90.13 -51.88 57.98
N LEU U 1145 -90.27 -53.18 58.29
CA LEU U 1145 -89.65 -54.27 57.53
C LEU U 1145 -90.37 -54.47 56.18
N MET U 1146 -89.67 -54.25 55.07
CA MET U 1146 -90.19 -54.32 53.69
C MET U 1146 -89.27 -55.18 52.80
N VAL U 1147 -89.84 -56.12 52.06
CA VAL U 1147 -89.08 -57.05 51.23
C VAL U 1147 -89.78 -57.27 49.88
N THR U 1148 -88.99 -57.29 48.81
CA THR U 1148 -89.45 -57.65 47.47
C THR U 1148 -88.48 -58.66 46.85
N THR U 1149 -89.00 -59.71 46.23
CA THR U 1149 -88.19 -60.83 45.71
C THR U 1149 -88.19 -60.82 44.19
N ARG U 1150 -87.29 -60.05 43.59
CA ARG U 1150 -87.15 -59.94 42.13
C ARG U 1150 -86.81 -61.26 41.45
N ASP U 1151 -87.26 -61.37 40.20
CA ASP U 1151 -86.82 -62.38 39.26
C ASP U 1151 -85.88 -61.73 38.23
N GLU U 1152 -84.67 -62.25 38.08
CA GLU U 1152 -83.66 -61.77 37.12
C GLU U 1152 -83.02 -62.93 36.35
N ASN V 4 -54.56 -81.98 -13.94
CA ASN V 4 -53.48 -81.02 -13.63
C ASN V 4 -53.01 -80.32 -14.91
N PHE V 5 -53.14 -78.99 -14.98
CA PHE V 5 -52.77 -78.22 -16.16
C PHE V 5 -51.30 -77.82 -16.18
N LYS V 6 -50.46 -78.24 -15.22
CA LYS V 6 -49.01 -77.93 -15.23
C LYS V 6 -48.22 -78.84 -16.19
N GLY V 7 -48.80 -79.96 -16.63
CA GLY V 7 -48.18 -80.96 -17.49
C GLY V 7 -48.08 -80.59 -18.98
N SER V 8 -47.36 -81.40 -19.74
CA SER V 8 -46.96 -81.17 -21.15
C SER V 8 -48.01 -80.64 -22.15
N PRO V 9 -49.30 -81.04 -22.15
CA PRO V 9 -50.24 -80.56 -23.18
C PRO V 9 -50.59 -79.07 -23.08
N TYR V 10 -50.51 -78.50 -21.87
CA TYR V 10 -50.89 -77.11 -21.58
C TYR V 10 -49.79 -76.33 -20.89
N LEU V 11 -49.09 -76.94 -19.94
CA LEU V 11 -47.96 -76.30 -19.25
C LEU V 11 -48.39 -75.00 -18.56
N ASP V 12 -49.48 -75.08 -17.82
CA ASP V 12 -49.96 -73.91 -17.08
C ASP V 12 -48.97 -73.62 -15.95
N ARG V 13 -48.43 -72.40 -15.95
CA ARG V 13 -47.38 -72.02 -15.03
C ARG V 13 -47.89 -71.30 -13.79
N PHE V 14 -49.21 -71.16 -13.65
CA PHE V 14 -49.78 -70.46 -12.50
C PHE V 14 -49.56 -71.23 -11.22
N ASP V 15 -49.27 -70.49 -10.14
CA ASP V 15 -49.15 -71.02 -8.80
C ASP V 15 -49.49 -69.93 -7.79
N PRO V 16 -50.51 -70.11 -6.92
CA PRO V 16 -50.91 -69.10 -5.96
C PRO V 16 -49.78 -68.57 -5.04
N SER V 17 -48.80 -69.41 -4.68
CA SER V 17 -47.80 -69.04 -3.69
C SER V 17 -46.80 -68.00 -4.19
N LYS V 18 -46.71 -67.79 -5.51
CA LYS V 18 -45.73 -66.87 -6.06
C LYS V 18 -46.19 -65.42 -6.00
N ASP V 19 -47.48 -65.17 -5.75
CA ASP V 19 -48.01 -63.81 -5.59
C ASP V 19 -47.81 -62.96 -6.84
N ARG V 20 -47.91 -63.58 -8.01
CA ARG V 20 -47.77 -62.91 -9.30
C ARG V 20 -49.16 -62.73 -9.89
N THR V 21 -49.54 -61.48 -10.15
CA THR V 21 -50.94 -61.13 -10.46
C THR V 21 -51.13 -60.54 -11.85
N LYS V 22 -50.11 -60.51 -12.70
CA LYS V 22 -50.28 -59.90 -14.01
C LYS V 22 -49.19 -60.39 -14.94
N VAL V 23 -49.59 -60.73 -16.16
CA VAL V 23 -48.65 -61.13 -17.21
C VAL V 23 -48.41 -59.91 -18.10
N LEU V 24 -47.16 -59.45 -18.15
CA LEU V 24 -46.78 -58.24 -18.86
C LEU V 24 -46.13 -58.64 -20.18
N PHE V 25 -46.91 -58.59 -21.26
CA PHE V 25 -46.40 -58.96 -22.57
C PHE V 25 -45.46 -57.88 -23.11
N ASN V 26 -44.56 -58.30 -24.01
CA ASN V 26 -43.55 -57.44 -24.60
C ASN V 26 -43.61 -57.51 -26.12
N PRO V 27 -43.21 -56.46 -26.83
CA PRO V 27 -43.37 -56.45 -28.28
C PRO V 27 -42.24 -57.18 -28.98
N ASP V 28 -42.57 -57.70 -30.18
CA ASP V 28 -41.61 -58.47 -30.99
C ASP V 28 -40.98 -59.63 -30.22
N ARG V 29 -41.83 -60.48 -29.66
CA ARG V 29 -41.40 -61.68 -28.96
C ARG V 29 -42.31 -62.83 -29.38
N PRO V 30 -41.84 -64.08 -29.27
CA PRO V 30 -42.72 -65.22 -29.60
C PRO V 30 -43.72 -65.47 -28.48
N LEU V 31 -45.00 -65.49 -28.84
CA LEU V 31 -46.06 -65.64 -27.85
C LEU V 31 -46.11 -67.08 -27.35
N GLN V 32 -46.33 -67.23 -26.04
CA GLN V 32 -46.38 -68.53 -25.36
C GLN V 32 -47.79 -68.83 -24.91
N GLN V 33 -48.28 -70.03 -25.25
CA GLN V 33 -49.61 -70.44 -24.80
C GLN V 33 -49.68 -70.54 -23.27
N ALA V 34 -48.57 -70.86 -22.61
CA ALA V 34 -48.57 -70.94 -21.15
C ALA V 34 -48.92 -69.59 -20.53
N GLU V 35 -48.43 -68.51 -21.12
CA GLU V 35 -48.77 -67.18 -20.64
C GLU V 35 -50.26 -66.90 -20.76
N LEU V 36 -50.87 -67.38 -21.85
CA LEU V 36 -52.32 -67.16 -22.04
C LEU V 36 -53.11 -67.94 -20.99
N ASN V 37 -52.71 -69.18 -20.74
CA ASN V 37 -53.37 -70.00 -19.73
C ASN V 37 -53.25 -69.35 -18.35
N GLU V 38 -52.04 -68.90 -17.99
CA GLU V 38 -51.86 -68.23 -16.71
C GLU V 38 -52.68 -66.95 -16.62
N MET V 39 -52.81 -66.24 -17.75
CA MET V 39 -53.56 -64.99 -17.76
C MET V 39 -54.99 -65.22 -17.32
N GLN V 40 -55.64 -66.25 -17.86
CA GLN V 40 -57.00 -66.51 -17.37
C GLN V 40 -57.00 -67.18 -15.99
N SER V 41 -55.96 -67.96 -15.67
CA SER V 41 -55.93 -68.66 -14.39
C SER V 41 -55.94 -67.67 -13.22
N ILE V 42 -55.17 -66.60 -13.34
CA ILE V 42 -55.03 -65.64 -12.24
C ILE V 42 -56.38 -65.01 -11.90
N ASP V 43 -57.01 -64.38 -12.89
CA ASP V 43 -58.16 -63.50 -12.61
C ASP V 43 -59.37 -64.31 -12.13
N GLN V 44 -59.49 -65.56 -12.58
CA GLN V 44 -60.43 -66.52 -12.01
C GLN V 44 -60.04 -66.94 -10.58
N TYR V 45 -58.75 -67.12 -10.26
CA TYR V 45 -58.32 -67.43 -8.89
C TYR V 45 -58.69 -66.31 -7.90
N TYR V 46 -58.48 -65.05 -8.24
CA TYR V 46 -58.88 -63.96 -7.36
C TYR V 46 -60.41 -63.78 -7.29
N LEU V 47 -61.16 -64.04 -8.37
CA LEU V 47 -62.62 -64.16 -8.31
C LEU V 47 -63.06 -65.30 -7.36
N LYS V 48 -62.36 -66.44 -7.39
CA LYS V 48 -62.55 -67.55 -6.44
C LYS V 48 -62.30 -67.12 -4.99
N ASN V 49 -61.18 -66.47 -4.70
CA ASN V 49 -60.95 -65.94 -3.35
C ASN V 49 -62.04 -64.94 -2.92
N LEU V 50 -62.48 -64.05 -3.82
CA LEU V 50 -63.57 -63.10 -3.57
C LEU V 50 -64.88 -63.84 -3.25
N GLY V 51 -65.20 -64.88 -4.00
CA GLY V 51 -66.36 -65.73 -3.77
C GLY V 51 -66.26 -66.49 -2.44
N ASP V 52 -65.12 -67.11 -2.14
CA ASP V 52 -64.89 -67.92 -0.94
C ASP V 52 -64.91 -67.09 0.36
N ALA V 53 -64.75 -65.78 0.28
CA ALA V 53 -64.92 -64.85 1.40
C ALA V 53 -66.40 -64.50 1.70
N ILE V 54 -67.35 -64.86 0.82
CA ILE V 54 -68.78 -64.60 1.01
C ILE V 54 -69.55 -65.92 1.13
N PHE V 55 -69.27 -66.85 0.22
CA PHE V 55 -70.02 -68.08 -0.03
C PHE V 55 -69.27 -69.34 0.44
N LYS V 56 -69.88 -70.51 0.21
CA LYS V 56 -69.41 -71.87 0.50
C LYS V 56 -69.82 -72.80 -0.65
N ASP V 57 -69.07 -73.89 -0.89
CA ASP V 57 -69.27 -74.86 -1.99
C ASP V 57 -70.53 -75.75 -1.84
N GLY V 58 -71.66 -75.15 -1.52
CA GLY V 58 -72.92 -75.81 -1.18
C GLY V 58 -74.05 -74.81 -0.92
N ASP V 59 -74.06 -73.68 -1.64
CA ASP V 59 -75.02 -72.57 -1.47
C ASP V 59 -75.93 -72.40 -2.71
N LYS V 60 -77.23 -72.18 -2.50
CA LYS V 60 -78.24 -71.93 -3.56
C LYS V 60 -78.64 -70.45 -3.60
N GLN V 61 -78.82 -69.90 -4.80
CA GLN V 61 -78.99 -68.45 -5.00
C GLN V 61 -80.34 -68.04 -5.61
N SER V 62 -80.86 -68.81 -6.58
CA SER V 62 -82.27 -68.85 -6.99
C SER V 62 -82.55 -70.17 -7.71
N GLY V 63 -83.82 -70.52 -7.91
CA GLY V 63 -84.21 -71.82 -8.45
C GLY V 63 -83.82 -72.96 -7.49
N LEU V 64 -83.41 -74.12 -8.02
CA LEU V 64 -82.96 -75.29 -7.26
C LEU V 64 -83.99 -75.82 -6.23
N GLY V 65 -85.27 -75.53 -6.45
CA GLY V 65 -86.40 -76.16 -5.76
C GLY V 65 -86.51 -77.65 -6.07
N PHE V 66 -87.26 -78.37 -5.23
CA PHE V 66 -87.41 -79.82 -5.30
C PHE V 66 -88.73 -80.23 -5.97
N THR V 67 -88.64 -81.18 -6.89
CA THR V 67 -89.76 -82.01 -7.36
C THR V 67 -89.53 -83.45 -6.90
N LEU V 68 -90.51 -84.05 -6.22
CA LEU V 68 -90.30 -85.24 -5.39
C LEU V 68 -91.41 -86.27 -5.62
N SER V 69 -91.14 -87.26 -6.48
CA SER V 69 -92.09 -88.30 -6.91
C SER V 69 -92.41 -89.33 -5.81
N GLU V 70 -93.40 -90.20 -6.04
CA GLU V 70 -93.88 -91.18 -5.04
C GLU V 70 -92.85 -92.22 -4.58
N ASP V 71 -91.79 -92.47 -5.36
CA ASP V 71 -90.63 -93.28 -4.96
C ASP V 71 -89.53 -92.45 -4.23
N ASN V 72 -89.90 -91.25 -3.76
CA ASN V 72 -89.04 -90.30 -3.04
C ASN V 72 -87.77 -89.87 -3.82
N VAL V 73 -87.87 -89.88 -5.17
CA VAL V 73 -86.86 -89.40 -6.12
C VAL V 73 -86.91 -87.87 -6.23
N LEU V 74 -85.83 -87.20 -5.81
CA LEU V 74 -85.60 -85.77 -6.01
C LEU V 74 -85.14 -85.48 -7.45
N THR V 75 -85.81 -84.51 -8.08
CA THR V 75 -85.39 -83.84 -9.31
C THR V 75 -85.43 -82.33 -9.11
N VAL V 76 -84.44 -81.62 -9.64
CA VAL V 76 -84.07 -80.25 -9.24
C VAL V 76 -84.41 -79.23 -10.32
N ASN V 77 -85.12 -78.15 -9.96
CA ASN V 77 -85.44 -77.06 -10.89
C ASN V 77 -84.17 -76.26 -11.29
N PRO V 78 -84.02 -75.84 -12.56
CA PRO V 78 -82.94 -74.93 -12.99
C PRO V 78 -82.80 -73.65 -12.14
N GLY V 79 -81.58 -73.16 -11.97
CA GLY V 79 -81.26 -72.08 -11.02
C GLY V 79 -79.76 -71.74 -10.93
N TYR V 80 -79.32 -71.20 -9.79
CA TYR V 80 -77.91 -70.80 -9.55
C TYR V 80 -77.34 -71.41 -8.26
N VAL V 81 -76.10 -71.92 -8.34
CA VAL V 81 -75.37 -72.54 -7.23
C VAL V 81 -73.97 -71.93 -7.06
N TYR V 82 -73.41 -71.93 -5.85
CA TYR V 82 -71.98 -71.70 -5.63
C TYR V 82 -71.26 -73.03 -5.38
N ILE V 83 -70.37 -73.43 -6.30
CA ILE V 83 -69.41 -74.52 -6.13
C ILE V 83 -68.13 -74.10 -6.84
N ASN V 84 -66.95 -74.32 -6.26
CA ASN V 84 -65.64 -74.04 -6.87
C ASN V 84 -65.51 -72.63 -7.46
N GLY V 85 -65.58 -71.61 -6.59
CA GLY V 85 -65.05 -70.27 -6.89
C GLY V 85 -65.91 -69.33 -7.73
N LYS V 86 -67.01 -69.77 -8.33
CA LYS V 86 -67.89 -68.93 -9.17
C LYS V 86 -69.34 -69.39 -9.06
N ILE V 87 -70.28 -68.46 -9.13
CA ILE V 87 -71.70 -68.80 -9.19
C ILE V 87 -72.02 -69.33 -10.58
N ARG V 88 -72.45 -70.59 -10.65
CA ARG V 88 -72.75 -71.34 -11.88
C ARG V 88 -74.26 -71.49 -12.07
N TYR V 89 -74.74 -71.18 -13.27
CA TYR V 89 -76.10 -71.53 -13.68
C TYR V 89 -76.21 -73.06 -13.84
N TYR V 90 -77.28 -73.64 -13.32
CA TYR V 90 -77.59 -75.07 -13.37
C TYR V 90 -78.86 -75.28 -14.18
N ASP V 91 -78.81 -76.13 -15.20
CA ASP V 91 -79.96 -76.57 -15.99
C ASP V 91 -79.78 -78.06 -16.36
N ASN V 92 -79.91 -78.95 -15.36
CA ASN V 92 -79.64 -80.37 -15.50
C ASN V 92 -80.75 -81.25 -14.88
N ASP V 93 -81.12 -82.32 -15.57
CA ASP V 93 -82.30 -83.17 -15.28
C ASP V 93 -81.97 -84.38 -14.37
N ASP V 94 -81.41 -84.12 -13.18
CA ASP V 94 -81.06 -85.15 -12.21
C ASP V 94 -82.26 -85.88 -11.55
N SER V 95 -82.03 -87.12 -11.10
CA SER V 95 -83.01 -87.98 -10.44
C SER V 95 -82.31 -88.89 -9.40
N VAL V 96 -82.44 -88.59 -8.10
CA VAL V 96 -81.81 -89.35 -6.99
C VAL V 96 -82.79 -89.57 -5.84
N LYS V 97 -82.84 -90.76 -5.23
CA LYS V 97 -83.81 -91.12 -4.17
C LYS V 97 -83.22 -91.11 -2.77
N ILE V 98 -83.95 -90.54 -1.81
CA ILE V 98 -83.74 -90.83 -0.38
C ILE V 98 -84.21 -92.26 -0.08
N THR V 99 -83.63 -92.93 0.91
CA THR V 99 -84.23 -94.19 1.42
C THR V 99 -85.43 -93.91 2.32
N GLY V 100 -85.50 -92.72 2.92
CA GLY V 100 -86.61 -92.27 3.75
C GLY V 100 -86.48 -92.64 5.23
N VAL V 101 -85.27 -92.98 5.69
CA VAL V 101 -84.95 -93.29 7.10
C VAL V 101 -83.67 -92.57 7.54
N GLY V 102 -83.71 -91.99 8.75
CA GLY V 102 -82.66 -91.11 9.26
C GLY V 102 -82.62 -89.74 8.57
N LYS V 103 -81.67 -88.91 8.98
CA LYS V 103 -81.37 -87.59 8.39
C LYS V 103 -80.39 -87.79 7.22
N GLU V 104 -80.90 -88.05 6.02
CA GLU V 104 -80.08 -88.26 4.81
C GLU V 104 -79.65 -86.91 4.18
N THR V 105 -78.44 -86.84 3.61
CA THR V 105 -77.92 -85.62 2.94
C THR V 105 -77.72 -85.83 1.43
N ILE V 106 -78.31 -84.94 0.62
CA ILE V 106 -78.33 -85.07 -0.85
C ILE V 106 -77.64 -83.85 -1.46
N GLY V 107 -76.65 -84.05 -2.35
CA GLY V 107 -75.84 -82.95 -2.86
C GLY V 107 -75.37 -83.09 -4.31
N ILE V 108 -75.17 -81.96 -4.98
CA ILE V 108 -74.53 -81.92 -6.30
C ILE V 108 -73.04 -82.27 -6.15
N LYS V 109 -72.44 -82.90 -7.16
CA LYS V 109 -70.99 -82.89 -7.42
C LYS V 109 -70.70 -82.28 -8.79
N LEU V 110 -69.58 -81.58 -8.89
CA LEU V 110 -69.08 -80.91 -10.09
C LEU V 110 -67.83 -81.67 -10.60
N THR V 111 -67.74 -81.97 -11.90
CA THR V 111 -66.63 -82.78 -12.48
C THR V 111 -66.05 -82.17 -13.78
N GLU V 112 -64.72 -82.26 -13.93
CA GLU V 112 -63.97 -81.59 -14.99
C GLU V 112 -63.78 -82.53 -16.17
N ARG V 113 -63.95 -82.00 -17.38
CA ARG V 113 -63.75 -82.77 -18.59
C ARG V 113 -63.17 -81.84 -19.66
N ILE V 114 -62.43 -82.46 -20.59
CA ILE V 114 -61.76 -81.74 -21.66
C ILE V 114 -62.49 -81.95 -22.97
N VAL V 115 -62.84 -80.85 -23.63
CA VAL V 115 -63.50 -80.86 -24.94
C VAL V 115 -62.48 -80.37 -25.96
N THR V 116 -62.29 -81.17 -27.02
CA THR V 116 -61.29 -80.90 -28.05
C THR V 116 -61.99 -80.70 -29.40
N PRO V 117 -61.29 -80.17 -30.41
CA PRO V 117 -61.93 -80.03 -31.73
C PRO V 117 -62.38 -81.34 -32.34
N ASP V 118 -61.66 -82.43 -32.02
CA ASP V 118 -61.97 -83.76 -32.52
C ASP V 118 -63.36 -84.20 -32.08
N GLU V 119 -63.69 -84.01 -30.80
CA GLU V 119 -65.00 -84.37 -30.30
C GLU V 119 -66.07 -83.41 -30.80
N ASP V 120 -65.80 -82.11 -30.73
CA ASP V 120 -66.76 -81.06 -31.08
C ASP V 120 -66.17 -80.28 -32.26
N ALA V 121 -66.74 -80.47 -33.45
CA ALA V 121 -66.17 -79.86 -34.64
C ALA V 121 -66.33 -78.34 -34.65
N SER V 122 -67.26 -77.79 -33.87
CA SER V 122 -67.50 -76.35 -33.88
C SER V 122 -66.30 -75.57 -33.37
N LEU V 123 -65.44 -76.19 -32.57
CA LEU V 123 -64.26 -75.50 -32.06
C LEU V 123 -63.21 -75.25 -33.13
N LEU V 124 -63.33 -75.87 -34.29
CA LEU V 124 -62.46 -75.57 -35.41
C LEU V 124 -62.67 -74.14 -35.88
N ASP V 125 -61.57 -73.49 -36.27
CA ASP V 125 -61.65 -72.15 -36.82
C ASP V 125 -62.58 -72.09 -38.03
N GLN V 126 -63.53 -71.16 -37.98
CA GLN V 126 -64.50 -70.94 -39.05
C GLN V 126 -64.43 -69.51 -39.61
N THR V 127 -63.33 -68.80 -39.39
CA THR V 127 -63.19 -67.47 -39.94
C THR V 127 -63.06 -67.58 -41.45
N SER V 128 -64.00 -67.00 -42.17
CA SER V 128 -64.10 -67.22 -43.61
C SER V 128 -62.93 -66.56 -44.34
N GLY V 129 -62.35 -67.31 -45.28
CA GLY V 129 -61.34 -66.78 -46.17
C GLY V 129 -60.03 -66.39 -45.50
N VAL V 130 -59.51 -67.26 -44.65
CA VAL V 130 -58.18 -67.07 -44.04
C VAL V 130 -57.41 -68.36 -44.16
N PRO V 131 -56.07 -68.32 -44.01
CA PRO V 131 -55.29 -69.56 -44.07
C PRO V 131 -55.63 -70.55 -42.97
N SER V 132 -55.95 -70.07 -41.77
CA SER V 132 -56.25 -70.94 -40.64
C SER V 132 -57.66 -71.50 -40.65
N TYR V 133 -58.37 -71.45 -41.79
CA TYR V 133 -59.76 -71.91 -41.83
C TYR V 133 -59.80 -73.41 -41.59
N PHE V 134 -60.72 -73.84 -40.72
CA PHE V 134 -60.93 -75.24 -40.32
C PHE V 134 -59.72 -75.84 -39.59
N SER V 135 -58.78 -75.02 -39.14
CA SER V 135 -57.64 -75.52 -38.39
C SER V 135 -58.01 -75.69 -36.91
N LYS V 136 -57.41 -76.71 -36.31
CA LYS V 136 -57.58 -77.02 -34.90
C LYS V 136 -56.94 -75.91 -34.07
N GLY V 137 -57.44 -75.74 -32.85
CA GLY V 137 -56.97 -74.70 -31.95
C GLY V 137 -57.09 -75.10 -30.50
N ALA V 138 -57.53 -74.16 -29.67
CA ALA V 138 -57.59 -74.38 -28.24
C ALA V 138 -58.71 -75.32 -27.85
N ASP V 139 -58.48 -76.04 -26.76
CA ASP V 139 -59.48 -76.93 -26.17
C ASP V 139 -60.37 -76.14 -25.21
N ARG V 140 -61.36 -76.82 -24.62
CA ARG V 140 -62.26 -76.20 -23.66
C ARG V 140 -62.40 -77.09 -22.44
N LEU V 141 -62.49 -76.46 -21.26
CA LEU V 141 -62.70 -77.17 -20.01
C LEU V 141 -64.18 -77.11 -19.67
N GLU V 142 -64.83 -78.27 -19.68
CA GLU V 142 -66.26 -78.39 -19.41
C GLU V 142 -66.46 -78.91 -18.00
N GLU V 143 -67.26 -78.18 -17.22
CA GLU V 143 -67.52 -78.49 -15.82
C GLU V 143 -69.04 -78.60 -15.63
N LYS V 144 -69.54 -79.84 -15.64
CA LYS V 144 -70.95 -80.22 -15.46
C LYS V 144 -71.25 -80.74 -14.05
N MET V 145 -72.55 -80.75 -13.72
CA MET V 145 -73.09 -81.01 -12.38
C MET V 145 -74.07 -82.19 -12.37
N SER V 146 -74.07 -82.98 -11.31
CA SER V 146 -75.01 -84.09 -11.10
C SER V 146 -75.21 -84.42 -9.61
N LEU V 147 -76.28 -85.12 -9.23
CA LEU V 147 -76.58 -85.45 -7.84
C LEU V 147 -75.84 -86.69 -7.28
N THR V 148 -75.68 -86.69 -5.95
CA THR V 148 -74.96 -87.68 -5.12
C THR V 148 -75.60 -87.80 -3.74
N VAL V 149 -75.33 -88.89 -3.00
CA VAL V 149 -75.94 -89.20 -1.69
C VAL V 149 -74.85 -89.41 -0.63
N ASN V 150 -75.00 -88.76 0.54
CA ASN V 150 -74.15 -88.91 1.74
C ASN V 150 -72.62 -88.75 1.51
N ASP V 151 -72.19 -88.10 0.44
CA ASP V 151 -70.79 -87.68 0.23
C ASP V 151 -70.52 -86.41 1.06
N PRO V 152 -69.58 -86.42 2.03
CA PRO V 152 -69.31 -85.28 2.90
C PRO V 152 -68.64 -84.10 2.18
N THR V 153 -68.17 -84.29 0.95
CA THR V 153 -67.57 -83.25 0.10
C THR V 153 -68.55 -82.65 -0.91
N SER V 154 -69.76 -83.19 -1.03
CA SER V 154 -70.77 -82.74 -2.00
C SER V 154 -71.44 -81.42 -1.61
N ALA V 155 -71.97 -80.71 -2.62
CA ALA V 155 -72.76 -79.50 -2.45
C ALA V 155 -74.19 -79.84 -2.02
N THR V 156 -74.42 -80.03 -0.71
CA THR V 156 -75.72 -80.45 -0.14
C THR V 156 -76.84 -79.48 -0.51
N ILE V 157 -77.73 -79.89 -1.42
CA ILE V 157 -78.89 -79.09 -1.84
C ILE V 157 -80.06 -79.21 -0.85
N TYR V 158 -80.23 -80.39 -0.25
CA TYR V 158 -81.26 -80.65 0.76
C TYR V 158 -80.81 -81.75 1.74
N THR V 159 -81.44 -81.77 2.91
CA THR V 159 -81.44 -82.93 3.79
C THR V 159 -82.88 -83.32 4.12
N PHE V 160 -83.13 -84.61 4.26
CA PHE V 160 -84.46 -85.17 4.51
C PHE V 160 -84.43 -86.08 5.72
N MET V 161 -85.45 -85.96 6.58
CA MET V 161 -85.61 -86.71 7.82
C MET V 161 -86.80 -87.66 7.67
N ASP V 162 -86.58 -88.96 7.80
CA ASP V 162 -87.63 -90.00 7.88
C ASP V 162 -88.76 -89.90 6.81
N GLY V 163 -88.45 -89.39 5.61
CA GLY V 163 -89.41 -89.22 4.50
C GLY V 163 -89.94 -87.79 4.25
N ASP V 164 -89.41 -86.76 4.91
CA ASP V 164 -89.79 -85.33 4.74
C ASP V 164 -88.58 -84.38 4.69
N LEU V 165 -88.77 -83.16 4.16
CA LEU V 165 -87.76 -82.10 4.15
C LEU V 165 -87.43 -81.59 5.58
N TYR V 166 -86.15 -81.60 5.97
CA TYR V 166 -85.74 -81.35 7.36
C TYR V 166 -85.75 -79.86 7.76
N ILE V 167 -85.28 -78.99 6.87
CA ILE V 167 -85.03 -77.55 7.10
C ILE V 167 -85.40 -76.77 5.83
N GLN V 168 -85.89 -75.54 5.94
CA GLN V 168 -86.19 -74.66 4.80
C GLN V 168 -84.96 -73.89 4.28
N SER V 169 -84.96 -73.60 2.98
CA SER V 169 -83.90 -72.90 2.24
C SER V 169 -84.50 -71.76 1.39
N THR V 170 -85.19 -70.83 2.05
CA THR V 170 -86.19 -69.94 1.45
C THR V 170 -85.67 -68.98 0.37
N ASN V 171 -84.45 -68.44 0.53
CA ASN V 171 -83.92 -67.28 -0.20
C ASN V 171 -82.38 -67.27 -0.22
N ALA V 172 -81.79 -66.40 -1.05
CA ALA V 172 -80.36 -66.40 -1.41
C ALA V 172 -79.38 -66.60 -0.24
N GLU V 173 -78.48 -67.58 -0.36
CA GLU V 173 -77.59 -68.02 0.71
C GLU V 173 -76.20 -67.37 0.66
N MET V 174 -75.74 -66.83 1.79
CA MET V 174 -74.39 -66.27 1.94
C MET V 174 -73.77 -66.68 3.28
N ASP V 175 -72.77 -67.56 3.25
CA ASP V 175 -72.20 -68.19 4.45
C ASP V 175 -71.55 -67.17 5.40
N LYS V 176 -70.66 -66.32 4.89
CA LYS V 176 -69.93 -65.34 5.73
C LYS V 176 -70.82 -64.19 6.19
N ILE V 177 -71.81 -63.78 5.41
CA ILE V 177 -72.84 -62.84 5.86
C ILE V 177 -73.63 -63.43 7.04
N ASN V 178 -74.03 -64.70 6.98
CA ASN V 178 -74.66 -65.37 8.11
C ASN V 178 -73.70 -65.52 9.31
N LYS V 179 -72.40 -65.71 9.12
CA LYS V 179 -71.40 -65.70 10.22
C LYS V 179 -71.14 -64.32 10.84
N VAL V 180 -71.27 -63.23 10.08
CA VAL V 180 -71.32 -61.85 10.62
C VAL V 180 -72.59 -61.66 11.47
N LEU V 181 -73.74 -62.16 11.00
CA LEU V 181 -74.99 -62.15 11.77
C LEU V 181 -74.99 -63.10 12.97
N ALA V 182 -74.16 -64.15 12.96
CA ALA V 182 -74.03 -65.09 14.08
C ALA V 182 -73.47 -64.45 15.35
N GLU V 183 -72.62 -63.44 15.22
CA GLU V 183 -72.23 -62.57 16.32
C GLU V 183 -73.39 -61.65 16.74
N ARG V 184 -73.88 -60.80 15.82
CA ARG V 184 -74.88 -59.77 16.14
C ARG V 184 -76.17 -60.32 16.72
N THR V 185 -76.65 -61.48 16.27
CA THR V 185 -77.96 -62.05 16.70
C THR V 185 -78.00 -62.29 18.21
N TYR V 186 -77.06 -63.08 18.74
CA TYR V 186 -77.01 -63.35 20.18
C TYR V 186 -76.52 -62.12 20.97
N ASP V 187 -75.58 -61.35 20.41
CA ASP V 187 -75.16 -60.08 21.01
C ASP V 187 -76.30 -59.06 21.11
N GLU V 188 -77.32 -59.08 20.25
CA GLU V 188 -78.40 -58.10 20.30
C GLU V 188 -79.60 -58.56 21.15
N SER V 189 -80.08 -59.80 20.97
CA SER V 189 -81.30 -60.27 21.65
C SER V 189 -81.26 -61.73 22.14
N GLY V 190 -80.11 -62.42 22.06
CA GLY V 190 -79.95 -63.79 22.56
C GLY V 190 -80.53 -64.86 21.62
N SER V 191 -81.02 -65.97 22.18
CA SER V 191 -81.80 -67.01 21.47
C SER V 191 -83.28 -66.88 21.80
N TYR V 192 -84.15 -66.97 20.80
CA TYR V 192 -85.60 -66.84 20.99
C TYR V 192 -86.38 -67.66 19.94
N LYS V 193 -87.54 -68.17 20.32
CA LYS V 193 -88.49 -68.77 19.40
C LYS V 193 -89.29 -67.69 18.66
N VAL V 194 -89.60 -67.95 17.40
CA VAL V 194 -90.53 -67.14 16.59
C VAL V 194 -91.94 -67.75 16.63
N ASN V 195 -92.07 -69.04 16.31
CA ASN V 195 -93.34 -69.77 16.32
C ASN V 195 -93.15 -71.30 16.39
N GLY V 196 -94.21 -72.03 16.71
CA GLY V 196 -94.24 -73.49 16.63
C GLY V 196 -93.43 -74.21 17.71
N PHE V 197 -92.90 -75.39 17.41
CA PHE V 197 -92.13 -76.21 18.36
C PHE V 197 -92.85 -76.57 19.67
N GLU V 198 -94.18 -76.73 19.63
CA GLU V 198 -94.93 -77.36 20.72
C GLU V 198 -94.54 -78.83 20.89
N LEU V 199 -94.70 -79.37 22.11
CA LEU V 199 -94.42 -80.77 22.41
C LEU V 199 -95.74 -81.55 22.60
N PHE V 200 -95.91 -82.67 21.89
CA PHE V 200 -97.07 -83.55 22.01
C PHE V 200 -96.64 -85.00 22.25
N SER V 201 -97.15 -85.64 23.29
CA SER V 201 -96.98 -87.09 23.49
C SER V 201 -97.89 -87.88 22.54
N GLU V 202 -97.36 -88.96 21.98
CA GLU V 202 -98.08 -89.81 21.02
C GLU V 202 -98.04 -91.30 21.43
N GLY V 203 -96.99 -91.73 22.12
CA GLY V 203 -96.92 -93.09 22.69
C GLY V 203 -96.77 -94.22 21.68
N ASN V 204 -96.25 -93.93 20.48
CA ASN V 204 -96.08 -94.89 19.39
C ASN V 204 -95.31 -96.14 19.82
N ALA V 205 -95.70 -97.31 19.30
CA ALA V 205 -95.09 -98.59 19.64
C ALA V 205 -93.78 -98.88 18.86
N GLU V 206 -92.89 -97.90 18.73
CA GLU V 206 -91.56 -98.10 18.11
C GLU V 206 -90.65 -99.03 18.95
N ASP V 207 -90.85 -99.05 20.27
CA ASP V 207 -90.23 -99.96 21.25
C ASP V 207 -91.04 -99.91 22.55
N ASP V 208 -91.30 -101.06 23.17
CA ASP V 208 -92.12 -101.13 24.39
C ASP V 208 -91.50 -100.36 25.57
N ASP V 209 -90.18 -100.23 25.63
CA ASP V 209 -89.45 -99.51 26.69
C ASP V 209 -89.26 -98.00 26.43
N HIS V 210 -89.92 -97.43 25.43
CA HIS V 210 -89.88 -95.99 25.11
C HIS V 210 -91.28 -95.36 25.07
N VAL V 211 -91.36 -94.07 25.43
CA VAL V 211 -92.53 -93.21 25.18
C VAL V 211 -92.18 -92.26 24.03
N SER V 212 -92.95 -92.31 22.95
CA SER V 212 -92.72 -91.45 21.77
C SER V 212 -93.51 -90.15 21.87
N VAL V 213 -92.90 -89.10 21.32
CA VAL V 213 -93.31 -87.70 21.44
C VAL V 213 -93.04 -87.02 20.07
N VAL V 214 -93.68 -85.90 19.80
CA VAL V 214 -93.45 -85.09 18.60
C VAL V 214 -93.11 -83.67 19.02
N VAL V 215 -92.08 -83.10 18.38
CA VAL V 215 -91.81 -81.66 18.40
C VAL V 215 -92.42 -81.08 17.13
N ASP V 216 -93.35 -80.13 17.27
CA ASP V 216 -94.09 -79.60 16.11
C ASP V 216 -93.18 -78.85 15.12
N ALA V 217 -93.68 -78.56 13.92
CA ALA V 217 -93.06 -77.60 13.02
C ALA V 217 -92.85 -76.24 13.71
N GLY V 218 -91.90 -75.42 13.26
CA GLY V 218 -91.62 -74.14 13.92
C GLY V 218 -90.39 -73.42 13.40
N LYS V 219 -90.18 -72.22 13.94
CA LYS V 219 -89.04 -71.35 13.62
C LYS V 219 -88.46 -70.71 14.87
N ALA V 220 -87.14 -70.66 14.94
CA ALA V 220 -86.41 -70.06 16.04
C ALA V 220 -85.13 -69.38 15.57
N TYR V 221 -84.50 -68.60 16.45
CA TYR V 221 -83.11 -68.14 16.31
C TYR V 221 -82.29 -68.65 17.50
N VAL V 222 -81.25 -69.44 17.24
CA VAL V 222 -80.44 -70.12 18.27
C VAL V 222 -78.97 -69.76 18.11
N LYS V 223 -78.40 -69.13 19.16
CA LYS V 223 -76.98 -68.78 19.33
C LYS V 223 -76.25 -68.31 18.06
N GLY V 224 -76.93 -67.52 17.23
CA GLY V 224 -76.40 -66.93 16.00
C GLY V 224 -77.17 -67.27 14.72
N PHE V 225 -77.89 -68.40 14.66
CA PHE V 225 -78.45 -68.90 13.40
C PHE V 225 -79.96 -69.16 13.50
N LYS V 226 -80.69 -68.86 12.41
CA LYS V 226 -82.11 -69.21 12.25
C LYS V 226 -82.28 -70.71 12.03
N VAL V 227 -83.36 -71.27 12.54
CA VAL V 227 -83.77 -72.68 12.37
C VAL V 227 -85.23 -72.68 11.93
N ASP V 228 -85.56 -73.34 10.82
CA ASP V 228 -86.91 -73.28 10.21
C ASP V 228 -87.28 -74.63 9.59
N LYS V 229 -88.26 -75.32 10.18
CA LYS V 229 -88.70 -76.66 9.75
C LYS V 229 -90.12 -76.65 9.19
N PRO V 230 -90.34 -77.19 7.97
CA PRO V 230 -91.67 -77.24 7.35
C PRO V 230 -92.57 -78.35 7.95
N VAL V 231 -92.01 -79.24 8.77
CA VAL V 231 -92.66 -80.42 9.33
C VAL V 231 -92.27 -80.64 10.79
N SER V 232 -93.10 -81.37 11.53
CA SER V 232 -92.77 -81.84 12.87
C SER V 232 -91.63 -82.88 12.85
N THR V 233 -90.85 -82.94 13.93
CA THR V 233 -89.76 -83.93 14.12
C THR V 233 -90.18 -84.94 15.19
N ARG V 234 -90.13 -86.24 14.87
CA ARG V 234 -90.53 -87.31 15.79
C ARG V 234 -89.38 -87.73 16.69
N ILE V 235 -89.67 -87.97 17.96
CA ILE V 235 -88.70 -88.23 19.03
C ILE V 235 -89.24 -89.30 19.99
N SER V 236 -88.38 -89.90 20.81
CA SER V 236 -88.81 -90.78 21.90
C SER V 236 -87.82 -90.78 23.05
N VAL V 237 -88.30 -91.14 24.23
CA VAL V 237 -87.52 -91.18 25.47
C VAL V 237 -87.78 -92.49 26.21
N PRO V 238 -86.78 -93.08 26.89
CA PRO V 238 -86.96 -94.36 27.57
C PRO V 238 -87.91 -94.22 28.76
N LYS V 239 -88.73 -95.25 29.00
CA LYS V 239 -89.59 -95.37 30.18
C LYS V 239 -88.77 -95.46 31.47
N SER V 240 -89.42 -95.20 32.60
CA SER V 240 -88.77 -95.13 33.91
C SER V 240 -89.11 -96.37 34.74
N TYR V 241 -88.07 -97.13 35.10
CA TYR V 241 -88.17 -98.42 35.79
C TYR V 241 -87.30 -98.51 37.05
N ASP V 242 -86.52 -97.47 37.35
CA ASP V 242 -85.74 -97.36 38.58
C ASP V 242 -86.65 -97.35 39.82
N LEU V 243 -86.24 -97.98 40.90
CA LEU V 243 -87.10 -98.22 42.07
C LEU V 243 -86.65 -97.43 43.31
N GLY V 244 -87.57 -96.70 43.93
CA GLY V 244 -87.40 -96.22 45.29
C GLY V 244 -87.73 -97.33 46.30
N THR V 245 -87.03 -97.34 47.43
CA THR V 245 -87.38 -98.21 48.57
C THR V 245 -87.90 -97.37 49.72
N ALA V 246 -89.12 -97.66 50.16
CA ALA V 246 -89.73 -97.09 51.35
C ALA V 246 -89.59 -98.09 52.51
N GLU V 247 -89.17 -97.60 53.66
CA GLU V 247 -88.81 -98.43 54.81
C GLU V 247 -89.23 -97.78 56.11
N ASN V 248 -89.64 -98.61 57.06
CA ASN V 248 -90.33 -98.24 58.30
C ASN V 248 -91.48 -97.23 58.08
N GLU V 249 -92.21 -97.35 56.97
CA GLU V 249 -93.34 -96.48 56.65
C GLU V 249 -94.44 -96.66 57.69
N SER V 250 -94.76 -95.58 58.39
CA SER V 250 -95.54 -95.60 59.63
C SER V 250 -96.97 -95.14 59.41
N THR V 251 -97.93 -95.98 59.81
CA THR V 251 -99.36 -95.63 59.84
C THR V 251 -100.02 -96.14 61.10
N ILE V 252 -100.85 -95.30 61.71
CA ILE V 252 -101.67 -95.69 62.86
C ILE V 252 -102.84 -96.56 62.40
N PHE V 253 -102.92 -97.79 62.92
CA PHE V 253 -104.00 -98.71 62.60
C PHE V 253 -105.31 -98.38 63.34
N ASN V 254 -106.42 -98.38 62.61
CA ASN V 254 -107.75 -98.10 63.16
C ASN V 254 -108.62 -99.38 63.16
N LYS V 255 -109.18 -99.77 64.30
CA LYS V 255 -110.14 -100.90 64.37
C LYS V 255 -111.39 -100.65 63.51
N SER V 256 -111.81 -99.40 63.37
CA SER V 256 -112.93 -98.97 62.51
C SER V 256 -112.61 -99.05 61.00
N ASN V 257 -111.34 -99.12 60.61
CA ASN V 257 -110.91 -99.19 59.22
C ASN V 257 -109.57 -99.92 59.10
N ASN V 258 -109.65 -101.24 58.90
CA ASN V 258 -108.50 -102.14 58.85
C ASN V 258 -107.49 -101.78 57.73
N SER V 259 -107.98 -101.23 56.63
CA SER V 259 -107.18 -100.89 55.44
C SER V 259 -106.21 -99.73 55.67
N ILE V 260 -104.91 -99.97 55.56
CA ILE V 260 -103.87 -98.93 55.63
C ILE V 260 -103.22 -98.72 54.25
N SER V 261 -103.24 -97.48 53.76
CA SER V 261 -102.69 -97.08 52.48
C SER V 261 -101.16 -97.04 52.51
N LEU V 262 -100.54 -97.43 51.40
CA LEU V 262 -99.13 -97.14 51.14
C LEU V 262 -99.04 -95.76 50.49
N ALA V 263 -98.10 -94.94 50.93
CA ALA V 263 -97.95 -93.56 50.44
C ALA V 263 -97.61 -93.55 48.96
N ASN V 264 -96.62 -94.35 48.58
CA ASN V 264 -96.17 -94.42 47.21
C ASN V 264 -97.19 -95.16 46.35
N SER V 265 -97.69 -94.47 45.33
CA SER V 265 -98.71 -95.01 44.44
C SER V 265 -98.24 -96.22 43.62
N PRO V 266 -97.13 -96.14 42.84
CA PRO V 266 -96.73 -97.16 41.87
C PRO V 266 -95.89 -98.28 42.51
N VAL V 267 -96.45 -99.03 43.46
CA VAL V 267 -95.75 -100.15 44.13
C VAL V 267 -95.37 -101.23 43.13
N LYS V 268 -94.10 -101.66 43.13
CA LYS V 268 -93.70 -102.90 42.44
C LYS V 268 -93.97 -104.13 43.33
N GLU V 269 -93.52 -104.07 44.57
CA GLU V 269 -93.65 -105.16 45.54
C GLU V 269 -93.43 -104.67 47.00
N ILE V 270 -93.91 -105.45 47.96
CA ILE V 270 -93.77 -105.22 49.41
C ILE V 270 -92.73 -106.19 50.00
N ARG V 271 -91.89 -105.70 50.90
CA ARG V 271 -90.78 -106.41 51.55
C ARG V 271 -91.11 -106.91 52.97
N ARG V 272 -91.84 -106.12 53.77
CA ARG V 272 -92.31 -106.49 55.13
C ARG V 272 -93.55 -105.68 55.55
N VAL V 273 -94.36 -106.24 56.44
CA VAL V 273 -95.35 -105.54 57.29
C VAL V 273 -95.19 -106.00 58.74
N THR V 274 -95.22 -105.11 59.73
CA THR V 274 -95.15 -105.46 61.16
C THR V 274 -95.94 -104.50 62.04
N GLY V 275 -96.48 -104.99 63.16
CA GLY V 275 -97.23 -104.18 64.12
C GLY V 275 -97.35 -104.84 65.49
N GLN V 276 -97.76 -104.06 66.49
CA GLN V 276 -97.98 -104.53 67.86
C GLN V 276 -99.25 -105.42 67.94
N VAL V 277 -99.18 -106.61 68.54
CA VAL V 277 -100.31 -107.50 68.78
C VAL V 277 -100.40 -107.78 70.28
N LEU V 278 -101.63 -107.80 70.81
CA LEU V 278 -101.92 -108.19 72.20
C LEU V 278 -102.39 -109.63 72.19
N ILE V 279 -101.86 -110.43 73.10
CA ILE V 279 -102.40 -111.73 73.42
C ILE V 279 -103.05 -111.65 74.80
N GLU V 280 -104.33 -111.98 74.86
CA GLU V 280 -105.13 -111.97 76.08
C GLU V 280 -105.28 -113.38 76.61
N LYS V 281 -105.12 -113.51 77.92
CA LYS V 281 -105.44 -114.74 78.65
C LYS V 281 -104.67 -115.96 78.11
N GLU V 282 -103.39 -115.79 77.75
CA GLU V 282 -102.52 -116.92 77.42
C GLU V 282 -102.32 -117.76 78.68
N ARG V 283 -102.80 -119.01 78.64
CA ARG V 283 -102.59 -119.97 79.71
C ARG V 283 -101.10 -120.30 79.78
N VAL V 284 -100.49 -120.01 80.92
CA VAL V 284 -99.11 -120.35 81.25
C VAL V 284 -99.09 -121.34 82.40
N THR V 285 -98.26 -122.35 82.30
CA THR V 285 -98.10 -123.32 83.39
C THR V 285 -96.79 -123.08 84.14
N ARG V 286 -96.89 -122.94 85.47
CA ARG V 286 -95.79 -122.59 86.37
C ARG V 286 -94.78 -123.74 86.48
N GLY V 287 -93.53 -123.50 86.08
CA GLY V 287 -92.44 -124.46 86.20
C GLY V 287 -92.15 -124.88 87.65
N ALA V 288 -91.50 -126.05 87.84
CA ALA V 288 -91.28 -126.61 89.17
C ALA V 288 -90.21 -125.87 90.00
N GLN V 289 -89.28 -125.17 89.34
CA GLN V 289 -88.23 -124.42 90.03
C GLN V 289 -88.76 -123.13 90.65
N GLY V 290 -88.69 -123.00 91.98
CA GLY V 290 -89.07 -121.79 92.71
C GLY V 290 -88.21 -120.59 92.32
N ASP V 291 -88.80 -119.39 92.31
CA ASP V 291 -88.17 -118.16 91.78
C ASP V 291 -87.69 -118.25 90.31
N GLY V 292 -88.13 -119.27 89.56
CA GLY V 292 -87.71 -119.57 88.20
C GLY V 292 -88.34 -118.69 87.11
N GLN V 293 -88.11 -119.08 85.86
CA GLN V 293 -88.69 -118.45 84.66
C GLN V 293 -89.86 -119.29 84.10
N ASP V 294 -90.77 -118.66 83.35
CA ASP V 294 -91.83 -119.31 82.56
C ASP V 294 -91.95 -118.60 81.18
N PHE V 295 -92.17 -119.35 80.10
CA PHE V 295 -91.83 -118.93 78.71
C PHE V 295 -93.08 -118.60 77.94
N LEU V 296 -93.08 -117.44 77.31
CA LEU V 296 -94.17 -116.98 76.48
C LEU V 296 -94.10 -117.58 75.09
N SER V 297 -95.27 -117.79 74.48
CA SER V 297 -95.36 -118.36 73.13
C SER V 297 -94.79 -117.47 72.01
N ASN V 298 -94.43 -116.21 72.30
CA ASN V 298 -93.76 -115.31 71.35
C ASN V 298 -92.54 -114.65 72.00
N ASN V 299 -91.44 -114.53 71.24
CA ASN V 299 -90.13 -114.07 71.73
C ASN V 299 -89.84 -112.57 71.55
N THR V 300 -90.74 -111.85 70.87
CA THR V 300 -90.66 -110.41 70.63
C THR V 300 -91.58 -109.61 71.58
N ALA V 301 -92.01 -110.20 72.70
CA ALA V 301 -92.80 -109.50 73.71
C ALA V 301 -91.98 -108.37 74.37
N PHE V 302 -92.64 -107.27 74.70
CA PHE V 302 -91.98 -106.07 75.26
C PHE V 302 -92.70 -105.45 76.46
N GLU V 303 -93.99 -105.74 76.63
CA GLU V 303 -94.80 -105.26 77.75
C GLU V 303 -95.72 -106.36 78.25
N ILE V 304 -95.78 -106.56 79.57
CA ILE V 304 -96.77 -107.43 80.22
C ILE V 304 -97.88 -106.55 80.75
N VAL V 305 -99.10 -106.79 80.31
CA VAL V 305 -100.29 -106.02 80.70
C VAL V 305 -100.80 -106.47 82.07
N LYS V 306 -100.86 -107.79 82.28
CA LYS V 306 -101.48 -108.40 83.45
C LYS V 306 -100.94 -109.81 83.68
N VAL V 307 -100.80 -110.22 84.96
CA VAL V 307 -100.57 -111.62 85.35
C VAL V 307 -101.49 -111.98 86.51
N TRP V 308 -102.27 -113.05 86.38
CA TRP V 308 -103.38 -113.30 87.31
C TRP V 308 -103.91 -114.75 87.30
N THR V 309 -104.73 -115.07 88.30
CA THR V 309 -105.50 -116.32 88.41
C THR V 309 -107.01 -116.05 88.59
N GLU V 310 -107.85 -117.00 88.17
CA GLU V 310 -109.32 -116.86 88.22
C GLU V 310 -110.04 -118.12 88.76
N THR V 311 -111.07 -117.94 89.59
CA THR V 311 -112.02 -119.02 90.00
C THR V 311 -113.31 -119.04 89.17
N SER V 312 -113.57 -118.02 88.36
CA SER V 312 -114.62 -118.06 87.32
C SER V 312 -114.29 -117.05 86.21
N PRO V 313 -114.80 -117.23 84.97
CA PRO V 313 -114.43 -116.39 83.83
C PRO V 313 -114.56 -114.89 84.08
N GLY V 314 -113.43 -114.18 84.11
CA GLY V 314 -113.36 -112.73 84.31
C GLY V 314 -113.28 -112.27 85.78
N VAL V 315 -113.43 -113.15 86.77
CA VAL V 315 -113.26 -112.81 88.20
C VAL V 315 -111.82 -113.06 88.63
N THR V 316 -111.10 -111.98 88.93
CA THR V 316 -109.67 -112.03 89.31
C THR V 316 -109.48 -112.38 90.78
N THR V 317 -108.89 -113.54 91.05
CA THR V 317 -108.64 -114.03 92.42
C THR V 317 -107.40 -113.38 93.03
N LYS V 318 -106.30 -113.39 92.27
CA LYS V 318 -105.08 -112.63 92.55
C LYS V 318 -104.51 -112.04 91.26
N GLU V 319 -104.08 -110.80 91.32
CA GLU V 319 -103.21 -110.17 90.32
C GLU V 319 -101.82 -109.98 90.93
N TYR V 320 -100.79 -110.43 90.23
CA TYR V 320 -99.40 -110.25 90.66
C TYR V 320 -98.89 -108.86 90.25
N LYS V 321 -98.10 -108.21 91.10
CA LYS V 321 -97.65 -106.82 90.94
C LYS V 321 -96.26 -106.76 90.31
N GLN V 322 -96.17 -106.44 89.02
CA GLN V 322 -94.89 -106.39 88.29
C GLN V 322 -93.84 -105.47 88.97
N GLY V 323 -92.56 -105.88 88.96
CA GLY V 323 -91.44 -105.16 89.59
C GLY V 323 -90.98 -105.88 90.86
N GLU V 324 -91.84 -105.92 91.87
CA GLU V 324 -91.83 -107.04 92.83
C GLU V 324 -92.48 -108.25 92.14
N ASP V 325 -92.84 -109.35 92.84
CA ASP V 325 -93.47 -110.56 92.29
C ASP V 325 -92.79 -111.20 91.05
N PHE V 326 -92.95 -110.60 89.86
CA PHE V 326 -92.35 -110.99 88.60
C PHE V 326 -91.83 -109.79 87.78
N ARG V 327 -90.99 -110.08 86.79
CA ARG V 327 -90.54 -109.12 85.76
C ARG V 327 -90.49 -109.77 84.37
N LEU V 328 -90.52 -108.96 83.30
CA LEU V 328 -90.24 -109.42 81.94
C LEU V 328 -88.72 -109.53 81.72
N THR V 329 -88.23 -110.75 81.46
CA THR V 329 -86.81 -111.02 81.20
C THR V 329 -86.62 -111.40 79.72
N ASP V 330 -85.67 -110.72 79.07
CA ASP V 330 -85.25 -110.93 77.67
C ASP V 330 -86.37 -110.83 76.60
N GLY V 331 -87.54 -110.30 76.98
CA GLY V 331 -88.73 -110.28 76.13
C GLY V 331 -89.32 -111.68 75.83
N GLN V 332 -88.90 -112.72 76.57
CA GLN V 332 -89.28 -114.12 76.32
C GLN V 332 -89.98 -114.77 77.51
N THR V 333 -89.71 -114.33 78.74
CA THR V 333 -90.06 -115.08 79.96
C THR V 333 -90.61 -114.15 81.04
N ILE V 334 -91.59 -114.66 81.79
CA ILE V 334 -91.97 -114.12 83.09
C ILE V 334 -90.98 -114.68 84.12
N ASP V 335 -90.30 -113.82 84.87
CA ASP V 335 -89.26 -114.20 85.82
C ASP V 335 -89.68 -113.88 87.25
N TRP V 336 -89.80 -114.91 88.10
CA TRP V 336 -90.23 -114.83 89.50
C TRP V 336 -89.05 -114.66 90.48
N SER V 337 -87.86 -114.33 90.02
CA SER V 337 -86.73 -113.96 90.88
C SER V 337 -86.92 -112.73 91.78
N PRO V 338 -87.81 -111.74 91.52
CA PRO V 338 -88.16 -110.74 92.52
C PRO V 338 -88.65 -111.35 93.84
N GLN V 339 -88.46 -110.62 94.94
CA GLN V 339 -88.69 -111.15 96.30
C GLN V 339 -90.16 -111.42 96.67
N GLY V 340 -91.11 -110.94 95.87
CA GLY V 340 -92.55 -111.04 96.15
C GLY V 340 -93.17 -112.43 95.92
N GLN V 341 -94.50 -112.48 95.77
CA GLN V 341 -95.24 -113.73 95.62
C GLN V 341 -95.15 -114.30 94.20
N GLU V 342 -95.38 -115.61 94.10
CA GLU V 342 -95.48 -116.35 92.87
C GLU V 342 -96.55 -117.46 92.97
N PRO V 343 -97.17 -117.90 91.87
CA PRO V 343 -98.03 -119.08 91.88
C PRO V 343 -97.26 -120.30 92.39
N SER V 344 -97.95 -121.23 93.04
CA SER V 344 -97.37 -122.54 93.37
C SER V 344 -96.84 -123.23 92.09
N GLY V 345 -95.77 -124.02 92.19
CA GLY V 345 -95.28 -124.86 91.08
C GLY V 345 -96.43 -125.63 90.42
N GLY V 346 -96.29 -126.03 89.16
CA GLY V 346 -97.26 -126.84 88.40
C GLY V 346 -98.68 -126.28 88.17
N THR V 347 -99.10 -125.22 88.88
CA THR V 347 -100.39 -124.54 88.68
C THR V 347 -100.43 -123.79 87.34
N SER V 348 -101.63 -123.54 86.83
CA SER V 348 -101.84 -122.71 85.64
C SER V 348 -102.35 -121.31 86.02
N TYR V 349 -101.81 -120.30 85.36
CA TYR V 349 -102.14 -118.89 85.51
C TYR V 349 -102.22 -118.22 84.13
N TYR V 350 -102.76 -117.02 84.09
CA TYR V 350 -102.94 -116.25 82.86
C TYR V 350 -101.92 -115.13 82.76
N VAL V 351 -101.41 -114.92 81.55
CA VAL V 351 -100.58 -113.77 81.19
C VAL V 351 -101.25 -113.05 80.03
N SER V 352 -101.18 -111.72 80.07
CA SER V 352 -101.58 -110.86 78.96
C SER V 352 -100.42 -109.96 78.58
N TYR V 353 -100.03 -109.93 77.31
CA TYR V 353 -98.81 -109.25 76.88
C TYR V 353 -98.87 -108.77 75.43
N LYS V 354 -98.01 -107.80 75.14
CA LYS V 354 -97.86 -107.19 73.81
C LYS V 354 -96.56 -107.60 73.16
N TYR V 355 -96.61 -107.90 71.87
CA TYR V 355 -95.45 -108.27 71.07
C TYR V 355 -95.53 -107.72 69.64
N ASN V 356 -94.40 -107.39 69.02
CA ASN V 356 -94.39 -107.04 67.59
C ASN V 356 -94.39 -108.32 66.75
N LYS V 357 -95.37 -108.47 65.83
CA LYS V 357 -95.43 -109.61 64.90
C LYS V 357 -94.89 -109.23 63.51
N ARG V 358 -94.07 -110.08 62.89
CA ARG V 358 -93.87 -110.03 61.42
C ARG V 358 -95.12 -110.59 60.75
N MET V 359 -95.94 -109.73 60.17
CA MET V 359 -97.22 -110.11 59.57
C MET V 359 -96.98 -110.87 58.26
N GLU V 360 -97.76 -111.91 57.97
CA GLU V 360 -97.58 -112.69 56.75
C GLU V 360 -98.65 -112.39 55.69
N ALA V 361 -98.21 -112.15 54.46
CA ALA V 361 -99.09 -111.97 53.31
C ALA V 361 -99.92 -113.24 53.03
N GLY V 362 -101.23 -113.06 52.81
CA GLY V 362 -102.20 -114.15 52.65
C GLY V 362 -102.61 -114.84 53.95
N LYS V 363 -102.11 -114.40 55.12
CA LYS V 363 -102.38 -115.02 56.43
C LYS V 363 -102.78 -114.02 57.51
N ASP V 364 -102.00 -112.96 57.72
CA ASP V 364 -102.36 -111.83 58.58
C ASP V 364 -102.96 -110.65 57.82
N TYR V 365 -102.57 -110.48 56.55
CA TYR V 365 -103.04 -109.41 55.67
C TYR V 365 -103.13 -109.85 54.21
N GLU V 366 -103.92 -109.15 53.40
CA GLU V 366 -103.94 -109.23 51.94
C GLU V 366 -103.67 -107.83 51.37
N VAL V 367 -103.20 -107.77 50.12
CA VAL V 367 -102.87 -106.51 49.43
C VAL V 367 -103.80 -106.28 48.23
N THR V 368 -104.36 -105.06 48.11
CA THR V 368 -105.30 -104.69 47.04
C THR V 368 -105.13 -103.25 46.57
N THR V 369 -105.74 -102.90 45.43
CA THR V 369 -105.73 -101.54 44.83
C THR V 369 -107.14 -101.10 44.40
N GLN V 370 -107.36 -99.78 44.25
CA GLN V 370 -108.68 -99.18 44.02
C GLN V 370 -108.76 -98.33 42.73
N GLY V 371 -107.96 -97.27 42.64
CA GLY V 371 -107.96 -96.33 41.51
C GLY V 371 -107.15 -96.78 40.29
N GLU V 372 -106.90 -95.83 39.38
CA GLU V 372 -106.03 -95.98 38.21
C GLU V 372 -105.24 -94.68 37.96
N GLY V 373 -104.06 -94.77 37.37
CA GLY V 373 -103.17 -93.61 37.19
C GLY V 373 -102.54 -93.15 38.50
N LEU V 374 -102.25 -91.85 38.64
CA LEU V 374 -101.65 -91.29 39.86
C LEU V 374 -102.57 -91.36 41.09
N SER V 375 -103.89 -91.42 40.88
CA SER V 375 -104.87 -91.68 41.95
C SER V 375 -104.99 -93.17 42.32
N LYS V 376 -104.24 -94.08 41.66
CA LYS V 376 -104.12 -95.49 42.08
C LYS V 376 -103.34 -95.59 43.39
N LYS V 377 -103.80 -96.49 44.27
CA LYS V 377 -103.28 -96.67 45.63
C LYS V 377 -103.18 -98.14 45.98
N TRP V 378 -102.17 -98.50 46.76
CA TRP V 378 -102.00 -99.84 47.36
C TRP V 378 -102.46 -99.81 48.81
N TYR V 379 -103.10 -100.90 49.26
CA TYR V 379 -103.57 -101.04 50.62
C TYR V 379 -103.17 -102.38 51.22
N ILE V 380 -102.81 -102.36 52.50
CA ILE V 380 -102.69 -103.55 53.35
C ILE V 380 -104.02 -103.63 54.11
N ASN V 381 -104.83 -104.68 53.92
CA ASN V 381 -106.21 -104.64 54.39
C ASN V 381 -106.45 -105.28 55.76
N PHE V 382 -105.53 -106.13 56.26
CA PHE V 382 -105.77 -106.98 57.45
C PHE V 382 -107.14 -107.70 57.42
N THR V 383 -107.62 -108.10 56.25
CA THR V 383 -108.94 -108.74 56.08
C THR V 383 -109.10 -110.09 56.79
N PRO V 384 -108.14 -111.04 56.77
CA PRO V 384 -108.32 -112.37 57.37
C PRO V 384 -108.66 -112.31 58.87
N SER V 385 -109.77 -112.95 59.25
CA SER V 385 -110.30 -112.93 60.63
C SER V 385 -109.40 -113.67 61.63
N ASN V 386 -108.78 -114.78 61.21
CA ASN V 386 -107.77 -115.51 62.00
C ASN V 386 -106.38 -114.84 61.96
N GLY V 387 -106.20 -113.84 61.10
CA GLY V 387 -104.97 -113.04 61.04
C GLY V 387 -104.78 -112.22 62.31
N ALA V 388 -103.55 -112.12 62.80
CA ALA V 388 -103.25 -111.32 63.98
C ALA V 388 -103.26 -109.82 63.63
N LYS V 389 -104.34 -109.12 64.00
CA LYS V 389 -104.50 -107.69 63.71
C LYS V 389 -103.69 -106.82 64.68
N PRO V 390 -103.13 -105.68 64.24
CA PRO V 390 -102.50 -104.71 65.11
C PRO V 390 -103.44 -104.18 66.20
N ILE V 391 -102.87 -103.72 67.31
CA ILE V 391 -103.61 -103.01 68.37
C ILE V 391 -104.20 -101.71 67.82
N ASP V 392 -105.43 -101.42 68.21
CA ASP V 392 -106.09 -100.18 67.83
C ASP V 392 -105.31 -98.94 68.29
N GLN V 393 -105.17 -97.96 67.41
CA GLN V 393 -104.43 -96.72 67.66
C GLN V 393 -102.91 -96.92 67.91
N THR V 394 -102.30 -97.94 67.30
CA THR V 394 -100.83 -98.18 67.31
C THR V 394 -100.22 -98.11 65.91
N VAL V 395 -98.91 -97.84 65.88
CA VAL V 395 -98.07 -97.85 64.66
C VAL V 395 -97.98 -99.24 64.03
N VAL V 396 -98.30 -99.32 62.74
CA VAL V 396 -97.89 -100.39 61.82
C VAL V 396 -96.78 -99.86 60.92
N LEU V 397 -95.73 -100.65 60.73
CA LEU V 397 -94.61 -100.36 59.84
C LEU V 397 -94.73 -101.20 58.55
N VAL V 398 -94.47 -100.57 57.40
CA VAL V 398 -94.38 -101.23 56.09
C VAL V 398 -93.04 -100.92 55.41
N ASP V 399 -92.45 -101.92 54.76
CA ASP V 399 -91.26 -101.78 53.92
C ASP V 399 -91.58 -102.32 52.53
N TYR V 400 -91.29 -101.55 51.47
CA TYR V 400 -91.75 -101.84 50.10
C TYR V 400 -90.99 -101.04 49.04
N THR V 401 -91.16 -101.38 47.76
CA THR V 401 -90.52 -100.68 46.63
C THR V 401 -91.52 -100.23 45.57
N TYR V 402 -91.19 -99.11 44.92
CA TYR V 402 -92.09 -98.40 44.01
C TYR V 402 -91.31 -97.77 42.85
N TYR V 403 -91.93 -97.68 41.67
CA TYR V 403 -91.31 -97.11 40.48
C TYR V 403 -91.13 -95.59 40.60
N LEU V 404 -89.92 -95.10 40.33
CA LEU V 404 -89.61 -93.68 40.22
C LEU V 404 -90.05 -93.10 38.86
N ALA V 405 -90.44 -91.83 38.83
CA ALA V 405 -90.63 -91.06 37.60
C ALA V 405 -89.29 -90.53 37.07
N ARG V 406 -89.30 -89.90 35.90
CA ARG V 406 -88.16 -89.13 35.40
C ARG V 406 -88.65 -87.93 34.59
N LYS V 407 -87.92 -86.81 34.61
CA LYS V 407 -88.26 -85.61 33.85
C LYS V 407 -87.07 -85.13 33.05
N ASP V 408 -87.28 -84.98 31.75
CA ASP V 408 -86.22 -84.76 30.75
C ASP V 408 -86.47 -83.43 30.02
N SER V 409 -85.40 -82.75 29.61
CA SER V 409 -85.49 -81.47 28.90
C SER V 409 -85.21 -81.65 27.42
N VAL V 410 -86.05 -81.03 26.61
CA VAL V 410 -85.95 -81.03 25.14
C VAL V 410 -85.28 -79.73 24.72
N PHE V 411 -84.25 -79.85 23.88
CA PHE V 411 -83.46 -78.75 23.36
C PHE V 411 -83.40 -78.78 21.85
N ILE V 412 -83.24 -77.63 21.20
CA ILE V 412 -82.86 -77.52 19.79
C ILE V 412 -81.59 -76.67 19.67
N ASN V 413 -80.57 -77.21 19.00
CA ASN V 413 -79.33 -76.49 18.72
C ASN V 413 -79.44 -75.65 17.43
N LYS V 414 -78.42 -74.85 17.15
CA LYS V 414 -78.36 -73.98 15.95
C LYS V 414 -78.31 -74.68 14.60
N TYR V 415 -77.98 -75.97 14.58
CA TYR V 415 -78.05 -76.81 13.38
C TYR V 415 -79.46 -77.38 13.16
N GLY V 416 -80.36 -77.18 14.13
CA GLY V 416 -81.73 -77.70 14.13
C GLY V 416 -81.86 -79.13 14.66
N ASP V 417 -80.79 -79.75 15.14
CA ASP V 417 -80.90 -81.05 15.77
C ASP V 417 -81.60 -80.93 17.13
N ILE V 418 -82.77 -81.56 17.25
CA ILE V 418 -83.40 -81.76 18.55
C ILE V 418 -82.56 -82.76 19.36
N ALA V 419 -82.22 -82.37 20.58
CA ALA V 419 -81.52 -83.18 21.58
C ALA V 419 -82.36 -83.25 22.85
N ILE V 420 -82.35 -84.38 23.56
CA ILE V 420 -83.10 -84.54 24.82
C ILE V 420 -82.15 -85.00 25.91
N LEU V 421 -82.07 -84.25 27.01
CA LEU V 421 -81.21 -84.61 28.13
C LEU V 421 -82.05 -85.31 29.19
N PRO V 422 -81.67 -86.52 29.64
CA PRO V 422 -82.39 -87.25 30.67
C PRO V 422 -82.18 -86.61 32.04
N GLY V 423 -83.24 -86.50 32.84
CA GLY V 423 -83.11 -86.09 34.24
C GLY V 423 -82.71 -87.24 35.16
N GLU V 424 -82.51 -86.92 36.44
CA GLU V 424 -82.34 -87.92 37.50
C GLU V 424 -83.69 -88.57 37.85
N PRO V 425 -83.82 -89.91 37.85
CA PRO V 425 -85.01 -90.59 38.34
C PRO V 425 -85.35 -90.21 39.78
N ASN V 426 -86.60 -89.83 40.02
CA ASN V 426 -87.09 -89.46 41.34
C ASN V 426 -88.63 -89.58 41.37
N ILE V 427 -89.23 -89.55 42.54
CA ILE V 427 -90.69 -89.57 42.66
C ILE V 427 -91.34 -88.34 42.02
N MET V 428 -92.55 -88.47 41.48
CA MET V 428 -93.24 -87.40 40.73
C MET V 428 -93.35 -86.05 41.48
N ARG V 429 -93.44 -86.07 42.82
CA ARG V 429 -93.46 -84.87 43.68
C ARG V 429 -92.09 -84.16 43.80
N LEU V 430 -90.98 -84.89 43.59
CA LEU V 430 -89.60 -84.39 43.74
C LEU V 430 -88.81 -84.35 42.42
N VAL V 431 -89.29 -85.01 41.36
CA VAL V 431 -88.63 -85.08 40.06
C VAL V 431 -88.49 -83.69 39.44
N THR V 432 -87.32 -83.40 38.89
CA THR V 432 -86.99 -82.11 38.27
C THR V 432 -86.30 -82.33 36.93
N PRO V 433 -86.52 -81.44 35.94
CA PRO V 433 -85.79 -81.49 34.69
C PRO V 433 -84.30 -81.21 34.93
N PRO V 434 -83.41 -81.71 34.07
CA PRO V 434 -81.98 -81.42 34.20
C PRO V 434 -81.70 -79.94 33.92
N LEU V 435 -80.99 -79.27 34.84
CA LEU V 435 -80.55 -77.89 34.64
C LEU V 435 -79.32 -77.85 33.71
N ASN V 436 -79.40 -77.06 32.65
CA ASN V 436 -78.36 -76.93 31.61
C ASN V 436 -77.96 -75.46 31.40
N THR V 437 -76.65 -75.23 31.31
CA THR V 437 -76.03 -73.92 31.11
C THR V 437 -75.59 -73.67 29.66
N ASP V 438 -75.60 -74.68 28.78
CA ASP V 438 -75.07 -74.57 27.41
C ASP V 438 -75.84 -73.52 26.55
N PRO V 439 -75.24 -72.34 26.26
CA PRO V 439 -75.91 -71.29 25.48
C PRO V 439 -76.25 -71.72 24.05
N GLU V 440 -75.55 -72.73 23.52
CA GLU V 440 -75.75 -73.23 22.16
C GLU V 440 -77.12 -73.88 21.92
N ASN V 441 -77.83 -74.19 22.99
CA ASN V 441 -79.10 -74.93 22.96
C ASN V 441 -80.27 -74.06 23.44
N LEU V 442 -81.28 -73.88 22.59
CA LEU V 442 -82.58 -73.35 23.00
C LEU V 442 -83.39 -74.47 23.63
N GLN V 443 -83.74 -74.35 24.91
CA GLN V 443 -84.70 -75.29 25.49
C GLN V 443 -86.08 -75.08 24.86
N LEU V 444 -86.67 -76.13 24.29
CA LEU V 444 -88.05 -76.11 23.81
C LEU V 444 -89.06 -76.45 24.90
N GLY V 445 -88.70 -77.35 25.82
CA GLY V 445 -89.60 -77.74 26.91
C GLY V 445 -89.05 -78.88 27.76
N THR V 446 -89.98 -79.58 28.42
CA THR V 446 -89.69 -80.75 29.25
C THR V 446 -90.72 -81.84 29.03
N VAL V 447 -90.27 -83.09 28.97
CA VAL V 447 -91.10 -84.31 28.95
C VAL V 447 -90.97 -85.01 30.29
N THR V 448 -92.08 -85.26 30.99
CA THR V 448 -92.08 -86.01 32.24
C THR V 448 -92.69 -87.38 32.00
N VAL V 449 -91.96 -88.46 32.26
CA VAL V 449 -92.48 -89.83 32.06
C VAL V 449 -92.99 -90.38 33.39
N LEU V 450 -94.26 -90.81 33.40
CA LEU V 450 -94.86 -91.39 34.59
C LEU V 450 -94.22 -92.75 34.88
N PRO V 451 -94.12 -93.13 36.16
CA PRO V 451 -93.41 -94.34 36.57
C PRO V 451 -94.10 -95.61 36.05
N ASP V 452 -93.35 -96.45 35.34
CA ASP V 452 -93.85 -97.69 34.72
C ASP V 452 -95.17 -97.52 33.95
N SER V 453 -95.20 -96.57 33.02
CA SER V 453 -96.39 -96.27 32.21
C SER V 453 -96.03 -95.80 30.80
N ASP V 454 -96.95 -95.95 29.86
CA ASP V 454 -96.90 -95.36 28.53
C ASP V 454 -97.15 -93.84 28.52
N GLU V 455 -97.76 -93.30 29.57
CA GLU V 455 -98.15 -91.89 29.64
C GLU V 455 -96.95 -90.97 29.99
N ALA V 456 -96.91 -89.82 29.34
CA ALA V 456 -95.95 -88.76 29.64
C ALA V 456 -96.58 -87.37 29.51
N VAL V 457 -96.13 -86.44 30.34
CA VAL V 457 -96.61 -85.04 30.38
C VAL V 457 -95.57 -84.15 29.72
N CYS V 458 -95.93 -83.57 28.57
CA CYS V 458 -95.05 -82.70 27.79
C CYS V 458 -95.47 -81.25 27.95
N ILE V 459 -94.54 -80.38 28.35
CA ILE V 459 -94.80 -78.94 28.54
C ILE V 459 -93.70 -78.14 27.85
N SER V 460 -94.09 -77.16 27.03
CA SER V 460 -93.15 -76.23 26.40
C SER V 460 -92.72 -75.13 27.37
N PHE V 461 -91.44 -74.75 27.29
CA PHE V 461 -90.85 -73.64 28.06
C PHE V 461 -89.90 -72.81 27.18
N ALA V 462 -90.14 -72.80 25.87
CA ALA V 462 -89.35 -72.04 24.92
C ALA V 462 -89.47 -70.53 25.18
N ILE V 463 -88.36 -69.80 25.20
CA ILE V 463 -88.37 -68.32 25.20
C ILE V 463 -89.00 -67.81 23.91
N THR V 464 -89.85 -66.78 23.94
CA THR V 464 -90.62 -66.31 22.75
C THR V 464 -90.66 -64.78 22.57
N ARG V 465 -90.61 -64.33 21.31
CA ARG V 465 -90.59 -62.91 20.87
C ARG V 465 -91.85 -62.09 21.22
N LEU V 466 -91.70 -60.76 21.17
CA LEU V 466 -92.77 -59.75 21.16
C LEU V 466 -92.47 -58.70 20.08
N SER V 467 -93.50 -58.18 19.41
CA SER V 467 -93.35 -57.01 18.52
C SER V 467 -93.34 -55.71 19.34
N MET V 468 -92.91 -54.61 18.73
CA MET V 468 -92.93 -53.29 19.38
C MET V 468 -94.34 -52.87 19.83
N GLU V 469 -95.41 -53.27 19.12
CA GLU V 469 -96.78 -52.98 19.57
C GLU V 469 -97.12 -53.75 20.85
N ASP V 470 -96.70 -55.01 20.96
CA ASP V 470 -96.91 -55.77 22.19
C ASP V 470 -96.13 -55.14 23.36
N LEU V 471 -94.92 -54.63 23.12
CA LEU V 471 -94.15 -53.93 24.15
C LEU V 471 -94.81 -52.60 24.54
N GLN V 472 -95.43 -51.87 23.59
CA GLN V 472 -96.32 -50.74 23.90
C GLN V 472 -97.58 -51.16 24.70
N LYS V 473 -98.14 -52.35 24.46
CA LYS V 473 -99.23 -52.91 25.29
C LYS V 473 -98.75 -53.26 26.71
N VAL V 474 -97.58 -53.88 26.87
CA VAL V 474 -96.98 -54.11 28.20
C VAL V 474 -96.73 -52.78 28.93
N LYS V 475 -96.25 -51.75 28.23
CA LYS V 475 -96.14 -50.38 28.76
C LYS V 475 -97.52 -49.80 29.15
N THR V 476 -98.54 -50.00 28.33
CA THR V 476 -99.94 -49.63 28.64
C THR V 476 -100.44 -50.34 29.90
N ARG V 477 -100.10 -51.62 30.11
CA ARG V 477 -100.43 -52.35 31.36
C ARG V 477 -99.74 -51.74 32.58
N VAL V 478 -98.46 -51.39 32.48
CA VAL V 478 -97.73 -50.66 33.55
C VAL V 478 -98.41 -49.33 33.86
N ASP V 479 -98.79 -48.56 32.82
CA ASP V 479 -99.53 -47.28 32.97
C ASP V 479 -100.89 -47.46 33.65
N ASN V 480 -101.63 -48.53 33.32
CA ASN V 480 -102.87 -48.88 34.00
C ASN V 480 -102.65 -49.33 35.45
N LEU V 481 -101.59 -50.09 35.74
CA LEU V 481 -101.26 -50.49 37.10
C LEU V 481 -100.94 -49.25 37.96
N GLU V 482 -100.16 -48.29 37.46
CA GLU V 482 -99.87 -47.04 38.20
C GLU V 482 -101.09 -46.12 38.34
N TYR V 483 -101.94 -46.02 37.31
CA TYR V 483 -103.23 -45.32 37.44
C TYR V 483 -104.04 -45.94 38.59
N ASN V 484 -104.22 -47.27 38.57
CA ASN V 484 -104.93 -47.97 39.64
C ASN V 484 -104.26 -47.76 41.00
N GLN V 485 -102.93 -47.78 41.07
CA GLN V 485 -102.20 -47.53 42.32
C GLN V 485 -102.49 -46.12 42.88
N ALA V 486 -102.58 -45.12 42.01
CA ALA V 486 -102.95 -43.76 42.43
C ALA V 486 -104.40 -43.72 42.91
N VAL V 487 -105.27 -44.49 42.27
CA VAL V 487 -106.67 -44.54 42.70
C VAL V 487 -106.76 -45.12 44.11
N ASN V 488 -105.98 -46.18 44.38
CA ASN V 488 -105.98 -46.79 45.69
C ASN V 488 -105.45 -45.82 46.75
N ALA V 489 -104.37 -45.11 46.41
CA ALA V 489 -103.82 -44.11 47.33
C ALA V 489 -104.80 -42.98 47.59
N LEU V 490 -105.71 -42.72 46.64
CA LEU V 490 -106.70 -41.67 46.83
C LEU V 490 -107.58 -41.91 48.05
N ASP V 491 -107.81 -43.18 48.39
CA ASP V 491 -108.67 -43.57 49.50
C ASP V 491 -107.92 -43.85 50.79
N ASP V 492 -106.59 -43.63 50.82
CA ASP V 492 -105.84 -43.88 52.04
C ASP V 492 -106.11 -42.79 53.08
N GLY V 493 -105.74 -41.55 52.77
CA GLY V 493 -106.03 -40.44 53.65
C GLY V 493 -105.27 -40.46 54.96
N ALA V 494 -104.03 -40.96 54.96
CA ALA V 494 -103.21 -41.03 56.16
C ALA V 494 -101.75 -40.79 55.78
N MET V 495 -101.01 -40.01 56.57
CA MET V 495 -99.61 -39.68 56.29
C MET V 495 -98.88 -39.24 57.56
N GLU V 496 -97.72 -39.85 57.81
CA GLU V 496 -96.94 -39.69 59.05
C GLU V 496 -96.26 -38.31 59.13
N GLY V 497 -95.93 -37.83 60.34
CA GLY V 497 -95.35 -36.49 60.56
C GLY V 497 -93.89 -36.38 60.13
N GLN V 498 -92.98 -36.89 60.95
CA GLN V 498 -91.55 -37.01 60.66
C GLN V 498 -91.29 -38.14 59.65
N ASN V 499 -90.58 -37.85 58.56
CA ASN V 499 -90.16 -38.83 57.54
C ASN V 499 -91.23 -39.87 57.15
N PRO V 500 -92.36 -39.45 56.55
CA PRO V 500 -93.39 -40.39 56.13
C PRO V 500 -92.90 -41.27 54.98
N LEU V 501 -93.17 -42.59 55.04
CA LEU V 501 -93.01 -43.37 53.84
C LEU V 501 -94.03 -42.93 52.80
N THR V 502 -93.55 -42.58 51.60
CA THR V 502 -94.42 -42.07 50.55
C THR V 502 -94.27 -42.92 49.29
N LEU V 503 -95.36 -43.07 48.55
CA LEU V 503 -95.29 -43.80 47.30
C LEU V 503 -94.44 -43.06 46.28
N ARG V 504 -93.50 -43.77 45.66
CA ARG V 504 -92.59 -43.24 44.65
C ARG V 504 -93.34 -43.04 43.32
N SER V 505 -93.20 -41.87 42.71
CA SER V 505 -93.94 -41.42 41.51
C SER V 505 -95.47 -41.27 41.65
N VAL V 506 -96.03 -41.19 42.87
CA VAL V 506 -97.48 -41.14 43.04
C VAL V 506 -97.83 -40.11 44.10
N PHE V 507 -98.88 -39.34 43.84
CA PHE V 507 -99.46 -38.43 44.84
C PHE V 507 -100.93 -38.23 44.51
N SER V 508 -101.79 -38.42 45.49
CA SER V 508 -103.22 -38.28 45.32
C SER V 508 -103.84 -37.73 46.60
N GLU V 509 -104.91 -36.95 46.43
CA GLU V 509 -105.63 -36.30 47.53
C GLU V 509 -107.10 -36.65 47.39
N GLY V 510 -107.62 -37.39 48.36
CA GLY V 510 -109.02 -37.72 48.51
C GLY V 510 -109.85 -36.67 49.19
N PHE V 511 -109.25 -35.60 49.71
CA PHE V 511 -109.94 -34.53 50.41
C PHE V 511 -110.80 -35.08 51.55
N ILE V 512 -110.23 -36.05 52.27
CA ILE V 512 -110.89 -36.66 53.43
C ILE V 512 -110.15 -36.45 54.74
N SER V 513 -108.94 -35.89 54.70
CA SER V 513 -108.14 -35.70 55.90
C SER V 513 -107.13 -34.59 55.66
N LEU V 514 -106.65 -34.00 56.75
CA LEU V 514 -105.68 -32.93 56.70
C LEU V 514 -104.23 -33.41 56.58
N ASP V 515 -104.00 -34.72 56.64
CA ASP V 515 -102.63 -35.29 56.69
C ASP V 515 -101.84 -35.07 55.40
N LYS V 516 -102.49 -35.06 54.22
CA LYS V 516 -101.84 -34.80 52.95
C LYS V 516 -101.60 -33.31 52.68
N ALA V 517 -102.31 -32.39 53.35
CA ALA V 517 -102.21 -30.95 53.07
C ALA V 517 -101.09 -30.23 53.84
N ASP V 518 -100.57 -29.12 53.28
CA ASP V 518 -99.71 -28.17 53.99
C ASP V 518 -100.50 -26.92 54.42
N ILE V 519 -101.43 -27.06 55.38
CA ILE V 519 -102.40 -26.01 55.73
C ILE V 519 -101.78 -24.72 56.30
N THR V 520 -100.51 -24.78 56.73
CA THR V 520 -99.74 -23.61 57.21
C THR V 520 -99.01 -22.88 56.08
N HIS V 521 -99.12 -23.34 54.83
CA HIS V 521 -98.54 -22.64 53.69
C HIS V 521 -99.21 -21.25 53.53
N PRO V 522 -98.47 -20.15 53.26
CA PRO V 522 -99.02 -18.79 53.23
C PRO V 522 -100.22 -18.60 52.31
N ASP V 523 -100.20 -19.26 51.16
CA ASP V 523 -101.24 -19.25 50.13
C ASP V 523 -102.41 -20.21 50.41
N PHE V 524 -102.34 -21.04 51.45
CA PHE V 524 -103.41 -21.99 51.76
C PHE V 524 -104.63 -21.24 52.25
N GLY V 525 -105.78 -21.54 51.66
CA GLY V 525 -107.04 -20.84 51.95
C GLY V 525 -108.28 -21.63 51.57
N ILE V 526 -108.14 -22.95 51.39
CA ILE V 526 -109.23 -23.80 50.93
C ILE V 526 -109.82 -24.52 52.13
N VAL V 527 -111.11 -24.90 52.04
CA VAL V 527 -111.80 -25.59 53.11
C VAL V 527 -112.39 -26.89 52.57
N PHE V 528 -112.28 -27.95 53.35
CA PHE V 528 -112.70 -29.28 52.95
C PHE V 528 -114.17 -29.51 53.30
N SER V 529 -114.82 -30.36 52.50
CA SER V 529 -116.16 -30.87 52.80
C SER V 529 -116.07 -32.40 52.75
N PHE V 530 -115.88 -33.00 53.92
CA PHE V 530 -115.61 -34.44 54.00
C PHE V 530 -116.82 -35.28 53.60
N GLU V 531 -118.04 -34.77 53.80
CA GLU V 531 -119.20 -35.54 53.39
C GLU V 531 -119.23 -35.81 51.88
N ASP V 532 -118.88 -34.81 51.08
CA ASP V 532 -118.77 -34.92 49.64
C ASP V 532 -117.36 -35.24 49.14
N ALA V 533 -116.35 -35.26 50.02
CA ALA V 533 -114.96 -35.45 49.60
C ALA V 533 -114.58 -34.39 48.57
N GLU V 534 -115.01 -33.16 48.82
CA GLU V 534 -114.74 -32.02 47.95
C GLU V 534 -114.06 -30.93 48.75
N ALA V 535 -113.49 -29.98 48.02
CA ALA V 535 -112.88 -28.78 48.61
C ALA V 535 -113.38 -27.57 47.85
N THR V 536 -113.54 -26.46 48.58
CA THR V 536 -114.08 -25.23 48.01
C THR V 536 -113.52 -24.05 48.80
N LEU V 537 -114.04 -22.86 48.51
CA LEU V 537 -113.59 -21.61 49.13
C LEU V 537 -114.66 -21.10 50.09
N ALA V 538 -114.24 -20.76 51.30
CA ALA V 538 -115.13 -20.12 52.27
C ALA V 538 -115.15 -18.61 52.07
N TYR V 539 -116.27 -18.00 52.48
CA TYR V 539 -116.43 -16.57 52.30
C TYR V 539 -115.47 -15.79 53.20
N THR V 540 -114.91 -14.72 52.66
CA THR V 540 -114.04 -13.81 53.39
C THR V 540 -114.39 -12.38 52.97
N GLU V 541 -114.67 -11.54 53.97
CA GLU V 541 -115.18 -10.19 53.69
C GLU V 541 -114.13 -9.35 52.96
N ALA V 542 -112.87 -9.46 53.36
CA ALA V 542 -111.82 -8.65 52.75
C ALA V 542 -111.60 -9.06 51.30
N HIS V 556 -121.35 2.55 50.22
CA HIS V 556 -121.91 1.25 49.88
C HIS V 556 -123.44 1.28 49.90
N ILE V 557 -124.07 0.23 49.35
CA ILE V 557 -125.52 0.14 49.24
C ILE V 557 -125.95 -1.30 49.57
N TRP V 558 -127.20 -1.45 50.01
CA TRP V 558 -127.77 -2.75 50.33
C TRP V 558 -128.55 -3.34 49.15
N GLY V 559 -128.72 -4.67 49.20
CA GLY V 559 -129.44 -5.41 48.16
C GLY V 559 -130.24 -6.60 48.65
N ARG V 560 -131.41 -6.79 48.03
CA ARG V 560 -132.41 -7.77 48.44
C ARG V 560 -132.44 -8.91 47.42
N LEU V 561 -132.37 -10.14 47.92
CA LEU V 561 -132.38 -11.34 47.07
C LEU V 561 -133.83 -11.68 46.71
N ILE V 562 -134.26 -11.23 45.54
CA ILE V 562 -135.67 -11.33 45.16
C ILE V 562 -136.02 -12.78 44.83
N SER V 563 -135.45 -13.31 43.76
CA SER V 563 -135.66 -14.71 43.37
C SER V 563 -134.65 -15.57 44.12
N ALA V 564 -135.11 -16.36 45.09
CA ALA V 564 -134.19 -17.14 45.89
C ALA V 564 -133.56 -18.27 45.07
N PRO V 565 -132.31 -18.64 45.35
CA PRO V 565 -131.67 -19.76 44.63
C PRO V 565 -132.16 -21.15 45.03
N PHE V 566 -132.98 -21.27 46.07
CA PHE V 566 -133.58 -22.55 46.43
C PHE V 566 -134.76 -22.30 47.35
N THR V 567 -135.61 -23.32 47.46
CA THR V 567 -136.77 -23.31 48.35
C THR V 567 -136.59 -24.38 49.41
N GLU V 568 -136.79 -24.00 50.68
CA GLU V 568 -136.60 -24.93 51.78
C GLU V 568 -137.91 -25.58 52.20
N GLU V 569 -137.80 -26.80 52.73
CA GLU V 569 -138.94 -27.56 53.21
C GLU V 569 -138.51 -28.32 54.47
N ARG V 570 -139.38 -28.29 55.47
CA ARG V 570 -139.14 -28.95 56.75
C ARG V 570 -139.53 -30.41 56.63
N THR V 571 -138.54 -31.31 56.59
CA THR V 571 -138.82 -32.73 56.42
C THR V 571 -138.82 -33.51 57.72
N ILE V 572 -138.05 -33.08 58.71
CA ILE V 572 -138.03 -33.67 60.03
C ILE V 572 -138.41 -32.59 61.03
N TYR V 573 -139.28 -32.94 61.99
CA TYR V 573 -139.70 -31.98 63.00
C TYR V 573 -140.18 -32.75 64.22
N GLN V 574 -139.44 -32.63 65.33
CA GLN V 574 -139.83 -33.18 66.62
C GLN V 574 -140.30 -32.00 67.47
N GLY V 575 -141.62 -31.86 67.63
CA GLY V 575 -142.17 -30.67 68.25
C GLY V 575 -142.46 -30.82 69.73
N GLN V 576 -142.57 -32.05 70.22
CA GLN V 576 -142.94 -32.26 71.62
C GLN V 576 -141.76 -31.92 72.53
N ALA V 577 -142.03 -31.13 73.57
CA ALA V 577 -141.03 -30.74 74.55
C ALA V 577 -141.65 -30.78 75.94
N SER V 578 -140.86 -31.20 76.92
CA SER V 578 -141.36 -31.37 78.29
C SER V 578 -140.45 -30.77 79.36
N GLU V 579 -139.13 -30.70 79.11
CA GLU V 579 -138.18 -30.31 80.14
C GLU V 579 -137.06 -29.47 79.52
N THR V 580 -136.20 -28.93 80.39
CA THR V 580 -135.02 -28.18 79.99
C THR V 580 -133.77 -28.94 80.43
N LEU V 581 -132.83 -29.12 79.49
CA LEU V 581 -131.55 -29.75 79.78
C LEU V 581 -130.42 -28.76 79.49
N ASN V 582 -129.53 -28.57 80.47
CA ASN V 582 -128.37 -27.72 80.26
C ASN V 582 -127.48 -28.30 79.18
N VAL V 583 -127.00 -27.42 78.30
CA VAL V 583 -126.08 -27.85 77.24
C VAL V 583 -124.80 -28.48 77.79
N ASN V 584 -124.39 -28.15 79.02
CA ASN V 584 -123.20 -28.73 79.66
C ASN V 584 -123.57 -29.15 81.07
N PRO V 585 -124.32 -30.25 81.21
CA PRO V 585 -124.79 -30.63 82.55
C PRO V 585 -123.68 -30.99 83.53
N TYR V 586 -122.60 -31.61 83.04
CA TYR V 586 -121.60 -32.22 83.90
C TYR V 586 -120.49 -31.25 84.32
N ASN V 587 -120.64 -29.95 84.04
CA ASN V 587 -119.66 -28.96 84.48
C ASN V 587 -120.28 -27.70 85.08
N ILE V 588 -121.57 -27.69 85.38
CA ILE V 588 -122.19 -26.50 85.97
C ILE V 588 -121.64 -26.29 87.38
N PRO V 589 -121.20 -25.08 87.76
CA PRO V 589 -120.65 -24.92 89.12
C PRO V 589 -121.72 -25.03 90.20
N ASN V 590 -121.43 -25.86 91.21
CA ASN V 590 -122.32 -26.05 92.37
C ASN V 590 -123.72 -26.51 91.99
N PRO V 793 -121.66 -30.50 76.45
CA PRO V 793 -122.30 -30.53 75.13
C PRO V 793 -123.36 -31.60 74.95
N LEU V 794 -124.32 -31.33 74.06
CA LEU V 794 -125.39 -32.24 73.71
C LEU V 794 -125.38 -32.55 72.22
N ALA V 795 -126.06 -33.63 71.84
CA ALA V 795 -126.18 -34.01 70.44
C ALA V 795 -127.47 -34.79 70.22
N GLN V 796 -127.91 -34.82 68.96
CA GLN V 796 -129.13 -35.51 68.56
C GLN V 796 -128.90 -36.16 67.20
N SER V 797 -129.10 -37.46 67.12
CA SER V 797 -128.87 -38.21 65.89
C SER V 797 -130.11 -38.15 64.99
N PHE V 798 -129.87 -38.26 63.68
CA PHE V 798 -130.95 -38.29 62.71
C PHE V 798 -130.44 -38.99 61.46
N GLN V 799 -131.38 -39.34 60.58
CA GLN V 799 -131.03 -39.97 59.31
C GLN V 799 -132.14 -39.73 58.30
N TYR V 800 -131.79 -39.95 57.03
CA TYR V 800 -132.73 -39.86 55.92
C TYR V 800 -132.68 -41.14 55.11
N ASP V 801 -133.80 -41.46 54.46
CA ASP V 801 -133.92 -42.61 53.58
C ASP V 801 -133.52 -42.30 52.13
N GLU V 802 -133.15 -41.06 51.84
CA GLU V 802 -132.72 -40.68 50.50
C GLU V 802 -131.61 -39.63 50.63
N ASN V 803 -131.01 -39.29 49.49
CA ASN V 803 -129.99 -38.26 49.44
C ASN V 803 -130.68 -36.90 49.46
N ARG V 804 -130.46 -36.12 50.51
CA ARG V 804 -131.07 -34.81 50.69
C ARG V 804 -130.00 -33.75 50.91
N THR V 805 -130.29 -32.53 50.43
CA THR V 805 -129.41 -31.38 50.59
C THR V 805 -129.89 -30.57 51.78
N ILE V 806 -129.23 -30.74 52.93
CA ILE V 806 -129.59 -30.02 54.14
C ILE V 806 -129.10 -28.59 54.03
N SER V 807 -130.03 -27.63 54.18
CA SER V 807 -129.73 -26.21 54.05
C SER V 807 -129.67 -25.48 55.39
N SER V 808 -130.57 -25.78 56.32
CA SER V 808 -130.53 -25.07 57.60
C SER V 808 -131.10 -26.00 58.66
N LEU V 809 -130.89 -25.62 59.92
CA LEU V 809 -131.40 -26.36 61.07
C LEU V 809 -132.36 -25.49 61.87
N GLY V 810 -133.23 -26.13 62.65
CA GLY V 810 -134.05 -25.39 63.59
C GLY V 810 -133.90 -25.89 65.00
N LEU V 811 -133.57 -24.97 65.92
CA LEU V 811 -133.34 -25.28 67.32
C LEU V 811 -134.20 -24.39 68.20
N TYR V 812 -134.42 -24.82 69.44
CA TYR V 812 -135.22 -24.11 70.43
C TYR V 812 -134.43 -24.01 71.71
N PHE V 813 -134.18 -22.78 72.17
CA PHE V 813 -133.43 -22.51 73.38
C PHE V 813 -134.36 -21.96 74.44
N ALA V 814 -134.22 -22.46 75.67
CA ALA V 814 -135.01 -21.94 76.79
C ALA V 814 -134.39 -20.70 77.41
N SER V 815 -133.06 -20.60 77.41
CA SER V 815 -132.36 -19.44 77.95
C SER V 815 -131.00 -19.34 77.29
N LYS V 816 -130.37 -18.18 77.44
CA LYS V 816 -129.08 -17.91 76.85
C LYS V 816 -128.25 -17.09 77.83
N GLY V 817 -126.98 -16.92 77.50
CA GLY V 817 -126.06 -16.16 78.30
C GLY V 817 -126.12 -14.67 77.98
N ASP V 818 -124.99 -14.00 78.21
CA ASP V 818 -124.91 -12.55 78.04
C ASP V 818 -124.71 -12.23 76.56
N LYS V 819 -124.50 -10.94 76.27
CA LYS V 819 -124.30 -10.49 74.89
C LYS V 819 -123.09 -11.16 74.26
N GLN V 820 -121.98 -11.25 74.99
CA GLN V 820 -120.72 -11.71 74.43
C GLN V 820 -120.65 -13.21 74.24
N SER V 821 -121.54 -13.98 74.86
CA SER V 821 -121.52 -15.43 74.75
C SER V 821 -121.96 -15.88 73.36
N ASN V 822 -121.47 -17.05 72.96
CA ASN V 822 -121.83 -17.65 71.68
C ASN V 822 -121.84 -19.17 71.82
N VAL V 823 -122.52 -19.83 70.88
CA VAL V 823 -122.68 -21.27 70.87
C VAL V 823 -122.21 -21.80 69.52
N VAL V 824 -121.40 -22.87 69.55
CA VAL V 824 -120.88 -23.49 68.34
C VAL V 824 -121.80 -24.63 67.95
N ILE V 825 -122.35 -24.57 66.73
CA ILE V 825 -123.24 -25.60 66.20
C ILE V 825 -122.46 -26.38 65.15
N GLN V 826 -122.51 -27.71 65.24
CA GLN V 826 -121.76 -28.60 64.36
C GLN V 826 -122.64 -29.76 63.94
N ILE V 827 -122.34 -30.33 62.79
CA ILE V 827 -122.92 -31.58 62.30
C ILE V 827 -121.79 -32.59 62.19
N ARG V 828 -121.87 -33.68 62.96
CA ARG V 828 -120.85 -34.72 62.98
C ARG V 828 -121.46 -36.04 62.53
N GLY V 829 -120.61 -36.88 61.95
CA GLY V 829 -121.04 -38.18 61.48
C GLY V 829 -121.23 -39.18 62.60
N MET V 830 -121.89 -40.29 62.27
CA MET V 830 -122.21 -41.33 63.23
C MET V 830 -121.45 -42.60 62.89
N GLY V 831 -120.76 -43.19 63.88
CA GLY V 831 -119.98 -44.37 63.63
C GLY V 831 -120.82 -45.63 63.50
N ASP V 832 -120.12 -46.71 63.14
CA ASP V 832 -120.78 -48.00 62.93
C ASP V 832 -121.53 -48.47 64.17
N GLN V 833 -121.06 -48.10 65.37
CA GLN V 833 -121.64 -48.55 66.61
C GLN V 833 -122.67 -47.58 67.18
N GLY V 834 -123.19 -46.67 66.35
CA GLY V 834 -124.25 -45.78 66.78
C GLY V 834 -123.87 -44.74 67.81
N TYR V 835 -122.73 -44.08 67.62
CA TYR V 835 -122.26 -43.00 68.48
C TYR V 835 -121.68 -41.92 67.58
N PRO V 836 -121.66 -40.65 68.04
CA PRO V 836 -121.00 -39.61 67.25
C PRO V 836 -119.48 -39.83 67.17
N ASN V 837 -118.90 -39.43 66.04
CA ASN V 837 -117.47 -39.56 65.78
C ASN V 837 -116.81 -38.17 65.77
N LYS V 838 -115.49 -38.16 65.62
CA LYS V 838 -114.78 -36.89 65.66
C LYS V 838 -114.86 -36.10 64.36
N THR V 839 -115.34 -36.70 63.28
CA THR V 839 -115.42 -36.00 62.01
C THR V 839 -116.49 -34.93 62.08
N ILE V 840 -116.19 -33.76 61.53
CA ILE V 840 -117.09 -32.61 61.52
C ILE V 840 -117.34 -32.22 60.08
N TYR V 841 -118.60 -32.30 59.65
CA TYR V 841 -118.99 -31.94 58.29
C TYR V 841 -119.38 -30.48 58.15
N ALA V 842 -119.85 -29.85 59.22
CA ALA V 842 -120.23 -28.44 59.17
C ALA V 842 -120.01 -27.82 60.54
N GLU V 843 -119.78 -26.50 60.54
CA GLU V 843 -119.52 -25.78 61.78
C GLU V 843 -119.92 -24.31 61.59
N THR V 844 -120.44 -23.71 62.64
CA THR V 844 -120.79 -22.30 62.61
C THR V 844 -120.83 -21.76 64.03
N VAL V 845 -120.77 -20.43 64.16
CA VAL V 845 -120.78 -19.76 65.46
C VAL V 845 -122.01 -18.87 65.52
N MET V 846 -122.84 -19.08 66.52
CA MET V 846 -124.08 -18.32 66.71
C MET V 846 -123.89 -17.39 67.91
N ASN V 847 -124.05 -16.09 67.68
CA ASN V 847 -123.94 -15.12 68.76
C ASN V 847 -125.20 -15.12 69.61
N ALA V 848 -125.14 -14.43 70.75
CA ALA V 848 -126.27 -14.39 71.66
C ALA V 848 -127.48 -13.71 71.00
N ASP V 849 -127.25 -12.66 70.21
CA ASP V 849 -128.36 -11.95 69.59
C ASP V 849 -129.09 -12.84 68.57
N ASP V 850 -128.36 -13.73 67.91
CA ASP V 850 -129.00 -14.65 66.96
C ASP V 850 -129.81 -15.73 67.65
N ILE V 851 -129.51 -16.03 68.92
CA ILE V 851 -130.19 -17.08 69.66
C ILE V 851 -131.46 -16.51 70.29
N LYS V 852 -132.61 -16.83 69.69
CA LYS V 852 -133.89 -16.47 70.28
C LYS V 852 -134.25 -17.43 71.41
N VAL V 853 -134.99 -16.92 72.40
CA VAL V 853 -135.36 -17.70 73.57
C VAL V 853 -136.85 -17.52 73.82
N SER V 854 -137.43 -18.43 74.60
CA SER V 854 -138.82 -18.33 74.98
C SER V 854 -139.09 -19.25 76.16
N ASN V 855 -140.15 -18.95 76.90
CA ASN V 855 -140.54 -19.74 78.05
C ASN V 855 -141.56 -20.82 77.72
N ASN V 856 -141.96 -20.93 76.44
CA ASN V 856 -142.90 -21.97 76.00
C ASN V 856 -142.41 -22.72 74.75
N ALA V 857 -141.10 -22.71 74.49
CA ALA V 857 -140.52 -23.43 73.34
C ALA V 857 -141.16 -22.98 72.03
N SER V 858 -141.47 -21.69 71.93
CA SER V 858 -142.08 -21.12 70.73
C SER V 858 -141.08 -20.43 69.83
N ALA V 859 -139.97 -19.93 70.39
CA ALA V 859 -138.98 -19.24 69.58
C ALA V 859 -138.08 -20.26 68.89
N GLU V 860 -137.91 -20.12 67.58
CA GLU V 860 -137.10 -21.01 66.76
C GLU V 860 -135.94 -20.21 66.18
N THR V 861 -134.74 -20.45 66.70
CA THR V 861 -133.53 -19.87 66.12
C THR V 861 -133.08 -20.69 64.92
N ARG V 862 -132.84 -20.03 63.79
CA ARG V 862 -132.44 -20.70 62.55
C ARG V 862 -130.93 -20.63 62.40
N VAL V 863 -130.31 -21.78 62.14
CA VAL V 863 -128.88 -21.92 61.97
C VAL V 863 -128.59 -22.16 60.49
N TYR V 864 -127.69 -21.36 59.92
CA TYR V 864 -127.27 -21.47 58.53
C TYR V 864 -125.76 -21.73 58.49
N PHE V 865 -125.35 -22.55 57.53
CA PHE V 865 -123.94 -22.88 57.30
C PHE V 865 -123.51 -22.26 55.97
N ASP V 866 -122.21 -22.01 55.86
CA ASP V 866 -121.67 -21.43 54.62
C ASP V 866 -121.70 -22.43 53.47
N ASP V 867 -121.60 -23.73 53.77
CA ASP V 867 -121.63 -24.79 52.78
C ASP V 867 -122.77 -25.76 53.10
N PRO V 868 -123.56 -26.20 52.10
CA PRO V 868 -124.67 -27.13 52.41
C PRO V 868 -124.16 -28.50 52.80
N MET V 869 -124.91 -29.15 53.68
CA MET V 869 -124.58 -30.49 54.18
C MET V 869 -125.32 -31.53 53.33
N MET V 870 -124.56 -32.30 52.56
CA MET V 870 -125.13 -33.33 51.69
C MET V 870 -125.26 -34.61 52.50
N ALA V 871 -126.50 -35.00 52.80
CA ALA V 871 -126.74 -36.16 53.66
C ALA V 871 -127.01 -37.37 52.78
N GLU V 872 -126.20 -38.42 52.95
CA GLU V 872 -126.34 -39.60 52.11
C GLU V 872 -127.43 -40.51 52.66
N GLY V 873 -128.22 -41.09 51.75
CA GLY V 873 -129.31 -41.94 52.16
C GLY V 873 -128.84 -43.17 52.94
N GLY V 874 -129.50 -43.44 54.06
CA GLY V 874 -129.18 -44.58 54.89
C GLY V 874 -128.04 -44.37 55.87
N LYS V 875 -127.48 -43.16 55.93
CA LYS V 875 -126.40 -42.83 56.85
C LYS V 875 -126.93 -41.96 57.98
N GLU V 876 -126.46 -42.23 59.20
CA GLU V 876 -126.85 -41.43 60.35
C GLU V 876 -125.90 -40.26 60.53
N TYR V 877 -126.46 -39.12 60.96
CA TYR V 877 -125.68 -37.93 61.28
C TYR V 877 -126.21 -37.33 62.57
N ALA V 878 -125.33 -36.62 63.27
CA ALA V 878 -125.63 -36.08 64.60
C ALA V 878 -125.34 -34.59 64.62
N ILE V 879 -126.37 -33.80 64.94
CA ILE V 879 -126.15 -32.40 65.30
C ILE V 879 -125.42 -32.37 66.63
N VAL V 880 -124.49 -31.44 66.78
CA VAL V 880 -123.70 -31.28 67.99
C VAL V 880 -123.72 -29.81 68.37
N ILE V 881 -123.87 -29.55 69.66
CA ILE V 881 -124.01 -28.19 70.19
C ILE V 881 -122.98 -28.04 71.31
N ILE V 882 -122.08 -27.07 71.15
CA ILE V 882 -120.95 -26.88 72.07
C ILE V 882 -120.88 -25.41 72.46
N THR V 883 -120.66 -25.16 73.75
CA THR V 883 -120.45 -23.80 74.23
C THR V 883 -119.76 -23.86 75.60
N GLU V 884 -118.81 -22.96 75.82
CA GLU V 884 -118.08 -22.95 77.09
C GLU V 884 -118.88 -22.28 78.20
N ASN V 885 -119.90 -21.49 77.87
CA ASN V 885 -120.68 -20.81 78.89
C ASN V 885 -121.62 -21.80 79.57
N SER V 886 -121.84 -21.59 80.87
CA SER V 886 -122.65 -22.48 81.70
C SER V 886 -124.06 -21.93 81.93
N ASP V 887 -124.51 -20.99 81.08
CA ASP V 887 -125.84 -20.40 81.20
C ASP V 887 -126.58 -20.56 79.87
N TYR V 888 -126.57 -21.77 79.32
CA TYR V 888 -127.29 -22.08 78.09
C TYR V 888 -128.13 -23.33 78.28
N THR V 889 -129.44 -23.23 78.01
CA THR V 889 -130.33 -24.37 78.18
C THR V 889 -131.17 -24.54 76.93
N MET V 890 -131.66 -25.76 76.71
CA MET V 890 -132.46 -26.10 75.55
C MET V 890 -133.65 -26.95 75.98
N TRP V 891 -134.75 -26.83 75.23
CA TRP V 891 -135.92 -27.67 75.47
C TRP V 891 -135.67 -29.09 74.97
N VAL V 892 -136.09 -30.07 75.77
CA VAL V 892 -136.00 -31.47 75.39
C VAL V 892 -137.35 -32.14 75.64
N GLY V 893 -137.75 -33.02 74.74
CA GLY V 893 -138.95 -33.83 74.90
C GLY V 893 -138.60 -35.21 75.42
N THR V 894 -139.27 -35.60 76.50
CA THR V 894 -139.03 -36.86 77.18
C THR V 894 -140.35 -37.63 77.28
N ARG V 895 -140.27 -38.93 77.04
CA ARG V 895 -141.45 -39.79 77.08
C ARG V 895 -142.01 -39.85 78.50
N THR V 896 -143.34 -39.91 78.58
CA THR V 896 -144.14 -40.03 79.80
C THR V 896 -144.24 -38.70 80.55
N LYS V 897 -143.51 -37.60 80.12
CA LYS V 897 -143.55 -36.34 80.83
C LYS V 897 -144.66 -35.44 80.28
N PRO V 898 -145.19 -34.48 81.04
CA PRO V 898 -146.24 -33.62 80.49
C PRO V 898 -145.65 -32.59 79.53
N LYS V 899 -146.43 -32.23 78.53
CA LYS V 899 -145.99 -31.17 77.63
C LYS V 899 -146.04 -29.82 78.34
N ILE V 900 -145.14 -28.93 77.92
CA ILE V 900 -145.00 -27.63 78.58
C ILE V 900 -146.28 -26.81 78.42
N ASP V 901 -146.76 -26.70 77.18
CA ASP V 901 -147.94 -25.89 76.85
C ASP V 901 -149.25 -26.65 77.06
N LYS V 902 -149.19 -27.98 77.18
CA LYS V 902 -150.38 -28.81 77.41
C LYS V 902 -150.05 -29.84 78.47
N PRO V 903 -150.07 -29.44 79.75
CA PRO V 903 -149.82 -30.42 80.82
C PRO V 903 -150.84 -31.54 80.89
N ASN V 904 -152.08 -31.31 80.44
CA ASN V 904 -153.07 -32.38 80.39
C ASN V 904 -152.61 -33.56 79.53
N GLU V 905 -151.83 -33.29 78.47
CA GLU V 905 -151.31 -34.33 77.61
C GLU V 905 -149.90 -34.68 78.03
N VAL V 906 -149.52 -35.93 77.75
CA VAL V 906 -148.18 -36.45 78.02
C VAL V 906 -147.63 -37.08 76.76
N ILE V 907 -146.31 -37.13 76.66
CA ILE V 907 -145.65 -37.68 75.48
C ILE V 907 -145.74 -39.20 75.63
N SER V 908 -146.60 -39.84 74.85
CA SER V 908 -146.88 -41.25 75.07
C SER V 908 -145.75 -42.14 74.56
N GLY V 909 -145.49 -42.08 73.25
CA GLY V 909 -144.41 -42.81 72.62
C GLY V 909 -143.10 -42.05 72.66
N ASN V 910 -142.12 -42.60 71.94
CA ASN V 910 -140.84 -41.92 71.82
C ASN V 910 -141.03 -40.62 71.04
N PRO V 911 -140.32 -39.54 71.39
CA PRO V 911 -140.52 -38.29 70.63
C PRO V 911 -140.10 -38.41 69.18
N TYR V 912 -138.86 -38.85 68.95
CA TYR V 912 -138.32 -39.14 67.62
C TYR V 912 -137.70 -40.54 67.70
N LEU V 913 -138.31 -41.48 66.99
CA LEU V 913 -137.95 -42.89 67.15
C LEU V 913 -136.54 -43.16 66.62
N GLN V 914 -136.17 -42.55 65.49
CA GLN V 914 -134.92 -42.88 64.83
C GLN V 914 -133.73 -42.08 65.36
N GLY V 915 -133.91 -41.32 66.44
CA GLY V 915 -132.83 -40.54 67.01
C GLY V 915 -132.75 -40.72 68.51
N VAL V 916 -131.59 -40.32 69.05
CA VAL V 916 -131.30 -40.45 70.48
C VAL V 916 -130.62 -39.19 70.95
N LEU V 917 -131.02 -38.69 72.11
CA LEU V 917 -130.35 -37.57 72.75
C LEU V 917 -129.07 -38.04 73.44
N PHE V 918 -128.01 -37.24 73.30
CA PHE V 918 -126.70 -37.54 73.87
C PHE V 918 -126.23 -36.39 74.74
N SER V 919 -125.40 -36.73 75.73
CA SER V 919 -124.75 -35.75 76.58
C SER V 919 -123.33 -36.18 76.84
N SER V 920 -122.44 -35.21 77.04
CA SER V 920 -121.02 -35.47 77.21
C SER V 920 -120.40 -34.34 78.02
N SER V 921 -119.33 -34.67 78.73
CA SER V 921 -118.54 -33.70 79.48
C SER V 921 -117.31 -33.22 78.72
N ASN V 922 -116.96 -33.86 77.60
CA ASN V 922 -115.80 -33.43 76.82
C ASN V 922 -116.03 -33.50 75.31
N ALA V 923 -117.27 -33.75 74.87
CA ALA V 923 -117.60 -33.92 73.45
C ALA V 923 -116.88 -35.10 72.81
N SER V 924 -116.46 -36.09 73.61
CA SER V 924 -115.87 -37.32 73.10
C SER V 924 -116.64 -38.55 73.55
N THR V 925 -116.92 -38.67 74.85
CA THR V 925 -117.67 -39.79 75.41
C THR V 925 -119.11 -39.34 75.63
N TRP V 926 -120.06 -40.00 74.95
CA TRP V 926 -121.44 -39.58 74.92
C TRP V 926 -122.32 -40.56 75.69
N THR V 927 -123.14 -40.03 76.59
CA THR V 927 -124.08 -40.84 77.36
C THR V 927 -125.46 -40.74 76.70
N PRO V 928 -126.00 -41.80 76.09
CA PRO V 928 -127.30 -41.66 75.43
C PRO V 928 -128.45 -41.53 76.43
N HIS V 929 -129.50 -40.84 75.98
CA HIS V 929 -130.77 -40.76 76.69
C HIS V 929 -131.83 -41.31 75.74
N GLN V 930 -132.18 -42.59 75.92
CA GLN V 930 -133.02 -43.27 74.95
C GLN V 930 -134.44 -42.71 74.95
N ASN V 931 -134.94 -42.31 76.12
CA ASN V 931 -136.31 -41.82 76.24
C ASN V 931 -136.47 -40.34 75.92
N SER V 932 -135.40 -39.64 75.57
CA SER V 932 -135.45 -38.20 75.36
C SER V 932 -134.88 -37.84 73.99
N ASP V 933 -135.43 -36.78 73.39
CA ASP V 933 -134.91 -36.21 72.16
C ASP V 933 -135.09 -34.70 72.19
N LEU V 934 -134.22 -34.00 71.47
CA LEU V 934 -134.32 -32.55 71.38
C LEU V 934 -135.55 -32.16 70.57
N LYS V 935 -136.03 -30.94 70.81
CA LYS V 935 -137.01 -30.31 69.93
C LYS V 935 -136.24 -29.58 68.84
N PHE V 936 -136.36 -30.07 67.61
CA PHE V 936 -135.57 -29.54 66.52
C PHE V 936 -136.32 -29.70 65.21
N GLY V 937 -135.78 -29.10 64.16
CA GLY V 937 -136.31 -29.25 62.82
C GLY V 937 -135.22 -29.08 61.79
N ILE V 938 -135.19 -29.95 60.79
CA ILE V 938 -134.16 -29.95 59.75
C ILE V 938 -134.80 -29.60 58.42
N TYR V 939 -134.22 -28.63 57.73
CA TYR V 939 -134.75 -28.12 56.46
C TYR V 939 -133.89 -28.60 55.30
N THR V 940 -134.54 -29.11 54.25
CA THR V 940 -133.86 -29.53 53.02
C THR V 940 -134.32 -28.64 51.88
N SER V 941 -133.42 -28.42 50.92
CA SER V 941 -133.58 -27.42 49.87
C SER V 941 -133.56 -28.08 48.50
N LYS V 942 -134.22 -27.42 47.55
CA LYS V 942 -134.28 -27.89 46.15
C LYS V 942 -134.00 -26.69 45.25
N PHE V 943 -132.82 -26.64 44.66
CA PHE V 943 -132.41 -25.47 43.90
C PHE V 943 -133.25 -25.32 42.63
N ASN V 944 -133.30 -24.09 42.11
CA ASN V 944 -134.08 -23.71 40.93
C ASN V 944 -133.13 -23.22 39.83
N GLU V 945 -133.72 -22.82 38.70
CA GLU V 945 -132.90 -22.52 37.52
C GLU V 945 -132.04 -21.27 37.71
N THR V 946 -132.62 -20.15 38.17
CA THR V 946 -131.90 -18.88 38.26
C THR V 946 -132.24 -18.15 39.56
N ALA V 947 -131.33 -17.25 39.97
CA ALA V 947 -131.47 -16.39 41.14
C ALA V 947 -131.26 -14.93 40.73
N THR V 948 -131.93 -14.00 41.44
CA THR V 948 -131.85 -12.58 41.10
C THR V 948 -131.71 -11.74 42.37
N ILE V 949 -130.79 -10.77 42.32
CA ILE V 949 -130.58 -9.77 43.37
C ILE V 949 -130.99 -8.41 42.82
N GLU V 950 -131.62 -7.59 43.67
CA GLU V 950 -131.90 -6.18 43.37
C GLU V 950 -131.31 -5.31 44.45
N PHE V 951 -130.68 -4.22 44.04
CA PHE V 951 -130.05 -3.25 44.92
C PHE V 951 -130.92 -1.99 45.05
N GLU V 952 -130.77 -1.33 46.20
CA GLU V 952 -131.50 -0.12 46.51
C GLU V 952 -131.06 0.96 45.51
N PRO V 953 -131.91 1.95 45.22
CA PRO V 953 -131.56 2.91 44.16
C PRO V 953 -130.39 3.82 44.53
N ILE V 954 -129.63 4.19 43.50
CA ILE V 954 -128.49 5.11 43.64
C ILE V 954 -129.05 6.53 43.67
N LYS V 981 -119.00 10.08 38.37
CA LYS V 981 -119.69 10.52 39.57
C LYS V 981 -120.80 11.56 39.27
N LEU V 982 -120.90 11.98 38.01
CA LEU V 982 -122.05 12.69 37.48
C LEU V 982 -122.79 11.72 36.57
N ILE V 983 -124.11 11.65 36.74
CA ILE V 983 -124.91 10.49 36.32
C ILE V 983 -124.74 10.16 34.83
N LEU V 984 -124.51 11.16 33.98
CA LEU V 984 -124.33 10.87 32.57
C LEU V 984 -122.98 10.20 32.29
N ASP V 985 -121.94 10.55 33.05
CA ASP V 985 -120.68 9.84 32.93
C ASP V 985 -120.74 8.53 33.72
N ASP V 986 -121.37 8.62 34.89
CA ASP V 986 -121.42 7.51 35.82
C ASP V 986 -122.10 6.28 35.20
N MET V 987 -123.25 6.48 34.55
CA MET V 987 -123.99 5.34 34.01
C MET V 987 -123.27 4.69 32.83
N ALA V 988 -122.54 5.46 32.02
CA ALA V 988 -121.70 4.87 30.98
C ALA V 988 -120.51 4.15 31.60
N SER V 989 -119.84 4.80 32.56
CA SER V 989 -118.72 4.20 33.27
C SER V 989 -119.12 2.89 33.96
N SER V 990 -120.26 2.91 34.65
CA SER V 990 -120.71 1.74 35.40
C SER V 990 -121.07 0.58 34.47
N THR V 991 -121.94 0.82 33.48
CA THR V 991 -122.35 -0.23 32.55
C THR V 991 -121.24 -0.69 31.62
N THR V 992 -120.06 -0.06 31.65
CA THR V 992 -118.89 -0.60 30.99
C THR V 992 -118.24 -1.69 31.80
N PHE V 993 -118.34 -1.61 33.13
CA PHE V 993 -117.73 -2.57 34.04
C PHE V 993 -118.69 -3.69 34.47
N ASP V 994 -119.95 -3.34 34.70
CA ASP V 994 -121.00 -4.30 35.05
C ASP V 994 -121.37 -5.13 33.84
N GLN V 995 -120.63 -6.21 33.59
CA GLN V 995 -120.93 -7.08 32.46
C GLN V 995 -120.58 -8.52 32.81
N LEU V 996 -121.14 -9.43 32.01
CA LEU V 996 -121.12 -10.89 32.25
C LEU V 996 -119.73 -11.50 32.41
N LYS V 997 -118.65 -10.78 32.08
CA LYS V 997 -117.30 -11.32 32.02
C LYS V 997 -116.34 -10.70 33.04
N TRP V 998 -116.63 -9.50 33.53
CA TRP V 998 -115.84 -8.93 34.62
C TRP V 998 -116.29 -9.55 35.95
N GLU V 999 -115.70 -9.12 37.07
CA GLU V 999 -116.15 -9.66 38.34
C GLU V 999 -117.63 -9.43 38.68
N PRO V 1000 -118.34 -8.41 38.11
CA PRO V 1000 -119.83 -8.46 38.22
C PRO V 1000 -120.46 -9.44 37.24
N ILE V 1001 -120.34 -10.73 37.59
CA ILE V 1001 -120.86 -11.85 36.78
C ILE V 1001 -122.39 -11.85 36.76
N GLY V 1002 -122.96 -12.46 35.70
CA GLY V 1002 -124.39 -12.59 35.55
C GLY V 1002 -125.01 -11.50 34.67
N ASN V 1003 -126.29 -11.68 34.34
CA ASN V 1003 -126.99 -10.73 33.46
C ASN V 1003 -127.34 -9.47 34.25
N TYR V 1004 -126.47 -8.46 34.18
CA TYR V 1004 -126.79 -7.18 34.83
C TYR V 1004 -127.81 -6.38 34.02
N GLN V 1005 -128.70 -5.69 34.75
CA GLN V 1005 -129.74 -4.86 34.18
C GLN V 1005 -129.93 -3.64 35.07
N ASP V 1006 -130.57 -2.60 34.53
CA ASP V 1006 -131.02 -1.49 35.36
C ASP V 1006 -132.25 -0.83 34.73
N LEU V 1007 -132.90 0.01 35.53
CA LEU V 1007 -133.82 1.03 35.03
C LEU V 1007 -133.43 2.34 35.68
N ASP V 1008 -133.71 3.45 35.00
CA ASP V 1008 -133.22 4.77 35.44
C ASP V 1008 -134.27 5.82 35.13
N VAL V 1009 -134.10 7.02 35.70
CA VAL V 1009 -135.07 8.10 35.61
C VAL V 1009 -134.40 9.32 34.98
N LEU V 1010 -135.17 10.04 34.16
CA LEU V 1010 -134.68 11.13 33.33
C LEU V 1010 -134.60 12.43 34.13
N GLY V 1011 -134.30 13.55 33.47
CA GLY V 1011 -134.19 14.81 34.17
C GLY V 1011 -132.98 14.89 35.09
N LEU V 1012 -131.90 14.19 34.74
CA LEU V 1012 -130.69 14.09 35.57
C LEU V 1012 -131.00 13.66 37.01
N ALA V 1013 -132.04 12.85 37.19
CA ALA V 1013 -132.32 12.22 38.47
C ALA V 1013 -131.23 11.22 38.84
N ARG V 1014 -130.94 11.13 40.14
CA ARG V 1014 -129.83 10.35 40.69
C ARG V 1014 -130.15 8.85 40.80
N GLN V 1015 -131.43 8.46 40.75
CA GLN V 1015 -131.86 7.13 41.21
C GLN V 1015 -131.92 6.13 40.06
N VAL V 1016 -130.72 5.63 39.68
CA VAL V 1016 -130.62 4.36 38.95
C VAL V 1016 -130.92 3.22 39.91
N LYS V 1017 -131.55 2.15 39.42
CA LYS V 1017 -131.79 0.94 40.23
C LYS V 1017 -131.20 -0.28 39.51
N LEU V 1018 -130.29 -0.99 40.19
CA LEU V 1018 -129.57 -2.12 39.60
C LEU V 1018 -130.25 -3.46 39.89
N ARG V 1019 -130.07 -4.41 38.97
CA ARG V 1019 -130.51 -5.80 39.10
C ARG V 1019 -129.44 -6.73 38.53
N ALA V 1020 -129.22 -7.87 39.20
CA ALA V 1020 -128.29 -8.91 38.73
C ALA V 1020 -128.97 -10.27 38.78
N THR V 1021 -128.98 -10.98 37.65
CA THR V 1021 -129.55 -12.33 37.53
C THR V 1021 -128.42 -13.32 37.20
N PHE V 1022 -128.45 -14.51 37.84
CA PHE V 1022 -127.44 -15.54 37.60
C PHE V 1022 -128.03 -16.95 37.74
N GLU V 1023 -127.32 -17.90 37.11
CA GLU V 1023 -127.74 -19.31 37.06
C GLU V 1023 -127.45 -19.98 38.41
N SER V 1024 -128.48 -20.59 39.00
CA SER V 1024 -128.39 -21.19 40.33
C SER V 1024 -127.95 -22.65 40.24
N ASN V 1025 -127.51 -23.19 41.38
CA ASN V 1025 -127.05 -24.58 41.45
C ASN V 1025 -127.17 -25.06 42.90
N ARG V 1026 -126.86 -26.35 43.10
CA ARG V 1026 -127.06 -27.04 44.38
C ARG V 1026 -126.02 -26.69 45.44
N TYR V 1027 -124.93 -26.02 45.06
CA TYR V 1027 -123.87 -25.63 45.99
C TYR V 1027 -123.90 -24.15 46.35
N ILE V 1028 -125.05 -23.48 46.18
CA ILE V 1028 -125.17 -22.10 46.63
C ILE V 1028 -125.20 -22.06 48.15
N SER V 1029 -124.47 -21.11 48.74
CA SER V 1029 -124.34 -21.09 50.20
C SER V 1029 -125.65 -20.67 50.86
N PRO V 1030 -126.21 -21.47 51.79
CA PRO V 1030 -127.43 -20.99 52.47
C PRO V 1030 -127.20 -19.74 53.30
N LEU V 1031 -126.00 -19.56 53.86
CA LEU V 1031 -125.74 -18.41 54.69
C LEU V 1031 -125.82 -17.12 53.88
N MET V 1032 -125.23 -17.10 52.69
CA MET V 1032 -125.31 -15.93 51.83
C MET V 1032 -126.76 -15.65 51.43
N SER V 1033 -127.54 -16.70 51.16
CA SER V 1033 -128.92 -16.50 50.77
C SER V 1033 -129.73 -15.88 51.90
N SER V 1034 -129.53 -16.36 53.12
CA SER V 1034 -130.29 -15.86 54.27
C SER V 1034 -129.85 -14.45 54.65
N SER V 1035 -128.55 -14.15 54.57
CA SER V 1035 -128.03 -12.87 55.04
C SER V 1035 -128.45 -11.73 54.11
N ASP V 1036 -128.54 -10.54 54.69
CA ASP V 1036 -128.85 -9.33 53.93
C ASP V 1036 -127.60 -8.86 53.19
N LEU V 1037 -127.69 -8.74 51.87
CA LEU V 1037 -126.52 -8.47 51.04
C LEU V 1037 -126.22 -6.97 50.94
N THR V 1038 -124.97 -6.67 50.57
CA THR V 1038 -124.55 -5.35 50.14
C THR V 1038 -123.77 -5.52 48.84
N PHE V 1039 -123.65 -4.41 48.10
CA PHE V 1039 -122.94 -4.37 46.81
C PHE V 1039 -121.46 -4.74 46.96
N THR V 1040 -120.89 -4.69 48.18
CA THR V 1040 -119.50 -5.07 48.40
C THR V 1040 -119.33 -6.47 48.99
N THR V 1041 -120.23 -6.91 49.88
CA THR V 1041 -120.24 -8.32 50.27
C THR V 1041 -120.48 -9.20 49.05
N PHE V 1042 -121.54 -8.90 48.30
CA PHE V 1042 -121.67 -9.44 46.94
C PHE V 1042 -120.60 -8.79 46.07
N LEU V 1043 -120.25 -9.45 44.96
CA LEU V 1043 -119.19 -8.99 44.07
C LEU V 1043 -117.83 -8.90 44.79
N THR V 1044 -117.66 -9.65 45.87
CA THR V 1044 -116.33 -9.97 46.41
C THR V 1044 -115.71 -11.08 45.57
N GLU V 1045 -114.45 -10.89 45.17
CA GLU V 1045 -113.71 -11.92 44.42
C GLU V 1045 -112.91 -12.78 45.40
N LEU V 1046 -113.46 -13.95 45.75
CA LEU V 1046 -112.79 -14.83 46.70
C LEU V 1046 -111.61 -15.51 46.01
N THR V 1047 -110.57 -15.80 46.79
CA THR V 1047 -109.39 -16.48 46.29
C THR V 1047 -108.86 -17.45 47.35
N GLY V 1048 -108.18 -18.49 46.88
CA GLY V 1048 -107.54 -19.45 47.75
C GLY V 1048 -106.88 -20.54 46.93
N SER V 1049 -106.15 -21.41 47.63
CA SER V 1049 -105.37 -22.44 46.95
C SER V 1049 -105.16 -23.64 47.86
N TYR V 1050 -105.12 -24.83 47.26
CA TYR V 1050 -104.71 -26.04 47.95
C TYR V 1050 -103.22 -26.25 47.69
N VAL V 1051 -102.44 -26.51 48.72
CA VAL V 1051 -101.03 -26.86 48.54
C VAL V 1051 -100.78 -28.14 49.30
N GLY V 1052 -100.42 -29.19 48.55
CA GLY V 1052 -100.11 -30.49 49.14
C GLY V 1052 -98.78 -30.43 49.90
N ARG V 1053 -98.51 -31.43 50.74
CA ARG V 1053 -97.16 -31.59 51.31
C ARG V 1053 -96.11 -31.78 50.20
N ALA V 1054 -94.92 -31.25 50.38
CA ALA V 1054 -93.80 -31.48 49.45
C ALA V 1054 -93.30 -32.93 49.55
N ILE V 1055 -93.05 -33.53 48.39
CA ILE V 1055 -92.72 -34.94 48.22
C ILE V 1055 -91.27 -35.07 47.75
N ASP V 1056 -90.47 -35.79 48.52
CA ASP V 1056 -89.14 -36.23 48.10
C ASP V 1056 -89.25 -37.32 47.04
N MET V 1057 -88.73 -37.09 45.84
CA MET V 1057 -88.64 -38.08 44.77
C MET V 1057 -87.19 -38.50 44.49
N THR V 1058 -86.25 -38.32 45.43
CA THR V 1058 -84.82 -38.62 45.18
C THR V 1058 -84.59 -40.05 44.70
N GLU V 1059 -85.31 -41.01 45.26
CA GLU V 1059 -85.22 -42.42 44.91
C GLU V 1059 -85.89 -42.79 43.58
N ALA V 1060 -86.69 -41.89 43.02
CA ALA V 1060 -87.48 -42.10 41.82
C ALA V 1060 -87.53 -40.83 40.96
N PRO V 1061 -86.40 -40.43 40.34
CA PRO V 1061 -86.38 -39.24 39.50
C PRO V 1061 -87.37 -39.34 38.34
N TYR V 1062 -87.87 -38.18 37.91
CA TYR V 1062 -88.89 -38.11 36.88
C TYR V 1062 -88.62 -36.90 35.99
N ASN V 1063 -89.16 -36.96 34.77
CA ASN V 1063 -89.15 -35.87 33.78
C ASN V 1063 -90.53 -35.60 33.16
N THR V 1064 -91.53 -36.45 33.43
CA THR V 1064 -92.87 -36.32 32.86
C THR V 1064 -93.88 -36.40 33.99
N VAL V 1065 -94.96 -35.63 33.89
CA VAL V 1065 -95.97 -35.54 34.93
C VAL V 1065 -97.35 -35.69 34.28
N ARG V 1066 -98.21 -36.50 34.91
CA ARG V 1066 -99.62 -36.64 34.52
C ARG V 1066 -100.47 -36.04 35.63
N PHE V 1067 -101.09 -34.89 35.33
CA PHE V 1067 -101.92 -34.16 36.29
C PHE V 1067 -103.38 -34.41 35.94
N SER V 1068 -104.15 -34.91 36.91
CA SER V 1068 -105.56 -35.20 36.70
C SER V 1068 -106.36 -34.67 37.88
N TYR V 1069 -107.49 -34.02 37.58
CA TYR V 1069 -108.37 -33.51 38.61
C TYR V 1069 -109.74 -33.26 38.03
N GLU V 1070 -110.76 -33.35 38.87
CA GLU V 1070 -112.13 -33.02 38.55
C GLU V 1070 -112.53 -31.69 39.18
N ALA V 1071 -113.02 -30.76 38.37
CA ALA V 1071 -113.33 -29.40 38.81
C ALA V 1071 -114.68 -28.95 38.27
N PHE V 1072 -115.51 -28.44 39.16
CA PHE V 1072 -116.76 -27.78 38.80
C PHE V 1072 -116.52 -26.29 38.71
N LEU V 1073 -116.79 -25.70 37.54
CA LEU V 1073 -116.41 -24.33 37.21
C LEU V 1073 -117.64 -23.52 36.84
N PRO V 1074 -118.29 -22.85 37.79
CA PRO V 1074 -119.36 -21.91 37.41
C PRO V 1074 -118.80 -20.74 36.62
N LYS V 1075 -119.70 -19.94 36.06
CA LYS V 1075 -119.26 -18.83 35.22
C LYS V 1075 -118.52 -17.79 36.05
N GLY V 1076 -117.32 -17.42 35.61
CA GLY V 1076 -116.47 -16.53 36.37
C GLY V 1076 -115.69 -17.21 37.47
N THR V 1077 -115.16 -18.40 37.19
CA THR V 1077 -114.30 -19.13 38.13
C THR V 1077 -113.16 -19.77 37.34
N LYS V 1078 -112.06 -20.04 38.05
CA LYS V 1078 -110.87 -20.62 37.44
C LYS V 1078 -110.25 -21.65 38.38
N VAL V 1079 -109.55 -22.63 37.80
CA VAL V 1079 -108.73 -23.59 38.54
C VAL V 1079 -107.46 -23.79 37.73
N VAL V 1080 -106.34 -23.29 38.23
CA VAL V 1080 -105.06 -23.26 37.54
C VAL V 1080 -104.14 -24.28 38.22
N PRO V 1081 -103.88 -25.45 37.64
CA PRO V 1081 -102.93 -26.38 38.27
C PRO V 1081 -101.50 -25.87 38.18
N LYS V 1082 -100.71 -26.23 39.20
CA LYS V 1082 -99.32 -25.79 39.28
C LYS V 1082 -98.48 -26.89 39.93
N TYR V 1083 -97.16 -26.82 39.72
CA TYR V 1083 -96.28 -27.79 40.36
C TYR V 1083 -94.93 -27.12 40.61
N SER V 1084 -94.20 -27.65 41.58
CA SER V 1084 -92.88 -27.18 41.95
C SER V 1084 -91.92 -28.35 42.14
N ALA V 1085 -90.69 -28.24 41.63
CA ALA V 1085 -89.62 -29.22 41.81
C ALA V 1085 -88.51 -28.70 42.71
N ASP V 1086 -88.82 -27.66 43.51
CA ASP V 1086 -87.90 -26.88 44.37
C ASP V 1086 -88.57 -26.44 45.70
N ASP V 1087 -89.47 -27.27 46.23
CA ASP V 1087 -90.16 -27.06 47.52
C ASP V 1087 -91.00 -25.77 47.61
N GLY V 1088 -91.42 -25.23 46.46
CA GLY V 1088 -92.24 -24.04 46.34
C GLY V 1088 -91.47 -22.72 46.35
N LYS V 1089 -90.15 -22.73 46.14
CA LYS V 1089 -89.41 -21.49 45.81
C LYS V 1089 -89.93 -20.90 44.49
N THR V 1090 -90.27 -21.76 43.53
CA THR V 1090 -90.92 -21.36 42.27
C THR V 1090 -92.07 -22.30 41.92
N TRP V 1091 -93.11 -21.76 41.28
CA TRP V 1091 -94.27 -22.53 40.80
C TRP V 1091 -94.35 -22.44 39.28
N LYS V 1092 -94.31 -23.60 38.60
CA LYS V 1092 -94.41 -23.66 37.15
C LYS V 1092 -95.86 -23.92 36.72
N THR V 1093 -96.09 -23.75 35.42
CA THR V 1093 -97.41 -23.94 34.82
C THR V 1093 -97.27 -24.80 33.57
N PHE V 1094 -98.30 -25.62 33.33
CA PHE V 1094 -98.33 -26.48 32.17
C PHE V 1094 -98.67 -25.70 30.91
N THR V 1095 -97.95 -25.99 29.84
CA THR V 1095 -98.14 -25.36 28.53
C THR V 1095 -99.27 -26.02 27.75
N LYS V 1096 -99.46 -27.34 27.88
CA LYS V 1096 -100.55 -28.01 27.22
C LYS V 1096 -101.90 -27.62 27.80
N SER V 1097 -102.94 -27.70 26.96
CA SER V 1097 -104.33 -27.53 27.34
C SER V 1097 -104.90 -28.87 27.81
N PRO V 1098 -105.69 -28.94 28.87
CA PRO V 1098 -106.14 -30.25 29.35
C PRO V 1098 -107.18 -30.86 28.43
N THR V 1099 -107.18 -32.19 28.35
CA THR V 1099 -108.25 -32.91 27.67
C THR V 1099 -109.41 -33.14 28.63
N THR V 1100 -110.63 -32.87 28.18
CA THR V 1100 -111.79 -32.84 29.06
C THR V 1100 -112.67 -34.06 28.87
N THR V 1101 -113.05 -34.69 29.97
CA THR V 1101 -114.00 -35.82 30.01
C THR V 1101 -115.06 -35.53 31.08
N ARG V 1102 -116.35 -35.53 30.73
CA ARG V 1102 -117.41 -35.16 31.64
C ARG V 1102 -117.65 -36.28 32.64
N ALA V 1103 -117.65 -35.92 33.92
CA ALA V 1103 -117.88 -36.83 35.03
C ALA V 1103 -119.36 -36.96 35.39
N ASN V 1104 -120.02 -35.82 35.61
CA ASN V 1104 -121.44 -35.78 35.93
C ASN V 1104 -121.98 -34.43 35.46
N ASN V 1105 -123.18 -34.06 35.93
CA ASN V 1105 -123.80 -32.83 35.45
C ASN V 1105 -123.00 -31.59 35.85
N GLU V 1106 -122.38 -31.62 37.03
CA GLU V 1106 -121.57 -30.49 37.50
C GLU V 1106 -120.12 -30.68 37.09
N PHE V 1107 -119.46 -31.68 37.66
CA PHE V 1107 -118.00 -31.80 37.56
C PHE V 1107 -117.57 -32.25 36.17
N THR V 1108 -116.35 -31.86 35.79
CA THR V 1108 -115.70 -32.28 34.56
C THR V 1108 -114.26 -32.63 34.85
N ARG V 1109 -113.78 -33.78 34.37
CA ARG V 1109 -112.40 -34.22 34.61
C ARG V 1109 -111.47 -33.55 33.62
N TYR V 1110 -110.43 -32.94 34.17
CA TYR V 1110 -109.35 -32.30 33.43
C TYR V 1110 -108.09 -33.11 33.65
N VAL V 1111 -107.43 -33.48 32.55
CA VAL V 1111 -106.22 -34.30 32.56
C VAL V 1111 -105.16 -33.61 31.72
N ILE V 1112 -103.94 -33.52 32.26
CA ILE V 1112 -102.78 -32.96 31.57
C ILE V 1112 -101.68 -34.01 31.61
N ASP V 1113 -101.06 -34.26 30.46
CA ASP V 1113 -99.93 -35.17 30.32
C ASP V 1113 -98.87 -34.42 29.51
N GLU V 1114 -97.83 -33.95 30.19
CA GLU V 1114 -96.81 -33.11 29.57
C GLU V 1114 -95.43 -33.53 30.05
N LYS V 1115 -94.45 -33.54 29.15
CA LYS V 1115 -93.06 -33.73 29.54
C LYS V 1115 -92.53 -32.41 30.10
N VAL V 1116 -92.54 -32.30 31.43
CA VAL V 1116 -92.22 -31.03 32.08
C VAL V 1116 -90.75 -30.66 31.84
N LYS V 1117 -89.85 -31.64 31.81
CA LYS V 1117 -88.43 -31.39 31.61
C LYS V 1117 -87.97 -32.06 30.33
N SER V 1118 -87.34 -31.30 29.45
CA SER V 1118 -86.89 -31.87 28.18
C SER V 1118 -85.71 -32.82 28.37
N SER V 1119 -84.75 -32.47 29.23
CA SER V 1119 -83.53 -33.26 29.47
C SER V 1119 -83.15 -33.22 30.95
N GLY V 1120 -82.54 -34.30 31.45
CA GLY V 1120 -82.39 -34.54 32.89
C GLY V 1120 -83.69 -35.00 33.56
N THR V 1121 -83.71 -35.03 34.91
CA THR V 1121 -84.79 -35.54 35.74
C THR V 1121 -84.89 -34.74 37.03
N ASN V 1122 -86.12 -34.40 37.41
CA ASN V 1122 -86.37 -33.76 38.69
C ASN V 1122 -86.33 -34.78 39.82
N THR V 1123 -86.17 -34.28 41.05
CA THR V 1123 -86.18 -35.12 42.24
C THR V 1123 -87.13 -34.67 43.34
N LYS V 1124 -87.97 -33.68 43.11
CA LYS V 1124 -88.90 -33.14 44.12
C LYS V 1124 -90.23 -32.87 43.45
N LEU V 1125 -91.34 -32.98 44.16
CA LEU V 1125 -92.69 -32.74 43.66
C LEU V 1125 -93.51 -32.09 44.75
N GLN V 1126 -94.25 -31.05 44.40
CA GLN V 1126 -95.27 -30.48 45.27
C GLN V 1126 -96.41 -30.00 44.39
N VAL V 1127 -97.63 -30.48 44.68
CA VAL V 1127 -98.79 -30.21 43.84
C VAL V 1127 -99.55 -29.02 44.41
N ARG V 1128 -100.08 -28.16 43.52
CA ARG V 1128 -100.83 -26.99 43.93
C ARG V 1128 -102.01 -26.77 42.99
N LEU V 1129 -103.12 -26.30 43.55
CA LEU V 1129 -104.30 -25.87 42.80
C LEU V 1129 -104.70 -24.48 43.28
N ASP V 1130 -104.90 -23.56 42.34
CA ASP V 1130 -105.26 -22.19 42.65
C ASP V 1130 -106.72 -21.93 42.26
N LEU V 1131 -107.55 -21.61 43.26
CA LEU V 1131 -108.96 -21.33 43.06
C LEU V 1131 -109.20 -19.83 43.20
N SER V 1132 -110.15 -19.32 42.43
CA SER V 1132 -110.54 -17.91 42.49
C SER V 1132 -111.97 -17.75 41.99
N THR V 1133 -112.65 -16.73 42.52
CA THR V 1133 -114.00 -16.39 42.12
C THR V 1133 -114.11 -14.92 41.75
N GLU V 1134 -115.14 -14.63 40.96
CA GLU V 1134 -115.55 -13.27 40.60
C GLU V 1134 -116.55 -12.68 41.58
N ASN V 1135 -117.44 -13.49 42.16
CA ASN V 1135 -118.40 -13.02 43.17
C ASN V 1135 -118.47 -14.06 44.28
N SER V 1136 -119.27 -13.75 45.31
CA SER V 1136 -119.34 -14.60 46.49
C SER V 1136 -120.22 -15.83 46.26
N PHE V 1137 -121.31 -15.70 45.50
CA PHE V 1137 -122.26 -16.81 45.41
C PHE V 1137 -121.70 -17.96 44.59
N LEU V 1138 -121.05 -17.67 43.45
CA LEU V 1138 -120.57 -18.73 42.57
C LEU V 1138 -119.12 -19.02 42.90
N ARG V 1139 -118.83 -20.28 43.25
CA ARG V 1139 -117.51 -20.72 43.67
C ARG V 1139 -117.15 -22.02 42.97
N PRO V 1140 -115.87 -22.30 42.71
CA PRO V 1140 -115.50 -23.61 42.18
C PRO V 1140 -115.39 -24.67 43.26
N ARG V 1141 -115.35 -25.93 42.80
CA ARG V 1141 -115.17 -27.09 43.67
C ARG V 1141 -114.33 -28.12 42.94
N VAL V 1142 -113.43 -28.77 43.70
CA VAL V 1142 -112.51 -29.75 43.14
C VAL V 1142 -112.56 -31.03 43.98
N ARG V 1143 -112.31 -32.16 43.33
CA ARG V 1143 -112.33 -33.46 44.00
C ARG V 1143 -111.50 -34.46 43.20
N ARG V 1144 -111.05 -35.49 43.90
CA ARG V 1144 -110.38 -36.64 43.27
C ARG V 1144 -109.13 -36.21 42.51
N LEU V 1145 -108.21 -35.57 43.23
CA LEU V 1145 -106.95 -35.10 42.68
C LEU V 1145 -105.94 -36.24 42.64
N MET V 1146 -105.47 -36.59 41.45
CA MET V 1146 -104.49 -37.66 41.26
C MET V 1146 -103.36 -37.15 40.38
N VAL V 1147 -102.12 -37.26 40.89
CA VAL V 1147 -100.93 -36.82 40.18
C VAL V 1147 -99.94 -37.98 40.17
N THR V 1148 -99.46 -38.32 38.97
CA THR V 1148 -98.47 -39.37 38.79
C THR V 1148 -97.36 -38.87 37.87
N THR V 1149 -96.16 -39.41 38.03
CA THR V 1149 -94.99 -38.96 37.25
C THR V 1149 -94.27 -40.11 36.55
N ARG V 1150 -93.97 -39.94 35.25
CA ARG V 1150 -93.20 -40.90 34.44
C ARG V 1150 -91.76 -40.46 34.19
N ASP V 1151 -90.95 -41.44 33.81
CA ASP V 1151 -89.60 -41.27 33.27
C ASP V 1151 -89.64 -41.68 31.78
N GLU V 1152 -89.31 -40.76 30.87
CA GLU V 1152 -89.32 -40.96 29.40
C GLU V 1152 -88.04 -40.45 28.74
N MET W 1 -55.59 -148.72 44.25
CA MET W 1 -55.67 -149.00 42.79
C MET W 1 -55.02 -147.85 41.99
N ALA W 2 -54.27 -148.14 40.91
CA ALA W 2 -53.65 -147.11 40.05
C ALA W 2 -53.06 -147.71 38.74
N LEU W 3 -53.39 -147.13 37.59
CA LEU W 3 -52.78 -147.46 36.30
C LEU W 3 -51.36 -146.86 36.15
N ASN W 4 -50.39 -147.66 35.68
CA ASN W 4 -49.11 -147.20 35.16
C ASN W 4 -49.22 -146.95 33.65
N PHE W 5 -49.14 -145.69 33.21
CA PHE W 5 -49.28 -145.26 31.80
C PHE W 5 -48.19 -144.26 31.40
N THR W 6 -47.70 -144.35 30.17
CA THR W 6 -46.80 -143.35 29.56
C THR W 6 -47.39 -142.86 28.24
N THR W 7 -47.49 -141.55 28.05
CA THR W 7 -48.09 -140.92 26.85
C THR W 7 -47.35 -141.33 25.59
N ILE W 8 -48.10 -141.86 24.63
CA ILE W 8 -47.58 -142.29 23.33
C ILE W 8 -47.60 -141.09 22.37
N THR W 9 -46.64 -141.02 21.45
CA THR W 9 -46.49 -139.96 20.45
C THR W 9 -46.32 -140.59 19.06
N GLU W 10 -46.45 -139.82 17.99
CA GLU W 10 -46.24 -140.31 16.62
C GLU W 10 -44.82 -140.87 16.35
N ASN W 11 -43.84 -140.57 17.21
CA ASN W 11 -42.49 -141.13 17.16
C ASN W 11 -42.34 -142.51 17.81
N ASN W 12 -43.30 -142.93 18.64
CA ASN W 12 -43.30 -144.26 19.26
C ASN W 12 -43.68 -145.36 18.25
N VAL W 13 -42.94 -146.48 18.28
CA VAL W 13 -43.22 -147.66 17.44
C VAL W 13 -44.42 -148.45 17.95
N ILE W 14 -45.02 -149.30 17.10
CA ILE W 14 -46.24 -150.05 17.44
C ILE W 14 -46.11 -150.90 18.72
N ARG W 15 -44.90 -151.43 19.01
CA ARG W 15 -44.56 -152.12 20.26
C ARG W 15 -44.85 -151.28 21.52
N ASP W 16 -44.59 -149.97 21.48
CA ASP W 16 -44.83 -149.07 22.61
C ASP W 16 -46.33 -148.90 22.87
N LEU W 17 -47.10 -148.70 21.79
CA LEU W 17 -48.57 -148.61 21.81
C LEU W 17 -49.20 -149.92 22.33
N THR W 18 -48.75 -151.07 21.83
CA THR W 18 -49.05 -152.41 22.36
C THR W 18 -48.78 -152.50 23.87
N THR W 19 -47.61 -152.03 24.32
CA THR W 19 -47.20 -152.10 25.74
C THR W 19 -48.16 -151.31 26.64
N GLN W 20 -48.53 -150.10 26.24
CA GLN W 20 -49.47 -149.30 27.04
C GLN W 20 -50.90 -149.85 27.02
N VAL W 21 -51.37 -150.35 25.87
CA VAL W 21 -52.69 -151.01 25.80
C VAL W 21 -52.73 -152.28 26.67
N ASN W 22 -51.64 -153.04 26.75
CA ASN W 22 -51.51 -154.13 27.72
C ASN W 22 -51.52 -153.63 29.18
N ASN W 23 -50.81 -152.55 29.52
CA ASN W 23 -50.84 -151.99 30.88
C ASN W 23 -52.28 -151.61 31.30
N ILE W 24 -53.02 -150.95 30.41
CA ILE W 24 -54.42 -150.59 30.62
C ILE W 24 -55.28 -151.86 30.80
N GLY W 25 -55.19 -152.81 29.87
CA GLY W 25 -55.99 -154.04 29.88
C GLY W 25 -55.74 -154.89 31.14
N GLU W 26 -54.49 -154.99 31.60
CA GLU W 26 -54.14 -155.71 32.83
C GLU W 26 -54.71 -155.02 34.09
N GLU W 27 -54.51 -153.71 34.29
CA GLU W 27 -55.05 -153.01 35.46
C GLU W 27 -56.58 -153.09 35.53
N LEU W 28 -57.25 -153.05 34.38
CA LEU W 28 -58.71 -153.17 34.29
C LEU W 28 -59.24 -154.61 34.40
N THR W 29 -58.40 -155.65 34.36
CA THR W 29 -58.85 -157.07 34.42
C THR W 29 -58.23 -157.91 35.53
N LYS W 30 -57.29 -157.36 36.32
CA LYS W 30 -56.66 -158.07 37.45
C LYS W 30 -57.64 -158.49 38.55
N GLU W 31 -57.17 -159.31 39.49
CA GLU W 31 -57.92 -159.70 40.69
C GLU W 31 -58.31 -158.49 41.55
N ARG W 32 -59.59 -158.40 41.95
CA ARG W 32 -60.19 -157.24 42.64
C ARG W 32 -59.92 -155.91 41.90
N ASN W 33 -60.14 -155.92 40.59
CA ASN W 33 -60.11 -154.72 39.74
C ASN W 33 -61.23 -153.72 40.12
N ILE W 34 -61.17 -152.53 39.52
CA ILE W 34 -62.08 -151.41 39.77
C ILE W 34 -63.58 -151.76 39.57
N PHE W 35 -63.89 -152.62 38.61
CA PHE W 35 -65.25 -153.06 38.34
C PHE W 35 -65.78 -153.95 39.48
N ASP W 36 -64.99 -154.95 39.91
CA ASP W 36 -65.34 -155.82 41.03
C ASP W 36 -65.58 -155.03 42.33
N ILE W 37 -64.68 -154.11 42.68
CA ILE W 37 -64.80 -153.32 43.93
C ILE W 37 -66.03 -152.41 43.88
N THR W 38 -66.36 -151.85 42.72
CA THR W 38 -67.56 -151.02 42.56
C THR W 38 -68.85 -151.83 42.65
N ASP W 39 -68.88 -153.05 42.09
CA ASP W 39 -70.02 -153.96 42.27
C ASP W 39 -70.19 -154.40 43.74
N ASP W 40 -69.11 -154.64 44.48
CA ASP W 40 -69.16 -154.90 45.93
C ASP W 40 -69.72 -153.70 46.72
N LEU W 41 -69.33 -152.46 46.36
CA LEU W 41 -69.89 -151.25 46.98
C LEU W 41 -71.40 -151.14 46.76
N VAL W 42 -71.88 -151.31 45.52
CA VAL W 42 -73.32 -151.26 45.22
C VAL W 42 -74.09 -152.32 46.03
N TYR W 43 -73.57 -153.55 46.12
CA TYR W 43 -74.20 -154.62 46.87
C TYR W 43 -74.29 -154.34 48.39
N ASN W 44 -73.20 -153.90 49.02
CA ASN W 44 -73.17 -153.61 50.46
C ASN W 44 -73.94 -152.32 50.82
N PHE W 45 -73.90 -151.29 49.97
CA PHE W 45 -74.67 -150.06 50.18
C PHE W 45 -76.18 -150.32 50.23
N ASN W 46 -76.69 -151.23 49.38
CA ASN W 46 -78.12 -151.58 49.39
C ASN W 46 -78.59 -152.17 50.73
N LYS W 47 -77.72 -152.86 51.48
CA LYS W 47 -78.02 -153.37 52.84
C LYS W 47 -77.97 -152.29 53.93
N SER W 48 -77.30 -151.16 53.69
CA SER W 48 -77.04 -150.10 54.68
C SER W 48 -78.27 -149.22 55.01
N GLN W 49 -78.15 -148.40 56.06
CA GLN W 49 -79.15 -147.40 56.48
C GLN W 49 -79.09 -146.15 55.56
N LYS W 50 -79.97 -146.07 54.56
CA LYS W 50 -79.96 -145.02 53.52
C LYS W 50 -80.51 -143.64 53.94
N ILE W 51 -81.15 -143.51 55.10
CA ILE W 51 -81.66 -142.22 55.64
C ILE W 51 -81.09 -141.89 57.02
N LYS W 52 -80.87 -140.59 57.27
CA LYS W 52 -80.27 -140.04 58.49
C LYS W 52 -81.21 -140.10 59.71
N LEU W 53 -80.68 -140.61 60.82
CA LEU W 53 -81.30 -140.57 62.16
C LEU W 53 -80.57 -139.58 63.09
N THR W 54 -79.27 -139.38 62.87
CA THR W 54 -78.46 -138.26 63.41
C THR W 54 -78.00 -137.36 62.26
N ASP W 55 -77.24 -136.30 62.54
CA ASP W 55 -76.41 -135.68 61.51
C ASP W 55 -75.16 -136.54 61.18
N ASP W 56 -74.33 -136.10 60.22
CA ASP W 56 -73.07 -136.78 59.83
C ASP W 56 -71.98 -136.80 60.92
N LYS W 57 -72.13 -136.08 62.03
CA LYS W 57 -71.19 -136.06 63.18
C LYS W 57 -71.66 -136.92 64.35
N GLY W 58 -72.91 -137.36 64.36
CA GLY W 58 -73.55 -138.01 65.51
C GLY W 58 -74.18 -137.04 66.50
N LEU W 59 -74.45 -135.80 66.09
CA LEU W 59 -75.28 -134.85 66.82
C LEU W 59 -76.75 -134.95 66.34
N THR W 60 -77.64 -134.23 66.99
CA THR W 60 -79.05 -134.17 66.56
C THR W 60 -79.23 -133.61 65.16
N LYS W 61 -80.23 -134.10 64.44
CA LYS W 61 -80.70 -133.53 63.17
C LYS W 61 -81.22 -132.09 63.38
N SER W 62 -81.07 -131.25 62.36
CA SER W 62 -81.72 -129.94 62.27
C SER W 62 -83.21 -130.06 61.86
N TYR W 63 -83.96 -128.98 62.03
CA TYR W 63 -85.35 -128.85 61.56
C TYR W 63 -85.58 -127.43 61.01
N GLY W 64 -86.57 -127.27 60.13
CA GLY W 64 -86.90 -125.99 59.49
C GLY W 64 -87.72 -125.04 60.37
N ASN W 65 -88.37 -124.06 59.74
CA ASN W 65 -89.40 -123.27 60.42
C ASN W 65 -90.57 -124.18 60.83
N ILE W 66 -90.91 -124.18 62.11
CA ILE W 66 -92.03 -124.94 62.68
C ILE W 66 -92.92 -124.03 63.53
N THR W 67 -94.23 -124.29 63.50
CA THR W 67 -95.22 -123.65 64.38
C THR W 67 -95.45 -124.49 65.64
N ALA W 68 -95.27 -125.80 65.54
CA ALA W 68 -95.58 -126.78 66.55
C ALA W 68 -94.62 -127.98 66.49
N LEU W 69 -94.37 -128.67 67.60
CA LEU W 69 -93.56 -129.89 67.66
C LEU W 69 -94.10 -130.98 66.72
N ARG W 70 -95.42 -131.03 66.49
CA ARG W 70 -96.06 -131.96 65.53
C ARG W 70 -95.66 -131.72 64.07
N ASP W 71 -95.05 -130.58 63.75
CA ASP W 71 -94.52 -130.30 62.40
C ASP W 71 -93.24 -131.11 62.11
N ILE W 72 -92.52 -131.59 63.14
CA ILE W 72 -91.36 -132.49 62.98
C ILE W 72 -91.84 -133.95 62.89
N LYS W 73 -91.87 -134.51 61.67
CA LYS W 73 -92.33 -135.89 61.38
C LYS W 73 -91.27 -136.83 60.79
N GLU W 74 -90.13 -136.31 60.38
CA GLU W 74 -88.97 -137.12 60.00
C GLU W 74 -88.39 -137.87 61.20
N PRO W 75 -87.97 -139.15 61.08
CA PRO W 75 -87.41 -139.91 62.20
C PRO W 75 -86.04 -139.39 62.64
N GLY W 76 -85.67 -139.64 63.90
CA GLY W 76 -84.38 -139.26 64.47
C GLY W 76 -84.49 -138.34 65.70
N TYR W 77 -83.35 -137.76 66.09
CA TYR W 77 -83.20 -136.95 67.32
C TYR W 77 -83.01 -135.47 66.99
N TYR W 78 -83.78 -134.58 67.62
CA TYR W 78 -83.75 -133.13 67.42
C TYR W 78 -83.56 -132.41 68.77
N TYR W 79 -82.46 -131.67 68.95
CA TYR W 79 -82.33 -130.75 70.07
C TYR W 79 -83.21 -129.52 69.82
N ILE W 80 -83.99 -129.10 70.81
CA ILE W 80 -84.78 -127.88 70.75
C ILE W 80 -84.42 -127.01 71.96
N GLY W 81 -83.89 -125.82 71.69
CA GLY W 81 -83.54 -124.87 72.75
C GLY W 81 -84.77 -124.32 73.47
N ALA W 82 -84.61 -123.97 74.74
CA ALA W 82 -85.68 -123.47 75.59
C ALA W 82 -86.48 -122.32 74.94
N ARG W 83 -85.78 -121.38 74.30
CA ARG W 83 -86.39 -120.24 73.60
C ARG W 83 -87.23 -120.66 72.39
N THR W 84 -86.83 -121.66 71.61
CA THR W 84 -87.65 -122.17 70.51
C THR W 84 -88.85 -122.96 71.04
N LEU W 85 -88.66 -123.88 71.99
CA LEU W 85 -89.74 -124.67 72.58
C LEU W 85 -90.87 -123.81 73.15
N ALA W 86 -90.51 -122.72 73.81
CA ALA W 86 -91.45 -121.73 74.32
C ALA W 86 -92.46 -121.28 73.23
N THR W 87 -91.98 -121.01 72.02
CA THR W 87 -92.80 -120.44 70.93
C THR W 87 -93.76 -121.42 70.24
N LEU W 88 -93.74 -122.70 70.60
CA LEU W 88 -94.50 -123.74 69.88
C LEU W 88 -95.93 -123.89 70.44
N LEU W 89 -96.92 -123.97 69.53
CA LEU W 89 -98.36 -124.04 69.89
C LEU W 89 -98.75 -125.23 70.77
N ASP W 90 -98.00 -126.33 70.70
CA ASP W 90 -98.29 -127.62 71.33
C ASP W 90 -97.21 -128.02 72.35
N ARG W 91 -96.44 -127.06 72.89
CA ARG W 91 -95.52 -127.32 73.99
C ARG W 91 -96.23 -127.98 75.18
N PRO W 92 -95.54 -128.85 75.93
CA PRO W 92 -96.10 -129.46 77.13
C PRO W 92 -96.29 -128.45 78.27
N ASP W 93 -97.20 -128.74 79.20
CA ASP W 93 -97.42 -127.99 80.45
C ASP W 93 -96.19 -128.12 81.37
N MET W 94 -95.20 -127.24 81.16
CA MET W 94 -94.01 -127.13 81.99
C MET W 94 -93.27 -125.83 81.73
N GLU W 95 -92.32 -125.52 82.62
CA GLU W 95 -91.31 -124.48 82.41
C GLU W 95 -90.50 -124.70 81.11
N SER W 96 -90.04 -123.62 80.48
CA SER W 96 -89.17 -123.74 79.30
C SER W 96 -87.76 -124.12 79.74
N LEU W 97 -87.31 -125.24 79.20
CA LEU W 97 -85.99 -125.83 79.36
C LEU W 97 -85.51 -126.26 77.98
N ASP W 98 -84.20 -126.44 77.81
CA ASP W 98 -83.74 -127.16 76.64
C ASP W 98 -84.27 -128.60 76.70
N VAL W 99 -84.62 -129.14 75.53
CA VAL W 99 -85.15 -130.49 75.39
C VAL W 99 -84.52 -131.21 74.21
N VAL W 100 -84.61 -132.53 74.21
CA VAL W 100 -84.45 -133.32 72.99
C VAL W 100 -85.77 -134.01 72.64
N LEU W 101 -86.14 -133.90 71.36
CA LEU W 101 -87.28 -134.56 70.75
C LEU W 101 -86.76 -135.78 69.98
N HIS W 102 -87.25 -136.96 70.30
CA HIS W 102 -87.01 -138.19 69.53
C HIS W 102 -88.28 -138.54 68.76
N VAL W 103 -88.17 -138.68 67.45
CA VAL W 103 -89.29 -139.00 66.56
C VAL W 103 -89.16 -140.43 66.07
N VAL W 104 -90.19 -141.24 66.31
CA VAL W 104 -90.28 -142.66 65.95
C VAL W 104 -91.16 -142.82 64.71
N PRO W 105 -90.67 -143.45 63.63
CA PRO W 105 -91.42 -143.63 62.39
C PRO W 105 -92.49 -144.72 62.51
N LEU W 106 -93.49 -144.71 61.62
CA LEU W 106 -94.63 -145.64 61.61
C LEU W 106 -94.83 -146.30 60.23
N ASP W 107 -96.06 -146.60 59.83
CA ASP W 107 -96.42 -147.14 58.51
C ASP W 107 -96.48 -146.07 57.40
N THR W 108 -96.52 -144.78 57.78
CA THR W 108 -96.71 -143.61 56.90
C THR W 108 -95.94 -142.41 57.45
N SER W 109 -95.58 -141.44 56.59
CA SER W 109 -94.86 -140.22 57.00
C SER W 109 -95.76 -139.18 57.69
N SER W 110 -97.09 -139.30 57.58
CA SER W 110 -98.06 -138.41 58.23
C SER W 110 -98.30 -138.72 59.72
N LYS W 111 -97.87 -139.89 60.21
CA LYS W 111 -98.04 -140.33 61.61
C LYS W 111 -96.69 -140.62 62.26
N VAL W 112 -96.54 -140.27 63.55
CA VAL W 112 -95.33 -140.56 64.36
C VAL W 112 -95.66 -140.75 65.84
N VAL W 113 -94.77 -141.41 66.58
CA VAL W 113 -94.71 -141.29 68.04
C VAL W 113 -93.56 -140.33 68.39
N GLN W 114 -93.81 -139.37 69.26
CA GLN W 114 -92.81 -138.40 69.73
C GLN W 114 -92.49 -138.63 71.20
N HIS W 115 -91.20 -138.64 71.56
CA HIS W 115 -90.71 -138.58 72.93
C HIS W 115 -89.99 -137.25 73.17
N LEU W 116 -90.14 -136.67 74.36
CA LEU W 116 -89.51 -135.42 74.75
C LEU W 116 -88.81 -135.57 76.11
N TYR W 117 -87.57 -135.08 76.22
CA TYR W 117 -86.76 -135.19 77.42
C TYR W 117 -86.19 -133.83 77.81
N THR W 118 -86.35 -133.39 79.06
CA THR W 118 -85.78 -132.11 79.53
C THR W 118 -84.33 -132.25 79.97
N LEU W 119 -83.56 -131.19 79.75
CA LEU W 119 -82.09 -131.17 79.93
C LEU W 119 -81.72 -130.33 81.17
N SER W 120 -81.98 -130.85 82.37
CA SER W 120 -81.65 -130.23 83.68
C SER W 120 -81.01 -131.22 84.64
N THR W 121 -80.05 -130.74 85.44
CA THR W 121 -79.47 -131.49 86.57
C THR W 121 -80.32 -131.43 87.83
N ASN W 122 -81.33 -130.54 87.90
CA ASN W 122 -82.28 -130.49 89.01
C ASN W 122 -83.29 -131.64 88.90
N ASN W 123 -83.37 -132.50 89.91
CA ASN W 123 -84.26 -133.67 89.94
C ASN W 123 -85.76 -133.31 89.87
N ASN W 124 -86.15 -132.09 90.26
CA ASN W 124 -87.53 -131.60 90.14
C ASN W 124 -87.85 -131.05 88.71
N GLN W 125 -86.84 -130.87 87.85
CA GLN W 125 -86.99 -130.34 86.48
C GLN W 125 -86.69 -131.36 85.36
N ILE W 126 -85.91 -132.41 85.64
CA ILE W 126 -85.75 -133.53 84.70
C ILE W 126 -87.07 -134.30 84.55
N LYS W 127 -87.53 -134.45 83.31
CA LYS W 127 -88.82 -135.03 82.92
C LYS W 127 -88.70 -135.80 81.60
N MET W 128 -89.53 -136.83 81.45
CA MET W 128 -89.74 -137.59 80.22
C MET W 128 -91.22 -137.51 79.84
N LEU W 129 -91.48 -137.24 78.57
CA LEU W 129 -92.83 -137.11 78.03
C LEU W 129 -92.95 -137.90 76.71
N TYR W 130 -94.15 -138.32 76.34
CA TYR W 130 -94.40 -138.86 75.01
C TYR W 130 -95.82 -138.58 74.50
N ARG W 131 -96.04 -138.71 73.19
CA ARG W 131 -97.36 -138.62 72.56
C ARG W 131 -97.42 -139.31 71.19
N PHE W 132 -98.62 -139.57 70.71
CA PHE W 132 -98.89 -140.02 69.34
C PHE W 132 -99.39 -138.84 68.49
N VAL W 133 -98.93 -138.75 67.24
CA VAL W 133 -99.29 -137.68 66.29
C VAL W 133 -99.79 -138.30 64.98
N SER W 134 -100.88 -137.76 64.43
CA SER W 134 -101.50 -138.20 63.18
C SER W 134 -101.99 -136.98 62.39
N GLY W 135 -101.26 -136.58 61.35
CA GLY W 135 -101.51 -135.33 60.64
C GLY W 135 -101.30 -134.10 61.54
N ASN W 136 -102.32 -133.25 61.69
CA ASN W 136 -102.33 -132.14 62.66
C ASN W 136 -102.81 -132.54 64.06
N SER W 137 -103.49 -133.69 64.21
CA SER W 137 -104.00 -134.17 65.49
C SER W 137 -102.93 -134.91 66.30
N SER W 138 -103.11 -134.96 67.62
CA SER W 138 -102.26 -135.72 68.54
C SER W 138 -103.03 -136.16 69.79
N SER W 139 -102.47 -137.10 70.56
CA SER W 139 -102.81 -137.18 71.98
C SER W 139 -102.32 -135.93 72.72
N GLU W 140 -102.70 -135.77 73.98
CA GLU W 140 -101.98 -134.88 74.91
C GLU W 140 -100.57 -135.45 75.19
N TRP W 141 -99.67 -134.62 75.71
CA TRP W 141 -98.39 -135.11 76.25
C TRP W 141 -98.63 -135.96 77.50
N GLN W 142 -98.19 -137.21 77.44
CA GLN W 142 -98.15 -138.14 78.55
C GLN W 142 -96.86 -137.93 79.35
N PHE W 143 -96.97 -137.35 80.53
CA PHE W 143 -95.83 -137.19 81.44
C PHE W 143 -95.52 -138.52 82.12
N ILE W 144 -94.25 -138.91 82.16
CA ILE W 144 -93.78 -140.09 82.89
C ILE W 144 -93.04 -139.66 84.16
N GLN W 145 -93.43 -140.22 85.31
CA GLN W 145 -92.83 -139.88 86.60
C GLN W 145 -91.69 -140.82 86.95
N GLY W 146 -90.50 -140.26 87.15
CA GLY W 146 -89.35 -140.99 87.68
C GLY W 146 -89.17 -140.77 89.17
N LEU W 147 -88.88 -141.84 89.91
CA LEU W 147 -88.40 -141.77 91.29
C LEU W 147 -86.90 -141.42 91.28
N PRO W 148 -86.47 -140.25 91.78
CA PRO W 148 -85.04 -139.92 91.84
C PRO W 148 -84.31 -140.89 92.76
N SER W 149 -83.33 -141.62 92.23
CA SER W 149 -82.60 -142.68 92.94
C SER W 149 -83.49 -143.71 93.66
N ASN W 150 -84.64 -144.06 93.06
CA ASN W 150 -85.63 -145.01 93.60
C ASN W 150 -86.30 -144.56 94.93
N LYS W 151 -86.31 -143.25 95.23
CA LYS W 151 -86.97 -142.67 96.42
C LYS W 151 -88.14 -141.76 96.01
N ASN W 152 -89.12 -141.52 96.88
CA ASN W 152 -90.10 -140.44 96.66
C ASN W 152 -89.41 -139.06 96.63
N ALA W 153 -89.83 -138.17 95.72
CA ALA W 153 -89.30 -136.81 95.67
C ALA W 153 -89.69 -135.99 96.91
N VAL W 154 -88.79 -135.10 97.35
CA VAL W 154 -88.97 -134.25 98.53
C VAL W 154 -89.30 -132.82 98.10
N ILE W 155 -90.39 -132.27 98.64
CA ILE W 155 -90.84 -130.90 98.38
C ILE W 155 -90.74 -130.07 99.68
N SER W 156 -90.21 -128.84 99.56
CA SER W 156 -90.06 -127.89 100.66
C SER W 156 -90.04 -126.44 100.16
N GLY W 157 -90.26 -125.47 101.06
CA GLY W 157 -90.17 -124.04 100.72
C GLY W 157 -91.31 -123.50 99.85
N THR W 158 -92.49 -124.13 99.92
CA THR W 158 -93.71 -123.75 99.19
C THR W 158 -94.96 -124.02 100.04
N ASN W 159 -96.10 -123.41 99.71
CA ASN W 159 -97.39 -123.80 100.30
C ASN W 159 -97.79 -125.19 99.77
N ILE W 160 -98.29 -126.09 100.62
CA ILE W 160 -98.70 -127.45 100.18
C ILE W 160 -99.85 -127.41 99.15
N LEU W 161 -100.73 -126.40 99.22
CA LEU W 161 -101.83 -126.20 98.26
C LEU W 161 -101.35 -125.70 96.89
N ASP W 162 -100.10 -125.24 96.77
CA ASP W 162 -99.51 -124.86 95.48
C ASP W 162 -98.87 -126.04 94.73
N ILE W 163 -98.73 -127.21 95.37
CA ILE W 163 -98.32 -128.45 94.69
C ILE W 163 -99.46 -128.90 93.76
N ALA W 164 -99.14 -129.25 92.52
CA ALA W 164 -100.15 -129.47 91.47
C ALA W 164 -99.88 -130.64 90.51
N SER W 165 -98.63 -131.10 90.41
CA SER W 165 -98.31 -132.36 89.75
C SER W 165 -98.79 -133.54 90.63
N PRO W 166 -99.57 -134.51 90.10
CA PRO W 166 -99.93 -135.74 90.83
C PRO W 166 -98.72 -136.54 91.34
N GLY W 167 -98.98 -137.59 92.11
CA GLY W 167 -97.97 -138.51 92.64
C GLY W 167 -97.74 -138.38 94.14
N VAL W 168 -96.77 -139.15 94.65
CA VAL W 168 -96.47 -139.23 96.08
C VAL W 168 -95.15 -138.56 96.41
N TYR W 169 -95.19 -137.63 97.37
CA TYR W 169 -94.08 -136.79 97.79
C TYR W 169 -93.89 -136.84 99.30
N PHE W 170 -92.66 -136.61 99.78
CA PHE W 170 -92.46 -136.23 101.18
C PHE W 170 -92.44 -134.70 101.27
N VAL W 171 -93.28 -134.14 102.13
CA VAL W 171 -93.43 -132.70 102.34
C VAL W 171 -92.87 -132.30 103.70
N MET W 172 -92.01 -131.28 103.73
CA MET W 172 -91.41 -130.74 104.96
C MET W 172 -91.10 -129.24 104.83
N GLY W 173 -91.10 -128.50 105.94
CA GLY W 173 -90.75 -127.07 105.93
C GLY W 173 -91.65 -126.21 105.02
N MET W 174 -92.93 -126.57 104.89
CA MET W 174 -93.90 -125.90 104.02
C MET W 174 -94.23 -124.48 104.54
N THR W 175 -94.43 -123.51 103.64
CA THR W 175 -94.69 -122.11 104.02
C THR W 175 -96.12 -121.86 104.50
N GLY W 176 -97.05 -122.79 104.23
CA GLY W 176 -98.45 -122.70 104.64
C GLY W 176 -99.31 -123.85 104.12
N GLY W 177 -100.60 -123.83 104.48
CA GLY W 177 -101.63 -124.75 104.01
C GLY W 177 -101.70 -126.11 104.72
N MET W 178 -100.74 -126.44 105.59
CA MET W 178 -100.71 -127.71 106.34
C MET W 178 -101.87 -127.84 107.35
N PRO W 179 -102.31 -129.06 107.72
CA PRO W 179 -103.19 -129.28 108.87
C PRO W 179 -102.56 -128.77 110.18
N SER W 180 -103.40 -128.52 111.19
CA SER W 180 -102.95 -127.99 112.49
C SER W 180 -101.91 -128.91 113.15
N GLY W 181 -100.74 -128.34 113.48
CA GLY W 181 -99.63 -129.04 114.13
C GLY W 181 -98.78 -129.96 113.24
N VAL W 182 -99.14 -130.18 111.97
CA VAL W 182 -98.41 -131.10 111.07
C VAL W 182 -97.23 -130.39 110.40
N SER W 183 -96.00 -130.69 110.81
CA SER W 183 -94.77 -130.07 110.27
C SER W 183 -94.21 -130.76 109.02
N SER W 184 -94.45 -132.07 108.87
CA SER W 184 -93.99 -132.88 107.73
C SER W 184 -94.81 -134.17 107.58
N GLY W 185 -94.75 -134.79 106.41
CA GLY W 185 -95.55 -135.99 106.12
C GLY W 185 -95.38 -136.52 104.70
N PHE W 186 -96.08 -137.61 104.39
CA PHE W 186 -96.23 -138.08 103.01
C PHE W 186 -97.53 -137.58 102.42
N LEU W 187 -97.43 -136.88 101.30
CA LEU W 187 -98.55 -136.38 100.52
C LEU W 187 -98.74 -137.28 99.30
N ASP W 188 -99.89 -137.94 99.21
CA ASP W 188 -100.41 -138.52 97.97
C ASP W 188 -101.38 -137.53 97.34
N LEU W 189 -101.00 -136.96 96.19
CA LEU W 189 -101.78 -135.96 95.47
C LEU W 189 -102.30 -136.49 94.14
N SER W 190 -103.58 -136.29 93.88
CA SER W 190 -104.23 -136.57 92.61
C SER W 190 -104.89 -135.31 92.05
N VAL W 191 -104.77 -135.08 90.75
CA VAL W 191 -105.28 -133.91 90.03
C VAL W 191 -105.70 -134.28 88.62
N ASP W 192 -106.97 -134.16 88.24
CA ASP W 192 -107.42 -134.54 86.89
C ASP W 192 -107.28 -133.39 85.85
N ALA W 193 -107.52 -133.70 84.57
CA ALA W 193 -107.46 -132.72 83.48
C ALA W 193 -108.43 -131.52 83.63
N ASN W 194 -109.49 -131.67 84.42
CA ASN W 194 -110.42 -130.59 84.79
C ASN W 194 -110.05 -129.85 86.09
N ASP W 195 -108.93 -130.18 86.75
CA ASP W 195 -108.53 -129.62 88.06
C ASP W 195 -109.46 -129.97 89.24
N ASN W 196 -110.16 -131.11 89.17
CA ASN W 196 -110.55 -131.83 90.39
C ASN W 196 -109.26 -132.23 91.13
N ARG W 197 -109.24 -132.22 92.46
CA ARG W 197 -108.10 -132.68 93.26
C ARG W 197 -108.49 -133.50 94.48
N LEU W 198 -107.67 -134.48 94.81
CA LEU W 198 -107.66 -135.19 96.10
C LEU W 198 -106.24 -135.14 96.68
N ALA W 199 -106.10 -134.64 97.90
CA ALA W 199 -104.86 -134.67 98.67
C ALA W 199 -105.06 -135.55 99.92
N ARG W 200 -104.27 -136.62 100.07
CA ARG W 200 -104.15 -137.37 101.33
C ARG W 200 -102.77 -137.13 101.92
N LEU W 201 -102.71 -136.59 103.14
CA LEU W 201 -101.48 -136.31 103.89
C LEU W 201 -101.43 -137.14 105.16
N THR W 202 -100.36 -137.90 105.38
CA THR W 202 -100.12 -138.57 106.68
C THR W 202 -98.99 -137.88 107.43
N ASP W 203 -99.26 -137.45 108.66
CA ASP W 203 -98.28 -136.80 109.53
C ASP W 203 -97.13 -137.76 109.89
N ALA W 204 -95.88 -137.36 109.60
CA ALA W 204 -94.69 -138.14 109.93
C ALA W 204 -94.37 -138.21 111.44
N GLU W 205 -95.00 -137.39 112.29
CA GLU W 205 -94.85 -137.46 113.74
C GLU W 205 -95.84 -138.48 114.35
N THR W 206 -97.15 -138.27 114.16
CA THR W 206 -98.20 -139.09 114.82
C THR W 206 -98.72 -140.27 113.98
N GLY W 207 -98.51 -140.29 112.66
CA GLY W 207 -99.12 -141.28 111.76
C GLY W 207 -100.62 -141.06 111.54
N LYS W 208 -101.17 -139.89 111.87
CA LYS W 208 -102.57 -139.51 111.58
C LYS W 208 -102.72 -139.07 110.13
N GLU W 209 -103.79 -139.53 109.48
CA GLU W 209 -104.14 -139.17 108.11
C GLU W 209 -105.12 -137.99 108.06
N TYR W 210 -104.90 -137.11 107.09
CA TYR W 210 -105.68 -135.93 106.80
C TYR W 210 -106.01 -135.92 105.30
N THR W 211 -107.24 -135.57 104.94
CA THR W 211 -107.70 -135.58 103.53
C THR W 211 -108.34 -134.25 103.15
N SER W 212 -108.04 -133.73 101.96
CA SER W 212 -108.65 -132.52 101.39
C SER W 212 -109.00 -132.73 99.92
N ILE W 213 -110.06 -132.08 99.44
CA ILE W 213 -110.48 -132.14 98.04
C ILE W 213 -110.70 -130.74 97.46
N LYS W 214 -110.53 -130.59 96.14
CA LYS W 214 -110.82 -129.35 95.37
C LYS W 214 -111.67 -129.71 94.15
N LYS W 215 -112.68 -128.90 93.84
CA LYS W 215 -113.47 -128.99 92.62
C LYS W 215 -112.93 -128.05 91.51
N PRO W 216 -113.24 -128.26 90.22
CA PRO W 216 -112.72 -127.46 89.10
C PRO W 216 -112.88 -125.95 89.24
N THR W 217 -113.99 -125.52 89.88
CA THR W 217 -114.39 -124.12 90.05
C THR W 217 -114.39 -123.70 91.54
N GLY W 218 -113.64 -124.42 92.39
CA GLY W 218 -113.56 -124.18 93.83
C GLY W 218 -112.14 -124.15 94.38
N THR W 219 -111.99 -123.86 95.68
CA THR W 219 -110.75 -124.02 96.45
C THR W 219 -110.69 -125.38 97.15
N TYR W 220 -109.53 -125.75 97.72
CA TYR W 220 -109.44 -126.90 98.63
C TYR W 220 -110.38 -126.76 99.83
N THR W 221 -110.97 -127.86 100.26
CA THR W 221 -111.63 -127.97 101.57
C THR W 221 -110.62 -127.89 102.71
N ALA W 222 -111.07 -127.59 103.92
CA ALA W 222 -110.28 -127.84 105.13
C ALA W 222 -109.86 -129.32 105.22
N TRP W 223 -108.76 -129.60 105.92
CA TRP W 223 -108.24 -130.95 106.11
C TRP W 223 -109.14 -131.77 107.05
N LYS W 224 -109.83 -132.76 106.49
CA LYS W 224 -110.58 -133.76 107.24
C LYS W 224 -109.61 -134.78 107.84
N LYS W 225 -109.39 -134.71 109.15
CA LYS W 225 -108.65 -135.71 109.95
C LYS W 225 -109.40 -137.06 109.95
N GLU W 226 -108.65 -138.17 110.03
CA GLU W 226 -109.18 -139.51 110.33
C GLU W 226 -110.06 -139.55 111.59
N PHE W 227 -110.95 -140.53 111.71
CA PHE W 227 -111.86 -140.64 112.86
C PHE W 227 -111.11 -140.99 114.17
N GLU W 228 -111.57 -140.45 115.31
CA GLU W 228 -111.03 -140.69 116.65
C GLU W 228 -112.15 -140.71 117.72
N PRO W 229 -111.98 -141.40 118.86
CA PRO W 229 -113.00 -141.44 119.94
C PRO W 229 -113.48 -140.06 120.40
N LYS W 230 -112.59 -139.07 120.48
CA LYS W 230 -112.93 -137.68 120.86
C LYS W 230 -114.00 -137.04 119.96
N ASP W 231 -114.12 -137.47 118.71
CA ASP W 231 -115.11 -136.92 117.79
C ASP W 231 -116.56 -137.34 118.16
N MET W 232 -116.73 -138.35 119.03
CA MET W 232 -118.03 -138.78 119.58
C MET W 232 -118.49 -138.03 120.85
N GLU W 233 -117.65 -137.20 121.48
CA GLU W 233 -117.91 -136.64 122.81
C GLU W 233 -119.26 -135.90 122.95
N LYS W 234 -119.79 -135.32 121.86
CA LYS W 234 -121.10 -134.64 121.83
C LYS W 234 -122.29 -135.54 122.15
N TYR W 235 -122.14 -136.86 122.05
CA TYR W 235 -123.22 -137.85 122.19
C TYR W 235 -123.09 -138.77 123.43
N LEU W 236 -121.97 -138.69 124.15
CA LEU W 236 -121.61 -139.54 125.30
C LEU W 236 -121.97 -138.89 126.65
N LEU W 237 -122.12 -139.69 127.71
CA LEU W 237 -122.21 -139.16 129.09
C LEU W 237 -120.87 -138.69 129.67
N SER W 238 -119.76 -139.11 129.07
CA SER W 238 -118.39 -138.89 129.58
C SER W 238 -117.54 -138.09 128.57
N SER W 239 -116.64 -137.24 129.07
CA SER W 239 -115.52 -136.73 128.27
C SER W 239 -114.40 -137.77 128.15
N ILE W 240 -113.54 -137.60 127.15
CA ILE W 240 -112.39 -138.47 126.84
C ILE W 240 -111.10 -137.65 127.01
N ARG W 241 -110.30 -138.02 128.01
CA ARG W 241 -109.02 -137.34 128.33
C ARG W 241 -107.91 -137.73 127.35
N ASP W 242 -106.79 -137.01 127.37
CA ASP W 242 -105.65 -137.23 126.47
C ASP W 242 -104.96 -138.59 126.65
N ASP W 243 -105.03 -139.18 127.84
CA ASP W 243 -104.60 -140.55 128.14
C ASP W 243 -105.66 -141.62 127.76
N GLY W 244 -106.80 -141.21 127.20
CA GLY W 244 -107.94 -142.06 126.87
C GLY W 244 -108.79 -142.48 128.08
N SER W 245 -108.59 -141.92 129.27
CA SER W 245 -109.48 -142.14 130.42
C SER W 245 -110.81 -141.38 130.27
N ALA W 246 -111.90 -141.93 130.83
CA ALA W 246 -113.19 -141.25 130.90
C ALA W 246 -113.23 -140.23 132.08
N SER W 247 -114.03 -139.17 131.94
CA SER W 247 -114.33 -138.23 133.03
C SER W 247 -115.70 -137.58 132.82
N PHE W 248 -116.19 -136.79 133.78
CA PHE W 248 -117.39 -135.99 133.53
C PHE W 248 -117.11 -134.84 132.54
N PRO W 249 -118.03 -134.55 131.61
CA PRO W 249 -117.90 -133.45 130.67
C PRO W 249 -118.15 -132.08 131.32
N LEU W 250 -118.89 -132.02 132.45
CA LEU W 250 -119.08 -130.82 133.26
C LEU W 250 -118.50 -130.98 134.68
N LEU W 251 -117.54 -130.13 135.04
CA LEU W 251 -117.01 -129.97 136.40
C LEU W 251 -117.20 -128.51 136.85
N VAL W 252 -117.93 -128.24 137.94
CA VAL W 252 -118.21 -126.88 138.44
C VAL W 252 -117.59 -126.67 139.83
N TYR W 253 -116.75 -125.64 139.96
CA TYR W 253 -116.00 -125.32 141.18
C TYR W 253 -116.32 -123.91 141.70
N THR W 254 -116.20 -123.69 143.02
CA THR W 254 -116.45 -122.36 143.63
C THR W 254 -115.49 -121.28 143.13
N SER W 255 -114.30 -121.68 142.68
CA SER W 255 -113.32 -120.81 141.99
C SER W 255 -113.81 -120.26 140.65
N ASP W 256 -114.78 -120.91 140.00
CA ASP W 256 -115.29 -120.50 138.68
C ASP W 256 -116.13 -119.22 138.73
N SER W 257 -116.62 -118.82 139.92
CA SER W 257 -117.45 -117.63 140.15
C SER W 257 -118.76 -117.61 139.32
N LYS W 258 -119.33 -118.79 139.07
CA LYS W 258 -120.54 -119.03 138.28
C LYS W 258 -121.61 -119.78 139.08
N THR W 259 -122.88 -119.55 138.77
CA THR W 259 -123.98 -120.40 139.27
C THR W 259 -124.01 -121.76 138.56
N PHE W 260 -124.58 -122.78 139.18
CA PHE W 260 -124.81 -124.08 138.51
C PHE W 260 -125.61 -123.93 137.21
N GLN W 261 -126.65 -123.09 137.22
CA GLN W 261 -127.47 -122.77 136.07
C GLN W 261 -126.63 -122.17 134.93
N GLN W 262 -125.75 -121.22 135.22
CA GLN W 262 -124.86 -120.66 134.20
C GLN W 262 -123.82 -121.69 133.72
N ALA W 263 -123.32 -122.55 134.61
CA ALA W 263 -122.40 -123.62 134.21
C ALA W 263 -123.06 -124.64 133.25
N ILE W 264 -124.33 -124.99 133.46
CA ILE W 264 -125.13 -125.78 132.50
C ILE W 264 -125.28 -125.05 131.17
N ILE W 265 -125.68 -123.76 131.17
CA ILE W 265 -125.82 -122.95 129.95
C ILE W 265 -124.48 -122.87 129.18
N ASP W 266 -123.38 -122.53 129.86
CA ASP W 266 -122.04 -122.49 129.27
C ASP W 266 -121.63 -123.85 128.69
N HIS W 267 -121.92 -124.95 129.38
CA HIS W 267 -121.60 -126.28 128.91
C HIS W 267 -122.36 -126.66 127.63
N ILE W 268 -123.67 -126.38 127.58
CA ILE W 268 -124.50 -126.63 126.40
C ILE W 268 -124.07 -125.73 125.24
N ASP W 269 -123.76 -124.45 125.48
CA ASP W 269 -123.23 -123.55 124.44
C ASP W 269 -121.85 -123.99 123.91
N ARG W 270 -120.93 -124.42 124.78
CA ARG W 270 -119.57 -124.87 124.39
C ARG W 270 -119.57 -126.18 123.60
N THR W 271 -120.44 -127.13 123.94
CA THR W 271 -120.35 -128.53 123.46
C THR W 271 -121.52 -128.99 122.60
N GLY W 272 -122.71 -128.39 122.73
CA GLY W 272 -123.95 -128.89 122.13
C GLY W 272 -124.48 -130.21 122.73
N GLN W 273 -123.91 -130.70 123.84
CA GLN W 273 -124.41 -131.89 124.54
C GLN W 273 -125.78 -131.61 125.18
N THR W 274 -126.78 -132.47 124.92
CA THR W 274 -128.11 -132.32 125.52
C THR W 274 -128.31 -133.18 126.78
N THR W 275 -127.64 -134.33 126.84
CA THR W 275 -127.64 -135.25 128.00
C THR W 275 -126.20 -135.53 128.42
N PHE W 276 -125.85 -135.31 129.68
CA PHE W 276 -124.47 -135.39 130.17
C PHE W 276 -124.39 -135.52 131.70
N THR W 277 -123.27 -136.05 132.21
CA THR W 277 -123.00 -136.09 133.66
C THR W 277 -122.27 -134.85 134.16
N PHE W 278 -122.38 -134.57 135.46
CA PHE W 278 -121.74 -133.41 136.09
C PHE W 278 -121.25 -133.68 137.51
N TYR W 279 -120.23 -132.90 137.92
CA TYR W 279 -119.84 -132.69 139.31
C TYR W 279 -120.04 -131.21 139.68
N VAL W 280 -120.54 -130.95 140.88
CA VAL W 280 -120.64 -129.59 141.45
C VAL W 280 -120.01 -129.57 142.84
N GLN W 281 -119.08 -128.63 143.07
CA GLN W 281 -118.46 -128.42 144.38
C GLN W 281 -119.44 -127.81 145.39
N GLY W 282 -119.35 -128.21 146.66
CA GLY W 282 -120.12 -127.62 147.74
C GLY W 282 -119.87 -126.12 147.87
N GLY W 283 -120.93 -125.34 148.05
CA GLY W 283 -120.88 -123.87 148.08
C GLY W 283 -120.99 -123.17 146.72
N VAL W 284 -121.07 -123.90 145.59
CA VAL W 284 -121.40 -123.30 144.28
C VAL W 284 -122.82 -122.70 144.34
N SER W 285 -122.96 -121.43 143.93
CA SER W 285 -124.26 -120.74 143.98
C SER W 285 -125.30 -121.39 143.05
N GLY W 286 -126.54 -121.52 143.52
CA GLY W 286 -127.61 -122.19 142.78
C GLY W 286 -127.45 -123.72 142.60
N SER W 287 -126.43 -124.33 143.21
CA SER W 287 -126.22 -125.79 143.20
C SER W 287 -127.47 -126.56 143.64
N PRO W 288 -127.72 -127.78 143.13
CA PRO W 288 -128.77 -128.65 143.64
C PRO W 288 -128.77 -128.83 145.18
N MET W 289 -127.59 -128.78 145.80
CA MET W 289 -127.42 -128.96 147.25
C MET W 289 -126.16 -128.25 147.80
N SER W 290 -126.09 -128.06 149.12
CA SER W 290 -125.00 -127.32 149.78
C SER W 290 -123.66 -128.09 149.80
N ASN W 291 -123.70 -129.42 150.00
CA ASN W 291 -122.53 -130.29 149.87
C ASN W 291 -122.15 -130.49 148.39
N SER W 292 -120.93 -130.99 148.14
CA SER W 292 -120.54 -131.43 146.79
C SER W 292 -121.47 -132.55 146.27
N CYS W 293 -121.74 -132.59 144.97
CA CYS W 293 -122.64 -133.56 144.38
C CYS W 293 -122.21 -134.00 142.97
N ARG W 294 -122.72 -135.16 142.54
CA ARG W 294 -122.54 -135.71 141.19
C ARG W 294 -123.89 -136.10 140.61
N GLY W 295 -124.11 -135.94 139.31
CA GLY W 295 -125.44 -136.11 138.72
C GLY W 295 -125.47 -136.25 137.21
N LEU W 296 -126.70 -136.30 136.67
CA LEU W 296 -127.05 -136.40 135.26
C LEU W 296 -128.01 -135.27 134.90
N PHE W 297 -127.74 -134.56 133.80
CA PHE W 297 -128.66 -133.61 133.15
C PHE W 297 -129.21 -134.24 131.87
N MET W 298 -130.51 -134.06 131.58
CA MET W 298 -131.18 -134.61 130.40
C MET W 298 -132.00 -133.55 129.66
N SER W 299 -131.82 -133.48 128.33
CA SER W 299 -132.62 -132.64 127.42
C SER W 299 -132.56 -133.18 125.99
N ASP W 300 -133.50 -132.73 125.14
CA ASP W 300 -133.64 -133.21 123.76
C ASP W 300 -133.19 -132.17 122.70
N THR W 301 -132.89 -130.93 123.11
CA THR W 301 -132.59 -129.81 122.20
C THR W 301 -131.65 -128.82 122.90
N PRO W 302 -130.44 -128.50 122.37
CA PRO W 302 -129.43 -127.67 123.03
C PRO W 302 -129.70 -126.15 122.97
N ASN W 303 -130.97 -125.73 123.01
CA ASN W 303 -131.38 -124.33 122.88
C ASN W 303 -131.29 -123.58 124.22
N THR W 304 -130.14 -122.98 124.52
CA THR W 304 -129.91 -122.18 125.73
C THR W 304 -130.73 -120.89 125.81
N SER W 305 -131.31 -120.41 124.70
CA SER W 305 -132.24 -119.26 124.69
C SER W 305 -133.68 -119.62 125.12
N SER W 306 -134.03 -120.92 125.17
CA SER W 306 -135.32 -121.41 125.68
C SER W 306 -135.17 -122.86 126.16
N LEU W 307 -134.31 -123.06 127.15
CA LEU W 307 -133.84 -124.38 127.56
C LEU W 307 -134.97 -125.16 128.24
N HIS W 308 -135.20 -126.39 127.78
CA HIS W 308 -136.11 -127.34 128.39
C HIS W 308 -135.35 -128.63 128.76
N GLY W 309 -135.36 -129.01 130.04
CA GLY W 309 -134.54 -130.10 130.55
C GLY W 309 -134.74 -130.38 132.04
N VAL W 310 -134.06 -131.41 132.53
CA VAL W 310 -134.16 -131.90 133.92
C VAL W 310 -132.80 -132.37 134.44
N TYR W 311 -132.66 -132.48 135.76
CA TYR W 311 -131.49 -133.09 136.38
C TYR W 311 -131.84 -133.99 137.56
N ASN W 312 -130.94 -134.93 137.84
CA ASN W 312 -130.92 -135.76 139.04
C ASN W 312 -129.48 -135.76 139.60
N ALA W 313 -129.32 -135.49 140.90
CA ALA W 313 -128.03 -135.31 141.56
C ALA W 313 -128.00 -136.08 142.90
N ILE W 314 -126.81 -136.55 143.29
CA ILE W 314 -126.56 -137.29 144.52
C ILE W 314 -125.39 -136.66 145.29
N GLY W 315 -125.55 -136.45 146.60
CA GLY W 315 -124.54 -135.80 147.45
C GLY W 315 -123.52 -136.75 148.08
N THR W 316 -122.49 -136.20 148.73
CA THR W 316 -121.47 -136.98 149.48
C THR W 316 -122.00 -137.73 150.72
N ASP W 317 -123.24 -137.47 151.12
CA ASP W 317 -123.98 -138.22 152.15
C ASP W 317 -124.97 -139.23 151.55
N GLY W 318 -125.12 -139.25 150.21
CA GLY W 318 -126.10 -140.07 149.50
C GLY W 318 -127.50 -139.45 149.37
N ARG W 319 -127.73 -138.18 149.75
CA ARG W 319 -129.04 -137.51 149.51
C ARG W 319 -129.35 -137.44 148.00
N ASN W 320 -130.62 -137.49 147.61
CA ASN W 320 -131.05 -137.31 146.22
C ASN W 320 -131.80 -135.99 145.99
N VAL W 321 -131.47 -135.28 144.91
CA VAL W 321 -132.14 -134.04 144.49
C VAL W 321 -132.50 -134.09 143.01
N THR W 322 -133.69 -133.63 142.66
CA THR W 322 -134.13 -133.45 141.26
C THR W 322 -134.64 -132.05 140.99
N GLY W 323 -134.57 -131.61 139.73
CA GLY W 323 -135.05 -130.28 139.33
C GLY W 323 -135.21 -130.18 137.82
N SER W 324 -135.68 -129.02 137.37
CA SER W 324 -136.04 -128.78 135.97
C SER W 324 -135.70 -127.36 135.51
N VAL W 325 -135.58 -127.22 134.19
CA VAL W 325 -135.53 -125.95 133.48
C VAL W 325 -136.57 -125.98 132.36
N VAL W 326 -137.34 -124.90 132.22
CA VAL W 326 -138.51 -124.80 131.33
C VAL W 326 -138.56 -123.40 130.71
N GLY W 327 -138.23 -123.30 129.42
CA GLY W 327 -138.08 -122.00 128.74
C GLY W 327 -136.97 -121.13 129.35
N SER W 328 -135.87 -121.75 129.79
CA SER W 328 -134.78 -121.15 130.57
C SER W 328 -135.17 -120.61 131.97
N ASN W 329 -136.43 -120.73 132.41
CA ASN W 329 -136.80 -120.54 133.81
C ASN W 329 -136.46 -121.80 134.63
N TRP W 330 -135.81 -121.63 135.78
CA TRP W 330 -135.34 -122.75 136.62
C TRP W 330 -136.24 -122.93 137.85
N THR W 331 -136.66 -124.16 138.11
CA THR W 331 -137.46 -124.50 139.30
C THR W 331 -136.59 -124.73 140.55
N SER W 332 -137.19 -124.60 141.74
CA SER W 332 -136.50 -124.89 143.00
C SER W 332 -136.15 -126.39 143.15
N PRO W 333 -134.96 -126.74 143.68
CA PRO W 333 -134.51 -128.11 143.78
C PRO W 333 -135.37 -128.93 144.76
N LYS W 334 -135.81 -130.10 144.31
CA LYS W 334 -136.64 -131.05 145.07
C LYS W 334 -135.77 -132.10 145.74
N THR W 335 -135.38 -131.89 147.00
CA THR W 335 -134.67 -132.90 147.81
C THR W 335 -135.63 -134.01 148.22
N SER W 336 -135.30 -135.27 147.96
CA SER W 336 -136.08 -136.42 148.41
C SER W 336 -135.73 -136.80 149.86
N PRO W 337 -136.70 -137.14 150.73
CA PRO W 337 -136.41 -137.75 152.03
C PRO W 337 -136.00 -139.21 151.84
N SER W 338 -135.45 -139.84 152.88
CA SER W 338 -135.11 -141.27 152.86
C SER W 338 -135.40 -141.96 154.19
N HIS W 339 -135.58 -143.28 154.16
CA HIS W 339 -136.06 -144.03 155.32
C HIS W 339 -135.42 -145.42 155.44
N LYS W 340 -135.49 -146.01 156.65
CA LYS W 340 -135.25 -147.44 156.89
C LYS W 340 -136.22 -147.97 157.96
N GLU W 341 -136.77 -149.17 157.76
CA GLU W 341 -137.53 -149.86 158.82
C GLU W 341 -136.57 -150.33 159.92
N LEU W 342 -136.61 -149.70 161.09
CA LEU W 342 -135.71 -150.03 162.19
C LEU W 342 -136.22 -151.17 163.05
N TRP W 343 -137.52 -151.19 163.38
CA TRP W 343 -138.15 -152.30 164.12
C TRP W 343 -139.63 -152.47 163.78
N THR W 344 -140.13 -153.70 163.86
CA THR W 344 -141.56 -154.06 163.76
C THR W 344 -141.92 -155.22 164.69
N GLY W 345 -143.18 -155.26 165.14
CA GLY W 345 -143.69 -156.29 166.06
C GLY W 345 -144.99 -155.87 166.74
N ALA W 346 -145.14 -156.27 168.01
CA ALA W 346 -146.23 -155.83 168.89
C ALA W 346 -145.75 -155.81 170.36
N GLN W 347 -145.35 -154.64 170.86
CA GLN W 347 -144.96 -154.45 172.27
C GLN W 347 -146.07 -153.71 173.02
N SER W 348 -146.60 -154.32 174.08
CA SER W 348 -147.66 -153.72 174.91
C SER W 348 -147.16 -152.46 175.63
N PHE W 349 -148.01 -151.44 175.71
CA PHE W 349 -147.76 -150.24 176.52
C PHE W 349 -147.46 -150.57 177.99
N LEU W 350 -148.01 -151.67 178.53
CA LEU W 350 -147.78 -152.10 179.91
C LEU W 350 -146.38 -152.69 180.15
N SER W 351 -145.65 -153.08 179.09
CA SER W 351 -144.31 -153.70 179.14
C SER W 351 -143.17 -152.69 179.37
N THR W 352 -143.39 -151.70 180.23
CA THR W 352 -142.41 -150.64 180.52
C THR W 352 -141.08 -151.21 181.03
N GLY W 353 -139.96 -150.58 180.65
CA GLY W 353 -138.59 -151.05 180.89
C GLY W 353 -138.07 -152.07 179.88
N THR W 354 -138.91 -152.60 178.98
CA THR W 354 -138.49 -153.56 177.94
C THR W 354 -137.65 -152.89 176.85
N THR W 355 -136.56 -153.52 176.43
CA THR W 355 -135.66 -153.04 175.37
C THR W 355 -135.59 -154.03 174.21
N LYS W 356 -135.49 -153.52 172.97
CA LYS W 356 -135.47 -154.29 171.72
C LYS W 356 -134.43 -153.70 170.75
N ASN W 357 -133.94 -154.51 169.81
CA ASN W 357 -132.96 -154.08 168.81
C ASN W 357 -133.59 -153.23 167.68
N LEU W 358 -132.76 -152.41 167.04
CA LEU W 358 -133.03 -151.68 165.80
C LEU W 358 -132.14 -152.25 164.69
N SER W 359 -132.63 -152.31 163.45
CA SER W 359 -131.88 -152.85 162.29
C SER W 359 -130.67 -151.97 161.87
N ASP W 360 -130.55 -150.76 162.40
CA ASP W 360 -129.45 -149.83 162.19
C ASP W 360 -129.32 -148.87 163.40
N ASP W 361 -128.17 -148.23 163.57
CA ASP W 361 -127.92 -147.27 164.66
C ASP W 361 -128.79 -146.00 164.51
N ILE W 362 -129.51 -145.60 165.56
CA ILE W 362 -130.41 -144.43 165.53
C ILE W 362 -129.68 -143.12 165.15
N SER W 363 -128.37 -143.01 165.43
CA SER W 363 -127.56 -141.83 165.09
C SER W 363 -127.41 -141.59 163.58
N ASN W 364 -127.73 -142.57 162.74
CA ASN W 364 -127.81 -142.40 161.28
C ASN W 364 -129.06 -141.62 160.81
N TYR W 365 -129.99 -141.26 161.71
CA TYR W 365 -131.28 -140.63 161.36
C TYR W 365 -131.48 -139.29 162.10
N SER W 366 -132.15 -138.33 161.44
CA SER W 366 -132.54 -137.03 162.06
C SER W 366 -133.99 -137.00 162.56
N TYR W 367 -134.84 -137.92 162.08
CA TYR W 367 -136.25 -138.02 162.43
C TYR W 367 -136.65 -139.49 162.62
N VAL W 368 -137.74 -139.75 163.33
CA VAL W 368 -138.29 -141.11 163.53
C VAL W 368 -139.82 -141.09 163.46
N GLU W 369 -140.40 -142.14 162.89
CA GLU W 369 -141.84 -142.41 162.98
C GLU W 369 -142.08 -143.62 163.89
N VAL W 370 -142.84 -143.43 164.96
CA VAL W 370 -143.25 -144.46 165.92
C VAL W 370 -144.73 -144.75 165.69
N TYR W 371 -145.09 -146.00 165.43
CA TYR W 371 -146.46 -146.39 165.14
C TYR W 371 -147.11 -147.10 166.33
N THR W 372 -148.31 -146.65 166.70
CA THR W 372 -149.09 -147.19 167.81
C THR W 372 -150.43 -147.73 167.33
N THR W 373 -150.82 -148.91 167.79
CA THR W 373 -152.07 -149.61 167.43
C THR W 373 -152.97 -149.71 168.66
N HIS W 374 -154.19 -149.17 168.61
CA HIS W 374 -155.06 -149.03 169.79
C HIS W 374 -156.44 -149.67 169.67
N LYS W 375 -156.99 -150.10 170.81
CA LYS W 375 -158.41 -150.39 171.03
C LYS W 375 -159.05 -149.33 171.94
N THR W 376 -160.13 -148.70 171.48
CA THR W 376 -160.88 -147.69 172.25
C THR W 376 -161.72 -148.29 173.39
N THR W 377 -162.10 -147.47 174.37
CA THR W 377 -162.89 -147.84 175.55
C THR W 377 -164.24 -148.45 175.17
N GLU W 378 -165.09 -147.70 174.47
CA GLU W 378 -166.34 -148.22 173.89
C GLU W 378 -166.13 -148.67 172.42
N LYS W 379 -167.05 -149.49 171.90
CA LYS W 379 -167.15 -149.78 170.45
C LYS W 379 -167.95 -148.69 169.74
N THR W 380 -167.58 -148.39 168.50
CA THR W 380 -168.33 -147.54 167.57
C THR W 380 -168.76 -148.37 166.36
N LYS W 381 -170.05 -148.40 166.03
CA LYS W 381 -170.64 -149.27 164.99
C LYS W 381 -170.14 -150.73 165.06
N GLY W 382 -169.94 -151.23 166.29
CA GLY W 382 -169.48 -152.60 166.57
C GLY W 382 -167.97 -152.86 166.48
N ASN W 383 -167.14 -151.84 166.26
CA ASN W 383 -165.67 -151.98 166.20
C ASN W 383 -164.98 -151.07 167.26
N ASP W 384 -163.88 -151.52 167.86
CA ASP W 384 -163.04 -150.70 168.75
C ASP W 384 -161.59 -150.54 168.24
N ASN W 385 -161.21 -151.19 167.14
CA ASN W 385 -159.89 -151.04 166.54
C ASN W 385 -159.71 -149.66 165.88
N THR W 386 -158.59 -149.00 166.17
CA THR W 386 -158.26 -147.67 165.61
C THR W 386 -157.44 -147.72 164.31
N GLY W 387 -156.99 -148.89 163.88
CA GLY W 387 -155.89 -149.01 162.92
C GLY W 387 -154.54 -148.80 163.61
N THR W 388 -153.49 -148.48 162.82
CA THR W 388 -152.14 -148.26 163.35
C THR W 388 -151.66 -146.85 162.99
N ILE W 389 -151.47 -146.00 164.00
CA ILE W 389 -151.34 -144.53 163.87
C ILE W 389 -149.88 -144.10 163.99
N CYS W 390 -149.41 -143.24 163.09
CA CYS W 390 -148.09 -142.62 163.11
C CYS W 390 -147.96 -141.49 164.15
N HIS W 391 -146.87 -141.50 164.91
CA HIS W 391 -146.31 -140.35 165.63
C HIS W 391 -144.92 -140.04 165.07
N LYS W 392 -144.69 -138.84 164.55
CA LYS W 392 -143.41 -138.44 163.95
C LYS W 392 -142.67 -137.43 164.82
N PHE W 393 -141.38 -137.68 165.04
CA PHE W 393 -140.50 -136.85 165.87
C PHE W 393 -139.24 -136.40 165.13
N TYR W 394 -138.74 -135.22 165.47
CA TYR W 394 -137.33 -134.86 165.25
C TYR W 394 -136.48 -135.41 166.41
N LEU W 395 -135.35 -136.04 166.10
CA LEU W 395 -134.46 -136.66 167.09
C LEU W 395 -133.56 -135.61 167.77
N ASP W 396 -134.18 -134.78 168.61
CA ASP W 396 -133.53 -133.70 169.37
C ASP W 396 -132.59 -134.16 170.50
N GLY W 397 -132.51 -135.48 170.76
CA GLY W 397 -131.69 -136.07 171.82
C GLY W 397 -132.41 -136.23 173.17
N SER W 398 -133.72 -136.00 173.24
CA SER W 398 -134.52 -136.21 174.46
C SER W 398 -134.38 -137.63 175.02
N GLY W 399 -134.38 -137.76 176.35
CA GLY W 399 -134.41 -139.06 177.04
C GLY W 399 -135.74 -139.82 176.91
N THR W 400 -136.81 -139.13 176.52
CA THR W 400 -138.10 -139.73 176.13
C THR W 400 -138.71 -139.01 174.93
N TYR W 401 -139.23 -139.76 173.97
CA TYR W 401 -140.10 -139.27 172.90
C TYR W 401 -141.53 -139.71 173.23
N VAL W 402 -142.43 -138.75 173.37
CA VAL W 402 -143.76 -138.95 173.99
C VAL W 402 -144.85 -139.01 172.91
N CYS W 403 -145.31 -140.22 172.58
CA CYS W 403 -146.53 -140.43 171.81
C CYS W 403 -147.72 -140.24 172.78
N SER W 404 -148.54 -139.19 172.61
CA SER W 404 -149.73 -138.95 173.46
C SER W 404 -150.86 -138.30 172.65
N GLY W 405 -152.10 -138.54 173.07
CA GLY W 405 -153.28 -138.08 172.33
C GLY W 405 -154.59 -138.51 172.99
N THR W 406 -155.65 -138.58 172.18
CA THR W 406 -157.01 -138.86 172.62
C THR W 406 -157.77 -139.75 171.63
N PHE W 407 -158.79 -140.45 172.13
CA PHE W 407 -159.84 -141.04 171.30
C PHE W 407 -161.23 -140.61 171.75
N VAL W 408 -162.15 -140.55 170.79
CA VAL W 408 -163.58 -140.46 171.02
C VAL W 408 -164.19 -141.82 170.69
N SER W 409 -165.02 -142.41 171.56
CA SER W 409 -165.58 -143.74 171.31
C SER W 409 -167.02 -143.91 171.83
N GLY W 410 -167.72 -144.92 171.31
CA GLY W 410 -169.17 -145.06 171.47
C GLY W 410 -169.95 -144.56 170.24
N ASP W 411 -171.25 -144.80 170.24
CA ASP W 411 -172.21 -144.29 169.24
C ASP W 411 -173.07 -143.17 169.86
N ARG W 412 -173.17 -142.02 169.18
CA ARG W 412 -173.97 -140.88 169.64
C ARG W 412 -175.46 -141.23 169.68
N THR W 413 -176.15 -140.77 170.72
CA THR W 413 -177.62 -140.71 170.82
C THR W 413 -178.03 -139.33 171.37
N ASP W 414 -179.33 -139.01 171.33
CA ASP W 414 -179.84 -137.73 171.86
C ASP W 414 -179.60 -137.57 173.37
N THR W 415 -179.50 -138.69 174.11
CA THR W 415 -179.25 -138.71 175.56
C THR W 415 -177.79 -138.93 175.93
N LYS W 416 -177.01 -139.66 175.12
CA LYS W 416 -175.62 -140.00 175.39
C LYS W 416 -174.69 -139.54 174.26
N PRO W 417 -173.80 -138.55 174.49
CA PRO W 417 -172.72 -138.25 173.55
C PRO W 417 -171.63 -139.34 173.64
N PRO W 418 -170.84 -139.55 172.58
CA PRO W 418 -169.64 -140.39 172.63
C PRO W 418 -168.69 -140.00 173.78
N ILE W 419 -168.08 -140.98 174.43
CA ILE W 419 -167.10 -140.74 175.51
C ILE W 419 -165.73 -140.36 174.97
N THR W 420 -164.88 -139.83 175.85
CA THR W 420 -163.50 -139.42 175.52
C THR W 420 -162.49 -140.15 176.41
N GLU W 421 -161.30 -140.39 175.88
CA GLU W 421 -160.17 -140.97 176.62
C GLU W 421 -158.83 -140.39 176.16
N PHE W 422 -157.81 -140.51 177.00
CA PHE W 422 -156.44 -140.07 176.77
C PHE W 422 -155.47 -141.26 176.80
N TYR W 423 -154.36 -141.18 176.09
CA TYR W 423 -153.31 -142.21 176.10
C TYR W 423 -151.89 -141.62 176.07
N ARG W 424 -150.90 -142.41 176.52
CA ARG W 424 -149.48 -142.12 176.33
C ARG W 424 -148.64 -143.40 176.20
N VAL W 425 -147.59 -143.37 175.37
CA VAL W 425 -146.40 -144.21 175.49
C VAL W 425 -145.15 -143.37 175.29
N GLY W 426 -144.13 -143.60 176.13
CA GLY W 426 -142.82 -142.96 176.03
C GLY W 426 -141.78 -143.95 175.52
N VAL W 427 -140.98 -143.57 174.52
CA VAL W 427 -139.89 -144.41 173.97
C VAL W 427 -138.55 -143.68 174.02
N SER W 428 -137.46 -144.42 174.05
CA SER W 428 -136.09 -143.88 173.98
C SER W 428 -135.22 -144.75 173.08
N PHE W 429 -134.13 -144.18 172.58
CA PHE W 429 -133.22 -144.83 171.63
C PHE W 429 -131.76 -144.74 172.12
N LYS W 430 -130.98 -145.81 171.92
CA LYS W 430 -129.56 -145.89 172.31
C LYS W 430 -128.81 -146.80 171.34
N GLY W 431 -128.00 -146.20 170.47
CA GLY W 431 -127.32 -146.91 169.37
C GLY W 431 -128.29 -147.74 168.52
N SER W 432 -128.00 -149.04 168.38
CA SER W 432 -128.87 -150.00 167.68
C SER W 432 -129.98 -150.60 168.56
N THR W 433 -130.52 -149.87 169.54
CA THR W 433 -131.62 -150.35 170.42
C THR W 433 -132.65 -149.27 170.75
N TRP W 434 -133.85 -149.69 171.14
CA TRP W 434 -134.92 -148.84 171.67
C TRP W 434 -135.57 -149.44 172.92
N THR W 435 -136.12 -148.59 173.78
CA THR W 435 -136.74 -148.99 175.05
C THR W 435 -138.12 -148.37 175.21
N LEU W 436 -139.12 -149.16 175.61
CA LEU W 436 -140.44 -148.65 176.03
C LEU W 436 -140.32 -148.15 177.48
N VAL W 437 -140.22 -146.83 177.65
CA VAL W 437 -139.87 -146.20 178.93
C VAL W 437 -141.06 -146.15 179.90
N ASP W 438 -142.24 -145.77 179.42
CA ASP W 438 -143.43 -145.53 180.25
C ASP W 438 -144.72 -145.57 179.42
N SER W 439 -145.88 -145.61 180.09
CA SER W 439 -147.18 -145.46 179.43
C SER W 439 -148.30 -144.98 180.37
N ALA W 440 -149.42 -144.53 179.79
CA ALA W 440 -150.70 -144.32 180.45
C ALA W 440 -151.84 -144.77 179.54
N VAL W 441 -152.81 -145.50 180.09
CA VAL W 441 -154.01 -146.01 179.40
C VAL W 441 -155.23 -145.82 180.31
N GLN W 442 -156.34 -145.30 179.78
CA GLN W 442 -157.59 -145.03 180.53
C GLN W 442 -158.67 -146.12 180.38
N ASN W 443 -158.30 -147.28 179.83
CA ASN W 443 -159.16 -148.45 179.67
C ASN W 443 -158.36 -149.75 179.93
N SER W 444 -159.06 -150.87 180.11
CA SER W 444 -158.44 -152.18 180.43
C SER W 444 -157.85 -152.94 179.23
N LYS W 445 -158.07 -152.48 178.00
CA LYS W 445 -157.65 -153.15 176.75
C LYS W 445 -156.18 -152.90 176.45
N THR W 446 -155.52 -153.87 175.80
CA THR W 446 -154.11 -153.77 175.43
C THR W 446 -153.90 -152.75 174.29
N GLN W 447 -152.90 -151.89 174.45
CA GLN W 447 -152.44 -150.91 173.44
C GLN W 447 -151.00 -151.25 173.08
N TYR W 448 -150.57 -151.10 171.81
CA TYR W 448 -149.27 -151.58 171.35
C TYR W 448 -148.44 -150.53 170.61
N VAL W 449 -147.12 -150.53 170.79
CA VAL W 449 -146.15 -150.01 169.81
C VAL W 449 -145.87 -151.12 168.78
N THR W 450 -145.91 -150.82 167.49
CA THR W 450 -145.90 -151.85 166.43
C THR W 450 -144.90 -151.62 165.29
N ARG W 451 -144.48 -150.38 165.00
CA ARG W 451 -143.43 -150.09 164.01
C ARG W 451 -142.57 -148.90 164.44
N ILE W 452 -141.29 -148.92 164.08
CA ILE W 452 -140.36 -147.79 164.24
C ILE W 452 -139.58 -147.63 162.93
N ILE W 453 -139.74 -146.48 162.26
CA ILE W 453 -139.10 -146.16 160.98
C ILE W 453 -138.12 -145.00 161.18
N GLY W 454 -136.84 -145.17 160.85
CA GLY W 454 -135.84 -144.11 160.87
C GLY W 454 -135.95 -143.28 159.60
N ILE W 455 -135.92 -141.95 159.72
CA ILE W 455 -136.17 -141.00 158.62
C ILE W 455 -135.05 -139.95 158.55
N ASN W 456 -134.60 -139.64 157.33
CA ASN W 456 -133.74 -138.50 157.03
C ASN W 456 -134.45 -137.53 156.08
N MET W 457 -134.45 -136.24 156.44
CA MET W 457 -134.94 -135.15 155.61
C MET W 457 -133.80 -134.14 155.42
N PRO W 458 -132.81 -134.47 154.56
CA PRO W 458 -131.54 -133.76 154.46
C PRO W 458 -131.63 -132.32 153.91
N MET X 1 -67.44 -138.04 36.28
CA MET X 1 -66.35 -138.69 35.50
C MET X 1 -66.90 -139.26 34.19
N ALA X 2 -66.10 -139.30 33.11
CA ALA X 2 -66.45 -139.95 31.83
C ALA X 2 -65.27 -139.95 30.84
N LEU X 3 -65.02 -141.08 30.17
CA LEU X 3 -64.05 -141.14 29.06
C LEU X 3 -64.59 -140.48 27.78
N ASN X 4 -63.79 -139.60 27.16
CA ASN X 4 -64.00 -139.15 25.79
C ASN X 4 -63.29 -140.09 24.79
N PHE X 5 -64.05 -140.96 24.11
CA PHE X 5 -63.53 -141.93 23.14
C PHE X 5 -64.26 -141.83 21.80
N THR X 6 -63.51 -141.92 20.70
CA THR X 6 -64.03 -142.01 19.33
C THR X 6 -63.63 -143.36 18.71
N THR X 7 -64.61 -144.11 18.19
CA THR X 7 -64.37 -145.39 17.52
C THR X 7 -63.48 -145.22 16.29
N ILE X 8 -62.38 -145.99 16.23
CA ILE X 8 -61.38 -145.89 15.16
C ILE X 8 -61.90 -146.60 13.89
N THR X 9 -61.99 -145.86 12.79
CA THR X 9 -62.55 -146.29 11.48
C THR X 9 -61.46 -146.71 10.50
N GLU X 10 -61.84 -147.30 9.35
CA GLU X 10 -60.90 -147.71 8.30
C GLU X 10 -60.09 -146.55 7.69
N ASN X 11 -60.55 -145.31 7.81
CA ASN X 11 -59.82 -144.12 7.34
C ASN X 11 -58.72 -143.65 8.31
N ASN X 12 -58.73 -144.12 9.56
CA ASN X 12 -57.81 -143.66 10.60
C ASN X 12 -56.40 -144.27 10.50
N VAL X 13 -55.39 -143.51 10.93
CA VAL X 13 -53.97 -143.92 10.98
C VAL X 13 -53.49 -144.20 12.42
N ILE X 14 -52.28 -144.74 12.59
CA ILE X 14 -51.72 -145.08 13.92
C ILE X 14 -51.63 -143.87 14.88
N ARG X 15 -51.54 -142.64 14.36
CA ARG X 15 -51.63 -141.40 15.16
C ARG X 15 -53.00 -141.23 15.82
N ASP X 16 -54.09 -141.56 15.15
CA ASP X 16 -55.45 -141.47 15.72
C ASP X 16 -55.69 -142.54 16.78
N LEU X 17 -55.21 -143.76 16.54
CA LEU X 17 -55.21 -144.86 17.52
C LEU X 17 -54.39 -144.49 18.77
N THR X 18 -53.22 -143.89 18.58
CA THR X 18 -52.39 -143.29 19.64
C THR X 18 -53.17 -142.25 20.44
N THR X 19 -53.91 -141.34 19.78
CA THR X 19 -54.76 -140.34 20.46
C THR X 19 -55.82 -141.00 21.34
N GLN X 20 -56.53 -142.03 20.86
CA GLN X 20 -57.53 -142.72 21.69
C GLN X 20 -56.93 -143.45 22.89
N VAL X 21 -55.76 -144.09 22.73
CA VAL X 21 -55.04 -144.73 23.86
C VAL X 21 -54.57 -143.69 24.89
N ASN X 22 -54.11 -142.52 24.45
CA ASN X 22 -53.81 -141.39 25.35
C ASN X 22 -55.08 -140.89 26.07
N ASN X 23 -56.22 -140.75 25.39
CA ASN X 23 -57.47 -140.35 26.05
C ASN X 23 -57.88 -141.32 27.17
N ILE X 24 -57.80 -142.63 26.91
CA ILE X 24 -58.05 -143.69 27.90
C ILE X 24 -57.06 -143.55 29.07
N GLY X 25 -55.74 -143.54 28.78
CA GLY X 25 -54.70 -143.47 29.80
C GLY X 25 -54.80 -142.23 30.68
N GLU X 26 -55.09 -141.06 30.10
CA GLU X 26 -55.29 -139.81 30.84
C GLU X 26 -56.52 -139.87 31.76
N GLU X 27 -57.70 -140.31 31.28
CA GLU X 27 -58.90 -140.38 32.12
C GLU X 27 -58.73 -141.34 33.32
N LEU X 28 -57.99 -142.43 33.12
CA LEU X 28 -57.67 -143.39 34.17
C LEU X 28 -56.53 -142.92 35.11
N THR X 29 -55.70 -141.94 34.75
CA THR X 29 -54.53 -141.52 35.55
C THR X 29 -54.54 -140.07 36.05
N LYS X 30 -55.53 -139.25 35.66
CA LYS X 30 -55.69 -137.87 36.17
C LYS X 30 -55.83 -137.81 37.70
N GLU X 31 -55.67 -136.62 38.28
CA GLU X 31 -55.92 -136.39 39.71
C GLU X 31 -57.40 -136.64 40.07
N ARG X 32 -57.65 -137.37 41.17
CA ARG X 32 -58.99 -137.88 41.57
C ARG X 32 -59.68 -138.69 40.46
N ASN X 33 -58.92 -139.58 39.80
CA ASN X 33 -59.45 -140.58 38.86
C ASN X 33 -60.39 -141.60 39.53
N ILE X 34 -61.00 -142.46 38.71
CA ILE X 34 -61.94 -143.50 39.12
C ILE X 34 -61.40 -144.43 40.23
N PHE X 35 -60.12 -144.80 40.17
CA PHE X 35 -59.50 -145.67 41.17
C PHE X 35 -59.45 -145.00 42.56
N ASP X 36 -59.05 -143.74 42.62
CA ASP X 36 -59.00 -142.97 43.86
C ASP X 36 -60.40 -142.80 44.49
N ILE X 37 -61.42 -142.45 43.68
CA ILE X 37 -62.78 -142.24 44.17
C ILE X 37 -63.41 -143.55 44.70
N THR X 38 -63.17 -144.68 44.04
CA THR X 38 -63.65 -145.97 44.55
C THR X 38 -62.93 -146.42 45.83
N ASP X 39 -61.62 -146.17 45.95
CA ASP X 39 -60.91 -146.40 47.23
C ASP X 39 -61.45 -145.49 48.36
N ASP X 40 -61.76 -144.22 48.08
CA ASP X 40 -62.45 -143.33 49.04
C ASP X 40 -63.84 -143.85 49.43
N LEU X 41 -64.64 -144.37 48.49
CA LEU X 41 -65.95 -144.94 48.79
C LEU X 41 -65.84 -146.16 49.72
N VAL X 42 -64.89 -147.09 49.47
CA VAL X 42 -64.65 -148.24 50.36
C VAL X 42 -64.30 -147.78 51.78
N TYR X 43 -63.41 -146.79 51.92
CA TYR X 43 -63.00 -146.27 53.22
C TYR X 43 -64.17 -145.61 53.98
N ASN X 44 -64.94 -144.75 53.33
CA ASN X 44 -66.08 -144.06 53.96
C ASN X 44 -67.26 -145.00 54.25
N PHE X 45 -67.55 -145.96 53.36
CA PHE X 45 -68.60 -146.94 53.59
C PHE X 45 -68.35 -147.78 54.84
N ASN X 46 -67.10 -148.18 55.10
CA ASN X 46 -66.75 -148.94 56.31
C ASN X 46 -67.07 -148.20 57.62
N LYS X 47 -66.98 -146.87 57.65
CA LYS X 47 -67.39 -146.06 58.82
C LYS X 47 -68.91 -145.98 59.00
N SER X 48 -69.69 -146.13 57.93
CA SER X 48 -71.14 -145.94 57.92
C SER X 48 -71.95 -147.03 58.67
N GLN X 49 -73.25 -146.78 58.88
CA GLN X 49 -74.21 -147.72 59.47
C GLN X 49 -74.63 -148.82 58.46
N LYS X 50 -73.99 -149.99 58.50
CA LYS X 50 -74.16 -151.08 57.51
C LYS X 50 -75.47 -151.90 57.61
N ILE X 51 -76.26 -151.74 58.67
CA ILE X 51 -77.56 -152.43 58.86
C ILE X 51 -78.71 -151.45 59.08
N LYS X 52 -79.89 -151.79 58.57
CA LYS X 52 -81.10 -150.95 58.61
C LYS X 52 -81.73 -150.88 60.01
N LEU X 53 -82.07 -149.67 60.44
CA LEU X 53 -82.93 -149.38 61.58
C LEU X 53 -84.33 -148.87 61.16
N THR X 54 -84.44 -148.32 59.94
CA THR X 54 -85.70 -147.97 59.24
C THR X 54 -85.69 -148.63 57.86
N ASP X 55 -86.80 -148.56 57.12
CA ASP X 55 -86.71 -148.82 55.67
C ASP X 55 -85.96 -147.67 54.94
N ASP X 56 -85.75 -147.82 53.63
CA ASP X 56 -85.05 -146.85 52.77
C ASP X 56 -85.79 -145.50 52.60
N LYS X 57 -87.04 -145.39 53.05
CA LYS X 57 -87.87 -144.16 53.00
C LYS X 57 -87.95 -143.44 54.35
N GLY X 58 -87.41 -144.03 55.42
CA GLY X 58 -87.54 -143.54 56.79
C GLY X 58 -88.82 -143.99 57.50
N LEU X 59 -89.49 -145.02 57.00
CA LEU X 59 -90.63 -145.67 57.65
C LEU X 59 -90.17 -146.92 58.43
N THR X 60 -91.10 -147.58 59.12
CA THR X 60 -90.80 -148.84 59.83
C THR X 60 -90.33 -149.96 58.89
N LYS X 61 -89.45 -150.82 59.40
CA LYS X 61 -88.97 -152.04 58.72
C LYS X 61 -90.09 -153.07 58.58
N SER X 62 -90.05 -153.85 57.50
CA SER X 62 -90.91 -155.03 57.31
C SER X 62 -90.38 -156.24 58.11
N TYR X 63 -91.28 -157.13 58.52
CA TYR X 63 -90.99 -158.38 59.21
C TYR X 63 -91.63 -159.56 58.46
N GLY X 64 -91.03 -160.75 58.57
CA GLY X 64 -91.58 -161.99 58.00
C GLY X 64 -92.80 -162.51 58.78
N ASN X 65 -93.22 -163.74 58.51
CA ASN X 65 -94.22 -164.40 59.36
C ASN X 65 -93.66 -164.60 60.78
N ILE X 66 -94.48 -164.35 61.80
CA ILE X 66 -94.13 -164.47 63.22
C ILE X 66 -95.26 -165.13 64.02
N THR X 67 -94.90 -165.77 65.12
CA THR X 67 -95.84 -166.38 66.10
C THR X 67 -95.96 -165.53 67.36
N ALA X 68 -94.93 -164.74 67.65
CA ALA X 68 -94.79 -163.95 68.87
C ALA X 68 -93.95 -162.69 68.58
N LEU X 69 -94.16 -161.60 69.32
CA LEU X 69 -93.36 -160.37 69.22
C LEU X 69 -91.87 -160.64 69.50
N ARG X 70 -91.55 -161.64 70.35
CA ARG X 70 -90.16 -162.09 70.62
C ARG X 70 -89.46 -162.68 69.39
N ASP X 71 -90.17 -162.97 68.31
CA ASP X 71 -89.59 -163.44 67.04
C ASP X 71 -88.91 -162.31 66.26
N ILE X 72 -89.25 -161.04 66.53
CA ILE X 72 -88.59 -159.86 65.94
C ILE X 72 -87.37 -159.49 66.80
N LYS X 73 -86.18 -159.99 66.43
CA LYS X 73 -84.90 -159.77 67.15
C LYS X 73 -83.88 -158.88 66.43
N GLU X 74 -84.08 -158.55 65.16
CA GLU X 74 -83.30 -157.48 64.52
C GLU X 74 -83.61 -156.12 65.15
N PRO X 75 -82.64 -155.21 65.30
CA PRO X 75 -82.88 -153.86 65.81
C PRO X 75 -83.66 -153.00 64.81
N GLY X 76 -84.28 -151.93 65.30
CA GLY X 76 -85.05 -150.96 64.50
C GLY X 76 -86.52 -150.83 64.92
N TYR X 77 -87.31 -150.16 64.08
CA TYR X 77 -88.72 -149.86 64.33
C TYR X 77 -89.65 -150.66 63.40
N TYR X 78 -90.62 -151.38 63.97
CA TYR X 78 -91.56 -152.25 63.26
C TYR X 78 -93.02 -151.85 63.57
N TYR X 79 -93.82 -151.53 62.55
CA TYR X 79 -95.26 -151.34 62.69
C TYR X 79 -95.97 -152.70 62.76
N ILE X 80 -96.94 -152.89 63.67
CA ILE X 80 -97.75 -154.10 63.76
C ILE X 80 -99.22 -153.70 63.89
N GLY X 81 -100.08 -154.24 63.02
CA GLY X 81 -101.52 -153.92 63.03
C GLY X 81 -102.30 -154.68 64.11
N ALA X 82 -103.43 -154.11 64.54
CA ALA X 82 -104.27 -154.65 65.62
C ALA X 82 -104.68 -156.12 65.41
N ARG X 83 -105.11 -156.49 64.19
CA ARG X 83 -105.53 -157.85 63.83
C ARG X 83 -104.39 -158.86 63.94
N THR X 84 -103.17 -158.46 63.59
CA THR X 84 -101.96 -159.29 63.78
C THR X 84 -101.62 -159.41 65.26
N LEU X 85 -101.51 -158.28 65.97
CA LEU X 85 -101.15 -158.25 67.40
C LEU X 85 -102.06 -159.16 68.24
N ALA X 86 -103.37 -159.16 67.95
CA ALA X 86 -104.36 -160.01 68.63
C ALA X 86 -104.06 -161.53 68.57
N THR X 87 -103.28 -161.98 67.58
CA THR X 87 -102.93 -163.40 67.36
C THR X 87 -101.59 -163.83 67.96
N LEU X 88 -100.75 -162.89 68.38
CA LEU X 88 -99.39 -163.19 68.86
C LEU X 88 -99.41 -163.78 70.28
N LEU X 89 -98.64 -164.86 70.50
CA LEU X 89 -98.69 -165.66 71.74
C LEU X 89 -98.23 -164.91 73.00
N ASP X 90 -97.44 -163.85 72.84
CA ASP X 90 -96.83 -163.05 73.91
C ASP X 90 -97.28 -161.58 73.88
N ARG X 91 -98.40 -161.27 73.22
CA ARG X 91 -98.99 -159.93 73.23
C ARG X 91 -99.27 -159.46 74.67
N PRO X 92 -99.20 -158.15 74.95
CA PRO X 92 -99.57 -157.62 76.27
C PRO X 92 -101.07 -157.78 76.56
N ASP X 93 -101.44 -157.88 77.84
CA ASP X 93 -102.84 -158.01 78.30
C ASP X 93 -103.63 -156.69 78.18
N MET X 94 -103.96 -156.31 76.95
CA MET X 94 -104.65 -155.07 76.62
C MET X 94 -105.59 -155.20 75.41
N GLU X 95 -106.41 -154.17 75.19
CA GLU X 95 -107.19 -153.94 73.96
C GLU X 95 -106.29 -154.01 72.70
N SER X 96 -106.75 -154.69 71.66
CA SER X 96 -105.98 -154.80 70.42
C SER X 96 -106.01 -153.49 69.63
N LEU X 97 -104.83 -152.90 69.42
CA LEU X 97 -104.59 -151.63 68.71
C LEU X 97 -103.43 -151.81 67.72
N ASP X 98 -103.34 -150.91 66.74
CA ASP X 98 -102.10 -150.76 65.98
C ASP X 98 -100.99 -150.26 66.92
N VAL X 99 -99.78 -150.81 66.77
CA VAL X 99 -98.62 -150.54 67.63
C VAL X 99 -97.37 -150.34 66.80
N VAL X 100 -96.37 -149.64 67.36
CA VAL X 100 -94.98 -149.73 66.90
C VAL X 100 -94.13 -150.44 67.96
N LEU X 101 -93.34 -151.40 67.49
CA LEU X 101 -92.35 -152.14 68.25
C LEU X 101 -90.97 -151.55 67.95
N HIS X 102 -90.25 -151.10 68.96
CA HIS X 102 -88.84 -150.70 68.87
C HIS X 102 -87.99 -151.80 69.51
N VAL X 103 -87.04 -152.33 68.75
CA VAL X 103 -86.14 -153.40 69.19
C VAL X 103 -84.74 -152.82 69.42
N VAL X 104 -84.23 -152.96 70.65
CA VAL X 104 -82.91 -152.48 71.09
C VAL X 104 -81.94 -153.67 71.13
N PRO X 105 -80.79 -153.59 70.44
CA PRO X 105 -79.84 -154.68 70.35
C PRO X 105 -79.03 -154.86 71.64
N LEU X 106 -78.41 -156.02 71.84
CA LEU X 106 -77.60 -156.37 73.02
C LEU X 106 -76.21 -156.90 72.62
N ASP X 107 -75.58 -157.74 73.44
CA ASP X 107 -74.29 -158.38 73.15
C ASP X 107 -74.40 -159.56 72.16
N THR X 108 -75.60 -160.13 71.98
CA THR X 108 -75.88 -161.23 71.03
C THR X 108 -77.20 -161.00 70.30
N SER X 109 -77.38 -161.65 69.15
CA SER X 109 -78.63 -161.60 68.37
C SER X 109 -79.78 -162.40 68.99
N SER X 110 -79.49 -163.29 69.96
CA SER X 110 -80.50 -164.08 70.68
C SER X 110 -81.20 -163.30 71.80
N LYS X 111 -80.71 -162.13 72.22
CA LYS X 111 -81.29 -161.31 73.29
C LYS X 111 -81.61 -159.89 72.79
N VAL X 112 -82.71 -159.30 73.25
CA VAL X 112 -83.10 -157.91 72.92
C VAL X 112 -83.87 -157.26 74.08
N VAL X 113 -83.91 -155.93 74.12
CA VAL X 113 -84.94 -155.19 74.87
C VAL X 113 -85.96 -154.69 73.86
N GLN X 114 -87.25 -154.89 74.15
CA GLN X 114 -88.35 -154.45 73.29
C GLN X 114 -89.16 -153.34 73.98
N HIS X 115 -89.45 -152.26 73.25
CA HIS X 115 -90.44 -151.25 73.65
C HIS X 115 -91.64 -151.32 72.70
N LEU X 116 -92.85 -151.19 73.23
CA LEU X 116 -94.09 -151.21 72.46
C LEU X 116 -94.90 -149.95 72.75
N TYR X 117 -95.42 -149.30 71.71
CA TYR X 117 -96.21 -148.07 71.83
C TYR X 117 -97.51 -148.20 71.03
N THR X 118 -98.66 -147.88 71.62
CA THR X 118 -99.96 -147.91 70.92
C THR X 118 -100.21 -146.62 70.13
N LEU X 119 -100.90 -146.77 68.98
CA LEU X 119 -101.05 -145.70 67.97
C LEU X 119 -102.48 -145.13 67.97
N SER X 120 -102.82 -144.40 69.03
CA SER X 120 -104.14 -143.77 69.23
C SER X 120 -104.02 -142.32 69.72
N THR X 121 -104.84 -141.41 69.18
CA THR X 121 -104.97 -140.04 69.72
C THR X 121 -105.80 -140.00 71.02
N ASN X 122 -106.52 -141.06 71.35
CA ASN X 122 -107.29 -141.15 72.59
C ASN X 122 -106.34 -141.32 73.79
N ASN X 123 -106.37 -140.38 74.74
CA ASN X 123 -105.50 -140.38 75.90
C ASN X 123 -105.65 -141.61 76.82
N ASN X 124 -106.79 -142.32 76.75
CA ASN X 124 -107.02 -143.57 77.49
C ASN X 124 -106.37 -144.80 76.83
N GLN X 125 -106.08 -144.72 75.53
CA GLN X 125 -105.54 -145.83 74.73
C GLN X 125 -104.03 -145.72 74.48
N ILE X 126 -103.46 -144.51 74.45
CA ILE X 126 -102.01 -144.32 74.30
C ILE X 126 -101.25 -144.89 75.52
N LYS X 127 -100.39 -145.87 75.27
CA LYS X 127 -99.67 -146.68 76.27
C LYS X 127 -98.23 -146.90 75.82
N MET X 128 -97.30 -146.90 76.76
CA MET X 128 -95.90 -147.32 76.59
C MET X 128 -95.66 -148.60 77.40
N LEU X 129 -95.01 -149.58 76.79
CA LEU X 129 -94.66 -150.84 77.42
C LEU X 129 -93.20 -151.19 77.11
N TYR X 130 -92.53 -151.95 77.97
CA TYR X 130 -91.22 -152.53 77.65
C TYR X 130 -90.97 -153.89 78.30
N ARG X 131 -90.01 -154.66 77.77
CA ARG X 131 -89.58 -155.96 78.34
C ARG X 131 -88.16 -156.34 77.91
N PHE X 132 -87.56 -157.28 78.64
CA PHE X 132 -86.33 -157.96 78.25
C PHE X 132 -86.66 -159.35 77.65
N VAL X 133 -85.97 -159.72 76.56
CA VAL X 133 -86.14 -160.99 75.84
C VAL X 133 -84.80 -161.71 75.75
N SER X 134 -84.79 -163.02 76.00
CA SER X 134 -83.60 -163.88 75.91
C SER X 134 -83.98 -165.26 75.34
N GLY X 135 -83.66 -165.49 74.06
CA GLY X 135 -84.10 -166.68 73.33
C GLY X 135 -85.62 -166.68 73.15
N ASN X 136 -86.30 -167.72 73.66
CA ASN X 136 -87.77 -167.76 73.73
C ASN X 136 -88.33 -167.19 75.05
N SER X 137 -87.51 -167.02 76.08
CA SER X 137 -87.91 -166.46 77.38
C SER X 137 -87.97 -164.92 77.36
N SER X 138 -88.77 -164.34 78.24
CA SER X 138 -88.83 -162.88 78.45
C SER X 138 -89.30 -162.56 79.87
N SER X 139 -89.11 -161.32 80.32
CA SER X 139 -89.97 -160.76 81.36
C SER X 139 -91.41 -160.66 80.86
N GLU X 140 -92.34 -160.37 81.75
CA GLU X 140 -93.64 -159.81 81.36
C GLU X 140 -93.47 -158.39 80.79
N TRP X 141 -94.48 -157.91 80.06
CA TRP X 141 -94.58 -156.51 79.64
C TRP X 141 -94.74 -155.58 80.84
N GLN X 142 -93.80 -154.67 81.02
CA GLN X 142 -93.86 -153.62 82.03
C GLN X 142 -94.62 -152.43 81.45
N PHE X 143 -95.88 -152.25 81.86
CA PHE X 143 -96.70 -151.10 81.48
C PHE X 143 -96.22 -149.84 82.21
N ILE X 144 -95.99 -148.76 81.47
CA ILE X 144 -95.61 -147.47 82.06
C ILE X 144 -96.82 -146.54 82.04
N GLN X 145 -97.24 -146.08 83.22
CA GLN X 145 -98.42 -145.23 83.37
C GLN X 145 -98.08 -143.76 83.11
N GLY X 146 -98.61 -143.21 82.02
CA GLY X 146 -98.50 -141.79 81.71
C GLY X 146 -99.59 -140.94 82.37
N LEU X 147 -99.25 -139.69 82.65
CA LEU X 147 -100.21 -138.67 83.08
C LEU X 147 -100.52 -137.70 81.92
N PRO X 148 -101.74 -137.71 81.34
CA PRO X 148 -102.10 -136.81 80.24
C PRO X 148 -102.08 -135.34 80.71
N SER X 149 -101.32 -134.50 80.02
CA SER X 149 -101.04 -133.10 80.42
C SER X 149 -100.58 -132.96 81.88
N ASN X 150 -99.84 -133.94 82.39
CA ASN X 150 -99.38 -134.02 83.79
C ASN X 150 -100.54 -134.14 84.82
N LYS X 151 -101.68 -134.74 84.45
CA LYS X 151 -102.89 -134.92 85.30
C LYS X 151 -103.36 -136.39 85.33
N ASN X 152 -104.07 -136.80 86.39
CA ASN X 152 -104.84 -138.05 86.45
C ASN X 152 -105.88 -138.11 85.32
N ALA X 153 -106.05 -139.30 84.75
CA ALA X 153 -107.03 -139.54 83.71
C ALA X 153 -108.47 -139.57 84.25
N VAL X 154 -109.44 -139.30 83.38
CA VAL X 154 -110.88 -139.30 83.69
C VAL X 154 -111.55 -140.54 83.06
N ILE X 155 -112.37 -141.25 83.85
CA ILE X 155 -113.16 -142.40 83.41
C ILE X 155 -114.66 -142.12 83.60
N SER X 156 -115.47 -142.51 82.61
CA SER X 156 -116.92 -142.27 82.56
C SER X 156 -117.61 -143.25 81.59
N GLY X 157 -118.94 -143.35 81.67
CA GLY X 157 -119.74 -144.14 80.72
C GLY X 157 -119.61 -145.66 80.85
N THR X 158 -119.12 -146.15 82.00
CA THR X 158 -118.89 -147.57 82.29
C THR X 158 -119.23 -147.89 83.76
N ASN X 159 -119.38 -149.17 84.10
CA ASN X 159 -119.55 -149.61 85.49
C ASN X 159 -118.20 -149.52 86.23
N ILE X 160 -118.15 -148.93 87.43
CA ILE X 160 -116.88 -148.78 88.17
C ILE X 160 -116.21 -150.13 88.50
N LEU X 161 -116.98 -151.22 88.56
CA LEU X 161 -116.48 -152.57 88.78
C LEU X 161 -115.87 -153.23 87.53
N ASP X 162 -116.03 -152.63 86.34
CA ASP X 162 -115.42 -153.10 85.08
C ASP X 162 -114.04 -152.47 84.80
N ILE X 163 -113.61 -151.48 85.58
CA ILE X 163 -112.25 -150.93 85.52
C ILE X 163 -111.25 -151.98 86.04
N ALA X 164 -110.24 -152.34 85.25
CA ALA X 164 -109.33 -153.47 85.52
C ALA X 164 -107.82 -153.15 85.41
N SER X 165 -107.47 -151.88 85.21
CA SER X 165 -106.08 -151.39 85.21
C SER X 165 -105.79 -150.67 86.54
N PRO X 166 -104.72 -151.01 87.28
CA PRO X 166 -104.32 -150.27 88.46
C PRO X 166 -104.05 -148.79 88.19
N GLY X 167 -104.09 -147.96 89.24
CA GLY X 167 -103.76 -146.53 89.17
C GLY X 167 -104.85 -145.64 89.74
N VAL X 168 -104.62 -144.32 89.68
CA VAL X 168 -105.54 -143.32 90.22
C VAL X 168 -106.25 -142.55 89.11
N TYR X 169 -107.58 -142.57 89.15
CA TYR X 169 -108.48 -142.02 88.15
C TYR X 169 -109.49 -141.07 88.80
N PHE X 170 -109.94 -140.07 88.06
CA PHE X 170 -111.19 -139.40 88.40
C PHE X 170 -112.36 -140.11 87.72
N VAL X 171 -113.35 -140.56 88.48
CA VAL X 171 -114.53 -141.30 87.99
C VAL X 171 -115.78 -140.41 88.06
N MET X 172 -116.55 -140.33 86.98
CA MET X 172 -117.81 -139.57 86.93
C MET X 172 -118.81 -140.17 85.92
N GLY X 173 -120.11 -139.98 86.13
CA GLY X 173 -121.14 -140.45 85.18
C GLY X 173 -121.17 -141.97 84.97
N MET X 174 -120.76 -142.74 85.98
CA MET X 174 -120.64 -144.20 85.91
C MET X 174 -122.02 -144.86 85.74
N THR X 175 -122.11 -145.92 84.93
CA THR X 175 -123.39 -146.58 84.61
C THR X 175 -123.91 -147.50 85.73
N GLY X 176 -123.07 -147.81 86.71
CA GLY X 176 -123.41 -148.64 87.86
C GLY X 176 -122.22 -148.95 88.76
N GLY X 177 -122.48 -149.68 89.85
CA GLY X 177 -121.49 -150.17 90.79
C GLY X 177 -120.99 -149.15 91.83
N MET X 178 -121.37 -147.87 91.73
CA MET X 178 -121.01 -146.81 92.69
C MET X 178 -121.65 -147.06 94.08
N PRO X 179 -121.06 -146.53 95.18
CA PRO X 179 -121.75 -146.42 96.46
C PRO X 179 -123.05 -145.59 96.35
N SER X 180 -123.97 -145.79 97.30
CA SER X 180 -125.23 -145.03 97.34
C SER X 180 -125.00 -143.52 97.45
N GLY X 181 -125.57 -142.75 96.53
CA GLY X 181 -125.48 -141.29 96.48
C GLY X 181 -124.17 -140.69 95.93
N VAL X 182 -123.15 -141.50 95.62
CA VAL X 182 -121.86 -141.02 95.11
C VAL X 182 -121.87 -140.94 93.58
N SER X 183 -121.92 -139.72 93.03
CA SER X 183 -121.97 -139.48 91.57
C SER X 183 -120.59 -139.41 90.90
N SER X 184 -119.54 -139.01 91.64
CA SER X 184 -118.17 -138.86 91.14
C SER X 184 -117.13 -138.84 92.28
N GLY X 185 -115.87 -139.05 91.95
CA GLY X 185 -114.79 -139.11 92.95
C GLY X 185 -113.43 -139.43 92.36
N PHE X 186 -112.40 -139.46 93.21
CA PHE X 186 -111.13 -140.10 92.85
C PHE X 186 -111.15 -141.58 93.27
N LEU X 187 -110.89 -142.46 92.31
CA LEU X 187 -110.72 -143.90 92.51
C LEU X 187 -109.22 -144.21 92.51
N ASP X 188 -108.73 -144.81 93.58
CA ASP X 188 -107.44 -145.50 93.63
C ASP X 188 -107.72 -147.01 93.53
N LEU X 189 -107.33 -147.62 92.40
CA LEU X 189 -107.54 -149.03 92.11
C LEU X 189 -106.21 -149.80 92.11
N SER X 190 -106.18 -150.92 92.82
CA SER X 190 -105.08 -151.89 92.80
C SER X 190 -105.59 -153.27 92.40
N VAL X 191 -104.80 -154.00 91.61
CA VAL X 191 -105.13 -155.34 91.04
C VAL X 191 -103.86 -156.18 90.95
N ASP X 192 -103.81 -157.36 91.57
CA ASP X 192 -102.63 -158.24 91.51
C ASP X 192 -102.69 -159.26 90.34
N ALA X 193 -101.60 -159.99 90.10
CA ALA X 193 -101.53 -161.02 89.06
C ALA X 193 -102.57 -162.17 89.23
N ASN X 194 -103.07 -162.39 90.45
CA ASN X 194 -104.14 -163.36 90.74
C ASN X 194 -105.56 -162.76 90.73
N ASP X 195 -105.75 -161.48 90.35
CA ASP X 195 -107.04 -160.76 90.37
C ASP X 195 -107.64 -160.58 91.78
N ASN X 196 -106.83 -160.55 92.83
CA ASN X 196 -107.17 -159.79 94.03
C ASN X 196 -107.29 -158.31 93.65
N ARG X 197 -108.25 -157.58 94.24
CA ARG X 197 -108.40 -156.13 94.00
C ARG X 197 -108.70 -155.35 95.28
N LEU X 198 -108.24 -154.10 95.30
CA LEU X 198 -108.65 -153.07 96.25
C LEU X 198 -109.09 -151.83 95.47
N ALA X 199 -110.28 -151.32 95.75
CA ALA X 199 -110.77 -150.03 95.27
C ALA X 199 -111.01 -149.12 96.47
N ARG X 200 -110.32 -147.97 96.54
CA ARG X 200 -110.67 -146.86 97.44
C ARG X 200 -111.25 -145.73 96.60
N LEU X 201 -112.48 -145.31 96.90
CA LEU X 201 -113.17 -144.21 96.23
C LEU X 201 -113.42 -143.07 97.21
N THR X 202 -112.96 -141.86 96.92
CA THR X 202 -113.30 -140.67 97.71
C THR X 202 -114.30 -139.81 96.95
N ASP X 203 -115.48 -139.61 97.53
CA ASP X 203 -116.58 -138.82 96.94
C ASP X 203 -116.17 -137.36 96.73
N ALA X 204 -116.24 -136.87 95.49
CA ALA X 204 -115.91 -135.48 95.16
C ALA X 204 -116.92 -134.45 95.71
N GLU X 205 -118.11 -134.87 96.17
CA GLU X 205 -119.07 -133.98 96.84
C GLU X 205 -118.76 -133.82 98.35
N THR X 206 -118.74 -134.91 99.13
CA THR X 206 -118.59 -134.86 100.59
C THR X 206 -117.16 -135.07 101.12
N GLY X 207 -116.23 -135.58 100.31
CA GLY X 207 -114.89 -136.01 100.77
C GLY X 207 -114.89 -137.29 101.62
N LYS X 208 -116.02 -138.01 101.70
CA LYS X 208 -116.12 -139.33 102.35
C LYS X 208 -115.44 -140.41 101.51
N GLU X 209 -114.77 -141.34 102.18
CA GLU X 209 -114.08 -142.48 101.58
C GLU X 209 -114.92 -143.77 101.68
N TYR X 210 -114.89 -144.53 100.60
CA TYR X 210 -115.56 -145.81 100.45
C TYR X 210 -114.53 -146.83 99.97
N THR X 211 -114.52 -148.02 100.56
CA THR X 211 -113.54 -149.06 100.22
C THR X 211 -114.25 -150.36 99.84
N SER X 212 -113.75 -151.04 98.81
CA SER X 212 -114.23 -152.35 98.38
C SER X 212 -113.04 -153.23 97.96
N ILE X 213 -113.16 -154.54 98.14
CA ILE X 213 -112.15 -155.53 97.75
C ILE X 213 -112.78 -156.63 96.89
N LYS X 214 -111.99 -157.27 96.03
CA LYS X 214 -112.39 -158.47 95.27
C LYS X 214 -111.36 -159.58 95.48
N LYS X 215 -111.84 -160.82 95.67
CA LYS X 215 -111.02 -162.04 95.77
C LYS X 215 -110.94 -162.73 94.39
N PRO X 216 -109.90 -163.54 94.09
CA PRO X 216 -109.67 -164.12 92.76
C PRO X 216 -110.91 -164.79 92.12
N THR X 217 -111.70 -165.51 92.93
CA THR X 217 -112.92 -166.22 92.50
C THR X 217 -114.23 -165.57 92.98
N GLY X 218 -114.17 -164.36 93.56
CA GLY X 218 -115.31 -163.64 94.09
C GLY X 218 -115.72 -162.41 93.27
N THR X 219 -116.87 -161.82 93.58
CA THR X 219 -117.23 -160.45 93.18
C THR X 219 -116.57 -159.42 94.12
N TYR X 220 -116.65 -158.13 93.78
CA TYR X 220 -116.37 -157.08 94.75
C TYR X 220 -117.32 -157.18 95.97
N THR X 221 -116.81 -156.84 97.16
CA THR X 221 -117.64 -156.61 98.35
C THR X 221 -118.49 -155.35 98.19
N ALA X 222 -119.60 -155.25 98.94
CA ALA X 222 -120.30 -153.98 99.10
C ALA X 222 -119.36 -152.89 99.64
N TRP X 223 -119.58 -151.64 99.25
CA TRP X 223 -118.73 -150.51 99.63
C TRP X 223 -118.81 -150.23 101.13
N LYS X 224 -117.73 -150.52 101.85
CA LYS X 224 -117.54 -150.13 103.25
C LYS X 224 -117.21 -148.63 103.31
N LYS X 225 -118.18 -147.81 103.73
CA LYS X 225 -117.98 -146.38 104.01
C LYS X 225 -117.03 -146.19 105.19
N GLU X 226 -116.31 -145.06 105.24
CA GLU X 226 -115.62 -144.60 106.45
C GLU X 226 -116.58 -144.49 107.66
N PHE X 227 -116.06 -144.61 108.88
CA PHE X 227 -116.86 -144.56 110.11
C PHE X 227 -117.50 -143.17 110.32
N GLU X 228 -118.78 -143.12 110.75
CA GLU X 228 -119.48 -141.89 111.10
C GLU X 228 -120.26 -142.01 112.43
N PRO X 229 -120.53 -140.91 113.15
CA PRO X 229 -121.24 -140.94 114.43
C PRO X 229 -122.58 -141.70 114.43
N LYS X 230 -123.37 -141.60 113.34
CA LYS X 230 -124.65 -142.32 113.21
C LYS X 230 -124.52 -143.84 113.30
N ASP X 231 -123.35 -144.41 112.99
CA ASP X 231 -123.10 -145.85 113.10
C ASP X 231 -123.14 -146.33 114.56
N MET X 232 -123.05 -145.42 115.54
CA MET X 232 -123.12 -145.70 116.99
C MET X 232 -124.52 -145.57 117.62
N GLU X 233 -125.56 -145.11 116.90
CA GLU X 233 -126.86 -144.73 117.51
C GLU X 233 -127.50 -145.84 118.37
N LYS X 234 -127.30 -147.11 118.05
CA LYS X 234 -127.83 -148.26 118.81
C LYS X 234 -127.28 -148.36 120.25
N TYR X 235 -126.15 -147.70 120.54
CA TYR X 235 -125.43 -147.80 121.82
C TYR X 235 -125.46 -146.50 122.64
N LEU X 236 -125.93 -145.39 122.04
CA LEU X 236 -125.94 -144.05 122.65
C LEU X 236 -127.26 -143.76 123.40
N LEU X 237 -127.21 -142.85 124.38
CA LEU X 237 -128.40 -142.30 125.02
C LEU X 237 -129.22 -141.35 124.14
N SER X 238 -128.60 -140.82 123.08
CA SER X 238 -129.13 -139.78 122.20
C SER X 238 -129.24 -140.28 120.76
N SER X 239 -130.26 -139.81 120.03
CA SER X 239 -130.26 -139.85 118.57
C SER X 239 -129.36 -138.75 117.99
N ILE X 240 -128.91 -138.94 116.76
CA ILE X 240 -128.09 -137.98 116.01
C ILE X 240 -128.92 -137.48 114.82
N ARG X 241 -129.26 -136.18 114.84
CA ARG X 241 -130.04 -135.52 113.78
C ARG X 241 -129.19 -135.32 112.51
N ASP X 242 -129.83 -135.03 111.38
CA ASP X 242 -129.15 -134.84 110.09
C ASP X 242 -128.20 -133.63 110.05
N ASP X 243 -128.38 -132.64 110.92
CA ASP X 243 -127.45 -131.52 111.13
C ASP X 243 -126.31 -131.85 112.13
N GLY X 244 -126.28 -133.08 112.67
CA GLY X 244 -125.34 -133.54 113.69
C GLY X 244 -125.70 -133.16 115.13
N SER X 245 -126.82 -132.49 115.39
CA SER X 245 -127.26 -132.16 116.75
C SER X 245 -127.78 -133.40 117.50
N ALA X 246 -127.54 -133.45 118.81
CA ALA X 246 -128.05 -134.52 119.67
C ALA X 246 -129.53 -134.30 120.03
N SER X 247 -130.29 -135.38 120.22
CA SER X 247 -131.66 -135.34 120.74
C SER X 247 -132.01 -136.64 121.47
N PHE X 248 -133.21 -136.74 122.07
CA PHE X 248 -133.68 -138.02 122.60
C PHE X 248 -134.07 -138.99 121.47
N PRO X 249 -133.75 -140.29 121.59
CA PRO X 249 -134.15 -141.30 120.62
C PRO X 249 -135.64 -141.69 120.72
N LEU X 250 -136.28 -141.48 121.87
CA LEU X 250 -137.73 -141.66 122.06
C LEU X 250 -138.42 -140.33 122.43
N LEU X 251 -139.37 -139.89 121.60
CA LEU X 251 -140.28 -138.77 121.88
C LEU X 251 -141.73 -139.27 121.79
N VAL X 252 -142.52 -139.11 122.85
CA VAL X 252 -143.93 -139.58 122.93
C VAL X 252 -144.88 -138.41 123.12
N TYR X 253 -145.86 -138.25 122.22
CA TYR X 253 -146.82 -137.15 122.19
C TYR X 253 -148.27 -137.66 122.27
N THR X 254 -149.19 -136.87 122.83
CA THR X 254 -150.61 -137.26 122.92
C THR X 254 -151.25 -137.45 121.53
N SER X 255 -150.73 -136.78 120.50
CA SER X 255 -151.12 -136.95 119.10
C SER X 255 -150.76 -138.33 118.52
N ASP X 256 -149.81 -139.07 119.12
CA ASP X 256 -149.42 -140.41 118.65
C ASP X 256 -150.49 -141.47 118.90
N SER X 257 -151.44 -141.22 119.81
CA SER X 257 -152.50 -142.15 120.22
C SER X 257 -151.97 -143.48 120.80
N LYS X 258 -150.82 -143.43 121.48
CA LYS X 258 -150.12 -144.58 122.11
C LYS X 258 -149.90 -144.37 123.60
N THR X 259 -149.90 -145.47 124.37
CA THR X 259 -149.45 -145.45 125.77
C THR X 259 -147.93 -145.34 125.86
N PHE X 260 -147.41 -144.88 127.01
CA PHE X 260 -145.96 -144.89 127.26
C PHE X 260 -145.35 -146.30 127.15
N GLN X 261 -146.04 -147.32 127.65
CA GLN X 261 -145.63 -148.72 127.59
C GLN X 261 -145.53 -149.22 126.14
N GLN X 262 -146.52 -148.91 125.30
CA GLN X 262 -146.46 -149.26 123.87
C GLN X 262 -145.34 -148.49 123.15
N ALA X 263 -145.13 -147.22 123.47
CA ALA X 263 -144.05 -146.44 122.89
C ALA X 263 -142.65 -147.01 123.23
N ILE X 264 -142.43 -147.46 124.47
CA ILE X 264 -141.20 -148.19 124.86
C ILE X 264 -141.03 -149.49 124.05
N ILE X 265 -142.08 -150.32 123.95
CA ILE X 265 -142.05 -151.57 123.18
C ILE X 265 -141.74 -151.31 121.70
N ASP X 266 -142.47 -150.40 121.05
CA ASP X 266 -142.22 -150.02 119.65
C ASP X 266 -140.79 -149.50 119.45
N HIS X 267 -140.27 -148.69 120.39
CA HIS X 267 -138.93 -148.13 120.29
C HIS X 267 -137.82 -149.19 120.37
N ILE X 268 -137.95 -150.15 121.30
CA ILE X 268 -136.99 -151.25 121.44
C ILE X 268 -137.07 -152.17 120.21
N ASP X 269 -138.27 -152.47 119.70
CA ASP X 269 -138.43 -153.25 118.46
C ASP X 269 -137.82 -152.57 117.22
N ARG X 270 -137.99 -151.25 117.07
CA ARG X 270 -137.52 -150.49 115.91
C ARG X 270 -136.01 -150.24 115.90
N THR X 271 -135.36 -150.18 117.07
CA THR X 271 -133.95 -149.76 117.20
C THR X 271 -133.02 -150.81 117.80
N GLY X 272 -133.50 -151.74 118.61
CA GLY X 272 -132.68 -152.63 119.42
C GLY X 272 -131.90 -151.94 120.56
N GLN X 273 -132.14 -150.66 120.85
CA GLN X 273 -131.56 -149.96 122.00
C GLN X 273 -132.09 -150.53 123.32
N THR X 274 -131.21 -150.87 124.26
CA THR X 274 -131.58 -151.37 125.59
C THR X 274 -131.54 -150.29 126.67
N THR X 275 -130.64 -149.31 126.56
CA THR X 275 -130.57 -148.15 127.45
C THR X 275 -130.64 -146.87 126.64
N PHE X 276 -131.60 -145.99 126.94
CA PHE X 276 -131.90 -144.79 126.13
C PHE X 276 -132.68 -143.72 126.92
N THR X 277 -132.62 -142.46 126.49
CA THR X 277 -133.44 -141.38 127.07
C THR X 277 -134.79 -141.20 126.36
N PHE X 278 -135.75 -140.59 127.04
CA PHE X 278 -137.09 -140.34 126.52
C PHE X 278 -137.71 -139.02 126.99
N TYR X 279 -138.62 -138.48 126.17
CA TYR X 279 -139.57 -137.42 126.53
C TYR X 279 -140.99 -137.96 126.40
N VAL X 280 -141.86 -137.60 127.34
CA VAL X 280 -143.29 -137.90 127.30
C VAL X 280 -144.10 -136.62 127.54
N GLN X 281 -145.04 -136.32 126.64
CA GLN X 281 -145.94 -135.17 126.79
C GLN X 281 -146.98 -135.38 127.91
N GLY X 282 -147.36 -134.31 128.60
CA GLY X 282 -148.42 -134.35 129.60
C GLY X 282 -149.76 -134.80 129.01
N GLY X 283 -150.48 -135.67 129.74
CA GLY X 283 -151.72 -136.30 129.28
C GLY X 283 -151.56 -137.59 128.46
N VAL X 284 -150.34 -138.06 128.17
CA VAL X 284 -150.11 -139.38 127.54
C VAL X 284 -150.57 -140.51 128.49
N SER X 285 -151.37 -141.45 127.96
CA SER X 285 -151.89 -142.58 128.74
C SER X 285 -150.77 -143.50 129.24
N GLY X 286 -150.82 -143.91 130.52
CA GLY X 286 -149.79 -144.73 131.14
C GLY X 286 -148.44 -144.04 131.38
N SER X 287 -148.32 -142.73 131.11
CA SER X 287 -147.11 -141.94 131.39
C SER X 287 -146.64 -142.10 132.85
N PRO X 288 -145.32 -142.00 133.14
CA PRO X 288 -144.83 -141.93 134.51
C PRO X 288 -145.55 -140.87 135.38
N MET X 289 -146.00 -139.77 134.77
CA MET X 289 -146.71 -138.68 135.47
C MET X 289 -147.66 -137.90 134.55
N SER X 290 -148.60 -137.15 135.15
CA SER X 290 -149.63 -136.39 134.42
C SER X 290 -149.07 -135.19 133.64
N ASN X 291 -148.07 -134.50 134.19
CA ASN X 291 -147.31 -133.43 133.53
C ASN X 291 -146.32 -134.01 132.49
N SER X 292 -145.82 -133.17 131.57
CA SER X 292 -144.73 -133.58 130.67
C SER X 292 -143.47 -133.96 131.46
N CYS X 293 -142.72 -134.96 130.99
CA CYS X 293 -141.53 -135.46 131.69
C CYS X 293 -140.40 -135.89 130.74
N ARG X 294 -139.18 -135.97 131.30
CA ARG X 294 -137.97 -136.46 130.62
C ARG X 294 -137.27 -137.50 131.50
N GLY X 295 -136.70 -138.55 130.92
CA GLY X 295 -136.14 -139.65 131.71
C GLY X 295 -135.20 -140.58 130.96
N LEU X 296 -134.64 -141.54 131.71
CA LEU X 296 -133.75 -142.60 131.26
C LEU X 296 -134.42 -143.97 131.47
N PHE X 297 -134.44 -144.80 130.42
CA PHE X 297 -134.81 -146.22 130.49
C PHE X 297 -133.53 -147.07 130.45
N MET X 298 -133.43 -148.08 131.31
CA MET X 298 -132.27 -148.98 131.41
C MET X 298 -132.70 -150.46 131.33
N SER X 299 -132.05 -151.24 130.48
CA SER X 299 -132.19 -152.70 130.35
C SER X 299 -130.94 -153.32 129.75
N ASP X 300 -130.79 -154.64 129.85
CA ASP X 300 -129.61 -155.38 129.38
C ASP X 300 -129.88 -156.28 128.15
N THR X 301 -131.14 -156.47 127.74
CA THR X 301 -131.57 -157.42 126.69
C THR X 301 -132.83 -156.90 125.99
N PRO X 302 -132.85 -156.68 124.65
CA PRO X 302 -133.94 -156.00 123.93
C PRO X 302 -135.17 -156.90 123.63
N ASN X 303 -135.45 -157.91 124.45
CA ASN X 303 -136.55 -158.85 124.24
C ASN X 303 -137.91 -158.27 124.67
N THR X 304 -138.61 -157.59 123.76
CA THR X 304 -139.95 -157.01 124.01
C THR X 304 -141.05 -158.04 124.31
N SER X 305 -140.86 -159.32 123.97
CA SER X 305 -141.79 -160.41 124.34
C SER X 305 -141.65 -160.88 125.80
N SER X 306 -140.57 -160.49 126.49
CA SER X 306 -140.36 -160.74 127.93
C SER X 306 -139.44 -159.66 128.52
N LEU X 307 -139.89 -158.40 128.41
CA LEU X 307 -139.07 -157.22 128.67
C LEU X 307 -138.75 -157.09 130.16
N HIS X 308 -137.46 -156.96 130.47
CA HIS X 308 -136.96 -156.68 131.83
C HIS X 308 -136.17 -155.36 131.83
N GLY X 309 -136.53 -154.41 132.68
CA GLY X 309 -135.90 -153.08 132.70
C GLY X 309 -136.49 -152.13 133.75
N VAL X 310 -135.92 -150.93 133.83
CA VAL X 310 -136.32 -149.88 134.78
C VAL X 310 -136.30 -148.50 134.12
N TYR X 311 -137.04 -147.55 134.69
CA TYR X 311 -137.00 -146.14 134.28
C TYR X 311 -136.92 -145.19 135.46
N ASN X 312 -136.25 -144.05 135.24
CA ASN X 312 -136.22 -142.90 136.13
C ASN X 312 -136.60 -141.63 135.32
N ALA X 313 -137.63 -140.91 135.75
CA ALA X 313 -138.19 -139.74 135.05
C ALA X 313 -138.29 -138.52 135.97
N ILE X 314 -138.20 -137.32 135.38
CA ILE X 314 -138.35 -136.06 136.09
C ILE X 314 -139.36 -135.15 135.35
N GLY X 315 -140.27 -134.51 136.10
CA GLY X 315 -141.33 -133.66 135.55
C GLY X 315 -140.94 -132.19 135.34
N THR X 316 -141.82 -131.41 134.72
CA THR X 316 -141.64 -129.94 134.53
C THR X 316 -141.49 -129.16 135.83
N ASP X 317 -141.99 -129.66 136.96
CA ASP X 317 -141.82 -129.09 138.30
C ASP X 317 -140.61 -129.65 139.07
N GLY X 318 -139.86 -130.58 138.48
CA GLY X 318 -138.73 -131.26 139.13
C GLY X 318 -139.10 -132.48 139.98
N ARG X 319 -140.37 -132.96 139.96
CA ARG X 319 -140.74 -134.22 140.65
C ARG X 319 -139.98 -135.43 140.13
N ASN X 320 -139.70 -136.43 140.97
CA ASN X 320 -139.06 -137.67 140.54
C ASN X 320 -140.01 -138.86 140.56
N VAL X 321 -140.01 -139.67 139.49
CA VAL X 321 -140.77 -140.93 139.40
C VAL X 321 -139.88 -142.06 138.91
N THR X 322 -139.97 -143.23 139.55
CA THR X 322 -139.31 -144.46 139.11
C THR X 322 -140.30 -145.60 138.88
N GLY X 323 -139.95 -146.53 138.01
CA GLY X 323 -140.75 -147.73 137.78
C GLY X 323 -139.97 -148.83 137.07
N SER X 324 -140.60 -149.98 136.88
CA SER X 324 -139.96 -151.15 136.27
C SER X 324 -140.92 -151.99 135.43
N VAL X 325 -140.33 -152.75 134.51
CA VAL X 325 -141.01 -153.77 133.69
C VAL X 325 -140.29 -155.10 133.91
N VAL X 326 -141.05 -156.18 134.09
CA VAL X 326 -140.56 -157.50 134.48
C VAL X 326 -141.35 -158.57 133.72
N GLY X 327 -140.71 -159.27 132.79
CA GLY X 327 -141.40 -160.23 131.90
C GLY X 327 -142.53 -159.60 131.07
N SER X 328 -142.36 -158.33 130.65
CA SER X 328 -143.40 -157.49 130.02
C SER X 328 -144.61 -157.15 130.89
N ASN X 329 -144.63 -157.51 132.19
CA ASN X 329 -145.58 -156.95 133.16
C ASN X 329 -145.03 -155.60 133.69
N TRP X 330 -145.87 -154.56 133.75
CA TRP X 330 -145.46 -153.22 134.16
C TRP X 330 -145.90 -152.90 135.60
N THR X 331 -144.94 -152.50 136.42
CA THR X 331 -145.20 -152.06 137.81
C THR X 331 -145.76 -150.63 137.87
N SER X 332 -146.55 -150.32 138.89
CA SER X 332 -147.10 -148.97 139.09
C SER X 332 -145.99 -147.94 139.37
N PRO X 333 -146.08 -146.71 138.82
CA PRO X 333 -145.04 -145.70 138.97
C PRO X 333 -144.94 -145.20 140.43
N LYS X 334 -143.71 -145.17 140.95
CA LYS X 334 -143.39 -144.74 142.32
C LYS X 334 -142.93 -143.28 142.32
N THR X 335 -143.84 -142.34 142.59
CA THR X 335 -143.49 -140.91 142.75
C THR X 335 -142.80 -140.68 144.09
N SER X 336 -141.63 -140.06 144.10
CA SER X 336 -140.96 -139.68 145.33
C SER X 336 -141.49 -138.34 145.88
N PRO X 337 -141.78 -138.20 147.19
CA PRO X 337 -142.05 -136.90 147.79
C PRO X 337 -140.76 -136.08 147.88
N SER X 338 -140.88 -134.80 148.22
CA SER X 338 -139.72 -133.93 148.45
C SER X 338 -139.96 -132.89 149.54
N HIS X 339 -138.87 -132.34 150.07
CA HIS X 339 -138.90 -131.43 151.23
C HIS X 339 -137.83 -130.33 151.14
N LYS X 340 -138.00 -129.26 151.93
CA LYS X 340 -136.94 -128.31 152.29
C LYS X 340 -137.11 -127.81 153.72
N GLU X 341 -136.02 -127.65 154.47
CA GLU X 341 -136.02 -126.99 155.77
C GLU X 341 -136.23 -125.47 155.60
N LEU X 342 -137.43 -124.98 155.94
CA LEU X 342 -137.78 -123.58 155.74
C LEU X 342 -137.35 -122.69 156.92
N TRP X 343 -137.50 -123.16 158.16
CA TRP X 343 -137.08 -122.42 159.35
C TRP X 343 -136.72 -123.35 160.53
N THR X 344 -135.83 -122.90 161.41
CA THR X 344 -135.46 -123.58 162.67
C THR X 344 -135.13 -122.57 163.78
N GLY X 345 -135.39 -122.93 165.04
CA GLY X 345 -135.10 -122.10 166.19
C GLY X 345 -135.85 -122.54 167.45
N ALA X 346 -136.31 -121.59 168.26
CA ALA X 346 -137.12 -121.82 169.46
C ALA X 346 -138.07 -120.63 169.72
N GLN X 347 -139.13 -120.51 168.94
CA GLN X 347 -140.17 -119.49 169.12
C GLN X 347 -141.16 -119.93 170.20
N SER X 348 -141.22 -119.20 171.31
CA SER X 348 -142.17 -119.47 172.39
C SER X 348 -143.62 -119.33 171.92
N PHE X 349 -144.50 -120.22 172.37
CA PHE X 349 -145.95 -120.14 172.13
C PHE X 349 -146.54 -118.81 172.61
N LEU X 350 -145.92 -118.14 173.59
CA LEU X 350 -146.36 -116.84 174.09
C LEU X 350 -146.02 -115.66 173.17
N SER X 351 -145.13 -115.82 172.18
CA SER X 351 -144.68 -114.77 171.25
C SER X 351 -145.69 -114.49 170.11
N THR X 352 -147.00 -114.55 170.38
CA THR X 352 -148.07 -114.39 169.38
C THR X 352 -147.99 -113.04 168.66
N GLY X 353 -148.25 -113.03 167.35
CA GLY X 353 -148.09 -111.88 166.47
C GLY X 353 -146.68 -111.69 165.88
N THR X 354 -145.69 -112.50 166.29
CA THR X 354 -144.31 -112.43 165.76
C THR X 354 -144.21 -113.09 164.39
N THR X 355 -143.61 -112.39 163.42
CA THR X 355 -143.33 -112.88 162.05
C THR X 355 -141.84 -113.18 161.88
N LYS X 356 -141.49 -114.30 161.23
CA LYS X 356 -140.12 -114.75 160.94
C LYS X 356 -139.99 -115.19 159.47
N ASN X 357 -138.78 -115.17 158.91
CA ASN X 357 -138.51 -115.54 157.53
C ASN X 357 -138.52 -117.07 157.30
N LEU X 358 -138.70 -117.48 156.04
CA LEU X 358 -138.55 -118.85 155.53
C LEU X 358 -137.45 -118.87 154.45
N SER X 359 -136.70 -119.96 154.34
CA SER X 359 -135.58 -120.12 153.38
C SER X 359 -136.01 -120.22 151.90
N ASP X 360 -137.31 -120.35 151.63
CA ASP X 360 -137.95 -120.40 150.31
C ASP X 360 -139.40 -119.88 150.43
N ASP X 361 -140.05 -119.53 149.31
CA ASP X 361 -141.45 -119.08 149.30
C ASP X 361 -142.42 -120.25 149.56
N ILE X 362 -143.37 -120.09 150.48
CA ILE X 362 -144.31 -121.16 150.85
C ILE X 362 -145.19 -121.62 149.65
N SER X 363 -145.39 -120.78 148.63
CA SER X 363 -146.12 -121.17 147.41
C SER X 363 -145.43 -122.28 146.59
N ASN X 364 -144.14 -122.55 146.86
CA ASN X 364 -143.40 -123.68 146.27
C ASN X 364 -143.74 -125.03 146.92
N TYR X 365 -144.66 -125.09 147.90
CA TYR X 365 -145.03 -126.30 148.65
C TYR X 365 -146.55 -126.55 148.69
N SER X 366 -146.97 -127.82 148.63
CA SER X 366 -148.38 -128.23 148.81
C SER X 366 -148.71 -128.68 150.24
N TYR X 367 -147.70 -129.01 151.05
CA TYR X 367 -147.86 -129.49 152.42
C TYR X 367 -146.79 -128.86 153.33
N VAL X 368 -147.01 -128.85 154.64
CA VAL X 368 -146.04 -128.35 155.64
C VAL X 368 -146.01 -129.25 156.86
N GLU X 369 -144.82 -129.45 157.42
CA GLU X 369 -144.63 -130.01 158.76
C GLU X 369 -144.16 -128.92 159.72
N VAL X 370 -144.89 -128.72 160.81
CA VAL X 370 -144.58 -127.78 161.89
C VAL X 370 -144.17 -128.60 163.11
N TYR X 371 -142.98 -128.36 163.65
CA TYR X 371 -142.44 -129.12 164.78
C TYR X 371 -142.53 -128.30 166.07
N THR X 372 -143.00 -128.96 167.12
CA THR X 372 -143.26 -128.35 168.43
C THR X 372 -142.54 -129.14 169.54
N THR X 373 -141.97 -128.43 170.51
CA THR X 373 -141.18 -129.01 171.59
C THR X 373 -141.76 -128.56 172.93
N HIS X 374 -142.08 -129.50 173.83
CA HIS X 374 -142.92 -129.22 175.01
C HIS X 374 -142.30 -129.68 176.32
N LYS X 375 -142.69 -128.99 177.40
CA LYS X 375 -142.58 -129.46 178.79
C LYS X 375 -143.98 -129.74 179.36
N THR X 376 -144.21 -130.97 179.82
CA THR X 376 -145.47 -131.37 180.49
C THR X 376 -145.62 -130.76 181.88
N THR X 377 -146.86 -130.69 182.36
CA THR X 377 -147.25 -130.08 183.65
C THR X 377 -146.55 -130.76 184.83
N GLU X 378 -146.54 -132.09 184.85
CA GLU X 378 -145.82 -132.90 185.85
C GLU X 378 -144.71 -133.73 185.19
N LYS X 379 -143.65 -134.06 185.95
CA LYS X 379 -142.59 -134.98 185.49
C LYS X 379 -143.11 -136.43 185.49
N THR X 380 -142.73 -137.20 184.49
CA THR X 380 -142.92 -138.65 184.42
C THR X 380 -141.53 -139.32 184.43
N LYS X 381 -141.28 -140.25 185.37
CA LYS X 381 -139.97 -140.88 185.62
C LYS X 381 -138.81 -139.87 185.73
N GLY X 382 -139.07 -138.71 186.32
CA GLY X 382 -138.10 -137.63 186.53
C GLY X 382 -137.84 -136.71 185.32
N ASN X 383 -138.60 -136.83 184.22
CA ASN X 383 -138.46 -136.01 183.02
C ASN X 383 -139.79 -135.35 182.63
N ASP X 384 -139.77 -134.11 182.14
CA ASP X 384 -140.95 -133.41 181.58
C ASP X 384 -140.80 -133.04 180.09
N ASN X 385 -139.64 -133.26 179.47
CA ASN X 385 -139.41 -132.99 178.04
C ASN X 385 -140.11 -134.06 177.17
N THR X 386 -140.91 -133.65 176.18
CA THR X 386 -141.67 -134.57 175.31
C THR X 386 -140.87 -135.16 174.14
N GLY X 387 -139.66 -134.63 173.87
CA GLY X 387 -139.10 -134.65 172.51
C GLY X 387 -139.81 -133.65 171.59
N THR X 388 -139.44 -133.61 170.31
CA THR X 388 -139.96 -132.62 169.34
C THR X 388 -140.90 -133.28 168.34
N ILE X 389 -142.16 -132.86 168.32
CA ILE X 389 -143.30 -133.54 167.68
C ILE X 389 -143.74 -132.84 166.40
N CYS X 390 -143.88 -133.60 165.32
CA CYS X 390 -144.40 -133.17 164.02
C CYS X 390 -145.92 -132.98 164.01
N HIS X 391 -146.38 -131.87 163.42
CA HIS X 391 -147.76 -131.66 162.95
C HIS X 391 -147.75 -131.43 161.44
N LYS X 392 -148.46 -132.24 160.67
CA LYS X 392 -148.46 -132.19 159.20
C LYS X 392 -149.79 -131.69 158.63
N PHE X 393 -149.73 -130.77 157.68
CA PHE X 393 -150.89 -130.13 157.05
C PHE X 393 -150.80 -130.11 155.52
N TYR X 394 -151.95 -130.11 154.85
CA TYR X 394 -152.08 -129.67 153.45
C TYR X 394 -152.32 -128.15 153.40
N LEU X 395 -151.59 -127.44 152.53
CA LEU X 395 -151.63 -125.97 152.42
C LEU X 395 -152.86 -125.50 151.62
N ASP X 396 -154.03 -125.70 152.20
CA ASP X 396 -155.36 -125.31 151.69
C ASP X 396 -155.62 -123.79 151.59
N GLY X 397 -154.69 -122.93 152.03
CA GLY X 397 -154.86 -121.48 152.07
C GLY X 397 -155.59 -120.94 153.31
N SER X 398 -155.77 -121.74 154.36
CA SER X 398 -156.30 -121.29 155.66
C SER X 398 -155.47 -120.15 156.26
N GLY X 399 -156.14 -119.16 156.87
CA GLY X 399 -155.49 -118.08 157.62
C GLY X 399 -154.86 -118.53 158.95
N THR X 400 -155.10 -119.78 159.38
CA THR X 400 -154.37 -120.40 160.50
C THR X 400 -154.26 -121.91 160.28
N TYR X 401 -153.09 -122.47 160.59
CA TYR X 401 -152.84 -123.91 160.69
C TYR X 401 -152.68 -124.25 162.16
N VAL X 402 -153.57 -125.11 162.67
CA VAL X 402 -153.74 -125.33 164.11
C VAL X 402 -153.06 -126.63 164.55
N CYS X 403 -151.87 -126.51 165.15
CA CYS X 403 -151.26 -127.59 165.91
C CYS X 403 -152.01 -127.67 167.25
N SER X 404 -152.67 -128.78 167.55
CA SER X 404 -153.43 -128.96 168.81
C SER X 404 -153.36 -130.41 169.26
N GLY X 405 -153.36 -130.64 170.58
CA GLY X 405 -153.22 -131.98 171.15
C GLY X 405 -153.24 -132.02 172.67
N THR X 406 -152.85 -133.16 173.24
CA THR X 406 -152.87 -133.43 174.67
C THR X 406 -151.60 -134.13 175.15
N PHE X 407 -151.35 -134.06 176.46
CA PHE X 407 -150.39 -134.91 177.16
C PHE X 407 -151.03 -135.51 178.42
N VAL X 408 -150.61 -136.72 178.77
CA VAL X 408 -150.81 -137.31 180.11
C VAL X 408 -149.49 -137.17 180.86
N SER X 409 -149.47 -136.66 182.09
CA SER X 409 -148.21 -136.43 182.84
C SER X 409 -148.30 -136.71 184.33
N GLY X 410 -147.14 -136.86 184.97
CA GLY X 410 -147.03 -137.41 186.32
C GLY X 410 -146.71 -138.91 186.31
N ASP X 411 -146.40 -139.44 187.48
CA ASP X 411 -146.27 -140.88 187.75
C ASP X 411 -147.46 -141.35 188.60
N ARG X 412 -148.06 -142.49 188.26
CA ARG X 412 -149.14 -143.08 189.04
C ARG X 412 -148.64 -143.54 190.41
N THR X 413 -149.39 -143.20 191.47
CA THR X 413 -149.19 -143.67 192.84
C THR X 413 -150.52 -144.16 193.43
N ASP X 414 -150.48 -144.83 194.58
CA ASP X 414 -151.69 -145.33 195.25
C ASP X 414 -152.67 -144.21 195.65
N THR X 415 -152.17 -142.99 195.85
CA THR X 415 -152.97 -141.81 196.25
C THR X 415 -153.28 -140.85 195.09
N LYS X 416 -152.58 -140.95 193.94
CA LYS X 416 -152.66 -139.96 192.86
C LYS X 416 -152.49 -140.60 191.46
N PRO X 417 -153.49 -140.53 190.57
CA PRO X 417 -153.35 -140.90 189.17
C PRO X 417 -152.62 -139.80 188.36
N PRO X 418 -152.05 -140.11 187.17
CA PRO X 418 -151.53 -139.12 186.24
C PRO X 418 -152.59 -138.07 185.84
N ILE X 419 -152.16 -136.83 185.64
CA ILE X 419 -153.01 -135.72 185.18
C ILE X 419 -153.03 -135.60 183.64
N THR X 420 -154.01 -134.87 183.11
CA THR X 420 -154.13 -134.58 181.66
C THR X 420 -154.07 -133.08 181.39
N GLU X 421 -153.56 -132.71 180.21
CA GLU X 421 -153.51 -131.32 179.73
C GLU X 421 -153.74 -131.25 178.21
N PHE X 422 -154.15 -130.07 177.74
CA PHE X 422 -154.34 -129.72 176.34
C PHE X 422 -153.39 -128.57 175.95
N TYR X 423 -152.96 -128.54 174.68
CA TYR X 423 -152.14 -127.46 174.13
C TYR X 423 -152.58 -127.08 172.71
N ARG X 424 -152.26 -125.84 172.30
CA ARG X 424 -152.41 -125.36 170.92
C ARG X 424 -151.34 -124.35 170.54
N VAL X 425 -150.90 -124.36 169.28
CA VAL X 425 -150.29 -123.20 168.61
C VAL X 425 -150.86 -123.07 167.19
N GLY X 426 -151.23 -121.85 166.81
CA GLY X 426 -151.72 -121.52 165.47
C GLY X 426 -150.65 -120.75 164.70
N VAL X 427 -150.34 -121.18 163.47
CA VAL X 427 -149.34 -120.53 162.60
C VAL X 427 -149.95 -120.14 161.25
N SER X 428 -149.41 -119.13 160.60
CA SER X 428 -149.79 -118.73 159.24
C SER X 428 -148.56 -118.50 158.37
N PHE X 429 -148.74 -118.54 157.05
CA PHE X 429 -147.66 -118.41 156.07
C PHE X 429 -148.02 -117.39 154.97
N LYS X 430 -147.04 -116.60 154.52
CA LYS X 430 -147.20 -115.64 153.42
C LYS X 430 -145.85 -115.38 152.74
N GLY X 431 -145.74 -115.76 151.46
CA GLY X 431 -144.48 -115.70 150.72
C GLY X 431 -143.33 -116.42 151.43
N SER X 432 -142.16 -115.79 151.51
CA SER X 432 -141.01 -116.27 152.30
C SER X 432 -141.08 -115.90 153.80
N THR X 433 -142.28 -115.90 154.41
CA THR X 433 -142.47 -115.58 155.84
C THR X 433 -143.53 -116.47 156.51
N TRP X 434 -143.40 -116.65 157.84
CA TRP X 434 -144.38 -117.31 158.70
C TRP X 434 -144.64 -116.48 159.96
N THR X 435 -145.82 -116.64 160.57
CA THR X 435 -146.22 -115.89 161.77
C THR X 435 -146.82 -116.83 162.80
N LEU X 436 -146.44 -116.68 164.08
CA LEU X 436 -147.09 -117.38 165.19
C LEU X 436 -148.35 -116.61 165.59
N VAL X 437 -149.53 -117.05 165.13
CA VAL X 437 -150.78 -116.29 165.22
C VAL X 437 -151.38 -116.32 166.63
N ASP X 438 -151.42 -117.50 167.26
CA ASP X 438 -152.10 -117.70 168.55
C ASP X 438 -151.55 -118.94 169.29
N SER X 439 -151.88 -119.09 170.57
CA SER X 439 -151.58 -120.31 171.33
C SER X 439 -152.50 -120.51 172.53
N ALA X 440 -152.52 -121.73 173.06
CA ALA X 440 -153.08 -122.05 174.37
C ALA X 440 -152.17 -123.03 175.12
N VAL X 441 -151.89 -122.75 176.39
CA VAL X 441 -151.06 -123.57 177.29
C VAL X 441 -151.75 -123.68 178.65
N GLN X 442 -151.71 -124.86 179.28
CA GLN X 442 -152.40 -125.17 180.54
C GLN X 442 -151.45 -125.31 181.76
N ASN X 443 -150.18 -124.92 181.62
CA ASN X 443 -149.17 -124.95 182.67
C ASN X 443 -148.23 -123.72 182.59
N SER X 444 -147.45 -123.46 183.64
CA SER X 444 -146.57 -122.30 183.75
C SER X 444 -145.25 -122.39 182.95
N LYS X 445 -144.96 -123.53 182.31
CA LYS X 445 -143.71 -123.79 181.58
C LYS X 445 -143.78 -123.30 180.13
N THR X 446 -142.62 -122.97 179.55
CA THR X 446 -142.51 -122.52 178.15
C THR X 446 -142.66 -123.68 177.17
N GLN X 447 -143.42 -123.48 176.09
CA GLN X 447 -143.63 -124.42 174.98
C GLN X 447 -143.15 -123.75 173.67
N TYR X 448 -142.56 -124.48 172.72
CA TYR X 448 -141.89 -123.88 171.57
C TYR X 448 -142.32 -124.45 170.20
N VAL X 449 -142.41 -123.60 169.18
CA VAL X 449 -142.26 -123.99 167.77
C VAL X 449 -140.77 -123.99 167.44
N THR X 450 -140.25 -125.07 166.84
CA THR X 450 -138.79 -125.28 166.72
C THR X 450 -138.28 -125.60 165.32
N ARG X 451 -139.10 -126.18 164.43
CA ARG X 451 -138.73 -126.44 163.02
C ARG X 451 -139.95 -126.29 162.10
N ILE X 452 -139.75 -125.82 160.88
CA ILE X 452 -140.78 -125.80 159.82
C ILE X 452 -140.17 -126.40 158.55
N ILE X 453 -140.79 -127.46 158.02
CA ILE X 453 -140.34 -128.14 156.80
C ILE X 453 -141.43 -128.03 155.73
N GLY X 454 -141.10 -127.45 154.58
CA GLY X 454 -141.99 -127.41 153.42
C GLY X 454 -141.95 -128.74 152.68
N ILE X 455 -143.10 -129.29 152.31
CA ILE X 455 -143.23 -130.65 151.73
C ILE X 455 -144.00 -130.58 150.41
N ASN X 456 -143.59 -131.40 149.45
CA ASN X 456 -144.31 -131.68 148.22
C ASN X 456 -144.59 -133.18 148.08
N MET X 457 -145.86 -133.53 147.82
CA MET X 457 -146.30 -134.90 147.49
C MET X 457 -147.06 -134.87 146.15
N PRO X 458 -146.34 -134.70 145.03
CA PRO X 458 -146.91 -134.39 143.71
C PRO X 458 -147.76 -135.51 143.09
N MET Y 1 -69.99 -155.68 36.14
CA MET Y 1 -69.11 -155.00 35.17
C MET Y 1 -67.79 -155.76 34.99
N ALA Y 2 -67.21 -155.78 33.78
CA ALA Y 2 -65.89 -156.38 33.51
C ALA Y 2 -65.41 -156.07 32.08
N LEU Y 3 -64.15 -155.65 31.92
CA LEU Y 3 -63.50 -155.54 30.62
C LEU Y 3 -63.19 -156.94 30.02
N ASN Y 4 -63.50 -157.14 28.74
CA ASN Y 4 -62.98 -158.25 27.94
C ASN Y 4 -61.72 -157.80 27.20
N PHE Y 5 -60.55 -158.34 27.56
CA PHE Y 5 -59.26 -157.95 26.98
C PHE Y 5 -58.40 -159.18 26.66
N THR Y 6 -57.72 -159.16 25.51
CA THR Y 6 -56.71 -160.16 25.11
C THR Y 6 -55.35 -159.49 24.93
N THR Y 7 -54.31 -160.00 25.61
CA THR Y 7 -52.94 -159.44 25.56
C THR Y 7 -52.39 -159.40 24.13
N ILE Y 8 -51.85 -158.25 23.74
CA ILE Y 8 -51.34 -157.99 22.39
C ILE Y 8 -49.83 -158.22 22.38
N THR Y 9 -49.32 -158.79 21.29
CA THR Y 9 -47.94 -159.27 21.17
C THR Y 9 -47.29 -158.75 19.87
N GLU Y 10 -45.96 -158.89 19.73
CA GLU Y 10 -45.22 -158.46 18.54
C GLU Y 10 -45.66 -159.15 17.23
N ASN Y 11 -46.36 -160.29 17.31
CA ASN Y 11 -46.96 -160.96 16.16
C ASN Y 11 -48.32 -160.39 15.73
N ASN Y 12 -49.02 -159.62 16.59
CA ASN Y 12 -50.33 -159.06 16.29
C ASN Y 12 -50.23 -157.87 15.33
N VAL Y 13 -51.06 -157.86 14.29
CA VAL Y 13 -51.20 -156.74 13.34
C VAL Y 13 -51.99 -155.58 13.93
N ILE Y 14 -51.89 -154.38 13.33
CA ILE Y 14 -52.55 -153.15 13.84
C ILE Y 14 -54.07 -153.30 14.02
N ARG Y 15 -54.75 -154.10 13.18
CA ARG Y 15 -56.17 -154.45 13.34
C ARG Y 15 -56.50 -155.05 14.72
N ASP Y 16 -55.68 -155.99 15.21
CA ASP Y 16 -55.90 -156.64 16.51
C ASP Y 16 -55.79 -155.64 17.66
N LEU Y 17 -54.80 -154.74 17.57
CA LEU Y 17 -54.63 -153.62 18.49
C LEU Y 17 -55.82 -152.65 18.44
N THR Y 18 -56.33 -152.30 17.25
CA THR Y 18 -57.57 -151.51 17.10
C THR Y 18 -58.75 -152.19 17.80
N THR Y 19 -58.92 -153.51 17.64
CA THR Y 19 -60.00 -154.26 18.33
C THR Y 19 -59.91 -154.15 19.85
N GLN Y 20 -58.72 -154.33 20.45
CA GLN Y 20 -58.60 -154.22 21.90
C GLN Y 20 -58.79 -152.79 22.41
N VAL Y 21 -58.33 -151.78 21.68
CA VAL Y 21 -58.61 -150.37 22.01
C VAL Y 21 -60.12 -150.08 21.95
N ASN Y 22 -60.84 -150.62 20.95
CA ASN Y 22 -62.30 -150.56 20.92
C ASN Y 22 -62.93 -151.26 22.14
N ASN Y 23 -62.47 -152.45 22.53
CA ASN Y 23 -62.99 -153.14 23.72
C ASN Y 23 -62.86 -152.29 25.00
N ILE Y 24 -61.69 -151.67 25.22
CA ILE Y 24 -61.47 -150.77 26.37
C ILE Y 24 -62.36 -149.53 26.28
N GLY Y 25 -62.37 -148.85 25.14
CA GLY Y 25 -63.16 -147.64 24.93
C GLY Y 25 -64.66 -147.87 25.11
N GLU Y 26 -65.19 -148.98 24.60
CA GLU Y 26 -66.60 -149.37 24.75
C GLU Y 26 -66.97 -149.65 26.22
N GLU Y 27 -66.20 -150.46 26.95
CA GLU Y 27 -66.52 -150.79 28.36
C GLU Y 27 -66.52 -149.54 29.26
N LEU Y 28 -65.63 -148.59 28.98
CA LEU Y 28 -65.52 -147.31 29.69
C LEU Y 28 -66.53 -146.24 29.23
N THR Y 29 -67.30 -146.45 28.15
CA THR Y 29 -68.25 -145.44 27.62
C THR Y 29 -69.68 -145.93 27.36
N LYS Y 30 -69.97 -147.22 27.56
CA LYS Y 30 -71.33 -147.79 27.46
C LYS Y 30 -72.34 -147.16 28.42
N GLU Y 31 -73.63 -147.43 28.21
CA GLU Y 31 -74.70 -147.05 29.14
C GLU Y 31 -74.48 -147.69 30.52
N ARG Y 32 -74.58 -146.89 31.60
CA ARG Y 32 -74.26 -147.30 32.98
C ARG Y 32 -72.87 -147.92 33.14
N ASN Y 33 -71.86 -147.25 32.58
CA ASN Y 33 -70.44 -147.58 32.75
C ASN Y 33 -69.94 -147.34 34.20
N ILE Y 34 -68.69 -147.72 34.47
CA ILE Y 34 -68.02 -147.64 35.78
C ILE Y 34 -68.02 -146.23 36.39
N PHE Y 35 -67.89 -145.19 35.57
CA PHE Y 35 -67.92 -143.81 36.03
C PHE Y 35 -69.30 -143.41 36.54
N ASP Y 36 -70.35 -143.71 35.77
CA ASP Y 36 -71.74 -143.44 36.15
C ASP Y 36 -72.13 -144.16 37.46
N ILE Y 37 -71.81 -145.44 37.58
CA ILE Y 37 -72.12 -146.22 38.79
C ILE Y 37 -71.37 -145.68 40.02
N THR Y 38 -70.14 -145.18 39.84
CA THR Y 38 -69.38 -144.57 40.94
C THR Y 38 -69.93 -143.20 41.35
N ASP Y 39 -70.36 -142.37 40.41
CA ASP Y 39 -71.06 -141.11 40.73
C ASP Y 39 -72.42 -141.37 41.41
N ASP Y 40 -73.16 -142.42 41.02
CA ASP Y 40 -74.35 -142.88 41.75
C ASP Y 40 -74.03 -143.31 43.19
N LEU Y 41 -72.94 -144.05 43.42
CA LEU Y 41 -72.50 -144.44 44.76
C LEU Y 41 -72.19 -143.21 45.64
N VAL Y 42 -71.46 -142.22 45.11
CA VAL Y 42 -71.18 -140.97 45.84
C VAL Y 42 -72.47 -140.23 46.22
N TYR Y 43 -73.44 -140.12 45.31
CA TYR Y 43 -74.72 -139.47 45.61
C TYR Y 43 -75.54 -140.21 46.68
N ASN Y 44 -75.69 -141.53 46.55
CA ASN Y 44 -76.44 -142.33 47.52
C ASN Y 44 -75.76 -142.39 48.90
N PHE Y 45 -74.43 -142.52 48.94
CA PHE Y 45 -73.68 -142.53 50.20
C PHE Y 45 -73.85 -141.23 51.00
N ASN Y 46 -73.98 -140.08 50.35
CA ASN Y 46 -74.20 -138.80 51.02
C ASN Y 46 -75.56 -138.69 51.76
N LYS Y 47 -76.59 -139.39 51.27
CA LYS Y 47 -77.89 -139.48 51.98
C LYS Y 47 -77.83 -140.38 53.23
N SER Y 48 -76.95 -141.39 53.20
CA SER Y 48 -76.86 -142.43 54.22
C SER Y 48 -76.46 -141.94 55.63
N GLN Y 49 -76.70 -142.79 56.62
CA GLN Y 49 -76.30 -142.59 58.02
C GLN Y 49 -74.80 -142.87 58.20
N LYS Y 50 -73.96 -141.82 58.13
CA LYS Y 50 -72.49 -141.93 58.10
C LYS Y 50 -71.83 -142.29 59.45
N ILE Y 51 -72.56 -142.27 60.57
CA ILE Y 51 -72.06 -142.70 61.90
C ILE Y 51 -72.87 -143.87 62.46
N LYS Y 52 -72.19 -144.79 63.14
CA LYS Y 52 -72.76 -146.03 63.68
C LYS Y 52 -73.65 -145.79 64.90
N LEU Y 53 -74.85 -146.37 64.90
CA LEU Y 53 -75.74 -146.52 66.07
C LEU Y 53 -75.73 -147.98 66.61
N THR Y 54 -75.30 -148.94 65.81
CA THR Y 54 -75.06 -150.36 66.15
C THR Y 54 -73.68 -150.77 65.63
N ASP Y 55 -73.17 -151.95 66.00
CA ASP Y 55 -72.07 -152.54 65.22
C ASP Y 55 -72.54 -152.98 63.81
N ASP Y 56 -71.60 -153.44 62.98
CA ASP Y 56 -71.86 -153.89 61.59
C ASP Y 56 -72.74 -155.15 61.47
N LYS Y 57 -73.06 -155.83 62.58
CA LYS Y 57 -73.95 -157.01 62.64
C LYS Y 57 -75.34 -156.68 63.21
N GLY Y 58 -75.57 -155.45 63.66
CA GLY Y 58 -76.80 -155.06 64.36
C GLY Y 58 -76.80 -155.43 65.85
N LEU Y 59 -75.63 -155.57 66.46
CA LEU Y 59 -75.45 -155.72 67.91
C LEU Y 59 -75.07 -154.36 68.53
N THR Y 60 -74.91 -154.33 69.86
CA THR Y 60 -74.41 -153.14 70.56
C THR Y 60 -73.02 -152.73 70.09
N LYS Y 61 -72.77 -151.41 70.06
CA LYS Y 61 -71.46 -150.80 69.83
C LYS Y 61 -70.49 -151.15 70.96
N SER Y 62 -69.21 -151.25 70.63
CA SER Y 62 -68.12 -151.26 71.61
C SER Y 62 -67.86 -149.86 72.19
N TYR Y 63 -67.19 -149.80 73.34
CA TYR Y 63 -66.74 -148.57 74.00
C TYR Y 63 -65.29 -148.72 74.46
N GLY Y 64 -64.58 -147.60 74.62
CA GLY Y 64 -63.22 -147.56 75.13
C GLY Y 64 -63.16 -147.79 76.65
N ASN Y 65 -62.01 -147.50 77.26
CA ASN Y 65 -61.85 -147.55 78.72
C ASN Y 65 -62.72 -146.45 79.38
N ILE Y 66 -63.57 -146.82 80.33
CA ILE Y 66 -64.49 -145.92 81.04
C ILE Y 66 -64.34 -146.02 82.57
N THR Y 67 -64.56 -144.91 83.25
CA THR Y 67 -64.66 -144.79 84.72
C THR Y 67 -66.11 -144.64 85.18
N ALA Y 68 -66.98 -144.19 84.29
CA ALA Y 68 -68.37 -143.83 84.57
C ALA Y 68 -69.24 -144.01 83.30
N LEU Y 69 -70.53 -144.27 83.45
CA LEU Y 69 -71.48 -144.36 82.34
C LEU Y 69 -71.54 -143.06 81.53
N ARG Y 70 -71.33 -141.90 82.18
CA ARG Y 70 -71.23 -140.58 81.53
C ARG Y 70 -70.07 -140.44 80.55
N ASP Y 71 -69.10 -141.37 80.57
CA ASP Y 71 -67.97 -141.38 79.63
C ASP Y 71 -68.38 -141.88 78.23
N ILE Y 72 -69.50 -142.62 78.11
CA ILE Y 72 -70.07 -143.02 76.82
C ILE Y 72 -70.99 -141.91 76.29
N LYS Y 73 -70.44 -140.99 75.49
CA LYS Y 73 -71.16 -139.84 74.91
C LYS Y 73 -71.47 -139.94 73.42
N GLU Y 74 -70.90 -140.91 72.70
CA GLU Y 74 -71.36 -141.21 71.34
C GLU Y 74 -72.79 -141.79 71.35
N PRO Y 75 -73.66 -141.43 70.39
CA PRO Y 75 -75.01 -142.00 70.30
C PRO Y 75 -74.99 -143.48 69.91
N GLY Y 76 -76.07 -144.21 70.24
CA GLY Y 76 -76.23 -145.64 69.95
C GLY Y 76 -76.46 -146.51 71.20
N TYR Y 77 -76.33 -147.82 71.03
CA TYR Y 77 -76.61 -148.83 72.05
C TYR Y 77 -75.34 -149.56 72.53
N TYR Y 78 -75.15 -149.70 73.84
CA TYR Y 78 -73.95 -150.32 74.45
C TYR Y 78 -74.35 -151.34 75.53
N TYR Y 79 -73.78 -152.55 75.51
CA TYR Y 79 -74.01 -153.56 76.55
C TYR Y 79 -72.97 -153.43 77.68
N ILE Y 80 -73.42 -153.47 78.93
CA ILE Y 80 -72.53 -153.38 80.10
C ILE Y 80 -72.87 -154.53 81.07
N GLY Y 81 -71.87 -155.35 81.38
CA GLY Y 81 -72.03 -156.49 82.30
C GLY Y 81 -72.09 -156.06 83.76
N ALA Y 82 -72.78 -156.84 84.61
CA ALA Y 82 -72.98 -156.53 86.03
C ALA Y 82 -71.67 -156.22 86.79
N ARG Y 83 -70.61 -156.99 86.53
CA ARG Y 83 -69.28 -156.83 87.16
C ARG Y 83 -68.59 -155.53 86.75
N THR Y 84 -68.83 -155.04 85.53
CA THR Y 84 -68.37 -153.72 85.10
C THR Y 84 -69.22 -152.62 85.75
N LEU Y 85 -70.55 -152.70 85.64
CA LEU Y 85 -71.50 -151.71 86.17
C LEU Y 85 -71.29 -151.44 87.67
N ALA Y 86 -71.04 -152.49 88.46
CA ALA Y 86 -70.74 -152.39 89.89
C ALA Y 86 -69.56 -151.48 90.24
N THR Y 87 -68.63 -151.26 89.30
CA THR Y 87 -67.41 -150.45 89.48
C THR Y 87 -67.53 -149.01 88.96
N LEU Y 88 -68.59 -148.69 88.20
CA LEU Y 88 -68.76 -147.36 87.59
C LEU Y 88 -69.19 -146.31 88.63
N LEU Y 89 -68.53 -145.15 88.64
CA LEU Y 89 -68.67 -144.13 89.70
C LEU Y 89 -70.07 -143.49 89.79
N ASP Y 90 -70.84 -143.53 88.71
CA ASP Y 90 -72.16 -142.92 88.57
C ASP Y 90 -73.28 -143.96 88.34
N ARG Y 91 -73.04 -145.23 88.70
CA ARG Y 91 -74.06 -146.29 88.62
C ARG Y 91 -75.30 -145.93 89.46
N PRO Y 92 -76.51 -146.35 89.06
CA PRO Y 92 -77.72 -146.16 89.88
C PRO Y 92 -77.68 -146.96 91.18
N ASP Y 93 -78.39 -146.49 92.21
CA ASP Y 93 -78.51 -147.15 93.53
C ASP Y 93 -79.41 -148.41 93.47
N MET Y 94 -78.88 -149.49 92.89
CA MET Y 94 -79.58 -150.76 92.71
C MET Y 94 -78.63 -151.98 92.75
N GLU Y 95 -79.23 -153.16 92.86
CA GLU Y 95 -78.55 -154.45 92.64
C GLU Y 95 -77.78 -154.48 91.31
N SER Y 96 -76.57 -155.03 91.31
CA SER Y 96 -75.76 -155.10 90.08
C SER Y 96 -76.32 -156.17 89.13
N LEU Y 97 -76.70 -155.73 87.93
CA LEU Y 97 -77.27 -156.55 86.86
C LEU Y 97 -76.60 -156.19 85.53
N ASP Y 98 -76.68 -157.07 84.55
CA ASP Y 98 -76.36 -156.67 83.18
C ASP Y 98 -77.37 -155.61 82.71
N VAL Y 99 -76.89 -154.63 81.94
CA VAL Y 99 -77.70 -153.52 81.44
C VAL Y 99 -77.36 -153.21 79.99
N VAL Y 100 -78.32 -152.63 79.27
CA VAL Y 100 -78.04 -151.90 78.02
C VAL Y 100 -78.22 -150.40 78.24
N LEU Y 101 -77.24 -149.64 77.76
CA LEU Y 101 -77.21 -148.19 77.77
C LEU Y 101 -77.59 -147.71 76.36
N HIS Y 102 -78.62 -146.88 76.25
CA HIS Y 102 -78.96 -146.15 75.03
C HIS Y 102 -78.59 -144.68 75.22
N VAL Y 103 -77.74 -144.17 74.33
CA VAL Y 103 -77.24 -142.79 74.37
C VAL Y 103 -77.93 -141.97 73.28
N VAL Y 104 -78.59 -140.89 73.68
CA VAL Y 104 -79.34 -139.97 72.80
C VAL Y 104 -78.52 -138.68 72.61
N PRO Y 105 -78.25 -138.28 71.36
CA PRO Y 105 -77.41 -137.14 71.06
C PRO Y 105 -78.14 -135.81 71.33
N LEU Y 106 -77.37 -134.72 71.44
CA LEU Y 106 -77.85 -133.34 71.64
C LEU Y 106 -77.18 -132.38 70.64
N ASP Y 107 -77.23 -131.07 70.91
CA ASP Y 107 -76.58 -130.01 70.12
C ASP Y 107 -75.03 -130.08 70.13
N THR Y 108 -74.43 -130.83 71.06
CA THR Y 108 -72.98 -130.91 71.33
C THR Y 108 -72.59 -132.32 71.78
N SER Y 109 -71.35 -132.74 71.53
CA SER Y 109 -70.83 -134.06 71.96
C SER Y 109 -70.49 -134.13 73.46
N SER Y 110 -70.48 -133.00 74.18
CA SER Y 110 -70.25 -132.92 75.64
C SER Y 110 -71.50 -133.16 76.49
N LYS Y 111 -72.71 -133.16 75.91
CA LYS Y 111 -73.98 -133.40 76.60
C LYS Y 111 -74.70 -134.60 75.97
N VAL Y 112 -75.42 -135.39 76.77
CA VAL Y 112 -76.30 -136.48 76.27
C VAL Y 112 -77.50 -136.70 77.19
N VAL Y 113 -78.56 -137.32 76.67
CA VAL Y 113 -79.53 -138.05 77.50
C VAL Y 113 -79.16 -139.53 77.46
N GLN Y 114 -79.22 -140.21 78.60
CA GLN Y 114 -78.94 -141.64 78.71
C GLN Y 114 -80.17 -142.38 79.24
N HIS Y 115 -80.51 -143.51 78.61
CA HIS Y 115 -81.47 -144.48 79.12
C HIS Y 115 -80.74 -145.78 79.48
N LEU Y 116 -81.10 -146.39 80.61
CA LEU Y 116 -80.51 -147.64 81.09
C LEU Y 116 -81.62 -148.68 81.35
N TYR Y 117 -81.44 -149.89 80.84
CA TYR Y 117 -82.41 -150.97 80.97
C TYR Y 117 -81.75 -152.24 81.51
N THR Y 118 -82.26 -152.81 82.60
CA THR Y 118 -81.72 -154.03 83.23
C THR Y 118 -82.16 -155.30 82.52
N LEU Y 119 -81.22 -156.20 82.26
CA LEU Y 119 -81.41 -157.43 81.48
C LEU Y 119 -81.74 -158.65 82.35
N SER Y 120 -82.92 -158.62 82.98
CA SER Y 120 -83.44 -159.74 83.81
C SER Y 120 -84.85 -160.12 83.37
N THR Y 121 -85.12 -161.43 83.29
CA THR Y 121 -86.48 -161.95 83.08
C THR Y 121 -87.34 -161.90 84.36
N ASN Y 122 -86.74 -161.70 85.54
CA ASN Y 122 -87.48 -161.54 86.79
C ASN Y 122 -88.21 -160.18 86.82
N ASN Y 123 -89.53 -160.21 86.95
CA ASN Y 123 -90.37 -159.00 86.91
C ASN Y 123 -90.10 -158.02 88.07
N ASN Y 124 -89.54 -158.49 89.19
CA ASN Y 124 -89.13 -157.62 90.30
C ASN Y 124 -87.79 -156.89 90.04
N GLN Y 125 -86.97 -157.41 89.12
CA GLN Y 125 -85.65 -156.85 88.79
C GLN Y 125 -85.65 -155.95 87.56
N ILE Y 126 -86.54 -156.19 86.59
CA ILE Y 126 -86.59 -155.39 85.36
C ILE Y 126 -86.97 -153.93 85.64
N LYS Y 127 -86.05 -153.01 85.35
CA LYS Y 127 -86.08 -151.58 85.65
C LYS Y 127 -85.66 -150.77 84.41
N MET Y 128 -86.34 -149.66 84.17
CA MET Y 128 -86.00 -148.64 83.19
C MET Y 128 -85.57 -147.38 83.94
N LEU Y 129 -84.43 -146.80 83.58
CA LEU Y 129 -83.91 -145.59 84.17
C LEU Y 129 -83.52 -144.58 83.08
N TYR Y 130 -83.58 -143.29 83.36
CA TYR Y 130 -83.02 -142.27 82.48
C TYR Y 130 -82.38 -141.10 83.25
N ARG Y 131 -81.51 -140.35 82.57
CA ARG Y 131 -80.89 -139.11 83.11
C ARG Y 131 -80.42 -138.17 82.01
N PHE Y 132 -80.17 -136.91 82.40
CA PHE Y 132 -79.46 -135.92 81.60
C PHE Y 132 -78.00 -135.80 82.06
N VAL Y 133 -77.06 -135.72 81.13
CA VAL Y 133 -75.61 -135.58 81.36
C VAL Y 133 -75.08 -134.34 80.63
N SER Y 134 -74.23 -133.56 81.31
CA SER Y 134 -73.59 -132.36 80.77
C SER Y 134 -72.14 -132.27 81.28
N GLY Y 135 -71.17 -132.52 80.40
CA GLY Y 135 -69.76 -132.67 80.78
C GLY Y 135 -69.55 -133.84 81.75
N ASN Y 136 -69.03 -133.57 82.94
CA ASN Y 136 -68.95 -134.54 84.04
C ASN Y 136 -70.20 -134.54 84.96
N SER Y 137 -71.05 -133.51 84.90
CA SER Y 137 -72.26 -133.40 85.72
C SER Y 137 -73.44 -134.17 85.13
N SER Y 138 -74.42 -134.51 85.97
CA SER Y 138 -75.68 -135.14 85.54
C SER Y 138 -76.80 -134.86 86.56
N SER Y 139 -78.05 -135.09 86.17
CA SER Y 139 -79.10 -135.39 87.16
C SER Y 139 -78.78 -136.69 87.90
N GLU Y 140 -79.53 -137.02 88.95
CA GLU Y 140 -79.61 -138.42 89.41
C GLU Y 140 -80.32 -139.29 88.37
N TRP Y 141 -80.17 -140.61 88.48
CA TRP Y 141 -80.97 -141.56 87.72
C TRP Y 141 -82.45 -141.50 88.15
N GLN Y 142 -83.33 -141.27 87.19
CA GLN Y 142 -84.77 -141.28 87.38
C GLN Y 142 -85.31 -142.70 87.10
N PHE Y 143 -85.72 -143.42 88.14
CA PHE Y 143 -86.26 -144.77 88.03
C PHE Y 143 -87.72 -144.73 87.58
N ILE Y 144 -88.06 -145.43 86.49
CA ILE Y 144 -89.44 -145.53 86.02
C ILE Y 144 -90.03 -146.86 86.50
N GLN Y 145 -91.07 -146.78 87.35
CA GLN Y 145 -91.82 -147.97 87.77
C GLN Y 145 -92.74 -148.48 86.67
N GLY Y 146 -92.78 -149.79 86.48
CA GLY Y 146 -93.66 -150.46 85.53
C GLY Y 146 -94.58 -151.48 86.19
N LEU Y 147 -95.77 -151.65 85.63
CA LEU Y 147 -96.75 -152.65 86.06
C LEU Y 147 -96.61 -153.94 85.23
N PRO Y 148 -96.16 -155.07 85.79
CA PRO Y 148 -96.00 -156.31 85.04
C PRO Y 148 -97.37 -156.83 84.57
N SER Y 149 -97.52 -157.01 83.25
CA SER Y 149 -98.79 -157.34 82.58
C SER Y 149 -99.98 -156.45 83.00
N ASN Y 150 -99.72 -155.17 83.30
CA ASN Y 150 -100.71 -154.20 83.76
C ASN Y 150 -101.37 -154.57 85.12
N LYS Y 151 -100.64 -155.25 86.01
CA LYS Y 151 -101.05 -155.58 87.39
C LYS Y 151 -100.03 -154.99 88.39
N ASN Y 152 -100.43 -154.73 89.63
CA ASN Y 152 -99.51 -154.44 90.72
C ASN Y 152 -98.58 -155.64 90.97
N ALA Y 153 -97.31 -155.37 91.25
CA ALA Y 153 -96.33 -156.41 91.54
C ALA Y 153 -96.67 -157.16 92.85
N VAL Y 154 -96.38 -158.48 92.87
CA VAL Y 154 -96.67 -159.36 94.00
C VAL Y 154 -95.38 -159.62 94.79
N ILE Y 155 -95.42 -159.39 96.10
CA ILE Y 155 -94.30 -159.63 97.03
C ILE Y 155 -94.68 -160.74 98.02
N SER Y 156 -93.74 -161.65 98.27
CA SER Y 156 -93.92 -162.81 99.16
C SER Y 156 -92.56 -163.32 99.69
N GLY Y 157 -92.57 -164.13 100.75
CA GLY Y 157 -91.34 -164.76 101.27
C GLY Y 157 -90.36 -163.80 101.95
N THR Y 158 -90.82 -162.63 102.40
CA THR Y 158 -90.03 -161.61 103.09
C THR Y 158 -90.85 -160.97 104.22
N ASN Y 159 -90.19 -160.31 105.17
CA ASN Y 159 -90.86 -159.45 106.15
C ASN Y 159 -91.40 -158.20 105.44
N ILE Y 160 -92.64 -157.79 105.71
CA ILE Y 160 -93.25 -156.60 105.07
C ILE Y 160 -92.48 -155.30 105.39
N LEU Y 161 -91.81 -155.24 106.55
CA LEU Y 161 -91.00 -154.10 106.98
C LEU Y 161 -89.64 -154.00 106.24
N ASP Y 162 -89.22 -155.07 105.54
CA ASP Y 162 -87.98 -155.08 104.75
C ASP Y 162 -88.19 -154.58 103.30
N ILE Y 163 -89.43 -154.35 102.87
CA ILE Y 163 -89.72 -153.70 101.58
C ILE Y 163 -89.29 -152.23 101.67
N ALA Y 164 -88.49 -151.76 100.71
CA ALA Y 164 -87.88 -150.41 100.74
C ALA Y 164 -88.07 -149.59 99.46
N SER Y 165 -88.48 -150.20 98.34
CA SER Y 165 -88.87 -149.46 97.12
C SER Y 165 -90.30 -148.93 97.26
N PRO Y 166 -90.57 -147.62 97.05
CA PRO Y 166 -91.92 -147.07 97.05
C PRO Y 166 -92.88 -147.74 96.06
N GLY Y 167 -94.18 -147.47 96.18
CA GLY Y 167 -95.22 -147.91 95.25
C GLY Y 167 -96.27 -148.82 95.88
N VAL Y 168 -97.19 -149.32 95.06
CA VAL Y 168 -98.30 -150.17 95.50
C VAL Y 168 -98.10 -151.63 95.08
N TYR Y 169 -98.12 -152.54 96.06
CA TYR Y 169 -97.82 -153.96 95.92
C TYR Y 169 -98.96 -154.81 96.48
N PHE Y 170 -99.14 -156.02 95.95
CA PHE Y 170 -99.90 -157.04 96.67
C PHE Y 170 -98.94 -157.88 97.49
N VAL Y 171 -99.17 -157.97 98.80
CA VAL Y 171 -98.33 -158.73 99.73
C VAL Y 171 -99.08 -159.99 100.19
N MET Y 172 -98.41 -161.15 100.10
CA MET Y 172 -98.98 -162.45 100.53
C MET Y 172 -97.87 -163.39 101.00
N GLY Y 173 -98.15 -164.32 101.92
CA GLY Y 173 -97.15 -165.28 102.40
C GLY Y 173 -95.90 -164.62 103.03
N MET Y 174 -96.07 -163.48 103.70
CA MET Y 174 -95.00 -162.72 104.34
C MET Y 174 -94.46 -163.45 105.57
N THR Y 175 -93.14 -163.39 105.81
CA THR Y 175 -92.48 -164.11 106.92
C THR Y 175 -92.69 -163.45 108.28
N GLY Y 176 -93.08 -162.17 108.30
CA GLY Y 176 -93.30 -161.42 109.53
C GLY Y 176 -93.68 -159.96 109.27
N GLY Y 177 -93.90 -159.23 110.36
CA GLY Y 177 -94.24 -157.80 110.36
C GLY Y 177 -95.68 -157.46 110.00
N MET Y 178 -96.52 -158.43 109.61
CA MET Y 178 -97.94 -158.21 109.30
C MET Y 178 -98.76 -157.81 110.55
N PRO Y 179 -99.89 -157.11 110.39
CA PRO Y 179 -100.87 -156.96 111.46
C PRO Y 179 -101.45 -158.31 111.92
N SER Y 180 -101.99 -158.36 113.14
CA SER Y 180 -102.57 -159.57 113.73
C SER Y 180 -103.72 -160.13 112.85
N GLY Y 181 -103.55 -161.37 112.36
CA GLY Y 181 -104.55 -162.08 111.55
C GLY Y 181 -104.59 -161.73 110.06
N VAL Y 182 -103.80 -160.76 109.58
CA VAL Y 182 -103.77 -160.38 108.14
C VAL Y 182 -102.76 -161.24 107.38
N SER Y 183 -103.23 -162.17 106.55
CA SER Y 183 -102.39 -163.07 105.75
C SER Y 183 -101.93 -162.47 104.41
N SER Y 184 -102.71 -161.56 103.84
CA SER Y 184 -102.44 -160.91 102.56
C SER Y 184 -103.22 -159.61 102.39
N GLY Y 185 -102.79 -158.74 101.47
CA GLY Y 185 -103.40 -157.44 101.27
C GLY Y 185 -102.69 -156.56 100.24
N PHE Y 186 -103.25 -155.38 99.99
CA PHE Y 186 -102.55 -154.35 99.20
C PHE Y 186 -101.80 -153.41 100.14
N LEU Y 187 -100.50 -153.29 99.90
CA LEU Y 187 -99.59 -152.36 100.58
C LEU Y 187 -99.34 -151.17 99.65
N ASP Y 188 -99.61 -149.97 100.14
CA ASP Y 188 -99.07 -148.72 99.59
C ASP Y 188 -97.92 -148.26 100.49
N LEU Y 189 -96.71 -148.24 99.94
CA LEU Y 189 -95.47 -147.88 100.64
C LEU Y 189 -94.88 -146.60 100.06
N SER Y 190 -94.53 -145.65 100.93
CA SER Y 190 -93.80 -144.42 100.59
C SER Y 190 -92.51 -144.33 101.41
N VAL Y 191 -91.40 -143.92 100.79
CA VAL Y 191 -90.07 -143.80 101.40
C VAL Y 191 -89.31 -142.60 100.83
N ASP Y 192 -88.84 -141.70 101.68
CA ASP Y 192 -88.08 -140.51 101.25
C ASP Y 192 -86.55 -140.74 101.25
N ALA Y 193 -85.79 -139.79 100.69
CA ALA Y 193 -84.33 -139.86 100.66
C ALA Y 193 -83.66 -139.90 102.05
N ASN Y 194 -84.34 -139.44 103.11
CA ASN Y 194 -83.89 -139.52 104.51
C ASN Y 194 -84.37 -140.80 105.25
N ASP Y 195 -85.07 -141.74 104.59
CA ASP Y 195 -85.69 -142.93 105.21
C ASP Y 195 -86.81 -142.63 106.23
N ASN Y 196 -87.53 -141.52 106.08
CA ASN Y 196 -88.92 -141.44 106.55
C ASN Y 196 -89.75 -142.45 105.74
N ARG Y 197 -90.73 -143.11 106.36
CA ARG Y 197 -91.64 -144.05 105.66
C ARG Y 197 -93.08 -143.96 106.12
N LEU Y 198 -94.00 -144.32 105.22
CA LEU Y 198 -95.41 -144.59 105.49
C LEU Y 198 -95.79 -145.89 104.79
N ALA Y 199 -96.46 -146.79 105.52
CA ALA Y 199 -97.04 -148.02 105.00
C ALA Y 199 -98.55 -148.03 105.32
N ARG Y 200 -99.41 -148.12 104.30
CA ARG Y 200 -100.85 -148.42 104.44
C ARG Y 200 -101.12 -149.81 103.88
N LEU Y 201 -101.69 -150.71 104.68
CA LEU Y 201 -102.02 -152.07 104.30
C LEU Y 201 -103.52 -152.33 104.43
N THR Y 202 -104.18 -152.79 103.37
CA THR Y 202 -105.59 -153.20 103.43
C THR Y 202 -105.71 -154.71 103.28
N ASP Y 203 -106.33 -155.36 104.27
CA ASP Y 203 -106.54 -156.80 104.34
C ASP Y 203 -107.41 -157.33 103.18
N ALA Y 204 -106.90 -158.27 102.39
CA ALA Y 204 -107.62 -158.90 101.29
C ALA Y 204 -108.77 -159.83 101.73
N GLU Y 205 -108.86 -160.20 103.01
CA GLU Y 205 -109.99 -160.98 103.55
C GLU Y 205 -111.16 -160.08 103.98
N THR Y 206 -110.92 -159.08 104.84
CA THR Y 206 -111.98 -158.24 105.47
C THR Y 206 -112.15 -156.84 104.86
N GLY Y 207 -111.17 -156.32 104.12
CA GLY Y 207 -111.17 -154.93 103.66
C GLY Y 207 -110.85 -153.90 104.76
N LYS Y 208 -110.36 -154.34 105.94
CA LYS Y 208 -109.86 -153.45 107.01
C LYS Y 208 -108.49 -152.86 106.65
N GLU Y 209 -108.33 -151.56 106.84
CA GLU Y 209 -107.08 -150.83 106.67
C GLU Y 209 -106.25 -150.77 107.96
N TYR Y 210 -104.94 -150.82 107.80
CA TYR Y 210 -103.93 -150.72 108.83
C TYR Y 210 -102.84 -149.74 108.37
N THR Y 211 -102.35 -148.87 109.26
CA THR Y 211 -101.32 -147.87 108.93
C THR Y 211 -100.14 -147.91 109.89
N SER Y 212 -98.93 -147.71 109.39
CA SER Y 212 -97.68 -147.62 110.17
C SER Y 212 -96.73 -146.59 109.56
N ILE Y 213 -95.90 -145.93 110.38
CA ILE Y 213 -94.89 -144.95 109.95
C ILE Y 213 -93.51 -145.29 110.55
N LYS Y 214 -92.43 -144.86 109.89
CA LYS Y 214 -91.04 -144.97 110.37
C LYS Y 214 -90.32 -143.63 110.26
N LYS Y 215 -89.57 -143.25 111.29
CA LYS Y 215 -88.66 -142.08 111.30
C LYS Y 215 -87.24 -142.48 110.84
N PRO Y 216 -86.41 -141.54 110.35
CA PRO Y 216 -85.06 -141.83 109.83
C PRO Y 216 -84.16 -142.70 110.72
N THR Y 217 -84.18 -142.47 112.04
CA THR Y 217 -83.39 -143.21 113.04
C THR Y 217 -84.24 -144.15 113.92
N GLY Y 218 -85.51 -144.37 113.56
CA GLY Y 218 -86.47 -145.17 114.32
C GLY Y 218 -86.87 -146.49 113.65
N THR Y 219 -87.59 -147.34 114.38
CA THR Y 219 -88.35 -148.47 113.83
C THR Y 219 -89.70 -148.00 113.26
N TYR Y 220 -90.40 -148.89 112.54
CA TYR Y 220 -91.83 -148.69 112.28
C TYR Y 220 -92.64 -148.65 113.59
N THR Y 221 -93.72 -147.89 113.63
CA THR Y 221 -94.77 -148.00 114.67
C THR Y 221 -95.54 -149.31 114.53
N ALA Y 222 -96.17 -149.78 115.61
CA ALA Y 222 -97.15 -150.86 115.50
C ALA Y 222 -98.31 -150.46 114.56
N TRP Y 223 -98.96 -151.45 113.93
CA TRP Y 223 -100.05 -151.20 112.99
C TRP Y 223 -101.30 -150.64 113.69
N LYS Y 224 -101.65 -149.39 113.37
CA LYS Y 224 -102.91 -148.77 113.75
C LYS Y 224 -104.01 -149.26 112.82
N LYS Y 225 -104.96 -150.03 113.34
CA LYS Y 225 -106.19 -150.46 112.64
C LYS Y 225 -107.14 -149.27 112.42
N GLU Y 226 -107.96 -149.33 111.37
CA GLU Y 226 -109.12 -148.45 111.22
C GLU Y 226 -110.11 -148.51 112.42
N PHE Y 227 -110.94 -147.48 112.56
CA PHE Y 227 -111.89 -147.38 113.68
C PHE Y 227 -113.06 -148.36 113.58
N GLU Y 228 -113.55 -148.88 114.72
CA GLU Y 228 -114.70 -149.79 114.82
C GLU Y 228 -115.55 -149.49 116.07
N PRO Y 229 -116.86 -149.81 116.10
CA PRO Y 229 -117.76 -149.49 117.24
C PRO Y 229 -117.23 -149.94 118.60
N LYS Y 230 -116.65 -151.15 118.67
CA LYS Y 230 -116.09 -151.74 119.89
C LYS Y 230 -114.96 -150.92 120.53
N ASP Y 231 -114.30 -150.04 119.78
CA ASP Y 231 -113.25 -149.18 120.32
C ASP Y 231 -113.81 -148.04 121.21
N MET Y 232 -115.14 -147.77 121.16
CA MET Y 232 -115.83 -146.80 122.01
C MET Y 232 -116.30 -147.33 123.38
N GLU Y 233 -116.23 -148.65 123.64
CA GLU Y 233 -116.86 -149.27 124.83
C GLU Y 233 -116.49 -148.65 126.18
N LYS Y 234 -115.27 -148.09 126.31
CA LYS Y 234 -114.80 -147.42 127.54
C LYS Y 234 -115.57 -146.14 127.89
N TYR Y 235 -116.32 -145.57 126.95
CA TYR Y 235 -116.99 -144.27 127.09
C TYR Y 235 -118.53 -144.36 127.07
N LEU Y 236 -119.08 -145.46 126.52
CA LEU Y 236 -120.51 -145.74 126.45
C LEU Y 236 -121.10 -146.19 127.80
N LEU Y 237 -122.42 -146.07 127.95
CA LEU Y 237 -123.16 -146.72 129.06
C LEU Y 237 -123.36 -148.23 128.89
N SER Y 238 -123.16 -148.75 127.68
CA SER Y 238 -123.48 -150.13 127.28
C SER Y 238 -122.26 -150.84 126.69
N SER Y 239 -122.15 -152.14 126.95
CA SER Y 239 -121.26 -153.03 126.20
C SER Y 239 -121.84 -153.36 124.82
N ILE Y 240 -120.97 -153.66 123.86
CA ILE Y 240 -121.32 -154.05 122.48
C ILE Y 240 -121.03 -155.55 122.33
N ARG Y 241 -122.09 -156.35 122.15
CA ARG Y 241 -121.98 -157.80 121.94
C ARG Y 241 -121.52 -158.15 120.52
N ASP Y 242 -121.12 -159.39 120.29
CA ASP Y 242 -120.62 -159.87 118.99
C ASP Y 242 -121.69 -159.88 117.88
N ASP Y 243 -122.97 -159.94 118.23
CA ASP Y 243 -124.11 -159.72 117.32
C ASP Y 243 -124.46 -158.23 117.13
N GLY Y 244 -123.70 -157.31 117.75
CA GLY Y 244 -123.96 -155.88 117.76
C GLY Y 244 -125.17 -155.47 118.61
N SER Y 245 -125.70 -156.33 119.48
CA SER Y 245 -126.69 -155.91 120.50
C SER Y 245 -126.02 -155.16 121.65
N ALA Y 246 -126.80 -154.30 122.33
CA ALA Y 246 -126.33 -153.47 123.43
C ALA Y 246 -126.73 -154.08 124.80
N SER Y 247 -125.80 -154.22 125.73
CA SER Y 247 -126.08 -154.75 127.08
C SER Y 247 -125.42 -153.91 128.18
N PHE Y 248 -125.68 -154.23 129.46
CA PHE Y 248 -124.95 -153.58 130.54
C PHE Y 248 -123.48 -154.04 130.57
N PRO Y 249 -122.53 -153.13 130.82
CA PRO Y 249 -121.12 -153.46 130.97
C PRO Y 249 -120.84 -154.19 132.31
N LEU Y 250 -121.63 -153.92 133.36
CA LEU Y 250 -121.55 -154.62 134.65
C LEU Y 250 -122.81 -155.46 134.93
N LEU Y 251 -122.62 -156.77 135.09
CA LEU Y 251 -123.63 -157.71 135.57
C LEU Y 251 -123.08 -158.38 136.86
N VAL Y 252 -123.77 -158.25 138.00
CA VAL Y 252 -123.33 -158.83 139.30
C VAL Y 252 -124.32 -159.90 139.77
N TYR Y 253 -123.82 -161.10 140.05
CA TYR Y 253 -124.61 -162.28 140.43
C TYR Y 253 -124.20 -162.81 141.81
N THR Y 254 -125.11 -163.45 142.54
CA THR Y 254 -124.81 -164.07 143.86
C THR Y 254 -123.78 -165.19 143.75
N SER Y 255 -123.68 -165.84 142.59
CA SER Y 255 -122.66 -166.85 142.26
C SER Y 255 -121.23 -166.29 142.17
N ASP Y 256 -121.05 -164.97 141.97
CA ASP Y 256 -119.73 -164.33 141.89
C ASP Y 256 -118.99 -164.32 143.23
N SER Y 257 -119.70 -164.48 144.35
CA SER Y 257 -119.17 -164.43 145.73
C SER Y 257 -118.47 -163.10 146.07
N LYS Y 258 -118.97 -161.99 145.51
CA LYS Y 258 -118.46 -160.61 145.66
C LYS Y 258 -119.54 -159.67 146.15
N THR Y 259 -119.15 -158.62 146.87
CA THR Y 259 -120.04 -157.49 147.19
C THR Y 259 -120.27 -156.60 145.97
N PHE Y 260 -121.35 -155.81 145.98
CA PHE Y 260 -121.57 -154.78 144.96
C PHE Y 260 -120.39 -153.79 144.88
N GLN Y 261 -119.85 -153.38 146.02
CA GLN Y 261 -118.72 -152.45 146.11
C GLN Y 261 -117.45 -153.03 145.47
N GLN Y 262 -117.12 -154.29 145.73
CA GLN Y 262 -115.97 -154.93 145.08
C GLN Y 262 -116.24 -155.19 143.58
N ALA Y 263 -117.47 -155.51 143.18
CA ALA Y 263 -117.82 -155.65 141.77
C ALA Y 263 -117.64 -154.33 140.99
N ILE Y 264 -118.01 -153.18 141.58
CA ILE Y 264 -117.72 -151.85 141.03
C ILE Y 264 -116.20 -151.62 140.91
N ILE Y 265 -115.43 -151.88 141.98
CA ILE Y 265 -113.96 -151.73 141.96
C ILE Y 265 -113.31 -152.61 140.88
N ASP Y 266 -113.65 -153.90 140.82
CA ASP Y 266 -113.14 -154.82 139.80
C ASP Y 266 -113.51 -154.38 138.38
N HIS Y 267 -114.74 -153.88 138.18
CA HIS Y 267 -115.18 -153.38 136.89
C HIS Y 267 -114.40 -152.14 136.43
N ILE Y 268 -114.19 -151.18 137.34
CA ILE Y 268 -113.40 -149.97 137.07
C ILE Y 268 -111.92 -150.34 136.81
N ASP Y 269 -111.34 -151.27 137.57
CA ASP Y 269 -109.97 -151.76 137.31
C ASP Y 269 -109.86 -152.49 135.95
N ARG Y 270 -110.81 -153.36 135.60
CA ARG Y 270 -110.79 -154.14 134.35
C ARG Y 270 -111.04 -153.29 133.10
N THR Y 271 -111.83 -152.23 133.19
CA THR Y 271 -112.31 -151.46 132.01
C THR Y 271 -111.88 -149.98 131.96
N GLY Y 272 -111.61 -149.35 133.10
CA GLY Y 272 -111.41 -147.90 133.23
C GLY Y 272 -112.68 -147.06 132.99
N GLN Y 273 -113.86 -147.66 132.87
CA GLN Y 273 -115.13 -146.93 132.74
C GLN Y 273 -115.46 -146.19 134.03
N THR Y 274 -115.79 -144.89 133.95
CA THR Y 274 -116.13 -144.09 135.13
C THR Y 274 -117.64 -143.91 135.32
N THR Y 275 -118.40 -143.81 134.23
CA THR Y 275 -119.88 -143.78 134.24
C THR Y 275 -120.44 -144.94 133.43
N PHE Y 276 -121.26 -145.78 134.04
CA PHE Y 276 -121.74 -147.02 133.41
C PHE Y 276 -123.03 -147.54 134.07
N THR Y 277 -123.81 -148.33 133.32
CA THR Y 277 -124.99 -149.02 133.87
C THR Y 277 -124.62 -150.36 134.50
N PHE Y 278 -125.49 -150.86 135.39
CA PHE Y 278 -125.31 -152.14 136.05
C PHE Y 278 -126.64 -152.87 136.33
N TYR Y 279 -126.54 -154.20 136.40
CA TYR Y 279 -127.53 -155.10 137.00
C TYR Y 279 -126.94 -155.76 138.24
N VAL Y 280 -127.72 -155.82 139.32
CA VAL Y 280 -127.36 -156.57 140.54
C VAL Y 280 -128.48 -157.55 140.88
N GLN Y 281 -128.14 -158.83 141.01
CA GLN Y 281 -129.07 -159.88 141.41
C GLN Y 281 -129.50 -159.73 142.89
N GLY Y 282 -130.76 -160.06 143.20
CA GLY Y 282 -131.25 -160.06 144.58
C GLY Y 282 -130.45 -160.99 145.49
N GLY Y 283 -130.16 -160.55 146.71
CA GLY Y 283 -129.31 -161.26 147.67
C GLY Y 283 -127.80 -161.02 147.57
N VAL Y 284 -127.30 -160.25 146.58
CA VAL Y 284 -125.89 -159.85 146.52
C VAL Y 284 -125.52 -158.99 147.74
N SER Y 285 -124.43 -159.35 148.43
CA SER Y 285 -123.97 -158.62 149.62
C SER Y 285 -123.58 -157.17 149.31
N GLY Y 286 -123.98 -156.23 150.15
CA GLY Y 286 -123.76 -154.80 149.92
C GLY Y 286 -124.56 -154.19 148.76
N SER Y 287 -125.46 -154.93 148.11
CA SER Y 287 -126.36 -154.42 147.08
C SER Y 287 -127.14 -153.18 147.54
N PRO Y 288 -127.47 -152.21 146.66
CA PRO Y 288 -128.34 -151.09 147.02
C PRO Y 288 -129.65 -151.51 147.69
N MET Y 289 -130.22 -152.66 147.31
CA MET Y 289 -131.46 -153.21 147.87
C MET Y 289 -131.47 -154.74 147.85
N SER Y 290 -132.36 -155.35 148.65
CA SER Y 290 -132.46 -156.82 148.82
C SER Y 290 -132.96 -157.54 147.55
N ASN Y 291 -133.91 -156.95 146.83
CA ASN Y 291 -134.40 -157.43 145.53
C ASN Y 291 -133.37 -157.20 144.41
N SER Y 292 -133.52 -157.87 143.27
CA SER Y 292 -132.74 -157.55 142.07
C SER Y 292 -132.98 -156.09 141.64
N CYS Y 293 -131.95 -155.41 141.13
CA CYS Y 293 -132.04 -154.02 140.72
C CYS Y 293 -131.20 -153.70 139.49
N ARG Y 294 -131.54 -152.60 138.81
CA ARG Y 294 -130.79 -152.05 137.68
C ARG Y 294 -130.53 -150.56 137.94
N GLY Y 295 -129.36 -150.07 137.53
CA GLY Y 295 -128.93 -148.73 137.93
C GLY Y 295 -127.81 -148.14 137.10
N LEU Y 296 -127.42 -146.93 137.47
CA LEU Y 296 -126.36 -146.12 136.87
C LEU Y 296 -125.35 -145.73 137.96
N PHE Y 297 -124.06 -146.00 137.72
CA PHE Y 297 -122.94 -145.51 138.52
C PHE Y 297 -122.28 -144.34 137.78
N MET Y 298 -121.97 -143.25 138.48
CA MET Y 298 -121.39 -142.03 137.90
C MET Y 298 -120.13 -141.61 138.66
N SER Y 299 -119.03 -141.41 137.93
CA SER Y 299 -117.77 -140.85 138.44
C SER Y 299 -116.95 -140.17 137.34
N ASP Y 300 -115.99 -139.36 137.75
CA ASP Y 300 -115.15 -138.55 136.85
C ASP Y 300 -113.68 -139.03 136.79
N THR Y 301 -113.28 -140.00 137.60
CA THR Y 301 -111.86 -140.44 137.72
C THR Y 301 -111.81 -141.92 138.12
N PRO Y 302 -111.19 -142.84 137.33
CA PRO Y 302 -111.23 -144.29 137.58
C PRO Y 302 -110.24 -144.78 138.67
N ASN Y 303 -109.88 -143.94 139.65
CA ASN Y 303 -108.91 -144.29 140.69
C ASN Y 303 -109.55 -145.14 141.80
N THR Y 304 -109.48 -146.47 141.68
CA THR Y 304 -110.02 -147.42 142.68
C THR Y 304 -109.31 -147.40 144.03
N SER Y 305 -108.09 -146.84 144.12
CA SER Y 305 -107.38 -146.64 145.40
C SER Y 305 -107.88 -145.43 146.21
N SER Y 306 -108.67 -144.53 145.60
CA SER Y 306 -109.34 -143.40 146.26
C SER Y 306 -110.60 -142.99 145.48
N LEU Y 307 -111.55 -143.94 145.36
CA LEU Y 307 -112.70 -143.84 144.48
C LEU Y 307 -113.69 -142.76 144.97
N HIS Y 308 -114.08 -141.86 144.07
CA HIS Y 308 -115.12 -140.85 144.31
C HIS Y 308 -116.24 -140.99 143.27
N GLY Y 309 -117.49 -141.14 143.70
CA GLY Y 309 -118.60 -141.44 142.79
C GLY Y 309 -119.96 -141.58 143.48
N VAL Y 310 -121.01 -141.77 142.68
CA VAL Y 310 -122.40 -141.93 143.15
C VAL Y 310 -123.12 -143.00 142.34
N TYR Y 311 -124.21 -143.54 142.88
CA TYR Y 311 -125.10 -144.45 142.14
C TYR Y 311 -126.57 -144.16 142.41
N ASN Y 312 -127.39 -144.49 141.42
CA ASN Y 312 -128.84 -144.49 141.48
C ASN Y 312 -129.35 -145.84 140.94
N ALA Y 313 -130.22 -146.52 141.67
CA ALA Y 313 -130.69 -147.87 141.39
C ALA Y 313 -132.21 -147.99 141.56
N ILE Y 314 -132.84 -148.83 140.73
CA ILE Y 314 -134.29 -149.06 140.71
C ILE Y 314 -134.57 -150.57 140.80
N GLY Y 315 -135.50 -150.96 141.66
CA GLY Y 315 -135.84 -152.37 141.92
C GLY Y 315 -136.94 -152.94 141.02
N THR Y 316 -137.18 -154.25 141.11
CA THR Y 316 -138.26 -154.99 140.42
C THR Y 316 -139.68 -154.59 140.86
N ASP Y 317 -139.83 -153.77 141.89
CA ASP Y 317 -141.09 -153.16 142.34
C ASP Y 317 -141.18 -151.66 141.98
N GLY Y 318 -140.14 -151.08 141.38
CA GLY Y 318 -140.02 -149.66 141.07
C GLY Y 318 -139.48 -148.78 142.21
N ARG Y 319 -139.06 -149.33 143.37
CA ARG Y 319 -138.43 -148.54 144.45
C ARG Y 319 -137.17 -147.83 143.96
N ASN Y 320 -136.85 -146.66 144.52
CA ASN Y 320 -135.60 -145.94 144.22
C ASN Y 320 -134.62 -145.96 145.40
N VAL Y 321 -133.35 -146.23 145.11
CA VAL Y 321 -132.25 -146.15 146.09
C VAL Y 321 -131.08 -145.37 145.50
N THR Y 322 -130.41 -144.56 146.32
CA THR Y 322 -129.23 -143.76 145.94
C THR Y 322 -128.12 -143.88 146.97
N GLY Y 323 -126.88 -143.59 146.57
CA GLY Y 323 -125.71 -143.68 147.45
C GLY Y 323 -124.44 -143.09 146.83
N SER Y 324 -123.37 -143.05 147.62
CA SER Y 324 -122.07 -142.49 147.21
C SER Y 324 -120.87 -143.23 147.79
N VAL Y 325 -119.72 -143.06 147.12
CA VAL Y 325 -118.39 -143.48 147.57
C VAL Y 325 -117.47 -142.26 147.55
N VAL Y 326 -116.66 -142.09 148.60
CA VAL Y 326 -115.80 -140.92 148.82
C VAL Y 326 -114.44 -141.38 149.39
N GLY Y 327 -113.36 -141.26 148.63
CA GLY Y 327 -112.05 -141.78 149.01
C GLY Y 327 -112.02 -143.30 149.23
N SER Y 328 -112.79 -144.05 148.44
CA SER Y 328 -113.09 -145.49 148.63
C SER Y 328 -113.84 -145.86 149.92
N ASN Y 329 -114.26 -144.89 150.75
CA ASN Y 329 -115.23 -145.13 151.82
C ASN Y 329 -116.66 -145.08 151.26
N TRP Y 330 -117.50 -146.07 151.58
CA TRP Y 330 -118.84 -146.20 151.02
C TRP Y 330 -119.91 -145.76 152.03
N THR Y 331 -120.81 -144.88 151.59
CA THR Y 331 -121.97 -144.43 152.39
C THR Y 331 -123.10 -145.47 152.37
N SER Y 332 -123.92 -145.49 153.41
CA SER Y 332 -125.11 -146.35 153.48
C SER Y 332 -126.16 -145.96 152.42
N PRO Y 333 -126.86 -146.93 151.81
CA PRO Y 333 -127.85 -146.67 150.76
C PRO Y 333 -129.08 -145.95 151.31
N LYS Y 334 -129.52 -144.90 150.60
CA LYS Y 334 -130.68 -144.08 150.94
C LYS Y 334 -131.90 -144.50 150.09
N THR Y 335 -132.81 -145.29 150.67
CA THR Y 335 -134.08 -145.65 150.03
C THR Y 335 -135.07 -144.48 150.09
N SER Y 336 -135.67 -144.12 148.96
CA SER Y 336 -136.77 -143.15 148.91
C SER Y 336 -138.11 -143.80 149.28
N PRO Y 337 -138.99 -143.14 150.05
CA PRO Y 337 -140.41 -143.49 150.09
C PRO Y 337 -141.08 -143.11 148.76
N SER Y 338 -142.35 -143.47 148.58
CA SER Y 338 -143.16 -143.03 147.45
C SER Y 338 -144.64 -142.87 147.79
N HIS Y 339 -145.37 -142.14 146.95
CA HIS Y 339 -146.78 -141.78 147.18
C HIS Y 339 -147.62 -141.74 145.89
N LYS Y 340 -148.95 -141.78 146.05
CA LYS Y 340 -149.92 -141.38 145.00
C LYS Y 340 -151.15 -140.70 145.62
N GLU Y 341 -151.67 -139.66 144.98
CA GLU Y 341 -152.96 -139.08 145.36
C GLU Y 341 -154.10 -140.01 144.96
N LEU Y 342 -154.75 -140.66 145.94
CA LEU Y 342 -155.80 -141.63 145.69
C LEU Y 342 -157.19 -140.98 145.55
N TRP Y 343 -157.53 -140.01 146.39
CA TRP Y 343 -158.81 -139.30 146.32
C TRP Y 343 -158.73 -137.86 146.85
N THR Y 344 -159.58 -136.97 146.33
CA THR Y 344 -159.74 -135.58 146.79
C THR Y 344 -161.18 -135.11 146.66
N GLY Y 345 -161.63 -134.24 147.58
CA GLY Y 345 -162.97 -133.65 147.55
C GLY Y 345 -163.34 -132.99 148.88
N ALA Y 346 -164.62 -133.10 149.26
CA ALA Y 346 -165.13 -132.69 150.56
C ALA Y 346 -166.31 -133.59 150.97
N GLN Y 347 -166.02 -134.62 151.78
CA GLN Y 347 -167.03 -135.52 152.32
C GLN Y 347 -167.30 -135.17 153.78
N SER Y 348 -168.55 -134.82 154.10
CA SER Y 348 -168.96 -134.47 155.46
C SER Y 348 -168.81 -135.67 156.41
N PHE Y 349 -168.33 -135.43 157.63
CA PHE Y 349 -168.27 -136.43 158.70
C PHE Y 349 -169.65 -137.06 158.98
N LEU Y 350 -170.74 -136.34 158.73
CA LEU Y 350 -172.11 -136.83 158.94
C LEU Y 350 -172.58 -137.82 157.85
N SER Y 351 -171.90 -137.89 156.69
CA SER Y 351 -172.24 -138.75 155.54
C SER Y 351 -171.82 -140.22 155.71
N THR Y 352 -171.95 -140.78 156.91
CA THR Y 352 -171.53 -142.13 157.26
C THR Y 352 -172.22 -143.21 156.41
N GLY Y 353 -171.46 -144.21 155.96
CA GLY Y 353 -171.88 -145.22 154.99
C GLY Y 353 -171.64 -144.85 153.51
N THR Y 354 -171.22 -143.61 153.21
CA THR Y 354 -170.90 -143.19 151.84
C THR Y 354 -169.58 -143.81 151.37
N THR Y 355 -169.56 -144.35 150.15
CA THR Y 355 -168.38 -144.95 149.51
C THR Y 355 -167.98 -144.17 148.25
N LYS Y 356 -166.67 -144.01 148.03
CA LYS Y 356 -166.06 -143.27 146.92
C LYS Y 356 -164.89 -144.07 146.31
N ASN Y 357 -164.55 -143.78 145.06
CA ASN Y 357 -163.45 -144.45 144.35
C ASN Y 357 -162.06 -143.92 144.78
N LEU Y 358 -161.02 -144.71 144.52
CA LEU Y 358 -159.60 -144.36 144.62
C LEU Y 358 -158.95 -144.45 143.22
N SER Y 359 -157.95 -143.64 142.93
CA SER Y 359 -157.24 -143.63 141.63
C SER Y 359 -156.35 -144.87 141.39
N ASP Y 360 -156.19 -145.74 142.39
CA ASP Y 360 -155.42 -146.99 142.37
C ASP Y 360 -155.99 -147.97 143.43
N ASP Y 361 -155.66 -149.25 143.35
CA ASP Y 361 -156.04 -150.24 144.36
C ASP Y 361 -155.21 -150.06 145.65
N ILE Y 362 -155.87 -149.99 146.81
CA ILE Y 362 -155.20 -149.77 148.10
C ILE Y 362 -154.16 -150.86 148.44
N SER Y 363 -154.31 -152.08 147.91
CA SER Y 363 -153.35 -153.16 148.11
C SER Y 363 -151.97 -152.90 147.46
N ASN Y 364 -151.85 -151.90 146.59
CA ASN Y 364 -150.56 -151.40 146.08
C ASN Y 364 -149.79 -150.53 147.10
N TYR Y 365 -150.33 -150.29 148.30
CA TYR Y 365 -149.75 -149.42 149.33
C TYR Y 365 -149.61 -150.11 150.70
N SER Y 366 -148.55 -149.77 151.45
CA SER Y 366 -148.33 -150.25 152.83
C SER Y 366 -148.77 -149.22 153.89
N TYR Y 367 -148.92 -147.95 153.54
CA TYR Y 367 -149.29 -146.85 154.42
C TYR Y 367 -150.31 -145.92 153.72
N VAL Y 368 -151.05 -145.12 154.47
CA VAL Y 368 -152.02 -144.14 153.94
C VAL Y 368 -152.00 -142.85 154.77
N GLU Y 369 -152.21 -141.70 154.12
CA GLU Y 369 -152.50 -140.42 154.78
C GLU Y 369 -153.92 -139.98 154.48
N VAL Y 370 -154.72 -139.74 155.52
CA VAL Y 370 -156.09 -139.24 155.45
C VAL Y 370 -156.10 -137.79 155.95
N TYR Y 371 -156.58 -136.87 155.13
CA TYR Y 371 -156.60 -135.44 155.45
C TYR Y 371 -158.01 -134.97 155.83
N THR Y 372 -158.09 -134.21 156.92
CA THR Y 372 -159.35 -133.73 157.51
C THR Y 372 -159.34 -132.22 157.72
N THR Y 373 -160.44 -131.56 157.41
CA THR Y 373 -160.58 -130.09 157.42
C THR Y 373 -161.70 -129.70 158.39
N HIS Y 374 -161.39 -128.90 159.42
CA HIS Y 374 -162.30 -128.66 160.55
C HIS Y 374 -162.58 -127.17 160.83
N LYS Y 375 -163.78 -126.90 161.34
CA LYS Y 375 -164.14 -125.67 162.05
C LYS Y 375 -164.27 -125.93 163.56
N THR Y 376 -163.56 -125.16 164.38
CA THR Y 376 -163.65 -125.25 165.86
C THR Y 376 -164.95 -124.65 166.41
N THR Y 377 -165.31 -125.02 167.65
CA THR Y 377 -166.51 -124.57 168.36
C THR Y 377 -166.55 -123.05 168.52
N GLU Y 378 -165.59 -122.46 169.22
CA GLU Y 378 -165.41 -121.00 169.30
C GLU Y 378 -164.42 -120.51 168.22
N LYS Y 379 -164.51 -119.22 167.85
CA LYS Y 379 -163.49 -118.52 167.06
C LYS Y 379 -162.29 -118.15 167.93
N THR Y 380 -161.09 -118.31 167.37
CA THR Y 380 -159.82 -117.82 167.96
C THR Y 380 -159.30 -116.68 167.07
N LYS Y 381 -159.08 -115.48 167.62
CA LYS Y 381 -158.71 -114.25 166.89
C LYS Y 381 -159.59 -114.00 165.64
N GLY Y 382 -160.89 -114.30 165.74
CA GLY Y 382 -161.87 -114.11 164.65
C GLY Y 382 -161.89 -115.19 163.57
N ASN Y 383 -161.14 -116.30 163.71
CA ASN Y 383 -161.12 -117.43 162.77
C ASN Y 383 -161.48 -118.75 163.49
N ASP Y 384 -162.26 -119.63 162.85
CA ASP Y 384 -162.53 -121.00 163.34
C ASP Y 384 -161.97 -122.09 162.41
N ASN Y 385 -161.40 -121.76 161.26
CA ASN Y 385 -160.77 -122.72 160.36
C ASN Y 385 -159.43 -123.24 160.94
N THR Y 386 -159.30 -124.56 161.03
CA THR Y 386 -158.09 -125.24 161.55
C THR Y 386 -156.97 -125.45 160.54
N GLY Y 387 -157.24 -125.24 159.24
CA GLY Y 387 -156.44 -125.78 158.15
C GLY Y 387 -156.90 -127.21 157.77
N THR Y 388 -156.05 -127.95 157.08
CA THR Y 388 -156.31 -129.34 156.66
C THR Y 388 -155.22 -130.25 157.22
N ILE Y 389 -155.58 -131.16 158.12
CA ILE Y 389 -154.68 -131.89 159.02
C ILE Y 389 -154.49 -133.33 158.55
N CYS Y 390 -153.23 -133.78 158.47
CA CYS Y 390 -152.83 -135.14 158.13
C CYS Y 390 -153.04 -136.12 159.29
N HIS Y 391 -153.60 -137.29 158.99
CA HIS Y 391 -153.50 -138.51 159.81
C HIS Y 391 -152.81 -139.61 159.00
N LYS Y 392 -151.65 -140.09 159.45
CA LYS Y 392 -150.89 -141.14 158.75
C LYS Y 392 -151.04 -142.48 159.46
N PHE Y 393 -151.33 -143.53 158.69
CA PHE Y 393 -151.55 -144.88 159.18
C PHE Y 393 -150.70 -145.92 158.43
N TYR Y 394 -150.28 -146.96 159.14
CA TYR Y 394 -149.89 -148.23 158.50
C TYR Y 394 -151.16 -149.04 158.17
N LEU Y 395 -151.22 -149.62 156.98
CA LEU Y 395 -152.35 -150.43 156.50
C LEU Y 395 -152.29 -151.85 157.09
N ASP Y 396 -152.63 -151.98 158.37
CA ASP Y 396 -152.67 -153.24 159.12
C ASP Y 396 -153.83 -154.19 158.74
N GLY Y 397 -154.76 -153.74 157.90
CA GLY Y 397 -155.95 -154.51 157.48
C GLY Y 397 -157.19 -154.28 158.34
N SER Y 398 -157.17 -153.31 159.27
CA SER Y 398 -158.32 -152.98 160.13
C SER Y 398 -159.58 -152.63 159.33
N GLY Y 399 -160.75 -153.03 159.85
CA GLY Y 399 -162.05 -152.63 159.31
C GLY Y 399 -162.38 -151.13 159.49
N THR Y 400 -161.65 -150.43 160.36
CA THR Y 400 -161.69 -148.96 160.49
C THR Y 400 -160.29 -148.40 160.77
N TYR Y 401 -159.92 -147.30 160.12
CA TYR Y 401 -158.78 -146.44 160.46
C TYR Y 401 -159.34 -145.16 161.06
N VAL Y 402 -158.90 -144.82 162.28
CA VAL Y 402 -159.57 -143.83 163.12
C VAL Y 402 -158.74 -142.55 163.21
N CYS Y 403 -159.19 -141.49 162.54
CA CYS Y 403 -158.70 -140.14 162.71
C CYS Y 403 -159.39 -139.54 163.95
N SER Y 404 -158.69 -139.29 165.05
CA SER Y 404 -159.27 -138.69 166.26
C SER Y 404 -158.26 -137.79 166.97
N GLY Y 405 -158.75 -136.75 167.65
CA GLY Y 405 -157.92 -135.71 168.24
C GLY Y 405 -158.74 -134.67 168.99
N THR Y 406 -158.11 -133.54 169.30
CA THR Y 406 -158.71 -132.44 170.07
C THR Y 406 -158.35 -131.07 169.51
N PHE Y 407 -159.27 -130.11 169.68
CA PHE Y 407 -159.00 -128.69 169.49
C PHE Y 407 -159.21 -127.92 170.79
N VAL Y 408 -158.37 -126.90 170.99
CA VAL Y 408 -158.58 -125.86 171.98
C VAL Y 408 -159.11 -124.64 171.24
N SER Y 409 -160.18 -123.99 171.66
CA SER Y 409 -160.75 -122.83 170.93
C SER Y 409 -161.32 -121.74 171.84
N GLY Y 410 -161.41 -120.52 171.30
CA GLY Y 410 -161.70 -119.32 172.08
C GLY Y 410 -160.43 -118.61 172.55
N ASP Y 411 -160.48 -117.28 172.62
CA ASP Y 411 -159.40 -116.43 173.12
C ASP Y 411 -159.33 -116.46 174.66
N ARG Y 412 -158.14 -116.64 175.25
CA ARG Y 412 -157.94 -116.59 176.71
C ARG Y 412 -158.16 -115.17 177.24
N THR Y 413 -158.85 -115.05 178.37
CA THR Y 413 -158.99 -113.80 179.14
C THR Y 413 -158.75 -114.08 180.64
N ASP Y 414 -158.65 -113.04 181.46
CA ASP Y 414 -158.48 -113.17 182.91
C ASP Y 414 -159.66 -113.89 183.60
N THR Y 415 -160.85 -113.92 182.96
CA THR Y 415 -162.06 -114.56 183.48
C THR Y 415 -162.44 -115.87 182.77
N LYS Y 416 -162.07 -116.03 181.49
CA LYS Y 416 -162.43 -117.18 180.65
C LYS Y 416 -161.19 -117.86 180.05
N PRO Y 417 -160.90 -119.13 180.40
CA PRO Y 417 -159.91 -119.92 179.67
C PRO Y 417 -160.51 -120.44 178.34
N PRO Y 418 -159.69 -120.73 177.32
CA PRO Y 418 -160.14 -121.40 176.09
C PRO Y 418 -160.86 -122.73 176.38
N ILE Y 419 -161.91 -123.04 175.62
CA ILE Y 419 -162.65 -124.32 175.72
C ILE Y 419 -161.93 -125.44 174.97
N THR Y 420 -162.26 -126.69 175.30
CA THR Y 420 -161.70 -127.90 174.66
C THR Y 420 -162.79 -128.74 174.01
N GLU Y 421 -162.49 -129.32 172.84
CA GLU Y 421 -163.39 -130.25 172.14
C GLU Y 421 -162.61 -131.43 171.56
N PHE Y 422 -163.33 -132.52 171.31
CA PHE Y 422 -162.82 -133.77 170.73
C PHE Y 422 -163.53 -134.07 169.41
N TYR Y 423 -162.87 -134.75 168.48
CA TYR Y 423 -163.47 -135.16 167.20
C TYR Y 423 -163.03 -136.58 166.78
N ARG Y 424 -163.82 -137.20 165.89
CA ARG Y 424 -163.42 -138.43 165.19
C ARG Y 424 -164.03 -138.51 163.79
N VAL Y 425 -163.29 -139.11 162.86
CA VAL Y 425 -163.85 -139.79 161.68
C VAL Y 425 -163.16 -141.15 161.49
N GLY Y 426 -163.95 -142.19 161.23
CA GLY Y 426 -163.48 -143.52 160.89
C GLY Y 426 -163.63 -143.77 159.39
N VAL Y 427 -162.61 -144.31 158.75
CA VAL Y 427 -162.62 -144.64 157.32
C VAL Y 427 -162.17 -146.08 157.08
N SER Y 428 -162.54 -146.68 155.95
CA SER Y 428 -162.07 -148.02 155.56
C SER Y 428 -161.75 -148.07 154.07
N PHE Y 429 -160.95 -149.06 153.66
CA PHE Y 429 -160.48 -149.21 152.27
C PHE Y 429 -160.70 -150.63 151.75
N LYS Y 430 -161.10 -150.76 150.49
CA LYS Y 430 -161.35 -152.04 149.81
C LYS Y 430 -161.12 -151.89 148.30
N GLY Y 431 -160.08 -152.55 147.79
CA GLY Y 431 -159.68 -152.41 146.39
C GLY Y 431 -159.45 -150.95 146.00
N SER Y 432 -159.99 -150.53 144.86
CA SER Y 432 -159.99 -149.13 144.41
C SER Y 432 -161.14 -148.29 145.01
N THR Y 433 -161.53 -148.52 146.27
CA THR Y 433 -162.60 -147.76 146.95
C THR Y 433 -162.30 -147.48 148.42
N TRP Y 434 -162.93 -146.44 148.97
CA TRP Y 434 -162.89 -146.10 150.39
C TRP Y 434 -164.29 -145.69 150.90
N THR Y 435 -164.54 -145.88 152.19
CA THR Y 435 -165.84 -145.62 152.83
C THR Y 435 -165.67 -144.77 154.08
N LEU Y 436 -166.53 -143.75 154.26
CA LEU Y 436 -166.63 -143.03 155.53
C LEU Y 436 -167.50 -143.84 156.49
N VAL Y 437 -166.90 -144.53 157.45
CA VAL Y 437 -167.58 -145.53 158.30
C VAL Y 437 -168.41 -144.88 159.40
N ASP Y 438 -167.84 -143.91 160.12
CA ASP Y 438 -168.41 -143.33 161.33
C ASP Y 438 -167.80 -141.95 161.64
N SER Y 439 -168.41 -141.19 162.55
CA SER Y 439 -167.83 -139.94 163.05
C SER Y 439 -168.34 -139.54 164.45
N ALA Y 440 -167.61 -138.64 165.10
CA ALA Y 440 -168.07 -137.90 166.27
C ALA Y 440 -167.67 -136.43 166.17
N VAL Y 441 -168.60 -135.53 166.46
CA VAL Y 441 -168.42 -134.07 166.43
C VAL Y 441 -169.08 -133.46 167.69
N GLN Y 442 -168.44 -132.49 168.32
CA GLN Y 442 -168.89 -131.85 169.57
C GLN Y 442 -169.41 -130.41 169.39
N ASN Y 443 -169.69 -130.00 168.16
CA ASN Y 443 -170.23 -128.69 167.79
C ASN Y 443 -171.19 -128.81 166.57
N SER Y 444 -171.98 -127.78 166.28
CA SER Y 444 -172.98 -127.78 165.20
C SER Y 444 -172.43 -127.56 163.78
N LYS Y 445 -171.13 -127.28 163.63
CA LYS Y 445 -170.48 -126.96 162.34
C LYS Y 445 -170.08 -128.22 161.57
N THR Y 446 -170.09 -128.16 160.25
CA THR Y 446 -169.72 -129.29 159.37
C THR Y 446 -168.20 -129.51 159.35
N GLN Y 447 -167.76 -130.77 159.48
CA GLN Y 447 -166.36 -131.20 159.43
C GLN Y 447 -166.17 -132.16 158.24
N TYR Y 448 -165.00 -132.16 157.58
CA TYR Y 448 -164.82 -132.87 156.30
C TYR Y 448 -163.57 -133.75 156.22
N VAL Y 449 -163.68 -134.91 155.56
CA VAL Y 449 -162.53 -135.60 154.93
C VAL Y 449 -162.30 -134.97 153.55
N THR Y 450 -161.05 -134.66 153.19
CA THR Y 450 -160.77 -133.85 151.98
C THR Y 450 -159.68 -134.39 151.04
N ARG Y 451 -158.71 -135.18 151.53
CA ARG Y 451 -157.68 -135.82 150.68
C ARG Y 451 -157.31 -137.20 151.23
N ILE Y 452 -156.97 -138.14 150.36
CA ILE Y 452 -156.40 -139.46 150.72
C ILE Y 452 -155.19 -139.74 149.83
N ILE Y 453 -154.05 -140.01 150.45
CA ILE Y 453 -152.77 -140.28 149.76
C ILE Y 453 -152.28 -141.69 150.12
N GLY Y 454 -152.05 -142.54 149.12
CA GLY Y 454 -151.43 -143.86 149.33
C GLY Y 454 -149.90 -143.71 149.44
N ILE Y 455 -149.27 -144.40 150.38
CA ILE Y 455 -147.84 -144.27 150.69
C ILE Y 455 -147.16 -145.65 150.70
N ASN Y 456 -145.92 -145.72 150.20
CA ASN Y 456 -145.03 -146.87 150.34
C ASN Y 456 -143.69 -146.43 150.98
N MET Y 457 -143.21 -147.21 151.95
CA MET Y 457 -141.90 -147.02 152.60
C MET Y 457 -141.13 -148.36 152.51
N PRO Y 458 -140.61 -148.69 151.32
CA PRO Y 458 -140.10 -150.03 150.97
C PRO Y 458 -138.79 -150.44 151.68
#